data_7TDJ
#
_entry.id   7TDJ
#
_cell.length_a   1.00
_cell.length_b   1.00
_cell.length_c   1.00
_cell.angle_alpha   90.00
_cell.angle_beta   90.00
_cell.angle_gamma   90.00
#
_symmetry.space_group_name_H-M   'P 1'
#
loop_
_entity.id
_entity.type
_entity.pdbx_description
1 polymer 'Ryanodine receptor 1,Ryanodine receptor 1,RyR1'
2 non-polymer 'PHOSPHOMETHYLPHOSPHONIC ACID ADENYLATE ESTER'
3 non-polymer 'ZINC ION'
4 non-polymer 'CALCIUM ION'
5 water water
#
_entity_poly.entity_id   1
_entity_poly.type   'polypeptide(L)'
_entity_poly.pdbx_seq_one_letter_code
;MGDGGEGEDEVQFLRTDDEVVLQCSATVLKEQLKLCLAAEGFGNRLCFLEPTSNAQNVPPDLAICCFTLEQSLSVRALQE
MLANTVEAGVESSQGGGHRTLLYGHAILLRHAHSRMYLSCLTTSRSMTDKLAFDVGLQEDATGEACWWTMHPASKQRSEG
EKVRVGDDLILVSVSSERYLHLSTASGELQVDASFMQTLWNMNPICSCCEEGYVTGGHVLRLFHGHMDECLTISAADSDD
QRRLVYYEGGAVCTHARSLWRLEPLRISWSGSHLRWGQPLRIRHVTTGRYLALTEDQGLVVVDACKAHTKATSFCFRVSK
EKLDTAPKRDVEGMGPPEIKYGESLCFVQHVASGLWLTYAAPDPKALRLGVLKKKAILHQEGHMDDALFLTRCQQEESQA
ARMIHSTAGLYNQFIKGLDSFSGKPRGSGPPAGPALPIEAVILSLQDLIGYFEPPSEELQHEEKQSKLRSLRNRQSLFQE
EGMLSLVLNCIDRLNVYTTAAHFAEYAGEEAAESWKEIVNLLYELLASLIRGNRANCALFSTNLDWVVSKLDRLEASSGI
LEVLYCVLIESPEVLNIIQENHIKSIISLLDKHGRNHKVLDVLCSLCVCNGVAVRSNQDLITENLLPGRELLLQTNLINY
VTSIRPNIFVGRAEGSTQYGKWYFEVMVDEVVPFLTAQATHLRVGWALTEGYSPYPGGGEGWGGNGVGDDLYSYGFDGLH
LWTGHVARPVTSPGQHLLAPEDVVSCCLDLSVPSISFRINGCPVQGVFEAFNLDGLFFPVVSFSAGVKVRFLLGGRHGEF
KFLPPPGYAPCHEAVLPRERLRLEPIKEYRREGPRGPHLVGPSRCLSHTDFVPCPVDTVQIVLPPHLERIREKLAENIHE
LWALTRIEQGWTYGPVRDDNKRLHPCLVNFHSLPEPERNYNLQMSGETLKTLLALGCHVGMADEKAEDNLKKTKLPKTYM
MSNGYKPAPLDLSHVRLTPAQTTLVDRLAENGHNVWARDRVAQGWSYSAVQDIPARRNPRLVPYRLLDEATKRSNRDSLC
QAVRTLLGYGYNIEPPDQEPSQVENQSRWDRVRIFRAEKSYTVQSGRWYFEFEAVTTGEMRVGWARPELRPDVELGADEL
AYVFNGHRGQRWHLGSEPFGRPWQSGDVVGCMIDLTENTIIFTLNGEVLMSDSGSETAFREIEIGDGFLPVCSLGPGQVG
HLNLGQDVSSLRFFAICGLQEGFEPFAINMQRPVTTWFSKSLPQFEPVPPEHPHYEVARMDGTVDTPPCLRLAHR(UNK)
(UNK)(UNK)(UNK)(UNK)(UNK)(UNK)(UNK)(UNK)(UNK)(UNK)(UNK)(UNK)(UNK)(UNK)(UNK)(UNK)
(UNK)(UNK)(UNK)(UNK)(UNK)(UNK)(UNK)(UNK)(UNK)(UNK)(UNK)(UNK)(UNK)(UNK)(UNK)(UNK)
(UNK)(UNK)(UNK)(UNK)(UNK)(UNK)(UNK)(UNK)(UNK)(UNK)(UNK)(UNK)(UNK)(UNK)(UNK)(UNK)
(UNK)(UNK)(UNK)(UNK)(UNK)(UNK)(UNK)(UNK)(UNK)(UNK)(UNK)(UNK)(UNK)(UNK)(UNK)(UNK)
(UNK)(UNK)(UNK)(UNK)(UNK)(UNK)(UNK)(UNK)(UNK)(UNK)(UNK)(UNK)(UNK)(UNK)(UNK)(UNK)
(UNK)(UNK)(UNK)(UNK)(UNK)(UNK)(UNK)(UNK)(UNK)(UNK)(UNK)(UNK)(UNK)(UNK)(UNK)(UNK)
(UNK)(UNK)(UNK)(UNK)(UNK)(UNK)(UNK)(UNK)(UNK)(UNK)(UNK)(UNK)(UNK)(UNK)(UNK)(UNK)
(UNK)(UNK)(UNK)(UNK)(UNK)(UNK)(UNK)(UNK)(UNK)(UNK)(UNK)(UNK)(UNK)(UNK)(UNK)(UNK)
(UNK)(UNK)(UNK)(UNK)(UNK)(UNK)(UNK)(UNK)(UNK)(UNK)(UNK)(UNK)(UNK)(UNK)(UNK)(UNK)
(UNK)(UNK)(UNK)(UNK)(UNK)(UNK)(UNK)(UNK)(UNK)(UNK)(UNK)(UNK)(UNK)(UNK)(UNK)(UNK)
(UNK)(UNK)(UNK)(UNK)(UNK)(UNK)(UNK)(UNK)(UNK)(UNK)(UNK)(UNK)(UNK)(UNK)(UNK)(UNK)
(UNK)(UNK)(UNK)(UNK)(UNK)(UNK)(UNK)(UNK)(UNK)(UNK)(UNK)(UNK)(UNK)(UNK)(UNK)(UNK)
(UNK)(UNK)(UNK)(UNK)(UNK)(UNK)(UNK)(UNK)(UNK)(UNK)(UNK)(UNK)(UNK)(UNK)(UNK)(UNK)
(UNK)(UNK)(UNK)(UNK)(UNK)(UNK)(UNK)(UNK)(UNK)(UNK)(UNK)(UNK)(UNK)(UNK)(UNK)(UNK)
(UNK)(UNK)(UNK)(UNK)(UNK)(UNK)(UNK)(UNK)(UNK)(UNK)(UNK)(UNK)(UNK)(UNK)(UNK)(UNK)
(UNK)(UNK)(UNK)(UNK)(UNK)(UNK)(UNK)(UNK)(UNK)(UNK)(UNK)(UNK)(UNK)(UNK)(UNK)(UNK)
(UNK)(UNK)(UNK)(UNK)(UNK)(UNK)(UNK)(UNK)(UNK)(UNK)(UNK)(UNK)(UNK)(UNK)(UNK)(UNK)
(UNK)(UNK)(UNK)(UNK)(UNK)(UNK)(UNK)(UNK)(UNK)(UNK)(UNK)(UNK)(UNK)(UNK)(UNK)(UNK)
ELGKQKNIMPLSAAMFLSERKNPAPQCPPRLEVQMLMPVSWSRMPNHFLQVETRRAGERLGWAVQCQDPLTMMALHIPEE
NRCMDILELSERLDLQRFHSHTLRLYRAVCALGNNRVAHALCSHVDQAQLLHALEDAHLPGPLRAGYYDLLISIHLESAC
RSRRSMLSEYIVPLTPETRAITLFPPGRKGGNARRHGLPGVGVTTSLRPPHHFSPPCFVAALPAAGVAEAPARLSPAIPL
EALRDKALRMLGEAVRDGGQHARDPVGGSVEFQFVPVLKLVSTLLVMGIFGDEDVKQILKMIEPEVFTEEEEEEEEEEEE
EEEEEEDEEEKEEDEEEEEKEDAEKEEEEAPEGEKEDLEEGLLQMKLPESVKLQMCNLLEYFCDQELQHRVESLAAFAER
YVDKLQANQRSRYALLMRAFTMSAAETARRTREFRSPPQEQINMLLHFKDEADEEDCPLPEDIRQDLQDFHQDLLAHCGI
QLEGEEEEPEEETSLSSRLRSLLETVRLVKKKEEKPEEELPAEEKKPQSLQELVSHMVVRWAQEDYVQSPELVRAMFSLL
HRQYDGLGELLRALPRAYTISPSSVEDTMSLLECLGQIRSLLIVQMGPQEENLMIQSIGNIMNNKVFYQHPNLMRALGMH
ETVMEVMVNVLGGGETKEIRFPKMVTSCCRFLCYFCRISRQNQRSMFDHLSYLLENSGIGLGMQGSTPLDVAAASVIDNN
ELALALQEQDLEKVVSYLAGCGLQSCPMLLAKGYPDIGWNPCGGERYLDFLRFAVFVNGESVEENANVVVRLLIRKPECF
GPALRGEGGSGLLAAIEEAIRISEDPARDGPGVRRDRRREHFGEEPPEENRVHLGHAIMSFYAALIDLLGRCAPEMHLIQ
AGKGEALRIRAILRSLVPLDDLVGIISLPLQIPTLGKDGALV(UNK)(UNK)(UNK)(UNK)(UNK)(UNK)(UNK)
(UNK)(UNK)(UNK)(UNK)(UNK)(UNK)(UNK)(UNK)(UNK)(UNK)(UNK)(UNK)(UNK)(UNK)(UNK)(UNK)
(UNK)(UNK)(UNK)(UNK)(UNK)(UNK)(UNK)(UNK)(UNK)(UNK)(UNK)(UNK)(UNK)(UNK)(UNK)(UNK)
(UNK)(UNK)(UNK)(UNK)(UNK)(UNK)(UNK)(UNK)(UNK)(UNK)(UNK)(UNK)(UNK)(UNK)(UNK)(UNK)
(UNK)(UNK)(UNK)(UNK)(UNK)(UNK)(UNK)(UNK)(UNK)(UNK)(UNK)(UNK)(UNK)(UNK)(UNK)(UNK)
(UNK)(UNK)(UNK)(UNK)(UNK)(UNK)(UNK)(UNK)(UNK)(UNK)(UNK)(UNK)(UNK)(UNK)(UNK)(UNK)
(UNK)(UNK)(UNK)(UNK)(UNK)(UNK)(UNK)(UNK)(UNK)(UNK)(UNK)(UNK)(UNK)(UNK)(UNK)(UNK)
(UNK)(UNK)(UNK)(UNK)(UNK)(UNK)(UNK)(UNK)(UNK)(UNK)(UNK)(UNK)(UNK)(UNK)(UNK)(UNK)
(UNK)(UNK)(UNK)(UNK)(UNK)(UNK)(UNK)(UNK)(UNK)(UNK)(UNK)(UNK)(UNK)(UNK)(UNK)(UNK)
(UNK)(UNK)(UNK)(UNK)(UNK)(UNK)(UNK)(UNK)(UNK)(UNK)(UNK)(UNK)(UNK)(UNK)(UNK)(UNK)
(UNK)(UNK)(UNK)(UNK)(UNK)(UNK)(UNK)(UNK)(UNK)(UNK)(UNK)(UNK)(UNK)(UNK)(UNK)(UNK)
(UNK)(UNK)(UNK)(UNK)(UNK)(UNK)(UNK)(UNK)(UNK)(UNK)(UNK)(UNK)(UNK)(UNK)(UNK)(UNK)
(UNK)(UNK)(UNK)(UNK)(UNK)(UNK)(UNK)(UNK)(UNK)(UNK)(UNK)(UNK)(UNK)(UNK)(UNK)(UNK)
(UNK)(UNK)(UNK)(UNK)(UNK)(UNK)(UNK)(UNK)(UNK)(UNK)(UNK)(UNK)(UNK)(UNK)(UNK)(UNK)
(UNK)(UNK)CAIAGALPPDYVDASYSSKAEKKATVDAEGNFDPRPVETLNVIIPEKLDSFINKFAEYTHEKWAFDKIQN
NWSYGENVDEELKTHPMLRPYKTFSEKDKEIYRWPIKESLKAMIAWEWTIEKAREGEEERTEKKKTRKISQTAQTYDPRE
GYNPQPPDLSGVTLSRELQAMAEQLAENYHNTWGRKKKQELEAKGGGTHPLLVPYDTLTAKEKARDREKAQELLKFLQMN
GYAVTRGL(UNK)(UNK)(UNK)(UNK)(UNK)(UNK)(UNK)(UNK)(UNK)(UNK)(UNK)(UNK)(UNK)(UNK)
(UNK)(UNK)(UNK)(UNK)(UNK)(UNK)(UNK)(UNK)(UNK)(UNK)(UNK)(UNK)(UNK)(UNK)(UNK)(UNK)
(UNK)(UNK)(UNK)(UNK)(UNK)(UNK)(UNK)(UNK)(UNK)(UNK)(UNK)(UNK)(UNK)(UNK)(UNK)(UNK)
(UNK)(UNK)(UNK)(UNK)(UNK)(UNK)(UNK)(UNK)(UNK)(UNK)(UNK)(UNK)(UNK)(UNK)(UNK)(UNK)
(UNK)(UNK)(UNK)(UNK)(UNK)(UNK)(UNK)(UNK)(UNK)(UNK)(UNK)(UNK)(UNK)(UNK)(UNK)(UNK)
(UNK)(UNK)(UNK)(UNK)(UNK)(UNK)(UNK)(UNK)(UNK)(UNK)(UNK)(UNK)(UNK)(UNK)(UNK)(UNK)
(UNK)(UNK)(UNK)(UNK)(UNK)(UNK)(UNK)(UNK)(UNK)(UNK)(UNK)(UNK)(UNK)(UNK)(UNK)(UNK)
(UNK)(UNK)(UNK)(UNK)(UNK)(UNK)(UNK)(UNK)(UNK)(UNK)(UNK)(UNK)(UNK)(UNK)(UNK)(UNK)
(UNK)(UNK)(UNK)(UNK)(UNK)(UNK)(UNK)(UNK)(UNK)(UNK)(UNK)(UNK)(UNK)(UNK)(UNK)(UNK)
(UNK)(UNK)(UNK)(UNK)(UNK)(UNK)(UNK)(UNK)(UNK)(UNK)(UNK)(UNK)(UNK)(UNK)(UNK)(UNK)
(UNK)(UNK)(UNK)(UNK)(UNK)(UNK)(UNK)(UNK)(UNK)(UNK)(UNK)(UNK)(UNK)(UNK)(UNK)(UNK)
(UNK)(UNK)(UNK)(UNK)(UNK)(UNK)(UNK)(UNK)(UNK)(UNK)(UNK)(UNK)(UNK)(UNK)(UNK)(UNK)
(UNK)(UNK)(UNK)(UNK)(UNK)(UNK)(UNK)(UNK)(UNK)(UNK)(UNK)(UNK)(UNK)(UNK)(UNK)(UNK)
(UNK)(UNK)(UNK)(UNK)(UNK)(UNK)(UNK)(UNK)(UNK)(UNK)(UNK)(UNK)(UNK)(UNK)(UNK)(UNK)
(UNK)(UNK)(UNK)(UNK)(UNK)(UNK)(UNK)(UNK)(UNK)(UNK)(UNK)(UNK)(UNK)(UNK)(UNK)(UNK)
(UNK)(UNK)(UNK)(UNK)(UNK)(UNK)(UNK)(UNK)(UNK)(UNK)(UNK)(UNK)(UNK)(UNK)(UNK)(UNK)
(UNK)(UNK)(UNK)(UNK)(UNK)(UNK)(UNK)(UNK)(UNK)(UNK)(UNK)(UNK)(UNK)(UNK)(UNK)(UNK)
(UNK)(UNK)(UNK)(UNK)(UNK)(UNK)(UNK)(UNK)(UNK)(UNK)(UNK)(UNK)(UNK)(UNK)(UNK)(UNK)
(UNK)(UNK)(UNK)(UNK)(UNK)(UNK)(UNK)(UNK)(UNK)(UNK)(UNK)(UNK)(UNK)(UNK)(UNK)(UNK)
(UNK)(UNK)(UNK)(UNK)(UNK)(UNK)(UNK)(UNK)(UNK)(UNK)(UNK)(UNK)(UNK)(UNK)(UNK)(UNK)
(UNK)(UNK)(UNK)(UNK)(UNK)(UNK)(UNK)(UNK)(UNK)(UNK)(UNK)(UNK)(UNK)(UNK)(UNK)(UNK)
(UNK)(UNK)(UNK)(UNK)(UNK)(UNK)(UNK)(UNK)(UNK)(UNK)(UNK)(UNK)(UNK)(UNK)(UNK)(UNK)
(UNK)(UNK)(UNK)(UNK)(UNK)(UNK)(UNK)(UNK)(UNK)(UNK)(UNK)(UNK)(UNK)(UNK)(UNK)(UNK)
(UNK)(UNK)(UNK)(UNK)(UNK)(UNK)(UNK)(UNK)(UNK)(UNK)(UNK)(UNK)(UNK)(UNK)(UNK)(UNK)
(UNK)(UNK)(UNK)(UNK)(UNK)(UNK)(UNK)(UNK)(UNK)(UNK)(UNK)(UNK)(UNK)(UNK)(UNK)(UNK)
(UNK)(UNK)(UNK)(UNK)(UNK)(UNK)(UNK)(UNK)(UNK)(UNK)(UNK)(UNK)(UNK)(UNK)(UNK)(UNK)
(UNK)(UNK)(UNK)(UNK)(UNK)(UNK)(UNK)(UNK)(UNK)(UNK)(UNK)(UNK)(UNK)(UNK)(UNK)(UNK)
(UNK)(UNK)(UNK)(UNK)(UNK)(UNK)(UNK)(UNK)(UNK)(UNK)(UNK)(UNK)(UNK)(UNK)(UNK)(UNK)
(UNK)(UNK)(UNK)(UNK)(UNK)(UNK)(UNK)(UNK)(UNK)(UNK)(UNK)(UNK)(UNK)(UNK)(UNK)(UNK)
(UNK)(UNK)(UNK)(UNK)(UNK)(UNK)(UNK)(UNK)(UNK)(UNK)(UNK)(UNK)(UNK)(UNK)(UNK)(UNK)
(UNK)(UNK)(UNK)(UNK)(UNK)(UNK)(UNK)(UNK)(UNK)(UNK)(UNK)(UNK)(UNK)(UNK)(UNK)(UNK)
(UNK)(UNK)(UNK)(UNK)(UNK)(UNK)(UNK)(UNK)(UNK)(UNK)(UNK)(UNK)(UNK)(UNK)(UNK)(UNK)
(UNK)(UNK)(UNK)(UNK)(UNK)(UNK)(UNK)(UNK)(UNK)(UNK)(UNK)(UNK)(UNK)(UNK)(UNK)(UNK)
(UNK)(UNK)(UNK)(UNK)(UNK)(UNK)(UNK)(UNK)(UNK)(UNK)(UNK)(UNK)(UNK)(UNK)(UNK)(UNK)
(UNK)(UNK)(UNK)(UNK)(UNK)(UNK)(UNK)(UNK)(UNK)(UNK)(UNK)(UNK)(UNK)(UNK)(UNK)(UNK)
(UNK)(UNK)(UNK)(UNK)(UNK)(UNK)(UNK)(UNK)(UNK)(UNK)(UNK)(UNK)(UNK)(UNK)(UNK)(UNK)
(UNK)(UNK)(UNK)(UNK)(UNK)(UNK)(UNK)(UNK)(UNK)(UNK)(UNK)(UNK)(UNK)(UNK)(UNK)(UNK)
(UNK)(UNK)(UNK)(UNK)(UNK)(UNK)(UNK)(UNK)(UNK)(UNK)(UNK)(UNK)(UNK)(UNK)(UNK)(UNK)
(UNK)(UNK)(UNK)(UNK)(UNK)(UNK)(UNK)(UNK)(UNK)(UNK)(UNK)(UNK)(UNK)(UNK)(UNK)(UNK)
(UNK)(UNK)(UNK)(UNK)(UNK)(UNK)(UNK)(UNK)(UNK)(UNK)(UNK)(UNK)(UNK)(UNK)(UNK)(UNK)
(UNK)(UNK)(UNK)(UNK)(UNK)(UNK)(UNK)(UNK)(UNK)(UNK)(UNK)(UNK)(UNK)(UNK)(UNK)(UNK)
(UNK)(UNK)(UNK)(UNK)(UNK)(UNK)(UNK)(UNK)(UNK)(UNK)(UNK)(UNK)(UNK)(UNK)(UNK)(UNK)
(UNK)(UNK)KSKKAVWHKLLSKQRRRAVVACFRMTPLYNLPTHRACNMFLESYKAAWILTEDHSFEDRMIDDLSKAGEQ
EEEEEEVEEKKPDPLHQLVLHFSRTALTEKSKLDEDYLYMAYADIMAKSCHLEEGGENGEAEEEEVEVSFEEKEMEKQRL
LYQQSRLHTRGAAEMVLQMISACKGETGAMVSSTLKLGISILNGGNAEVQQKMLDYLKDKKEVGFFQSIQALMQTCSVLD
LNAFERQNKAEGLGMVNEDGTVINRQNGEKVMADDEFTQDLFRFLQLLCEGHNNDFQNYLRTQTGNTTTINIIICTVDYL
LRLQESISDFYWYYSGKDVIEEQGKRNFSKAMSVAKQVFNSLTEYIQGPCTGNQQSLAHSRLWDAVVGFLHVFAHMMMKL
AQDSSQIELLKELLDLQKDMVVMLLSLLEGNVVNGMIARQMVDMLVESSSNVEMILKFFDMFLKLKDIVGSEAFQDYVTD
PRGLISKKDFQKAMDSQKQFTGPEIQFLLSCSEADENEMINFEEFANRFQEPARDIGFNVAVLLTNLSEHVPHDPRLRNF
LELAESILEYFRPYLGRIEIMGASRRIERIYFEISETNRAQWEMPQVKESKRQFIFDVVNEGGEAEKMELFVSFCEDTIF
EMQIAAQISEPEGEPEADEDEGMGEAAAEGAEEGAAGAEGAAGTVAAGATARLAAAAARALRGLSYRSLRRRVRRLRRLT
AREAATALAALLWAVVARAGAAGAGAAAGALRLLWGSLFGGGLVEGAKKVTVTELLAGMPDPTSDEVHGEQPAGPGGDAD
GAGEGEGEGDAAEGDGDEEVAGHEAGPGGAEGVVAVADGGPFRPEGAGGLGDMGDTTPAEPPTPEGSPILKRKLGVDGEE
EELVPEPEPEPEPEPEKADEENGEKEEVPEAPPEPPKKAPPSPPAKKEEAGGAGMEFWGELEVQRVKFLNYLSRNFYTLR
FLALFLAFAINFILLFYKVSDSPPGEDDMEGSAAGDLAGAGSGGGSGWGSGAGEEAEGDEDENMVYYFLEESTGYMEPAL
WCLSLLHTLVAFLCIIGYNCLKVPLVIFKREKELARKLEFDGLYITEQPGDDDVKGQWDRLVLNTPSFPSNYWDKFVKRK
VLDKHGDIFGRERIAELLGMDLASLEITAHNERKPDPPPGLLTWLMSIDVKYQIWKFGVIFTDNSFLYLGWYMVMSLLGH
YNNFFFAAHLLDIAMGVKTLRTILSSVTHNGKQLVMTVGLLAVVVYLYTVVAFNFFRKFYNKSEDEDEPDMKCDDMMTCY
LFHMYVGVRAGGGIGDEIEDPAGDEYELYRVVFDITFFFFVIVILLAIIQGLIIDAFGELRDQQEQVKEDMETKCFICGI
GSDYFDTTPHGFETHTLEEHNLANYMFFLMYLINKDETEHTGQESYVWKMYQERCWDFFPAGDCFRKQYEDQLS
;
_entity_poly.pdbx_strand_id   A,B,C,D
#
loop_
_chem_comp.id
_chem_comp.type
_chem_comp.name
_chem_comp.formula
ACP non-polymer 'PHOSPHOMETHYLPHOSPHONIC ACID ADENYLATE ESTER' 'C11 H18 N5 O12 P3'
CA non-polymer 'CALCIUM ION' 'Ca 2'
ZN non-polymer 'ZINC ION' 'Zn 2'
#
# COMPACT_ATOMS: atom_id res chain seq x y z
N GLN A 12 15.19 32.00 14.61
CA GLN A 12 14.25 31.71 15.69
C GLN A 12 13.82 32.98 16.40
N PHE A 13 12.52 33.28 16.35
CA PHE A 13 11.99 34.47 16.99
C PHE A 13 12.04 34.32 18.51
N LEU A 14 12.26 35.45 19.19
CA LEU A 14 12.38 35.47 20.64
C LEU A 14 11.02 35.68 21.29
N ARG A 15 10.82 35.05 22.44
CA ARG A 15 9.56 35.16 23.18
C ARG A 15 9.81 35.62 24.60
N THR A 16 8.76 35.70 25.40
CA THR A 16 8.85 36.13 26.79
C THR A 16 8.72 34.94 27.74
N ASP A 17 9.00 35.20 29.02
CA ASP A 17 9.11 34.18 30.06
C ASP A 17 10.15 33.11 29.70
N ASP A 18 11.24 33.53 29.05
CA ASP A 18 12.32 32.64 28.67
C ASP A 18 13.63 33.12 29.28
N GLU A 19 14.41 32.19 29.79
CA GLU A 19 15.71 32.53 30.37
C GLU A 19 16.66 33.01 29.28
N VAL A 20 17.31 34.16 29.52
CA VAL A 20 18.11 34.85 28.52
C VAL A 20 19.43 35.26 29.16
N VAL A 21 20.53 35.08 28.42
CA VAL A 21 21.83 35.60 28.83
C VAL A 21 22.41 36.45 27.71
N LEU A 22 23.34 37.33 28.09
CA LEU A 22 24.02 38.23 27.17
C LEU A 22 25.52 37.96 27.24
N GLN A 23 26.16 37.94 26.08
CA GLN A 23 27.58 37.67 25.97
C GLN A 23 28.26 38.76 25.16
N CYS A 24 29.56 38.93 25.42
CA CYS A 24 30.38 39.87 24.68
C CYS A 24 31.68 39.20 24.26
N SER A 25 32.09 39.44 23.02
CA SER A 25 33.33 38.92 22.48
C SER A 25 34.38 40.03 22.57
N ALA A 26 35.26 39.93 23.56
CA ALA A 26 36.26 40.96 23.79
C ALA A 26 37.54 40.30 24.28
N THR A 27 38.64 40.56 23.58
CA THR A 27 39.91 39.90 23.85
C THR A 27 41.00 40.93 24.11
N VAL A 28 41.93 40.56 24.99
CA VAL A 28 43.14 41.33 25.20
C VAL A 28 44.32 40.74 24.44
N LEU A 29 44.22 39.50 24.00
CA LEU A 29 45.26 38.81 23.24
C LEU A 29 44.68 38.36 21.90
N LYS A 30 45.46 37.57 21.15
CA LYS A 30 45.01 37.07 19.86
C LYS A 30 43.80 36.16 20.00
N GLU A 31 43.79 35.30 21.01
CA GLU A 31 42.67 34.39 21.22
C GLU A 31 41.46 35.17 21.73
N GLN A 32 40.31 34.96 21.09
CA GLN A 32 39.10 35.65 21.47
C GLN A 32 38.56 35.15 22.80
N LEU A 33 37.95 36.04 23.57
CA LEU A 33 37.38 35.72 24.86
C LEU A 33 35.90 36.06 24.89
N LYS A 34 35.10 35.14 25.42
CA LYS A 34 33.66 35.31 25.58
C LYS A 34 33.37 35.58 27.05
N LEU A 35 32.69 36.69 27.32
CA LEU A 35 32.42 37.12 28.69
C LEU A 35 30.92 37.30 28.88
N CYS A 36 30.44 36.97 30.08
CA CYS A 36 29.04 37.08 30.43
C CYS A 36 28.90 37.91 31.69
N LEU A 37 28.01 38.90 31.67
CA LEU A 37 27.74 39.70 32.86
C LEU A 37 26.89 38.90 33.84
N ALA A 38 27.16 39.07 35.13
CA ALA A 38 26.41 38.36 36.15
C ALA A 38 26.37 39.21 37.41
N ALA A 39 25.37 38.94 38.25
CA ALA A 39 25.18 39.67 39.50
C ALA A 39 25.07 38.68 40.64
N GLU A 40 25.90 38.87 41.68
CA GLU A 40 25.85 38.03 42.86
C GLU A 40 24.59 38.25 43.67
N GLY A 41 23.98 39.42 43.57
CA GLY A 41 22.72 39.71 44.26
C GLY A 41 22.95 40.20 45.69
N PHE A 42 22.64 39.36 46.66
CA PHE A 42 22.79 39.72 48.07
C PHE A 42 24.27 39.85 48.41
N GLY A 43 24.59 40.87 49.22
CA GLY A 43 25.95 41.13 49.61
C GLY A 43 26.57 42.31 48.87
N ASN A 44 26.28 42.40 47.57
CA ASN A 44 26.78 43.52 46.76
C ASN A 44 25.92 43.59 45.51
N ARG A 45 25.36 44.78 45.24
CA ARG A 45 24.48 44.96 44.10
C ARG A 45 25.21 45.09 42.77
N LEU A 46 26.54 45.18 42.80
CA LEU A 46 27.31 45.37 41.58
C LEU A 46 27.35 44.08 40.76
N CYS A 47 27.76 44.21 39.51
CA CYS A 47 27.86 43.10 38.57
C CYS A 47 29.31 42.90 38.15
N PHE A 48 29.63 41.66 37.76
CA PHE A 48 30.99 41.34 37.33
C PHE A 48 30.94 40.39 36.14
N LEU A 49 32.08 40.26 35.47
CA LEU A 49 32.18 39.45 34.27
C LEU A 49 32.67 38.05 34.60
N GLU A 50 32.17 37.07 33.85
CA GLU A 50 32.60 35.69 33.99
C GLU A 50 33.03 35.18 32.61
N PRO A 51 34.21 34.60 32.48
CA PRO A 51 34.66 34.11 31.17
C PRO A 51 34.18 32.70 30.88
N THR A 52 33.57 32.50 29.72
CA THR A 52 33.05 31.20 29.32
C THR A 52 33.73 30.64 28.08
N SER A 53 34.83 31.25 27.64
CA SER A 53 35.55 30.75 26.47
C SER A 53 36.18 29.39 26.74
N ASN A 54 36.82 29.24 27.90
CA ASN A 54 37.49 28.00 28.25
C ASN A 54 36.57 27.06 29.03
N ALA A 55 35.41 26.77 28.42
CA ALA A 55 34.45 25.85 29.03
C ALA A 55 34.98 24.43 29.06
N GLN A 56 35.84 24.05 28.10
CA GLN A 56 36.43 22.72 28.10
C GLN A 56 37.37 22.54 29.29
N ASN A 57 38.15 23.58 29.62
CA ASN A 57 39.14 23.46 30.68
C ASN A 57 38.52 23.69 32.06
N VAL A 58 37.81 24.80 32.23
CA VAL A 58 37.24 25.17 33.52
C VAL A 58 35.72 25.21 33.37
N PRO A 59 34.95 24.75 34.35
CA PRO A 59 33.49 24.84 34.24
C PRO A 59 32.97 26.13 34.82
N PRO A 60 32.17 26.87 34.05
CA PRO A 60 31.52 28.08 34.61
C PRO A 60 30.24 27.75 35.35
N ASP A 61 29.63 28.75 35.97
CA ASP A 61 28.37 28.58 36.68
C ASP A 61 27.30 29.44 36.01
N LEU A 62 26.14 28.83 35.77
CA LEU A 62 25.06 29.51 35.07
C LEU A 62 23.90 29.91 35.97
N ALA A 63 23.83 29.38 37.20
CA ALA A 63 22.74 29.72 38.10
C ALA A 63 22.78 31.19 38.48
N ILE A 64 23.98 31.73 38.75
CA ILE A 64 24.12 33.14 39.06
C ILE A 64 23.93 34.01 37.81
N CYS A 65 24.18 33.45 36.63
CA CYS A 65 24.16 34.22 35.39
C CYS A 65 22.82 34.17 34.66
N CYS A 66 21.88 33.34 35.11
CA CYS A 66 20.57 33.27 34.48
C CYS A 66 19.80 34.56 34.68
N PHE A 67 19.21 35.07 33.59
CA PHE A 67 18.38 36.26 33.61
C PHE A 67 17.11 35.98 32.81
N THR A 68 16.06 36.74 33.10
CA THR A 68 14.80 36.62 32.36
C THR A 68 14.29 38.01 32.03
N LEU A 69 13.45 38.10 31.01
CA LEU A 69 12.83 39.35 30.61
C LEU A 69 11.33 39.29 30.90
N GLU A 70 10.77 40.41 31.34
CA GLU A 70 9.38 40.40 31.78
C GLU A 70 8.41 40.72 30.64
N GLN A 71 8.53 41.91 30.07
CA GLN A 71 7.66 42.31 28.96
C GLN A 71 8.33 43.42 28.18
N SER A 72 7.82 43.65 26.97
CA SER A 72 8.36 44.65 26.06
C SER A 72 7.29 45.65 25.70
N LEU A 73 7.67 46.94 25.64
CA LEU A 73 6.74 48.02 25.37
C LEU A 73 7.39 49.02 24.42
N SER A 74 6.55 49.83 23.79
CA SER A 74 7.03 50.91 22.93
C SER A 74 7.47 52.10 23.80
N VAL A 75 8.16 53.04 23.17
CA VAL A 75 8.68 54.19 23.89
C VAL A 75 7.54 55.10 24.39
N ARG A 76 6.51 55.31 23.55
CA ARG A 76 5.39 56.14 23.96
C ARG A 76 4.56 55.46 25.04
N ALA A 77 4.36 54.15 24.92
CA ALA A 77 3.66 53.40 25.96
C ALA A 77 4.44 53.41 27.26
N LEU A 78 5.78 53.32 27.18
CA LEU A 78 6.62 53.42 28.37
C LEU A 78 6.49 54.80 29.01
N GLN A 79 6.45 55.86 28.20
CA GLN A 79 6.29 57.20 28.73
C GLN A 79 4.94 57.35 29.43
N GLU A 80 3.88 56.79 28.85
CA GLU A 80 2.57 56.83 29.50
C GLU A 80 2.56 56.04 30.79
N MET A 81 3.16 54.84 30.79
CA MET A 81 3.16 53.97 31.96
C MET A 81 4.05 54.54 33.06
N LEU A 82 4.99 55.41 32.71
CA LEU A 82 5.80 56.09 33.71
C LEU A 82 5.11 57.35 34.22
N ALA A 83 4.37 58.05 33.36
CA ALA A 83 3.72 59.29 33.77
C ALA A 83 2.47 59.05 34.59
N ASN A 84 1.70 58.01 34.30
CA ASN A 84 0.43 57.78 35.00
C ASN A 84 0.65 57.32 36.45
N GLY A 97 0.23 36.10 26.42
CA GLY A 97 0.67 37.29 25.72
C GLY A 97 2.16 37.30 25.41
N HIS A 98 2.62 36.23 24.75
CA HIS A 98 4.04 36.10 24.39
C HIS A 98 4.29 36.85 23.08
N ARG A 99 4.30 38.17 23.18
CA ARG A 99 4.57 39.02 22.02
C ARG A 99 6.02 38.90 21.61
N THR A 100 6.25 38.88 20.29
CA THR A 100 7.60 38.81 19.77
C THR A 100 8.35 40.11 20.03
N LEU A 101 9.67 40.01 20.14
CA LEU A 101 10.50 41.17 20.42
C LEU A 101 10.72 41.98 19.14
N LEU A 102 10.56 43.30 19.25
CA LEU A 102 10.70 44.21 18.12
C LEU A 102 11.79 45.24 18.40
N TYR A 103 12.44 45.69 17.34
CA TYR A 103 13.44 46.74 17.45
C TYR A 103 12.79 48.06 17.84
N GLY A 104 13.53 48.87 18.59
CA GLY A 104 13.01 50.14 19.08
C GLY A 104 12.18 50.05 20.34
N HIS A 105 11.98 48.84 20.87
CA HIS A 105 11.18 48.64 22.07
C HIS A 105 12.07 48.55 23.30
N ALA A 106 11.44 48.73 24.47
CA ALA A 106 12.13 48.70 25.75
C ALA A 106 11.68 47.50 26.56
N ILE A 107 12.64 46.86 27.24
CA ILE A 107 12.42 45.64 27.99
C ILE A 107 12.95 45.79 29.41
N LEU A 108 12.47 44.90 30.28
CA LEU A 108 12.82 44.88 31.70
C LEU A 108 13.39 43.51 32.06
N LEU A 109 14.48 43.53 32.83
CA LEU A 109 15.28 42.35 33.13
C LEU A 109 15.21 42.01 34.62
N ARG A 110 14.93 40.74 34.91
CA ARG A 110 14.75 40.22 36.26
C ARG A 110 15.72 39.08 36.49
N HIS A 111 16.30 39.02 37.69
CA HIS A 111 17.25 37.97 38.02
C HIS A 111 16.52 36.70 38.41
N ALA A 112 17.04 35.56 37.94
CA ALA A 112 16.41 34.27 38.25
C ALA A 112 16.52 33.93 39.73
N HIS A 113 17.67 34.20 40.34
CA HIS A 113 17.91 33.87 41.74
C HIS A 113 17.72 35.06 42.66
N SER A 114 18.42 36.17 42.39
CA SER A 114 18.40 37.33 43.28
C SER A 114 17.04 38.01 43.33
N ARG A 115 16.17 37.74 42.35
CA ARG A 115 14.79 38.25 42.32
C ARG A 115 14.76 39.78 42.32
N MET A 116 15.73 40.39 41.65
CA MET A 116 15.82 41.84 41.55
C MET A 116 15.92 42.25 40.09
N TYR A 117 15.59 43.50 39.81
CA TYR A 117 15.58 44.04 38.46
C TYR A 117 16.93 44.68 38.14
N LEU A 118 17.47 44.33 36.98
CA LEU A 118 18.70 44.95 36.51
C LEU A 118 18.42 46.36 36.01
N SER A 119 19.18 47.34 36.52
CA SER A 119 18.95 48.73 36.19
C SER A 119 20.20 49.54 36.47
N CYS A 120 20.26 50.73 35.89
CA CYS A 120 21.35 51.66 36.16
C CYS A 120 21.23 52.25 37.56
N LEU A 121 22.37 52.56 38.16
CA LEU A 121 22.44 53.15 39.49
C LEU A 121 22.88 54.61 39.40
N THR A 122 22.32 55.43 40.27
CA THR A 122 22.66 56.86 40.28
C THR A 122 24.11 57.08 40.68
N THR A 123 24.61 56.28 41.62
CA THR A 123 25.98 56.43 42.10
C THR A 123 26.99 56.13 40.99
N SER A 124 28.09 56.87 41.00
CA SER A 124 29.15 56.75 40.01
C SER A 124 30.46 56.44 40.70
N ARG A 125 31.16 55.41 40.21
CA ARG A 125 32.45 54.99 40.78
C ARG A 125 33.34 54.56 39.62
N SER A 126 34.17 55.48 39.14
CA SER A 126 35.11 55.18 38.06
C SER A 126 36.36 56.03 38.23
N MET A 127 37.48 55.49 37.78
CA MET A 127 38.77 56.19 37.82
C MET A 127 39.19 56.70 36.45
N THR A 128 38.25 56.81 35.51
CA THR A 128 38.55 57.23 34.15
C THR A 128 38.36 58.73 33.95
N ASP A 129 38.08 59.48 35.02
CA ASP A 129 37.82 60.92 34.97
C ASP A 129 36.68 61.25 33.99
N LYS A 130 35.63 60.45 34.03
CA LYS A 130 34.50 60.61 33.12
C LYS A 130 33.25 60.08 33.79
N LEU A 131 32.10 60.45 33.21
CA LEU A 131 30.81 59.98 33.70
C LEU A 131 30.71 58.46 33.56
N ALA A 132 30.20 57.80 34.60
CA ALA A 132 30.09 56.34 34.58
C ALA A 132 28.65 55.86 34.63
N PHE A 133 27.91 56.18 35.69
CA PHE A 133 26.55 55.66 35.93
C PHE A 133 26.53 54.14 35.81
N ASP A 134 27.31 53.49 36.66
CA ASP A 134 27.50 52.04 36.60
C ASP A 134 26.19 51.36 36.98
N VAL A 135 25.94 50.19 36.36
CA VAL A 135 24.64 49.53 36.43
C VAL A 135 24.73 48.30 37.34
N GLY A 136 23.59 47.94 37.92
CA GLY A 136 23.53 46.82 38.83
C GLY A 136 22.10 46.32 38.98
N LEU A 137 21.74 45.92 40.19
CA LEU A 137 20.43 45.38 40.50
C LEU A 137 19.75 46.22 41.56
N GLN A 138 18.42 46.30 41.49
CA GLN A 138 17.63 47.01 42.48
C GLN A 138 16.38 46.20 42.81
N GLU A 139 15.83 46.46 43.99
CA GLU A 139 14.71 45.68 44.51
C GLU A 139 13.38 46.31 44.10
N ASP A 140 13.27 47.64 44.20
CA ASP A 140 12.01 48.33 43.96
C ASP A 140 11.57 48.18 42.51
N ALA A 141 10.25 48.05 42.33
CA ALA A 141 9.66 47.77 41.02
C ALA A 141 9.40 49.01 40.19
N THR A 142 9.69 50.20 40.72
CA THR A 142 9.51 51.42 39.95
C THR A 142 10.48 51.46 38.77
N GLY A 143 10.00 51.92 37.63
CA GLY A 143 10.76 51.84 36.39
C GLY A 143 11.20 53.19 35.83
N GLU A 144 11.68 54.08 36.69
CA GLU A 144 12.18 55.36 36.21
C GLU A 144 13.46 55.18 35.39
N ALA A 145 14.33 54.25 35.78
CA ALA A 145 15.55 53.94 35.06
C ALA A 145 15.78 52.43 35.02
N CYS A 146 14.72 51.67 34.76
CA CYS A 146 14.77 50.22 34.83
C CYS A 146 14.58 49.55 33.48
N TRP A 147 14.28 50.31 32.43
CA TRP A 147 13.98 49.75 31.12
C TRP A 147 15.12 50.04 30.15
N TRP A 148 15.43 49.07 29.30
CA TRP A 148 16.48 49.21 28.30
C TRP A 148 15.87 49.07 26.91
N THR A 149 16.15 50.05 26.05
CA THR A 149 15.61 50.02 24.69
C THR A 149 16.61 49.38 23.73
N MET A 150 16.08 48.82 22.65
CA MET A 150 16.88 48.08 21.68
C MET A 150 17.05 48.91 20.41
N HIS A 151 18.25 48.88 19.85
CA HIS A 151 18.60 49.54 18.59
C HIS A 151 19.29 48.55 17.68
N PRO A 152 19.11 48.69 16.36
CA PRO A 152 19.84 47.82 15.43
C PRO A 152 21.33 48.10 15.44
N ALA A 153 22.11 47.06 15.13
CA ALA A 153 23.57 47.14 15.15
C ALA A 153 24.19 47.16 13.77
N SER A 154 23.53 46.61 12.76
CA SER A 154 24.07 46.52 11.41
C SER A 154 23.05 47.04 10.41
N LYS A 155 23.54 47.41 9.23
CA LYS A 155 22.67 47.86 8.14
C LYS A 155 21.80 46.73 7.60
N GLN A 156 22.12 45.47 7.91
CA GLN A 156 21.31 44.35 7.47
C GLN A 156 19.91 44.36 8.07
N ARG A 157 19.73 44.97 9.23
CA ARG A 157 18.47 44.95 9.95
C ARG A 157 17.88 46.36 10.03
N SER A 158 16.56 46.42 10.10
CA SER A 158 15.84 47.68 10.20
C SER A 158 14.75 47.55 11.27
N GLU A 159 14.34 48.70 11.81
CA GLU A 159 13.32 48.72 12.84
C GLU A 159 11.96 48.28 12.26
N GLY A 160 11.20 47.57 13.09
CA GLY A 160 9.88 47.12 12.71
C GLY A 160 9.79 45.65 12.36
N GLU A 161 10.90 44.95 12.24
CA GLU A 161 10.91 43.53 11.92
C GLU A 161 11.27 42.71 13.15
N LYS A 162 10.81 41.46 13.17
CA LYS A 162 11.08 40.56 14.28
C LYS A 162 12.56 40.22 14.36
N VAL A 163 13.06 40.13 15.59
CA VAL A 163 14.46 39.78 15.82
C VAL A 163 14.61 38.26 15.84
N ARG A 164 15.84 37.80 15.69
CA ARG A 164 16.16 36.38 15.71
C ARG A 164 17.28 36.13 16.70
N VAL A 165 17.50 34.84 17.01
CA VAL A 165 18.56 34.47 17.93
C VAL A 165 19.91 34.73 17.29
N GLY A 166 20.88 35.12 18.11
CA GLY A 166 22.21 35.42 17.61
C GLY A 166 22.30 36.71 16.82
N ASP A 167 21.36 37.63 17.02
CA ASP A 167 21.36 38.91 16.31
C ASP A 167 21.98 39.99 17.19
N ASP A 168 22.93 40.72 16.61
CA ASP A 168 23.60 41.78 17.34
C ASP A 168 22.67 42.95 17.59
N LEU A 169 22.83 43.60 18.74
CA LEU A 169 21.93 44.67 19.15
C LEU A 169 22.66 45.60 20.12
N ILE A 170 22.11 46.80 20.29
CA ILE A 170 22.66 47.82 21.17
C ILE A 170 21.59 48.18 22.20
N LEU A 171 21.98 48.23 23.46
CA LEU A 171 21.09 48.58 24.56
C LEU A 171 21.43 49.97 25.09
N VAL A 172 20.43 50.83 25.20
CA VAL A 172 20.60 52.20 25.67
C VAL A 172 19.64 52.43 26.82
N SER A 173 20.14 53.03 27.90
CA SER A 173 19.29 53.40 29.02
C SER A 173 18.47 54.64 28.65
N VAL A 174 17.16 54.58 28.85
CA VAL A 174 16.28 55.68 28.47
C VAL A 174 16.51 56.89 29.37
N SER A 175 16.71 56.66 30.67
CA SER A 175 16.92 57.76 31.60
C SER A 175 18.32 58.35 31.45
N SER A 176 19.33 57.49 31.26
CA SER A 176 20.71 57.97 31.20
C SER A 176 21.08 58.51 29.82
N GLU A 177 20.53 57.92 28.76
CA GLU A 177 20.93 58.19 27.36
C GLU A 177 22.39 57.89 27.12
N ARG A 178 22.91 56.84 27.77
CA ARG A 178 24.27 56.36 27.57
C ARG A 178 24.22 54.91 27.10
N TYR A 179 25.16 54.55 26.22
CA TYR A 179 25.22 53.18 25.71
C TYR A 179 25.68 52.22 26.80
N LEU A 180 25.26 50.96 26.66
CA LEU A 180 25.74 49.88 27.52
C LEU A 180 27.08 49.42 26.97
N HIS A 181 28.16 50.02 27.49
CA HIS A 181 29.49 49.88 26.93
C HIS A 181 30.33 48.94 27.78
N LEU A 182 31.26 48.23 27.13
CA LEU A 182 32.26 47.42 27.82
C LEU A 182 33.56 48.22 27.87
N SER A 183 33.94 48.64 29.07
CA SER A 183 35.12 49.47 29.26
C SER A 183 36.37 48.60 29.37
N THR A 184 37.38 48.94 28.55
CA THR A 184 38.67 48.25 28.57
C THR A 184 39.63 48.93 29.55
N ALA A 185 39.21 48.95 30.82
CA ALA A 185 40.01 49.55 31.88
C ALA A 185 41.29 48.77 32.10
N SER A 186 42.31 49.46 32.61
CA SER A 186 43.63 48.86 32.79
C SER A 186 43.60 47.72 33.79
N GLY A 187 42.84 47.87 34.88
CA GLY A 187 42.77 46.81 35.88
C GLY A 187 42.11 45.55 35.33
N GLU A 188 40.97 45.70 34.67
CA GLU A 188 40.22 44.57 34.13
C GLU A 188 39.18 45.10 33.15
N LEU A 189 38.57 44.17 32.41
CA LEU A 189 37.49 44.52 31.51
C LEU A 189 36.18 44.59 32.32
N GLN A 190 35.48 45.72 32.21
CA GLN A 190 34.27 45.95 33.00
C GLN A 190 33.15 46.42 32.08
N VAL A 191 31.99 46.68 32.67
CA VAL A 191 30.87 47.30 31.97
C VAL A 191 30.59 48.65 32.60
N ASP A 192 30.18 49.60 31.76
CA ASP A 192 29.94 50.97 32.19
C ASP A 192 28.97 51.61 31.21
N ALA A 193 28.40 52.74 31.60
CA ALA A 193 27.46 53.47 30.76
C ALA A 193 28.15 54.74 30.25
N SER A 194 28.75 54.65 29.08
CA SER A 194 29.49 55.75 28.47
C SER A 194 28.85 56.12 27.13
N PHE A 195 29.48 57.08 26.45
CA PHE A 195 28.99 57.55 25.17
C PHE A 195 29.40 56.68 23.99
N MET A 196 30.26 55.69 24.22
CA MET A 196 30.66 54.77 23.17
C MET A 196 29.83 53.50 23.22
N GLN A 197 29.58 52.92 22.05
CA GLN A 197 28.75 51.73 21.94
C GLN A 197 29.62 50.47 21.84
N THR A 198 29.09 49.37 22.37
CA THR A 198 29.79 48.09 22.38
C THR A 198 28.85 47.00 21.88
N LEU A 199 29.40 46.11 21.05
CA LEU A 199 28.64 45.02 20.48
C LEU A 199 28.29 43.98 21.55
N TRP A 200 27.12 43.35 21.39
CA TRP A 200 26.63 42.37 22.35
C TRP A 200 25.86 41.28 21.61
N ASN A 201 25.71 40.14 22.29
CA ASN A 201 24.98 39.00 21.73
C ASN A 201 23.99 38.49 22.77
N MET A 202 22.83 38.05 22.30
CA MET A 202 21.76 37.57 23.16
C MET A 202 21.47 36.11 22.83
N ASN A 203 21.39 35.27 23.86
CA ASN A 203 21.12 33.84 23.67
C ASN A 203 20.18 33.30 24.75
N PRO A 204 19.16 32.54 24.37
CA PRO A 204 18.26 31.94 25.35
C PRO A 204 18.76 30.58 25.84
N ILE A 205 18.19 30.16 26.96
CA ILE A 205 18.50 28.87 27.58
C ILE A 205 17.32 27.91 27.44
N CYS A 206 16.13 28.33 27.87
CA CYS A 206 14.97 27.45 27.86
C CYS A 206 13.72 28.29 27.67
N SER A 207 12.64 27.60 27.33
CA SER A 207 11.31 28.17 27.15
C SER A 207 10.37 27.58 28.18
N CYS A 208 9.08 27.84 28.01
CA CYS A 208 8.06 27.27 28.89
C CYS A 208 8.12 25.75 28.85
N CYS A 209 8.11 25.12 30.02
CA CYS A 209 8.25 23.68 30.14
C CYS A 209 6.96 23.09 30.69
N GLU A 210 6.46 22.05 30.04
CA GLU A 210 5.26 21.37 30.49
C GLU A 210 5.51 20.66 31.82
N GLU A 211 4.46 20.59 32.63
CA GLU A 211 4.60 20.12 34.00
C GLU A 211 4.86 18.61 34.03
N GLY A 212 5.47 18.16 35.12
CA GLY A 212 5.73 16.75 35.30
C GLY A 212 6.89 16.20 34.51
N TYR A 213 7.65 17.05 33.83
CA TYR A 213 8.67 16.61 32.89
C TYR A 213 10.02 17.19 33.31
N VAL A 214 11.07 16.40 33.10
CA VAL A 214 12.38 16.74 33.64
C VAL A 214 13.08 17.74 32.72
N THR A 215 13.63 18.80 33.31
CA THR A 215 14.44 19.77 32.60
C THR A 215 15.71 20.07 33.39
N GLY A 216 16.78 20.45 32.67
CA GLY A 216 18.05 20.73 33.30
C GLY A 216 18.17 22.12 33.89
N GLY A 217 19.20 22.30 34.70
CA GLY A 217 19.52 23.59 35.27
C GLY A 217 18.74 24.00 36.50
N HIS A 218 17.89 23.12 37.03
CA HIS A 218 17.06 23.40 38.19
C HIS A 218 17.34 22.27 39.19
N VAL A 219 17.56 22.64 40.45
CA VAL A 219 17.97 21.67 41.47
C VAL A 219 16.84 20.67 41.73
N LEU A 220 17.23 19.51 42.26
CA LEU A 220 16.32 18.39 42.39
C LEU A 220 16.80 17.48 43.51
N ARG A 221 16.01 16.45 43.80
CA ARG A 221 16.28 15.46 44.84
C ARG A 221 16.21 14.09 44.18
N LEU A 222 17.37 13.52 43.83
CA LEU A 222 17.46 12.15 43.36
C LEU A 222 17.86 11.27 44.53
N PHE A 223 17.24 10.09 44.63
CA PHE A 223 17.56 9.26 45.78
C PHE A 223 17.35 7.78 45.46
N HIS A 224 18.15 6.95 46.11
CA HIS A 224 18.09 5.51 45.93
C HIS A 224 16.94 4.93 46.76
N GLY A 225 16.38 3.83 46.27
CA GLY A 225 15.32 3.16 46.99
C GLY A 225 13.99 3.89 46.89
N HIS A 226 13.02 3.38 47.64
CA HIS A 226 11.66 3.91 47.62
C HIS A 226 11.22 4.43 48.98
N MET A 227 11.40 3.65 50.05
CA MET A 227 10.87 3.99 51.36
C MET A 227 11.50 5.25 51.95
N ASP A 228 12.79 5.17 52.30
CA ASP A 228 13.50 6.32 52.85
C ASP A 228 14.99 6.05 52.72
N GLU A 229 15.67 6.83 51.86
CA GLU A 229 17.09 6.72 51.62
C GLU A 229 17.50 7.90 50.74
N CYS A 230 18.70 8.42 50.98
CA CYS A 230 19.21 9.55 50.21
C CYS A 230 20.73 9.47 50.14
N LEU A 231 21.29 10.19 49.17
CA LEU A 231 22.74 10.35 49.06
C LEU A 231 23.07 11.83 49.20
N THR A 232 23.89 12.15 50.20
CA THR A 232 24.33 13.51 50.45
C THR A 232 25.82 13.47 50.76
N ILE A 233 26.33 14.58 51.28
CA ILE A 233 27.69 14.67 51.80
C ILE A 233 27.58 14.79 53.31
N SER A 234 28.58 14.27 54.02
CA SER A 234 28.59 14.28 55.48
C SER A 234 28.50 15.70 56.02
N ALA A 235 28.00 15.82 57.25
CA ALA A 235 27.74 17.12 57.85
C ALA A 235 29.05 17.86 58.16
N ALA A 236 28.90 19.11 58.57
CA ALA A 236 30.06 19.92 58.93
C ALA A 236 30.72 19.41 60.19
N ASP A 237 32.04 19.60 60.26
CA ASP A 237 32.87 19.16 61.39
C ASP A 237 32.75 17.65 61.62
N SER A 238 32.74 16.88 60.53
CA SER A 238 32.66 15.43 60.60
C SER A 238 34.03 14.76 60.59
N ASP A 239 35.11 15.54 60.62
CA ASP A 239 36.51 15.13 60.68
C ASP A 239 36.99 14.45 59.40
N ASP A 240 36.14 14.28 58.39
CA ASP A 240 36.54 13.71 57.11
C ASP A 240 36.84 14.77 56.07
N GLN A 241 36.85 16.05 56.44
CA GLN A 241 37.11 17.21 55.60
C GLN A 241 36.06 17.41 54.52
N ARG A 242 34.97 16.64 54.54
CA ARG A 242 33.84 16.76 53.62
C ARG A 242 34.29 16.65 52.16
N ARG A 243 34.91 15.50 51.85
CA ARG A 243 35.44 15.26 50.52
C ARG A 243 35.01 13.92 49.93
N LEU A 244 34.12 13.19 50.59
CA LEU A 244 33.67 11.90 50.09
C LEU A 244 32.17 11.75 50.35
N VAL A 245 31.52 10.93 49.53
CA VAL A 245 30.07 10.83 49.49
C VAL A 245 29.62 9.67 50.37
N TYR A 246 28.56 9.90 51.16
CA TYR A 246 27.95 8.89 52.00
C TYR A 246 26.47 8.77 51.66
N TYR A 247 25.86 7.70 52.15
CA TYR A 247 24.42 7.47 52.06
C TYR A 247 23.83 7.65 53.45
N GLU A 248 22.71 8.36 53.53
CA GLU A 248 22.11 8.68 54.82
C GLU A 248 20.71 8.04 54.93
N GLY A 249 20.05 8.30 56.05
CA GLY A 249 18.77 7.69 56.35
C GLY A 249 17.56 8.52 55.99
N GLY A 250 16.61 8.61 56.92
CA GLY A 250 15.34 9.27 56.64
C GLY A 250 15.26 10.72 57.07
N ALA A 251 15.76 11.04 58.27
CA ALA A 251 15.67 12.40 58.79
C ALA A 251 16.57 13.37 58.02
N VAL A 252 17.58 12.86 57.31
CA VAL A 252 18.55 13.73 56.65
C VAL A 252 17.92 14.47 55.47
N CYS A 253 16.94 13.85 54.79
CA CYS A 253 16.39 14.41 53.56
C CYS A 253 15.75 15.77 53.79
N THR A 254 15.14 15.98 54.96
CA THR A 254 14.52 17.27 55.25
C THR A 254 15.54 18.40 55.39
N HIS A 255 16.81 18.07 55.58
CA HIS A 255 17.85 19.08 55.71
C HIS A 255 18.28 19.57 54.33
N ALA A 256 19.19 20.55 54.31
CA ALA A 256 19.65 21.14 53.06
C ALA A 256 20.77 20.37 52.40
N ARG A 257 21.30 19.32 53.04
CA ARG A 257 22.40 18.57 52.44
C ARG A 257 21.96 17.75 51.25
N SER A 258 20.68 17.39 51.16
CA SER A 258 20.17 16.55 50.08
C SER A 258 19.67 17.39 48.90
N LEU A 259 20.53 18.26 48.38
CA LEU A 259 20.21 19.09 47.22
C LEU A 259 21.31 18.92 46.18
N TRP A 260 20.91 18.61 44.94
CA TRP A 260 21.85 18.41 43.85
C TRP A 260 21.35 19.14 42.61
N ARG A 261 22.31 19.64 41.82
CA ARG A 261 22.00 20.39 40.61
C ARG A 261 22.77 19.79 39.43
N LEU A 262 22.07 19.56 38.33
CA LEU A 262 22.68 19.00 37.13
C LEU A 262 22.71 20.05 36.03
N GLU A 263 23.80 20.04 35.24
CA GLU A 263 23.92 20.96 34.13
C GLU A 263 24.62 20.32 32.95
N PRO A 264 24.17 20.59 31.73
CA PRO A 264 24.88 20.07 30.55
C PRO A 264 26.14 20.87 30.27
N LEU A 265 26.95 20.34 29.35
CA LEU A 265 28.19 21.01 28.96
C LEU A 265 27.92 22.21 28.05
N ARG A 266 26.90 22.13 27.20
CA ARG A 266 26.61 23.23 26.28
C ARG A 266 26.02 24.40 27.06
N ILE A 267 26.71 25.55 27.01
CA ILE A 267 26.24 26.73 27.72
C ILE A 267 25.00 27.30 27.05
N SER A 268 24.85 27.09 25.74
CA SER A 268 23.70 27.57 25.00
C SER A 268 22.61 26.51 24.96
N TRP A 269 21.37 26.94 25.18
CA TRP A 269 20.19 26.07 25.18
C TRP A 269 20.34 24.91 26.17
N SER A 270 20.81 25.23 27.38
CA SER A 270 21.06 24.22 28.40
C SER A 270 19.80 23.76 29.12
N GLY A 271 18.67 24.44 28.92
CA GLY A 271 17.47 24.13 29.67
C GLY A 271 16.49 23.23 28.93
N SER A 272 16.97 22.52 27.91
CA SER A 272 16.12 21.64 27.14
C SER A 272 15.75 20.40 27.96
N HIS A 273 14.81 19.62 27.41
CA HIS A 273 14.38 18.40 28.08
C HIS A 273 15.52 17.38 28.13
N LEU A 274 15.59 16.66 29.24
CA LEU A 274 16.67 15.68 29.44
C LEU A 274 16.40 14.42 28.64
N ARG A 275 17.44 13.92 27.98
CA ARG A 275 17.41 12.72 27.17
C ARG A 275 18.20 11.60 27.86
N TRP A 276 18.35 10.47 27.16
CA TRP A 276 19.12 9.35 27.68
C TRP A 276 20.55 9.46 27.17
N GLY A 277 21.51 9.58 28.09
CA GLY A 277 22.90 9.44 27.73
C GLY A 277 23.55 10.63 27.06
N GLN A 278 23.61 11.76 27.75
CA GLN A 278 24.35 12.92 27.27
C GLN A 278 25.31 13.39 28.35
N PRO A 279 26.42 14.04 27.97
CA PRO A 279 27.35 14.55 29.00
C PRO A 279 26.73 15.64 29.86
N LEU A 280 26.54 15.33 31.14
CA LEU A 280 25.99 16.26 32.11
C LEU A 280 26.73 16.08 33.43
N ARG A 281 26.74 17.12 34.25
CA ARG A 281 27.55 17.14 35.46
C ARG A 281 26.69 17.50 36.67
N ILE A 282 27.00 16.87 37.79
CA ILE A 282 26.26 17.01 39.04
C ILE A 282 27.09 17.87 39.99
N ARG A 283 26.41 18.72 40.76
CA ARG A 283 27.07 19.57 41.74
C ARG A 283 26.21 19.66 42.99
N HIS A 284 26.87 19.94 44.11
CA HIS A 284 26.22 20.15 45.39
C HIS A 284 26.15 21.66 45.64
N VAL A 285 24.94 22.17 45.84
CA VAL A 285 24.74 23.62 45.84
C VAL A 285 25.37 24.27 47.09
N THR A 286 25.32 23.61 48.24
CA THR A 286 25.82 24.22 49.45
C THR A 286 27.34 24.24 49.52
N THR A 287 28.02 23.37 48.77
CA THR A 287 29.47 23.29 48.79
C THR A 287 30.14 23.64 47.47
N GLY A 288 29.41 23.59 46.36
CA GLY A 288 30.00 23.89 45.07
C GLY A 288 31.03 22.90 44.59
N ARG A 289 30.77 21.61 44.76
CA ARG A 289 31.70 20.56 44.36
C ARG A 289 30.99 19.57 43.44
N TYR A 290 31.75 19.04 42.47
CA TYR A 290 31.22 18.14 41.47
C TYR A 290 31.52 16.69 41.87
N LEU A 291 31.11 15.75 41.02
CA LEU A 291 31.33 14.32 41.23
C LEU A 291 32.32 13.83 40.20
N ALA A 292 33.43 13.26 40.67
CA ALA A 292 34.49 12.79 39.79
C ALA A 292 35.41 11.84 40.56
N LEU A 293 36.23 11.13 39.81
CA LEU A 293 37.32 10.33 40.36
C LEU A 293 38.63 10.97 39.93
N THR A 294 39.51 11.24 40.89
CA THR A 294 40.77 11.89 40.54
C THR A 294 41.83 10.88 40.06
N GLU A 295 42.29 9.99 40.94
CA GLU A 295 43.16 8.90 40.50
C GLU A 295 42.59 7.53 40.81
N ASP A 296 42.40 7.19 42.09
CA ASP A 296 41.89 5.86 42.44
C ASP A 296 40.98 5.88 43.67
N GLN A 297 40.37 7.02 43.98
CA GLN A 297 39.61 7.18 45.22
C GLN A 297 38.12 6.91 45.03
N GLY A 298 37.75 6.12 44.03
CA GLY A 298 36.36 5.72 43.85
C GLY A 298 35.47 6.91 43.53
N LEU A 299 34.42 7.08 44.33
CA LEU A 299 33.47 8.17 44.16
C LEU A 299 33.70 9.18 45.28
N VAL A 300 34.24 10.35 44.91
CA VAL A 300 34.48 11.45 45.83
C VAL A 300 34.07 12.73 45.15
N VAL A 301 34.17 13.84 45.87
CA VAL A 301 33.89 15.16 45.31
C VAL A 301 35.21 15.88 45.08
N VAL A 302 35.24 16.66 44.00
CA VAL A 302 36.46 17.35 43.57
C VAL A 302 36.13 18.83 43.41
N ASP A 303 37.10 19.68 43.70
CA ASP A 303 36.93 21.12 43.60
C ASP A 303 36.70 21.55 42.15
N ALA A 304 36.14 22.75 42.00
CA ALA A 304 35.79 23.26 40.68
C ALA A 304 37.03 23.52 39.82
N CYS A 305 38.11 23.99 40.45
CA CYS A 305 39.35 24.28 39.71
C CYS A 305 39.94 23.01 39.11
N LYS A 306 39.93 21.91 39.86
CA LYS A 306 40.47 20.64 39.37
C LYS A 306 39.39 19.91 38.60
N ALA A 307 39.17 20.36 37.37
CA ALA A 307 38.17 19.76 36.48
C ALA A 307 38.82 19.46 35.14
N HIS A 308 39.08 18.18 34.88
CA HIS A 308 39.64 17.75 33.61
C HIS A 308 38.57 17.27 32.63
N THR A 309 37.29 17.34 33.01
CA THR A 309 36.10 17.15 32.19
C THR A 309 35.90 15.68 31.79
N LYS A 310 36.85 14.79 32.10
CA LYS A 310 36.74 13.40 31.67
C LYS A 310 35.94 12.56 32.67
N ALA A 311 36.42 12.49 33.93
CA ALA A 311 35.73 11.70 34.94
C ALA A 311 34.49 12.39 35.48
N THR A 312 34.32 13.69 35.24
CA THR A 312 33.19 14.43 35.74
C THR A 312 31.90 14.17 34.96
N SER A 313 32.00 13.57 33.76
CA SER A 313 30.84 13.34 32.93
C SER A 313 30.04 12.15 33.44
N PHE A 314 28.71 12.26 33.35
CA PHE A 314 27.80 11.18 33.72
C PHE A 314 26.69 11.12 32.69
N CYS A 315 26.05 9.96 32.59
CA CYS A 315 24.95 9.77 31.66
C CYS A 315 23.82 9.01 32.34
N PHE A 316 22.63 9.17 31.79
CA PHE A 316 21.39 8.75 32.43
C PHE A 316 20.72 7.74 31.50
N ARG A 317 20.47 6.51 32.00
CA ARG A 317 20.05 5.41 31.14
C ARG A 317 18.84 4.68 31.72
N VAL A 318 18.25 3.81 30.90
CA VAL A 318 17.05 3.10 31.29
C VAL A 318 17.20 1.58 31.26
N SER A 319 18.10 1.03 30.44
CA SER A 319 18.19 -0.41 30.24
C SER A 319 19.48 -0.96 30.83
N LYS A 320 19.39 -2.19 31.36
CA LYS A 320 20.58 -2.86 31.89
C LYS A 320 21.60 -3.15 30.79
N GLU A 321 21.13 -3.64 29.64
CA GLU A 321 22.03 -4.10 28.60
C GLU A 321 22.61 -2.92 27.81
N LYS A 322 23.72 -3.18 27.13
CA LYS A 322 24.35 -2.17 26.30
C LYS A 322 23.53 -1.93 25.05
N LEU A 323 23.10 -0.68 24.85
CA LEU A 323 22.28 -0.31 23.70
C LEU A 323 22.91 0.91 23.02
N ASP A 324 22.66 1.01 21.72
CA ASP A 324 23.18 2.13 20.94
C ASP A 324 22.45 3.41 21.29
N THR A 325 23.19 4.52 21.25
CA THR A 325 22.65 5.84 21.54
C THR A 325 23.19 6.82 20.52
N ALA A 326 22.45 7.93 20.34
CA ALA A 326 22.83 8.98 19.39
C ALA A 326 22.82 10.32 20.11
N PRO A 327 23.87 10.62 20.88
CA PRO A 327 23.96 11.92 21.56
C PRO A 327 24.70 13.00 20.80
N LYS A 328 25.26 12.68 19.62
CA LYS A 328 26.04 13.66 18.87
C LYS A 328 25.17 14.75 18.27
N ARG A 329 23.89 14.49 18.02
CA ARG A 329 23.02 15.49 17.43
C ARG A 329 22.75 16.62 18.41
N ASP A 330 22.61 17.83 17.87
CA ASP A 330 22.27 19.02 18.65
C ASP A 330 20.95 19.58 18.15
N VAL A 331 20.05 19.88 19.08
CA VAL A 331 18.71 20.37 18.76
C VAL A 331 18.59 21.82 19.21
N GLU A 332 18.11 22.67 18.32
CA GLU A 332 17.82 24.06 18.65
C GLU A 332 16.38 24.26 19.11
N GLY A 333 15.56 23.21 19.09
CA GLY A 333 14.19 23.29 19.53
C GLY A 333 14.04 22.96 21.01
N MET A 334 12.79 22.70 21.40
CA MET A 334 12.49 22.39 22.79
C MET A 334 13.08 21.04 23.19
N GLY A 335 12.98 20.05 22.30
CA GLY A 335 13.48 18.73 22.57
C GLY A 335 12.37 17.76 22.90
N PRO A 336 12.55 16.49 22.56
CA PRO A 336 11.49 15.49 22.77
C PRO A 336 11.35 15.14 24.24
N PRO A 337 10.17 15.35 24.83
CA PRO A 337 9.97 15.05 26.26
C PRO A 337 9.76 13.57 26.52
N GLU A 338 10.62 12.94 27.33
CA GLU A 338 10.47 11.52 27.61
C GLU A 338 10.51 11.14 29.10
N ILE A 339 11.35 11.82 29.90
CA ILE A 339 11.62 11.39 31.27
C ILE A 339 10.59 11.97 32.23
N LYS A 340 10.04 11.10 33.08
CA LYS A 340 8.96 11.46 34.00
C LYS A 340 9.39 11.20 35.44
N TYR A 341 9.00 12.10 36.34
CA TYR A 341 9.32 11.93 37.75
C TYR A 341 8.56 10.74 38.35
N GLY A 342 9.22 10.04 39.25
CA GLY A 342 8.59 8.95 39.99
C GLY A 342 8.60 7.59 39.33
N GLU A 343 8.13 7.50 38.10
CA GLU A 343 8.08 6.25 37.36
C GLU A 343 9.25 6.08 36.41
N SER A 344 10.30 6.89 36.56
CA SER A 344 11.47 6.76 35.69
C SER A 344 12.18 5.43 35.92
N LEU A 345 12.41 5.06 37.19
CA LEU A 345 13.18 3.87 37.57
C LEU A 345 14.53 3.85 36.86
N CYS A 346 15.16 5.02 36.84
CA CYS A 346 16.28 5.28 35.94
C CYS A 346 17.62 4.96 36.60
N PHE A 347 18.64 4.78 35.78
CA PHE A 347 19.98 4.43 36.23
C PHE A 347 20.98 5.50 35.79
N VAL A 348 22.09 5.59 36.51
CA VAL A 348 23.18 6.52 36.18
C VAL A 348 24.43 5.72 35.84
N GLN A 349 25.25 6.26 34.93
CA GLN A 349 26.46 5.60 34.45
C GLN A 349 27.60 6.60 34.35
N HIS A 350 28.80 6.13 34.70
CA HIS A 350 30.03 6.85 34.38
C HIS A 350 30.53 6.39 33.01
N VAL A 351 30.76 7.36 32.12
CA VAL A 351 31.09 7.04 30.74
C VAL A 351 32.60 6.92 30.52
N ALA A 352 33.40 7.70 31.23
CA ALA A 352 34.85 7.61 31.07
C ALA A 352 35.36 6.27 31.59
N SER A 353 34.92 5.88 32.80
CA SER A 353 35.29 4.58 33.34
C SER A 353 34.49 3.45 32.71
N GLY A 354 33.29 3.74 32.21
CA GLY A 354 32.47 2.72 31.59
C GLY A 354 31.78 1.79 32.56
N LEU A 355 31.61 2.21 33.82
CA LEU A 355 31.01 1.37 34.85
C LEU A 355 29.99 2.18 35.65
N TRP A 356 29.02 1.46 36.23
CA TRP A 356 27.95 2.07 36.98
C TRP A 356 28.40 2.37 38.41
N LEU A 357 27.48 2.91 39.20
CA LEU A 357 27.73 3.19 40.62
C LEU A 357 26.57 2.65 41.44
N THR A 358 26.89 1.90 42.49
CA THR A 358 25.90 1.36 43.42
C THR A 358 26.45 1.46 44.84
N TYR A 359 25.66 1.01 45.80
CA TYR A 359 26.09 0.97 47.19
C TYR A 359 27.10 -0.17 47.39
N ALA A 360 28.16 0.12 48.15
CA ALA A 360 29.23 -0.86 48.34
C ALA A 360 28.77 -2.05 49.18
N ALA A 361 27.82 -1.83 50.12
CA ALA A 361 27.25 -2.84 50.99
C ALA A 361 28.33 -3.57 51.78
N PRO A 362 28.95 -2.95 52.76
CA PRO A 362 29.99 -3.63 53.54
C PRO A 362 29.53 -4.60 54.63
N ASP A 363 30.49 -5.41 55.10
CA ASP A 363 30.16 -6.43 56.08
C ASP A 363 31.08 -6.34 57.31
N PRO A 364 31.29 -5.16 57.86
CA PRO A 364 32.03 -5.04 59.13
C PRO A 364 31.09 -4.92 60.32
N LYS A 365 31.63 -5.26 61.49
CA LYS A 365 30.87 -5.07 62.73
C LYS A 365 30.59 -3.60 62.98
N ALA A 366 31.58 -2.74 62.74
CA ALA A 366 31.39 -1.31 62.92
C ALA A 366 30.37 -0.74 61.95
N LEU A 367 30.41 -1.19 60.68
CA LEU A 367 29.42 -0.75 59.71
C LEU A 367 28.03 -1.28 60.01
N ARG A 368 27.95 -2.50 60.57
CA ARG A 368 26.67 -3.04 60.99
C ARG A 368 26.09 -2.26 62.16
N LEU A 369 26.96 -1.77 63.05
CA LEU A 369 26.50 -0.97 64.18
C LEU A 369 25.95 0.39 63.75
N GLY A 370 26.24 0.83 62.52
CA GLY A 370 25.68 2.07 62.04
C GLY A 370 24.20 1.98 61.74
N VAL A 371 23.55 3.14 61.75
CA VAL A 371 22.10 3.22 61.51
C VAL A 371 21.92 3.36 60.01
N LEU A 372 21.90 2.22 59.33
CA LEU A 372 21.72 2.11 57.87
C LEU A 372 22.78 2.94 57.13
N LYS A 373 24.04 2.57 57.37
CA LYS A 373 25.17 3.26 56.78
C LYS A 373 25.79 2.42 55.68
N LYS A 374 25.97 3.02 54.51
CA LYS A 374 26.54 2.32 53.36
C LYS A 374 27.28 3.34 52.50
N LYS A 375 28.54 3.04 52.18
CA LYS A 375 29.38 3.97 51.45
C LYS A 375 29.19 3.79 49.95
N ALA A 376 29.29 4.90 49.21
CA ALA A 376 29.14 4.89 47.76
C ALA A 376 30.52 4.64 47.13
N ILE A 377 30.69 3.48 46.52
CA ILE A 377 31.94 3.06 45.91
C ILE A 377 31.64 2.60 44.49
N LEU A 378 32.43 3.08 43.53
CA LEU A 378 32.26 2.68 42.14
C LEU A 378 32.53 1.19 41.98
N HIS A 379 31.66 0.53 41.20
CA HIS A 379 31.55 -0.92 41.16
C HIS A 379 31.56 -1.40 39.71
N GLN A 380 31.72 -2.71 39.54
CA GLN A 380 31.83 -3.32 38.21
C GLN A 380 30.93 -4.55 38.09
N GLU A 381 30.68 -5.22 39.22
CA GLU A 381 29.97 -6.51 39.19
C GLU A 381 28.54 -6.38 38.69
N GLY A 382 27.84 -5.33 39.10
CA GLY A 382 26.47 -5.12 38.70
C GLY A 382 25.47 -5.41 39.81
N HIS A 383 24.46 -4.56 39.91
CA HIS A 383 23.39 -4.70 40.88
C HIS A 383 22.06 -4.38 40.21
N MET A 384 20.99 -5.00 40.69
CA MET A 384 19.67 -4.91 40.07
C MET A 384 18.65 -4.17 40.93
N ASP A 385 19.09 -3.48 41.99
CA ASP A 385 18.17 -2.82 42.91
C ASP A 385 18.48 -1.34 43.06
N ASP A 386 18.72 -0.66 41.94
CA ASP A 386 18.93 0.79 41.97
C ASP A 386 17.67 1.52 42.41
N ALA A 387 16.62 1.46 41.58
CA ALA A 387 15.33 2.09 41.86
C ALA A 387 15.47 3.57 42.20
N LEU A 388 16.27 4.28 41.40
CA LEU A 388 16.49 5.70 41.64
C LEU A 388 15.21 6.48 41.35
N PHE A 389 14.84 7.35 42.29
CA PHE A 389 13.61 8.15 42.18
C PHE A 389 13.97 9.62 42.15
N LEU A 390 13.25 10.36 41.32
CA LEU A 390 13.48 11.78 41.06
C LEU A 390 12.32 12.58 41.62
N THR A 391 12.63 13.59 42.45
CA THR A 391 11.64 14.50 42.99
C THR A 391 12.13 15.93 42.86
N ARG A 392 11.22 16.87 42.76
CA ARG A 392 11.56 18.29 42.75
C ARG A 392 10.64 19.05 43.69
N CYS A 393 11.23 19.95 44.46
CA CYS A 393 10.46 20.85 45.34
C CYS A 393 11.25 22.15 45.43
N GLN A 394 10.69 23.24 44.90
CA GLN A 394 11.47 24.46 44.76
C GLN A 394 11.52 25.17 46.12
N GLN A 395 10.36 25.64 46.62
CA GLN A 395 10.09 26.09 47.99
C GLN A 395 11.25 26.82 48.67
N GLU A 396 11.94 27.68 47.90
CA GLU A 396 13.10 28.50 48.28
C GLU A 396 14.20 27.74 49.05
N GLU A 397 14.27 26.40 49.01
CA GLU A 397 15.48 25.79 49.55
C GLU A 397 16.68 26.02 48.65
N SER A 398 16.48 26.12 47.34
CA SER A 398 17.59 26.42 46.45
C SER A 398 18.17 27.81 46.74
N GLN A 399 17.30 28.80 46.91
CA GLN A 399 17.74 30.15 47.27
C GLN A 399 18.41 30.15 48.64
N ALA A 400 17.82 29.43 49.61
CA ALA A 400 18.42 29.35 50.94
C ALA A 400 19.80 28.73 50.90
N ALA A 401 19.97 27.64 50.14
CA ALA A 401 21.26 26.98 50.03
C ALA A 401 22.29 27.87 49.34
N ARG A 402 21.88 28.61 48.30
CA ARG A 402 22.79 29.53 47.65
C ARG A 402 23.25 30.63 48.62
N MET A 403 22.31 31.15 49.43
CA MET A 403 22.69 32.11 50.46
C MET A 403 23.64 31.50 51.48
N ILE A 404 23.40 30.24 51.87
CA ILE A 404 24.29 29.58 52.82
C ILE A 404 25.70 29.49 52.24
N HIS A 405 25.81 29.08 50.98
CA HIS A 405 27.11 28.99 50.32
C HIS A 405 27.81 30.35 50.28
N SER A 406 27.11 31.38 49.81
CA SER A 406 27.72 32.70 49.66
C SER A 406 28.13 33.28 50.99
N THR A 407 27.24 33.23 51.99
CA THR A 407 27.54 33.79 53.31
C THR A 407 28.65 33.00 53.99
N ALA A 408 28.65 31.67 53.87
CA ALA A 408 29.71 30.87 54.48
C ALA A 408 31.06 31.21 53.88
N GLY A 409 31.14 31.33 52.55
CA GLY A 409 32.39 31.72 51.91
C GLY A 409 32.85 33.10 52.34
N LEU A 410 31.93 34.07 52.35
CA LEU A 410 32.28 35.43 52.73
C LEU A 410 32.75 35.50 54.18
N TYR A 411 32.04 34.83 55.09
CA TYR A 411 32.40 34.90 56.50
C TYR A 411 33.71 34.16 56.77
N ASN A 412 33.95 33.04 56.07
CA ASN A 412 35.22 32.33 56.23
C ASN A 412 36.38 33.19 55.75
N GLN A 413 36.22 33.86 54.59
CA GLN A 413 37.26 34.75 54.10
C GLN A 413 37.48 35.92 55.08
N PHE A 414 36.39 36.48 55.61
CA PHE A 414 36.51 37.61 56.53
C PHE A 414 37.21 37.23 57.82
N ILE A 415 36.89 36.05 58.38
CA ILE A 415 37.54 35.64 59.63
C ILE A 415 38.99 35.23 59.37
N LYS A 416 39.29 34.67 58.19
CA LYS A 416 40.68 34.34 57.88
C LYS A 416 41.51 35.60 57.69
N GLY A 417 40.91 36.65 57.13
CA GLY A 417 41.58 37.94 57.10
C GLY A 417 41.74 38.56 58.48
N LEU A 418 40.73 38.38 59.34
CA LEU A 418 40.82 38.92 60.70
C LEU A 418 41.89 38.24 61.54
N ASP A 419 42.16 36.96 61.28
CA ASP A 419 43.13 36.22 62.05
C ASP A 419 44.57 36.46 61.62
N SER A 420 44.78 37.30 60.60
CA SER A 420 46.13 37.52 60.09
C SER A 420 46.97 38.38 61.04
N PHE A 421 46.41 39.48 61.54
CA PHE A 421 47.17 40.48 62.28
C PHE A 421 46.96 40.40 63.79
N SER A 422 46.36 39.32 64.29
CA SER A 422 46.09 39.22 65.72
C SER A 422 47.35 39.06 66.56
N GLY A 423 48.44 38.58 65.97
CA GLY A 423 49.64 38.29 66.73
C GLY A 423 50.63 39.44 66.86
N LYS A 424 50.52 40.44 65.99
CA LYS A 424 51.48 41.54 66.00
C LYS A 424 50.76 42.88 65.90
N PRO A 425 51.35 43.93 66.45
CA PRO A 425 50.76 45.27 66.31
C PRO A 425 51.05 45.86 64.93
N ARG A 426 50.40 47.00 64.67
CA ARG A 426 50.56 47.67 63.39
C ARG A 426 51.96 48.26 63.26
N GLY A 427 52.51 48.18 62.05
CA GLY A 427 53.80 48.75 61.75
C GLY A 427 53.70 50.12 61.09
N SER A 428 54.82 50.55 60.51
CA SER A 428 54.86 51.81 59.80
C SER A 428 54.05 51.73 58.50
N GLY A 429 53.39 52.84 58.17
CA GLY A 429 52.56 52.89 56.98
C GLY A 429 51.34 52.01 57.07
N PRO A 430 51.13 51.17 56.06
CA PRO A 430 49.97 50.26 56.06
C PRO A 430 50.09 49.23 57.16
N PRO A 431 48.97 48.81 57.76
CA PRO A 431 49.04 47.81 58.83
C PRO A 431 49.22 46.39 58.30
N ALA A 432 48.66 46.11 57.13
CA ALA A 432 48.72 44.76 56.57
C ALA A 432 48.61 44.85 55.05
N GLY A 433 49.00 43.76 54.39
CA GLY A 433 48.97 43.69 52.95
C GLY A 433 47.56 43.63 52.37
N PRO A 434 46.86 42.52 52.58
CA PRO A 434 45.50 42.41 52.06
C PRO A 434 44.53 43.37 52.73
N ALA A 435 43.53 43.79 51.98
CA ALA A 435 42.52 44.73 52.47
C ALA A 435 41.35 43.97 53.07
N LEU A 436 40.87 44.46 54.22
CA LEU A 436 39.76 43.83 54.92
C LEU A 436 38.45 44.19 54.25
N PRO A 437 37.63 43.21 53.84
CA PRO A 437 36.34 43.49 53.18
C PRO A 437 35.25 43.93 54.15
N ILE A 438 35.23 45.24 54.43
CA ILE A 438 34.28 45.79 55.39
C ILE A 438 33.02 46.33 54.73
N GLU A 439 33.14 46.88 53.51
CA GLU A 439 31.99 47.52 52.88
C GLU A 439 30.92 46.51 52.48
N ALA A 440 31.31 45.35 51.97
CA ALA A 440 30.34 44.38 51.48
C ALA A 440 29.66 43.60 52.61
N VAL A 441 30.39 43.32 53.69
CA VAL A 441 29.85 42.48 54.76
C VAL A 441 28.70 43.19 55.48
N ILE A 442 28.79 44.52 55.63
CA ILE A 442 27.71 45.27 56.27
C ILE A 442 26.42 45.16 55.47
N LEU A 443 26.52 45.33 54.16
CA LEU A 443 25.34 45.21 53.29
C LEU A 443 24.79 43.79 53.32
N SER A 444 25.67 42.79 53.32
CA SER A 444 25.22 41.40 53.39
C SER A 444 24.48 41.13 54.70
N LEU A 445 25.02 41.62 55.83
CA LEU A 445 24.37 41.41 57.11
C LEU A 445 23.03 42.13 57.18
N GLN A 446 22.95 43.34 56.63
CA GLN A 446 21.67 44.06 56.59
C GLN A 446 20.64 43.33 55.74
N ASP A 447 21.08 42.75 54.61
CA ASP A 447 20.17 41.96 53.78
C ASP A 447 19.69 40.72 54.52
N LEU A 448 20.59 40.08 55.29
CA LEU A 448 20.18 38.92 56.09
C LEU A 448 19.17 39.31 57.17
N ILE A 449 19.36 40.47 57.81
CA ILE A 449 18.39 40.93 58.80
C ILE A 449 17.04 41.19 58.15
N GLY A 450 17.05 41.85 56.99
CA GLY A 450 15.81 42.09 56.27
C GLY A 450 15.12 40.81 55.85
N TYR A 451 15.90 39.78 55.50
CA TYR A 451 15.34 38.48 55.18
C TYR A 451 14.71 37.83 56.41
N PHE A 452 15.38 37.95 57.58
CA PHE A 452 14.85 37.41 58.83
C PHE A 452 14.02 38.42 59.61
N GLU A 453 13.41 39.40 58.93
CA GLU A 453 12.41 40.24 59.57
C GLU A 453 11.18 39.40 59.91
N PRO A 454 10.75 39.37 61.18
CA PRO A 454 9.53 38.62 61.52
C PRO A 454 8.30 39.27 60.92
N PRO A 455 7.24 38.50 60.67
CA PRO A 455 6.06 39.06 60.01
C PRO A 455 5.26 39.99 60.92
N SER A 456 4.49 40.86 60.28
CA SER A 456 3.66 41.82 61.00
C SER A 456 2.43 41.14 61.61
N GLU A 457 1.96 41.70 62.73
CA GLU A 457 0.80 41.15 63.41
C GLU A 457 -0.50 41.53 62.69
N GLU A 458 -0.50 42.65 61.96
CA GLU A 458 -1.71 43.18 61.35
C GLU A 458 -2.27 42.30 60.24
N LEU A 459 -1.51 41.33 59.76
CA LEU A 459 -2.00 40.44 58.71
C LEU A 459 -3.03 39.47 59.28
N GLN A 460 -3.75 38.81 58.37
CA GLN A 460 -4.79 37.87 58.76
C GLN A 460 -4.19 36.63 59.42
N HIS A 461 -5.05 35.86 60.08
CA HIS A 461 -4.59 34.72 60.88
C HIS A 461 -3.97 33.63 60.02
N GLU A 462 -4.61 33.31 58.88
CA GLU A 462 -4.07 32.29 57.99
C GLU A 462 -2.73 32.71 57.39
N GLU A 463 -2.63 33.98 57.02
CA GLU A 463 -1.37 34.50 56.48
C GLU A 463 -0.27 34.47 57.54
N LYS A 464 -0.62 34.84 58.78
CA LYS A 464 0.32 34.76 59.88
C LYS A 464 0.80 33.32 60.09
N GLN A 465 -0.13 32.36 60.05
CA GLN A 465 0.24 30.96 60.26
C GLN A 465 1.17 30.46 59.17
N SER A 466 0.86 30.79 57.91
CA SER A 466 1.68 30.32 56.80
C SER A 466 3.07 30.96 56.83
N LYS A 467 3.13 32.28 57.05
CA LYS A 467 4.41 32.98 57.11
C LYS A 467 5.24 32.50 58.29
N LEU A 468 4.60 32.24 59.43
CA LEU A 468 5.31 31.71 60.60
C LEU A 468 5.88 30.33 60.31
N ARG A 469 5.10 29.48 59.64
CA ARG A 469 5.59 28.17 59.24
C ARG A 469 6.81 28.29 58.34
N SER A 470 6.74 29.17 57.33
CA SER A 470 7.85 29.34 56.40
C SER A 470 9.10 29.85 57.10
N LEU A 471 8.94 30.87 57.95
CA LEU A 471 10.09 31.44 58.65
C LEU A 471 10.70 30.44 59.62
N ARG A 472 9.86 29.69 60.35
CA ARG A 472 10.38 28.69 61.27
C ARG A 472 11.16 27.61 60.54
N ASN A 473 10.61 27.12 59.42
CA ASN A 473 11.30 26.09 58.65
C ASN A 473 12.60 26.61 58.08
N ARG A 474 12.60 27.87 57.60
CA ARG A 474 13.79 28.46 57.01
C ARG A 474 14.90 28.66 58.05
N GLN A 475 14.54 29.21 59.22
CA GLN A 475 15.54 29.42 60.26
C GLN A 475 16.00 28.09 60.87
N SER A 476 15.16 27.06 60.84
CA SER A 476 15.63 25.73 61.25
C SER A 476 16.58 25.14 60.22
N LEU A 477 16.32 25.36 58.93
CA LEU A 477 17.20 24.86 57.88
C LEU A 477 18.57 25.55 57.93
N PHE A 478 18.58 26.84 58.23
CA PHE A 478 19.85 27.58 58.28
C PHE A 478 20.79 27.10 59.38
N GLN A 479 20.27 26.41 60.40
CA GLN A 479 21.08 26.08 61.57
C GLN A 479 22.07 24.95 61.28
N GLU A 480 21.62 23.91 60.55
CA GLU A 480 22.43 22.69 60.43
C GLU A 480 23.71 22.93 59.63
N GLU A 481 23.61 23.68 58.52
CA GLU A 481 24.77 23.97 57.69
C GLU A 481 25.49 25.23 58.18
N GLY A 482 26.03 25.13 59.39
CA GLY A 482 26.74 26.26 59.98
C GLY A 482 25.81 27.39 60.35
N MET A 483 26.28 28.61 60.15
CA MET A 483 25.58 29.89 60.34
C MET A 483 25.29 30.20 61.80
N LEU A 484 25.64 29.31 62.74
CA LEU A 484 25.54 29.60 64.17
C LEU A 484 26.91 29.57 64.83
N SER A 485 27.65 28.46 64.72
CA SER A 485 28.99 28.38 65.28
C SER A 485 29.93 29.34 64.58
N LEU A 486 29.74 29.56 63.28
CA LEU A 486 30.55 30.55 62.56
C LEU A 486 30.32 31.95 63.10
N VAL A 487 29.06 32.30 63.40
CA VAL A 487 28.76 33.60 63.99
C VAL A 487 29.35 33.73 65.38
N LEU A 488 29.28 32.65 66.18
CA LEU A 488 29.90 32.66 67.51
C LEU A 488 31.41 32.84 67.42
N ASN A 489 32.06 32.16 66.47
CA ASN A 489 33.50 32.33 66.30
C ASN A 489 33.85 33.74 65.83
N CYS A 490 33.02 34.31 64.95
CA CYS A 490 33.23 35.68 64.52
C CYS A 490 33.13 36.65 65.69
N ILE A 491 32.13 36.45 66.55
CA ILE A 491 31.97 37.29 67.74
C ILE A 491 33.18 37.14 68.68
N ASP A 492 33.62 35.89 68.88
CA ASP A 492 34.75 35.64 69.77
C ASP A 492 36.03 36.28 69.25
N ARG A 493 36.29 36.18 67.95
CA ARG A 493 37.49 36.79 67.37
C ARG A 493 37.39 38.31 67.32
N LEU A 494 36.19 38.86 67.17
CA LEU A 494 36.03 40.30 67.15
C LEU A 494 36.05 40.92 68.55
N ASN A 495 35.71 40.16 69.58
CA ASN A 495 35.56 40.70 70.93
C ASN A 495 36.86 40.76 71.71
N VAL A 496 37.98 40.37 71.11
CA VAL A 496 39.27 40.44 71.81
C VAL A 496 39.68 41.88 72.07
N TYR A 497 39.14 42.84 71.33
CA TYR A 497 39.47 44.25 71.49
C TYR A 497 38.46 44.90 72.42
N THR A 498 38.94 45.66 73.39
CA THR A 498 38.08 46.21 74.44
C THR A 498 37.32 47.44 73.96
N THR A 499 38.03 48.51 73.60
CA THR A 499 37.39 49.72 73.11
C THR A 499 37.65 50.00 71.64
N ALA A 500 38.80 49.58 71.11
CA ALA A 500 39.17 49.74 69.69
C ALA A 500 39.16 51.20 69.25
N ALA A 501 39.43 52.12 70.18
CA ALA A 501 39.44 53.54 69.84
C ALA A 501 40.81 53.97 69.32
N HIS A 502 41.82 53.94 70.18
CA HIS A 502 43.15 54.38 69.81
C HIS A 502 44.18 53.26 69.93
N PHE A 503 44.17 52.56 71.07
CA PHE A 503 45.21 51.58 71.37
C PHE A 503 44.75 50.14 71.17
N ALA A 504 43.47 49.85 71.37
CA ALA A 504 42.99 48.47 71.29
C ALA A 504 42.74 48.02 69.85
N GLU A 505 42.76 48.93 68.88
CA GLU A 505 42.58 48.60 67.48
C GLU A 505 43.93 48.66 66.78
N TYR A 506 44.34 47.54 66.19
CA TYR A 506 45.60 47.45 65.46
C TYR A 506 45.43 47.71 63.97
N ALA A 507 44.22 47.98 63.50
CA ALA A 507 43.97 48.28 62.10
C ALA A 507 44.18 49.74 61.75
N GLY A 508 44.46 50.60 62.73
CA GLY A 508 44.67 52.00 62.45
C GLY A 508 43.36 52.71 62.09
N GLU A 509 43.51 53.76 61.30
CA GLU A 509 42.36 54.53 60.84
C GLU A 509 41.65 53.78 59.71
N GLU A 510 40.57 54.40 59.22
CA GLU A 510 39.73 54.00 58.09
C GLU A 510 39.20 52.56 58.17
N ALA A 511 39.34 51.93 59.34
CA ALA A 511 38.78 50.60 59.57
C ALA A 511 38.07 50.45 60.90
N ALA A 512 38.36 51.27 61.90
CA ALA A 512 37.72 51.17 63.21
C ALA A 512 36.43 51.97 63.31
N GLU A 513 36.12 52.80 62.29
CA GLU A 513 34.89 53.58 62.32
C GLU A 513 33.65 52.68 62.27
N SER A 514 33.71 51.62 61.46
CA SER A 514 32.60 50.69 61.32
C SER A 514 32.66 49.54 62.32
N TRP A 515 33.70 49.47 63.14
CA TRP A 515 33.84 48.37 64.10
C TRP A 515 32.72 48.38 65.12
N LYS A 516 32.40 49.55 65.66
CA LYS A 516 31.31 49.66 66.63
C LYS A 516 29.98 49.26 66.02
N GLU A 517 29.72 49.71 64.79
CA GLU A 517 28.46 49.40 64.14
C GLU A 517 28.35 47.90 63.86
N ILE A 518 29.44 47.27 63.40
CA ILE A 518 29.36 45.85 63.07
C ILE A 518 29.23 45.00 64.33
N VAL A 519 29.91 45.37 65.43
CA VAL A 519 29.78 44.56 66.64
C VAL A 519 28.39 44.76 67.26
N ASN A 520 27.82 45.95 67.11
CA ASN A 520 26.45 46.17 67.56
C ASN A 520 25.46 45.37 66.73
N LEU A 521 25.67 45.33 65.41
CA LEU A 521 24.70 44.72 64.50
C LEU A 521 24.77 43.20 64.51
N LEU A 522 25.95 42.61 64.72
CA LEU A 522 26.09 41.16 64.69
C LEU A 522 25.32 40.50 65.83
N TYR A 523 25.34 41.11 67.02
CA TYR A 523 24.59 40.57 68.15
C TYR A 523 23.09 40.56 67.86
N GLU A 524 22.58 41.64 67.28
CA GLU A 524 21.15 41.72 66.97
C GLU A 524 20.77 40.74 65.88
N LEU A 525 21.63 40.56 64.87
CA LEU A 525 21.33 39.57 63.83
C LEU A 525 21.34 38.15 64.39
N LEU A 526 22.29 37.86 65.29
CA LEU A 526 22.31 36.56 65.94
C LEU A 526 21.05 36.33 66.76
N ALA A 527 20.59 37.37 67.46
CA ALA A 527 19.35 37.27 68.22
C ALA A 527 18.15 37.02 67.32
N SER A 528 18.09 37.71 66.18
CA SER A 528 17.02 37.47 65.23
C SER A 528 17.07 36.04 64.70
N LEU A 529 18.27 35.51 64.50
CA LEU A 529 18.41 34.14 64.01
C LEU A 529 17.93 33.11 65.04
N ILE A 530 18.25 33.33 66.32
CA ILE A 530 17.87 32.31 67.31
C ILE A 530 16.39 32.45 67.68
N ARG A 531 15.84 33.67 67.65
CA ARG A 531 14.50 33.93 68.15
C ARG A 531 13.44 33.22 67.31
N GLY A 532 12.42 32.68 67.99
CA GLY A 532 11.28 32.09 67.34
C GLY A 532 11.32 30.59 67.15
N ASN A 533 12.41 29.93 67.55
CA ASN A 533 12.56 28.49 67.37
C ASN A 533 12.89 27.83 68.70
N ARG A 534 12.16 26.75 69.02
CA ARG A 534 12.43 26.00 70.25
C ARG A 534 13.69 25.17 70.14
N ALA A 535 13.92 24.55 68.98
CA ALA A 535 15.08 23.68 68.82
C ALA A 535 16.38 24.47 68.69
N ASN A 536 16.31 25.68 68.13
CA ASN A 536 17.52 26.48 67.94
C ASN A 536 18.14 26.89 69.26
N CYS A 537 17.32 27.32 70.23
CA CYS A 537 17.82 27.78 71.50
C CYS A 537 18.22 26.65 72.44
N ALA A 538 17.86 25.40 72.13
CA ALA A 538 18.27 24.28 72.96
C ALA A 538 19.78 24.01 72.87
N LEU A 539 20.44 24.47 71.81
CA LEU A 539 21.87 24.27 71.67
C LEU A 539 22.66 25.08 72.71
N PHE A 540 22.07 26.17 73.22
CA PHE A 540 22.76 27.05 74.17
C PHE A 540 22.77 26.41 75.55
N SER A 541 23.56 25.35 75.68
CA SER A 541 23.72 24.63 76.93
C SER A 541 25.03 25.00 77.64
N THR A 542 26.16 24.83 76.96
CA THR A 542 27.45 25.21 77.52
C THR A 542 27.84 26.64 77.19
N ASN A 543 27.06 27.35 76.37
CA ASN A 543 27.34 28.72 76.00
C ASN A 543 26.62 29.73 76.89
N LEU A 544 25.91 29.26 77.92
CA LEU A 544 25.21 30.17 78.82
C LEU A 544 26.19 31.06 79.58
N ASP A 545 27.29 30.49 80.07
CA ASP A 545 28.31 31.28 80.75
C ASP A 545 28.96 32.28 79.79
N TRP A 546 29.18 31.85 78.54
CA TRP A 546 29.74 32.75 77.54
C TRP A 546 28.81 33.93 77.26
N VAL A 547 27.50 33.67 77.19
CA VAL A 547 26.53 34.74 76.99
C VAL A 547 26.51 35.66 78.20
N VAL A 548 26.54 35.09 79.41
CA VAL A 548 26.47 35.90 80.63
C VAL A 548 27.68 36.80 80.77
N SER A 549 28.87 36.28 80.47
CA SER A 549 30.11 37.02 80.67
C SER A 549 30.42 38.02 79.55
N LYS A 550 29.45 38.38 78.72
CA LYS A 550 29.67 39.32 77.62
C LYS A 550 29.11 40.71 77.90
N LEU A 551 28.75 41.01 79.14
CA LEU A 551 28.22 42.33 79.50
C LEU A 551 29.39 43.31 79.66
N ASP A 552 30.00 43.65 78.52
CA ASP A 552 31.19 44.50 78.51
C ASP A 552 30.88 45.98 78.63
N ARG A 553 29.62 46.38 78.39
CA ARG A 553 29.10 47.75 78.56
C ARG A 553 29.61 48.70 77.48
N LEU A 554 30.58 48.25 76.67
CA LEU A 554 31.23 49.12 75.70
C LEU A 554 30.60 49.04 74.31
N GLU A 555 30.46 47.82 73.77
CA GLU A 555 29.96 47.69 72.40
C GLU A 555 28.46 47.92 72.33
N ALA A 556 27.68 47.03 72.95
CA ALA A 556 26.22 47.13 72.91
C ALA A 556 25.65 46.41 74.12
N SER A 557 25.31 47.19 75.16
CA SER A 557 24.69 46.60 76.34
C SER A 557 23.28 46.09 76.03
N SER A 558 22.49 46.89 75.31
CA SER A 558 21.11 46.52 75.03
C SER A 558 21.04 45.31 74.10
N GLY A 559 21.98 45.23 73.15
CA GLY A 559 21.99 44.09 72.24
C GLY A 559 22.23 42.77 72.95
N ILE A 560 23.25 42.70 73.80
CA ILE A 560 23.54 41.47 74.52
C ILE A 560 22.44 41.17 75.54
N LEU A 561 21.87 42.22 76.16
CA LEU A 561 20.77 42.00 77.09
C LEU A 561 19.56 41.40 76.39
N GLU A 562 19.23 41.88 75.19
CA GLU A 562 18.11 41.32 74.45
C GLU A 562 18.43 39.93 73.93
N VAL A 563 19.70 39.67 73.60
CA VAL A 563 20.12 38.31 73.22
C VAL A 563 19.87 37.35 74.38
N LEU A 564 20.24 37.76 75.59
CA LEU A 564 19.98 36.93 76.77
C LEU A 564 18.49 36.78 77.02
N TYR A 565 17.72 37.86 76.83
CA TYR A 565 16.27 37.79 77.02
C TYR A 565 15.59 36.86 76.02
N CYS A 566 16.17 36.70 74.83
CA CYS A 566 15.53 35.90 73.80
C CYS A 566 15.41 34.43 74.19
N VAL A 567 16.43 33.89 74.86
CA VAL A 567 16.53 32.44 75.00
C VAL A 567 15.74 31.91 76.21
N LEU A 568 15.55 32.71 77.25
CA LEU A 568 14.95 32.21 78.49
C LEU A 568 13.50 31.80 78.31
N ILE A 569 12.71 32.63 77.61
CA ILE A 569 11.29 32.31 77.43
C ILE A 569 11.13 31.09 76.54
N GLU A 570 11.90 31.00 75.46
CA GLU A 570 11.71 29.92 74.49
C GLU A 570 12.21 28.59 75.05
N SER A 571 13.38 28.58 75.70
CA SER A 571 13.97 27.33 76.18
C SER A 571 13.73 27.19 77.68
N PRO A 572 12.94 26.21 78.13
CA PRO A 572 12.79 25.99 79.57
C PRO A 572 13.91 25.18 80.20
N GLU A 573 14.67 24.42 79.41
CA GLU A 573 15.74 23.59 79.96
C GLU A 573 16.94 24.41 80.43
N VAL A 574 17.09 25.64 79.93
CA VAL A 574 18.21 26.49 80.35
C VAL A 574 18.07 26.88 81.82
N LEU A 575 16.84 27.06 82.30
CA LEU A 575 16.59 27.54 83.66
C LEU A 575 17.12 26.60 84.74
N ASN A 576 17.35 25.32 84.40
CA ASN A 576 17.89 24.38 85.36
C ASN A 576 19.40 24.44 85.49
N ILE A 577 20.07 25.28 84.70
CA ILE A 577 21.52 25.39 84.72
C ILE A 577 22.00 26.70 85.34
N ILE A 578 21.15 27.72 85.43
CA ILE A 578 21.56 29.02 85.95
C ILE A 578 21.91 28.90 87.43
N GLN A 579 23.02 29.51 87.81
CA GLN A 579 23.58 29.37 89.15
C GLN A 579 23.67 30.73 89.85
N GLU A 580 24.22 30.68 91.07
CA GLU A 580 24.25 31.86 91.93
C GLU A 580 25.15 32.95 91.37
N ASN A 581 26.27 32.57 90.74
CA ASN A 581 27.14 33.56 90.11
C ASN A 581 26.42 34.26 88.97
N HIS A 582 25.66 33.51 88.17
CA HIS A 582 24.88 34.12 87.10
C HIS A 582 23.82 35.06 87.64
N ILE A 583 23.14 34.66 88.72
CA ILE A 583 22.13 35.51 89.34
C ILE A 583 22.76 36.79 89.88
N LYS A 584 23.92 36.67 90.53
CA LYS A 584 24.62 37.84 91.04
C LYS A 584 25.06 38.78 89.91
N SER A 585 25.54 38.21 88.80
CA SER A 585 25.94 39.04 87.67
C SER A 585 24.74 39.77 87.08
N ILE A 586 23.60 39.09 86.95
CA ILE A 586 22.39 39.72 86.41
C ILE A 586 21.92 40.83 87.33
N ILE A 587 21.92 40.59 88.64
CA ILE A 587 21.43 41.61 89.57
C ILE A 587 22.43 42.76 89.69
N SER A 588 23.71 42.51 89.45
CA SER A 588 24.70 43.58 89.46
C SER A 588 24.66 44.41 88.18
N LEU A 589 24.19 43.81 87.08
CA LEU A 589 24.02 44.57 85.84
C LEU A 589 23.04 45.72 86.02
N LEU A 590 21.94 45.46 86.75
CA LEU A 590 20.96 46.51 87.02
C LEU A 590 21.58 47.65 87.81
N ASP A 591 22.37 47.32 88.83
CA ASP A 591 23.02 48.35 89.65
C ASP A 591 24.03 49.14 88.83
N LYS A 592 24.77 48.46 87.94
CA LYS A 592 25.79 49.15 87.16
C LYS A 592 25.19 50.03 86.08
N HIS A 593 24.09 49.60 85.46
CA HIS A 593 23.50 50.31 84.34
C HIS A 593 22.27 51.13 84.71
N GLY A 594 21.95 51.24 85.99
CA GLY A 594 20.83 52.06 86.40
C GLY A 594 19.50 51.36 86.23
N ARG A 595 18.44 52.12 86.44
CA ARG A 595 17.08 51.57 86.44
C ARG A 595 16.64 51.28 85.01
N ASN A 596 16.42 50.01 84.71
CA ASN A 596 15.94 49.59 83.39
C ASN A 596 14.90 48.49 83.57
N HIS A 597 13.83 48.57 82.79
CA HIS A 597 12.73 47.60 82.91
C HIS A 597 13.02 46.28 82.21
N LYS A 598 13.99 46.24 81.30
CA LYS A 598 14.32 44.99 80.62
C LYS A 598 14.92 43.98 81.58
N VAL A 599 15.76 44.44 82.52
CA VAL A 599 16.31 43.55 83.53
C VAL A 599 15.21 43.00 84.43
N LEU A 600 14.22 43.84 84.76
CA LEU A 600 13.08 43.38 85.54
C LEU A 600 12.27 42.34 84.78
N ASP A 601 12.09 42.55 83.47
CA ASP A 601 11.39 41.56 82.65
C ASP A 601 12.16 40.24 82.60
N VAL A 602 13.49 40.31 82.50
CA VAL A 602 14.32 39.10 82.52
C VAL A 602 14.16 38.38 83.86
N LEU A 603 14.16 39.13 84.97
CA LEU A 603 13.99 38.54 86.28
C LEU A 603 12.62 37.89 86.43
N CYS A 604 11.58 38.53 85.87
CA CYS A 604 10.24 37.94 85.88
C CYS A 604 10.21 36.64 85.08
N SER A 605 10.85 36.62 83.91
CA SER A 605 10.89 35.39 83.11
C SER A 605 11.73 34.31 83.77
N LEU A 606 12.68 34.69 84.62
CA LEU A 606 13.53 33.71 85.29
C LEU A 606 12.74 32.82 86.25
N CYS A 607 11.69 33.37 86.87
CA CYS A 607 11.00 32.64 87.93
C CYS A 607 10.19 31.48 87.38
N VAL A 608 9.41 31.71 86.32
CA VAL A 608 8.52 30.71 85.76
C VAL A 608 8.82 30.54 84.29
N CYS A 609 9.10 29.31 83.86
CA CYS A 609 9.36 29.04 82.46
C CYS A 609 8.06 28.86 81.68
N ASN A 610 7.31 27.79 81.98
CA ASN A 610 5.97 27.62 81.40
C ASN A 610 5.14 26.72 82.32
N GLY A 611 4.26 27.35 83.10
CA GLY A 611 3.41 26.61 84.01
C GLY A 611 4.12 26.12 85.24
N VAL A 612 5.06 25.18 85.06
CA VAL A 612 5.86 24.67 86.17
C VAL A 612 6.81 25.75 86.65
N ALA A 613 6.92 25.90 87.97
CA ALA A 613 7.72 26.94 88.59
C ALA A 613 8.90 26.31 89.34
N VAL A 614 10.08 26.87 89.14
CA VAL A 614 11.27 26.45 89.87
C VAL A 614 11.30 27.14 91.23
N ARG A 615 11.89 26.47 92.21
CA ARG A 615 12.00 27.01 93.56
C ARG A 615 13.39 27.52 93.88
N SER A 616 14.43 26.85 93.37
CA SER A 616 15.81 27.26 93.64
C SER A 616 16.09 28.66 93.08
N ASN A 617 15.62 28.92 91.85
CA ASN A 617 15.86 30.24 91.26
C ASN A 617 15.12 31.34 92.03
N GLN A 618 13.89 31.06 92.47
CA GLN A 618 13.15 32.04 93.26
C GLN A 618 13.84 32.32 94.60
N ASP A 619 14.29 31.26 95.27
CA ASP A 619 15.00 31.44 96.54
C ASP A 619 16.30 32.21 96.36
N LEU A 620 17.05 31.90 95.30
CA LEU A 620 18.30 32.59 95.03
C LEU A 620 18.06 34.06 94.70
N ILE A 621 17.01 34.35 93.92
CA ILE A 621 16.68 35.74 93.59
C ILE A 621 16.29 36.51 94.85
N THR A 622 15.47 35.89 95.71
CA THR A 622 15.05 36.55 96.94
C THR A 622 16.24 36.81 97.86
N GLU A 623 17.15 35.83 97.98
CA GLU A 623 18.33 36.01 98.83
C GLU A 623 19.28 37.05 98.25
N ASN A 624 19.47 37.04 96.93
CA ASN A 624 20.43 37.96 96.32
C ASN A 624 19.90 39.39 96.27
N LEU A 625 18.58 39.56 96.28
CA LEU A 625 18.03 40.91 96.42
C LEU A 625 18.42 41.46 97.78
N LEU A 626 18.96 42.67 97.79
CA LEU A 626 19.60 43.22 98.97
C LEU A 626 18.56 43.55 100.03
N PRO A 627 18.65 42.96 101.23
CA PRO A 627 17.62 43.20 102.26
C PRO A 627 17.49 44.65 102.69
N GLY A 628 18.58 45.41 102.65
CA GLY A 628 18.53 46.83 103.01
C GLY A 628 17.80 47.70 102.00
N ARG A 629 17.40 47.14 100.86
CA ARG A 629 16.55 47.81 99.87
C ARG A 629 17.21 49.07 99.31
N GLU A 630 18.51 48.97 99.01
CA GLU A 630 19.23 50.12 98.46
C GLU A 630 18.84 50.39 97.02
N LEU A 631 18.75 49.36 96.19
CA LEU A 631 18.50 49.53 94.77
C LEU A 631 17.02 49.79 94.48
N LEU A 632 16.13 49.20 95.26
CA LEU A 632 14.71 49.14 94.93
C LEU A 632 13.92 50.20 95.66
N LEU A 633 12.72 50.47 95.17
CA LEU A 633 11.84 51.51 95.71
C LEU A 633 10.93 50.94 96.80
N GLN A 634 10.54 51.81 97.73
CA GLN A 634 9.77 51.41 98.90
C GLN A 634 8.56 52.32 99.08
N THR A 635 7.55 51.79 99.76
CA THR A 635 6.33 52.52 100.08
C THR A 635 5.99 52.32 101.55
N ASN A 636 5.31 53.30 102.13
CA ASN A 636 4.92 53.26 103.54
C ASN A 636 3.81 54.27 103.77
N LEU A 637 3.36 54.35 105.02
CA LEU A 637 2.31 55.27 105.44
C LEU A 637 2.89 56.29 106.40
N ILE A 638 2.54 57.56 106.21
CA ILE A 638 3.02 58.65 107.05
C ILE A 638 1.85 59.57 107.39
N ASN A 639 2.05 60.36 108.44
CA ASN A 639 1.06 61.32 108.91
C ASN A 639 1.40 62.75 108.46
N TYR A 640 0.39 63.60 108.47
CA TYR A 640 0.56 65.01 108.14
C TYR A 640 1.06 65.78 109.35
N VAL A 641 1.56 66.99 109.08
CA VAL A 641 2.05 67.87 110.14
C VAL A 641 1.82 69.31 109.69
N THR A 642 1.49 70.18 110.63
CA THR A 642 1.30 71.60 110.35
C THR A 642 2.02 72.44 111.39
N SER A 643 2.44 73.63 110.99
CA SER A 643 3.20 74.52 111.85
C SER A 643 2.48 75.85 112.01
N ILE A 644 2.60 76.42 113.21
CA ILE A 644 1.96 77.69 113.54
C ILE A 644 3.03 78.64 114.08
N ARG A 645 2.78 79.94 113.88
CA ARG A 645 3.75 81.00 114.12
C ARG A 645 3.09 82.28 114.62
N PRO A 646 3.59 82.88 115.70
CA PRO A 646 3.19 84.24 116.06
C PRO A 646 4.08 85.29 115.39
N ASN A 647 3.44 86.35 114.89
CA ASN A 647 4.12 87.34 114.06
C ASN A 647 4.99 88.27 114.91
N ILE A 648 6.12 87.71 115.35
CA ILE A 648 7.18 88.46 116.01
C ILE A 648 8.50 88.08 115.37
N PHE A 649 9.34 89.07 115.08
CA PHE A 649 10.60 88.87 114.39
C PHE A 649 11.75 89.41 115.22
N VAL A 650 12.84 88.65 115.30
CA VAL A 650 13.99 88.98 116.12
C VAL A 650 15.25 88.87 115.25
N GLY A 651 16.06 89.92 115.24
CA GLY A 651 17.29 89.91 114.47
C GLY A 651 18.31 90.86 115.03
N ARG A 652 19.58 90.59 114.71
CA ARG A 652 20.69 91.43 115.13
C ARG A 652 21.54 91.78 113.92
N ALA A 653 22.00 93.03 113.88
CA ALA A 653 22.88 93.51 112.82
C ALA A 653 23.67 94.69 113.36
N GLU A 654 24.48 95.30 112.48
CA GLU A 654 25.25 96.48 112.83
C GLU A 654 24.31 97.69 112.84
N GLY A 655 23.56 97.80 113.93
CA GLY A 655 22.55 98.83 114.06
C GLY A 655 21.84 98.80 115.39
N SER A 656 20.50 98.87 115.36
CA SER A 656 19.72 98.83 116.59
C SER A 656 19.89 97.49 117.30
N THR A 657 20.08 97.54 118.62
CA THR A 657 20.23 96.32 119.41
C THR A 657 18.97 95.46 119.37
N GLN A 658 17.80 96.09 119.48
CA GLN A 658 16.49 95.45 119.32
C GLN A 658 16.26 94.33 120.33
N TYR A 659 16.87 94.45 121.51
CA TYR A 659 16.65 93.54 122.64
C TYR A 659 16.94 92.09 122.26
N GLY A 660 18.24 91.82 122.06
CA GLY A 660 18.68 90.56 121.45
C GLY A 660 18.24 89.30 122.17
N LYS A 661 18.04 89.38 123.48
CA LYS A 661 17.58 88.23 124.24
C LYS A 661 16.05 88.16 124.25
N TRP A 662 15.52 86.95 124.06
CA TRP A 662 14.08 86.77 124.15
C TRP A 662 13.74 85.45 124.84
N TYR A 663 12.45 85.30 125.17
CA TYR A 663 11.96 84.24 126.04
C TYR A 663 10.45 84.17 125.89
N PHE A 664 9.91 82.95 125.89
CA PHE A 664 8.48 82.73 125.77
C PHE A 664 8.14 81.38 126.38
N GLU A 665 6.83 81.16 126.60
CA GLU A 665 6.33 79.96 127.26
C GLU A 665 5.24 79.31 126.43
N VAL A 666 5.16 77.97 126.50
CA VAL A 666 4.00 77.28 125.93
C VAL A 666 3.46 76.27 126.94
N MET A 667 2.16 76.02 126.84
CA MET A 667 1.45 75.07 127.70
C MET A 667 0.84 73.97 126.83
N VAL A 668 0.95 72.73 127.30
CA VAL A 668 0.46 71.57 126.55
C VAL A 668 -0.45 70.75 127.45
N ASP A 669 -1.62 70.40 126.93
CA ASP A 669 -2.56 69.46 127.56
C ASP A 669 -3.03 68.47 126.49
N GLU A 670 -2.22 67.43 126.29
CA GLU A 670 -2.43 66.50 125.18
C GLU A 670 -3.58 65.55 125.48
N VAL A 671 -4.28 65.13 124.42
CA VAL A 671 -5.49 64.34 124.54
C VAL A 671 -5.27 62.89 124.11
N VAL A 672 -4.67 62.66 122.95
CA VAL A 672 -4.49 61.30 122.42
C VAL A 672 -3.01 61.00 122.27
N PRO A 673 -2.36 60.41 123.29
CA PRO A 673 -0.90 60.18 123.21
C PRO A 673 -0.46 59.33 122.05
N PHE A 674 -1.22 58.30 121.68
CA PHE A 674 -0.82 57.37 120.64
C PHE A 674 -1.99 57.27 119.66
N LEU A 675 -1.71 57.49 118.38
CA LEU A 675 -2.74 57.60 117.36
C LEU A 675 -2.84 56.24 116.63
N THR A 676 -3.64 56.19 115.55
CA THR A 676 -3.89 54.94 114.85
C THR A 676 -2.63 54.34 114.25
N ALA A 677 -1.78 55.18 113.64
CA ALA A 677 -0.60 54.70 112.93
C ALA A 677 0.70 55.11 113.60
N GLN A 678 0.92 56.41 113.81
CA GLN A 678 2.18 56.92 114.32
C GLN A 678 1.95 57.73 115.59
N ALA A 679 3.01 57.85 116.38
CA ALA A 679 2.95 58.59 117.64
C ALA A 679 2.77 60.08 117.37
N THR A 680 2.18 60.77 118.35
CA THR A 680 1.94 62.20 118.23
C THR A 680 3.28 62.95 118.19
N HIS A 681 3.38 63.89 117.25
CA HIS A 681 4.59 64.67 117.02
C HIS A 681 4.31 66.12 117.41
N LEU A 682 5.11 66.64 118.34
CA LEU A 682 4.97 68.01 118.82
C LEU A 682 6.35 68.55 119.16
N ARG A 683 6.68 69.72 118.62
CA ARG A 683 8.00 70.32 118.81
C ARG A 683 7.85 71.79 119.13
N VAL A 684 8.84 72.33 119.83
CA VAL A 684 8.97 73.75 120.09
C VAL A 684 10.40 74.17 119.78
N GLY A 685 10.56 75.35 119.19
CA GLY A 685 11.89 75.81 118.81
C GLY A 685 11.80 77.08 117.99
N TRP A 686 12.86 77.33 117.23
CA TRP A 686 12.97 78.56 116.43
C TRP A 686 13.24 78.24 114.96
N ALA A 687 13.32 79.30 114.17
CA ALA A 687 13.61 79.21 112.74
C ALA A 687 14.35 80.46 112.30
N LEU A 688 15.06 80.35 111.18
CA LEU A 688 15.97 81.39 110.72
C LEU A 688 15.36 82.31 109.66
N THR A 689 14.12 82.03 109.24
CA THR A 689 13.30 82.81 108.30
C THR A 689 13.82 82.65 106.87
N GLU A 690 15.01 82.07 106.71
CA GLU A 690 15.57 81.88 105.38
C GLU A 690 14.87 80.74 104.63
N GLY A 691 14.61 79.63 105.32
CA GLY A 691 13.90 78.52 104.73
C GLY A 691 12.67 78.12 105.52
N TYR A 692 11.49 78.30 104.93
CA TYR A 692 10.26 77.96 105.62
C TYR A 692 9.99 76.46 105.55
N SER A 693 9.91 75.92 104.33
CA SER A 693 9.54 74.54 104.07
C SER A 693 8.25 74.11 104.78
N PRO A 694 7.11 74.73 104.48
CA PRO A 694 5.85 74.33 105.13
C PRO A 694 5.02 73.33 104.34
N TYR A 695 5.55 72.78 103.25
CA TYR A 695 4.77 71.94 102.36
C TYR A 695 4.37 70.65 103.06
N PRO A 696 3.09 70.27 103.03
CA PRO A 696 2.66 69.06 103.75
C PRO A 696 3.13 67.76 103.12
N GLY A 697 3.74 67.80 101.93
CA GLY A 697 4.25 66.61 101.29
C GLY A 697 5.54 66.13 101.90
N GLY A 698 6.39 65.52 101.07
CA GLY A 698 7.65 64.99 101.53
C GLY A 698 8.86 65.71 100.96
N GLY A 699 9.74 66.19 101.82
CA GLY A 699 10.96 66.83 101.38
C GLY A 699 12.22 66.19 101.93
N GLU A 700 12.12 65.58 103.10
CA GLU A 700 13.26 64.94 103.75
C GLU A 700 13.31 63.46 103.37
N GLY A 701 14.15 62.69 104.08
CA GLY A 701 14.31 61.29 103.75
C GLY A 701 13.06 60.47 104.00
N TRP A 702 12.42 60.66 105.16
CA TRP A 702 11.25 59.88 105.51
C TRP A 702 10.20 60.79 106.13
N GLY A 703 8.98 60.73 105.59
CA GLY A 703 7.85 61.42 106.17
C GLY A 703 7.91 62.93 106.02
N GLY A 704 7.01 63.58 106.76
CA GLY A 704 6.95 65.03 106.78
C GLY A 704 7.05 65.58 108.19
N ASN A 705 7.96 66.52 108.39
CA ASN A 705 8.17 67.14 109.70
C ASN A 705 8.33 68.64 109.51
N GLY A 706 8.04 69.38 110.58
CA GLY A 706 8.09 70.82 110.52
C GLY A 706 9.37 71.43 111.04
N VAL A 707 9.82 71.00 112.22
CA VAL A 707 10.97 71.58 112.90
C VAL A 707 12.03 70.50 113.07
N GLY A 708 13.27 70.84 112.71
CA GLY A 708 14.42 69.97 112.93
C GLY A 708 15.03 69.41 111.67
N ASP A 709 14.29 69.38 110.56
CA ASP A 709 14.81 68.79 109.33
C ASP A 709 15.92 69.64 108.73
N ASP A 710 15.70 70.94 108.62
CA ASP A 710 16.65 71.85 108.00
C ASP A 710 17.61 72.43 109.03
N LEU A 711 18.72 72.98 108.53
CA LEU A 711 19.69 73.65 109.39
C LEU A 711 19.16 74.98 109.92
N TYR A 712 18.07 75.50 109.36
CA TYR A 712 17.49 76.76 109.81
C TYR A 712 16.55 76.58 110.99
N SER A 713 16.22 75.36 111.37
CA SER A 713 15.26 75.09 112.43
C SER A 713 15.93 74.32 113.56
N TYR A 714 15.55 74.66 114.79
CA TYR A 714 16.06 74.00 115.99
C TYR A 714 14.88 73.73 116.91
N GLY A 715 14.70 72.46 117.31
CA GLY A 715 13.55 72.06 118.08
C GLY A 715 13.91 71.16 119.24
N PHE A 716 12.96 70.99 120.16
CA PHE A 716 13.13 70.20 121.36
C PHE A 716 11.90 69.33 121.56
N ASP A 717 12.08 68.01 121.52
CA ASP A 717 10.98 67.06 121.54
C ASP A 717 10.71 66.47 122.92
N GLY A 718 11.37 66.99 123.96
CA GLY A 718 11.22 66.47 125.30
C GLY A 718 12.22 65.39 125.66
N LEU A 719 12.63 64.58 124.69
CA LEU A 719 13.69 63.60 124.87
C LEU A 719 14.91 63.85 124.01
N HIS A 720 14.75 64.53 122.87
CA HIS A 720 15.84 64.76 121.94
C HIS A 720 15.82 66.20 121.47
N LEU A 721 16.99 66.69 121.06
CA LEU A 721 17.13 67.95 120.37
C LEU A 721 17.21 67.67 118.88
N TRP A 722 16.37 68.34 118.10
CA TRP A 722 16.24 68.10 116.67
C TRP A 722 16.85 69.26 115.91
N THR A 723 17.83 68.93 115.06
CA THR A 723 18.44 69.88 114.14
C THR A 723 19.11 69.06 113.03
N GLY A 724 19.17 69.64 111.83
CA GLY A 724 19.83 68.99 110.70
C GLY A 724 19.23 67.65 110.34
N HIS A 725 17.95 67.43 110.66
CA HIS A 725 17.28 66.14 110.51
C HIS A 725 18.04 65.02 111.22
N VAL A 726 18.38 65.28 112.49
CA VAL A 726 18.92 64.23 113.36
C VAL A 726 18.51 64.56 114.79
N ALA A 727 18.25 63.51 115.56
CA ALA A 727 17.80 63.63 116.94
C ALA A 727 18.94 63.28 117.88
N ARG A 728 19.29 64.20 118.76
CA ARG A 728 20.36 63.97 119.73
C ARG A 728 19.75 63.90 121.13
N PRO A 729 19.77 62.72 121.78
CA PRO A 729 19.17 62.62 123.12
C PRO A 729 19.99 63.35 124.18
N VAL A 730 19.28 63.81 125.21
CA VAL A 730 19.89 64.46 126.36
C VAL A 730 19.32 63.83 127.62
N THR A 731 19.98 64.08 128.75
CA THR A 731 19.60 63.52 130.03
C THR A 731 18.89 64.58 130.86
N SER A 732 17.75 64.20 131.44
CA SER A 732 16.95 65.11 132.27
C SER A 732 16.11 64.27 133.21
N PRO A 733 15.92 64.69 134.47
CA PRO A 733 15.02 63.95 135.37
C PRO A 733 13.60 63.94 134.85
N GLY A 734 12.91 62.83 135.05
CA GLY A 734 11.57 62.66 134.55
C GLY A 734 11.53 62.52 133.03
N GLN A 735 12.14 61.45 132.52
CA GLN A 735 12.22 61.22 131.07
C GLN A 735 10.85 60.77 130.58
N HIS A 736 10.12 61.69 129.96
CA HIS A 736 8.81 61.38 129.41
C HIS A 736 8.50 62.36 128.28
N LEU A 737 7.61 61.95 127.40
CA LEU A 737 7.24 62.76 126.24
C LEU A 737 6.42 63.98 126.69
N LEU A 738 6.00 64.78 125.70
CA LEU A 738 5.16 65.94 125.97
C LEU A 738 3.82 65.50 126.57
N ALA A 739 3.62 65.78 127.84
CA ALA A 739 2.50 65.30 128.62
C ALA A 739 1.60 66.45 129.05
N PRO A 740 0.32 66.18 129.37
CA PRO A 740 -0.55 67.24 129.89
C PRO A 740 -0.03 67.83 131.18
N GLU A 741 -0.36 69.12 131.38
CA GLU A 741 0.06 69.91 132.54
C GLU A 741 1.59 70.02 132.62
N ASP A 742 2.20 70.37 131.49
CA ASP A 742 3.62 70.64 131.40
C ASP A 742 3.86 71.95 130.67
N VAL A 743 4.92 72.65 131.07
CA VAL A 743 5.30 73.90 130.45
C VAL A 743 6.75 73.78 129.97
N VAL A 744 7.04 74.35 128.81
CA VAL A 744 8.40 74.44 128.32
C VAL A 744 8.61 75.84 127.75
N SER A 745 9.82 76.37 127.98
CA SER A 745 10.20 77.71 127.55
C SER A 745 11.50 77.65 126.77
N CYS A 746 11.67 78.60 125.86
CA CYS A 746 12.87 78.72 125.04
C CYS A 746 13.50 80.07 125.29
N CYS A 747 14.81 80.09 125.55
CA CYS A 747 15.55 81.33 125.74
C CYS A 747 16.63 81.44 124.67
N LEU A 748 16.64 82.58 123.99
CA LEU A 748 17.55 82.85 122.87
C LEU A 748 18.39 84.07 123.20
N ASP A 749 19.70 83.89 123.25
CA ASP A 749 20.67 84.95 123.51
C ASP A 749 21.53 85.18 122.28
N LEU A 750 21.78 86.46 121.98
CA LEU A 750 22.53 86.85 120.79
C LEU A 750 23.91 87.41 121.08
N SER A 751 24.20 87.83 122.33
CA SER A 751 25.54 88.28 122.68
C SER A 751 26.55 87.15 122.48
N VAL A 752 26.22 85.97 122.98
CA VAL A 752 26.81 84.72 122.52
C VAL A 752 25.69 83.92 121.88
N PRO A 753 25.88 83.36 120.69
CA PRO A 753 24.75 82.75 119.97
C PRO A 753 24.26 81.48 120.64
N SER A 754 23.41 81.63 121.65
CA SER A 754 22.97 80.51 122.47
C SER A 754 21.46 80.35 122.41
N ILE A 755 21.01 79.09 122.37
CA ILE A 755 19.59 78.75 122.43
C ILE A 755 19.45 77.63 123.45
N SER A 756 18.60 77.82 124.45
CA SER A 756 18.44 76.83 125.50
C SER A 756 16.96 76.62 125.81
N PHE A 757 16.65 75.45 126.35
CA PHE A 757 15.29 75.03 126.66
C PHE A 757 15.16 74.79 128.16
N ARG A 758 13.98 75.10 128.70
CA ARG A 758 13.74 75.02 130.13
C ARG A 758 12.41 74.33 130.38
N ILE A 759 12.45 73.26 131.19
CA ILE A 759 11.23 72.57 131.63
C ILE A 759 11.31 72.40 133.14
N ASN A 760 10.80 73.40 133.87
CA ASN A 760 10.39 73.31 135.27
C ASN A 760 11.51 73.07 136.27
N GLY A 761 12.73 72.81 135.81
CA GLY A 761 13.81 72.52 136.74
C GLY A 761 15.15 73.12 136.42
N CYS A 762 15.28 73.64 135.19
CA CYS A 762 16.58 73.94 134.58
C CYS A 762 17.58 72.78 134.65
N PRO A 763 17.21 71.56 134.18
CA PRO A 763 18.22 70.49 134.16
C PRO A 763 18.85 70.27 132.80
N VAL A 764 18.35 70.94 131.76
CA VAL A 764 18.69 70.61 130.39
C VAL A 764 20.07 71.17 130.05
N GLN A 765 20.97 70.28 129.64
CA GLN A 765 22.30 70.68 129.19
C GLN A 765 22.38 70.87 127.67
N GLY A 766 21.31 70.56 126.94
CA GLY A 766 21.30 70.73 125.50
C GLY A 766 21.27 72.20 125.14
N VAL A 767 22.27 72.67 124.41
CA VAL A 767 22.38 74.07 124.03
C VAL A 767 23.04 74.15 122.64
N PHE A 768 22.58 75.09 121.83
CA PHE A 768 23.09 75.28 120.48
C PHE A 768 24.01 76.50 120.44
N GLU A 769 25.08 76.38 119.65
CA GLU A 769 26.05 77.47 119.51
C GLU A 769 26.54 77.53 118.09
N ALA A 770 27.10 78.70 117.73
CA ALA A 770 27.79 78.92 116.45
C ALA A 770 26.87 78.68 115.25
N PHE A 771 25.70 79.29 115.28
CA PHE A 771 24.80 79.28 114.14
C PHE A 771 24.80 80.63 113.46
N ASN A 772 24.46 80.63 112.17
CA ASN A 772 24.47 81.87 111.38
C ASN A 772 23.39 82.83 111.87
N LEU A 773 23.71 84.12 111.86
CA LEU A 773 22.82 85.16 112.37
C LEU A 773 22.29 86.07 111.27
N ASP A 774 22.39 85.66 110.01
CA ASP A 774 21.95 86.48 108.89
C ASP A 774 20.49 86.17 108.55
N GLY A 775 19.61 86.56 109.48
CA GLY A 775 18.20 86.33 109.28
C GLY A 775 17.40 86.79 110.48
N LEU A 776 16.12 86.43 110.46
CA LEU A 776 15.18 86.79 111.52
C LEU A 776 14.75 85.54 112.27
N PHE A 777 14.60 85.66 113.58
CA PHE A 777 14.26 84.53 114.43
C PHE A 777 12.85 84.69 114.98
N PHE A 778 12.04 83.65 114.81
CA PHE A 778 10.68 83.62 115.34
C PHE A 778 10.40 82.27 115.99
N PRO A 779 9.56 82.24 117.02
CA PRO A 779 9.09 80.94 117.53
C PRO A 779 8.13 80.28 116.55
N VAL A 780 8.09 78.95 116.61
CA VAL A 780 7.24 78.16 115.74
C VAL A 780 6.92 76.85 116.46
N VAL A 781 5.70 76.34 116.22
CA VAL A 781 5.26 75.10 116.85
C VAL A 781 4.70 74.18 115.77
N SER A 782 5.26 72.98 115.66
CA SER A 782 4.84 71.99 114.67
C SER A 782 4.10 70.87 115.39
N PHE A 783 2.92 70.52 114.89
CA PHE A 783 2.07 69.53 115.53
C PHE A 783 1.38 68.66 114.48
N SER A 784 1.09 67.43 114.89
CA SER A 784 0.29 66.50 114.10
C SER A 784 -1.18 66.61 114.52
N ALA A 785 -1.98 65.62 114.11
CA ALA A 785 -3.39 65.61 114.46
C ALA A 785 -3.60 65.32 115.94
N GLY A 786 -4.75 65.73 116.44
CA GLY A 786 -5.12 65.50 117.83
C GLY A 786 -4.27 66.26 118.83
N VAL A 787 -4.00 67.54 118.56
CA VAL A 787 -3.13 68.35 119.41
C VAL A 787 -3.84 69.66 119.73
N LYS A 788 -3.87 70.02 121.01
CA LYS A 788 -4.35 71.33 121.46
C LYS A 788 -3.26 71.92 122.36
N VAL A 789 -2.73 73.07 121.96
CA VAL A 789 -1.59 73.67 122.65
C VAL A 789 -1.80 75.18 122.77
N ARG A 790 -1.44 75.72 123.94
CA ARG A 790 -1.62 77.14 124.26
C ARG A 790 -0.28 77.86 124.26
N PHE A 791 -0.28 79.11 123.82
CA PHE A 791 0.91 79.92 123.65
C PHE A 791 0.83 81.11 124.59
N LEU A 792 1.85 81.29 125.45
CA LEU A 792 1.89 82.42 126.36
C LEU A 792 2.99 83.38 125.93
N LEU A 793 2.68 84.67 125.97
CA LEU A 793 3.60 85.71 125.51
C LEU A 793 4.03 86.65 126.62
N GLY A 794 3.09 87.11 127.43
CA GLY A 794 3.43 88.05 128.49
C GLY A 794 2.28 88.96 128.88
N GLY A 795 2.54 90.27 128.87
CA GLY A 795 1.52 91.23 129.30
C GLY A 795 0.29 91.23 128.43
N ARG A 796 0.43 90.85 127.15
CA ARG A 796 -0.71 90.80 126.24
C ARG A 796 -1.72 89.76 126.66
N HIS A 797 -1.34 88.47 126.62
CA HIS A 797 -2.25 87.40 127.02
C HIS A 797 -1.55 86.27 127.76
N GLY A 798 -0.27 86.39 128.09
CA GLY A 798 0.46 85.28 128.66
C GLY A 798 0.74 85.36 130.15
N GLU A 799 0.04 84.55 130.93
CA GLU A 799 0.27 84.49 132.38
C GLU A 799 1.49 83.60 132.61
N PHE A 800 2.63 84.22 132.90
CA PHE A 800 3.89 83.50 133.07
C PHE A 800 3.85 82.72 134.38
N LYS A 801 3.85 81.38 134.28
CA LYS A 801 3.86 80.56 135.48
C LYS A 801 5.24 80.50 136.13
N PHE A 802 6.30 80.66 135.35
CA PHE A 802 7.66 80.64 135.85
C PHE A 802 8.34 81.97 135.57
N LEU A 803 9.04 82.49 136.56
CA LEU A 803 9.73 83.77 136.39
C LEU A 803 10.91 83.60 135.44
N PRO A 804 11.11 84.51 134.50
CA PRO A 804 12.28 84.44 133.63
C PRO A 804 13.54 84.84 134.37
N PRO A 805 14.72 84.51 133.83
CA PRO A 805 15.95 85.03 134.42
C PRO A 805 15.99 86.54 134.31
N PRO A 806 16.72 87.21 135.23
CA PRO A 806 16.54 88.66 135.40
C PRO A 806 16.85 89.48 134.15
N GLY A 807 16.02 90.49 133.92
CA GLY A 807 16.20 91.42 132.83
C GLY A 807 16.12 90.81 131.44
N TYR A 808 15.14 89.95 131.20
CA TYR A 808 15.08 89.21 129.96
C TYR A 808 13.75 89.44 129.26
N ALA A 809 13.80 89.41 127.92
CA ALA A 809 12.65 89.48 127.02
C ALA A 809 11.73 90.67 127.26
N PRO A 810 12.20 91.91 127.03
CA PRO A 810 11.28 93.06 127.13
C PRO A 810 10.52 93.28 125.83
N CYS A 811 9.20 93.23 125.90
CA CYS A 811 8.32 93.22 124.72
C CYS A 811 7.66 94.57 124.47
N HIS A 812 8.39 95.66 124.69
CA HIS A 812 7.83 97.00 124.52
C HIS A 812 8.53 97.84 123.46
N GLU A 813 9.73 97.48 123.02
CA GLU A 813 10.52 98.37 122.18
C GLU A 813 10.11 98.29 120.72
N ALA A 814 10.31 97.14 120.08
CA ALA A 814 10.20 97.04 118.63
C ALA A 814 9.48 95.76 118.22
N VAL A 815 8.38 95.45 118.90
CA VAL A 815 7.54 94.31 118.54
C VAL A 815 6.14 94.81 118.23
N LEU A 816 5.61 94.38 117.09
CA LEU A 816 4.30 94.79 116.59
C LEU A 816 4.11 96.31 116.55
N PRO A 817 4.88 97.02 115.71
CA PRO A 817 4.65 98.48 115.61
C PRO A 817 3.33 98.82 114.94
N ARG A 818 2.86 97.98 114.02
CA ARG A 818 1.60 98.21 113.33
C ARG A 818 0.70 96.98 113.26
N GLU A 819 1.25 95.78 113.46
CA GLU A 819 0.45 94.55 113.37
C GLU A 819 -0.42 94.40 114.61
N ARG A 820 -1.30 93.40 114.58
CA ARG A 820 -2.25 93.15 115.65
C ARG A 820 -1.90 91.92 116.48
N LEU A 821 -0.72 91.34 116.26
CA LEU A 821 -0.20 90.19 117.02
C LEU A 821 -1.15 88.99 116.90
N ARG A 822 -1.26 88.49 115.67
CA ARG A 822 -2.13 87.36 115.36
C ARG A 822 -1.30 86.15 114.97
N LEU A 823 -1.94 84.99 115.00
CA LEU A 823 -1.33 83.73 114.60
C LEU A 823 -1.66 83.43 113.14
N GLU A 824 -0.63 83.02 112.38
CA GLU A 824 -0.79 82.79 110.96
C GLU A 824 0.19 81.74 110.45
N PRO A 825 -0.26 80.79 109.63
CA PRO A 825 0.65 79.75 109.11
C PRO A 825 1.68 80.33 108.16
N ILE A 826 2.85 79.69 108.14
CA ILE A 826 4.00 80.19 107.39
C ILE A 826 3.91 79.74 105.93
N LYS A 827 3.97 80.71 105.02
CA LYS A 827 4.12 80.48 103.58
C LYS A 827 3.04 79.56 103.02
N GLU A 828 1.79 79.81 103.44
CA GLU A 828 0.67 79.04 102.93
C GLU A 828 0.26 79.55 101.55
N TYR A 829 0.03 78.62 100.63
CA TYR A 829 -0.35 78.97 99.27
C TYR A 829 -1.85 78.97 99.02
N ARG A 830 -2.65 78.53 100.00
CA ARG A 830 -4.09 78.52 99.85
C ARG A 830 -4.75 78.77 101.21
N ARG A 831 -6.01 79.20 101.15
CA ARG A 831 -6.79 79.42 102.35
C ARG A 831 -8.25 79.08 102.05
N GLU A 832 -9.08 79.10 103.09
CA GLU A 832 -10.50 78.86 102.94
C GLU A 832 -11.25 80.18 103.01
N GLY A 833 -11.91 80.56 101.92
CA GLY A 833 -12.61 81.81 101.86
C GLY A 833 -14.08 81.68 102.19
N PRO A 834 -14.87 82.72 101.87
CA PRO A 834 -16.33 82.63 102.09
C PRO A 834 -16.99 81.52 101.29
N ARG A 835 -16.47 81.20 100.11
CA ARG A 835 -17.02 80.12 99.28
C ARG A 835 -15.85 79.37 98.66
N GLY A 836 -15.52 78.22 99.22
CA GLY A 836 -14.48 77.38 98.69
C GLY A 836 -13.08 77.83 99.06
N PRO A 837 -12.10 77.46 98.23
CA PRO A 837 -10.71 77.87 98.49
C PRO A 837 -10.33 79.13 97.75
N HIS A 838 -9.36 79.83 98.34
CA HIS A 838 -8.73 81.00 97.74
C HIS A 838 -7.24 80.72 97.57
N LEU A 839 -6.75 80.91 96.36
CA LEU A 839 -5.35 80.66 96.02
C LEU A 839 -4.57 81.96 96.19
N VAL A 840 -3.56 81.95 97.05
CA VAL A 840 -2.78 83.15 97.33
C VAL A 840 -1.37 82.95 96.80
N GLY A 841 -0.75 84.06 96.43
CA GLY A 841 0.60 84.05 95.91
C GLY A 841 1.63 84.00 97.02
N PRO A 842 2.91 84.15 96.67
CA PRO A 842 3.96 84.16 97.70
C PRO A 842 3.80 85.32 98.67
N SER A 843 4.13 85.06 99.93
CA SER A 843 4.04 86.08 100.95
C SER A 843 5.06 87.19 100.70
N ARG A 844 4.70 88.40 101.11
CA ARG A 844 5.60 89.54 100.94
C ARG A 844 6.84 89.38 101.80
N CYS A 845 8.00 89.57 101.19
CA CYS A 845 9.28 89.46 101.87
C CYS A 845 9.78 90.86 102.21
N LEU A 846 9.95 91.12 103.51
CA LEU A 846 10.39 92.44 103.97
C LEU A 846 10.98 92.28 105.37
N SER A 847 11.49 93.38 105.91
CA SER A 847 12.07 93.47 107.25
C SER A 847 13.26 92.53 107.45
N HIS A 848 13.95 92.16 106.35
CA HIS A 848 15.13 91.33 106.48
C HIS A 848 16.28 92.10 107.11
N THR A 849 16.53 93.32 106.63
CA THR A 849 17.56 94.18 107.20
C THR A 849 17.10 95.64 107.30
N ASP A 850 15.79 95.88 107.28
CA ASP A 850 15.26 97.25 107.28
C ASP A 850 15.39 97.93 108.64
N PHE A 851 15.69 97.18 109.70
CA PHE A 851 15.72 97.75 111.04
C PHE A 851 16.94 98.63 111.31
N VAL A 852 17.95 98.59 110.44
CA VAL A 852 19.12 99.46 110.60
C VAL A 852 18.86 100.78 109.87
N PRO A 853 19.07 101.92 110.52
CA PRO A 853 18.90 103.21 109.84
C PRO A 853 20.18 103.69 109.19
N CYS A 854 20.03 104.24 107.98
CA CYS A 854 21.16 104.75 107.19
C CYS A 854 20.85 106.16 106.74
N PRO A 855 20.97 107.14 107.63
CA PRO A 855 20.73 108.54 107.23
C PRO A 855 21.89 109.07 106.39
N VAL A 856 21.57 110.11 105.61
CA VAL A 856 22.60 110.77 104.80
C VAL A 856 23.52 111.58 105.71
N ASP A 857 24.81 111.56 105.40
CA ASP A 857 25.82 112.26 106.17
C ASP A 857 26.25 113.52 105.44
N THR A 858 25.98 114.69 106.03
CA THR A 858 26.31 115.97 105.43
C THR A 858 26.85 116.96 106.47
N VAL A 859 27.52 116.43 107.51
CA VAL A 859 27.97 117.27 108.61
C VAL A 859 29.04 118.26 108.16
N GLN A 860 30.00 117.82 107.36
CA GLN A 860 31.10 118.67 106.95
C GLN A 860 31.50 118.55 105.50
N ILE A 861 30.78 117.77 104.68
CA ILE A 861 31.17 117.61 103.28
C ILE A 861 30.95 118.90 102.50
N VAL A 862 29.88 119.64 102.82
CA VAL A 862 29.51 120.84 102.08
C VAL A 862 29.17 121.95 103.06
N LEU A 863 29.15 123.18 102.56
CA LEU A 863 28.80 124.37 103.32
C LEU A 863 27.78 125.19 102.54
N PRO A 864 26.86 125.85 103.22
CA PRO A 864 25.85 126.66 102.53
C PRO A 864 26.41 127.99 102.09
N PRO A 865 26.44 128.26 100.78
CA PRO A 865 26.96 129.55 100.31
C PRO A 865 25.90 130.64 100.26
N HIS A 866 26.10 131.70 101.06
CA HIS A 866 25.24 132.88 101.17
C HIS A 866 23.75 132.51 101.37
N LEU A 867 23.48 131.86 102.50
CA LEU A 867 22.11 131.67 102.97
C LEU A 867 21.89 132.24 104.36
N GLU A 868 22.84 132.99 104.92
CA GLU A 868 22.70 133.53 106.27
C GLU A 868 21.66 134.64 106.34
N ARG A 869 21.35 135.30 105.22
CA ARG A 869 20.38 136.38 105.24
C ARG A 869 18.96 135.86 105.46
N ILE A 870 18.70 134.61 105.07
CA ILE A 870 17.35 134.05 105.16
C ILE A 870 17.22 133.09 106.35
N ARG A 871 18.34 132.57 106.85
CA ARG A 871 18.31 131.69 108.03
C ARG A 871 17.79 132.43 109.26
N GLU A 872 17.99 133.76 109.33
CA GLU A 872 17.48 134.53 110.46
C GLU A 872 15.96 134.57 110.46
N LYS A 873 15.35 134.85 109.31
CA LYS A 873 13.89 134.89 109.25
C LYS A 873 13.30 133.48 109.39
N LEU A 874 14.01 132.46 108.91
CA LEU A 874 13.56 131.08 109.16
C LEU A 874 13.59 130.74 110.64
N ALA A 875 14.64 131.16 111.34
CA ALA A 875 14.70 130.94 112.79
C ALA A 875 13.59 131.70 113.50
N GLU A 876 13.29 132.92 113.04
CA GLU A 876 12.19 133.67 113.62
C GLU A 876 10.86 132.96 113.42
N ASN A 877 10.62 132.45 112.21
CA ASN A 877 9.37 131.78 111.91
C ASN A 877 9.23 130.50 112.75
N ILE A 878 10.28 129.69 112.81
CA ILE A 878 10.16 128.45 113.57
C ILE A 878 10.20 128.67 115.08
N HIS A 879 10.68 129.83 115.54
CA HIS A 879 10.55 130.15 116.95
C HIS A 879 9.13 130.56 117.27
N GLU A 880 8.50 131.36 116.41
CA GLU A 880 7.11 131.75 116.66
C GLU A 880 6.14 130.59 116.43
N LEU A 881 6.54 129.57 115.66
CA LEU A 881 5.69 128.38 115.54
C LEU A 881 5.51 127.67 116.87
N TRP A 882 6.46 127.79 117.80
CA TRP A 882 6.31 127.19 119.12
C TRP A 882 5.13 127.80 119.87
N ALA A 883 5.06 129.13 119.89
CA ALA A 883 3.91 129.80 120.50
C ALA A 883 2.64 129.55 119.70
N LEU A 884 2.75 129.45 118.37
CA LEU A 884 1.59 129.15 117.55
C LEU A 884 1.01 127.78 117.87
N THR A 885 1.88 126.80 118.15
CA THR A 885 1.42 125.47 118.52
C THR A 885 0.91 125.41 119.96
N ARG A 886 1.45 126.24 120.85
CA ARG A 886 1.02 126.21 122.24
C ARG A 886 -0.17 127.11 122.54
N ILE A 887 -0.56 128.00 121.62
CA ILE A 887 -1.65 128.94 121.91
C ILE A 887 -3.00 128.23 121.90
N GLU A 888 -3.14 127.12 121.16
CA GLU A 888 -4.41 126.40 121.14
C GLU A 888 -4.73 125.82 122.51
N GLN A 889 -3.75 125.22 123.18
CA GLN A 889 -3.94 124.77 124.56
C GLN A 889 -3.83 125.91 125.56
N GLY A 890 -3.25 127.04 125.15
CA GLY A 890 -3.24 128.21 126.01
C GLY A 890 -2.13 128.27 127.03
N TRP A 891 -0.93 127.80 126.68
CA TRP A 891 0.20 127.94 127.57
C TRP A 891 0.64 129.39 127.67
N THR A 892 1.20 129.76 128.83
CA THR A 892 1.48 131.14 129.17
C THR A 892 2.87 131.21 129.81
N TYR A 893 3.53 132.35 129.65
CA TYR A 893 4.83 132.57 130.29
C TYR A 893 4.69 132.57 131.80
N GLY A 894 5.72 132.05 132.47
CA GLY A 894 5.75 132.00 133.92
C GLY A 894 7.16 131.82 134.46
N PRO A 895 7.36 132.16 135.74
CA PRO A 895 8.70 131.99 136.33
C PRO A 895 9.21 130.55 136.33
N VAL A 896 8.33 129.58 136.55
CA VAL A 896 8.72 128.18 136.69
C VAL A 896 8.02 127.37 135.61
N ARG A 897 8.78 126.50 134.94
CA ARG A 897 8.21 125.72 133.84
C ARG A 897 7.30 124.61 134.37
N ASP A 898 6.05 124.62 133.92
CA ASP A 898 5.06 123.63 134.33
C ASP A 898 3.99 123.56 133.23
N ASP A 899 3.77 122.35 132.70
CA ASP A 899 2.79 122.19 131.62
C ASP A 899 1.37 122.37 132.14
N ASN A 900 1.05 121.79 133.30
CA ASN A 900 -0.31 121.88 133.83
C ASN A 900 -0.61 123.27 134.36
N LYS A 901 0.37 123.91 135.00
CA LYS A 901 0.18 125.24 135.58
C LYS A 901 0.18 126.34 134.52
N ARG A 902 0.49 126.01 133.27
CA ARG A 902 0.52 126.98 132.15
C ARG A 902 1.53 128.09 132.42
N LEU A 903 2.66 127.75 133.01
CA LEU A 903 3.76 128.69 133.25
C LEU A 903 5.02 128.12 132.62
N HIS A 904 5.70 128.94 131.80
CA HIS A 904 6.91 128.53 131.10
C HIS A 904 7.84 129.70 130.85
N PRO A 905 9.04 129.72 131.43
CA PRO A 905 10.00 130.80 131.13
C PRO A 905 10.66 130.68 129.78
N CYS A 906 10.49 129.56 129.08
CA CYS A 906 11.14 129.39 127.78
C CYS A 906 10.55 130.32 126.73
N LEU A 907 9.30 130.73 126.88
CA LEU A 907 8.66 131.65 125.94
C LEU A 907 9.17 133.06 126.24
N VAL A 908 10.08 133.56 125.39
CA VAL A 908 10.72 134.85 125.60
C VAL A 908 10.66 135.65 124.32
N ASN A 909 10.86 136.96 124.47
CA ASN A 909 10.95 137.85 123.31
C ASN A 909 12.22 137.53 122.52
N PHE A 910 12.10 137.59 121.19
CA PHE A 910 13.23 137.31 120.32
C PHE A 910 14.29 138.41 120.40
N HIS A 911 13.94 139.60 120.89
CA HIS A 911 14.93 140.65 121.07
C HIS A 911 15.94 140.29 122.16
N SER A 912 15.53 139.50 123.16
CA SER A 912 16.40 139.03 124.23
C SER A 912 16.34 137.50 124.28
N LEU A 913 17.33 136.84 123.68
CA LEU A 913 17.35 135.39 123.57
C LEU A 913 18.30 134.79 124.59
N PRO A 914 17.93 133.68 125.24
CA PRO A 914 18.93 132.90 125.97
C PRO A 914 19.96 132.31 125.02
N GLU A 915 21.22 132.30 125.47
CA GLU A 915 22.31 131.83 124.61
C GLU A 915 22.21 130.35 124.25
N PRO A 916 21.98 129.40 125.18
CA PRO A 916 21.82 128.00 124.74
C PRO A 916 20.64 127.79 123.80
N GLU A 917 19.53 128.49 124.05
CA GLU A 917 18.36 128.35 123.18
C GLU A 917 18.65 128.86 121.78
N ARG A 918 19.29 130.02 121.66
CA ARG A 918 19.58 130.56 120.34
C ARG A 918 20.64 129.72 119.62
N ASN A 919 21.61 129.17 120.36
CA ASN A 919 22.60 128.31 119.73
C ASN A 919 21.95 127.02 119.22
N TYR A 920 21.06 126.42 120.01
CA TYR A 920 20.36 125.22 119.57
C TYR A 920 19.49 125.52 118.35
N ASN A 921 18.79 126.66 118.37
CA ASN A 921 17.95 127.05 117.23
C ASN A 921 18.78 127.22 115.97
N LEU A 922 19.92 127.91 116.08
CA LEU A 922 20.79 128.09 114.92
C LEU A 922 21.33 126.77 114.43
N GLN A 923 21.68 125.86 115.34
CA GLN A 923 22.31 124.61 114.92
C GLN A 923 21.31 123.68 114.23
N MET A 924 20.07 123.55 114.73
CA MET A 924 19.18 122.64 114.00
C MET A 924 18.63 123.32 112.75
N SER A 925 18.55 124.65 112.73
CA SER A 925 18.24 125.33 111.47
C SER A 925 19.32 125.06 110.43
N GLY A 926 20.59 125.13 110.84
CA GLY A 926 21.66 124.81 109.91
C GLY A 926 21.62 123.36 109.44
N GLU A 927 21.26 122.44 110.35
CA GLU A 927 21.11 121.04 109.97
C GLU A 927 20.00 120.87 108.93
N THR A 928 18.86 121.55 109.13
CA THR A 928 17.78 121.48 108.15
C THR A 928 18.20 122.05 106.81
N LEU A 929 18.94 123.17 106.81
CA LEU A 929 19.41 123.73 105.54
C LEU A 929 20.39 122.80 104.84
N LYS A 930 21.26 122.13 105.59
CA LYS A 930 22.18 121.16 104.99
C LYS A 930 21.42 120.00 104.36
N THR A 931 20.46 119.42 105.10
CA THR A 931 19.70 118.30 104.56
C THR A 931 18.74 118.73 103.46
N LEU A 932 18.46 120.04 103.34
CA LEU A 932 17.64 120.52 102.24
C LEU A 932 18.49 120.75 100.99
N LEU A 933 19.67 121.36 101.13
CA LEU A 933 20.55 121.55 99.98
C LEU A 933 21.16 120.23 99.51
N ALA A 934 21.14 119.19 100.34
CA ALA A 934 21.49 117.86 99.88
C ALA A 934 20.46 117.35 98.88
N LEU A 935 20.80 116.22 98.25
CA LEU A 935 19.96 115.54 97.25
C LEU A 935 19.71 116.40 96.02
N GLY A 936 20.59 117.35 95.72
CA GLY A 936 20.51 118.10 94.48
C GLY A 936 19.50 119.22 94.46
N CYS A 937 19.69 120.22 95.33
CA CYS A 937 18.83 121.39 95.35
C CYS A 937 19.55 122.57 94.70
N HIS A 938 18.87 123.25 93.79
CA HIS A 938 19.39 124.39 93.07
C HIS A 938 18.80 125.68 93.62
N VAL A 939 19.60 126.75 93.53
CA VAL A 939 19.32 128.01 94.19
C VAL A 939 18.97 129.05 93.14
N GLY A 940 18.28 130.09 93.58
CA GLY A 940 17.91 131.16 92.67
C GLY A 940 17.34 132.35 93.43
N MET A 941 17.31 133.49 92.73
CA MET A 941 16.77 134.73 93.27
C MET A 941 15.78 135.31 92.26
N ALA A 942 14.49 135.28 92.59
CA ALA A 942 13.47 135.77 91.67
C ALA A 942 12.39 136.56 92.40
N ASP A 943 12.65 137.06 93.59
CA ASP A 943 11.64 137.73 94.40
C ASP A 943 12.33 138.80 95.24
N GLU A 944 11.66 139.23 96.30
CA GLU A 944 12.07 140.22 97.32
C GLU A 944 11.90 141.65 96.78
N LYS A 945 11.48 141.81 95.53
CA LYS A 945 11.21 143.15 95.01
C LYS A 945 10.01 143.80 95.69
N ALA A 946 9.05 142.98 96.14
CA ALA A 946 7.86 143.49 96.83
C ALA A 946 7.62 142.77 98.15
N GLU A 947 8.54 141.93 98.60
CA GLU A 947 8.39 141.17 99.84
C GLU A 947 9.08 141.85 101.02
N ASP A 948 9.52 143.10 100.87
CA ASP A 948 10.21 143.79 101.95
C ASP A 948 9.29 144.01 103.15
N ASN A 949 8.03 144.37 102.91
CA ASN A 949 7.08 144.56 103.99
C ASN A 949 6.75 143.23 104.64
N LEU A 950 6.73 143.21 105.98
CA LEU A 950 6.40 142.02 106.75
C LEU A 950 4.97 142.17 107.24
N LYS A 951 4.02 141.57 106.53
CA LYS A 951 2.62 141.64 106.89
C LYS A 951 2.38 140.84 108.17
N LYS A 952 2.11 141.54 109.26
CA LYS A 952 1.87 140.92 110.56
C LYS A 952 0.37 140.93 110.82
N THR A 953 -0.22 139.74 110.95
CA THR A 953 -1.64 139.63 111.23
C THR A 953 -1.94 140.14 112.64
N LYS A 954 -2.96 141.00 112.76
CA LYS A 954 -3.33 141.56 114.05
C LYS A 954 -3.86 140.46 114.95
N LEU A 955 -3.26 140.32 116.13
CA LEU A 955 -3.65 139.27 117.06
C LEU A 955 -4.43 139.90 118.20
N PRO A 956 -5.62 139.40 118.53
CA PRO A 956 -6.49 140.08 119.49
C PRO A 956 -5.91 140.09 120.90
N LYS A 957 -6.40 141.04 121.71
CA LYS A 957 -5.96 141.15 123.10
C LYS A 957 -6.28 139.90 123.91
N THR A 958 -7.35 139.19 123.54
CA THR A 958 -7.78 138.01 124.27
C THR A 958 -6.74 136.89 124.24
N TYR A 959 -5.80 136.94 123.29
CA TYR A 959 -4.60 136.11 123.35
C TYR A 959 -3.32 136.93 123.56
N MET A 960 -3.39 138.25 123.41
CA MET A 960 -2.24 139.10 123.70
C MET A 960 -1.93 139.19 125.19
N MET A 961 -2.90 138.93 126.06
CA MET A 961 -2.66 139.09 127.49
C MET A 961 -1.64 138.08 127.99
N SER A 962 -0.76 138.54 128.89
CA SER A 962 0.25 137.71 129.55
C SER A 962 1.13 136.97 128.54
N ASN A 963 1.52 137.66 127.48
CA ASN A 963 2.32 137.06 126.41
C ASN A 963 3.73 137.64 126.35
N GLY A 964 3.85 138.96 126.25
CA GLY A 964 5.15 139.60 126.15
C GLY A 964 5.74 139.64 124.75
N TYR A 965 5.07 139.06 123.77
CA TYR A 965 5.53 139.09 122.39
C TYR A 965 4.32 139.00 121.48
N LYS A 966 4.47 139.49 120.25
CA LYS A 966 3.38 139.58 119.29
C LYS A 966 3.77 138.85 118.00
N PRO A 967 3.63 137.53 117.98
CA PRO A 967 3.94 136.78 116.76
C PRO A 967 2.73 136.56 115.88
N ALA A 968 2.99 136.49 114.57
CA ALA A 968 1.96 136.23 113.58
C ALA A 968 2.59 135.57 112.37
N PRO A 969 1.97 134.52 111.83
CA PRO A 969 2.53 133.87 110.64
C PRO A 969 2.42 134.77 109.42
N LEU A 970 3.36 134.59 108.50
CA LEU A 970 3.37 135.35 107.26
C LEU A 970 2.35 134.78 106.27
N ASP A 971 1.67 135.67 105.56
CA ASP A 971 0.64 135.28 104.59
C ASP A 971 1.27 135.00 103.22
N LEU A 972 2.15 133.99 103.21
CA LEU A 972 2.86 133.58 102.00
C LEU A 972 2.61 132.10 101.70
N SER A 973 1.39 131.64 101.98
CA SER A 973 1.03 130.23 101.79
C SER A 973 0.57 129.91 100.37
N HIS A 974 0.53 130.91 99.48
CA HIS A 974 0.02 130.66 98.13
C HIS A 974 1.00 129.85 97.28
N VAL A 975 2.30 129.99 97.51
CA VAL A 975 3.28 129.27 96.72
C VAL A 975 3.33 127.82 97.16
N ARG A 976 3.29 126.89 96.20
CA ARG A 976 3.30 125.47 96.47
C ARG A 976 4.33 124.78 95.60
N LEU A 977 5.07 123.83 96.19
CA LEU A 977 6.04 123.00 95.49
C LEU A 977 5.74 121.56 95.88
N THR A 978 6.47 120.62 95.29
CA THR A 978 6.21 119.20 95.52
C THR A 978 6.47 118.84 96.98
N PRO A 979 5.51 118.19 97.66
CA PRO A 979 5.73 117.81 99.06
C PRO A 979 6.63 116.60 99.24
N ALA A 980 7.07 115.97 98.15
CA ALA A 980 7.98 114.84 98.26
C ALA A 980 9.30 115.24 98.88
N GLN A 981 9.79 116.44 98.57
CA GLN A 981 11.01 116.94 99.18
C GLN A 981 10.85 117.12 100.68
N THR A 982 9.71 117.67 101.11
CA THR A 982 9.45 117.83 102.54
C THR A 982 9.34 116.48 103.25
N THR A 983 8.67 115.51 102.61
CA THR A 983 8.57 114.18 103.20
C THR A 983 9.93 113.50 103.31
N LEU A 984 10.76 113.65 102.27
CA LEU A 984 12.11 113.10 102.31
C LEU A 984 12.95 113.78 103.38
N VAL A 985 12.80 115.09 103.55
CA VAL A 985 13.53 115.81 104.59
C VAL A 985 13.11 115.33 105.98
N ASP A 986 11.81 115.13 106.18
CA ASP A 986 11.33 114.62 107.46
C ASP A 986 11.85 113.21 107.74
N ARG A 987 11.83 112.36 106.71
CA ARG A 987 12.35 111.00 106.88
C ARG A 987 13.84 111.00 107.18
N LEU A 988 14.61 111.86 106.50
CA LEU A 988 16.04 111.96 106.77
C LEU A 988 16.31 112.48 108.17
N ALA A 989 15.53 113.47 108.63
CA ALA A 989 15.68 113.98 109.97
C ALA A 989 15.37 112.91 111.02
N GLU A 990 14.31 112.13 110.80
CA GLU A 990 13.98 111.04 111.72
C GLU A 990 15.08 109.98 111.73
N ASN A 991 15.62 109.63 110.56
CA ASN A 991 16.69 108.65 110.49
C ASN A 991 17.94 109.16 111.20
N GLY A 992 18.29 110.43 111.02
CA GLY A 992 19.43 110.99 111.71
C GLY A 992 19.25 111.04 113.21
N HIS A 993 18.04 111.38 113.66
CA HIS A 993 17.74 111.38 115.09
C HIS A 993 17.85 109.97 115.67
N ASN A 994 17.34 108.96 114.95
CA ASN A 994 17.44 107.58 115.41
C ASN A 994 18.89 107.12 115.46
N VAL A 995 19.69 107.49 114.45
CA VAL A 995 21.10 107.12 114.43
C VAL A 995 21.84 107.76 115.59
N TRP A 996 21.54 109.03 115.87
CA TRP A 996 22.17 109.72 117.00
C TRP A 996 21.75 109.10 118.33
N ALA A 997 20.47 108.73 118.47
CA ALA A 997 19.97 108.19 119.72
C ALA A 997 20.34 106.74 119.93
N ARG A 998 20.76 106.02 118.87
CA ARG A 998 21.15 104.63 119.03
C ARG A 998 22.36 104.45 119.93
N ASP A 999 23.22 105.45 120.00
CA ASP A 999 24.43 105.34 120.81
C ASP A 999 24.11 105.42 122.31
N ARG A 1000 23.25 106.35 122.72
CA ARG A 1000 23.02 106.62 124.12
C ARG A 1000 21.60 106.30 124.57
N VAL A 1001 20.58 106.80 123.87
CA VAL A 1001 19.20 106.60 124.30
C VAL A 1001 18.81 105.13 124.18
N ALA A 1002 19.21 104.48 123.08
CA ALA A 1002 18.91 103.06 122.91
C ALA A 1002 19.70 102.18 123.88
N GLN A 1003 20.84 102.66 124.38
CA GLN A 1003 21.59 101.90 125.37
C GLN A 1003 20.79 101.74 126.66
N GLY A 1004 20.13 102.81 127.11
CA GLY A 1004 19.25 102.72 128.25
C GLY A 1004 17.94 102.05 127.88
N TRP A 1005 17.21 102.64 126.93
CA TRP A 1005 15.96 102.10 126.37
C TRP A 1005 14.87 101.92 127.42
N SER A 1006 14.97 102.61 128.55
CA SER A 1006 13.99 102.50 129.62
C SER A 1006 14.07 103.76 130.47
N TYR A 1007 13.23 103.80 131.50
CA TYR A 1007 13.25 104.93 132.43
C TYR A 1007 14.57 104.97 133.22
N SER A 1008 15.06 103.81 133.64
CA SER A 1008 16.31 103.73 134.38
C SER A 1008 17.27 102.75 133.71
N VAL A 1022 10.19 102.67 115.40
CA VAL A 1022 11.04 101.93 114.48
C VAL A 1022 12.20 102.81 114.00
N PRO A 1023 13.41 102.24 114.01
CA PRO A 1023 14.57 103.00 113.51
C PRO A 1023 14.47 103.38 112.04
N TYR A 1024 13.79 102.57 111.23
CA TYR A 1024 13.67 102.88 109.81
C TYR A 1024 12.76 104.07 109.53
N ARG A 1025 11.96 104.49 110.51
CA ARG A 1025 11.05 105.62 110.41
C ARG A 1025 10.03 105.43 109.28
N LEU A 1026 9.70 104.18 108.97
CA LEU A 1026 8.71 103.87 107.95
C LEU A 1026 7.50 103.10 108.48
N LEU A 1027 7.65 102.33 109.56
CA LEU A 1027 6.52 101.60 110.10
C LEU A 1027 5.56 102.53 110.84
N ASP A 1028 6.10 103.51 111.56
CA ASP A 1028 5.26 104.46 112.29
C ASP A 1028 4.49 105.35 111.31
N GLU A 1029 3.23 105.62 111.64
CA GLU A 1029 2.38 106.44 110.80
C GLU A 1029 1.73 107.60 111.55
N ALA A 1030 1.42 107.42 112.84
CA ALA A 1030 0.76 108.48 113.60
C ALA A 1030 1.75 109.55 114.03
N THR A 1031 2.81 109.15 114.74
CA THR A 1031 3.83 110.10 115.17
C THR A 1031 4.56 110.72 113.99
N LYS A 1032 4.76 109.94 112.91
CA LYS A 1032 5.34 110.50 111.69
C LYS A 1032 4.46 111.58 111.09
N ARG A 1033 3.14 111.35 111.05
CA ARG A 1033 2.22 112.36 110.55
C ARG A 1033 2.22 113.59 111.43
N SER A 1034 2.27 113.40 112.75
CA SER A 1034 2.31 114.55 113.67
C SER A 1034 3.59 115.36 113.50
N ASN A 1035 4.73 114.67 113.31
CA ASN A 1035 6.00 115.37 113.18
C ASN A 1035 6.17 116.02 111.81
N ARG A 1036 5.54 115.47 110.76
CA ARG A 1036 5.67 116.03 109.43
C ARG A 1036 5.02 117.42 109.34
N ASP A 1037 3.98 117.66 110.15
CA ASP A 1037 3.28 118.93 110.10
C ASP A 1037 4.17 120.09 110.50
N SER A 1038 5.01 119.89 111.52
CA SER A 1038 5.91 120.97 111.97
C SER A 1038 6.91 121.33 110.88
N LEU A 1039 7.51 120.33 110.25
CA LEU A 1039 8.48 120.60 109.17
C LEU A 1039 7.79 121.23 107.96
N CYS A 1040 6.59 120.76 107.64
CA CYS A 1040 5.85 121.35 106.51
C CYS A 1040 5.51 122.81 106.77
N GLN A 1041 5.06 123.13 107.99
CA GLN A 1041 4.74 124.52 108.32
C GLN A 1041 6.01 125.38 108.39
N ALA A 1042 7.13 124.81 108.81
CA ALA A 1042 8.40 125.54 108.79
C ALA A 1042 8.83 125.84 107.35
N VAL A 1043 8.61 124.89 106.44
CA VAL A 1043 8.99 125.08 105.03
C VAL A 1043 7.99 125.96 104.29
N ARG A 1044 6.75 126.09 104.80
CA ARG A 1044 5.67 126.77 104.10
C ARG A 1044 5.96 128.24 103.79
N THR A 1045 6.90 128.87 104.50
CA THR A 1045 7.28 130.24 104.19
C THR A 1045 8.65 130.34 103.54
N LEU A 1046 9.30 129.21 103.26
CA LEU A 1046 10.65 129.19 102.70
C LEU A 1046 10.77 128.53 101.34
N LEU A 1047 9.77 127.77 100.90
CA LEU A 1047 9.84 127.13 99.60
C LEU A 1047 9.64 128.12 98.46
N GLY A 1048 9.07 129.30 98.74
CA GLY A 1048 8.71 130.27 97.73
C GLY A 1048 9.79 131.22 97.28
N TYR A 1049 11.02 131.08 97.77
CA TYR A 1049 12.09 132.00 97.41
C TYR A 1049 12.73 131.65 96.07
N GLY A 1050 12.30 130.55 95.44
CA GLY A 1050 12.86 130.14 94.16
C GLY A 1050 13.84 129.01 94.21
N TYR A 1051 13.78 128.16 95.25
CA TYR A 1051 14.68 127.02 95.35
C TYR A 1051 14.05 125.83 94.64
N ASN A 1052 14.75 125.26 93.65
CA ASN A 1052 14.20 124.15 92.88
C ASN A 1052 14.98 122.88 93.16
N ILE A 1053 14.28 121.83 93.59
CA ILE A 1053 14.91 120.58 93.98
C ILE A 1053 14.43 119.46 93.08
N GLU A 1054 15.35 118.58 92.70
CA GLU A 1054 15.04 117.46 91.83
C GLU A 1054 15.57 116.15 92.42
N ASP A 1070 9.74 88.28 95.08
CA ASP A 1070 10.17 86.93 94.75
C ASP A 1070 9.54 86.47 93.44
N ARG A 1071 9.69 85.19 93.12
CA ARG A 1071 9.14 84.65 91.89
C ARG A 1071 7.62 84.55 91.98
N VAL A 1072 6.97 84.60 90.81
CA VAL A 1072 5.52 84.48 90.75
C VAL A 1072 5.14 83.00 90.84
N ARG A 1073 3.94 82.75 91.36
CA ARG A 1073 3.45 81.39 91.52
C ARG A 1073 2.53 81.01 90.36
N ILE A 1074 2.72 79.80 89.84
CA ILE A 1074 2.01 79.33 88.66
C ILE A 1074 1.17 78.12 89.05
N PHE A 1075 -0.09 78.14 88.65
CA PHE A 1075 -1.01 77.01 88.83
C PHE A 1075 -1.54 76.61 87.46
N ARG A 1076 -1.69 75.31 87.24
CA ARG A 1076 -2.16 74.81 85.95
C ARG A 1076 -2.98 73.55 86.17
N ALA A 1077 -3.78 73.21 85.16
CA ALA A 1077 -4.60 72.02 85.24
C ALA A 1077 -3.73 70.76 85.12
N GLU A 1078 -4.36 69.60 85.29
CA GLU A 1078 -3.69 68.33 85.12
C GLU A 1078 -3.49 68.03 83.64
N LYS A 1079 -2.36 67.40 83.31
CA LYS A 1079 -2.08 67.02 81.94
C LYS A 1079 -2.98 65.91 81.43
N SER A 1080 -3.71 65.23 82.30
CA SER A 1080 -4.63 64.17 81.89
C SER A 1080 -6.00 64.69 81.50
N TYR A 1081 -6.26 65.99 81.66
CA TYR A 1081 -7.53 66.59 81.31
C TYR A 1081 -7.42 67.52 80.10
N THR A 1082 -6.41 67.32 79.26
CA THR A 1082 -6.25 68.14 78.06
C THR A 1082 -7.40 67.87 77.08
N VAL A 1083 -7.84 68.93 76.41
CA VAL A 1083 -8.96 68.87 75.48
C VAL A 1083 -8.46 69.16 74.07
N GLN A 1084 -9.00 68.44 73.10
CA GLN A 1084 -8.64 68.61 71.70
C GLN A 1084 -9.82 68.95 70.81
N SER A 1085 -11.02 69.05 71.36
CA SER A 1085 -12.21 69.38 70.57
C SER A 1085 -13.28 69.94 71.50
N GLY A 1086 -14.26 70.61 70.90
CA GLY A 1086 -15.36 71.17 71.65
C GLY A 1086 -15.10 72.58 72.13
N ARG A 1087 -16.05 73.08 72.91
CA ARG A 1087 -16.02 74.43 73.45
C ARG A 1087 -16.04 74.38 74.97
N TRP A 1088 -15.20 75.20 75.60
CA TRP A 1088 -15.02 75.16 77.04
C TRP A 1088 -14.95 76.57 77.60
N TYR A 1089 -15.21 76.69 78.90
CA TYR A 1089 -15.32 77.98 79.57
C TYR A 1089 -14.98 77.81 81.05
N PHE A 1090 -14.27 78.79 81.61
CA PHE A 1090 -13.99 78.80 83.04
C PHE A 1090 -13.93 80.24 83.52
N GLU A 1091 -13.94 80.40 84.86
CA GLU A 1091 -14.07 81.71 85.48
C GLU A 1091 -12.95 81.93 86.49
N PHE A 1092 -12.63 83.20 86.74
CA PHE A 1092 -11.61 83.58 87.70
C PHE A 1092 -12.06 84.84 88.40
N GLU A 1093 -11.79 84.93 89.70
CA GLU A 1093 -12.09 86.10 90.50
C GLU A 1093 -10.83 86.58 91.19
N ALA A 1094 -10.61 87.89 91.20
CA ALA A 1094 -9.42 88.49 91.80
C ALA A 1094 -9.83 89.34 92.98
N VAL A 1095 -9.48 88.90 94.19
CA VAL A 1095 -9.76 89.70 95.38
C VAL A 1095 -8.88 90.94 95.41
N THR A 1096 -7.61 90.79 95.02
CA THR A 1096 -6.67 91.90 94.94
C THR A 1096 -6.36 92.15 93.46
N THR A 1097 -6.11 93.42 93.12
CA THR A 1097 -5.82 93.82 91.74
C THR A 1097 -4.34 94.07 91.50
N GLY A 1098 -3.46 93.41 92.25
CA GLY A 1098 -2.03 93.67 92.16
C GLY A 1098 -1.35 93.20 90.89
N GLU A 1099 -1.22 91.89 90.71
CA GLU A 1099 -0.54 91.35 89.53
C GLU A 1099 -0.91 89.89 89.35
N MET A 1100 -1.53 89.57 88.21
CA MET A 1100 -1.95 88.20 87.93
C MET A 1100 -2.13 88.06 86.43
N ARG A 1101 -2.09 86.81 85.97
CA ARG A 1101 -2.28 86.47 84.57
C ARG A 1101 -3.15 85.22 84.48
N VAL A 1102 -4.07 85.21 83.51
CA VAL A 1102 -5.03 84.13 83.37
C VAL A 1102 -5.07 83.71 81.90
N GLY A 1103 -5.10 82.41 81.64
CA GLY A 1103 -5.26 81.97 80.26
C GLY A 1103 -5.14 80.46 80.12
N TRP A 1104 -4.76 80.04 78.92
CA TRP A 1104 -4.56 78.64 78.60
C TRP A 1104 -3.10 78.42 78.22
N ALA A 1105 -2.72 77.16 78.08
CA ALA A 1105 -1.35 76.81 77.75
C ALA A 1105 -1.32 75.45 77.09
N ARG A 1106 -0.20 75.15 76.45
CA ARG A 1106 0.03 73.83 75.90
C ARG A 1106 0.30 72.84 77.03
N PRO A 1107 0.09 71.54 76.80
CA PRO A 1107 0.44 70.55 77.84
C PRO A 1107 1.91 70.56 78.23
N GLU A 1108 2.81 70.85 77.28
CA GLU A 1108 4.24 70.92 77.58
C GLU A 1108 4.57 72.35 78.00
N LEU A 1109 4.22 72.67 79.25
CA LEU A 1109 4.51 73.97 79.84
C LEU A 1109 5.60 73.81 80.88
N ARG A 1110 6.59 74.69 80.84
CA ARG A 1110 7.76 74.57 81.69
C ARG A 1110 7.73 75.60 82.83
N PRO A 1111 8.37 75.30 83.97
CA PRO A 1111 8.43 76.28 85.07
C PRO A 1111 9.42 77.40 84.82
N ASP A 1112 9.66 78.19 85.87
CA ASP A 1112 10.63 79.30 86.01
C ASP A 1112 10.78 80.16 84.76
N VAL A 1113 9.66 80.41 84.07
CA VAL A 1113 9.61 81.32 82.95
C VAL A 1113 8.32 82.14 83.08
N GLU A 1114 8.40 83.43 82.73
CA GLU A 1114 7.21 84.27 82.74
C GLU A 1114 6.18 83.74 81.74
N LEU A 1115 4.93 83.69 82.18
CA LEU A 1115 3.87 83.14 81.36
C LEU A 1115 3.67 83.97 80.10
N GLY A 1116 3.74 83.30 78.95
CA GLY A 1116 3.56 83.96 77.67
C GLY A 1116 4.80 84.56 77.07
N ALA A 1117 5.94 84.52 77.76
CA ALA A 1117 7.18 85.00 77.18
C ALA A 1117 7.57 84.18 75.96
N ASP A 1118 7.40 82.85 76.04
CA ASP A 1118 7.56 81.95 74.93
C ASP A 1118 6.19 81.69 74.29
N GLU A 1119 6.14 80.75 73.35
CA GLU A 1119 4.96 80.53 72.53
C GLU A 1119 4.09 79.37 73.02
N LEU A 1120 4.38 78.80 74.18
CA LEU A 1120 3.63 77.64 74.66
C LEU A 1120 2.39 78.01 75.46
N ALA A 1121 2.15 79.31 75.71
CA ALA A 1121 1.03 79.74 76.52
C ALA A 1121 0.33 80.92 75.86
N TYR A 1122 -0.99 80.98 76.05
CA TYR A 1122 -1.82 82.08 75.59
C TYR A 1122 -2.51 82.67 76.81
N VAL A 1123 -2.01 83.81 77.29
CA VAL A 1123 -2.38 84.32 78.60
C VAL A 1123 -2.65 85.82 78.48
N PHE A 1124 -3.46 86.33 79.41
CA PHE A 1124 -3.87 87.73 79.44
C PHE A 1124 -3.60 88.31 80.82
N ASN A 1125 -3.13 89.55 80.83
CA ASN A 1125 -2.83 90.29 82.05
C ASN A 1125 -3.79 91.47 82.16
N GLY A 1126 -4.47 91.59 83.30
CA GLY A 1126 -5.43 92.64 83.51
C GLY A 1126 -4.93 93.87 84.22
N HIS A 1127 -3.73 93.81 84.81
CA HIS A 1127 -3.17 95.00 85.46
C HIS A 1127 -2.89 96.10 84.45
N ARG A 1128 -2.35 95.73 83.28
CA ARG A 1128 -2.14 96.68 82.20
C ARG A 1128 -3.12 96.51 81.05
N GLY A 1129 -3.90 95.42 81.03
CA GLY A 1129 -4.84 95.18 79.96
C GLY A 1129 -4.14 94.85 78.65
N GLN A 1130 -3.52 93.68 78.58
CA GLN A 1130 -2.76 93.31 77.38
C GLN A 1130 -2.64 91.80 77.30
N ARG A 1131 -2.77 91.27 76.09
CA ARG A 1131 -2.45 89.87 75.85
C ARG A 1131 -0.93 89.70 75.77
N TRP A 1132 -0.48 88.48 76.03
CA TRP A 1132 0.95 88.20 76.22
C TRP A 1132 1.38 87.00 75.40
N HIS A 1133 1.01 86.97 74.11
CA HIS A 1133 1.51 85.94 73.19
C HIS A 1133 2.67 86.53 72.40
N LEU A 1134 3.89 86.27 72.87
CA LEU A 1134 5.13 86.70 72.22
C LEU A 1134 5.16 88.21 72.00
N GLY A 1135 4.69 88.96 72.99
CA GLY A 1135 4.63 90.40 72.87
C GLY A 1135 3.61 90.97 73.84
N SER A 1136 3.26 92.24 73.59
CA SER A 1136 2.31 92.96 74.43
C SER A 1136 1.41 93.77 73.52
N GLU A 1137 0.14 93.40 73.45
CA GLU A 1137 -0.87 94.13 72.67
C GLU A 1137 -1.90 94.71 73.62
N PRO A 1138 -1.92 96.01 73.86
CA PRO A 1138 -2.81 96.57 74.88
C PRO A 1138 -4.25 96.67 74.39
N PHE A 1139 -5.18 96.18 75.21
CA PHE A 1139 -6.60 96.24 74.90
C PHE A 1139 -7.39 96.10 76.19
N GLY A 1140 -8.61 96.63 76.17
CA GLY A 1140 -9.48 96.54 77.33
C GLY A 1140 -9.12 97.53 78.42
N ARG A 1141 -9.69 97.29 79.60
CA ARG A 1141 -9.52 98.15 80.76
C ARG A 1141 -9.13 97.33 81.97
N PRO A 1142 -8.36 97.91 82.89
CA PRO A 1142 -8.04 97.20 84.14
C PRO A 1142 -9.25 97.02 85.02
N TRP A 1143 -9.22 95.96 85.83
CA TRP A 1143 -10.33 95.65 86.72
C TRP A 1143 -10.14 96.34 88.07
N GLN A 1144 -10.99 95.98 89.03
CA GLN A 1144 -10.93 96.49 90.40
C GLN A 1144 -11.19 95.29 91.33
N SER A 1145 -11.54 95.60 92.57
CA SER A 1145 -11.97 94.56 93.51
C SER A 1145 -13.19 93.84 92.96
N GLY A 1146 -13.16 92.51 93.00
CA GLY A 1146 -14.17 91.72 92.32
C GLY A 1146 -13.85 91.64 90.85
N ASP A 1147 -14.85 91.95 90.01
CA ASP A 1147 -14.70 92.03 88.56
C ASP A 1147 -14.19 90.71 87.97
N VAL A 1148 -15.05 89.70 88.06
CA VAL A 1148 -14.69 88.36 87.60
C VAL A 1148 -14.43 88.37 86.10
N VAL A 1149 -13.51 87.51 85.67
CA VAL A 1149 -13.08 87.39 84.29
C VAL A 1149 -13.35 85.96 83.82
N GLY A 1150 -13.97 85.82 82.66
CA GLY A 1150 -14.29 84.52 82.08
C GLY A 1150 -13.48 84.29 80.82
N CYS A 1151 -12.96 83.06 80.69
CA CYS A 1151 -12.17 82.67 79.53
C CYS A 1151 -12.86 81.50 78.84
N MET A 1152 -13.08 81.62 77.54
CA MET A 1152 -13.79 80.62 76.76
C MET A 1152 -13.05 80.35 75.46
N ILE A 1153 -13.07 79.10 75.02
CA ILE A 1153 -12.29 78.66 73.87
C ILE A 1153 -13.11 77.66 73.05
N ASP A 1154 -13.00 77.77 71.72
CA ASP A 1154 -13.60 76.79 70.82
C ASP A 1154 -12.60 76.45 69.73
N LEU A 1155 -12.50 75.16 69.42
CA LEU A 1155 -11.53 74.65 68.46
C LEU A 1155 -12.12 74.36 67.09
N THR A 1156 -13.40 74.69 66.87
CA THR A 1156 -13.99 74.48 65.54
C THR A 1156 -13.59 75.60 64.58
N GLU A 1157 -13.94 76.84 64.90
CA GLU A 1157 -13.44 78.00 64.16
C GLU A 1157 -12.18 78.59 64.79
N ASN A 1158 -11.61 77.93 65.80
CA ASN A 1158 -10.32 78.27 66.40
C ASN A 1158 -10.35 79.70 66.97
N THR A 1159 -11.20 79.88 67.97
CA THR A 1159 -11.45 81.21 68.52
C THR A 1159 -11.42 81.19 70.04
N ILE A 1160 -10.71 82.16 70.62
CA ILE A 1160 -10.58 82.33 72.06
C ILE A 1160 -11.18 83.68 72.43
N ILE A 1161 -12.07 83.71 73.41
CA ILE A 1161 -12.75 84.92 73.83
C ILE A 1161 -12.52 85.13 75.32
N PHE A 1162 -12.22 86.37 75.70
CA PHE A 1162 -12.11 86.79 77.09
C PHE A 1162 -13.22 87.80 77.39
N THR A 1163 -13.82 87.68 78.57
CA THR A 1163 -14.90 88.58 78.98
C THR A 1163 -14.68 89.01 80.42
N LEU A 1164 -15.22 90.18 80.77
CA LEU A 1164 -15.24 90.60 82.16
C LEU A 1164 -16.60 91.21 82.48
N ASN A 1165 -17.15 90.83 83.63
CA ASN A 1165 -18.41 91.38 84.14
C ASN A 1165 -19.55 91.23 83.14
N GLY A 1166 -19.54 90.13 82.40
CA GLY A 1166 -20.54 89.91 81.37
C GLY A 1166 -20.35 90.73 80.12
N GLU A 1167 -19.21 91.39 79.96
CA GLU A 1167 -18.92 92.22 78.81
C GLU A 1167 -17.73 91.66 78.05
N VAL A 1168 -17.89 91.51 76.74
CA VAL A 1168 -16.82 91.00 75.89
C VAL A 1168 -15.76 92.07 75.69
N LEU A 1169 -14.50 91.69 75.80
CA LEU A 1169 -13.41 92.63 75.56
C LEU A 1169 -13.43 93.10 74.11
N MET A 1170 -13.21 94.40 73.93
CA MET A 1170 -13.19 95.02 72.61
C MET A 1170 -11.77 95.47 72.31
N SER A 1171 -11.18 94.90 71.26
CA SER A 1171 -9.83 95.26 70.89
C SER A 1171 -9.80 96.62 70.20
N ASP A 1172 -8.59 97.19 70.11
CA ASP A 1172 -8.43 98.50 69.49
C ASP A 1172 -8.66 98.48 67.99
N SER A 1173 -8.52 97.32 67.35
CA SER A 1173 -8.69 97.21 65.90
C SER A 1173 -10.11 96.83 65.50
N GLY A 1174 -11.01 96.65 66.46
CA GLY A 1174 -12.39 96.31 66.18
C GLY A 1174 -12.72 94.83 66.30
N SER A 1175 -11.70 93.97 66.32
CA SER A 1175 -11.94 92.55 66.50
C SER A 1175 -12.29 92.23 67.94
N GLU A 1176 -12.89 91.06 68.14
CA GLU A 1176 -13.29 90.62 69.48
C GLU A 1176 -12.16 89.87 70.20
N THR A 1177 -10.98 90.49 70.18
CA THR A 1177 -9.71 89.98 70.75
C THR A 1177 -9.56 88.46 70.59
N ALA A 1178 -9.84 87.99 69.38
CA ALA A 1178 -9.88 86.58 69.08
C ALA A 1178 -8.62 86.18 68.33
N PHE A 1179 -7.85 85.26 68.92
CA PHE A 1179 -6.71 84.69 68.22
C PHE A 1179 -7.20 83.83 67.06
N ARG A 1180 -6.61 84.02 65.89
CA ARG A 1180 -7.09 83.38 64.66
C ARG A 1180 -6.07 82.39 64.13
N GLU A 1181 -6.58 81.34 63.48
CA GLU A 1181 -5.79 80.28 62.88
C GLU A 1181 -4.86 79.61 63.89
N ILE A 1182 -5.37 79.38 65.11
CA ILE A 1182 -4.57 78.74 66.14
C ILE A 1182 -4.48 77.25 65.84
N GLU A 1183 -3.37 76.64 66.25
CA GLU A 1183 -3.08 75.24 65.96
C GLU A 1183 -3.53 74.39 67.14
N ILE A 1184 -4.24 73.30 66.86
CA ILE A 1184 -4.79 72.46 67.91
C ILE A 1184 -3.68 71.84 68.74
N GLY A 1185 -2.70 71.22 68.06
CA GLY A 1185 -1.56 70.65 68.76
C GLY A 1185 -1.94 69.51 69.67
N ASP A 1186 -1.24 69.42 70.81
CA ASP A 1186 -1.51 68.38 71.79
C ASP A 1186 -2.80 68.65 72.56
N GLY A 1187 -3.08 69.91 72.85
CA GLY A 1187 -4.28 70.27 73.56
C GLY A 1187 -4.09 71.58 74.30
N PHE A 1188 -5.04 71.88 75.18
CA PHE A 1188 -5.02 73.09 75.98
C PHE A 1188 -5.53 72.77 77.39
N LEU A 1189 -5.12 73.60 78.35
CA LEU A 1189 -5.52 73.42 79.73
C LEU A 1189 -5.39 74.76 80.45
N PRO A 1190 -6.27 75.05 81.42
CA PRO A 1190 -6.21 76.35 82.10
C PRO A 1190 -4.94 76.53 82.93
N VAL A 1191 -4.51 77.79 83.03
CA VAL A 1191 -3.30 78.17 83.75
C VAL A 1191 -3.48 79.59 84.27
N CYS A 1192 -2.96 79.84 85.47
CA CYS A 1192 -2.98 81.16 86.08
C CYS A 1192 -1.65 81.40 86.78
N SER A 1193 -1.32 82.67 86.93
CA SER A 1193 -0.11 83.10 87.62
C SER A 1193 -0.44 84.26 88.54
N LEU A 1194 0.16 84.26 89.73
CA LEU A 1194 -0.09 85.27 90.75
C LEU A 1194 1.24 85.85 91.21
N GLY A 1195 1.26 87.15 91.49
CA GLY A 1195 2.43 87.80 92.03
C GLY A 1195 2.46 87.73 93.54
N PRO A 1196 3.32 88.52 94.17
CA PRO A 1196 3.37 88.56 95.63
C PRO A 1196 2.13 89.23 96.22
N GLY A 1197 1.58 88.62 97.27
CA GLY A 1197 0.47 89.17 98.00
C GLY A 1197 -0.82 89.32 97.21
N GLN A 1198 -1.19 88.30 96.46
CA GLN A 1198 -2.39 88.34 95.61
C GLN A 1198 -3.30 87.17 95.94
N VAL A 1199 -4.61 87.42 95.89
CA VAL A 1199 -5.63 86.43 96.22
C VAL A 1199 -6.55 86.25 95.01
N GLY A 1200 -6.72 84.99 94.58
CA GLY A 1200 -7.59 84.68 93.48
C GLY A 1200 -8.47 83.48 93.81
N HIS A 1201 -9.46 83.26 92.94
CA HIS A 1201 -10.40 82.16 93.07
C HIS A 1201 -10.70 81.64 91.68
N LEU A 1202 -10.24 80.43 91.38
CA LEU A 1202 -10.38 79.84 90.05
C LEU A 1202 -11.54 78.85 90.06
N ASN A 1203 -12.52 79.07 89.20
CA ASN A 1203 -13.71 78.22 89.13
C ASN A 1203 -13.72 77.49 87.79
N LEU A 1204 -13.77 76.16 87.85
CA LEU A 1204 -13.85 75.31 86.68
C LEU A 1204 -15.28 74.89 86.38
N GLY A 1205 -16.25 75.45 87.10
CA GLY A 1205 -17.64 75.10 86.90
C GLY A 1205 -18.00 73.68 87.30
N GLN A 1206 -17.56 73.27 88.49
CA GLN A 1206 -17.89 71.93 88.99
C GLN A 1206 -19.40 71.73 89.11
N ASP A 1207 -20.10 72.72 89.65
CA ASP A 1207 -21.56 72.76 89.63
C ASP A 1207 -22.03 74.07 89.01
N VAL A 1208 -23.15 74.00 88.30
CA VAL A 1208 -23.63 75.15 87.54
C VAL A 1208 -24.11 76.27 88.46
N SER A 1209 -24.64 75.93 89.63
CA SER A 1209 -25.20 76.93 90.53
C SER A 1209 -24.13 77.90 91.04
N SER A 1210 -22.93 77.39 91.33
CA SER A 1210 -21.87 78.25 91.87
C SER A 1210 -21.30 79.20 90.82
N LEU A 1211 -21.54 78.94 89.54
CA LEU A 1211 -21.12 79.88 88.50
C LEU A 1211 -21.87 81.20 88.67
N ARG A 1212 -21.13 82.30 88.54
CA ARG A 1212 -21.68 83.60 88.92
C ARG A 1212 -22.69 84.11 87.87
N PHE A 1213 -22.21 84.41 86.67
CA PHE A 1213 -23.10 85.01 85.67
C PHE A 1213 -23.67 83.96 84.72
N PHE A 1214 -22.80 83.30 83.96
CA PHE A 1214 -23.16 82.24 83.00
C PHE A 1214 -24.21 82.70 81.98
N ALA A 1215 -24.38 84.00 81.80
CA ALA A 1215 -25.41 84.55 80.94
C ALA A 1215 -24.87 85.08 79.62
N ILE A 1216 -23.59 84.83 79.33
CA ILE A 1216 -22.99 85.33 78.10
C ILE A 1216 -22.52 84.20 77.18
N CYS A 1217 -22.33 82.98 77.69
CA CYS A 1217 -21.90 81.86 76.87
C CYS A 1217 -22.68 80.57 77.09
N GLY A 1218 -23.44 80.46 78.19
CA GLY A 1218 -24.19 79.26 78.48
C GLY A 1218 -25.62 79.24 77.97
N LEU A 1219 -26.06 80.26 77.25
CA LEU A 1219 -27.45 80.34 76.79
C LEU A 1219 -27.62 79.76 75.39
N GLN A 1220 -26.91 80.32 74.40
CA GLN A 1220 -26.97 79.83 73.03
C GLN A 1220 -25.63 79.52 72.40
N GLU A 1221 -24.51 79.98 72.97
CA GLU A 1221 -23.21 79.67 72.40
C GLU A 1221 -22.86 78.20 72.55
N GLY A 1222 -23.50 77.48 73.47
CA GLY A 1222 -23.24 76.08 73.69
C GLY A 1222 -22.01 75.78 74.53
N PHE A 1223 -21.31 76.81 75.01
CA PHE A 1223 -20.12 76.59 75.81
C PHE A 1223 -20.48 76.01 77.17
N GLU A 1224 -19.64 75.10 77.64
CA GLU A 1224 -19.89 74.36 78.87
C GLU A 1224 -18.71 74.50 79.81
N PRO A 1225 -18.92 74.36 81.12
CA PRO A 1225 -17.80 74.42 82.06
C PRO A 1225 -16.81 73.28 81.82
N PHE A 1226 -15.54 73.56 82.14
CA PHE A 1226 -14.46 72.62 81.85
C PHE A 1226 -14.63 71.31 82.59
N ALA A 1227 -15.02 71.36 83.87
CA ALA A 1227 -15.21 70.18 84.70
C ALA A 1227 -16.68 70.13 85.11
N ILE A 1228 -17.52 69.53 84.26
CA ILE A 1228 -18.95 69.48 84.51
C ILE A 1228 -19.43 68.08 84.88
N ASN A 1229 -18.77 67.03 84.38
CA ASN A 1229 -19.14 65.65 84.67
C ASN A 1229 -18.05 64.94 85.45
N MET A 1230 -17.50 65.62 86.46
CA MET A 1230 -16.43 65.08 87.28
C MET A 1230 -16.97 64.81 88.68
N GLN A 1231 -16.71 63.60 89.18
CA GLN A 1231 -17.14 63.26 90.54
C GLN A 1231 -16.26 63.92 91.59
N ARG A 1232 -15.00 64.19 91.25
CA ARG A 1232 -14.03 64.77 92.16
C ARG A 1232 -13.35 65.96 91.48
N PRO A 1233 -12.86 66.94 92.26
CA PRO A 1233 -12.23 68.12 91.65
C PRO A 1233 -10.90 67.82 90.97
N VAL A 1234 -10.30 68.85 90.38
CA VAL A 1234 -9.06 68.73 89.61
C VAL A 1234 -7.87 68.82 90.54
N THR A 1235 -6.77 68.18 90.15
CA THR A 1235 -5.55 68.24 90.96
C THR A 1235 -4.99 69.66 91.04
N THR A 1236 -4.98 70.39 89.91
CA THR A 1236 -4.53 71.78 89.82
C THR A 1236 -3.09 71.93 90.33
N TRP A 1237 -2.17 71.35 89.57
CA TRP A 1237 -0.76 71.35 89.95
C TRP A 1237 -0.21 72.77 90.02
N PHE A 1238 0.89 72.92 90.77
CA PHE A 1238 1.44 74.24 91.02
C PHE A 1238 2.96 74.19 90.93
N SER A 1239 3.58 75.37 90.96
CA SER A 1239 5.02 75.51 90.81
C SER A 1239 5.66 75.79 92.16
N LYS A 1240 6.71 75.03 92.47
CA LYS A 1240 7.48 75.20 93.69
C LYS A 1240 8.85 75.80 93.37
N SER A 1241 9.32 76.66 94.28
CA SER A 1241 10.59 77.37 94.12
C SER A 1241 11.72 76.72 94.90
N LEU A 1242 11.52 75.52 95.42
CA LEU A 1242 12.58 74.82 96.14
C LEU A 1242 13.59 74.26 95.13
N PRO A 1243 14.87 74.63 95.21
CA PRO A 1243 15.85 74.11 94.25
C PRO A 1243 16.11 72.63 94.44
N GLN A 1244 16.33 71.94 93.32
CA GLN A 1244 16.56 70.50 93.33
C GLN A 1244 17.61 70.14 92.28
N PHE A 1245 18.29 69.02 92.52
CA PHE A 1245 19.28 68.52 91.58
C PHE A 1245 18.60 67.71 90.48
N GLU A 1246 18.91 68.04 89.22
CA GLU A 1246 18.35 67.34 88.07
C GLU A 1246 19.47 67.09 87.06
N PRO A 1247 19.38 66.01 86.30
CA PRO A 1247 20.39 65.77 85.25
C PRO A 1247 20.33 66.84 84.18
N VAL A 1248 21.51 67.17 83.65
CA VAL A 1248 21.60 68.23 82.63
C VAL A 1248 20.96 67.74 81.34
N PRO A 1249 20.09 68.52 80.70
CA PRO A 1249 19.50 68.10 79.42
C PRO A 1249 20.55 68.02 78.34
N PRO A 1250 20.53 66.96 77.53
CA PRO A 1250 21.47 66.89 76.39
C PRO A 1250 21.27 67.98 75.35
N GLU A 1251 20.07 68.54 75.19
CA GLU A 1251 19.89 69.70 74.32
C GLU A 1251 19.85 70.95 75.20
N HIS A 1252 21.05 71.45 75.52
CA HIS A 1252 21.21 72.70 76.25
C HIS A 1252 22.06 73.65 75.42
N PRO A 1253 21.54 74.82 75.04
CA PRO A 1253 22.33 75.74 74.19
C PRO A 1253 23.60 76.25 74.85
N HIS A 1254 23.63 76.37 76.17
CA HIS A 1254 24.76 77.00 76.85
C HIS A 1254 25.82 75.97 77.27
N TYR A 1255 25.43 74.99 78.09
CA TYR A 1255 26.37 74.04 78.67
C TYR A 1255 26.23 72.69 77.99
N GLU A 1256 27.38 72.12 77.60
CA GLU A 1256 27.43 70.80 77.00
C GLU A 1256 28.42 69.93 77.77
N VAL A 1257 28.05 68.67 77.98
CA VAL A 1257 28.89 67.73 78.72
C VAL A 1257 29.25 66.59 77.76
N ALA A 1258 30.56 66.32 77.65
CA ALA A 1258 31.07 65.28 76.77
C ALA A 1258 31.89 64.28 77.58
N ARG A 1259 31.69 63.00 77.29
CA ARG A 1259 32.42 61.92 77.96
C ARG A 1259 33.75 61.68 77.26
N MET A 1260 34.79 61.43 78.06
CA MET A 1260 36.12 61.14 77.54
C MET A 1260 36.53 59.74 77.98
N ASP A 1261 36.97 58.93 77.02
CA ASP A 1261 37.40 57.57 77.31
C ASP A 1261 38.74 57.57 78.04
N GLY A 1262 38.94 56.55 78.88
CA GLY A 1262 40.18 56.43 79.62
C GLY A 1262 41.34 56.05 78.71
N THR A 1263 42.35 56.90 78.65
CA THR A 1263 43.52 56.63 77.82
C THR A 1263 44.51 55.74 78.56
N VAL A 1264 45.64 55.46 77.90
CA VAL A 1264 46.68 54.63 78.52
C VAL A 1264 47.32 55.38 79.69
N ASP A 1265 47.64 56.65 79.50
CA ASP A 1265 48.26 57.47 80.53
C ASP A 1265 47.27 58.43 81.19
N THR A 1266 46.01 58.43 80.78
CA THR A 1266 45.01 59.33 81.33
C THR A 1266 43.81 58.54 81.80
N PRO A 1267 43.39 58.70 83.05
CA PRO A 1267 42.17 58.04 83.53
C PRO A 1267 40.94 58.65 82.89
N PRO A 1268 39.82 57.92 82.87
CA PRO A 1268 38.59 58.49 82.31
C PRO A 1268 38.14 59.72 83.09
N CYS A 1269 37.64 60.71 82.36
CA CYS A 1269 37.27 61.99 82.95
C CYS A 1269 36.05 62.55 82.25
N LEU A 1270 35.34 63.45 82.94
CA LEU A 1270 34.17 64.12 82.41
C LEU A 1270 34.46 65.60 82.31
N ARG A 1271 34.17 66.20 81.16
CA ARG A 1271 34.49 67.58 80.89
C ARG A 1271 33.21 68.40 80.69
N LEU A 1272 33.25 69.64 81.17
CA LEU A 1272 32.17 70.61 80.95
C LEU A 1272 32.68 71.73 80.05
N ALA A 1273 31.96 71.98 78.96
CA ALA A 1273 32.35 72.97 77.96
C ALA A 1273 31.25 73.99 77.81
N HIS A 1274 31.63 75.27 77.80
CA HIS A 1274 30.70 76.38 77.61
C HIS A 1274 30.88 76.93 76.21
N ARG A 1275 29.80 76.98 75.44
CA ARG A 1275 29.86 77.45 74.07
C ARG A 1275 28.99 78.69 73.87
N UNK A 1276 29.58 79.87 74.10
CA UNK A 1276 28.86 81.13 73.95
C UNK A 1276 29.82 82.29 73.72
N UNK A 1277 29.60 83.03 72.64
CA UNK A 1277 30.40 84.21 72.34
C UNK A 1277 29.93 85.37 73.21
N UNK A 1278 28.63 85.36 73.54
CA UNK A 1278 28.05 86.36 74.42
C UNK A 1278 27.12 85.67 75.42
N UNK A 1279 25.82 85.71 75.13
CA UNK A 1279 24.78 85.05 75.94
C UNK A 1279 24.82 85.46 77.41
N UNK A 1280 24.82 84.46 78.30
CA UNK A 1280 24.84 84.72 79.73
C UNK A 1280 25.99 83.98 80.40
N UNK A 1281 26.52 84.56 81.47
CA UNK A 1281 27.62 83.95 82.21
C UNK A 1281 27.29 83.86 83.69
N UNK A 1282 26.14 83.26 84.00
CA UNK A 1282 25.70 83.10 85.38
C UNK A 1282 26.54 82.06 86.10
N UNK A 1283 26.56 82.14 87.43
CA UNK A 1283 27.33 81.20 88.24
C UNK A 1283 26.64 79.84 88.31
N UNK A 1284 27.25 78.85 87.66
CA UNK A 1284 26.72 77.50 87.66
C UNK A 1284 26.88 76.87 89.05
N UNK A 1285 25.93 77.14 89.93
CA UNK A 1285 25.99 76.64 91.31
C UNK A 1285 25.80 75.13 91.36
N UNK A 1286 26.79 74.45 91.95
CA UNK A 1286 26.81 73.00 92.17
C UNK A 1286 26.85 72.16 90.88
N UNK A 1287 27.61 71.08 90.94
CA UNK A 1287 27.73 70.14 89.83
C UNK A 1287 28.00 68.75 90.37
N UNK A 1288 27.11 68.28 91.25
CA UNK A 1288 27.28 66.99 91.91
C UNK A 1288 27.09 65.82 90.96
N UNK A 1289 27.72 64.69 91.27
CA UNK A 1289 27.60 63.49 90.46
C UNK A 1289 26.32 62.75 90.79
N UNK A 1290 26.10 61.61 90.13
CA UNK A 1290 24.89 60.83 90.33
C UNK A 1290 24.90 60.08 91.66
N UNK A 1291 25.71 59.03 91.73
CA UNK A 1291 25.78 58.20 92.92
C UNK A 1291 26.51 58.92 94.05
N UNK A 1292 26.33 58.43 95.27
CA UNK A 1292 26.97 59.02 96.44
C UNK A 1292 27.60 57.95 97.32
N UNK A 1293 28.70 58.30 97.99
CA UNK A 1293 29.39 57.37 98.87
C UNK A 1293 28.82 57.45 100.29
N UNK A 1294 29.03 56.39 101.06
CA UNK A 1294 28.52 56.33 102.43
C UNK A 1294 29.60 55.86 103.39
N UNK A 1295 29.69 56.51 104.54
CA UNK A 1295 30.67 56.15 105.55
C UNK A 1295 30.27 54.85 106.25
N UNK A 1296 31.26 54.13 106.79
CA UNK A 1296 31.00 52.88 107.48
C UNK A 1296 30.35 53.12 108.84
N UNK A 1297 29.51 52.18 109.26
CA UNK A 1297 28.81 52.30 110.54
C UNK A 1297 29.76 52.00 111.70
N UNK A 1298 36.77 53.88 115.14
CA UNK A 1298 35.67 53.08 114.61
C UNK A 1298 35.39 53.44 113.17
N UNK A 1299 34.82 54.62 112.96
CA UNK A 1299 34.48 55.08 111.61
C UNK A 1299 35.73 55.54 110.87
N UNK A 1300 36.67 56.12 111.62
CA UNK A 1300 37.94 56.63 111.08
C UNK A 1300 37.73 57.63 109.95
N UNK A 1301 36.70 58.46 110.08
CA UNK A 1301 36.38 59.45 109.05
C UNK A 1301 37.19 60.72 109.26
N UNK A 1302 38.02 61.06 108.28
CA UNK A 1302 38.85 62.25 108.35
C UNK A 1302 39.21 62.74 106.95
N UNK A 1303 38.44 63.70 106.45
CA UNK A 1303 38.68 64.26 105.12
C UNK A 1303 39.95 65.11 105.11
N UNK A 1304 40.60 65.19 103.96
CA UNK A 1304 41.83 65.95 103.82
C UNK A 1304 42.06 66.37 102.38
N UNK A 1305 41.90 67.66 102.10
CA UNK A 1305 42.10 68.19 100.76
C UNK A 1305 43.59 68.35 100.48
N UNK A 1306 44.07 67.71 99.42
CA UNK A 1306 45.48 67.78 99.06
C UNK A 1306 45.65 68.37 97.66
N UNK A 1307 46.26 69.54 97.60
CA UNK A 1307 46.51 70.21 96.33
C UNK A 1307 47.99 70.15 95.96
N UNK A 1308 48.29 69.45 94.86
CA UNK A 1308 49.66 69.25 94.38
C UNK A 1308 50.58 68.65 95.44
N UNK A 1309 51.11 69.51 96.31
CA UNK A 1309 51.97 69.06 97.40
C UNK A 1309 51.14 68.68 98.62
N UNK A 1310 50.75 69.67 99.41
CA UNK A 1310 49.95 69.44 100.60
C UNK A 1310 49.14 70.68 100.96
N UNK A 1311 48.19 70.53 101.88
CA UNK A 1311 47.36 71.63 102.31
C UNK A 1311 46.86 71.42 103.74
N UNK A 1312 46.49 72.50 104.41
CA UNK A 1312 45.99 72.43 105.77
C UNK A 1312 44.57 72.97 105.88
N UNK A 1313 43.60 72.16 105.45
CA UNK A 1313 42.21 72.55 105.48
C UNK A 1313 41.46 71.83 106.60
N UNK A 1314 42.22 71.11 107.42
CA UNK A 1314 41.69 70.38 108.58
C UNK A 1314 40.60 69.38 108.22
N UNK A 1315 39.39 69.88 107.95
CA UNK A 1315 38.19 69.10 107.64
C UNK A 1315 37.84 68.14 108.77
N UNK A 1316 36.90 68.55 109.61
CA UNK A 1316 36.50 67.81 110.79
C UNK A 1316 35.90 66.45 110.47
N UNK A 1317 35.85 65.58 111.47
CA UNK A 1317 35.33 64.22 111.31
C UNK A 1317 33.82 64.21 111.10
N UNK A 1318 33.35 63.28 110.29
CA UNK A 1318 31.92 63.14 110.03
C UNK A 1318 31.26 62.32 111.13
N UNK A 1319 29.99 61.99 110.92
CA UNK A 1319 29.23 61.22 111.90
C UNK A 1319 29.51 59.72 111.77
N UNK A 1320 28.46 58.91 111.89
CA UNK A 1320 28.60 57.47 111.80
C UNK A 1320 28.27 56.99 110.38
N UNK A 1321 26.98 56.87 110.08
CA UNK A 1321 26.54 56.42 108.77
C UNK A 1321 26.14 57.60 107.89
N UNK A 1322 27.02 58.59 107.81
CA UNK A 1322 26.76 59.77 107.00
C UNK A 1322 27.00 59.47 105.52
N UNK A 1323 26.29 60.19 104.65
CA UNK A 1323 26.43 59.99 103.21
C UNK A 1323 26.83 61.30 102.53
N UNK A 1324 27.94 61.26 101.79
CA UNK A 1324 28.43 62.44 101.10
C UNK A 1324 28.60 62.17 99.60
N UNK A 1325 28.46 63.22 98.80
CA UNK A 1325 28.63 63.11 97.35
C UNK A 1325 29.61 64.14 96.83
N UNK A 1326 30.34 63.79 95.78
CA UNK A 1326 31.31 64.69 95.18
C UNK A 1326 30.61 65.82 94.44
N UNK A 1327 31.22 67.01 94.44
CA UNK A 1327 30.62 68.17 93.79
C UNK A 1327 31.69 69.17 93.35
N UNK A 1328 31.26 70.17 92.59
CA UNK A 1328 32.16 71.21 92.09
C UNK A 1328 31.38 72.46 91.70
N UNK A 1329 31.26 73.40 92.64
CA UNK A 1329 30.51 74.63 92.40
C UNK A 1329 31.44 75.75 91.91
N UNK A 1330 31.62 75.84 90.60
CA UNK A 1330 32.49 76.85 90.01
C UNK A 1330 31.71 77.79 89.10
N UNK A 1331 32.37 78.87 88.68
CA UNK A 1331 31.74 79.84 87.79
C UNK A 1331 32.44 79.84 86.42
N UNK A 1332 31.68 80.23 85.40
CA UNK A 1332 32.21 80.26 84.04
C UNK A 1332 33.18 81.43 83.84
N UNK A 1333 34.09 81.29 82.88
CA UNK A 1333 35.06 82.33 82.59
C UNK A 1333 35.12 82.61 81.09
N UNK A 1334 34.01 82.35 80.40
CA UNK A 1334 33.87 82.57 78.96
C UNK A 1334 34.94 81.86 78.14
N UNK A 1335 35.24 80.62 78.52
CA UNK A 1335 36.24 79.82 77.81
C UNK A 1335 35.96 78.33 77.98
N UNK A 1336 36.68 77.69 78.89
CA UNK A 1336 36.49 76.27 79.17
C UNK A 1336 36.36 76.05 80.67
N UNK A 1337 35.33 75.31 81.07
CA UNK A 1337 35.07 75.05 82.48
C UNK A 1337 35.97 73.95 83.03
N UNK A 1338 35.68 73.51 84.25
CA UNK A 1338 36.48 72.48 84.91
C UNK A 1338 36.21 71.10 84.33
N UNK A 1339 37.03 70.13 84.73
CA UNK A 1339 36.88 68.76 84.25
C UNK A 1339 37.18 67.77 85.37
N UNK A 1340 36.14 67.07 85.84
CA UNK A 1340 36.29 66.09 86.91
C UNK A 1340 36.98 64.83 86.38
N UNK A 1341 37.96 64.34 87.13
CA UNK A 1341 38.72 63.16 86.72
C UNK A 1341 38.88 62.18 87.88
N UNK A 1342 38.29 61.00 87.75
CA UNK A 1342 38.41 59.97 88.77
C UNK A 1342 39.65 59.10 88.51
N UNK A 1343 40.50 58.99 89.52
CA UNK A 1343 41.74 58.22 89.38
C UNK A 1343 42.14 57.58 90.70
N UNK A 1344 43.43 57.27 90.83
CA UNK A 1344 43.95 56.66 92.04
C UNK A 1344 45.44 57.00 92.20
N UNK A 1345 45.85 57.26 93.44
CA UNK A 1345 47.24 57.58 93.73
C UNK A 1345 48.07 56.32 93.90
N UNK A 1346 48.83 56.25 94.99
CA UNK A 1346 49.66 55.09 95.27
C UNK A 1346 48.79 53.92 95.76
N UNK A 1347 47.98 54.18 96.77
CA UNK A 1347 47.08 53.17 97.32
C UNK A 1347 45.90 53.82 98.03
N UNK A 1348 45.37 54.89 97.44
CA UNK A 1348 44.25 55.61 98.03
C UNK A 1348 43.30 56.12 96.95
N UNK A 1349 42.12 56.59 97.37
CA UNK A 1349 41.13 57.10 96.45
C UNK A 1349 40.99 58.62 96.55
N UNK A 1350 40.74 59.27 95.43
CA UNK A 1350 40.61 60.72 95.39
C UNK A 1350 39.78 61.17 94.18
N UNK A 1351 39.44 62.45 94.16
CA UNK A 1351 38.68 63.03 93.06
C UNK A 1351 39.40 64.25 92.51
N UNK A 1352 40.09 64.08 91.39
CA UNK A 1352 40.88 65.15 90.80
C UNK A 1352 40.01 66.13 90.00
N UNK A 1353 40.57 67.31 89.75
CA UNK A 1353 39.88 68.35 88.99
C UNK A 1353 40.88 69.28 88.33
N UNK A 1354 40.44 70.00 87.31
CA UNK A 1354 41.32 70.93 86.58
C UNK A 1354 40.65 72.28 86.41
N UNK A 1355 41.10 73.26 87.19
CA UNK A 1355 40.54 74.61 87.14
C UNK A 1355 41.21 75.45 86.05
N UNK A 1356 40.74 76.67 85.87
CA UNK A 1356 41.29 77.58 84.87
C UNK A 1356 41.06 79.03 85.27
N UNK A 1357 40.83 79.26 86.56
CA UNK A 1357 40.59 80.61 87.06
C UNK A 1357 41.02 80.72 88.53
N UNK A 1358 40.39 81.63 89.26
CA UNK A 1358 40.71 81.85 90.67
C UNK A 1358 39.58 81.36 91.57
N UNK A 1359 38.41 81.96 91.42
CA UNK A 1359 37.25 81.60 92.24
C UNK A 1359 36.53 80.38 91.67
N UNK A 1360 36.85 79.21 92.21
CA UNK A 1360 36.24 77.97 91.76
C UNK A 1360 36.33 76.88 92.84
N UNK A 1361 35.51 77.01 93.87
CA UNK A 1361 35.49 76.04 94.97
C UNK A 1361 34.92 74.70 94.50
N UNK A 1362 35.56 73.61 94.92
CA UNK A 1362 35.14 72.28 94.50
C UNK A 1362 35.54 71.20 95.50
N UNK A 1363 34.55 70.62 96.16
CA UNK A 1363 34.77 69.50 97.09
C UNK A 1363 33.48 68.73 97.30
N UNK A 1364 33.47 67.87 98.31
CA UNK A 1364 32.31 67.02 98.60
C UNK A 1364 31.17 67.83 99.22
N UNK A 1365 29.94 67.39 98.95
CA UNK A 1365 28.76 68.05 99.49
C UNK A 1365 27.86 67.04 100.20
N UNK A 1366 26.90 67.53 100.97
CA UNK A 1366 25.99 66.67 101.73
C UNK A 1366 24.85 66.17 100.84
N UNK A 1367 23.90 65.47 101.46
CA UNK A 1367 22.76 64.91 100.74
C UNK A 1367 21.52 65.76 100.92
N UNK A 1368 21.69 66.96 101.47
CA UNK A 1368 20.58 67.88 101.68
C UNK A 1368 21.05 69.33 101.50
N UNK A 1369 21.66 69.61 100.36
CA UNK A 1369 22.19 70.95 100.08
C UNK A 1369 21.30 71.68 99.07
N UNK A 1370 20.57 72.68 99.54
CA UNK A 1370 19.72 73.49 98.68
C UNK A 1370 20.18 74.94 98.70
N UNK A 1371 19.21 75.85 98.55
CA UNK A 1371 19.44 77.30 98.57
C UNK A 1371 20.49 77.76 97.56
N UNK A 1372 20.03 77.99 96.32
CA UNK A 1372 20.91 78.47 95.26
C UNK A 1372 21.26 79.94 95.50
N UNK A 1373 22.42 80.17 96.12
CA UNK A 1373 22.86 81.53 96.45
C UNK A 1373 23.32 82.27 95.19
N UNK A 1374 23.49 83.58 95.33
CA UNK A 1374 23.92 84.42 94.22
C UNK A 1374 25.44 84.41 94.09
N UNK A 1375 26.13 84.66 95.19
CA UNK A 1375 27.58 84.70 95.20
C UNK A 1375 28.15 84.41 96.58
N UNK A 1376 29.45 84.67 96.74
CA UNK A 1376 30.18 84.49 97.99
C UNK A 1376 30.11 83.06 98.53
N UNK A 1377 30.49 82.90 99.80
CA UNK A 1377 30.48 81.60 100.45
C UNK A 1377 29.49 81.59 101.61
N UNK A 1378 30.02 81.47 102.83
CA UNK A 1378 29.24 81.45 104.06
C UNK A 1378 28.16 80.36 104.06
N UNK A 1379 28.57 79.13 104.37
CA UNK A 1379 27.65 78.00 104.39
C UNK A 1379 26.94 77.91 105.75
N UNK A 1380 25.91 77.09 105.82
CA UNK A 1380 25.15 76.90 107.05
C UNK A 1380 25.86 75.91 107.98
N UNK A 1381 25.94 76.26 109.25
CA UNK A 1381 26.60 75.40 110.23
C UNK A 1381 26.07 75.65 111.64
N UNK A 1382 26.28 74.68 112.52
CA UNK A 1382 25.85 74.79 113.91
C UNK A 1382 26.75 73.94 114.81
N UNK A 1383 26.47 73.95 116.11
CA UNK A 1383 27.27 73.18 117.06
C UNK A 1383 26.45 72.80 118.29
N UNK A 1384 26.00 71.55 118.33
CA UNK A 1384 25.25 71.04 119.47
C UNK A 1384 26.21 70.55 120.55
N UNK A 1385 26.52 71.42 121.51
CA UNK A 1385 27.45 71.09 122.57
C UNK A 1385 26.73 70.70 123.85
N UNK A 1386 26.65 69.40 124.10
CA UNK A 1386 26.01 68.89 125.31
C UNK A 1386 26.97 68.95 126.50
N UNK A 1387 26.47 68.62 127.68
CA UNK A 1387 27.29 68.64 128.89
C UNK A 1387 26.82 67.61 129.90
N UNK A 1388 27.16 67.83 131.17
CA UNK A 1388 26.76 66.92 132.23
C UNK A 1388 25.80 67.60 133.20
N UNK A 1389 25.95 67.33 134.49
CA UNK A 1389 25.10 67.92 135.50
C UNK A 1389 25.47 69.39 135.72
N UNK A 1390 26.73 69.71 135.47
CA UNK A 1390 27.21 71.08 135.62
C UNK A 1390 27.96 71.51 134.36
N UNK A 1391 29.09 72.19 134.55
CA UNK A 1391 29.91 72.65 133.42
C UNK A 1391 31.21 71.86 133.36
N UNK A 1392 31.20 70.67 133.94
CA UNK A 1392 32.39 69.83 133.98
C UNK A 1392 32.59 69.11 132.65
N UNK A 1393 31.92 67.98 132.48
CA UNK A 1393 32.04 67.18 131.26
C UNK A 1393 31.34 67.86 130.09
N UNK A 1394 31.86 67.63 128.89
CA UNK A 1394 31.30 68.21 127.68
C UNK A 1394 31.65 67.38 126.45
N UNK A 1395 30.66 67.16 125.59
CA UNK A 1395 30.86 66.41 124.35
C UNK A 1395 30.37 67.22 123.16
N UNK A 1396 31.11 68.28 122.83
CA UNK A 1396 30.73 69.18 121.75
C UNK A 1396 30.92 68.52 120.39
N UNK A 1397 29.84 68.47 119.61
CA UNK A 1397 29.88 67.90 118.27
C UNK A 1397 29.39 68.91 117.25
N UNK A 1398 30.24 69.23 116.27
CA UNK A 1398 29.88 70.18 115.22
C UNK A 1398 28.81 69.58 114.31
N UNK A 1399 27.76 70.36 114.04
CA UNK A 1399 26.65 69.90 113.22
C UNK A 1399 27.09 69.70 111.77
N UNK A 1400 26.46 68.75 111.10
CA UNK A 1400 26.79 68.43 109.72
C UNK A 1400 26.37 69.56 108.79
N UNK A 1401 27.36 70.25 108.22
CA UNK A 1401 27.10 71.35 107.30
C UNK A 1401 26.54 70.84 105.98
N UNK A 1402 25.84 71.70 105.26
CA UNK A 1402 25.23 71.32 103.99
C UNK A 1402 26.28 71.18 102.89
N UNK A 1403 27.43 71.80 103.09
CA UNK A 1403 28.51 71.75 102.10
C UNK A 1403 29.88 71.89 102.76
N UNK A 1404 30.74 70.91 102.51
CA UNK A 1404 32.11 70.94 103.00
C UNK A 1404 33.07 71.22 101.85
N UNK A 1405 33.17 72.48 101.46
CA UNK A 1405 33.97 72.86 100.30
C UNK A 1405 35.34 73.40 100.71
N UNK A 1406 36.23 73.50 99.73
CA UNK A 1406 37.57 74.03 99.94
C UNK A 1406 37.64 75.50 99.52
N UNK A 1407 38.71 76.17 99.89
CA UNK A 1407 38.87 77.59 99.58
C UNK A 1407 39.27 77.80 98.12
N UNK A 1408 39.94 76.80 97.53
CA UNK A 1408 40.36 76.79 96.13
C UNK A 1408 41.29 77.94 95.74
N UNK A 1409 40.81 79.18 95.86
CA UNK A 1409 41.58 80.36 95.49
C UNK A 1409 42.71 80.67 96.47
N UNK A 1410 42.74 79.95 97.59
CA UNK A 1410 43.79 80.15 98.59
C UNK A 1410 45.08 79.43 98.20
N UNK A 1411 45.02 78.64 97.14
CA UNK A 1411 46.19 77.90 96.67
C UNK A 1411 46.74 78.52 95.40
N UNK A 1412 46.81 79.85 95.36
CA UNK A 1412 47.33 80.56 94.20
C UNK A 1412 47.91 81.91 94.61
N UNK A 1413 49.04 82.26 94.02
CA UNK A 1413 49.71 83.52 94.32
C UNK A 1413 50.46 84.05 93.10
N UNK A 1414 49.89 83.83 91.92
CA UNK A 1414 50.51 84.28 90.68
C UNK A 1414 49.46 84.91 89.75
N UNK A 1415 49.51 84.55 88.48
CA UNK A 1415 48.58 85.08 87.49
C UNK A 1415 48.00 83.96 86.63
N UNK A 1416 47.99 82.75 87.18
CA UNK A 1416 47.45 81.54 86.54
C UNK A 1416 48.09 81.28 85.17
N UNK A 1417 49.23 80.59 85.19
CA UNK A 1417 49.93 80.27 83.95
C UNK A 1417 49.74 78.80 83.57
N UNK A 1418 49.48 77.97 84.57
CA UNK A 1418 49.29 76.54 84.35
C UNK A 1418 47.91 76.09 84.83
N UNK A 1419 47.83 74.86 85.31
CA UNK A 1419 46.57 74.30 85.81
C UNK A 1419 46.78 73.58 87.12
N UNK A 1420 45.92 73.89 88.10
CA UNK A 1420 46.01 73.28 89.43
C UNK A 1420 45.20 71.99 89.49
N UNK A 1421 45.34 71.26 90.61
CA UNK A 1421 44.62 70.02 90.80
C UNK A 1421 44.43 69.71 92.28
N UNK A 1422 43.19 69.44 92.67
CA UNK A 1422 42.87 69.10 94.06
C UNK A 1422 42.47 67.64 94.17
N UNK A 1423 42.15 67.19 95.38
CA UNK A 1423 41.78 65.81 95.61
C UNK A 1423 40.92 65.65 96.86
N UNK A 1424 40.71 64.41 97.27
CA UNK A 1424 39.93 64.11 98.48
C UNK A 1424 40.73 63.24 99.44
N UNK A 1425 40.05 62.36 100.15
CA UNK A 1425 40.71 61.47 101.10
C UNK A 1425 39.92 60.19 101.34
N UNK A 1426 40.61 59.06 101.25
CA UNK A 1426 40.00 57.76 101.50
C UNK A 1426 41.07 56.74 101.89
N UNK A 1427 40.65 55.59 102.39
CA UNK A 1427 41.58 54.56 102.81
C UNK A 1427 41.07 53.16 102.46
N UNK A 1428 42.00 52.27 102.14
CA UNK A 1428 41.65 50.89 101.79
C UNK A 1428 42.26 49.91 102.79
N UNK A 1429 41.76 48.69 102.79
CA UNK A 1429 42.24 47.66 103.72
C UNK A 1429 42.83 46.47 102.95
N UNK A 1430 43.43 46.75 101.80
CA UNK A 1430 44.01 45.70 100.98
C UNK A 1430 45.35 46.17 100.38
N UNK A 1431 46.42 46.00 101.15
CA UNK A 1431 47.75 46.39 100.70
C UNK A 1431 48.58 45.17 100.32
N UNK A 1432 48.97 45.10 99.04
CA UNK A 1432 49.76 43.99 98.54
C UNK A 1432 50.77 44.46 97.50
N MET A 1573 40.42 50.57 96.03
CA MET A 1573 41.50 51.54 95.87
C MET A 1573 41.11 52.83 95.09
N PRO A 1574 40.35 52.74 93.96
CA PRO A 1574 39.89 53.98 93.34
C PRO A 1574 38.56 54.45 93.92
N LEU A 1575 38.03 55.55 93.36
CA LEU A 1575 36.78 56.10 93.86
C LEU A 1575 35.59 55.19 93.57
N SER A 1576 35.56 54.59 92.39
CA SER A 1576 34.41 53.81 91.97
C SER A 1576 34.34 52.42 92.60
N ALA A 1577 35.41 51.95 93.24
CA ALA A 1577 35.40 50.61 93.82
C ALA A 1577 34.51 50.55 95.05
N ALA A 1578 34.62 51.52 95.95
CA ALA A 1578 33.89 51.50 97.21
C ALA A 1578 32.50 52.11 97.10
N MET A 1579 32.12 52.61 95.92
CA MET A 1579 30.84 53.28 95.74
C MET A 1579 29.76 52.36 95.18
N PHE A 1580 30.13 51.37 94.37
CA PHE A 1580 29.16 50.51 93.70
C PHE A 1580 29.05 49.12 94.33
N LEU A 1581 29.91 48.79 95.29
CA LEU A 1581 29.90 47.56 96.09
C LEU A 1581 29.98 46.28 95.26
N SER A 1582 30.25 46.38 93.96
CA SER A 1582 30.42 45.22 93.10
C SER A 1582 31.84 45.06 92.59
N GLU A 1583 32.60 46.14 92.46
CA GLU A 1583 33.98 46.11 92.02
C GLU A 1583 34.92 46.61 93.13
N ARG A 1584 34.57 46.33 94.38
CA ARG A 1584 35.41 46.74 95.51
C ARG A 1584 36.76 46.03 95.48
N LYS A 1585 36.77 44.74 95.15
CA LYS A 1585 38.02 44.00 95.04
C LYS A 1585 38.88 44.51 93.88
N ASN A 1586 38.25 44.84 92.76
CA ASN A 1586 38.99 45.30 91.59
C ASN A 1586 39.50 46.71 91.80
N PRO A 1587 40.81 46.96 91.69
CA PRO A 1587 41.35 48.31 91.85
C PRO A 1587 41.36 49.16 90.59
N ALA A 1588 40.88 48.63 89.47
CA ALA A 1588 40.89 49.38 88.22
C ALA A 1588 39.76 50.39 88.20
N PRO A 1589 40.04 51.69 88.01
CA PRO A 1589 38.95 52.67 87.93
C PRO A 1589 38.13 52.50 86.67
N GLN A 1590 36.85 52.87 86.76
CA GLN A 1590 35.94 52.76 85.64
C GLN A 1590 34.79 53.75 85.84
N CYS A 1591 34.10 54.04 84.74
CA CYS A 1591 32.98 54.99 84.74
C CYS A 1591 31.76 54.33 84.11
N PRO A 1592 30.95 53.64 84.90
CA PRO A 1592 29.70 53.07 84.39
C PRO A 1592 28.72 54.16 83.97
N PRO A 1593 27.75 53.83 83.10
CA PRO A 1593 26.85 54.88 82.59
C PRO A 1593 25.96 55.51 83.64
N ARG A 1594 25.82 54.90 84.82
CA ARG A 1594 24.96 55.47 85.86
C ARG A 1594 25.47 56.82 86.33
N LEU A 1595 26.79 56.99 86.39
CA LEU A 1595 27.37 58.27 86.79
C LEU A 1595 27.10 59.32 85.72
N GLU A 1596 26.71 60.52 86.17
CA GLU A 1596 26.41 61.61 85.27
C GLU A 1596 26.54 62.93 86.03
N VAL A 1597 26.62 64.02 85.27
CA VAL A 1597 26.74 65.36 85.83
C VAL A 1597 25.34 65.93 86.03
N GLN A 1598 25.07 66.43 87.24
CA GLN A 1598 23.78 67.01 87.59
C GLN A 1598 23.93 68.50 87.88
N MET A 1599 22.86 69.25 87.68
CA MET A 1599 22.84 70.69 87.87
C MET A 1599 21.65 71.07 88.76
N LEU A 1600 21.77 72.24 89.38
CA LEU A 1600 20.74 72.74 90.28
C LEU A 1600 19.69 73.50 89.49
N MET A 1601 18.42 73.16 89.71
CA MET A 1601 17.29 73.83 89.09
C MET A 1601 16.48 74.53 90.17
N PRO A 1602 16.18 75.82 90.01
CA PRO A 1602 15.56 76.58 91.11
C PRO A 1602 14.08 76.30 91.29
N VAL A 1603 13.39 75.89 90.23
CA VAL A 1603 11.94 75.70 90.28
C VAL A 1603 11.59 74.32 89.74
N SER A 1604 10.41 73.85 90.13
CA SER A 1604 9.92 72.54 89.72
C SER A 1604 8.40 72.52 89.83
N TRP A 1605 7.81 71.42 89.39
CA TRP A 1605 6.37 71.21 89.51
C TRP A 1605 6.05 70.41 90.77
N SER A 1606 4.81 70.55 91.23
CA SER A 1606 4.37 69.83 92.41
C SER A 1606 2.85 69.70 92.38
N ARG A 1607 2.36 68.76 93.18
CA ARG A 1607 0.94 68.43 93.23
C ARG A 1607 0.33 68.91 94.53
N MET A 1608 -0.82 69.57 94.43
CA MET A 1608 -1.57 69.98 95.60
C MET A 1608 -2.23 68.77 96.25
N PRO A 1609 -2.12 68.59 97.56
CA PRO A 1609 -2.84 67.51 98.23
C PRO A 1609 -4.35 67.69 98.11
N ASN A 1610 -5.07 66.56 98.10
CA ASN A 1610 -6.53 66.61 97.96
C ASN A 1610 -7.19 67.21 99.19
N HIS A 1611 -6.66 66.95 100.38
CA HIS A 1611 -7.23 67.44 101.61
C HIS A 1611 -6.14 68.04 102.49
N PHE A 1612 -6.53 68.96 103.36
CA PHE A 1612 -5.60 69.67 104.22
C PHE A 1612 -6.12 69.67 105.66
N LEU A 1613 -5.19 69.79 106.59
CA LEU A 1613 -5.53 69.80 108.01
C LEU A 1613 -6.25 71.09 108.38
N GLN A 1614 -7.20 70.98 109.30
CA GLN A 1614 -7.94 72.12 109.81
C GLN A 1614 -7.43 72.44 111.22
N VAL A 1615 -6.90 73.65 111.39
CA VAL A 1615 -6.38 74.12 112.67
C VAL A 1615 -7.16 75.37 113.07
N GLU A 1616 -7.64 75.38 114.31
CA GLU A 1616 -8.41 76.50 114.84
C GLU A 1616 -7.57 77.25 115.87
N THR A 1617 -7.43 78.56 115.66
CA THR A 1617 -6.67 79.43 116.55
C THR A 1617 -7.62 80.43 117.19
N ARG A 1618 -7.64 80.46 118.53
CA ARG A 1618 -8.53 81.37 119.25
C ARG A 1618 -7.80 81.97 120.44
N ARG A 1619 -8.13 83.23 120.73
CA ARG A 1619 -7.50 83.96 121.83
C ARG A 1619 -8.40 83.97 123.05
N GLY A 1625 -5.66 83.83 124.83
CA GLY A 1625 -4.82 82.70 125.18
C GLY A 1625 -3.96 82.19 124.03
N TRP A 1626 -4.36 82.54 122.81
CA TRP A 1626 -3.66 82.14 121.58
C TRP A 1626 -3.53 80.62 121.48
N ALA A 1627 -4.58 79.91 121.89
CA ALA A 1627 -4.59 78.46 121.84
C ALA A 1627 -4.97 77.97 120.45
N VAL A 1628 -4.29 76.92 120.00
CA VAL A 1628 -4.53 76.33 118.69
C VAL A 1628 -4.84 74.85 118.86
N GLN A 1629 -5.85 74.38 118.12
CA GLN A 1629 -6.33 73.01 118.24
C GLN A 1629 -6.51 72.38 116.86
N CYS A 1630 -6.27 71.07 116.80
CA CYS A 1630 -6.52 70.26 115.61
C CYS A 1630 -6.92 68.87 116.05
N GLN A 1631 -7.97 68.33 115.41
CA GLN A 1631 -8.51 67.03 115.80
C GLN A 1631 -8.96 66.21 114.60
N ASP A 1632 -8.27 66.35 113.46
CA ASP A 1632 -8.62 65.63 112.24
C ASP A 1632 -7.41 64.85 111.75
N PRO A 1633 -7.46 63.53 111.68
CA PRO A 1633 -6.30 62.75 111.21
C PRO A 1633 -6.34 62.50 109.71
N LEU A 1634 -5.15 62.59 109.10
CA LEU A 1634 -5.00 62.35 107.66
C LEU A 1634 -3.76 61.50 107.42
N THR A 1635 -3.86 60.58 106.45
CA THR A 1635 -2.75 59.71 106.09
C THR A 1635 -2.61 59.68 104.58
N MET A 1636 -1.39 59.41 104.11
CA MET A 1636 -1.12 59.28 102.69
C MET A 1636 0.08 58.36 102.49
N MET A 1637 0.14 57.77 101.30
CA MET A 1637 1.22 56.85 100.95
C MET A 1637 2.40 57.62 100.36
N ALA A 1638 3.61 57.21 100.75
CA ALA A 1638 4.83 57.87 100.32
C ALA A 1638 5.75 56.90 99.60
N LEU A 1639 6.32 57.36 98.50
CA LEU A 1639 7.31 56.60 97.73
C LEU A 1639 8.69 57.19 98.00
N HIS A 1640 9.64 56.34 98.39
CA HIS A 1640 10.95 56.77 98.84
C HIS A 1640 12.01 56.37 97.82
N ILE A 1641 12.85 57.33 97.44
CA ILE A 1641 14.03 57.08 96.62
C ILE A 1641 15.22 57.03 97.58
N PRO A 1642 15.86 55.86 97.77
CA PRO A 1642 16.95 55.79 98.76
C PRO A 1642 18.25 56.42 98.29
N GLU A 1643 18.56 56.34 97.00
CA GLU A 1643 19.82 56.87 96.50
C GLU A 1643 19.90 58.38 96.68
N GLU A 1644 18.82 59.08 96.38
CA GLU A 1644 18.72 60.52 96.66
C GLU A 1644 18.19 60.81 98.05
N ASN A 1645 17.73 59.78 98.78
CA ASN A 1645 17.23 59.89 100.15
C ASN A 1645 16.08 60.91 100.24
N ARG A 1646 15.11 60.77 99.33
CA ARG A 1646 14.01 61.72 99.27
C ARG A 1646 12.69 61.00 99.05
N CYS A 1647 11.64 61.48 99.72
CA CYS A 1647 10.32 60.88 99.61
C CYS A 1647 9.36 61.83 98.92
N MET A 1648 8.45 61.26 98.13
CA MET A 1648 7.47 62.02 97.36
C MET A 1648 6.14 61.29 97.39
N ASP A 1649 5.07 62.02 97.04
CA ASP A 1649 3.74 61.43 97.01
C ASP A 1649 3.64 60.40 95.88
N ILE A 1650 2.97 59.29 96.16
CA ILE A 1650 2.79 58.26 95.15
C ILE A 1650 1.66 58.63 94.18
N LEU A 1651 0.75 59.53 94.59
CA LEU A 1651 -0.25 60.04 93.65
C LEU A 1651 0.37 60.99 92.63
N GLU A 1652 1.55 61.54 92.93
CA GLU A 1652 2.29 62.38 92.00
C GLU A 1652 2.84 61.56 90.83
N LEU A 1653 2.94 60.24 90.99
CA LEU A 1653 3.60 59.37 90.02
C LEU A 1653 2.90 59.30 88.67
N SER A 1654 1.65 59.78 88.57
CA SER A 1654 0.90 59.66 87.33
C SER A 1654 1.50 60.49 86.21
N GLU A 1655 2.26 61.53 86.54
CA GLU A 1655 2.86 62.40 85.53
C GLU A 1655 4.31 62.05 85.21
N ARG A 1656 4.92 61.11 85.95
CA ARG A 1656 6.31 60.77 85.71
C ARG A 1656 6.47 59.95 84.44
N LEU A 1657 5.56 58.99 84.20
CA LEU A 1657 5.43 58.19 82.99
C LEU A 1657 6.58 57.20 82.78
N ASP A 1658 7.58 57.21 83.64
CA ASP A 1658 8.63 56.19 83.60
C ASP A 1658 8.85 55.49 84.94
N LEU A 1659 8.83 56.24 86.05
CA LEU A 1659 8.88 55.62 87.37
C LEU A 1659 7.63 54.79 87.63
N GLN A 1660 6.49 55.20 87.07
CA GLN A 1660 5.28 54.40 87.16
C GLN A 1660 5.45 53.04 86.49
N ARG A 1661 6.05 53.03 85.30
CA ARG A 1661 6.32 51.78 84.60
C ARG A 1661 7.31 50.92 85.37
N PHE A 1662 8.37 51.55 85.92
CA PHE A 1662 9.34 50.80 86.71
C PHE A 1662 8.71 50.19 87.94
N HIS A 1663 7.87 50.95 88.65
CA HIS A 1663 7.22 50.44 89.84
C HIS A 1663 6.24 49.32 89.51
N SER A 1664 5.52 49.45 88.39
CA SER A 1664 4.61 48.38 87.96
C SER A 1664 5.37 47.11 87.62
N HIS A 1665 6.53 47.23 86.97
CA HIS A 1665 7.31 46.04 86.64
C HIS A 1665 7.93 45.41 87.88
N THR A 1666 8.36 46.22 88.86
CA THR A 1666 8.85 45.65 90.11
C THR A 1666 7.72 44.98 90.88
N LEU A 1667 6.51 45.52 90.81
CA LEU A 1667 5.36 44.87 91.43
C LEU A 1667 5.05 43.53 90.75
N ARG A 1668 5.16 43.49 89.43
CA ARG A 1668 5.01 42.24 88.70
C ARG A 1668 6.08 41.24 89.12
N LEU A 1669 7.31 41.72 89.36
CA LEU A 1669 8.36 40.86 89.89
C LEU A 1669 8.00 40.33 91.27
N TYR A 1670 7.43 41.17 92.12
CA TYR A 1670 6.93 40.73 93.43
C TYR A 1670 5.94 39.59 93.28
N ARG A 1671 4.96 39.76 92.37
CA ARG A 1671 3.97 38.70 92.16
C ARG A 1671 4.61 37.43 91.61
N ALA A 1672 5.52 37.56 90.66
CA ALA A 1672 6.11 36.39 89.99
C ALA A 1672 7.04 35.61 90.92
N VAL A 1673 7.75 36.30 91.82
CA VAL A 1673 8.70 35.62 92.69
C VAL A 1673 7.96 34.71 93.68
N CYS A 1674 6.91 35.22 94.30
CA CYS A 1674 6.17 34.49 95.32
C CYS A 1674 4.96 33.75 94.77
N ALA A 1675 4.72 33.80 93.47
CA ALA A 1675 3.57 33.11 92.90
C ALA A 1675 3.81 31.61 92.82
N LEU A 1676 2.72 30.88 92.55
CA LEU A 1676 2.73 29.44 92.29
C LEU A 1676 3.23 28.64 93.49
N GLY A 1677 2.54 28.82 94.61
CA GLY A 1677 2.70 27.95 95.76
C GLY A 1677 3.85 28.26 96.70
N ASN A 1678 4.64 29.29 96.42
CA ASN A 1678 5.73 29.63 97.33
C ASN A 1678 5.19 30.26 98.60
N ASN A 1679 5.66 29.79 99.74
CA ASN A 1679 5.15 30.21 101.04
C ASN A 1679 6.19 30.89 101.92
N ARG A 1680 7.44 30.42 101.88
CA ARG A 1680 8.49 31.06 102.68
C ARG A 1680 8.77 32.48 102.19
N VAL A 1681 8.74 32.68 100.88
CA VAL A 1681 8.99 34.00 100.31
C VAL A 1681 7.76 34.91 100.47
N ALA A 1682 6.57 34.32 100.65
CA ALA A 1682 5.37 35.11 100.85
C ALA A 1682 5.45 35.94 102.13
N HIS A 1683 5.98 35.35 103.20
CA HIS A 1683 6.16 36.11 104.44
C HIS A 1683 7.24 37.17 104.30
N ALA A 1684 8.26 36.92 103.47
CA ALA A 1684 9.26 37.96 103.21
C ALA A 1684 8.64 39.16 102.51
N LEU A 1685 7.80 38.92 101.49
CA LEU A 1685 7.09 40.03 100.87
C LEU A 1685 6.06 40.66 101.80
N CYS A 1686 5.48 39.89 102.72
CA CYS A 1686 4.58 40.47 103.71
C CYS A 1686 5.33 41.41 104.64
N SER A 1687 6.56 41.05 105.01
CA SER A 1687 7.40 41.97 105.79
C SER A 1687 7.78 43.20 104.98
N HIS A 1688 8.09 43.01 103.68
CA HIS A 1688 8.49 44.13 102.85
C HIS A 1688 7.35 45.13 102.64
N VAL A 1689 6.14 44.64 102.35
CA VAL A 1689 4.98 45.48 102.11
C VAL A 1689 3.91 45.10 103.11
N ASP A 1690 3.53 46.05 103.97
CA ASP A 1690 2.63 45.77 105.07
C ASP A 1690 1.21 45.52 104.58
N GLN A 1691 0.40 44.92 105.45
CA GLN A 1691 -1.00 44.65 105.15
C GLN A 1691 -1.85 45.91 105.26
N ALA A 1692 -1.50 46.82 106.18
CA ALA A 1692 -2.28 48.05 106.36
C ALA A 1692 -2.24 48.93 105.12
N GLN A 1693 -1.05 49.11 104.53
CA GLN A 1693 -0.96 49.90 103.30
C GLN A 1693 -1.64 49.20 102.14
N LEU A 1694 -1.60 47.87 102.11
CA LEU A 1694 -2.32 47.12 101.07
C LEU A 1694 -3.83 47.36 101.17
N LEU A 1695 -4.36 47.36 102.39
CA LEU A 1695 -5.78 47.66 102.57
C LEU A 1695 -6.10 49.12 102.23
N HIS A 1696 -5.20 50.04 102.61
CA HIS A 1696 -5.46 51.45 102.33
C HIS A 1696 -5.40 51.77 100.85
N ALA A 1697 -4.55 51.05 100.09
CA ALA A 1697 -4.39 51.30 98.67
C ALA A 1697 -5.62 50.90 97.85
N LEU A 1698 -6.58 50.22 98.45
CA LEU A 1698 -7.82 49.91 97.75
C LEU A 1698 -8.75 51.12 97.69
N GLU A 1699 -8.79 51.92 98.75
CA GLU A 1699 -9.86 52.90 98.93
C GLU A 1699 -9.69 54.14 98.05
N ASP A 1700 -8.45 54.56 97.80
CA ASP A 1700 -8.22 55.80 97.06
C ASP A 1700 -8.71 55.68 95.62
N ALA A 1701 -9.36 56.75 95.15
CA ALA A 1701 -9.96 56.73 93.82
C ALA A 1701 -8.94 57.03 92.73
N HIS A 1702 -8.33 58.21 92.80
CA HIS A 1702 -7.39 58.62 91.76
C HIS A 1702 -6.08 57.85 91.90
N LEU A 1703 -5.65 57.24 90.80
CA LEU A 1703 -4.46 56.41 90.77
C LEU A 1703 -3.92 56.39 89.34
N PRO A 1704 -2.65 56.03 89.14
CA PRO A 1704 -2.14 55.90 87.77
C PRO A 1704 -2.93 54.93 86.90
N GLY A 1705 -3.40 53.83 87.47
CA GLY A 1705 -4.23 52.88 86.76
C GLY A 1705 -3.68 51.48 86.63
N PRO A 1706 -2.40 51.32 86.24
CA PRO A 1706 -1.78 49.99 86.34
C PRO A 1706 -1.41 49.65 87.77
N LEU A 1707 -1.13 50.68 88.58
CA LEU A 1707 -0.76 50.45 89.98
C LEU A 1707 -1.92 49.87 90.77
N ARG A 1708 -3.15 50.31 90.48
CA ARG A 1708 -4.33 49.76 91.16
C ARG A 1708 -4.50 48.28 90.86
N ALA A 1709 -4.40 47.90 89.58
CA ALA A 1709 -4.51 46.50 89.20
C ALA A 1709 -3.38 45.67 89.79
N GLY A 1710 -2.17 46.23 89.82
CA GLY A 1710 -1.05 45.54 90.43
C GLY A 1710 -1.24 45.31 91.92
N TYR A 1711 -1.74 46.32 92.64
CA TYR A 1711 -2.01 46.16 94.06
C TYR A 1711 -3.09 45.12 94.30
N TYR A 1712 -4.16 45.14 93.50
CA TYR A 1712 -5.21 44.12 93.64
C TYR A 1712 -4.66 42.72 93.38
N ASP A 1713 -3.87 42.56 92.31
CA ASP A 1713 -3.34 41.25 91.97
C ASP A 1713 -2.34 40.76 93.03
N LEU A 1714 -1.52 41.66 93.57
CA LEU A 1714 -0.60 41.29 94.64
C LEU A 1714 -1.34 40.87 95.90
N LEU A 1715 -2.40 41.61 96.25
CA LEU A 1715 -3.21 41.26 97.41
C LEU A 1715 -3.87 39.89 97.24
N ILE A 1716 -4.34 39.59 96.02
CA ILE A 1716 -4.90 38.27 95.74
C ILE A 1716 -3.82 37.20 95.84
N SER A 1717 -2.64 37.46 95.24
CA SER A 1717 -1.64 36.41 95.07
C SER A 1717 -0.98 36.04 96.40
N ILE A 1718 -0.58 37.04 97.20
CA ILE A 1718 0.24 36.76 98.38
C ILE A 1718 -0.56 36.28 99.58
N HIS A 1719 -1.89 36.25 99.50
CA HIS A 1719 -2.70 35.95 100.67
C HIS A 1719 -3.57 34.72 100.51
N LEU A 1720 -4.29 34.58 99.40
CA LEU A 1720 -5.31 33.55 99.27
C LEU A 1720 -5.25 32.80 97.95
N GLU A 1721 -4.21 33.01 97.14
CA GLU A 1721 -4.13 32.36 95.84
C GLU A 1721 -3.95 30.84 95.98
N SER A 1722 -3.11 30.41 96.93
CA SER A 1722 -2.88 28.97 97.13
C SER A 1722 -4.15 28.29 97.64
N ALA A 1723 -4.85 28.92 98.58
CA ALA A 1723 -6.10 28.36 99.09
C ALA A 1723 -7.16 28.30 98.00
N CYS A 1724 -7.23 29.34 97.16
CA CYS A 1724 -8.18 29.33 96.05
C CYS A 1724 -7.86 28.21 95.06
N ARG A 1725 -6.57 28.01 94.76
CA ARG A 1725 -6.18 26.94 93.86
C ARG A 1725 -6.52 25.57 94.43
N SER A 1726 -6.27 25.37 95.73
CA SER A 1726 -6.57 24.08 96.35
C SER A 1726 -8.08 23.82 96.38
N ARG A 1727 -8.88 24.84 96.70
CA ARG A 1727 -10.33 24.65 96.71
C ARG A 1727 -10.87 24.40 95.31
N ARG A 1728 -10.31 25.09 94.31
CA ARG A 1728 -10.72 24.86 92.93
C ARG A 1728 -10.36 23.45 92.48
N SER A 1729 -9.20 22.94 92.88
CA SER A 1729 -8.81 21.58 92.55
C SER A 1729 -9.73 20.56 93.22
N MET A 1730 -10.09 20.79 94.49
CA MET A 1730 -10.92 19.84 95.22
C MET A 1730 -12.40 19.96 94.89
N LEU A 1731 -12.82 21.03 94.21
CA LEU A 1731 -14.23 21.26 93.91
C LEU A 1731 -14.82 20.27 92.92
N SER A 1732 -14.00 19.47 92.24
CA SER A 1732 -14.47 18.59 91.18
C SER A 1732 -14.87 17.21 91.69
N GLU A 1733 -15.02 17.03 92.99
CA GLU A 1733 -15.39 15.74 93.58
C GLU A 1733 -16.69 15.90 94.38
N TYR A 1734 -17.54 14.88 94.29
CA TYR A 1734 -18.84 14.87 94.98
C TYR A 1734 -18.89 13.67 95.91
N ILE A 1735 -18.63 13.90 97.19
CA ILE A 1735 -18.70 12.86 98.22
C ILE A 1735 -19.61 13.39 99.32
N VAL A 1736 -20.68 12.65 99.61
CA VAL A 1736 -21.68 13.05 100.60
C VAL A 1736 -21.77 11.96 101.66
N PRO A 1737 -21.82 12.32 102.95
CA PRO A 1737 -22.07 11.31 103.98
C PRO A 1737 -23.55 11.17 104.30
N LEU A 1738 -23.87 10.25 105.20
CA LEU A 1738 -25.24 10.04 105.67
C LEU A 1738 -25.39 10.68 107.04
N THR A 1739 -26.36 11.58 107.16
CA THR A 1739 -26.56 12.36 108.37
C THR A 1739 -27.99 12.89 108.36
N PRO A 1740 -28.54 13.27 109.52
CA PRO A 1740 -29.85 13.95 109.51
C PRO A 1740 -29.88 15.23 108.69
N GLU A 1741 -28.75 15.94 108.58
CA GLU A 1741 -28.70 17.15 107.78
C GLU A 1741 -28.99 16.86 106.31
N THR A 1742 -28.39 15.80 105.75
CA THR A 1742 -28.70 15.40 104.39
C THR A 1742 -29.96 14.56 104.29
N ARG A 1743 -30.50 14.08 105.42
CA ARG A 1743 -31.81 13.44 105.39
C ARG A 1743 -32.92 14.46 105.24
N ALA A 1744 -32.78 15.61 105.90
CA ALA A 1744 -33.77 16.68 105.84
C ALA A 1744 -33.42 17.70 104.77
N ILE A 1745 -33.20 17.23 103.54
CA ILE A 1745 -32.95 18.12 102.41
C ILE A 1745 -33.56 17.49 101.16
N THR A 1746 -34.04 18.34 100.26
CA THR A 1746 -34.70 17.93 99.03
C THR A 1746 -34.72 19.13 98.10
N LEU A 1747 -35.51 19.04 97.02
CA LEU A 1747 -35.69 20.16 96.12
C LEU A 1747 -36.32 21.35 96.84
N PHE A 1748 -37.33 21.08 97.68
CA PHE A 1748 -38.02 22.06 98.53
C PHE A 1748 -38.52 23.26 97.76
N PRO A 1749 -39.61 23.15 96.99
CA PRO A 1749 -40.30 24.33 96.46
C PRO A 1749 -41.47 24.74 97.33
N PRO A 1750 -41.23 25.40 98.47
CA PRO A 1750 -42.33 25.68 99.41
C PRO A 1750 -43.14 26.88 98.96
N GLY A 1751 -44.37 26.63 98.49
CA GLY A 1751 -45.21 27.70 98.02
C GLY A 1751 -46.68 27.39 98.25
N ARG A 1752 -47.50 28.42 98.11
CA ARG A 1752 -48.95 28.31 98.26
C ARG A 1752 -49.54 27.89 96.90
N LYS A 1753 -49.37 26.60 96.59
CA LYS A 1753 -49.85 25.94 95.38
C LYS A 1753 -49.25 26.53 94.10
N GLY A 1754 -48.17 27.29 94.21
CA GLY A 1754 -47.51 27.85 93.04
C GLY A 1754 -46.01 27.76 93.11
N GLY A 1755 -45.48 27.28 94.25
CA GLY A 1755 -44.04 27.16 94.40
C GLY A 1755 -43.44 26.13 93.46
N ASN A 1756 -44.11 24.98 93.31
CA ASN A 1756 -43.63 23.96 92.39
C ASN A 1756 -43.69 24.43 90.94
N ALA A 1757 -44.76 25.17 90.59
CA ALA A 1757 -44.88 25.71 89.25
C ALA A 1757 -43.79 26.74 88.98
N ARG A 1758 -43.49 27.60 89.95
CA ARG A 1758 -42.45 28.61 89.81
C ARG A 1758 -41.10 27.99 90.14
N ARG A 1759 -40.07 28.83 90.29
CA ARG A 1759 -38.74 28.35 90.62
C ARG A 1759 -38.72 27.77 92.03
N HIS A 1760 -37.97 26.68 92.20
CA HIS A 1760 -37.89 26.02 93.51
C HIS A 1760 -37.18 26.91 94.53
N GLY A 1761 -36.12 27.60 94.12
CA GLY A 1761 -35.40 28.45 95.04
C GLY A 1761 -34.37 29.29 94.32
N LEU A 1762 -33.99 30.38 94.97
CA LEU A 1762 -32.97 31.28 94.45
C LEU A 1762 -31.60 30.61 94.48
N PRO A 1763 -30.73 30.93 93.52
CA PRO A 1763 -29.38 30.32 93.52
C PRO A 1763 -28.56 30.76 94.71
N GLY A 1764 -27.94 29.79 95.37
CA GLY A 1764 -27.19 30.05 96.58
C GLY A 1764 -27.95 29.62 97.83
N VAL A 1765 -27.59 28.47 98.38
CA VAL A 1765 -28.21 27.91 99.58
C VAL A 1765 -27.12 27.74 100.63
N GLY A 1766 -27.45 28.08 101.88
CA GLY A 1766 -26.47 27.98 102.95
C GLY A 1766 -26.03 26.55 103.23
N VAL A 1767 -26.96 25.60 103.14
CA VAL A 1767 -26.68 24.21 103.45
C VAL A 1767 -26.26 23.49 102.17
N THR A 1768 -25.16 22.74 102.25
CA THR A 1768 -24.67 21.92 101.15
C THR A 1768 -24.44 20.46 101.55
N THR A 1769 -23.94 20.23 102.76
CA THR A 1769 -23.65 18.91 103.31
C THR A 1769 -22.72 18.12 102.38
N SER A 1770 -21.50 18.66 102.27
CA SER A 1770 -20.45 18.03 101.48
C SER A 1770 -19.14 18.12 102.26
N LEU A 1771 -18.25 17.18 101.98
CA LEU A 1771 -16.97 17.08 102.68
C LEU A 1771 -15.92 17.87 101.92
N ARG A 1772 -15.49 19.00 102.49
CA ARG A 1772 -14.44 19.82 101.93
C ARG A 1772 -13.39 20.11 103.01
N PRO A 1773 -12.11 20.10 102.66
CA PRO A 1773 -11.08 20.34 103.67
C PRO A 1773 -11.07 21.80 104.09
N PRO A 1774 -10.61 22.09 105.31
CA PRO A 1774 -10.54 23.50 105.76
C PRO A 1774 -9.42 24.27 105.07
N HIS A 1775 -9.23 25.53 105.48
CA HIS A 1775 -8.26 26.40 104.83
C HIS A 1775 -6.89 26.41 105.49
N HIS A 1776 -6.85 26.26 106.83
CA HIS A 1776 -5.62 26.20 107.61
C HIS A 1776 -4.76 27.45 107.42
N PHE A 1777 -5.32 28.57 107.85
CA PHE A 1777 -4.60 29.84 107.86
C PHE A 1777 -3.73 29.95 109.10
N SER A 1778 -2.61 30.66 108.96
CA SER A 1778 -1.67 30.86 110.06
C SER A 1778 -1.31 32.32 110.17
N PRO A 1779 -1.04 32.81 111.39
CA PRO A 1779 -0.68 34.22 111.55
C PRO A 1779 0.66 34.52 110.90
N PRO A 1780 0.86 35.74 110.39
CA PRO A 1780 2.14 36.09 109.79
C PRO A 1780 3.26 36.12 110.83
N CYS A 1781 4.47 35.80 110.39
CA CYS A 1781 5.64 35.77 111.26
C CYS A 1781 6.84 36.29 110.46
N PHE A 1782 7.16 37.57 110.63
CA PHE A 1782 8.29 38.21 109.98
C PHE A 1782 9.56 38.16 110.81
N VAL A 1783 9.53 37.48 111.96
CA VAL A 1783 10.72 37.39 112.81
C VAL A 1783 11.82 36.59 112.12
N ALA A 1784 11.44 35.50 111.45
CA ALA A 1784 12.40 34.65 110.75
C ALA A 1784 12.96 35.40 109.55
N ALA A 1785 14.23 35.80 109.64
CA ALA A 1785 14.86 36.52 108.55
C ALA A 1785 15.00 35.66 107.30
N LEU A 1786 15.36 34.39 107.47
CA LEU A 1786 15.53 33.50 106.34
C LEU A 1786 14.77 32.19 106.56
N GLU A 1793 12.91 20.01 105.85
CA GLU A 1793 12.00 18.87 105.75
C GLU A 1793 10.56 19.31 105.96
N ALA A 1794 10.28 19.84 107.14
CA ALA A 1794 8.95 20.35 107.45
C ALA A 1794 8.64 21.59 106.61
N PRO A 1795 7.37 21.82 106.27
CA PRO A 1795 7.01 23.05 105.57
C PRO A 1795 7.35 24.28 106.39
N ALA A 1796 7.82 25.33 105.71
CA ALA A 1796 8.20 26.56 106.40
C ALA A 1796 6.99 27.24 107.03
N ARG A 1797 6.07 27.71 106.19
CA ARG A 1797 4.85 28.36 106.66
C ARG A 1797 3.68 27.87 105.83
N LEU A 1798 2.46 28.13 106.33
CA LEU A 1798 1.26 27.70 105.63
C LEU A 1798 0.76 28.78 104.68
N SER A 1799 0.40 29.96 105.23
CA SER A 1799 -0.07 31.12 104.48
C SER A 1799 -0.24 32.31 105.42
N PRO A 1800 -0.09 33.54 104.95
CA PRO A 1800 -0.40 34.70 105.79
C PRO A 1800 -1.89 34.82 106.07
N ALA A 1801 -2.22 35.43 107.21
CA ALA A 1801 -3.60 35.62 107.64
C ALA A 1801 -3.93 37.09 107.72
N ILE A 1802 -5.09 37.46 107.17
CA ILE A 1802 -5.60 38.83 107.19
C ILE A 1802 -7.06 38.79 107.64
N PRO A 1803 -7.58 39.91 108.18
CA PRO A 1803 -8.98 39.89 108.66
C PRO A 1803 -9.99 39.70 107.55
N LEU A 1804 -10.54 38.48 107.50
CA LEU A 1804 -11.40 38.07 106.40
C LEU A 1804 -12.79 38.70 106.48
N GLU A 1805 -13.33 38.87 107.68
CA GLU A 1805 -14.64 39.52 107.82
C GLU A 1805 -14.57 40.98 107.37
N ALA A 1806 -13.51 41.68 107.77
CA ALA A 1806 -13.33 43.08 107.35
C ALA A 1806 -13.11 43.16 105.85
N LEU A 1807 -12.32 42.24 105.28
CA LEU A 1807 -12.12 42.23 103.83
C LEU A 1807 -13.43 41.94 103.10
N ARG A 1808 -14.23 41.02 103.64
CA ARG A 1808 -15.53 40.70 103.04
C ARG A 1808 -16.46 41.91 103.03
N ASP A 1809 -16.57 42.59 104.17
CA ASP A 1809 -17.43 43.78 104.25
C ASP A 1809 -16.93 44.87 103.32
N LYS A 1810 -15.61 45.08 103.28
CA LYS A 1810 -15.04 46.11 102.40
C LYS A 1810 -15.31 45.79 100.93
N ALA A 1811 -15.12 44.52 100.53
CA ALA A 1811 -15.35 44.14 99.14
C ALA A 1811 -16.82 44.26 98.76
N LEU A 1812 -17.72 43.86 99.66
CA LEU A 1812 -19.15 43.98 99.37
C LEU A 1812 -19.56 45.45 99.23
N ARG A 1813 -19.07 46.31 100.12
CA ARG A 1813 -19.35 47.74 100.01
C ARG A 1813 -18.78 48.31 98.72
N MET A 1814 -17.58 47.89 98.34
CA MET A 1814 -16.95 48.40 97.12
C MET A 1814 -17.71 47.99 95.88
N LEU A 1815 -18.14 46.72 95.83
CA LEU A 1815 -18.94 46.26 94.69
C LEU A 1815 -20.28 46.98 94.63
N GLY A 1816 -20.90 47.23 95.79
CA GLY A 1816 -22.14 47.99 95.78
C GLY A 1816 -21.97 49.42 95.32
N GLU A 1817 -20.85 50.05 95.69
CA GLU A 1817 -20.61 51.44 95.32
C GLU A 1817 -20.14 51.60 93.88
N ALA A 1818 -19.45 50.61 93.33
CA ALA A 1818 -18.90 50.74 91.98
C ALA A 1818 -19.99 50.87 90.92
N VAL A 1819 -21.05 50.07 91.02
CA VAL A 1819 -22.12 50.14 90.05
C VAL A 1819 -22.90 51.45 90.19
N ARG A 1820 -23.06 51.93 91.42
CA ARG A 1820 -23.72 53.21 91.64
C ARG A 1820 -22.91 54.36 91.04
N ASP A 1821 -21.59 54.31 91.18
CA ASP A 1821 -20.73 55.31 90.56
C ASP A 1821 -20.78 55.23 89.04
N GLY A 1822 -20.79 54.00 88.49
CA GLY A 1822 -20.78 53.84 87.05
C GLY A 1822 -22.11 54.10 86.38
N GLY A 1823 -23.21 54.07 87.12
CA GLY A 1823 -24.51 54.32 86.53
C GLY A 1823 -24.74 55.75 86.08
N GLN A 1824 -23.95 56.69 86.59
CA GLN A 1824 -24.08 58.10 86.23
C GLN A 1824 -23.32 58.47 84.96
N HIS A 1825 -22.61 57.51 84.37
CA HIS A 1825 -21.77 57.68 83.16
C HIS A 1825 -20.96 58.98 83.20
N ALA A 1826 -20.21 59.14 84.29
CA ALA A 1826 -19.39 60.33 84.47
C ALA A 1826 -18.20 60.33 83.51
N ARG A 1827 -17.66 61.51 83.27
CA ARG A 1827 -16.53 61.69 82.36
C ARG A 1827 -15.19 61.44 83.03
N ASP A 1828 -15.17 61.14 84.33
CA ASP A 1828 -13.94 60.85 85.07
C ASP A 1828 -14.11 59.53 85.81
N PRO A 1829 -14.00 58.40 85.11
CA PRO A 1829 -14.10 57.11 85.79
C PRO A 1829 -12.92 56.87 86.72
N VAL A 1830 -13.18 56.10 87.79
CA VAL A 1830 -12.14 55.76 88.74
C VAL A 1830 -11.13 54.82 88.09
N GLY A 1831 -9.84 55.08 88.34
CA GLY A 1831 -8.79 54.29 87.74
C GLY A 1831 -8.38 54.72 86.35
N GLY A 1832 -9.05 55.72 85.76
CA GLY A 1832 -8.74 56.20 84.44
C GLY A 1832 -9.55 55.58 83.33
N SER A 1833 -10.18 54.43 83.57
CA SER A 1833 -10.97 53.76 82.53
C SER A 1833 -11.94 52.80 83.21
N VAL A 1834 -12.96 52.42 82.44
CA VAL A 1834 -13.96 51.46 82.91
C VAL A 1834 -13.31 50.10 83.16
N GLU A 1835 -12.30 49.74 82.35
CA GLU A 1835 -11.59 48.47 82.55
C GLU A 1835 -10.91 48.43 83.92
N PHE A 1836 -10.11 49.46 84.22
CA PHE A 1836 -9.45 49.52 85.52
C PHE A 1836 -10.43 49.76 86.66
N GLN A 1837 -11.61 50.30 86.36
CA GLN A 1837 -12.63 50.47 87.37
C GLN A 1837 -13.27 49.14 87.77
N PHE A 1838 -13.56 48.28 86.78
CA PHE A 1838 -14.41 47.12 87.02
C PHE A 1838 -13.66 45.80 87.12
N VAL A 1839 -12.59 45.60 86.33
CA VAL A 1839 -11.92 44.30 86.29
C VAL A 1839 -11.32 43.88 87.64
N PRO A 1840 -10.51 44.70 88.34
CA PRO A 1840 -9.88 44.19 89.58
C PRO A 1840 -10.86 43.88 90.69
N VAL A 1841 -11.89 44.72 90.89
CA VAL A 1841 -12.83 44.48 91.97
C VAL A 1841 -13.67 43.23 91.71
N LEU A 1842 -14.06 43.01 90.45
CA LEU A 1842 -14.82 41.80 90.12
C LEU A 1842 -13.94 40.56 90.23
N LYS A 1843 -12.66 40.67 89.85
CA LYS A 1843 -11.73 39.55 90.01
C LYS A 1843 -11.56 39.19 91.49
N LEU A 1844 -11.41 40.21 92.35
CA LEU A 1844 -11.27 39.97 93.78
C LEU A 1844 -12.54 39.36 94.36
N VAL A 1845 -13.71 39.84 93.93
CA VAL A 1845 -14.97 39.31 94.43
C VAL A 1845 -15.15 37.86 94.00
N SER A 1846 -14.80 37.54 92.75
CA SER A 1846 -14.88 36.15 92.29
C SER A 1846 -13.92 35.25 93.06
N THR A 1847 -12.70 35.74 93.33
CA THR A 1847 -11.73 34.96 94.10
C THR A 1847 -12.23 34.71 95.52
N LEU A 1848 -12.84 35.71 96.14
CA LEU A 1848 -13.40 35.51 97.48
C LEU A 1848 -14.59 34.56 97.44
N LEU A 1849 -15.42 34.64 96.41
CA LEU A 1849 -16.63 33.83 96.34
C LEU A 1849 -16.32 32.37 96.07
N VAL A 1850 -15.30 32.09 95.25
CA VAL A 1850 -15.01 30.71 94.87
C VAL A 1850 -14.55 29.86 96.07
N MET A 1851 -14.05 30.50 97.14
CA MET A 1851 -13.71 29.78 98.35
C MET A 1851 -14.90 29.56 99.28
N GLY A 1852 -16.07 30.13 98.96
CA GLY A 1852 -17.23 29.95 99.80
C GLY A 1852 -17.20 30.72 101.09
N ILE A 1853 -16.44 31.82 101.16
CA ILE A 1853 -16.35 32.58 102.40
C ILE A 1853 -17.61 33.41 102.65
N PHE A 1854 -18.40 33.68 101.61
CA PHE A 1854 -19.59 34.51 101.77
C PHE A 1854 -20.68 33.74 102.50
N GLY A 1855 -21.46 34.47 103.30
CA GLY A 1855 -22.61 33.90 103.96
C GLY A 1855 -23.82 33.87 103.05
N ASP A 1856 -24.95 33.43 103.61
CA ASP A 1856 -26.19 33.38 102.84
C ASP A 1856 -26.67 34.78 102.46
N GLU A 1857 -26.65 35.71 103.42
CA GLU A 1857 -27.07 37.08 103.14
C GLU A 1857 -26.11 37.77 102.18
N ASP A 1858 -24.81 37.51 102.32
CA ASP A 1858 -23.82 38.09 101.41
C ASP A 1858 -23.99 37.54 99.99
N VAL A 1859 -24.25 36.24 99.87
CA VAL A 1859 -24.50 35.65 98.56
C VAL A 1859 -25.77 36.23 97.95
N LYS A 1860 -26.80 36.43 98.76
CA LYS A 1860 -28.02 37.06 98.27
C LYS A 1860 -27.77 38.50 97.81
N GLN A 1861 -26.97 39.25 98.55
CA GLN A 1861 -26.67 40.63 98.17
C GLN A 1861 -25.86 40.69 96.88
N ILE A 1862 -24.91 39.77 96.71
CA ILE A 1862 -24.17 39.69 95.45
C ILE A 1862 -25.11 39.30 94.31
N LEU A 1863 -26.05 38.39 94.59
CA LEU A 1863 -27.02 37.95 93.60
C LEU A 1863 -27.96 39.08 93.17
N LYS A 1864 -28.30 39.97 94.10
CA LYS A 1864 -29.30 41.02 93.89
C LYS A 1864 -28.88 42.11 92.90
N MET A 1865 -27.76 41.99 92.19
CA MET A 1865 -27.38 43.01 91.23
C MET A 1865 -28.38 43.12 90.07
N ILE A 1866 -29.09 42.04 89.76
CA ILE A 1866 -30.16 42.10 88.77
C ILE A 1866 -31.48 41.94 89.51
N GLU A 1867 -32.04 43.06 89.99
CA GLU A 1867 -33.21 43.02 90.85
C GLU A 1867 -34.46 42.48 90.18
N PRO A 1868 -34.92 42.96 89.01
CA PRO A 1868 -36.16 42.40 88.43
C PRO A 1868 -36.07 40.92 88.10
N GLU A 1869 -34.90 40.45 87.67
CA GLU A 1869 -34.75 39.03 87.35
C GLU A 1869 -34.66 38.18 88.60
N VAL A 1870 -33.93 38.62 89.62
CA VAL A 1870 -33.78 37.84 90.85
C VAL A 1870 -35.10 37.77 91.59
N PHE A 1871 -35.76 38.91 91.79
CA PHE A 1871 -37.04 39.01 92.51
C PHE A 1871 -36.96 38.38 93.89
N THR A 1872 -36.14 38.99 94.75
CA THR A 1872 -35.94 38.48 96.10
C THR A 1872 -37.23 38.51 96.91
N GLU A 1873 -38.01 39.58 96.79
CA GLU A 1873 -39.29 39.66 97.47
C GLU A 1873 -40.29 38.71 96.82
N GLU A 1874 -41.07 38.02 97.66
CA GLU A 1874 -42.06 37.06 97.17
C GLU A 1874 -43.22 36.92 98.15
N LEU A 1922 -34.05 54.65 91.06
CA LEU A 1922 -34.05 53.86 89.83
C LEU A 1922 -32.91 52.84 89.84
N GLU A 1923 -33.22 51.63 90.29
CA GLU A 1923 -32.22 50.57 90.33
C GLU A 1923 -31.89 50.08 88.93
N GLU A 1924 -30.60 49.98 88.62
CA GLU A 1924 -30.13 49.55 87.32
C GLU A 1924 -29.25 48.31 87.48
N GLY A 1925 -29.51 47.29 86.68
CA GLY A 1925 -28.74 46.06 86.77
C GLY A 1925 -27.38 46.18 86.11
N LEU A 1926 -26.49 45.25 86.49
CA LEU A 1926 -25.16 45.19 85.90
C LEU A 1926 -25.20 44.73 84.45
N LEU A 1927 -26.23 43.97 84.05
CA LEU A 1927 -26.30 43.47 82.69
C LEU A 1927 -26.67 44.57 81.70
N GLN A 1928 -27.51 45.52 82.12
CA GLN A 1928 -28.06 46.50 81.21
C GLN A 1928 -26.99 47.45 80.65
N MET A 1929 -26.06 47.88 81.50
CA MET A 1929 -25.06 48.85 81.07
C MET A 1929 -24.07 48.24 80.09
N LYS A 1930 -23.57 49.08 79.20
CA LYS A 1930 -22.59 48.64 78.20
C LYS A 1930 -21.27 48.31 78.86
N LEU A 1931 -20.53 47.38 78.24
CA LEU A 1931 -19.27 46.88 78.76
C LEU A 1931 -18.21 46.92 77.68
N PRO A 1932 -16.92 47.04 78.08
CA PRO A 1932 -15.85 47.15 77.07
C PRO A 1932 -15.39 45.81 76.52
N GLU A 1933 -16.20 44.77 76.66
CA GLU A 1933 -15.99 43.43 76.11
C GLU A 1933 -14.77 42.73 76.70
N SER A 1934 -14.30 43.16 77.86
CA SER A 1934 -13.25 42.45 78.58
C SER A 1934 -13.64 42.06 80.00
N VAL A 1935 -14.47 42.86 80.67
CA VAL A 1935 -15.01 42.48 81.97
C VAL A 1935 -16.10 41.42 81.83
N LYS A 1936 -16.59 41.20 80.60
CA LYS A 1936 -17.58 40.17 80.36
C LYS A 1936 -17.04 38.78 80.67
N LEU A 1937 -15.76 38.54 80.37
CA LEU A 1937 -15.13 37.27 80.70
C LEU A 1937 -15.08 37.05 82.21
N GLN A 1938 -14.73 38.10 82.96
CA GLN A 1938 -14.72 37.99 84.43
C GLN A 1938 -16.11 37.73 84.98
N MET A 1939 -17.12 38.40 84.43
CA MET A 1939 -18.48 38.19 84.93
C MET A 1939 -19.00 36.80 84.57
N CYS A 1940 -18.61 36.28 83.40
CA CYS A 1940 -18.95 34.90 83.04
C CYS A 1940 -18.26 33.91 83.98
N ASN A 1941 -16.99 34.17 84.32
CA ASN A 1941 -16.30 33.34 85.29
C ASN A 1941 -17.00 33.36 86.65
N LEU A 1942 -17.50 34.53 87.04
CA LEU A 1942 -18.29 34.64 88.27
C LEU A 1942 -19.57 33.82 88.18
N LEU A 1943 -20.27 33.88 87.04
CA LEU A 1943 -21.53 33.19 86.86
C LEU A 1943 -21.37 31.68 86.73
N GLU A 1944 -20.17 31.21 86.38
CA GLU A 1944 -19.92 29.77 86.26
C GLU A 1944 -20.14 29.06 87.59
N TYR A 1945 -19.70 29.67 88.69
CA TYR A 1945 -19.91 29.06 90.01
C TYR A 1945 -21.40 28.96 90.34
N PHE A 1946 -22.17 30.00 90.05
CA PHE A 1946 -23.60 29.97 90.30
C PHE A 1946 -24.29 28.91 89.46
N CYS A 1947 -23.84 28.74 88.21
CA CYS A 1947 -24.42 27.70 87.36
C CYS A 1947 -24.06 26.31 87.88
N ASP A 1948 -22.84 26.14 88.38
CA ASP A 1948 -22.39 24.84 88.88
C ASP A 1948 -23.11 24.46 90.19
N GLN A 1949 -23.50 25.47 90.97
CA GLN A 1949 -24.18 25.21 92.24
C GLN A 1949 -25.49 24.45 92.04
N GLU A 1950 -26.20 24.73 90.94
CA GLU A 1950 -27.44 24.01 90.66
C GLU A 1950 -27.20 22.52 90.48
N LEU A 1951 -26.20 22.17 89.66
CA LEU A 1951 -25.89 20.75 89.45
C LEU A 1951 -25.44 20.10 90.74
N GLN A 1952 -24.62 20.80 91.53
CA GLN A 1952 -24.16 20.25 92.81
C GLN A 1952 -25.33 19.96 93.75
N HIS A 1953 -26.20 20.96 93.95
CA HIS A 1953 -27.37 20.77 94.80
C HIS A 1953 -28.26 19.65 94.28
N ARG A 1954 -28.31 19.48 92.95
CA ARG A 1954 -29.06 18.36 92.38
C ARG A 1954 -28.44 17.02 92.77
N VAL A 1955 -27.10 16.94 92.78
CA VAL A 1955 -26.43 15.69 93.16
C VAL A 1955 -26.79 15.29 94.60
N GLU A 1956 -26.66 16.22 95.55
CA GLU A 1956 -27.09 15.82 96.90
C GLU A 1956 -28.61 15.70 97.08
N SER A 1957 -29.45 16.34 96.27
CA SER A 1957 -30.88 16.05 96.39
C SER A 1957 -31.19 14.62 95.96
N LEU A 1958 -30.58 14.18 94.85
CA LEU A 1958 -30.74 12.79 94.41
C LEU A 1958 -30.19 11.82 95.45
N ALA A 1959 -29.03 12.15 96.04
CA ALA A 1959 -28.46 11.30 97.08
C ALA A 1959 -29.37 11.24 98.31
N ALA A 1960 -30.01 12.36 98.66
CA ALA A 1960 -30.92 12.37 99.79
C ALA A 1960 -32.15 11.50 99.54
N PHE A 1961 -32.70 11.56 98.32
CA PHE A 1961 -33.86 10.72 98.02
C PHE A 1961 -33.50 9.24 97.95
N ALA A 1962 -32.28 8.94 97.49
CA ALA A 1962 -31.90 7.56 97.24
C ALA A 1962 -31.91 6.70 98.50
N GLU A 1963 -31.39 7.24 99.62
CA GLU A 1963 -31.33 6.46 100.84
C GLU A 1963 -32.72 6.13 101.38
N ARG A 1964 -33.64 7.09 101.34
CA ARG A 1964 -35.00 6.85 101.79
C ARG A 1964 -35.68 5.81 100.91
N TYR A 1965 -35.51 5.91 99.58
CA TYR A 1965 -36.15 4.94 98.70
C TYR A 1965 -35.55 3.55 98.89
N VAL A 1966 -34.25 3.45 99.12
CA VAL A 1966 -33.61 2.16 99.36
C VAL A 1966 -34.11 1.56 100.68
N ASP A 1967 -34.26 2.37 101.72
CA ASP A 1967 -34.79 1.88 102.98
C ASP A 1967 -36.21 1.35 102.84
N LYS A 1968 -37.07 2.09 102.11
CA LYS A 1968 -38.43 1.61 101.87
C LYS A 1968 -38.43 0.33 101.06
N LEU A 1969 -37.56 0.24 100.05
CA LEU A 1969 -37.50 -0.94 99.21
C LEU A 1969 -37.05 -2.16 100.00
N GLN A 1970 -36.04 -2.00 100.86
CA GLN A 1970 -35.57 -3.15 101.63
C GLN A 1970 -36.57 -3.55 102.72
N ALA A 1971 -37.32 -2.59 103.27
CA ALA A 1971 -38.40 -2.95 104.19
C ALA A 1971 -39.48 -3.76 103.48
N ASN A 1972 -39.86 -3.34 102.27
CA ASN A 1972 -40.85 -4.08 101.50
C ASN A 1972 -40.33 -5.46 101.13
N GLN A 1973 -39.04 -5.56 100.78
CA GLN A 1973 -38.46 -6.86 100.45
C GLN A 1973 -38.43 -7.79 101.66
N ARG A 1974 -38.13 -7.25 102.85
CA ARG A 1974 -38.18 -8.06 104.07
C ARG A 1974 -39.59 -8.55 104.33
N SER A 1975 -40.59 -7.69 104.15
CA SER A 1975 -41.98 -8.11 104.36
C SER A 1975 -42.38 -9.20 103.36
N ARG A 1976 -41.99 -9.04 102.10
CA ARG A 1976 -42.31 -10.05 101.08
C ARG A 1976 -41.62 -11.37 101.36
N TYR A 1977 -40.36 -11.33 101.80
CA TYR A 1977 -39.64 -12.56 102.12
C TYR A 1977 -40.25 -13.26 103.33
N ALA A 1978 -40.68 -12.50 104.34
CA ALA A 1978 -41.37 -13.10 105.47
C ALA A 1978 -42.68 -13.75 105.04
N LEU A 1979 -43.44 -13.08 104.16
CA LEU A 1979 -44.69 -13.65 103.67
C LEU A 1979 -44.44 -14.91 102.86
N LEU A 1980 -43.40 -14.93 102.03
CA LEU A 1980 -43.07 -16.12 101.25
C LEU A 1980 -42.61 -17.26 102.15
N MET A 1981 -41.81 -16.96 103.17
CA MET A 1981 -41.36 -18.00 104.11
C MET A 1981 -42.51 -18.55 104.92
N ARG A 1982 -43.54 -17.75 105.18
CA ARG A 1982 -44.72 -18.24 105.89
C ARG A 1982 -45.43 -19.33 105.10
N ALA A 1983 -45.52 -19.17 103.79
CA ALA A 1983 -46.20 -20.16 102.94
C ALA A 1983 -45.35 -21.42 102.82
N PHE A 1984 -45.95 -22.58 103.10
CA PHE A 1984 -45.27 -23.86 103.01
C PHE A 1984 -45.58 -24.61 101.73
N THR A 1985 -46.32 -24.02 100.81
CA THR A 1985 -46.69 -24.70 99.57
C THR A 1985 -45.47 -24.89 98.68
N MET A 1986 -45.40 -26.06 98.04
CA MET A 1986 -44.30 -26.42 97.17
C MET A 1986 -44.83 -26.66 95.75
N SER A 1987 -44.24 -25.95 94.79
CA SER A 1987 -44.62 -26.08 93.39
C SER A 1987 -43.48 -25.59 92.52
N ALA A 1988 -43.55 -25.93 91.23
CA ALA A 1988 -42.54 -25.48 90.29
C ALA A 1988 -42.56 -23.96 90.13
N ALA A 1989 -43.76 -23.38 90.05
CA ALA A 1989 -43.88 -21.92 89.95
C ALA A 1989 -43.38 -21.24 91.22
N GLU A 1990 -43.70 -21.82 92.39
CA GLU A 1990 -43.21 -21.26 93.65
C GLU A 1990 -41.70 -21.33 93.74
N THR A 1991 -41.11 -22.45 93.30
CA THR A 1991 -39.65 -22.57 93.28
C THR A 1991 -39.02 -21.55 92.33
N ALA A 1992 -39.62 -21.38 91.15
CA ALA A 1992 -39.10 -20.40 90.19
C ALA A 1992 -39.19 -18.99 90.74
N ARG A 1993 -40.28 -18.67 91.44
CA ARG A 1993 -40.40 -17.36 92.08
C ARG A 1993 -39.39 -17.20 93.20
N ARG A 1994 -39.09 -18.27 93.94
CA ARG A 1994 -38.14 -18.18 95.04
C ARG A 1994 -36.69 -18.12 94.58
N THR A 1995 -36.40 -18.59 93.35
CA THR A 1995 -35.02 -18.60 92.87
C THR A 1995 -34.41 -17.22 92.73
N ARG A 1996 -35.22 -16.17 92.60
CA ARG A 1996 -34.66 -14.83 92.38
C ARG A 1996 -33.88 -14.35 93.60
N GLU A 1997 -34.32 -14.72 94.82
CA GLU A 1997 -33.60 -14.30 96.01
C GLU A 1997 -32.35 -15.14 96.24
N PHE A 1998 -32.43 -16.46 96.02
CA PHE A 1998 -31.28 -17.33 96.22
C PHE A 1998 -30.18 -17.06 95.20
N ARG A 1999 -30.54 -17.01 93.92
CA ARG A 1999 -29.63 -16.58 92.87
C ARG A 1999 -29.68 -15.06 92.77
N SER A 2000 -29.19 -14.49 91.66
CA SER A 2000 -29.29 -13.06 91.37
C SER A 2000 -28.60 -12.22 92.43
N PRO A 2001 -27.27 -12.10 92.38
CA PRO A 2001 -26.51 -11.27 93.36
C PRO A 2001 -27.08 -9.87 93.49
N PRO A 2002 -26.73 -9.13 94.56
CA PRO A 2002 -27.44 -7.87 94.86
C PRO A 2002 -27.45 -6.83 93.76
N GLN A 2003 -26.44 -6.81 92.88
CA GLN A 2003 -26.51 -5.95 91.71
C GLN A 2003 -27.69 -6.33 90.82
N GLU A 2004 -27.84 -7.63 90.53
CA GLU A 2004 -28.99 -8.09 89.75
C GLU A 2004 -30.29 -7.88 90.50
N GLN A 2005 -30.28 -8.06 91.82
CA GLN A 2005 -31.48 -7.83 92.62
C GLN A 2005 -31.95 -6.39 92.51
N ILE A 2006 -31.05 -5.43 92.73
CA ILE A 2006 -31.41 -4.02 92.65
C ILE A 2006 -31.69 -3.60 91.21
N ASN A 2007 -31.17 -4.33 90.22
CA ASN A 2007 -31.51 -4.02 88.85
C ASN A 2007 -32.91 -4.48 88.48
N MET A 2008 -33.35 -5.64 89.00
CA MET A 2008 -34.58 -6.25 88.54
C MET A 2008 -35.81 -5.42 88.92
N LEU A 2009 -35.94 -5.05 90.19
CA LEU A 2009 -37.15 -4.34 90.60
C LEU A 2009 -37.12 -2.88 90.14
N LEU A 2010 -35.93 -2.30 89.99
CA LEU A 2010 -35.83 -0.97 89.39
C LEU A 2010 -36.28 -0.99 87.93
N HIS A 2011 -35.88 -2.03 87.18
CA HIS A 2011 -36.35 -2.16 85.80
C HIS A 2011 -37.86 -2.38 85.75
N PHE A 2012 -38.39 -3.16 86.69
CA PHE A 2012 -39.84 -3.37 86.75
C PHE A 2012 -40.57 -2.07 87.06
N LYS A 2013 -40.05 -1.27 87.99
CA LYS A 2013 -40.69 -0.01 88.35
C LYS A 2013 -40.62 1.00 87.20
N ASP A 2014 -39.47 1.08 86.53
CA ASP A 2014 -39.28 2.02 85.43
C ASP A 2014 -39.64 1.29 84.14
N GLU A 2015 -40.92 1.34 83.78
CA GLU A 2015 -41.43 0.68 82.58
C GLU A 2015 -42.17 1.70 81.71
N ALA A 2016 -42.10 1.48 80.40
CA ALA A 2016 -42.76 2.39 79.46
C ALA A 2016 -44.27 2.25 79.51
N ASP A 2017 -44.78 1.07 79.15
CA ASP A 2017 -46.21 0.81 79.14
C ASP A 2017 -46.62 -0.49 79.82
N GLU A 2018 -45.72 -1.48 79.91
CA GLU A 2018 -46.04 -2.76 80.53
C GLU A 2018 -44.82 -3.26 81.29
N GLU A 2019 -45.05 -3.85 82.46
CA GLU A 2019 -43.98 -4.38 83.29
C GLU A 2019 -44.13 -5.84 83.64
N ASP A 2020 -45.36 -6.34 83.79
CA ASP A 2020 -45.65 -7.72 84.21
C ASP A 2020 -44.92 -8.06 85.51
N CYS A 2021 -44.97 -7.13 86.47
CA CYS A 2021 -44.22 -7.24 87.70
C CYS A 2021 -45.14 -7.57 88.87
N PRO A 2022 -45.09 -8.78 89.44
CA PRO A 2022 -45.88 -9.08 90.62
C PRO A 2022 -45.21 -8.77 91.94
N LEU A 2023 -43.90 -8.53 91.95
CA LEU A 2023 -43.15 -8.30 93.18
C LEU A 2023 -43.32 -6.87 93.73
N PRO A 2024 -43.14 -5.79 92.96
CA PRO A 2024 -43.30 -4.45 93.54
C PRO A 2024 -44.74 -4.17 93.95
N GLU A 2025 -44.88 -3.39 95.02
CA GLU A 2025 -46.18 -3.00 95.54
C GLU A 2025 -46.67 -1.74 94.83
N ASP A 2026 -47.71 -1.12 95.37
CA ASP A 2026 -48.29 0.08 94.79
C ASP A 2026 -47.53 1.34 95.19
N ILE A 2027 -46.47 1.23 95.99
CA ILE A 2027 -45.68 2.39 96.41
C ILE A 2027 -44.66 2.81 95.37
N ARG A 2028 -44.63 2.16 94.20
CA ARG A 2028 -43.67 2.51 93.16
C ARG A 2028 -43.98 3.83 92.47
N GLN A 2029 -45.16 4.43 92.73
CA GLN A 2029 -45.48 5.73 92.15
C GLN A 2029 -44.63 6.85 92.72
N ASP A 2030 -44.04 6.65 93.91
CA ASP A 2030 -43.17 7.66 94.50
C ASP A 2030 -41.93 7.89 93.64
N LEU A 2031 -41.35 6.81 93.10
CA LEU A 2031 -40.20 6.95 92.21
C LEU A 2031 -40.57 7.72 90.95
N GLN A 2032 -41.74 7.44 90.37
CA GLN A 2032 -42.18 8.16 89.18
C GLN A 2032 -42.42 9.63 89.50
N ASP A 2033 -43.01 9.94 90.66
CA ASP A 2033 -43.23 11.33 91.04
C ASP A 2033 -41.91 12.06 91.24
N PHE A 2034 -40.94 11.42 91.89
CA PHE A 2034 -39.63 12.04 92.08
C PHE A 2034 -38.93 12.26 90.75
N HIS A 2035 -39.02 11.27 89.84
CA HIS A 2035 -38.40 11.42 88.52
C HIS A 2035 -39.03 12.56 87.74
N GLN A 2036 -40.36 12.69 87.82
CA GLN A 2036 -41.04 13.81 87.15
C GLN A 2036 -40.62 15.14 87.74
N ASP A 2037 -40.52 15.22 89.07
CA ASP A 2037 -40.09 16.46 89.71
C ASP A 2037 -38.67 16.83 89.33
N LEU A 2038 -37.76 15.85 89.32
CA LEU A 2038 -36.38 16.10 88.96
C LEU A 2038 -36.26 16.52 87.50
N LEU A 2039 -37.03 15.87 86.61
CA LEU A 2039 -36.97 16.23 85.19
C LEU A 2039 -37.56 17.61 84.94
N ALA A 2040 -38.57 17.99 85.72
CA ALA A 2040 -39.09 19.36 85.64
C ALA A 2040 -38.08 20.37 86.15
N HIS A 2041 -37.35 20.02 87.22
CA HIS A 2041 -36.32 20.91 87.74
C HIS A 2041 -35.19 21.08 86.74
N CYS A 2042 -34.83 20.02 86.03
CA CYS A 2042 -33.74 20.06 85.07
C CYS A 2042 -34.12 20.91 83.85
N GLY A 2043 -33.20 20.98 82.89
CA GLY A 2043 -33.39 21.80 81.71
C GLY A 2043 -34.54 21.37 80.82
N ILE A 2044 -34.98 20.12 80.92
CA ILE A 2044 -36.12 19.65 80.15
C ILE A 2044 -37.38 20.32 80.68
N GLN A 2045 -38.17 20.90 79.77
CA GLN A 2045 -39.36 21.65 80.17
C GLN A 2045 -40.44 20.74 80.74
N LEU A 2046 -40.57 19.53 80.19
CA LEU A 2046 -41.59 18.55 80.56
C LEU A 2046 -43.01 19.07 80.35
N GLU A 2047 -43.19 20.00 79.41
CA GLU A 2047 -44.49 20.56 79.09
C GLU A 2047 -45.01 20.15 77.72
N GLY A 2048 -44.13 20.01 76.73
CA GLY A 2048 -44.54 19.61 75.40
C GLY A 2048 -43.78 18.40 74.89
N LYS A 2089 -40.12 38.96 76.01
CA LYS A 2089 -40.80 38.75 77.28
C LYS A 2089 -39.84 38.91 78.46
N LYS A 2090 -40.06 38.13 79.51
CA LYS A 2090 -39.22 38.17 80.69
C LYS A 2090 -38.65 36.78 80.97
N PRO A 2091 -37.36 36.69 81.29
CA PRO A 2091 -36.76 35.37 81.58
C PRO A 2091 -37.30 34.74 82.84
N GLN A 2092 -37.29 35.50 83.94
CA GLN A 2092 -37.76 35.09 85.26
C GLN A 2092 -37.02 33.86 85.81
N SER A 2093 -35.87 33.51 85.25
CA SER A 2093 -35.10 32.36 85.70
C SER A 2093 -33.65 32.56 85.29
N LEU A 2094 -32.76 31.90 86.05
CA LEU A 2094 -31.33 31.98 85.75
C LEU A 2094 -31.00 31.36 84.39
N GLN A 2095 -31.65 30.24 84.06
CA GLN A 2095 -31.40 29.57 82.79
C GLN A 2095 -31.80 30.45 81.61
N GLU A 2096 -33.01 30.99 81.63
CA GLU A 2096 -33.47 31.86 80.55
C GLU A 2096 -32.64 33.14 80.50
N LEU A 2097 -32.25 33.67 81.66
CA LEU A 2097 -31.37 34.83 81.71
C LEU A 2097 -30.06 34.56 80.99
N VAL A 2098 -29.43 33.42 81.30
CA VAL A 2098 -28.14 33.08 80.69
C VAL A 2098 -28.28 32.92 79.19
N SER A 2099 -29.33 32.20 78.76
CA SER A 2099 -29.52 31.96 77.33
C SER A 2099 -29.76 33.25 76.57
N HIS A 2100 -30.70 34.08 77.07
CA HIS A 2100 -31.04 35.33 76.38
C HIS A 2100 -29.88 36.31 76.40
N MET A 2101 -29.16 36.40 77.52
CA MET A 2101 -28.01 37.29 77.63
C MET A 2101 -26.89 36.87 76.69
N VAL A 2102 -26.61 35.57 76.59
CA VAL A 2102 -25.55 35.10 75.71
C VAL A 2102 -25.94 35.34 74.25
N VAL A 2103 -27.21 35.10 73.90
CA VAL A 2103 -27.64 35.35 72.53
C VAL A 2103 -27.56 36.84 72.19
N ARG A 2104 -27.94 37.71 73.14
CA ARG A 2104 -27.81 39.15 72.90
C ARG A 2104 -26.35 39.57 72.76
N TRP A 2105 -25.47 39.00 73.57
CA TRP A 2105 -24.05 39.34 73.48
C TRP A 2105 -23.46 38.92 72.14
N ALA A 2106 -23.86 37.74 71.66
CA ALA A 2106 -23.41 37.29 70.34
C ALA A 2106 -24.02 38.13 69.21
N GLN A 2107 -25.24 38.63 69.42
CA GLN A 2107 -25.95 39.39 68.39
C GLN A 2107 -25.51 40.85 68.32
N GLU A 2108 -24.99 41.42 69.41
CA GLU A 2108 -24.71 42.84 69.46
C GLU A 2108 -23.62 43.25 68.48
N ASP A 2109 -22.47 42.58 68.53
CA ASP A 2109 -21.34 42.97 67.70
C ASP A 2109 -20.40 41.78 67.55
N TYR A 2110 -19.48 41.90 66.59
CA TYR A 2110 -18.46 40.87 66.40
C TYR A 2110 -17.54 40.85 67.61
N VAL A 2111 -17.20 39.65 68.08
CA VAL A 2111 -16.52 39.45 69.35
C VAL A 2111 -15.12 38.94 69.09
N GLN A 2112 -14.12 39.66 69.61
CA GLN A 2112 -12.73 39.23 69.56
C GLN A 2112 -12.42 38.44 70.83
N SER A 2113 -11.12 38.28 71.16
CA SER A 2113 -10.64 37.62 72.38
C SER A 2113 -11.22 36.21 72.50
N PRO A 2114 -10.68 35.23 71.75
CA PRO A 2114 -11.34 33.91 71.65
C PRO A 2114 -11.61 33.22 72.97
N GLU A 2115 -10.90 33.56 74.04
CA GLU A 2115 -11.24 33.04 75.36
C GLU A 2115 -12.66 33.45 75.77
N LEU A 2116 -13.05 34.69 75.47
CA LEU A 2116 -14.42 35.12 75.72
C LEU A 2116 -15.42 34.27 74.93
N VAL A 2117 -15.14 34.02 73.65
CA VAL A 2117 -16.03 33.23 72.81
C VAL A 2117 -16.17 31.82 73.36
N ARG A 2118 -15.03 31.21 73.73
CA ARG A 2118 -15.04 29.85 74.26
C ARG A 2118 -15.83 29.77 75.56
N ALA A 2119 -15.62 30.73 76.46
CA ALA A 2119 -16.34 30.72 77.73
C ALA A 2119 -17.83 30.94 77.53
N MET A 2120 -18.20 31.86 76.64
CA MET A 2120 -19.61 32.13 76.37
C MET A 2120 -20.31 30.92 75.79
N PHE A 2121 -19.70 30.28 74.79
CA PHE A 2121 -20.34 29.14 74.15
C PHE A 2121 -20.36 27.92 75.08
N SER A 2122 -19.32 27.74 75.90
CA SER A 2122 -19.36 26.68 76.90
C SER A 2122 -20.48 26.89 77.91
N LEU A 2123 -20.66 28.14 78.36
CA LEU A 2123 -21.75 28.44 79.28
C LEU A 2123 -23.11 28.19 78.62
N LEU A 2124 -23.25 28.57 77.34
CA LEU A 2124 -24.47 28.29 76.59
C LEU A 2124 -24.75 26.80 76.52
N HIS A 2125 -23.74 26.01 76.17
CA HIS A 2125 -23.94 24.58 75.99
C HIS A 2125 -24.26 23.89 77.32
N ARG A 2126 -23.55 24.26 78.40
CA ARG A 2126 -23.81 23.66 79.71
C ARG A 2126 -25.18 24.05 80.24
N GLN A 2127 -25.57 25.31 80.06
CA GLN A 2127 -26.90 25.77 80.46
C GLN A 2127 -28.01 25.06 79.68
N TYR A 2128 -27.85 24.90 78.37
CA TYR A 2128 -28.87 24.19 77.58
C TYR A 2128 -28.91 22.70 77.89
N ASP A 2129 -27.75 22.06 78.07
CA ASP A 2129 -27.68 20.63 78.33
C ASP A 2129 -27.63 20.40 79.84
N GLY A 2130 -28.78 20.61 80.48
CA GLY A 2130 -28.84 20.43 81.92
C GLY A 2130 -28.79 18.97 82.33
N LEU A 2131 -29.57 18.11 81.66
CA LEU A 2131 -29.63 16.70 82.04
C LEU A 2131 -28.40 15.94 81.58
N GLY A 2132 -27.82 16.32 80.44
CA GLY A 2132 -26.59 15.70 80.00
C GLY A 2132 -25.43 15.94 80.95
N GLU A 2133 -25.37 17.14 81.53
CA GLU A 2133 -24.36 17.43 82.53
C GLU A 2133 -24.54 16.55 83.77
N LEU A 2134 -25.79 16.34 84.19
CA LEU A 2134 -26.07 15.44 85.31
C LEU A 2134 -25.63 14.01 84.97
N LEU A 2135 -25.92 13.56 83.75
CA LEU A 2135 -25.52 12.21 83.36
C LEU A 2135 -24.00 12.07 83.34
N ARG A 2136 -23.30 13.11 82.89
CA ARG A 2136 -21.83 13.05 82.84
C ARG A 2136 -21.23 13.10 84.24
N ALA A 2137 -21.82 13.88 85.14
CA ALA A 2137 -21.28 14.05 86.48
C ALA A 2137 -21.75 12.99 87.48
N LEU A 2138 -22.72 12.15 87.10
CA LEU A 2138 -23.18 11.10 88.00
C LEU A 2138 -22.11 10.11 88.45
N PRO A 2139 -21.19 9.61 87.60
CA PRO A 2139 -20.20 8.65 88.13
C PRO A 2139 -19.30 9.19 89.23
N ARG A 2140 -19.07 10.50 89.29
CA ARG A 2140 -18.21 11.06 90.32
C ARG A 2140 -18.88 11.14 91.70
N ALA A 2141 -20.19 10.95 91.76
CA ALA A 2141 -20.90 11.03 93.04
C ALA A 2141 -20.62 9.79 93.89
N TYR A 2142 -20.56 10.02 95.21
CA TYR A 2142 -20.32 8.91 96.13
C TYR A 2142 -21.00 9.22 97.46
N THR A 2143 -21.43 8.15 98.13
CA THR A 2143 -22.12 8.22 99.41
C THR A 2143 -21.37 7.39 100.44
N ILE A 2144 -21.21 7.91 101.66
CA ILE A 2144 -20.52 7.18 102.72
C ILE A 2144 -21.30 7.25 104.02
N SER A 2145 -21.14 6.19 104.82
CA SER A 2145 -21.76 6.11 106.14
C SER A 2145 -21.07 7.07 107.11
N PRO A 2146 -21.78 7.54 108.15
CA PRO A 2146 -21.13 8.38 109.17
C PRO A 2146 -20.07 7.65 109.98
N SER A 2147 -19.44 8.39 110.90
CA SER A 2147 -18.31 7.94 111.74
C SER A 2147 -17.07 7.60 110.93
N SER A 2148 -16.98 8.05 109.68
CA SER A 2148 -15.79 7.89 108.87
C SER A 2148 -15.37 9.17 108.18
N VAL A 2149 -16.09 10.28 108.40
CA VAL A 2149 -15.72 11.55 107.78
C VAL A 2149 -14.41 12.05 108.34
N GLU A 2150 -14.16 11.82 109.64
CA GLU A 2150 -12.87 12.17 110.23
C GLU A 2150 -11.74 11.34 109.63
N ASP A 2151 -12.04 10.11 109.22
CA ASP A 2151 -11.03 9.28 108.59
C ASP A 2151 -10.75 9.74 107.16
N THR A 2152 -11.79 10.08 106.41
CA THR A 2152 -11.59 10.47 105.01
C THR A 2152 -11.13 11.92 104.85
N MET A 2153 -11.25 12.74 105.90
CA MET A 2153 -10.74 14.11 105.82
C MET A 2153 -9.23 14.13 105.66
N SER A 2154 -8.54 13.27 106.40
CA SER A 2154 -7.08 13.16 106.25
C SER A 2154 -6.70 12.66 104.86
N LEU A 2155 -7.48 11.72 104.33
CA LEU A 2155 -7.26 11.23 102.97
C LEU A 2155 -7.39 12.35 101.95
N LEU A 2156 -8.46 13.16 102.07
CA LEU A 2156 -8.67 14.26 101.16
C LEU A 2156 -7.56 15.30 101.28
N GLU A 2157 -7.14 15.62 102.51
CA GLU A 2157 -6.07 16.59 102.71
C GLU A 2157 -4.76 16.09 102.11
N CYS A 2158 -4.43 14.81 102.30
CA CYS A 2158 -3.22 14.26 101.73
C CYS A 2158 -3.27 14.27 100.21
N LEU A 2159 -4.40 13.87 99.62
CA LEU A 2159 -4.53 13.89 98.16
C LEU A 2159 -4.39 15.31 97.62
N GLY A 2160 -4.97 16.28 98.32
CA GLY A 2160 -4.73 17.68 97.96
C GLY A 2160 -3.27 18.08 98.08
N GLN A 2161 -2.57 17.52 99.05
CA GLN A 2161 -1.14 17.83 99.22
C GLN A 2161 -0.32 17.35 98.02
N ILE A 2162 -0.52 16.09 97.61
CA ILE A 2162 0.17 15.62 96.40
C ILE A 2162 -0.30 16.37 95.16
N ARG A 2163 -1.58 16.73 95.08
CA ARG A 2163 -2.06 17.50 93.93
C ARG A 2163 -1.39 18.87 93.85
N SER A 2164 -1.21 19.52 95.00
CA SER A 2164 -0.51 20.80 95.02
C SER A 2164 0.98 20.64 94.71
N LEU A 2165 1.60 19.58 95.22
CA LEU A 2165 3.02 19.37 94.98
C LEU A 2165 3.33 18.92 93.55
N LEU A 2166 2.33 18.44 92.82
CA LEU A 2166 2.56 17.95 91.46
C LEU A 2166 2.96 19.09 90.52
N ILE A 2167 2.33 20.25 90.66
CA ILE A 2167 2.51 21.32 89.67
C ILE A 2167 3.93 21.89 89.72
N VAL A 2168 4.55 21.91 90.89
CA VAL A 2168 5.90 22.48 91.01
C VAL A 2168 6.92 21.48 90.47
N GLN A 2169 8.12 22.00 90.20
CA GLN A 2169 9.19 21.16 89.67
C GLN A 2169 9.70 20.20 90.74
N MET A 2170 10.26 19.08 90.29
CA MET A 2170 10.78 18.07 91.20
C MET A 2170 12.03 18.60 91.88
N GLY A 2171 12.08 18.47 93.20
CA GLY A 2171 13.19 18.98 93.96
C GLY A 2171 13.59 18.10 95.13
N PRO A 2172 14.83 18.25 95.61
CA PRO A 2172 15.28 17.45 96.77
C PRO A 2172 14.46 17.69 98.03
N GLN A 2173 14.02 18.92 98.27
CA GLN A 2173 13.22 19.20 99.45
C GLN A 2173 11.81 18.65 99.31
N GLU A 2174 11.24 18.76 98.10
CA GLU A 2174 9.89 18.24 97.88
C GLU A 2174 9.87 16.72 97.84
N GLU A 2175 11.01 16.09 97.55
CA GLU A 2175 11.07 14.63 97.49
C GLU A 2175 10.75 14.00 98.84
N ASN A 2176 11.36 14.50 99.90
CA ASN A 2176 11.11 13.95 101.23
C ASN A 2176 9.67 14.19 101.66
N LEU A 2177 9.13 15.37 101.36
CA LEU A 2177 7.75 15.69 101.70
C LEU A 2177 6.78 14.77 100.97
N MET A 2178 7.02 14.52 99.68
CA MET A 2178 6.12 13.67 98.91
C MET A 2178 6.24 12.21 99.33
N ILE A 2179 7.46 11.75 99.68
CA ILE A 2179 7.63 10.39 100.18
C ILE A 2179 6.91 10.21 101.51
N GLN A 2180 7.03 11.20 102.39
CA GLN A 2180 6.30 11.15 103.67
C GLN A 2180 4.80 11.17 103.45
N SER A 2181 4.32 11.95 102.48
CA SER A 2181 2.89 11.99 102.17
C SER A 2181 2.41 10.64 101.65
N ILE A 2182 3.21 10.00 100.79
CA ILE A 2182 2.85 8.67 100.27
C ILE A 2182 2.82 7.65 101.40
N GLY A 2183 3.82 7.70 102.29
CA GLY A 2183 3.83 6.79 103.42
C GLY A 2183 2.66 6.99 104.36
N ASN A 2184 2.23 8.24 104.54
CA ASN A 2184 1.08 8.51 105.39
C ASN A 2184 -0.22 8.09 104.73
N ILE A 2185 -0.35 8.29 103.42
CA ILE A 2185 -1.58 7.95 102.71
C ILE A 2185 -1.69 6.47 102.44
N MET A 2186 -0.59 5.73 102.57
CA MET A 2186 -0.62 4.27 102.40
C MET A 2186 -1.59 3.61 103.37
N ASN A 2187 -1.58 4.04 104.64
CA ASN A 2187 -2.49 3.51 105.65
C ASN A 2187 -3.35 4.61 106.27
N ASN A 2188 -4.67 4.52 106.03
CA ASN A 2188 -5.63 5.45 106.60
C ASN A 2188 -6.88 4.75 107.13
N LYS A 2189 -6.91 3.41 107.10
CA LYS A 2189 -8.01 2.53 107.51
C LYS A 2189 -9.21 2.63 106.56
N VAL A 2190 -9.17 3.52 105.57
CA VAL A 2190 -10.22 3.62 104.56
C VAL A 2190 -9.75 3.19 103.18
N PHE A 2191 -8.46 2.92 103.01
CA PHE A 2191 -7.96 2.43 101.72
C PHE A 2191 -8.53 1.05 101.39
N TYR A 2192 -8.79 0.23 102.40
CA TYR A 2192 -9.26 -1.14 102.20
C TYR A 2192 -10.78 -1.23 102.13
N GLN A 2193 -11.50 -0.36 102.85
CA GLN A 2193 -12.94 -0.49 102.94
C GLN A 2193 -13.65 -0.09 101.66
N HIS A 2194 -13.14 0.94 100.98
CA HIS A 2194 -13.79 1.51 99.79
C HIS A 2194 -12.80 1.55 98.64
N PRO A 2195 -12.55 0.42 97.98
CA PRO A 2195 -11.68 0.43 96.80
C PRO A 2195 -12.26 1.24 95.64
N ASN A 2196 -13.58 1.28 95.49
CA ASN A 2196 -14.20 2.00 94.38
C ASN A 2196 -14.01 3.51 94.50
N LEU A 2197 -13.95 4.02 95.72
CA LEU A 2197 -13.74 5.45 95.92
C LEU A 2197 -12.37 5.89 95.42
N MET A 2198 -11.36 5.04 95.56
CA MET A 2198 -10.04 5.33 95.01
C MET A 2198 -10.08 5.47 93.50
N ARG A 2199 -10.79 4.57 92.82
CA ARG A 2199 -10.92 4.65 91.37
C ARG A 2199 -11.73 5.88 90.96
N ALA A 2200 -12.78 6.21 91.73
CA ALA A 2200 -13.58 7.39 91.43
C ALA A 2200 -12.75 8.66 91.58
N LEU A 2201 -11.91 8.74 92.60
CA LEU A 2201 -11.03 9.89 92.79
C LEU A 2201 -9.85 9.89 91.83
N GLY A 2202 -9.54 8.75 91.22
CA GLY A 2202 -8.47 8.69 90.23
C GLY A 2202 -7.09 8.94 90.78
N MET A 2203 -6.76 8.34 91.93
CA MET A 2203 -5.43 8.54 92.50
C MET A 2203 -4.34 7.90 91.65
N HIS A 2204 -4.63 6.75 91.04
CA HIS A 2204 -3.62 6.05 90.25
C HIS A 2204 -3.17 6.86 89.04
N GLU A 2205 -4.08 7.61 88.42
CA GLU A 2205 -3.70 8.49 87.32
C GLU A 2205 -2.73 9.55 87.79
N THR A 2206 -3.00 10.16 88.96
CA THR A 2206 -2.09 11.16 89.51
C THR A 2206 -0.74 10.54 89.83
N VAL A 2207 -0.73 9.33 90.36
CA VAL A 2207 0.52 8.62 90.66
C VAL A 2207 1.31 8.37 89.39
N MET A 2208 0.64 7.95 88.31
CA MET A 2208 1.33 7.72 87.05
C MET A 2208 1.88 9.02 86.47
N GLU A 2209 1.09 10.10 86.53
CA GLU A 2209 1.56 11.37 85.97
C GLU A 2209 2.62 12.05 86.83
N VAL A 2210 2.76 11.67 88.10
CA VAL A 2210 3.89 12.19 88.88
C VAL A 2210 5.10 11.26 88.75
N MET A 2211 4.88 9.98 88.43
CA MET A 2211 6.00 9.06 88.22
C MET A 2211 6.66 9.26 86.86
N VAL A 2212 5.90 9.65 85.84
CA VAL A 2212 6.47 9.79 84.50
C VAL A 2212 7.50 10.93 84.47
N ASN A 2213 7.25 12.00 85.22
CA ASN A 2213 8.15 13.16 85.19
C ASN A 2213 9.49 12.85 85.83
N VAL A 2214 9.55 11.86 86.73
CA VAL A 2214 10.80 11.52 87.40
C VAL A 2214 11.79 10.93 86.41
N LEU A 2215 11.35 9.97 85.60
CA LEU A 2215 12.22 9.32 84.63
C LEU A 2215 12.14 9.92 83.24
N GLY A 2216 11.33 10.97 83.05
CA GLY A 2216 11.24 11.60 81.75
C GLY A 2216 12.51 12.34 81.38
N GLY A 2217 12.71 12.50 80.07
CA GLY A 2217 13.86 13.18 79.53
C GLY A 2217 15.02 12.29 79.13
N GLY A 2218 15.00 11.02 79.56
CA GLY A 2218 16.08 10.11 79.21
C GLY A 2218 15.77 8.67 79.57
N GLU A 2219 16.03 7.75 78.64
CA GLU A 2219 15.77 6.34 78.90
C GLU A 2219 16.85 5.74 79.80
N THR A 2220 18.10 5.73 79.32
CA THR A 2220 19.20 5.17 80.08
C THR A 2220 20.44 6.06 80.14
N LYS A 2221 20.59 7.02 79.23
CA LYS A 2221 21.75 7.90 79.27
C LYS A 2221 21.74 8.79 80.51
N GLU A 2222 20.57 9.33 80.87
CA GLU A 2222 20.42 10.23 82.00
C GLU A 2222 19.40 9.64 82.98
N ILE A 2223 19.80 9.55 84.25
CA ILE A 2223 18.92 9.09 85.31
C ILE A 2223 19.38 9.70 86.62
N ARG A 2224 18.43 10.04 87.48
CA ARG A 2224 18.71 10.69 88.76
C ARG A 2224 17.52 10.51 89.67
N PHE A 2225 17.57 11.17 90.84
CA PHE A 2225 16.54 11.18 91.88
C PHE A 2225 16.16 9.78 92.35
N PRO A 2226 17.03 9.10 93.13
CA PRO A 2226 16.65 7.79 93.68
C PRO A 2226 15.67 7.92 94.84
N LYS A 2227 15.28 6.78 95.41
CA LYS A 2227 14.40 6.66 96.58
C LYS A 2227 13.01 7.24 96.36
N MET A 2228 12.67 7.58 95.12
CA MET A 2228 11.34 8.08 94.76
C MET A 2228 10.53 7.05 94.00
N VAL A 2229 11.09 6.53 92.90
CA VAL A 2229 10.41 5.55 92.06
C VAL A 2229 10.17 4.26 92.83
N THR A 2230 11.07 3.90 93.76
CA THR A 2230 10.88 2.69 94.55
C THR A 2230 9.63 2.78 95.43
N SER A 2231 9.50 3.87 96.19
CA SER A 2231 8.32 4.04 97.04
C SER A 2231 7.06 4.19 96.21
N CYS A 2232 7.14 4.94 95.09
CA CYS A 2232 5.97 5.13 94.24
C CYS A 2232 5.51 3.80 93.63
N CYS A 2233 6.45 2.97 93.18
CA CYS A 2233 6.08 1.69 92.61
C CYS A 2233 5.61 0.71 93.67
N ARG A 2234 6.13 0.81 94.90
CA ARG A 2234 5.61 0.00 95.99
C ARG A 2234 4.15 0.35 96.28
N PHE A 2235 3.83 1.65 96.30
CA PHE A 2235 2.44 2.06 96.49
C PHE A 2235 1.56 1.61 95.33
N LEU A 2236 2.09 1.68 94.10
CA LEU A 2236 1.34 1.20 92.94
C LEU A 2236 1.07 -0.30 93.02
N CYS A 2237 2.07 -1.07 93.45
CA CYS A 2237 1.88 -2.52 93.62
C CYS A 2237 0.85 -2.82 94.70
N TYR A 2238 0.88 -2.07 95.80
CA TYR A 2238 -0.12 -2.26 96.84
C TYR A 2238 -1.52 -1.94 96.35
N PHE A 2239 -1.66 -0.85 95.60
CA PHE A 2239 -2.97 -0.49 95.05
C PHE A 2239 -3.45 -1.48 94.01
N CYS A 2240 -2.51 -2.09 93.26
CA CYS A 2240 -2.91 -3.10 92.28
C CYS A 2240 -3.33 -4.40 92.96
N ARG A 2241 -2.64 -4.77 94.06
CA ARG A 2241 -2.91 -6.02 94.74
C ARG A 2241 -3.99 -5.94 95.80
N ILE A 2242 -4.48 -4.74 96.12
CA ILE A 2242 -5.54 -4.64 97.13
C ILE A 2242 -6.84 -5.26 96.63
N SER A 2243 -7.12 -5.20 95.33
CA SER A 2243 -8.37 -5.73 94.80
C SER A 2243 -8.18 -6.09 93.33
N ARG A 2244 -9.06 -6.97 92.85
CA ARG A 2244 -9.01 -7.40 91.46
C ARG A 2244 -9.57 -6.36 90.50
N GLN A 2245 -10.48 -5.49 90.98
CA GLN A 2245 -11.11 -4.50 90.11
C GLN A 2245 -10.10 -3.49 89.61
N ASN A 2246 -9.20 -3.03 90.49
CA ASN A 2246 -8.18 -2.05 90.09
C ASN A 2246 -7.13 -2.65 89.17
N GLN A 2247 -7.00 -3.98 89.15
CA GLN A 2247 -6.00 -4.64 88.31
C GLN A 2247 -6.29 -4.41 86.83
N ARG A 2248 -7.56 -4.48 86.43
CA ARG A 2248 -7.92 -4.26 85.04
C ARG A 2248 -7.63 -2.84 84.60
N SER A 2249 -7.89 -1.85 85.47
CA SER A 2249 -7.56 -0.47 85.16
C SER A 2249 -6.04 -0.27 85.06
N MET A 2250 -5.29 -0.92 85.96
CA MET A 2250 -3.84 -0.82 85.91
C MET A 2250 -3.26 -1.51 84.68
N PHE A 2251 -3.97 -2.51 84.14
CA PHE A 2251 -3.50 -3.23 82.96
C PHE A 2251 -3.44 -2.35 81.72
N ASP A 2252 -4.22 -1.26 81.68
CA ASP A 2252 -4.24 -0.41 80.49
C ASP A 2252 -2.93 0.33 80.27
N HIS A 2253 -2.08 0.45 81.29
CA HIS A 2253 -0.80 1.12 81.18
C HIS A 2253 0.36 0.14 81.04
N LEU A 2254 0.07 -1.13 80.72
CA LEU A 2254 1.12 -2.14 80.62
C LEU A 2254 2.08 -1.85 79.47
N SER A 2255 1.56 -1.36 78.35
CA SER A 2255 2.40 -1.09 77.19
C SER A 2255 3.45 -0.02 77.49
N TYR A 2256 3.05 1.04 78.20
CA TYR A 2256 4.02 2.08 78.53
C TYR A 2256 4.96 1.64 79.64
N LEU A 2257 4.46 0.86 80.61
CA LEU A 2257 5.28 0.47 81.75
C LEU A 2257 6.46 -0.40 81.34
N LEU A 2258 6.23 -1.37 80.45
CA LEU A 2258 7.32 -2.22 79.99
C LEU A 2258 8.27 -1.52 79.03
N GLU A 2259 7.91 -0.34 78.52
CA GLU A 2259 8.86 0.44 77.75
C GLU A 2259 9.98 0.97 78.63
N ASN A 2260 9.66 1.43 79.84
CA ASN A 2260 10.64 1.94 80.78
C ASN A 2260 11.01 0.93 81.86
N SER A 2261 10.48 -0.30 81.80
CA SER A 2261 10.89 -1.34 82.73
C SER A 2261 12.38 -1.63 82.60
N GLY A 2262 12.91 -1.61 81.39
CA GLY A 2262 14.34 -1.79 81.19
C GLY A 2262 15.19 -0.60 81.55
N ILE A 2263 14.57 0.55 81.84
CA ILE A 2263 15.31 1.74 82.25
C ILE A 2263 15.76 1.70 83.70
N GLY A 2264 15.27 0.74 84.49
CA GLY A 2264 15.65 0.63 85.87
C GLY A 2264 16.75 -0.38 86.10
N LEU A 2265 16.39 -1.55 86.66
CA LEU A 2265 17.33 -2.65 86.91
C LEU A 2265 18.49 -2.20 87.80
N GLY A 2266 18.18 -1.38 88.79
CA GLY A 2266 19.21 -0.84 89.66
C GLY A 2266 19.34 -1.57 90.98
N MET A 2267 19.21 -0.84 92.09
CA MET A 2267 19.36 -1.41 93.42
C MET A 2267 18.12 -2.21 93.81
N GLN A 2268 18.23 -2.91 94.94
CA GLN A 2268 17.12 -3.70 95.44
C GLN A 2268 15.97 -2.80 95.87
N GLY A 2269 14.75 -3.24 95.58
CA GLY A 2269 13.55 -2.50 95.88
C GLY A 2269 12.56 -2.64 94.75
N SER A 2270 11.54 -1.79 94.77
CA SER A 2270 10.51 -1.83 93.73
C SER A 2270 11.07 -1.32 92.40
N THR A 2271 10.61 -1.93 91.32
CA THR A 2271 11.05 -1.66 89.96
C THR A 2271 9.83 -1.48 89.08
N PRO A 2272 9.88 -0.57 88.08
CA PRO A 2272 8.73 -0.43 87.16
C PRO A 2272 8.35 -1.71 86.42
N LEU A 2273 9.25 -2.70 86.40
CA LEU A 2273 8.88 -4.02 85.92
C LEU A 2273 8.07 -4.79 86.95
N ASP A 2274 8.26 -4.51 88.24
CA ASP A 2274 7.59 -5.28 89.29
C ASP A 2274 6.09 -5.02 89.30
N VAL A 2275 5.66 -3.78 89.06
CA VAL A 2275 4.23 -3.47 89.02
C VAL A 2275 3.57 -4.17 87.84
N ALA A 2276 4.26 -4.22 86.70
CA ALA A 2276 3.74 -4.94 85.54
C ALA A 2276 3.67 -6.43 85.81
N ALA A 2277 4.66 -6.98 86.50
CA ALA A 2277 4.63 -8.39 86.87
C ALA A 2277 3.48 -8.69 87.82
N ALA A 2278 3.24 -7.81 88.79
CA ALA A 2278 2.17 -8.01 89.75
C ALA A 2278 0.79 -7.73 89.16
N SER A 2279 0.72 -7.00 88.05
CA SER A 2279 -0.57 -6.71 87.41
C SER A 2279 -1.18 -7.92 86.73
N VAL A 2280 -0.45 -9.03 86.61
CA VAL A 2280 -0.98 -10.22 85.95
C VAL A 2280 -0.89 -11.43 86.87
N ILE A 2281 -0.87 -11.18 88.19
CA ILE A 2281 -0.87 -12.29 89.14
C ILE A 2281 -2.20 -13.02 89.11
N ASP A 2282 -3.30 -12.28 89.21
CA ASP A 2282 -4.64 -12.86 89.10
C ASP A 2282 -5.06 -12.89 87.63
N ASN A 2283 -4.38 -13.75 86.89
CA ASN A 2283 -4.49 -13.82 85.44
C ASN A 2283 -5.59 -14.82 85.05
N ASN A 2284 -5.60 -15.23 83.79
CA ASN A 2284 -6.53 -16.12 83.08
C ASN A 2284 -7.83 -15.40 82.73
N GLU A 2285 -8.05 -14.18 83.22
CA GLU A 2285 -9.18 -13.36 82.78
C GLU A 2285 -8.74 -12.19 81.93
N LEU A 2286 -7.48 -11.78 82.01
CA LEU A 2286 -6.93 -10.71 81.18
C LEU A 2286 -5.60 -11.06 80.54
N ALA A 2287 -4.94 -12.15 80.95
CA ALA A 2287 -3.68 -12.55 80.34
C ALA A 2287 -3.85 -13.09 78.94
N LEU A 2288 -5.07 -13.46 78.54
CA LEU A 2288 -5.29 -13.93 77.18
C LEU A 2288 -5.19 -12.79 76.18
N ALA A 2289 -5.45 -11.57 76.61
CA ALA A 2289 -5.29 -10.38 75.77
C ALA A 2289 -3.89 -9.80 75.81
N LEU A 2290 -2.99 -10.40 76.60
CA LEU A 2290 -1.62 -9.91 76.74
C LEU A 2290 -0.81 -10.08 75.45
N GLN A 2291 -1.23 -10.95 74.54
CA GLN A 2291 -0.52 -11.17 73.30
C GLN A 2291 -0.56 -9.89 72.44
N GLU A 2292 0.34 -9.84 71.45
CA GLU A 2292 0.66 -8.68 70.61
C GLU A 2292 0.63 -7.35 71.37
N GLN A 2293 1.10 -7.34 72.62
CA GLN A 2293 1.23 -6.10 73.38
C GLN A 2293 2.67 -5.79 73.76
N ASP A 2294 3.33 -6.65 74.54
CA ASP A 2294 4.69 -6.35 74.95
C ASP A 2294 5.64 -7.55 74.97
N LEU A 2295 5.21 -8.75 74.56
CA LEU A 2295 6.07 -9.92 74.64
C LEU A 2295 7.27 -9.80 73.69
N GLU A 2296 7.02 -9.29 72.49
CA GLU A 2296 8.08 -9.11 71.50
C GLU A 2296 9.03 -7.97 71.87
N LYS A 2297 8.65 -7.10 72.79
CA LYS A 2297 9.57 -6.09 73.31
C LYS A 2297 10.32 -6.56 74.55
N VAL A 2298 9.71 -7.41 75.37
CA VAL A 2298 10.43 -8.01 76.49
C VAL A 2298 11.51 -8.96 75.98
N VAL A 2299 11.21 -9.75 74.94
CA VAL A 2299 12.21 -10.68 74.42
C VAL A 2299 13.35 -9.94 73.75
N SER A 2300 13.09 -8.74 73.21
CA SER A 2300 14.18 -7.93 72.67
C SER A 2300 15.12 -7.45 73.77
N TYR A 2301 14.55 -7.09 74.93
CA TYR A 2301 15.37 -6.76 76.09
C TYR A 2301 16.21 -7.96 76.53
N LEU A 2302 15.60 -9.14 76.52
CA LEU A 2302 16.33 -10.36 76.85
C LEU A 2302 17.48 -10.61 75.88
N ALA A 2303 17.22 -10.44 74.58
CA ALA A 2303 18.27 -10.65 73.58
C ALA A 2303 19.38 -9.63 73.72
N GLY A 2304 19.04 -8.38 74.00
CA GLY A 2304 20.06 -7.37 74.20
C GLY A 2304 20.89 -7.61 75.45
N CYS A 2305 20.24 -8.09 76.52
CA CYS A 2305 20.98 -8.40 77.74
C CYS A 2305 21.87 -9.63 77.57
N GLY A 2306 21.44 -10.60 76.75
CA GLY A 2306 22.25 -11.78 76.50
C GLY A 2306 23.53 -11.50 75.74
N LEU A 2307 23.57 -10.41 74.98
CA LEU A 2307 24.76 -10.02 74.24
C LEU A 2307 25.57 -8.94 74.97
N GLN A 2308 24.91 -8.03 75.68
CA GLN A 2308 25.60 -6.97 76.38
C GLN A 2308 26.34 -7.51 77.62
N SER A 2309 27.34 -6.77 78.05
CA SER A 2309 28.17 -7.15 79.18
C SER A 2309 27.83 -6.39 80.47
N CYS A 2310 26.91 -5.43 80.40
CA CYS A 2310 26.48 -4.60 81.52
C CYS A 2310 27.66 -3.94 82.22
N PRO A 2311 28.26 -2.91 81.62
CA PRO A 2311 29.45 -2.29 82.23
C PRO A 2311 29.20 -1.63 83.58
N MET A 2312 27.93 -1.31 83.90
CA MET A 2312 27.63 -0.62 85.15
C MET A 2312 28.00 -1.48 86.36
N LEU A 2313 27.70 -2.77 86.31
CA LEU A 2313 28.04 -3.66 87.43
C LEU A 2313 29.53 -4.02 87.43
N LEU A 2314 30.13 -4.15 86.24
CA LEU A 2314 31.54 -4.55 86.16
C LEU A 2314 32.49 -3.38 86.37
N ALA A 2315 31.99 -2.14 86.46
CA ALA A 2315 32.86 -1.00 86.70
C ALA A 2315 33.56 -1.06 88.04
N LYS A 2316 33.04 -1.83 89.00
CA LYS A 2316 33.65 -1.93 90.32
C LYS A 2316 34.93 -2.75 90.33
N GLY A 2317 35.22 -3.51 89.27
CA GLY A 2317 36.42 -4.31 89.22
C GLY A 2317 36.16 -5.78 89.02
N TYR A 2318 34.99 -6.12 88.50
CA TYR A 2318 34.61 -7.49 88.24
C TYR A 2318 35.36 -8.03 87.01
N PRO A 2319 35.48 -9.36 86.88
CA PRO A 2319 36.21 -9.93 85.73
C PRO A 2319 35.62 -9.63 84.36
N ASP A 2320 34.46 -8.96 84.28
CA ASP A 2320 33.87 -8.49 83.02
C ASP A 2320 33.55 -9.65 82.08
N ILE A 2321 32.61 -10.48 82.53
CA ILE A 2321 32.10 -11.56 81.69
C ILE A 2321 31.39 -10.96 80.46
N GLY A 2322 31.43 -11.70 79.35
CA GLY A 2322 30.86 -11.18 78.11
C GLY A 2322 29.37 -10.98 78.17
N TRP A 2323 28.66 -11.89 78.84
CA TRP A 2323 27.21 -11.84 78.93
C TRP A 2323 26.77 -11.54 80.36
N ASN A 2324 25.67 -10.79 80.49
CA ASN A 2324 25.23 -10.29 81.78
C ASN A 2324 24.23 -11.26 82.39
N PRO A 2325 24.53 -11.86 83.54
CA PRO A 2325 23.56 -12.78 84.16
C PRO A 2325 22.53 -12.10 85.04
N CYS A 2326 22.91 -10.96 85.64
CA CYS A 2326 22.02 -10.29 86.59
C CYS A 2326 20.78 -9.72 85.90
N GLY A 2327 20.95 -9.15 84.71
CA GLY A 2327 19.81 -8.62 83.99
C GLY A 2327 18.81 -9.70 83.60
N GLY A 2328 19.32 -10.84 83.12
CA GLY A 2328 18.43 -11.96 82.81
C GLY A 2328 17.82 -12.59 84.04
N GLU A 2329 18.51 -12.52 85.17
CA GLU A 2329 17.95 -13.02 86.43
C GLU A 2329 16.78 -12.16 86.87
N ARG A 2330 16.93 -10.83 86.80
CA ARG A 2330 15.81 -9.96 87.13
C ARG A 2330 14.69 -10.06 86.09
N TYR A 2331 15.04 -10.28 84.82
CA TYR A 2331 14.05 -10.50 83.78
C TYR A 2331 13.43 -11.89 83.92
N LEU A 2332 12.52 -12.20 82.99
CA LEU A 2332 11.84 -13.48 82.81
C LEU A 2332 10.81 -13.77 83.90
N ASP A 2333 10.78 -12.95 84.95
CA ASP A 2333 9.73 -13.06 85.95
C ASP A 2333 8.37 -12.71 85.36
N PHE A 2334 8.32 -11.67 84.53
CA PHE A 2334 7.08 -11.30 83.86
C PHE A 2334 6.62 -12.41 82.92
N LEU A 2335 7.57 -13.03 82.20
CA LEU A 2335 7.22 -14.15 81.32
C LEU A 2335 6.69 -15.33 82.12
N ARG A 2336 7.33 -15.64 83.25
CA ARG A 2336 6.88 -16.76 84.08
C ARG A 2336 5.48 -16.50 84.64
N PHE A 2337 5.22 -15.28 85.12
CA PHE A 2337 3.88 -14.97 85.62
C PHE A 2337 2.85 -14.89 84.50
N ALA A 2338 3.27 -14.58 83.27
CA ALA A 2338 2.34 -14.59 82.15
C ALA A 2338 1.99 -16.01 81.71
N VAL A 2339 2.94 -16.93 81.81
CA VAL A 2339 2.71 -18.30 81.35
C VAL A 2339 2.03 -19.14 82.41
N PHE A 2340 2.57 -19.17 83.64
CA PHE A 2340 2.09 -20.06 84.68
C PHE A 2340 1.04 -19.32 85.52
N VAL A 2341 -0.18 -19.27 85.00
CA VAL A 2341 -1.28 -18.65 85.73
C VAL A 2341 -1.68 -19.51 86.93
N ASN A 2342 -1.73 -20.83 86.75
CA ASN A 2342 -2.16 -21.75 87.79
C ASN A 2342 -1.45 -23.08 87.54
N GLY A 2343 -1.97 -24.15 88.13
CA GLY A 2343 -1.41 -25.48 87.91
C GLY A 2343 -1.43 -25.93 86.46
N GLU A 2344 -2.32 -25.37 85.65
CA GLU A 2344 -2.35 -25.60 84.21
C GLU A 2344 -1.92 -24.33 83.49
N SER A 2345 -0.93 -24.46 82.62
CA SER A 2345 -0.41 -23.32 81.89
C SER A 2345 -1.33 -22.95 80.72
N VAL A 2346 -1.04 -21.80 80.11
CA VAL A 2346 -1.82 -21.31 78.98
C VAL A 2346 -1.08 -21.63 77.68
N GLU A 2347 -1.74 -22.44 76.85
CA GLU A 2347 -1.09 -22.91 75.62
C GLU A 2347 -0.96 -21.79 74.60
N GLU A 2348 -1.99 -20.95 74.47
CA GLU A 2348 -2.01 -19.89 73.47
C GLU A 2348 -0.92 -18.84 73.71
N ASN A 2349 -0.41 -18.73 74.94
CA ASN A 2349 0.75 -17.91 75.23
C ASN A 2349 2.05 -18.69 75.21
N ALA A 2350 2.06 -19.90 75.76
CA ALA A 2350 3.29 -20.68 75.84
C ALA A 2350 3.82 -21.03 74.45
N ASN A 2351 2.93 -21.44 73.54
CA ASN A 2351 3.35 -21.82 72.20
C ASN A 2351 3.98 -20.66 71.45
N VAL A 2352 3.33 -19.50 71.47
CA VAL A 2352 3.84 -18.35 70.73
C VAL A 2352 5.12 -17.83 71.37
N VAL A 2353 5.21 -17.85 72.70
CA VAL A 2353 6.41 -17.30 73.33
C VAL A 2353 7.61 -18.22 73.07
N VAL A 2354 7.43 -19.54 73.10
CA VAL A 2354 8.57 -20.41 72.82
C VAL A 2354 8.93 -20.36 71.33
N ARG A 2355 7.93 -20.27 70.45
CA ARG A 2355 8.19 -20.21 69.02
C ARG A 2355 8.96 -18.96 68.65
N LEU A 2356 8.59 -17.81 69.24
CA LEU A 2356 9.30 -16.58 68.93
C LEU A 2356 10.61 -16.48 69.70
N LEU A 2357 10.74 -17.19 70.83
CA LEU A 2357 11.97 -17.17 71.60
C LEU A 2357 13.07 -17.97 70.92
N ILE A 2358 12.72 -19.10 70.29
CA ILE A 2358 13.72 -19.95 69.65
C ILE A 2358 14.20 -19.34 68.34
N ARG A 2359 13.64 -18.19 67.96
CA ARG A 2359 14.08 -17.50 66.74
C ARG A 2359 15.52 -17.01 66.86
N LYS A 2360 15.88 -16.40 67.99
CA LYS A 2360 17.21 -15.86 68.18
C LYS A 2360 18.00 -16.73 69.15
N PRO A 2361 19.08 -17.38 68.70
CA PRO A 2361 19.90 -18.17 69.63
C PRO A 2361 20.58 -17.34 70.70
N GLU A 2362 20.76 -16.03 70.49
CA GLU A 2362 21.42 -15.18 71.47
C GLU A 2362 20.60 -15.01 72.75
N CYS A 2363 19.30 -15.29 72.70
CA CYS A 2363 18.47 -15.20 73.91
C CYS A 2363 18.88 -16.26 74.93
N PHE A 2364 19.19 -17.47 74.48
CA PHE A 2364 19.61 -18.54 75.38
C PHE A 2364 21.03 -18.29 75.89
N GLY A 2365 21.44 -19.13 76.84
CA GLY A 2365 22.78 -19.05 77.38
C GLY A 2365 23.82 -19.43 76.36
N PRO A 2366 25.04 -18.90 76.52
CA PRO A 2366 26.12 -19.26 75.58
C PRO A 2366 26.48 -20.73 75.61
N ALA A 2367 26.50 -21.35 76.80
CA ALA A 2367 26.85 -22.76 76.90
C ALA A 2367 25.79 -23.67 76.28
N LEU A 2368 24.56 -23.18 76.11
CA LEU A 2368 23.49 -23.96 75.50
C LEU A 2368 23.35 -23.71 74.01
N ARG A 2369 23.40 -22.45 73.59
CA ARG A 2369 23.16 -22.08 72.20
C ARG A 2369 24.43 -21.76 71.43
N GLY A 2370 25.60 -22.06 71.98
CA GLY A 2370 26.84 -21.77 71.29
C GLY A 2370 27.15 -22.78 70.20
N GLU A 2371 27.88 -22.31 69.18
CA GLU A 2371 28.31 -23.19 68.11
C GLU A 2371 29.35 -24.21 68.62
N GLY A 2372 30.24 -23.77 69.51
CA GLY A 2372 31.24 -24.65 70.06
C GLY A 2372 30.66 -25.65 71.05
N GLY A 2373 31.47 -26.65 71.36
CA GLY A 2373 31.06 -27.69 72.28
C GLY A 2373 30.98 -27.18 73.70
N SER A 2374 29.77 -27.18 74.28
CA SER A 2374 29.57 -26.76 75.66
C SER A 2374 28.36 -27.48 76.21
N GLY A 2375 28.41 -27.80 77.51
CA GLY A 2375 27.36 -28.55 78.15
C GLY A 2375 26.89 -27.89 79.44
N LEU A 2376 25.67 -28.27 79.84
CA LEU A 2376 25.10 -27.74 81.07
C LEU A 2376 25.92 -28.18 82.29
N LEU A 2377 26.33 -29.44 82.33
CA LEU A 2377 27.13 -29.93 83.44
C LEU A 2377 28.49 -29.23 83.49
N ALA A 2378 29.10 -29.02 82.32
CA ALA A 2378 30.38 -28.30 82.27
C ALA A 2378 30.23 -26.87 82.74
N ALA A 2379 29.15 -26.19 82.33
CA ALA A 2379 28.91 -24.82 82.76
C ALA A 2379 28.67 -24.74 84.27
N ILE A 2380 27.90 -25.68 84.82
CA ILE A 2380 27.64 -25.67 86.26
C ILE A 2380 28.93 -25.97 87.03
N GLU A 2381 29.74 -26.92 86.55
CA GLU A 2381 31.01 -27.22 87.20
C GLU A 2381 31.96 -26.01 87.15
N GLU A 2382 31.98 -25.31 86.02
CA GLU A 2382 32.80 -24.10 85.91
C GLU A 2382 32.32 -23.03 86.87
N ALA A 2383 31.00 -22.86 87.01
CA ALA A 2383 30.46 -21.89 87.95
C ALA A 2383 30.82 -22.25 89.38
N ILE A 2384 30.74 -23.54 89.73
CA ILE A 2384 31.12 -23.98 91.06
C ILE A 2384 32.61 -23.72 91.32
N ARG A 2385 33.45 -23.99 90.32
CA ARG A 2385 34.89 -23.75 90.46
C ARG A 2385 35.18 -22.26 90.64
N ILE A 2386 34.47 -21.40 89.88
CA ILE A 2386 34.66 -19.96 90.02
C ILE A 2386 34.21 -19.49 91.41
N SER A 2387 33.09 -20.02 91.90
CA SER A 2387 32.62 -19.67 93.23
C SER A 2387 33.60 -20.11 94.30
N GLU A 2388 34.18 -21.31 94.15
CA GLU A 2388 35.16 -21.80 95.11
C GLU A 2388 36.43 -20.96 95.08
N ASP A 2389 36.87 -20.56 93.90
CA ASP A 2389 38.07 -19.74 93.78
C ASP A 2389 37.81 -18.34 94.32
N PRO A 2390 38.71 -17.79 95.13
CA PRO A 2390 38.53 -16.41 95.61
C PRO A 2390 38.49 -15.37 94.49
N ALA A 2391 39.22 -15.59 93.40
CA ALA A 2391 39.24 -14.66 92.29
C ALA A 2391 37.94 -14.72 91.49
N ARG A 2415 29.34 -8.99 97.47
CA ARG A 2415 27.98 -8.54 97.25
C ARG A 2415 27.21 -9.52 96.37
N VAL A 2416 27.74 -9.77 95.18
CA VAL A 2416 27.11 -10.68 94.21
C VAL A 2416 28.18 -11.62 93.69
N HIS A 2417 27.89 -12.92 93.75
CA HIS A 2417 28.81 -13.94 93.24
C HIS A 2417 28.48 -14.24 91.78
N LEU A 2418 29.53 -14.32 90.95
CA LEU A 2418 29.33 -14.61 89.53
C LEU A 2418 28.73 -15.99 89.32
N GLY A 2419 29.24 -16.99 90.05
CA GLY A 2419 28.67 -18.33 89.95
C GLY A 2419 27.23 -18.38 90.41
N HIS A 2420 26.91 -17.67 91.49
CA HIS A 2420 25.52 -17.60 91.96
C HIS A 2420 24.63 -16.95 90.93
N ALA A 2421 25.10 -15.87 90.30
CA ALA A 2421 24.29 -15.20 89.27
C ALA A 2421 24.06 -16.10 88.06
N ILE A 2422 25.11 -16.79 87.61
CA ILE A 2422 24.97 -17.68 86.46
C ILE A 2422 24.03 -18.84 86.78
N MET A 2423 24.18 -19.44 87.97
CA MET A 2423 23.32 -20.56 88.34
C MET A 2423 21.87 -20.12 88.51
N SER A 2424 21.65 -18.91 89.06
CA SER A 2424 20.29 -18.40 89.21
C SER A 2424 19.66 -18.12 87.84
N PHE A 2425 20.42 -17.53 86.92
CA PHE A 2425 19.90 -17.27 85.58
C PHE A 2425 19.56 -18.56 84.85
N TYR A 2426 20.45 -19.56 84.95
CA TYR A 2426 20.19 -20.84 84.28
C TYR A 2426 19.00 -21.56 84.90
N ALA A 2427 18.87 -21.52 86.24
CA ALA A 2427 17.72 -22.13 86.89
C ALA A 2427 16.43 -21.45 86.50
N ALA A 2428 16.45 -20.11 86.40
CA ALA A 2428 15.26 -19.38 85.94
C ALA A 2428 14.90 -19.76 84.51
N LEU A 2429 15.91 -19.88 83.63
CA LEU A 2429 15.65 -20.26 82.25
C LEU A 2429 15.05 -21.66 82.15
N ILE A 2430 15.61 -22.62 82.91
CA ILE A 2430 15.09 -23.99 82.89
C ILE A 2430 13.68 -24.03 83.46
N ASP A 2431 13.42 -23.28 84.53
CA ASP A 2431 12.07 -23.23 85.09
C ASP A 2431 11.07 -22.63 84.11
N LEU A 2432 11.47 -21.56 83.41
CA LEU A 2432 10.58 -20.96 82.41
C LEU A 2432 10.30 -21.94 81.28
N LEU A 2433 11.33 -22.67 80.81
CA LEU A 2433 11.13 -23.65 79.75
C LEU A 2433 10.21 -24.78 80.20
N GLY A 2434 10.39 -25.26 81.44
CA GLY A 2434 9.53 -26.32 81.95
C GLY A 2434 8.09 -25.87 82.11
N ARG A 2435 7.88 -24.63 82.57
CA ARG A 2435 6.52 -24.12 82.70
C ARG A 2435 5.89 -23.87 81.32
N CYS A 2436 6.69 -23.46 80.34
CA CYS A 2436 6.19 -23.26 78.99
C CYS A 2436 5.93 -24.57 78.27
N ALA A 2437 6.55 -25.65 78.71
CA ALA A 2437 6.25 -26.97 78.15
C ALA A 2437 4.79 -27.32 78.42
N PRO A 2438 4.09 -27.98 77.48
CA PRO A 2438 2.65 -28.22 77.64
C PRO A 2438 2.30 -29.04 78.88
N GLU A 2439 2.76 -30.29 78.94
CA GLU A 2439 2.62 -31.18 80.09
C GLU A 2439 1.15 -31.43 80.50
N MET A 2440 0.21 -31.32 79.57
CA MET A 2440 -1.15 -31.80 79.76
C MET A 2440 -1.32 -33.16 79.10
N HIS A 2441 -1.73 -34.16 79.89
CA HIS A 2441 -1.95 -35.50 79.36
C HIS A 2441 -3.09 -35.52 78.37
N LEU A 2442 -4.19 -34.81 78.66
CA LEU A 2442 -5.32 -34.77 77.75
C LEU A 2442 -4.97 -34.08 76.44
N ILE A 2443 -4.19 -33.00 76.51
CA ILE A 2443 -3.75 -32.31 75.31
C ILE A 2443 -2.84 -33.20 74.48
N GLN A 2444 -1.91 -33.90 75.13
CA GLN A 2444 -1.02 -34.81 74.41
C GLN A 2444 -1.78 -35.97 73.78
N ALA A 2445 -2.82 -36.46 74.45
CA ALA A 2445 -3.59 -37.59 73.94
C ALA A 2445 -4.53 -37.20 72.80
N GLY A 2446 -5.12 -36.00 72.86
CA GLY A 2446 -6.11 -35.60 71.89
C GLY A 2446 -5.72 -34.50 70.92
N LYS A 2447 -4.47 -34.07 70.90
CA LYS A 2447 -4.03 -33.03 69.98
C LYS A 2447 -2.74 -33.46 69.31
N GLY A 2448 -2.65 -33.20 68.00
CA GLY A 2448 -1.48 -33.52 67.22
C GLY A 2448 -0.53 -32.36 66.97
N GLU A 2449 -0.82 -31.18 67.49
CA GLU A 2449 0.02 -30.01 67.30
C GLU A 2449 0.98 -29.76 68.46
N ALA A 2450 0.52 -30.00 69.69
CA ALA A 2450 1.39 -29.78 70.86
C ALA A 2450 2.54 -30.77 70.93
N LEU A 2451 2.41 -31.94 70.30
CA LEU A 2451 3.50 -32.90 70.28
C LEU A 2451 4.70 -32.36 69.50
N ARG A 2452 4.46 -31.53 68.48
CA ARG A 2452 5.54 -30.89 67.75
C ARG A 2452 6.35 -29.97 68.66
N ILE A 2453 5.65 -29.15 69.45
CA ILE A 2453 6.33 -28.24 70.37
C ILE A 2453 7.05 -29.01 71.46
N ARG A 2454 6.43 -30.10 71.94
CA ARG A 2454 7.08 -30.95 72.94
C ARG A 2454 8.36 -31.57 72.39
N ALA A 2455 8.32 -32.03 71.14
CA ALA A 2455 9.52 -32.59 70.51
C ALA A 2455 10.60 -31.53 70.32
N ILE A 2456 10.20 -30.31 69.94
CA ILE A 2456 11.17 -29.22 69.79
C ILE A 2456 11.84 -28.91 71.12
N LEU A 2457 11.04 -28.83 72.20
CA LEU A 2457 11.61 -28.56 73.51
C LEU A 2457 12.50 -29.70 73.99
N ARG A 2458 12.10 -30.95 73.71
CA ARG A 2458 12.92 -32.09 74.08
C ARG A 2458 14.24 -32.11 73.33
N SER A 2459 14.23 -31.71 72.05
CA SER A 2459 15.47 -31.61 71.30
C SER A 2459 16.35 -30.47 71.82
N LEU A 2460 15.73 -29.35 72.20
CA LEU A 2460 16.50 -28.22 72.71
C LEU A 2460 17.15 -28.53 74.05
N VAL A 2461 16.41 -29.15 74.96
CA VAL A 2461 16.96 -29.50 76.27
C VAL A 2461 17.83 -30.74 76.13
N PRO A 2462 19.09 -30.71 76.56
CA PRO A 2462 19.94 -31.90 76.45
C PRO A 2462 19.39 -33.08 77.25
N LEU A 2463 19.51 -34.27 76.67
CA LEU A 2463 19.01 -35.47 77.31
C LEU A 2463 20.03 -36.01 78.30
N ASP A 2464 19.54 -36.59 79.39
CA ASP A 2464 20.31 -37.18 80.48
C ASP A 2464 21.22 -36.18 81.19
N ASP A 2465 20.98 -34.89 81.01
CA ASP A 2465 21.76 -33.86 81.70
C ASP A 2465 21.14 -33.44 83.01
N LEU A 2466 19.81 -33.45 83.12
CA LEU A 2466 19.14 -33.06 84.35
C LEU A 2466 19.47 -34.04 85.48
N VAL A 2467 19.55 -35.33 85.16
CA VAL A 2467 19.89 -36.33 86.17
C VAL A 2467 21.31 -36.11 86.67
N GLY A 2468 22.22 -35.69 85.80
CA GLY A 2468 23.57 -35.36 86.24
C GLY A 2468 23.59 -34.10 87.10
N ILE A 2469 22.79 -33.09 86.73
CA ILE A 2469 22.71 -31.87 87.53
C ILE A 2469 22.20 -32.18 88.94
N ILE A 2470 21.21 -33.06 89.04
CA ILE A 2470 20.74 -33.51 90.36
C ILE A 2470 21.84 -34.31 91.06
N SER A 2471 22.57 -35.14 90.31
CA SER A 2471 23.61 -35.98 90.91
C SER A 2471 24.77 -35.19 91.47
N LEU A 2472 25.02 -33.97 90.96
CA LEU A 2472 26.02 -33.11 91.59
C LEU A 2472 25.61 -32.80 93.03
N PRO A 2473 26.52 -32.99 94.01
CA PRO A 2473 26.13 -32.83 95.42
C PRO A 2473 26.25 -31.42 95.94
N LEU A 2474 26.01 -31.24 97.22
CA LEU A 2474 26.09 -29.94 97.88
C LEU A 2474 26.76 -30.09 99.24
N GLN A 2475 27.28 -28.98 99.75
CA GLN A 2475 27.97 -28.99 101.03
C GLN A 2475 26.96 -29.05 102.18
N ILE A 2476 27.45 -29.47 103.34
CA ILE A 2476 26.64 -29.62 104.55
C ILE A 2476 27.22 -28.71 105.62
N PRO A 2477 26.43 -27.83 106.23
CA PRO A 2477 26.94 -26.94 107.29
C PRO A 2477 27.10 -27.65 108.64
N THR A 2478 28.21 -28.36 108.80
CA THR A 2478 28.51 -29.09 110.02
C THR A 2478 29.89 -28.68 110.53
N LEU A 2479 30.04 -28.73 111.84
CA LEU A 2479 31.30 -28.38 112.49
C LEU A 2479 32.29 -29.53 112.44
N UNK A 2487 29.88 -23.65 114.53
CA UNK A 2487 29.79 -24.42 113.30
C UNK A 2487 30.30 -23.61 112.11
N UNK A 2488 30.38 -24.26 110.96
CA UNK A 2488 30.85 -23.60 109.74
C UNK A 2488 29.69 -23.41 108.76
N UNK A 2489 28.67 -22.68 109.19
CA UNK A 2489 27.51 -22.41 108.35
C UNK A 2489 27.60 -21.03 107.73
N UNK A 2490 27.64 -21.00 106.39
CA UNK A 2490 27.74 -19.75 105.66
C UNK A 2490 27.04 -19.86 104.30
N UNK A 2491 26.59 -18.71 103.79
CA UNK A 2491 25.91 -18.68 102.49
C UNK A 2491 26.92 -18.81 101.36
N UNK A 2492 26.74 -19.84 100.53
CA UNK A 2492 27.64 -20.08 99.41
C UNK A 2492 27.02 -19.56 98.11
N UNK A 2493 27.39 -20.19 97.00
CA UNK A 2493 26.86 -19.78 95.69
C UNK A 2493 26.19 -20.96 95.00
N UNK A 2494 25.75 -21.94 95.79
CA UNK A 2494 25.07 -23.12 95.26
C UNK A 2494 23.86 -23.46 96.13
N UNK A 2495 22.79 -22.70 95.96
CA UNK A 2495 21.58 -22.90 96.74
C UNK A 2495 20.85 -24.18 96.31
N UNK A 2496 20.01 -24.70 97.20
CA UNK A 2496 19.26 -25.92 96.92
C UNK A 2496 17.86 -25.59 96.38
N UNK A 2497 17.69 -24.35 95.93
CA UNK A 2497 16.41 -23.91 95.38
C UNK A 2497 16.39 -24.05 93.86
N UNK A 2498 17.43 -24.69 93.32
CA UNK A 2498 17.52 -24.91 91.88
C UNK A 2498 17.47 -26.41 91.57
N UNK A 2499 17.78 -27.22 92.57
CA UNK A 2499 17.67 -28.66 92.44
C UNK A 2499 16.21 -29.07 92.35
N UNK A 2500 15.36 -28.28 93.01
CA UNK A 2500 13.92 -28.48 92.94
C UNK A 2500 13.36 -27.85 91.68
N UNK A 2501 14.11 -26.90 91.12
CA UNK A 2501 13.71 -26.23 89.89
C UNK A 2501 14.15 -27.04 88.68
N UNK A 2502 15.07 -27.97 88.89
CA UNK A 2502 15.55 -28.83 87.82
C UNK A 2502 14.73 -30.12 87.77
N UNK A 2503 14.03 -30.40 88.86
CA UNK A 2503 13.18 -31.59 88.93
C UNK A 2503 11.80 -31.31 88.35
N UNK A 2504 11.49 -30.02 88.20
CA UNK A 2504 10.20 -29.63 87.64
C UNK A 2504 10.16 -29.83 86.13
N UNK A 2505 11.32 -29.68 85.50
CA UNK A 2505 11.43 -29.85 84.05
C UNK A 2505 11.63 -31.32 83.69
N UNK A 2506 11.96 -32.13 84.69
CA UNK A 2506 12.18 -33.55 84.48
C UNK A 2506 10.90 -34.35 84.70
N UNK A 2507 9.88 -33.68 85.24
CA UNK A 2507 8.60 -34.33 85.52
C UNK A 2507 7.48 -33.73 84.68
N UNK A 2508 7.83 -32.80 83.80
CA UNK A 2508 6.85 -32.14 82.96
C UNK A 2508 7.29 -32.15 81.49
N UNK A 2509 8.31 -32.96 81.19
CA UNK A 2509 8.81 -33.05 79.82
C UNK A 2509 9.33 -34.47 79.54
N UNK A 2510 10.33 -34.89 80.30
CA UNK A 2510 10.92 -36.21 80.13
C UNK A 2510 10.11 -37.27 80.87
N UNK A 2511 9.57 -36.89 82.03
CA UNK A 2511 8.80 -37.76 82.91
C UNK A 2511 9.56 -39.02 83.30
N UNK A 2512 8.82 -40.06 83.67
CA UNK A 2512 9.42 -41.34 84.06
C UNK A 2512 8.40 -42.47 83.98
N UNK A 2513 8.41 -43.20 82.87
CA UNK A 2513 7.47 -44.28 82.66
C UNK A 2513 8.11 -45.65 82.88
N UNK A 2514 9.37 -45.77 82.47
CA UNK A 2514 10.09 -47.03 82.62
C UNK A 2514 10.42 -47.30 84.08
N UNK A 2515 10.07 -48.50 84.54
CA UNK A 2515 10.30 -48.89 85.93
C UNK A 2515 11.78 -49.14 86.20
N UNK A 2516 12.49 -49.63 85.19
CA UNK A 2516 13.91 -49.91 85.31
C UNK A 2516 14.71 -48.61 85.35
N UNK A 2517 14.25 -47.63 84.57
CA UNK A 2517 14.90 -46.32 84.53
C UNK A 2517 14.52 -45.51 85.76
N UNK A 2518 13.39 -45.86 86.38
CA UNK A 2518 12.93 -45.17 87.58
C UNK A 2518 13.82 -45.50 88.77
N UNK A 2519 14.36 -46.71 88.79
CA UNK A 2519 15.25 -47.15 89.86
C UNK A 2519 16.67 -46.66 89.62
N UNK A 2520 16.95 -46.27 88.38
CA UNK A 2520 18.28 -45.81 88.01
C UNK A 2520 18.39 -44.29 88.14
N UNK A 2521 17.31 -43.59 87.81
CA UNK A 2521 17.29 -42.13 87.88
C UNK A 2521 17.00 -41.65 89.29
N UNK A 2522 16.61 -42.58 90.16
CA UNK A 2522 16.32 -42.26 91.56
C UNK A 2522 17.61 -41.93 92.30
N UNK A 2523 17.99 -40.66 92.29
CA UNK A 2523 19.19 -40.21 92.97
C UNK A 2523 18.88 -39.00 93.85
N UNK A 2524 17.60 -38.78 94.11
CA UNK A 2524 17.17 -37.64 94.91
C UNK A 2524 17.41 -37.90 96.39
N UNK A 2525 17.35 -39.16 96.80
CA UNK A 2525 17.53 -39.53 98.20
C UNK A 2525 18.98 -39.91 98.50
N UNK A 2526 19.91 -39.27 97.80
CA UNK A 2526 21.33 -39.54 97.99
C UNK A 2526 22.06 -38.29 98.48
N UNK A 2527 21.48 -37.13 98.20
CA UNK A 2527 22.09 -35.86 98.60
C UNK A 2527 21.08 -34.96 99.30
N UNK A 2528 19.86 -35.46 99.48
CA UNK A 2528 18.81 -34.69 100.15
C UNK A 2528 18.30 -35.43 101.39
N UNK A 2529 17.65 -36.56 101.16
CA UNK A 2529 17.12 -37.37 102.26
C UNK A 2529 18.24 -38.10 102.98
N UNK A 2530 19.33 -38.33 102.27
CA UNK A 2530 20.49 -39.01 102.85
C UNK A 2530 21.38 -38.03 103.60
N UNK A 2531 21.44 -36.80 103.10
CA UNK A 2531 22.29 -35.77 103.71
C UNK A 2531 21.58 -35.06 104.85
N UNK A 2532 20.28 -35.29 104.99
CA UNK A 2532 19.50 -34.67 106.05
C UNK A 2532 19.78 -35.33 107.40
N UNK A 2533 20.93 -35.00 107.98
CA UNK A 2533 21.33 -35.56 109.25
C UNK A 2533 21.36 -34.49 110.34
N UNK A 2534 20.65 -33.40 110.09
CA UNK A 2534 20.58 -32.30 111.06
C UNK A 2534 19.70 -32.68 112.24
N UNK A 2535 20.19 -32.44 113.45
CA UNK A 2535 19.45 -32.78 114.66
C UNK A 2535 19.16 -31.55 115.51
N UNK A 2536 19.77 -31.49 116.69
CA UNK A 2536 19.56 -30.37 117.60
C UNK A 2536 20.35 -29.14 117.17
N UNK A 2537 21.35 -29.36 116.31
CA UNK A 2537 22.18 -28.27 115.81
C UNK A 2537 21.65 -27.75 114.47
N UNK A 2538 20.33 -27.69 114.35
CA UNK A 2538 19.70 -27.21 113.13
C UNK A 2538 19.09 -25.83 113.34
N UNK A 2539 17.97 -25.57 112.65
CA UNK A 2539 17.24 -24.30 112.70
C UNK A 2539 18.13 -23.11 112.37
N UNK A 2540 19.07 -23.31 111.44
CA UNK A 2540 19.98 -22.26 111.01
C UNK A 2540 20.50 -22.55 109.61
N UNK A 2541 19.88 -21.91 108.61
CA UNK A 2541 20.19 -22.10 107.20
C UNK A 2541 20.08 -23.57 106.77
N UNK A 2542 19.13 -24.28 107.38
CA UNK A 2542 18.89 -25.67 107.07
C UNK A 2542 17.49 -25.84 106.49
N UNK A 2543 17.06 -24.85 105.73
CA UNK A 2543 15.73 -24.87 105.12
C UNK A 2543 15.79 -25.43 103.70
N UNK A 2544 16.77 -26.29 103.45
CA UNK A 2544 16.90 -26.94 102.16
C UNK A 2544 16.01 -28.17 102.09
N UNK A 2545 15.43 -28.54 103.23
CA UNK A 2545 14.51 -29.66 103.30
C UNK A 2545 13.11 -29.23 102.87
N UNK A 2546 12.92 -27.92 102.74
CA UNK A 2546 11.66 -27.37 102.26
C UNK A 2546 11.47 -27.68 100.78
N UNK A 2547 12.59 -27.78 100.07
CA UNK A 2547 12.56 -28.14 98.65
C UNK A 2547 12.38 -29.64 98.50
N UNK A 2548 12.76 -30.38 99.54
CA UNK A 2548 12.62 -31.83 99.56
C UNK A 2548 11.17 -32.22 99.81
N UNK A 2549 10.46 -31.38 100.55
CA UNK A 2549 9.06 -31.64 100.87
C UNK A 2549 8.14 -30.81 99.98
N UNK A 2550 8.58 -30.54 98.75
CA UNK A 2550 7.79 -29.77 97.80
C UNK A 2550 8.18 -30.09 96.36
N UNK A 2551 9.06 -31.06 96.19
CA UNK A 2551 9.52 -31.45 94.85
C UNK A 2551 10.11 -32.86 94.84
N UNK A 2552 10.77 -33.24 95.93
CA UNK A 2552 11.45 -34.53 96.01
C UNK A 2552 10.55 -35.62 96.59
N UNK A 2553 10.12 -35.42 97.83
CA UNK A 2553 9.30 -36.43 98.52
C UNK A 2553 7.86 -36.43 98.01
N UNK A 2554 7.47 -35.37 97.30
CA UNK A 2554 6.13 -35.26 96.76
C UNK A 2554 6.10 -35.65 95.29
N UNK A 2555 7.00 -36.53 94.89
CA UNK A 2555 7.08 -36.98 93.51
C UNK A 2555 7.76 -38.34 93.40
N UNK A 2556 7.27 -39.16 92.47
CA UNK A 2556 7.85 -40.47 92.23
C UNK A 2556 7.57 -40.92 90.79
N UNK A 2557 7.79 -42.21 90.53
CA UNK A 2557 7.57 -42.76 89.19
C UNK A 2557 6.80 -44.07 89.26
N UNK A 2558 6.77 -44.80 88.15
CA UNK A 2558 6.12 -46.10 88.11
C UNK A 2558 6.90 -47.09 88.99
N UNK A 2559 6.53 -47.12 90.27
CA UNK A 2559 7.23 -47.94 91.25
C UNK A 2559 7.05 -49.42 91.01
N UNK A 2560 8.16 -50.12 90.75
CA UNK A 2560 8.15 -51.55 90.54
C UNK A 2560 9.50 -52.16 90.91
N UNK A 2561 9.54 -52.88 92.02
CA UNK A 2561 10.77 -53.49 92.51
C UNK A 2561 11.07 -54.79 91.76
N UNK A 2562 12.32 -54.96 91.36
CA UNK A 2562 12.74 -56.15 90.63
C UNK A 2562 13.30 -57.20 91.59
N UNK A 2563 14.55 -57.59 91.38
CA UNK A 2563 15.19 -58.60 92.21
C UNK A 2563 15.65 -58.01 93.53
N UNK A 2564 14.95 -58.38 94.61
CA UNK A 2564 15.23 -57.95 95.98
C UNK A 2564 15.26 -56.43 96.13
N UNK A 2565 16.46 -55.87 96.27
CA UNK A 2565 16.62 -54.43 96.48
C UNK A 2565 16.96 -53.72 95.17
N UNK A 2566 18.17 -53.96 94.67
CA UNK A 2566 18.70 -53.35 93.45
C UNK A 2566 18.66 -51.82 93.50
N UNK A 2567 19.53 -51.25 94.33
CA UNK A 2567 19.61 -49.80 94.48
C UNK A 2567 21.06 -49.36 94.63
N UNK A 2568 21.38 -48.17 94.11
CA UNK A 2568 22.74 -47.64 94.18
C UNK A 2568 22.76 -46.12 94.03
N UNK A 2569 21.92 -45.61 93.13
CA UNK A 2569 21.88 -44.18 92.84
C UNK A 2569 21.26 -43.38 93.99
N UNK A 2570 20.37 -44.03 94.74
CA UNK A 2570 19.69 -43.38 95.85
C UNK A 2570 20.42 -43.60 97.17
N UNK A 2571 21.67 -44.06 97.08
CA UNK A 2571 22.52 -44.34 98.23
C UNK A 2571 21.86 -45.31 99.22
N UNK A 2572 22.16 -45.14 100.49
CA UNK A 2572 21.59 -45.99 101.54
C UNK A 2572 21.61 -45.28 102.89
N UNK A 2573 21.84 -43.97 102.86
CA UNK A 2573 21.92 -43.17 104.08
C UNK A 2573 20.57 -42.55 104.43
N UNK A 2574 19.52 -43.07 103.81
CA UNK A 2574 18.16 -42.63 104.13
C UNK A 2574 17.53 -43.61 105.12
N UNK A 2575 18.39 -44.40 105.77
CA UNK A 2575 17.94 -45.41 106.72
C UNK A 2575 17.41 -44.77 107.99
N UNK A 2576 18.32 -44.23 108.80
CA UNK A 2576 17.97 -43.64 110.10
C UNK A 2576 17.04 -42.45 109.95
N UNK A 2577 17.54 -41.37 109.35
CA UNK A 2577 16.73 -40.17 109.12
C UNK A 2577 15.68 -40.46 108.05
N UNK A 2578 14.41 -40.31 108.42
CA UNK A 2578 13.33 -40.67 107.50
C UNK A 2578 12.05 -39.87 107.73
N UNK A 2579 11.22 -40.31 108.67
CA UNK A 2579 9.90 -39.73 108.86
C UNK A 2579 9.94 -38.46 109.72
N UNK A 2580 8.94 -37.59 109.52
CA UNK A 2580 8.91 -36.27 110.13
C UNK A 2580 8.75 -36.32 111.65
N UNK A 2581 9.65 -35.63 112.36
CA UNK A 2581 9.57 -35.48 113.81
C UNK A 2581 10.37 -34.27 114.29
N UNK A 2582 11.63 -34.18 113.88
CA UNK A 2582 12.51 -33.09 114.31
C UNK A 2582 12.27 -31.82 113.49
N UNK A 2583 13.25 -30.93 113.47
CA UNK A 2583 13.09 -29.63 112.81
C UNK A 2583 13.66 -29.61 111.40
N UNK A 2584 12.76 -29.63 110.41
CA UNK A 2584 13.13 -29.50 109.01
C UNK A 2584 11.94 -29.04 108.18
N UNK A 2585 12.12 -28.98 106.86
CA UNK A 2585 11.09 -28.58 105.91
C UNK A 2585 10.49 -27.22 106.23
N UNK A 2586 9.41 -27.22 107.00
CA UNK A 2586 8.73 -25.97 107.37
C UNK A 2586 8.15 -26.07 108.77
N UNK A 2587 7.04 -25.35 109.00
CA UNK A 2587 6.39 -25.35 110.30
C UNK A 2587 5.54 -26.59 110.49
N UNK A 2588 4.24 -26.48 110.22
CA UNK A 2588 3.33 -27.60 110.40
C UNK A 2588 2.45 -27.81 109.17
N UNK A 2589 2.34 -26.80 108.32
CA UNK A 2589 1.48 -26.85 107.15
C UNK A 2589 1.92 -27.90 106.14
N UNK A 2590 0.96 -28.48 105.44
CA UNK A 2590 1.23 -29.55 104.47
C UNK A 2590 1.80 -29.01 103.17
N UNK A 2591 2.22 -29.92 102.30
CA UNK A 2591 2.79 -29.54 101.01
C UNK A 2591 1.69 -29.28 99.98
N UNK A 2592 1.94 -28.33 99.09
CA UNK A 2592 0.97 -27.98 98.06
C UNK A 2592 1.35 -28.60 96.71
N UNK A 2593 2.51 -29.24 96.67
CA UNK A 2593 2.97 -29.90 95.45
C UNK A 2593 2.15 -31.15 95.18
N UNK A 2594 2.13 -32.07 96.14
CA UNK A 2594 1.36 -33.29 96.03
C UNK A 2594 1.04 -33.85 97.42
N UNK A 2595 -0.08 -34.55 97.54
CA UNK A 2595 -0.49 -35.15 98.80
C UNK A 2595 0.43 -36.31 99.16
N UNK A 2596 0.91 -37.01 98.14
CA UNK A 2596 1.82 -38.13 98.34
C UNK A 2596 2.83 -38.19 97.19
N UNK A 2597 3.09 -39.40 96.71
CA UNK A 2597 4.02 -39.59 95.59
C UNK A 2597 3.34 -40.39 94.48
N UNK A 2598 3.53 -39.94 93.24
CA UNK A 2598 2.95 -40.64 92.09
C UNK A 2598 3.65 -41.96 91.87
N UNK A 2599 3.26 -42.98 92.63
CA UNK A 2599 3.88 -44.29 92.55
C UNK A 2599 2.89 -45.42 92.76
N UNK A 2600 2.90 -46.38 91.85
CA UNK A 2600 2.07 -47.56 91.97
C UNK A 2600 2.66 -48.49 93.03
N UNK A 2601 2.06 -48.51 94.21
CA UNK A 2601 2.57 -49.30 95.33
C UNK A 2601 2.15 -50.77 95.22
N UNK A 2602 1.34 -51.08 94.22
CA UNK A 2602 0.87 -52.45 94.02
C UNK A 2602 1.94 -53.29 93.33
N UNK A 2603 2.82 -52.64 92.58
CA UNK A 2603 3.88 -53.34 91.86
C UNK A 2603 5.14 -53.45 92.69
N UNK A 2604 5.67 -52.30 93.14
CA UNK A 2604 6.83 -52.29 94.00
C UNK A 2604 6.48 -52.84 95.37
N UNK A 2605 7.26 -53.82 95.84
CA UNK A 2605 6.98 -54.49 97.10
C UNK A 2605 8.19 -55.21 97.65
N UNK A 2606 8.69 -54.73 98.78
CA UNK A 2606 9.85 -55.34 99.44
C UNK A 2606 9.63 -55.40 100.95
N UNK A 2607 10.56 -54.80 101.69
CA UNK A 2607 10.48 -54.67 103.16
C UNK A 2607 10.39 -56.00 103.89
N UNK A 2608 11.55 -56.49 104.36
CA UNK A 2608 11.60 -57.72 105.14
C UNK A 2608 12.77 -57.66 106.13
N UNK A 2609 12.59 -58.29 107.30
CA UNK A 2609 13.62 -58.27 108.33
C UNK A 2609 13.48 -59.42 109.32
N UNK A 2610 14.37 -59.44 110.31
CA UNK A 2610 14.36 -60.46 111.35
C UNK A 2610 15.14 -59.97 112.57
N UNK A 2611 14.89 -60.60 113.72
CA UNK A 2611 15.56 -60.29 115.00
C UNK A 2611 15.43 -58.82 115.39
N UNK A 2612 16.41 -58.34 116.14
CA UNK A 2612 16.41 -56.94 116.59
C UNK A 2612 17.82 -56.36 116.58
N UNK A 2613 17.95 -55.15 116.07
CA UNK A 2613 19.25 -54.49 115.99
C UNK A 2613 19.22 -53.13 116.68
N UNK A 2614 20.38 -52.72 117.20
CA UNK A 2614 20.57 -51.44 117.89
C UNK A 2614 19.59 -51.27 119.06
N UNK A 2615 18.67 -50.32 118.91
CA UNK A 2615 17.68 -50.05 119.95
C UNK A 2615 16.26 -50.22 119.39
N UNK A 2616 15.32 -49.51 119.99
CA UNK A 2616 13.93 -49.57 119.57
C UNK A 2616 13.72 -48.79 118.27
N UNK A 2617 13.21 -49.48 117.25
CA UNK A 2617 12.92 -48.85 115.96
C UNK A 2617 11.75 -47.87 116.11
N UNK A 2618 10.62 -48.39 116.59
CA UNK A 2618 9.48 -47.53 116.88
C UNK A 2618 9.66 -46.86 118.24
N UNK A 2619 8.83 -45.88 118.55
CA UNK A 2619 8.94 -45.13 119.80
C UNK A 2619 8.58 -46.02 121.00
N UNK A 2620 9.29 -45.83 122.10
CA UNK A 2620 9.06 -46.62 123.31
C UNK A 2620 7.77 -46.23 124.00
N UNK A 2621 7.25 -45.06 123.64
CA UNK A 2621 5.99 -44.56 124.19
C UNK A 2621 4.81 -45.39 123.68
N UNK A 2622 3.99 -45.87 124.61
CA UNK A 2622 2.82 -46.67 124.26
C UNK A 2622 1.62 -45.78 123.93
N UNK A 2623 1.77 -44.48 124.21
CA UNK A 2623 0.70 -43.53 123.97
C UNK A 2623 0.51 -43.26 122.48
N UNK A 2624 -0.70 -42.86 122.10
CA UNK A 2624 -1.01 -42.55 120.71
C UNK A 2624 -2.12 -41.50 120.64
N UNK A 2625 -1.73 -40.25 120.47
CA UNK A 2625 -2.69 -39.15 120.42
C UNK A 2625 -3.41 -39.10 119.08
N UNK A 2626 -2.99 -38.19 118.21
CA UNK A 2626 -3.63 -38.00 116.90
C UNK A 2626 -2.64 -37.58 115.82
N UNK A 2627 -2.50 -38.43 114.80
CA UNK A 2627 -1.64 -38.15 113.65
C UNK A 2627 -2.37 -38.50 112.36
N UNK A 2628 -1.66 -38.46 111.23
CA UNK A 2628 -2.25 -38.81 109.95
C UNK A 2628 -1.19 -39.22 108.93
N UNK A 2629 -1.48 -40.25 108.16
CA UNK A 2629 -0.56 -40.75 107.14
C UNK A 2629 -0.76 -40.06 105.81
N UNK A 2630 0.35 -39.77 105.12
CA UNK A 2630 0.29 -39.10 103.83
C UNK A 2630 1.25 -39.76 102.84
N UNK A 2631 2.55 -39.58 103.06
CA UNK A 2631 3.56 -40.14 102.18
C UNK A 2631 3.67 -41.65 102.36
N UNK A 2632 3.23 -42.12 103.52
CA UNK A 2632 3.30 -43.55 103.85
C UNK A 2632 2.12 -44.33 103.29
N UNK A 2633 1.36 -43.70 102.40
CA UNK A 2633 0.28 -44.38 101.69
C UNK A 2633 0.86 -45.19 100.55
N UNK A 2634 2.10 -44.86 100.17
CA UNK A 2634 2.82 -45.60 99.14
C UNK A 2634 3.60 -46.75 99.76
N UNK A 2635 3.47 -46.89 101.08
CA UNK A 2635 4.14 -47.97 101.80
C UNK A 2635 3.30 -49.23 101.78
N UNK A 2636 2.10 -49.14 101.21
CA UNK A 2636 1.24 -50.30 101.05
C UNK A 2636 1.85 -51.26 100.03
N UNK A 2637 2.79 -52.07 100.50
CA UNK A 2637 3.55 -52.94 99.62
C UNK A 2637 3.92 -54.26 100.30
N UNK A 2638 4.06 -54.23 101.62
CA UNK A 2638 4.43 -55.41 102.40
C UNK A 2638 3.38 -56.51 102.28
N UNK A 2639 3.81 -57.75 102.46
CA UNK A 2639 2.94 -58.91 102.24
C UNK A 2639 1.93 -59.11 103.38
N UNK A 2640 1.87 -60.34 103.87
CA UNK A 2640 0.89 -60.70 104.90
C UNK A 2640 1.37 -61.89 105.72
N UNK A 2641 0.45 -62.50 106.45
CA UNK A 2641 0.81 -63.64 107.31
C UNK A 2641 -0.39 -64.55 107.58
N UNK A 2642 -1.34 -64.58 106.66
CA UNK A 2642 -2.49 -65.46 106.78
C UNK A 2642 -3.01 -65.86 105.40
N UNK A 2643 -3.94 -66.81 105.36
CA UNK A 2643 -4.41 -67.47 104.13
C UNK A 2643 -4.80 -66.52 102.98
N UNK A 2644 -4.06 -66.61 101.88
CA UNK A 2644 -4.27 -65.76 100.71
C UNK A 2644 -3.52 -66.34 99.49
N UNK A 2645 -3.42 -65.56 98.42
CA UNK A 2645 -2.72 -66.00 97.19
C UNK A 2645 -2.50 -64.87 96.18
N UNK A 2646 -1.25 -64.50 95.94
CA UNK A 2646 -0.89 -63.54 94.88
C UNK A 2646 0.60 -63.60 94.52
N UNK A 2647 1.16 -62.46 94.15
CA UNK A 2647 2.53 -62.39 93.64
C UNK A 2647 3.57 -62.01 94.69
N UNK A 2648 4.70 -61.51 94.22
CA UNK A 2648 5.84 -61.20 95.10
C UNK A 2648 5.60 -59.97 95.96
N UNK A 2649 6.14 -60.00 97.18
CA UNK A 2649 5.99 -58.89 98.11
C UNK A 2649 7.09 -58.89 99.17
N UNK A 2650 6.73 -59.25 100.40
CA UNK A 2650 7.67 -59.21 101.52
C UNK A 2650 8.15 -60.59 101.93
N UNK A 2651 8.91 -60.65 103.02
CA UNK A 2651 9.44 -61.91 103.53
C UNK A 2651 9.68 -61.83 105.03
N UNK A 2652 8.91 -60.99 105.72
CA UNK A 2652 9.00 -60.86 107.16
C UNK A 2652 8.35 -62.05 107.84
N UNK A 2653 7.06 -62.24 107.55
CA UNK A 2653 6.27 -63.39 108.02
C UNK A 2653 6.19 -63.51 109.55
N UNK A 2654 5.60 -64.62 109.99
CA UNK A 2654 5.48 -64.90 111.41
C UNK A 2654 6.38 -66.08 111.80
N UNK A 2655 7.34 -66.37 110.93
CA UNK A 2655 8.27 -67.47 111.15
C UNK A 2655 9.38 -67.05 112.11
N UNK A 2656 9.51 -65.75 112.33
CA UNK A 2656 10.51 -65.23 113.26
C UNK A 2656 10.06 -65.49 114.70
N UNK A 2657 10.95 -65.21 115.65
CA UNK A 2657 10.64 -65.44 117.06
C UNK A 2657 11.57 -64.65 117.98
N UNK A 2658 11.07 -64.32 119.17
CA UNK A 2658 11.85 -63.68 120.24
C UNK A 2658 12.52 -62.37 119.83
N UNK A 2659 11.82 -61.26 120.04
CA UNK A 2659 12.33 -59.96 119.65
C UNK A 2659 11.77 -58.84 120.51
N UNK A 2660 11.49 -59.16 121.78
CA UNK A 2660 11.03 -58.20 122.79
C UNK A 2660 9.75 -57.47 122.36
N UNK A 2661 9.89 -56.19 122.04
CA UNK A 2661 8.76 -55.36 121.62
C UNK A 2661 9.27 -54.14 120.87
N UNK A 2662 10.32 -53.52 121.41
CA UNK A 2662 10.97 -52.35 120.84
C UNK A 2662 10.00 -51.18 120.60
N UNK A 2663 8.98 -51.09 121.44
CA UNK A 2663 7.91 -50.11 121.27
C UNK A 2663 7.00 -50.07 122.48
N UNK A 2664 7.03 -51.16 123.26
CA UNK A 2664 6.10 -51.40 124.36
C UNK A 2664 4.66 -51.27 123.87
N UNK A 2665 4.33 -52.04 122.84
CA UNK A 2665 2.99 -51.98 122.24
C UNK A 2665 2.25 -53.30 122.47
N UNK A 2666 1.98 -53.62 123.74
CA UNK A 2666 1.41 -54.90 124.14
C UNK A 2666 -0.02 -55.12 123.61
N UNK A 2667 -1.00 -54.87 124.47
CA UNK A 2667 -2.39 -55.10 124.09
C UNK A 2667 -3.35 -54.21 124.87
N UNK A 2668 -4.60 -54.17 124.41
CA UNK A 2668 -5.64 -53.33 124.99
C UNK A 2668 -5.99 -53.80 126.40
N UNK A 2669 -5.57 -53.02 127.40
CA UNK A 2669 -5.84 -53.39 128.79
C UNK A 2669 -5.82 -52.20 129.73
N UNK A 2670 -6.17 -51.01 129.22
CA UNK A 2670 -6.10 -49.81 130.04
C UNK A 2670 -7.20 -48.80 129.72
N UNK A 2671 -7.05 -47.62 130.32
CA UNK A 2671 -7.93 -46.48 130.09
C UNK A 2671 -7.20 -45.22 130.55
N UNK A 2672 -6.84 -44.36 129.61
CA UNK A 2672 -5.99 -43.20 129.89
C UNK A 2672 -6.71 -42.09 130.67
N UNK A 2673 -6.30 -40.85 130.41
CA UNK A 2673 -6.86 -39.71 131.12
C UNK A 2673 -8.15 -39.21 130.46
N UNK A 2674 -9.05 -40.14 130.18
CA UNK A 2674 -10.33 -39.86 129.52
C UNK A 2674 -10.14 -39.09 128.21
N UNK A 2675 -9.53 -39.74 127.23
CA UNK A 2675 -9.24 -39.10 125.95
C UNK A 2675 -10.47 -39.07 125.04
N UNK A 2676 -11.54 -38.44 125.50
CA UNK A 2676 -12.77 -38.32 124.73
C UNK A 2676 -12.66 -37.14 123.77
N UNK A 2677 -11.60 -36.36 123.91
CA UNK A 2677 -11.34 -35.22 123.03
C UNK A 2677 -11.00 -35.70 121.64
N UNK A 2678 -10.34 -36.85 121.55
CA UNK A 2678 -10.02 -37.47 120.27
C UNK A 2678 -11.14 -38.43 119.88
N UNK A 2679 -12.05 -37.97 119.03
CA UNK A 2679 -13.19 -38.78 118.64
C UNK A 2679 -13.61 -38.55 117.19
N UNK A 2680 -13.07 -39.37 116.29
CA UNK A 2680 -13.44 -39.37 114.89
C UNK A 2680 -13.14 -40.76 114.33
N UNK A 2681 -13.65 -41.06 113.14
CA UNK A 2681 -13.55 -42.41 112.56
C UNK A 2681 -12.12 -42.88 112.34
N UNK A 2682 -11.95 -44.19 112.18
CA UNK A 2682 -10.63 -44.80 112.02
C UNK A 2682 -10.47 -45.46 110.66
N UNK A 2683 -9.31 -46.10 110.46
CA UNK A 2683 -9.02 -46.82 109.23
C UNK A 2683 -9.51 -48.26 109.32
N UNK A 2684 -10.38 -48.65 108.39
CA UNK A 2684 -10.97 -49.98 108.40
C UNK A 2684 -10.03 -51.03 107.80
N UNK A 2685 -9.83 -52.11 108.53
CA UNK A 2685 -8.97 -53.21 108.09
C UNK A 2685 -9.27 -54.47 108.89
N UNK A 2686 -8.20 -55.12 109.37
CA UNK A 2686 -8.33 -56.33 110.18
C UNK A 2686 -7.09 -56.51 111.05
N UNK A 2687 -6.61 -57.75 111.13
CA UNK A 2687 -5.39 -58.05 111.88
C UNK A 2687 -4.82 -59.38 111.39
N UNK A 2688 -3.80 -59.87 112.08
CA UNK A 2688 -3.26 -61.18 111.78
C UNK A 2688 -4.23 -62.24 112.28
N UNK A 2689 -4.19 -63.43 111.69
CA UNK A 2689 -5.16 -64.47 111.99
C UNK A 2689 -4.68 -65.44 113.07
N UNK A 2690 -5.32 -65.40 114.23
CA UNK A 2690 -4.98 -66.29 115.33
C UNK A 2690 -5.64 -67.65 115.17
N UNK A 2691 -5.18 -68.62 115.97
CA UNK A 2691 -5.72 -69.97 115.92
C UNK A 2691 -5.51 -70.67 117.26
N UNK A 2692 -5.02 -71.91 117.21
CA UNK A 2692 -4.75 -72.67 118.42
C UNK A 2692 -3.29 -73.11 118.46
N UNK A 2693 -2.41 -72.25 117.95
CA UNK A 2693 -0.99 -72.56 117.88
C UNK A 2693 -0.23 -71.99 119.07
N UNK A 2694 0.64 -72.80 119.65
CA UNK A 2694 1.50 -72.39 120.75
C UNK A 2694 2.65 -73.39 120.93
N UNK A 2695 3.71 -72.97 121.62
CA UNK A 2695 4.86 -73.83 121.86
C UNK A 2695 5.44 -73.57 123.25
N UNK A 2696 6.58 -74.20 123.53
CA UNK A 2696 7.31 -74.07 124.79
C UNK A 2696 6.48 -74.45 126.02
N UNK A 2697 6.67 -75.68 126.49
CA UNK A 2697 5.91 -76.20 127.62
C UNK A 2697 6.80 -76.54 128.80
N UNK A 2698 8.12 -76.49 128.60
CA UNK A 2698 9.06 -76.89 129.65
C UNK A 2698 9.57 -75.69 130.45
N UNK A 2699 9.86 -75.93 131.72
CA UNK A 2699 10.42 -74.90 132.59
C UNK A 2699 11.94 -74.97 132.53
N UNK A 2700 12.46 -76.19 132.43
CA UNK A 2700 13.89 -76.42 132.30
C UNK A 2700 14.16 -77.44 131.19
N UNK A 2701 15.40 -77.53 130.75
CA UNK A 2701 15.76 -78.45 129.68
C UNK A 2701 17.05 -79.20 130.01
N UNK A 2702 18.13 -78.46 130.22
CA UNK A 2702 19.42 -79.06 130.53
C UNK A 2702 19.71 -78.99 132.03
N UNK A 2703 19.03 -79.85 132.79
CA UNK A 2703 19.21 -79.90 134.23
C UNK A 2703 18.92 -81.30 134.76
N ASN A 2734 6.25 -33.08 106.38
CA ASN A 2734 5.56 -32.08 107.18
C ASN A 2734 4.08 -32.04 106.82
N PHE A 2735 3.34 -33.05 107.25
CA PHE A 2735 1.92 -33.19 106.95
C PHE A 2735 1.08 -33.14 108.22
N ASP A 2736 -0.11 -32.57 108.11
CA ASP A 2736 -0.96 -32.29 109.26
C ASP A 2736 -1.58 -33.57 109.82
N PRO A 2737 -1.92 -33.59 111.13
CA PRO A 2737 -2.54 -34.78 111.72
C PRO A 2737 -4.05 -34.82 111.58
N ARG A 2738 -4.67 -35.90 112.04
CA ARG A 2738 -6.11 -36.06 112.07
C ARG A 2738 -6.51 -36.72 113.39
N PRO A 2739 -7.73 -36.47 113.88
CA PRO A 2739 -8.19 -37.14 115.10
C PRO A 2739 -8.85 -38.47 114.84
N VAL A 2740 -8.64 -39.41 115.78
CA VAL A 2740 -9.18 -40.77 115.70
C VAL A 2740 -9.82 -41.06 117.06
N GLU A 2741 -10.76 -42.01 117.08
CA GLU A 2741 -11.49 -42.29 118.31
C GLU A 2741 -10.55 -42.92 119.34
N THR A 2742 -10.91 -42.77 120.62
CA THR A 2742 -10.15 -43.43 121.68
C THR A 2742 -10.99 -44.33 122.57
N LEU A 2743 -12.13 -43.83 123.07
CA LEU A 2743 -12.82 -44.45 124.20
C LEU A 2743 -14.17 -45.04 123.80
N ASN A 2744 -14.23 -45.72 122.65
CA ASN A 2744 -15.46 -46.41 122.26
C ASN A 2744 -15.77 -47.57 123.20
N VAL A 2745 -14.74 -48.30 123.64
CA VAL A 2745 -14.91 -49.48 124.49
C VAL A 2745 -14.11 -49.28 125.77
N ILE A 2746 -14.73 -49.58 126.90
CA ILE A 2746 -14.09 -49.55 128.21
C ILE A 2746 -13.91 -50.98 128.68
N ILE A 2747 -12.80 -51.24 129.37
CA ILE A 2747 -12.42 -52.60 129.75
C ILE A 2747 -13.00 -52.90 131.13
N PRO A 2748 -13.89 -53.89 131.26
CA PRO A 2748 -14.31 -54.36 132.59
C PRO A 2748 -13.35 -55.42 133.11
N GLU A 2749 -13.67 -56.07 134.23
CA GLU A 2749 -12.77 -57.09 134.76
C GLU A 2749 -13.08 -58.45 134.12
N LYS A 2750 -13.13 -58.46 132.79
CA LYS A 2750 -13.16 -59.68 131.99
C LYS A 2750 -11.76 -60.12 131.60
N LEU A 2751 -10.91 -59.15 131.24
CA LEU A 2751 -9.53 -59.41 130.84
C LEU A 2751 -8.71 -59.56 132.12
N ASP A 2752 -8.78 -60.75 132.70
CA ASP A 2752 -7.99 -61.13 133.86
C ASP A 2752 -7.18 -62.40 133.63
N SER A 2753 -7.74 -63.37 132.89
CA SER A 2753 -6.95 -64.52 132.49
C SER A 2753 -5.85 -64.14 131.52
N PHE A 2754 -6.05 -63.07 130.75
CA PHE A 2754 -4.98 -62.54 129.91
C PHE A 2754 -3.82 -62.02 130.78
N ILE A 2755 -4.15 -61.32 131.86
CA ILE A 2755 -3.15 -60.85 132.81
C ILE A 2755 -2.43 -62.02 133.46
N ASN A 2756 -3.20 -63.04 133.86
CA ASN A 2756 -2.60 -64.25 134.42
C ASN A 2756 -1.72 -64.96 133.39
N LYS A 2757 -2.06 -64.85 132.11
CA LYS A 2757 -1.25 -65.46 131.07
C LYS A 2757 0.09 -64.73 130.93
N PHE A 2758 0.10 -63.40 131.12
CA PHE A 2758 1.38 -62.69 131.15
C PHE A 2758 2.36 -63.28 132.17
N ALA A 2759 1.85 -63.72 133.32
CA ALA A 2759 2.71 -64.32 134.33
C ALA A 2759 2.93 -65.81 134.11
N GLU A 2760 2.01 -66.50 133.45
CA GLU A 2760 2.07 -67.95 133.29
C GLU A 2760 2.87 -68.39 132.06
N TYR A 2761 2.52 -67.86 130.89
CA TYR A 2761 3.03 -68.37 129.62
C TYR A 2761 3.94 -67.40 128.88
N THR A 2762 3.72 -66.09 129.03
CA THR A 2762 4.52 -65.12 128.29
C THR A 2762 5.94 -65.02 128.82
N HIS A 2763 6.14 -65.20 130.12
CA HIS A 2763 7.44 -64.99 130.74
C HIS A 2763 8.48 -66.01 130.29
N GLU A 2764 8.07 -67.20 129.86
CA GLU A 2764 9.00 -68.25 129.49
C GLU A 2764 9.53 -68.12 128.06
N LYS A 2765 9.03 -67.16 127.29
CA LYS A 2765 9.48 -67.00 125.91
C LYS A 2765 10.85 -66.34 125.82
N TRP A 2766 11.30 -65.66 126.87
CA TRP A 2766 12.63 -65.08 126.90
C TRP A 2766 13.67 -66.00 127.52
N ALA A 2767 13.28 -67.22 127.90
CA ALA A 2767 14.18 -68.14 128.56
C ALA A 2767 14.60 -69.34 127.71
N PHE A 2768 13.85 -69.66 126.65
CA PHE A 2768 14.15 -70.82 125.84
C PHE A 2768 15.14 -70.52 124.71
N ASP A 2769 15.53 -69.26 124.53
CA ASP A 2769 16.56 -68.94 123.54
C ASP A 2769 17.93 -69.47 123.95
N LYS A 2770 18.18 -69.54 125.27
CA LYS A 2770 19.46 -70.02 125.76
C LYS A 2770 19.67 -71.50 125.46
N ILE A 2771 18.58 -72.26 125.33
CA ILE A 2771 18.71 -73.68 125.00
C ILE A 2771 19.30 -73.85 123.61
N GLN A 2772 18.81 -73.07 122.64
CA GLN A 2772 19.36 -73.15 121.29
C GLN A 2772 20.73 -72.49 121.21
N ASN A 2773 20.93 -71.40 121.95
CA ASN A 2773 22.20 -70.68 121.86
C ASN A 2773 23.34 -71.40 122.57
N ASN A 2774 23.04 -72.28 123.52
CA ASN A 2774 24.01 -73.07 124.27
C ASN A 2774 25.03 -72.16 124.99
N TRP A 2775 24.48 -71.29 125.83
CA TRP A 2775 25.26 -70.38 126.64
C TRP A 2775 24.90 -70.57 128.11
N SER A 2776 25.87 -70.31 128.98
CA SER A 2776 25.66 -70.48 130.41
C SER A 2776 24.78 -69.37 130.98
N TYR A 2777 24.15 -69.66 132.11
CA TYR A 2777 23.30 -68.69 132.77
C TYR A 2777 24.13 -67.60 133.45
N GLY A 2778 23.52 -66.44 133.63
CA GLY A 2778 24.17 -65.30 134.25
C GLY A 2778 23.55 -64.99 135.61
N GLU A 2779 24.42 -64.82 136.61
CA GLU A 2779 24.01 -64.52 137.97
C GLU A 2779 24.16 -63.05 138.34
N ASN A 2780 25.25 -62.41 137.92
CA ASN A 2780 25.49 -61.01 138.26
C ASN A 2780 24.48 -60.10 137.57
N VAL A 2781 24.17 -58.99 138.22
CA VAL A 2781 23.20 -58.01 137.69
C VAL A 2781 23.98 -57.05 136.80
N ASP A 2782 24.21 -57.49 135.56
CA ASP A 2782 24.94 -56.69 134.57
C ASP A 2782 24.22 -56.84 133.24
N GLU A 2783 23.27 -55.93 132.97
CA GLU A 2783 22.55 -55.96 131.71
C GLU A 2783 23.40 -55.53 130.53
N GLU A 2784 24.50 -54.81 130.78
CA GLU A 2784 25.35 -54.31 129.71
C GLU A 2784 26.49 -55.25 129.37
N LEU A 2785 26.92 -56.08 130.32
CA LEU A 2785 28.09 -56.95 130.12
C LEU A 2785 27.70 -58.32 129.57
N LYS A 2786 26.89 -58.31 128.49
CA LYS A 2786 26.51 -59.50 127.74
C LYS A 2786 25.90 -60.58 128.64
N THR A 2787 25.11 -60.16 129.61
CA THR A 2787 24.48 -61.06 130.57
C THR A 2787 23.01 -60.71 130.70
N HIS A 2788 22.15 -61.72 130.57
CA HIS A 2788 20.72 -61.52 130.78
C HIS A 2788 20.47 -61.16 132.25
N PRO A 2789 19.74 -60.08 132.52
CA PRO A 2789 19.59 -59.62 133.91
C PRO A 2789 18.47 -60.31 134.67
N MET A 2790 18.03 -61.49 134.19
CA MET A 2790 16.87 -62.22 134.67
C MET A 2790 16.75 -62.33 136.20
N LEU A 2791 17.90 -62.33 136.89
CA LEU A 2791 17.91 -62.24 138.35
C LEU A 2791 17.68 -60.77 138.71
N ARG A 2792 16.42 -60.40 138.85
CA ARG A 2792 16.01 -59.02 139.15
C ARG A 2792 15.43 -58.93 140.55
N PRO A 2793 15.30 -57.74 141.12
CA PRO A 2793 14.40 -57.58 142.27
C PRO A 2793 12.98 -57.95 141.86
N TYR A 2794 12.27 -58.59 142.78
CA TYR A 2794 11.01 -59.25 142.46
C TYR A 2794 9.82 -58.30 142.42
N LYS A 2795 10.06 -56.98 142.52
CA LYS A 2795 9.01 -55.98 142.45
C LYS A 2795 8.93 -55.30 141.09
N THR A 2796 9.22 -56.03 140.02
CA THR A 2796 9.18 -55.47 138.67
C THR A 2796 7.79 -55.57 138.04
N PHE A 2797 6.78 -55.15 138.79
CA PHE A 2797 5.39 -55.16 138.36
C PHE A 2797 4.84 -53.73 138.37
N SER A 2798 3.89 -53.49 137.48
CA SER A 2798 3.30 -52.16 137.34
C SER A 2798 1.78 -52.27 137.24
N GLU A 2799 1.09 -51.38 137.94
CA GLU A 2799 -0.36 -51.29 137.92
C GLU A 2799 -0.87 -50.00 137.30
N LYS A 2800 -0.28 -48.86 137.67
CA LYS A 2800 -0.66 -47.61 137.04
C LYS A 2800 -0.27 -47.59 135.56
N ASP A 2801 0.90 -48.15 135.24
CA ASP A 2801 1.29 -48.28 133.83
C ASP A 2801 0.29 -49.14 133.07
N LYS A 2802 -0.17 -50.24 133.69
CA LYS A 2802 -1.15 -51.10 133.04
C LYS A 2802 -2.56 -50.50 132.99
N GLU A 2803 -2.83 -49.46 133.79
CA GLU A 2803 -4.16 -48.86 133.80
C GLU A 2803 -4.27 -47.55 133.04
N ILE A 2804 -3.20 -46.79 132.88
CA ILE A 2804 -3.26 -45.52 132.16
C ILE A 2804 -2.36 -45.50 130.93
N TYR A 2805 -1.37 -46.39 130.82
CA TYR A 2805 -0.40 -46.35 129.73
C TYR A 2805 -0.32 -47.69 129.00
N ARG A 2806 -1.39 -48.48 129.00
CA ARG A 2806 -1.35 -49.81 128.40
C ARG A 2806 -2.40 -49.90 127.31
N TRP A 2807 -2.44 -48.90 126.41
CA TRP A 2807 -3.41 -48.85 125.33
C TRP A 2807 -2.70 -48.70 123.99
N PRO A 2808 -2.11 -49.77 123.46
CA PRO A 2808 -1.56 -49.72 122.10
C PRO A 2808 -2.53 -50.15 121.01
N ILE A 2809 -3.64 -50.80 121.37
CA ILE A 2809 -4.72 -51.08 120.42
C ILE A 2809 -6.09 -50.70 120.95
N LYS A 2810 -6.23 -50.39 122.24
CA LYS A 2810 -7.52 -49.95 122.79
C LYS A 2810 -7.98 -48.65 122.14
N GLU A 2811 -7.03 -47.83 121.67
CA GLU A 2811 -7.37 -46.55 121.07
C GLU A 2811 -8.29 -46.72 119.87
N SER A 2812 -7.95 -47.65 118.98
CA SER A 2812 -8.76 -47.88 117.77
C SER A 2812 -8.65 -49.36 117.38
N LEU A 2813 -9.69 -50.13 117.71
CA LEU A 2813 -9.84 -51.48 117.21
C LEU A 2813 -11.01 -51.58 116.23
N LYS A 2814 -11.66 -50.46 115.92
CA LYS A 2814 -12.84 -50.42 115.06
C LYS A 2814 -12.38 -50.39 113.61
N ALA A 2815 -11.85 -51.52 113.16
CA ALA A 2815 -11.31 -51.64 111.81
C ALA A 2815 -12.03 -52.73 111.02
N SER A 2868 6.50 -69.14 102.13
CA SER A 2868 5.47 -69.30 101.11
C SER A 2868 5.20 -67.97 100.41
N ARG A 2869 4.72 -68.04 99.18
CA ARG A 2869 4.43 -66.84 98.38
C ARG A 2869 2.97 -66.71 98.02
N GLU A 2870 2.31 -67.80 97.63
CA GLU A 2870 0.89 -67.80 97.32
C GLU A 2870 0.05 -68.27 98.51
N LEU A 2871 0.45 -67.92 99.72
CA LEU A 2871 -0.27 -68.30 100.94
C LEU A 2871 -0.52 -67.14 101.88
N GLN A 2872 0.30 -66.10 101.87
CA GLN A 2872 0.25 -64.98 102.81
C GLN A 2872 0.30 -63.64 102.06
N ALA A 2873 -0.59 -63.46 101.10
CA ALA A 2873 -0.52 -62.32 100.20
C ALA A 2873 -1.41 -61.13 100.58
N MET A 2874 -2.74 -61.28 100.61
CA MET A 2874 -3.59 -60.12 100.94
C MET A 2874 -4.18 -60.14 102.35
N ALA A 2875 -4.16 -61.28 103.05
CA ALA A 2875 -4.94 -61.42 104.29
C ALA A 2875 -4.54 -60.42 105.36
N GLU A 2876 -3.27 -60.02 105.41
CA GLU A 2876 -2.80 -58.96 106.28
C GLU A 2876 -2.31 -57.74 105.50
N GLN A 2877 -2.16 -57.85 104.18
CA GLN A 2877 -2.05 -56.67 103.33
C GLN A 2877 -3.25 -55.75 103.52
N LEU A 2878 -4.43 -56.34 103.73
CA LEU A 2878 -5.60 -55.53 104.09
C LEU A 2878 -5.36 -54.80 105.41
N ALA A 2879 -4.69 -55.45 106.36
CA ALA A 2879 -4.35 -54.83 107.64
C ALA A 2879 -3.02 -54.08 107.62
N GLU A 2880 -2.26 -54.16 106.51
CA GLU A 2880 -0.97 -53.46 106.42
C GLU A 2880 -1.13 -51.96 106.57
N ASN A 2881 -2.14 -51.39 105.90
CA ASN A 2881 -2.38 -49.95 106.03
C ASN A 2881 -2.74 -49.56 107.46
N TYR A 2882 -3.47 -50.43 108.17
CA TYR A 2882 -3.82 -50.15 109.56
C TYR A 2882 -2.57 -50.04 110.42
N HIS A 2883 -1.63 -50.98 110.25
CA HIS A 2883 -0.41 -50.97 111.06
C HIS A 2883 0.56 -49.88 110.65
N ASN A 2884 0.63 -49.50 109.36
CA ASN A 2884 1.41 -48.34 108.96
C ASN A 2884 0.81 -47.08 109.58
N THR A 2885 -0.53 -46.99 109.55
CA THR A 2885 -1.21 -45.87 110.17
C THR A 2885 -0.91 -45.81 111.66
N TRP A 2886 -0.90 -46.95 112.36
CA TRP A 2886 -0.59 -46.92 113.79
C TRP A 2886 0.90 -46.61 114.04
N GLY A 2887 1.77 -47.00 113.12
CA GLY A 2887 3.15 -46.56 113.21
C GLY A 2887 3.26 -45.05 113.14
N ARG A 2888 2.39 -44.43 112.35
CA ARG A 2888 2.32 -42.96 112.36
C ARG A 2888 1.61 -42.43 113.62
N LYS A 2889 0.62 -43.15 114.15
CA LYS A 2889 -0.04 -42.78 115.40
C LYS A 2889 0.86 -42.91 116.62
N LYS A 2890 1.99 -43.60 116.52
CA LYS A 2890 2.87 -43.76 117.67
C LYS A 2890 4.08 -42.82 117.62
N LYS A 2891 3.89 -41.60 117.10
CA LYS A 2891 4.98 -40.63 117.07
C LYS A 2891 4.59 -39.19 117.36
N GLN A 2892 3.30 -38.82 117.22
CA GLN A 2892 2.91 -37.43 117.42
C GLN A 2892 3.01 -36.99 118.88
N GLU A 2893 3.10 -37.94 119.82
CA GLU A 2893 3.29 -37.58 121.22
C GLU A 2893 4.64 -36.92 121.48
N LEU A 2894 5.62 -37.13 120.59
CA LEU A 2894 6.87 -36.40 120.65
C LEU A 2894 7.18 -35.63 119.37
N GLU A 2895 6.36 -35.74 118.34
CA GLU A 2895 6.53 -34.97 117.12
C GLU A 2895 5.88 -33.61 117.28
N ALA A 2896 6.67 -32.55 117.14
CA ALA A 2896 6.16 -31.18 117.22
C ALA A 2896 6.70 -30.26 116.15
N LYS A 2897 7.70 -30.66 115.37
CA LYS A 2897 8.29 -29.81 114.35
C LYS A 2897 8.18 -30.38 112.95
N GLY A 2898 8.41 -31.69 112.77
CA GLY A 2898 8.18 -32.32 111.48
C GLY A 2898 9.37 -32.44 110.55
N GLY A 2899 10.46 -33.03 111.02
CA GLY A 2899 11.62 -33.26 110.19
C GLY A 2899 12.07 -34.70 110.27
N GLY A 2900 12.68 -35.17 109.18
CA GLY A 2900 13.05 -36.57 109.07
C GLY A 2900 14.23 -36.98 109.92
N THR A 2901 13.96 -37.73 111.00
CA THR A 2901 15.02 -38.25 111.86
C THR A 2901 14.84 -39.70 112.26
N HIS A 2902 13.60 -40.22 112.37
CA HIS A 2902 13.38 -41.57 112.85
C HIS A 2902 13.00 -42.51 111.70
N PRO A 2903 13.45 -43.76 111.73
CA PRO A 2903 13.32 -44.66 110.56
C PRO A 2903 11.99 -45.41 110.41
N LEU A 2904 10.99 -44.72 109.86
CA LEU A 2904 9.79 -45.42 109.40
C LEU A 2904 9.25 -44.86 108.08
N LEU A 2905 10.04 -44.05 107.37
CA LEU A 2905 9.68 -43.55 106.05
C LEU A 2905 10.69 -44.08 105.05
N VAL A 2906 10.26 -44.99 104.18
CA VAL A 2906 11.17 -45.69 103.29
C VAL A 2906 11.05 -45.11 101.89
N PRO A 2907 12.12 -45.11 101.08
CA PRO A 2907 11.99 -44.68 99.68
C PRO A 2907 11.16 -45.66 98.87
N TYR A 2908 9.98 -45.21 98.44
CA TYR A 2908 9.00 -46.10 97.82
C TYR A 2908 9.34 -46.43 96.37
N ASP A 2909 10.20 -45.65 95.72
CA ASP A 2909 10.63 -45.98 94.36
C ASP A 2909 11.48 -47.23 94.35
N THR A 2910 12.48 -47.30 95.23
CA THR A 2910 13.34 -48.47 95.35
C THR A 2910 13.81 -48.54 96.80
N LEU A 2911 13.80 -49.74 97.37
CA LEU A 2911 14.07 -49.93 98.79
C LEU A 2911 15.20 -50.92 99.01
N THR A 2912 16.03 -50.63 100.01
CA THR A 2912 17.08 -51.53 100.46
C THR A 2912 16.55 -52.40 101.60
N ALA A 2913 17.45 -53.09 102.30
CA ALA A 2913 17.06 -53.98 103.40
C ALA A 2913 16.96 -53.17 104.69
N LYS A 2914 15.77 -52.64 104.95
CA LYS A 2914 15.52 -51.88 106.17
C LYS A 2914 15.08 -52.80 107.30
N GLU A 2915 15.11 -52.26 108.52
CA GLU A 2915 14.77 -53.03 109.71
C GLU A 2915 13.28 -53.03 110.01
N LYS A 2916 12.64 -51.85 109.95
CA LYS A 2916 11.20 -51.62 110.13
C LYS A 2916 10.56 -52.36 111.30
N ALA A 2917 11.33 -52.62 112.36
CA ALA A 2917 10.86 -53.41 113.50
C ALA A 2917 9.97 -52.56 114.41
N ARG A 2918 8.79 -52.20 113.90
CA ARG A 2918 7.92 -51.29 114.64
C ARG A 2918 7.15 -52.02 115.73
N ASP A 2919 6.20 -52.88 115.36
CA ASP A 2919 5.30 -53.49 116.32
C ASP A 2919 5.02 -54.97 116.09
N ARG A 2920 5.52 -55.57 115.00
CA ARG A 2920 5.10 -56.91 114.63
C ARG A 2920 6.09 -58.00 115.00
N GLU A 2921 7.33 -57.64 115.34
CA GLU A 2921 8.29 -58.63 115.84
C GLU A 2921 7.83 -59.24 117.16
N LYS A 2922 7.02 -58.52 117.93
CA LYS A 2922 6.34 -59.05 119.10
C LYS A 2922 4.96 -59.59 118.74
N ALA A 2923 4.26 -58.91 117.82
CA ALA A 2923 2.90 -59.29 117.49
C ALA A 2923 2.82 -60.67 116.86
N GLN A 2924 3.91 -61.12 116.23
CA GLN A 2924 3.91 -62.48 115.69
C GLN A 2924 3.77 -63.54 116.80
N GLU A 2925 4.44 -63.35 117.93
CA GLU A 2925 4.21 -64.25 119.07
C GLU A 2925 2.90 -63.94 119.78
N LEU A 2926 2.54 -62.66 119.88
CA LEU A 2926 1.29 -62.30 120.56
C LEU A 2926 0.08 -62.89 119.86
N LEU A 2927 0.18 -63.10 118.54
CA LEU A 2927 -0.90 -63.76 117.82
C LEU A 2927 -1.08 -65.21 118.28
N LYS A 2928 0.02 -65.94 118.48
CA LYS A 2928 -0.08 -67.26 119.09
C LYS A 2928 -0.47 -67.18 120.56
N PHE A 2929 -0.34 -66.01 121.18
CA PHE A 2929 -0.71 -65.83 122.58
C PHE A 2929 -2.17 -65.45 122.80
N LEU A 2930 -2.98 -65.34 121.74
CA LEU A 2930 -4.38 -64.90 121.87
C LEU A 2930 -5.31 -66.12 121.81
N GLN A 2931 -5.61 -66.69 122.97
CA GLN A 2931 -6.62 -67.74 123.07
C GLN A 2931 -7.59 -67.58 124.23
N MET A 2932 -7.36 -66.67 125.17
CA MET A 2932 -8.16 -66.54 126.37
C MET A 2932 -9.17 -65.40 126.24
N ASN A 2933 -9.78 -65.03 127.37
CA ASN A 2933 -10.83 -64.03 127.61
C ASN A 2933 -12.21 -64.57 127.23
N GLY A 2934 -12.30 -65.79 126.72
CA GLY A 2934 -13.58 -66.39 126.40
C GLY A 2934 -14.20 -65.95 125.09
N TYR A 2935 -13.54 -65.04 124.37
CA TYR A 2935 -14.03 -64.57 123.09
C TYR A 2935 -12.87 -64.50 122.10
N ALA A 2936 -13.13 -64.94 120.88
CA ALA A 2936 -12.16 -64.87 119.80
C ALA A 2936 -12.79 -64.15 118.61
N VAL A 2937 -12.02 -63.25 118.00
CA VAL A 2937 -12.52 -62.48 116.86
C VAL A 2937 -12.56 -63.38 115.64
N THR A 2938 -13.77 -63.81 115.27
CA THR A 2938 -13.97 -64.68 114.12
C THR A 2938 -14.52 -63.87 112.96
N ARG A 2939 -13.87 -63.97 111.80
CA ARG A 2939 -14.28 -63.24 110.61
C ARG A 2939 -15.49 -63.91 109.95
N UNK A 3088 7.66 -78.11 132.61
CA UNK A 3088 6.89 -79.00 133.47
C UNK A 3088 5.40 -78.80 133.26
N UNK A 3089 4.93 -79.11 132.05
CA UNK A 3089 3.53 -78.98 131.64
C UNK A 3089 2.98 -77.58 131.88
N UNK A 3090 3.52 -76.61 131.15
CA UNK A 3090 3.09 -75.22 131.28
C UNK A 3090 3.16 -74.49 129.94
N UNK A 3091 2.15 -74.67 129.11
CA UNK A 3091 2.08 -74.01 127.81
C UNK A 3091 0.68 -73.45 127.58
N UNK A 3092 0.29 -73.35 126.31
CA UNK A 3092 -1.01 -72.76 125.96
C UNK A 3092 -1.80 -73.62 124.99
N UNK A 3093 -1.10 -74.42 124.18
CA UNK A 3093 -1.75 -75.26 123.17
C UNK A 3093 -2.32 -76.53 123.80
N UNK A 3094 -1.96 -77.67 123.22
CA UNK A 3094 -2.44 -78.96 123.70
C UNK A 3094 -1.48 -79.57 124.70
N UNK A 3095 -0.55 -78.77 125.19
CA UNK A 3095 0.44 -79.22 126.16
C UNK A 3095 -0.05 -79.01 127.58
N UNK A 3096 -0.66 -77.86 127.84
CA UNK A 3096 -1.18 -77.55 129.17
C UNK A 3096 -2.42 -76.67 129.10
N UNK A 3097 -2.64 -75.90 130.16
CA UNK A 3097 -3.88 -75.13 130.29
C UNK A 3097 -3.68 -73.62 130.22
N UNK A 3098 -3.87 -73.07 129.03
CA UNK A 3098 -3.90 -71.62 128.81
C UNK A 3098 -4.57 -71.35 127.47
N UNK A 3099 -5.38 -72.31 127.03
CA UNK A 3099 -6.07 -72.22 125.75
C UNK A 3099 -7.33 -71.36 125.85
N UNK A 3100 -7.70 -71.02 127.08
CA UNK A 3100 -8.82 -70.11 127.34
C UNK A 3100 -8.78 -69.60 128.77
N UNK A 3101 -9.92 -69.69 129.45
CA UNK A 3101 -10.05 -69.18 130.81
C UNK A 3101 -10.93 -70.07 131.67
N UNK A 3102 -10.83 -69.90 132.98
CA UNK A 3102 -11.64 -70.66 133.93
C UNK A 3102 -12.76 -69.79 134.46
N UNK A 3103 -12.51 -68.49 134.56
CA UNK A 3103 -13.50 -67.55 135.06
C UNK A 3103 -13.76 -66.44 134.05
N UNK A 3104 -14.31 -66.79 132.90
CA UNK A 3104 -14.61 -65.83 131.85
C UNK A 3104 -16.11 -65.78 131.55
N UNK A 3105 -16.46 -66.04 130.29
CA UNK A 3105 -17.83 -65.95 129.79
C UNK A 3105 -18.43 -64.59 130.09
N UNK A 3106 -19.12 -64.50 131.22
CA UNK A 3106 -19.69 -63.24 131.69
C UNK A 3106 -20.03 -63.36 133.18
N UNK A 3107 -19.21 -64.09 133.92
CA UNK A 3107 -19.47 -64.36 135.33
C UNK A 3107 -18.58 -63.54 136.26
N UNK A 3108 -17.37 -63.24 135.79
CA UNK A 3108 -16.40 -62.53 136.62
C UNK A 3108 -16.50 -61.01 136.43
N UNK A 3109 -17.72 -60.50 136.32
CA UNK A 3109 -17.93 -59.07 136.12
C UNK A 3109 -18.17 -58.36 137.45
N UNK A 3110 -18.37 -59.15 138.50
CA UNK A 3110 -18.72 -58.61 139.82
C UNK A 3110 -17.58 -57.81 140.46
N UNK A 3111 -16.36 -58.04 139.98
CA UNK A 3111 -15.20 -57.34 140.53
C UNK A 3111 -15.12 -55.89 140.03
N UNK A 3112 -15.72 -55.62 138.88
CA UNK A 3112 -15.68 -54.28 138.30
C UNK A 3112 -17.05 -53.61 138.31
N UNK A 3113 -18.10 -54.42 138.19
CA UNK A 3113 -19.46 -53.88 138.15
C UNK A 3113 -20.03 -53.68 139.55
N UNK A 3114 -20.20 -54.78 140.28
CA UNK A 3114 -20.83 -54.76 141.60
C UNK A 3114 -20.01 -53.99 142.64
N UNK A 3115 -18.70 -53.86 142.40
CA UNK A 3115 -17.84 -53.10 143.28
C UNK A 3115 -18.13 -51.61 143.18
N UNK A 3116 -18.62 -51.19 142.01
CA UNK A 3116 -18.94 -49.80 141.76
C UNK A 3116 -20.45 -49.58 141.75
N UNK A 3117 -21.20 -50.67 141.62
CA UNK A 3117 -22.66 -50.59 141.61
C UNK A 3117 -23.23 -50.61 143.02
N UNK A 3118 -22.35 -50.74 144.01
CA UNK A 3118 -22.76 -50.70 145.42
C UNK A 3118 -23.21 -49.30 145.78
N UNK A 3119 -22.68 -48.30 145.08
CA UNK A 3119 -23.07 -46.92 145.28
C UNK A 3119 -23.48 -46.28 143.96
N UNK A 3120 -24.24 -47.02 143.15
CA UNK A 3120 -24.67 -46.52 141.85
C UNK A 3120 -25.98 -47.17 141.39
N UNK A 3121 -26.35 -48.29 142.00
CA UNK A 3121 -27.56 -49.00 141.62
C UNK A 3121 -28.80 -48.35 142.24
N UNK A 3122 -28.61 -47.69 143.38
CA UNK A 3122 -29.71 -47.04 144.06
C UNK A 3122 -29.23 -45.80 144.81
N UNK A 3123 -14.55 -42.31 145.77
CA UNK A 3123 -15.33 -43.08 144.81
C UNK A 3123 -14.70 -43.01 143.43
N UNK A 3124 -15.04 -43.99 142.58
CA UNK A 3124 -14.52 -44.04 141.22
C UNK A 3124 -15.65 -44.17 140.21
N UNK A 3125 -15.58 -43.37 139.16
CA UNK A 3125 -16.59 -43.38 138.10
C UNK A 3125 -15.98 -43.10 136.74
N UNK A 3126 -14.64 -43.06 136.70
CA UNK A 3126 -13.93 -42.79 135.45
C UNK A 3126 -13.68 -44.09 134.68
N UNK A 3127 -13.88 -45.22 135.36
CA UNK A 3127 -13.69 -46.52 134.74
C UNK A 3127 -14.95 -47.38 134.87
N UNK A 3128 -16.10 -46.74 134.71
CA UNK A 3128 -17.38 -47.43 134.80
C UNK A 3128 -17.63 -48.27 133.56
N UNK A 3129 -18.27 -49.43 133.74
CA UNK A 3129 -18.57 -50.32 132.64
C UNK A 3129 -20.07 -50.50 132.47
N UNK A 3130 -20.60 -50.01 131.36
CA UNK A 3130 -22.02 -50.11 131.07
C UNK A 3130 -22.26 -50.23 129.57
N UNK A 3131 -21.86 -49.20 128.83
CA UNK A 3131 -22.01 -49.18 127.38
C UNK A 3131 -20.86 -49.96 126.74
N UNK A 3132 -21.08 -51.26 126.54
CA UNK A 3132 -20.06 -52.12 125.95
C UNK A 3132 -20.69 -53.16 125.03
N UNK A 3133 -20.34 -53.08 123.75
CA UNK A 3133 -20.82 -54.04 122.75
C UNK A 3133 -19.80 -54.17 121.62
N UNK A 3134 -18.73 -53.37 121.72
CA UNK A 3134 -17.68 -53.40 120.71
C UNK A 3134 -16.53 -54.28 121.15
N UNK A 3135 -16.63 -54.84 122.36
CA UNK A 3135 -15.63 -55.76 122.87
C UNK A 3135 -15.70 -57.06 122.09
N UNK A 3136 -16.90 -57.42 121.65
CA UNK A 3136 -17.11 -58.57 120.80
C UNK A 3136 -17.62 -58.10 119.44
N UNK A 3137 -16.88 -58.41 118.39
CA UNK A 3137 -17.23 -57.98 117.03
C UNK A 3137 -18.48 -58.71 116.53
N UNK A 3138 -18.59 -59.99 116.85
CA UNK A 3138 -19.73 -60.79 116.42
C UNK A 3138 -19.94 -61.99 117.34
N UNK A 3139 -19.04 -62.98 117.21
CA UNK A 3139 -19.07 -64.23 117.96
C UNK A 3139 -20.34 -65.06 117.72
N UNK A 3140 -20.35 -66.26 118.29
CA UNK A 3140 -21.48 -67.18 118.13
C UNK A 3140 -21.49 -68.23 119.23
N UNK A 3141 -21.89 -69.45 118.87
CA UNK A 3141 -21.93 -70.56 119.81
C UNK A 3141 -20.94 -71.64 119.39
N UNK A 3142 -19.74 -71.22 119.01
CA UNK A 3142 -18.66 -72.10 118.57
C UNK A 3142 -19.08 -72.99 117.40
N UNK A 3143 -18.40 -74.12 117.25
CA UNK A 3143 -18.69 -75.05 116.17
C UNK A 3143 -18.25 -76.47 116.54
N UNK A 3144 -19.15 -77.42 116.41
CA UNK A 3144 -18.85 -78.81 116.75
C UNK A 3144 -19.39 -79.76 115.68
N UNK A 3145 -19.05 -79.49 114.43
CA UNK A 3145 -19.49 -80.33 113.31
C UNK A 3145 -18.54 -80.22 112.13
N UNK A 3146 -17.33 -80.73 112.31
CA UNK A 3146 -16.33 -80.70 111.25
C UNK A 3146 -15.31 -81.82 111.42
N UNK A 3147 -15.62 -82.99 110.86
CA UNK A 3147 -14.77 -84.18 110.89
C UNK A 3147 -14.40 -84.59 112.32
N UNK A 3148 -13.19 -85.12 112.48
CA UNK A 3148 -12.71 -85.55 113.80
C UNK A 3148 -12.01 -84.40 114.51
N UNK A 3149 -11.67 -83.37 113.76
CA UNK A 3149 -10.99 -82.21 114.33
C UNK A 3149 -11.99 -81.09 114.65
N UNK A 3150 -11.47 -79.87 114.76
CA UNK A 3150 -12.27 -78.67 115.05
C UNK A 3150 -13.09 -78.82 116.34
N UNK A 3151 -12.48 -79.44 117.35
CA UNK A 3151 -13.14 -79.64 118.63
C UNK A 3151 -12.22 -79.22 119.78
N UNK A 3152 -12.64 -78.19 120.51
CA UNK A 3152 -11.84 -77.68 121.62
C UNK A 3152 -12.57 -77.90 122.95
N UNK A 3153 -12.08 -78.88 123.70
CA UNK A 3153 -12.69 -79.21 125.00
C UNK A 3153 -11.85 -78.64 126.14
N UNK A 3154 -10.53 -78.63 125.95
CA UNK A 3154 -9.62 -78.09 126.96
C UNK A 3154 -9.64 -76.57 126.95
N UNK A 3155 -10.13 -76.00 125.87
CA UNK A 3155 -10.20 -74.56 125.72
C UNK A 3155 -11.39 -73.98 126.48
N UNK A 3156 -12.48 -73.76 125.76
CA UNK A 3156 -13.67 -73.09 126.31
C UNK A 3156 -14.30 -73.84 127.48
N UNK A 3157 -13.76 -73.61 128.67
CA UNK A 3157 -14.33 -74.18 129.89
C UNK A 3157 -15.43 -73.27 130.41
N UNK A 3158 -15.32 -71.99 130.09
CA UNK A 3158 -16.31 -71.00 130.49
C UNK A 3158 -16.29 -69.81 129.53
N UNK A 3159 -16.75 -70.02 128.31
CA UNK A 3159 -16.78 -68.96 127.30
C UNK A 3159 -18.19 -68.41 127.14
N UNK A 3160 -19.18 -69.21 127.49
CA UNK A 3160 -20.58 -68.81 127.39
C UNK A 3160 -21.44 -69.64 128.35
N UNK A 3161 -20.79 -70.26 129.32
CA UNK A 3161 -21.48 -71.12 130.28
C UNK A 3161 -22.17 -70.31 131.37
N UNK A 3162 -21.80 -69.03 131.48
CA UNK A 3162 -22.39 -68.15 132.49
C UNK A 3162 -22.58 -66.74 131.94
N UNK A 3163 -23.83 -66.32 131.83
CA UNK A 3163 -24.15 -65.00 131.30
C UNK A 3163 -23.96 -63.92 132.35
N UNK A 3164 -24.12 -62.67 131.94
CA UNK A 3164 -24.00 -61.53 132.85
C UNK A 3164 -25.36 -61.21 133.46
N UNK A 3165 -25.89 -62.15 134.24
CA UNK A 3165 -27.23 -62.04 134.79
C UNK A 3165 -27.34 -60.92 135.83
N UNK A 3166 -26.23 -60.61 136.48
CA UNK A 3166 -26.22 -59.60 137.54
C UNK A 3166 -26.08 -58.18 136.98
N UNK A 3167 -25.88 -58.07 135.67
CA UNK A 3167 -25.66 -56.77 135.05
C UNK A 3167 -26.59 -56.53 133.86
N UNK A 3168 -27.17 -57.59 133.32
CA UNK A 3168 -28.05 -57.48 132.18
C UNK A 3168 -29.50 -57.85 132.53
N UNK A 3169 -29.65 -58.90 133.32
CA UNK A 3169 -30.98 -59.35 133.73
C UNK A 3169 -31.43 -58.63 135.00
N UNK A 3170 -30.50 -58.47 135.94
CA UNK A 3170 -30.78 -57.78 137.19
C UNK A 3170 -30.98 -56.28 136.95
N UNK A 3171 -30.08 -55.70 136.15
CA UNK A 3171 -30.18 -54.29 135.77
C UNK A 3171 -31.04 -54.17 134.52
N UNK A 3172 -32.22 -53.58 134.68
CA UNK A 3172 -33.19 -53.45 133.59
C UNK A 3172 -32.70 -52.51 132.50
N UNK A 3173 -32.05 -51.42 132.88
CA UNK A 3173 -31.55 -50.44 131.92
C UNK A 3173 -30.34 -49.70 132.47
N UNK A 3174 -29.38 -50.43 133.01
CA UNK A 3174 -28.16 -49.84 133.54
C UNK A 3174 -26.92 -50.39 132.85
N UNK A 3175 -26.99 -50.48 131.52
CA UNK A 3175 -25.88 -50.99 130.72
C UNK A 3175 -25.86 -50.36 129.34
N UNK A 3176 -25.54 -51.16 128.33
CA UNK A 3176 -25.47 -50.67 126.95
C UNK A 3176 -26.87 -50.54 126.36
N UNK A 3177 -27.13 -49.41 125.70
CA UNK A 3177 -28.42 -49.16 125.09
C UNK A 3177 -28.29 -49.06 123.57
N UNK A 3178 -27.06 -48.89 123.08
CA UNK A 3178 -26.81 -48.81 121.65
C UNK A 3178 -26.97 -50.18 121.00
N UNK A 3179 -26.54 -51.21 121.71
CA UNK A 3179 -26.64 -52.58 121.23
C UNK A 3179 -26.67 -53.56 122.40
N UNK A 3180 -26.81 -54.84 122.09
CA UNK A 3180 -26.81 -55.87 123.11
C UNK A 3180 -25.41 -56.07 123.68
N UNK A 3181 -25.32 -56.14 125.01
CA UNK A 3181 -24.03 -56.29 125.68
C UNK A 3181 -23.46 -57.69 125.49
N UNK A 3182 -24.34 -58.65 125.22
CA UNK A 3182 -23.92 -60.03 125.00
C UNK A 3182 -23.79 -60.34 123.51
N UNK A 3183 -23.35 -59.34 122.74
CA UNK A 3183 -23.17 -59.44 121.29
C UNK A 3183 -24.45 -59.88 120.58
N UNK A 3184 -24.30 -60.73 119.56
CA UNK A 3184 -25.44 -61.23 118.81
C UNK A 3184 -26.02 -62.48 119.44
N UNK A 3185 -26.63 -63.33 118.62
CA UNK A 3185 -27.23 -64.57 119.09
C UNK A 3185 -26.14 -65.61 119.40
N UNK A 3186 -26.45 -66.53 120.32
CA UNK A 3186 -25.50 -67.56 120.71
C UNK A 3186 -26.21 -68.79 121.27
N UNK A 3187 -25.49 -69.55 122.09
CA UNK A 3187 -25.99 -70.75 122.77
C UNK A 3187 -26.47 -71.86 121.83
N UNK A 3188 -26.89 -72.97 122.44
CA UNK A 3188 -27.37 -74.19 121.76
C UNK A 3188 -26.32 -74.87 120.89
N UNK A 3189 -26.56 -76.14 120.57
CA UNK A 3189 -25.63 -76.93 119.79
C UNK A 3189 -25.90 -76.82 118.30
N UNK A 3190 -26.54 -77.85 117.74
CA UNK A 3190 -26.82 -77.89 116.31
C UNK A 3190 -28.04 -77.03 115.97
N UNK A 3191 -27.80 -75.96 115.22
CA UNK A 3191 -28.88 -75.05 114.81
C UNK A 3191 -29.33 -75.38 113.39
N UNK A 3192 -24.28 -81.44 121.06
CA UNK A 3192 -23.20 -81.81 121.97
C UNK A 3192 -22.02 -80.85 121.85
N UNK A 3193 -21.86 -80.00 122.86
CA UNK A 3193 -20.75 -79.04 122.87
C UNK A 3193 -19.43 -79.75 123.13
N UNK A 3194 -19.48 -80.80 123.95
CA UNK A 3194 -18.29 -81.58 124.27
C UNK A 3194 -18.69 -82.99 124.72
N UNK A 3195 -18.44 -83.29 125.98
CA UNK A 3195 -18.78 -84.59 126.55
C UNK A 3195 -18.99 -84.46 128.05
N UNK A 3196 -18.31 -83.49 128.66
CA UNK A 3196 -18.42 -83.25 130.09
C UNK A 3196 -18.09 -81.79 130.41
N UNK A 3197 -18.86 -81.20 131.31
CA UNK A 3197 -18.66 -79.81 131.69
C UNK A 3197 -19.13 -79.56 133.12
N UNK A 3198 -18.59 -78.51 133.75
CA UNK A 3198 -18.97 -78.16 135.11
C UNK A 3198 -19.91 -76.97 135.11
N UNK A 3199 -21.03 -77.10 135.83
CA UNK A 3199 -22.05 -76.07 135.96
C UNK A 3199 -22.58 -75.61 134.59
N UNK A 3200 -22.96 -76.56 133.76
CA UNK A 3200 -23.49 -76.26 132.44
C UNK A 3200 -24.97 -75.91 132.50
N UNK A 3201 -25.58 -76.19 133.65
CA UNK A 3201 -26.99 -75.88 133.85
C UNK A 3201 -27.16 -74.57 134.60
N UNK A 3202 -26.31 -73.60 134.29
CA UNK A 3202 -26.35 -72.29 134.93
C UNK A 3202 -27.49 -71.45 134.36
N UNK A 3203 -27.89 -71.75 133.13
CA UNK A 3203 -28.97 -71.03 132.48
C UNK A 3203 -30.15 -71.96 132.19
N UNK A 3204 -30.10 -73.15 132.77
CA UNK A 3204 -31.17 -74.13 132.56
C UNK A 3204 -32.34 -73.86 133.49
N UNK A 3205 -32.05 -73.32 134.68
CA UNK A 3205 -33.09 -73.04 135.65
C UNK A 3205 -33.21 -71.53 135.92
N UNK A 3206 -32.12 -70.80 135.68
CA UNK A 3206 -32.11 -69.36 135.90
C UNK A 3206 -32.89 -68.63 134.82
N UNK A 3207 -32.66 -69.02 133.57
CA UNK A 3207 -33.35 -68.40 132.44
C UNK A 3207 -34.80 -68.86 132.35
N UNK A 3208 -35.06 -70.04 132.90
CA UNK A 3208 -36.42 -70.58 132.92
C UNK A 3208 -37.26 -69.87 133.97
N UNK A 3209 -36.63 -69.51 135.09
CA UNK A 3209 -37.32 -68.79 136.16
C UNK A 3209 -37.48 -67.32 135.80
N UNK A 3210 -36.57 -66.80 134.99
CA UNK A 3210 -36.63 -65.41 134.55
C UNK A 3210 -37.73 -65.24 133.51
N UNK A 3211 -37.98 -66.29 132.74
CA UNK A 3211 -39.02 -66.26 131.71
C UNK A 3211 -40.39 -66.52 132.33
N UNK A 3212 -40.41 -67.31 133.41
CA UNK A 3212 -41.65 -67.63 134.10
C UNK A 3212 -42.10 -66.48 134.98
N UNK A 3213 -41.17 -65.60 135.34
CA UNK A 3213 -41.47 -64.43 136.16
C UNK A 3213 -42.25 -63.41 135.35
N UNK A 3214 -41.99 -63.37 134.05
CA UNK A 3214 -42.69 -62.47 133.15
C UNK A 3214 -43.86 -63.17 132.48
N UNK A 3215 -44.04 -64.45 132.80
CA UNK A 3215 -45.13 -65.23 132.23
C UNK A 3215 -46.31 -65.32 133.20
N UNK A 3216 -46.00 -65.51 134.48
CA UNK A 3216 -47.02 -65.59 135.52
C UNK A 3216 -47.63 -64.21 135.77
N UNK A 3217 -46.81 -63.17 135.59
CA UNK A 3217 -47.27 -61.80 135.75
C UNK A 3217 -47.39 -61.12 134.39
N UNK A 3218 -48.27 -61.65 133.54
CA UNK A 3218 -48.48 -61.11 132.22
C UNK A 3218 -49.97 -60.94 131.91
N UNK A 3219 -50.78 -61.87 132.41
CA UNK A 3219 -52.22 -61.82 132.19
C UNK A 3219 -52.87 -60.70 133.01
N UNK A 3220 -52.61 -60.71 134.31
CA UNK A 3220 -53.14 -59.69 135.21
C UNK A 3220 -52.16 -58.54 135.38
N UNK A 3221 -50.93 -58.87 135.76
CA UNK A 3221 -49.90 -57.87 135.96
C UNK A 3221 -48.87 -57.91 134.83
N UNK A 3222 -37.97 -52.70 134.21
CA UNK A 3222 -39.37 -53.11 134.35
C UNK A 3222 -39.67 -54.32 133.47
N UNK A 3223 -40.57 -54.14 132.51
CA UNK A 3223 -40.95 -55.21 131.60
C UNK A 3223 -40.14 -55.16 130.31
N UNK A 3224 -39.04 -54.41 130.34
CA UNK A 3224 -38.17 -54.29 129.18
C UNK A 3224 -37.13 -55.41 129.16
N UNK A 3225 -37.12 -56.21 130.23
CA UNK A 3225 -36.20 -57.34 130.33
C UNK A 3225 -36.62 -58.44 129.35
N UNK A 3226 -37.94 -58.65 129.23
CA UNK A 3226 -38.48 -59.68 128.35
C UNK A 3226 -38.74 -59.15 126.95
N UNK A 3227 -37.84 -58.29 126.47
CA UNK A 3227 -37.95 -57.71 125.14
C UNK A 3227 -36.58 -57.27 124.65
N UNK A 3228 -35.58 -57.37 125.53
CA UNK A 3228 -34.22 -56.99 125.20
C UNK A 3228 -33.22 -57.91 125.89
N UNK A 3229 -33.35 -58.03 127.22
CA UNK A 3229 -32.45 -58.86 128.00
C UNK A 3229 -32.78 -60.34 127.84
N UNK A 3230 -34.07 -60.67 127.92
CA UNK A 3230 -34.51 -62.05 127.74
C UNK A 3230 -34.75 -62.35 126.26
N UNK A 3231 -34.54 -61.34 125.42
CA UNK A 3231 -34.63 -61.51 123.98
C UNK A 3231 -33.37 -62.20 123.47
N UNK A 3232 -32.31 -62.14 124.26
CA UNK A 3232 -31.08 -62.86 123.97
C UNK A 3232 -31.29 -64.35 124.17
N UNK A 3233 -32.17 -64.69 125.10
CA UNK A 3233 -32.56 -66.08 125.32
C UNK A 3233 -33.52 -66.52 124.22
N UNK A 3234 -34.24 -65.56 123.66
CA UNK A 3234 -35.13 -65.80 122.54
C UNK A 3234 -34.31 -66.03 121.27
N UNK A 3235 -33.20 -65.31 121.16
CA UNK A 3235 -32.29 -65.46 120.04
C UNK A 3235 -31.45 -66.73 120.21
N UNK A 3236 -31.30 -67.14 121.47
CA UNK A 3236 -30.58 -68.39 121.77
C UNK A 3236 -31.45 -69.58 121.38
N UNK A 3237 -32.75 -69.45 121.59
CA UNK A 3237 -33.70 -70.48 121.22
C UNK A 3237 -33.90 -70.47 119.70
N UNK A 3238 -33.75 -69.30 119.10
CA UNK A 3238 -33.87 -69.16 117.65
C UNK A 3238 -32.69 -69.81 116.95
N UNK A 3239 -31.56 -69.86 117.64
CA UNK A 3239 -30.37 -70.52 117.11
C UNK A 3239 -30.27 -71.95 117.61
N UNK A 3240 -31.42 -72.62 117.70
CA UNK A 3240 -31.48 -73.99 118.16
C UNK A 3240 -32.32 -74.84 117.22
N UNK A 3241 -31.94 -76.12 117.08
CA UNK A 3241 -32.67 -77.05 116.22
C UNK A 3241 -32.42 -78.48 116.66
N UNK A 3242 -31.79 -79.26 115.78
CA UNK A 3242 -31.33 -80.63 116.04
C UNK A 3242 -32.43 -81.67 116.34
N UNK A 3243 -33.53 -81.24 116.95
CA UNK A 3243 -34.64 -82.12 117.36
C UNK A 3243 -34.16 -83.25 118.26
N UNK A 3244 -33.23 -82.93 119.15
CA UNK A 3244 -32.68 -83.91 120.08
C UNK A 3244 -32.73 -83.39 121.51
N UNK A 3245 -32.25 -84.20 122.45
CA UNK A 3245 -32.25 -83.83 123.86
C UNK A 3245 -31.07 -82.93 124.20
N UNK A 3246 -31.36 -81.77 124.79
CA UNK A 3246 -30.32 -80.85 125.21
C UNK A 3246 -29.61 -81.38 126.45
N UNK A 3247 -28.30 -81.14 126.54
CA UNK A 3247 -27.51 -81.61 127.66
C UNK A 3247 -27.85 -80.87 128.94
N UNK A 3248 -28.12 -79.58 128.82
CA UNK A 3248 -28.49 -78.76 129.97
C UNK A 3248 -29.90 -79.06 130.42
N UNK A 3249 -30.03 -79.96 131.41
CA UNK A 3249 -31.31 -80.40 131.96
C UNK A 3249 -32.24 -80.96 130.88
N UNK A 3250 -31.99 -82.20 130.47
CA UNK A 3250 -32.79 -82.85 129.44
C UNK A 3250 -34.21 -83.10 129.93
N UNK A 3251 -34.33 -83.86 131.02
CA UNK A 3251 -35.63 -84.14 131.61
C UNK A 3251 -35.75 -83.47 132.98
N UNK A 3252 -35.56 -82.16 133.01
CA UNK A 3252 -35.59 -81.43 134.27
C UNK A 3252 -36.09 -79.98 134.09
N UNK A 3253 -35.18 -79.02 134.28
CA UNK A 3253 -35.54 -77.61 134.28
C UNK A 3253 -35.88 -77.08 132.90
N UNK A 3254 -35.09 -77.44 131.90
CA UNK A 3254 -35.32 -76.99 130.53
C UNK A 3254 -36.54 -77.68 129.93
N UNK A 3255 -36.89 -78.83 130.48
CA UNK A 3255 -38.06 -79.58 130.04
C UNK A 3255 -39.32 -78.99 130.67
N UNK A 3256 -39.19 -78.51 131.91
CA UNK A 3256 -40.32 -77.94 132.64
C UNK A 3256 -40.47 -76.46 132.34
N UNK A 3257 -39.62 -75.94 131.44
CA UNK A 3257 -39.69 -74.55 131.03
C UNK A 3257 -40.73 -74.35 129.94
N UNK A 3258 -41.30 -75.45 129.47
CA UNK A 3258 -42.33 -75.41 128.44
C UNK A 3258 -43.72 -75.31 129.07
N UNK A 3259 -43.76 -75.13 130.39
CA UNK A 3259 -45.01 -74.97 131.10
C UNK A 3259 -45.59 -73.58 130.85
N UNK A 3260 -44.73 -72.65 130.45
CA UNK A 3260 -45.14 -71.29 130.12
C UNK A 3260 -44.78 -70.98 128.67
N UNK A 3261 -43.90 -71.79 128.09
CA UNK A 3261 -43.48 -71.60 126.71
C UNK A 3261 -44.44 -72.27 125.74
N UNK A 3262 -44.56 -73.60 125.86
CA UNK A 3262 -45.48 -74.35 125.02
C UNK A 3262 -46.92 -74.06 125.41
N UNK A 3263 -47.13 -73.83 126.71
CA UNK A 3263 -48.44 -73.45 127.22
C UNK A 3263 -48.47 -71.95 127.49
N UNK A 3264 -48.50 -71.17 126.41
CA UNK A 3264 -48.48 -69.71 126.51
C UNK A 3264 -49.80 -69.17 127.03
N UNK A 3265 -49.82 -67.85 127.29
CA UNK A 3265 -51.02 -67.20 127.80
C UNK A 3265 -52.10 -67.15 126.73
N UNK A 3266 -51.69 -67.06 125.47
CA UNK A 3266 -52.62 -67.06 124.35
C UNK A 3266 -53.01 -68.49 124.00
N UNK A 3267 -54.23 -68.88 124.37
CA UNK A 3267 -54.73 -70.22 124.10
C UNK A 3267 -55.12 -70.38 122.63
N UNK A 3268 -55.25 -69.26 121.93
CA UNK A 3268 -55.56 -69.27 120.51
C UNK A 3268 -54.28 -69.50 119.70
N UNK A 3269 -53.14 -69.45 120.39
CA UNK A 3269 -51.83 -69.75 119.83
C UNK A 3269 -51.46 -68.88 118.63
N UNK A 3270 -51.72 -67.57 118.75
CA UNK A 3270 -51.38 -66.63 117.70
C UNK A 3270 -51.09 -65.25 118.28
N UNK A 3271 -49.83 -64.83 118.19
CA UNK A 3271 -49.42 -63.53 118.73
C UNK A 3271 -48.58 -62.76 117.72
N UNK A 3272 -48.26 -61.51 118.04
CA UNK A 3272 -47.47 -60.66 117.18
C UNK A 3272 -46.03 -60.57 117.68
N UNK A 3273 -45.09 -60.86 116.79
CA UNK A 3273 -43.65 -60.86 117.09
C UNK A 3273 -43.31 -61.76 118.28
N UNK A 3274 -43.98 -62.90 118.35
CA UNK A 3274 -43.79 -63.84 119.46
C UNK A 3274 -42.50 -64.63 119.29
N UNK A 3275 -41.86 -64.93 120.42
CA UNK A 3275 -40.63 -65.71 120.41
C UNK A 3275 -40.94 -67.18 120.66
N UNK A 3276 -42.23 -67.51 120.67
CA UNK A 3276 -42.67 -68.88 120.87
C UNK A 3276 -42.35 -69.74 119.65
N UNK A 3277 -42.34 -69.10 118.48
CA UNK A 3277 -42.00 -69.80 117.24
C UNK A 3277 -40.51 -70.14 117.21
N UNK A 3278 -39.71 -69.28 117.85
CA UNK A 3278 -38.28 -69.51 117.94
C UNK A 3278 -37.98 -70.52 119.05
N UNK A 3279 -38.78 -70.48 120.10
CA UNK A 3279 -38.59 -71.39 121.23
C UNK A 3279 -39.04 -72.81 120.88
N UNK A 3280 -40.01 -72.92 119.97
CA UNK A 3280 -40.51 -74.22 119.55
C UNK A 3280 -39.81 -74.66 118.26
N UNK A 3281 -38.49 -74.57 118.26
CA UNK A 3281 -37.69 -74.98 117.10
C UNK A 3281 -37.16 -76.40 117.32
N UNK A 3282 -38.08 -77.34 117.53
CA UNK A 3282 -37.78 -78.75 117.77
C UNK A 3282 -36.82 -78.94 118.95
N UNK A 3283 -37.34 -78.80 120.16
CA UNK A 3283 -36.55 -79.00 121.37
C UNK A 3283 -37.04 -80.23 122.13
N UNK A 3284 -36.45 -81.39 121.83
CA UNK A 3284 -36.85 -82.65 122.44
C UNK A 3284 -36.42 -82.69 123.91
N UNK A 3285 -37.37 -83.03 124.78
CA UNK A 3285 -37.10 -83.11 126.21
C UNK A 3285 -38.11 -84.03 126.89
N UNK A 3286 -38.54 -83.65 128.09
CA UNK A 3286 -39.55 -84.42 128.82
C UNK A 3286 -40.92 -83.79 128.65
N UNK A 3287 -40.97 -82.72 127.85
CA UNK A 3287 -42.23 -82.02 127.59
C UNK A 3287 -42.79 -82.42 126.23
N UNK A 3288 -42.13 -81.97 125.17
CA UNK A 3288 -42.57 -82.29 123.81
C UNK A 3288 -41.49 -83.08 123.07
N UNK A 3289 -51.27 -78.09 127.90
CA UNK A 3289 -51.84 -79.42 128.08
C UNK A 3289 -50.80 -80.40 128.59
N UNK A 3290 -50.94 -80.82 129.85
CA UNK A 3290 -50.01 -81.76 130.45
C UNK A 3290 -50.62 -83.16 130.53
N UNK A 3291 -50.64 -83.86 129.40
CA UNK A 3291 -51.19 -85.19 129.34
C UNK A 3291 -50.09 -86.24 129.19
N UNK A 3292 -48.85 -85.79 129.23
CA UNK A 3292 -47.70 -86.67 129.08
C UNK A 3292 -46.90 -86.75 130.38
N UNK A 3293 -46.65 -85.59 130.99
CA UNK A 3293 -45.88 -85.52 132.22
C UNK A 3293 -46.79 -85.40 133.43
N UNK A 3294 -46.42 -86.08 134.51
CA UNK A 3294 -47.20 -86.04 135.75
C UNK A 3294 -46.32 -86.33 136.97
N UNK A 3295 -45.03 -86.00 136.85
CA UNK A 3295 -44.09 -86.21 137.93
C UNK A 3295 -43.17 -85.01 138.10
N UNK A 3296 -42.80 -84.72 139.34
CA UNK A 3296 -41.93 -83.59 139.65
C UNK A 3296 -40.64 -84.04 140.33
N UNK A 3297 -40.51 -83.73 141.61
CA UNK A 3297 -39.32 -84.07 142.37
C UNK A 3297 -39.44 -85.45 142.99
N UNK A 3298 -40.60 -86.08 142.82
CA UNK A 3298 -40.84 -87.41 143.37
C UNK A 3298 -40.14 -88.48 142.53
N UNK A 3299 -39.87 -88.15 141.27
CA UNK A 3299 -39.20 -89.08 140.36
C UNK A 3299 -37.72 -89.19 140.69
N UNK A 3300 -37.24 -90.43 140.82
CA UNK A 3300 -35.85 -90.74 141.13
C UNK A 3300 -35.36 -90.05 142.41
N UNK A 3301 -34.76 -88.87 142.24
CA UNK A 3301 -34.25 -88.11 143.38
C UNK A 3301 -35.00 -86.79 143.54
N UNK A 3302 -34.85 -85.91 142.56
CA UNK A 3302 -35.50 -84.60 142.59
C UNK A 3302 -35.83 -84.13 141.18
N UNK A 3303 -40.99 -89.98 132.43
CA UNK A 3303 -39.84 -90.69 132.95
C UNK A 3303 -38.70 -90.71 131.92
N UNK A 3304 -37.87 -91.74 131.99
CA UNK A 3304 -36.73 -91.86 131.07
C UNK A 3304 -37.08 -92.82 129.92
N UNK A 3305 -38.01 -92.40 129.07
CA UNK A 3305 -38.41 -93.21 127.93
C UNK A 3305 -38.38 -92.40 126.64
N UNK A 3306 -38.49 -93.09 125.51
CA UNK A 3306 -38.49 -92.43 124.21
C UNK A 3306 -39.86 -92.49 123.55
N UNK A 3307 -40.89 -92.55 124.39
CA UNK A 3307 -42.29 -92.63 123.96
C UNK A 3307 -42.55 -93.80 123.00
N UNK A 3308 -42.05 -94.97 123.37
CA UNK A 3308 -42.24 -96.17 122.56
C UNK A 3308 -43.68 -96.66 122.66
N UNK A 3309 -44.14 -96.90 123.89
CA UNK A 3309 -45.51 -97.32 124.13
C UNK A 3309 -46.36 -96.12 124.49
N UNK A 3310 -45.72 -94.98 124.69
CA UNK A 3310 -46.42 -93.74 125.04
C UNK A 3310 -46.64 -92.90 123.79
N UNK A 3311 -47.18 -93.52 122.74
CA UNK A 3311 -47.47 -92.82 121.49
C UNK A 3311 -48.67 -91.89 121.66
N UNK A 3312 -49.53 -92.23 122.60
CA UNK A 3312 -50.72 -91.42 122.89
C UNK A 3312 -50.33 -90.14 123.61
N UNK A 3313 -49.37 -90.24 124.52
CA UNK A 3313 -48.93 -89.09 125.28
C UNK A 3313 -47.97 -88.21 124.48
N UNK A 3314 -47.47 -88.75 123.37
CA UNK A 3314 -46.51 -88.03 122.54
C UNK A 3314 -47.20 -87.29 121.40
N UNK A 3315 -48.35 -87.80 120.96
CA UNK A 3315 -49.07 -87.20 119.84
C UNK A 3315 -50.54 -86.96 120.17
N UNK A 3316 -50.80 -86.42 121.35
CA UNK A 3316 -52.16 -86.08 121.74
C UNK A 3316 -52.50 -84.67 121.25
N UNK A 3317 -51.48 -83.87 121.02
CA UNK A 3317 -51.66 -82.49 120.58
C UNK A 3317 -51.56 -82.39 119.06
N UNK A 3318 -51.27 -83.52 118.41
CA UNK A 3318 -51.15 -83.55 116.96
C UNK A 3318 -52.49 -83.88 116.31
N UNK A 3319 -53.30 -84.67 117.01
CA UNK A 3319 -54.61 -85.08 116.49
C UNK A 3319 -55.68 -84.06 116.88
N UNK A 3320 -55.34 -83.15 117.78
CA UNK A 3320 -56.26 -82.13 118.23
C UNK A 3320 -56.45 -81.06 117.15
N UNK A 3321 -55.36 -80.72 116.46
CA UNK A 3321 -55.40 -79.72 115.40
C UNK A 3321 -55.41 -80.39 114.03
N UNK A 3322 -55.90 -81.62 113.98
CA UNK A 3322 -56.00 -82.35 112.71
C UNK A 3322 -57.06 -81.73 111.83
N UNK A 3323 -58.13 -81.23 112.46
CA UNK A 3323 -59.20 -80.54 111.75
C UNK A 3323 -59.20 -79.06 112.13
N UNK A 3324 -58.35 -78.29 111.46
CA UNK A 3324 -58.21 -76.87 111.76
C UNK A 3324 -59.46 -76.08 111.32
N UNK A 3325 -59.55 -74.84 111.78
CA UNK A 3325 -60.68 -73.99 111.46
C UNK A 3325 -60.68 -73.60 109.98
N UNK A 3326 -61.69 -74.06 109.26
CA UNK A 3326 -61.80 -73.78 107.84
C UNK A 3326 -62.62 -72.51 107.58
N UNK A 3327 -62.90 -71.78 108.65
CA UNK A 3327 -63.64 -70.52 108.54
C UNK A 3327 -62.78 -69.45 107.89
N UNK A 3328 -63.43 -68.47 107.27
CA UNK A 3328 -62.72 -67.39 106.58
C UNK A 3328 -62.42 -66.23 107.54
N UNK A 3329 -62.79 -66.41 108.81
CA UNK A 3329 -62.57 -65.38 109.81
C UNK A 3329 -61.09 -65.29 110.17
N UNK A 3330 -60.38 -64.38 109.51
CA UNK A 3330 -58.96 -64.17 109.77
C UNK A 3330 -58.77 -63.10 110.84
N UNK A 3331 -59.87 -62.53 111.30
CA UNK A 3331 -59.84 -61.50 112.33
C UNK A 3331 -59.95 -62.13 113.72
N UNK A 3332 -59.99 -63.46 113.76
CA UNK A 3332 -60.09 -64.17 115.03
C UNK A 3332 -58.76 -64.14 115.77
N UNK A 3333 -58.77 -64.56 117.03
CA UNK A 3333 -57.57 -64.57 117.86
C UNK A 3333 -56.62 -65.68 117.44
N UNK A 3334 -57.14 -66.67 116.73
CA UNK A 3334 -56.34 -67.79 116.25
C UNK A 3334 -56.06 -67.66 114.76
N UNK A 3335 -55.38 -66.58 114.38
CA UNK A 3335 -55.03 -66.36 112.97
C UNK A 3335 -53.98 -67.36 112.53
N UNK A 3336 -52.80 -67.28 113.15
CA UNK A 3336 -51.74 -68.25 112.90
C UNK A 3336 -51.68 -69.25 114.04
N UNK A 3337 -52.74 -70.05 114.17
CA UNK A 3337 -52.88 -70.98 115.29
C UNK A 3337 -51.90 -72.15 115.22
N UNK A 3338 -51.28 -72.35 114.07
CA UNK A 3338 -50.32 -73.43 113.90
C UNK A 3338 -48.91 -72.87 113.75
N UNK A 3339 -48.79 -71.69 113.16
CA UNK A 3339 -47.49 -71.07 112.92
C UNK A 3339 -46.90 -70.50 114.20
N UNK A 3340 -47.72 -69.77 114.96
CA UNK A 3340 -47.25 -69.13 116.18
C UNK A 3340 -47.21 -70.11 117.35
N UNK A 3341 -47.82 -71.27 117.17
CA UNK A 3341 -47.78 -72.32 118.19
C UNK A 3341 -46.50 -73.12 118.04
N UNK A 3342 -46.35 -73.77 116.89
CA UNK A 3342 -45.15 -74.55 116.60
C UNK A 3342 -44.86 -74.50 115.11
N UNK A 3343 -43.82 -73.75 114.74
CA UNK A 3343 -43.43 -73.61 113.35
C UNK A 3343 -42.97 -74.93 112.76
N UNK A 3344 -42.38 -75.77 113.61
CA UNK A 3344 -41.98 -77.11 113.22
C UNK A 3344 -43.05 -78.11 113.65
N UNK A 3345 -44.28 -77.91 113.16
CA UNK A 3345 -45.39 -78.78 113.50
C UNK A 3345 -45.24 -80.16 112.85
N UNK A 3346 -44.60 -80.19 111.70
CA UNK A 3346 -44.36 -81.44 110.99
C UNK A 3346 -42.87 -81.80 111.02
N UNK A 3347 -42.05 -80.83 111.40
CA UNK A 3347 -40.60 -81.03 111.46
C UNK A 3347 -40.16 -81.39 112.87
N UNK A 3348 -41.13 -81.64 113.76
CA UNK A 3348 -40.84 -82.02 115.13
C UNK A 3348 -40.38 -83.47 115.19
N UNK A 3349 -40.85 -84.27 114.23
CA UNK A 3349 -40.47 -85.68 114.14
C UNK A 3349 -39.80 -85.98 112.82
N UNK A 3350 -38.48 -86.01 112.82
CA UNK A 3350 -37.72 -86.31 111.61
C UNK A 3350 -37.51 -87.81 111.44
N UNK A 3351 -38.00 -88.34 110.33
CA UNK A 3351 -37.88 -89.76 110.04
C UNK A 3351 -37.77 -90.02 108.55
N UNK A 3352 -37.70 -91.30 108.17
CA UNK A 3352 -37.57 -91.68 106.77
C UNK A 3352 -38.94 -91.94 106.16
N UNK A 3353 -39.44 -93.16 106.32
CA UNK A 3353 -40.73 -93.54 105.75
C UNK A 3353 -41.86 -93.24 106.72
N UNK A 3354 -42.87 -94.11 106.74
CA UNK A 3354 -44.03 -93.93 107.60
C UNK A 3354 -43.84 -94.62 108.94
N UNK A 3355 -42.78 -94.25 109.66
CA UNK A 3355 -42.51 -94.81 110.98
C UNK A 3355 -43.37 -94.12 112.03
N UNK A 3356 -43.66 -92.84 111.80
CA UNK A 3356 -44.49 -92.07 112.72
C UNK A 3356 -45.30 -91.04 111.96
N UNK A 3357 -44.69 -90.41 110.95
CA UNK A 3357 -45.35 -89.41 110.13
C UNK A 3357 -44.70 -89.31 108.76
N UNK A 3358 -45.53 -89.36 107.72
CA UNK A 3358 -45.04 -89.28 106.35
C UNK A 3358 -46.07 -88.63 105.43
N UNK A 3359 -46.37 -89.29 104.32
CA UNK A 3359 -47.35 -88.78 103.36
C UNK A 3359 -48.77 -89.03 103.83
N UNK A 3360 -48.92 -89.98 104.75
CA UNK A 3360 -50.23 -90.32 105.29
C UNK A 3360 -50.50 -89.55 106.59
N UNK A 3361 -49.63 -88.59 106.89
CA UNK A 3361 -49.78 -87.77 108.08
C UNK A 3361 -49.37 -86.34 107.79
N UNK A 3362 -49.09 -86.06 106.52
CA UNK A 3362 -48.69 -84.73 106.09
C UNK A 3362 -49.88 -83.77 106.09
N UNK A 3363 -50.08 -83.08 107.20
CA UNK A 3363 -51.17 -82.10 107.32
C UNK A 3363 -50.68 -80.70 106.99
N UNK A 3364 -49.48 -80.62 106.41
CA UNK A 3364 -48.89 -79.34 106.03
C UNK A 3364 -49.57 -78.79 104.78
N UNK A 3365 -50.19 -79.68 104.01
CA UNK A 3365 -50.92 -79.27 102.81
C UNK A 3365 -52.19 -78.54 103.18
N UNK A 3366 -52.83 -78.99 104.26
CA UNK A 3366 -54.04 -78.35 104.76
C UNK A 3366 -53.68 -77.09 105.54
N UNK A 3367 -52.48 -77.06 106.11
CA UNK A 3367 -52.00 -75.91 106.84
C UNK A 3367 -51.62 -74.79 105.88
N UNK A 3368 -51.14 -75.18 104.70
CA UNK A 3368 -50.76 -74.21 103.67
C UNK A 3368 -52.00 -73.74 102.92
N UNK A 3369 -53.03 -74.58 102.89
CA UNK A 3369 -54.29 -74.24 102.23
C UNK A 3369 -55.12 -73.31 103.10
N UNK A 3370 -54.81 -73.28 104.39
CA UNK A 3370 -55.49 -72.40 105.34
C UNK A 3370 -55.07 -70.95 105.12
N UNK A 3371 -53.87 -70.77 104.60
CA UNK A 3371 -53.35 -69.44 104.30
C UNK A 3371 -54.05 -68.88 103.07
N UNK A 3372 -54.41 -69.76 102.14
CA UNK A 3372 -55.12 -69.36 100.93
C UNK A 3372 -56.60 -69.13 101.24
N UNK A 3373 -57.09 -69.81 102.26
CA UNK A 3373 -58.48 -69.68 102.69
C UNK A 3373 -58.67 -68.40 103.50
N UNK A 3374 -57.61 -67.99 104.19
CA UNK A 3374 -57.65 -66.78 105.00
C UNK A 3374 -57.13 -65.59 104.20
N UNK A 3375 -56.79 -65.83 102.93
CA UNK A 3375 -56.28 -64.78 102.06
C UNK A 3375 -57.42 -63.86 101.63
N UNK A 3376 -57.30 -62.59 101.97
CA UNK A 3376 -58.31 -61.60 101.63
C UNK A 3376 -57.67 -60.34 101.03
N UNK A 3377 -58.51 -59.38 100.67
CA UNK A 3377 -58.03 -58.12 100.09
C UNK A 3377 -57.75 -57.09 101.18
N UNK A 3378 -58.08 -57.44 102.42
CA UNK A 3378 -57.86 -56.55 103.55
C UNK A 3378 -56.38 -56.51 103.93
N UNK A 3379 -55.96 -55.41 104.54
CA UNK A 3379 -54.57 -55.24 104.96
C UNK A 3379 -54.43 -55.44 106.47
N UNK A 3380 -55.35 -56.21 107.05
CA UNK A 3380 -55.32 -56.48 108.48
C UNK A 3380 -54.21 -57.48 108.81
N UNK A 3381 -54.01 -58.45 107.93
CA UNK A 3381 -52.98 -59.46 108.12
C UNK A 3381 -51.69 -59.05 107.41
N UNK A 3382 -51.13 -57.93 107.83
CA UNK A 3382 -49.91 -57.41 107.23
C UNK A 3382 -48.68 -58.13 107.77
N UNK A 3383 -48.86 -58.81 108.91
CA UNK A 3383 -47.78 -59.56 109.53
C UNK A 3383 -47.85 -61.03 109.16
N UNK A 3384 -48.36 -61.32 107.97
CA UNK A 3384 -48.49 -62.69 107.49
C UNK A 3384 -47.18 -63.17 106.87
N UNK A 3385 -46.28 -62.22 106.61
CA UNK A 3385 -44.98 -62.54 106.04
C UNK A 3385 -44.08 -63.23 107.06
N UNK A 3386 -44.28 -62.90 108.33
CA UNK A 3386 -43.51 -63.49 109.41
C UNK A 3386 -43.94 -64.93 109.66
N UNK A 3387 -45.20 -65.21 109.37
CA UNK A 3387 -45.75 -66.55 109.54
C UNK A 3387 -45.48 -67.42 108.32
N UNK A 3388 -45.38 -66.78 107.16
CA UNK A 3388 -45.14 -67.50 105.91
C UNK A 3388 -43.68 -67.89 105.77
N UNK A 3389 -42.78 -67.03 106.25
CA UNK A 3389 -41.35 -67.29 106.14
C UNK A 3389 -40.89 -68.36 107.13
N UNK A 3390 -41.67 -68.56 108.19
CA UNK A 3390 -41.34 -69.54 109.21
C UNK A 3390 -42.10 -70.84 109.01
N UNK A 3391 -42.82 -70.94 107.89
CA UNK A 3391 -43.60 -72.13 107.59
C UNK A 3391 -43.21 -72.72 106.23
N UNK A 3392 -42.69 -71.87 105.35
CA UNK A 3392 -42.28 -72.30 104.02
C UNK A 3392 -40.80 -72.60 103.97
N UNK A 3393 -40.26 -73.12 105.07
CA UNK A 3393 -38.85 -73.47 105.15
C UNK A 3393 -38.64 -74.90 104.66
N UNK A 3394 -39.73 -75.64 104.49
CA UNK A 3394 -39.67 -77.01 104.02
C UNK A 3394 -40.88 -77.35 103.17
N UNK A 3395 -40.71 -77.24 101.86
CA UNK A 3395 -41.79 -77.54 100.92
C UNK A 3395 -41.29 -78.42 99.78
N UNK A 3396 -40.76 -79.59 100.13
CA UNK A 3396 -40.25 -80.53 99.14
C UNK A 3396 -40.31 -81.96 99.67
N UNK A 3397 -40.58 -82.09 100.96
CA UNK A 3397 -40.65 -83.40 101.60
C UNK A 3397 -42.07 -83.96 101.55
N UNK A 3398 -42.39 -84.65 100.46
CA UNK A 3398 -43.70 -85.26 100.23
C UNK A 3398 -44.85 -84.25 100.34
N UNK A 3399 -44.93 -83.35 99.37
CA UNK A 3399 -45.98 -82.34 99.36
C UNK A 3399 -46.39 -81.99 97.93
N UNK A 3400 -47.18 -82.85 97.32
CA UNK A 3400 -47.65 -82.64 95.96
C UNK A 3400 -48.92 -81.78 95.96
N UNK A 3401 -48.73 -80.46 96.02
CA UNK A 3401 -49.85 -79.52 96.03
C UNK A 3401 -50.41 -79.34 94.63
N UNK A 3402 -49.65 -79.73 93.62
CA UNK A 3402 -50.08 -79.63 92.23
C UNK A 3402 -50.87 -80.86 91.82
N UNK A 3403 -50.97 -81.83 92.72
CA UNK A 3403 -51.71 -83.05 92.46
C UNK A 3403 -53.14 -82.96 93.00
N UNK A 3404 -53.71 -81.76 92.91
CA UNK A 3404 -55.07 -81.54 93.39
C UNK A 3404 -55.71 -80.39 92.61
N UNK A 3405 -56.23 -79.40 93.33
CA UNK A 3405 -56.85 -78.23 92.71
C UNK A 3405 -55.96 -77.01 92.88
N UNK A 3406 -54.77 -77.06 92.29
CA UNK A 3406 -53.82 -75.96 92.39
C UNK A 3406 -54.28 -74.76 91.55
N UNK A 3407 -55.04 -75.04 90.50
CA UNK A 3407 -55.58 -73.99 89.65
C UNK A 3407 -56.77 -73.31 90.33
N UNK A 3408 -57.39 -74.03 91.27
CA UNK A 3408 -58.52 -73.50 92.02
C UNK A 3408 -58.09 -73.04 93.41
N UNK A 3409 -56.78 -72.84 93.58
CA UNK A 3409 -56.24 -72.41 94.86
C UNK A 3409 -55.32 -71.21 94.68
N UNK A 3410 -54.22 -71.40 93.95
CA UNK A 3410 -53.25 -70.35 93.72
C UNK A 3410 -53.61 -69.52 92.49
N UNK A 3411 -54.01 -70.21 91.42
CA UNK A 3411 -54.37 -69.55 90.17
C UNK A 3411 -55.74 -68.87 90.28
N UNK A 3412 -56.56 -69.35 91.22
CA UNK A 3412 -57.87 -68.78 91.44
C UNK A 3412 -57.76 -67.43 92.13
N UNK A 3413 -56.74 -67.29 92.97
CA UNK A 3413 -56.49 -66.02 93.66
C UNK A 3413 -55.68 -65.10 92.76
N UNK A 3414 -54.93 -65.68 91.84
CA UNK A 3414 -54.12 -64.91 90.90
C UNK A 3414 -54.99 -64.37 89.77
N UNK A 3415 -56.16 -64.97 89.58
CA UNK A 3415 -57.10 -64.54 88.55
C UNK A 3415 -57.87 -63.30 88.99
N UNK A 3416 -57.77 -62.98 90.29
CA UNK A 3416 -58.41 -61.80 90.83
C UNK A 3416 -57.50 -60.58 90.72
N UNK A 3417 -56.35 -60.77 90.09
CA UNK A 3417 -55.39 -59.69 89.88
C UNK A 3417 -54.92 -59.66 88.43
N UNK A 3418 -55.19 -60.75 87.71
CA UNK A 3418 -54.82 -60.85 86.30
C UNK A 3418 -56.01 -60.53 85.42
N UNK A 3419 -57.08 -61.32 85.56
CA UNK A 3419 -58.30 -61.12 84.79
C UNK A 3419 -59.13 -59.98 85.40
N UNK A 3420 -58.94 -59.75 86.70
CA UNK A 3420 -59.66 -58.69 87.39
C UNK A 3420 -58.79 -57.44 87.50
N UNK A 3421 -57.82 -57.32 86.60
CA UNK A 3421 -56.96 -56.15 86.55
C UNK A 3421 -57.71 -54.98 85.92
N UNK A 3422 -58.78 -55.31 85.20
CA UNK A 3422 -59.64 -54.29 84.60
C UNK A 3422 -60.42 -53.57 85.69
N UNK A 3423 -60.77 -54.29 86.74
CA UNK A 3423 -61.48 -53.71 87.88
C UNK A 3423 -60.48 -53.06 88.84
N UNK A 3424 -59.24 -53.54 88.80
CA UNK A 3424 -58.19 -53.01 89.66
C UNK A 3424 -57.67 -51.68 89.13
N UNK A 3425 -57.08 -51.71 87.94
CA UNK A 3425 -56.52 -50.51 87.33
C UNK A 3425 -56.56 -50.59 85.80
N UNK A 3426 -57.55 -49.93 85.21
CA UNK A 3426 -57.68 -49.87 83.76
C UNK A 3426 -58.46 -48.63 83.34
N UNK A 3427 -59.09 -47.98 84.32
CA UNK A 3427 -59.85 -46.76 84.06
C UNK A 3427 -58.91 -45.59 83.84
N UNK A 3428 -57.69 -45.70 84.36
CA UNK A 3428 -56.67 -44.67 84.18
C UNK A 3428 -56.10 -44.73 82.75
N UNK A 3429 -56.15 -45.92 82.16
CA UNK A 3429 -55.67 -46.12 80.80
C UNK A 3429 -56.81 -45.90 79.80
N UNK A 3430 -58.04 -46.10 80.25
CA UNK A 3430 -59.21 -45.91 79.41
C UNK A 3430 -59.51 -44.43 79.22
N UNK A 3431 -59.78 -43.74 80.33
CA UNK A 3431 -60.08 -42.31 80.28
C UNK A 3431 -59.01 -41.52 81.04
N UNK A 3432 -59.23 -40.21 81.16
CA UNK A 3432 -58.30 -39.34 81.84
C UNK A 3432 -58.72 -39.11 83.29
N UNK A 3433 -57.86 -39.51 84.23
CA UNK A 3433 -58.14 -39.35 85.65
C UNK A 3433 -56.85 -39.14 86.44
N UNK A 3434 -56.72 -37.97 87.05
CA UNK A 3434 -55.52 -37.64 87.81
C UNK A 3434 -55.89 -37.21 89.23
N UNK A 3435 -56.66 -38.04 89.92
CA UNK A 3435 -57.07 -37.74 91.29
C UNK A 3435 -56.29 -38.60 92.28
N UNK A 3436 -56.51 -38.34 93.57
CA UNK A 3436 -55.83 -39.10 94.62
C UNK A 3436 -56.45 -40.48 94.78
N UNK A 3437 -57.72 -40.60 94.37
CA UNK A 3437 -58.43 -41.87 94.47
C UNK A 3437 -57.94 -42.86 93.41
N UNK A 3438 -57.53 -42.33 92.25
CA UNK A 3438 -57.07 -43.17 91.15
C UNK A 3438 -55.65 -43.70 91.40
N UNK A 3439 -54.95 -43.06 92.33
CA UNK A 3439 -53.57 -43.46 92.64
C UNK A 3439 -53.53 -44.30 93.91
N UNK A 3440 -54.60 -44.29 94.69
CA UNK A 3440 -54.65 -45.02 95.94
C UNK A 3440 -55.44 -46.32 95.81
N UNK A 3441 -56.14 -46.47 94.69
CA UNK A 3441 -56.94 -47.66 94.46
C UNK A 3441 -56.12 -48.78 93.81
N UNK A 3442 -54.97 -48.41 93.27
CA UNK A 3442 -54.10 -49.36 92.58
C UNK A 3442 -52.74 -49.49 93.24
N UNK A 3443 -52.04 -48.36 93.38
CA UNK A 3443 -50.68 -48.35 93.91
C UNK A 3443 -50.66 -48.60 95.43
N UNK A 3444 -51.80 -48.41 96.07
CA UNK A 3444 -51.90 -48.61 97.52
C UNK A 3444 -52.79 -49.80 97.86
N UNK A 3445 -53.00 -50.68 96.89
CA UNK A 3445 -53.85 -51.85 97.10
C UNK A 3445 -53.27 -53.10 96.43
N UNK A 3446 -52.83 -52.95 95.19
CA UNK A 3446 -52.29 -54.08 94.43
C UNK A 3446 -50.87 -54.40 94.85
N UNK A 3447 -50.12 -53.37 95.25
CA UNK A 3447 -48.74 -53.56 95.66
C UNK A 3447 -48.63 -53.79 97.17
N UNK A 3448 -49.74 -54.17 97.79
CA UNK A 3448 -49.77 -54.44 99.22
C UNK A 3448 -50.50 -55.74 99.51
N UNK A 3449 -51.40 -56.13 98.62
CA UNK A 3449 -52.17 -57.36 98.79
C UNK A 3449 -51.67 -58.46 97.84
N UNK A 3450 -51.51 -58.10 96.58
CA UNK A 3450 -51.06 -59.05 95.56
C UNK A 3450 -49.55 -59.22 95.62
N UNK A 3451 -48.88 -58.32 96.33
CA UNK A 3451 -47.43 -58.41 96.52
C UNK A 3451 -47.12 -59.54 97.50
N UNK A 3452 -48.00 -59.72 98.48
CA UNK A 3452 -47.87 -60.81 99.44
C UNK A 3452 -48.38 -62.10 98.82
N UNK A 3453 -49.28 -61.96 97.85
CA UNK A 3453 -49.81 -63.11 97.12
C UNK A 3453 -48.76 -63.64 96.15
N UNK A 3454 -47.94 -62.74 95.61
CA UNK A 3454 -46.87 -63.12 94.70
C UNK A 3454 -45.70 -63.70 95.50
N UNK A 3455 -45.59 -63.29 96.76
CA UNK A 3455 -44.56 -63.81 97.65
C UNK A 3455 -44.88 -65.25 98.04
N UNK A 3456 -46.17 -65.52 98.22
CA UNK A 3456 -46.64 -66.87 98.53
C UNK A 3456 -46.64 -67.73 97.28
N UNK A 3457 -46.76 -67.08 96.12
CA UNK A 3457 -46.71 -67.77 94.85
C UNK A 3457 -45.28 -68.21 94.54
N UNK A 3458 -44.32 -67.39 94.95
CA UNK A 3458 -42.91 -67.71 94.77
C UNK A 3458 -42.48 -68.79 95.73
N UNK A 3459 -43.15 -68.85 96.89
CA UNK A 3459 -42.87 -69.90 97.87
C UNK A 3459 -43.43 -71.23 97.38
N UNK A 3460 -44.51 -71.15 96.60
CA UNK A 3460 -45.11 -72.34 96.03
C UNK A 3460 -44.41 -72.72 94.73
N UNK A 3461 -43.71 -71.76 94.15
CA UNK A 3461 -42.94 -72.00 92.92
C UNK A 3461 -41.67 -72.76 93.24
N UNK A 3462 -41.20 -72.63 94.48
CA UNK A 3462 -40.03 -73.38 94.93
C UNK A 3462 -40.35 -74.86 95.05
N UNK A 3463 -41.61 -75.14 95.39
CA UNK A 3463 -42.08 -76.52 95.47
C UNK A 3463 -42.38 -77.05 94.07
N UNK A 3464 -42.77 -76.14 93.17
CA UNK A 3464 -43.04 -76.51 91.79
C UNK A 3464 -41.74 -76.79 91.05
N UNK A 3465 -40.68 -76.08 91.41
CA UNK A 3465 -39.38 -76.27 90.82
C UNK A 3465 -38.72 -77.53 91.37
N UNK A 3466 -39.06 -77.87 92.61
CA UNK A 3466 -38.54 -79.08 93.24
C UNK A 3466 -39.20 -80.31 92.61
N UNK A 3467 -40.45 -80.16 92.22
CA UNK A 3467 -41.19 -81.25 91.57
C UNK A 3467 -41.44 -80.92 90.10
N UNK A 3468 -40.36 -80.74 89.35
CA UNK A 3468 -40.46 -80.38 87.94
C UNK A 3468 -39.89 -81.48 87.05
N UNK A 3469 -40.33 -82.72 87.29
CA UNK A 3469 -39.87 -83.85 86.50
C UNK A 3469 -41.03 -84.78 86.15
N UNK A 3470 -41.78 -85.18 87.17
CA UNK A 3470 -42.93 -86.06 86.98
C UNK A 3470 -44.22 -85.27 86.96
N UNK A 3471 -44.11 -83.96 86.79
CA UNK A 3471 -45.28 -83.08 86.76
C UNK A 3471 -45.13 -82.01 85.69
N UNK A 3472 -44.03 -81.27 85.73
CA UNK A 3472 -43.77 -80.20 84.78
C UNK A 3472 -43.06 -80.73 83.53
N UNK A 3473 -42.12 -81.64 83.75
CA UNK A 3473 -41.35 -82.21 82.65
C UNK A 3473 -41.92 -83.55 82.21
N UNK A 3474 -43.24 -83.68 82.30
CA UNK A 3474 -43.91 -84.91 81.89
C UNK A 3474 -44.71 -84.69 80.61
N UNK A 3475 -45.13 -85.80 79.99
CA UNK A 3475 -45.91 -85.73 78.76
C UNK A 3475 -47.32 -85.22 79.03
N UNK A 3476 -47.85 -85.59 80.20
CA UNK A 3476 -49.18 -85.15 80.60
C UNK A 3476 -49.08 -84.07 81.67
N UNK A 3477 -49.32 -82.82 81.27
CA UNK A 3477 -49.23 -81.70 82.19
C UNK A 3477 -50.62 -81.23 82.64
N UNK A 3478 -50.92 -81.42 83.91
CA UNK A 3478 -52.20 -80.99 84.47
C UNK A 3478 -52.14 -79.51 84.86
N UNK A 3479 -50.93 -78.97 84.90
CA UNK A 3479 -50.72 -77.56 85.21
C UNK A 3479 -50.52 -76.74 83.94
N UNK A 3480 -51.26 -77.09 82.90
CA UNK A 3480 -51.17 -76.39 81.63
C UNK A 3480 -51.83 -75.02 81.73
N UNK A 3481 -52.82 -74.90 82.62
CA UNK A 3481 -53.50 -73.64 82.84
C UNK A 3481 -52.61 -72.69 83.63
N UNK A 3482 -51.78 -73.26 84.52
CA UNK A 3482 -50.85 -72.47 85.31
C UNK A 3482 -49.65 -72.05 84.46
N UNK A 3483 -49.32 -72.86 83.47
CA UNK A 3483 -48.22 -72.56 82.56
C UNK A 3483 -48.63 -71.46 81.59
N UNK A 3484 -49.91 -71.46 81.21
CA UNK A 3484 -50.45 -70.46 80.31
C UNK A 3484 -50.65 -69.14 81.05
N UNK A 3485 -50.97 -69.23 82.34
CA UNK A 3485 -51.18 -68.06 83.17
C UNK A 3485 -49.84 -67.45 83.57
N UNK A 3486 -49.42 -66.42 82.82
CA UNK A 3486 -48.16 -65.74 83.11
C UNK A 3486 -48.40 -64.24 83.27
N UNK A 3487 -49.15 -63.88 84.31
CA UNK A 3487 -49.52 -62.49 84.55
C UNK A 3487 -48.32 -61.62 84.93
N UNK A 3488 -47.31 -62.25 85.53
CA UNK A 3488 -46.10 -61.54 85.93
C UNK A 3488 -45.14 -61.41 84.76
N UNK A 3489 -45.38 -62.18 83.70
CA UNK A 3489 -44.51 -62.18 82.52
C UNK A 3489 -45.06 -61.25 81.44
N UNK A 3490 -45.16 -59.96 81.77
CA UNK A 3490 -45.57 -58.90 80.85
C UNK A 3490 -46.94 -59.13 80.22
N UNK A 3491 -47.85 -59.74 80.96
CA UNK A 3491 -49.23 -59.92 80.51
C UNK A 3491 -50.14 -59.02 81.33
N UNK A 3492 -49.97 -59.09 82.65
CA UNK A 3492 -50.69 -58.21 83.56
C UNK A 3492 -49.68 -57.36 84.33
N UNK A 3493 -48.41 -57.55 84.01
CA UNK A 3493 -47.33 -56.80 84.65
C UNK A 3493 -46.72 -55.80 83.67
N UNK A 3494 -47.33 -55.69 82.50
CA UNK A 3494 -46.86 -54.76 81.47
C UNK A 3494 -47.76 -53.52 81.42
N UNK A 3495 -48.67 -53.42 82.38
CA UNK A 3495 -49.59 -52.29 82.45
C UNK A 3495 -48.87 -51.04 82.94
N UNK A 3496 -48.22 -50.34 82.00
CA UNK A 3496 -47.46 -49.12 82.26
C UNK A 3496 -46.40 -49.31 83.34
N UNK A 3497 -46.27 -48.32 84.22
CA UNK A 3497 -45.29 -48.38 85.30
C UNK A 3497 -45.97 -48.72 86.63
N UNK A 3498 -47.29 -48.89 86.58
CA UNK A 3498 -48.06 -49.20 87.78
C UNK A 3498 -47.92 -50.68 88.14
N UNK A 3499 -47.81 -51.52 87.13
CA UNK A 3499 -47.71 -52.97 87.33
C UNK A 3499 -46.27 -53.44 87.21
N UNK A 3500 -45.33 -52.57 87.54
CA UNK A 3500 -43.91 -52.90 87.45
C UNK A 3500 -43.08 -52.08 88.45
N UNK A 3501 -42.91 -50.79 88.15
CA UNK A 3501 -42.10 -49.91 88.99
C UNK A 3501 -42.81 -49.58 90.30
N UNK A 3502 -44.13 -49.47 90.25
CA UNK A 3502 -44.91 -49.15 91.45
C UNK A 3502 -44.98 -50.34 92.38
N UNK A 3503 -44.88 -51.55 91.82
CA UNK A 3503 -44.91 -52.77 92.61
C UNK A 3503 -43.53 -53.07 93.18
N UNK A 3504 -42.49 -52.66 92.46
CA UNK A 3504 -41.12 -52.89 92.89
C UNK A 3504 -40.72 -51.89 93.98
N UNK A 3505 -41.39 -50.75 93.98
CA UNK A 3505 -41.12 -49.71 94.99
C UNK A 3505 -41.69 -50.12 96.34
N UNK A 3506 -42.77 -50.89 96.32
CA UNK A 3506 -43.39 -51.38 97.54
C UNK A 3506 -42.74 -52.68 97.99
N UNK A 3507 -42.19 -53.42 97.04
CA UNK A 3507 -41.51 -54.68 97.34
C UNK A 3507 -40.15 -54.42 97.96
N UNK A 3508 -39.57 -53.26 97.64
CA UNK A 3508 -38.28 -52.87 98.19
C UNK A 3508 -38.47 -52.01 99.44
N UNK A 3509 -39.25 -52.52 100.39
CA UNK A 3509 -39.51 -51.81 101.63
C UNK A 3509 -39.39 -52.74 102.83
N UNK A 3510 -38.15 -53.08 103.18
CA UNK A 3510 -37.82 -53.97 104.29
C UNK A 3510 -38.52 -55.33 104.18
N UNK A 3511 -30.52 -59.83 93.62
CA UNK A 3511 -31.43 -60.13 92.54
C UNK A 3511 -32.23 -58.89 92.13
N UNK A 3512 -31.58 -57.99 91.40
CA UNK A 3512 -32.22 -56.76 90.96
C UNK A 3512 -32.78 -56.91 89.54
N UNK A 3513 -33.51 -57.99 89.31
CA UNK A 3513 -34.12 -58.24 88.01
C UNK A 3513 -35.59 -57.85 88.02
N UNK A 3514 -35.89 -56.71 88.63
CA UNK A 3514 -37.24 -56.17 88.77
C UNK A 3514 -38.19 -57.18 89.43
N UNK A 3515 -39.15 -57.67 88.67
CA UNK A 3515 -40.11 -58.65 89.18
C UNK A 3515 -39.46 -60.03 89.28
N UNK A 3516 -39.26 -60.49 90.50
CA UNK A 3516 -38.66 -61.80 90.74
C UNK A 3516 -39.64 -62.92 90.43
N UNK A 3517 -39.86 -63.17 89.15
CA UNK A 3517 -40.79 -64.21 88.71
C UNK A 3517 -40.06 -65.50 88.38
N UNK A 3518 -40.79 -66.60 88.37
CA UNK A 3518 -40.21 -67.90 88.03
C UNK A 3518 -40.44 -68.22 86.56
N UNK A 3519 -40.63 -67.19 85.75
CA UNK A 3519 -40.92 -67.35 84.33
C UNK A 3519 -39.69 -67.83 83.56
N UNK A 3520 -38.52 -67.72 84.17
CA UNK A 3520 -37.28 -68.22 83.56
C UNK A 3520 -37.26 -69.74 83.61
N UNK A 3521 -38.01 -70.31 84.55
CA UNK A 3521 -38.11 -71.76 84.69
C UNK A 3521 -39.49 -72.25 84.28
N UNK A 3522 -40.42 -71.32 84.11
CA UNK A 3522 -41.78 -71.67 83.71
C UNK A 3522 -41.93 -71.61 82.19
N UNK A 3523 -40.94 -71.03 81.52
CA UNK A 3523 -40.97 -70.91 80.07
C UNK A 3523 -40.71 -72.26 79.42
N UNK A 3524 -39.96 -73.11 80.09
CA UNK A 3524 -39.63 -74.44 79.58
C UNK A 3524 -40.82 -75.39 79.72
N UNK A 3525 -41.80 -75.00 80.54
CA UNK A 3525 -43.00 -75.80 80.75
C UNK A 3525 -44.22 -75.14 80.14
N UNK A 3526 -44.04 -73.91 79.65
CA UNK A 3526 -45.12 -73.17 79.03
C UNK A 3526 -45.36 -73.65 77.60
N UNK A 3527 -44.38 -73.43 76.72
CA UNK A 3527 -44.45 -73.91 75.34
C UNK A 3527 -43.71 -75.23 75.20
N UNK A 3528 -43.77 -75.81 74.00
CA UNK A 3528 -43.23 -77.15 73.71
C UNK A 3528 -43.83 -78.21 74.63
N UNK A 3529 -45.07 -78.00 75.05
CA UNK A 3529 -45.79 -78.96 75.88
C UNK A 3529 -47.18 -79.11 75.28
N UNK A 3530 -47.60 -78.07 74.55
CA UNK A 3530 -48.82 -78.11 73.76
C UNK A 3530 -48.42 -78.22 72.29
N UNK A 3531 -47.12 -78.11 72.05
CA UNK A 3531 -46.57 -78.24 70.70
C UNK A 3531 -45.39 -79.20 70.73
N UNK A 3532 -44.84 -79.50 69.55
CA UNK A 3532 -43.71 -80.42 69.43
C UNK A 3532 -42.65 -79.85 68.50
N UNK A 3533 -42.40 -78.54 68.63
CA UNK A 3533 -41.41 -77.81 67.83
C UNK A 3533 -41.65 -77.95 66.32
N UNK A 3534 -40.60 -77.69 65.54
CA UNK A 3534 -40.63 -77.77 64.08
C UNK A 3534 -41.75 -76.92 63.45
N UNK A 3535 -42.02 -75.77 64.05
CA UNK A 3535 -43.08 -74.90 63.57
C UNK A 3535 -42.58 -73.47 63.42
N UNK A 3536 -41.30 -73.25 63.77
CA UNK A 3536 -40.63 -71.96 63.66
C UNK A 3536 -41.36 -70.84 64.42
N UNK A 3537 -42.48 -70.39 63.85
CA UNK A 3537 -43.31 -69.33 64.42
C UNK A 3537 -42.52 -68.04 64.65
N UNK A 3538 -41.63 -67.72 63.72
CA UNK A 3538 -40.83 -66.52 63.80
C UNK A 3538 -41.54 -65.37 63.09
N UNK A 3539 -42.57 -65.70 62.32
CA UNK A 3539 -43.35 -64.70 61.60
C UNK A 3539 -44.26 -63.95 62.56
N UNK A 3540 -44.99 -64.69 63.39
CA UNK A 3540 -45.90 -64.09 64.35
C UNK A 3540 -45.15 -63.46 65.52
N UNK A 3541 -43.96 -63.98 65.79
CA UNK A 3541 -43.13 -63.46 66.88
C UNK A 3541 -42.54 -62.11 66.51
N UNK A 3542 -42.28 -61.91 65.21
CA UNK A 3542 -41.71 -60.66 64.73
C UNK A 3542 -42.80 -59.64 64.43
N UNK A 3543 -43.99 -60.13 64.08
CA UNK A 3543 -45.10 -59.25 63.76
C UNK A 3543 -45.72 -58.65 65.01
N UNK A 3544 -45.63 -59.38 66.12
CA UNK A 3544 -46.20 -58.93 67.39
C UNK A 3544 -45.25 -57.97 68.10
N UNK A 3545 -44.03 -57.84 67.58
CA UNK A 3545 -43.04 -56.96 68.17
C UNK A 3545 -42.83 -55.72 67.31
N UNK A 3546 -43.04 -55.86 66.00
CA UNK A 3546 -42.88 -54.75 65.08
C UNK A 3546 -44.19 -53.98 64.89
N UNK A 3547 -45.17 -54.63 64.30
CA UNK A 3547 -46.46 -54.00 64.04
C UNK A 3547 -47.41 -54.15 65.22
N UNK A 3548 -47.63 -55.40 65.63
CA UNK A 3548 -48.54 -55.75 66.73
C UNK A 3548 -49.95 -55.20 66.51
N UNK A 3549 -50.75 -55.94 65.75
CA UNK A 3549 -52.12 -55.53 65.43
C UNK A 3549 -53.02 -55.63 66.66
N UNK A 3550 -53.23 -56.85 67.14
CA UNK A 3550 -54.09 -57.09 68.30
C UNK A 3550 -53.72 -58.38 69.01
N UNK A 3551 -54.60 -58.81 69.92
CA UNK A 3551 -54.38 -60.06 70.65
C UNK A 3551 -54.86 -61.24 69.83
N UNK A 3552 -55.86 -61.01 68.99
CA UNK A 3552 -56.38 -62.04 68.11
C UNK A 3552 -55.77 -61.92 66.72
N UNK A 3553 -54.63 -61.25 66.65
CA UNK A 3553 -53.93 -61.05 65.39
C UNK A 3553 -53.25 -62.34 64.94
N UNK A 3554 -52.92 -63.20 65.91
CA UNK A 3554 -52.28 -64.48 65.62
C UNK A 3554 -53.27 -65.43 64.96
N UNK A 3555 -54.52 -65.39 65.41
CA UNK A 3555 -55.57 -66.22 64.84
C UNK A 3555 -56.05 -65.64 63.51
N UNK A 3556 -55.90 -64.32 63.36
CA UNK A 3556 -56.31 -63.64 62.14
C UNK A 3556 -55.29 -63.85 61.04
N UNK A 3557 -54.01 -63.90 61.41
CA UNK A 3557 -52.94 -64.12 60.45
C UNK A 3557 -52.72 -65.61 60.21
N UNK A 3558 -53.42 -66.43 60.99
CA UNK A 3558 -53.34 -67.88 60.84
C UNK A 3558 -53.92 -68.32 59.51
N UNK A 3559 -54.92 -67.57 59.02
CA UNK A 3559 -55.50 -67.83 57.71
C UNK A 3559 -54.51 -67.43 56.63
N UNK A 3560 -53.70 -66.42 56.93
CA UNK A 3560 -52.65 -65.97 56.02
C UNK A 3560 -51.42 -66.86 56.16
N UNK A 3561 -51.30 -67.50 57.32
CA UNK A 3561 -50.19 -68.42 57.57
C UNK A 3561 -50.52 -69.79 57.00
N UNK A 3562 -50.41 -70.83 57.84
CA UNK A 3562 -50.66 -72.22 57.47
C UNK A 3562 -49.84 -72.66 56.26
N UNK A 3563 -50.25 -72.23 55.08
CA UNK A 3563 -49.52 -72.52 53.86
C UNK A 3563 -48.23 -71.70 53.79
N UNK A 3564 -48.20 -70.59 54.53
CA UNK A 3564 -47.01 -69.74 54.59
C UNK A 3564 -45.97 -70.33 55.54
N UNK A 3565 -46.42 -71.24 56.40
CA UNK A 3565 -45.53 -71.91 57.34
C UNK A 3565 -45.51 -73.41 57.09
N UNK A 3566 -44.67 -73.83 56.15
CA UNK A 3566 -44.56 -75.24 55.79
C UNK A 3566 -43.34 -75.89 56.43
N UNK A 3567 -43.27 -77.21 56.36
CA UNK A 3567 -42.16 -77.96 56.92
C UNK A 3567 -41.12 -78.27 55.86
N UNK A 3568 -39.88 -77.84 56.10
CA UNK A 3568 -38.79 -78.07 55.17
C UNK A 3568 -37.82 -79.12 55.69
N UNK A 3569 -36.94 -79.60 54.82
CA UNK A 3569 -35.96 -80.62 55.19
C UNK A 3569 -34.57 -80.00 55.31
N UNK A 3570 -34.12 -79.80 56.55
CA UNK A 3570 -32.82 -79.21 56.80
C UNK A 3570 -32.25 -79.68 58.14
N UNK A 3571 -33.09 -79.66 59.17
CA UNK A 3571 -32.66 -80.06 60.51
C UNK A 3571 -33.48 -81.25 61.01
N UNK A 3572 -32.89 -82.44 60.94
CA UNK A 3572 -33.53 -83.64 61.46
C UNK A 3572 -33.13 -83.84 62.92
N UNK A 3573 -32.36 -82.89 63.44
CA UNK A 3573 -31.89 -82.93 64.82
C UNK A 3573 -32.99 -82.51 65.79
N UNK A 3574 -34.00 -81.82 65.28
CA UNK A 3574 -35.09 -81.32 66.11
C UNK A 3574 -36.46 -81.59 65.49
N UNK A 3575 -36.53 -81.51 64.17
CA UNK A 3575 -37.80 -81.71 63.47
C UNK A 3575 -38.07 -83.18 63.22
N UNK A 3576 -37.12 -84.03 63.57
CA UNK A 3576 -37.28 -85.47 63.42
C UNK A 3576 -36.99 -86.17 64.75
N UNK A 3577 -36.56 -85.40 65.74
CA UNK A 3577 -36.26 -85.93 67.07
C UNK A 3577 -37.42 -85.66 68.02
N UNK A 3578 -37.83 -84.40 68.09
CA UNK A 3578 -38.94 -84.00 68.95
C UNK A 3578 -40.26 -84.46 68.34
N UNK A 3579 -40.29 -84.59 67.02
CA UNK A 3579 -41.48 -85.07 66.32
C UNK A 3579 -41.67 -86.56 66.57
N UNK A 3580 -40.56 -87.28 66.70
CA UNK A 3580 -40.60 -88.71 66.99
C UNK A 3580 -40.97 -88.94 68.45
N UNK A 3581 -40.50 -88.04 69.31
CA UNK A 3581 -40.81 -88.11 70.73
C UNK A 3581 -42.14 -87.43 71.02
N UNK A 3582 -43.22 -88.06 70.57
CA UNK A 3582 -44.56 -87.51 70.76
C UNK A 3582 -45.16 -87.95 72.09
N UNK A 3583 -46.28 -87.34 72.47
CA UNK A 3583 -46.95 -87.67 73.72
C UNK A 3583 -47.92 -88.82 73.53
N UNK A 3584 -48.59 -88.85 72.38
CA UNK A 3584 -49.55 -89.91 72.08
C UNK A 3584 -49.43 -90.35 70.62
N UNK A 3585 -50.19 -91.38 70.26
CA UNK A 3585 -50.17 -91.90 68.90
C UNK A 3585 -50.98 -91.02 67.97
N UNK A 3586 -51.96 -90.32 68.53
CA UNK A 3586 -52.82 -89.44 67.75
C UNK A 3586 -52.22 -88.04 67.65
N UNK A 3587 -52.66 -87.29 66.65
CA UNK A 3587 -52.17 -85.93 66.44
C UNK A 3587 -53.31 -84.99 66.06
N UNK A 3588 -53.34 -83.82 66.67
CA UNK A 3588 -54.38 -82.83 66.41
C UNK A 3588 -53.83 -81.66 65.60
N UNK A 3589 -54.61 -81.20 64.63
CA UNK A 3589 -54.19 -80.08 63.79
C UNK A 3589 -55.24 -78.97 63.81
N UNK A 3590 -56.02 -78.92 64.90
CA UNK A 3590 -57.05 -77.90 65.06
C UNK A 3590 -56.72 -76.97 66.21
N UNK A 3591 -55.82 -77.41 67.09
CA UNK A 3591 -55.41 -76.61 68.24
C UNK A 3591 -54.06 -75.96 67.98
N UNK A 3592 -53.61 -76.00 66.73
CA UNK A 3592 -52.32 -75.41 66.36
C UNK A 3592 -52.42 -73.90 66.30
N UNK A 3593 -53.62 -73.39 66.05
CA UNK A 3593 -53.85 -71.96 65.99
C UNK A 3593 -53.96 -71.36 67.39
N UNK A 3594 -54.25 -72.22 68.36
CA UNK A 3594 -54.37 -71.79 69.75
C UNK A 3594 -53.19 -72.30 70.57
N UNK A 3595 -52.02 -72.33 69.95
CA UNK A 3595 -50.80 -72.79 70.62
C UNK A 3595 -49.62 -71.89 70.26
N UNK A 3596 -49.67 -71.30 69.07
CA UNK A 3596 -48.62 -70.41 68.61
C UNK A 3596 -48.76 -69.03 69.26
N UNK A 3597 -49.96 -68.75 69.77
CA UNK A 3597 -50.22 -67.48 70.45
C UNK A 3597 -49.77 -67.56 71.91
N UNK A 3598 -49.40 -68.77 72.35
CA UNK A 3598 -48.91 -68.98 73.70
C UNK A 3598 -47.43 -68.67 73.78
N UNK A 3599 -46.82 -68.38 72.63
CA UNK A 3599 -45.42 -68.00 72.57
C UNK A 3599 -45.28 -66.48 72.57
N UNK A 3600 -46.26 -65.81 73.15
CA UNK A 3600 -46.25 -64.36 73.24
C UNK A 3600 -45.28 -63.89 74.33
N UNK A 3601 -44.92 -64.81 75.22
CA UNK A 3601 -43.95 -64.53 76.28
C UNK A 3601 -42.56 -64.36 75.68
N UNK A 3602 -42.35 -64.97 74.53
CA UNK A 3602 -41.09 -64.84 73.80
C UNK A 3602 -41.01 -63.48 73.13
N UNK A 3603 -42.17 -62.89 72.86
CA UNK A 3603 -42.24 -61.59 72.21
C UNK A 3603 -42.41 -60.47 73.23
N UNK A 3604 -42.58 -60.84 74.50
CA UNK A 3604 -42.81 -59.87 75.56
C UNK A 3604 -41.60 -59.72 76.48
N UNK A 3605 -41.19 -60.83 77.09
CA UNK A 3605 -40.11 -60.80 78.07
C UNK A 3605 -38.78 -61.29 77.48
N UNK A 3606 -38.84 -62.07 76.41
CA UNK A 3606 -37.63 -62.60 75.78
C UNK A 3606 -37.20 -61.72 74.61
N UNK A 3607 -38.15 -61.01 74.01
CA UNK A 3607 -37.82 -60.07 72.94
C UNK A 3607 -37.26 -58.79 73.55
N UNK A 3608 -37.67 -58.51 74.78
CA UNK A 3608 -37.16 -57.36 75.51
C UNK A 3608 -36.16 -57.82 76.56
N UNK A 3609 -35.38 -58.85 76.21
CA UNK A 3609 -34.38 -59.40 77.11
C UNK A 3609 -33.21 -58.43 77.27
N UNK A 3610 -33.00 -57.60 76.25
CA UNK A 3610 -31.95 -56.59 76.29
C UNK A 3610 -32.41 -55.38 77.10
N UNK A 3611 -33.71 -55.28 77.30
CA UNK A 3611 -34.28 -54.19 78.07
C UNK A 3611 -34.48 -54.59 79.53
N UNK A 3612 -34.82 -55.86 79.75
CA UNK A 3612 -35.04 -56.37 81.10
C UNK A 3612 -33.73 -56.82 81.73
N UNK A 3613 -32.71 -57.01 80.90
CA UNK A 3613 -31.40 -57.44 81.38
C UNK A 3613 -30.29 -56.83 80.55
N THR A 3639 -27.54 -14.07 97.78
CA THR A 3639 -27.26 -13.23 98.93
C THR A 3639 -28.43 -12.29 99.22
N PRO A 3640 -28.96 -12.34 100.44
CA PRO A 3640 -30.06 -11.44 100.82
C PRO A 3640 -29.61 -9.99 100.82
N LEU A 3641 -30.57 -9.10 100.55
CA LEU A 3641 -30.28 -7.68 100.44
C LEU A 3641 -30.58 -6.90 101.72
N TYR A 3642 -31.43 -7.43 102.60
CA TYR A 3642 -31.76 -6.70 103.82
C TYR A 3642 -30.58 -6.64 104.79
N ASN A 3643 -29.75 -7.68 104.82
CA ASN A 3643 -28.55 -7.70 105.67
C ASN A 3643 -27.34 -7.18 104.90
N LEU A 3644 -27.45 -5.94 104.45
CA LEU A 3644 -26.42 -5.25 103.68
C LEU A 3644 -26.16 -3.89 104.28
N PRO A 3645 -24.92 -3.39 104.20
CA PRO A 3645 -24.64 -2.02 104.67
C PRO A 3645 -25.45 -0.99 103.91
N THR A 3646 -25.96 0.00 104.66
CA THR A 3646 -26.83 1.01 104.07
C THR A 3646 -26.07 1.87 103.07
N HIS A 3647 -24.85 2.31 103.43
CA HIS A 3647 -24.07 3.14 102.51
C HIS A 3647 -23.68 2.38 101.26
N ARG A 3648 -23.35 1.09 101.39
CA ARG A 3648 -23.02 0.28 100.22
C ARG A 3648 -24.24 0.10 99.32
N ALA A 3649 -25.41 -0.15 99.91
CA ALA A 3649 -26.63 -0.30 99.13
C ALA A 3649 -26.99 0.99 98.40
N CYS A 3650 -26.86 2.12 99.09
CA CYS A 3650 -27.09 3.41 98.43
C CYS A 3650 -26.09 3.66 97.32
N ASN A 3651 -24.86 3.17 97.50
CA ASN A 3651 -23.85 3.29 96.45
C ASN A 3651 -24.24 2.50 95.21
N MET A 3652 -24.68 1.24 95.39
CA MET A 3652 -25.01 0.45 94.20
C MET A 3652 -26.34 0.84 93.58
N PHE A 3653 -27.22 1.50 94.33
CA PHE A 3653 -28.51 1.90 93.76
C PHE A 3653 -28.36 2.98 92.70
N LEU A 3654 -27.34 3.84 92.82
CA LEU A 3654 -27.22 5.02 91.98
C LEU A 3654 -26.81 4.71 90.54
N GLU A 3655 -26.32 3.50 90.26
CA GLU A 3655 -25.91 3.18 88.89
C GLU A 3655 -27.10 3.09 87.94
N SER A 3656 -28.25 2.62 88.42
CA SER A 3656 -29.43 2.50 87.58
C SER A 3656 -30.21 3.80 87.61
N TYR A 3657 -29.90 4.71 86.67
CA TYR A 3657 -30.62 5.98 86.59
C TYR A 3657 -32.02 5.69 86.08
N LYS A 3658 -32.16 5.09 84.90
CA LYS A 3658 -33.39 4.41 84.55
C LYS A 3658 -33.17 2.91 84.37
N ALA A 3659 -32.38 2.49 83.37
CA ALA A 3659 -31.79 1.16 83.38
C ALA A 3659 -30.28 1.20 83.24
N ALA A 3660 -29.77 1.70 82.12
CA ALA A 3660 -28.34 1.91 81.92
C ALA A 3660 -28.00 3.20 81.20
N TRP A 3661 -28.90 3.76 80.41
CA TRP A 3661 -28.69 4.99 79.64
C TRP A 3661 -29.75 6.00 80.07
N ILE A 3662 -29.80 7.14 79.36
CA ILE A 3662 -30.79 8.16 79.69
C ILE A 3662 -32.21 7.69 79.34
N LEU A 3663 -32.39 7.11 78.15
CA LEU A 3663 -33.63 6.48 77.69
C LEU A 3663 -34.82 7.45 77.67
N THR A 3664 -34.55 8.74 77.93
CA THR A 3664 -35.56 9.78 78.00
C THR A 3664 -35.23 10.82 76.94
N GLU A 3665 -36.23 11.23 76.17
CA GLU A 3665 -35.98 12.09 75.02
C GLU A 3665 -35.83 13.54 75.48
N ASP A 3666 -34.60 14.05 75.36
CA ASP A 3666 -34.33 15.49 75.43
C ASP A 3666 -34.20 16.07 74.03
N HIS A 3667 -34.90 15.44 73.07
CA HIS A 3667 -34.74 15.75 71.67
C HIS A 3667 -35.37 17.10 71.34
N SER A 3668 -35.02 17.61 70.16
CA SER A 3668 -35.29 18.94 69.61
C SER A 3668 -34.39 19.99 70.25
N PHE A 3669 -33.52 19.59 71.19
CA PHE A 3669 -32.46 20.47 71.68
C PHE A 3669 -31.61 20.93 70.50
N GLU A 3670 -31.24 20.00 69.62
CA GLU A 3670 -30.39 20.25 68.46
C GLU A 3670 -31.02 21.27 67.53
N ASP A 3671 -32.20 20.94 67.01
CA ASP A 3671 -32.87 21.82 66.05
C ASP A 3671 -33.24 23.15 66.69
N ARG A 3672 -33.65 23.14 67.96
CA ARG A 3672 -34.03 24.39 68.62
C ARG A 3672 -32.83 25.31 68.79
N MET A 3673 -31.67 24.76 69.15
CA MET A 3673 -30.46 25.58 69.22
C MET A 3673 -30.08 26.13 67.86
N ILE A 3674 -30.12 25.30 66.82
CA ILE A 3674 -29.75 25.79 65.49
C ILE A 3674 -30.72 26.88 65.01
N ASP A 3675 -32.02 26.65 65.20
CA ASP A 3675 -33.02 27.60 64.74
C ASP A 3675 -33.08 28.86 65.60
N ASP A 3676 -32.54 28.82 66.82
CA ASP A 3676 -32.45 30.04 67.62
C ASP A 3676 -31.18 30.82 67.30
N LEU A 3677 -30.06 30.13 67.09
CA LEU A 3677 -28.81 30.83 66.78
C LEU A 3677 -28.84 31.42 65.37
N SER A 3678 -29.20 30.61 64.37
CA SER A 3678 -29.19 31.07 62.98
C SER A 3678 -30.25 32.13 62.71
N LYS A 3679 -31.27 32.18 63.57
CA LYS A 3679 -32.43 33.08 63.46
C LYS A 3679 -32.06 34.53 63.19
N ALA A 3680 -30.87 34.96 63.62
CA ALA A 3680 -30.54 36.38 63.62
C ALA A 3680 -29.12 36.61 63.13
N GLY A 3681 -28.98 37.17 61.93
CA GLY A 3681 -27.92 38.12 61.69
C GLY A 3681 -28.19 39.40 62.44
N GLU A 3682 -29.44 39.86 62.39
CA GLU A 3682 -30.05 40.68 63.42
C GLU A 3682 -31.56 40.44 63.32
N GLN A 3683 -32.13 39.83 64.36
CA GLN A 3683 -33.57 39.57 64.36
C GLN A 3683 -34.34 40.87 64.49
N GLU A 3684 -34.05 41.63 65.54
CA GLU A 3684 -34.54 42.98 65.68
C GLU A 3684 -33.51 43.76 66.49
N GLU A 3685 -33.37 45.05 66.11
CA GLU A 3685 -32.34 46.06 66.38
C GLU A 3685 -31.92 46.57 65.01
N GLU A 3686 -31.03 45.82 64.36
CA GLU A 3686 -30.68 45.96 62.95
C GLU A 3686 -30.30 47.39 62.57
N GLU A 3687 -29.33 47.93 63.31
CA GLU A 3687 -28.69 49.18 62.89
C GLU A 3687 -28.08 48.97 61.51
N GLU A 3688 -28.42 49.86 60.57
CA GLU A 3688 -28.15 49.69 59.14
C GLU A 3688 -26.75 49.20 58.83
N GLU A 3689 -26.65 48.07 58.14
CA GLU A 3689 -25.39 47.41 57.86
C GLU A 3689 -25.37 46.91 56.43
N VAL A 3690 -24.14 46.72 55.91
CA VAL A 3690 -23.96 46.20 54.56
C VAL A 3690 -24.27 44.71 54.49
N GLU A 3691 -24.43 44.06 55.64
CA GLU A 3691 -24.61 42.62 55.86
C GLU A 3691 -23.33 41.84 55.57
N GLU A 3692 -22.22 42.51 55.30
CA GLU A 3692 -20.90 41.90 55.22
C GLU A 3692 -20.08 42.40 56.40
N LYS A 3693 -19.25 41.51 56.95
CA LYS A 3693 -18.53 41.72 58.21
C LYS A 3693 -19.47 41.88 59.40
N LYS A 3694 -20.65 41.26 59.32
CA LYS A 3694 -21.61 41.21 60.42
C LYS A 3694 -22.00 39.76 60.61
N PRO A 3695 -21.10 38.94 61.15
CA PRO A 3695 -21.31 37.48 61.15
C PRO A 3695 -22.43 37.04 62.07
N ASP A 3696 -23.07 35.93 61.70
CA ASP A 3696 -24.05 35.30 62.57
C ASP A 3696 -23.34 34.67 63.77
N PRO A 3697 -24.04 34.54 64.92
CA PRO A 3697 -23.44 33.90 66.10
C PRO A 3697 -22.93 32.49 65.83
N LEU A 3698 -23.69 31.72 65.05
CA LEU A 3698 -23.24 30.40 64.65
C LEU A 3698 -22.01 30.48 63.76
N HIS A 3699 -21.97 31.48 62.87
CA HIS A 3699 -20.81 31.69 62.02
C HIS A 3699 -19.56 32.02 62.83
N GLN A 3700 -19.70 32.74 63.95
CA GLN A 3700 -18.54 32.98 64.80
C GLN A 3700 -18.03 31.71 65.46
N LEU A 3701 -18.94 30.80 65.84
CA LEU A 3701 -18.50 29.49 66.36
C LEU A 3701 -17.76 28.70 65.29
N VAL A 3702 -18.30 28.68 64.06
CA VAL A 3702 -17.64 27.97 62.97
C VAL A 3702 -16.29 28.58 62.62
N LEU A 3703 -16.14 29.90 62.77
CA LEU A 3703 -14.84 30.52 62.56
C LEU A 3703 -13.89 30.27 63.71
N HIS A 3704 -14.39 30.24 64.95
CA HIS A 3704 -13.54 29.95 66.10
C HIS A 3704 -12.95 28.55 66.01
N PHE A 3705 -13.79 27.55 65.70
CA PHE A 3705 -13.27 26.19 65.54
C PHE A 3705 -12.33 26.09 64.34
N SER A 3706 -12.64 26.80 63.25
CA SER A 3706 -11.75 26.81 62.09
C SER A 3706 -10.39 27.40 62.46
N ARG A 3707 -10.38 28.51 63.20
CA ARG A 3707 -9.16 29.09 63.74
C ARG A 3707 -8.38 28.10 64.60
N THR A 3708 -9.10 27.40 65.49
CA THR A 3708 -8.44 26.45 66.39
C THR A 3708 -7.79 25.32 65.61
N ALA A 3709 -8.45 24.84 64.55
CA ALA A 3709 -7.81 23.88 63.65
C ALA A 3709 -6.61 24.50 62.96
N LEU A 3710 -6.73 25.75 62.52
CA LEU A 3710 -5.70 26.36 61.69
C LEU A 3710 -4.42 26.64 62.46
N THR A 3711 -4.53 26.90 63.77
CA THR A 3711 -3.34 27.15 64.58
C THR A 3711 -2.42 25.94 64.59
N GLU A 3712 -1.12 26.20 64.44
CA GLU A 3712 -0.12 25.13 64.29
C GLU A 3712 0.21 24.52 65.65
N LYS A 3713 -0.52 23.47 65.99
CA LYS A 3713 -0.15 22.56 67.06
C LYS A 3713 -0.04 21.15 66.49
N SER A 3714 0.94 20.40 66.99
CA SER A 3714 1.28 19.10 66.40
C SER A 3714 0.13 18.11 66.52
N LYS A 3715 -0.31 17.83 67.75
CA LYS A 3715 -1.37 16.87 68.01
C LYS A 3715 -2.57 17.59 68.63
N LEU A 3716 -3.76 17.29 68.11
CA LEU A 3716 -4.98 17.94 68.60
C LEU A 3716 -5.34 17.47 70.01
N ASP A 3717 -5.94 18.37 70.78
CA ASP A 3717 -6.45 18.06 72.11
C ASP A 3717 -7.78 17.31 72.02
N GLU A 3718 -8.45 17.14 73.16
CA GLU A 3718 -9.74 16.44 73.15
C GLU A 3718 -10.84 17.32 72.57
N ASP A 3719 -10.95 18.57 73.05
CA ASP A 3719 -11.94 19.55 72.58
C ASP A 3719 -13.37 19.03 72.69
N TYR A 3720 -13.76 18.67 73.92
CA TYR A 3720 -15.11 18.16 74.18
C TYR A 3720 -16.19 19.14 73.75
N LEU A 3721 -15.92 20.44 73.83
CA LEU A 3721 -16.85 21.44 73.30
C LEU A 3721 -17.05 21.25 71.80
N TYR A 3722 -15.96 21.02 71.07
CA TYR A 3722 -16.07 20.76 69.64
C TYR A 3722 -16.86 19.49 69.38
N MET A 3723 -16.60 18.43 70.15
CA MET A 3723 -17.30 17.17 69.93
C MET A 3723 -18.80 17.32 70.14
N ALA A 3724 -19.19 17.97 71.23
CA ALA A 3724 -20.60 18.15 71.54
C ALA A 3724 -21.28 19.03 70.49
N TYR A 3725 -20.67 20.18 70.16
CA TYR A 3725 -21.29 21.05 69.18
C TYR A 3725 -21.33 20.42 67.79
N ALA A 3726 -20.33 19.62 67.44
CA ALA A 3726 -20.33 18.92 66.16
C ALA A 3726 -21.45 17.89 66.10
N ASP A 3727 -21.67 17.15 67.19
CA ASP A 3727 -22.79 16.22 67.23
C ASP A 3727 -24.12 16.94 67.09
N ILE A 3728 -24.28 18.07 67.80
CA ILE A 3728 -25.51 18.83 67.71
C ILE A 3728 -25.71 19.39 66.30
N MET A 3729 -24.64 19.87 65.67
CA MET A 3729 -24.74 20.36 64.30
C MET A 3729 -25.10 19.24 63.33
N ALA A 3730 -24.52 18.05 63.52
CA ALA A 3730 -24.81 16.93 62.63
C ALA A 3730 -26.25 16.46 62.75
N LYS A 3731 -26.78 16.41 63.98
CA LYS A 3731 -28.11 15.84 64.19
C LYS A 3731 -29.22 16.72 63.60
N SER A 3732 -28.95 18.00 63.34
CA SER A 3732 -29.97 18.88 62.78
C SER A 3732 -30.35 18.47 61.36
N CYS A 3733 -29.37 18.10 60.54
CA CYS A 3733 -29.62 17.58 59.20
C CYS A 3733 -29.79 16.07 59.20
N HIS A 3734 -29.28 15.38 60.22
CA HIS A 3734 -29.59 13.95 60.37
C HIS A 3734 -31.08 13.71 60.56
N LEU A 3735 -31.80 14.69 61.13
CA LEU A 3735 -33.24 14.62 61.21
C LEU A 3735 -33.89 14.54 59.83
N GLU A 3736 -33.26 15.14 58.82
CA GLU A 3736 -33.79 15.05 57.46
C GLU A 3736 -33.72 13.62 56.92
N GLU A 3737 -32.61 12.93 57.17
CA GLU A 3737 -32.45 11.56 56.70
C GLU A 3737 -33.43 10.63 57.38
N GLY A 3738 -33.50 10.67 58.71
CA GLY A 3738 -34.43 9.84 59.45
C GLY A 3738 -35.20 10.66 60.46
N GLY A 3739 -36.48 10.32 60.60
CA GLY A 3739 -37.39 11.08 61.43
C GLY A 3739 -38.05 12.26 60.74
N GLU A 3740 -37.89 12.40 59.43
CA GLU A 3740 -38.55 13.46 58.68
C GLU A 3740 -39.73 12.91 57.88
N GLU A 3747 -44.56 -0.05 56.36
CA GLU A 3747 -43.57 -0.92 55.74
C GLU A 3747 -43.50 -0.69 54.23
N GLU A 3748 -44.66 -0.67 53.59
CA GLU A 3748 -44.73 -0.33 52.18
C GLU A 3748 -44.34 1.13 51.97
N VAL A 3749 -43.81 1.42 50.77
CA VAL A 3749 -43.35 2.76 50.42
C VAL A 3749 -44.47 3.78 50.63
N GLU A 3750 -45.54 3.67 49.83
CA GLU A 3750 -46.75 4.49 49.92
C GLU A 3750 -46.46 5.99 49.96
N VAL A 3751 -45.46 6.43 49.19
CA VAL A 3751 -45.05 7.83 49.14
C VAL A 3751 -45.43 8.40 47.77
N SER A 3752 -46.14 9.53 47.78
CA SER A 3752 -46.43 10.26 46.54
C SER A 3752 -45.17 10.89 46.00
N PHE A 3753 -45.19 11.21 44.70
CA PHE A 3753 -44.03 11.86 44.07
C PHE A 3753 -43.83 13.25 44.66
N GLU A 3754 -44.93 13.98 44.88
CA GLU A 3754 -44.85 15.27 45.56
C GLU A 3754 -44.31 15.11 46.97
N GLU A 3755 -44.71 14.04 47.65
CA GLU A 3755 -44.22 13.76 49.00
C GLU A 3755 -42.70 13.54 49.01
N LYS A 3756 -42.19 12.71 48.09
CA LYS A 3756 -40.74 12.51 48.00
C LYS A 3756 -40.03 13.80 47.59
N GLU A 3757 -40.61 14.57 46.67
CA GLU A 3757 -39.96 15.80 46.23
C GLU A 3757 -39.89 16.83 47.34
N MET A 3758 -40.97 16.98 48.12
CA MET A 3758 -40.96 17.94 49.22
C MET A 3758 -40.10 17.44 50.37
N GLU A 3759 -39.91 16.12 50.47
CA GLU A 3759 -38.91 15.58 51.38
C GLU A 3759 -37.49 15.96 50.95
N LYS A 3760 -37.17 15.73 49.67
CA LYS A 3760 -35.81 15.94 49.19
C LYS A 3760 -35.45 17.42 49.14
N GLN A 3761 -36.33 18.25 48.58
CA GLN A 3761 -36.16 19.69 48.51
C GLN A 3761 -37.23 20.36 49.36
N ARG A 3762 -36.87 21.47 50.01
CA ARG A 3762 -37.59 22.23 51.05
C ARG A 3762 -37.44 21.56 52.41
N LEU A 3763 -36.71 20.44 52.50
CA LEU A 3763 -36.33 19.85 53.77
C LEU A 3763 -34.86 19.50 53.86
N LEU A 3764 -34.10 19.59 52.77
CA LEU A 3764 -32.65 19.44 52.82
C LEU A 3764 -31.94 20.79 52.66
N TYR A 3765 -32.66 21.89 52.88
CA TYR A 3765 -32.04 23.20 52.99
C TYR A 3765 -31.47 23.43 54.37
N GLN A 3766 -31.73 22.52 55.31
CA GLN A 3766 -31.15 22.62 56.65
C GLN A 3766 -29.64 22.53 56.59
N GLN A 3767 -29.10 21.97 55.51
CA GLN A 3767 -27.66 21.94 55.29
C GLN A 3767 -27.11 23.34 55.09
N SER A 3768 -27.85 24.19 54.36
CA SER A 3768 -27.48 25.59 54.21
C SER A 3768 -27.41 26.30 55.56
N ARG A 3769 -28.39 26.03 56.43
CA ARG A 3769 -28.33 26.55 57.79
C ARG A 3769 -27.15 25.98 58.57
N LEU A 3770 -26.86 24.68 58.35
CA LEU A 3770 -25.76 24.01 59.04
C LEU A 3770 -24.43 24.69 58.72
N HIS A 3771 -24.28 25.15 57.45
CA HIS A 3771 -23.34 26.12 56.89
C HIS A 3771 -22.67 25.57 55.66
N THR A 3772 -23.42 25.42 54.56
CA THR A 3772 -22.79 25.23 53.26
C THR A 3772 -21.87 26.41 52.95
N ARG A 3773 -22.21 27.59 53.47
CA ARG A 3773 -21.32 28.75 53.59
C ARG A 3773 -19.94 28.38 54.14
N GLY A 3774 -19.88 27.87 55.37
CA GLY A 3774 -18.61 27.68 56.07
C GLY A 3774 -18.16 26.28 56.45
N ALA A 3775 -19.11 25.37 56.74
CA ALA A 3775 -18.79 24.16 57.50
C ALA A 3775 -17.87 23.21 56.72
N ALA A 3776 -17.94 23.23 55.39
CA ALA A 3776 -17.15 22.31 54.58
C ALA A 3776 -15.64 22.53 54.78
N GLU A 3777 -15.20 23.78 54.77
CA GLU A 3777 -13.78 24.06 54.96
C GLU A 3777 -13.34 23.79 56.39
N MET A 3778 -14.23 23.98 57.37
CA MET A 3778 -13.94 23.59 58.74
C MET A 3778 -13.70 22.09 58.86
N VAL A 3779 -14.57 21.30 58.22
CA VAL A 3779 -14.40 19.84 58.21
C VAL A 3779 -13.09 19.46 57.55
N LEU A 3780 -12.79 20.06 56.40
CA LEU A 3780 -11.54 19.75 55.69
C LEU A 3780 -10.32 20.15 56.51
N GLN A 3781 -10.38 21.31 57.17
CA GLN A 3781 -9.25 21.75 57.98
C GLN A 3781 -9.01 20.83 59.17
N MET A 3782 -10.08 20.35 59.82
CA MET A 3782 -9.85 19.43 60.94
C MET A 3782 -9.34 18.07 60.46
N ILE A 3783 -9.85 17.56 59.33
CA ILE A 3783 -9.35 16.28 58.83
C ILE A 3783 -7.89 16.40 58.40
N SER A 3784 -7.49 17.55 57.85
CA SER A 3784 -6.07 17.76 57.54
C SER A 3784 -5.24 17.96 58.80
N ALA A 3785 -5.83 18.62 59.80
CA ALA A 3785 -5.13 18.89 61.05
C ALA A 3785 -4.77 17.59 61.77
N CYS A 3786 -5.70 16.63 61.81
CA CYS A 3786 -5.30 15.34 62.34
C CYS A 3786 -4.36 14.67 61.36
N LYS A 3787 -3.05 14.79 61.61
CA LYS A 3787 -2.02 14.32 60.68
C LYS A 3787 -2.16 12.82 60.40
N GLY A 3788 -2.39 12.04 61.46
CA GLY A 3788 -2.59 10.61 61.36
C GLY A 3788 -3.37 10.17 62.57
N GLU A 3789 -3.62 8.85 62.62
CA GLU A 3789 -4.02 8.01 63.77
C GLU A 3789 -5.49 8.27 64.14
N THR A 3790 -6.22 7.20 64.45
CA THR A 3790 -7.64 7.33 64.74
C THR A 3790 -7.88 8.03 66.07
N GLY A 3791 -8.91 8.87 66.09
CA GLY A 3791 -9.42 9.46 67.30
C GLY A 3791 -10.91 9.68 67.17
N ALA A 3792 -11.54 10.06 68.26
CA ALA A 3792 -12.97 10.36 68.21
C ALA A 3792 -13.24 11.66 67.47
N MET A 3793 -12.24 12.57 67.44
CA MET A 3793 -12.39 13.83 66.72
C MET A 3793 -12.61 13.60 65.24
N VAL A 3794 -11.77 12.76 64.62
CA VAL A 3794 -11.91 12.50 63.19
C VAL A 3794 -13.23 11.80 62.89
N SER A 3795 -13.66 10.92 63.80
CA SER A 3795 -14.95 10.23 63.64
C SER A 3795 -16.12 11.23 63.67
N SER A 3796 -16.09 12.15 64.63
CA SER A 3796 -17.15 13.16 64.73
C SER A 3796 -17.12 14.08 63.50
N THR A 3797 -15.94 14.45 63.04
CA THR A 3797 -15.82 15.31 61.87
C THR A 3797 -16.32 14.60 60.62
N LEU A 3798 -16.00 13.31 60.46
CA LEU A 3798 -16.50 12.55 59.32
C LEU A 3798 -18.01 12.38 59.38
N LYS A 3799 -18.58 12.16 60.56
CA LYS A 3799 -20.03 12.03 60.65
C LYS A 3799 -20.72 13.35 60.34
N LEU A 3800 -20.13 14.47 60.78
CA LEU A 3800 -20.63 15.78 60.39
C LEU A 3800 -20.55 15.98 58.89
N GLY A 3801 -19.45 15.54 58.27
CA GLY A 3801 -19.33 15.65 56.82
C GLY A 3801 -20.37 14.83 56.06
N ILE A 3802 -20.56 13.58 56.48
CA ILE A 3802 -21.58 12.73 55.84
C ILE A 3802 -22.97 13.32 56.03
N SER A 3803 -23.23 13.96 57.17
CA SER A 3803 -24.47 14.71 57.32
C SER A 3803 -24.54 15.88 56.35
N ILE A 3804 -23.40 16.55 56.12
CA ILE A 3804 -23.40 17.72 55.25
C ILE A 3804 -23.70 17.35 53.79
N LEU A 3805 -23.07 16.30 53.28
CA LEU A 3805 -23.33 15.91 51.89
C LEU A 3805 -24.00 14.55 51.76
N ASN A 3806 -24.95 14.24 52.65
CA ASN A 3806 -25.82 13.08 52.51
C ASN A 3806 -26.53 13.06 51.16
N GLY A 3807 -27.19 14.16 50.80
CA GLY A 3807 -27.86 14.23 49.51
C GLY A 3807 -26.90 14.12 48.34
N GLY A 3808 -25.69 14.66 48.48
CA GLY A 3808 -24.76 14.69 47.37
C GLY A 3808 -24.72 16.05 46.72
N ASN A 3809 -24.72 17.09 47.55
CA ASN A 3809 -24.92 18.45 47.05
C ASN A 3809 -23.77 18.93 46.19
N ALA A 3810 -24.10 19.39 44.98
CA ALA A 3810 -23.10 19.86 44.04
C ALA A 3810 -22.47 21.17 44.49
N GLU A 3811 -23.22 22.03 45.18
CA GLU A 3811 -22.65 23.26 45.72
C GLU A 3811 -21.55 22.97 46.73
N VAL A 3812 -21.82 22.02 47.64
CA VAL A 3812 -20.84 21.67 48.66
C VAL A 3812 -19.63 20.98 48.02
N GLN A 3813 -19.87 20.09 47.05
CA GLN A 3813 -18.76 19.44 46.37
C GLN A 3813 -17.89 20.44 45.62
N GLN A 3814 -18.51 21.40 44.92
CA GLN A 3814 -17.77 22.41 44.19
C GLN A 3814 -16.98 23.31 45.14
N LYS A 3815 -17.60 23.70 46.26
CA LYS A 3815 -16.90 24.55 47.24
C LYS A 3815 -15.70 23.83 47.84
N MET A 3816 -15.86 22.54 48.18
CA MET A 3816 -14.74 21.78 48.73
C MET A 3816 -13.61 21.61 47.72
N LEU A 3817 -13.97 21.29 46.46
CA LEU A 3817 -12.95 21.15 45.43
C LEU A 3817 -12.23 22.47 45.17
N ASP A 3818 -12.98 23.58 45.15
CA ASP A 3818 -12.40 24.90 44.97
C ASP A 3818 -11.45 25.25 46.11
N TYR A 3819 -11.86 24.97 47.34
CA TYR A 3819 -11.00 25.27 48.49
C TYR A 3819 -9.73 24.45 48.45
N LEU A 3820 -9.84 23.15 48.12
CA LEU A 3820 -8.64 22.32 48.04
C LEU A 3820 -7.70 22.79 46.95
N LYS A 3821 -8.25 23.08 45.76
CA LYS A 3821 -7.41 23.51 44.64
C LYS A 3821 -6.76 24.86 44.92
N ASP A 3822 -7.49 25.78 45.56
CA ASP A 3822 -6.92 27.09 45.86
C ASP A 3822 -5.87 26.99 46.97
N LYS A 3823 -6.12 26.14 47.97
CA LYS A 3823 -5.15 25.99 49.06
C LYS A 3823 -3.85 25.36 48.57
N LYS A 3824 -3.93 24.38 47.65
CA LYS A 3824 -2.76 23.72 47.07
C LYS A 3824 -1.83 23.15 48.14
N GLU A 3825 -2.41 22.53 49.16
CA GLU A 3825 -1.63 21.99 50.27
C GLU A 3825 -1.93 20.51 50.44
N VAL A 3826 -0.87 19.70 50.39
CA VAL A 3826 -0.99 18.26 50.61
C VAL A 3826 -1.18 17.98 52.09
N GLY A 3827 -1.86 16.88 52.40
CA GLY A 3827 -2.05 16.44 53.77
C GLY A 3827 -3.42 15.88 54.09
N PHE A 3828 -4.46 16.41 53.43
CA PHE A 3828 -5.77 15.77 53.46
C PHE A 3828 -5.68 14.34 52.94
N PHE A 3829 -5.08 14.18 51.75
CA PHE A 3829 -4.97 12.86 51.15
C PHE A 3829 -4.03 11.96 51.95
N GLN A 3830 -2.98 12.54 52.54
CA GLN A 3830 -2.06 11.76 53.37
C GLN A 3830 -2.77 11.22 54.62
N SER A 3831 -3.56 12.08 55.28
CA SER A 3831 -4.34 11.64 56.42
C SER A 3831 -5.33 10.54 56.03
N ILE A 3832 -5.98 10.71 54.87
CA ILE A 3832 -6.93 9.70 54.41
C ILE A 3832 -6.22 8.37 54.16
N GLN A 3833 -5.02 8.42 53.57
CA GLN A 3833 -4.25 7.22 53.31
C GLN A 3833 -3.85 6.51 54.61
N ALA A 3834 -3.35 7.27 55.58
CA ALA A 3834 -2.93 6.67 56.85
C ALA A 3834 -4.12 6.08 57.61
N LEU A 3835 -5.25 6.78 57.60
CA LEU A 3835 -6.47 6.27 58.22
C LEU A 3835 -6.97 5.02 57.52
N MET A 3836 -6.78 4.94 56.20
CA MET A 3836 -7.11 3.71 55.47
C MET A 3836 -6.19 2.56 55.88
N GLN A 3837 -4.88 2.84 56.00
CA GLN A 3837 -3.94 1.78 56.34
C GLN A 3837 -4.13 1.28 57.77
N THR A 3838 -4.67 2.14 58.64
CA THR A 3838 -4.84 1.75 60.04
C THR A 3838 -5.88 0.64 60.21
N CYS A 3839 -6.97 0.68 59.43
CA CYS A 3839 -8.17 -0.12 59.69
C CYS A 3839 -7.88 -1.61 59.80
N SER A 3840 -8.42 -2.22 60.86
CA SER A 3840 -8.25 -3.64 61.10
C SER A 3840 -9.10 -4.46 60.14
N VAL A 3841 -8.68 -5.70 59.92
CA VAL A 3841 -9.43 -6.61 59.06
C VAL A 3841 -9.69 -7.94 59.75
N LEU A 3842 -10.84 -8.04 60.43
CA LEU A 3842 -11.36 -9.30 61.03
C LEU A 3842 -10.28 -9.87 61.96
N ASP A 3843 -9.86 -11.13 61.76
CA ASP A 3843 -8.62 -11.82 62.17
C ASP A 3843 -8.92 -13.09 62.93
N LEU A 3844 -8.74 -14.24 62.27
CA LEU A 3844 -8.58 -15.48 63.01
C LEU A 3844 -7.32 -15.39 63.84
N ASN A 3845 -7.39 -16.02 65.03
CA ASN A 3845 -6.59 -15.80 66.25
C ASN A 3845 -7.23 -14.64 67.01
N ALA A 3846 -7.19 -14.73 68.34
CA ALA A 3846 -7.88 -13.92 69.36
C ALA A 3846 -9.37 -14.23 69.38
N PHE A 3847 -9.88 -14.86 68.33
CA PHE A 3847 -11.21 -15.44 68.39
C PHE A 3847 -11.21 -16.70 69.24
N GLU A 3848 -10.15 -17.50 69.13
CA GLU A 3848 -9.99 -18.67 69.99
C GLU A 3848 -9.88 -18.26 71.46
N ARG A 3849 -9.01 -17.30 71.74
CA ARG A 3849 -8.83 -16.83 73.12
C ARG A 3849 -10.11 -16.20 73.67
N GLN A 3850 -10.84 -15.44 72.84
CA GLN A 3850 -12.11 -14.89 73.31
C GLN A 3850 -13.16 -15.99 73.54
N ASN A 3851 -13.14 -17.04 72.71
CA ASN A 3851 -14.04 -18.17 72.91
C ASN A 3851 -13.75 -18.88 74.23
N LYS A 3852 -12.46 -19.04 74.57
CA LYS A 3852 -12.10 -19.53 75.89
C LYS A 3852 -12.48 -18.54 76.98
N ALA A 3853 -12.39 -17.25 76.68
CA ALA A 3853 -12.70 -16.20 77.64
C ALA A 3853 -14.15 -16.22 78.06
N GLU A 3854 -15.08 -16.47 77.13
CA GLU A 3854 -16.49 -16.55 77.51
C GLU A 3854 -16.75 -17.70 78.46
N GLY A 3855 -16.18 -18.87 78.17
CA GLY A 3855 -16.33 -20.03 79.02
C GLY A 3855 -15.79 -19.83 80.41
N LEU A 3856 -14.57 -19.29 80.51
CA LEU A 3856 -14.01 -19.02 81.83
C LEU A 3856 -14.75 -17.88 82.52
N GLY A 3857 -15.23 -16.90 81.75
CA GLY A 3857 -15.94 -15.78 82.33
C GLY A 3857 -17.25 -16.18 82.97
N MET A 3858 -17.93 -17.17 82.39
CA MET A 3858 -19.02 -17.80 83.12
C MET A 3858 -18.45 -18.49 84.35
N VAL A 3859 -18.63 -17.87 85.51
CA VAL A 3859 -17.95 -18.31 86.73
C VAL A 3859 -18.70 -17.77 87.94
N ASN A 3860 -18.62 -18.49 89.05
CA ASN A 3860 -19.26 -18.08 90.30
C ASN A 3860 -18.32 -17.21 91.13
N GLU A 3861 -18.87 -16.69 92.23
CA GLU A 3861 -18.14 -15.98 93.28
C GLU A 3861 -17.17 -14.92 92.78
N ASP A 3862 -17.69 -13.92 92.05
CA ASP A 3862 -17.02 -12.69 91.61
C ASP A 3862 -16.05 -12.93 90.46
N GLY A 3863 -15.92 -14.14 89.94
CA GLY A 3863 -15.11 -14.36 88.76
C GLY A 3863 -15.75 -13.89 87.46
N THR A 3864 -17.03 -13.53 87.52
CA THR A 3864 -17.78 -13.01 86.38
C THR A 3864 -18.03 -11.51 86.48
N VAL A 3865 -17.16 -10.78 87.17
CA VAL A 3865 -17.43 -9.38 87.52
C VAL A 3865 -17.54 -8.52 86.26
N ILE A 3866 -16.56 -8.62 85.36
CA ILE A 3866 -16.54 -7.82 84.15
C ILE A 3866 -16.26 -8.66 82.90
N ASN A 3867 -16.00 -9.95 83.04
CA ASN A 3867 -15.67 -10.79 81.89
C ASN A 3867 -16.88 -11.02 81.00
N ARG A 3868 -18.08 -10.85 81.54
CA ARG A 3868 -19.30 -11.32 80.87
C ARG A 3868 -19.53 -10.64 79.53
N GLN A 3869 -19.35 -9.32 79.46
CA GLN A 3869 -19.63 -8.56 78.24
C GLN A 3869 -18.37 -7.82 77.80
N ASN A 3870 -17.52 -8.51 77.05
CA ASN A 3870 -16.38 -7.92 76.37
C ASN A 3870 -16.29 -8.51 74.97
N GLY A 3871 -17.45 -8.58 74.29
CA GLY A 3871 -17.58 -9.42 73.12
C GLY A 3871 -16.74 -8.98 71.92
N GLU A 3872 -16.74 -7.68 71.62
CA GLU A 3872 -16.28 -7.19 70.33
C GLU A 3872 -14.82 -6.75 70.39
N LYS A 3873 -13.92 -7.74 70.35
CA LYS A 3873 -12.51 -7.47 70.19
C LYS A 3873 -11.98 -7.71 68.79
N VAL A 3874 -12.55 -8.67 68.06
CA VAL A 3874 -12.08 -8.98 66.71
C VAL A 3874 -12.41 -7.85 65.75
N MET A 3875 -13.51 -7.15 65.99
CA MET A 3875 -13.95 -6.03 65.17
C MET A 3875 -14.33 -4.86 66.07
N ALA A 3876 -13.55 -3.78 65.98
CA ALA A 3876 -13.87 -2.53 66.66
C ALA A 3876 -13.86 -1.33 65.72
N ASP A 3877 -13.44 -1.49 64.47
CA ASP A 3877 -13.31 -0.38 63.53
C ASP A 3877 -14.44 -0.34 62.51
N ASP A 3878 -15.52 -1.10 62.74
CA ASP A 3878 -16.66 -1.20 61.82
C ASP A 3878 -17.25 0.14 61.39
N GLU A 3879 -17.76 0.90 62.36
CA GLU A 3879 -18.44 2.16 62.04
C GLU A 3879 -17.48 3.16 61.42
N PHE A 3880 -16.26 3.23 61.93
CA PHE A 3880 -15.26 4.16 61.41
C PHE A 3880 -14.90 3.84 59.95
N THR A 3881 -14.70 2.55 59.65
CA THR A 3881 -14.35 2.17 58.28
C THR A 3881 -15.50 2.42 57.32
N GLN A 3882 -16.73 2.06 57.74
CA GLN A 3882 -17.89 2.32 56.89
C GLN A 3882 -18.11 3.80 56.68
N ASP A 3883 -17.83 4.63 57.68
CA ASP A 3883 -17.98 6.07 57.52
C ASP A 3883 -16.90 6.65 56.61
N LEU A 3884 -15.67 6.15 56.68
CA LEU A 3884 -14.62 6.64 55.79
C LEU A 3884 -14.96 6.34 54.32
N PHE A 3885 -15.28 5.08 54.02
CA PHE A 3885 -15.64 4.75 52.64
C PHE A 3885 -16.95 5.40 52.21
N ARG A 3886 -17.91 5.56 53.14
CA ARG A 3886 -19.17 6.20 52.77
C ARG A 3886 -18.97 7.70 52.54
N PHE A 3887 -18.05 8.32 53.27
CA PHE A 3887 -17.66 9.71 53.02
C PHE A 3887 -17.05 9.87 51.64
N LEU A 3888 -16.15 8.96 51.26
CA LEU A 3888 -15.55 9.05 49.93
C LEU A 3888 -16.58 8.78 48.83
N GLN A 3889 -17.48 7.83 49.06
CA GLN A 3889 -18.53 7.54 48.09
C GLN A 3889 -19.47 8.73 47.93
N LEU A 3890 -19.78 9.41 49.03
CA LEU A 3890 -20.58 10.64 48.98
C LEU A 3890 -19.84 11.77 48.30
N LEU A 3891 -18.51 11.80 48.42
CA LEU A 3891 -17.71 12.75 47.66
C LEU A 3891 -17.86 12.51 46.15
N CYS A 3892 -17.87 11.25 45.74
CA CYS A 3892 -17.98 10.92 44.33
C CYS A 3892 -19.42 10.70 43.86
N GLU A 3893 -20.41 10.88 44.76
CA GLU A 3893 -21.78 10.44 44.57
C GLU A 3893 -22.43 10.86 43.24
N GLY A 3894 -22.61 12.17 43.04
CA GLY A 3894 -23.04 12.65 41.75
C GLY A 3894 -21.97 12.44 40.71
N HIS A 3895 -22.35 12.13 39.48
CA HIS A 3895 -21.35 12.09 38.41
C HIS A 3895 -20.81 13.49 38.17
N ASN A 3896 -19.53 13.67 38.47
CA ASN A 3896 -18.91 14.99 38.48
C ASN A 3896 -17.80 15.11 37.45
N ASN A 3897 -16.90 14.13 37.38
CA ASN A 3897 -15.75 13.99 36.47
C ASN A 3897 -14.59 14.90 36.89
N ASP A 3898 -14.73 15.68 37.95
CA ASP A 3898 -13.65 16.52 38.44
C ASP A 3898 -13.00 15.97 39.70
N PHE A 3899 -13.81 15.69 40.73
CA PHE A 3899 -13.28 15.04 41.93
C PHE A 3899 -12.83 13.61 41.64
N GLN A 3900 -13.50 12.95 40.69
CA GLN A 3900 -13.12 11.59 40.31
C GLN A 3900 -11.70 11.55 39.74
N ASN A 3901 -11.34 12.56 38.94
CA ASN A 3901 -9.98 12.64 38.42
C ASN A 3901 -9.01 13.16 39.47
N TYR A 3902 -9.49 14.04 40.36
CA TYR A 3902 -8.63 14.58 41.41
C TYR A 3902 -8.15 13.48 42.35
N LEU A 3903 -9.03 12.52 42.67
CA LEU A 3903 -8.61 11.40 43.51
C LEU A 3903 -7.56 10.53 42.83
N ARG A 3904 -7.72 10.28 41.52
CA ARG A 3904 -6.70 9.52 40.81
C ARG A 3904 -5.36 10.24 40.78
N THR A 3905 -5.38 11.55 40.52
CA THR A 3905 -4.13 12.29 40.34
C THR A 3905 -4.36 13.76 40.66
N GLN A 3906 -3.51 14.34 41.49
CA GLN A 3906 -3.54 15.76 41.79
C GLN A 3906 -2.53 16.48 40.92
N THR A 3907 -2.98 17.50 40.19
CA THR A 3907 -2.10 18.21 39.26
C THR A 3907 -1.39 19.37 39.90
N GLY A 3908 -1.98 20.02 40.90
CA GLY A 3908 -1.37 21.16 41.54
C GLY A 3908 -0.36 20.80 42.60
N ASN A 3909 -0.67 19.79 43.41
CA ASN A 3909 0.19 19.40 44.51
C ASN A 3909 1.43 18.67 44.01
N THR A 3910 2.45 18.61 44.86
CA THR A 3910 3.71 17.97 44.49
C THR A 3910 3.56 16.46 44.41
N THR A 3911 2.71 15.87 45.25
CA THR A 3911 2.62 14.42 45.37
C THR A 3911 1.23 13.90 44.99
N THR A 3912 1.19 12.59 44.69
CA THR A 3912 -0.03 11.88 44.33
C THR A 3912 -0.16 10.64 45.21
N ILE A 3913 -1.40 10.24 45.52
CA ILE A 3913 -1.65 9.28 46.59
C ILE A 3913 -2.33 8.00 46.11
N ASN A 3914 -3.23 8.07 45.13
CA ASN A 3914 -3.95 6.91 44.56
C ASN A 3914 -4.74 6.15 45.62
N ILE A 3915 -5.76 6.84 46.14
CA ILE A 3915 -6.75 6.24 47.04
C ILE A 3915 -7.48 5.08 46.36
N ILE A 3916 -7.58 5.12 45.02
CA ILE A 3916 -8.19 4.02 44.28
C ILE A 3916 -7.38 2.74 44.43
N ILE A 3917 -6.05 2.84 44.34
CA ILE A 3917 -5.19 1.69 44.60
C ILE A 3917 -5.29 1.26 46.06
N CYS A 3918 -5.36 2.23 46.97
CA CYS A 3918 -5.44 1.90 48.40
C CYS A 3918 -6.70 1.09 48.72
N THR A 3919 -7.82 1.45 48.10
CA THR A 3919 -9.08 0.73 48.34
C THR A 3919 -8.97 -0.72 47.87
N VAL A 3920 -8.31 -0.95 46.73
CA VAL A 3920 -8.12 -2.31 46.23
C VAL A 3920 -7.22 -3.10 47.15
N ASP A 3921 -6.21 -2.44 47.75
CA ASP A 3921 -5.37 -3.13 48.72
C ASP A 3921 -6.18 -3.56 49.94
N TYR A 3922 -7.06 -2.69 50.43
CA TYR A 3922 -7.90 -3.05 51.57
C TYR A 3922 -8.86 -4.18 51.20
N LEU A 3923 -9.38 -4.16 49.97
CA LEU A 3923 -10.27 -5.21 49.49
C LEU A 3923 -9.55 -6.56 49.41
N LEU A 3924 -8.30 -6.55 48.95
CA LEU A 3924 -7.50 -7.78 48.93
C LEU A 3924 -7.31 -8.33 50.34
N ARG A 3925 -6.99 -7.46 51.31
CA ARG A 3925 -6.82 -7.92 52.69
C ARG A 3925 -8.12 -8.50 53.24
N LEU A 3926 -9.25 -7.85 52.94
CA LEU A 3926 -10.54 -8.36 53.39
C LEU A 3926 -10.84 -9.73 52.79
N GLN A 3927 -10.54 -9.92 51.50
CA GLN A 3927 -10.79 -11.20 50.86
C GLN A 3927 -9.96 -12.32 51.49
N GLU A 3928 -8.66 -12.06 51.72
CA GLU A 3928 -7.82 -13.10 52.32
C GLU A 3928 -8.29 -13.44 53.73
N SER A 3929 -8.68 -12.42 54.51
CA SER A 3929 -9.13 -12.67 55.87
C SER A 3929 -10.44 -13.47 55.90
N ILE A 3930 -11.36 -13.17 54.98
CA ILE A 3930 -12.60 -13.94 54.90
C ILE A 3930 -12.32 -15.38 54.50
N SER A 3931 -11.35 -15.58 53.60
CA SER A 3931 -10.95 -16.93 53.21
C SER A 3931 -10.41 -17.72 54.40
N ASP A 3932 -9.65 -17.05 55.27
CA ASP A 3932 -9.17 -17.70 56.50
C ASP A 3932 -10.33 -18.24 57.35
N PHE A 3933 -11.37 -17.42 57.54
CA PHE A 3933 -12.54 -17.87 58.29
C PHE A 3933 -13.25 -19.03 57.61
N TYR A 3934 -13.37 -18.99 56.28
CA TYR A 3934 -13.96 -20.12 55.58
C TYR A 3934 -13.18 -21.41 55.82
N TRP A 3935 -11.85 -21.34 55.67
CA TRP A 3935 -11.04 -22.54 55.88
C TRP A 3935 -11.10 -23.02 57.33
N TYR A 3936 -11.23 -22.10 58.29
CA TYR A 3936 -11.39 -22.52 59.68
C TYR A 3936 -12.72 -23.25 59.90
N TYR A 3937 -13.80 -22.73 59.32
CA TYR A 3937 -15.13 -23.30 59.55
C TYR A 3937 -15.52 -24.37 58.55
N SER A 3938 -14.62 -24.79 57.66
CA SER A 3938 -14.96 -25.80 56.67
C SER A 3938 -15.32 -27.15 57.30
N GLY A 3939 -14.67 -27.50 58.41
CA GLY A 3939 -14.83 -28.83 58.95
C GLY A 3939 -16.18 -29.06 59.61
N LYS A 3940 -16.55 -28.19 60.55
CA LYS A 3940 -17.77 -28.38 61.33
C LYS A 3940 -19.01 -28.17 60.46
N ASP A 3941 -20.08 -28.88 60.81
CA ASP A 3941 -21.29 -28.85 59.99
C ASP A 3941 -22.16 -27.61 60.25
N VAL A 3942 -22.22 -27.15 61.50
CA VAL A 3942 -23.02 -25.99 61.86
C VAL A 3942 -22.07 -24.91 62.40
N ILE A 3943 -22.43 -23.64 62.16
CA ILE A 3943 -21.61 -22.49 62.51
C ILE A 3943 -22.32 -21.72 63.63
N GLU A 3944 -21.57 -21.35 64.65
CA GLU A 3944 -22.14 -20.74 65.84
C GLU A 3944 -22.49 -19.26 65.62
N GLU A 3945 -23.24 -18.74 66.60
CA GLU A 3945 -23.86 -17.42 66.51
C GLU A 3945 -22.82 -16.31 66.43
N GLN A 3946 -21.72 -16.45 67.19
CA GLN A 3946 -20.64 -15.47 67.16
C GLN A 3946 -20.01 -15.39 65.78
N GLY A 3947 -19.77 -16.55 65.16
CA GLY A 3947 -19.25 -16.57 63.81
C GLY A 3947 -20.21 -15.95 62.81
N LYS A 3948 -21.51 -16.23 62.96
CA LYS A 3948 -22.50 -15.65 62.06
C LYS A 3948 -22.52 -14.12 62.17
N ARG A 3949 -22.45 -13.60 63.40
CA ARG A 3949 -22.42 -12.16 63.62
C ARG A 3949 -21.19 -11.51 62.98
N ASN A 3950 -20.01 -12.11 63.21
CA ASN A 3950 -18.80 -11.54 62.64
C ASN A 3950 -18.82 -11.62 61.12
N PHE A 3951 -19.39 -12.69 60.58
CA PHE A 3951 -19.55 -12.81 59.13
C PHE A 3951 -20.44 -11.71 58.59
N SER A 3952 -21.54 -11.40 59.27
CA SER A 3952 -22.43 -10.33 58.83
C SER A 3952 -21.72 -8.99 58.84
N LYS A 3953 -20.94 -8.71 59.88
CA LYS A 3953 -20.18 -7.46 59.97
C LYS A 3953 -19.19 -7.34 58.82
N ALA A 3954 -18.37 -8.38 58.60
CA ALA A 3954 -17.38 -8.37 57.55
C ALA A 3954 -18.02 -8.19 56.17
N MET A 3955 -19.13 -8.87 55.92
CA MET A 3955 -19.80 -8.75 54.62
C MET A 3955 -20.41 -7.36 54.42
N SER A 3956 -20.93 -6.74 55.48
CA SER A 3956 -21.41 -5.37 55.34
C SER A 3956 -20.27 -4.40 55.00
N VAL A 3957 -19.10 -4.61 55.62
CA VAL A 3957 -17.93 -3.77 55.30
C VAL A 3957 -17.52 -3.98 53.84
N ALA A 3958 -17.52 -5.24 53.39
CA ALA A 3958 -17.17 -5.54 52.00
C ALA A 3958 -18.16 -4.89 51.03
N LYS A 3959 -19.46 -4.95 51.36
CA LYS A 3959 -20.48 -4.35 50.49
C LYS A 3959 -20.28 -2.84 50.38
N GLN A 3960 -19.98 -2.17 51.50
CA GLN A 3960 -19.77 -0.73 51.46
C GLN A 3960 -18.53 -0.39 50.62
N VAL A 3961 -17.45 -1.17 50.77
CA VAL A 3961 -16.25 -0.93 49.96
C VAL A 3961 -16.57 -1.14 48.48
N PHE A 3962 -17.35 -2.16 48.18
CA PHE A 3962 -17.67 -2.47 46.79
C PHE A 3962 -18.48 -1.34 46.15
N ASN A 3963 -19.47 -0.83 46.87
CA ASN A 3963 -20.25 0.31 46.38
C ASN A 3963 -19.39 1.55 46.23
N SER A 3964 -18.37 1.70 47.09
CA SER A 3964 -17.43 2.80 46.93
C SER A 3964 -16.66 2.69 45.61
N LEU A 3965 -16.23 1.47 45.27
CA LEU A 3965 -15.53 1.28 43.99
C LEU A 3965 -16.44 1.52 42.80
N THR A 3966 -17.71 1.08 42.88
CA THR A 3966 -18.65 1.35 41.79
C THR A 3966 -18.89 2.84 41.62
N GLU A 3967 -18.99 3.59 42.73
CA GLU A 3967 -19.13 5.04 42.62
C GLU A 3967 -17.85 5.67 42.07
N TYR A 3968 -16.69 5.07 42.35
CA TYR A 3968 -15.45 5.55 41.73
C TYR A 3968 -15.51 5.46 40.21
N ILE A 3969 -15.96 4.32 39.67
CA ILE A 3969 -16.04 4.24 38.22
C ILE A 3969 -17.21 5.03 37.65
N GLN A 3970 -18.43 4.51 37.85
CA GLN A 3970 -19.65 5.15 37.35
C GLN A 3970 -19.61 5.27 35.83
N GLY A 3971 -20.42 6.18 35.29
CA GLY A 3971 -20.36 6.55 33.89
C GLY A 3971 -18.99 7.04 33.44
N PRO A 3972 -18.61 6.67 32.19
CA PRO A 3972 -17.29 7.00 31.63
C PRO A 3972 -16.09 6.89 32.57
N CYS A 3973 -15.35 8.01 32.72
CA CYS A 3973 -14.15 8.08 33.56
C CYS A 3973 -13.11 7.05 33.10
N THR A 3974 -12.72 7.17 31.83
CA THR A 3974 -11.82 6.20 31.19
C THR A 3974 -10.51 6.05 31.94
N GLY A 3975 -10.00 7.13 32.54
CA GLY A 3975 -8.77 7.03 33.31
C GLY A 3975 -8.88 6.09 34.49
N ASN A 3976 -9.97 6.22 35.27
CA ASN A 3976 -10.21 5.29 36.37
C ASN A 3976 -10.51 3.89 35.85
N GLN A 3977 -11.18 3.79 34.71
CA GLN A 3977 -11.49 2.48 34.14
C GLN A 3977 -10.23 1.72 33.78
N GLN A 3978 -9.26 2.38 33.17
CA GLN A 3978 -8.00 1.71 32.84
C GLN A 3978 -7.14 1.48 34.08
N SER A 3979 -7.16 2.42 35.04
CA SER A 3979 -6.40 2.24 36.26
C SER A 3979 -6.86 1.02 37.04
N LEU A 3980 -8.17 0.86 37.22
CA LEU A 3980 -8.66 -0.32 37.93
C LEU A 3980 -8.52 -1.59 37.11
N ALA A 3981 -8.54 -1.49 35.78
CA ALA A 3981 -8.23 -2.66 34.95
C ALA A 3981 -6.80 -3.12 35.17
N HIS A 3982 -5.85 -2.18 35.23
CA HIS A 3982 -4.46 -2.53 35.46
C HIS A 3982 -4.18 -2.93 36.90
N SER A 3983 -5.01 -2.49 37.85
CA SER A 3983 -4.84 -2.86 39.24
C SER A 3983 -5.27 -4.31 39.49
N ARG A 3984 -4.85 -4.83 40.64
CA ARG A 3984 -5.13 -6.22 41.02
C ARG A 3984 -6.48 -6.43 41.71
N LEU A 3985 -7.56 -5.93 41.11
CA LEU A 3985 -8.89 -6.23 41.62
C LEU A 3985 -9.30 -7.67 41.31
N TRP A 3986 -8.80 -8.22 40.20
CA TRP A 3986 -9.29 -9.51 39.72
C TRP A 3986 -8.85 -10.63 40.65
N ASP A 3987 -7.67 -10.50 41.26
CA ASP A 3987 -7.21 -11.48 42.24
C ASP A 3987 -8.11 -11.52 43.47
N ALA A 3988 -8.75 -10.40 43.82
CA ALA A 3988 -9.79 -10.42 44.84
C ALA A 3988 -11.07 -11.03 44.30
N VAL A 3989 -11.37 -10.78 43.02
CA VAL A 3989 -12.61 -11.28 42.42
C VAL A 3989 -12.64 -12.81 42.43
N VAL A 3990 -11.54 -13.44 42.01
CA VAL A 3990 -11.49 -14.91 41.94
C VAL A 3990 -11.63 -15.53 43.32
N GLY A 3991 -10.91 -14.98 44.31
CA GLY A 3991 -11.02 -15.50 45.67
C GLY A 3991 -12.40 -15.31 46.26
N PHE A 3992 -13.02 -14.16 45.99
CA PHE A 3992 -14.38 -13.93 46.43
C PHE A 3992 -15.35 -14.93 45.81
N LEU A 3993 -15.16 -15.25 44.53
CA LEU A 3993 -16.01 -16.24 43.86
C LEU A 3993 -15.84 -17.63 44.49
N HIS A 3994 -14.59 -18.01 44.77
CA HIS A 3994 -14.32 -19.31 45.41
C HIS A 3994 -15.00 -19.40 46.78
N VAL A 3995 -14.81 -18.38 47.61
CA VAL A 3995 -15.41 -18.35 48.94
C VAL A 3995 -16.92 -18.33 48.84
N PHE A 3996 -17.46 -17.58 47.87
CA PHE A 3996 -18.90 -17.49 47.68
C PHE A 3996 -19.48 -18.86 47.32
N ALA A 3997 -18.82 -19.59 46.43
CA ALA A 3997 -19.30 -20.90 46.00
C ALA A 3997 -19.35 -21.87 47.17
N HIS A 3998 -18.24 -22.01 47.89
CA HIS A 3998 -18.21 -22.99 48.97
C HIS A 3998 -19.10 -22.60 50.14
N MET A 3999 -19.18 -21.29 50.45
CA MET A 3999 -20.08 -20.87 51.53
C MET A 3999 -21.54 -21.05 51.15
N MET A 4000 -21.90 -20.82 49.88
CA MET A 4000 -23.27 -21.12 49.46
C MET A 4000 -23.59 -22.59 49.61
N MET A 4001 -22.69 -23.45 49.13
CA MET A 4001 -22.96 -24.89 49.17
C MET A 4001 -23.00 -25.43 50.60
N LYS A 4002 -22.24 -24.83 51.51
CA LYS A 4002 -22.30 -25.30 52.89
C LYS A 4002 -23.50 -24.72 53.64
N LEU A 4003 -23.72 -23.40 53.52
CA LEU A 4003 -24.79 -22.73 54.25
C LEU A 4003 -26.18 -23.17 53.78
N ALA A 4004 -26.29 -23.64 52.53
CA ALA A 4004 -27.60 -24.01 51.99
C ALA A 4004 -28.21 -25.23 52.68
N GLN A 4005 -27.41 -25.98 53.45
CA GLN A 4005 -27.91 -27.23 54.03
C GLN A 4005 -28.93 -26.99 55.14
N ASP A 4006 -28.67 -26.02 56.02
CA ASP A 4006 -29.44 -25.88 57.26
C ASP A 4006 -30.35 -24.66 57.22
N SER A 4007 -31.46 -24.75 57.96
CA SER A 4007 -32.49 -23.72 57.91
C SER A 4007 -32.02 -22.42 58.55
N SER A 4008 -31.22 -22.51 59.61
CA SER A 4008 -30.85 -21.32 60.38
C SER A 4008 -29.99 -20.36 59.55
N GLN A 4009 -29.18 -20.90 58.64
CA GLN A 4009 -28.17 -20.13 57.92
C GLN A 4009 -28.75 -19.26 56.81
N ILE A 4010 -30.09 -19.25 56.63
CA ILE A 4010 -30.69 -18.60 55.47
C ILE A 4010 -30.47 -17.09 55.50
N GLU A 4011 -30.43 -16.48 56.69
CA GLU A 4011 -30.17 -15.04 56.79
C GLU A 4011 -28.79 -14.68 56.24
N LEU A 4012 -27.77 -15.45 56.65
CA LEU A 4012 -26.41 -15.21 56.17
C LEU A 4012 -26.32 -15.50 54.68
N LEU A 4013 -27.02 -16.54 54.20
CA LEU A 4013 -27.04 -16.84 52.78
C LEU A 4013 -27.64 -15.69 51.96
N LYS A 4014 -28.75 -15.10 52.46
CA LYS A 4014 -29.37 -13.98 51.76
C LYS A 4014 -28.45 -12.77 51.72
N GLU A 4015 -27.79 -12.47 52.84
CA GLU A 4015 -26.85 -11.35 52.86
C GLU A 4015 -25.68 -11.59 51.91
N LEU A 4016 -25.20 -12.82 51.85
CA LEU A 4016 -24.12 -13.19 50.93
C LEU A 4016 -24.57 -13.02 49.48
N LEU A 4017 -25.81 -13.40 49.18
CA LEU A 4017 -26.35 -13.21 47.83
C LEU A 4017 -26.43 -11.73 47.46
N ASP A 4018 -26.82 -10.88 48.42
CA ASP A 4018 -26.83 -9.44 48.18
C ASP A 4018 -25.43 -8.93 47.86
N LEU A 4019 -24.43 -9.37 48.63
CA LEU A 4019 -23.06 -8.96 48.37
C LEU A 4019 -22.57 -9.43 46.99
N GLN A 4020 -22.99 -10.63 46.58
CA GLN A 4020 -22.71 -11.11 45.23
C GLN A 4020 -23.32 -10.19 44.18
N LYS A 4021 -24.56 -9.74 44.43
CA LYS A 4021 -25.21 -8.79 43.53
C LYS A 4021 -24.39 -7.50 43.41
N ASP A 4022 -23.86 -7.01 44.53
CA ASP A 4022 -23.01 -5.82 44.47
C ASP A 4022 -21.77 -6.04 43.62
N MET A 4023 -21.14 -7.23 43.74
CA MET A 4023 -19.97 -7.51 42.92
C MET A 4023 -20.31 -7.51 41.43
N VAL A 4024 -21.44 -8.13 41.07
CA VAL A 4024 -21.82 -8.18 39.66
C VAL A 4024 -22.14 -6.79 39.13
N VAL A 4025 -22.74 -5.94 39.96
CA VAL A 4025 -22.95 -4.54 39.57
C VAL A 4025 -21.62 -3.84 39.32
N MET A 4026 -20.60 -4.14 40.13
CA MET A 4026 -19.27 -3.59 39.88
C MET A 4026 -18.76 -3.99 38.51
N LEU A 4027 -18.84 -5.29 38.21
CA LEU A 4027 -18.31 -5.78 36.94
C LEU A 4027 -19.04 -5.18 35.74
N LEU A 4028 -20.37 -5.02 35.85
CA LEU A 4028 -21.11 -4.38 34.77
C LEU A 4028 -20.70 -2.90 34.62
N SER A 4029 -20.52 -2.21 35.75
CA SER A 4029 -20.05 -0.82 35.70
C SER A 4029 -18.69 -0.72 35.02
N LEU A 4030 -17.83 -1.71 35.26
CA LEU A 4030 -16.56 -1.78 34.54
C LEU A 4030 -16.77 -2.02 33.06
N LEU A 4031 -17.73 -2.89 32.71
CA LEU A 4031 -18.04 -3.21 31.31
C LEU A 4031 -18.88 -2.15 30.61
N GLU A 4032 -19.12 -1.00 31.24
CA GLU A 4032 -19.72 0.12 30.51
C GLU A 4032 -18.79 0.62 29.41
N GLY A 4033 -19.38 0.92 28.25
CA GLY A 4033 -18.73 1.72 27.22
C GLY A 4033 -17.52 1.13 26.54
N ASN A 4034 -17.54 -0.17 26.23
CA ASN A 4034 -16.43 -0.81 25.53
C ASN A 4034 -16.79 -1.10 24.08
N VAL A 4035 -15.76 -1.13 23.22
CA VAL A 4035 -15.91 -1.58 21.84
C VAL A 4035 -16.00 -3.11 21.83
N VAL A 4036 -16.30 -3.69 20.66
CA VAL A 4036 -16.56 -5.13 20.59
C VAL A 4036 -15.32 -5.95 20.97
N ASN A 4037 -14.15 -5.55 20.50
CA ASN A 4037 -12.88 -6.10 20.96
C ASN A 4037 -12.27 -5.09 21.92
N GLY A 4038 -12.81 -5.04 23.14
CA GLY A 4038 -12.52 -3.93 24.03
C GLY A 4038 -11.10 -3.93 24.57
N MET A 4039 -10.69 -5.06 25.16
CA MET A 4039 -9.54 -5.33 26.06
C MET A 4039 -10.07 -5.76 27.42
N ILE A 4040 -10.91 -4.92 28.03
CA ILE A 4040 -11.46 -5.21 29.35
C ILE A 4040 -12.33 -6.48 29.30
N ALA A 4041 -13.12 -6.63 28.23
CA ALA A 4041 -13.94 -7.83 28.07
C ALA A 4041 -13.07 -9.07 27.94
N ARG A 4042 -11.97 -8.97 27.21
CA ARG A 4042 -11.04 -10.09 27.09
C ARG A 4042 -10.39 -10.42 28.43
N GLN A 4043 -10.03 -9.40 29.20
CA GLN A 4043 -9.45 -9.62 30.53
C GLN A 4043 -10.44 -10.33 31.45
N MET A 4044 -11.71 -9.92 31.41
CA MET A 4044 -12.72 -10.58 32.24
C MET A 4044 -13.02 -11.99 31.77
N VAL A 4045 -13.01 -12.25 30.46
CA VAL A 4045 -13.22 -13.62 30.00
C VAL A 4045 -12.04 -14.51 30.38
N ASP A 4046 -10.82 -13.95 30.39
CA ASP A 4046 -9.68 -14.69 30.91
C ASP A 4046 -9.81 -14.96 32.41
N MET A 4047 -10.34 -13.99 33.17
CA MET A 4047 -10.61 -14.22 34.58
C MET A 4047 -11.64 -15.34 34.77
N LEU A 4048 -12.67 -15.36 33.93
CA LEU A 4048 -13.66 -16.44 33.97
C LEU A 4048 -13.02 -17.78 33.65
N VAL A 4049 -12.11 -17.81 32.67
CA VAL A 4049 -11.40 -19.06 32.35
C VAL A 4049 -10.58 -19.52 33.55
N GLU A 4050 -9.90 -18.58 34.21
CA GLU A 4050 -9.14 -18.90 35.42
C GLU A 4050 -10.04 -19.41 36.53
N SER A 4051 -11.25 -18.89 36.62
CA SER A 4051 -12.21 -19.24 37.67
C SER A 4051 -13.41 -20.02 37.12
N SER A 4052 -13.16 -20.93 36.18
CA SER A 4052 -14.24 -21.60 35.48
C SER A 4052 -15.08 -22.49 36.39
N SER A 4053 -14.43 -23.24 37.29
CA SER A 4053 -15.14 -24.27 38.07
C SER A 4053 -16.14 -23.65 39.02
N ASN A 4054 -15.72 -22.63 39.79
CA ASN A 4054 -16.60 -22.04 40.81
C ASN A 4054 -17.79 -21.34 40.17
N VAL A 4055 -17.58 -20.66 39.03
CA VAL A 4055 -18.67 -20.03 38.31
C VAL A 4055 -19.67 -21.09 37.83
N GLU A 4056 -19.15 -22.25 37.40
CA GLU A 4056 -20.01 -23.37 37.03
C GLU A 4056 -20.82 -23.86 38.22
N MET A 4057 -20.21 -23.83 39.42
CA MET A 4057 -20.93 -24.19 40.64
C MET A 4057 -22.06 -23.20 40.93
N ILE A 4058 -21.80 -21.90 40.75
CA ILE A 4058 -22.84 -20.89 40.92
C ILE A 4058 -23.99 -21.14 39.93
N LEU A 4059 -23.65 -21.48 38.69
CA LEU A 4059 -24.69 -21.74 37.70
C LEU A 4059 -25.53 -22.96 38.09
N LYS A 4060 -24.87 -24.02 38.58
CA LYS A 4060 -25.59 -25.21 39.02
C LYS A 4060 -26.52 -24.92 40.20
N PHE A 4061 -26.06 -24.10 41.15
CA PHE A 4061 -26.85 -23.84 42.35
C PHE A 4061 -28.20 -23.21 41.99
N PHE A 4062 -28.22 -22.32 41.00
CA PHE A 4062 -29.49 -21.77 40.54
C PHE A 4062 -30.24 -22.77 39.67
N ASP A 4063 -29.53 -23.50 38.82
CA ASP A 4063 -30.19 -24.36 37.83
C ASP A 4063 -30.99 -25.47 38.50
N MET A 4064 -30.43 -26.09 39.55
CA MET A 4064 -31.15 -27.18 40.21
C MET A 4064 -32.46 -26.72 40.82
N PHE A 4065 -32.48 -25.56 41.48
CA PHE A 4065 -33.72 -25.09 42.10
C PHE A 4065 -34.71 -24.57 41.07
N LEU A 4066 -34.24 -23.95 39.99
CA LEU A 4066 -35.14 -23.53 38.92
C LEU A 4066 -35.81 -24.74 38.26
N LYS A 4067 -35.06 -25.82 38.06
CA LYS A 4067 -35.68 -27.05 37.60
C LYS A 4067 -36.63 -27.63 38.64
N LEU A 4068 -36.22 -27.61 39.93
CA LEU A 4068 -36.96 -28.29 40.98
C LEU A 4068 -38.34 -27.67 41.20
N LYS A 4069 -38.44 -26.34 41.07
CA LYS A 4069 -39.72 -25.67 41.25
C LYS A 4069 -40.72 -26.17 40.20
N ASP A 4070 -40.28 -26.32 38.95
CA ASP A 4070 -41.16 -26.84 37.90
C ASP A 4070 -41.47 -28.31 38.12
N ILE A 4071 -40.47 -29.09 38.56
CA ILE A 4071 -40.65 -30.53 38.77
C ILE A 4071 -41.69 -30.78 39.85
N VAL A 4072 -41.72 -29.96 40.90
CA VAL A 4072 -42.62 -30.19 42.03
C VAL A 4072 -44.08 -30.11 41.59
N GLY A 4073 -44.41 -29.17 40.71
CA GLY A 4073 -45.79 -29.01 40.26
C GLY A 4073 -46.26 -30.06 39.27
N SER A 4074 -45.36 -30.92 38.79
CA SER A 4074 -45.67 -31.85 37.71
C SER A 4074 -46.76 -32.85 38.12
N GLU A 4075 -47.58 -33.23 37.13
CA GLU A 4075 -48.66 -34.18 37.36
C GLU A 4075 -48.13 -35.54 37.78
N ALA A 4076 -46.99 -35.95 37.22
CA ALA A 4076 -46.35 -37.20 37.63
C ALA A 4076 -45.96 -37.16 39.10
N PHE A 4077 -45.42 -36.03 39.56
CA PHE A 4077 -45.06 -35.90 40.97
C PHE A 4077 -46.30 -35.88 41.85
N GLN A 4078 -47.38 -35.23 41.39
CA GLN A 4078 -48.64 -35.28 42.13
C GLN A 4078 -49.17 -36.71 42.24
N ASP A 4079 -49.05 -37.49 41.16
CA ASP A 4079 -49.46 -38.89 41.18
C ASP A 4079 -48.62 -39.70 42.16
N TYR A 4080 -47.30 -39.46 42.18
CA TYR A 4080 -46.43 -40.13 43.14
C TYR A 4080 -46.76 -39.72 44.58
N VAL A 4081 -47.22 -38.49 44.77
CA VAL A 4081 -47.75 -38.08 46.07
C VAL A 4081 -49.02 -38.87 46.36
N THR A 4082 -49.10 -39.46 47.56
CA THR A 4082 -50.25 -40.26 47.96
C THR A 4082 -50.90 -39.80 49.25
N ASP A 4083 -50.13 -39.33 50.22
CA ASP A 4083 -50.66 -38.96 51.53
C ASP A 4083 -51.65 -37.81 51.40
N PRO A 4084 -52.76 -37.84 52.16
CA PRO A 4084 -53.66 -36.68 52.20
C PRO A 4084 -53.12 -35.53 53.01
N ARG A 4085 -52.02 -35.71 53.72
CA ARG A 4085 -51.36 -34.68 54.49
C ARG A 4085 -50.48 -33.77 53.64
N GLY A 4086 -50.51 -33.93 52.31
CA GLY A 4086 -49.76 -33.09 51.41
C GLY A 4086 -48.26 -33.19 51.57
N LEU A 4087 -47.76 -34.39 51.85
CA LEU A 4087 -46.36 -34.61 52.18
C LEU A 4087 -45.87 -35.86 51.47
N ILE A 4088 -44.62 -35.83 50.99
CA ILE A 4088 -44.05 -36.90 50.16
C ILE A 4088 -42.81 -37.45 50.83
N SER A 4089 -42.76 -38.78 50.96
CA SER A 4089 -41.67 -39.42 51.70
C SER A 4089 -40.35 -39.32 50.95
N LYS A 4090 -39.26 -39.57 51.68
CA LYS A 4090 -37.91 -39.45 51.12
C LYS A 4090 -37.63 -40.52 50.07
N LYS A 4091 -37.99 -41.77 50.34
CA LYS A 4091 -37.71 -42.85 49.40
C LYS A 4091 -38.58 -42.72 48.15
N ASP A 4092 -39.85 -42.37 48.33
CA ASP A 4092 -40.72 -42.11 47.18
C ASP A 4092 -40.25 -40.90 46.40
N PHE A 4093 -39.72 -39.90 47.10
CA PHE A 4093 -39.06 -38.76 46.45
C PHE A 4093 -37.91 -39.23 45.57
N GLN A 4094 -37.08 -40.14 46.09
CA GLN A 4094 -35.95 -40.64 45.32
C GLN A 4094 -36.42 -41.39 44.07
N LYS A 4095 -37.45 -42.24 44.21
CA LYS A 4095 -37.94 -42.95 43.02
C LYS A 4095 -38.56 -41.98 42.02
N ALA A 4096 -39.31 -40.99 42.49
CA ALA A 4096 -39.91 -40.00 41.59
C ALA A 4096 -38.84 -39.18 40.87
N MET A 4097 -37.79 -38.80 41.60
CA MET A 4097 -36.70 -38.03 41.00
C MET A 4097 -35.97 -38.85 39.94
N ASP A 4098 -35.74 -40.14 40.21
CA ASP A 4098 -35.06 -40.98 39.24
C ASP A 4098 -35.95 -41.42 38.09
N SER A 4099 -37.28 -41.34 38.25
CA SER A 4099 -38.16 -41.66 37.13
C SER A 4099 -38.05 -40.62 36.03
N GLN A 4100 -38.08 -39.34 36.38
CA GLN A 4100 -37.89 -38.29 35.39
C GLN A 4100 -36.40 -38.16 35.06
N LYS A 4101 -36.09 -38.09 33.76
CA LYS A 4101 -34.70 -38.10 33.30
C LYS A 4101 -34.11 -36.69 33.27
N GLN A 4102 -34.01 -36.12 34.47
CA GLN A 4102 -33.11 -35.02 34.78
C GLN A 4102 -32.61 -35.24 36.19
N PHE A 4103 -31.57 -34.48 36.57
CA PHE A 4103 -30.86 -34.59 37.84
C PHE A 4103 -30.06 -35.90 37.92
N THR A 4104 -28.91 -35.85 38.56
CA THR A 4104 -28.04 -37.00 38.75
C THR A 4104 -28.04 -37.39 40.22
N GLY A 4105 -27.46 -38.57 40.51
CA GLY A 4105 -27.51 -39.13 41.84
C GLY A 4105 -26.88 -38.32 42.95
N PRO A 4106 -25.66 -37.79 42.80
CA PRO A 4106 -25.12 -36.89 43.84
C PRO A 4106 -25.96 -35.65 44.05
N GLU A 4107 -26.53 -35.09 42.99
CA GLU A 4107 -27.42 -33.94 43.14
C GLU A 4107 -28.69 -34.31 43.89
N ILE A 4108 -29.24 -35.50 43.61
CA ILE A 4108 -30.43 -35.95 44.30
C ILE A 4108 -30.16 -36.12 45.79
N GLN A 4109 -29.00 -36.71 46.12
CA GLN A 4109 -28.62 -36.86 47.52
C GLN A 4109 -28.45 -35.51 48.20
N PHE A 4110 -27.87 -34.54 47.49
CA PHE A 4110 -27.73 -33.19 48.03
C PHE A 4110 -29.09 -32.54 48.27
N LEU A 4111 -30.04 -32.75 47.35
CA LEU A 4111 -31.39 -32.22 47.52
C LEU A 4111 -32.08 -32.83 48.73
N LEU A 4112 -31.90 -34.14 48.94
CA LEU A 4112 -32.44 -34.77 50.14
C LEU A 4112 -31.79 -34.22 51.40
N SER A 4113 -30.48 -33.92 51.34
CA SER A 4113 -29.81 -33.30 52.47
C SER A 4113 -30.39 -31.92 52.79
N CYS A 4114 -30.63 -31.11 51.76
CA CYS A 4114 -31.24 -29.79 51.98
C CYS A 4114 -32.67 -29.91 52.51
N SER A 4115 -33.43 -30.87 52.00
CA SER A 4115 -34.80 -31.05 52.47
C SER A 4115 -34.81 -31.51 53.92
N GLU A 4116 -35.62 -30.83 54.74
CA GLU A 4116 -35.72 -31.18 56.15
C GLU A 4116 -36.41 -32.52 56.33
N ALA A 4117 -35.86 -33.35 57.21
CA ALA A 4117 -36.35 -34.72 57.39
C ALA A 4117 -37.35 -34.85 58.52
N ASP A 4118 -36.98 -34.45 59.74
CA ASP A 4118 -37.84 -34.47 60.92
C ASP A 4118 -38.36 -35.89 61.17
N GLU A 4119 -37.44 -36.74 61.68
CA GLU A 4119 -37.65 -38.13 62.10
C GLU A 4119 -37.70 -39.05 60.88
N ASN A 4120 -37.50 -38.51 59.67
CA ASN A 4120 -37.67 -39.11 58.32
C ASN A 4120 -39.13 -39.09 57.90
N GLU A 4121 -39.96 -38.29 58.55
CA GLU A 4121 -41.31 -38.01 58.06
C GLU A 4121 -41.23 -37.36 56.69
N MET A 4122 -42.30 -37.56 55.92
CA MET A 4122 -42.42 -37.04 54.55
C MET A 4122 -42.13 -35.54 54.49
N ILE A 4123 -41.34 -35.14 53.49
CA ILE A 4123 -40.92 -33.75 53.40
C ILE A 4123 -42.07 -32.86 52.93
N ASN A 4124 -41.99 -31.58 53.28
CA ASN A 4124 -42.94 -30.57 52.80
C ASN A 4124 -42.44 -30.06 51.45
N PHE A 4125 -42.93 -30.68 50.37
CA PHE A 4125 -42.39 -30.39 49.04
C PHE A 4125 -42.73 -28.96 48.61
N GLU A 4126 -43.91 -28.47 48.98
CA GLU A 4126 -44.31 -27.12 48.60
C GLU A 4126 -43.38 -26.07 49.20
N GLU A 4127 -43.16 -26.13 50.52
CA GLU A 4127 -42.25 -25.20 51.17
C GLU A 4127 -40.81 -25.40 50.67
N PHE A 4128 -40.41 -26.64 50.46
CA PHE A 4128 -39.04 -26.92 50.01
C PHE A 4128 -38.78 -26.31 48.63
N ALA A 4129 -39.76 -26.42 47.72
CA ALA A 4129 -39.60 -25.84 46.40
C ALA A 4129 -39.71 -24.32 46.44
N ASN A 4130 -40.63 -23.80 47.27
CA ASN A 4130 -40.84 -22.35 47.33
C ASN A 4130 -39.63 -21.64 47.92
N ARG A 4131 -38.92 -22.30 48.84
CA ARG A 4131 -37.78 -21.67 49.49
C ARG A 4131 -36.66 -21.43 48.48
N PHE A 4132 -35.91 -20.34 48.71
CA PHE A 4132 -34.72 -19.90 47.99
C PHE A 4132 -35.05 -19.30 46.63
N GLN A 4133 -36.32 -19.36 46.21
CA GLN A 4133 -36.70 -18.77 44.94
C GLN A 4133 -36.77 -17.24 45.06
N GLU A 4134 -37.26 -16.73 46.19
CA GLU A 4134 -37.28 -15.28 46.40
C GLU A 4134 -35.89 -14.65 46.45
N PRO A 4135 -34.89 -15.17 47.18
CA PRO A 4135 -33.57 -14.51 47.15
C PRO A 4135 -32.87 -14.59 45.81
N ALA A 4136 -33.07 -15.68 45.07
CA ALA A 4136 -32.22 -15.99 43.93
C ALA A 4136 -32.44 -15.04 42.75
N ARG A 4137 -33.62 -14.40 42.70
CA ARG A 4137 -34.03 -13.69 41.49
C ARG A 4137 -33.12 -12.50 41.17
N ASP A 4138 -32.66 -11.78 42.19
CA ASP A 4138 -31.87 -10.57 41.93
C ASP A 4138 -30.51 -10.88 41.32
N ILE A 4139 -29.80 -11.86 41.89
CA ILE A 4139 -28.47 -12.21 41.40
C ILE A 4139 -28.54 -12.89 40.03
N GLY A 4140 -29.61 -13.67 39.79
CA GLY A 4140 -29.73 -14.39 38.54
C GLY A 4140 -29.88 -13.46 37.34
N PHE A 4141 -30.69 -12.41 37.49
CA PHE A 4141 -30.87 -11.44 36.41
C PHE A 4141 -29.57 -10.74 36.08
N ASN A 4142 -28.80 -10.34 37.10
CA ASN A 4142 -27.53 -9.66 36.87
C ASN A 4142 -26.50 -10.59 36.23
N VAL A 4143 -26.48 -11.87 36.63
CA VAL A 4143 -25.57 -12.82 36.00
C VAL A 4143 -25.93 -13.03 34.54
N ALA A 4144 -27.23 -13.16 34.24
CA ALA A 4144 -27.69 -13.31 32.87
C ALA A 4144 -27.34 -12.08 32.03
N VAL A 4145 -27.58 -10.88 32.57
CA VAL A 4145 -27.27 -9.64 31.87
C VAL A 4145 -25.78 -9.53 31.57
N LEU A 4146 -24.94 -9.86 32.57
CA LEU A 4146 -23.49 -9.81 32.37
C LEU A 4146 -23.04 -10.78 31.28
N LEU A 4147 -23.54 -12.01 31.33
CA LEU A 4147 -23.16 -13.01 30.32
C LEU A 4147 -23.66 -12.60 28.94
N THR A 4148 -24.87 -12.05 28.86
CA THR A 4148 -25.42 -11.60 27.58
C THR A 4148 -24.61 -10.46 27.00
N ASN A 4149 -24.25 -9.49 27.84
CA ASN A 4149 -23.42 -8.37 27.42
C ASN A 4149 -22.08 -8.85 26.88
N LEU A 4150 -21.43 -9.78 27.60
CA LEU A 4150 -20.17 -10.33 27.13
C LEU A 4150 -20.34 -11.08 25.82
N SER A 4151 -21.41 -11.89 25.71
CA SER A 4151 -21.64 -12.69 24.52
C SER A 4151 -21.85 -11.85 23.28
N GLU A 4152 -22.56 -10.73 23.41
CA GLU A 4152 -22.71 -9.84 22.26
C GLU A 4152 -21.48 -8.98 21.99
N HIS A 4153 -20.79 -8.51 23.03
CA HIS A 4153 -19.65 -7.65 22.79
C HIS A 4153 -18.48 -8.40 22.18
N VAL A 4154 -18.09 -9.54 22.76
CA VAL A 4154 -17.03 -10.35 22.18
C VAL A 4154 -17.66 -11.57 21.51
N PRO A 4155 -17.59 -11.68 20.18
CA PRO A 4155 -18.27 -12.78 19.49
C PRO A 4155 -17.37 -13.99 19.17
N HIS A 4156 -17.99 -15.17 19.07
CA HIS A 4156 -17.35 -16.40 18.57
C HIS A 4156 -16.09 -16.75 19.36
N ASP A 4157 -16.22 -16.77 20.68
CA ASP A 4157 -15.13 -17.21 21.55
C ASP A 4157 -15.57 -18.49 22.26
N PRO A 4158 -14.92 -19.63 21.99
CA PRO A 4158 -15.37 -20.89 22.61
C PRO A 4158 -15.31 -20.89 24.12
N ARG A 4159 -14.33 -20.19 24.70
CA ARG A 4159 -14.17 -20.15 26.15
C ARG A 4159 -15.38 -19.50 26.81
N LEU A 4160 -15.96 -18.49 26.16
CA LEU A 4160 -17.19 -17.88 26.68
C LEU A 4160 -18.42 -18.68 26.28
N ARG A 4161 -18.44 -19.22 25.07
CA ARG A 4161 -19.54 -20.04 24.56
C ARG A 4161 -19.82 -21.25 25.45
N ASN A 4162 -18.77 -21.84 26.03
CA ASN A 4162 -18.96 -22.95 26.96
C ASN A 4162 -19.81 -22.54 28.16
N PHE A 4163 -19.47 -21.41 28.78
CA PHE A 4163 -20.26 -20.90 29.90
C PHE A 4163 -21.65 -20.49 29.44
N LEU A 4164 -21.76 -19.96 28.22
CA LEU A 4164 -23.05 -19.65 27.62
C LEU A 4164 -23.93 -20.90 27.48
N GLU A 4165 -23.33 -22.06 27.23
CA GLU A 4165 -24.07 -23.30 27.09
C GLU A 4165 -24.47 -23.85 28.44
N LEU A 4166 -23.57 -23.79 29.43
CA LEU A 4166 -23.93 -24.22 30.78
C LEU A 4166 -25.01 -23.33 31.39
N ALA A 4167 -25.01 -22.03 31.05
CA ALA A 4167 -25.95 -21.07 31.59
C ALA A 4167 -27.19 -20.87 30.73
N GLU A 4168 -27.45 -21.77 29.78
CA GLU A 4168 -28.55 -21.58 28.83
C GLU A 4168 -29.91 -21.52 29.53
N SER A 4169 -30.11 -22.35 30.55
CA SER A 4169 -31.42 -22.48 31.19
C SER A 4169 -31.87 -21.17 31.85
N ILE A 4170 -30.96 -20.55 32.60
CA ILE A 4170 -31.30 -19.31 33.30
C ILE A 4170 -31.53 -18.18 32.31
N LEU A 4171 -30.75 -18.12 31.23
CA LEU A 4171 -30.95 -17.14 30.17
C LEU A 4171 -32.09 -17.53 29.24
N GLU A 4172 -32.82 -18.60 29.60
CA GLU A 4172 -34.08 -18.96 28.96
C GLU A 4172 -35.26 -18.59 29.83
N TYR A 4173 -35.16 -18.82 31.14
CA TYR A 4173 -36.22 -18.42 32.05
C TYR A 4173 -36.32 -16.89 32.15
N PHE A 4174 -35.20 -16.19 32.32
CA PHE A 4174 -35.27 -14.74 32.51
C PHE A 4174 -35.60 -14.00 31.22
N ARG A 4175 -35.33 -14.61 30.05
CA ARG A 4175 -35.41 -14.01 28.72
C ARG A 4175 -36.60 -13.06 28.50
N PRO A 4176 -37.85 -13.43 28.85
CA PRO A 4176 -38.96 -12.46 28.72
C PRO A 4176 -38.73 -11.15 29.46
N TYR A 4177 -38.13 -11.19 30.65
CA TYR A 4177 -38.04 -10.03 31.52
C TYR A 4177 -36.84 -9.14 31.22
N LEU A 4178 -36.00 -9.52 30.26
CA LEU A 4178 -34.85 -8.72 29.87
C LEU A 4178 -35.15 -7.94 28.59
N GLY A 4179 -34.82 -6.67 28.58
CA GLY A 4179 -35.07 -5.83 27.43
C GLY A 4179 -33.79 -5.13 27.00
N ARG A 4180 -33.73 -4.85 25.69
CA ARG A 4180 -32.55 -4.24 25.08
C ARG A 4180 -32.96 -3.04 24.24
N ILE A 4181 -32.21 -1.95 24.36
CA ILE A 4181 -32.38 -0.79 23.49
C ILE A 4181 -31.01 -0.35 22.97
N GLU A 4182 -31.03 0.43 21.90
CA GLU A 4182 -29.84 1.08 21.36
C GLU A 4182 -30.03 2.59 21.39
N ILE A 4183 -29.02 3.29 21.91
CA ILE A 4183 -29.04 4.75 21.97
C ILE A 4183 -27.71 5.27 21.41
N MET A 4184 -27.70 6.58 21.12
CA MET A 4184 -26.48 7.27 20.73
C MET A 4184 -26.29 8.47 21.64
N GLY A 4185 -25.05 8.70 22.07
CA GLY A 4185 -24.78 9.78 23.01
C GLY A 4185 -23.34 9.90 23.47
N ALA A 4186 -22.89 11.14 23.70
CA ALA A 4186 -21.61 11.47 24.30
C ALA A 4186 -20.42 11.07 23.42
N SER A 4187 -20.23 9.76 23.23
CA SER A 4187 -19.16 9.28 22.36
C SER A 4187 -19.52 9.34 20.89
N ARG A 4188 -20.74 9.78 20.56
CA ARG A 4188 -21.28 9.81 19.19
C ARG A 4188 -21.30 8.43 18.56
N ARG A 4189 -21.39 7.38 19.38
CA ARG A 4189 -21.38 5.99 18.92
C ARG A 4189 -22.54 5.25 19.58
N ILE A 4190 -23.11 4.30 18.84
CA ILE A 4190 -24.28 3.57 19.31
C ILE A 4190 -23.88 2.62 20.42
N GLU A 4191 -24.70 2.56 21.47
CA GLU A 4191 -24.51 1.70 22.61
C GLU A 4191 -25.81 0.97 22.92
N ARG A 4192 -25.71 -0.08 23.72
CA ARG A 4192 -26.84 -0.94 24.05
C ARG A 4192 -27.10 -0.90 25.55
N ILE A 4193 -28.37 -0.74 25.92
CA ILE A 4193 -28.79 -0.68 27.31
C ILE A 4193 -29.71 -1.86 27.62
N TYR A 4194 -29.47 -2.48 28.78
CA TYR A 4194 -30.22 -3.64 29.26
C TYR A 4194 -31.01 -3.23 30.49
N PHE A 4195 -32.27 -3.67 30.57
CA PHE A 4195 -33.14 -3.33 31.69
C PHE A 4195 -34.12 -4.47 31.96
N GLU A 4196 -34.78 -4.38 33.11
CA GLU A 4196 -35.76 -5.38 33.56
C GLU A 4196 -37.16 -4.88 33.27
N ILE A 4197 -37.93 -5.68 32.51
CA ILE A 4197 -39.24 -5.23 32.02
C ILE A 4197 -40.28 -5.25 33.14
N SER A 4198 -40.31 -6.33 33.93
CA SER A 4198 -41.24 -6.65 35.02
C SER A 4198 -42.56 -7.19 34.47
N GLU A 4199 -43.20 -8.10 35.21
CA GLU A 4199 -44.29 -8.90 34.66
C GLU A 4199 -45.57 -8.08 34.51
N THR A 4200 -45.92 -7.27 35.52
CA THR A 4200 -47.20 -6.58 35.53
C THR A 4200 -47.32 -5.59 34.38
N ASN A 4201 -46.22 -4.87 34.08
CA ASN A 4201 -46.24 -3.93 32.96
C ASN A 4201 -46.39 -4.67 31.64
N ARG A 4202 -45.72 -5.83 31.51
CA ARG A 4202 -45.87 -6.67 30.33
C ARG A 4202 -47.33 -7.08 30.12
N ALA A 4203 -47.97 -7.57 31.18
CA ALA A 4203 -49.37 -8.01 31.08
C ALA A 4203 -50.30 -6.84 30.75
N GLN A 4204 -50.09 -5.69 31.40
CA GLN A 4204 -50.91 -4.51 31.11
C GLN A 4204 -50.71 -4.03 29.68
N TRP A 4205 -49.51 -4.20 29.13
CA TRP A 4205 -49.33 -3.89 27.72
C TRP A 4205 -50.07 -4.89 26.84
N GLU A 4206 -50.02 -6.17 27.20
CA GLU A 4206 -50.70 -7.20 26.40
C GLU A 4206 -52.23 -7.05 26.47
N MET A 4207 -52.74 -6.31 27.45
CA MET A 4207 -54.17 -5.98 27.53
C MET A 4207 -54.62 -5.36 26.20
N PRO A 4208 -55.74 -5.84 25.63
CA PRO A 4208 -56.07 -5.47 24.23
C PRO A 4208 -56.35 -4.00 23.97
N GLN A 4209 -56.88 -3.27 24.94
CA GLN A 4209 -57.22 -1.87 24.70
C GLN A 4209 -55.99 -1.03 24.39
N VAL A 4210 -54.87 -1.31 25.08
CA VAL A 4210 -53.61 -0.66 24.77
C VAL A 4210 -53.16 -0.99 23.35
N LYS A 4211 -53.40 -2.24 22.91
CA LYS A 4211 -53.05 -2.62 21.55
C LYS A 4211 -53.88 -1.84 20.52
N GLU A 4212 -55.18 -1.67 20.78
CA GLU A 4212 -56.01 -0.89 19.87
C GLU A 4212 -55.58 0.58 19.82
N SER A 4213 -55.27 1.15 20.99
CA SER A 4213 -54.78 2.53 21.02
C SER A 4213 -53.45 2.65 20.28
N LYS A 4214 -52.59 1.65 20.42
CA LYS A 4214 -51.32 1.63 19.70
C LYS A 4214 -51.52 1.58 18.20
N ARG A 4215 -52.46 0.75 17.73
CA ARG A 4215 -52.73 0.67 16.29
C ARG A 4215 -53.26 2.00 15.76
N GLN A 4216 -54.18 2.63 16.51
CA GLN A 4216 -54.69 3.94 16.11
C GLN A 4216 -53.59 4.98 16.07
N PHE A 4217 -52.69 4.96 17.06
CA PHE A 4217 -51.56 5.89 17.07
C PHE A 4217 -50.63 5.65 15.89
N ILE A 4218 -50.39 4.39 15.53
CA ILE A 4218 -49.57 4.08 14.35
C ILE A 4218 -50.21 4.65 13.08
N PHE A 4219 -51.51 4.44 12.91
CA PHE A 4219 -52.18 4.95 11.71
C PHE A 4219 -52.09 6.47 11.64
N ASP A 4220 -52.33 7.14 12.77
CA ASP A 4220 -52.27 8.60 12.80
C ASP A 4220 -50.86 9.12 12.55
N VAL A 4221 -49.85 8.49 13.16
CA VAL A 4221 -48.49 8.99 13.04
C VAL A 4221 -47.94 8.73 11.64
N VAL A 4222 -48.39 7.65 10.98
CA VAL A 4222 -47.85 7.37 9.66
C VAL A 4222 -48.53 8.20 8.58
N ASN A 4223 -49.88 8.27 8.60
CA ASN A 4223 -50.56 8.93 7.50
C ASN A 4223 -50.28 10.43 7.42
N GLU A 4224 -50.72 11.19 8.44
CA GLU A 4224 -50.54 12.64 8.40
C GLU A 4224 -49.22 13.05 9.04
N GLY A 4225 -48.73 12.25 9.99
CA GLY A 4225 -47.62 12.61 10.87
C GLY A 4225 -46.32 13.01 10.22
N GLY A 4226 -45.76 14.13 10.68
CA GLY A 4226 -44.48 14.59 10.17
C GLY A 4226 -43.30 13.82 10.72
N GLU A 4227 -42.23 13.84 9.92
CA GLU A 4227 -41.02 13.09 10.27
C GLU A 4227 -40.36 13.65 11.52
N ALA A 4228 -40.26 14.99 11.61
CA ALA A 4228 -39.68 15.61 12.79
C ALA A 4228 -40.58 15.50 14.01
N GLU A 4229 -41.89 15.45 13.81
CA GLU A 4229 -42.86 15.41 14.91
C GLU A 4229 -43.12 14.00 15.41
N LYS A 4230 -42.66 12.98 14.68
CA LYS A 4230 -42.97 11.59 15.02
C LYS A 4230 -42.45 11.22 16.40
N MET A 4231 -41.21 11.59 16.72
CA MET A 4231 -40.61 11.20 17.99
C MET A 4231 -41.35 11.84 19.17
N GLU A 4232 -41.66 13.14 19.05
CA GLU A 4232 -42.36 13.84 20.13
C GLU A 4232 -43.75 13.27 20.35
N LEU A 4233 -44.48 12.99 19.25
CA LEU A 4233 -45.79 12.37 19.38
C LEU A 4233 -45.68 10.98 20.02
N PHE A 4234 -44.62 10.24 19.69
CA PHE A 4234 -44.41 8.93 20.30
C PHE A 4234 -44.19 9.03 21.80
N VAL A 4235 -43.39 10.01 22.24
CA VAL A 4235 -43.17 10.18 23.67
C VAL A 4235 -44.45 10.59 24.38
N SER A 4236 -45.27 11.44 23.74
CA SER A 4236 -46.53 11.84 24.35
C SER A 4236 -47.50 10.66 24.46
N PHE A 4237 -47.54 9.82 23.42
CA PHE A 4237 -48.35 8.60 23.45
C PHE A 4237 -47.91 7.68 24.59
N CYS A 4238 -46.60 7.53 24.78
CA CYS A 4238 -46.11 6.72 25.89
C CYS A 4238 -46.52 7.32 27.23
N GLU A 4239 -46.43 8.65 27.36
CA GLU A 4239 -46.76 9.31 28.63
C GLU A 4239 -48.22 9.13 28.99
N ASP A 4240 -49.13 9.22 28.01
CA ASP A 4240 -50.54 8.98 28.34
C ASP A 4240 -50.79 7.49 28.56
N THR A 4241 -49.99 6.62 27.93
CA THR A 4241 -50.12 5.18 28.16
C THR A 4241 -49.84 4.83 29.61
N ILE A 4242 -48.83 5.48 30.23
CA ILE A 4242 -48.56 5.20 31.64
C ILE A 4242 -49.76 5.57 32.52
N PHE A 4243 -50.39 6.72 32.24
CA PHE A 4243 -51.54 7.14 33.02
C PHE A 4243 -52.72 6.19 32.84
N GLU A 4244 -52.95 5.72 31.60
CA GLU A 4244 -54.02 4.76 31.37
C GLU A 4244 -53.78 3.46 32.13
N MET A 4245 -52.52 2.98 32.13
CA MET A 4245 -52.23 1.76 32.87
C MET A 4245 -52.35 1.95 34.38
N GLN A 4246 -52.03 3.15 34.88
CA GLN A 4246 -52.25 3.45 36.30
C GLN A 4246 -53.73 3.43 36.64
N ILE A 4247 -54.57 3.97 35.75
CA ILE A 4247 -56.02 3.92 35.95
C ILE A 4247 -56.49 2.47 35.97
N ALA A 4248 -55.95 1.64 35.06
CA ALA A 4248 -56.32 0.22 35.02
C ALA A 4248 -55.89 -0.53 36.27
N ALA A 4249 -54.72 -0.21 36.82
CA ALA A 4249 -54.30 -0.80 38.08
C ALA A 4249 -55.21 -0.36 39.22
N GLN A 4250 -55.67 0.90 39.18
CA GLN A 4250 -56.56 1.39 40.24
C GLN A 4250 -57.90 0.68 40.21
N ILE A 4251 -58.46 0.46 39.01
CA ILE A 4251 -59.77 -0.21 38.96
C ILE A 4251 -59.61 -1.70 39.25
N SER A 4252 -58.44 -2.27 38.92
CA SER A 4252 -58.24 -3.71 39.05
C SER A 4252 -58.40 -4.16 40.50
N GLU A 4253 -59.09 -5.29 40.68
CA GLU A 4253 -59.38 -5.82 42.00
C GLU A 4253 -59.06 -7.31 42.09
N PHE A 4540 -72.15 5.21 60.32
CA PHE A 4540 -72.17 4.38 59.12
C PHE A 4540 -71.81 5.20 57.87
N TRP A 4541 -71.33 6.44 58.08
CA TRP A 4541 -70.90 7.25 56.96
C TRP A 4541 -69.70 6.63 56.26
N GLY A 4542 -68.75 6.08 57.03
CA GLY A 4542 -67.63 5.38 56.43
C GLY A 4542 -68.07 4.13 55.68
N GLU A 4543 -69.04 3.40 56.23
CA GLU A 4543 -69.57 2.23 55.54
C GLU A 4543 -70.23 2.62 54.22
N LEU A 4544 -70.98 3.73 54.23
CA LEU A 4544 -71.58 4.23 52.99
C LEU A 4544 -70.51 4.64 51.99
N GLU A 4545 -69.43 5.26 52.47
CA GLU A 4545 -68.35 5.66 51.59
C GLU A 4545 -67.67 4.45 50.93
N VAL A 4546 -67.36 3.42 51.72
CA VAL A 4546 -66.70 2.25 51.14
C VAL A 4546 -67.65 1.48 50.22
N GLN A 4547 -68.96 1.46 50.53
CA GLN A 4547 -69.91 0.86 49.60
C GLN A 4547 -69.96 1.65 48.29
N ARG A 4548 -69.89 2.98 48.37
CA ARG A 4548 -69.87 3.79 47.15
C ARG A 4548 -68.62 3.52 46.33
N VAL A 4549 -67.46 3.40 47.00
CA VAL A 4549 -66.22 3.12 46.27
C VAL A 4549 -66.27 1.75 45.61
N LYS A 4550 -66.81 0.75 46.32
CA LYS A 4550 -66.96 -0.57 45.72
C LYS A 4550 -67.93 -0.54 44.54
N PHE A 4551 -69.01 0.22 44.66
CA PHE A 4551 -69.97 0.37 43.56
C PHE A 4551 -69.31 0.98 42.33
N LEU A 4552 -68.50 2.02 42.53
CA LEU A 4552 -67.78 2.61 41.40
C LEU A 4552 -66.76 1.64 40.82
N ASN A 4553 -66.00 0.96 41.68
CA ASN A 4553 -64.98 0.02 41.22
C ASN A 4553 -65.55 -1.18 40.50
N TYR A 4554 -66.83 -1.48 40.72
CA TYR A 4554 -67.52 -2.52 39.96
C TYR A 4554 -68.17 -1.98 38.68
N LEU A 4555 -68.83 -0.83 38.77
CA LEU A 4555 -69.55 -0.28 37.62
C LEU A 4555 -68.60 0.17 36.52
N SER A 4556 -67.41 0.66 36.89
CA SER A 4556 -66.48 1.19 35.89
C SER A 4556 -66.01 0.10 34.94
N ARG A 4557 -65.76 -1.10 35.44
CA ARG A 4557 -65.15 -2.15 34.62
C ARG A 4557 -66.12 -2.82 33.65
N ASN A 4558 -67.42 -2.50 33.69
CA ASN A 4558 -68.41 -3.13 32.84
C ASN A 4558 -69.14 -2.13 31.96
N PHE A 4559 -68.40 -1.12 31.47
CA PHE A 4559 -69.02 -0.04 30.70
C PHE A 4559 -69.59 -0.55 29.37
N TYR A 4560 -68.82 -1.36 28.64
CA TYR A 4560 -69.25 -1.79 27.31
C TYR A 4560 -70.42 -2.76 27.37
N THR A 4561 -70.40 -3.68 28.33
CA THR A 4561 -71.49 -4.64 28.47
C THR A 4561 -72.80 -3.94 28.82
N LEU A 4562 -72.72 -2.85 29.58
CA LEU A 4562 -73.90 -2.03 29.80
C LEU A 4562 -74.45 -1.45 28.50
N ARG A 4563 -73.56 -1.01 27.60
CA ARG A 4563 -74.01 -0.48 26.32
C ARG A 4563 -74.65 -1.57 25.46
N PHE A 4564 -74.09 -2.79 25.51
CA PHE A 4564 -74.70 -3.90 24.80
C PHE A 4564 -76.07 -4.25 25.38
N LEU A 4565 -76.19 -4.23 26.70
CA LEU A 4565 -77.48 -4.37 27.38
C LEU A 4565 -78.47 -3.32 26.90
N ALA A 4566 -78.00 -2.07 26.73
CA ALA A 4566 -78.87 -1.01 26.20
C ALA A 4566 -79.30 -1.31 24.77
N LEU A 4567 -78.39 -1.85 23.96
CA LEU A 4567 -78.73 -2.31 22.61
C LEU A 4567 -79.86 -3.33 22.63
N PHE A 4568 -79.70 -4.38 23.44
CA PHE A 4568 -80.70 -5.43 23.53
C PHE A 4568 -82.02 -4.90 24.06
N LEU A 4569 -81.97 -4.04 25.09
CA LEU A 4569 -83.18 -3.48 25.68
C LEU A 4569 -83.91 -2.58 24.69
N ALA A 4570 -83.17 -1.78 23.92
CA ALA A 4570 -83.81 -0.92 22.92
C ALA A 4570 -84.49 -1.76 21.84
N PHE A 4571 -83.82 -2.83 21.39
CA PHE A 4571 -84.44 -3.70 20.39
C PHE A 4571 -85.68 -4.38 20.94
N ALA A 4572 -85.62 -4.87 22.19
CA ALA A 4572 -86.78 -5.49 22.81
C ALA A 4572 -87.92 -4.50 23.00
N ILE A 4573 -87.59 -3.26 23.39
CA ILE A 4573 -88.61 -2.23 23.58
C ILE A 4573 -89.32 -1.92 22.27
N ASN A 4574 -88.56 -1.79 21.18
CA ASN A 4574 -89.16 -1.52 19.89
C ASN A 4574 -90.00 -2.70 19.40
N PHE A 4575 -89.55 -3.92 19.67
CA PHE A 4575 -90.33 -5.09 19.28
C PHE A 4575 -91.63 -5.19 20.07
N ILE A 4576 -91.59 -4.85 21.36
CA ILE A 4576 -92.81 -4.74 22.16
C ILE A 4576 -93.72 -3.65 21.59
N LEU A 4577 -93.11 -2.55 21.15
CA LEU A 4577 -93.86 -1.43 20.59
C LEU A 4577 -94.60 -1.83 19.32
N LEU A 4578 -93.98 -2.68 18.50
CA LEU A 4578 -94.43 -3.00 17.13
C LEU A 4578 -95.92 -3.29 16.95
N PHE A 4579 -96.61 -3.74 18.00
CA PHE A 4579 -98.02 -4.10 17.93
C PHE A 4579 -98.84 -3.05 18.66
N TYR A 4580 -99.73 -2.39 17.92
CA TYR A 4580 -100.51 -1.26 18.42
C TYR A 4580 -101.75 -1.10 17.55
N LYS A 4581 -102.70 -0.27 18.01
CA LYS A 4581 -103.90 -0.03 17.22
C LYS A 4581 -104.38 1.38 17.51
N VAL A 4582 -105.12 1.95 16.56
CA VAL A 4582 -105.76 3.25 16.71
C VAL A 4582 -107.26 3.04 16.66
N SER A 4583 -107.96 3.57 17.68
CA SER A 4583 -109.41 3.43 17.79
C SER A 4583 -110.06 4.79 17.69
N ASP A 4584 -111.15 4.87 16.93
CA ASP A 4584 -111.91 6.11 16.84
C ASP A 4584 -112.50 6.50 18.18
N SER A 4585 -113.04 5.53 18.92
CA SER A 4585 -113.65 5.77 20.22
C SER A 4585 -113.01 4.83 21.23
N PRO A 4586 -112.71 5.31 22.44
CA PRO A 4586 -112.14 4.45 23.48
C PRO A 4586 -113.12 3.37 23.91
N PRO A 4587 -112.62 2.15 24.20
CA PRO A 4587 -113.47 1.04 24.64
C PRO A 4587 -113.68 1.02 26.15
N ASN A 4626 -110.82 12.13 21.15
CA ASN A 4626 -111.67 11.10 20.58
C ASN A 4626 -110.86 9.86 20.24
N MET A 4627 -109.96 9.99 19.27
CA MET A 4627 -109.08 8.88 18.88
C MET A 4627 -108.15 8.49 20.03
N VAL A 4628 -107.98 7.19 20.22
CA VAL A 4628 -107.11 6.64 21.23
C VAL A 4628 -106.16 5.63 20.57
N TYR A 4629 -105.22 5.11 21.35
CA TYR A 4629 -104.08 4.36 20.84
C TYR A 4629 -103.93 3.04 21.60
N TYR A 4630 -105.03 2.32 21.78
CA TYR A 4630 -105.00 1.09 22.57
C TYR A 4630 -104.21 0.01 21.83
N PHE A 4631 -103.67 -0.94 22.60
CA PHE A 4631 -102.74 -1.91 22.05
C PHE A 4631 -103.41 -3.26 21.86
N LEU A 4632 -103.30 -3.80 20.65
CA LEU A 4632 -103.76 -5.16 20.37
C LEU A 4632 -102.82 -6.14 21.06
N GLU A 4633 -103.38 -7.11 21.78
CA GLU A 4633 -102.61 -7.96 22.67
C GLU A 4633 -102.93 -9.42 22.41
N GLU A 4634 -101.88 -10.22 22.20
CA GLU A 4634 -102.05 -11.66 22.04
C GLU A 4634 -102.25 -12.35 23.39
N SER A 4635 -102.88 -13.52 23.34
CA SER A 4635 -103.16 -14.30 24.54
C SER A 4635 -101.91 -14.96 25.14
N THR A 4636 -100.73 -14.74 24.56
CA THR A 4636 -99.50 -15.31 25.09
C THR A 4636 -99.14 -14.64 26.41
N GLY A 4637 -98.36 -15.36 27.22
CA GLY A 4637 -97.89 -14.79 28.47
C GLY A 4637 -97.02 -13.57 28.26
N TYR A 4638 -96.22 -13.58 27.21
CA TYR A 4638 -95.47 -12.39 26.82
C TYR A 4638 -96.39 -11.38 26.14
N MET A 4639 -95.86 -10.17 25.99
CA MET A 4639 -96.44 -9.03 25.23
C MET A 4639 -97.59 -8.42 26.05
N GLU A 4640 -97.73 -8.80 27.31
CA GLU A 4640 -98.63 -8.12 28.23
C GLU A 4640 -97.93 -6.81 28.62
N PRO A 4641 -98.53 -5.94 29.44
CA PRO A 4641 -98.05 -4.57 29.48
C PRO A 4641 -96.72 -4.28 30.20
N ALA A 4642 -95.85 -5.28 30.34
CA ALA A 4642 -94.56 -5.15 31.04
C ALA A 4642 -93.57 -4.21 30.36
N LEU A 4643 -93.95 -3.52 29.28
CA LEU A 4643 -93.11 -2.46 28.72
C LEU A 4643 -92.81 -1.39 29.76
N TRP A 4644 -93.79 -1.13 30.63
CA TRP A 4644 -93.68 -0.29 31.82
C TRP A 4644 -92.64 -0.81 32.81
N CYS A 4645 -92.22 -2.07 32.66
CA CYS A 4645 -91.14 -2.61 33.49
C CYS A 4645 -89.78 -2.49 32.82
N LEU A 4646 -89.72 -2.72 31.50
CA LEU A 4646 -88.45 -2.56 30.78
C LEU A 4646 -87.97 -1.12 30.76
N SER A 4647 -88.90 -0.15 30.66
CA SER A 4647 -88.49 1.25 30.55
C SER A 4647 -87.74 1.73 31.79
N LEU A 4648 -88.24 1.38 32.98
CA LEU A 4648 -87.65 1.84 34.23
C LEU A 4648 -86.28 1.24 34.49
N LEU A 4649 -85.94 0.13 33.84
CA LEU A 4649 -84.60 -0.43 33.92
C LEU A 4649 -83.68 0.12 32.84
N HIS A 4650 -84.21 0.36 31.64
CA HIS A 4650 -83.40 0.94 30.57
C HIS A 4650 -82.91 2.33 30.94
N THR A 4651 -83.76 3.15 31.56
CA THR A 4651 -83.31 4.50 31.94
C THR A 4651 -82.22 4.46 33.00
N LEU A 4652 -82.36 3.57 33.99
CA LEU A 4652 -81.30 3.44 34.99
C LEU A 4652 -80.01 2.90 34.37
N VAL A 4653 -80.14 2.02 33.37
CA VAL A 4653 -78.97 1.55 32.63
C VAL A 4653 -78.26 2.71 31.94
N ALA A 4654 -79.04 3.60 31.32
CA ALA A 4654 -78.45 4.77 30.67
C ALA A 4654 -77.75 5.69 31.66
N PHE A 4655 -78.37 5.92 32.82
CA PHE A 4655 -77.75 6.79 33.83
C PHE A 4655 -76.46 6.15 34.37
N LEU A 4656 -76.48 4.83 34.56
CA LEU A 4656 -75.27 4.12 34.96
C LEU A 4656 -74.20 4.21 33.89
N CYS A 4657 -74.60 4.25 32.61
CA CYS A 4657 -73.63 4.46 31.54
C CYS A 4657 -73.00 5.85 31.61
N ILE A 4658 -73.81 6.87 31.95
CA ILE A 4658 -73.26 8.22 32.16
C ILE A 4658 -72.24 8.18 33.29
N ILE A 4659 -72.57 7.48 34.38
CA ILE A 4659 -71.66 7.37 35.51
C ILE A 4659 -70.37 6.66 35.09
N GLY A 4660 -70.48 5.58 34.33
CA GLY A 4660 -69.30 4.87 33.86
C GLY A 4660 -68.39 5.72 33.00
N TYR A 4661 -68.98 6.55 32.12
CA TYR A 4661 -68.18 7.51 31.36
C TYR A 4661 -67.44 8.47 32.29
N ASN A 4662 -68.16 9.05 33.26
CA ASN A 4662 -67.55 10.03 34.16
C ASN A 4662 -66.57 9.41 35.15
N CYS A 4663 -66.55 8.08 35.27
CA CYS A 4663 -65.54 7.39 36.06
C CYS A 4663 -64.32 7.00 35.25
N LEU A 4664 -64.49 6.56 34.00
CA LEU A 4664 -63.36 6.05 33.21
C LEU A 4664 -62.71 7.12 32.34
N LYS A 4665 -63.47 7.72 31.42
CA LYS A 4665 -62.84 8.34 30.25
C LYS A 4665 -62.21 9.69 30.56
N VAL A 4666 -62.89 10.53 31.34
CA VAL A 4666 -62.53 11.97 31.39
C VAL A 4666 -61.18 12.30 32.02
N PRO A 4667 -60.64 11.55 33.02
CA PRO A 4667 -59.32 11.94 33.56
C PRO A 4667 -58.22 11.99 32.52
N LEU A 4668 -58.26 11.10 31.52
CA LEU A 4668 -57.25 11.12 30.46
C LEU A 4668 -57.30 12.43 29.68
N VAL A 4669 -58.49 12.88 29.29
CA VAL A 4669 -58.62 14.13 28.53
C VAL A 4669 -58.17 15.31 29.37
N ILE A 4670 -58.55 15.32 30.66
CA ILE A 4670 -58.12 16.38 31.56
C ILE A 4670 -56.60 16.42 31.65
N PHE A 4671 -55.97 15.25 31.80
CA PHE A 4671 -54.52 15.19 31.92
C PHE A 4671 -53.82 15.63 30.64
N LYS A 4672 -54.38 15.27 29.48
CA LYS A 4672 -53.80 15.70 28.21
C LYS A 4672 -53.85 17.22 28.06
N ARG A 4673 -55.01 17.83 28.33
CA ARG A 4673 -55.10 19.29 28.22
C ARG A 4673 -54.18 19.97 29.22
N GLU A 4674 -54.12 19.45 30.45
CA GLU A 4674 -53.24 20.02 31.47
C GLU A 4674 -51.78 19.93 31.07
N LYS A 4675 -51.37 18.78 30.51
CA LYS A 4675 -50.00 18.61 30.05
C LYS A 4675 -49.66 19.58 28.93
N GLU A 4676 -50.57 19.73 27.97
CA GLU A 4676 -50.36 20.68 26.88
C GLU A 4676 -50.21 22.10 27.42
N LEU A 4677 -51.09 22.48 28.35
CA LEU A 4677 -51.03 23.82 28.95
C LEU A 4677 -49.73 24.03 29.70
N ALA A 4678 -49.28 23.02 30.46
CA ALA A 4678 -48.08 23.18 31.26
C ALA A 4678 -46.83 23.30 30.39
N ARG A 4679 -46.68 22.43 29.40
CA ARG A 4679 -45.50 22.52 28.52
C ARG A 4679 -45.51 23.82 27.71
N LYS A 4680 -46.69 24.23 27.23
CA LYS A 4680 -46.77 25.50 26.51
C LYS A 4680 -46.42 26.67 27.40
N LEU A 4681 -46.93 26.67 28.64
CA LEU A 4681 -46.65 27.77 29.55
C LEU A 4681 -45.18 27.85 29.92
N GLU A 4682 -44.50 26.72 30.09
CA GLU A 4682 -43.15 26.78 30.64
C GLU A 4682 -42.10 26.90 29.54
N PHE A 4683 -42.10 25.98 28.56
CA PHE A 4683 -41.01 26.00 27.58
C PHE A 4683 -41.09 27.20 26.64
N ASP A 4684 -42.26 27.47 26.07
CA ASP A 4684 -42.42 28.55 25.08
C ASP A 4684 -43.59 29.42 25.54
N GLY A 4685 -43.28 30.40 26.40
CA GLY A 4685 -44.33 31.08 27.15
C GLY A 4685 -45.34 31.75 26.24
N LEU A 4686 -46.61 31.48 26.51
CA LEU A 4686 -47.71 31.97 25.71
C LEU A 4686 -48.60 32.94 26.47
N TYR A 4687 -48.44 33.04 27.79
CA TYR A 4687 -49.10 34.06 28.60
C TYR A 4687 -48.13 35.08 29.17
N ILE A 4688 -46.92 34.65 29.54
CA ILE A 4688 -45.97 35.56 30.16
C ILE A 4688 -45.45 36.60 29.18
N THR A 4689 -45.10 36.16 27.96
CA THR A 4689 -44.58 37.10 26.97
C THR A 4689 -45.52 37.24 25.78
N GLU A 4690 -45.78 36.14 25.09
CA GLU A 4690 -46.74 36.11 24.00
C GLU A 4690 -48.17 36.18 24.51
N GLN A 4691 -49.14 36.23 23.61
CA GLN A 4691 -50.55 36.18 23.95
C GLN A 4691 -51.26 35.35 22.89
N PRO A 4692 -52.38 34.72 23.24
CA PRO A 4692 -53.15 33.98 22.24
C PRO A 4692 -53.74 34.90 21.19
N GLY A 4693 -53.85 34.37 19.96
CA GLY A 4693 -54.48 35.12 18.90
C GLY A 4693 -55.95 35.35 19.16
N ASP A 4694 -56.46 36.46 18.59
CA ASP A 4694 -57.86 36.81 18.78
C ASP A 4694 -58.80 35.76 18.21
N ASP A 4695 -58.58 35.36 16.97
CA ASP A 4695 -59.45 34.39 16.29
C ASP A 4695 -59.10 32.94 16.61
N ASP A 4696 -58.99 32.59 17.88
CA ASP A 4696 -58.87 31.19 18.29
C ASP A 4696 -59.95 30.86 19.32
N VAL A 4697 -60.28 29.58 19.42
CA VAL A 4697 -61.33 29.10 20.31
C VAL A 4697 -60.70 28.36 21.49
N LYS A 4698 -61.23 28.63 22.69
CA LYS A 4698 -60.90 27.99 23.96
C LYS A 4698 -59.51 28.35 24.48
N GLY A 4699 -58.70 29.03 23.67
CA GLY A 4699 -57.45 29.57 24.19
C GLY A 4699 -57.68 30.64 25.23
N GLN A 4700 -58.71 31.47 25.02
CA GLN A 4700 -59.13 32.41 26.04
C GLN A 4700 -59.75 31.70 27.24
N TRP A 4701 -60.45 30.58 26.98
CA TRP A 4701 -61.04 29.79 28.05
C TRP A 4701 -59.99 29.17 28.96
N ASP A 4702 -58.79 28.91 28.44
CA ASP A 4702 -57.71 28.38 29.27
C ASP A 4702 -57.29 29.36 30.37
N ARG A 4703 -57.63 30.64 30.23
CA ARG A 4703 -57.19 31.65 31.19
C ARG A 4703 -57.75 31.40 32.59
N LEU A 4704 -58.96 30.81 32.67
CA LEU A 4704 -59.65 30.67 33.95
C LEU A 4704 -58.89 29.76 34.91
N VAL A 4705 -58.30 28.69 34.41
CA VAL A 4705 -57.71 27.68 35.27
C VAL A 4705 -56.40 28.14 35.90
N LEU A 4706 -55.77 29.18 35.34
CA LEU A 4706 -54.44 29.58 35.80
C LEU A 4706 -54.47 30.12 37.24
N ASN A 4707 -55.48 30.94 37.56
CA ASN A 4707 -55.55 31.54 38.89
C ASN A 4707 -55.86 30.52 39.97
N THR A 4708 -56.56 29.43 39.61
CA THR A 4708 -56.95 28.41 40.57
C THR A 4708 -55.72 27.81 41.26
N PRO A 4709 -55.69 27.75 42.59
CA PRO A 4709 -54.53 27.14 43.27
C PRO A 4709 -54.34 25.67 42.94
N SER A 4710 -55.43 24.92 42.77
CA SER A 4710 -55.34 23.50 42.43
C SER A 4710 -55.29 23.26 40.93
N PHE A 4711 -54.36 23.93 40.24
CA PHE A 4711 -54.13 23.73 38.81
C PHE A 4711 -53.59 22.33 38.53
N PRO A 4712 -52.44 21.88 39.11
CA PRO A 4712 -51.96 20.56 38.69
C PRO A 4712 -52.64 19.40 39.43
N SER A 4713 -53.93 19.21 39.14
CA SER A 4713 -54.67 18.13 39.80
C SER A 4713 -54.24 16.76 39.29
N ASN A 4714 -54.11 16.59 37.97
CA ASN A 4714 -53.84 15.28 37.40
C ASN A 4714 -52.48 15.14 36.74
N TYR A 4715 -51.82 16.23 36.39
CA TYR A 4715 -50.48 16.12 35.82
C TYR A 4715 -49.50 15.70 36.91
N TRP A 4716 -48.43 15.00 36.49
CA TRP A 4716 -47.56 14.33 37.46
C TRP A 4716 -46.78 15.30 38.33
N ASP A 4717 -46.40 16.48 37.81
CA ASP A 4717 -45.51 17.39 38.51
C ASP A 4717 -46.29 18.62 38.96
N LYS A 4718 -46.16 18.94 40.25
CA LYS A 4718 -46.81 20.10 40.85
C LYS A 4718 -45.91 21.33 40.89
N PHE A 4719 -44.66 21.21 40.46
CA PHE A 4719 -43.65 22.26 40.62
C PHE A 4719 -43.52 23.17 39.40
N VAL A 4720 -44.39 23.02 38.41
CA VAL A 4720 -44.35 23.88 37.23
C VAL A 4720 -44.61 25.33 37.62
N LYS A 4721 -45.50 25.55 38.60
CA LYS A 4721 -45.82 26.90 39.08
C LYS A 4721 -44.57 27.62 39.57
N ARG A 4722 -43.75 26.94 40.37
CA ARG A 4722 -42.49 27.53 40.82
C ARG A 4722 -41.48 27.62 39.69
N LYS A 4723 -41.43 26.61 38.82
CA LYS A 4723 -40.42 26.55 37.77
C LYS A 4723 -40.55 27.69 36.76
N VAL A 4724 -41.79 28.04 36.38
CA VAL A 4724 -42.00 29.12 35.42
C VAL A 4724 -41.51 30.44 35.99
N LEU A 4725 -41.83 30.71 37.25
CA LEU A 4725 -41.34 31.92 37.91
C LEU A 4725 -39.82 31.90 38.05
N ASP A 4726 -39.24 30.75 38.38
CA ASP A 4726 -37.80 30.66 38.57
C ASP A 4726 -37.04 30.85 37.27
N LYS A 4727 -37.66 30.50 36.14
CA LYS A 4727 -37.00 30.70 34.86
C LYS A 4727 -37.21 32.11 34.31
N HIS A 4728 -38.46 32.54 34.16
CA HIS A 4728 -38.75 33.82 33.50
C HIS A 4728 -38.95 34.98 34.47
N GLY A 4729 -38.59 34.82 35.75
CA GLY A 4729 -38.85 35.88 36.72
C GLY A 4729 -38.03 37.14 36.49
N ASP A 4730 -36.77 36.98 36.06
CA ASP A 4730 -35.88 38.13 35.97
C ASP A 4730 -36.25 39.06 34.82
N ILE A 4731 -36.71 38.49 33.69
CA ILE A 4731 -36.93 39.27 32.48
C ILE A 4731 -38.18 40.13 32.56
N PHE A 4732 -39.09 39.81 33.48
CA PHE A 4732 -40.38 40.48 33.58
C PHE A 4732 -40.66 40.83 35.04
N GLY A 4733 -41.74 41.57 35.26
CA GLY A 4733 -42.16 41.90 36.61
C GLY A 4733 -42.50 40.67 37.42
N ARG A 4734 -41.76 40.46 38.52
CA ARG A 4734 -41.99 39.31 39.37
C ARG A 4734 -43.38 39.36 40.00
N GLU A 4735 -43.79 40.54 40.45
CA GLU A 4735 -45.14 40.71 40.96
C GLU A 4735 -46.17 40.54 39.86
N ARG A 4736 -45.81 40.84 38.61
CA ARG A 4736 -46.72 40.60 37.50
C ARG A 4736 -46.94 39.10 37.27
N ILE A 4737 -45.88 38.30 37.38
CA ILE A 4737 -46.06 36.84 37.34
C ILE A 4737 -46.87 36.37 38.55
N ALA A 4738 -46.65 36.98 39.71
CA ALA A 4738 -47.36 36.61 40.93
C ALA A 4738 -48.87 36.88 40.81
N GLU A 4739 -49.24 38.02 40.22
CA GLU A 4739 -50.66 38.28 40.01
C GLU A 4739 -51.21 37.44 38.87
N LEU A 4740 -50.38 37.09 37.89
CA LEU A 4740 -50.84 36.23 36.80
C LEU A 4740 -51.21 34.85 37.31
N LEU A 4741 -50.35 34.22 38.09
CA LEU A 4741 -50.69 32.97 38.78
C LEU A 4741 -50.37 33.13 40.26
N GLY A 4742 -51.39 32.95 41.11
CA GLY A 4742 -51.35 33.39 42.50
C GLY A 4742 -50.49 32.55 43.41
N MET A 4743 -49.18 32.62 43.20
CA MET A 4743 -48.24 31.81 43.99
C MET A 4743 -48.23 32.21 45.45
N ASP A 4744 -48.31 33.52 45.73
CA ASP A 4744 -48.34 34.14 47.06
C ASP A 4744 -46.91 34.18 47.58
N LEU A 4745 -46.54 35.24 48.30
CA LEU A 4745 -45.13 35.40 48.66
C LEU A 4745 -44.75 34.52 49.84
N ALA A 4746 -45.06 33.23 49.73
CA ALA A 4746 -44.42 32.15 50.47
C ALA A 4746 -43.42 31.43 49.59
N SER A 4747 -42.78 32.19 48.69
CA SER A 4747 -41.85 31.62 47.71
C SER A 4747 -40.70 30.90 48.39
N LEU A 4748 -40.31 31.36 49.58
CA LEU A 4748 -39.45 30.59 50.46
C LEU A 4748 -40.33 29.53 51.14
N GLU A 4749 -40.77 28.57 50.32
CA GLU A 4749 -41.59 27.47 50.81
C GLU A 4749 -40.80 26.58 51.78
N ILE A 4750 -39.48 26.60 51.65
CA ILE A 4750 -38.59 25.84 52.54
C ILE A 4750 -38.76 26.27 53.99
N THR A 4751 -38.98 27.56 54.24
CA THR A 4751 -39.16 28.04 55.60
C THR A 4751 -40.42 27.45 56.24
N ALA A 4752 -41.51 27.38 55.48
CA ALA A 4752 -42.76 26.82 56.01
C ALA A 4752 -42.69 25.29 56.07
N HIS A 4753 -41.99 24.67 55.12
CA HIS A 4753 -41.86 23.22 55.12
C HIS A 4753 -41.01 22.73 56.29
N ASN A 4754 -40.04 23.54 56.73
CA ASN A 4754 -39.20 23.15 57.86
C ASN A 4754 -40.02 22.99 59.14
N GLU A 4755 -41.09 23.78 59.28
CA GLU A 4755 -41.89 23.75 60.50
C GLU A 4755 -42.56 22.39 60.70
N ARG A 4756 -43.19 21.87 59.66
CA ARG A 4756 -43.88 20.58 59.69
C ARG A 4756 -44.31 20.25 58.27
N LYS A 4757 -44.64 18.97 58.07
CA LYS A 4757 -45.28 18.42 56.88
C LYS A 4757 -46.78 18.63 56.95
N PRO A 4758 -47.47 18.68 55.81
CA PRO A 4758 -48.92 18.89 55.84
C PRO A 4758 -49.65 17.65 56.36
N ASP A 4759 -50.57 17.89 57.29
CA ASP A 4759 -51.38 16.86 57.94
C ASP A 4759 -52.77 16.82 57.30
N PRO A 4760 -53.20 15.67 56.79
CA PRO A 4760 -54.50 15.61 56.11
C PRO A 4760 -55.65 15.62 57.10
N PRO A 4761 -56.53 16.62 57.02
CA PRO A 4761 -57.70 16.64 57.89
C PRO A 4761 -58.86 15.90 57.26
N PRO A 4762 -59.79 15.37 58.07
CA PRO A 4762 -61.00 14.77 57.50
C PRO A 4762 -61.88 15.82 56.86
N GLY A 4763 -62.30 15.55 55.63
CA GLY A 4763 -63.13 16.47 54.87
C GLY A 4763 -64.59 16.09 54.76
N LEU A 4764 -65.02 15.03 55.44
CA LEU A 4764 -66.38 14.53 55.28
C LEU A 4764 -67.39 15.50 55.90
N LEU A 4765 -68.47 15.76 55.15
CA LEU A 4765 -69.63 16.60 55.50
C LEU A 4765 -69.29 18.09 55.51
N THR A 4766 -68.02 18.45 55.31
CA THR A 4766 -67.63 19.85 55.15
C THR A 4766 -67.23 20.18 53.72
N TRP A 4767 -67.33 19.22 52.80
CA TRP A 4767 -66.82 19.39 51.43
C TRP A 4767 -67.62 20.41 50.63
N LEU A 4768 -68.91 20.59 50.96
CA LEU A 4768 -69.81 21.35 50.10
C LEU A 4768 -69.38 22.80 49.94
N MET A 4769 -68.88 23.43 51.00
CA MET A 4769 -68.30 24.75 50.90
C MET A 4769 -66.78 24.73 50.72
N SER A 4770 -66.14 23.60 51.01
CA SER A 4770 -64.68 23.51 50.86
C SER A 4770 -64.26 23.51 49.40
N ILE A 4771 -65.07 22.90 48.52
CA ILE A 4771 -64.67 22.73 47.13
C ILE A 4771 -64.56 24.08 46.43
N ASP A 4772 -63.39 24.33 45.83
CA ASP A 4772 -63.17 25.51 44.99
C ASP A 4772 -63.94 25.34 43.68
N VAL A 4773 -64.53 26.44 43.19
CA VAL A 4773 -65.52 26.35 42.12
C VAL A 4773 -64.95 26.63 40.73
N LYS A 4774 -63.89 27.43 40.65
CA LYS A 4774 -63.37 27.85 39.35
C LYS A 4774 -62.78 26.68 38.56
N TYR A 4775 -62.02 25.81 39.25
CA TYR A 4775 -61.47 24.62 38.60
C TYR A 4775 -62.59 23.72 38.09
N GLN A 4776 -63.65 23.55 38.88
CA GLN A 4776 -64.79 22.76 38.45
C GLN A 4776 -65.51 23.41 37.27
N ILE A 4777 -65.54 24.74 37.21
CA ILE A 4777 -66.15 25.42 36.08
C ILE A 4777 -65.37 25.13 34.80
N TRP A 4778 -64.03 25.23 34.87
CA TRP A 4778 -63.19 24.92 33.72
C TRP A 4778 -63.33 23.46 33.31
N LYS A 4779 -63.36 22.56 34.30
CA LYS A 4779 -63.56 21.14 34.03
C LYS A 4779 -64.92 20.87 33.40
N PHE A 4780 -65.96 21.57 33.88
CA PHE A 4780 -67.29 21.43 33.29
C PHE A 4780 -67.29 21.87 31.84
N GLY A 4781 -66.58 22.96 31.55
CA GLY A 4781 -66.49 23.42 30.16
C GLY A 4781 -65.86 22.38 29.24
N VAL A 4782 -64.72 21.82 29.66
CA VAL A 4782 -64.06 20.84 28.77
C VAL A 4782 -64.87 19.56 28.67
N ILE A 4783 -65.50 19.11 29.77
CA ILE A 4783 -66.33 17.91 29.73
C ILE A 4783 -67.50 18.10 28.78
N PHE A 4784 -68.18 19.25 28.87
CA PHE A 4784 -69.33 19.49 28.00
C PHE A 4784 -68.91 19.66 26.54
N THR A 4785 -67.74 20.25 26.29
CA THR A 4785 -67.32 20.38 24.91
C THR A 4785 -66.70 19.10 24.36
N ASP A 4786 -66.42 18.11 25.20
CA ASP A 4786 -66.06 16.79 24.69
C ASP A 4786 -67.27 16.18 23.99
N ASN A 4787 -67.03 15.59 22.81
CA ASN A 4787 -68.14 15.24 21.92
C ASN A 4787 -68.97 14.08 22.47
N SER A 4788 -68.32 13.04 22.99
CA SER A 4788 -69.03 11.80 23.34
C SER A 4788 -69.94 11.98 24.55
N PHE A 4789 -69.54 12.84 25.50
CA PHE A 4789 -70.35 13.06 26.69
C PHE A 4789 -71.70 13.69 26.32
N LEU A 4790 -71.70 14.61 25.36
CA LEU A 4790 -72.94 15.15 24.84
C LEU A 4790 -73.80 14.08 24.18
N TYR A 4791 -73.16 13.15 23.47
CA TYR A 4791 -73.89 12.04 22.85
C TYR A 4791 -74.57 11.17 23.90
N LEU A 4792 -73.85 10.84 24.98
CA LEU A 4792 -74.44 10.03 26.05
C LEU A 4792 -75.53 10.81 26.79
N GLY A 4793 -75.32 12.11 27.01
CA GLY A 4793 -76.33 12.92 27.64
C GLY A 4793 -77.60 13.03 26.81
N TRP A 4794 -77.45 13.15 25.49
CA TRP A 4794 -78.60 13.15 24.60
C TRP A 4794 -79.35 11.82 24.66
N TYR A 4795 -78.59 10.71 24.71
CA TYR A 4795 -79.20 9.40 24.86
C TYR A 4795 -80.00 9.31 26.17
N MET A 4796 -79.45 9.85 27.26
CA MET A 4796 -80.14 9.78 28.54
C MET A 4796 -81.37 10.69 28.57
N VAL A 4797 -81.25 11.89 27.99
CA VAL A 4797 -82.39 12.81 27.92
C VAL A 4797 -83.52 12.20 27.10
N MET A 4798 -83.19 11.51 25.99
CA MET A 4798 -84.24 10.85 25.23
C MET A 4798 -84.81 9.64 25.96
N SER A 4799 -84.04 8.98 26.83
CA SER A 4799 -84.65 7.99 27.72
C SER A 4799 -85.65 8.64 28.68
N LEU A 4800 -85.29 9.80 29.22
CA LEU A 4800 -86.18 10.52 30.12
C LEU A 4800 -87.48 10.91 29.41
N LEU A 4801 -87.37 11.39 28.17
CA LEU A 4801 -88.59 11.63 27.38
C LEU A 4801 -89.27 10.32 26.97
N GLY A 4802 -88.52 9.22 26.93
CA GLY A 4802 -89.11 7.93 26.63
C GLY A 4802 -89.98 7.41 27.75
N HIS A 4803 -89.78 7.92 28.96
CA HIS A 4803 -90.76 7.65 30.02
C HIS A 4803 -92.16 8.15 29.65
N TYR A 4804 -92.27 9.36 29.11
CA TYR A 4804 -93.52 9.80 28.46
C TYR A 4804 -93.46 9.40 26.99
N ASN A 4805 -93.79 8.13 26.75
CA ASN A 4805 -93.14 7.35 25.70
C ASN A 4805 -93.53 7.89 24.33
N ASN A 4806 -94.84 8.06 24.07
CA ASN A 4806 -95.33 8.32 22.71
C ASN A 4806 -94.75 7.27 21.77
N PHE A 4807 -93.85 7.70 20.88
CA PHE A 4807 -92.97 6.77 20.16
C PHE A 4807 -91.55 7.31 20.14
N PHE A 4808 -91.09 7.84 21.28
CA PHE A 4808 -89.75 8.42 21.36
C PHE A 4808 -88.67 7.35 21.29
N PHE A 4809 -88.97 6.14 21.76
CA PHE A 4809 -87.94 5.09 21.90
C PHE A 4809 -87.36 4.65 20.56
N ALA A 4810 -88.05 4.93 19.44
CA ALA A 4810 -87.56 4.52 18.13
C ALA A 4810 -86.24 5.20 17.78
N ALA A 4811 -86.03 6.43 18.27
CA ALA A 4811 -84.81 7.18 17.97
C ALA A 4811 -83.58 6.52 18.58
N HIS A 4812 -83.74 5.76 19.66
CA HIS A 4812 -82.60 5.13 20.33
C HIS A 4812 -81.90 4.12 19.43
N LEU A 4813 -82.61 3.57 18.45
CA LEU A 4813 -82.04 2.54 17.59
C LEU A 4813 -80.88 3.08 16.77
N LEU A 4814 -81.00 4.30 16.25
CA LEU A 4814 -79.95 4.86 15.39
C LEU A 4814 -78.64 5.05 16.15
N ASP A 4815 -78.70 5.74 17.29
CA ASP A 4815 -77.47 6.03 18.03
C ASP A 4815 -76.89 4.78 18.66
N ILE A 4816 -77.75 3.82 19.04
CA ILE A 4816 -77.21 2.54 19.51
C ILE A 4816 -76.63 1.73 18.37
N ALA A 4817 -77.17 1.88 17.14
CA ALA A 4817 -76.68 1.12 16.00
C ALA A 4817 -75.35 1.64 15.49
N MET A 4818 -75.07 2.92 15.68
CA MET A 4818 -73.77 3.44 15.25
C MET A 4818 -72.62 2.76 15.99
N GLY A 4819 -72.89 2.17 17.16
CA GLY A 4819 -71.84 1.50 17.92
C GLY A 4819 -71.23 0.31 17.20
N VAL A 4820 -72.03 -0.38 16.38
CA VAL A 4820 -71.58 -1.58 15.67
C VAL A 4820 -70.37 -1.25 14.81
N LYS A 4821 -69.31 -2.06 14.95
CA LYS A 4821 -68.00 -1.72 14.40
C LYS A 4821 -68.01 -1.65 12.88
N THR A 4822 -68.67 -2.61 12.23
CA THR A 4822 -68.66 -2.66 10.77
C THR A 4822 -69.38 -1.46 10.16
N LEU A 4823 -70.43 -0.98 10.82
CA LEU A 4823 -71.20 0.15 10.31
C LEU A 4823 -70.39 1.44 10.29
N ARG A 4824 -69.43 1.56 11.22
CA ARG A 4824 -68.71 2.82 11.42
C ARG A 4824 -67.96 3.26 10.17
N THR A 4825 -67.30 2.32 9.50
CA THR A 4825 -66.57 2.66 8.27
C THR A 4825 -67.53 3.13 7.18
N ILE A 4826 -68.68 2.46 7.07
CA ILE A 4826 -69.68 2.83 6.06
C ILE A 4826 -70.20 4.24 6.30
N LEU A 4827 -70.51 4.58 7.56
CA LEU A 4827 -70.98 5.93 7.86
C LEU A 4827 -69.87 6.96 7.71
N SER A 4828 -68.64 6.60 8.07
CA SER A 4828 -67.52 7.53 7.97
C SER A 4828 -67.17 7.82 6.52
N SER A 4829 -67.47 6.88 5.62
CA SER A 4829 -67.16 7.07 4.21
C SER A 4829 -67.89 8.27 3.62
N VAL A 4830 -69.20 8.41 3.91
CA VAL A 4830 -69.92 9.60 3.47
C VAL A 4830 -69.43 10.84 4.22
N THR A 4831 -68.98 10.65 5.47
CA THR A 4831 -68.49 11.76 6.27
C THR A 4831 -67.21 12.36 5.67
N HIS A 4832 -66.38 11.52 5.05
CA HIS A 4832 -65.06 11.89 4.53
C HIS A 4832 -65.19 13.03 3.52
N ASN A 4833 -65.95 12.81 2.43
CA ASN A 4833 -66.11 13.86 1.43
C ASN A 4833 -66.90 15.05 1.96
N GLY A 4834 -68.03 14.80 2.62
CA GLY A 4834 -68.81 15.85 3.25
C GLY A 4834 -69.20 17.05 2.39
N LYS A 4835 -68.54 18.18 2.68
CA LYS A 4835 -68.89 19.52 2.21
C LYS A 4835 -69.31 19.57 0.74
N GLN A 4836 -68.69 18.75 -0.11
CA GLN A 4836 -68.99 18.77 -1.54
C GLN A 4836 -70.44 18.41 -1.81
N LEU A 4837 -71.00 17.49 -1.02
CA LEU A 4837 -72.39 17.08 -1.21
C LEU A 4837 -73.33 18.25 -0.98
N VAL A 4838 -73.13 18.98 0.13
CA VAL A 4838 -73.97 20.13 0.45
C VAL A 4838 -73.79 21.24 -0.59
N MET A 4839 -72.56 21.43 -1.07
CA MET A 4839 -72.33 22.42 -2.14
C MET A 4839 -73.09 22.02 -3.40
N THR A 4840 -73.16 20.72 -3.71
CA THR A 4840 -73.90 20.26 -4.87
C THR A 4840 -75.40 20.50 -4.70
N VAL A 4841 -75.93 20.30 -3.49
CA VAL A 4841 -77.36 20.61 -3.26
C VAL A 4841 -77.61 22.11 -3.40
N GLY A 4842 -76.67 22.94 -2.95
CA GLY A 4842 -76.80 24.37 -3.16
C GLY A 4842 -76.80 24.75 -4.64
N LEU A 4843 -75.94 24.11 -5.41
CA LEU A 4843 -75.92 24.32 -6.86
C LEU A 4843 -77.23 23.89 -7.50
N LEU A 4844 -77.79 22.76 -7.03
CA LEU A 4844 -79.09 22.30 -7.53
C LEU A 4844 -80.19 23.31 -7.22
N ALA A 4845 -80.18 23.84 -6.00
CA ALA A 4845 -81.20 24.82 -5.63
C ALA A 4845 -81.09 26.08 -6.48
N VAL A 4846 -79.87 26.56 -6.71
CA VAL A 4846 -79.71 27.78 -7.49
C VAL A 4846 -80.08 27.54 -8.96
N VAL A 4847 -79.78 26.35 -9.50
CA VAL A 4847 -80.14 26.09 -10.89
C VAL A 4847 -81.65 25.92 -11.04
N VAL A 4848 -82.32 25.34 -10.03
CA VAL A 4848 -83.77 25.23 -10.09
C VAL A 4848 -84.42 26.61 -10.00
N TYR A 4849 -83.88 27.51 -9.17
CA TYR A 4849 -84.41 28.87 -9.12
C TYR A 4849 -84.21 29.59 -10.46
N LEU A 4850 -83.04 29.40 -11.08
CA LEU A 4850 -82.78 30.02 -12.38
C LEU A 4850 -83.74 29.52 -13.44
N TYR A 4851 -84.02 28.20 -13.45
CA TYR A 4851 -85.02 27.67 -14.36
C TYR A 4851 -86.42 28.17 -14.03
N THR A 4852 -86.70 28.40 -12.74
CA THR A 4852 -88.01 28.87 -12.32
C THR A 4852 -88.29 30.28 -12.84
N VAL A 4853 -87.26 31.12 -12.92
CA VAL A 4853 -87.44 32.47 -13.46
C VAL A 4853 -87.91 32.43 -14.91
N VAL A 4854 -87.20 31.65 -15.74
CA VAL A 4854 -87.57 31.50 -17.15
C VAL A 4854 -88.94 30.84 -17.28
N ALA A 4855 -89.21 29.85 -16.41
CA ALA A 4855 -90.50 29.19 -16.40
C ALA A 4855 -91.63 30.16 -16.09
N PHE A 4856 -91.40 31.06 -15.14
CA PHE A 4856 -92.38 32.12 -14.83
C PHE A 4856 -92.62 33.01 -16.03
N ASN A 4857 -91.56 33.38 -16.75
CA ASN A 4857 -91.71 34.37 -17.82
C ASN A 4857 -92.64 33.96 -18.96
N PHE A 4858 -92.24 32.95 -19.75
CA PHE A 4858 -93.02 32.63 -20.95
C PHE A 4858 -94.01 31.50 -20.72
N PHE A 4859 -93.61 30.46 -20.00
CA PHE A 4859 -94.28 29.16 -20.05
C PHE A 4859 -95.49 29.09 -19.12
N ARG A 4860 -96.01 30.25 -18.72
CA ARG A 4860 -97.14 30.34 -17.80
C ARG A 4860 -98.36 29.58 -18.31
N LYS A 4861 -98.66 29.72 -19.60
CA LYS A 4861 -99.83 29.07 -20.17
C LYS A 4861 -99.69 27.55 -20.16
N PHE A 4862 -98.46 27.05 -20.35
CA PHE A 4862 -98.24 25.61 -20.29
C PHE A 4862 -98.34 25.08 -18.86
N TYR A 4863 -97.89 25.87 -17.88
CA TYR A 4863 -97.75 25.36 -16.51
C TYR A 4863 -99.09 24.97 -15.87
N ASN A 4864 -100.21 25.53 -16.35
CA ASN A 4864 -101.49 25.26 -15.69
C ASN A 4864 -102.03 23.87 -16.01
N LYS A 4865 -101.36 22.84 -15.49
CA LYS A 4865 -101.70 21.47 -15.84
C LYS A 4865 -103.07 21.04 -15.32
N SER A 4866 -103.39 21.39 -14.07
CA SER A 4866 -104.45 20.70 -13.34
C SER A 4866 -105.84 21.06 -13.83
N GLU A 4867 -106.72 20.05 -13.84
CA GLU A 4867 -108.17 20.15 -13.92
C GLU A 4867 -108.69 20.41 -15.33
N ASP A 4868 -110.02 20.40 -15.48
CA ASP A 4868 -110.69 20.61 -16.76
C ASP A 4868 -111.86 21.57 -16.56
N GLU A 4869 -112.19 22.31 -17.61
CA GLU A 4869 -113.33 23.24 -17.65
C GLU A 4869 -113.15 24.27 -16.54
N ASP A 4870 -114.09 24.41 -15.61
CA ASP A 4870 -113.98 25.42 -14.57
C ASP A 4870 -112.80 25.11 -13.64
N GLU A 4871 -112.19 26.18 -13.15
CA GLU A 4871 -111.04 26.16 -12.24
C GLU A 4871 -109.86 25.34 -12.77
N PRO A 4872 -109.28 25.67 -13.93
CA PRO A 4872 -107.93 25.17 -14.21
C PRO A 4872 -106.96 25.78 -13.20
N ASP A 4873 -105.99 24.99 -12.76
CA ASP A 4873 -105.07 25.41 -11.73
C ASP A 4873 -103.68 25.62 -12.31
N MET A 4874 -103.12 26.80 -12.08
CA MET A 4874 -101.75 27.13 -12.45
C MET A 4874 -100.94 27.21 -11.16
N LYS A 4875 -100.02 26.26 -10.99
CA LYS A 4875 -99.06 26.36 -9.89
C LYS A 4875 -98.14 27.55 -10.08
N CYS A 4876 -97.73 27.82 -11.32
CA CYS A 4876 -96.78 28.89 -11.61
C CYS A 4876 -97.54 30.19 -11.90
N ASP A 4877 -98.24 30.67 -10.87
CA ASP A 4877 -98.79 32.02 -10.87
C ASP A 4877 -98.10 32.95 -9.88
N ASP A 4878 -97.41 32.40 -8.89
CA ASP A 4878 -96.45 33.13 -8.09
C ASP A 4878 -95.18 32.31 -8.08
N MET A 4879 -94.03 32.97 -8.11
CA MET A 4879 -92.79 32.22 -8.27
C MET A 4879 -92.46 31.43 -7.01
N MET A 4880 -92.98 31.84 -5.86
CA MET A 4880 -92.92 30.99 -4.67
C MET A 4880 -93.54 29.62 -4.91
N THR A 4881 -94.80 29.60 -5.37
CA THR A 4881 -95.48 28.33 -5.63
C THR A 4881 -94.85 27.59 -6.80
N CYS A 4882 -94.37 28.34 -7.80
CA CYS A 4882 -93.65 27.73 -8.91
C CYS A 4882 -92.37 27.05 -8.44
N TYR A 4883 -91.61 27.69 -7.56
CA TYR A 4883 -90.36 27.13 -7.07
C TYR A 4883 -90.62 25.90 -6.21
N LEU A 4884 -91.62 25.98 -5.31
CA LEU A 4884 -91.93 24.84 -4.46
C LEU A 4884 -92.49 23.68 -5.29
N PHE A 4885 -93.40 23.96 -6.22
CA PHE A 4885 -93.95 22.93 -7.10
C PHE A 4885 -92.86 22.31 -7.96
N HIS A 4886 -91.96 23.13 -8.50
CA HIS A 4886 -90.84 22.70 -9.32
C HIS A 4886 -89.97 21.72 -8.54
N MET A 4887 -89.40 22.18 -7.42
CA MET A 4887 -88.57 21.31 -6.59
C MET A 4887 -89.31 20.03 -6.26
N TYR A 4888 -90.46 20.16 -5.58
CA TYR A 4888 -91.26 19.08 -5.01
C TYR A 4888 -91.59 18.00 -6.03
N VAL A 4889 -92.30 18.34 -7.10
CA VAL A 4889 -92.74 17.29 -8.01
C VAL A 4889 -91.67 16.97 -9.05
N GLY A 4890 -90.98 17.99 -9.58
CA GLY A 4890 -90.08 17.74 -10.70
C GLY A 4890 -88.83 16.97 -10.30
N VAL A 4891 -88.19 17.38 -9.19
CA VAL A 4891 -86.97 16.70 -8.77
C VAL A 4891 -87.30 15.26 -8.35
N ARG A 4892 -88.42 15.08 -7.66
CA ARG A 4892 -88.85 13.76 -7.22
C ARG A 4892 -89.21 12.86 -8.40
N ALA A 4893 -89.78 13.45 -9.46
CA ALA A 4893 -90.35 12.66 -10.57
C ALA A 4893 -89.28 11.84 -11.27
N GLY A 4894 -88.19 12.49 -11.70
CA GLY A 4894 -87.09 11.81 -12.34
C GLY A 4894 -87.20 11.70 -13.84
N GLY A 4895 -88.39 11.88 -14.40
CA GLY A 4895 -88.59 11.92 -15.83
C GLY A 4895 -88.50 13.30 -16.44
N GLY A 4896 -88.27 14.31 -15.62
CA GLY A 4896 -88.23 15.69 -16.06
C GLY A 4896 -89.50 16.45 -15.72
N ILE A 4897 -89.41 17.77 -15.86
CA ILE A 4897 -90.53 18.64 -15.55
C ILE A 4897 -91.66 18.44 -16.55
N GLY A 4898 -91.32 18.03 -17.77
CA GLY A 4898 -92.29 17.99 -18.85
C GLY A 4898 -93.44 17.00 -18.62
N ASP A 4899 -93.19 15.96 -17.81
CA ASP A 4899 -94.22 14.96 -17.56
C ASP A 4899 -95.44 15.56 -16.88
N GLU A 4900 -95.23 16.49 -15.94
CA GLU A 4900 -96.36 17.15 -15.30
C GLU A 4900 -97.02 18.16 -16.24
N ILE A 4901 -96.20 18.91 -16.98
CA ILE A 4901 -96.72 19.94 -17.86
C ILE A 4901 -97.52 19.31 -19.00
N GLU A 4902 -98.56 20.01 -19.44
CA GLU A 4902 -99.33 19.58 -20.61
C GLU A 4902 -98.44 19.58 -21.85
N ASP A 4903 -98.65 18.58 -22.71
CA ASP A 4903 -97.79 18.42 -23.88
C ASP A 4903 -97.98 19.59 -24.84
N PRO A 4904 -96.88 20.20 -25.32
CA PRO A 4904 -96.97 21.34 -26.26
C PRO A 4904 -97.04 20.88 -27.72
N ALA A 4905 -98.22 20.36 -28.10
CA ALA A 4905 -98.43 19.96 -29.48
C ALA A 4905 -98.45 21.15 -30.42
N GLY A 4906 -98.92 22.30 -29.92
CA GLY A 4906 -99.06 23.48 -30.78
C GLY A 4906 -97.72 23.99 -31.26
N ASP A 4907 -97.72 24.56 -32.46
CA ASP A 4907 -96.48 25.02 -33.08
C ASP A 4907 -95.86 26.18 -32.29
N GLU A 4908 -96.69 27.07 -31.76
CA GLU A 4908 -96.18 28.19 -30.97
C GLU A 4908 -95.53 27.67 -29.69
N TYR A 4909 -94.31 28.13 -29.42
CA TYR A 4909 -93.47 27.82 -28.27
C TYR A 4909 -93.01 26.37 -28.26
N GLU A 4910 -93.33 25.57 -29.28
CA GLU A 4910 -92.97 24.15 -29.32
C GLU A 4910 -91.47 23.93 -29.15
N LEU A 4911 -90.65 24.58 -29.98
CA LEU A 4911 -89.21 24.35 -29.94
C LEU A 4911 -88.58 24.85 -28.65
N TYR A 4912 -89.02 26.02 -28.17
CA TYR A 4912 -88.47 26.55 -26.93
C TYR A 4912 -88.85 25.69 -25.73
N ARG A 4913 -90.09 25.21 -25.70
CA ARG A 4913 -90.52 24.25 -24.68
C ARG A 4913 -89.69 22.98 -24.70
N VAL A 4914 -89.55 22.39 -25.89
CA VAL A 4914 -88.81 21.13 -26.03
C VAL A 4914 -87.37 21.31 -25.56
N VAL A 4915 -86.73 22.40 -26.00
CA VAL A 4915 -85.35 22.69 -25.60
C VAL A 4915 -85.28 22.88 -24.08
N PHE A 4916 -86.25 23.58 -23.50
CA PHE A 4916 -86.32 23.79 -22.06
C PHE A 4916 -86.31 22.47 -21.30
N ASP A 4917 -87.29 21.60 -21.57
CA ASP A 4917 -87.37 20.36 -20.79
C ASP A 4917 -86.15 19.48 -21.02
N ILE A 4918 -85.70 19.35 -22.28
CA ILE A 4918 -84.66 18.38 -22.57
C ILE A 4918 -83.32 18.86 -21.98
N THR A 4919 -83.05 20.17 -22.03
CA THR A 4919 -81.79 20.67 -21.49
C THR A 4919 -81.82 20.65 -19.96
N PHE A 4920 -83.00 20.89 -19.35
CA PHE A 4920 -83.09 20.74 -17.90
C PHE A 4920 -82.86 19.30 -17.49
N PHE A 4921 -83.41 18.36 -18.26
CA PHE A 4921 -83.23 16.93 -17.99
C PHE A 4921 -81.76 16.53 -18.04
N PHE A 4922 -81.06 16.85 -19.15
CA PHE A 4922 -79.65 16.48 -19.25
C PHE A 4922 -78.79 17.23 -18.23
N PHE A 4923 -78.98 18.53 -18.07
CA PHE A 4923 -78.07 19.33 -17.25
C PHE A 4923 -78.25 18.96 -15.77
N VAL A 4924 -79.49 18.92 -15.29
CA VAL A 4924 -79.71 18.84 -13.85
C VAL A 4924 -79.83 17.39 -13.38
N ILE A 4925 -80.83 16.68 -13.92
CA ILE A 4925 -81.26 15.37 -13.38
C ILE A 4925 -80.14 14.34 -13.41
N VAL A 4926 -79.55 14.10 -14.58
CA VAL A 4926 -78.61 12.99 -14.73
C VAL A 4926 -77.24 13.36 -14.17
N ILE A 4927 -76.79 14.59 -14.39
CA ILE A 4927 -75.38 14.93 -14.16
C ILE A 4927 -75.09 15.04 -12.66
N LEU A 4928 -75.89 15.83 -11.95
CA LEU A 4928 -75.56 16.19 -10.57
C LEU A 4928 -75.66 14.99 -9.63
N LEU A 4929 -76.70 14.17 -9.79
CA LEU A 4929 -76.86 13.02 -8.92
C LEU A 4929 -75.75 12.01 -9.15
N ALA A 4930 -75.27 11.91 -10.39
CA ALA A 4930 -74.09 11.11 -10.69
C ALA A 4930 -72.86 11.63 -9.98
N ILE A 4931 -72.74 12.96 -9.86
CA ILE A 4931 -71.65 13.55 -9.09
C ILE A 4931 -71.71 13.11 -7.64
N ILE A 4932 -72.92 13.10 -7.06
CA ILE A 4932 -73.10 12.67 -5.67
C ILE A 4932 -72.66 11.21 -5.50
N GLN A 4933 -73.14 10.34 -6.40
CA GLN A 4933 -72.80 8.93 -6.34
C GLN A 4933 -71.30 8.71 -6.50
N GLY A 4934 -70.68 9.43 -7.44
CA GLY A 4934 -69.25 9.29 -7.67
C GLY A 4934 -68.42 9.77 -6.49
N LEU A 4935 -68.89 10.81 -5.79
CA LEU A 4935 -68.23 11.24 -4.57
C LEU A 4935 -68.18 10.11 -3.54
N ILE A 4936 -69.33 9.45 -3.34
CA ILE A 4936 -69.35 8.33 -2.39
C ILE A 4936 -68.42 7.20 -2.86
N ILE A 4937 -68.48 6.88 -4.15
CA ILE A 4937 -67.70 5.79 -4.71
C ILE A 4937 -66.21 6.06 -4.52
N ASP A 4938 -65.77 7.29 -4.81
CA ASP A 4938 -64.36 7.61 -4.69
C ASP A 4938 -63.92 7.67 -3.23
N ALA A 4939 -64.83 8.02 -2.32
CA ALA A 4939 -64.49 7.98 -0.90
C ALA A 4939 -64.14 6.56 -0.47
N PHE A 4940 -64.90 5.56 -0.96
CA PHE A 4940 -64.58 4.16 -0.66
C PHE A 4940 -63.14 3.81 -1.07
N GLY A 4941 -62.78 4.13 -2.32
CA GLY A 4941 -61.46 3.81 -2.81
C GLY A 4941 -60.35 4.56 -2.10
N GLU A 4942 -60.64 5.82 -1.72
CA GLU A 4942 -59.64 6.61 -0.99
C GLU A 4942 -59.34 5.98 0.36
N LEU A 4943 -60.38 5.55 1.09
CA LEU A 4943 -60.13 4.88 2.37
C LEU A 4943 -59.34 3.59 2.19
N ARG A 4944 -59.69 2.80 1.17
CA ARG A 4944 -58.96 1.57 0.89
C ARG A 4944 -57.48 1.85 0.61
N ASP A 4945 -57.21 2.89 -0.19
CA ASP A 4945 -55.84 3.23 -0.56
C ASP A 4945 -55.05 3.70 0.66
N GLN A 4946 -55.68 4.48 1.54
CA GLN A 4946 -54.99 4.90 2.76
C GLN A 4946 -54.57 3.69 3.60
N GLN A 4947 -55.48 2.72 3.77
CA GLN A 4947 -55.13 1.53 4.55
C GLN A 4947 -53.99 0.74 3.90
N GLU A 4948 -54.07 0.56 2.58
CA GLU A 4948 -53.04 -0.19 1.86
C GLU A 4948 -51.67 0.49 2.03
N GLN A 4949 -51.63 1.82 1.86
CA GLN A 4949 -50.38 2.54 1.97
C GLN A 4949 -49.80 2.46 3.38
N VAL A 4950 -50.64 2.60 4.41
CA VAL A 4950 -50.13 2.57 5.78
C VAL A 4950 -49.54 1.19 6.09
N LYS A 4951 -50.22 0.11 5.68
CA LYS A 4951 -49.69 -1.23 5.93
C LYS A 4951 -48.38 -1.46 5.19
N GLU A 4952 -48.32 -1.06 3.91
CA GLU A 4952 -47.11 -1.31 3.13
C GLU A 4952 -45.92 -0.54 3.68
N ASP A 4953 -46.14 0.74 4.03
CA ASP A 4953 -45.04 1.56 4.51
C ASP A 4953 -44.53 1.10 5.88
N MET A 4954 -45.44 0.68 6.78
CA MET A 4954 -44.98 0.10 8.04
C MET A 4954 -44.20 -1.20 7.81
N GLU A 4955 -44.62 -1.99 6.82
CA GLU A 4955 -43.85 -3.19 6.49
C GLU A 4955 -42.43 -2.83 6.07
N THR A 4956 -42.28 -1.96 5.06
CA THR A 4956 -40.94 -1.70 4.53
C THR A 4956 -40.04 -0.87 5.45
N LYS A 4957 -40.46 0.35 5.82
CA LYS A 4957 -39.48 1.38 6.16
C LYS A 4957 -38.79 1.14 7.51
N CYS A 4958 -39.56 0.69 8.52
CA CYS A 4958 -39.19 0.50 9.94
C CYS A 4958 -39.40 1.83 10.66
N PHE A 4959 -39.70 1.78 11.95
CA PHE A 4959 -40.20 2.97 12.65
C PHE A 4959 -39.10 3.79 13.32
N ILE A 4960 -38.36 3.17 14.25
CA ILE A 4960 -37.41 3.92 15.07
C ILE A 4960 -36.22 4.39 14.24
N CYS A 4961 -35.68 3.53 13.39
CA CYS A 4961 -34.52 3.85 12.56
C CYS A 4961 -34.98 3.99 11.11
N GLY A 4962 -34.54 5.07 10.47
CA GLY A 4962 -34.87 5.32 9.07
C GLY A 4962 -34.24 4.35 8.09
N ILE A 4963 -33.31 3.50 8.55
CA ILE A 4963 -32.68 2.53 7.67
C ILE A 4963 -33.74 1.53 7.17
N GLY A 4964 -33.67 1.22 5.88
CA GLY A 4964 -34.67 0.39 5.24
C GLY A 4964 -34.54 -1.08 5.58
N SER A 4965 -35.36 -1.88 4.90
CA SER A 4965 -35.42 -3.31 5.16
C SER A 4965 -34.47 -4.09 4.26
N ASP A 4966 -34.12 -3.55 3.09
CA ASP A 4966 -33.28 -4.26 2.13
C ASP A 4966 -31.91 -4.59 2.70
N TYR A 4967 -31.29 -3.62 3.39
CA TYR A 4967 -29.98 -3.86 3.99
C TYR A 4967 -30.06 -4.88 5.12
N PHE A 4968 -31.15 -4.86 5.89
CA PHE A 4968 -31.33 -5.84 6.96
C PHE A 4968 -31.65 -7.24 6.43
N ASP A 4969 -32.19 -7.33 5.22
CA ASP A 4969 -32.72 -8.61 4.74
C ASP A 4969 -31.61 -9.58 4.33
N THR A 4970 -30.42 -9.06 4.01
CA THR A 4970 -29.27 -9.86 3.60
C THR A 4970 -29.02 -11.06 4.51
N THR A 4971 -28.85 -10.81 5.79
CA THR A 4971 -28.77 -11.91 6.75
C THR A 4971 -30.13 -12.59 6.84
N PRO A 4972 -30.18 -13.95 6.85
CA PRO A 4972 -31.43 -14.70 7.00
C PRO A 4972 -32.36 -14.18 8.10
N HIS A 4973 -33.59 -13.80 7.72
CA HIS A 4973 -34.60 -13.18 8.60
C HIS A 4973 -34.01 -12.05 9.45
N GLY A 4974 -33.09 -11.30 8.85
CA GLY A 4974 -32.41 -10.22 9.56
C GLY A 4974 -33.35 -9.12 9.99
N PHE A 4975 -34.25 -8.70 9.10
CA PHE A 4975 -35.20 -7.64 9.43
C PHE A 4975 -36.10 -8.05 10.58
N GLU A 4976 -36.68 -9.25 10.50
CA GLU A 4976 -37.59 -9.72 11.54
C GLU A 4976 -36.85 -9.82 12.87
N THR A 4977 -35.64 -10.37 12.86
CA THR A 4977 -34.86 -10.46 14.09
C THR A 4977 -34.52 -9.08 14.64
N HIS A 4978 -34.16 -8.15 13.76
CA HIS A 4978 -33.82 -6.79 14.19
C HIS A 4978 -34.99 -6.10 14.87
N THR A 4979 -36.18 -6.16 14.25
CA THR A 4979 -37.34 -5.51 14.88
C THR A 4979 -37.77 -6.23 16.15
N LEU A 4980 -37.68 -7.56 16.18
CA LEU A 4980 -38.08 -8.30 17.38
C LEU A 4980 -37.16 -8.01 18.56
N GLU A 4981 -35.85 -7.92 18.30
CA GLU A 4981 -34.87 -7.79 19.37
C GLU A 4981 -34.66 -6.35 19.83
N GLU A 4982 -34.21 -5.48 18.92
CA GLU A 4982 -33.88 -4.10 19.25
C GLU A 4982 -34.83 -3.14 18.53
N HIS A 4983 -34.80 -1.88 18.98
CA HIS A 4983 -35.65 -0.81 18.43
C HIS A 4983 -37.11 -1.22 18.36
N ASN A 4984 -37.60 -1.84 19.43
CA ASN A 4984 -38.96 -2.33 19.51
C ASN A 4984 -39.82 -1.30 20.23
N LEU A 4985 -40.89 -0.89 19.58
CA LEU A 4985 -41.83 0.06 20.15
C LEU A 4985 -42.53 -0.51 21.37
N ALA A 4986 -42.30 0.18 22.50
CA ALA A 4986 -42.70 -0.03 23.89
C ALA A 4986 -41.62 -0.70 24.74
N ASN A 4987 -40.53 -1.18 24.13
CA ASN A 4987 -39.33 -1.41 24.92
C ASN A 4987 -38.78 -0.09 25.43
N TYR A 4988 -38.82 0.95 24.61
CA TYR A 4988 -38.50 2.30 25.07
C TYR A 4988 -39.48 2.76 26.13
N MET A 4989 -40.76 2.39 26.00
CA MET A 4989 -41.75 2.78 27.00
C MET A 4989 -41.50 2.07 28.33
N PHE A 4990 -41.08 0.80 28.28
CA PHE A 4990 -40.63 0.12 29.49
C PHE A 4990 -39.39 0.77 30.08
N PHE A 4991 -38.48 1.27 29.23
CA PHE A 4991 -37.36 2.04 29.73
C PHE A 4991 -37.82 3.30 30.44
N LEU A 4992 -38.84 3.97 29.89
CA LEU A 4992 -39.36 5.16 30.53
C LEU A 4992 -39.98 4.84 31.89
N MET A 4993 -40.72 3.73 31.98
CA MET A 4993 -41.25 3.32 33.27
C MET A 4993 -40.14 2.98 34.26
N TYR A 4994 -39.10 2.30 33.78
CA TYR A 4994 -37.97 1.95 34.64
C TYR A 4994 -37.26 3.20 35.16
N LEU A 4995 -37.04 4.18 34.28
CA LEU A 4995 -36.40 5.42 34.67
C LEU A 4995 -37.26 6.23 35.63
N ILE A 4996 -38.58 6.26 35.39
CA ILE A 4996 -39.50 6.98 36.26
C ILE A 4996 -39.51 6.35 37.66
N ASN A 4997 -39.56 5.02 37.71
CA ASN A 4997 -39.69 4.33 38.98
C ASN A 4997 -38.38 4.29 39.76
N LYS A 4998 -37.25 4.18 39.06
CA LYS A 4998 -35.96 4.03 39.73
C LYS A 4998 -35.57 5.30 40.48
N ASP A 4999 -34.88 5.10 41.61
CA ASP A 4999 -34.39 6.22 42.39
C ASP A 4999 -33.25 6.93 41.66
N GLU A 5000 -33.18 8.25 41.85
CA GLU A 5000 -32.18 9.06 41.15
C GLU A 5000 -30.76 8.68 41.57
N THR A 5001 -30.55 8.41 42.87
CA THR A 5001 -29.22 8.13 43.38
C THR A 5001 -28.66 6.79 42.91
N GLU A 5002 -29.47 5.92 42.33
CA GLU A 5002 -29.03 4.61 41.87
C GLU A 5002 -28.88 4.53 40.36
N HIS A 5003 -29.05 5.64 39.64
CA HIS A 5003 -28.97 5.62 38.18
C HIS A 5003 -27.56 5.33 37.70
N THR A 5004 -27.46 4.53 36.64
CA THR A 5004 -26.23 4.40 35.88
C THR A 5004 -26.00 5.68 35.06
N GLY A 5005 -24.78 5.82 34.53
CA GLY A 5005 -24.45 7.02 33.78
C GLY A 5005 -25.29 7.20 32.54
N GLN A 5006 -25.51 6.12 31.78
CA GLN A 5006 -26.31 6.23 30.56
C GLN A 5006 -27.76 6.57 30.88
N GLU A 5007 -28.32 5.93 31.92
CA GLU A 5007 -29.70 6.21 32.32
C GLU A 5007 -29.85 7.64 32.81
N SER A 5008 -28.88 8.15 33.56
CA SER A 5008 -28.92 9.54 34.01
C SER A 5008 -28.80 10.50 32.82
N TYR A 5009 -27.99 10.15 31.83
CA TYR A 5009 -27.82 11.00 30.65
C TYR A 5009 -29.11 11.08 29.84
N VAL A 5010 -29.78 9.92 29.65
CA VAL A 5010 -31.07 9.88 28.98
C VAL A 5010 -32.12 10.63 29.79
N TRP A 5011 -32.09 10.49 31.12
CA TRP A 5011 -32.99 11.24 32.00
C TRP A 5011 -32.79 12.74 31.86
N LYS A 5012 -31.53 13.18 31.77
CA LYS A 5012 -31.23 14.60 31.66
C LYS A 5012 -31.79 15.17 30.36
N MET A 5013 -31.58 14.47 29.24
CA MET A 5013 -32.21 14.95 28.01
C MET A 5013 -33.73 14.82 28.04
N TYR A 5014 -34.27 13.82 28.73
CA TYR A 5014 -35.73 13.70 28.80
C TYR A 5014 -36.33 14.88 29.57
N GLN A 5015 -35.67 15.31 30.65
CA GLN A 5015 -36.12 16.50 31.37
C GLN A 5015 -35.93 17.76 30.52
N GLU A 5016 -34.84 17.81 29.74
CA GLU A 5016 -34.61 18.92 28.83
C GLU A 5016 -35.59 18.93 27.66
N ARG A 5017 -36.26 17.81 27.37
CA ARG A 5017 -37.05 17.59 26.16
C ARG A 5017 -36.19 17.77 24.91
N CYS A 5018 -35.13 16.98 24.85
CA CYS A 5018 -34.30 16.82 23.65
C CYS A 5018 -34.27 15.35 23.27
N TRP A 5019 -34.42 15.07 21.98
CA TRP A 5019 -34.63 13.72 21.49
C TRP A 5019 -33.45 13.22 20.64
N ASP A 5020 -32.23 13.59 21.02
CA ASP A 5020 -31.06 13.13 20.29
C ASP A 5020 -30.78 11.66 20.53
N PHE A 5021 -31.15 11.15 21.72
CA PHE A 5021 -30.75 9.82 22.14
C PHE A 5021 -31.32 8.71 21.27
N PHE A 5022 -32.37 9.00 20.49
CA PHE A 5022 -32.89 8.02 19.55
C PHE A 5022 -31.84 7.74 18.47
N PRO A 5023 -31.84 6.52 17.90
CA PRO A 5023 -30.72 6.12 17.01
C PRO A 5023 -30.55 7.01 15.78
N ALA A 5024 -31.66 7.42 15.15
CA ALA A 5024 -31.65 8.37 14.04
C ALA A 5024 -30.77 7.93 12.88
N GLY A 5025 -30.94 6.68 12.47
CA GLY A 5025 -30.29 6.16 11.27
C GLY A 5025 -29.04 5.33 11.46
N ASP A 5026 -28.74 4.89 12.69
CA ASP A 5026 -27.62 3.98 12.93
C ASP A 5026 -28.11 2.81 13.75
N CYS A 5027 -27.88 1.59 13.24
CA CYS A 5027 -28.45 0.37 13.80
C CYS A 5027 -27.40 -0.51 14.46
N PHE A 5028 -26.21 0.03 14.75
CA PHE A 5028 -25.09 -0.60 15.47
C PHE A 5028 -24.40 -1.65 14.61
N ARG A 5029 -25.13 -2.19 13.62
CA ARG A 5029 -24.53 -3.13 12.67
C ARG A 5029 -23.76 -2.38 11.60
N LYS A 5030 -24.29 -1.25 11.16
CA LYS A 5030 -23.56 -0.39 10.23
C LYS A 5030 -22.31 0.18 10.90
N GLN A 5031 -22.41 0.53 12.19
CA GLN A 5031 -21.27 1.10 12.89
C GLN A 5031 -20.15 0.08 13.09
N TYR A 5032 -20.50 -1.14 13.49
CA TYR A 5032 -19.49 -2.17 13.71
C TYR A 5032 -19.43 -3.21 12.58
N GLU A 5033 -19.86 -2.84 11.38
CA GLU A 5033 -19.85 -3.78 10.25
C GLU A 5033 -18.44 -4.01 9.71
N ASP A 5034 -17.50 -3.12 9.99
CA ASP A 5034 -16.12 -3.34 9.55
C ASP A 5034 -15.53 -4.59 10.19
N GLN A 5035 -15.73 -4.76 11.49
CA GLN A 5035 -15.51 -6.05 12.12
C GLN A 5035 -16.67 -6.99 11.79
N LEU A 5036 -16.43 -8.30 11.95
CA LEU A 5036 -17.46 -9.28 11.62
C LEU A 5036 -18.71 -9.10 12.48
N SER A 5037 -18.54 -8.93 13.79
CA SER A 5037 -19.60 -8.57 14.73
C SER A 5037 -20.89 -9.41 14.62
N GLN B 12 20.65 11.19 -30.28
CA GLN B 12 19.93 12.44 -30.04
C GLN B 12 19.77 13.24 -31.33
N PHE B 13 18.53 13.45 -31.74
CA PHE B 13 18.25 14.21 -32.96
C PHE B 13 18.59 15.68 -32.77
N LEU B 14 19.05 16.30 -33.85
CA LEU B 14 19.47 17.69 -33.83
C LEU B 14 18.30 18.61 -34.15
N ARG B 15 18.30 19.78 -33.51
CA ARG B 15 17.25 20.77 -33.71
C ARG B 15 17.83 22.11 -34.12
N THR B 16 16.97 23.11 -34.27
CA THR B 16 17.40 24.46 -34.65
C THR B 16 17.36 25.40 -33.45
N ASP B 17 17.92 26.60 -33.67
CA ASP B 17 18.16 27.59 -32.61
C ASP B 17 19.01 27.01 -31.47
N ASP B 18 19.96 26.15 -31.81
CA ASP B 18 20.86 25.54 -30.84
C ASP B 18 22.30 25.87 -31.21
N GLU B 19 23.10 26.20 -30.19
CA GLU B 19 24.51 26.49 -30.41
C GLU B 19 25.24 25.23 -30.83
N VAL B 20 26.03 25.33 -31.91
CA VAL B 20 26.65 24.19 -32.56
C VAL B 20 28.11 24.53 -32.85
N VAL B 21 29.01 23.57 -32.60
CA VAL B 21 30.41 23.70 -33.00
C VAL B 21 30.81 22.49 -33.82
N LEU B 22 31.87 22.68 -34.60
CA LEU B 22 32.42 21.64 -35.45
C LEU B 22 33.88 21.38 -35.06
N GLN B 23 34.25 20.11 -35.02
CA GLN B 23 35.59 19.70 -34.63
C GLN B 23 36.18 18.77 -35.69
N CYS B 24 37.51 18.75 -35.73
CA CYS B 24 38.24 17.85 -36.62
C CYS B 24 39.35 17.17 -35.85
N SER B 25 39.52 15.88 -36.08
CA SER B 25 40.57 15.08 -35.47
C SER B 25 41.70 14.95 -36.49
N ALA B 26 42.76 15.74 -36.29
CA ALA B 26 43.87 15.75 -37.23
C ALA B 26 45.16 15.96 -36.45
N THR B 27 46.11 15.04 -36.63
CA THR B 27 47.34 15.04 -35.87
C THR B 27 48.55 15.06 -36.79
N VAL B 28 49.61 15.73 -36.33
CA VAL B 28 50.90 15.69 -37.00
C VAL B 28 51.84 14.69 -36.32
N LEU B 29 51.54 14.27 -35.10
CA LEU B 29 52.33 13.31 -34.34
C LEU B 29 51.44 12.11 -33.97
N LYS B 30 51.98 11.22 -33.14
CA LYS B 30 51.23 10.05 -32.70
C LYS B 30 50.00 10.43 -31.90
N GLU B 31 50.13 11.42 -31.02
CA GLU B 31 49.00 11.86 -30.21
C GLU B 31 48.00 12.62 -31.07
N GLN B 32 46.73 12.24 -30.97
CA GLN B 32 45.68 12.86 -31.76
C GLN B 32 45.41 14.28 -31.26
N LEU B 33 45.05 15.15 -32.20
CA LEU B 33 44.73 16.54 -31.89
C LEU B 33 43.32 16.88 -32.36
N LYS B 34 42.58 17.57 -31.50
CA LYS B 34 41.23 18.02 -31.78
C LYS B 34 41.28 19.53 -32.04
N LEU B 35 40.77 19.94 -33.20
CA LEU B 35 40.82 21.33 -33.62
C LEU B 35 39.42 21.84 -33.92
N CYS B 36 39.18 23.11 -33.60
CA CYS B 36 37.89 23.75 -33.82
C CYS B 36 38.11 25.03 -34.63
N LEU B 37 37.31 25.19 -35.69
CA LEU B 37 37.37 26.41 -36.48
C LEU B 37 36.67 27.54 -35.75
N ALA B 38 37.23 28.75 -35.86
CA ALA B 38 36.65 29.90 -35.19
C ALA B 38 36.95 31.15 -36.01
N ALA B 39 36.13 32.18 -35.81
CA ALA B 39 36.26 33.44 -36.52
C ALA B 39 36.33 34.58 -35.52
N GLU B 40 37.36 35.41 -35.63
CA GLU B 40 37.48 36.58 -34.76
C GLU B 40 36.44 37.65 -35.07
N GLY B 41 35.93 37.68 -36.29
CA GLY B 41 34.87 38.62 -36.66
C GLY B 41 35.44 39.96 -37.11
N PHE B 42 35.27 40.98 -36.26
CA PHE B 42 35.75 42.31 -36.58
C PHE B 42 37.27 42.35 -36.58
N GLY B 43 37.83 43.07 -37.56
CA GLY B 43 39.28 43.16 -37.69
C GLY B 43 39.81 42.32 -38.82
N ASN B 44 39.28 41.11 -38.97
CA ASN B 44 39.68 40.22 -40.05
C ASN B 44 38.59 39.18 -40.23
N ARG B 45 38.09 39.04 -41.46
CA ARG B 45 37.01 38.11 -41.76
C ARG B 45 37.46 36.66 -41.85
N LEU B 46 38.76 36.40 -41.83
CA LEU B 46 39.28 35.05 -41.98
C LEU B 46 39.03 34.24 -40.70
N CYS B 47 39.17 32.92 -40.83
CA CYS B 47 38.99 31.99 -39.73
C CYS B 47 40.29 31.27 -39.43
N PHE B 48 40.42 30.81 -38.18
CA PHE B 48 41.62 30.11 -37.74
C PHE B 48 41.23 28.95 -36.83
N LEU B 49 42.19 28.05 -36.62
CA LEU B 49 41.97 26.85 -35.84
C LEU B 49 42.40 27.06 -34.39
N GLU B 50 41.67 26.44 -33.47
CA GLU B 50 41.98 26.46 -32.06
C GLU B 50 42.07 25.03 -31.55
N PRO B 51 43.16 24.66 -30.87
CA PRO B 51 43.27 23.28 -30.37
C PRO B 51 42.62 23.08 -29.02
N THR B 52 41.76 22.08 -28.90
CA THR B 52 41.05 21.80 -27.65
C THR B 52 41.42 20.44 -27.06
N SER B 53 42.45 19.78 -27.59
CA SER B 53 42.85 18.48 -27.07
C SER B 53 43.40 18.60 -25.65
N ASN B 54 44.25 19.59 -25.41
CA ASN B 54 44.88 19.79 -24.10
C ASN B 54 44.06 20.75 -23.23
N ALA B 55 42.78 20.40 -23.06
CA ALA B 55 41.90 21.19 -22.21
C ALA B 55 42.31 21.11 -20.75
N GLN B 56 42.89 19.99 -20.32
CA GLN B 56 43.36 19.85 -18.95
C GLN B 56 44.52 20.81 -18.67
N ASN B 57 45.43 20.98 -19.62
CA ASN B 57 46.61 21.81 -19.40
C ASN B 57 46.31 23.29 -19.65
N VAL B 58 45.75 23.60 -20.81
CA VAL B 58 45.50 25.00 -21.20
C VAL B 58 43.99 25.17 -21.37
N PRO B 59 43.41 26.29 -20.95
CA PRO B 59 41.97 26.48 -21.17
C PRO B 59 41.69 27.17 -22.50
N PRO B 60 40.81 26.59 -23.31
CA PRO B 60 40.42 27.27 -24.55
C PRO B 60 39.29 28.26 -24.32
N ASP B 61 38.91 29.00 -25.35
CA ASP B 61 37.82 29.97 -25.28
C ASP B 61 36.71 29.54 -26.23
N LEU B 62 35.48 29.55 -25.73
CA LEU B 62 34.33 29.09 -26.51
C LEU B 62 33.43 30.22 -26.99
N ALA B 63 33.58 31.43 -26.43
CA ALA B 63 32.73 32.55 -26.85
C ALA B 63 32.98 32.92 -28.31
N ILE B 64 34.24 32.94 -28.73
CA ILE B 64 34.57 33.20 -30.12
C ILE B 64 34.21 32.03 -31.03
N CYS B 65 34.15 30.82 -30.48
CA CYS B 65 33.94 29.62 -31.28
C CYS B 65 32.47 29.19 -31.35
N CYS B 66 31.59 29.82 -30.59
CA CYS B 66 30.17 29.49 -30.64
C CYS B 66 29.57 29.85 -31.99
N PHE B 67 28.81 28.91 -32.57
CA PHE B 67 28.11 29.11 -33.82
C PHE B 67 26.69 28.59 -33.68
N THR B 68 25.78 29.09 -34.52
CA THR B 68 24.41 28.64 -34.52
C THR B 68 23.96 28.42 -35.95
N LEU B 69 22.92 27.61 -36.13
CA LEU B 69 22.34 27.36 -37.44
C LEU B 69 20.94 27.96 -37.50
N GLU B 70 20.58 28.51 -38.65
CA GLU B 70 19.32 29.24 -38.75
C GLU B 70 18.17 28.33 -39.17
N GLN B 71 18.26 27.75 -40.37
CA GLN B 71 17.22 26.85 -40.86
C GLN B 71 17.80 25.95 -41.93
N SER B 72 17.08 24.87 -42.23
CA SER B 72 17.50 23.88 -43.20
C SER B 72 16.46 23.75 -44.30
N LEU B 73 16.94 23.63 -45.54
CA LEU B 73 16.06 23.56 -46.70
C LEU B 73 16.59 22.51 -47.67
N SER B 74 15.71 22.06 -48.56
CA SER B 74 16.09 21.14 -49.62
C SER B 74 16.80 21.89 -50.74
N VAL B 75 17.42 21.13 -51.64
CA VAL B 75 18.19 21.74 -52.73
C VAL B 75 17.25 22.46 -53.71
N ARG B 76 16.10 21.86 -54.02
CA ARG B 76 15.16 22.50 -54.94
C ARG B 76 14.53 23.74 -54.31
N ALA B 77 14.19 23.65 -53.02
CA ALA B 77 13.65 24.80 -52.31
C ALA B 77 14.70 25.92 -52.23
N LEU B 78 15.97 25.55 -52.03
CA LEU B 78 17.05 26.54 -52.04
C LEU B 78 17.17 27.20 -53.40
N GLN B 79 17.06 26.41 -54.48
CA GLN B 79 17.12 26.98 -55.82
C GLN B 79 15.98 27.95 -56.06
N GLU B 80 14.78 27.60 -55.61
CA GLU B 80 13.64 28.51 -55.74
C GLU B 80 13.83 29.78 -54.93
N MET B 81 14.31 29.64 -53.68
CA MET B 81 14.48 30.78 -52.79
C MET B 81 15.62 31.67 -53.25
N LEU B 82 16.55 31.13 -54.05
CA LEU B 82 17.60 31.95 -54.64
C LEU B 82 17.15 32.59 -55.94
N ALA B 83 16.31 31.91 -56.72
CA ALA B 83 15.87 32.45 -58.00
C ALA B 83 14.79 33.53 -57.85
N ASN B 84 13.90 33.40 -56.88
CA ASN B 84 12.80 34.36 -56.75
C ASN B 84 13.27 35.72 -56.24
N GLY B 97 8.92 25.92 -35.35
CA GLY B 97 9.31 25.14 -36.52
C GLY B 97 10.68 24.53 -36.41
N HIS B 98 10.90 23.78 -35.33
CA HIS B 98 12.19 23.12 -35.08
C HIS B 98 12.23 21.79 -35.83
N ARG B 99 12.38 21.89 -37.15
CA ARG B 99 12.47 20.71 -37.99
C ARG B 99 13.79 19.99 -37.77
N THR B 100 13.73 18.66 -37.75
CA THR B 100 14.93 17.86 -37.59
C THR B 100 15.83 17.97 -38.81
N LEU B 101 17.13 17.80 -38.60
CA LEU B 101 18.10 17.90 -39.68
C LEU B 101 18.11 16.61 -40.49
N LEU B 102 18.09 16.75 -41.82
CA LEU B 102 18.07 15.62 -42.74
C LEU B 102 19.28 15.67 -43.67
N TYR B 103 19.73 14.49 -44.09
CA TYR B 103 20.82 14.41 -45.04
C TYR B 103 20.37 14.93 -46.41
N GLY B 104 21.32 15.50 -47.14
CA GLY B 104 21.04 16.10 -48.43
C GLY B 104 20.48 17.50 -48.38
N HIS B 105 20.30 18.06 -47.19
CA HIS B 105 19.75 19.40 -47.02
C HIS B 105 20.87 20.42 -46.83
N ALA B 106 20.51 21.69 -47.03
CA ALA B 106 21.46 22.80 -46.92
C ALA B 106 21.08 23.68 -45.74
N ILE B 107 22.11 24.14 -45.02
CA ILE B 107 21.94 24.91 -43.80
C ILE B 107 22.77 26.19 -43.87
N LEU B 108 22.41 27.13 -43.01
CA LEU B 108 23.04 28.45 -42.92
C LEU B 108 23.56 28.67 -41.51
N LEU B 109 24.78 29.19 -41.42
CA LEU B 109 25.52 29.32 -40.17
C LEU B 109 25.74 30.79 -39.80
N ARG B 110 25.43 31.13 -38.55
CA ARG B 110 25.47 32.48 -38.03
C ARG B 110 26.37 32.50 -36.79
N HIS B 111 27.18 33.55 -36.66
CA HIS B 111 28.09 33.66 -35.53
C HIS B 111 27.34 34.20 -34.31
N ALA B 112 27.65 33.63 -33.15
CA ALA B 112 26.99 34.05 -31.92
C ALA B 112 27.39 35.47 -31.53
N HIS B 113 28.66 35.82 -31.68
CA HIS B 113 29.16 37.14 -31.31
C HIS B 113 29.27 38.09 -32.49
N SER B 114 29.99 37.69 -33.54
CA SER B 114 30.25 38.56 -34.68
C SER B 114 29.00 38.90 -35.47
N ARG B 115 27.92 38.12 -35.30
CA ARG B 115 26.63 38.38 -35.91
C ARG B 115 26.72 38.40 -37.44
N MET B 116 27.58 37.55 -37.99
CA MET B 116 27.76 37.43 -39.43
C MET B 116 27.60 35.98 -39.86
N TYR B 117 27.32 35.79 -41.14
CA TYR B 117 27.08 34.48 -41.71
C TYR B 117 28.38 33.87 -42.24
N LEU B 118 28.63 32.62 -41.88
CA LEU B 118 29.80 31.91 -42.40
C LEU B 118 29.53 31.49 -43.83
N SER B 119 30.47 31.83 -44.73
CA SER B 119 30.29 31.55 -46.15
C SER B 119 31.64 31.58 -46.83
N CYS B 120 31.67 31.00 -48.03
CA CYS B 120 32.88 31.04 -48.86
C CYS B 120 33.10 32.43 -49.43
N LEU B 121 34.37 32.78 -49.63
CA LEU B 121 34.77 34.06 -50.18
C LEU B 121 35.31 33.89 -51.59
N THR B 122 35.01 34.86 -52.46
CA THR B 122 35.47 34.81 -53.84
C THR B 122 36.99 34.90 -53.92
N THR B 123 37.60 35.70 -53.07
CA THR B 123 39.05 35.89 -53.09
C THR B 123 39.78 34.59 -52.73
N SER B 124 40.92 34.36 -53.39
CA SER B 124 41.72 33.17 -53.20
C SER B 124 43.12 33.56 -52.76
N ARG B 125 43.61 32.95 -51.68
CA ARG B 125 44.94 33.22 -51.15
C ARG B 125 45.54 31.90 -50.66
N SER B 126 46.31 31.26 -51.53
CA SER B 126 46.98 30.00 -51.17
C SER B 126 48.30 29.91 -51.90
N MET B 127 49.26 29.22 -51.29
CA MET B 127 50.58 29.00 -51.87
C MET B 127 50.75 27.57 -52.38
N THR B 128 49.65 26.85 -52.59
CA THR B 128 49.69 25.46 -53.02
C THR B 128 49.58 25.31 -54.53
N ASP B 129 49.60 26.42 -55.28
CA ASP B 129 49.46 26.43 -56.74
C ASP B 129 48.18 25.71 -57.18
N LYS B 130 47.10 25.97 -56.46
CA LYS B 130 45.82 25.33 -56.74
C LYS B 130 44.69 26.24 -56.31
N LEU B 131 43.49 25.92 -56.78
CA LEU B 131 42.30 26.67 -56.42
C LEU B 131 42.04 26.54 -54.91
N ALA B 132 41.71 27.67 -54.27
CA ALA B 132 41.47 27.67 -52.83
C ALA B 132 40.03 28.01 -52.48
N PHE B 133 39.56 29.21 -52.83
CA PHE B 133 38.25 29.74 -52.42
C PHE B 133 38.06 29.61 -50.91
N ASP B 134 38.95 30.28 -50.18
CA ASP B 134 38.99 30.16 -48.72
C ASP B 134 37.74 30.82 -48.14
N VAL B 135 37.26 30.26 -47.02
CA VAL B 135 35.95 30.60 -46.45
C VAL B 135 36.12 31.46 -45.21
N GLY B 136 35.11 32.26 -44.93
CA GLY B 136 35.14 33.17 -43.80
C GLY B 136 33.74 33.60 -43.42
N LEU B 137 33.61 34.87 -43.03
CA LEU B 137 32.34 35.44 -42.60
C LEU B 137 31.98 36.64 -43.46
N GLN B 138 30.68 36.85 -43.65
CA GLN B 138 30.17 37.98 -44.41
C GLN B 138 28.96 38.56 -43.70
N GLU B 139 28.71 39.84 -43.97
CA GLU B 139 27.65 40.58 -43.28
C GLU B 139 26.32 40.45 -44.03
N ASP B 140 26.36 40.59 -45.36
CA ASP B 140 25.13 40.61 -46.15
C ASP B 140 24.38 39.30 -46.08
N ALA B 141 23.05 39.39 -46.06
CA ALA B 141 22.17 38.25 -45.86
C ALA B 141 21.86 37.49 -47.14
N THR B 142 22.36 37.95 -48.29
CA THR B 142 22.13 37.24 -49.53
C THR B 142 22.83 35.88 -49.51
N GLY B 143 22.15 34.87 -50.04
CA GLY B 143 22.63 33.50 -49.93
C GLY B 143 23.06 32.87 -51.24
N GLU B 144 23.79 33.61 -52.07
CA GLU B 144 24.28 33.03 -53.32
C GLU B 144 25.34 31.96 -53.05
N ALA B 145 26.18 32.16 -52.04
CA ALA B 145 27.20 31.19 -51.65
C ALA B 145 27.29 31.10 -50.13
N CYS B 146 26.13 31.06 -49.47
CA CYS B 146 26.07 31.12 -48.01
C CYS B 146 25.54 29.84 -47.39
N TRP B 147 25.09 28.88 -48.19
CA TRP B 147 24.48 27.66 -47.70
C TRP B 147 25.41 26.47 -47.90
N TRP B 148 25.45 25.57 -46.93
CA TRP B 148 26.27 24.37 -47.01
C TRP B 148 25.38 23.14 -46.95
N THR B 149 25.54 22.25 -47.92
CA THR B 149 24.74 21.03 -47.98
C THR B 149 25.45 19.89 -47.27
N MET B 150 24.67 18.93 -46.78
CA MET B 150 25.17 17.81 -46.01
C MET B 150 25.14 16.54 -46.83
N HIS B 151 26.20 15.74 -46.72
CA HIS B 151 26.32 14.45 -47.38
C HIS B 151 26.72 13.40 -46.36
N PRO B 152 26.29 12.15 -46.54
CA PRO B 152 26.72 11.07 -45.63
C PRO B 152 28.20 10.78 -45.79
N ALA B 153 28.80 10.30 -44.70
CA ALA B 153 30.23 10.01 -44.65
C ALA B 153 30.55 8.53 -44.64
N SER B 154 29.64 7.69 -44.18
CA SER B 154 29.87 6.25 -44.07
C SER B 154 28.71 5.49 -44.69
N LYS B 155 28.99 4.23 -45.05
CA LYS B 155 27.95 3.36 -45.59
C LYS B 155 26.88 3.00 -44.56
N GLN B 156 27.16 3.23 -43.27
CA GLN B 156 26.17 2.97 -42.22
C GLN B 156 24.94 3.86 -42.34
N ARG B 157 25.07 5.03 -42.93
CA ARG B 157 23.98 6.01 -43.01
C ARG B 157 23.56 6.21 -44.46
N SER B 158 22.28 6.55 -44.63
CA SER B 158 21.71 6.82 -45.94
C SER B 158 20.87 8.08 -45.88
N GLU B 159 20.68 8.69 -47.05
CA GLU B 159 19.89 9.92 -47.14
C GLU B 159 18.43 9.64 -46.83
N GLY B 160 17.78 10.61 -46.17
CA GLY B 160 16.39 10.52 -45.82
C GLY B 160 16.09 10.19 -44.38
N GLU B 161 17.10 9.83 -43.59
CA GLU B 161 16.92 9.51 -42.18
C GLU B 161 17.46 10.63 -41.31
N LYS B 162 16.89 10.74 -40.10
CA LYS B 162 17.32 11.77 -39.17
C LYS B 162 18.75 11.54 -38.70
N VAL B 163 19.48 12.63 -38.53
CA VAL B 163 20.87 12.56 -38.07
C VAL B 163 20.88 12.54 -36.54
N ARG B 164 22.00 12.13 -35.97
CA ARG B 164 22.20 12.08 -34.54
C ARG B 164 23.48 12.82 -34.16
N VAL B 165 23.64 13.06 -32.87
CA VAL B 165 24.84 13.74 -32.38
C VAL B 165 26.05 12.82 -32.54
N GLY B 166 27.19 13.42 -32.83
CA GLY B 166 28.40 12.65 -33.03
C GLY B 166 28.45 11.87 -34.33
N ASP B 167 27.65 12.26 -35.32
CA ASP B 167 27.61 11.58 -36.60
C ASP B 167 28.49 12.31 -37.60
N ASP B 168 29.36 11.55 -38.28
CA ASP B 168 30.26 12.13 -39.25
C ASP B 168 29.49 12.57 -40.50
N LEU B 169 29.96 13.68 -41.10
CA LEU B 169 29.27 14.26 -42.23
C LEU B 169 30.25 15.06 -43.07
N ILE B 170 29.86 15.34 -44.31
CA ILE B 170 30.67 16.09 -45.26
C ILE B 170 29.88 17.32 -45.69
N LEU B 171 30.53 18.48 -45.68
CA LEU B 171 29.91 19.74 -46.08
C LEU B 171 30.49 20.19 -47.42
N VAL B 172 29.61 20.51 -48.36
CA VAL B 172 29.99 20.94 -49.70
C VAL B 172 29.32 22.28 -49.98
N SER B 173 30.08 23.23 -50.51
CA SER B 173 29.52 24.50 -50.94
C SER B 173 28.75 24.31 -52.24
N VAL B 174 27.51 24.79 -52.28
CA VAL B 174 26.68 24.60 -53.47
C VAL B 174 27.18 25.45 -54.63
N SER B 175 27.64 26.67 -54.35
CA SER B 175 28.14 27.53 -55.42
C SER B 175 29.52 27.10 -55.88
N SER B 176 30.39 26.70 -54.95
CA SER B 176 31.76 26.35 -55.31
C SER B 176 31.87 24.93 -55.85
N GLU B 177 31.06 24.00 -55.33
CA GLU B 177 31.18 22.56 -55.60
C GLU B 177 32.54 22.01 -55.18
N ARG B 178 33.08 22.52 -54.08
CA ARG B 178 34.33 22.03 -53.49
C ARG B 178 34.06 21.58 -52.07
N TYR B 179 34.76 20.53 -51.64
CA TYR B 179 34.59 20.01 -50.30
C TYR B 179 35.17 20.97 -49.27
N LEU B 180 34.63 20.92 -48.06
CA LEU B 180 35.19 21.66 -46.92
C LEU B 180 36.34 20.83 -46.36
N HIS B 181 37.54 21.12 -46.84
CA HIS B 181 38.71 20.29 -46.62
C HIS B 181 39.63 20.94 -45.58
N LEU B 182 40.34 20.11 -44.82
CA LEU B 182 41.38 20.56 -43.91
C LEU B 182 42.73 20.34 -44.60
N SER B 183 43.39 21.43 -44.96
CA SER B 183 44.65 21.37 -45.68
C SER B 183 45.81 21.21 -44.71
N THR B 184 46.66 20.22 -44.97
CA THR B 184 47.86 19.95 -44.18
C THR B 184 49.06 20.71 -44.76
N ALA B 185 48.91 22.03 -44.79
CA ALA B 185 49.97 22.90 -45.29
C ALA B 185 51.20 22.85 -44.40
N SER B 186 52.35 23.13 -45.00
CA SER B 186 53.62 23.02 -44.28
C SER B 186 53.70 24.01 -43.12
N GLY B 187 53.21 25.23 -43.31
CA GLY B 187 53.25 26.21 -42.24
C GLY B 187 52.39 25.82 -41.05
N GLU B 188 51.16 25.41 -41.31
CA GLU B 188 50.22 25.03 -40.26
C GLU B 188 49.04 24.31 -40.90
N LEU B 189 48.21 23.70 -40.04
CA LEU B 189 46.99 23.05 -40.50
C LEU B 189 45.90 24.12 -40.67
N GLN B 190 45.29 24.16 -41.85
CA GLN B 190 44.31 25.19 -42.16
C GLN B 190 43.06 24.53 -42.74
N VAL B 191 42.07 25.36 -43.08
CA VAL B 191 40.88 24.91 -43.81
C VAL B 191 40.87 25.59 -45.17
N ASP B 192 40.38 24.86 -46.17
CA ASP B 192 40.35 25.35 -47.54
C ASP B 192 39.26 24.58 -48.28
N ALA B 193 38.88 25.09 -49.46
CA ALA B 193 37.85 24.48 -50.29
C ALA B 193 38.53 23.84 -51.50
N SER B 194 38.86 22.56 -51.38
CA SER B 194 39.55 21.82 -52.42
C SER B 194 38.68 20.65 -52.88
N PHE B 195 39.23 19.85 -53.79
CA PHE B 195 38.52 18.70 -54.34
C PHE B 195 38.60 17.46 -53.46
N MET B 196 39.40 17.50 -52.40
CA MET B 196 39.49 16.38 -51.47
C MET B 196 38.57 16.61 -50.28
N GLN B 197 38.04 15.51 -49.74
CA GLN B 197 37.10 15.57 -48.62
C GLN B 197 37.82 15.29 -47.31
N THR B 198 37.32 15.91 -46.24
CA THR B 198 37.89 15.77 -44.91
C THR B 198 36.78 15.47 -43.91
N LEU B 199 37.06 14.54 -43.00
CA LEU B 199 36.10 14.14 -41.99
C LEU B 199 35.90 15.25 -40.96
N TRP B 200 34.68 15.34 -40.43
CA TRP B 200 34.32 16.38 -39.48
C TRP B 200 33.32 15.82 -38.47
N ASN B 201 33.21 16.50 -37.33
CA ASN B 201 32.28 16.11 -36.28
C ASN B 201 31.50 17.34 -35.83
N MET B 202 30.22 17.12 -35.50
CA MET B 202 29.32 18.18 -35.08
C MET B 202 28.85 17.92 -33.65
N ASN B 203 28.91 18.95 -32.80
CA ASN B 203 28.48 18.80 -31.41
C ASN B 203 27.76 20.05 -30.93
N PRO B 204 26.61 19.89 -30.27
CA PRO B 204 25.89 21.04 -29.72
C PRO B 204 26.35 21.40 -28.32
N ILE B 205 26.00 22.62 -27.91
CA ILE B 205 26.32 23.15 -26.59
C ILE B 205 25.07 23.27 -25.74
N CYS B 206 24.03 23.94 -26.25
CA CYS B 206 22.83 24.17 -25.47
C CYS B 206 21.63 24.25 -26.41
N SER B 207 20.45 24.15 -25.82
CA SER B 207 19.17 24.24 -26.51
C SER B 207 18.41 25.46 -25.98
N CYS B 208 17.14 25.56 -26.35
CA CYS B 208 16.30 26.64 -25.85
C CYS B 208 16.20 26.57 -24.32
N CYS B 209 16.40 27.71 -23.68
CA CYS B 209 16.43 27.81 -22.22
C CYS B 209 15.24 28.62 -21.74
N GLU B 210 14.53 28.07 -20.75
CA GLU B 210 13.39 28.77 -20.17
C GLU B 210 13.85 30.00 -19.41
N GLU B 211 12.99 31.03 -19.41
CA GLU B 211 13.37 32.33 -18.89
C GLU B 211 13.51 32.30 -17.38
N GLY B 212 14.29 33.24 -16.85
CA GLY B 212 14.44 33.36 -15.41
C GLY B 212 15.36 32.33 -14.80
N TYR B 213 16.05 31.51 -15.59
CA TYR B 213 16.80 30.38 -15.09
C TYR B 213 18.25 30.50 -15.53
N VAL B 214 19.17 30.07 -14.68
CA VAL B 214 20.59 30.32 -14.89
C VAL B 214 21.15 29.28 -15.85
N THR B 215 21.91 29.75 -16.84
CA THR B 215 22.64 28.87 -17.75
C THR B 215 24.06 29.38 -17.93
N GLY B 216 24.98 28.46 -18.24
CA GLY B 216 26.38 28.81 -18.38
C GLY B 216 26.73 29.36 -19.76
N GLY B 217 27.94 29.94 -19.83
CA GLY B 217 28.48 30.44 -21.08
C GLY B 217 28.00 31.80 -21.52
N HIS B 218 27.22 32.50 -20.70
CA HIS B 218 26.68 33.81 -21.03
C HIS B 218 27.05 34.72 -19.87
N VAL B 219 27.57 35.91 -20.18
CA VAL B 219 28.09 36.81 -19.16
C VAL B 219 26.97 37.30 -18.25
N LEU B 220 27.36 37.74 -17.05
CA LEU B 220 26.41 38.06 -16.00
C LEU B 220 27.03 39.05 -15.03
N ARG B 221 26.22 39.49 -14.07
CA ARG B 221 26.62 40.43 -13.03
C ARG B 221 26.30 39.80 -11.68
N LEU B 222 27.30 39.21 -11.04
CA LEU B 222 27.17 38.74 -9.67
C LEU B 222 27.73 39.79 -8.74
N PHE B 223 27.05 40.01 -7.61
CA PHE B 223 27.53 41.06 -6.73
C PHE B 223 27.13 40.79 -5.29
N HIS B 224 27.97 41.26 -4.37
CA HIS B 224 27.76 41.09 -2.94
C HIS B 224 26.76 42.13 -2.45
N GLY B 225 26.01 41.77 -1.41
CA GLY B 225 25.08 42.70 -0.82
C GLY B 225 23.82 42.87 -1.65
N HIS B 226 22.99 43.82 -1.22
CA HIS B 226 21.72 44.09 -1.86
C HIS B 226 21.60 45.51 -2.38
N MET B 227 21.93 46.51 -1.56
CA MET B 227 21.72 47.92 -1.92
C MET B 227 22.58 48.35 -3.11
N ASP B 228 23.89 48.44 -2.91
CA ASP B 228 24.81 48.81 -3.99
C ASP B 228 26.20 48.37 -3.60
N GLU B 229 26.75 47.40 -4.33
CA GLU B 229 28.08 46.85 -4.11
C GLU B 229 28.39 45.92 -5.26
N CYS B 230 29.66 45.90 -5.68
CA CYS B 230 30.09 45.05 -6.78
C CYS B 230 31.54 44.66 -6.58
N LEU B 231 31.95 43.59 -7.27
CA LEU B 231 33.35 43.17 -7.30
C LEU B 231 33.84 43.25 -8.74
N THR B 232 34.87 44.06 -8.97
CA THR B 232 35.47 44.22 -10.29
C THR B 232 36.98 44.20 -10.12
N ILE B 233 37.68 44.61 -11.17
CA ILE B 233 39.12 44.83 -11.14
C ILE B 233 39.34 46.33 -11.23
N SER B 234 40.43 46.81 -10.62
CA SER B 234 40.74 48.23 -10.58
C SER B 234 40.89 48.80 -12.00
N ALA B 235 40.67 50.10 -12.12
CA ALA B 235 40.67 50.74 -13.43
C ALA B 235 42.06 50.77 -14.04
N ALA B 236 42.11 51.21 -15.30
CA ALA B 236 43.38 51.32 -16.01
C ALA B 236 44.25 52.41 -15.40
N ASP B 237 45.57 52.21 -15.50
CA ASP B 237 46.58 53.13 -14.95
C ASP B 237 46.37 53.37 -13.46
N SER B 238 46.07 52.32 -12.72
CA SER B 238 45.89 52.39 -11.28
C SER B 238 47.16 52.08 -10.49
N ASP B 239 48.29 51.90 -11.19
CA ASP B 239 49.63 51.65 -10.65
C ASP B 239 49.76 50.30 -9.95
N ASP B 240 48.71 49.49 -9.89
CA ASP B 240 48.78 48.16 -9.32
C ASP B 240 48.94 47.07 -10.36
N GLN B 241 49.14 47.44 -11.63
CA GLN B 241 49.32 46.57 -12.79
C GLN B 241 48.09 45.73 -13.10
N ARG B 242 46.96 45.98 -12.43
CA ARG B 242 45.68 45.33 -12.66
C ARG B 242 45.80 43.80 -12.54
N ARG B 243 46.24 43.37 -11.35
CA ARG B 243 46.46 41.95 -11.10
C ARG B 243 45.80 41.46 -9.81
N LEU B 244 45.00 42.29 -9.14
CA LEU B 244 44.35 41.89 -7.91
C LEU B 244 42.93 42.46 -7.89
N VAL B 245 42.05 41.79 -7.13
CA VAL B 245 40.62 42.05 -7.15
C VAL B 245 40.27 43.01 -6.01
N TYR B 246 39.44 44.01 -6.32
CA TYR B 246 38.91 44.96 -5.34
C TYR B 246 37.40 44.94 -5.37
N TYR B 247 36.81 45.53 -4.33
CA TYR B 247 35.37 45.74 -4.23
C TYR B 247 35.10 47.23 -4.43
N GLU B 248 34.09 47.55 -5.23
CA GLU B 248 33.80 48.94 -5.56
C GLU B 248 32.41 49.34 -5.05
N GLY B 249 32.03 50.58 -5.34
CA GLY B 249 30.80 51.13 -4.82
C GLY B 249 29.61 51.04 -5.76
N GLY B 250 28.89 52.15 -5.92
CA GLY B 250 27.66 52.16 -6.68
C GLY B 250 27.79 52.60 -8.12
N ALA B 251 28.55 53.66 -8.37
CA ALA B 251 28.69 54.18 -9.73
C ALA B 251 29.49 53.25 -10.63
N VAL B 252 30.29 52.35 -10.06
CA VAL B 252 31.16 51.50 -10.85
C VAL B 252 30.36 50.48 -11.66
N CYS B 253 29.21 50.03 -11.15
CA CYS B 253 28.47 48.94 -11.78
C CYS B 253 28.01 49.29 -13.19
N THR B 254 27.68 50.57 -13.43
CA THR B 254 27.25 51.00 -14.75
C THR B 254 28.37 50.93 -15.78
N HIS B 255 29.62 50.84 -15.35
CA HIS B 255 30.75 50.75 -16.27
C HIS B 255 30.92 49.31 -16.75
N ALA B 256 31.89 49.11 -17.64
CA ALA B 256 32.11 47.79 -18.23
C ALA B 256 33.01 46.89 -17.38
N ARG B 257 33.57 47.41 -16.28
CA ARG B 257 34.45 46.60 -15.45
C ARG B 257 33.69 45.51 -14.69
N SER B 258 32.40 45.70 -14.45
CA SER B 258 31.61 44.73 -13.67
C SER B 258 30.95 43.70 -14.57
N LEU B 259 31.75 43.02 -15.40
CA LEU B 259 31.25 41.95 -16.26
C LEU B 259 32.09 40.70 -16.02
N TRP B 260 31.42 39.58 -15.78
CA TRP B 260 32.09 38.31 -15.52
C TRP B 260 31.41 37.21 -16.32
N ARG B 261 32.22 36.23 -16.76
CA ARG B 261 31.73 35.12 -17.56
C ARG B 261 32.17 33.80 -16.93
N LEU B 262 31.24 32.88 -16.77
CA LEU B 262 31.53 31.57 -16.20
C LEU B 262 31.43 30.48 -17.26
N GLU B 263 32.32 29.49 -17.18
CA GLU B 263 32.28 28.38 -18.12
C GLU B 263 32.67 27.08 -17.44
N PRO B 264 32.00 25.97 -17.77
CA PRO B 264 32.40 24.68 -17.23
C PRO B 264 33.64 24.14 -17.92
N LEU B 265 34.18 23.07 -17.35
CA LEU B 265 35.37 22.43 -17.92
C LEU B 265 35.02 21.60 -19.15
N ARG B 266 33.84 20.98 -19.18
CA ARG B 266 33.46 20.15 -20.32
C ARG B 266 33.16 21.04 -21.52
N ILE B 267 33.92 20.85 -22.61
CA ILE B 267 33.70 21.65 -23.80
C ILE B 267 32.40 21.26 -24.50
N SER B 268 31.97 20.01 -24.33
CA SER B 268 30.74 19.53 -24.92
C SER B 268 29.58 19.72 -23.94
N TRP B 269 28.44 20.19 -24.48
CA TRP B 269 27.22 20.44 -23.71
C TRP B 269 27.47 21.37 -22.53
N SER B 270 28.21 22.45 -22.78
CA SER B 270 28.59 23.40 -21.73
C SER B 270 27.47 24.36 -21.36
N GLY B 271 26.39 24.42 -22.13
CA GLY B 271 25.35 25.39 -21.91
C GLY B 271 24.16 24.88 -21.12
N SER B 272 24.35 23.78 -20.39
CA SER B 272 23.29 23.19 -19.60
C SER B 272 22.98 24.07 -18.37
N HIS B 273 21.90 23.73 -17.68
CA HIS B 273 21.51 24.47 -16.49
C HIS B 273 22.54 24.28 -15.38
N LEU B 274 22.78 25.35 -14.63
CA LEU B 274 23.79 25.31 -13.57
C LEU B 274 23.25 24.57 -12.35
N ARG B 275 24.08 23.71 -11.78
CA ARG B 275 23.77 22.91 -10.60
C ARG B 275 24.59 23.41 -9.41
N TRP B 276 24.50 22.71 -8.29
CA TRP B 276 25.25 23.05 -7.10
C TRP B 276 26.54 22.23 -7.09
N GLY B 277 27.68 22.94 -7.11
CA GLY B 277 28.96 22.30 -6.87
C GLY B 277 29.55 21.51 -8.01
N GLN B 278 29.86 22.18 -9.12
CA GLN B 278 30.57 21.55 -10.22
C GLN B 278 31.77 22.41 -10.58
N PRO B 279 32.83 21.81 -11.15
CA PRO B 279 33.99 22.61 -11.55
C PRO B 279 33.68 23.60 -12.67
N LEU B 280 33.73 24.89 -12.35
CA LEU B 280 33.48 25.95 -13.30
C LEU B 280 34.46 27.08 -13.03
N ARG B 281 34.72 27.89 -14.05
CA ARG B 281 35.77 28.90 -13.97
C ARG B 281 35.22 30.26 -14.37
N ILE B 282 35.71 31.30 -13.69
CA ILE B 282 35.26 32.67 -13.87
C ILE B 282 36.33 33.43 -14.63
N ARG B 283 35.91 34.33 -15.52
CA ARG B 283 36.83 35.15 -16.29
C ARG B 283 36.27 36.55 -16.42
N HIS B 284 37.17 37.51 -16.61
CA HIS B 284 36.82 38.91 -16.86
C HIS B 284 36.94 39.17 -18.35
N VAL B 285 35.85 39.62 -18.98
CA VAL B 285 35.78 39.67 -20.43
C VAL B 285 36.70 40.75 -21.00
N THR B 286 36.84 41.88 -20.31
CA THR B 286 37.65 42.98 -20.86
C THR B 286 39.14 42.71 -20.75
N THR B 287 39.56 41.84 -19.84
CA THR B 287 40.98 41.55 -19.64
C THR B 287 41.38 40.12 -19.95
N GLY B 288 40.44 39.19 -20.00
CA GLY B 288 40.76 37.80 -20.28
C GLY B 288 41.58 37.11 -19.21
N ARG B 289 41.25 37.33 -17.95
CA ARG B 289 41.98 36.73 -16.83
C ARG B 289 41.01 35.98 -15.92
N TYR B 290 41.50 34.88 -15.36
CA TYR B 290 40.70 34.01 -14.51
C TYR B 290 40.95 34.32 -13.04
N LEU B 291 40.28 33.58 -12.17
CA LEU B 291 40.42 33.73 -10.73
C LEU B 291 41.13 32.51 -10.17
N ALA B 292 42.26 32.74 -9.50
CA ALA B 292 43.06 31.65 -8.96
C ALA B 292 44.03 32.20 -7.92
N LEU B 293 44.62 31.30 -7.15
CA LEU B 293 45.72 31.60 -6.25
C LEU B 293 46.96 30.90 -6.78
N THR B 294 48.05 31.65 -6.96
CA THR B 294 49.26 31.04 -7.51
C THR B 294 50.10 30.36 -6.44
N GLU B 295 50.66 31.11 -5.48
CA GLU B 295 51.32 30.49 -4.35
C GLU B 295 50.71 30.91 -3.01
N ASP B 296 50.76 32.20 -2.65
CA ASP B 296 50.23 32.64 -1.37
C ASP B 296 49.60 34.04 -1.44
N GLN B 297 49.17 34.47 -2.62
CA GLN B 297 48.70 35.85 -2.81
C GLN B 297 47.19 35.98 -2.67
N GLY B 298 46.55 35.08 -1.94
CA GLY B 298 45.12 35.19 -1.66
C GLY B 298 44.29 35.07 -2.92
N LEU B 299 43.45 36.07 -3.17
CA LEU B 299 42.59 36.12 -4.34
C LEU B 299 43.14 37.17 -5.31
N VAL B 300 43.68 36.70 -6.43
CA VAL B 300 44.21 37.55 -7.49
C VAL B 300 43.78 36.98 -8.82
N VAL B 301 44.12 37.67 -9.90
CA VAL B 301 43.84 37.18 -11.24
C VAL B 301 45.14 36.68 -11.86
N VAL B 302 45.02 35.62 -12.66
CA VAL B 302 46.17 34.94 -13.25
C VAL B 302 45.94 34.87 -14.76
N ASP B 303 47.03 34.94 -15.52
CA ASP B 303 46.96 34.90 -16.97
C ASP B 303 46.47 33.52 -17.44
N ALA B 304 46.00 33.50 -18.69
CA ALA B 304 45.43 32.28 -19.25
C ALA B 304 46.48 31.19 -19.43
N CYS B 305 47.70 31.58 -19.80
CA CYS B 305 48.77 30.60 -20.00
C CYS B 305 49.12 29.88 -18.70
N LYS B 306 49.17 30.60 -17.58
CA LYS B 306 49.49 30.01 -16.28
C LYS B 306 48.20 29.48 -15.66
N ALA B 307 47.76 28.33 -16.16
CA ALA B 307 46.56 27.67 -15.66
C ALA B 307 46.88 26.22 -15.34
N HIS B 308 46.97 25.90 -14.06
CA HIS B 308 47.20 24.53 -13.60
C HIS B 308 45.92 23.81 -13.24
N THR B 309 44.76 24.45 -13.41
CA THR B 309 43.41 23.90 -13.33
C THR B 309 43.01 23.54 -11.89
N LYS B 310 43.91 23.65 -10.92
CA LYS B 310 43.59 23.24 -9.56
C LYS B 310 42.97 24.39 -8.77
N ALA B 311 43.68 25.51 -8.62
CA ALA B 311 43.16 26.64 -7.87
C ALA B 311 42.12 27.43 -8.65
N THR B 312 42.02 27.23 -9.97
CA THR B 312 41.08 27.97 -10.79
C THR B 312 39.65 27.47 -10.65
N SER B 313 39.44 26.29 -10.08
CA SER B 313 38.10 25.72 -9.97
C SER B 313 37.34 26.37 -8.84
N PHE B 314 36.04 26.58 -9.06
CA PHE B 314 35.14 27.12 -8.05
C PHE B 314 33.82 26.35 -8.11
N CYS B 315 33.09 26.37 -7.00
CA CYS B 315 31.80 25.69 -6.93
C CYS B 315 30.78 26.60 -6.25
N PHE B 316 29.52 26.33 -6.53
CA PHE B 316 28.41 27.20 -6.19
C PHE B 316 27.48 26.43 -5.26
N ARG B 317 27.23 26.96 -4.05
CA ARG B 317 26.55 26.20 -3.01
C ARG B 317 25.43 27.03 -2.37
N VAL B 318 24.61 26.35 -1.58
CA VAL B 318 23.45 26.98 -0.96
C VAL B 318 23.46 26.91 0.57
N SER B 319 24.11 25.92 1.18
CA SER B 319 24.04 25.71 2.61
C SER B 319 25.37 26.01 3.28
N LYS B 320 25.30 26.54 4.51
CA LYS B 320 26.49 26.79 5.29
C LYS B 320 27.23 25.51 5.64
N GLU B 321 26.49 24.48 6.07
CA GLU B 321 27.11 23.27 6.57
C GLU B 321 27.61 22.39 5.43
N LYS B 322 28.53 21.48 5.76
CA LYS B 322 29.06 20.54 4.80
C LYS B 322 28.01 19.49 4.45
N LEU B 323 27.66 19.39 3.18
CA LEU B 323 26.66 18.45 2.70
C LEU B 323 27.23 17.65 1.54
N ASP B 324 26.72 16.43 1.39
CA ASP B 324 27.16 15.57 0.30
C ASP B 324 26.64 16.08 -1.04
N THR B 325 27.45 15.87 -2.08
CA THR B 325 27.09 16.27 -3.43
C THR B 325 27.49 15.17 -4.39
N ALA B 326 26.83 15.16 -5.56
CA ALA B 326 27.08 14.16 -6.60
C ALA B 326 27.36 14.87 -7.92
N PRO B 327 28.56 15.40 -8.11
CA PRO B 327 28.91 16.06 -9.37
C PRO B 327 29.56 15.15 -10.41
N LYS B 328 29.83 13.89 -10.08
CA LYS B 328 30.51 12.99 -11.00
C LYS B 328 29.64 12.58 -12.19
N ARG B 329 28.32 12.62 -12.03
CA ARG B 329 27.42 12.23 -13.12
C ARG B 329 27.47 13.25 -14.24
N ASP B 330 27.33 12.76 -15.47
CA ASP B 330 27.27 13.60 -16.66
C ASP B 330 25.92 13.39 -17.33
N VAL B 331 25.26 14.49 -17.69
CA VAL B 331 23.94 14.45 -18.31
C VAL B 331 24.05 14.93 -19.74
N GLU B 332 23.46 14.16 -20.66
CA GLU B 332 23.36 14.55 -22.06
C GLU B 332 22.08 15.31 -22.37
N GLY B 333 21.19 15.46 -21.39
CA GLY B 333 19.95 16.18 -21.58
C GLY B 333 20.08 17.65 -21.23
N MET B 334 18.92 18.30 -21.06
CA MET B 334 18.90 19.72 -20.75
C MET B 334 19.45 19.97 -19.35
N GLY B 335 19.08 19.13 -18.39
CA GLY B 335 19.49 19.27 -17.02
C GLY B 335 18.39 19.83 -16.14
N PRO B 336 18.40 19.45 -14.87
CA PRO B 336 17.33 19.88 -13.96
C PRO B 336 17.47 21.35 -13.60
N PRO B 337 16.45 22.17 -13.89
CA PRO B 337 16.54 23.61 -13.57
C PRO B 337 16.26 23.90 -12.10
N GLU B 338 17.21 24.50 -11.39
CA GLU B 338 17.00 24.82 -9.98
C GLU B 338 17.32 26.25 -9.57
N ILE B 339 18.36 26.87 -10.17
CA ILE B 339 18.88 28.14 -9.67
C ILE B 339 18.13 29.31 -10.31
N LYS B 340 17.70 30.25 -9.47
CA LYS B 340 16.87 31.37 -9.91
C LYS B 340 17.56 32.69 -9.58
N TYR B 341 17.46 33.66 -10.48
CA TYR B 341 18.05 34.98 -10.26
C TYR B 341 17.33 35.71 -9.13
N GLY B 342 18.10 36.45 -8.35
CA GLY B 342 17.54 37.30 -7.30
C GLY B 342 17.30 36.65 -5.96
N GLU B 343 16.58 35.53 -5.94
CA GLU B 343 16.27 34.83 -4.71
C GLU B 343 17.19 33.64 -4.47
N SER B 344 18.31 33.57 -5.19
CA SER B 344 19.26 32.48 -4.97
C SER B 344 19.88 32.55 -3.58
N LEU B 345 20.34 33.73 -3.17
CA LEU B 345 21.06 33.93 -1.91
C LEU B 345 22.23 32.97 -1.80
N CYS B 346 22.95 32.81 -2.90
CA CYS B 346 23.87 31.70 -3.09
C CYS B 346 25.28 32.07 -2.65
N PHE B 347 26.09 31.03 -2.40
CA PHE B 347 27.46 31.19 -1.92
C PHE B 347 28.43 30.57 -2.93
N VAL B 348 29.68 31.04 -2.90
CA VAL B 348 30.75 30.49 -3.74
C VAL B 348 31.82 29.88 -2.85
N GLN B 349 32.48 28.83 -3.34
CA GLN B 349 33.49 28.10 -2.59
C GLN B 349 34.67 27.76 -3.49
N HIS B 350 35.88 27.84 -2.91
CA HIS B 350 37.07 27.28 -3.53
C HIS B 350 37.23 25.83 -3.08
N VAL B 351 37.35 24.92 -4.03
CA VAL B 351 37.35 23.49 -3.72
C VAL B 351 38.76 22.96 -3.48
N ALA B 352 39.76 23.49 -4.18
CA ALA B 352 41.13 23.04 -3.96
C ALA B 352 41.62 23.43 -2.57
N SER B 353 41.41 24.69 -2.19
CA SER B 353 41.78 25.14 -0.85
C SER B 353 40.76 24.69 0.19
N GLY B 354 39.52 24.45 -0.21
CA GLY B 354 38.50 24.02 0.72
C GLY B 354 37.95 25.11 1.61
N LEU B 355 38.09 26.37 1.22
CA LEU B 355 37.64 27.50 2.02
C LEU B 355 36.89 28.50 1.14
N TRP B 356 36.02 29.27 1.80
CA TRP B 356 35.17 30.24 1.11
C TRP B 356 35.94 31.55 0.88
N LEU B 357 35.26 32.52 0.28
CA LEU B 357 35.82 33.85 0.06
C LEU B 357 34.82 34.89 0.52
N THR B 358 35.28 35.86 1.31
CA THR B 358 34.47 36.97 1.79
C THR B 358 35.31 38.23 1.77
N TYR B 359 34.70 39.34 2.18
CA TYR B 359 35.41 40.60 2.28
C TYR B 359 36.34 40.59 3.50
N ALA B 360 37.55 41.11 3.32
CA ALA B 360 38.54 41.06 4.39
C ALA B 360 38.17 41.98 5.56
N ALA B 361 37.48 43.09 5.28
CA ALA B 361 37.02 44.07 6.25
C ALA B 361 38.17 44.59 7.10
N PRO B 362 39.03 45.44 6.54
CA PRO B 362 40.15 45.96 7.32
C PRO B 362 39.84 47.13 8.28
N ASP B 363 40.81 47.38 9.17
CA ASP B 363 40.61 48.42 10.19
C ASP B 363 41.76 49.41 10.20
N PRO B 364 42.19 49.92 9.05
CA PRO B 364 43.18 50.99 9.04
C PRO B 364 42.53 52.36 8.86
N LYS B 365 43.26 53.39 9.27
CA LYS B 365 42.81 54.76 9.05
C LYS B 365 42.72 55.07 7.56
N ALA B 366 43.71 54.63 6.79
CA ALA B 366 43.69 54.85 5.35
C ALA B 366 42.52 54.12 4.68
N LEU B 367 42.26 52.87 5.10
CA LEU B 367 41.14 52.13 4.55
C LEU B 367 39.81 52.72 4.97
N ARG B 368 39.73 53.28 6.19
CA ARG B 368 38.52 53.96 6.64
C ARG B 368 38.28 55.22 5.83
N LEU B 369 39.35 55.91 5.44
CA LEU B 369 39.21 57.11 4.62
C LEU B 369 38.70 56.82 3.22
N GLY B 370 38.76 55.56 2.78
CA GLY B 370 38.23 55.21 1.48
C GLY B 370 36.71 55.23 1.44
N VAL B 371 36.18 55.38 0.23
CA VAL B 371 34.73 55.47 0.03
C VAL B 371 34.24 54.02 -0.17
N LEU B 372 33.98 53.36 0.96
CA LEU B 372 33.51 51.98 1.02
C LEU B 372 34.45 51.03 0.27
N LYS B 373 35.70 51.00 0.74
CA LYS B 373 36.74 50.19 0.13
C LYS B 373 37.03 48.97 1.00
N LYS B 374 37.00 47.79 0.39
CA LYS B 374 37.26 46.55 1.11
C LYS B 374 37.90 45.55 0.14
N LYS B 375 39.03 44.97 0.54
CA LYS B 375 39.77 44.09 -0.35
C LYS B 375 39.26 42.65 -0.21
N ALA B 376 39.29 41.93 -1.32
CA ALA B 376 38.85 40.53 -1.35
C ALA B 376 40.03 39.64 -1.01
N ILE B 377 39.96 38.99 0.15
CA ILE B 377 41.02 38.13 0.65
C ILE B 377 40.40 36.80 1.06
N LEU B 378 41.00 35.70 0.63
CA LEU B 378 40.51 34.38 0.98
C LEU B 378 40.60 34.16 2.49
N HIS B 379 39.55 33.58 3.05
CA HIS B 379 39.30 33.56 4.48
C HIS B 379 38.96 32.13 4.93
N GLN B 380 38.97 31.92 6.25
CA GLN B 380 38.74 30.61 6.83
C GLN B 380 37.74 30.67 7.97
N GLU B 381 37.67 31.82 8.66
CA GLU B 381 36.87 31.94 9.88
C GLU B 381 35.38 31.76 9.61
N GLY B 382 34.88 32.30 8.52
CA GLY B 382 33.46 32.20 8.19
C GLY B 382 32.71 33.49 8.42
N HIS B 383 31.82 33.82 7.48
CA HIS B 383 30.96 34.98 7.56
C HIS B 383 29.55 34.61 7.11
N MET B 384 28.57 35.31 7.65
CA MET B 384 27.16 34.99 7.44
C MET B 384 26.41 36.04 6.63
N ASP B 385 27.11 36.98 6.01
CA ASP B 385 26.46 38.08 5.30
C ASP B 385 26.93 38.16 3.85
N ASP B 386 26.99 37.02 3.16
CA ASP B 386 27.33 37.01 1.74
C ASP B 386 26.25 37.72 0.92
N ALA B 387 25.05 37.12 0.87
CA ALA B 387 23.90 37.67 0.15
C ALA B 387 24.24 37.98 -1.32
N LEU B 388 24.92 37.05 -1.97
CA LEU B 388 25.31 37.23 -3.37
C LEU B 388 24.07 37.22 -4.26
N PHE B 389 23.97 38.22 -5.14
CA PHE B 389 22.83 38.37 -6.03
C PHE B 389 23.30 38.28 -7.48
N LEU B 390 22.49 37.61 -8.29
CA LEU B 390 22.78 37.32 -9.68
C LEU B 390 21.84 38.13 -10.57
N THR B 391 22.41 38.86 -11.53
CA THR B 391 21.63 39.60 -12.51
C THR B 391 22.21 39.38 -13.89
N ARG B 392 21.37 39.47 -14.92
CA ARG B 392 21.83 39.41 -16.30
C ARG B 392 21.20 40.53 -17.11
N CYS B 393 22.01 41.16 -17.95
CA CYS B 393 21.53 42.18 -18.88
C CYS B 393 22.43 42.11 -20.10
N GLN B 394 21.86 41.71 -21.25
CA GLN B 394 22.70 41.42 -22.41
C GLN B 394 23.10 42.74 -23.07
N GLN B 395 22.11 43.47 -23.62
CA GLN B 395 22.18 44.87 -24.08
C GLN B 395 23.52 45.28 -24.69
N GLU B 396 24.10 44.39 -25.50
CA GLU B 396 25.38 44.53 -26.21
C GLU B 396 26.55 45.04 -25.35
N GLU B 397 26.50 44.99 -24.01
CA GLU B 397 27.73 45.26 -23.28
C GLU B 397 28.73 44.13 -23.43
N SER B 398 28.26 42.89 -23.58
CA SER B 398 29.18 41.78 -23.82
C SER B 398 29.93 41.95 -25.13
N GLN B 399 29.20 42.31 -26.19
CA GLN B 399 29.83 42.56 -27.48
C GLN B 399 30.77 43.77 -27.39
N ALA B 400 30.34 44.84 -26.71
CA ALA B 400 31.18 46.01 -26.57
C ALA B 400 32.48 45.68 -25.82
N ALA B 401 32.38 44.89 -24.75
CA ALA B 401 33.56 44.52 -23.98
C ALA B 401 34.50 43.63 -24.79
N ARG B 402 33.94 42.70 -25.58
CA ARG B 402 34.78 41.87 -26.44
C ARG B 402 35.51 42.72 -27.48
N MET B 403 34.82 43.71 -28.05
CA MET B 403 35.48 44.66 -28.95
C MET B 403 36.57 45.44 -28.24
N ILE B 404 36.32 45.87 -27.01
CA ILE B 404 37.32 46.61 -26.24
C ILE B 404 38.57 45.75 -26.05
N HIS B 405 38.37 44.48 -25.67
CA HIS B 405 39.50 43.57 -25.48
C HIS B 405 40.29 43.39 -26.77
N SER B 406 39.59 43.07 -27.87
CA SER B 406 40.27 42.80 -29.13
C SER B 406 41.01 44.03 -29.66
N THR B 407 40.33 45.18 -29.66
CA THR B 407 40.96 46.40 -30.15
C THR B 407 42.11 46.85 -29.26
N ALA B 408 41.97 46.72 -27.94
CA ALA B 408 43.06 47.09 -27.05
C ALA B 408 44.28 46.22 -27.28
N GLY B 409 44.08 44.91 -27.42
CA GLY B 409 45.20 44.02 -27.72
C GLY B 409 45.87 44.34 -29.05
N LEU B 410 45.05 44.56 -30.09
CA LEU B 410 45.59 44.86 -31.41
C LEU B 410 46.36 46.17 -31.41
N TYR B 411 45.81 47.21 -30.78
CA TYR B 411 46.46 48.51 -30.77
C TYR B 411 47.73 48.50 -29.94
N ASN B 412 47.71 47.77 -28.81
CA ASN B 412 48.92 47.65 -28.00
C ASN B 412 50.03 46.93 -28.77
N GLN B 413 49.68 45.84 -29.47
CA GLN B 413 50.68 45.15 -30.29
C GLN B 413 51.19 46.05 -31.40
N PHE B 414 50.30 46.80 -32.04
CA PHE B 414 50.69 47.69 -33.14
C PHE B 414 51.62 48.79 -32.66
N ILE B 415 51.32 49.41 -31.52
CA ILE B 415 52.18 50.48 -31.02
C ILE B 415 53.51 49.92 -30.49
N LYS B 416 53.50 48.72 -29.94
CA LYS B 416 54.76 48.11 -29.49
C LYS B 416 55.64 47.76 -30.69
N GLY B 417 55.03 47.34 -31.80
CA GLY B 417 55.78 47.18 -33.03
C GLY B 417 56.29 48.49 -33.60
N LEU B 418 55.48 49.55 -33.49
CA LEU B 418 55.88 50.86 -34.00
C LEU B 418 57.04 51.45 -33.20
N ASP B 419 57.13 51.12 -31.91
CA ASP B 419 58.19 51.68 -31.07
C ASP B 419 59.52 50.95 -31.20
N SER B 420 59.59 49.92 -32.05
CA SER B 420 60.81 49.14 -32.17
C SER B 420 61.90 49.89 -32.93
N PHE B 421 61.55 50.49 -34.06
CA PHE B 421 62.54 51.06 -34.96
C PHE B 421 62.64 52.59 -34.88
N SER B 422 62.08 53.20 -33.84
CA SER B 422 62.09 54.66 -33.74
C SER B 422 63.48 55.21 -33.45
N GLY B 423 64.39 54.40 -32.90
CA GLY B 423 65.69 54.89 -32.49
C GLY B 423 66.77 54.81 -33.55
N LYS B 424 66.58 53.99 -34.57
CA LYS B 424 67.61 53.80 -35.58
C LYS B 424 67.01 53.86 -36.98
N PRO B 425 67.78 54.28 -37.97
CA PRO B 425 67.30 54.27 -39.36
C PRO B 425 67.33 52.86 -39.95
N ARG B 426 66.76 52.75 -41.13
CA ARG B 426 66.70 51.46 -41.83
C ARG B 426 68.08 51.04 -42.30
N GLY B 427 68.36 49.74 -42.21
CA GLY B 427 69.61 49.18 -42.67
C GLY B 427 69.48 48.56 -44.05
N SER B 428 70.49 47.76 -44.40
CA SER B 428 70.48 47.06 -45.68
C SER B 428 69.42 45.98 -45.69
N GLY B 429 68.81 45.78 -46.85
CA GLY B 429 67.76 44.81 -47.01
C GLY B 429 66.50 45.14 -46.23
N PRO B 430 66.01 44.20 -45.44
CA PRO B 430 64.81 44.44 -44.62
C PRO B 430 65.08 45.48 -43.55
N PRO B 431 64.08 46.30 -43.22
CA PRO B 431 64.28 47.33 -42.19
C PRO B 431 64.21 46.77 -40.78
N ALA B 432 63.41 45.74 -40.57
CA ALA B 432 63.23 45.17 -39.24
C ALA B 432 62.80 43.72 -39.37
N GLY B 433 62.95 42.99 -38.27
CA GLY B 433 62.61 41.58 -38.23
C GLY B 433 61.11 41.31 -38.31
N PRO B 434 60.38 41.66 -37.25
CA PRO B 434 58.92 41.43 -37.26
C PRO B 434 58.22 42.30 -38.29
N ALA B 435 57.11 41.78 -38.81
CA ALA B 435 56.32 42.47 -39.82
C ALA B 435 55.23 43.32 -39.14
N LEU B 436 55.06 44.53 -39.65
CA LEU B 436 54.07 45.45 -39.09
C LEU B 436 52.68 45.08 -39.58
N PRO B 437 51.71 44.85 -38.67
CA PRO B 437 50.34 44.47 -39.08
C PRO B 437 49.51 45.65 -39.60
N ILE B 438 49.68 45.94 -40.89
CA ILE B 438 49.01 47.08 -41.49
C ILE B 438 47.68 46.70 -42.15
N GLU B 439 47.58 45.49 -42.72
CA GLU B 439 46.40 45.11 -43.47
C GLU B 439 45.17 44.95 -42.57
N ALA B 440 45.35 44.36 -41.38
CA ALA B 440 44.21 44.09 -40.51
C ALA B 440 43.72 45.33 -39.78
N VAL B 441 44.64 46.23 -39.41
CA VAL B 441 44.26 47.38 -38.59
C VAL B 441 43.37 48.33 -39.37
N ILE B 442 43.58 48.45 -40.69
CA ILE B 442 42.74 49.32 -41.52
C ILE B 442 41.31 48.82 -41.53
N LEU B 443 41.15 47.50 -41.72
CA LEU B 443 39.81 46.91 -41.72
C LEU B 443 39.15 47.05 -40.36
N SER B 444 39.93 46.86 -39.28
CA SER B 444 39.38 47.03 -37.93
C SER B 444 38.91 48.45 -37.69
N LEU B 445 39.70 49.43 -38.12
CA LEU B 445 39.33 50.84 -37.93
C LEU B 445 38.10 51.19 -38.76
N GLN B 446 38.01 50.67 -39.99
CA GLN B 446 36.83 50.90 -40.81
C GLN B 446 35.58 50.29 -40.18
N ASP B 447 35.71 49.09 -39.61
CA ASP B 447 34.59 48.47 -38.91
C ASP B 447 34.18 49.29 -37.69
N LEU B 448 35.15 49.85 -36.96
CA LEU B 448 34.83 50.71 -35.84
C LEU B 448 34.09 51.98 -36.27
N ILE B 449 34.51 52.57 -37.40
CA ILE B 449 33.82 53.75 -37.92
C ILE B 449 32.38 53.39 -38.30
N GLY B 450 32.21 52.26 -38.98
CA GLY B 450 30.87 51.82 -39.34
C GLY B 450 30.00 51.55 -38.14
N TYR B 451 30.60 51.04 -37.06
CA TYR B 451 29.87 50.85 -35.82
C TYR B 451 29.47 52.18 -35.19
N PHE B 452 30.36 53.18 -35.24
CA PHE B 452 30.08 54.51 -34.71
C PHE B 452 29.52 55.45 -35.77
N GLU B 453 28.87 54.91 -36.80
CA GLU B 453 28.10 55.76 -37.71
C GLU B 453 26.90 56.35 -36.98
N PRO B 454 26.75 57.68 -36.95
CA PRO B 454 25.57 58.27 -36.30
C PRO B 454 24.30 57.95 -37.07
N PRO B 455 23.15 57.92 -36.39
CA PRO B 455 21.90 57.52 -37.06
C PRO B 455 21.40 58.59 -38.03
N SER B 456 20.59 58.13 -38.98
CA SER B 456 20.02 59.02 -39.99
C SER B 456 18.88 59.86 -39.40
N GLU B 457 18.71 61.05 -39.97
CA GLU B 457 17.67 61.97 -39.52
C GLU B 457 16.30 61.54 -40.02
N GLU B 458 16.24 60.83 -41.15
CA GLU B 458 14.97 60.50 -41.80
C GLU B 458 14.12 59.53 -40.99
N LEU B 459 14.67 58.88 -39.97
CA LEU B 459 13.91 57.97 -39.14
C LEU B 459 12.93 58.72 -38.25
N GLN B 460 11.98 57.99 -37.68
CA GLN B 460 10.97 58.60 -36.81
C GLN B 460 11.59 59.10 -35.51
N HIS B 461 10.82 59.93 -34.81
CA HIS B 461 11.34 60.61 -33.61
C HIS B 461 11.65 59.62 -32.50
N GLU B 462 10.78 58.65 -32.25
CA GLU B 462 11.03 57.67 -31.20
C GLU B 462 12.24 56.80 -31.53
N GLU B 463 12.38 56.41 -32.80
CA GLU B 463 13.54 55.63 -33.22
C GLU B 463 14.82 56.43 -33.08
N LYS B 464 14.78 57.72 -33.45
CA LYS B 464 15.92 58.59 -33.25
C LYS B 464 16.30 58.70 -31.78
N GLN B 465 15.31 58.84 -30.91
CA GLN B 465 15.59 58.97 -29.48
C GLN B 465 16.22 57.69 -28.92
N SER B 466 15.68 56.53 -29.30
CA SER B 466 16.21 55.27 -28.80
C SER B 466 17.62 55.01 -29.32
N LYS B 467 17.83 55.22 -30.62
CA LYS B 467 19.15 55.01 -31.20
C LYS B 467 20.18 55.98 -30.63
N LEU B 468 19.77 57.24 -30.41
CA LEU B 468 20.66 58.22 -29.79
C LEU B 468 21.03 57.83 -28.38
N ARG B 469 20.05 57.32 -27.60
CA ARG B 469 20.34 56.83 -26.26
C ARG B 469 21.35 55.68 -26.31
N SER B 470 21.14 54.72 -27.21
CA SER B 470 22.05 53.57 -27.31
C SER B 470 23.45 54.01 -27.70
N LEU B 471 23.57 54.88 -28.71
CA LEU B 471 24.88 55.31 -29.16
C LEU B 471 25.59 56.13 -28.09
N ARG B 472 24.86 57.01 -27.40
CA ARG B 472 25.48 57.80 -26.34
C ARG B 472 25.99 56.91 -25.21
N ASN B 473 25.17 55.94 -24.79
CA ASN B 473 25.59 55.03 -23.72
C ASN B 473 26.79 54.20 -24.16
N ARG B 474 26.80 53.75 -25.42
CA ARG B 474 27.89 52.92 -25.92
C ARG B 474 29.20 53.70 -26.01
N GLN B 475 29.14 54.92 -26.55
CA GLN B 475 30.35 55.72 -26.65
C GLN B 475 30.82 56.22 -25.28
N SER B 476 29.90 56.36 -24.32
CA SER B 476 30.32 56.66 -22.95
C SER B 476 30.99 55.46 -22.31
N LEU B 477 30.48 54.26 -22.58
CA LEU B 477 31.07 53.04 -22.04
C LEU B 477 32.46 52.80 -22.59
N PHE B 478 32.67 53.09 -23.88
CA PHE B 478 33.97 52.87 -24.50
C PHE B 478 35.08 53.75 -23.93
N GLN B 479 34.72 54.85 -23.26
CA GLN B 479 35.73 55.83 -22.83
C GLN B 479 36.53 55.32 -21.63
N GLU B 480 35.86 54.70 -20.66
CA GLU B 480 36.51 54.41 -19.38
C GLU B 480 37.61 53.36 -19.53
N GLU B 481 37.35 52.31 -20.30
CA GLU B 481 38.33 51.24 -20.50
C GLU B 481 39.24 51.58 -21.70
N GLY B 482 40.01 52.65 -21.53
CA GLY B 482 40.93 53.07 -22.57
C GLY B 482 40.19 53.63 -23.77
N MET B 483 40.72 53.34 -24.96
CA MET B 483 40.19 53.68 -26.27
C MET B 483 40.24 55.18 -26.58
N LEU B 484 40.70 56.01 -25.65
CA LEU B 484 40.93 57.43 -25.91
C LEU B 484 42.40 57.79 -25.75
N SER B 485 43.00 57.53 -24.58
CA SER B 485 44.41 57.79 -24.39
C SER B 485 45.27 56.92 -25.27
N LEU B 486 44.83 55.69 -25.54
CA LEU B 486 45.55 54.82 -26.46
C LEU B 486 45.56 55.40 -27.87
N VAL B 487 44.43 55.96 -28.32
CA VAL B 487 44.37 56.60 -29.63
C VAL B 487 45.25 57.83 -29.67
N LEU B 488 45.25 58.62 -28.59
CA LEU B 488 46.13 59.79 -28.52
C LEU B 488 47.61 59.39 -28.58
N ASN B 489 47.98 58.33 -27.86
CA ASN B 489 49.36 57.85 -27.92
C ASN B 489 49.72 57.33 -29.29
N CYS B 490 48.79 56.64 -29.95
CA CYS B 490 49.02 56.18 -31.32
C CYS B 490 49.25 57.36 -32.26
N ILE B 491 48.44 58.41 -32.13
CA ILE B 491 48.61 59.60 -32.95
C ILE B 491 49.95 60.26 -32.67
N ASP B 492 50.34 60.36 -31.40
CA ASP B 492 51.60 60.99 -31.03
C ASP B 492 52.79 60.21 -31.56
N ARG B 493 52.76 58.88 -31.47
CA ARG B 493 53.86 58.08 -31.99
C ARG B 493 53.88 58.05 -33.52
N LEU B 494 52.72 58.16 -34.18
CA LEU B 494 52.70 58.18 -35.63
C LEU B 494 53.07 59.54 -36.21
N ASN B 495 52.88 60.63 -35.45
CA ASN B 495 53.05 61.97 -35.97
C ASN B 495 54.50 62.47 -35.91
N VAL B 496 55.44 61.63 -35.44
CA VAL B 496 56.83 62.06 -35.39
C VAL B 496 57.43 62.23 -36.78
N TYR B 497 56.82 61.62 -37.79
CA TYR B 497 57.29 61.71 -39.17
C TYR B 497 56.56 62.84 -39.88
N THR B 498 57.32 63.70 -40.58
CA THR B 498 56.74 64.89 -41.16
C THR B 498 56.00 64.59 -42.47
N THR B 499 56.72 64.10 -43.48
CA THR B 499 56.10 63.76 -44.76
C THR B 499 56.06 62.27 -45.05
N ALA B 500 57.04 61.50 -44.55
CA ALA B 500 57.10 60.05 -44.70
C ALA B 500 57.13 59.62 -46.17
N ALA B 501 57.66 60.47 -47.04
CA ALA B 501 57.73 60.14 -48.46
C ALA B 501 58.99 59.35 -48.78
N HIS B 502 60.15 59.98 -48.65
CA HIS B 502 61.41 59.33 -48.99
C HIS B 502 62.35 59.23 -47.79
N PHE B 503 62.52 60.34 -47.07
CA PHE B 503 63.50 60.41 -45.99
C PHE B 503 62.90 60.31 -44.60
N ALA B 504 61.66 60.78 -44.41
CA ALA B 504 61.06 60.79 -43.09
C ALA B 504 60.46 59.44 -42.69
N GLU B 505 60.36 58.49 -43.62
CA GLU B 505 59.87 57.16 -43.32
C GLU B 505 61.04 56.18 -43.30
N TYR B 506 61.22 55.51 -42.16
CA TYR B 506 62.29 54.54 -41.99
C TYR B 506 61.83 53.11 -42.28
N ALA B 507 60.57 52.92 -42.67
CA ALA B 507 60.05 51.60 -43.01
C ALA B 507 60.32 51.21 -44.47
N GLY B 508 60.87 52.13 -45.26
CA GLY B 508 61.14 51.81 -46.66
C GLY B 508 59.86 51.74 -47.48
N GLU B 509 59.92 50.93 -48.54
CA GLU B 509 58.78 50.74 -49.41
C GLU B 509 57.77 49.78 -48.75
N GLU B 510 56.67 49.53 -49.46
CA GLU B 510 55.58 48.59 -49.16
C GLU B 510 54.97 48.78 -47.78
N ALA B 511 55.29 49.90 -47.10
CA ALA B 511 54.68 50.23 -45.82
C ALA B 511 54.24 51.68 -45.70
N ALA B 512 54.82 52.61 -46.47
CA ALA B 512 54.46 54.01 -46.40
C ALA B 512 53.29 54.38 -47.31
N GLU B 513 52.84 53.46 -48.17
CA GLU B 513 51.72 53.76 -49.05
C GLU B 513 50.44 53.96 -48.27
N SER B 514 50.22 53.16 -47.22
CA SER B 514 49.03 53.25 -46.39
C SER B 514 49.19 54.21 -45.22
N TRP B 515 50.38 54.79 -45.04
CA TRP B 515 50.63 55.68 -43.91
C TRP B 515 49.75 56.92 -43.98
N LYS B 516 49.65 57.53 -45.17
CA LYS B 516 48.81 58.71 -45.35
C LYS B 516 47.35 58.39 -45.08
N GLU B 517 46.88 57.24 -45.58
CA GLU B 517 45.48 56.88 -45.39
C GLU B 517 45.19 56.62 -43.92
N ILE B 518 46.10 55.94 -43.20
CA ILE B 518 45.82 55.62 -41.81
C ILE B 518 45.89 56.87 -40.94
N VAL B 519 46.81 57.81 -41.23
CA VAL B 519 46.88 59.01 -40.41
C VAL B 519 45.67 59.91 -40.70
N ASN B 520 45.18 59.90 -41.95
CA ASN B 520 43.96 60.63 -42.27
C ASN B 520 42.75 60.01 -41.56
N LEU B 521 42.67 58.68 -41.54
CA LEU B 521 41.49 58.00 -41.03
C LEU B 521 41.42 58.00 -39.51
N LEU B 522 42.57 57.94 -38.83
CA LEU B 522 42.58 57.88 -37.37
C LEU B 522 42.01 59.15 -36.75
N TYR B 523 42.32 60.31 -37.33
CA TYR B 523 41.79 61.58 -36.83
C TYR B 523 40.27 61.60 -36.95
N GLU B 524 39.73 61.15 -38.09
CA GLU B 524 38.29 61.16 -38.29
C GLU B 524 37.60 60.15 -37.37
N LEU B 525 38.22 58.99 -37.13
CA LEU B 525 37.61 58.04 -36.21
C LEU B 525 37.63 58.58 -34.78
N LEU B 526 38.71 59.25 -34.39
CA LEU B 526 38.76 59.88 -33.07
C LEU B 526 37.69 60.95 -32.93
N ALA B 527 37.47 61.74 -33.99
CA ALA B 527 36.42 62.74 -33.98
C ALA B 527 35.04 62.11 -33.85
N SER B 528 34.80 61.02 -34.57
CA SER B 528 33.52 60.30 -34.44
C SER B 528 33.34 59.76 -33.02
N LEU B 529 34.43 59.31 -32.40
CA LEU B 529 34.34 58.81 -31.03
C LEU B 529 34.01 59.91 -30.03
N ILE B 530 34.61 61.10 -30.19
CA ILE B 530 34.36 62.13 -29.19
C ILE B 530 33.00 62.81 -29.44
N ARG B 531 32.57 62.90 -30.70
CA ARG B 531 31.38 63.67 -31.05
C ARG B 531 30.12 63.07 -30.45
N GLY B 532 29.23 63.95 -30.00
CA GLY B 532 27.92 63.56 -29.52
C GLY B 532 27.79 63.35 -28.02
N ASN B 533 28.88 63.52 -27.26
CA ASN B 533 28.86 63.31 -25.82
C ASN B 533 29.41 64.53 -25.11
N ARG B 534 28.67 64.99 -24.08
CA ARG B 534 29.12 66.14 -23.30
C ARG B 534 30.26 65.75 -22.35
N ALA B 535 30.18 64.57 -21.74
CA ALA B 535 31.20 64.16 -20.78
C ALA B 535 32.51 63.77 -21.47
N ASN B 536 32.43 63.23 -22.70
CA ASN B 536 33.64 62.80 -23.40
C ASN B 536 34.55 63.97 -23.72
N CYS B 537 33.99 65.08 -24.19
CA CYS B 537 34.80 66.23 -24.58
C CYS B 537 35.29 67.07 -23.40
N ALA B 538 34.76 66.82 -22.20
CA ALA B 538 35.24 67.54 -21.02
C ALA B 538 36.66 67.13 -20.62
N LEU B 539 37.11 65.95 -21.06
CA LEU B 539 38.47 65.52 -20.75
C LEU B 539 39.52 66.37 -21.45
N PHE B 540 39.16 66.99 -22.58
CA PHE B 540 40.09 67.78 -23.37
C PHE B 540 40.34 69.14 -22.71
N SER B 541 41.05 69.09 -21.58
CA SER B 541 41.41 70.28 -20.82
C SER B 541 42.86 70.69 -21.07
N THR B 542 43.81 69.79 -20.82
CA THR B 542 45.21 70.07 -21.08
C THR B 542 45.65 69.67 -22.49
N ASN B 543 44.77 69.03 -23.26
CA ASN B 543 45.09 68.62 -24.62
C ASN B 543 44.66 69.65 -25.66
N LEU B 544 44.14 70.80 -25.23
CA LEU B 544 43.73 71.84 -26.18
C LEU B 544 44.92 72.37 -26.97
N ASP B 545 46.05 72.61 -26.29
CA ASP B 545 47.25 73.06 -26.97
C ASP B 545 47.77 72.00 -27.94
N TRP B 546 47.69 70.73 -27.53
CA TRP B 546 48.10 69.63 -28.40
C TRP B 546 47.23 69.56 -29.65
N VAL B 547 45.93 69.77 -29.50
CA VAL B 547 45.03 69.79 -30.66
C VAL B 547 45.34 70.98 -31.55
N VAL B 548 45.58 72.15 -30.96
CA VAL B 548 45.83 73.36 -31.74
C VAL B 548 47.12 73.24 -32.54
N SER B 549 48.18 72.69 -31.92
CA SER B 549 49.49 72.63 -32.56
C SER B 549 49.65 71.48 -33.54
N LYS B 550 48.55 70.87 -34.01
CA LYS B 550 48.62 69.74 -34.94
C LYS B 550 48.26 70.14 -36.37
N LEU B 551 48.19 71.44 -36.67
CA LEU B 551 47.87 71.91 -38.02
C LEU B 551 49.12 71.82 -38.90
N ASP B 552 49.49 70.58 -39.22
CA ASP B 552 50.73 70.32 -39.95
C ASP B 552 50.59 70.50 -41.46
N ARG B 553 49.34 70.55 -41.97
CA ARG B 553 48.99 70.83 -43.36
C ARG B 553 49.34 69.66 -44.29
N LEU B 554 50.07 68.66 -43.79
CA LEU B 554 50.59 67.59 -44.62
C LEU B 554 49.67 66.37 -44.62
N GLU B 555 49.31 65.86 -43.44
CA GLU B 555 48.54 64.63 -43.37
C GLU B 555 47.08 64.88 -43.73
N ALA B 556 46.37 65.65 -42.90
CA ALA B 556 44.94 65.91 -43.12
C ALA B 556 44.59 67.22 -42.43
N SER B 557 44.54 68.30 -43.20
CA SER B 557 44.12 69.59 -42.64
C SER B 557 42.64 69.57 -42.26
N SER B 558 41.79 69.04 -43.14
CA SER B 558 40.35 69.06 -42.89
C SER B 558 40.00 68.16 -41.72
N GLY B 559 40.71 67.03 -41.58
CA GLY B 559 40.43 66.13 -40.46
C GLY B 559 40.68 66.77 -39.12
N ILE B 560 41.86 67.40 -38.94
CA ILE B 560 42.19 68.03 -37.67
C ILE B 560 41.31 69.26 -37.44
N LEU B 561 40.97 69.98 -38.51
CA LEU B 561 40.07 71.13 -38.38
C LEU B 561 38.69 70.69 -37.89
N GLU B 562 38.17 69.60 -38.43
CA GLU B 562 36.86 69.10 -37.99
C GLU B 562 36.94 68.52 -36.58
N VAL B 563 38.09 67.92 -36.22
CA VAL B 563 38.31 67.47 -34.85
C VAL B 563 38.22 68.65 -33.88
N LEU B 564 38.88 69.76 -34.23
CA LEU B 564 38.80 70.96 -33.40
C LEU B 564 37.38 71.51 -33.36
N TYR B 565 36.69 71.49 -34.50
CA TYR B 565 35.31 72.00 -34.57
C TYR B 565 34.36 71.16 -33.72
N CYS B 566 34.66 69.87 -33.55
CA CYS B 566 33.74 68.99 -32.81
C CYS B 566 33.60 69.38 -31.35
N VAL B 567 34.67 69.83 -30.71
CA VAL B 567 34.68 69.94 -29.25
C VAL B 567 34.11 71.28 -28.76
N LEU B 568 34.21 72.35 -29.56
CA LEU B 568 33.85 73.68 -29.07
C LEU B 568 32.36 73.81 -28.80
N ILE B 569 31.52 73.31 -29.70
CA ILE B 569 30.07 73.42 -29.51
C ILE B 569 29.62 72.58 -28.32
N GLU B 570 30.14 71.36 -28.20
CA GLU B 570 29.66 70.46 -27.16
C GLU B 570 30.14 70.89 -25.78
N SER B 571 31.42 71.28 -25.66
CA SER B 571 31.98 71.62 -24.36
C SER B 571 32.06 73.13 -24.20
N PRO B 572 31.30 73.72 -23.27
CA PRO B 572 31.43 75.17 -23.04
C PRO B 572 32.60 75.54 -22.14
N GLU B 573 33.10 74.61 -21.32
CA GLU B 573 34.18 74.92 -20.40
C GLU B 573 35.52 75.12 -21.10
N VAL B 574 35.67 74.62 -22.32
CA VAL B 574 36.91 74.79 -23.07
C VAL B 574 37.12 76.26 -23.43
N LEU B 575 36.04 76.99 -23.71
CA LEU B 575 36.12 78.37 -24.17
C LEU B 575 36.78 79.31 -23.17
N ASN B 576 36.83 78.92 -21.90
CA ASN B 576 37.47 79.75 -20.87
C ASN B 576 38.99 79.56 -20.81
N ILE B 577 39.53 78.64 -21.61
CA ILE B 577 40.96 78.37 -21.59
C ILE B 577 41.67 78.87 -22.84
N ILE B 578 40.95 79.13 -23.93
CA ILE B 578 41.57 79.56 -25.18
C ILE B 578 42.22 80.93 -25.00
N GLN B 579 43.43 81.09 -25.51
CA GLN B 579 44.24 82.27 -25.29
C GLN B 579 44.60 82.94 -26.61
N GLU B 580 45.39 84.02 -26.49
CA GLU B 580 45.71 84.86 -27.65
C GLU B 580 46.55 84.12 -28.67
N ASN B 581 47.47 83.27 -28.22
CA ASN B 581 48.27 82.48 -29.15
C ASN B 581 47.40 81.51 -29.94
N HIS B 582 46.43 80.89 -29.26
CA HIS B 582 45.49 80.00 -29.95
C HIS B 582 44.66 80.76 -30.97
N ILE B 583 44.19 81.97 -30.60
CA ILE B 583 43.40 82.79 -31.53
C ILE B 583 44.24 83.18 -32.74
N LYS B 584 45.51 83.56 -32.50
CA LYS B 584 46.39 83.93 -33.60
C LYS B 584 46.66 82.74 -34.52
N SER B 585 46.86 81.55 -33.94
CA SER B 585 47.07 80.36 -34.76
C SER B 585 45.84 80.04 -35.61
N ILE B 586 44.64 80.15 -35.01
CA ILE B 586 43.41 79.88 -35.75
C ILE B 586 43.24 80.89 -36.88
N ILE B 587 43.49 82.17 -36.61
CA ILE B 587 43.31 83.19 -37.65
C ILE B 587 44.40 83.09 -38.71
N SER B 588 45.58 82.58 -38.36
CA SER B 588 46.64 82.38 -39.35
C SER B 588 46.39 81.15 -40.20
N LEU B 589 45.66 80.17 -39.67
CA LEU B 589 45.30 79.00 -40.47
C LEU B 589 44.48 79.39 -41.69
N LEU B 590 43.54 80.32 -41.51
CA LEU B 590 42.74 80.81 -42.63
C LEU B 590 43.61 81.46 -43.70
N ASP B 591 44.56 82.29 -43.28
CA ASP B 591 45.44 82.94 -44.23
C ASP B 591 46.33 81.94 -44.95
N LYS B 592 46.81 80.92 -44.24
CA LYS B 592 47.70 79.94 -44.85
C LYS B 592 46.95 79.01 -45.81
N HIS B 593 45.71 78.64 -45.48
CA HIS B 593 44.97 77.66 -46.26
C HIS B 593 43.93 78.30 -47.17
N GLY B 594 43.89 79.61 -47.28
CA GLY B 594 42.96 80.26 -48.19
C GLY B 594 41.57 80.38 -47.59
N ARG B 595 40.64 80.80 -48.45
CA ARG B 595 39.28 81.08 -48.01
C ARG B 595 38.53 79.78 -47.80
N ASN B 596 38.12 79.52 -46.55
CA ASN B 596 37.34 78.35 -46.20
C ASN B 596 36.28 78.73 -45.19
N HIS B 597 35.07 78.19 -45.36
CA HIS B 597 33.95 78.53 -44.50
C HIS B 597 33.97 77.78 -43.18
N LYS B 598 34.73 76.70 -43.08
CA LYS B 598 34.79 75.95 -41.81
C LYS B 598 35.49 76.76 -40.74
N VAL B 599 36.55 77.50 -41.10
CA VAL B 599 37.22 78.37 -40.15
C VAL B 599 36.29 79.47 -39.67
N LEU B 600 35.47 80.02 -40.59
CA LEU B 600 34.48 81.01 -40.21
C LEU B 600 33.44 80.43 -39.26
N ASP B 601 33.01 79.19 -39.50
CA ASP B 601 32.07 78.53 -38.59
C ASP B 601 32.69 78.32 -37.22
N VAL B 602 33.97 77.95 -37.18
CA VAL B 602 34.68 77.79 -35.91
C VAL B 602 34.74 79.12 -35.17
N LEU B 603 35.04 80.20 -35.90
CA LEU B 603 35.10 81.52 -35.29
C LEU B 603 33.74 81.96 -34.76
N CYS B 604 32.67 81.63 -35.49
CA CYS B 604 31.32 81.92 -35.01
C CYS B 604 31.00 81.14 -33.74
N SER B 605 31.38 79.87 -33.70
CA SER B 605 31.14 79.07 -32.49
C SER B 605 32.00 79.53 -31.32
N LEU B 606 33.15 80.16 -31.60
CA LEU B 606 34.02 80.64 -30.54
C LEU B 606 33.38 81.74 -29.71
N CYS B 607 32.54 82.57 -30.32
CA CYS B 607 32.02 83.75 -29.64
C CYS B 607 31.01 83.37 -28.56
N VAL B 608 30.06 82.50 -28.88
CA VAL B 608 28.98 82.15 -27.95
C VAL B 608 28.95 80.63 -27.80
N CYS B 609 29.04 80.15 -26.56
CA CYS B 609 28.96 78.72 -26.30
C CYS B 609 27.51 78.24 -26.25
N ASN B 610 26.75 78.69 -25.24
CA ASN B 610 25.32 78.40 -25.19
C ASN B 610 24.63 79.48 -24.36
N GLY B 611 23.98 80.42 -25.03
CA GLY B 611 23.28 81.49 -24.35
C GLY B 611 24.20 82.55 -23.76
N VAL B 612 24.99 82.16 -22.76
CA VAL B 612 25.95 83.07 -22.16
C VAL B 612 27.09 83.35 -23.15
N ALA B 613 27.47 84.61 -23.25
CA ALA B 613 28.48 85.06 -24.21
C ALA B 613 29.72 85.54 -23.48
N VAL B 614 30.88 85.10 -23.94
CA VAL B 614 32.15 85.56 -23.39
C VAL B 614 32.53 86.88 -24.05
N ARG B 615 33.25 87.72 -23.32
CA ARG B 615 33.69 89.02 -23.81
C ARG B 615 35.17 89.04 -24.19
N SER B 616 36.00 88.31 -23.45
CA SER B 616 37.43 88.29 -23.75
C SER B 616 37.72 87.69 -25.11
N ASN B 617 37.03 86.59 -25.46
CA ASN B 617 37.24 85.96 -26.75
C ASN B 617 36.79 86.88 -27.89
N GLN B 618 35.66 87.57 -27.71
CA GLN B 618 35.18 88.49 -28.73
C GLN B 618 36.15 89.66 -28.92
N ASP B 619 36.65 90.22 -27.81
CA ASP B 619 37.61 91.31 -27.91
C ASP B 619 38.91 90.87 -28.56
N LEU B 620 39.39 89.67 -28.21
CA LEU B 620 40.61 89.14 -28.81
C LEU B 620 40.43 88.87 -30.30
N ILE B 621 39.27 88.34 -30.69
CA ILE B 621 39.01 88.09 -32.11
C ILE B 621 38.96 89.41 -32.88
N THR B 622 38.28 90.41 -32.32
CA THR B 622 38.20 91.71 -32.98
C THR B 622 39.57 92.37 -33.11
N GLU B 623 40.39 92.29 -32.07
CA GLU B 623 41.74 92.87 -32.13
C GLU B 623 42.63 92.10 -33.09
N ASN B 624 42.55 90.77 -33.10
CA ASN B 624 43.43 89.97 -33.94
C ASN B 624 43.03 90.05 -35.41
N LEU B 625 41.76 90.33 -35.71
CA LEU B 625 41.37 90.59 -37.08
C LEU B 625 42.09 91.85 -37.57
N LEU B 626 42.71 91.74 -38.73
CA LEU B 626 43.65 92.76 -39.20
C LEU B 626 42.88 94.02 -39.59
N PRO B 627 43.17 95.18 -38.98
CA PRO B 627 42.39 96.39 -39.27
C PRO B 627 42.49 96.86 -40.71
N GLY B 628 43.60 96.59 -41.39
CA GLY B 628 43.75 96.95 -42.79
C GLY B 628 42.91 96.13 -43.74
N ARG B 629 42.23 95.09 -43.25
CA ARG B 629 41.25 94.31 -44.02
C ARG B 629 41.89 93.62 -45.22
N GLU B 630 43.08 93.06 -45.01
CA GLU B 630 43.77 92.38 -46.11
C GLU B 630 43.10 91.05 -46.46
N LEU B 631 42.76 90.25 -45.44
CA LEU B 631 42.23 88.91 -45.67
C LEU B 631 40.75 88.95 -46.06
N LEU B 632 39.99 89.90 -45.54
CA LEU B 632 38.54 89.86 -45.59
C LEU B 632 38.02 90.76 -46.71
N LEU B 633 36.75 90.53 -47.09
CA LEU B 633 36.11 91.25 -48.17
C LEU B 633 35.41 92.50 -47.67
N GLN B 634 35.30 93.49 -48.55
CA GLN B 634 34.76 94.81 -48.19
C GLN B 634 33.69 95.24 -49.19
N THR B 635 32.81 96.12 -48.73
CA THR B 635 31.75 96.70 -49.55
C THR B 635 31.71 98.20 -49.34
N ASN B 636 31.26 98.91 -50.38
CA ASN B 636 31.17 100.36 -50.33
C ASN B 636 30.22 100.84 -51.42
N LEU B 637 30.05 102.16 -51.51
CA LEU B 637 29.20 102.79 -52.51
C LEU B 637 30.06 103.62 -53.46
N ILE B 638 29.79 103.50 -54.75
CA ILE B 638 30.53 104.23 -55.78
C ILE B 638 29.54 104.80 -56.79
N ASN B 639 30.02 105.79 -57.55
CA ASN B 639 29.23 106.47 -58.57
C ASN B 639 29.60 105.96 -59.97
N TYR B 640 28.69 106.19 -60.90
CA TYR B 640 28.91 105.83 -62.29
C TYR B 640 29.72 106.91 -63.00
N VAL B 641 30.26 106.56 -64.17
CA VAL B 641 31.03 107.49 -64.98
C VAL B 641 30.84 107.10 -66.45
N THR B 642 30.79 108.10 -67.32
CA THR B 642 30.67 107.86 -68.75
C THR B 642 31.65 108.74 -69.51
N SER B 643 32.08 108.26 -70.67
CA SER B 643 33.09 108.95 -71.47
C SER B 643 32.53 109.26 -72.84
N ILE B 644 32.95 110.41 -73.39
CA ILE B 644 32.51 110.88 -74.69
C ILE B 644 33.74 111.18 -75.54
N ARG B 645 33.58 111.04 -76.86
CA ARG B 645 34.66 111.08 -77.83
C ARG B 645 34.23 111.71 -79.15
N PRO B 646 35.01 112.66 -79.69
CA PRO B 646 34.80 113.10 -81.07
C PRO B 646 35.62 112.26 -82.05
N ASN B 647 34.99 111.92 -83.16
CA ASN B 647 35.55 110.96 -84.12
C ASN B 647 36.67 111.62 -84.95
N ILE B 648 37.81 111.81 -84.29
CA ILE B 648 39.05 112.23 -84.93
C ILE B 648 40.16 111.32 -84.45
N PHE B 649 41.00 110.87 -85.38
CA PHE B 649 42.07 109.93 -85.08
C PHE B 649 43.41 110.49 -85.52
N VAL B 650 44.42 110.34 -84.66
CA VAL B 650 45.75 110.90 -84.88
C VAL B 650 46.78 109.79 -84.67
N GLY B 651 47.66 109.61 -85.66
CA GLY B 651 48.69 108.60 -85.56
C GLY B 651 49.89 108.94 -86.41
N ARG B 652 51.03 108.35 -86.04
CA ARG B 652 52.28 108.53 -86.77
C ARG B 652 52.89 107.17 -87.08
N ALA B 653 53.43 107.04 -88.28
CA ALA B 653 54.10 105.82 -88.71
C ALA B 653 55.08 106.18 -89.81
N GLU B 654 55.74 105.16 -90.37
CA GLU B 654 56.67 105.34 -91.48
C GLU B 654 55.86 105.55 -92.75
N GLY B 655 55.37 106.78 -92.90
CA GLY B 655 54.50 107.12 -94.01
C GLY B 655 54.09 108.57 -94.01
N SER B 656 52.79 108.83 -94.19
CA SER B 656 52.27 110.19 -94.19
C SER B 656 52.47 110.84 -92.82
N THR B 657 52.94 112.09 -92.84
CA THR B 657 53.15 112.82 -91.59
C THR B 657 51.85 113.05 -90.84
N GLN B 658 50.78 113.41 -91.56
CA GLN B 658 49.41 113.52 -91.04
C GLN B 658 49.31 114.56 -89.91
N TYR B 659 50.16 115.59 -89.96
CA TYR B 659 50.10 116.73 -89.05
C TYR B 659 50.17 116.29 -87.58
N GLY B 660 51.37 115.83 -87.21
CA GLY B 660 51.56 115.12 -85.94
C GLY B 660 51.17 115.92 -84.70
N LYS B 661 51.27 117.25 -84.77
CA LYS B 661 50.88 118.08 -83.64
C LYS B 661 49.40 118.41 -83.70
N TRP B 662 48.73 118.33 -82.55
CA TRP B 662 47.32 118.73 -82.49
C TRP B 662 47.03 119.47 -81.18
N TYR B 663 45.83 120.06 -81.14
CA TYR B 663 45.44 121.01 -80.10
C TYR B 663 43.93 121.18 -80.17
N PHE B 664 43.31 121.29 -78.99
CA PHE B 664 41.86 121.47 -78.90
C PHE B 664 41.54 122.13 -77.56
N GLU B 665 40.30 122.61 -77.45
CA GLU B 665 39.85 123.37 -76.28
C GLU B 665 38.55 122.78 -75.73
N VAL B 666 38.37 122.87 -74.41
CA VAL B 666 37.07 122.56 -73.84
C VAL B 666 36.66 123.65 -72.86
N MET B 667 35.35 123.83 -72.70
CA MET B 667 34.76 124.81 -71.82
C MET B 667 33.89 124.09 -70.79
N VAL B 668 33.99 124.51 -69.53
CA VAL B 668 33.26 123.89 -68.44
C VAL B 668 32.48 124.95 -67.68
N ASP B 669 31.20 124.68 -67.44
CA ASP B 669 30.34 125.49 -66.56
C ASP B 669 29.57 124.54 -65.63
N GLU B 670 30.22 124.18 -64.53
CA GLU B 670 29.71 123.13 -63.66
C GLU B 670 28.57 123.66 -62.80
N VAL B 671 27.64 122.76 -62.46
CA VAL B 671 26.40 123.14 -61.77
C VAL B 671 26.40 122.68 -60.31
N VAL B 672 26.73 121.41 -60.07
CA VAL B 672 26.67 120.85 -58.72
C VAL B 672 28.05 120.38 -58.29
N PRO B 673 28.85 121.24 -57.62
CA PRO B 673 30.23 120.86 -57.28
C PRO B 673 30.35 119.62 -56.41
N PHE B 674 29.44 119.43 -55.46
CA PHE B 674 29.52 118.31 -54.53
C PHE B 674 28.17 117.61 -54.55
N LEU B 675 28.19 116.30 -54.77
CA LEU B 675 26.99 115.51 -54.99
C LEU B 675 26.62 114.82 -53.66
N THR B 676 25.62 113.93 -53.70
CA THR B 676 25.11 113.30 -52.50
C THR B 676 26.16 112.44 -51.81
N ALA B 677 26.93 111.67 -52.58
CA ALA B 677 27.89 110.72 -52.02
C ALA B 677 29.34 111.10 -52.30
N GLN B 678 29.70 111.27 -53.58
CA GLN B 678 31.08 111.50 -53.97
C GLN B 678 31.20 112.80 -54.76
N ALA B 679 32.40 113.35 -54.78
CA ALA B 679 32.67 114.59 -55.49
C ALA B 679 32.57 114.37 -57.00
N THR B 680 32.26 115.45 -57.71
CA THR B 680 32.14 115.40 -59.16
C THR B 680 33.49 115.07 -59.80
N HIS B 681 33.47 114.13 -60.75
CA HIS B 681 34.67 113.66 -61.43
C HIS B 681 34.61 114.10 -62.88
N LEU B 682 35.63 114.86 -63.32
CA LEU B 682 35.71 115.35 -64.68
C LEU B 682 37.17 115.40 -65.10
N ARG B 683 37.47 114.81 -66.25
CA ARG B 683 38.85 114.72 -66.73
C ARG B 683 38.90 115.07 -68.20
N VAL B 684 40.07 115.54 -68.63
CA VAL B 684 40.37 115.78 -70.04
C VAL B 684 41.73 115.17 -70.34
N GLY B 685 41.86 114.57 -71.52
CA GLY B 685 43.11 113.92 -71.87
C GLY B 685 42.97 113.14 -73.17
N TRP B 686 43.87 112.18 -73.34
CA TRP B 686 43.91 111.38 -74.56
C TRP B 686 43.84 109.88 -74.26
N ALA B 687 43.85 109.10 -75.33
CA ALA B 687 43.82 107.64 -75.25
C ALA B 687 44.55 107.06 -76.44
N LEU B 688 44.99 105.81 -76.30
CA LEU B 688 45.89 105.18 -77.27
C LEU B 688 45.14 104.27 -78.26
N THR B 689 43.82 104.12 -78.09
CA THR B 689 42.89 103.38 -78.97
C THR B 689 43.09 101.87 -78.79
N GLU B 690 44.17 101.46 -78.11
CA GLU B 690 44.41 100.04 -77.90
C GLU B 690 43.48 99.45 -76.85
N GLY B 691 43.28 100.17 -75.75
CA GLY B 691 42.35 99.73 -74.71
C GLY B 691 41.30 100.77 -74.40
N TYR B 692 40.03 100.45 -74.70
CA TYR B 692 38.95 101.38 -74.44
C TYR B 692 38.54 101.36 -72.97
N SER B 693 38.17 100.18 -72.48
CA SER B 693 37.62 100.00 -71.14
C SER B 693 36.49 100.97 -70.79
N PRO B 694 35.37 100.92 -71.51
CA PRO B 694 34.24 101.81 -71.21
C PRO B 694 33.18 101.20 -70.30
N TYR B 695 33.42 100.04 -69.73
CA TYR B 695 32.39 99.33 -68.98
C TYR B 695 32.04 100.09 -67.71
N PRO B 696 30.76 100.33 -67.44
CA PRO B 696 30.38 101.12 -66.25
C PRO B 696 30.59 100.40 -64.94
N GLY B 697 30.94 99.12 -64.95
CA GLY B 697 31.20 98.36 -63.74
C GLY B 697 32.55 98.69 -63.13
N GLY B 698 33.14 97.69 -62.48
CA GLY B 698 34.43 97.88 -61.84
C GLY B 698 35.55 97.07 -62.46
N GLY B 699 36.62 97.73 -62.85
CA GLY B 699 37.78 97.04 -63.39
C GLY B 699 39.07 97.30 -62.64
N GLU B 700 39.16 98.48 -62.01
CA GLU B 700 40.35 98.85 -61.27
C GLU B 700 40.18 98.49 -59.80
N GLY B 701 41.08 98.99 -58.95
CA GLY B 701 41.06 98.63 -57.54
C GLY B 701 39.82 99.13 -56.81
N TRP B 702 39.46 100.40 -57.04
CA TRP B 702 38.32 100.99 -56.36
C TRP B 702 37.50 101.82 -57.33
N GLY B 703 36.20 101.56 -57.39
CA GLY B 703 35.29 102.36 -58.15
C GLY B 703 35.43 102.20 -59.66
N GLY B 704 34.78 103.11 -60.36
CA GLY B 704 34.85 103.15 -61.81
C GLY B 704 35.29 104.51 -62.32
N ASN B 705 36.30 104.53 -63.18
CA ASN B 705 36.83 105.76 -63.74
C ASN B 705 37.09 105.56 -65.23
N GLY B 706 37.07 106.66 -65.97
CA GLY B 706 37.25 106.60 -67.41
C GLY B 706 38.66 106.84 -67.89
N VAL B 707 39.30 107.90 -67.39
CA VAL B 707 40.62 108.32 -67.86
C VAL B 707 41.59 108.26 -66.71
N GLY B 708 42.75 107.64 -66.93
CA GLY B 708 43.84 107.61 -65.98
C GLY B 708 44.12 106.24 -65.39
N ASP B 709 43.16 105.32 -65.44
CA ASP B 709 43.37 104.00 -64.84
C ASP B 709 44.40 103.19 -65.61
N ASP B 710 44.26 103.13 -66.94
CA ASP B 710 45.14 102.33 -67.77
C ASP B 710 46.34 103.14 -68.24
N LEU B 711 47.36 102.43 -68.70
CA LEU B 711 48.54 103.06 -69.27
C LEU B 711 48.27 103.69 -70.63
N TYR B 712 47.13 103.38 -71.25
CA TYR B 712 46.76 103.94 -72.54
C TYR B 712 46.08 105.29 -72.43
N SER B 713 45.74 105.73 -71.22
CA SER B 713 45.00 106.97 -71.02
C SER B 713 45.82 107.93 -70.16
N TYR B 714 45.75 109.22 -70.50
CA TYR B 714 46.43 110.27 -69.77
C TYR B 714 45.45 111.42 -69.58
N GLY B 715 45.25 111.84 -68.33
CA GLY B 715 44.26 112.85 -68.01
C GLY B 715 44.78 113.89 -67.05
N PHE B 716 44.03 114.98 -66.95
CA PHE B 716 44.38 116.12 -66.12
C PHE B 716 43.15 116.56 -65.35
N ASP B 717 43.20 116.50 -64.02
CA ASP B 717 42.05 116.74 -63.17
C ASP B 717 42.03 118.15 -62.57
N GLY B 718 42.93 119.03 -63.01
CA GLY B 718 43.02 120.37 -62.48
C GLY B 718 43.98 120.50 -61.31
N LEU B 719 44.11 119.47 -60.49
CA LEU B 719 45.09 119.42 -59.42
C LEU B 719 46.11 118.31 -59.58
N HIS B 720 45.78 117.24 -60.30
CA HIS B 720 46.66 116.10 -60.46
C HIS B 720 46.67 115.65 -61.91
N LEU B 721 47.77 115.01 -62.30
CA LEU B 721 47.87 114.31 -63.56
C LEU B 721 47.61 112.82 -63.31
N TRP B 722 46.69 112.24 -64.07
CA TRP B 722 46.24 110.87 -63.87
C TRP B 722 46.78 110.00 -64.99
N THR B 723 47.51 108.97 -64.60
CA THR B 723 48.01 107.94 -65.50
C THR B 723 48.35 106.72 -64.67
N GLY B 724 48.22 105.53 -65.26
CA GLY B 724 48.55 104.30 -64.59
C GLY B 724 47.77 104.05 -63.30
N HIS B 725 46.59 104.63 -63.19
CA HIS B 725 45.78 104.62 -61.96
C HIS B 725 46.58 105.16 -60.77
N VAL B 726 47.20 106.33 -60.98
CA VAL B 726 47.82 107.05 -59.87
C VAL B 726 47.75 108.55 -60.19
N ALA B 727 47.56 109.35 -59.15
CA ALA B 727 47.42 110.79 -59.27
C ALA B 727 48.70 111.47 -58.82
N ARG B 728 49.31 112.26 -59.69
CA ARG B 728 50.53 112.99 -59.34
C ARG B 728 50.23 114.47 -59.28
N PRO B 729 50.29 115.10 -58.11
CA PRO B 729 49.97 116.54 -58.02
C PRO B 729 51.05 117.40 -58.65
N VAL B 730 50.62 118.56 -59.15
CA VAL B 730 51.51 119.57 -59.72
C VAL B 730 51.17 120.92 -59.12
N THR B 731 52.07 121.87 -59.29
CA THR B 731 51.92 123.21 -58.73
C THR B 731 51.50 124.18 -59.83
N SER B 732 50.47 124.98 -59.53
CA SER B 732 49.96 125.96 -60.48
C SER B 732 49.25 127.06 -59.69
N PRO B 733 49.37 128.33 -60.10
CA PRO B 733 48.63 129.39 -59.42
C PRO B 733 47.13 129.19 -59.55
N GLY B 734 46.40 129.52 -58.48
CA GLY B 734 44.97 129.31 -58.45
C GLY B 734 44.61 127.84 -58.34
N GLN B 735 45.00 127.20 -57.25
CA GLN B 735 44.76 125.78 -57.04
C GLN B 735 43.28 125.58 -56.71
N HIS B 736 42.51 125.13 -57.70
CA HIS B 736 41.09 124.86 -57.52
C HIS B 736 40.65 123.84 -58.55
N LEU B 737 39.55 123.16 -58.23
CA LEU B 737 39.02 122.12 -59.10
C LEU B 737 38.42 122.72 -60.36
N LEU B 738 37.87 121.86 -61.23
CA LEU B 738 37.21 122.30 -62.45
C LEU B 738 36.00 123.16 -62.10
N ALA B 739 36.09 124.45 -62.38
CA ALA B 739 35.12 125.45 -61.97
C ALA B 739 34.43 126.05 -63.18
N PRO B 740 33.24 126.65 -63.01
CA PRO B 740 32.59 127.33 -64.13
C PRO B 740 33.42 128.50 -64.65
N GLU B 741 33.25 128.76 -65.95
CA GLU B 741 33.97 129.82 -66.67
C GLU B 741 35.49 129.57 -66.66
N ASP B 742 35.87 128.34 -66.99
CA ASP B 742 37.27 127.96 -67.13
C ASP B 742 37.46 127.19 -68.43
N VAL B 743 38.62 127.37 -69.04
CA VAL B 743 38.99 126.68 -70.27
C VAL B 743 40.28 125.90 -70.02
N VAL B 744 40.37 124.71 -70.60
CA VAL B 744 41.61 123.94 -70.59
C VAL B 744 41.81 123.35 -71.98
N SER B 745 43.08 123.33 -72.40
CA SER B 745 43.48 122.83 -73.71
C SER B 745 44.57 121.79 -73.55
N CYS B 746 44.63 120.86 -74.51
CA CYS B 746 45.63 119.81 -74.54
C CYS B 746 46.42 119.94 -75.84
N CYS B 747 47.75 119.91 -75.74
CA CYS B 747 48.62 119.93 -76.91
C CYS B 747 49.45 118.67 -76.95
N LEU B 748 49.43 118.00 -78.11
CA LEU B 748 50.10 116.73 -78.31
C LEU B 748 51.08 116.87 -79.46
N ASP B 749 52.37 116.64 -79.17
CA ASP B 749 53.45 116.70 -80.13
C ASP B 749 54.05 115.31 -80.32
N LEU B 750 54.34 114.97 -81.58
CA LEU B 750 54.86 113.66 -81.93
C LEU B 750 56.32 113.65 -82.37
N SER B 751 56.89 114.81 -82.73
CA SER B 751 58.31 114.86 -83.06
C SER B 751 59.15 114.46 -81.86
N VAL B 752 58.83 115.01 -80.70
CA VAL B 752 59.21 114.44 -79.41
C VAL B 752 57.90 114.04 -78.72
N PRO B 753 57.80 112.82 -78.17
CA PRO B 753 56.49 112.36 -77.68
C PRO B 753 56.04 113.12 -76.44
N SER B 754 55.45 114.29 -76.63
CA SER B 754 55.09 115.17 -75.53
C SER B 754 53.59 115.43 -75.50
N ILE B 755 53.03 115.48 -74.30
CA ILE B 755 51.64 115.85 -74.07
C ILE B 755 51.62 116.86 -72.93
N SER B 756 51.02 118.03 -73.18
CA SER B 756 51.00 119.09 -72.19
C SER B 756 49.60 119.69 -72.09
N PHE B 757 49.31 120.27 -70.93
CA PHE B 757 48.02 120.86 -70.63
C PHE B 757 48.18 122.36 -70.36
N ARG B 758 47.18 123.13 -70.76
CA ARG B 758 47.24 124.59 -70.68
C ARG B 758 45.93 125.11 -70.09
N ILE B 759 46.04 125.89 -69.01
CA ILE B 759 44.89 126.57 -68.41
C ILE B 759 45.27 128.03 -68.20
N ASN B 760 45.02 128.85 -69.22
CA ASN B 760 44.91 130.31 -69.14
C ASN B 760 46.19 131.06 -68.78
N GLY B 761 47.25 130.35 -68.44
CA GLY B 761 48.47 131.03 -68.03
C GLY B 761 49.77 130.43 -68.52
N CYS B 762 49.69 129.21 -69.06
CA CYS B 762 50.84 128.34 -69.26
C CYS B 762 51.73 128.20 -68.03
N PRO B 763 51.16 127.80 -66.84
CA PRO B 763 52.03 127.56 -65.70
C PRO B 763 52.36 126.09 -65.45
N VAL B 764 51.71 125.20 -66.19
CA VAL B 764 51.73 123.77 -65.85
C VAL B 764 53.04 123.15 -66.30
N GLN B 765 53.76 122.57 -65.36
CA GLN B 765 55.00 121.84 -65.65
C GLN B 765 54.76 120.35 -65.87
N GLY B 766 53.55 119.86 -65.67
CA GLY B 766 53.25 118.46 -65.87
C GLY B 766 53.27 118.11 -67.35
N VAL B 767 54.13 117.18 -67.74
CA VAL B 767 54.28 116.79 -69.14
C VAL B 767 54.64 115.31 -69.19
N PHE B 768 54.10 114.61 -70.19
CA PHE B 768 54.34 113.19 -70.36
C PHE B 768 55.33 112.96 -71.50
N GLU B 769 56.20 111.95 -71.32
CA GLU B 769 57.21 111.63 -72.31
C GLU B 769 57.39 110.12 -72.37
N ALA B 770 57.96 109.66 -73.48
CA ALA B 770 58.38 108.27 -73.69
C ALA B 770 57.22 107.29 -73.54
N PHE B 771 56.13 107.56 -74.26
CA PHE B 771 55.01 106.65 -74.34
C PHE B 771 54.98 105.98 -75.72
N ASN B 772 54.39 104.79 -75.77
CA ASN B 772 54.34 104.03 -77.01
C ASN B 772 53.47 104.74 -78.05
N LEU B 773 53.89 104.66 -79.31
CA LEU B 773 53.23 105.36 -80.41
C LEU B 773 52.56 104.39 -81.39
N ASP B 774 52.35 103.14 -81.00
CA ASP B 774 51.75 102.13 -81.88
C ASP B 774 50.24 102.12 -81.70
N GLY B 775 49.61 103.21 -82.14
CA GLY B 775 48.17 103.32 -82.03
C GLY B 775 47.70 104.66 -82.53
N LEU B 776 46.41 104.91 -82.28
CA LEU B 776 45.75 106.15 -82.69
C LEU B 776 45.38 106.96 -81.46
N PHE B 777 45.51 108.28 -81.57
CA PHE B 777 45.27 109.17 -80.45
C PHE B 777 44.02 110.00 -80.71
N PHE B 778 43.10 110.02 -79.76
CA PHE B 778 41.90 110.82 -79.83
C PHE B 778 41.65 111.50 -78.50
N PRO B 779 41.03 112.68 -78.51
CA PRO B 779 40.58 113.28 -77.25
C PRO B 779 39.37 112.53 -76.70
N VAL B 780 39.24 112.59 -75.36
CA VAL B 780 38.15 111.91 -74.66
C VAL B 780 37.87 112.68 -73.38
N VAL B 781 36.60 112.70 -72.98
CA VAL B 781 36.18 113.41 -71.76
C VAL B 781 35.34 112.46 -70.92
N SER B 782 35.76 112.23 -69.68
CA SER B 782 35.06 111.35 -68.75
C SER B 782 34.39 112.20 -67.68
N PHE B 783 33.10 111.96 -67.43
CA PHE B 783 32.33 112.76 -66.51
C PHE B 783 31.36 111.88 -65.73
N SER B 784 31.06 112.33 -64.52
CA SER B 784 30.03 111.73 -63.68
C SER B 784 28.70 112.45 -63.90
N ALA B 785 27.75 112.22 -62.99
CA ALA B 785 26.44 112.84 -63.08
C ALA B 785 26.52 114.35 -62.79
N GLY B 786 25.53 115.08 -63.28
CA GLY B 786 25.46 116.51 -63.06
C GLY B 786 26.56 117.32 -63.72
N VAL B 787 26.88 117.00 -64.97
CA VAL B 787 27.97 117.65 -65.69
C VAL B 787 27.47 118.11 -67.05
N LYS B 788 27.72 119.38 -67.38
CA LYS B 788 27.48 119.92 -68.71
C LYS B 788 28.77 120.57 -69.18
N VAL B 789 29.31 120.08 -70.31
CA VAL B 789 30.62 120.51 -70.79
C VAL B 789 30.58 120.68 -72.31
N ARG B 790 31.21 121.75 -72.79
CA ARG B 790 31.22 122.10 -74.20
C ARG B 790 32.60 121.82 -74.81
N PHE B 791 32.60 121.39 -76.07
CA PHE B 791 33.80 120.99 -76.78
C PHE B 791 34.03 121.93 -77.96
N LEU B 792 35.20 122.55 -78.02
CA LEU B 792 35.55 123.45 -79.12
C LEU B 792 36.60 122.78 -80.00
N LEU B 793 36.42 122.89 -81.31
CA LEU B 793 37.32 122.25 -82.27
C LEU B 793 38.05 123.25 -83.15
N GLY B 794 37.34 124.25 -83.68
CA GLY B 794 37.97 125.23 -84.55
C GLY B 794 37.03 125.85 -85.55
N GLY B 795 37.38 125.80 -86.84
CA GLY B 795 36.57 126.41 -87.86
C GLY B 795 35.18 125.83 -87.98
N ARG B 796 35.02 124.55 -87.63
CA ARG B 796 33.72 123.89 -87.70
C ARG B 796 32.72 124.52 -86.72
N HIS B 797 32.97 124.39 -85.42
CA HIS B 797 32.08 124.98 -84.43
C HIS B 797 32.82 125.56 -83.21
N GLY B 798 34.15 125.60 -83.23
CA GLY B 798 34.88 126.00 -82.04
C GLY B 798 35.48 127.39 -82.07
N GLU B 799 34.89 128.31 -81.30
CA GLU B 799 35.42 129.66 -81.19
C GLU B 799 36.57 129.64 -80.20
N PHE B 800 37.80 129.68 -80.71
CA PHE B 800 38.99 129.58 -79.88
C PHE B 800 39.17 130.87 -79.08
N LYS B 801 39.03 130.76 -77.76
CA LYS B 801 39.22 131.93 -76.89
C LYS B 801 40.69 132.27 -76.71
N PHE B 802 41.58 131.29 -76.80
CA PHE B 802 43.01 131.49 -76.66
C PHE B 802 43.71 131.07 -77.93
N LEU B 803 44.66 131.90 -78.37
CA LEU B 803 45.40 131.59 -79.59
C LEU B 803 46.34 130.41 -79.34
N PRO B 804 46.42 129.46 -80.26
CA PRO B 804 47.37 128.35 -80.10
C PRO B 804 48.79 128.82 -80.38
N PRO B 805 49.79 128.04 -79.97
CA PRO B 805 51.16 128.36 -80.37
C PRO B 805 51.31 128.25 -81.86
N PRO B 806 52.25 128.99 -82.45
CA PRO B 806 52.26 129.21 -83.91
C PRO B 806 52.37 127.92 -84.73
N GLY B 807 51.60 127.88 -85.81
CA GLY B 807 51.63 126.78 -86.75
C GLY B 807 51.19 125.44 -86.18
N TYR B 808 50.11 125.40 -85.41
CA TYR B 808 49.73 124.20 -84.69
C TYR B 808 48.30 123.80 -85.05
N ALA B 809 48.07 122.48 -85.06
CA ALA B 809 46.77 121.84 -85.23
C ALA B 809 46.03 122.27 -86.50
N PRO B 810 46.54 121.96 -87.70
CA PRO B 810 45.77 122.25 -88.91
C PRO B 810 44.78 121.14 -89.24
N CYS B 811 43.50 121.48 -89.28
CA CYS B 811 42.41 120.52 -89.38
C CYS B 811 41.82 120.42 -90.79
N HIS B 812 42.67 120.49 -91.82
CA HIS B 812 42.21 120.44 -93.19
C HIS B 812 42.74 119.26 -94.00
N GLU B 813 43.79 118.58 -93.53
CA GLU B 813 44.45 117.60 -94.39
C GLU B 813 43.75 116.26 -94.37
N ALA B 814 43.70 115.59 -93.22
CA ALA B 814 43.28 114.19 -93.16
C ALA B 814 42.38 113.94 -91.95
N VAL B 815 41.43 114.83 -91.71
CA VAL B 815 40.43 114.65 -90.67
C VAL B 815 39.05 114.65 -91.30
N LEU B 816 38.26 113.64 -90.94
CA LEU B 816 36.91 113.43 -91.46
C LEU B 816 36.85 113.44 -93.00
N PRO B 817 37.48 112.47 -93.66
CA PRO B 817 37.37 112.42 -95.12
C PRO B 817 35.98 112.04 -95.60
N ARG B 818 35.25 111.24 -94.82
CA ARG B 818 33.90 110.84 -95.17
C ARG B 818 32.90 110.95 -94.02
N GLU B 819 33.36 111.02 -92.77
CA GLU B 819 32.48 111.09 -91.63
C GLU B 819 31.86 112.49 -91.51
N ARG B 820 30.91 112.64 -90.60
CA ARG B 820 30.20 113.89 -90.40
C ARG B 820 30.60 114.62 -89.13
N LEU B 821 31.67 114.15 -88.46
CA LEU B 821 32.22 114.78 -87.24
C LEU B 821 31.16 114.87 -86.14
N ARG B 822 30.75 113.69 -85.68
CA ARG B 822 29.75 113.56 -84.63
C ARG B 822 30.37 113.00 -83.36
N LEU B 823 29.64 113.14 -82.26
CA LEU B 823 30.05 112.63 -80.97
C LEU B 823 29.40 111.27 -80.73
N GLU B 824 30.20 110.31 -80.25
CA GLU B 824 29.73 108.95 -80.07
C GLU B 824 30.49 108.25 -78.95
N PRO B 825 29.79 107.53 -78.06
CA PRO B 825 30.48 106.83 -76.96
C PRO B 825 31.33 105.69 -77.47
N ILE B 826 32.41 105.41 -76.74
CA ILE B 826 33.41 104.44 -77.16
C ILE B 826 32.98 103.04 -76.74
N LYS B 827 32.94 102.14 -77.73
CA LYS B 827 32.76 100.70 -77.51
C LYS B 827 31.51 100.37 -76.70
N GLU B 828 30.40 101.05 -77.04
CA GLU B 828 29.14 100.78 -76.38
C GLU B 828 28.50 99.53 -76.95
N TYR B 829 28.00 98.66 -76.07
CA TYR B 829 27.38 97.42 -76.48
C TYR B 829 25.86 97.49 -76.61
N ARG B 830 25.25 98.61 -76.21
CA ARG B 830 23.81 98.78 -76.34
C ARG B 830 23.48 100.23 -76.60
N ARG B 831 22.28 100.45 -77.15
CA ARG B 831 21.78 101.79 -77.41
C ARG B 831 20.27 101.80 -77.19
N GLU B 832 19.69 102.99 -77.26
CA GLU B 832 18.24 103.15 -77.14
C GLU B 832 17.65 103.38 -78.52
N GLY B 833 16.80 102.45 -78.97
CA GLY B 833 16.22 102.55 -80.29
C GLY B 833 14.84 103.19 -80.27
N PRO B 834 14.11 103.05 -81.38
CA PRO B 834 12.73 103.57 -81.41
C PRO B 834 11.81 102.92 -80.38
N ARG B 835 12.04 101.66 -80.04
CA ARG B 835 11.24 100.96 -79.03
C ARG B 835 12.18 100.09 -78.19
N GLY B 836 12.52 100.58 -77.01
CA GLY B 836 13.35 99.83 -76.10
C GLY B 836 14.84 99.89 -76.43
N PRO B 837 15.58 98.88 -75.98
CA PRO B 837 17.01 98.83 -76.26
C PRO B 837 17.35 98.04 -77.52
N HIS B 838 18.48 98.42 -78.12
CA HIS B 838 19.06 97.70 -79.24
C HIS B 838 20.45 97.22 -78.84
N LEU B 839 20.70 95.93 -79.02
CA LEU B 839 21.96 95.32 -78.66
C LEU B 839 22.87 95.32 -79.89
N VAL B 840 24.04 95.94 -79.77
CA VAL B 840 24.96 96.05 -80.89
C VAL B 840 26.21 95.23 -80.58
N GLY B 841 26.83 94.75 -81.65
CA GLY B 841 28.04 93.96 -81.54
C GLY B 841 29.26 94.83 -81.37
N PRO B 842 30.45 94.21 -81.43
CA PRO B 842 31.69 94.98 -81.32
C PRO B 842 31.83 95.97 -82.47
N SER B 843 32.40 97.14 -82.16
CA SER B 843 32.61 98.17 -83.17
C SER B 843 33.65 97.71 -84.18
N ARG B 844 33.50 98.19 -85.41
CA ARG B 844 34.43 97.84 -86.48
C ARG B 844 35.81 98.42 -86.19
N CYS B 845 36.83 97.57 -86.30
CA CYS B 845 38.21 97.97 -86.06
C CYS B 845 38.89 98.20 -87.41
N LEU B 846 39.35 99.43 -87.63
CA LEU B 846 40.00 99.81 -88.89
C LEU B 846 40.84 101.04 -88.65
N SER B 847 41.54 101.47 -89.69
CA SER B 847 42.40 102.66 -89.70
C SER B 847 43.52 102.59 -88.67
N HIS B 848 43.93 101.39 -88.27
CA HIS B 848 45.04 101.25 -87.33
C HIS B 848 46.35 101.63 -87.99
N THR B 849 46.60 101.11 -89.19
CA THR B 849 47.80 101.45 -89.95
C THR B 849 47.50 101.65 -91.44
N ASP B 850 46.23 101.91 -91.79
CA ASP B 850 45.85 102.03 -93.20
C ASP B 850 46.31 103.33 -93.84
N PHE B 851 46.77 104.30 -93.04
CA PHE B 851 47.13 105.61 -93.58
C PHE B 851 48.45 105.61 -94.34
N VAL B 852 49.25 104.55 -94.24
CA VAL B 852 50.49 104.46 -95.01
C VAL B 852 50.20 103.82 -96.35
N PRO B 853 50.64 104.41 -97.47
CA PRO B 853 50.44 103.78 -98.78
C PRO B 853 51.60 102.88 -99.17
N CYS B 854 51.25 101.73 -99.75
CA CYS B 854 52.22 100.73 -100.18
C CYS B 854 51.95 100.35 -101.62
N PRO B 855 52.34 101.20 -102.57
CA PRO B 855 52.14 100.87 -103.99
C PRO B 855 53.13 99.81 -104.45
N VAL B 856 52.76 99.12 -105.52
CA VAL B 856 53.64 98.12 -106.11
C VAL B 856 54.80 98.81 -106.82
N ASP B 857 55.98 98.22 -106.70
CA ASP B 857 57.19 98.78 -107.30
C ASP B 857 57.56 97.97 -108.54
N THR B 858 57.53 98.61 -109.71
CA THR B 858 57.85 97.96 -110.97
C THR B 858 58.67 98.87 -111.88
N VAL B 859 59.50 99.73 -111.28
CA VAL B 859 60.24 100.73 -112.05
C VAL B 859 61.26 100.07 -112.96
N GLN B 860 61.99 99.07 -112.45
CA GLN B 860 63.06 98.46 -113.22
C GLN B 860 63.14 96.94 -113.09
N ILE B 861 62.19 96.30 -112.40
CA ILE B 861 62.26 94.84 -112.24
C ILE B 861 61.99 94.13 -113.56
N VAL B 862 61.08 94.67 -114.38
CA VAL B 862 60.67 94.03 -115.62
C VAL B 862 60.64 95.08 -116.73
N LEU B 863 60.64 94.58 -117.97
CA LEU B 863 60.54 95.40 -119.16
C LEU B 863 59.46 94.86 -120.09
N PRO B 864 58.78 95.73 -120.82
CA PRO B 864 57.71 95.27 -121.72
C PRO B 864 58.29 94.73 -123.01
N PRO B 865 58.05 93.44 -123.30
CA PRO B 865 58.58 92.87 -124.55
C PRO B 865 57.63 93.06 -125.73
N HIS B 866 58.09 93.79 -126.75
CA HIS B 866 57.37 94.10 -128.00
C HIS B 866 55.94 94.60 -127.75
N LEU B 867 55.85 95.76 -127.10
CA LEU B 867 54.59 96.52 -127.01
C LEU B 867 54.72 97.92 -127.57
N GLU B 868 55.84 98.26 -128.22
CA GLU B 868 56.03 99.61 -128.74
C GLU B 868 55.13 99.91 -129.93
N ARG B 869 54.64 98.89 -130.64
CA ARG B 869 53.79 99.12 -131.80
C ARG B 869 52.42 99.63 -131.40
N ILE B 870 51.97 99.29 -130.18
CA ILE B 870 50.63 99.66 -129.73
C ILE B 870 50.67 100.84 -128.77
N ARG B 871 51.82 101.10 -128.13
CA ARG B 871 51.96 102.26 -127.24
C ARG B 871 51.78 103.58 -128.00
N GLU B 872 52.10 103.60 -129.29
CA GLU B 872 51.91 104.82 -130.08
C GLU B 872 50.43 105.15 -130.25
N LYS B 873 49.62 104.15 -130.62
CA LYS B 873 48.19 104.39 -130.77
C LYS B 873 47.52 104.64 -129.42
N LEU B 874 48.02 104.04 -128.34
CA LEU B 874 47.51 104.35 -127.01
C LEU B 874 47.82 105.80 -126.64
N ALA B 875 49.03 106.27 -126.94
CA ALA B 875 49.38 107.66 -126.69
C ALA B 875 48.51 108.60 -127.51
N GLU B 876 48.24 108.23 -128.77
CA GLU B 876 47.35 109.03 -129.61
C GLU B 876 45.94 109.11 -129.02
N ASN B 877 45.42 107.97 -128.55
CA ASN B 877 44.08 107.94 -127.98
C ASN B 877 44.00 108.78 -126.72
N ILE B 878 44.98 108.62 -125.81
CA ILE B 878 44.91 109.37 -124.57
C ILE B 878 45.29 110.84 -124.76
N HIS B 879 45.95 111.19 -125.86
CA HIS B 879 46.15 112.61 -126.16
C HIS B 879 44.86 113.23 -126.68
N GLU B 880 44.13 112.52 -127.56
CA GLU B 880 42.88 113.06 -128.05
C GLU B 880 41.77 113.03 -126.99
N LEU B 881 41.93 112.20 -125.94
CA LEU B 881 40.97 112.25 -124.83
C LEU B 881 41.01 113.59 -124.11
N TRP B 882 42.14 114.29 -124.14
CA TRP B 882 42.21 115.61 -123.52
C TRP B 882 41.27 116.59 -124.20
N ALA B 883 41.33 116.64 -125.54
CA ALA B 883 40.40 117.47 -126.29
C ALA B 883 38.97 116.97 -126.16
N LEU B 884 38.79 115.64 -126.08
CA LEU B 884 37.45 115.08 -125.91
C LEU B 884 36.84 115.51 -124.57
N THR B 885 37.66 115.61 -123.53
CA THR B 885 37.17 116.06 -122.23
C THR B 885 36.98 117.56 -122.18
N ARG B 886 37.76 118.32 -122.95
CA ARG B 886 37.63 119.77 -122.92
C ARG B 886 36.60 120.32 -123.91
N ILE B 887 36.12 119.51 -124.84
CA ILE B 887 35.21 120.03 -125.86
C ILE B 887 33.83 120.31 -125.27
N GLU B 888 33.44 119.60 -124.20
CA GLU B 888 32.13 119.85 -123.58
C GLU B 888 32.06 121.26 -123.00
N GLN B 889 33.11 121.70 -122.31
CA GLN B 889 33.15 123.08 -121.85
C GLN B 889 33.58 124.04 -122.95
N GLY B 890 34.16 123.53 -124.04
CA GLY B 890 34.45 124.37 -125.18
C GLY B 890 35.75 125.13 -125.13
N TRP B 891 36.80 124.52 -124.58
CA TRP B 891 38.11 125.17 -124.59
C TRP B 891 38.69 125.18 -125.99
N THR B 892 39.50 126.19 -126.28
CA THR B 892 39.97 126.47 -127.63
C THR B 892 41.46 126.80 -127.57
N TYR B 893 42.17 126.52 -128.66
CA TYR B 893 43.58 126.86 -128.76
C TYR B 893 43.77 128.38 -128.73
N GLY B 894 44.86 128.81 -128.11
CA GLY B 894 45.20 130.21 -128.02
C GLY B 894 46.66 130.44 -127.71
N PRO B 895 47.15 131.65 -128.00
CA PRO B 895 48.57 131.95 -127.72
C PRO B 895 48.95 131.85 -126.24
N VAL B 896 48.05 132.23 -125.34
CA VAL B 896 48.34 132.28 -123.91
C VAL B 896 47.36 131.37 -123.18
N ARG B 897 47.87 130.55 -122.27
CA ARG B 897 47.03 129.59 -121.56
C ARG B 897 46.16 130.30 -120.52
N ASP B 898 44.85 130.12 -120.65
CA ASP B 898 43.87 130.72 -119.74
C ASP B 898 42.61 129.88 -119.77
N ASP B 899 42.18 129.40 -118.61
CA ASP B 899 40.98 128.57 -118.56
C ASP B 899 39.72 129.36 -118.85
N ASN B 900 39.60 130.56 -118.26
CA ASN B 900 38.40 131.37 -118.45
C ASN B 900 38.34 131.96 -119.85
N LYS B 901 39.48 132.37 -120.39
CA LYS B 901 39.53 132.98 -121.72
C LYS B 901 39.41 131.97 -122.84
N ARG B 902 39.41 130.67 -122.52
CA ARG B 902 39.30 129.57 -123.50
C ARG B 902 40.43 129.62 -124.52
N LEU B 903 41.63 129.97 -124.07
CA LEU B 903 42.82 129.97 -124.91
C LEU B 903 43.87 129.08 -124.25
N HIS B 904 44.43 128.14 -125.03
CA HIS B 904 45.43 127.20 -124.53
C HIS B 904 46.38 126.76 -125.63
N PRO B 905 47.67 127.08 -125.53
CA PRO B 905 48.64 126.60 -126.54
C PRO B 905 49.00 125.12 -126.39
N CYS B 906 48.58 124.47 -125.30
CA CYS B 906 48.91 123.07 -125.10
C CYS B 906 48.22 122.16 -126.11
N LEU B 907 47.06 122.58 -126.62
CA LEU B 907 46.33 121.80 -127.62
C LEU B 907 47.01 122.00 -128.96
N VAL B 908 47.75 120.98 -129.40
CA VAL B 908 48.54 121.05 -130.62
C VAL B 908 48.27 119.81 -131.47
N ASN B 909 48.62 119.92 -132.75
CA ASN B 909 48.55 118.78 -133.65
C ASN B 909 49.57 117.74 -133.25
N PHE B 910 49.19 116.47 -133.35
CA PHE B 910 50.08 115.37 -133.00
C PHE B 910 51.24 115.23 -133.99
N HIS B 911 51.09 115.78 -135.20
CA HIS B 911 52.19 115.76 -136.16
C HIS B 911 53.36 116.60 -135.69
N SER B 912 53.10 117.66 -134.91
CA SER B 912 54.15 118.52 -134.35
C SER B 912 53.96 118.59 -132.83
N LEU B 913 54.73 117.78 -132.11
CA LEU B 913 54.61 117.67 -130.65
C LEU B 913 55.70 118.46 -129.95
N PRO B 914 55.38 119.17 -128.88
CA PRO B 914 56.44 119.67 -127.99
C PRO B 914 57.19 118.51 -127.34
N GLU B 915 58.51 118.68 -127.22
CA GLU B 915 59.34 117.62 -126.67
C GLU B 915 59.04 117.28 -125.22
N PRO B 916 58.94 118.24 -124.27
CA PRO B 916 58.57 117.83 -122.91
C PRO B 916 57.20 117.17 -122.81
N GLU B 917 56.22 117.65 -123.59
CA GLU B 917 54.89 117.04 -123.56
C GLU B 917 54.92 115.61 -124.08
N ARG B 918 55.63 115.38 -125.19
CA ARG B 918 55.68 114.02 -125.74
C ARG B 918 56.49 113.09 -124.83
N ASN B 919 57.55 113.60 -124.19
CA ASN B 919 58.29 112.77 -123.25
C ASN B 919 57.46 112.41 -122.03
N TYR B 920 56.70 113.37 -121.49
CA TYR B 920 55.81 113.07 -120.36
C TYR B 920 54.73 112.07 -120.76
N ASN B 921 54.16 112.24 -121.95
CA ASN B 921 53.15 111.31 -122.45
C ASN B 921 53.70 109.89 -122.57
N LEU B 922 54.89 109.76 -123.16
CA LEU B 922 55.50 108.46 -123.30
C LEU B 922 55.83 107.85 -121.94
N GLN B 923 56.26 108.68 -120.98
CA GLN B 923 56.68 108.12 -119.70
C GLN B 923 55.49 107.65 -118.86
N MET B 924 54.38 108.40 -118.82
CA MET B 924 53.28 107.87 -118.02
C MET B 924 52.54 106.76 -118.76
N SER B 925 52.56 106.78 -120.11
CA SER B 925 52.05 105.62 -120.83
C SER B 925 52.87 104.37 -120.50
N GLY B 926 54.19 104.49 -120.45
CA GLY B 926 55.02 103.36 -120.05
C GLY B 926 54.76 102.90 -118.63
N GLU B 927 54.52 103.86 -117.73
CA GLU B 927 54.17 103.52 -116.35
C GLU B 927 52.86 102.74 -116.29
N THR B 928 51.85 103.17 -117.06
CA THR B 928 50.59 102.44 -117.11
C THR B 928 50.76 101.05 -117.68
N LEU B 929 51.59 100.90 -118.73
CA LEU B 929 51.82 99.56 -119.27
C LEU B 929 52.54 98.66 -118.27
N LYS B 930 53.50 99.22 -117.51
CA LYS B 930 54.17 98.43 -116.50
C LYS B 930 53.20 97.96 -115.41
N THR B 931 52.38 98.90 -114.90
CA THR B 931 51.43 98.51 -113.86
C THR B 931 50.29 97.64 -114.40
N LEU B 932 50.10 97.59 -115.72
CA LEU B 932 49.13 96.68 -116.30
C LEU B 932 49.70 95.29 -116.48
N LEU B 933 50.94 95.18 -116.99
CA LEU B 933 51.58 93.87 -117.13
C LEU B 933 51.94 93.27 -115.78
N ALA B 934 52.01 94.10 -114.73
CA ALA B 934 52.15 93.57 -113.38
C ALA B 934 50.89 92.80 -112.98
N LEU B 935 50.98 92.11 -111.84
CA LEU B 935 49.91 91.31 -111.25
C LEU B 935 49.46 90.15 -112.15
N GLY B 936 50.36 89.68 -113.03
CA GLY B 936 50.08 88.49 -113.81
C GLY B 936 49.19 88.70 -115.03
N CYS B 937 49.63 89.50 -115.98
CA CYS B 937 48.91 89.71 -117.23
C CYS B 937 49.58 88.93 -118.35
N HIS B 938 48.78 88.19 -119.10
CA HIS B 938 49.25 87.37 -120.20
C HIS B 938 48.89 88.04 -121.53
N VAL B 939 49.75 87.80 -122.53
CA VAL B 939 49.72 88.51 -123.80
C VAL B 939 49.25 87.55 -124.89
N GLY B 940 48.76 88.13 -125.98
CA GLY B 940 48.30 87.33 -127.09
C GLY B 940 48.01 88.19 -128.30
N MET B 941 47.93 87.53 -129.45
CA MET B 941 47.62 88.17 -130.73
C MET B 941 46.51 87.40 -131.41
N ALA B 942 45.31 88.00 -131.47
CA ALA B 942 44.16 87.31 -132.07
C ALA B 942 43.33 88.25 -132.94
N ASP B 943 43.88 89.36 -133.38
CA ASP B 943 43.13 90.36 -134.12
C ASP B 943 44.07 91.04 -135.11
N GLU B 944 43.68 92.23 -135.58
CA GLU B 944 44.37 93.15 -136.50
C GLU B 944 44.22 92.66 -137.94
N LYS B 945 43.56 91.52 -138.18
CA LYS B 945 43.30 91.07 -139.55
C LYS B 945 42.33 91.99 -140.27
N ALA B 946 41.43 92.64 -139.54
CA ALA B 946 40.46 93.57 -140.13
C ALA B 946 40.43 94.91 -139.40
N GLU B 947 41.35 95.15 -138.47
CA GLU B 947 41.41 96.38 -137.71
C GLU B 947 42.38 97.40 -138.29
N ASP B 948 42.88 97.16 -139.51
CA ASP B 948 43.84 98.08 -140.11
C ASP B 948 43.22 99.44 -140.38
N ASN B 949 41.98 99.47 -140.85
CA ASN B 949 41.29 100.74 -141.10
C ASN B 949 40.98 101.44 -139.78
N LEU B 950 41.25 102.74 -139.74
CA LEU B 950 40.99 103.56 -138.56
C LEU B 950 39.71 104.35 -138.82
N LYS B 951 38.59 103.84 -138.31
CA LYS B 951 37.30 104.50 -138.49
C LYS B 951 37.27 105.79 -137.69
N LYS B 952 37.30 106.92 -138.39
CA LYS B 952 37.28 108.23 -137.76
C LYS B 952 35.87 108.82 -137.89
N THR B 953 35.23 109.06 -136.75
CA THR B 953 33.89 109.64 -136.76
C THR B 953 33.95 111.08 -137.26
N LYS B 954 33.04 111.41 -138.19
CA LYS B 954 33.00 112.75 -138.76
C LYS B 954 32.58 113.75 -137.68
N LEU B 955 33.40 114.76 -137.47
CA LEU B 955 33.13 115.76 -136.43
C LEU B 955 32.67 117.05 -137.10
N PRO B 956 31.53 117.61 -136.68
CA PRO B 956 30.95 118.74 -137.42
C PRO B 956 31.80 120.00 -137.35
N LYS B 957 31.58 120.89 -138.32
CA LYS B 957 32.32 122.15 -138.37
C LYS B 957 32.06 123.00 -137.13
N THR B 958 30.88 122.87 -136.52
CA THR B 958 30.51 123.67 -135.35
C THR B 958 31.43 123.42 -134.16
N TYR B 959 32.14 122.29 -134.15
CA TYR B 959 33.25 122.09 -133.23
C TYR B 959 34.61 122.03 -133.93
N MET B 960 34.62 121.90 -135.25
CA MET B 960 35.89 121.95 -136.00
C MET B 960 36.50 123.34 -136.03
N MET B 961 35.71 124.39 -135.83
CA MET B 961 36.26 125.74 -135.94
C MET B 961 37.29 126.00 -134.84
N SER B 962 38.37 126.70 -135.20
CA SER B 962 39.42 127.13 -134.28
C SER B 962 40.00 125.96 -133.48
N ASN B 963 40.21 124.83 -134.16
CA ASN B 963 40.72 123.62 -133.52
C ASN B 963 42.12 123.27 -133.98
N GLY B 964 42.34 123.15 -135.29
CA GLY B 964 43.64 122.78 -135.83
C GLY B 964 43.92 121.30 -135.84
N TYR B 965 43.01 120.46 -135.34
CA TYR B 965 43.17 119.02 -135.36
C TYR B 965 41.79 118.38 -135.39
N LYS B 966 41.73 117.16 -135.90
CA LYS B 966 40.47 116.45 -136.10
C LYS B 966 40.52 115.11 -135.38
N PRO B 967 40.27 115.10 -134.07
CA PRO B 967 40.25 113.85 -133.32
C PRO B 967 38.85 113.23 -133.22
N ALA B 968 38.83 111.90 -133.17
CA ALA B 968 37.60 111.16 -133.02
C ALA B 968 37.89 109.83 -132.33
N PRO B 969 37.10 109.44 -131.35
CA PRO B 969 37.33 108.15 -130.68
C PRO B 969 37.05 106.98 -131.62
N LEU B 970 37.75 105.88 -131.37
CA LEU B 970 37.57 104.66 -132.16
C LEU B 970 36.32 103.93 -131.70
N ASP B 971 35.58 103.38 -132.66
CA ASP B 971 34.34 102.64 -132.37
C ASP B 971 34.65 101.18 -132.08
N LEU B 972 35.41 100.96 -131.00
CA LEU B 972 35.81 99.63 -130.55
C LEU B 972 35.38 99.40 -129.11
N SER B 973 34.21 99.91 -128.74
CA SER B 973 33.69 99.80 -127.39
C SER B 973 32.93 98.51 -127.13
N HIS B 974 32.78 97.66 -128.14
CA HIS B 974 31.98 96.45 -127.97
C HIS B 974 32.68 95.40 -127.10
N VAL B 975 34.01 95.36 -127.12
CA VAL B 975 34.74 94.36 -126.34
C VAL B 975 34.75 94.78 -124.88
N ARG B 976 34.43 93.84 -123.99
CA ARG B 976 34.37 94.11 -122.56
C ARG B 976 35.14 93.02 -121.80
N LEU B 977 35.90 93.45 -120.79
CA LEU B 977 36.63 92.55 -119.90
C LEU B 977 36.28 92.99 -118.48
N THR B 978 36.78 92.26 -117.49
CA THR B 978 36.46 92.53 -116.09
C THR B 978 36.99 93.90 -115.68
N PRO B 979 36.15 94.77 -115.10
CA PRO B 979 36.62 96.09 -114.66
C PRO B 979 37.43 96.07 -113.38
N ALA B 980 37.57 94.91 -112.75
CA ALA B 980 38.38 94.82 -111.53
C ALA B 980 39.84 95.15 -111.82
N GLN B 981 40.35 94.74 -112.97
CA GLN B 981 41.72 95.08 -113.35
C GLN B 981 41.89 96.59 -113.52
N THR B 982 40.91 97.26 -114.14
CA THR B 982 40.98 98.70 -114.30
C THR B 982 40.90 99.41 -112.95
N THR B 983 40.03 98.94 -112.06
CA THR B 983 39.93 99.52 -110.72
C THR B 983 41.23 99.34 -109.94
N LEU B 984 41.84 98.15 -110.04
CA LEU B 984 43.11 97.91 -109.37
C LEU B 984 44.22 98.78 -109.94
N VAL B 985 44.22 98.98 -111.26
CA VAL B 985 45.21 99.84 -111.90
C VAL B 985 45.05 101.28 -111.43
N ASP B 986 43.80 101.75 -111.33
CA ASP B 986 43.56 103.11 -110.84
C ASP B 986 43.99 103.26 -109.38
N ARG B 987 43.70 102.25 -108.54
CA ARG B 987 44.12 102.30 -107.15
C ARG B 987 45.64 102.29 -107.02
N LEU B 988 46.32 101.46 -107.83
CA LEU B 988 47.77 101.42 -107.80
C LEU B 988 48.38 102.74 -108.27
N ALA B 989 47.79 103.35 -109.31
CA ALA B 989 48.27 104.65 -109.78
C ALA B 989 48.10 105.72 -108.71
N GLU B 990 46.95 105.72 -108.03
CA GLU B 990 46.73 106.69 -106.95
C GLU B 990 47.71 106.47 -105.80
N ASN B 991 47.96 105.21 -105.44
CA ASN B 991 48.90 104.91 -104.38
C ASN B 991 50.32 105.34 -104.75
N GLY B 992 50.72 105.09 -106.00
CA GLY B 992 52.03 105.53 -106.44
C GLY B 992 52.17 107.04 -106.47
N HIS B 993 51.12 107.73 -106.91
CA HIS B 993 51.13 109.19 -106.89
C HIS B 993 51.23 109.74 -105.47
N ASN B 994 50.49 109.13 -104.53
CA ASN B 994 50.57 109.55 -103.13
C ASN B 994 51.96 109.29 -102.55
N VAL B 995 52.55 108.14 -102.87
CA VAL B 995 53.89 107.82 -102.38
C VAL B 995 54.91 108.80 -102.94
N TRP B 996 54.78 109.15 -104.22
CA TRP B 996 55.70 110.12 -104.83
C TRP B 996 55.51 111.51 -104.22
N ALA B 997 54.26 111.91 -103.96
CA ALA B 997 53.99 113.24 -103.43
C ALA B 997 54.27 113.36 -101.94
N ARG B 998 54.40 112.23 -101.22
CA ARG B 998 54.68 112.29 -99.80
C ARG B 998 56.03 112.92 -99.50
N ASP B 999 56.98 112.81 -100.42
CA ASP B 999 58.32 113.36 -100.19
C ASP B 999 58.33 114.88 -100.26
N ARG B 1000 57.66 115.47 -101.25
CA ARG B 1000 57.75 116.89 -101.51
C ARG B 1000 56.43 117.63 -101.30
N VAL B 1001 55.34 117.16 -101.90
CA VAL B 1001 54.06 117.87 -101.81
C VAL B 1001 53.53 117.83 -100.38
N ALA B 1002 53.63 116.67 -99.71
CA ALA B 1002 53.18 116.56 -98.34
C ALA B 1002 54.08 117.32 -97.37
N GLN B 1003 55.34 117.58 -97.74
CA GLN B 1003 56.21 118.39 -96.90
C GLN B 1003 55.69 119.82 -96.78
N GLY B 1004 55.23 120.40 -97.89
CA GLY B 1004 54.60 121.70 -97.85
C GLY B 1004 53.20 121.62 -97.30
N TRP B 1005 52.34 120.84 -97.97
CA TRP B 1005 50.97 120.55 -97.55
C TRP B 1005 50.11 121.81 -97.43
N SER B 1006 50.49 122.90 -98.09
CA SER B 1006 49.76 124.15 -98.04
C SER B 1006 50.12 124.97 -99.26
N TYR B 1007 49.52 126.16 -99.36
CA TYR B 1007 49.85 127.06 -100.46
C TYR B 1007 51.28 127.55 -100.38
N SER B 1008 51.75 127.86 -99.17
CA SER B 1008 53.11 128.31 -98.96
C SER B 1008 53.83 127.46 -97.92
N VAL B 1022 43.09 111.05 -98.85
CA VAL B 1022 43.65 109.97 -98.06
C VAL B 1022 44.76 109.27 -98.85
N PRO B 1023 45.89 109.02 -98.18
CA PRO B 1023 46.98 108.29 -98.85
C PRO B 1023 46.61 106.87 -99.27
N TYR B 1024 45.70 106.21 -98.54
CA TYR B 1024 45.31 104.86 -98.88
C TYR B 1024 44.48 104.78 -100.15
N ARG B 1025 43.94 105.91 -100.62
CA ARG B 1025 43.13 106.01 -101.83
C ARG B 1025 41.88 105.12 -101.75
N LEU B 1026 41.38 104.88 -100.54
CA LEU B 1026 40.18 104.10 -100.34
C LEU B 1026 39.05 104.85 -99.66
N LEU B 1027 39.36 105.88 -98.85
CA LEU B 1027 38.30 106.65 -98.21
C LEU B 1027 37.60 107.58 -99.20
N ASP B 1028 38.36 108.17 -100.11
CA ASP B 1028 37.78 109.06 -101.11
C ASP B 1028 36.91 108.27 -102.09
N GLU B 1029 35.77 108.87 -102.45
CA GLU B 1029 34.84 108.23 -103.37
C GLU B 1029 34.46 109.11 -104.55
N ALA B 1030 34.42 110.43 -104.37
CA ALA B 1030 34.02 111.31 -105.47
C ALA B 1030 35.18 111.53 -106.45
N THR B 1031 36.32 112.00 -105.93
CA THR B 1031 37.48 112.20 -106.79
C THR B 1031 37.99 110.89 -107.37
N LYS B 1032 37.89 109.80 -106.61
CA LYS B 1032 38.26 108.49 -107.13
C LYS B 1032 37.37 108.09 -108.30
N ARG B 1033 36.06 108.33 -108.18
CA ARG B 1033 35.14 108.03 -109.28
C ARG B 1033 35.44 108.90 -110.49
N SER B 1034 35.75 110.18 -110.27
CA SER B 1034 36.08 111.08 -111.37
C SER B 1034 37.36 110.65 -112.08
N ASN B 1035 38.36 110.22 -111.32
CA ASN B 1035 39.64 109.82 -111.90
C ASN B 1035 39.58 108.45 -112.57
N ARG B 1036 38.70 107.57 -112.09
CA ARG B 1036 38.59 106.23 -112.68
C ARG B 1036 38.06 106.28 -114.10
N ASP B 1037 37.24 107.30 -114.41
CA ASP B 1037 36.64 107.39 -115.75
C ASP B 1037 37.71 107.61 -116.82
N SER B 1038 38.72 108.43 -116.54
CA SER B 1038 39.78 108.69 -117.50
C SER B 1038 40.56 107.41 -117.81
N LEU B 1039 40.93 106.65 -116.78
CA LEU B 1039 41.66 105.41 -116.99
C LEU B 1039 40.80 104.38 -117.70
N CYS B 1040 39.51 104.31 -117.36
CA CYS B 1040 38.60 103.37 -118.02
C CYS B 1040 38.45 103.69 -119.49
N GLN B 1041 38.31 104.98 -119.83
CA GLN B 1041 38.19 105.37 -121.23
C GLN B 1041 39.50 105.17 -121.98
N ALA B 1042 40.64 105.36 -121.31
CA ALA B 1042 41.93 105.06 -121.93
C ALA B 1042 42.07 103.58 -122.23
N VAL B 1043 41.59 102.72 -121.31
CA VAL B 1043 41.67 101.28 -121.50
C VAL B 1043 40.62 100.76 -122.49
N ARG B 1044 39.55 101.52 -122.70
CA ARG B 1044 38.40 101.07 -123.48
C ARG B 1044 38.75 100.70 -124.93
N THR B 1045 39.86 101.21 -125.47
CA THR B 1045 40.29 100.84 -126.81
C THR B 1045 41.51 99.91 -126.81
N LEU B 1046 41.97 99.48 -125.63
CA LEU B 1046 43.17 98.66 -125.51
C LEU B 1046 42.94 97.29 -124.88
N LEU B 1047 41.81 97.07 -124.22
CA LEU B 1047 41.54 95.78 -123.60
C LEU B 1047 41.19 94.72 -124.63
N GLY B 1048 40.81 95.11 -125.84
CA GLY B 1048 40.32 94.22 -126.86
C GLY B 1048 41.36 93.55 -127.73
N TYR B 1049 42.65 93.77 -127.48
CA TYR B 1049 43.70 93.19 -128.31
C TYR B 1049 44.01 91.74 -127.93
N GLY B 1050 43.37 91.22 -126.89
CA GLY B 1050 43.60 89.85 -126.47
C GLY B 1050 44.47 89.69 -125.25
N TYR B 1051 44.56 90.71 -124.40
CA TYR B 1051 45.35 90.61 -123.17
C TYR B 1051 44.49 90.04 -122.06
N ASN B 1052 44.91 88.93 -121.46
CA ASN B 1052 44.13 88.29 -120.42
C ASN B 1052 44.83 88.40 -119.08
N ILE B 1053 44.14 88.96 -118.08
CA ILE B 1053 44.73 89.21 -116.77
C ILE B 1053 43.98 88.41 -115.72
N GLU B 1054 44.73 87.84 -114.77
CA GLU B 1054 44.14 87.05 -113.69
C GLU B 1054 44.66 87.52 -112.34
N ASP B 1070 37.12 91.23 -85.01
CA ASP B 1070 37.35 90.81 -83.63
C ASP B 1070 36.42 89.65 -83.26
N ARG B 1071 36.40 89.31 -81.97
CA ARG B 1071 35.55 88.23 -81.51
C ARG B 1071 34.08 88.63 -81.53
N VAL B 1072 33.22 87.63 -81.66
CA VAL B 1072 31.77 87.87 -81.67
C VAL B 1072 31.29 88.03 -80.23
N ARG B 1073 30.22 88.80 -80.06
CA ARG B 1073 29.65 89.05 -78.74
C ARG B 1073 28.49 88.11 -78.47
N ILE B 1074 28.45 87.55 -77.27
CA ILE B 1074 27.47 86.55 -76.88
C ILE B 1074 26.63 87.10 -75.74
N PHE B 1075 25.32 86.98 -75.87
CA PHE B 1075 24.37 87.34 -74.82
C PHE B 1075 23.52 86.11 -74.49
N ARG B 1076 23.22 85.93 -73.22
CA ARG B 1076 22.46 84.77 -72.79
C ARG B 1076 21.60 85.14 -71.60
N ALA B 1077 20.57 84.33 -71.35
CA ALA B 1077 19.69 84.57 -70.22
C ALA B 1077 20.40 84.27 -68.90
N GLU B 1078 19.71 84.57 -67.80
CA GLU B 1078 20.22 84.25 -66.49
C GLU B 1078 20.07 82.76 -66.19
N LYS B 1079 21.05 82.20 -65.49
CA LYS B 1079 21.02 80.79 -65.10
C LYS B 1079 19.93 80.47 -64.09
N SER B 1080 19.34 81.49 -63.45
CA SER B 1080 18.27 81.28 -62.48
C SER B 1080 16.89 81.19 -63.13
N TYR B 1081 16.79 81.40 -64.44
CA TYR B 1081 15.53 81.33 -65.16
C TYR B 1081 15.47 80.13 -66.10
N THR B 1082 16.26 79.09 -65.84
CA THR B 1082 16.22 77.89 -66.66
C THR B 1082 14.89 77.17 -66.51
N VAL B 1083 14.40 76.61 -67.62
CA VAL B 1083 13.11 75.95 -67.68
C VAL B 1083 13.32 74.46 -67.96
N GLN B 1084 12.53 73.63 -67.30
CA GLN B 1084 12.61 72.18 -67.48
C GLN B 1084 11.31 71.55 -67.94
N SER B 1085 10.26 72.35 -68.13
CA SER B 1085 8.97 71.83 -68.57
C SER B 1085 8.18 72.97 -69.19
N GLY B 1086 7.15 72.59 -69.95
CA GLY B 1086 6.28 73.56 -70.59
C GLY B 1086 6.75 73.98 -71.96
N ARG B 1087 6.03 74.94 -72.53
CA ARG B 1087 6.29 75.47 -73.86
C ARG B 1087 6.59 76.97 -73.77
N TRP B 1088 7.61 77.40 -74.51
CA TRP B 1088 8.10 78.77 -74.42
C TRP B 1088 8.39 79.30 -75.81
N TYR B 1089 8.42 80.64 -75.91
CA TYR B 1089 8.57 81.31 -77.19
C TYR B 1089 9.20 82.69 -76.97
N PHE B 1090 10.09 83.09 -77.87
CA PHE B 1090 10.67 84.43 -77.82
C PHE B 1090 10.96 84.91 -79.24
N GLU B 1091 11.24 86.20 -79.38
CA GLU B 1091 11.35 86.84 -80.68
C GLU B 1091 12.67 87.60 -80.77
N PHE B 1092 13.14 87.78 -82.00
CA PHE B 1092 14.38 88.51 -82.27
C PHE B 1092 14.19 89.29 -83.56
N GLU B 1093 14.74 90.51 -83.59
CA GLU B 1093 14.71 91.35 -84.77
C GLU B 1093 16.13 91.77 -85.12
N ALA B 1094 16.46 91.73 -86.41
CA ALA B 1094 17.79 92.07 -86.90
C ALA B 1094 17.72 93.32 -87.75
N VAL B 1095 18.28 94.42 -87.26
CA VAL B 1095 18.33 95.65 -88.05
C VAL B 1095 19.29 95.49 -89.21
N THR B 1096 20.43 94.84 -88.97
CA THR B 1096 21.43 94.57 -89.98
C THR B 1096 21.44 93.07 -90.24
N THR B 1097 21.73 92.68 -91.49
CA THR B 1097 21.75 91.28 -91.90
C THR B 1097 23.16 90.73 -92.04
N GLY B 1098 24.12 91.28 -91.29
CA GLY B 1098 25.51 90.89 -91.42
C GLY B 1098 25.87 89.51 -90.93
N GLU B 1099 25.85 89.29 -89.61
CA GLU B 1099 26.22 87.99 -89.06
C GLU B 1099 25.69 87.88 -87.64
N MET B 1100 24.82 86.90 -87.39
CA MET B 1100 24.24 86.71 -86.07
C MET B 1100 23.73 85.28 -85.97
N ARG B 1101 23.56 84.82 -84.74
CA ARG B 1101 23.06 83.49 -84.44
C ARG B 1101 22.09 83.58 -83.28
N VAL B 1102 20.98 82.83 -83.37
CA VAL B 1102 19.92 82.89 -82.37
C VAL B 1102 19.54 81.46 -81.99
N GLY B 1103 19.34 81.20 -80.71
CA GLY B 1103 18.86 79.89 -80.31
C GLY B 1103 18.81 79.73 -78.81
N TRP B 1104 18.89 78.47 -78.37
CA TRP B 1104 18.90 78.10 -76.97
C TRP B 1104 20.22 77.42 -76.64
N ALA B 1105 20.45 77.20 -75.35
CA ALA B 1105 21.69 76.58 -74.90
C ALA B 1105 21.46 75.93 -73.55
N ARG B 1106 22.39 75.06 -73.18
CA ARG B 1106 22.38 74.47 -71.85
C ARG B 1106 22.81 75.52 -70.82
N PRO B 1107 22.44 75.33 -69.55
CA PRO B 1107 22.91 76.28 -68.51
C PRO B 1107 24.42 76.34 -68.39
N GLU B 1108 25.13 75.23 -68.62
CA GLU B 1108 26.59 75.22 -68.56
C GLU B 1108 27.12 75.56 -69.94
N LEU B 1109 27.08 76.86 -70.26
CA LEU B 1109 27.59 77.38 -71.53
C LEU B 1109 28.86 78.17 -71.25
N ARG B 1110 29.90 77.92 -72.06
CA ARG B 1110 31.20 78.50 -71.82
C ARG B 1110 31.50 79.63 -72.82
N PRO B 1111 32.33 80.61 -72.43
CA PRO B 1111 32.70 81.67 -73.38
C PRO B 1111 33.71 81.22 -74.43
N ASP B 1112 34.25 82.20 -75.17
CA ASP B 1112 35.30 82.14 -76.19
C ASP B 1112 35.26 80.89 -77.05
N VAL B 1113 34.05 80.45 -77.41
CA VAL B 1113 33.84 79.36 -78.36
C VAL B 1113 32.69 79.77 -79.28
N GLU B 1114 32.81 79.42 -80.56
CA GLU B 1114 31.72 79.69 -81.50
C GLU B 1114 30.48 78.93 -81.08
N LEU B 1115 29.33 79.62 -81.13
CA LEU B 1115 28.08 79.04 -80.68
C LEU B 1115 27.69 77.85 -81.55
N GLY B 1116 27.46 76.71 -80.91
CA GLY B 1116 27.07 75.50 -81.60
C GLY B 1116 28.21 74.65 -82.12
N ALA B 1117 29.46 75.09 -81.96
CA ALA B 1117 30.59 74.26 -82.35
C ALA B 1117 30.64 72.98 -81.52
N ASP B 1118 30.38 73.10 -80.23
CA ASP B 1118 30.23 71.96 -79.34
C ASP B 1118 28.74 71.63 -79.20
N GLU B 1119 28.41 70.72 -78.29
CA GLU B 1119 27.06 70.17 -78.19
C GLU B 1119 26.22 70.82 -77.09
N LEU B 1120 26.70 71.90 -76.47
CA LEU B 1120 25.97 72.52 -75.37
C LEU B 1120 24.96 73.56 -75.84
N ALA B 1121 24.89 73.85 -77.14
CA ALA B 1121 24.00 74.89 -77.64
C ALA B 1121 23.29 74.40 -78.89
N TYR B 1122 22.05 74.87 -79.06
CA TYR B 1122 21.24 74.59 -80.24
C TYR B 1122 20.87 75.94 -80.85
N VAL B 1123 21.56 76.31 -81.94
CA VAL B 1123 21.52 77.67 -82.45
C VAL B 1123 21.36 77.62 -83.96
N PHE B 1124 20.81 78.70 -84.52
CA PHE B 1124 20.54 78.81 -85.95
C PHE B 1124 21.14 80.11 -86.47
N ASN B 1125 21.71 80.03 -87.67
CA ASN B 1125 22.32 81.16 -88.36
C ASN B 1125 21.52 81.48 -89.61
N GLY B 1126 21.10 82.73 -89.75
CA GLY B 1126 20.30 83.14 -90.87
C GLY B 1126 21.05 83.74 -92.04
N HIS B 1127 22.33 84.06 -91.88
CA HIS B 1127 23.12 84.58 -92.99
C HIS B 1127 23.27 83.53 -94.10
N ARG B 1128 23.51 82.28 -93.72
CA ARG B 1128 23.58 81.18 -94.66
C ARG B 1128 22.37 80.27 -94.59
N GLY B 1129 21.51 80.41 -93.57
CA GLY B 1129 20.35 79.56 -93.44
C GLY B 1129 20.72 78.13 -93.09
N GLN B 1130 21.22 77.92 -91.86
CA GLN B 1130 21.67 76.59 -91.46
C GLN B 1130 21.64 76.48 -89.95
N ARG B 1131 21.22 75.32 -89.45
CA ARG B 1131 21.36 75.01 -88.04
C ARG B 1131 22.81 74.62 -87.75
N TRP B 1132 23.19 74.77 -86.48
CA TRP B 1132 24.60 74.65 -86.09
C TRP B 1132 24.74 73.75 -84.87
N HIS B 1133 24.11 72.57 -84.90
CA HIS B 1133 24.32 71.56 -83.85
C HIS B 1133 25.33 70.54 -84.36
N LEU B 1134 26.59 70.75 -83.98
CA LEU B 1134 27.70 69.86 -84.33
C LEU B 1134 27.82 69.63 -85.84
N GLY B 1135 27.62 70.71 -86.60
CA GLY B 1135 27.67 70.61 -88.04
C GLY B 1135 26.93 71.78 -88.68
N SER B 1136 26.65 71.61 -89.97
CA SER B 1136 25.95 72.63 -90.75
C SER B 1136 24.95 71.94 -91.66
N GLU B 1137 23.67 72.13 -91.39
CA GLU B 1137 22.60 71.59 -92.22
C GLU B 1137 21.83 72.74 -92.86
N PRO B 1138 21.98 72.98 -94.16
CA PRO B 1138 21.38 74.17 -94.77
C PRO B 1138 19.88 73.99 -95.00
N PHE B 1139 19.11 74.99 -94.57
CA PHE B 1139 17.67 74.99 -94.76
C PHE B 1139 17.16 76.42 -94.66
N GLY B 1140 16.00 76.66 -95.28
CA GLY B 1140 15.40 77.98 -95.24
C GLY B 1140 16.06 78.97 -96.18
N ARG B 1141 15.73 80.24 -95.96
CA ARG B 1141 16.22 81.34 -96.77
C ARG B 1141 16.78 82.44 -95.89
N PRO B 1142 17.78 83.18 -96.39
CA PRO B 1142 18.29 84.32 -95.62
C PRO B 1142 17.28 85.44 -95.53
N TRP B 1143 17.39 86.22 -94.46
CA TRP B 1143 16.47 87.33 -94.21
C TRP B 1143 16.99 88.61 -94.86
N GLN B 1144 16.34 89.72 -94.55
CA GLN B 1144 16.72 91.05 -95.01
C GLN B 1144 16.57 92.01 -93.84
N SER B 1145 16.51 93.31 -94.14
CA SER B 1145 16.20 94.31 -93.12
C SER B 1145 14.83 94.02 -92.51
N GLY B 1146 14.77 94.05 -91.18
CA GLY B 1146 13.56 93.60 -90.50
C GLY B 1146 13.55 92.09 -90.43
N ASP B 1147 12.43 91.49 -90.83
CA ASP B 1147 12.28 90.03 -90.94
C ASP B 1147 12.54 89.34 -89.59
N VAL B 1148 11.63 89.62 -88.65
CA VAL B 1148 11.77 89.08 -87.30
C VAL B 1148 11.71 87.56 -87.32
N VAL B 1149 12.44 86.95 -86.39
CA VAL B 1149 12.56 85.50 -86.28
C VAL B 1149 12.09 85.09 -84.88
N GLY B 1150 11.21 84.09 -84.82
CA GLY B 1150 10.67 83.58 -83.57
C GLY B 1150 11.18 82.18 -83.30
N CYS B 1151 11.55 81.93 -82.04
CA CYS B 1151 12.04 80.64 -81.61
C CYS B 1151 11.12 80.11 -80.51
N MET B 1152 10.64 78.88 -80.68
CA MET B 1152 9.69 78.26 -79.76
C MET B 1152 10.13 76.83 -79.46
N ILE B 1153 9.90 76.40 -78.22
CA ILE B 1153 10.38 75.11 -77.74
C ILE B 1153 9.33 74.47 -76.84
N ASP B 1154 9.16 73.16 -76.96
CA ASP B 1154 8.31 72.40 -76.06
C ASP B 1154 9.02 71.12 -75.66
N LEU B 1155 8.94 70.79 -74.37
CA LEU B 1155 9.63 69.65 -73.81
C LEU B 1155 8.75 68.43 -73.60
N THR B 1156 7.49 68.48 -74.04
CA THR B 1156 6.61 67.31 -73.91
C THR B 1156 6.90 66.29 -75.01
N GLU B 1157 6.74 66.69 -76.27
CA GLU B 1157 7.17 65.87 -77.39
C GLU B 1157 8.58 66.21 -77.87
N ASN B 1158 9.28 67.07 -77.14
CA ASN B 1158 10.70 67.40 -77.37
C ASN B 1158 10.92 67.96 -78.77
N THR B 1159 10.32 69.13 -79.00
CA THR B 1159 10.30 69.71 -80.34
C THR B 1159 10.65 71.19 -80.28
N ILE B 1160 11.54 71.61 -81.17
CA ILE B 1160 11.98 72.99 -81.30
C ILE B 1160 11.60 73.49 -82.69
N ILE B 1161 10.94 74.64 -82.76
CA ILE B 1161 10.47 75.20 -84.02
C ILE B 1161 11.03 76.61 -84.18
N PHE B 1162 11.50 76.92 -85.38
CA PHE B 1162 11.94 78.25 -85.76
C PHE B 1162 11.01 78.78 -86.85
N THR B 1163 10.66 80.07 -86.76
CA THR B 1163 9.78 80.69 -87.73
C THR B 1163 10.33 82.05 -88.11
N LEU B 1164 9.98 82.52 -89.31
CA LEU B 1164 10.29 83.89 -89.71
C LEU B 1164 9.09 84.48 -90.42
N ASN B 1165 8.75 85.73 -90.06
CA ASN B 1165 7.69 86.51 -90.71
C ASN B 1165 6.35 85.76 -90.67
N GLY B 1166 6.11 85.03 -89.58
CA GLY B 1166 4.90 84.23 -89.47
C GLY B 1166 4.90 82.97 -90.30
N GLU B 1167 6.03 82.58 -90.86
CA GLU B 1167 6.14 81.40 -91.71
C GLU B 1167 7.09 80.40 -91.07
N VAL B 1168 6.65 79.15 -90.95
CA VAL B 1168 7.46 78.09 -90.37
C VAL B 1168 8.54 77.68 -91.36
N LEU B 1169 9.77 77.52 -90.86
CA LEU B 1169 10.86 77.06 -91.71
C LEU B 1169 10.58 75.65 -92.22
N MET B 1170 10.87 75.43 -93.50
CA MET B 1170 10.66 74.14 -94.14
C MET B 1170 12.02 73.55 -94.47
N SER B 1171 12.33 72.39 -93.89
CA SER B 1171 13.60 71.75 -94.14
C SER B 1171 13.60 71.07 -95.52
N ASP B 1172 14.81 70.72 -95.98
CA ASP B 1172 14.95 70.10 -97.28
C ASP B 1172 14.40 68.68 -97.32
N SER B 1173 14.31 68.02 -96.17
CA SER B 1173 13.82 66.65 -96.10
C SER B 1173 12.33 66.54 -95.85
N GLY B 1174 11.62 67.68 -95.73
CA GLY B 1174 10.20 67.69 -95.51
C GLY B 1174 9.78 67.87 -94.07
N SER B 1175 10.69 67.69 -93.12
CA SER B 1175 10.38 67.88 -91.72
C SER B 1175 10.32 69.37 -91.39
N GLU B 1176 9.67 69.69 -90.28
CA GLU B 1176 9.52 71.08 -89.84
C GLU B 1176 10.70 71.54 -88.99
N THR B 1177 11.92 71.28 -89.50
CA THR B 1177 13.23 71.57 -88.87
C THR B 1177 13.20 71.37 -87.35
N ALA B 1178 12.64 70.24 -86.94
CA ALA B 1178 12.41 69.95 -85.53
C ALA B 1178 13.45 68.95 -85.05
N PHE B 1179 14.25 69.36 -84.06
CA PHE B 1179 15.15 68.43 -83.41
C PHE B 1179 14.35 67.41 -82.62
N ARG B 1180 14.71 66.13 -82.78
CA ARG B 1180 13.93 65.04 -82.22
C ARG B 1180 14.72 64.30 -81.15
N GLU B 1181 13.99 63.76 -80.17
CA GLU B 1181 14.54 63.00 -79.06
C GLU B 1181 15.60 63.79 -78.30
N ILE B 1182 15.34 65.08 -78.08
CA ILE B 1182 16.29 65.92 -77.36
C ILE B 1182 16.18 65.61 -75.86
N GLU B 1183 17.29 65.78 -75.15
CA GLU B 1183 17.39 65.42 -73.74
C GLU B 1183 17.13 66.67 -72.90
N ILE B 1184 16.28 66.53 -71.89
CA ILE B 1184 15.90 67.68 -71.07
C ILE B 1184 17.11 68.25 -70.34
N GLY B 1185 17.85 67.38 -69.65
CA GLY B 1185 19.06 67.82 -68.98
C GLY B 1185 18.78 68.79 -67.85
N ASP B 1186 19.70 69.75 -67.68
CA ASP B 1186 19.55 70.76 -66.64
C ASP B 1186 18.48 71.78 -67.00
N GLY B 1187 18.37 72.13 -68.28
CA GLY B 1187 17.38 73.09 -68.72
C GLY B 1187 17.84 73.77 -69.99
N PHE B 1188 17.12 74.83 -70.35
CA PHE B 1188 17.43 75.62 -71.54
C PHE B 1188 17.19 77.09 -71.24
N LEU B 1189 17.87 77.95 -72.00
CA LEU B 1189 17.76 79.39 -71.83
C LEU B 1189 18.14 80.08 -73.12
N PRO B 1190 17.52 81.20 -73.47
CA PRO B 1190 17.83 81.86 -74.75
C PRO B 1190 19.25 82.41 -74.80
N VAL B 1191 19.80 82.42 -76.02
CA VAL B 1191 21.17 82.87 -76.28
C VAL B 1191 21.22 83.42 -77.70
N CYS B 1192 22.01 84.48 -77.88
CA CYS B 1192 22.23 85.09 -79.18
C CYS B 1192 23.69 85.50 -79.29
N SER B 1193 24.16 85.58 -80.53
CA SER B 1193 25.52 85.99 -80.84
C SER B 1193 25.49 86.97 -82.00
N LEU B 1194 26.32 88.01 -81.92
CA LEU B 1194 26.38 89.06 -82.93
C LEU B 1194 27.83 89.24 -83.38
N GLY B 1195 28.01 89.50 -84.67
CA GLY B 1195 29.33 89.79 -85.20
C GLY B 1195 29.66 91.26 -85.10
N PRO B 1196 30.71 91.69 -85.81
CA PRO B 1196 31.06 93.12 -85.81
C PRO B 1196 30.03 93.96 -86.56
N GLY B 1197 29.68 95.10 -85.98
CA GLY B 1197 28.78 96.05 -86.61
C GLY B 1197 27.38 95.54 -86.88
N GLN B 1198 26.77 94.88 -85.91
CA GLN B 1198 25.44 94.31 -86.07
C GLN B 1198 24.52 94.82 -84.97
N VAL B 1199 23.25 95.05 -85.33
CA VAL B 1199 22.24 95.58 -84.42
C VAL B 1199 21.08 94.60 -84.34
N GLY B 1200 20.71 94.21 -83.12
CA GLY B 1200 19.60 93.32 -82.90
C GLY B 1200 18.70 93.81 -81.79
N HIS B 1201 17.55 93.17 -81.66
CA HIS B 1201 16.56 93.50 -80.64
C HIS B 1201 15.93 92.19 -80.18
N LEU B 1202 16.21 91.80 -78.95
CA LEU B 1202 15.74 90.53 -78.40
C LEU B 1202 14.54 90.79 -77.50
N ASN B 1203 13.41 90.15 -77.82
CA ASN B 1203 12.17 90.32 -77.09
C ASN B 1203 11.82 89.02 -76.39
N LEU B 1204 11.67 89.09 -75.06
CA LEU B 1204 11.26 87.95 -74.25
C LEU B 1204 9.77 87.96 -73.96
N GLY B 1205 9.02 88.87 -74.58
CA GLY B 1205 7.59 88.96 -74.35
C GLY B 1205 7.22 89.42 -72.96
N GLN B 1206 7.85 90.50 -72.49
CA GLN B 1206 7.52 91.05 -71.17
C GLN B 1206 6.06 91.48 -71.10
N ASP B 1207 5.58 92.15 -72.14
CA ASP B 1207 4.16 92.45 -72.29
C ASP B 1207 3.69 91.96 -73.65
N VAL B 1208 2.44 91.50 -73.69
CA VAL B 1208 1.90 90.86 -74.89
C VAL B 1208 1.74 91.85 -76.03
N SER B 1209 1.43 93.11 -75.70
CA SER B 1209 1.16 94.11 -76.74
C SER B 1209 2.39 94.39 -77.60
N SER B 1210 3.58 94.42 -76.98
CA SER B 1210 4.79 94.73 -77.73
C SER B 1210 5.21 93.59 -78.65
N LEU B 1211 4.69 92.38 -78.46
CA LEU B 1211 4.96 91.28 -79.37
C LEU B 1211 4.39 91.61 -80.75
N ARG B 1212 5.17 91.33 -81.79
CA ARG B 1212 4.82 91.81 -83.12
C ARG B 1212 3.68 91.02 -83.73
N PHE B 1213 3.90 89.74 -84.02
CA PHE B 1213 2.88 88.95 -84.71
C PHE B 1213 2.04 88.15 -83.73
N PHE B 1214 2.67 87.21 -83.02
CA PHE B 1214 2.03 86.35 -82.01
C PHE B 1214 0.83 85.57 -82.58
N ALA B 1215 0.74 85.44 -83.91
CA ALA B 1215 -0.40 84.81 -84.56
C ALA B 1215 -0.10 83.41 -85.07
N ILE B 1216 1.06 82.86 -84.73
CA ILE B 1216 1.43 81.52 -85.18
C ILE B 1216 1.60 80.54 -84.05
N CYS B 1217 1.78 80.98 -82.80
CA CYS B 1217 1.93 80.08 -81.67
C CYS B 1217 1.10 80.46 -80.45
N GLY B 1218 0.59 81.69 -80.38
CA GLY B 1218 -0.19 82.12 -79.23
C GLY B 1218 -1.69 81.94 -79.35
N LEU B 1219 -2.18 81.33 -80.43
CA LEU B 1219 -3.62 81.18 -80.62
C LEU B 1219 -4.13 79.84 -80.09
N GLN B 1220 -3.60 78.73 -80.61
CA GLN B 1220 -3.99 77.40 -80.16
C GLN B 1220 -2.83 76.50 -79.75
N GLU B 1221 -1.59 76.83 -80.11
CA GLU B 1221 -0.47 75.99 -79.70
C GLU B 1221 -0.22 76.04 -78.20
N GLY B 1222 -0.72 77.08 -77.52
CA GLY B 1222 -0.54 77.23 -76.10
C GLY B 1222 0.80 77.80 -75.68
N PHE B 1223 1.67 78.12 -76.63
CA PHE B 1223 2.98 78.65 -76.30
C PHE B 1223 2.86 80.05 -75.72
N GLU B 1224 3.71 80.34 -74.73
CA GLU B 1224 3.65 81.59 -73.98
C GLU B 1224 5.02 82.25 -74.01
N PRO B 1225 5.07 83.58 -73.85
CA PRO B 1225 6.37 84.26 -73.79
C PRO B 1225 7.18 83.82 -72.59
N PHE B 1226 8.51 83.87 -72.75
CA PHE B 1226 9.42 83.34 -71.74
C PHE B 1226 9.29 84.10 -70.42
N ALA B 1227 9.19 85.43 -70.48
CA ALA B 1227 9.07 86.27 -69.29
C ALA B 1227 7.73 86.99 -69.36
N ILE B 1228 6.68 86.33 -68.86
CA ILE B 1228 5.34 86.88 -68.93
C ILE B 1228 4.83 87.33 -67.56
N ASN B 1229 5.28 86.71 -66.47
CA ASN B 1229 4.84 87.05 -65.12
C ASN B 1229 6.02 87.58 -64.30
N MET B 1230 6.82 88.45 -64.90
CA MET B 1230 7.99 89.04 -64.26
C MET B 1230 7.74 90.51 -64.00
N GLN B 1231 7.99 90.96 -62.77
CA GLN B 1231 7.82 92.37 -62.44
C GLN B 1231 8.97 93.21 -63.00
N ARG B 1232 10.13 92.61 -63.17
CA ARG B 1232 11.33 93.30 -63.65
C ARG B 1232 11.95 92.49 -64.79
N PRO B 1233 12.67 93.16 -65.70
CA PRO B 1233 13.27 92.44 -66.84
C PRO B 1233 14.39 91.49 -66.44
N VAL B 1234 14.93 90.79 -67.43
CA VAL B 1234 15.96 89.77 -67.23
C VAL B 1234 17.33 90.44 -67.20
N THR B 1235 18.27 89.82 -66.48
CA THR B 1235 19.63 90.34 -66.41
C THR B 1235 20.32 90.31 -67.78
N THR B 1236 20.15 89.21 -68.53
CA THR B 1236 20.69 89.03 -69.89
C THR B 1236 22.21 89.23 -69.90
N TRP B 1237 22.90 88.29 -69.26
CA TRP B 1237 24.36 88.35 -69.13
C TRP B 1237 25.04 88.32 -70.49
N PHE B 1238 26.26 88.83 -70.54
CA PHE B 1238 26.98 88.95 -71.80
C PHE B 1238 28.43 88.55 -71.62
N SER B 1239 29.14 88.46 -72.75
CA SER B 1239 30.52 88.00 -72.78
C SER B 1239 31.46 89.19 -72.96
N LYS B 1240 32.48 89.26 -72.12
CA LYS B 1240 33.51 90.30 -72.19
C LYS B 1240 34.81 89.70 -72.69
N SER B 1241 35.54 90.49 -73.48
CA SER B 1241 36.80 90.07 -74.08
C SER B 1241 38.01 90.59 -73.32
N LEU B 1242 37.83 91.13 -72.13
CA LEU B 1242 38.95 91.60 -71.34
C LEU B 1242 39.66 90.41 -70.71
N PRO B 1243 40.96 90.22 -70.97
CA PRO B 1243 41.67 89.07 -70.40
C PRO B 1243 41.84 89.20 -68.89
N GLN B 1244 41.75 88.06 -68.21
CA GLN B 1244 41.86 88.01 -66.75
C GLN B 1244 42.63 86.77 -66.33
N PHE B 1245 43.24 86.85 -65.15
CA PHE B 1245 43.96 85.71 -64.59
C PHE B 1245 43.00 84.78 -63.87
N GLU B 1246 43.06 83.49 -64.19
CA GLU B 1246 42.23 82.48 -63.58
C GLU B 1246 43.07 81.25 -63.26
N PRO B 1247 42.73 80.52 -62.20
CA PRO B 1247 43.48 79.28 -61.91
C PRO B 1247 43.30 78.25 -63.00
N VAL B 1248 44.35 77.49 -63.25
CA VAL B 1248 44.32 76.47 -64.32
C VAL B 1248 43.38 75.34 -63.91
N PRO B 1249 42.47 74.91 -64.77
CA PRO B 1249 41.59 73.78 -64.43
C PRO B 1249 42.39 72.50 -64.29
N PRO B 1250 42.10 71.70 -63.25
CA PRO B 1250 42.77 70.40 -63.13
C PRO B 1250 42.45 69.43 -64.26
N GLU B 1251 41.30 69.52 -64.91
CA GLU B 1251 41.03 68.72 -66.11
C GLU B 1251 41.30 69.59 -67.34
N HIS B 1252 42.57 69.65 -67.72
CA HIS B 1252 42.99 70.34 -68.94
C HIS B 1252 43.72 69.35 -69.84
N PRO B 1253 43.24 69.09 -71.05
CA PRO B 1253 43.91 68.10 -71.91
C PRO B 1253 45.33 68.48 -72.31
N HIS B 1254 45.65 69.76 -72.40
CA HIS B 1254 46.95 70.20 -72.90
C HIS B 1254 47.97 70.38 -71.79
N TYR B 1255 47.68 71.26 -70.83
CA TYR B 1255 48.63 71.62 -69.79
C TYR B 1255 48.25 70.98 -68.47
N GLU B 1256 49.23 70.36 -67.82
CA GLU B 1256 49.04 69.75 -66.51
C GLU B 1256 50.09 70.29 -65.55
N VAL B 1257 49.68 70.57 -64.31
CA VAL B 1257 50.55 71.11 -63.29
C VAL B 1257 50.61 70.09 -62.14
N ALA B 1258 51.83 69.71 -61.77
CA ALA B 1258 52.05 68.73 -60.71
C ALA B 1258 52.93 69.35 -59.62
N ARG B 1259 52.57 69.11 -58.37
CA ARG B 1259 53.33 69.59 -57.23
C ARG B 1259 54.46 68.64 -56.89
N MET B 1260 55.61 69.19 -56.53
CA MET B 1260 56.77 68.41 -56.14
C MET B 1260 57.15 68.74 -54.70
N ASP B 1261 57.30 67.70 -53.89
CA ASP B 1261 57.67 67.90 -52.48
C ASP B 1261 59.13 68.32 -52.36
N GLY B 1262 59.40 69.09 -51.30
CA GLY B 1262 60.75 69.57 -51.06
C GLY B 1262 61.66 68.42 -50.61
N THR B 1263 62.72 68.15 -51.37
CA THR B 1263 63.64 67.09 -51.02
C THR B 1263 64.69 67.61 -50.05
N VAL B 1264 65.62 66.73 -49.67
CA VAL B 1264 66.69 67.11 -48.75
C VAL B 1264 67.63 68.12 -49.41
N ASP B 1265 68.01 67.86 -50.66
CA ASP B 1265 68.90 68.75 -51.40
C ASP B 1265 68.18 69.60 -52.43
N THR B 1266 66.86 69.47 -52.54
CA THR B 1266 66.08 70.21 -53.52
C THR B 1266 64.93 70.93 -52.81
N PRO B 1267 64.80 72.24 -52.99
CA PRO B 1267 63.67 72.97 -52.41
C PRO B 1267 62.38 72.61 -53.13
N PRO B 1268 61.22 72.82 -52.51
CA PRO B 1268 59.95 72.54 -53.19
C PRO B 1268 59.78 73.39 -54.44
N CYS B 1269 59.22 72.79 -55.48
CA CYS B 1269 59.11 73.46 -56.77
C CYS B 1269 57.81 73.02 -57.45
N LEU B 1270 57.36 73.85 -58.38
CA LEU B 1270 56.15 73.59 -59.16
C LEU B 1270 56.56 73.43 -60.62
N ARG B 1271 56.07 72.37 -61.26
CA ARG B 1271 56.45 72.04 -62.63
C ARG B 1271 55.24 72.12 -63.56
N LEU B 1272 55.48 72.58 -64.78
CA LEU B 1272 54.47 72.61 -65.83
C LEU B 1272 54.87 71.62 -66.92
N ALA B 1273 53.96 70.71 -67.26
CA ALA B 1273 54.22 69.66 -68.23
C ALA B 1273 53.20 69.75 -69.35
N HIS B 1274 53.69 69.67 -70.59
CA HIS B 1274 52.83 69.68 -71.78
C HIS B 1274 52.77 68.27 -72.34
N ARG B 1275 51.55 67.75 -72.50
CA ARG B 1275 51.37 66.39 -73.00
C ARG B 1275 50.58 66.39 -74.31
N UNK B 1276 51.31 66.49 -75.43
CA UNK B 1276 50.69 66.51 -76.74
C UNK B 1276 51.67 66.09 -77.83
N UNK B 1277 51.30 65.07 -78.60
CA UNK B 1277 52.11 64.63 -79.73
C UNK B 1277 51.93 65.58 -80.90
N UNK B 1278 50.75 66.17 -80.99
CA UNK B 1278 50.45 67.16 -82.01
C UNK B 1278 49.70 68.33 -81.39
N UNK B 1279 48.37 68.33 -81.54
CA UNK B 1279 47.48 69.33 -80.94
C UNK B 1279 47.86 70.76 -81.32
N UNK B 1280 47.95 71.62 -80.31
CA UNK B 1280 48.30 73.02 -80.53
C UNK B 1280 49.49 73.43 -79.68
N UNK B 1281 50.29 74.37 -80.19
CA UNK B 1281 51.46 74.85 -79.47
C UNK B 1281 51.44 76.38 -79.38
N UNK B 1282 50.33 76.92 -78.87
CA UNK B 1282 50.18 78.36 -78.72
C UNK B 1282 51.06 78.89 -77.59
N UNK B 1283 51.37 80.18 -77.65
CA UNK B 1283 52.21 80.80 -76.63
C UNK B 1283 51.44 81.00 -75.33
N UNK B 1284 51.80 80.24 -74.31
CA UNK B 1284 51.16 80.36 -73.00
C UNK B 1284 51.56 81.67 -72.33
N UNK B 1285 50.85 82.73 -72.66
CA UNK B 1285 51.15 84.06 -72.13
C UNK B 1285 50.85 84.15 -70.64
N UNK B 1286 51.87 84.51 -69.86
CA UNK B 1286 51.81 84.71 -68.41
C UNK B 1286 51.51 83.44 -67.61
N UNK B 1287 52.16 83.34 -66.46
CA UNK B 1287 51.96 82.23 -65.54
C UNK B 1287 52.22 82.69 -64.12
N UNK B 1288 51.50 83.73 -63.70
CA UNK B 1288 51.70 84.34 -62.39
C UNK B 1288 51.20 83.44 -61.27
N UNK B 1289 51.79 83.61 -60.08
CA UNK B 1289 51.40 82.84 -58.91
C UNK B 1289 50.15 83.44 -58.26
N UNK B 1290 49.70 82.83 -57.18
CA UNK B 1290 48.49 83.27 -56.48
C UNK B 1290 48.73 84.57 -55.72
N UNK B 1291 49.43 84.46 -54.59
CA UNK B 1291 49.68 85.62 -53.73
C UNK B 1291 50.70 86.56 -54.36
N UNK B 1292 50.73 87.79 -53.87
CA UNK B 1292 51.66 88.80 -54.38
C UNK B 1292 52.36 89.52 -53.24
N UNK B 1293 53.60 89.94 -53.48
CA UNK B 1293 54.38 90.66 -52.48
C UNK B 1293 54.12 92.16 -52.57
N UNK B 1294 54.39 92.87 -51.48
CA UNK B 1294 54.19 94.31 -51.43
C UNK B 1294 55.40 95.02 -50.84
N UNK B 1295 55.79 96.13 -51.47
CA UNK B 1295 56.92 96.91 -51.00
C UNK B 1295 56.57 97.68 -49.73
N UNK B 1296 57.58 98.00 -48.92
CA UNK B 1296 57.36 98.71 -47.67
C UNK B 1296 57.03 100.18 -47.94
N UNK B 1297 56.22 100.77 -47.07
CA UNK B 1297 55.82 102.16 -47.20
C UNK B 1297 56.97 103.09 -46.80
N UNK B 1298 64.68 104.99 -48.02
CA UNK B 1298 63.44 104.70 -47.32
C UNK B 1298 62.88 103.35 -47.74
N UNK B 1299 62.38 103.27 -48.96
CA UNK B 1299 61.81 102.03 -49.49
C UNK B 1299 62.91 101.04 -49.85
N UNK B 1300 64.04 101.57 -50.33
CA UNK B 1300 65.21 100.79 -50.75
C UNK B 1300 64.85 99.73 -51.79
N UNK B 1301 63.95 100.07 -52.70
CA UNK B 1301 63.51 99.15 -53.73
C UNK B 1301 64.45 99.18 -54.93
N UNK B 1302 65.08 98.05 -55.21
CA UNK B 1302 66.00 97.95 -56.34
C UNK B 1302 66.09 96.51 -56.82
N UNK B 1303 65.33 96.17 -57.85
CA UNK B 1303 65.34 94.83 -58.42
C UNK B 1303 66.64 94.56 -59.16
N UNK B 1304 67.04 93.30 -59.21
CA UNK B 1304 68.28 92.91 -59.87
C UNK B 1304 68.23 91.44 -60.30
N UNK B 1305 68.12 91.22 -61.60
CA UNK B 1305 68.09 89.87 -62.15
C UNK B 1305 69.50 89.28 -62.19
N UNK B 1306 69.69 88.14 -61.53
CA UNK B 1306 70.99 87.49 -61.49
C UNK B 1306 70.91 86.09 -62.09
N UNK B 1307 71.59 85.90 -63.21
CA UNK B 1307 71.62 84.61 -63.89
C UNK B 1307 72.98 83.94 -63.71
N UNK B 1308 73.00 82.80 -63.01
CA UNK B 1308 74.21 82.03 -62.71
C UNK B 1308 75.27 82.88 -62.01
N UNK B 1309 76.04 83.62 -62.80
CA UNK B 1309 77.08 84.50 -62.26
C UNK B 1309 76.48 85.86 -61.92
N UNK B 1310 76.37 86.72 -62.93
CA UNK B 1310 75.81 88.05 -62.74
C UNK B 1310 75.20 88.58 -64.04
N UNK B 1311 74.47 89.68 -63.94
CA UNK B 1311 73.83 90.29 -65.10
C UNK B 1311 73.63 91.79 -64.89
N UNK B 1312 73.50 92.52 -65.99
CA UNK B 1312 73.31 93.96 -65.93
C UNK B 1312 71.98 94.37 -66.59
N UNK B 1313 70.89 94.15 -65.87
CA UNK B 1313 69.57 94.47 -66.38
C UNK B 1313 69.01 95.72 -65.70
N UNK B 1314 69.85 96.37 -64.90
CA UNK B 1314 69.53 97.60 -64.18
C UNK B 1314 68.30 97.48 -63.28
N UNK B 1315 67.11 97.47 -63.90
CA UNK B 1315 65.81 97.41 -63.22
C UNK B 1315 65.62 98.59 -62.27
N UNK B 1316 64.91 99.61 -62.74
CA UNK B 1316 64.71 100.85 -62.01
C UNK B 1316 63.94 100.65 -60.71
N UNK B 1317 64.02 101.65 -59.83
CA UNK B 1317 63.37 101.59 -58.53
C UNK B 1317 61.86 101.70 -58.65
N UNK B 1318 61.14 101.00 -57.77
CA UNK B 1318 59.69 101.04 -57.76
C UNK B 1318 59.20 102.27 -56.98
N UNK B 1319 57.88 102.32 -56.75
CA UNK B 1319 57.29 103.45 -56.04
C UNK B 1319 57.41 103.26 -54.52
N UNK B 1320 56.34 103.59 -53.80
CA UNK B 1320 56.33 103.45 -52.35
C UNK B 1320 55.67 102.14 -51.94
N UNK B 1321 54.34 102.13 -51.93
CA UNK B 1321 53.60 100.94 -51.54
C UNK B 1321 53.13 100.16 -52.77
N UNK B 1322 54.05 99.90 -53.70
CA UNK B 1322 53.73 99.16 -54.90
C UNK B 1322 53.63 97.67 -54.62
N UNK B 1323 52.82 96.97 -55.42
CA UNK B 1323 52.63 95.54 -55.24
C UNK B 1323 52.99 94.78 -56.52
N UNK B 1324 53.91 93.83 -56.41
CA UNK B 1324 54.35 93.05 -57.56
C UNK B 1324 54.18 91.56 -57.31
N UNK B 1325 53.97 90.80 -58.38
CA UNK B 1325 53.80 89.36 -58.29
C UNK B 1325 54.75 88.65 -59.25
N UNK B 1326 55.21 87.47 -58.86
CA UNK B 1326 56.11 86.68 -59.69
C UNK B 1326 55.37 86.11 -60.89
N UNK B 1327 56.06 85.98 -62.03
CA UNK B 1327 55.45 85.48 -63.24
C UNK B 1327 56.48 84.83 -64.16
N UNK B 1328 55.99 84.17 -65.21
CA UNK B 1328 56.85 83.50 -66.19
C UNK B 1328 56.12 83.29 -67.51
N UNK B 1329 56.27 84.24 -68.43
CA UNK B 1329 55.60 84.16 -69.73
C UNK B 1329 56.50 83.50 -70.77
N UNK B 1330 56.41 82.18 -70.87
CA UNK B 1330 57.23 81.43 -71.81
C UNK B 1330 56.35 80.71 -72.84
N UNK B 1331 57.00 80.16 -73.87
CA UNK B 1331 56.29 79.42 -74.92
C UNK B 1331 56.68 77.95 -74.89
N UNK B 1332 55.77 77.09 -75.35
CA UNK B 1332 56.00 75.66 -75.37
C UNK B 1332 57.00 75.26 -76.46
N UNK B 1333 57.67 74.13 -76.27
CA UNK B 1333 58.64 73.65 -77.23
C UNK B 1333 58.41 72.17 -77.54
N UNK B 1334 57.17 71.74 -77.39
CA UNK B 1334 56.73 70.35 -77.65
C UNK B 1334 57.55 69.33 -76.87
N UNK B 1335 57.82 69.62 -75.60
CA UNK B 1335 58.57 68.73 -74.74
C UNK B 1335 58.20 68.93 -73.27
N UNK B 1336 59.04 69.67 -72.55
CA UNK B 1336 58.79 69.98 -71.15
C UNK B 1336 58.96 71.47 -70.91
N UNK B 1337 57.97 72.08 -70.25
CA UNK B 1337 57.99 73.51 -69.98
C UNK B 1337 58.89 73.85 -68.79
N UNK B 1338 58.83 75.11 -68.36
CA UNK B 1338 59.66 75.58 -67.25
C UNK B 1338 59.15 75.07 -65.91
N UNK B 1339 59.95 75.27 -64.86
CA UNK B 1339 59.59 74.84 -63.52
C UNK B 1339 60.03 75.86 -62.48
N UNK B 1340 59.06 76.53 -61.87
CA UNK B 1340 59.34 77.54 -60.85
C UNK B 1340 59.79 76.88 -59.55
N UNK B 1341 60.86 77.40 -58.96
CA UNK B 1341 61.40 76.84 -57.73
C UNK B 1341 61.73 77.94 -56.72
N UNK B 1342 61.03 77.92 -55.60
CA UNK B 1342 61.26 78.89 -54.53
C UNK B 1342 62.33 78.37 -53.58
N UNK B 1343 63.37 79.16 -53.37
CA UNK B 1343 64.48 78.78 -52.50
C UNK B 1343 65.09 79.98 -51.80
N UNK B 1344 66.35 79.83 -51.37
CA UNK B 1344 67.06 80.90 -50.70
C UNK B 1344 68.57 80.75 -50.91
N UNK B 1345 69.25 81.87 -51.09
CA UNK B 1345 70.69 81.86 -51.31
C UNK B 1345 71.43 81.85 -49.97
N UNK B 1346 72.40 82.75 -49.82
CA UNK B 1346 73.16 82.86 -48.57
C UNK B 1346 72.31 83.50 -47.48
N UNK B 1347 71.76 84.66 -47.79
CA UNK B 1347 70.91 85.39 -46.84
C UNK B 1347 69.97 86.34 -47.58
N UNK B 1348 69.42 85.88 -48.70
CA UNK B 1348 68.51 86.69 -49.50
C UNK B 1348 67.41 85.84 -50.11
N UNK B 1349 66.39 86.50 -50.66
CA UNK B 1349 65.27 85.81 -51.28
C UNK B 1349 65.30 85.95 -52.79
N UNK B 1350 64.87 84.90 -53.49
CA UNK B 1350 64.86 84.90 -54.95
C UNK B 1350 63.84 83.90 -55.49
N UNK B 1351 63.61 83.96 -56.80
CA UNK B 1351 62.69 83.04 -57.46
C UNK B 1351 63.38 82.35 -58.64
N UNK B 1352 63.81 81.12 -58.43
CA UNK B 1352 64.54 80.36 -59.45
C UNK B 1352 63.62 79.78 -60.51
N UNK B 1353 64.21 79.43 -61.65
CA UNK B 1353 63.46 78.83 -62.75
C UNK B 1353 64.39 77.98 -63.61
N UNK B 1354 63.80 77.07 -64.40
CA UNK B 1354 64.58 76.19 -65.25
C UNK B 1354 64.02 76.17 -66.66
N UNK B 1355 64.71 76.83 -67.59
CA UNK B 1355 64.26 76.90 -68.98
C UNK B 1355 64.77 75.71 -69.77
N UNK B 1356 64.37 75.64 -71.04
CA UNK B 1356 64.78 74.54 -71.92
C UNK B 1356 64.76 74.99 -73.38
N UNK B 1357 64.83 76.30 -73.60
CA UNK B 1357 64.81 76.85 -74.95
C UNK B 1357 65.56 78.19 -74.99
N UNK B 1358 65.17 79.03 -75.94
CA UNK B 1358 65.80 80.35 -76.09
C UNK B 1358 64.84 81.47 -75.68
N UNK B 1359 63.73 81.57 -76.38
CA UNK B 1359 62.74 82.62 -76.11
C UNK B 1359 61.81 82.21 -74.97
N UNK B 1360 62.14 82.66 -73.75
CA UNK B 1360 61.34 82.35 -72.58
C UNK B 1360 61.56 83.37 -71.46
N UNK B 1361 60.99 84.56 -71.64
CA UNK B 1361 61.12 85.63 -70.65
C UNK B 1361 60.35 85.29 -69.37
N UNK B 1362 60.96 85.56 -68.23
CA UNK B 1362 60.35 85.23 -66.94
C UNK B 1362 60.86 86.12 -65.81
N UNK B 1363 59.98 86.98 -65.30
CA UNK B 1363 60.30 87.82 -64.16
C UNK B 1363 59.01 88.31 -63.48
N UNK B 1364 59.14 89.29 -62.60
CA UNK B 1364 58.00 89.81 -61.85
C UNK B 1364 57.09 90.67 -62.74
N UNK B 1365 55.80 90.66 -62.42
CA UNK B 1365 54.82 91.44 -63.16
C UNK B 1365 54.01 92.32 -62.21
N UNK B 1366 53.27 93.28 -62.77
CA UNK B 1366 52.47 94.20 -61.96
C UNK B 1366 51.13 93.58 -61.57
N UNK B 1367 50.28 94.38 -60.95
CA UNK B 1367 48.98 93.92 -60.50
C UNK B 1367 47.87 94.35 -61.45
N UNK B 1368 48.26 94.86 -62.62
CA UNK B 1368 47.31 95.30 -63.63
C UNK B 1368 47.84 95.04 -65.03
N UNK B 1369 48.23 93.79 -65.29
CA UNK B 1369 48.79 93.42 -66.58
C UNK B 1369 47.79 92.62 -67.40
N UNK B 1370 47.27 93.24 -68.45
CA UNK B 1370 46.32 92.59 -69.35
C UNK B 1370 46.89 92.51 -70.76
N UNK B 1371 46.01 92.57 -71.75
CA UNK B 1371 46.36 92.55 -73.18
C UNK B 1371 47.20 91.34 -73.57
N UNK B 1372 46.51 90.23 -73.86
CA UNK B 1372 47.19 89.01 -74.30
C UNK B 1372 47.71 89.17 -75.72
N UNK B 1373 48.99 89.53 -75.84
CA UNK B 1373 49.60 89.76 -77.13
C UNK B 1373 49.86 88.45 -77.87
N UNK B 1374 50.15 88.55 -79.17
CA UNK B 1374 50.42 87.38 -79.99
C UNK B 1374 51.87 86.92 -79.85
N UNK B 1375 52.80 87.86 -80.03
CA UNK B 1375 54.21 87.56 -79.94
C UNK B 1375 55.03 88.79 -79.56
N UNK B 1376 56.36 88.67 -79.72
CA UNK B 1376 57.32 89.74 -79.44
C UNK B 1376 57.24 90.29 -78.01
N UNK B 1377 57.85 91.45 -77.80
CA UNK B 1377 57.87 92.07 -76.48
C UNK B 1377 57.15 93.42 -76.52
N UNK B 1378 57.91 94.50 -76.34
CA UNK B 1378 57.40 95.87 -76.36
C UNK B 1378 56.26 96.09 -75.36
N UNK B 1379 56.61 96.29 -74.11
CA UNK B 1379 55.63 96.51 -73.05
C UNK B 1379 55.22 97.98 -72.99
N UNK B 1380 54.15 98.27 -72.26
CA UNK B 1380 53.67 99.63 -72.11
C UNK B 1380 54.45 100.38 -71.04
N UNK B 1381 54.84 101.61 -71.35
CA UNK B 1381 55.62 102.43 -70.42
C UNK B 1381 55.42 103.92 -70.68
N UNK B 1382 55.71 104.73 -69.68
CA UNK B 1382 55.60 106.18 -69.79
C UNK B 1382 56.58 106.86 -68.85
N UNK B 1383 56.60 108.19 -68.86
CA UNK B 1383 57.51 108.95 -68.00
C UNK B 1383 56.94 110.32 -67.66
N UNK B 1384 56.40 110.45 -66.46
CA UNK B 1384 55.86 111.72 -65.99
C UNK B 1384 56.98 112.57 -65.39
N UNK B 1385 57.55 113.44 -66.21
CA UNK B 1385 58.66 114.29 -65.78
C UNK B 1385 58.19 115.70 -65.42
N UNK B 1386 58.05 115.96 -64.12
CA UNK B 1386 57.64 117.27 -63.65
C UNK B 1386 58.82 118.22 -63.60
N UNK B 1387 58.56 119.48 -63.29
CA UNK B 1387 59.62 120.49 -63.22
C UNK B 1387 59.28 121.58 -62.20
N UNK B 1388 59.90 122.74 -62.36
CA UNK B 1388 59.65 123.87 -61.46
C UNK B 1388 58.97 125.00 -62.20
N UNK B 1389 59.37 126.24 -61.88
CA UNK B 1389 58.80 127.42 -62.53
C UNK B 1389 59.34 127.56 -63.95
N UNK B 1390 60.54 127.05 -64.17
CA UNK B 1390 61.16 127.09 -65.49
C UNK B 1390 61.66 125.70 -65.90
N UNK B 1391 62.86 125.66 -66.47
CA UNK B 1391 63.46 124.39 -66.88
C UNK B 1391 64.64 124.05 -65.99
N UNK B 1392 64.66 124.62 -64.78
CA UNK B 1392 65.75 124.40 -63.85
C UNK B 1392 65.61 123.04 -63.14
N UNK B 1393 64.81 123.01 -62.08
CA UNK B 1393 64.61 121.80 -61.31
C UNK B 1393 63.74 120.80 -62.06
N UNK B 1394 63.98 119.51 -61.81
CA UNK B 1394 63.23 118.45 -62.48
C UNK B 1394 63.24 117.18 -61.64
N UNK B 1395 62.07 116.54 -61.53
CA UNK B 1395 61.94 115.29 -60.79
C UNK B 1395 61.29 114.23 -61.67
N UNK B 1396 62.03 113.77 -62.66
CA UNK B 1396 61.51 112.78 -63.61
C UNK B 1396 61.35 111.41 -62.97
N UNK B 1397 60.13 110.87 -63.03
CA UNK B 1397 59.85 109.55 -62.49
C UNK B 1397 59.23 108.67 -63.57
N UNK B 1398 59.88 107.53 -63.83
CA UNK B 1398 59.39 106.58 -64.83
C UNK B 1398 58.11 105.93 -64.34
N UNK B 1399 57.11 105.89 -65.21
CA UNK B 1399 55.81 105.31 -64.87
C UNK B 1399 55.92 103.80 -64.66
N UNK B 1400 55.07 103.28 -63.78
CA UNK B 1400 55.08 101.85 -63.47
C UNK B 1400 54.58 101.04 -64.66
N UNK B 1401 55.48 100.28 -65.27
CA UNK B 1401 55.12 99.44 -66.41
C UNK B 1401 54.26 98.27 -65.97
N UNK B 1402 53.51 97.72 -66.91
CA UNK B 1402 52.61 96.60 -66.61
C UNK B 1402 53.38 95.31 -66.41
N UNK B 1403 54.61 95.26 -66.93
CA UNK B 1403 55.44 94.06 -66.81
C UNK B 1403 56.92 94.42 -66.82
N UNK B 1404 57.63 93.98 -65.77
CA UNK B 1404 59.07 94.19 -65.67
C UNK B 1404 59.78 92.85 -65.90
N UNK B 1405 59.91 92.46 -67.15
CA UNK B 1405 60.49 91.15 -67.50
C UNK B 1405 61.94 91.26 -67.91
N UNK B 1406 62.62 90.11 -67.95
CA UNK B 1406 64.01 90.05 -68.37
C UNK B 1406 64.11 89.61 -69.82
N UNK B 1407 65.30 89.76 -70.40
CA UNK B 1407 65.52 89.42 -71.81
C UNK B 1407 65.61 87.92 -72.02
N UNK B 1408 66.05 87.20 -70.97
CA UNK B 1408 66.18 85.74 -70.96
C UNK B 1408 67.09 85.17 -72.04
N UNK B 1409 66.75 85.40 -73.31
CA UNK B 1409 67.53 84.87 -74.43
C UNK B 1409 68.86 85.59 -74.63
N UNK B 1410 69.08 86.67 -73.88
CA UNK B 1410 70.32 87.44 -73.97
C UNK B 1410 71.43 86.78 -73.15
N UNK B 1411 71.08 85.76 -72.39
CA UNK B 1411 72.05 85.05 -71.57
C UNK B 1411 72.38 83.69 -72.16
N UNK B 1412 72.55 83.64 -73.48
CA UNK B 1412 72.88 82.41 -74.18
C UNK B 1412 73.64 82.68 -75.46
N UNK B 1413 74.66 81.87 -75.73
CA UNK B 1413 75.47 82.02 -76.93
C UNK B 1413 76.00 80.68 -77.41
N UNK B 1414 75.17 79.65 -77.27
CA UNK B 1414 75.56 78.30 -77.70
C UNK B 1414 74.40 77.62 -78.43
N UNK B 1415 74.14 76.36 -78.09
CA UNK B 1415 73.08 75.59 -78.72
C UNK B 1415 72.22 74.88 -77.67
N UNK B 1416 72.24 75.41 -76.45
CA UNK B 1416 71.47 74.88 -75.32
C UNK B 1416 71.78 73.42 -75.03
N UNK B 1417 72.84 73.18 -74.26
CA UNK B 1417 73.23 71.83 -73.90
C UNK B 1417 72.84 71.50 -72.46
N UNK B 1418 72.72 72.53 -71.63
CA UNK B 1418 72.37 72.35 -70.23
C UNK B 1418 71.09 73.09 -69.89
N UNK B 1419 71.00 73.59 -68.65
CA UNK B 1419 69.83 74.33 -68.20
C UNK B 1419 70.24 75.57 -67.43
N UNK B 1420 69.64 76.71 -67.78
CA UNK B 1420 69.96 77.97 -67.13
C UNK B 1420 69.07 78.21 -65.92
N UNK B 1421 69.38 79.27 -65.17
CA UNK B 1421 68.61 79.61 -63.98
C UNK B 1421 68.71 81.09 -63.65
N UNK B 1422 67.56 81.73 -63.48
CA UNK B 1422 67.51 83.16 -63.14
C UNK B 1422 67.02 83.34 -61.71
N UNK B 1423 66.92 84.59 -61.28
CA UNK B 1423 66.49 84.89 -59.91
C UNK B 1423 65.89 86.30 -59.80
N UNK B 1424 65.68 86.74 -58.58
CA UNK B 1424 65.14 88.07 -58.32
C UNK B 1424 66.04 88.83 -57.35
N UNK B 1425 65.45 89.68 -56.52
CA UNK B 1425 66.22 90.47 -55.56
C UNK B 1425 65.39 90.86 -54.35
N UNK B 1426 65.95 90.62 -53.16
CA UNK B 1426 65.30 90.99 -51.91
C UNK B 1426 66.33 91.13 -50.81
N UNK B 1427 65.93 91.71 -49.68
CA UNK B 1427 66.84 91.93 -48.56
C UNK B 1427 66.14 91.68 -47.23
N UNK B 1428 66.90 91.17 -46.26
CA UNK B 1428 66.36 90.90 -44.93
C UNK B 1428 67.09 91.74 -43.89
N UNK B 1429 66.49 91.85 -42.70
CA UNK B 1429 67.07 92.63 -41.62
C UNK B 1429 67.37 91.77 -40.41
N UNK B 1430 67.74 90.51 -40.66
CA UNK B 1430 68.05 89.57 -39.58
C UNK B 1430 69.26 88.72 -39.94
N UNK B 1431 70.45 89.23 -39.66
CA UNK B 1431 71.68 88.52 -39.96
C UNK B 1431 72.31 87.96 -38.68
N UNK B 1432 72.41 86.64 -38.60
CA UNK B 1432 72.98 85.98 -37.43
C UNK B 1432 73.79 84.76 -37.85
N MET B 1573 63.93 85.53 -44.84
CA MET B 1573 65.03 85.14 -45.72
C MET B 1573 64.60 84.48 -47.05
N PRO B 1574 63.62 83.52 -47.04
CA PRO B 1574 63.14 83.02 -48.35
C PRO B 1574 62.02 83.86 -48.92
N LEU B 1575 61.47 83.44 -50.05
CA LEU B 1575 60.41 84.20 -50.71
C LEU B 1575 59.12 84.16 -49.90
N SER B 1576 58.78 83.01 -49.33
CA SER B 1576 57.50 82.83 -48.65
C SER B 1576 57.45 83.46 -47.27
N ALA B 1577 58.58 83.86 -46.71
CA ALA B 1577 58.59 84.42 -45.36
C ALA B 1577 57.96 85.81 -45.33
N ALA B 1578 58.35 86.67 -46.26
CA ALA B 1578 57.90 88.06 -46.30
C ALA B 1578 56.58 88.24 -47.02
N MET B 1579 56.00 87.18 -47.57
CA MET B 1579 54.77 87.28 -48.35
C MET B 1579 53.53 86.95 -47.54
N PHE B 1580 53.63 86.08 -46.54
CA PHE B 1580 52.48 85.63 -45.78
C PHE B 1580 52.38 86.25 -44.38
N LEU B 1581 53.39 87.02 -43.96
CA LEU B 1581 53.44 87.80 -42.72
C LEU B 1581 53.23 86.95 -41.46
N SER B 1582 53.23 85.62 -41.56
CA SER B 1582 53.11 84.74 -40.42
C SER B 1582 54.38 83.95 -40.14
N GLU B 1583 55.18 83.67 -41.16
CA GLU B 1583 56.43 82.95 -41.03
C GLU B 1583 57.62 83.83 -41.42
N ARG B 1584 57.52 85.13 -41.14
CA ARG B 1584 58.61 86.06 -41.46
C ARG B 1584 59.85 85.74 -40.64
N LYS B 1585 59.68 85.40 -39.36
CA LYS B 1585 60.82 85.03 -38.52
C LYS B 1585 61.45 83.73 -38.98
N ASN B 1586 60.63 82.76 -39.39
CA ASN B 1586 61.15 81.46 -39.80
C ASN B 1586 61.82 81.57 -41.17
N PRO B 1587 63.09 81.18 -41.30
CA PRO B 1587 63.77 81.24 -42.60
C PRO B 1587 63.58 80.00 -43.47
N ALA B 1588 62.82 79.01 -43.02
CA ALA B 1588 62.65 77.78 -43.79
C ALA B 1588 61.62 78.01 -44.90
N PRO B 1589 61.96 77.78 -46.16
CA PRO B 1589 60.98 77.93 -47.23
C PRO B 1589 59.90 76.86 -47.16
N GLN B 1590 58.71 77.23 -47.63
CA GLN B 1590 57.56 76.33 -47.63
C GLN B 1590 56.58 76.76 -48.71
N CYS B 1591 55.69 75.84 -49.08
CA CYS B 1591 54.70 76.07 -50.12
C CYS B 1591 53.32 75.72 -49.58
N PRO B 1592 52.64 76.66 -48.94
CA PRO B 1592 51.27 76.42 -48.49
C PRO B 1592 50.32 76.22 -49.66
N PRO B 1593 49.17 75.58 -49.44
CA PRO B 1593 48.26 75.27 -50.57
C PRO B 1593 47.66 76.49 -51.25
N ARG B 1594 47.73 77.67 -50.63
CA ARG B 1594 47.17 78.87 -51.24
C ARG B 1594 47.88 79.22 -52.54
N LEU B 1595 49.19 79.01 -52.60
CA LEU B 1595 49.94 79.28 -53.81
C LEU B 1595 49.56 78.30 -54.91
N GLU B 1596 49.38 78.82 -56.12
CA GLU B 1596 48.98 78.01 -57.26
C GLU B 1596 49.39 78.73 -58.54
N VAL B 1597 49.40 77.98 -59.64
CA VAL B 1597 49.74 78.52 -60.94
C VAL B 1597 48.48 79.01 -61.62
N GLN B 1598 48.51 80.24 -62.12
CA GLN B 1598 47.38 80.86 -62.80
C GLN B 1598 47.73 81.11 -64.27
N MET B 1599 46.69 81.15 -65.10
CA MET B 1599 46.84 81.35 -66.53
C MET B 1599 45.91 82.46 -67.00
N LEU B 1600 46.25 83.04 -68.14
CA LEU B 1600 45.49 84.15 -68.71
C LEU B 1600 44.36 83.61 -69.57
N MET B 1601 43.14 84.09 -69.33
CA MET B 1601 41.97 83.72 -70.12
C MET B 1601 41.47 84.95 -70.86
N PRO B 1602 41.25 84.87 -72.16
CA PRO B 1602 40.94 86.07 -72.95
C PRO B 1602 39.51 86.56 -72.80
N VAL B 1603 38.58 85.67 -72.46
CA VAL B 1603 37.18 86.02 -72.39
C VAL B 1603 36.59 85.56 -71.07
N SER B 1604 35.48 86.19 -70.69
CA SER B 1604 34.81 85.88 -69.43
C SER B 1604 33.35 86.32 -69.54
N TRP B 1605 32.58 86.01 -68.49
CA TRP B 1605 31.20 86.42 -68.41
C TRP B 1605 31.08 87.72 -67.61
N SER B 1606 29.98 88.43 -67.84
CA SER B 1606 29.74 89.68 -67.14
C SER B 1606 28.24 89.97 -67.13
N ARG B 1607 27.84 90.85 -66.23
CA ARG B 1607 26.45 91.20 -66.00
C ARG B 1607 26.16 92.60 -66.52
N MET B 1608 25.08 92.75 -67.27
CA MET B 1608 24.64 94.06 -67.71
C MET B 1608 24.01 94.82 -66.55
N PRO B 1609 24.40 96.09 -66.32
CA PRO B 1609 23.72 96.88 -65.30
C PRO B 1609 22.25 97.09 -65.61
N ASN B 1610 21.45 97.22 -64.55
CA ASN B 1610 20.01 97.39 -64.72
C ASN B 1610 19.66 98.74 -65.35
N HIS B 1611 20.42 99.79 -65.01
CA HIS B 1611 20.16 101.12 -65.53
C HIS B 1611 21.46 101.74 -66.00
N PHE B 1612 21.34 102.68 -66.94
CA PHE B 1612 22.49 103.33 -67.55
C PHE B 1612 22.29 104.84 -67.56
N LEU B 1613 23.40 105.56 -67.57
CA LEU B 1613 23.36 107.01 -67.58
C LEU B 1613 22.86 107.54 -68.92
N GLN B 1614 22.10 108.63 -68.87
CA GLN B 1614 21.60 109.30 -70.06
C GLN B 1614 22.42 110.56 -70.31
N VAL B 1615 23.08 110.62 -71.46
CA VAL B 1615 23.89 111.76 -71.85
C VAL B 1615 23.33 112.33 -73.15
N GLU B 1616 23.13 113.64 -73.19
CA GLU B 1616 22.58 114.32 -74.35
C GLU B 1616 23.67 115.16 -75.01
N THR B 1617 23.88 114.94 -76.30
CA THR B 1617 24.88 115.64 -77.08
C THR B 1617 24.19 116.47 -78.15
N ARG B 1618 24.44 117.79 -78.15
CA ARG B 1618 23.81 118.68 -79.10
C ARG B 1618 24.83 119.70 -79.63
N ARG B 1619 24.68 120.05 -80.89
CA ARG B 1619 25.58 120.99 -81.55
C ARG B 1619 24.97 122.39 -81.61
N GLY B 1625 27.98 123.54 -81.19
CA GLY B 1625 28.79 123.71 -79.99
C GLY B 1625 29.33 122.40 -79.44
N TRP B 1626 28.71 121.29 -79.85
CA TRP B 1626 29.11 119.94 -79.42
C TRP B 1626 29.07 119.81 -77.90
N ALA B 1627 28.08 120.43 -77.28
CA ALA B 1627 27.94 120.38 -75.83
C ALA B 1627 27.24 119.09 -75.41
N VAL B 1628 27.72 118.51 -74.31
CA VAL B 1628 27.15 117.27 -73.76
C VAL B 1628 26.75 117.50 -72.32
N GLN B 1629 25.58 116.99 -71.94
CA GLN B 1629 25.02 117.20 -70.62
C GLN B 1629 24.49 115.88 -70.05
N CYS B 1630 24.60 115.77 -68.72
CA CYS B 1630 24.04 114.66 -67.97
C CYS B 1630 23.63 115.17 -66.59
N GLN B 1631 22.42 114.77 -66.15
CA GLN B 1631 21.86 115.25 -64.90
C GLN B 1631 21.10 114.16 -64.15
N ASP B 1632 21.55 112.91 -64.25
CA ASP B 1632 20.89 111.78 -63.59
C ASP B 1632 21.90 111.05 -62.74
N PRO B 1633 21.71 110.99 -61.41
CA PRO B 1633 22.68 110.28 -60.56
C PRO B 1633 22.31 108.82 -60.34
N LEU B 1634 23.34 107.96 -60.35
CA LEU B 1634 23.16 106.54 -60.13
C LEU B 1634 24.24 106.03 -59.18
N THR B 1635 23.87 105.10 -58.30
CA THR B 1635 24.79 104.51 -57.34
C THR B 1635 24.61 103.00 -57.33
N MET B 1636 25.68 102.29 -56.98
CA MET B 1636 25.63 100.84 -56.85
C MET B 1636 26.67 100.39 -55.85
N MET B 1637 26.44 99.21 -55.27
CA MET B 1637 27.34 98.64 -54.28
C MET B 1637 28.42 97.82 -54.96
N ALA B 1638 29.65 97.93 -54.44
CA ALA B 1638 30.81 97.27 -55.01
C ALA B 1638 31.47 96.36 -53.97
N LEU B 1639 31.83 95.16 -54.41
CA LEU B 1639 32.57 94.21 -53.60
C LEU B 1639 34.02 94.19 -54.05
N HIS B 1640 34.95 94.35 -53.11
CA HIS B 1640 36.36 94.52 -53.41
C HIS B 1640 37.15 93.29 -52.96
N ILE B 1641 37.96 92.74 -53.86
CA ILE B 1641 38.92 91.70 -53.52
C ILE B 1641 40.28 92.39 -53.36
N PRO B 1642 40.84 92.44 -52.14
CA PRO B 1642 42.10 93.17 -51.95
C PRO B 1642 43.32 92.44 -52.47
N GLU B 1643 43.35 91.10 -52.40
CA GLU B 1643 44.52 90.35 -52.83
C GLU B 1643 44.77 90.51 -54.33
N GLU B 1644 43.70 90.47 -55.13
CA GLU B 1644 43.80 90.76 -56.55
C GLU B 1644 43.59 92.23 -56.86
N ASN B 1645 43.21 93.03 -55.86
CA ASN B 1645 43.02 94.48 -55.98
C ASN B 1645 42.01 94.81 -57.08
N ARG B 1646 40.87 94.14 -57.05
CA ARG B 1646 39.86 94.32 -58.09
C ARG B 1646 38.47 94.38 -57.50
N CYS B 1647 37.62 95.25 -58.03
CA CYS B 1647 36.26 95.43 -57.55
C CYS B 1647 35.27 94.95 -58.60
N MET B 1648 34.16 94.37 -58.12
CA MET B 1648 33.12 93.84 -58.99
C MET B 1648 31.75 94.14 -58.37
N ASP B 1649 30.72 94.03 -59.19
CA ASP B 1649 29.35 94.26 -58.72
C ASP B 1649 28.93 93.19 -57.74
N ILE B 1650 28.25 93.60 -56.66
CA ILE B 1650 27.76 92.64 -55.69
C ILE B 1650 26.50 91.93 -56.17
N LEU B 1651 25.77 92.52 -57.12
CA LEU B 1651 24.65 91.83 -57.74
C LEU B 1651 25.12 90.70 -58.65
N GLU B 1652 26.37 90.76 -59.10
CA GLU B 1652 26.97 89.68 -59.89
C GLU B 1652 27.20 88.43 -59.06
N LEU B 1653 27.22 88.55 -57.73
CA LEU B 1653 27.58 87.46 -56.83
C LEU B 1653 26.60 86.30 -56.85
N SER B 1654 25.41 86.47 -57.43
CA SER B 1654 24.41 85.41 -57.41
C SER B 1654 24.83 84.18 -58.20
N GLU B 1655 25.73 84.35 -59.18
CA GLU B 1655 26.17 83.24 -60.01
C GLU B 1655 27.49 82.63 -59.55
N ARG B 1656 28.15 83.22 -58.54
CA ARG B 1656 29.43 82.68 -58.09
C ARG B 1656 29.25 81.40 -57.30
N LEU B 1657 28.23 81.36 -56.43
CA LEU B 1657 27.78 80.19 -55.66
C LEU B 1657 28.77 79.75 -54.58
N ASP B 1658 29.93 80.38 -54.49
CA ASP B 1658 30.85 80.12 -53.38
C ASP B 1658 31.28 81.37 -52.63
N LEU B 1659 31.56 82.46 -53.37
CA LEU B 1659 31.84 83.73 -52.70
C LEU B 1659 30.60 84.26 -51.99
N GLN B 1660 29.41 83.94 -52.50
CA GLN B 1660 28.17 84.30 -51.80
C GLN B 1660 28.09 83.60 -50.45
N ARG B 1661 28.41 82.30 -50.42
CA ARG B 1661 28.43 81.56 -49.16
C ARG B 1661 29.48 82.10 -48.20
N PHE B 1662 30.67 82.42 -48.73
CA PHE B 1662 31.73 82.97 -47.89
C PHE B 1662 31.32 84.31 -47.30
N HIS B 1663 30.72 85.19 -48.12
CA HIS B 1663 30.28 86.49 -47.63
C HIS B 1663 29.16 86.35 -46.61
N SER B 1664 28.24 85.42 -46.82
CA SER B 1664 27.18 85.19 -45.85
C SER B 1664 27.73 84.70 -44.52
N HIS B 1665 28.74 83.82 -44.56
CA HIS B 1665 29.32 83.32 -43.31
C HIS B 1665 30.12 84.40 -42.60
N THR B 1666 30.83 85.26 -43.35
CA THR B 1666 31.51 86.38 -42.73
C THR B 1666 30.52 87.37 -42.12
N LEU B 1667 29.37 87.56 -42.77
CA LEU B 1667 28.33 88.41 -42.20
C LEU B 1667 27.76 87.81 -40.92
N ARG B 1668 27.59 86.48 -40.90
CA ARG B 1668 27.18 85.80 -39.67
C ARG B 1668 28.23 85.97 -38.58
N LEU B 1669 29.52 85.97 -38.95
CA LEU B 1669 30.58 86.25 -38.00
C LEU B 1669 30.46 87.67 -37.45
N TYR B 1670 30.16 88.64 -38.34
CA TYR B 1670 29.91 90.01 -37.92
C TYR B 1670 28.81 90.07 -36.86
N ARG B 1671 27.70 89.39 -37.12
CA ARG B 1671 26.59 89.39 -36.16
C ARG B 1671 27.00 88.72 -34.85
N ALA B 1672 27.70 87.58 -34.93
CA ALA B 1672 28.01 86.82 -33.74
C ALA B 1672 29.05 87.52 -32.86
N VAL B 1673 29.99 88.25 -33.46
CA VAL B 1673 31.04 88.90 -32.68
C VAL B 1673 30.45 90.01 -31.82
N CYS B 1674 29.60 90.85 -32.40
CA CYS B 1674 29.03 91.99 -31.71
C CYS B 1674 27.67 91.72 -31.08
N ALA B 1675 27.17 90.49 -31.18
CA ALA B 1675 25.87 90.17 -30.62
C ALA B 1675 25.96 90.05 -29.10
N LEU B 1676 24.78 90.01 -28.47
CA LEU B 1676 24.60 89.73 -27.04
C LEU B 1676 25.28 90.80 -26.17
N GLY B 1677 24.86 92.04 -26.38
CA GLY B 1677 25.17 93.13 -25.47
C GLY B 1677 26.51 93.82 -25.67
N ASN B 1678 27.33 93.38 -26.62
CA ASN B 1678 28.61 94.03 -26.86
C ASN B 1678 28.39 95.39 -27.50
N ASN B 1679 29.06 96.41 -26.96
CA ASN B 1679 28.87 97.79 -27.41
C ASN B 1679 30.12 98.43 -27.97
N ARG B 1680 31.30 98.13 -27.41
CA ARG B 1680 32.54 98.68 -27.93
C ARG B 1680 32.83 98.15 -29.33
N VAL B 1681 32.54 96.87 -29.57
CA VAL B 1681 32.77 96.27 -30.88
C VAL B 1681 31.70 96.69 -31.88
N ALA B 1682 30.53 97.12 -31.38
CA ALA B 1682 29.46 97.57 -32.27
C ALA B 1682 29.88 98.81 -33.06
N HIS B 1683 30.57 99.75 -32.40
CA HIS B 1683 31.07 100.92 -33.12
C HIS B 1683 32.20 100.55 -34.09
N ALA B 1684 32.99 99.53 -33.78
CA ALA B 1684 34.00 99.07 -34.72
C ALA B 1684 33.35 98.53 -36.00
N LEU B 1685 32.30 97.71 -35.84
CA LEU B 1685 31.57 97.25 -37.02
C LEU B 1685 30.82 98.38 -37.72
N CYS B 1686 30.38 99.40 -36.97
CA CYS B 1686 29.77 100.56 -37.60
C CYS B 1686 30.77 101.32 -38.47
N SER B 1687 32.02 101.40 -38.00
CA SER B 1687 33.07 102.00 -38.82
C SER B 1687 33.38 101.13 -40.04
N HIS B 1688 33.40 99.81 -39.85
CA HIS B 1688 33.71 98.90 -40.96
C HIS B 1688 32.64 98.96 -42.05
N VAL B 1689 31.37 98.91 -41.67
CA VAL B 1689 30.25 98.92 -42.61
C VAL B 1689 29.39 100.14 -42.30
N ASP B 1690 29.28 101.05 -43.26
CA ASP B 1690 28.61 102.32 -43.02
C ASP B 1690 27.10 102.14 -42.91
N GLN B 1691 26.46 103.17 -42.36
CA GLN B 1691 25.01 103.17 -42.22
C GLN B 1691 24.30 103.44 -43.55
N ALA B 1692 24.91 104.28 -44.40
CA ALA B 1692 24.30 104.62 -45.68
C ALA B 1692 24.16 103.41 -46.58
N GLN B 1693 25.21 102.58 -46.67
CA GLN B 1693 25.10 101.37 -47.48
C GLN B 1693 24.13 100.37 -46.87
N LEU B 1694 24.05 100.32 -45.53
CA LEU B 1694 23.07 99.47 -44.88
C LEU B 1694 21.65 99.88 -45.24
N LEU B 1695 21.38 101.18 -45.26
CA LEU B 1695 20.06 101.66 -45.67
C LEU B 1695 19.80 101.40 -47.16
N HIS B 1696 20.83 101.58 -48.00
CA HIS B 1696 20.66 101.38 -49.43
C HIS B 1696 20.44 99.91 -49.77
N ALA B 1697 21.03 99.00 -49.00
CA ALA B 1697 20.91 97.56 -49.26
C ALA B 1697 19.51 97.03 -48.99
N LEU B 1698 18.63 97.81 -48.38
CA LEU B 1698 17.25 97.38 -48.19
C LEU B 1698 16.44 97.54 -49.48
N GLU B 1699 16.70 98.59 -50.26
CA GLU B 1699 15.78 98.99 -51.32
C GLU B 1699 15.87 98.10 -52.56
N ASP B 1700 17.06 97.59 -52.88
CA ASP B 1700 17.24 96.84 -54.11
C ASP B 1700 16.45 95.52 -54.07
N ALA B 1701 15.81 95.20 -55.19
CA ALA B 1701 14.94 94.03 -55.25
C ALA B 1701 15.73 92.76 -55.50
N HIS B 1702 16.44 92.69 -56.62
CA HIS B 1702 17.18 91.48 -56.97
C HIS B 1702 18.41 91.33 -56.09
N LEU B 1703 18.55 90.16 -55.47
CA LEU B 1703 19.63 89.88 -54.53
C LEU B 1703 19.84 88.37 -54.51
N PRO B 1704 21.01 87.91 -54.05
CA PRO B 1704 21.21 86.45 -53.91
C PRO B 1704 20.18 85.77 -53.03
N GLY B 1705 19.75 86.43 -51.95
CA GLY B 1705 18.70 85.90 -51.10
C GLY B 1705 19.09 85.65 -49.65
N PRO B 1706 20.23 85.00 -49.40
CA PRO B 1706 20.74 84.96 -48.03
C PRO B 1706 21.38 86.28 -47.61
N LEU B 1707 21.91 87.01 -48.59
CA LEU B 1707 22.55 88.30 -48.32
C LEU B 1707 21.52 89.32 -47.81
N ARG B 1708 20.31 89.30 -48.35
CA ARG B 1708 19.26 90.21 -47.90
C ARG B 1708 18.90 89.95 -46.44
N ALA B 1709 18.70 88.67 -46.09
CA ALA B 1709 18.39 88.33 -44.71
C ALA B 1709 19.54 88.65 -43.78
N GLY B 1710 20.78 88.43 -44.24
CA GLY B 1710 21.93 88.79 -43.43
C GLY B 1710 22.05 90.28 -43.18
N TYR B 1711 21.79 91.08 -44.22
CA TYR B 1711 21.81 92.53 -44.05
C TYR B 1711 20.72 93.00 -43.10
N TYR B 1712 19.51 92.44 -43.22
CA TYR B 1712 18.43 92.79 -42.30
C TYR B 1712 18.79 92.42 -40.86
N ASP B 1713 19.32 91.22 -40.67
CA ASP B 1713 19.66 90.77 -39.31
C ASP B 1713 20.80 91.58 -38.72
N LEU B 1714 21.80 91.93 -39.54
CA LEU B 1714 22.89 92.78 -39.07
C LEU B 1714 22.39 94.17 -38.69
N LEU B 1715 21.49 94.74 -39.50
CA LEU B 1715 20.92 96.05 -39.20
C LEU B 1715 20.13 96.00 -37.89
N ILE B 1716 19.39 94.92 -37.66
CA ILE B 1716 18.67 94.76 -36.39
C ILE B 1716 19.65 94.62 -35.23
N SER B 1717 20.68 93.79 -35.41
CA SER B 1717 21.55 93.42 -34.29
C SER B 1717 22.43 94.58 -33.84
N ILE B 1718 23.08 95.26 -34.78
CA ILE B 1718 24.10 96.24 -34.40
C ILE B 1718 23.53 97.59 -33.96
N HIS B 1719 22.22 97.79 -34.04
CA HIS B 1719 21.65 99.10 -33.80
C HIS B 1719 20.67 99.13 -32.63
N LEU B 1720 19.71 98.20 -32.59
CA LEU B 1720 18.60 98.28 -31.65
C LEU B 1720 18.32 96.97 -30.93
N GLU B 1721 19.18 95.96 -31.07
CA GLU B 1721 18.93 94.67 -30.43
C GLU B 1721 19.00 94.77 -28.91
N SER B 1722 19.98 95.50 -28.39
CA SER B 1722 20.11 95.65 -26.95
C SER B 1722 18.94 96.42 -26.34
N ALA B 1723 18.50 97.50 -27.02
CA ALA B 1723 17.34 98.24 -26.55
C ALA B 1723 16.08 97.41 -26.60
N CYS B 1724 15.91 96.60 -27.66
CA CYS B 1724 14.77 95.71 -27.76
C CYS B 1724 14.78 94.68 -26.64
N ARG B 1725 15.94 94.12 -26.33
CA ARG B 1725 16.05 93.14 -25.25
C ARG B 1725 15.71 93.77 -23.90
N SER B 1726 16.21 94.98 -23.66
CA SER B 1726 15.93 95.66 -22.40
C SER B 1726 14.45 96.00 -22.25
N ARG B 1727 13.82 96.49 -23.33
CA ARG B 1727 12.40 96.80 -23.26
C ARG B 1727 11.56 95.55 -23.09
N ARG B 1728 11.95 94.45 -23.75
CA ARG B 1728 11.24 93.18 -23.59
C ARG B 1728 11.37 92.66 -22.16
N SER B 1729 12.55 92.81 -21.55
CA SER B 1729 12.73 92.40 -20.17
C SER B 1729 11.90 93.24 -19.22
N MET B 1730 11.84 94.55 -19.45
CA MET B 1730 11.10 95.44 -18.56
C MET B 1730 9.60 95.43 -18.81
N LEU B 1731 9.14 94.87 -19.92
CA LEU B 1731 7.73 94.87 -20.27
C LEU B 1731 6.86 94.02 -19.36
N SER B 1732 7.44 93.19 -18.51
CA SER B 1732 6.68 92.24 -17.70
C SER B 1732 6.28 92.82 -16.34
N GLU B 1733 6.40 94.12 -16.14
CA GLU B 1733 6.05 94.78 -14.89
C GLU B 1733 4.96 95.83 -15.13
N TYR B 1734 4.03 95.92 -14.19
CA TYR B 1734 2.90 96.85 -14.27
C TYR B 1734 2.94 97.78 -13.06
N ILE B 1735 3.49 98.98 -13.23
CA ILE B 1735 3.55 99.99 -12.19
C ILE B 1735 2.94 101.27 -12.77
N VAL B 1736 1.89 101.77 -12.11
CA VAL B 1736 1.16 102.95 -12.57
C VAL B 1736 1.20 104.00 -11.48
N PRO B 1737 1.46 105.28 -11.80
CA PRO B 1737 1.34 106.34 -10.79
C PRO B 1737 -0.05 106.94 -10.77
N LEU B 1738 -0.25 107.90 -9.86
CA LEU B 1738 -1.51 108.64 -9.76
C LEU B 1738 -1.30 110.02 -10.39
N THR B 1739 -2.15 110.35 -11.36
CA THR B 1739 -2.03 111.57 -12.13
C THR B 1739 -3.37 111.87 -12.78
N PRO B 1740 -3.63 113.12 -13.17
CA PRO B 1740 -4.85 113.39 -13.96
C PRO B 1740 -4.93 112.60 -15.26
N GLU B 1741 -3.80 112.26 -15.87
CA GLU B 1741 -3.82 111.46 -17.08
C GLU B 1741 -4.43 110.09 -16.85
N THR B 1742 -4.06 109.42 -15.75
CA THR B 1742 -4.68 108.15 -15.42
C THR B 1742 -6.00 108.32 -14.68
N ARG B 1743 -6.33 109.52 -14.23
CA ARG B 1743 -7.66 109.78 -13.70
C ARG B 1743 -8.69 109.86 -14.82
N ALA B 1744 -8.32 110.50 -15.93
CA ALA B 1744 -9.20 110.64 -17.09
C ALA B 1744 -9.00 109.52 -18.11
N ILE B 1745 -9.08 108.27 -17.65
CA ILE B 1745 -8.99 107.11 -18.53
C ILE B 1745 -9.91 106.02 -17.98
N THR B 1746 -10.49 105.25 -18.89
CA THR B 1746 -11.43 104.19 -18.56
C THR B 1746 -11.54 103.28 -19.79
N LEU B 1747 -12.55 102.40 -19.77
CA LEU B 1747 -12.80 101.56 -20.94
C LEU B 1747 -13.16 102.41 -22.15
N PHE B 1748 -14.00 103.44 -21.95
CA PHE B 1748 -14.41 104.42 -22.96
C PHE B 1748 -14.96 103.77 -24.23
N PRO B 1749 -16.18 103.25 -24.21
CA PRO B 1749 -16.86 102.88 -25.46
C PRO B 1749 -17.78 103.99 -25.95
N PRO B 1750 -17.25 105.05 -26.57
CA PRO B 1750 -18.11 106.20 -26.91
C PRO B 1750 -18.89 105.93 -28.20
N GLY B 1751 -20.20 105.74 -28.05
CA GLY B 1751 -21.03 105.46 -29.21
C GLY B 1751 -22.44 105.99 -29.01
N ARG B 1752 -23.18 106.02 -30.12
CA ARG B 1752 -24.57 106.48 -30.11
C ARG B 1752 -25.46 105.28 -29.78
N LYS B 1753 -25.47 104.94 -28.49
CA LYS B 1753 -26.25 103.85 -27.91
C LYS B 1753 -25.89 102.47 -28.46
N GLY B 1754 -24.74 102.36 -29.13
CA GLY B 1754 -24.31 101.08 -29.65
C GLY B 1754 -22.83 100.82 -29.43
N GLY B 1755 -22.13 101.83 -28.89
CA GLY B 1755 -20.69 101.67 -28.65
C GLY B 1755 -20.39 100.62 -27.58
N ASN B 1756 -21.17 100.61 -26.50
CA ASN B 1756 -21.00 99.61 -25.47
C ASN B 1756 -21.33 98.20 -25.98
N ALA B 1757 -22.36 98.09 -26.80
CA ALA B 1757 -22.71 96.80 -27.39
C ALA B 1757 -21.62 96.31 -28.34
N ARG B 1758 -21.05 97.21 -29.13
CA ARG B 1758 -19.99 96.86 -30.05
C ARG B 1758 -18.65 96.89 -29.32
N ARG B 1759 -17.55 96.82 -30.07
CA ARG B 1759 -16.22 96.86 -29.47
C ARG B 1759 -15.95 98.23 -28.86
N HIS B 1760 -15.29 98.23 -27.70
CA HIS B 1760 -14.99 99.49 -27.02
C HIS B 1760 -14.00 100.34 -27.82
N GLY B 1761 -13.01 99.72 -28.43
CA GLY B 1761 -12.04 100.47 -29.20
C GLY B 1761 -11.11 99.55 -29.96
N LEU B 1762 -10.50 100.12 -31.00
CA LEU B 1762 -9.55 99.39 -31.82
C LEU B 1762 -8.26 99.13 -31.04
N PRO B 1763 -7.58 98.02 -31.29
CA PRO B 1763 -6.33 97.73 -30.59
C PRO B 1763 -5.23 98.73 -30.94
N GLY B 1764 -4.58 99.23 -29.89
CA GLY B 1764 -3.58 100.26 -30.06
C GLY B 1764 -4.09 101.64 -29.66
N VAL B 1765 -3.72 102.09 -28.47
CA VAL B 1765 -4.12 103.39 -27.95
C VAL B 1765 -2.86 104.19 -27.66
N GLY B 1766 -2.89 105.48 -27.99
CA GLY B 1766 -1.72 106.32 -27.80
C GLY B 1766 -1.36 106.49 -26.33
N VAL B 1767 -2.36 106.60 -25.47
CA VAL B 1767 -2.14 106.83 -24.05
C VAL B 1767 -2.06 105.49 -23.32
N THR B 1768 -1.05 105.34 -22.48
CA THR B 1768 -0.87 104.15 -21.65
C THR B 1768 -0.68 104.49 -20.17
N THR B 1769 0.04 105.57 -19.87
CA THR B 1769 0.32 106.05 -18.51
C THR B 1769 0.96 104.93 -17.67
N SER B 1770 2.17 104.56 -18.11
CA SER B 1770 2.98 103.57 -17.42
C SER B 1770 4.42 104.06 -17.38
N LEU B 1771 5.15 103.59 -16.37
CA LEU B 1771 6.53 104.01 -16.15
C LEU B 1771 7.47 103.03 -16.87
N ARG B 1772 8.11 103.52 -17.93
CA ARG B 1772 9.08 102.75 -18.68
C ARG B 1772 10.35 103.59 -18.85
N PRO B 1773 11.53 102.97 -18.75
CA PRO B 1773 12.76 103.73 -18.88
C PRO B 1773 12.98 104.16 -20.32
N PRO B 1774 13.72 105.25 -20.55
CA PRO B 1774 14.00 105.68 -21.93
C PRO B 1774 15.01 104.78 -22.62
N HIS B 1775 15.40 105.14 -23.85
CA HIS B 1775 16.27 104.30 -24.65
C HIS B 1775 17.74 104.68 -24.54
N HIS B 1776 18.06 105.96 -24.36
CA HIS B 1776 19.42 106.47 -24.16
C HIS B 1776 20.31 106.10 -25.35
N PHE B 1777 19.97 106.65 -26.50
CA PHE B 1777 20.78 106.51 -27.70
C PHE B 1777 21.90 107.54 -27.71
N SER B 1778 23.02 107.17 -28.33
CA SER B 1778 24.18 108.04 -28.42
C SER B 1778 24.69 108.08 -29.85
N PRO B 1779 25.23 109.22 -30.29
CA PRO B 1779 25.74 109.30 -31.67
C PRO B 1779 26.94 108.39 -31.86
N PRO B 1780 27.12 107.86 -33.07
CA PRO B 1780 28.29 107.00 -33.32
C PRO B 1780 29.59 107.78 -33.25
N CYS B 1781 30.66 107.09 -32.82
CA CYS B 1781 31.98 107.69 -32.68
C CYS B 1781 33.01 106.66 -33.12
N PHE B 1782 33.47 106.78 -34.36
CA PHE B 1782 34.49 105.89 -34.90
C PHE B 1782 35.90 106.43 -34.73
N VAL B 1783 36.06 107.57 -34.04
CA VAL B 1783 37.39 108.14 -33.83
C VAL B 1783 38.23 107.23 -32.95
N ALA B 1784 37.64 106.67 -31.91
CA ALA B 1784 38.34 105.77 -31.00
C ALA B 1784 38.71 104.48 -31.74
N ALA B 1785 40.00 104.30 -32.01
CA ALA B 1785 40.46 103.10 -32.71
C ALA B 1785 40.25 101.85 -31.87
N LEU B 1786 40.53 101.93 -30.57
CA LEU B 1786 40.38 100.79 -29.68
C LEU B 1786 39.56 101.15 -28.45
N GLU B 1793 36.55 100.81 -16.48
CA GLU B 1793 35.55 100.89 -15.43
C GLU B 1793 34.23 101.41 -15.98
N ALA B 1794 34.25 102.63 -16.52
CA ALA B 1794 33.06 103.20 -17.12
C ALA B 1794 32.69 102.45 -18.40
N PRO B 1795 31.40 102.39 -18.74
CA PRO B 1795 31.01 101.79 -20.02
C PRO B 1795 31.62 102.53 -21.19
N ALA B 1796 32.02 101.77 -22.21
CA ALA B 1796 32.65 102.36 -23.39
C ALA B 1796 31.67 103.24 -24.16
N ARG B 1797 30.63 102.62 -24.72
CA ARG B 1797 29.60 103.33 -25.46
C ARG B 1797 28.23 102.77 -25.09
N LEU B 1798 27.18 103.51 -25.43
CA LEU B 1798 25.83 103.09 -25.14
C LEU B 1798 25.23 102.26 -26.28
N SER B 1799 25.09 102.88 -27.47
CA SER B 1799 24.59 102.24 -28.68
C SER B 1799 24.71 103.22 -29.85
N PRO B 1800 24.87 102.72 -31.08
CA PRO B 1800 24.85 103.62 -32.24
C PRO B 1800 23.46 104.20 -32.48
N ALA B 1801 23.43 105.39 -33.09
CA ALA B 1801 22.21 106.11 -33.38
C ALA B 1801 22.02 106.27 -34.88
N ILE B 1802 20.81 105.97 -35.35
CA ILE B 1802 20.44 106.10 -36.76
C ILE B 1802 19.12 106.85 -36.83
N PRO B 1803 18.80 107.49 -37.98
CA PRO B 1803 17.55 108.26 -38.07
C PRO B 1803 16.31 107.39 -37.99
N LEU B 1804 15.66 107.45 -36.82
CA LEU B 1804 14.56 106.56 -36.51
C LEU B 1804 13.28 106.93 -37.25
N GLU B 1805 13.01 108.22 -37.44
CA GLU B 1805 11.84 108.62 -38.19
C GLU B 1805 11.94 108.18 -39.65
N ALA B 1806 13.11 108.36 -40.26
CA ALA B 1806 13.31 107.91 -41.63
C ALA B 1806 13.22 106.39 -41.73
N LEU B 1807 13.80 105.66 -40.76
CA LEU B 1807 13.68 104.21 -40.76
C LEU B 1807 12.22 103.77 -40.60
N ARG B 1808 11.47 104.46 -39.75
CA ARG B 1808 10.06 104.15 -39.54
C ARG B 1808 9.26 104.34 -40.83
N ASP B 1809 9.45 105.49 -41.49
CA ASP B 1809 8.73 105.75 -42.74
C ASP B 1809 9.11 104.74 -43.82
N LYS B 1810 10.40 104.41 -43.91
CA LYS B 1810 10.87 103.44 -44.90
C LYS B 1810 10.27 102.06 -44.65
N ALA B 1811 10.26 101.63 -43.38
CA ALA B 1811 9.72 100.31 -43.05
C ALA B 1811 8.21 100.26 -43.30
N LEU B 1812 7.49 101.32 -42.97
CA LEU B 1812 6.05 101.34 -43.20
C LEU B 1812 5.74 101.29 -44.70
N ARG B 1813 6.49 102.06 -45.50
CA ARG B 1813 6.31 102.02 -46.95
C ARG B 1813 6.64 100.64 -47.50
N MET B 1814 7.70 100.02 -46.99
CA MET B 1814 8.11 98.70 -47.48
C MET B 1814 7.07 97.63 -47.15
N LEU B 1815 6.52 97.67 -45.93
CA LEU B 1815 5.47 96.73 -45.56
C LEU B 1815 4.21 96.95 -46.39
N GLY B 1816 3.87 98.22 -46.67
CA GLY B 1816 2.73 98.48 -47.52
C GLY B 1816 2.92 97.99 -48.95
N GLU B 1817 4.15 98.13 -49.47
CA GLU B 1817 4.42 97.73 -50.85
C GLU B 1817 4.59 96.22 -51.01
N ALA B 1818 5.06 95.52 -49.96
CA ALA B 1818 5.33 94.10 -50.08
C ALA B 1818 4.06 93.29 -50.33
N VAL B 1819 2.98 93.60 -49.61
CA VAL B 1819 1.72 92.88 -49.79
C VAL B 1819 1.12 93.19 -51.16
N ARG B 1820 1.26 94.44 -51.63
CA ARG B 1820 0.77 94.79 -52.96
C ARG B 1820 1.53 94.03 -54.04
N ASP B 1821 2.85 93.89 -53.88
CA ASP B 1821 3.64 93.12 -54.82
C ASP B 1821 3.27 91.64 -54.77
N GLY B 1822 3.04 91.10 -53.57
CA GLY B 1822 2.73 89.68 -53.44
C GLY B 1822 1.31 89.30 -53.82
N GLY B 1823 0.40 90.27 -53.87
CA GLY B 1823 -0.97 89.98 -54.24
C GLY B 1823 -1.16 89.58 -55.69
N GLN B 1824 -0.20 89.91 -56.56
CA GLN B 1824 -0.29 89.60 -57.97
C GLN B 1824 0.22 88.21 -58.31
N HIS B 1825 0.70 87.46 -57.31
CA HIS B 1825 1.29 86.12 -57.43
C HIS B 1825 2.19 85.99 -58.66
N ALA B 1826 3.17 86.89 -58.73
CA ALA B 1826 4.11 86.89 -59.84
C ALA B 1826 5.05 85.70 -59.76
N ARG B 1827 5.64 85.36 -60.91
CA ARG B 1827 6.56 84.25 -61.00
C ARG B 1827 7.99 84.60 -60.62
N ASP B 1828 8.25 85.87 -60.30
CA ASP B 1828 9.58 86.33 -59.90
C ASP B 1828 9.46 87.09 -58.58
N PRO B 1829 9.33 86.38 -57.46
CA PRO B 1829 9.25 87.05 -56.16
C PRO B 1829 10.58 87.71 -55.80
N VAL B 1830 10.48 88.80 -55.03
CA VAL B 1830 11.67 89.52 -54.59
C VAL B 1830 12.43 88.67 -53.58
N GLY B 1831 13.75 88.63 -53.72
CA GLY B 1831 14.59 87.83 -52.86
C GLY B 1831 14.73 86.38 -53.28
N GLY B 1832 14.05 85.96 -54.35
CA GLY B 1832 14.12 84.60 -54.83
C GLY B 1832 13.04 83.68 -54.31
N SER B 1833 12.38 84.04 -53.21
CA SER B 1833 11.33 83.20 -52.63
C SER B 1833 10.44 84.05 -51.74
N VAL B 1834 9.24 83.51 -51.47
CA VAL B 1834 8.30 84.19 -50.58
C VAL B 1834 8.86 84.28 -49.16
N GLU B 1835 9.65 83.29 -48.74
CA GLU B 1835 10.27 83.32 -47.42
C GLU B 1835 11.22 84.50 -47.30
N PHE B 1836 12.15 84.65 -48.24
CA PHE B 1836 13.07 85.78 -48.21
C PHE B 1836 12.37 87.09 -48.51
N GLN B 1837 11.20 87.05 -49.15
CA GLN B 1837 10.44 88.27 -49.39
C GLN B 1837 9.79 88.78 -48.10
N PHE B 1838 9.22 87.88 -47.30
CA PHE B 1838 8.35 88.29 -46.21
C PHE B 1838 8.97 88.21 -44.82
N VAL B 1839 9.84 87.22 -44.56
CA VAL B 1839 10.37 87.04 -43.21
C VAL B 1839 11.20 88.23 -42.71
N PRO B 1840 12.20 88.74 -43.44
CA PRO B 1840 13.03 89.81 -42.85
C PRO B 1840 12.29 91.11 -42.60
N VAL B 1841 11.40 91.52 -43.52
CA VAL B 1841 10.69 92.78 -43.34
C VAL B 1841 9.71 92.69 -42.16
N LEU B 1842 9.04 91.54 -42.01
CA LEU B 1842 8.13 91.37 -40.88
C LEU B 1842 8.91 91.29 -39.56
N LYS B 1843 10.08 90.66 -39.57
CA LYS B 1843 10.92 90.62 -38.37
C LYS B 1843 11.36 92.02 -37.97
N LEU B 1844 11.78 92.82 -38.95
CA LEU B 1844 12.20 94.20 -38.67
C LEU B 1844 11.04 95.03 -38.16
N VAL B 1845 9.85 94.86 -38.74
CA VAL B 1845 8.67 95.61 -38.31
C VAL B 1845 8.28 95.23 -36.89
N SER B 1846 8.33 93.92 -36.56
CA SER B 1846 8.05 93.49 -35.20
C SER B 1846 9.06 94.03 -34.20
N THR B 1847 10.34 94.05 -34.59
CA THR B 1847 11.38 94.59 -33.71
C THR B 1847 11.17 96.07 -33.47
N LEU B 1848 10.80 96.82 -34.50
CA LEU B 1848 10.51 98.24 -34.33
C LEU B 1848 9.27 98.46 -33.48
N LEU B 1849 8.24 97.62 -33.65
CA LEU B 1849 6.98 97.80 -32.95
C LEU B 1849 7.10 97.47 -31.47
N VAL B 1850 7.90 96.46 -31.12
CA VAL B 1850 7.98 96.02 -29.73
C VAL B 1850 8.60 97.09 -28.82
N MET B 1851 9.38 98.03 -29.39
CA MET B 1851 9.91 99.14 -28.61
C MET B 1851 8.92 100.29 -28.48
N GLY B 1852 7.77 100.23 -29.15
CA GLY B 1852 6.79 101.29 -29.06
C GLY B 1852 7.15 102.56 -29.79
N ILE B 1853 8.00 102.48 -30.81
CA ILE B 1853 8.42 103.66 -31.54
C ILE B 1853 7.32 104.17 -32.47
N PHE B 1854 6.36 103.33 -32.83
CA PHE B 1854 5.31 103.74 -33.75
C PHE B 1854 4.32 104.68 -33.06
N GLY B 1855 3.80 105.63 -33.83
CA GLY B 1855 2.77 106.52 -33.34
C GLY B 1855 1.39 105.88 -33.45
N ASP B 1856 0.37 106.67 -33.09
CA ASP B 1856 -1.00 106.18 -33.16
C ASP B 1856 -1.41 105.91 -34.60
N GLU B 1857 -1.12 106.85 -35.49
CA GLU B 1857 -1.46 106.67 -36.90
C GLU B 1857 -0.68 105.53 -37.53
N ASP B 1858 0.60 105.39 -37.17
CA ASP B 1858 1.41 104.30 -37.68
C ASP B 1858 0.91 102.94 -37.18
N VAL B 1859 0.51 102.87 -35.91
CA VAL B 1859 -0.06 101.65 -35.36
C VAL B 1859 -1.36 101.31 -36.07
N LYS B 1860 -2.19 102.33 -36.34
CA LYS B 1860 -3.43 102.12 -37.08
C LYS B 1860 -3.16 101.61 -38.50
N GLN B 1861 -2.15 102.17 -39.16
CA GLN B 1861 -1.82 101.74 -40.52
C GLN B 1861 -1.30 100.31 -40.55
N ILE B 1862 -0.48 99.94 -39.56
CA ILE B 1862 -0.04 98.55 -39.43
C ILE B 1862 -1.22 97.63 -39.15
N LEU B 1863 -2.15 98.10 -38.32
CA LEU B 1863 -3.35 97.33 -37.99
C LEU B 1863 -4.25 97.12 -39.20
N LYS B 1864 -4.31 98.10 -40.10
CA LYS B 1864 -5.25 98.12 -41.23
C LYS B 1864 -4.95 97.07 -42.29
N MET B 1865 -4.01 96.13 -42.11
CA MET B 1865 -3.77 95.11 -43.11
C MET B 1865 -4.97 94.19 -43.33
N ILE B 1866 -5.82 94.04 -42.32
CA ILE B 1866 -7.07 93.30 -42.49
C ILE B 1866 -8.21 94.30 -42.42
N GLU B 1867 -8.55 94.89 -43.57
CA GLU B 1867 -9.51 95.98 -43.61
C GLU B 1867 -10.93 95.59 -43.19
N PRO B 1868 -11.57 94.53 -43.74
CA PRO B 1868 -12.94 94.24 -43.29
C PRO B 1868 -13.07 93.90 -41.82
N GLU B 1869 -12.06 93.21 -41.27
CA GLU B 1869 -12.09 92.87 -39.85
C GLU B 1869 -11.82 94.08 -38.97
N VAL B 1870 -10.85 94.91 -39.33
CA VAL B 1870 -10.52 96.07 -38.50
C VAL B 1870 -11.66 97.08 -38.52
N PHE B 1871 -12.16 97.43 -39.72
CA PHE B 1871 -13.24 98.39 -39.91
C PHE B 1871 -12.92 99.73 -39.24
N THR B 1872 -11.89 100.40 -39.76
CA THR B 1872 -11.46 101.67 -39.20
C THR B 1872 -12.56 102.73 -39.32
N GLU B 1873 -13.23 102.79 -40.47
CA GLU B 1873 -14.33 103.72 -40.63
C GLU B 1873 -15.53 103.30 -39.78
N GLU B 1874 -16.17 104.27 -39.14
CA GLU B 1874 -17.32 104.00 -38.28
C GLU B 1874 -18.26 105.21 -38.22
N LEU B 1922 -9.29 96.40 -55.27
CA LEU B 1922 -9.61 95.21 -54.50
C LEU B 1922 -8.58 94.97 -53.40
N GLU B 1923 -8.90 95.47 -52.20
CA GLU B 1923 -8.00 95.30 -51.07
C GLU B 1923 -8.03 93.85 -50.59
N GLU B 1924 -6.84 93.28 -50.38
CA GLU B 1924 -6.69 91.90 -49.93
C GLU B 1924 -5.90 91.88 -48.64
N GLY B 1925 -6.42 91.14 -47.65
CA GLY B 1925 -5.76 91.05 -46.37
C GLY B 1925 -4.56 90.12 -46.38
N LEU B 1926 -3.70 90.31 -45.38
CA LEU B 1926 -2.53 89.45 -45.22
C LEU B 1926 -2.91 88.03 -44.79
N LEU B 1927 -4.06 87.87 -44.14
CA LEU B 1927 -4.46 86.54 -43.66
C LEU B 1927 -4.93 85.66 -44.81
N GLN B 1928 -5.58 86.26 -45.82
CA GLN B 1928 -6.22 85.47 -46.87
C GLN B 1928 -5.22 84.72 -47.73
N MET B 1929 -4.09 85.35 -48.07
CA MET B 1929 -3.13 84.73 -48.96
C MET B 1929 -2.42 83.56 -48.29
N LYS B 1930 -2.05 82.57 -49.11
CA LYS B 1930 -1.35 81.40 -48.61
C LYS B 1930 0.05 81.76 -48.14
N LEU B 1931 0.55 80.99 -47.18
CA LEU B 1931 1.85 81.23 -46.56
C LEU B 1931 2.67 79.96 -46.54
N PRO B 1932 4.01 80.07 -46.54
CA PRO B 1932 4.85 78.86 -46.58
C PRO B 1932 5.07 78.21 -45.21
N GLU B 1933 4.22 78.53 -44.25
CA GLU B 1933 4.19 77.94 -42.91
C GLU B 1933 5.44 78.24 -42.09
N SER B 1934 6.18 79.29 -42.46
CA SER B 1934 7.30 79.77 -41.66
C SER B 1934 7.19 81.23 -41.26
N VAL B 1935 6.58 82.07 -42.10
CA VAL B 1935 6.29 83.45 -41.74
C VAL B 1935 5.11 83.54 -40.79
N LYS B 1936 4.36 82.44 -40.63
CA LYS B 1936 3.25 82.41 -39.69
C LYS B 1936 3.72 82.60 -38.27
N LEU B 1937 4.89 82.03 -37.92
CA LEU B 1937 5.45 82.22 -36.59
C LEU B 1937 5.80 83.68 -36.34
N GLN B 1938 6.39 84.35 -37.34
CA GLN B 1938 6.71 85.77 -37.20
C GLN B 1938 5.45 86.61 -37.04
N MET B 1939 4.40 86.29 -37.81
CA MET B 1939 3.16 87.06 -37.70
C MET B 1939 2.46 86.81 -36.37
N CYS B 1940 2.54 85.58 -35.84
CA CYS B 1940 2.02 85.31 -34.51
C CYS B 1940 2.81 86.07 -33.44
N ASN B 1941 4.14 86.15 -33.59
CA ASN B 1941 4.94 86.94 -32.67
C ASN B 1941 4.54 88.41 -32.73
N LEU B 1942 4.24 88.91 -33.93
CA LEU B 1942 3.74 90.27 -34.07
C LEU B 1942 2.40 90.45 -33.37
N LEU B 1943 1.50 89.48 -33.51
CA LEU B 1943 0.16 89.57 -32.93
C LEU B 1943 0.16 89.40 -31.42
N GLU B 1944 1.22 88.80 -30.86
CA GLU B 1944 1.31 88.63 -29.41
C GLU B 1944 1.31 89.97 -28.69
N TYR B 1945 2.02 90.96 -29.23
CA TYR B 1945 2.04 92.29 -28.61
C TYR B 1945 0.67 92.93 -28.62
N PHE B 1946 -0.05 92.82 -29.74
CA PHE B 1946 -1.41 93.36 -29.82
C PHE B 1946 -2.35 92.67 -28.84
N CYS B 1947 -2.19 91.36 -28.66
CA CYS B 1947 -3.01 90.65 -27.69
C CYS B 1947 -2.68 91.07 -26.26
N ASP B 1948 -1.40 91.31 -25.98
CA ASP B 1948 -0.98 91.69 -24.64
C ASP B 1948 -1.42 93.12 -24.29
N GLN B 1949 -1.56 93.97 -25.32
CA GLN B 1949 -1.97 95.35 -25.08
C GLN B 1949 -3.36 95.44 -24.44
N GLU B 1950 -4.27 94.51 -24.80
CA GLU B 1950 -5.60 94.50 -24.20
C GLU B 1950 -5.53 94.26 -22.70
N LEU B 1951 -4.75 93.25 -22.28
CA LEU B 1951 -4.61 92.97 -20.85
C LEU B 1951 -3.96 94.14 -20.13
N GLN B 1952 -2.93 94.74 -20.74
CA GLN B 1952 -2.27 95.89 -20.13
C GLN B 1952 -3.24 97.06 -19.92
N HIS B 1953 -3.95 97.44 -20.98
CA HIS B 1953 -4.93 98.51 -20.87
C HIS B 1953 -6.01 98.19 -19.85
N ARG B 1954 -6.35 96.90 -19.71
CA ARG B 1954 -7.29 96.49 -18.67
C ARG B 1954 -6.72 96.74 -17.27
N VAL B 1955 -5.42 96.46 -17.07
CA VAL B 1955 -4.80 96.69 -15.77
C VAL B 1955 -4.88 98.17 -15.37
N GLU B 1956 -4.48 99.08 -16.27
CA GLU B 1956 -4.65 100.49 -15.87
C GLU B 1956 -6.10 100.99 -15.87
N SER B 1957 -7.03 100.37 -16.60
CA SER B 1957 -8.43 100.79 -16.44
C SER B 1957 -8.94 100.43 -15.04
N LEU B 1958 -8.62 99.21 -14.57
CA LEU B 1958 -8.99 98.82 -13.21
C LEU B 1958 -8.32 99.71 -12.18
N ALA B 1959 -7.04 100.04 -12.40
CA ALA B 1959 -6.34 100.94 -11.48
C ALA B 1959 -6.97 102.32 -11.46
N ALA B 1960 -7.42 102.81 -12.63
CA ALA B 1960 -8.07 104.12 -12.69
C ALA B 1960 -9.39 104.12 -11.94
N PHE B 1961 -10.18 103.05 -12.07
CA PHE B 1961 -11.45 102.99 -11.34
C PHE B 1961 -11.24 102.84 -9.83
N ALA B 1962 -10.18 102.14 -9.43
CA ALA B 1962 -9.98 101.79 -8.03
C ALA B 1962 -9.80 103.04 -7.16
N GLU B 1963 -9.02 104.01 -7.62
CA GLU B 1963 -8.76 105.20 -6.81
C GLU B 1963 -10.03 106.02 -6.59
N ARG B 1964 -10.85 106.18 -7.63
CA ARG B 1964 -12.11 106.89 -7.48
C ARG B 1964 -13.05 106.18 -6.52
N TYR B 1965 -13.14 104.85 -6.65
CA TYR B 1965 -14.03 104.12 -5.76
C TYR B 1965 -13.54 104.17 -4.30
N VAL B 1966 -12.23 104.11 -4.10
CA VAL B 1966 -11.66 104.22 -2.74
C VAL B 1966 -11.93 105.60 -2.15
N ASP B 1967 -11.79 106.66 -2.97
CA ASP B 1967 -12.08 108.00 -2.50
C ASP B 1967 -13.54 108.15 -2.09
N LYS B 1968 -14.46 107.63 -2.92
CA LYS B 1968 -15.88 107.69 -2.56
C LYS B 1968 -16.16 106.88 -1.30
N LEU B 1969 -15.54 105.71 -1.16
CA LEU B 1969 -15.76 104.86 0.00
C LEU B 1969 -15.26 105.54 1.28
N GLN B 1970 -14.08 106.17 1.22
CA GLN B 1970 -13.55 106.83 2.42
C GLN B 1970 -14.34 108.09 2.76
N ALA B 1971 -14.87 108.80 1.76
CA ALA B 1971 -15.75 109.92 2.05
C ALA B 1971 -17.03 109.45 2.74
N ASN B 1972 -17.62 108.35 2.26
CA ASN B 1972 -18.80 107.80 2.90
C ASN B 1972 -18.50 107.32 4.32
N GLN B 1973 -17.33 106.72 4.53
CA GLN B 1973 -16.94 106.26 5.85
C GLN B 1973 -16.74 107.44 6.81
N ARG B 1974 -16.14 108.53 6.32
CA ARG B 1974 -16.01 109.74 7.14
C ARG B 1974 -17.38 110.29 7.52
N SER B 1975 -18.32 110.33 6.57
CA SER B 1975 -19.66 110.81 6.89
C SER B 1975 -20.35 109.94 7.92
N ARG B 1976 -20.23 108.61 7.76
CA ARG B 1976 -20.84 107.68 8.71
C ARG B 1976 -20.22 107.80 10.10
N TYR B 1977 -18.89 107.97 10.17
CA TYR B 1977 -18.24 108.12 11.47
C TYR B 1977 -18.64 109.42 12.14
N ALA B 1978 -18.78 110.51 11.37
CA ALA B 1978 -19.27 111.76 11.93
C ALA B 1978 -20.68 111.61 12.46
N LEU B 1979 -21.55 110.92 11.70
CA LEU B 1979 -22.92 110.70 12.16
C LEU B 1979 -22.96 109.85 13.43
N LEU B 1980 -22.11 108.82 13.51
CA LEU B 1980 -22.07 107.98 14.70
C LEU B 1980 -21.53 108.75 15.90
N MET B 1981 -20.51 109.59 15.70
CA MET B 1981 -19.96 110.40 16.78
C MET B 1981 -20.96 111.44 17.27
N ARG B 1982 -21.84 111.92 16.37
CA ARG B 1982 -22.88 112.86 16.79
C ARG B 1982 -23.83 112.23 17.80
N ALA B 1983 -24.19 110.96 17.60
CA ALA B 1983 -25.11 110.29 18.51
C ALA B 1983 -24.41 109.98 19.83
N PHE B 1984 -25.04 110.37 20.94
CA PHE B 1984 -24.51 110.13 22.27
C PHE B 1984 -25.15 108.95 22.97
N THR B 1985 -26.01 108.20 22.29
CA THR B 1985 -26.69 107.06 22.91
C THR B 1985 -25.71 105.94 23.19
N MET B 1986 -25.87 105.29 24.34
CA MET B 1986 -25.01 104.20 24.77
C MET B 1986 -25.85 102.93 24.93
N SER B 1987 -25.43 101.87 24.25
CA SER B 1987 -26.11 100.58 24.33
C SER B 1987 -25.13 99.50 23.91
N ALA B 1988 -25.49 98.25 24.22
CA ALA B 1988 -24.66 97.11 23.83
C ALA B 1988 -24.58 96.97 22.31
N ALA B 1989 -25.72 97.15 21.62
CA ALA B 1989 -25.73 97.08 20.17
C ALA B 1989 -24.93 98.23 19.56
N GLU B 1990 -25.04 99.43 20.13
CA GLU B 1990 -24.26 100.56 19.65
C GLU B 1990 -22.76 100.33 19.85
N THR B 1991 -22.37 99.77 21.00
CA THR B 1991 -20.97 99.45 21.24
C THR B 1991 -20.47 98.39 20.26
N ALA B 1992 -21.28 97.36 20.00
CA ALA B 1992 -20.90 96.32 19.05
C ALA B 1992 -20.74 96.88 17.64
N ARG B 1993 -21.63 97.79 17.26
CA ARG B 1993 -21.50 98.46 15.96
C ARG B 1993 -20.26 99.34 15.90
N ARG B 1994 -19.91 99.99 17.02
CA ARG B 1994 -18.75 100.86 17.04
C ARG B 1994 -17.43 100.10 17.09
N THR B 1995 -17.45 98.85 17.54
CA THR B 1995 -16.21 98.08 17.67
C THR B 1995 -15.52 97.82 16.33
N ARG B 1996 -16.24 97.87 15.22
CA ARG B 1996 -15.63 97.55 13.92
C ARG B 1996 -14.56 98.58 13.54
N GLU B 1997 -14.77 99.85 13.91
CA GLU B 1997 -13.78 100.87 13.58
C GLU B 1997 -12.59 100.82 14.52
N PHE B 1998 -12.84 100.61 15.82
CA PHE B 1998 -11.74 100.58 16.79
C PHE B 1998 -10.87 99.35 16.58
N ARG B 1999 -11.49 98.17 16.48
CA ARG B 1999 -10.78 96.95 16.10
C ARG B 1999 -10.71 96.87 14.58
N SER B 2000 -10.42 95.69 14.03
CA SER B 2000 -10.46 95.43 12.59
C SER B 2000 -9.48 96.33 11.83
N PRO B 2001 -8.20 95.99 11.83
CA PRO B 2001 -7.18 96.80 11.09
C PRO B 2001 -7.58 97.05 9.65
N PRO B 2002 -6.96 98.03 8.96
CA PRO B 2002 -7.48 98.48 7.66
C PRO B 2002 -7.62 97.40 6.60
N GLN B 2003 -6.82 96.33 6.64
CA GLN B 2003 -7.07 95.20 5.74
C GLN B 2003 -8.43 94.57 6.02
N GLU B 2004 -8.75 94.33 7.29
CA GLU B 2004 -10.07 93.79 7.64
C GLU B 2004 -11.17 94.80 7.32
N GLN B 2005 -10.90 96.09 7.55
CA GLN B 2005 -11.88 97.13 7.23
C GLN B 2005 -12.23 97.12 5.75
N ILE B 2006 -11.23 97.16 4.87
CA ILE B 2006 -11.48 97.17 3.44
C ILE B 2006 -12.00 95.82 2.96
N ASN B 2007 -11.77 94.74 3.71
CA ASN B 2007 -12.37 93.47 3.34
C ASN B 2007 -13.85 93.40 3.68
N MET B 2008 -14.26 94.00 4.81
CA MET B 2008 -15.62 93.81 5.31
C MET B 2008 -16.67 94.43 4.38
N LEU B 2009 -16.48 95.71 4.02
CA LEU B 2009 -17.51 96.37 3.23
C LEU B 2009 -17.47 95.92 1.78
N LEU B 2010 -16.28 95.52 1.29
CA LEU B 2010 -16.20 94.92 -0.04
C LEU B 2010 -16.94 93.59 -0.10
N HIS B 2011 -16.80 92.77 0.96
CA HIS B 2011 -17.56 91.52 1.01
C HIS B 2011 -19.06 91.79 1.11
N PHE B 2012 -19.44 92.82 1.87
CA PHE B 2012 -20.86 93.18 1.95
C PHE B 2012 -21.40 93.63 0.60
N LYS B 2013 -20.63 94.45 -0.13
CA LYS B 2013 -21.07 94.93 -1.43
C LYS B 2013 -21.15 93.81 -2.45
N ASP B 2014 -20.16 92.91 -2.46
CA ASP B 2014 -20.14 91.80 -3.40
C ASP B 2014 -20.81 90.60 -2.74
N GLU B 2015 -22.13 90.53 -2.90
CA GLU B 2015 -22.93 89.46 -2.32
C GLU B 2015 -23.75 88.77 -3.40
N ALA B 2016 -23.98 87.47 -3.21
CA ALA B 2016 -24.73 86.69 -4.20
C ALA B 2016 -26.21 87.06 -4.17
N ASP B 2017 -26.88 86.81 -3.06
CA ASP B 2017 -28.30 87.11 -2.92
C ASP B 2017 -28.67 87.84 -1.64
N GLU B 2018 -27.87 87.75 -0.58
CA GLU B 2018 -28.15 88.42 0.68
C GLU B 2018 -26.85 88.90 1.30
N GLU B 2019 -26.88 90.09 1.89
CA GLU B 2019 -25.71 90.67 2.52
C GLU B 2019 -25.90 91.04 3.99
N ASP B 2020 -27.12 91.44 4.38
CA ASP B 2020 -27.42 91.90 5.74
C ASP B 2020 -26.48 93.02 6.17
N CYS B 2021 -26.24 93.97 5.26
CA CYS B 2021 -25.25 95.02 5.47
C CYS B 2021 -25.94 96.35 5.73
N PRO B 2022 -25.87 96.89 6.96
CA PRO B 2022 -26.43 98.22 7.22
C PRO B 2022 -25.46 99.37 6.99
N LEU B 2023 -24.16 99.10 6.88
CA LEU B 2023 -23.16 100.15 6.72
C LEU B 2023 -23.08 100.72 5.30
N PRO B 2024 -22.98 99.93 4.22
CA PRO B 2024 -22.89 100.55 2.89
C PRO B 2024 -24.19 101.26 2.50
N GLU B 2025 -24.03 102.33 1.72
CA GLU B 2025 -25.16 103.12 1.25
C GLU B 2025 -25.68 102.53 -0.05
N ASP B 2026 -26.52 103.29 -0.76
CA ASP B 2026 -27.09 102.84 -2.03
C ASP B 2026 -26.16 103.07 -3.21
N ILE B 2027 -24.97 103.64 -2.98
CA ILE B 2027 -24.02 103.88 -4.07
C ILE B 2027 -23.21 102.64 -4.42
N ARG B 2028 -23.48 101.50 -3.80
CA ARG B 2028 -22.74 100.28 -4.08
C ARG B 2028 -23.07 99.68 -5.45
N GLN B 2029 -24.10 100.18 -6.12
CA GLN B 2029 -24.42 99.69 -7.46
C GLN B 2029 -23.38 100.08 -8.50
N ASP B 2030 -22.58 101.11 -8.22
CA ASP B 2030 -21.52 101.50 -9.15
C ASP B 2030 -20.47 100.40 -9.29
N LEU B 2031 -20.12 99.74 -8.18
CA LEU B 2031 -19.17 98.63 -8.25
C LEU B 2031 -19.73 97.49 -9.07
N GLN B 2032 -21.01 97.17 -8.89
CA GLN B 2032 -21.63 96.11 -9.68
C GLN B 2032 -21.67 96.46 -11.16
N ASP B 2033 -21.97 97.72 -11.49
CA ASP B 2033 -21.98 98.15 -12.88
C ASP B 2033 -20.60 98.07 -13.49
N PHE B 2034 -19.57 98.50 -12.75
CA PHE B 2034 -18.20 98.41 -13.26
C PHE B 2034 -17.77 96.97 -13.45
N HIS B 2035 -18.15 96.08 -12.51
CA HIS B 2035 -17.80 94.67 -12.62
C HIS B 2035 -18.48 94.04 -13.84
N GLN B 2036 -19.75 94.39 -14.07
CA GLN B 2036 -20.46 93.89 -15.24
C GLN B 2036 -19.80 94.39 -16.54
N ASP B 2037 -19.42 95.67 -16.58
CA ASP B 2037 -18.77 96.21 -17.77
C ASP B 2037 -17.42 95.54 -18.02
N LEU B 2038 -16.64 95.34 -16.96
CA LEU B 2038 -15.34 94.69 -17.11
C LEU B 2038 -15.49 93.23 -17.55
N LEU B 2039 -16.48 92.52 -16.99
CA LEU B 2039 -16.69 91.14 -17.36
C LEU B 2039 -17.19 91.03 -18.80
N ALA B 2040 -18.00 91.99 -19.25
CA ALA B 2040 -18.40 92.03 -20.66
C ALA B 2040 -17.21 92.32 -21.56
N HIS B 2041 -16.32 93.21 -21.14
CA HIS B 2041 -15.12 93.50 -21.92
C HIS B 2041 -14.20 92.29 -22.02
N CYS B 2042 -14.10 91.51 -20.94
CA CYS B 2042 -13.24 90.34 -20.92
C CYS B 2042 -13.80 89.24 -21.82
N GLY B 2043 -13.09 88.10 -21.84
CA GLY B 2043 -13.46 86.99 -22.70
C GLY B 2043 -14.80 86.36 -22.39
N ILE B 2044 -15.31 86.55 -21.17
CA ILE B 2044 -16.63 86.03 -20.82
C ILE B 2044 -17.69 86.83 -21.57
N GLN B 2045 -18.60 86.11 -22.24
CA GLN B 2045 -19.59 86.75 -23.08
C GLN B 2045 -20.61 87.53 -22.25
N LEU B 2046 -20.96 87.02 -21.07
CA LEU B 2046 -21.97 87.59 -20.17
C LEU B 2046 -23.34 87.68 -20.82
N GLU B 2047 -23.63 86.81 -21.78
CA GLU B 2047 -24.93 86.77 -22.45
C GLU B 2047 -25.75 85.55 -22.11
N GLY B 2048 -25.12 84.39 -21.92
CA GLY B 2048 -25.82 83.17 -21.59
C GLY B 2048 -25.30 82.51 -20.33
N LYS B 2089 -19.71 82.92 -40.48
CA LYS B 2089 -20.13 84.31 -40.30
C LYS B 2089 -18.94 85.24 -40.36
N LYS B 2090 -19.00 86.32 -39.57
CA LYS B 2090 -17.92 87.30 -39.52
C LYS B 2090 -17.44 87.45 -38.09
N PRO B 2091 -16.12 87.48 -37.87
CA PRO B 2091 -15.59 87.63 -36.50
C PRO B 2091 -15.91 88.98 -35.89
N GLN B 2092 -15.59 90.06 -36.61
CA GLN B 2092 -15.80 91.44 -36.22
C GLN B 2092 -15.08 91.82 -34.93
N SER B 2093 -14.10 91.03 -34.50
CA SER B 2093 -13.37 91.31 -33.28
C SER B 2093 -12.02 90.60 -33.35
N LEU B 2094 -11.05 91.14 -32.61
CA LEU B 2094 -9.71 90.55 -32.57
C LEU B 2094 -9.74 89.15 -31.97
N GLN B 2095 -10.54 88.96 -30.91
CA GLN B 2095 -10.61 87.67 -30.25
C GLN B 2095 -11.17 86.59 -31.18
N GLU B 2096 -12.31 86.88 -31.82
CA GLU B 2096 -12.90 85.92 -32.75
C GLU B 2096 -12.00 85.70 -33.96
N LEU B 2097 -11.33 86.76 -34.42
CA LEU B 2097 -10.36 86.63 -35.51
C LEU B 2097 -9.25 85.64 -35.14
N VAL B 2098 -8.67 85.81 -33.94
CA VAL B 2098 -7.57 84.94 -33.52
C VAL B 2098 -8.05 83.50 -33.40
N SER B 2099 -9.22 83.30 -32.77
CA SER B 2099 -9.72 81.94 -32.59
C SER B 2099 -10.01 81.26 -33.92
N HIS B 2100 -10.74 81.93 -34.81
CA HIS B 2100 -11.11 81.34 -36.09
C HIS B 2100 -9.89 81.13 -36.98
N MET B 2101 -8.95 82.07 -36.97
CA MET B 2101 -7.73 81.94 -37.77
C MET B 2101 -6.87 80.78 -37.28
N VAL B 2102 -6.73 80.62 -35.97
CA VAL B 2102 -5.92 79.52 -35.42
C VAL B 2102 -6.59 78.18 -35.72
N VAL B 2103 -7.92 78.11 -35.60
CA VAL B 2103 -8.61 76.86 -35.91
C VAL B 2103 -8.47 76.53 -37.39
N ARG B 2104 -8.56 77.53 -38.28
CA ARG B 2104 -8.36 77.28 -39.70
C ARG B 2104 -6.94 76.84 -40.01
N TRP B 2105 -5.96 77.44 -39.35
CA TRP B 2105 -4.57 77.06 -39.57
C TRP B 2105 -4.31 75.62 -39.13
N ALA B 2106 -4.90 75.22 -38.00
CA ALA B 2106 -4.78 73.84 -37.55
C ALA B 2106 -5.53 72.87 -38.45
N GLN B 2107 -6.64 73.32 -39.05
CA GLN B 2107 -7.48 72.48 -39.89
C GLN B 2107 -6.94 72.32 -41.31
N GLU B 2108 -6.16 73.28 -41.80
CA GLU B 2108 -5.75 73.28 -43.21
C GLU B 2108 -4.85 72.09 -43.55
N ASP B 2109 -3.79 71.89 -42.78
CA ASP B 2109 -2.82 70.85 -43.09
C ASP B 2109 -2.05 70.49 -41.82
N TYR B 2110 -1.34 69.37 -41.89
CA TYR B 2110 -0.47 68.97 -40.78
C TYR B 2110 0.68 69.95 -40.66
N VAL B 2111 1.00 70.33 -39.42
CA VAL B 2111 1.91 71.43 -39.14
C VAL B 2111 3.18 70.87 -38.51
N GLN B 2112 4.31 71.17 -39.13
CA GLN B 2112 5.63 70.84 -38.60
C GLN B 2112 6.13 72.00 -37.75
N SER B 2113 7.44 72.05 -37.48
CA SER B 2113 8.11 73.13 -36.75
C SER B 2113 7.46 73.38 -35.40
N PRO B 2114 7.74 72.52 -34.40
CA PRO B 2114 6.96 72.55 -33.14
C PRO B 2114 6.91 73.90 -32.43
N GLU B 2115 7.86 74.80 -32.69
CA GLU B 2115 7.76 76.16 -32.18
C GLU B 2115 6.50 76.86 -32.69
N LEU B 2116 6.16 76.66 -33.97
CA LEU B 2116 4.92 77.19 -34.51
C LEU B 2116 3.71 76.63 -33.78
N VAL B 2117 3.69 75.32 -33.53
CA VAL B 2117 2.57 74.69 -32.83
C VAL B 2117 2.43 75.23 -31.41
N ARG B 2118 3.56 75.35 -30.70
CA ARG B 2118 3.55 75.86 -29.34
C ARG B 2118 3.05 77.31 -29.30
N ALA B 2119 3.52 78.15 -30.23
CA ALA B 2119 3.09 79.54 -30.24
C ALA B 2119 1.61 79.66 -30.59
N MET B 2120 1.15 78.87 -31.56
CA MET B 2120 -0.26 78.90 -31.96
C MET B 2120 -1.17 78.49 -30.81
N PHE B 2121 -0.84 77.38 -30.15
CA PHE B 2121 -1.69 76.88 -29.08
C PHE B 2121 -1.62 77.78 -27.84
N SER B 2122 -0.46 78.37 -27.56
CA SER B 2122 -0.38 79.35 -26.48
C SER B 2122 -1.24 80.57 -26.78
N LEU B 2123 -1.20 81.06 -28.02
CA LEU B 2123 -2.06 82.19 -28.39
C LEU B 2123 -3.53 81.82 -28.27
N LEU B 2124 -3.90 80.61 -28.68
CA LEU B 2124 -5.28 80.14 -28.53
C LEU B 2124 -5.69 80.11 -27.07
N HIS B 2125 -4.85 79.55 -26.20
CA HIS B 2125 -5.21 79.43 -24.80
C HIS B 2125 -5.30 80.79 -24.11
N ARG B 2126 -4.36 81.69 -24.39
CA ARG B 2126 -4.38 83.02 -23.79
C ARG B 2126 -5.57 83.84 -24.28
N GLN B 2127 -5.88 83.74 -25.58
CA GLN B 2127 -7.05 84.42 -26.13
C GLN B 2127 -8.36 83.89 -25.54
N TYR B 2128 -8.50 82.57 -25.39
CA TYR B 2128 -9.71 82.02 -24.80
C TYR B 2128 -9.82 82.33 -23.29
N ASP B 2129 -8.70 82.25 -22.56
CA ASP B 2129 -8.71 82.49 -21.12
C ASP B 2129 -8.35 83.94 -20.86
N GLY B 2130 -9.33 84.81 -21.15
CA GLY B 2130 -9.11 86.23 -20.94
C GLY B 2130 -9.08 86.62 -19.47
N LEU B 2131 -10.06 86.13 -18.70
CA LEU B 2131 -10.17 86.50 -17.30
C LEU B 2131 -9.13 85.79 -16.44
N GLY B 2132 -8.77 84.56 -16.80
CA GLY B 2132 -7.71 83.86 -16.08
C GLY B 2132 -6.36 84.54 -16.21
N GLU B 2133 -6.08 85.10 -17.38
CA GLU B 2133 -4.86 85.88 -17.57
C GLU B 2133 -4.85 87.12 -16.68
N LEU B 2134 -6.00 87.79 -16.56
CA LEU B 2134 -6.12 88.94 -15.66
C LEU B 2134 -5.89 88.51 -14.22
N LEU B 2135 -6.46 87.38 -13.81
CA LEU B 2135 -6.28 86.90 -12.44
C LEU B 2135 -4.81 86.56 -12.18
N ARG B 2136 -4.13 85.97 -13.17
CA ARG B 2136 -2.73 85.61 -12.99
C ARG B 2136 -1.83 86.86 -12.95
N ALA B 2137 -2.16 87.87 -13.75
CA ALA B 2137 -1.33 89.07 -13.85
C ALA B 2137 -1.67 90.13 -12.82
N LEU B 2138 -2.76 89.97 -12.07
CA LEU B 2138 -3.12 90.94 -11.04
C LEU B 2138 -2.06 91.16 -9.95
N PRO B 2139 -1.39 90.13 -9.39
CA PRO B 2139 -0.40 90.43 -8.34
C PRO B 2139 0.76 91.32 -8.78
N ARG B 2140 1.11 91.34 -10.07
CA ARG B 2140 2.21 92.17 -10.53
C ARG B 2140 1.85 93.65 -10.63
N ALA B 2141 0.57 93.99 -10.55
CA ALA B 2141 0.16 95.39 -10.66
C ALA B 2141 0.50 96.15 -9.40
N TYR B 2142 0.85 97.43 -9.58
CA TYR B 2142 1.18 98.28 -8.44
C TYR B 2142 0.83 99.72 -8.77
N THR B 2143 0.46 100.47 -7.72
CA THR B 2143 0.06 101.87 -7.82
C THR B 2143 0.94 102.71 -6.91
N ILE B 2144 1.39 103.87 -7.39
CA ILE B 2144 2.22 104.74 -6.58
C ILE B 2144 1.74 106.19 -6.68
N SER B 2145 1.97 106.93 -5.60
CA SER B 2145 1.64 108.34 -5.54
C SER B 2145 2.60 109.15 -6.41
N PRO B 2146 2.17 110.33 -6.93
CA PRO B 2146 3.08 111.18 -7.68
C PRO B 2146 4.22 111.75 -6.85
N SER B 2147 5.11 112.52 -7.51
CA SER B 2147 6.33 113.11 -6.95
C SER B 2147 7.34 112.06 -6.52
N SER B 2148 7.20 110.81 -6.99
CA SER B 2148 8.18 109.77 -6.75
C SER B 2148 8.56 109.00 -8.02
N VAL B 2149 8.00 109.37 -9.16
CA VAL B 2149 8.34 108.71 -10.42
C VAL B 2149 9.79 108.98 -10.80
N GLU B 2150 10.27 110.19 -10.51
CA GLU B 2150 11.68 110.50 -10.74
C GLU B 2150 12.59 109.67 -9.84
N ASP B 2151 12.10 109.33 -8.64
CA ASP B 2151 12.89 108.49 -7.75
C ASP B 2151 12.90 107.04 -8.21
N THR B 2152 11.75 106.52 -8.67
CA THR B 2152 11.68 105.12 -9.06
C THR B 2152 12.22 104.87 -10.46
N MET B 2153 12.40 105.92 -11.27
CA MET B 2153 12.99 105.74 -12.59
C MET B 2153 14.44 105.26 -12.50
N SER B 2154 15.20 105.85 -11.56
CA SER B 2154 16.57 105.39 -11.34
C SER B 2154 16.60 103.95 -10.83
N LEU B 2155 15.65 103.59 -9.97
CA LEU B 2155 15.54 102.21 -9.49
C LEU B 2155 15.29 101.25 -10.64
N LEU B 2156 14.35 101.60 -11.53
CA LEU B 2156 14.05 100.75 -12.68
C LEU B 2156 15.25 100.63 -13.62
N GLU B 2157 15.93 101.76 -13.87
CA GLU B 2157 17.11 101.72 -14.74
C GLU B 2157 18.22 100.87 -14.15
N CYS B 2158 18.45 100.98 -12.84
CA CYS B 2158 19.47 100.16 -12.20
C CYS B 2158 19.11 98.68 -12.26
N LEU B 2159 17.85 98.34 -11.97
CA LEU B 2159 17.43 96.95 -12.02
C LEU B 2159 17.56 96.39 -13.43
N GLY B 2160 17.24 97.20 -14.45
CA GLY B 2160 17.51 96.81 -15.81
C GLY B 2160 18.99 96.61 -16.10
N GLN B 2161 19.84 97.42 -15.45
CA GLN B 2161 21.29 97.28 -15.64
C GLN B 2161 21.79 95.94 -15.11
N ILE B 2162 21.39 95.57 -13.90
CA ILE B 2162 21.78 94.24 -13.38
C ILE B 2162 21.13 93.13 -14.21
N ARG B 2163 19.89 93.32 -14.68
CA ARG B 2163 19.25 92.31 -15.50
C ARG B 2163 20.00 92.10 -16.81
N SER B 2164 20.48 93.18 -17.43
CA SER B 2164 21.28 93.06 -18.65
C SER B 2164 22.64 92.43 -18.37
N LEU B 2165 23.27 92.80 -17.24
CA LEU B 2165 24.59 92.27 -16.93
C LEU B 2165 24.54 90.80 -16.48
N LEU B 2166 23.36 90.30 -16.09
CA LEU B 2166 23.26 88.92 -15.63
C LEU B 2166 23.56 87.92 -16.73
N ILE B 2167 23.08 88.20 -17.96
CA ILE B 2167 23.14 87.20 -19.02
C ILE B 2167 24.58 86.94 -19.46
N VAL B 2168 25.44 87.96 -19.42
CA VAL B 2168 26.81 87.80 -19.86
C VAL B 2168 27.62 87.04 -18.80
N GLN B 2169 28.77 86.52 -19.21
CA GLN B 2169 29.63 85.78 -18.30
C GLN B 2169 30.27 86.72 -17.29
N MET B 2170 30.61 86.15 -16.13
CA MET B 2170 31.23 86.92 -15.05
C MET B 2170 32.63 87.33 -15.47
N GLY B 2171 32.96 88.62 -15.31
CA GLY B 2171 34.24 89.12 -15.70
C GLY B 2171 34.80 90.18 -14.76
N PRO B 2172 36.11 90.39 -14.81
CA PRO B 2172 36.73 91.42 -13.94
C PRO B 2172 36.22 92.82 -14.22
N GLN B 2173 35.94 93.15 -15.48
CA GLN B 2173 35.43 94.49 -15.80
C GLN B 2173 33.98 94.64 -15.37
N GLU B 2174 33.18 93.58 -15.55
CA GLU B 2174 31.77 93.64 -15.16
C GLU B 2174 31.61 93.60 -13.64
N GLU B 2175 32.62 93.08 -12.92
CA GLU B 2175 32.52 93.00 -11.47
C GLU B 2175 32.44 94.38 -10.84
N ASN B 2176 33.32 95.29 -11.26
CA ASN B 2176 33.30 96.65 -10.70
C ASN B 2176 32.01 97.37 -11.05
N LEU B 2177 31.53 97.19 -12.29
CA LEU B 2177 30.28 97.82 -12.70
C LEU B 2177 29.10 97.31 -11.89
N MET B 2178 29.04 95.99 -11.65
CA MET B 2178 27.93 95.43 -10.89
C MET B 2178 28.01 95.82 -9.41
N ILE B 2179 29.23 95.89 -8.85
CA ILE B 2179 29.38 96.33 -7.46
C ILE B 2179 28.95 97.79 -7.32
N GLN B 2180 29.33 98.63 -8.28
CA GLN B 2180 28.89 100.03 -8.27
C GLN B 2180 27.38 100.13 -8.41
N SER B 2181 26.78 99.29 -9.26
CA SER B 2181 25.33 99.29 -9.41
C SER B 2181 24.63 98.88 -8.12
N ILE B 2182 25.17 97.87 -7.43
CA ILE B 2182 24.60 97.44 -6.16
C ILE B 2182 24.72 98.54 -5.12
N GLY B 2183 25.88 99.19 -5.06
CA GLY B 2183 26.05 100.30 -4.13
C GLY B 2183 25.12 101.46 -4.40
N ASN B 2184 24.85 101.73 -5.69
CA ASN B 2184 23.94 102.81 -6.03
C ASN B 2184 22.49 102.43 -5.74
N ILE B 2185 22.11 101.18 -5.98
CA ILE B 2185 20.72 100.75 -5.76
C ILE B 2185 20.43 100.49 -4.29
N MET B 2186 21.48 100.40 -3.46
CA MET B 2186 21.28 100.22 -2.02
C MET B 2186 20.48 101.38 -1.41
N ASN B 2187 20.80 102.61 -1.82
CA ASN B 2187 20.09 103.80 -1.34
C ASN B 2187 19.46 104.59 -2.50
N ASN B 2188 18.13 104.63 -2.52
CA ASN B 2188 17.39 105.39 -3.52
C ASN B 2188 16.22 106.17 -2.91
N LYS B 2189 16.07 106.14 -1.59
CA LYS B 2189 15.01 106.77 -0.80
C LYS B 2189 13.65 106.10 -1.02
N VAL B 2190 13.55 105.11 -1.92
CA VAL B 2190 12.33 104.36 -2.12
C VAL B 2190 12.46 102.91 -1.69
N PHE B 2191 13.66 102.46 -1.32
CA PHE B 2191 13.83 101.10 -0.80
C PHE B 2191 13.09 100.89 0.51
N TYR B 2192 12.98 101.94 1.32
CA TYR B 2192 12.35 101.83 2.63
C TYR B 2192 10.85 102.09 2.60
N GLN B 2193 10.39 102.94 1.69
CA GLN B 2193 8.98 103.34 1.71
C GLN B 2193 8.06 102.24 1.21
N HIS B 2194 8.50 101.47 0.21
CA HIS B 2194 7.67 100.45 -0.43
C HIS B 2194 8.39 99.10 -0.42
N PRO B 2195 8.40 98.42 0.72
CA PRO B 2195 9.00 97.07 0.74
C PRO B 2195 8.27 96.06 -0.13
N ASN B 2196 6.95 96.20 -0.28
CA ASN B 2196 6.18 95.24 -1.08
C ASN B 2196 6.52 95.33 -2.56
N LEU B 2197 6.89 96.52 -3.04
CA LEU B 2197 7.25 96.67 -4.45
C LEU B 2197 8.51 95.89 -4.78
N MET B 2198 9.46 95.82 -3.83
CA MET B 2198 10.65 95.00 -4.04
C MET B 2198 10.30 93.52 -4.21
N ARG B 2199 9.39 93.01 -3.38
CA ARG B 2199 8.97 91.62 -3.52
C ARG B 2199 8.20 91.40 -4.81
N ALA B 2200 7.37 92.37 -5.21
CA ALA B 2200 6.63 92.26 -6.46
C ALA B 2200 7.58 92.23 -7.65
N LEU B 2201 8.62 93.05 -7.63
CA LEU B 2201 9.60 93.06 -8.70
C LEU B 2201 10.56 91.87 -8.63
N GLY B 2202 10.64 91.20 -7.48
CA GLY B 2202 11.46 90.01 -7.35
C GLY B 2202 12.95 90.25 -7.48
N MET B 2203 13.46 91.29 -6.82
CA MET B 2203 14.89 91.60 -6.90
C MET B 2203 15.72 90.53 -6.19
N HIS B 2204 15.20 89.97 -5.09
CA HIS B 2204 15.97 88.99 -4.31
C HIS B 2204 16.22 87.72 -5.10
N GLU B 2205 15.26 87.31 -5.95
CA GLU B 2205 15.49 86.15 -6.82
C GLU B 2205 16.62 86.41 -7.79
N THR B 2206 16.66 87.61 -8.39
CA THR B 2206 17.75 87.96 -9.30
C THR B 2206 19.08 87.99 -8.56
N VAL B 2207 19.09 88.50 -7.32
CA VAL B 2207 20.30 88.53 -6.52
C VAL B 2207 20.79 87.11 -6.23
N MET B 2208 19.87 86.21 -5.89
CA MET B 2208 20.26 84.82 -5.64
C MET B 2208 20.78 84.14 -6.90
N GLU B 2209 20.13 84.37 -8.04
CA GLU B 2209 20.57 83.74 -9.28
C GLU B 2209 21.85 84.36 -9.84
N VAL B 2210 22.22 85.56 -9.43
CA VAL B 2210 23.52 86.09 -9.83
C VAL B 2210 24.59 85.70 -8.81
N MET B 2211 24.20 85.43 -7.56
CA MET B 2211 25.17 84.99 -6.55
C MET B 2211 25.55 83.52 -6.73
N VAL B 2212 24.62 82.68 -7.20
CA VAL B 2212 24.91 81.25 -7.33
C VAL B 2212 26.00 81.01 -8.37
N ASN B 2213 26.00 81.80 -9.44
CA ASN B 2213 26.97 81.59 -10.52
C ASN B 2213 28.40 81.93 -10.08
N VAL B 2214 28.55 82.79 -9.08
CA VAL B 2214 29.89 83.18 -8.62
C VAL B 2214 30.59 82.00 -7.97
N LEU B 2215 29.91 81.30 -7.07
CA LEU B 2215 30.49 80.17 -6.36
C LEU B 2215 30.17 78.82 -7.00
N GLY B 2216 29.44 78.81 -8.12
CA GLY B 2216 29.14 77.57 -8.78
C GLY B 2216 30.36 76.94 -9.43
N GLY B 2217 30.29 75.62 -9.59
CA GLY B 2217 31.36 74.86 -10.20
C GLY B 2217 32.31 74.22 -9.21
N GLY B 2218 32.29 74.62 -7.95
CA GLY B 2218 33.18 74.06 -6.95
C GLY B 2218 32.84 74.47 -5.53
N GLU B 2219 32.81 73.50 -4.61
CA GLU B 2219 32.49 73.81 -3.23
C GLU B 2219 33.67 74.45 -2.52
N THR B 2220 34.78 73.72 -2.42
CA THR B 2220 35.98 74.23 -1.74
C THR B 2220 37.26 74.03 -2.53
N LYS B 2221 37.31 73.12 -3.50
CA LYS B 2221 38.53 72.92 -4.28
C LYS B 2221 38.85 74.14 -5.14
N GLU B 2222 37.83 74.72 -5.77
CA GLU B 2222 38.01 75.87 -6.64
C GLU B 2222 37.18 77.04 -6.13
N ILE B 2223 37.81 78.19 -5.97
CA ILE B 2223 37.13 79.41 -5.55
C ILE B 2223 37.92 80.61 -6.11
N ARG B 2224 37.19 81.64 -6.51
CA ARG B 2224 37.80 82.83 -7.10
C ARG B 2224 36.82 83.98 -6.99
N PHE B 2225 37.16 85.11 -7.62
CA PHE B 2225 36.38 86.35 -7.69
C PHE B 2225 36.00 86.88 -6.32
N PRO B 2226 36.94 87.46 -5.55
CA PRO B 2226 36.57 88.07 -4.27
C PRO B 2226 35.88 89.41 -4.46
N LYS B 2227 35.52 90.05 -3.34
CA LYS B 2227 34.90 91.39 -3.28
C LYS B 2227 33.54 91.46 -3.96
N MET B 2228 32.98 90.32 -4.36
CA MET B 2228 31.66 90.25 -4.98
C MET B 2228 30.62 89.67 -4.04
N VAL B 2229 30.89 88.47 -3.50
CA VAL B 2229 29.96 87.80 -2.60
C VAL B 2229 29.78 88.60 -1.31
N THR B 2230 30.81 89.31 -0.86
CA THR B 2230 30.70 90.12 0.35
C THR B 2230 29.67 91.24 0.17
N SER B 2231 29.80 92.02 -0.90
CA SER B 2231 28.84 93.09 -1.15
C SER B 2231 27.45 92.55 -1.43
N CYS B 2232 27.36 91.45 -2.19
CA CYS B 2232 26.06 90.87 -2.50
C CYS B 2232 25.37 90.36 -1.23
N CYS B 2233 26.11 89.71 -0.34
CA CYS B 2233 25.53 89.23 0.90
C CYS B 2233 25.21 90.37 1.86
N ARG B 2234 25.98 91.46 1.83
CA ARG B 2234 25.63 92.62 2.62
C ARG B 2234 24.30 93.22 2.15
N PHE B 2235 24.11 93.31 0.83
CA PHE B 2235 22.83 93.79 0.31
C PHE B 2235 21.69 92.84 0.66
N LEU B 2236 21.95 91.54 0.61
CA LEU B 2236 20.94 90.55 0.99
C LEU B 2236 20.57 90.68 2.46
N CYS B 2237 21.56 90.88 3.33
CA CYS B 2237 21.29 91.09 4.76
C CYS B 2237 20.48 92.36 4.99
N TYR B 2238 20.81 93.43 4.28
CA TYR B 2238 20.04 94.67 4.41
C TYR B 2238 18.59 94.47 3.96
N PHE B 2239 18.39 93.77 2.84
CA PHE B 2239 17.04 93.52 2.36
C PHE B 2239 16.27 92.58 3.29
N CYS B 2240 16.97 91.66 3.95
CA CYS B 2240 16.29 90.79 4.91
C CYS B 2240 15.92 91.54 6.18
N ARG B 2241 16.78 92.46 6.63
CA ARG B 2241 16.55 93.17 7.87
C ARG B 2241 15.72 94.44 7.72
N ILE B 2242 15.42 94.87 6.49
CA ILE B 2242 14.61 96.08 6.32
C ILE B 2242 13.18 95.87 6.82
N SER B 2243 12.65 94.65 6.71
CA SER B 2243 11.28 94.39 7.12
C SER B 2243 11.12 92.92 7.48
N ARG B 2244 10.08 92.62 8.25
CA ARG B 2244 9.79 91.25 8.66
C ARG B 2244 9.14 90.44 7.54
N GLN B 2245 8.43 91.11 6.63
CA GLN B 2245 7.72 90.39 5.56
C GLN B 2245 8.69 89.69 4.62
N ASN B 2246 9.79 90.36 4.26
CA ASN B 2246 10.78 89.76 3.37
C ASN B 2246 11.56 88.64 4.03
N GLN B 2247 11.57 88.59 5.38
CA GLN B 2247 12.31 87.55 6.09
C GLN B 2247 11.74 86.17 5.81
N ARG B 2248 10.41 86.05 5.76
CA ARG B 2248 9.79 84.75 5.48
C ARG B 2248 10.10 84.27 4.07
N SER B 2249 10.12 85.19 3.11
CA SER B 2249 10.49 84.82 1.74
C SER B 2249 11.96 84.41 1.67
N MET B 2250 12.83 85.12 2.39
CA MET B 2250 14.24 84.77 2.42
C MET B 2250 14.48 83.44 3.12
N PHE B 2251 13.60 83.06 4.05
CA PHE B 2251 13.74 81.81 4.78
C PHE B 2251 13.62 80.58 3.88
N ASP B 2252 12.95 80.71 2.73
CA ASP B 2252 12.74 79.56 1.85
C ASP B 2252 14.04 79.06 1.22
N HIS B 2253 15.09 79.89 1.19
CA HIS B 2253 16.38 79.51 0.63
C HIS B 2253 17.39 79.11 1.71
N LEU B 2254 16.93 78.87 2.94
CA LEU B 2254 17.84 78.54 4.03
C LEU B 2254 18.56 77.22 3.79
N SER B 2255 17.86 76.23 3.23
CA SER B 2255 18.46 74.92 3.01
C SER B 2255 19.64 75.00 2.04
N TYR B 2256 19.50 75.78 0.97
CA TYR B 2256 20.59 75.91 0.01
C TYR B 2256 21.71 76.79 0.56
N LEU B 2257 21.36 77.83 1.32
CA LEU B 2257 22.36 78.78 1.80
C LEU B 2257 23.35 78.11 2.76
N LEU B 2258 22.84 77.30 3.68
CA LEU B 2258 23.73 76.62 4.62
C LEU B 2258 24.52 75.48 3.98
N GLU B 2259 24.17 75.07 2.76
CA GLU B 2259 25.00 74.11 2.04
C GLU B 2259 26.33 74.74 1.63
N ASN B 2260 26.30 75.99 1.17
CA ASN B 2260 27.50 76.71 0.77
C ASN B 2260 28.01 77.68 1.83
N SER B 2261 27.37 77.72 3.00
CA SER B 2261 27.87 78.54 4.10
C SER B 2261 29.27 78.11 4.52
N GLY B 2262 29.54 76.81 4.51
CA GLY B 2262 30.87 76.31 4.80
C GLY B 2262 31.88 76.49 3.70
N ILE B 2263 31.43 76.91 2.51
CA ILE B 2263 32.35 77.15 1.39
C ILE B 2263 33.08 78.48 1.51
N GLY B 2264 32.69 79.34 2.43
CA GLY B 2264 33.34 80.62 2.60
C GLY B 2264 34.38 80.60 3.71
N LEU B 2265 34.04 81.22 4.85
CA LEU B 2265 34.90 81.27 6.03
C LEU B 2265 36.26 81.89 5.71
N GLY B 2266 36.24 82.93 4.88
CA GLY B 2266 37.47 83.57 4.45
C GLY B 2266 37.81 84.83 5.22
N MET B 2267 37.98 85.94 4.50
CA MET B 2267 38.35 87.20 5.11
C MET B 2267 37.16 87.84 5.82
N GLN B 2268 37.45 88.92 6.55
CA GLN B 2268 36.40 89.64 7.26
C GLN B 2268 35.45 90.31 6.28
N GLY B 2269 34.17 90.29 6.60
CA GLY B 2269 33.13 90.83 5.77
C GLY B 2269 31.91 89.94 5.81
N SER B 2270 31.00 90.17 4.87
CA SER B 2270 29.77 89.38 4.80
C SER B 2270 30.08 87.96 4.31
N THR B 2271 29.35 87.00 4.85
CA THR B 2271 29.52 85.58 4.59
C THR B 2271 28.16 84.98 4.29
N PRO B 2272 28.08 83.99 3.37
CA PRO B 2272 26.78 83.33 3.11
C PRO B 2272 26.15 82.69 4.33
N LEU B 2273 26.92 82.47 5.39
CA LEU B 2273 26.35 82.08 6.67
C LEU B 2273 25.71 83.25 7.40
N ASP B 2274 26.20 84.47 7.16
CA ASP B 2274 25.70 85.64 7.88
C ASP B 2274 24.26 85.97 7.50
N VAL B 2275 23.90 85.83 6.23
CA VAL B 2275 22.52 86.10 5.80
C VAL B 2275 21.57 85.07 6.42
N ALA B 2276 22.00 83.81 6.49
CA ALA B 2276 21.19 82.79 7.14
C ALA B 2276 21.04 83.06 8.63
N ALA B 2277 22.11 83.52 9.28
CA ALA B 2277 22.03 83.88 10.69
C ALA B 2277 21.09 85.06 10.92
N ALA B 2278 21.13 86.06 10.04
CA ALA B 2278 20.27 87.23 10.16
C ALA B 2278 18.83 86.94 9.76
N SER B 2279 18.59 85.87 9.00
CA SER B 2279 17.24 85.52 8.59
C SER B 2279 16.39 84.97 9.73
N VAL B 2280 16.97 84.70 10.89
CA VAL B 2280 16.22 84.16 12.02
C VAL B 2280 16.41 85.04 13.25
N ILE B 2281 16.71 86.32 13.04
CA ILE B 2281 16.82 87.25 14.17
C ILE B 2281 15.45 87.50 14.77
N ASP B 2282 14.46 87.82 13.95
CA ASP B 2282 13.09 88.01 14.41
C ASP B 2282 12.37 86.65 14.37
N ASN B 2283 12.79 85.78 15.27
CA ASN B 2283 12.38 84.39 15.30
C ASN B 2283 11.15 84.24 16.20
N ASN B 2284 10.83 83.00 16.58
CA ASN B 2284 9.70 82.50 17.36
C ASN B 2284 8.42 82.44 16.53
N GLU B 2285 8.41 82.96 15.31
CA GLU B 2285 7.30 82.77 14.40
C GLU B 2285 7.64 81.86 13.23
N LEU B 2286 8.92 81.67 12.93
CA LEU B 2286 9.38 80.76 11.90
C LEU B 2286 10.51 79.84 12.35
N ALA B 2287 11.14 80.11 13.49
CA ALA B 2287 12.21 79.25 13.98
C ALA B 2287 11.70 77.90 14.49
N LEU B 2288 10.40 77.77 14.74
CA LEU B 2288 9.86 76.49 15.16
C LEU B 2288 9.86 75.49 14.01
N ALA B 2289 9.79 75.97 12.77
CA ALA B 2289 9.87 75.12 11.59
C ALA B 2289 11.30 74.87 11.13
N LEU B 2290 12.28 75.45 11.82
CA LEU B 2290 13.69 75.30 11.45
C LEU B 2290 14.19 73.87 11.66
N GLN B 2291 13.51 73.06 12.47
CA GLN B 2291 13.92 71.69 12.72
C GLN B 2291 13.81 70.87 11.43
N GLU B 2292 14.49 69.71 11.42
CA GLU B 2292 14.73 68.83 10.28
C GLU B 2292 14.97 69.59 8.97
N GLN B 2293 15.70 70.70 9.02
CA GLN B 2293 16.08 71.43 7.82
C GLN B 2293 17.59 71.49 7.64
N ASP B 2294 18.33 72.11 8.57
CA ASP B 2294 19.77 72.22 8.41
C ASP B 2294 20.59 72.05 9.67
N LEU B 2295 19.98 71.73 10.82
CA LEU B 2295 20.74 71.62 12.06
C LEU B 2295 21.71 70.44 12.02
N GLU B 2296 21.27 69.32 11.47
CA GLU B 2296 22.10 68.13 11.35
C GLU B 2296 23.20 68.29 10.30
N LYS B 2297 23.10 69.29 9.43
CA LYS B 2297 24.19 69.60 8.51
C LYS B 2297 25.15 70.64 9.06
N VAL B 2298 24.65 71.58 9.88
CA VAL B 2298 25.54 72.51 10.56
C VAL B 2298 26.40 71.77 11.59
N VAL B 2299 25.82 70.84 12.33
CA VAL B 2299 26.59 70.11 13.33
C VAL B 2299 27.64 69.21 12.66
N SER B 2300 27.38 68.75 11.44
CA SER B 2300 28.39 67.98 10.71
C SER B 2300 29.58 68.86 10.34
N TYR B 2301 29.30 70.13 9.97
CA TYR B 2301 30.37 71.08 9.72
C TYR B 2301 31.17 71.33 10.99
N LEU B 2302 30.47 71.45 12.13
CA LEU B 2302 31.15 71.62 13.41
C LEU B 2302 32.05 70.43 13.73
N ALA B 2303 31.54 69.21 13.52
CA ALA B 2303 32.32 68.01 13.79
C ALA B 2303 33.53 67.91 12.87
N GLY B 2304 33.36 68.26 11.59
CA GLY B 2304 34.49 68.25 10.68
C GLY B 2304 35.54 69.30 11.03
N CYS B 2305 35.09 70.47 11.47
CA CYS B 2305 36.04 71.51 11.87
C CYS B 2305 36.76 71.15 13.16
N GLY B 2306 36.09 70.43 14.07
CA GLY B 2306 36.72 70.02 15.31
C GLY B 2306 37.83 69.00 15.12
N LEU B 2307 37.81 68.25 14.03
CA LEU B 2307 38.85 67.28 13.72
C LEU B 2307 39.88 67.83 12.73
N GLN B 2308 39.47 68.67 11.79
CA GLN B 2308 40.38 69.21 10.80
C GLN B 2308 41.30 70.26 11.42
N SER B 2309 42.44 70.47 10.78
CA SER B 2309 43.45 71.41 11.27
C SER B 2309 43.46 72.72 10.51
N CYS B 2310 42.63 72.86 9.46
CA CYS B 2310 42.52 74.06 8.63
C CYS B 2310 43.88 74.50 8.08
N PRO B 2311 44.43 73.78 7.09
CA PRO B 2311 45.76 74.13 6.59
C PRO B 2311 45.85 75.51 5.94
N MET B 2312 44.72 76.08 5.52
CA MET B 2312 44.74 77.38 4.85
C MET B 2312 45.29 78.48 5.75
N LEU B 2313 44.86 78.50 7.02
CA LEU B 2313 45.36 79.50 7.95
C LEU B 2313 46.78 79.19 8.43
N LEU B 2314 47.11 77.90 8.59
CA LEU B 2314 48.42 77.52 9.10
C LEU B 2314 49.50 77.53 8.03
N ALA B 2315 49.14 77.73 6.76
CA ALA B 2315 50.13 77.78 5.69
C ALA B 2315 51.10 78.95 5.84
N LYS B 2316 50.72 79.99 6.58
CA LYS B 2316 51.58 81.15 6.76
C LYS B 2316 52.76 80.89 7.69
N GLY B 2317 52.74 79.79 8.44
CA GLY B 2317 53.84 79.48 9.34
C GLY B 2317 53.42 79.34 10.79
N TYR B 2318 52.14 79.07 11.01
CA TYR B 2318 51.60 78.89 12.34
C TYR B 2318 52.02 77.54 12.92
N PRO B 2319 52.00 77.38 14.24
CA PRO B 2319 52.42 76.10 14.85
C PRO B 2319 51.58 74.88 14.47
N ASP B 2320 50.49 75.05 13.70
CA ASP B 2320 49.69 73.95 13.16
C ASP B 2320 49.08 73.09 14.27
N ILE B 2321 48.19 73.72 15.03
CA ILE B 2321 47.42 73.00 16.03
C ILE B 2321 46.53 71.96 15.35
N GLY B 2322 46.27 70.86 16.06
CA GLY B 2322 45.50 69.77 15.47
C GLY B 2322 44.07 70.15 15.15
N TRP B 2323 43.45 70.95 16.01
CA TRP B 2323 42.06 71.34 15.84
C TRP B 2323 41.95 72.83 15.54
N ASN B 2324 40.98 73.19 14.70
CA ASN B 2324 40.86 74.55 14.19
C ASN B 2324 39.93 75.35 15.09
N PRO B 2325 40.41 76.41 15.74
CA PRO B 2325 39.53 77.22 16.60
C PRO B 2325 38.76 78.30 15.84
N CYS B 2326 39.35 78.81 14.75
CA CYS B 2326 38.74 79.93 14.03
C CYS B 2326 37.44 79.53 13.35
N GLY B 2327 37.40 78.33 12.78
CA GLY B 2327 36.19 77.85 12.13
C GLY B 2327 35.05 77.69 13.11
N GLY B 2328 35.33 77.11 14.28
CA GLY B 2328 34.31 76.98 15.30
C GLY B 2328 33.92 78.32 15.92
N GLU B 2329 34.85 79.28 15.94
CA GLU B 2329 34.51 80.62 16.40
C GLU B 2329 33.54 81.31 15.46
N ARG B 2330 33.78 81.21 14.15
CA ARG B 2330 32.84 81.76 13.19
C ARG B 2330 31.52 80.98 13.19
N TYR B 2331 31.58 79.68 13.40
CA TYR B 2331 30.37 78.87 13.52
C TYR B 2331 29.68 79.13 14.85
N LEU B 2332 28.57 78.42 15.06
CA LEU B 2332 27.76 78.37 16.27
C LEU B 2332 26.96 79.66 16.50
N ASP B 2333 27.23 80.69 15.69
CA ASP B 2333 26.41 81.90 15.75
C ASP B 2333 24.99 81.60 15.28
N PHE B 2334 24.86 80.81 14.21
CA PHE B 2334 23.54 80.41 13.73
C PHE B 2334 22.80 79.59 14.78
N LEU B 2335 23.51 78.68 15.46
CA LEU B 2335 22.90 77.89 16.52
C LEU B 2335 22.43 78.78 17.67
N ARG B 2336 23.27 79.75 18.06
CA ARG B 2336 22.91 80.65 19.15
C ARG B 2336 21.70 81.49 18.80
N PHE B 2337 21.64 82.02 17.56
CA PHE B 2337 20.48 82.79 17.15
C PHE B 2337 19.24 81.93 16.96
N ALA B 2338 19.41 80.63 16.67
CA ALA B 2338 18.27 79.73 16.57
C ALA B 2338 17.72 79.37 17.94
N VAL B 2339 18.58 79.26 18.94
CA VAL B 2339 18.15 78.85 20.27
C VAL B 2339 17.64 80.04 21.08
N PHE B 2340 18.42 81.10 21.19
CA PHE B 2340 18.08 82.24 22.05
C PHE B 2340 17.31 83.28 21.24
N VAL B 2341 16.01 83.02 21.08
CA VAL B 2341 15.15 83.98 20.38
C VAL B 2341 14.93 85.23 21.23
N ASN B 2342 14.73 85.06 22.54
CA ASN B 2342 14.45 86.16 23.45
C ASN B 2342 14.98 85.76 24.83
N GLY B 2343 14.51 86.44 25.87
CA GLY B 2343 14.88 86.11 27.23
C GLY B 2343 14.52 84.70 27.64
N GLU B 2344 13.53 84.09 26.99
CA GLU B 2344 13.18 82.70 27.19
C GLU B 2344 13.56 81.90 25.95
N SER B 2345 14.33 80.83 26.14
CA SER B 2345 14.78 80.01 25.03
C SER B 2345 13.68 79.08 24.56
N VAL B 2346 13.92 78.42 23.42
CA VAL B 2346 12.97 77.49 22.83
C VAL B 2346 13.39 76.06 23.19
N GLU B 2347 12.51 75.38 23.93
CA GLU B 2347 12.83 74.03 24.42
C GLU B 2347 12.85 73.02 23.30
N GLU B 2348 11.89 73.11 22.37
CA GLU B 2348 11.77 72.14 21.28
C GLU B 2348 12.96 72.15 20.34
N ASN B 2349 13.72 73.25 20.30
CA ASN B 2349 14.99 73.29 19.58
C ASN B 2349 16.18 72.99 20.47
N ALA B 2350 16.20 73.52 21.70
CA ALA B 2350 17.34 73.33 22.58
C ALA B 2350 17.54 71.87 22.93
N ASN B 2351 16.46 71.16 23.25
CA ASN B 2351 16.54 69.75 23.64
C ASN B 2351 17.10 68.90 22.51
N VAL B 2352 16.56 69.07 21.30
CA VAL B 2352 17.00 68.24 20.19
C VAL B 2352 18.44 68.59 19.78
N VAL B 2353 18.80 69.88 19.84
CA VAL B 2353 20.15 70.24 19.41
C VAL B 2353 21.19 69.72 20.41
N VAL B 2354 20.89 69.79 21.73
CA VAL B 2354 21.87 69.27 22.68
C VAL B 2354 21.93 67.74 22.62
N ARG B 2355 20.77 67.09 22.43
CA ARG B 2355 20.72 65.64 22.37
C ARG B 2355 21.50 65.11 21.17
N LEU B 2356 21.37 65.78 20.02
CA LEU B 2356 22.10 65.33 18.84
C LEU B 2356 23.54 65.80 18.86
N LEU B 2357 23.85 66.88 19.61
CA LEU B 2357 25.21 67.37 19.70
C LEU B 2357 26.07 66.46 20.59
N ILE B 2358 25.50 65.93 21.67
CA ILE B 2358 26.27 65.08 22.58
C ILE B 2358 26.51 63.71 21.98
N ARG B 2359 25.98 63.45 20.78
CA ARG B 2359 26.22 62.18 20.11
C ARG B 2359 27.69 61.99 19.74
N LYS B 2360 28.32 63.03 19.20
CA LYS B 2360 29.71 62.94 18.77
C LYS B 2360 30.61 63.71 19.73
N PRO B 2361 31.51 63.04 20.45
CA PRO B 2361 32.44 63.77 21.33
C PRO B 2361 33.40 64.68 20.58
N GLU B 2362 33.63 64.44 19.29
CA GLU B 2362 34.56 65.26 18.52
C GLU B 2362 34.05 66.69 18.31
N CYS B 2363 32.74 66.91 18.48
CA CYS B 2363 32.20 68.27 18.35
C CYS B 2363 32.72 69.17 19.45
N PHE B 2364 32.83 68.66 20.68
CA PHE B 2364 33.33 69.45 21.79
C PHE B 2364 34.84 69.65 21.68
N GLY B 2365 35.37 70.49 22.57
CA GLY B 2365 36.79 70.74 22.62
C GLY B 2365 37.56 69.51 23.06
N PRO B 2366 38.82 69.41 22.64
CA PRO B 2366 39.65 68.27 23.06
C PRO B 2366 39.87 68.22 24.57
N ALA B 2367 40.10 69.37 25.21
CA ALA B 2367 40.33 69.39 26.65
C ALA B 2367 39.09 69.00 27.45
N LEU B 2368 37.91 69.09 26.86
CA LEU B 2368 36.66 68.73 27.53
C LEU B 2368 36.23 67.30 27.23
N ARG B 2369 36.30 66.88 25.97
CA ARG B 2369 35.81 65.58 25.55
C ARG B 2369 36.91 64.56 25.32
N GLY B 2370 38.14 64.85 25.74
CA GLY B 2370 39.23 63.91 25.53
C GLY B 2370 39.22 62.77 26.55
N GLU B 2371 39.75 61.62 26.11
CA GLU B 2371 39.87 60.48 27.01
C GLU B 2371 40.90 60.76 28.10
N GLY B 2372 41.99 61.45 27.77
CA GLY B 2372 43.00 61.77 28.74
C GLY B 2372 42.56 62.85 29.71
N GLY B 2373 43.33 62.98 30.78
CA GLY B 2373 43.02 63.96 31.82
C GLY B 2373 43.29 65.38 31.32
N SER B 2374 42.24 66.18 31.24
CA SER B 2374 42.37 67.57 30.83
C SER B 2374 41.24 68.38 31.46
N GLY B 2375 41.53 69.64 31.81
CA GLY B 2375 40.58 70.48 32.49
C GLY B 2375 40.46 71.84 31.82
N LEU B 2376 39.32 72.49 32.10
CA LEU B 2376 39.07 73.81 31.55
C LEU B 2376 40.08 74.83 32.08
N LEU B 2377 40.38 74.78 33.38
CA LEU B 2377 41.36 75.69 33.96
C LEU B 2377 42.74 75.45 33.38
N ALA B 2378 43.12 74.18 33.20
CA ALA B 2378 44.41 73.86 32.59
C ALA B 2378 44.49 74.37 31.15
N ALA B 2379 43.41 74.19 30.39
CA ALA B 2379 43.38 74.67 29.00
C ALA B 2379 43.49 76.20 28.94
N ILE B 2380 42.77 76.89 29.82
CA ILE B 2380 42.82 78.35 29.83
C ILE B 2380 44.20 78.85 30.25
N GLU B 2381 44.81 78.19 31.24
CA GLU B 2381 46.16 78.57 31.66
C GLU B 2381 47.17 78.32 30.54
N GLU B 2382 47.03 77.21 29.82
CA GLU B 2382 47.91 76.94 28.69
C GLU B 2382 47.74 77.98 27.59
N ALA B 2383 46.49 78.38 27.33
CA ALA B 2383 46.25 79.43 26.33
C ALA B 2383 46.87 80.75 26.75
N ILE B 2384 46.75 81.10 28.04
CA ILE B 2384 47.37 82.33 28.54
C ILE B 2384 48.88 82.26 28.42
N ARG B 2385 49.47 81.10 28.73
CA ARG B 2385 50.92 80.94 28.60
C ARG B 2385 51.37 81.06 27.15
N ILE B 2386 50.61 80.47 26.22
CA ILE B 2386 50.93 80.57 24.81
C ILE B 2386 50.83 82.03 24.33
N SER B 2387 49.79 82.74 24.77
CA SER B 2387 49.64 84.15 24.41
C SER B 2387 50.79 84.99 24.96
N GLU B 2388 51.21 84.70 26.20
CA GLU B 2388 52.34 85.43 26.79
C GLU B 2388 53.64 85.14 26.06
N ASP B 2389 53.85 83.89 25.67
CA ASP B 2389 55.06 83.52 24.96
C ASP B 2389 55.05 84.11 23.56
N PRO B 2390 56.15 84.72 23.09
CA PRO B 2390 56.18 85.23 21.71
C PRO B 2390 56.00 84.15 20.65
N ALA B 2391 56.46 82.94 20.91
CA ALA B 2391 56.33 81.84 19.95
C ALA B 2391 54.89 81.35 19.89
N ARG B 2415 48.27 89.02 13.60
CA ARG B 2415 46.94 89.11 13.03
C ARG B 2415 45.93 88.40 13.93
N VAL B 2416 46.16 87.12 14.19
CA VAL B 2416 45.27 86.31 15.02
C VAL B 2416 46.12 85.56 16.05
N HIS B 2417 45.75 85.67 17.31
CA HIS B 2417 46.43 84.98 18.39
C HIS B 2417 45.79 83.62 18.62
N LEU B 2418 46.63 82.60 18.78
CA LEU B 2418 46.11 81.24 19.01
C LEU B 2418 45.36 81.16 20.33
N GLY B 2419 45.92 81.76 21.39
CA GLY B 2419 45.23 81.78 22.67
C GLY B 2419 43.91 82.52 22.62
N HIS B 2420 43.89 83.65 21.90
CA HIS B 2420 42.66 84.40 21.73
C HIS B 2420 41.62 83.59 20.98
N ALA B 2421 42.03 82.88 19.93
CA ALA B 2421 41.09 82.05 19.17
C ALA B 2421 40.54 80.92 20.03
N ILE B 2422 41.40 80.25 20.79
CA ILE B 2422 40.95 79.15 21.65
C ILE B 2422 40.00 79.66 22.72
N MET B 2423 40.35 80.78 23.37
CA MET B 2423 39.49 81.33 24.41
C MET B 2423 38.15 81.80 23.85
N SER B 2424 38.16 82.39 22.65
CA SER B 2424 36.91 82.81 22.03
C SER B 2424 36.03 81.62 21.67
N PHE B 2425 36.63 80.56 21.12
CA PHE B 2425 35.86 79.36 20.79
C PHE B 2425 35.28 78.72 22.04
N TYR B 2426 36.06 78.62 23.11
CA TYR B 2426 35.56 78.03 24.34
C TYR B 2426 34.47 78.88 24.98
N ALA B 2427 34.63 80.21 24.95
CA ALA B 2427 33.60 81.09 25.48
C ALA B 2427 32.31 80.97 24.68
N ALA B 2428 32.42 80.87 23.35
CA ALA B 2428 31.24 80.68 22.52
C ALA B 2428 30.55 79.36 22.82
N LEU B 2429 31.34 78.29 23.01
CA LEU B 2429 30.76 76.99 23.34
C LEU B 2429 30.04 77.02 24.68
N ILE B 2430 30.66 77.63 25.69
CA ILE B 2430 30.03 77.72 27.01
C ILE B 2430 28.77 78.58 26.96
N ASP B 2431 28.80 79.68 26.20
CA ASP B 2431 27.62 80.52 26.06
C ASP B 2431 26.49 79.77 25.36
N LEU B 2432 26.81 79.00 24.32
CA LEU B 2432 25.81 78.22 23.62
C LEU B 2432 25.20 77.16 24.55
N LEU B 2433 26.04 76.50 25.34
CA LEU B 2433 25.55 75.50 26.28
C LEU B 2433 24.65 76.12 27.34
N GLY B 2434 25.05 77.29 27.86
CA GLY B 2434 24.22 77.97 28.84
C GLY B 2434 22.88 78.43 28.29
N ARG B 2435 22.88 78.93 27.04
CA ARG B 2435 21.63 79.33 26.42
C ARG B 2435 20.76 78.14 26.09
N CYS B 2436 21.37 77.01 25.73
CA CYS B 2436 20.60 75.79 25.45
C CYS B 2436 20.08 75.13 26.73
N ALA B 2437 20.69 75.43 27.87
CA ALA B 2437 20.16 74.94 29.13
C ALA B 2437 18.78 75.52 29.37
N PRO B 2438 17.84 74.74 29.95
CA PRO B 2438 16.44 75.21 30.07
C PRO B 2438 16.29 76.48 30.89
N GLU B 2439 16.65 76.43 32.18
CA GLU B 2439 16.67 77.59 33.07
C GLU B 2439 15.31 78.30 33.20
N MET B 2440 14.21 77.59 33.00
CA MET B 2440 12.87 78.06 33.37
C MET B 2440 12.45 77.44 34.69
N HIS B 2441 12.15 78.30 35.67
CA HIS B 2441 11.70 77.83 36.98
C HIS B 2441 10.37 77.09 36.88
N LEU B 2442 9.43 77.62 36.09
CA LEU B 2442 8.13 76.96 35.93
C LEU B 2442 8.27 75.61 35.24
N ILE B 2443 9.14 75.52 34.23
CA ILE B 2443 9.37 74.25 33.55
C ILE B 2443 10.00 73.24 34.51
N GLN B 2444 10.99 73.69 35.30
CA GLN B 2444 11.63 72.79 36.25
C GLN B 2444 10.65 72.34 37.34
N ALA B 2445 9.72 73.21 37.74
CA ALA B 2445 8.78 72.85 38.79
C ALA B 2445 7.66 71.95 38.30
N GLY B 2446 7.21 72.13 37.06
CA GLY B 2446 6.06 71.40 36.56
C GLY B 2446 6.33 70.37 35.48
N LYS B 2447 7.59 70.08 35.15
CA LYS B 2447 7.92 69.11 34.12
C LYS B 2447 9.00 68.17 34.64
N GLY B 2448 8.83 66.88 34.37
CA GLY B 2448 9.78 65.86 34.76
C GLY B 2448 10.75 65.43 33.70
N GLU B 2449 10.68 66.00 32.50
CA GLU B 2449 11.56 65.64 31.39
C GLU B 2449 12.75 66.57 31.26
N ALA B 2450 12.56 67.87 31.48
CA ALA B 2450 13.65 68.83 31.37
C ALA B 2450 14.71 68.65 32.45
N LEU B 2451 14.34 68.05 33.59
CA LEU B 2451 15.33 67.80 34.64
C LEU B 2451 16.38 66.79 34.18
N ARG B 2452 15.99 65.86 33.32
CA ARG B 2452 16.95 64.91 32.75
C ARG B 2452 18.02 65.63 31.92
N ILE B 2453 17.57 66.55 31.07
CA ILE B 2453 18.50 67.32 30.24
C ILE B 2453 19.36 68.23 31.09
N ARG B 2454 18.76 68.82 32.14
CA ARG B 2454 19.53 69.66 33.05
C ARG B 2454 20.61 68.84 33.77
N ALA B 2455 20.27 67.63 34.20
CA ALA B 2455 21.25 66.76 34.84
C ALA B 2455 22.36 66.35 33.88
N ILE B 2456 22.00 66.07 32.61
CA ILE B 2456 23.00 65.73 31.61
C ILE B 2456 23.96 66.88 31.38
N LEU B 2457 23.43 68.10 31.26
CA LEU B 2457 24.27 69.27 31.06
C LEU B 2457 25.14 69.55 32.29
N ARG B 2458 24.59 69.35 33.49
CA ARG B 2458 25.36 69.54 34.71
C ARG B 2458 26.50 68.52 34.82
N SER B 2459 26.24 67.28 34.39
CA SER B 2459 27.30 66.28 34.37
C SER B 2459 28.36 66.61 33.33
N LEU B 2460 27.94 67.12 32.18
CA LEU B 2460 28.89 67.46 31.12
C LEU B 2460 29.79 68.62 31.51
N VAL B 2461 29.20 69.67 32.09
CA VAL B 2461 29.99 70.83 32.52
C VAL B 2461 30.69 70.50 33.83
N PRO B 2462 32.01 70.66 33.91
CA PRO B 2462 32.71 70.37 35.16
C PRO B 2462 32.24 71.26 36.30
N LEU B 2463 32.13 70.66 37.49
CA LEU B 2463 31.67 71.40 38.67
C LEU B 2463 32.84 72.14 39.31
N ASP B 2464 32.53 73.31 39.86
CA ASP B 2464 33.46 74.21 40.54
C ASP B 2464 34.58 74.71 39.64
N ASP B 2465 34.43 74.60 38.33
CA ASP B 2465 35.42 75.10 37.39
C ASP B 2465 35.14 76.53 36.94
N LEU B 2466 33.86 76.90 36.85
CA LEU B 2466 33.50 78.25 36.43
C LEU B 2466 33.96 79.28 37.46
N VAL B 2467 33.85 78.95 38.74
CA VAL B 2467 34.32 79.86 39.79
C VAL B 2467 35.83 80.06 39.70
N GLY B 2468 36.56 79.00 39.34
CA GLY B 2468 38.00 79.16 39.12
C GLY B 2468 38.32 80.00 37.90
N ILE B 2469 37.55 79.81 36.82
CA ILE B 2469 37.74 80.61 35.61
C ILE B 2469 37.52 82.09 35.91
N ILE B 2470 36.49 82.41 36.70
CA ILE B 2470 36.28 83.79 37.14
C ILE B 2470 37.42 84.25 38.04
N SER B 2471 37.91 83.35 38.91
CA SER B 2471 38.97 83.71 39.85
C SER B 2471 40.29 84.02 39.18
N LEU B 2472 40.53 83.47 37.98
CA LEU B 2472 41.71 83.88 37.21
C LEU B 2472 41.64 85.37 36.91
N PRO B 2473 42.71 86.14 37.19
CA PRO B 2473 42.65 87.59 37.04
C PRO B 2473 42.99 88.08 35.65
N LEU B 2474 43.05 89.40 35.48
CA LEU B 2474 43.37 90.02 34.20
C LEU B 2474 44.30 91.20 34.45
N GLN B 2475 45.01 91.60 33.39
CA GLN B 2475 45.94 92.71 33.48
C GLN B 2475 45.20 94.05 33.50
N ILE B 2476 45.89 95.08 33.97
CA ILE B 2476 45.34 96.42 34.08
C ILE B 2476 46.21 97.35 33.24
N PRO B 2477 45.64 98.12 32.32
CA PRO B 2477 46.44 99.07 31.50
C PRO B 2477 46.82 100.34 32.25
N THR B 2478 47.88 100.25 33.05
CA THR B 2478 48.36 101.37 33.83
C THR B 2478 49.84 101.60 33.56
N LEU B 2479 50.26 102.85 33.65
CA LEU B 2479 51.66 103.21 33.41
C LEU B 2479 52.51 102.95 34.66
N UNK B 2487 51.11 105.53 28.62
CA UNK B 2487 50.70 104.35 29.36
C UNK B 2487 51.01 103.07 28.57
N UNK B 2488 50.79 101.92 29.20
CA UNK B 2488 51.04 100.64 28.56
C UNK B 2488 49.74 99.93 28.24
N UNK B 2489 48.90 100.58 27.44
CA UNK B 2489 47.61 100.00 27.06
C UNK B 2489 47.69 99.36 25.68
N UNK B 2490 47.45 98.06 25.62
CA UNK B 2490 47.49 97.33 24.36
C UNK B 2490 46.53 96.14 24.38
N UNK B 2491 46.07 95.74 23.20
CA UNK B 2491 45.14 94.62 23.07
C UNK B 2491 45.88 93.29 23.27
N UNK B 2492 45.45 92.52 24.26
CA UNK B 2492 46.05 91.23 24.55
C UNK B 2492 45.23 90.10 23.95
N UNK B 2493 45.29 88.93 24.57
CA UNK B 2493 44.55 87.77 24.11
C UNK B 2493 43.64 87.23 25.21
N UNK B 2494 43.31 88.08 26.17
CA UNK B 2494 42.43 87.71 27.26
C UNK B 2494 41.41 88.81 27.52
N UNK B 2495 40.38 88.87 26.67
CA UNK B 2495 39.35 89.89 26.78
C UNK B 2495 38.44 89.62 27.98
N UNK B 2496 37.77 90.66 28.45
CA UNK B 2496 36.87 90.55 29.60
C UNK B 2496 35.43 90.32 29.14
N UNK B 2497 35.27 89.91 27.89
CA UNK B 2497 33.95 89.65 27.34
C UNK B 2497 33.60 88.17 27.44
N UNK B 2498 34.43 87.41 28.14
CA UNK B 2498 34.20 85.99 28.34
C UNK B 2498 33.97 85.69 29.82
N UNK B 2499 34.39 86.61 30.68
CA UNK B 2499 34.15 86.49 32.11
C UNK B 2499 32.67 86.72 32.38
N UNK B 2500 32.04 87.53 31.54
CA UNK B 2500 30.62 87.78 31.63
C UNK B 2500 29.86 86.66 30.91
N UNK B 2501 30.55 85.96 30.03
CA UNK B 2501 29.96 84.85 29.29
C UNK B 2501 30.06 83.55 30.10
N UNK B 2502 30.92 83.58 31.11
CA UNK B 2502 31.10 82.43 32.00
C UNK B 2502 30.18 82.53 33.20
N UNK B 2503 29.69 83.75 33.46
CA UNK B 2503 28.79 84.00 34.58
C UNK B 2503 27.34 83.73 34.16
N UNK B 2504 27.11 83.64 32.85
CA UNK B 2504 25.77 83.38 32.32
C UNK B 2504 25.41 81.91 32.50
N UNK B 2505 26.41 81.04 32.42
CA UNK B 2505 26.19 79.61 32.58
C UNK B 2505 26.19 79.21 34.05
N UNK B 2506 26.64 80.12 34.91
CA UNK B 2506 26.71 79.86 36.34
C UNK B 2506 25.43 80.34 37.02
N UNK B 2507 24.61 81.08 36.30
CA UNK B 2507 23.37 81.62 36.84
C UNK B 2507 22.15 81.04 36.13
N UNK B 2508 22.39 80.11 35.21
CA UNK B 2508 21.31 79.49 34.46
C UNK B 2508 21.44 77.97 34.47
N UNK B 2509 22.28 77.45 35.34
CA UNK B 2509 22.49 76.02 35.45
C UNK B 2509 22.81 75.62 36.89
N UNK B 2510 23.90 76.16 37.42
CA UNK B 2510 24.32 75.86 38.78
C UNK B 2510 23.61 76.75 39.79
N UNK B 2511 23.35 78.00 39.38
CA UNK B 2511 22.70 79.02 40.22
C UNK B 2511 23.43 79.23 41.54
N UNK B 2512 22.69 79.74 42.53
CA UNK B 2512 23.25 79.99 43.85
C UNK B 2512 22.14 80.13 44.88
N UNK B 2513 21.86 79.03 45.59
CA UNK B 2513 20.79 79.02 46.59
C UNK B 2513 21.35 79.09 48.00
N UNK B 2514 22.48 78.43 48.23
CA UNK B 2514 23.11 78.41 49.55
C UNK B 2514 23.71 79.77 49.88
N UNK B 2515 23.37 80.29 51.06
CA UNK B 2515 23.84 81.59 51.49
C UNK B 2515 25.32 81.55 51.87
N UNK B 2516 25.75 80.41 52.41
CA UNK B 2516 27.14 80.22 52.80
C UNK B 2516 28.04 80.10 51.57
N UNK B 2517 27.51 79.45 50.53
CA UNK B 2517 28.24 79.27 49.28
C UNK B 2517 28.21 80.55 48.47
N UNK B 2518 27.21 81.40 48.74
CA UNK B 2518 27.07 82.67 48.04
C UNK B 2518 28.16 83.64 48.47
N UNK B 2519 28.59 83.54 49.73
CA UNK B 2519 29.64 84.41 50.26
C UNK B 2519 31.02 83.87 49.89
N UNK B 2520 31.06 82.60 49.50
CA UNK B 2520 32.32 81.96 49.14
C UNK B 2520 32.59 82.07 47.63
N UNK B 2521 31.53 81.97 46.84
CA UNK B 2521 31.64 82.06 45.39
C UNK B 2521 31.69 83.51 44.92
N UNK B 2522 31.42 84.43 45.83
CA UNK B 2522 31.47 85.85 45.51
C UNK B 2522 32.90 86.31 45.32
N UNK B 2523 33.37 86.23 44.07
CA UNK B 2523 34.73 86.64 43.74
C UNK B 2523 34.72 87.56 42.53
N UNK B 2524 33.55 88.09 42.21
CA UNK B 2524 33.39 88.98 41.06
C UNK B 2524 33.92 90.38 41.36
N UNK B 2525 33.84 90.78 42.63
CA UNK B 2525 34.28 92.11 43.04
C UNK B 2525 35.72 92.10 43.55
N UNK B 2526 36.53 91.21 42.98
CA UNK B 2526 37.93 91.10 43.37
C UNK B 2526 38.85 91.43 42.20
N UNK B 2527 38.33 91.29 40.99
CA UNK B 2527 39.11 91.55 39.78
C UNK B 2527 38.36 92.46 38.82
N UNK B 2528 37.16 92.87 39.21
CA UNK B 2528 36.35 93.76 38.38
C UNK B 2528 36.05 95.07 39.10
N UNK B 2529 35.27 94.99 40.17
CA UNK B 2529 34.91 96.17 40.95
C UNK B 2529 36.09 96.63 41.78
N UNK B 2530 36.99 95.71 42.10
CA UNK B 2530 38.18 96.02 42.88
C UNK B 2530 39.29 96.59 42.00
N UNK B 2531 39.35 96.09 40.77
CA UNK B 2531 40.39 96.50 39.83
C UNK B 2531 40.01 97.77 39.08
N UNK B 2532 38.75 98.18 39.21
CA UNK B 2532 38.26 99.39 38.55
C UNK B 2532 38.77 100.64 39.26
N UNK B 2533 40.04 100.97 39.03
CA UNK B 2533 40.64 102.13 39.66
C UNK B 2533 40.99 103.18 38.62
N UNK B 2534 40.35 103.11 37.46
CA UNK B 2534 40.57 104.07 36.39
C UNK B 2534 39.93 105.40 36.73
N UNK B 2535 40.68 106.48 36.55
CA UNK B 2535 40.18 107.82 36.86
C UNK B 2535 40.19 108.71 35.62
N UNK B 2536 41.04 109.74 35.63
CA UNK B 2536 41.12 110.68 34.53
C UNK B 2536 41.91 110.10 33.37
N UNK B 2537 42.68 109.05 33.64
CA UNK B 2537 43.48 108.39 32.61
C UNK B 2537 42.73 107.20 32.03
N UNK B 2538 41.42 107.35 31.84
CA UNK B 2538 40.59 106.28 31.29
C UNK B 2538 40.16 106.63 29.87
N UNK B 2539 38.95 106.18 29.50
CA UNK B 2539 38.36 106.41 28.17
C UNK B 2539 39.26 105.89 27.05
N UNK B 2540 39.95 104.79 27.31
CA UNK B 2540 40.85 104.19 26.33
C UNK B 2540 41.03 102.70 26.63
N UNK B 2541 40.28 101.87 25.92
CA UNK B 2541 40.27 100.40 26.11
C UNK B 2541 39.94 100.01 27.54
N UNK B 2542 39.08 100.81 28.18
CA UNK B 2542 38.66 100.54 29.56
C UNK B 2542 37.16 100.27 29.59
N UNK B 2543 36.66 99.62 28.54
CA UNK B 2543 35.25 99.30 28.44
C UNK B 2543 34.96 97.90 28.98
N UNK B 2544 35.78 97.45 29.91
CA UNK B 2544 35.59 96.15 30.54
C UNK B 2544 34.59 96.27 31.69
N UNK B 2545 34.25 97.51 32.03
CA UNK B 2545 33.26 97.77 33.08
C UNK B 2545 31.85 97.65 32.51
N UNK B 2546 31.75 97.56 31.20
CA UNK B 2546 30.46 97.37 30.53
C UNK B 2546 29.95 95.96 30.80
N UNK B 2547 30.87 95.02 30.96
CA UNK B 2547 30.51 93.65 31.29
C UNK B 2547 30.18 93.54 32.77
N UNK B 2548 30.71 94.46 33.56
CA UNK B 2548 30.45 94.50 35.00
C UNK B 2548 29.05 95.04 35.26
N UNK B 2549 28.59 95.92 34.38
CA UNK B 2549 27.27 96.53 34.54
C UNK B 2549 26.25 95.86 33.60
N UNK B 2550 26.45 94.57 33.36
CA UNK B 2550 25.55 93.81 32.49
C UNK B 2550 25.60 92.32 32.82
N UNK B 2551 26.34 91.96 33.85
CA UNK B 2551 26.48 90.56 34.24
C UNK B 2551 26.93 90.41 35.70
N UNK B 2552 27.76 91.35 36.16
CA UNK B 2552 28.33 91.27 37.50
C UNK B 2552 27.48 92.02 38.52
N UNK B 2553 27.33 93.33 38.33
CA UNK B 2553 26.60 94.16 39.27
C UNK B 2553 25.08 93.98 39.14
N UNK B 2554 24.65 93.37 38.04
CA UNK B 2554 23.25 93.13 37.80
C UNK B 2554 22.87 91.69 38.16
N UNK B 2555 23.59 91.10 39.10
CA UNK B 2555 23.34 89.73 39.53
C UNK B 2555 23.86 89.48 40.93
N UNK B 2556 23.11 88.68 41.69
CA UNK B 2556 23.51 88.31 43.05
C UNK B 2556 22.89 86.96 43.44
N UNK B 2557 22.94 86.65 44.72
CA UNK B 2557 22.40 85.40 45.22
C UNK B 2557 21.55 85.62 46.46
N UNK B 2558 21.22 84.53 47.16
CA UNK B 2558 20.47 84.62 48.41
C UNK B 2558 21.33 85.32 49.47
N UNK B 2559 21.24 86.64 49.51
CA UNK B 2559 22.06 87.46 50.39
C UNK B 2559 21.70 87.24 51.86
N UNK B 2560 22.67 86.76 52.64
CA UNK B 2560 22.49 86.55 54.07
C UNK B 2560 23.83 86.62 54.79
N UNK B 2561 24.03 87.70 55.55
CA UNK B 2561 25.28 87.91 56.27
C UNK B 2561 25.30 87.11 57.56
N UNK B 2562 26.42 86.46 57.83
CA UNK B 2562 26.57 85.65 59.04
C UNK B 2562 27.23 86.46 60.15
N UNK B 2563 28.37 85.99 60.64
CA UNK B 2563 29.08 86.66 61.72
C UNK B 2563 29.86 87.87 61.19
N UNK B 2564 29.36 89.06 61.53
CA UNK B 2564 29.98 90.34 61.16
C UNK B 2564 30.17 90.49 59.65
N UNK B 2565 31.40 90.38 59.19
CA UNK B 2565 31.73 90.55 57.78
C UNK B 2565 31.85 89.21 57.07
N UNK B 2566 32.90 88.46 57.40
CA UNK B 2566 33.21 87.15 56.81
C UNK B 2566 33.32 87.22 55.28
N UNK B 2567 34.39 87.85 54.80
CA UNK B 2567 34.62 87.99 53.37
C UNK B 2567 36.11 87.84 53.05
N UNK B 2568 36.41 87.25 51.89
CA UNK B 2568 37.80 87.04 51.48
C UNK B 2568 37.92 86.90 49.96
N UNK B 2569 36.96 86.20 49.36
CA UNK B 2569 36.99 85.93 47.93
C UNK B 2569 36.68 87.19 47.11
N UNK B 2570 35.92 88.11 47.70
CA UNK B 2570 35.55 89.34 47.01
C UNK B 2570 36.52 90.47 47.32
N UNK B 2571 37.67 90.11 47.88
CA UNK B 2571 38.72 91.06 48.26
C UNK B 2571 38.20 92.16 49.19
N UNK B 2572 38.77 93.36 49.08
CA UNK B 2572 38.37 94.48 49.90
C UNK B 2572 38.74 95.81 49.22
N UNK B 2573 39.08 95.73 47.93
CA UNK B 2573 39.47 96.91 47.18
C UNK B 2573 38.28 97.54 46.45
N UNK B 2574 37.08 97.16 46.86
CA UNK B 2574 35.86 97.75 46.32
C UNK B 2574 35.37 98.85 47.26
N UNK B 2575 36.28 99.30 48.13
CA UNK B 2575 35.95 100.32 49.12
C UNK B 2575 35.77 101.68 48.48
N UNK B 2576 36.87 102.28 48.03
CA UNK B 2576 36.85 103.62 47.44
C UNK B 2576 36.01 103.69 46.17
N UNK B 2577 36.47 102.99 45.13
CA UNK B 2577 35.73 102.94 43.87
C UNK B 2577 34.46 102.12 44.04
N UNK B 2578 33.31 102.74 43.79
CA UNK B 2578 32.04 102.09 44.04
C UNK B 2578 30.91 102.57 43.13
N UNK B 2579 30.26 103.67 43.53
CA UNK B 2579 29.06 104.14 42.84
C UNK B 2579 29.40 104.96 41.59
N UNK B 2580 28.47 104.98 40.65
CA UNK B 2580 28.67 105.60 39.34
C UNK B 2580 28.83 107.13 39.40
N UNK B 2581 29.91 107.62 38.81
CA UNK B 2581 30.16 109.05 38.69
C UNK B 2581 31.14 109.36 37.56
N UNK B 2582 32.29 108.69 37.57
CA UNK B 2582 33.33 108.93 36.57
C UNK B 2582 33.03 108.20 35.27
N UNK B 2583 34.06 107.97 34.46
CA UNK B 2583 33.88 107.37 33.14
C UNK B 2583 34.14 105.87 33.13
N UNK B 2584 33.05 105.09 33.06
CA UNK B 2584 33.13 103.64 32.93
C UNK B 2584 31.83 103.09 32.35
N UNK B 2585 31.74 101.76 32.28
CA UNK B 2585 30.57 101.04 31.76
C UNK B 2585 30.17 101.49 30.36
N UNK B 2586 29.28 102.47 30.28
CA UNK B 2586 28.81 102.98 29.00
C UNK B 2586 28.52 104.48 29.08
N UNK B 2587 27.56 104.94 28.28
CA UNK B 2587 27.20 106.35 28.25
C UNK B 2587 26.30 106.70 29.43
N UNK B 2588 24.99 106.71 29.20
CA UNK B 2588 24.04 107.08 30.23
C UNK B 2588 22.91 106.06 30.35
N UNK B 2589 22.72 105.26 29.31
CA UNK B 2589 21.62 104.29 29.26
C UNK B 2589 21.75 103.21 30.33
N UNK B 2590 20.62 102.72 30.81
CA UNK B 2590 20.58 101.72 31.88
C UNK B 2590 20.92 100.33 31.36
N UNK B 2591 21.05 99.39 32.27
CA UNK B 2591 21.37 98.01 31.92
C UNK B 2591 20.11 97.23 31.55
N UNK B 2592 20.25 96.31 30.61
CA UNK B 2592 19.12 95.51 30.15
C UNK B 2592 19.15 94.11 30.77
N UNK B 2593 20.22 93.82 31.51
CA UNK B 2593 20.35 92.54 32.17
C UNK B 2593 19.39 92.43 33.34
N UNK B 2594 19.49 93.38 34.26
CA UNK B 2594 18.61 93.43 35.42
C UNK B 2594 18.54 94.85 35.99
N UNK B 2595 17.42 95.19 36.60
CA UNK B 2595 17.23 96.51 37.18
C UNK B 2595 18.10 96.67 38.42
N UNK B 2596 18.29 95.57 39.14
CA UNK B 2596 19.13 95.56 40.33
C UNK B 2596 19.87 94.23 40.45
N UNK B 2597 19.91 93.69 41.67
CA UNK B 2597 20.56 92.41 41.91
C UNK B 2597 19.60 91.46 42.62
N UNK B 2598 19.56 90.22 42.17
CA UNK B 2598 18.70 89.20 42.78
C UNK B 2598 19.21 88.83 44.16
N UNK B 2599 18.90 89.65 45.16
CA UNK B 2599 19.39 89.44 46.51
C UNK B 2599 18.36 89.86 47.55
N UNK B 2600 18.10 88.96 48.50
CA UNK B 2600 17.21 89.25 49.62
C UNK B 2600 17.93 90.15 50.62
N UNK B 2601 17.59 91.43 50.61
CA UNK B 2601 18.25 92.41 51.46
C UNK B 2601 17.70 92.39 52.88
N UNK B 2602 16.66 91.59 53.11
CA UNK B 2602 16.05 91.48 54.42
C UNK B 2602 16.87 90.58 55.34
N UNK B 2603 17.63 89.67 54.76
CA UNK B 2603 18.45 88.73 55.52
C UNK B 2603 19.84 89.28 55.75
N UNK B 2604 20.55 89.62 54.67
CA UNK B 2604 21.88 90.21 54.77
C UNK B 2604 21.77 91.62 55.32
N UNK B 2605 22.53 91.91 56.37
CA UNK B 2605 22.46 93.19 57.04
C UNK B 2605 23.71 93.47 57.87
N UNK B 2606 24.48 94.49 57.47
CA UNK B 2606 25.68 94.87 58.18
C UNK B 2606 25.78 96.40 58.26
N UNK B 2607 26.89 96.93 57.76
CA UNK B 2607 27.14 98.37 57.65
C UNK B 2607 27.09 99.11 58.99
N UNK B 2608 28.27 99.32 59.58
CA UNK B 2608 28.39 100.07 60.83
C UNK B 2608 29.72 100.79 60.89
N UNK B 2609 29.74 101.96 61.52
CA UNK B 2609 30.97 102.75 61.62
C UNK B 2609 30.93 103.75 62.77
N UNK B 2610 32.01 104.52 62.89
CA UNK B 2610 32.13 105.54 63.93
C UNK B 2610 33.19 106.57 63.53
N UNK B 2611 33.13 107.75 64.17
CA UNK B 2611 34.07 108.84 63.94
C UNK B 2611 34.16 109.27 62.47
N UNK B 2612 35.31 109.79 62.09
CA UNK B 2612 35.53 110.24 60.71
C UNK B 2612 36.96 109.95 60.26
N UNK B 2613 37.08 109.42 59.03
CA UNK B 2613 38.38 109.06 58.49
C UNK B 2613 38.62 109.76 57.15
N UNK B 2614 39.90 110.02 56.85
CA UNK B 2614 40.34 110.67 55.62
C UNK B 2614 39.64 112.01 55.38
N UNK B 2615 38.79 112.06 54.35
CA UNK B 2615 38.07 113.28 54.02
C UNK B 2615 36.57 113.04 54.07
N UNK B 2616 35.82 113.83 53.29
CA UNK B 2616 34.38 113.71 53.22
C UNK B 2616 33.97 112.49 52.41
N UNK B 2617 33.20 111.59 53.02
CA UNK B 2617 32.70 110.40 52.35
C UNK B 2617 31.69 110.80 51.28
N UNK B 2618 30.64 111.51 51.69
CA UNK B 2618 29.66 112.04 50.76
C UNK B 2618 30.19 113.33 50.14
N UNK B 2619 29.53 113.81 49.10
CA UNK B 2619 29.95 115.02 48.39
C UNK B 2619 29.79 116.25 49.27
N UNK B 2620 30.72 117.19 49.17
CA UNK B 2620 30.69 118.40 49.96
C UNK B 2620 29.60 119.36 49.48
N UNK B 2621 29.12 119.12 48.25
CA UNK B 2621 28.05 119.93 47.68
C UNK B 2621 26.73 119.67 48.38
N UNK B 2622 26.09 120.75 48.82
CA UNK B 2622 24.80 120.65 49.51
C UNK B 2622 23.65 120.59 48.52
N UNK B 2623 23.96 120.83 47.24
CA UNK B 2623 22.95 120.83 46.19
C UNK B 2623 22.47 119.42 45.88
N UNK B 2624 21.26 119.31 45.37
CA UNK B 2624 20.68 118.01 45.01
C UNK B 2624 19.68 118.18 43.86
N UNK B 2625 20.13 117.94 42.64
CA UNK B 2625 19.29 118.10 41.47
C UNK B 2625 18.30 116.94 41.32
N UNK B 2626 18.62 116.00 40.43
CA UNK B 2626 17.74 114.87 40.17
C UNK B 2626 18.50 113.59 39.80
N UNK B 2627 18.35 112.56 40.64
CA UNK B 2627 18.97 111.26 40.41
C UNK B 2627 17.96 110.14 40.66
N UNK B 2628 18.42 108.90 40.66
CA UNK B 2628 17.54 107.77 40.94
C UNK B 2628 18.34 106.55 41.40
N UNK B 2629 17.79 105.85 42.40
CA UNK B 2629 18.43 104.66 42.95
C UNK B 2629 18.02 103.40 42.20
N UNK B 2630 18.97 102.50 42.00
CA UNK B 2630 18.70 101.25 41.30
C UNK B 2630 19.38 100.07 42.01
N UNK B 2631 20.70 100.02 41.94
CA UNK B 2631 21.45 98.93 42.56
C UNK B 2631 21.46 99.10 44.09
N UNK B 2632 21.24 100.32 44.55
CA UNK B 2632 21.25 100.61 45.98
C UNK B 2632 19.91 100.31 46.65
N UNK B 2633 19.04 99.61 45.94
CA UNK B 2633 17.78 99.14 46.51
C UNK B 2633 18.05 97.89 47.33
N UNK B 2634 19.20 97.27 47.11
CA UNK B 2634 19.62 96.11 47.87
C UNK B 2634 20.41 96.55 49.09
N UNK B 2635 20.55 97.86 49.26
CA UNK B 2635 21.26 98.42 50.40
C UNK B 2635 20.32 98.58 51.59
N UNK B 2636 19.05 98.26 51.38
CA UNK B 2636 18.07 98.28 52.47
C UNK B 2636 18.37 97.16 53.45
N UNK B 2637 19.32 97.42 54.36
CA UNK B 2637 19.80 96.40 55.27
C UNK B 2637 20.18 96.97 56.63
N UNK B 2638 20.59 98.23 56.64
CA UNK B 2638 21.03 98.91 57.86
C UNK B 2638 19.88 99.01 58.87
N UNK B 2639 20.22 99.09 60.14
CA UNK B 2639 19.23 99.05 61.22
C UNK B 2639 18.47 100.37 61.36
N UNK B 2640 18.42 100.87 62.59
CA UNK B 2640 17.65 102.07 62.88
C UNK B 2640 18.18 102.77 64.13
N UNK B 2641 17.39 103.68 64.69
CA UNK B 2641 17.80 104.44 65.85
C UNK B 2641 16.63 104.96 66.68
N UNK B 2642 15.50 104.25 66.61
CA UNK B 2642 14.32 104.61 67.40
C UNK B 2642 13.50 103.36 67.72
N UNK B 2643 12.50 103.52 68.58
CA UNK B 2643 11.72 102.41 69.16
C UNK B 2643 11.18 101.39 68.17
N UNK B 2644 11.67 100.15 68.29
CA UNK B 2644 11.29 99.06 67.41
C UNK B 2644 11.71 97.71 68.01
N UNK B 2645 11.66 96.62 67.23
CA UNK B 2645 12.04 95.28 67.69
C UNK B 2645 12.13 94.25 66.56
N UNK B 2646 13.35 93.75 66.29
CA UNK B 2646 13.55 92.65 65.35
C UNK B 2646 14.92 91.99 65.52
N UNK B 2647 15.50 91.51 64.42
CA UNK B 2647 16.73 90.72 64.46
C UNK B 2647 17.98 91.54 64.19
N UNK B 2648 19.05 90.84 63.78
CA UNK B 2648 20.36 91.45 63.58
C UNK B 2648 20.42 92.35 62.35
N UNK B 2649 21.18 93.44 62.46
CA UNK B 2649 21.34 94.38 61.36
C UNK B 2649 22.63 95.18 61.48
N UNK B 2650 22.51 96.46 61.84
CA UNK B 2650 23.67 97.35 61.89
C UNK B 2650 24.10 97.64 63.33
N UNK B 2651 25.06 98.55 63.47
CA UNK B 2651 25.57 98.93 64.78
C UNK B 2651 26.12 100.35 64.76
N UNK B 2652 25.59 101.18 63.86
CA UNK B 2652 26.00 102.58 63.78
C UNK B 2652 25.41 103.38 64.93
N UNK B 2653 24.07 103.36 65.01
CA UNK B 2653 23.30 103.99 66.09
C UNK B 2653 23.54 105.49 66.25
N UNK B 2654 22.96 106.05 67.30
CA UNK B 2654 23.11 107.47 67.61
C UNK B 2654 23.97 107.64 68.86
N UNK B 2655 24.69 106.59 69.21
CA UNK B 2655 25.55 106.61 70.39
C UNK B 2655 26.87 107.30 70.09
N UNK B 2656 27.16 107.50 68.81
CA UNK B 2656 28.36 108.20 68.39
C UNK B 2656 28.22 109.71 68.65
N UNK B 2657 29.29 110.46 68.47
CA UNK B 2657 29.28 111.90 68.70
C UNK B 2657 30.45 112.59 68.03
N UNK B 2658 30.24 113.87 67.67
CA UNK B 2658 31.28 114.75 67.13
C UNK B 2658 31.94 114.21 65.86
N UNK B 2659 31.40 114.56 64.70
CA UNK B 2659 31.95 114.08 63.44
C UNK B 2659 31.67 115.05 62.29
N UNK B 2660 31.65 116.34 62.62
CA UNK B 2660 31.48 117.43 61.66
C UNK B 2660 30.22 117.29 60.81
N UNK B 2661 30.40 116.95 59.53
CA UNK B 2661 29.28 116.79 58.61
C UNK B 2661 29.71 115.95 57.41
N UNK B 2662 30.91 116.26 56.91
CA UNK B 2662 31.53 115.56 55.77
C UNK B 2662 30.64 115.54 54.53
N UNK B 2663 29.82 116.57 54.36
CA UNK B 2663 28.83 116.63 53.30
C UNK B 2663 28.21 118.02 53.21
N UNK B 2664 28.30 118.77 54.32
CA UNK B 2664 27.61 120.04 54.50
C UNK B 2664 26.12 119.87 54.23
N UNK B 2665 25.50 118.93 54.94
CA UNK B 2665 24.09 118.63 54.77
C UNK B 2665 23.29 119.00 56.02
N UNK B 2666 23.27 120.29 56.34
CA UNK B 2666 22.68 120.81 57.58
C UNK B 2666 21.17 120.59 57.68
N UNK B 2667 20.40 121.63 57.36
CA UNK B 2667 18.96 121.55 57.46
C UNK B 2667 18.27 122.53 56.51
N UNK B 2668 16.96 122.33 56.36
CA UNK B 2668 16.14 123.13 55.45
C UNK B 2668 16.06 124.58 55.92
N UNK B 2669 16.74 125.47 55.20
CA UNK B 2669 16.74 126.88 55.58
C UNK B 2669 17.06 127.81 54.41
N UNK B 2670 16.72 127.39 53.19
CA UNK B 2670 17.06 128.17 52.01
C UNK B 2670 16.01 128.10 50.91
N UNK B 2671 16.39 128.65 49.76
CA UNK B 2671 15.58 128.63 48.54
C UNK B 2671 16.49 128.92 47.36
N UNK B 2672 16.72 127.93 46.52
CA UNK B 2672 17.71 128.04 45.45
C UNK B 2672 17.26 128.95 44.29
N UNK B 2673 17.72 128.62 43.08
CA UNK B 2673 17.43 129.43 41.91
C UNK B 2673 16.08 129.06 41.29
N UNK B 2674 15.06 128.97 42.13
CA UNK B 2674 13.69 128.60 41.74
C UNK B 2674 13.67 127.29 40.95
N UNK B 2675 13.99 126.20 41.64
CA UNK B 2675 14.06 124.88 41.00
C UNK B 2675 12.68 124.25 40.83
N UNK B 2676 11.80 124.94 40.14
CA UNK B 2676 10.45 124.44 39.89
C UNK B 2676 10.45 123.48 38.69
N UNK B 2677 11.59 123.40 38.01
CA UNK B 2677 11.76 122.50 36.88
C UNK B 2677 11.75 121.05 37.36
N UNK B 2678 12.27 120.83 38.56
CA UNK B 2678 12.26 119.51 39.17
C UNK B 2678 11.01 119.36 40.04
N UNK B 2679 9.98 118.72 39.48
CA UNK B 2679 8.71 118.58 40.18
C UNK B 2679 8.02 117.25 39.88
N UNK B 2680 8.30 116.25 40.72
CA UNK B 2680 7.63 114.96 40.66
C UNK B 2680 7.68 114.34 42.05
N UNK B 2681 6.91 113.28 42.29
CA UNK B 2681 6.77 112.70 43.62
C UNK B 2681 8.08 112.17 44.21
N UNK B 2682 8.10 111.97 45.53
CA UNK B 2682 9.29 111.54 46.24
C UNK B 2682 9.12 110.18 46.89
N UNK B 2683 10.13 109.73 47.61
CA UNK B 2683 10.10 108.47 48.33
C UNK B 2683 9.52 108.65 49.72
N UNK B 2684 8.45 107.92 50.01
CA UNK B 2684 7.76 108.05 51.29
C UNK B 2684 8.45 107.26 52.40
N UNK B 2685 8.70 107.93 53.52
CA UNK B 2685 9.36 107.32 54.67
C UNK B 2685 9.13 108.16 55.92
N UNK B 2686 10.21 108.39 56.67
CA UNK B 2686 10.15 109.21 57.88
C UNK B 2686 11.52 109.79 58.18
N UNK B 2687 11.90 109.77 59.46
CA UNK B 2687 13.22 110.24 59.88
C UNK B 2687 13.55 109.64 61.24
N UNK B 2688 14.66 110.10 61.84
CA UNK B 2688 15.00 109.67 63.18
C UNK B 2688 14.07 110.37 64.16
N UNK B 2689 13.88 109.76 65.34
CA UNK B 2689 12.91 110.27 66.30
C UNK B 2689 13.52 111.22 67.33
N UNK B 2690 13.13 112.49 67.26
CA UNK B 2690 13.62 113.50 68.20
C UNK B 2690 12.83 113.48 69.50
N UNK B 2691 13.36 114.15 70.51
CA UNK B 2691 12.71 114.21 71.81
C UNK B 2691 13.14 115.48 72.56
N UNK B 2692 13.49 115.32 73.83
CA UNK B 2692 13.95 116.43 74.65
C UNK B 2692 15.34 116.16 75.20
N UNK B 2693 16.16 115.48 74.42
CA UNK B 2693 17.50 115.12 74.84
C UNK B 2693 18.54 116.12 74.35
N UNK B 2694 19.44 116.51 75.26
CA UNK B 2694 20.55 117.40 74.94
C UNK B 2694 21.62 117.32 76.03
N UNK B 2695 22.83 117.77 75.71
CA UNK B 2695 23.92 117.76 76.67
C UNK B 2695 24.80 118.99 76.50
N UNK B 2696 25.92 119.03 77.23
CA UNK B 2696 26.91 120.11 77.18
C UNK B 2696 26.33 121.48 77.53
N UNK B 2697 26.50 121.89 78.78
CA UNK B 2697 25.96 123.15 79.26
C UNK B 2697 27.05 124.14 79.70
N UNK B 2698 28.29 123.65 79.76
CA UNK B 2698 29.39 124.47 80.25
C UNK B 2698 30.15 125.15 79.12
N UNK B 2699 30.68 126.34 79.41
CA UNK B 2699 31.50 127.07 78.46
C UNK B 2699 32.97 126.70 78.65
N UNK B 2700 33.34 126.49 79.91
CA UNK B 2700 34.69 126.06 80.25
C UNK B 2700 34.63 124.91 81.27
N UNK B 2701 35.74 124.22 81.45
CA UNK B 2701 35.79 123.09 82.37
C UNK B 2701 37.04 123.13 83.24
N UNK B 2702 38.20 123.12 82.59
CA UNK B 2702 39.48 123.15 83.30
C UNK B 2702 40.07 124.54 83.30
N UNK B 2703 39.50 125.43 84.11
CA UNK B 2703 39.98 126.80 84.21
C UNK B 2703 39.68 127.37 85.59
N ASN B 2734 25.57 102.50 35.86
CA ASN B 2734 25.14 103.44 34.82
C ASN B 2734 23.63 103.40 34.64
N PHE B 2735 22.92 103.98 35.61
CA PHE B 2735 21.46 103.98 35.62
C PHE B 2735 20.92 105.40 35.53
N ASP B 2736 19.78 105.54 34.84
CA ASP B 2736 19.22 106.85 34.53
C ASP B 2736 18.62 107.53 35.77
N PRO B 2737 18.56 108.87 35.79
CA PRO B 2737 17.98 109.58 36.93
C PRO B 2737 16.48 109.76 36.84
N ARG B 2738 15.88 110.34 37.88
CA ARG B 2738 14.47 110.68 37.92
C ARG B 2738 14.29 112.04 38.57
N PRO B 2739 13.24 112.77 38.22
CA PRO B 2739 13.00 114.08 38.88
C PRO B 2739 12.18 113.95 40.16
N VAL B 2740 12.49 114.81 41.12
CA VAL B 2740 11.83 114.85 42.43
C VAL B 2740 11.48 116.31 42.69
N GLU B 2741 10.48 116.52 43.57
CA GLU B 2741 9.99 117.88 43.81
C GLU B 2741 11.07 118.69 44.53
N THR B 2742 11.00 120.01 44.40
CA THR B 2742 11.91 120.89 45.13
C THR B 2742 11.20 121.93 45.97
N LEU B 2743 10.25 122.67 45.40
CA LEU B 2743 9.74 123.91 45.98
C LEU B 2743 8.30 123.80 46.46
N ASN B 2744 7.95 122.68 47.09
CA ASN B 2744 6.61 122.56 47.66
C ASN B 2744 6.40 123.54 48.82
N VAL B 2745 7.43 123.75 49.64
CA VAL B 2745 7.35 124.61 50.82
C VAL B 2745 8.41 125.70 50.71
N ILE B 2746 8.02 126.93 50.99
CA ILE B 2746 8.92 128.08 51.05
C ILE B 2746 9.07 128.49 52.50
N ILE B 2747 10.27 128.93 52.88
CA ILE B 2747 10.60 129.21 54.26
C ILE B 2747 10.30 130.69 54.55
N PRO B 2748 9.37 131.00 55.46
CA PRO B 2748 9.21 132.38 55.93
C PRO B 2748 10.16 132.69 57.06
N GLU B 2749 10.02 133.84 57.71
CA GLU B 2749 10.92 134.16 58.82
C GLU B 2749 10.37 133.60 60.13
N LYS B 2750 10.04 132.31 60.10
CA LYS B 2750 9.74 131.53 61.29
C LYS B 2750 10.98 130.86 61.84
N LEU B 2751 11.81 130.33 60.94
CA LEU B 2751 13.05 129.64 61.31
C LEU B 2751 14.11 130.72 61.56
N ASP B 2752 14.06 131.30 62.75
CA ASP B 2752 15.04 132.26 63.22
C ASP B 2752 15.66 131.85 64.55
N SER B 2753 14.88 131.25 65.44
CA SER B 2753 15.46 130.69 66.66
C SER B 2753 16.37 129.51 66.34
N PHE B 2754 16.11 128.81 65.24
CA PHE B 2754 17.02 127.76 64.79
C PHE B 2754 18.37 128.36 64.40
N ILE B 2755 18.34 129.49 63.69
CA ILE B 2755 19.56 130.20 63.33
C ILE B 2755 20.29 130.70 64.57
N ASN B 2756 19.53 131.25 65.52
CA ASN B 2756 20.14 131.66 66.80
C ASN B 2756 20.72 130.46 67.55
N LYS B 2757 20.12 129.27 67.39
CA LYS B 2757 20.64 128.09 68.04
C LYS B 2757 21.98 127.68 67.42
N PHE B 2758 22.15 127.87 66.10
CA PHE B 2758 23.46 127.62 65.49
C PHE B 2758 24.57 128.42 66.19
N ALA B 2759 24.28 129.65 66.62
CA ALA B 2759 25.28 130.45 67.31
C ALA B 2759 25.32 130.18 68.81
N GLU B 2760 24.22 129.72 69.40
CA GLU B 2760 24.12 129.56 70.85
C GLU B 2760 24.60 128.18 71.32
N TYR B 2761 24.07 127.11 70.74
CA TYR B 2761 24.25 125.76 71.26
C TYR B 2761 25.06 124.85 70.35
N THR B 2762 25.00 125.05 69.03
CA THR B 2762 25.70 124.16 68.11
C THR B 2762 27.21 124.37 68.16
N HIS B 2763 27.66 125.61 68.38
CA HIS B 2763 29.07 125.94 68.29
C HIS B 2763 29.91 125.27 69.38
N GLU B 2764 29.31 124.93 70.52
CA GLU B 2764 30.05 124.37 71.64
C GLU B 2764 30.27 122.87 71.53
N LYS B 2765 29.70 122.22 70.50
CA LYS B 2765 29.87 120.78 70.36
C LYS B 2765 31.24 120.39 69.82
N TRP B 2766 31.95 121.33 69.20
CA TRP B 2766 33.31 121.08 68.72
C TRP B 2766 34.37 121.47 69.74
N ALA B 2767 33.97 121.91 70.94
CA ALA B 2767 34.91 122.37 71.95
C ALA B 2767 35.03 121.45 73.15
N PHE B 2768 34.05 120.57 73.38
CA PHE B 2768 34.08 119.71 74.55
C PHE B 2768 34.82 118.40 74.32
N ASP B 2769 35.28 118.14 73.08
CA ASP B 2769 36.09 116.96 72.82
C ASP B 2769 37.47 117.07 73.48
N LYS B 2770 37.99 118.30 73.60
CA LYS B 2770 39.30 118.51 74.19
C LYS B 2770 39.32 118.17 75.68
N ILE B 2771 38.16 118.27 76.35
CA ILE B 2771 38.08 117.91 77.76
C ILE B 2771 38.35 116.42 77.96
N GLN B 2772 37.74 115.58 77.11
CA GLN B 2772 37.99 114.15 77.21
C GLN B 2772 39.36 113.78 76.67
N ASN B 2773 39.81 114.47 75.61
CA ASN B 2773 41.09 114.12 74.99
C ASN B 2773 42.29 114.57 75.83
N ASN B 2774 42.11 115.56 76.70
CA ASN B 2774 43.15 116.07 77.59
C ASN B 2774 44.37 116.56 76.79
N TRP B 2775 44.09 117.51 75.89
CA TRP B 2775 45.10 118.15 75.07
C TRP B 2775 45.04 119.65 75.26
N SER B 2776 46.19 120.31 75.10
CA SER B 2776 46.27 121.75 75.28
C SER B 2776 45.62 122.48 74.12
N TYR B 2777 45.23 123.72 74.38
CA TYR B 2777 44.63 124.56 73.35
C TYR B 2777 45.68 125.05 72.35
N GLY B 2778 45.21 125.36 71.15
CA GLY B 2778 46.07 125.84 70.08
C GLY B 2778 45.79 127.30 69.76
N GLU B 2779 46.85 128.08 69.68
CA GLU B 2779 46.77 129.50 69.37
C GLU B 2779 47.12 129.84 67.93
N ASN B 2780 48.14 129.19 67.37
CA ASN B 2780 48.57 129.48 66.01
C ASN B 2780 47.53 129.03 65.00
N VAL B 2781 47.46 129.74 63.88
CA VAL B 2781 46.48 129.43 62.82
C VAL B 2781 47.14 128.40 61.91
N ASP B 2782 47.07 127.14 62.33
CA ASP B 2782 47.64 126.01 61.58
C ASP B 2782 46.64 124.87 61.63
N GLU B 2783 45.75 124.81 60.64
CA GLU B 2783 44.77 123.74 60.59
C GLU B 2783 45.40 122.39 60.20
N GLU B 2784 46.57 122.41 59.58
CA GLU B 2784 47.22 121.19 59.13
C GLU B 2784 48.19 120.62 60.16
N LEU B 2785 48.73 121.45 61.05
CA LEU B 2785 49.74 121.00 62.00
C LEU B 2785 49.13 120.54 63.31
N LYS B 2786 48.12 119.66 63.22
CA LYS B 2786 47.49 119.00 64.37
C LYS B 2786 46.98 120.00 65.40
N THR B 2787 46.46 121.13 64.93
CA THR B 2787 45.98 122.19 65.80
C THR B 2787 44.60 122.62 65.33
N HIS B 2788 43.65 122.68 66.27
CA HIS B 2788 42.32 123.19 65.95
C HIS B 2788 42.41 124.67 65.61
N PRO B 2789 41.86 125.11 64.48
CA PRO B 2789 42.04 126.49 64.03
C PRO B 2789 41.05 127.46 64.65
N MET B 2790 40.42 127.08 65.78
CA MET B 2790 39.32 127.81 66.42
C MET B 2790 39.52 129.31 66.54
N LEU B 2791 40.78 129.76 66.66
CA LEU B 2791 41.10 131.17 66.59
C LEU B 2791 41.09 131.59 65.13
N ARG B 2792 39.92 131.99 64.65
CA ARG B 2792 39.71 132.37 63.26
C ARG B 2792 39.44 133.86 63.16
N PRO B 2793 39.54 134.46 61.96
CA PRO B 2793 38.91 135.76 61.74
C PRO B 2793 37.41 135.67 61.99
N TYR B 2794 36.86 136.72 62.59
CA TYR B 2794 35.51 136.67 63.14
C TYR B 2794 34.43 136.88 62.08
N LYS B 2795 34.79 136.93 60.80
CA LYS B 2795 33.84 137.10 59.71
C LYS B 2795 33.55 135.78 58.99
N THR B 2796 33.54 134.67 59.72
CA THR B 2796 33.26 133.36 59.12
C THR B 2796 31.76 133.03 59.11
N PHE B 2797 30.97 133.99 58.62
CA PHE B 2797 29.53 133.86 58.50
C PHE B 2797 29.12 133.98 57.03
N SER B 2798 28.02 133.32 56.68
CA SER B 2798 27.54 133.32 55.31
C SER B 2798 26.04 133.54 55.29
N GLU B 2799 25.58 134.38 54.36
CA GLU B 2799 24.17 134.66 54.15
C GLU B 2799 23.66 134.17 52.81
N LYS B 2800 24.41 134.41 51.73
CA LYS B 2800 24.01 133.88 50.43
C LYS B 2800 24.09 132.35 50.41
N ASP B 2801 25.10 131.78 51.07
CA ASP B 2801 25.18 130.33 51.20
C ASP B 2801 23.98 129.78 51.96
N LYS B 2802 23.55 130.49 53.02
CA LYS B 2802 22.39 130.05 53.78
C LYS B 2802 21.07 130.31 53.06
N GLU B 2803 21.06 131.15 52.02
CA GLU B 2803 19.82 131.45 51.32
C GLU B 2803 19.66 130.73 49.99
N ILE B 2804 20.75 130.35 49.31
CA ILE B 2804 20.64 129.66 48.03
C ILE B 2804 21.26 128.27 48.06
N TYR B 2805 22.13 127.96 49.03
CA TYR B 2805 22.83 126.68 49.04
C TYR B 2805 22.66 125.95 50.37
N ARG B 2806 21.54 126.17 51.06
CA ARG B 2806 21.34 125.57 52.38
C ARG B 2806 20.08 124.72 52.35
N TRP B 2807 19.95 123.86 51.34
CA TRP B 2807 18.77 123.01 51.18
C TRP B 2807 19.18 121.55 51.05
N PRO B 2808 19.56 120.90 52.17
CA PRO B 2808 19.82 119.46 52.13
C PRO B 2808 18.60 118.60 52.45
N ILE B 2809 17.54 119.18 53.01
CA ILE B 2809 16.28 118.47 53.18
C ILE B 2809 15.08 119.28 52.69
N LYS B 2810 15.24 120.58 52.41
CA LYS B 2810 14.15 121.39 51.87
C LYS B 2810 13.67 120.86 50.53
N GLU B 2811 14.56 120.20 49.78
CA GLU B 2811 14.22 119.69 48.46
C GLU B 2811 13.06 118.71 48.53
N SER B 2812 13.11 117.76 49.46
CA SER B 2812 12.06 116.76 49.61
C SER B 2812 11.96 116.34 51.07
N LEU B 2813 10.95 116.88 51.76
CA LEU B 2813 10.57 116.42 53.08
C LEU B 2813 9.23 115.71 53.05
N LYS B 2814 8.62 115.54 51.88
CA LYS B 2814 7.30 114.95 51.73
C LYS B 2814 7.44 113.43 51.70
N ALA B 2815 7.76 112.88 52.86
CA ALA B 2815 8.00 111.45 52.99
C ALA B 2815 7.04 110.83 54.00
N SER B 2868 21.79 98.14 71.71
CA SER B 2868 20.56 97.37 71.75
C SER B 2868 20.27 96.75 70.40
N ARG B 2869 19.54 95.64 70.39
CA ARG B 2869 19.19 94.94 69.17
C ARG B 2869 17.69 94.90 68.90
N GLU B 2870 16.88 94.64 69.92
CA GLU B 2870 15.43 94.65 69.80
C GLU B 2870 14.81 95.98 70.22
N LEU B 2871 15.50 97.08 69.93
CA LEU B 2871 15.02 98.41 70.28
C LEU B 2871 15.07 99.41 69.12
N GLN B 2872 15.96 99.22 68.14
CA GLN B 2872 16.21 100.15 67.05
C GLN B 2872 16.21 99.42 65.71
N ALA B 2873 15.15 98.67 65.42
CA ALA B 2873 15.14 97.77 64.27
C ALA B 2873 14.46 98.35 63.03
N MET B 2874 13.14 98.65 63.07
CA MET B 2874 12.50 99.16 61.85
C MET B 2874 12.21 100.66 61.84
N ALA B 2875 12.28 101.34 63.00
CA ALA B 2875 11.77 102.71 63.10
C ALA B 2875 12.48 103.68 62.17
N GLU B 2876 13.75 103.45 61.87
CA GLU B 2876 14.49 104.22 60.88
C GLU B 2876 14.90 103.36 59.69
N GLN B 2877 14.76 102.04 59.78
CA GLN B 2877 14.79 101.19 58.59
C GLN B 2877 13.75 101.63 57.58
N LEU B 2878 12.59 102.07 58.06
CA LEU B 2878 11.60 102.69 57.18
C LEU B 2878 12.16 103.92 56.50
N ALA B 2879 12.97 104.71 57.22
CA ALA B 2879 13.62 105.89 56.66
C ALA B 2879 14.98 105.59 56.03
N GLU B 2880 15.48 104.35 56.14
CA GLU B 2880 16.78 104.00 55.56
C GLU B 2880 16.77 104.17 54.04
N ASN B 2881 15.70 103.74 53.38
CA ASN B 2881 15.62 103.92 51.93
C ASN B 2881 15.61 105.39 51.54
N TYR B 2882 14.98 106.23 52.36
CA TYR B 2882 14.94 107.68 52.09
C TYR B 2882 16.36 108.25 52.09
N HIS B 2883 17.15 107.89 53.11
CA HIS B 2883 18.51 108.42 53.22
C HIS B 2883 19.47 107.81 52.20
N ASN B 2884 19.29 106.55 51.82
CA ASN B 2884 20.07 106.00 50.71
C ASN B 2884 19.72 106.73 49.42
N THR B 2885 18.43 106.98 49.22
CA THR B 2885 17.99 107.74 48.05
C THR B 2885 18.59 109.13 48.05
N TRP B 2886 18.65 109.81 49.20
CA TRP B 2886 19.27 111.13 49.23
C TRP B 2886 20.78 111.08 49.06
N GLY B 2887 21.41 109.99 49.50
CA GLY B 2887 22.81 109.78 49.17
C GLY B 2887 23.03 109.70 47.68
N ARG B 2888 22.07 109.12 46.96
CA ARG B 2888 22.14 109.14 45.50
C ARG B 2888 21.76 110.52 44.94
N LYS B 2889 20.84 111.25 45.59
CA LYS B 2889 20.49 112.62 45.19
C LYS B 2889 21.62 113.62 45.43
N LYS B 2890 22.64 113.27 46.20
CA LYS B 2890 23.72 114.22 46.47
C LYS B 2890 24.97 113.92 45.63
N LYS B 2891 24.78 113.45 44.39
CA LYS B 2891 25.93 113.19 43.52
C LYS B 2891 25.72 113.56 42.05
N GLN B 2892 24.47 113.70 41.56
CA GLN B 2892 24.25 113.99 40.15
C GLN B 2892 24.69 115.39 39.76
N GLU B 2893 24.90 116.29 40.73
CA GLU B 2893 25.40 117.62 40.42
C GLU B 2893 26.83 117.59 39.89
N LEU B 2894 27.58 116.52 40.15
CA LEU B 2894 28.89 116.31 39.54
C LEU B 2894 28.99 115.00 38.77
N GLU B 2895 27.95 114.16 38.79
CA GLU B 2895 27.93 112.94 38.00
C GLU B 2895 27.45 113.25 36.59
N ALA B 2896 28.29 112.94 35.59
CA ALA B 2896 27.92 113.13 34.20
C ALA B 2896 28.30 111.97 33.29
N LYS B 2897 29.08 111.00 33.78
CA LYS B 2897 29.51 109.88 32.95
C LYS B 2897 29.07 108.53 33.47
N GLY B 2898 29.14 108.30 34.78
CA GLY B 2898 28.59 107.09 35.38
C GLY B 2898 29.54 105.93 35.56
N GLY B 2899 30.64 106.15 36.26
CA GLY B 2899 31.58 105.10 36.58
C GLY B 2899 31.91 105.07 38.05
N GLY B 2900 32.23 103.88 38.54
CA GLY B 2900 32.45 103.68 39.96
C GLY B 2900 33.74 104.27 40.49
N THR B 2901 33.64 105.37 41.24
CA THR B 2901 34.82 105.98 41.87
C THR B 2901 34.59 106.43 43.31
N HIS B 2902 33.37 106.79 43.71
CA HIS B 2902 33.13 107.30 45.06
C HIS B 2902 32.44 106.25 45.93
N PRO B 2903 32.78 106.18 47.23
CA PRO B 2903 32.32 105.06 48.09
C PRO B 2903 30.94 105.18 48.71
N LEU B 2904 29.90 104.86 47.93
CA LEU B 2904 28.57 104.66 48.52
C LEU B 2904 27.83 103.49 47.89
N LEU B 2905 28.52 102.63 47.13
CA LEU B 2905 27.92 101.42 46.56
C LEU B 2905 28.66 100.22 47.16
N VAL B 2906 27.98 99.48 48.01
CA VAL B 2906 28.61 98.39 48.76
C VAL B 2906 28.25 97.05 48.14
N PRO B 2907 29.12 96.04 48.22
CA PRO B 2907 28.74 94.70 47.75
C PRO B 2907 27.68 94.09 48.64
N TYR B 2908 26.49 93.91 48.08
CA TYR B 2908 25.32 93.51 48.86
C TYR B 2908 25.32 92.02 49.19
N ASP B 2909 26.09 91.20 48.47
CA ASP B 2909 26.19 89.79 48.79
C ASP B 2909 26.90 89.58 50.13
N THR B 2910 28.05 90.24 50.30
CA THR B 2910 28.82 90.17 51.53
C THR B 2910 29.58 91.49 51.68
N LEU B 2911 29.59 92.04 52.89
CA LEU B 2911 30.13 93.37 53.14
C LEU B 2911 31.19 93.34 54.22
N THR B 2912 32.23 94.14 54.02
CA THR B 2912 33.27 94.36 55.02
C THR B 2912 32.92 95.58 55.86
N ALA B 2913 33.87 96.08 56.64
CA ALA B 2913 33.65 97.23 57.52
C ALA B 2913 33.89 98.51 56.73
N LYS B 2914 32.83 99.02 56.11
CA LYS B 2914 32.91 100.26 55.36
C LYS B 2914 32.65 101.46 56.27
N GLU B 2915 32.98 102.65 55.76
CA GLU B 2915 32.84 103.88 56.52
C GLU B 2915 31.45 104.49 56.40
N LYS B 2916 30.91 104.58 55.18
CA LYS B 2916 29.56 105.05 54.83
C LYS B 2916 29.12 106.33 55.54
N ALA B 2917 30.07 107.20 55.88
CA ALA B 2917 29.78 108.41 56.65
C ALA B 2917 29.19 109.50 55.76
N ARG B 2918 27.96 109.24 55.29
CA ARG B 2918 27.35 110.16 54.33
C ARG B 2918 26.77 111.39 55.01
N ASP B 2919 25.69 111.21 55.78
CA ASP B 2919 24.95 112.35 56.34
C ASP B 2919 24.51 112.16 57.77
N ARG B 2920 24.72 111.00 58.39
CA ARG B 2920 24.11 110.72 59.69
C ARG B 2920 25.06 110.87 60.86
N GLU B 2921 26.37 110.95 60.62
CA GLU B 2921 27.32 111.21 61.70
C GLU B 2921 27.10 112.61 62.30
N LYS B 2922 26.53 113.53 61.52
CA LYS B 2922 26.08 114.82 62.03
C LYS B 2922 24.61 114.75 62.43
N ALA B 2923 23.80 114.00 61.68
CA ALA B 2923 22.36 113.97 61.92
C ALA B 2923 22.03 113.37 63.28
N GLN B 2924 22.92 112.52 63.82
CA GLN B 2924 22.70 111.99 65.16
C GLN B 2924 22.70 113.08 66.23
N GLU B 2925 23.61 114.06 66.13
CA GLU B 2925 23.54 115.21 67.03
C GLU B 2925 22.44 116.19 66.62
N LEU B 2926 22.22 116.36 65.32
CA LEU B 2926 21.18 117.29 64.87
C LEU B 2926 19.80 116.86 65.33
N LEU B 2927 19.60 115.56 65.52
CA LEU B 2927 18.34 115.07 66.09
C LEU B 2927 18.14 115.56 67.51
N LYS B 2928 19.19 115.52 68.33
CA LYS B 2928 19.10 116.13 69.66
C LYS B 2928 19.04 117.65 69.58
N PHE B 2929 19.40 118.23 68.44
CA PHE B 2929 19.35 119.68 68.26
C PHE B 2929 18.00 120.20 67.77
N LEU B 2930 17.01 119.34 67.56
CA LEU B 2930 15.71 119.76 67.02
C LEU B 2930 14.68 119.89 68.14
N GLN B 2931 14.58 121.09 68.71
CA GLN B 2931 13.53 121.40 69.68
C GLN B 2931 12.84 122.73 69.47
N MET B 2932 13.34 123.60 68.60
CA MET B 2932 12.82 124.96 68.43
C MET B 2932 11.92 125.04 67.21
N ASN B 2933 11.59 126.27 66.82
CA ASN B 2933 10.71 126.73 65.73
C ASN B 2933 9.24 126.66 66.14
N GLY B 2934 8.93 126.17 67.35
CA GLY B 2934 7.57 126.13 67.82
C GLY B 2934 6.73 124.98 67.30
N TYR B 2935 7.30 124.14 66.45
CA TYR B 2935 6.60 122.99 65.89
C TYR B 2935 7.52 121.79 65.91
N ALA B 2936 6.97 120.64 66.30
CA ALA B 2936 7.70 119.38 66.28
C ALA B 2936 6.90 118.36 65.48
N VAL B 2937 7.60 117.60 64.64
CA VAL B 2937 6.94 116.60 63.81
C VAL B 2937 6.55 115.41 64.67
N THR B 2938 5.27 115.29 65.00
CA THR B 2938 4.75 114.21 65.82
C THR B 2938 4.05 113.19 64.94
N ARG B 2939 4.44 111.93 65.06
CA ARG B 2939 3.84 110.85 64.28
C ARG B 2939 2.48 110.47 64.82
N UNK B 3088 28.55 127.66 81.42
CA UNK B 3088 27.89 128.66 82.26
C UNK B 3088 26.41 128.77 81.93
N UNK B 3089 25.69 127.68 82.17
CA UNK B 3089 24.24 127.59 81.92
C UNK B 3089 23.87 127.94 80.48
N UNK B 3090 24.34 127.11 79.54
CA UNK B 3090 24.06 127.34 78.13
C UNK B 3090 23.92 126.02 77.38
N UNK B 3091 22.74 125.41 77.46
CA UNK B 3091 22.45 124.17 76.76
C UNK B 3091 21.10 124.24 76.07
N UNK B 3092 20.45 123.09 75.92
CA UNK B 3092 19.17 123.01 75.22
C UNK B 3092 18.12 122.23 75.99
N UNK B 3093 18.56 121.29 76.82
CA UNK B 3093 17.64 120.45 77.58
C UNK B 3093 17.10 121.16 78.81
N UNK B 3094 17.23 120.52 79.97
CA UNK B 3094 16.76 121.08 81.23
C UNK B 3094 17.85 121.86 81.93
N UNK B 3095 18.93 122.14 81.21
CA UNK B 3095 20.06 122.87 81.78
C UNK B 3095 19.89 124.38 81.56
N UNK B 3096 19.46 124.77 80.37
CA UNK B 3096 19.25 126.17 80.05
C UNK B 3096 18.12 126.37 79.06
N UNK B 3097 18.18 127.46 78.30
CA UNK B 3097 17.07 127.85 77.43
C UNK B 3097 17.38 127.74 75.94
N UNK B 3098 16.99 126.61 75.35
CA UNK B 3098 17.06 126.41 73.90
C UNK B 3098 16.14 125.26 73.54
N UNK B 3099 15.17 124.99 74.43
CA UNK B 3099 14.24 123.89 74.25
C UNK B 3099 13.12 124.26 73.29
N UNK B 3100 13.03 125.54 72.94
CA UNK B 3100 12.08 126.02 71.94
C UNK B 3100 12.46 127.42 71.47
N UNK B 3101 11.48 128.32 71.49
CA UNK B 3101 11.69 129.67 71.00
C UNK B 3101 10.93 130.70 71.82
N UNK B 3102 11.33 131.97 71.71
CA UNK B 3102 10.67 133.05 72.41
C UNK B 3102 9.76 133.83 71.47
N UNK B 3103 10.14 133.87 70.19
CA UNK B 3103 9.36 134.57 69.17
C UNK B 3103 9.00 133.64 68.02
N UNK B 3104 8.18 132.64 68.32
CA UNK B 3104 7.76 131.68 67.31
C UNK B 3104 6.24 131.70 67.12
N UNK B 3105 5.62 130.54 67.32
CA UNK B 3105 4.18 130.33 67.10
C UNK B 3105 3.78 130.77 65.70
N UNK B 3106 3.35 132.02 65.58
CA UNK B 3106 3.00 132.61 64.29
C UNK B 3106 2.97 134.12 64.41
N UNK B 3107 3.86 134.67 65.23
CA UNK B 3107 3.88 136.10 65.51
C UNK B 3107 5.02 136.83 64.79
N UNK B 3108 6.13 136.12 64.57
CA UNK B 3108 7.31 136.73 63.96
C UNK B 3108 7.30 136.56 62.44
N UNK B 3109 6.13 136.72 61.82
CA UNK B 3109 6.02 136.58 60.38
C UNK B 3109 6.11 137.93 59.69
N UNK B 3110 6.07 139.00 60.47
CA UNK B 3110 6.06 140.37 59.94
C UNK B 3110 7.37 140.74 59.25
N UNK B 3111 8.45 140.03 59.57
CA UNK B 3111 9.75 140.32 58.98
C UNK B 3111 9.84 139.83 57.54
N UNK B 3112 9.04 138.83 57.19
CA UNK B 3112 9.08 138.26 55.84
C UNK B 3112 7.81 138.56 55.06
N UNK B 3113 6.68 138.66 55.77
CA UNK B 3113 5.40 138.91 55.13
C UNK B 3113 5.16 140.40 54.92
N UNK B 3114 5.05 141.14 56.02
CA UNK B 3114 4.71 142.57 55.97
C UNK B 3114 5.80 143.41 55.29
N UNK B 3115 7.03 142.89 55.27
CA UNK B 3115 8.12 143.59 54.61
C UNK B 3115 7.94 143.54 53.09
N UNK B 3116 7.27 142.51 52.62
CA UNK B 3116 7.01 142.35 51.19
C UNK B 3116 5.56 142.65 50.85
N UNK B 3117 4.70 142.68 51.86
CA UNK B 3117 3.29 142.98 51.66
C UNK B 3117 3.03 144.48 51.66
N UNK B 3118 4.09 145.26 51.89
CA UNK B 3118 3.99 146.71 51.85
C UNK B 3118 3.75 147.18 50.42
N UNK B 3119 4.20 146.38 49.46
CA UNK B 3119 3.99 146.66 48.05
C UNK B 3119 3.36 145.47 47.35
N UNK B 3120 2.39 144.83 48.01
CA UNK B 3120 1.73 143.66 47.44
C UNK B 3120 0.31 143.47 47.97
N UNK B 3121 -0.01 144.15 49.07
CA UNK B 3121 -1.34 144.03 49.67
C UNK B 3121 -2.36 144.89 48.94
N UNK B 3122 -1.88 145.97 48.32
CA UNK B 3122 -2.75 146.88 47.58
C UNK B 3122 -2.01 147.52 46.41
N UNK B 3123 12.78 145.37 44.18
CA UNK B 3123 11.76 144.60 44.87
C UNK B 3123 12.08 143.10 44.83
N UNK B 3124 11.48 142.35 45.74
CA UNK B 3124 11.71 140.91 45.82
C UNK B 3124 10.39 140.16 45.82
N UNK B 3125 10.30 139.10 45.00
CA UNK B 3125 9.09 138.30 44.91
C UNK B 3125 9.43 136.84 44.66
N UNK B 3126 10.72 136.52 44.72
CA UNK B 3126 11.18 135.14 44.49
C UNK B 3126 11.14 134.34 45.79
N UNK B 3127 11.00 135.04 46.91
CA UNK B 3127 10.95 134.39 48.21
C UNK B 3127 9.67 134.77 48.95
N UNK B 3128 8.56 134.86 48.22
CA UNK B 3128 7.28 135.22 48.81
C UNK B 3128 6.70 134.05 49.60
N UNK B 3129 6.02 134.37 50.70
CA UNK B 3129 5.42 133.35 51.54
C UNK B 3129 3.90 133.50 51.59
N UNK B 3130 3.20 132.53 51.02
CA UNK B 3130 1.74 132.55 51.00
C UNK B 3130 1.19 131.12 51.06
N UNK B 3131 1.51 130.32 50.05
CA UNK B 3131 1.07 128.94 50.00
C UNK B 3131 1.96 128.06 50.86
N UNK B 3132 1.61 127.91 52.12
CA UNK B 3132 2.40 127.13 53.06
C UNK B 3132 1.51 126.35 54.02
N UNK B 3133 1.59 125.01 53.94
CA UNK B 3133 0.82 124.14 54.82
C UNK B 3133 1.56 122.82 55.01
N UNK B 3134 2.69 122.69 54.33
CA UNK B 3134 3.51 121.49 54.41
C UNK B 3134 4.65 121.67 55.39
N UNK B 3135 4.75 122.87 55.96
CA UNK B 3135 5.74 123.16 56.98
C UNK B 3135 5.41 122.39 58.26
N UNK B 3136 4.12 122.23 58.50
CA UNK B 3136 3.63 121.42 59.62
C UNK B 3136 2.89 120.21 59.08
N UNK B 3137 3.37 119.02 59.43
CA UNK B 3137 2.78 117.78 58.93
C UNK B 3137 1.39 117.55 59.53
N UNK B 3138 1.24 117.88 60.81
CA UNK B 3138 -0.03 117.70 61.50
C UNK B 3138 -0.14 118.62 62.70
N UNK B 3139 0.61 118.31 63.75
CA UNK B 3139 0.64 119.05 65.03
C UNK B 3139 -0.72 119.07 65.74
N UNK B 3140 -0.72 119.63 66.94
CA UNK B 3140 -1.93 119.70 67.76
C UNK B 3140 -1.80 120.78 68.84
N UNK B 3141 -2.37 120.51 70.00
CA UNK B 3141 -2.31 121.44 71.12
C UNK B 3141 -1.53 120.82 72.28
N UNK B 3142 -0.39 120.19 71.95
CA UNK B 3142 0.48 119.52 72.91
C UNK B 3142 -0.25 118.46 73.74
N UNK B 3143 0.29 118.17 74.92
CA UNK B 3143 -0.31 117.17 75.80
C UNK B 3143 0.08 117.44 77.25
N UNK B 3144 -0.91 117.50 78.12
CA UNK B 3144 -0.67 117.76 79.53
C UNK B 3144 -1.50 116.83 80.42
N UNK B 3145 -1.41 115.53 80.15
CA UNK B 3145 -2.15 114.53 80.91
C UNK B 3145 -1.46 113.18 80.86
N UNK B 3146 -0.29 113.08 81.49
CA UNK B 3146 0.47 111.84 81.51
C UNK B 3146 1.41 111.78 82.72
N UNK B 3147 0.87 111.30 83.84
CA UNK B 3147 1.61 111.15 85.10
C UNK B 3147 2.23 112.46 85.58
N UNK B 3148 3.40 112.37 86.20
CA UNK B 3148 4.10 113.54 86.70
C UNK B 3148 5.04 114.10 85.63
N UNK B 3149 5.31 113.31 84.61
CA UNK B 3149 6.18 113.72 83.52
C UNK B 3149 5.38 114.24 82.35
N UNK B 3150 6.00 114.25 81.17
CA UNK B 3150 5.39 114.72 79.91
C UNK B 3150 4.87 116.15 80.02
N UNK B 3151 5.61 116.99 80.72
CA UNK B 3151 5.22 118.39 80.89
C UNK B 3151 6.39 119.31 80.57
N UNK B 3152 6.23 120.13 79.52
CA UNK B 3152 7.27 121.05 79.10
C UNK B 3152 6.84 122.49 79.30
N UNK B 3153 7.37 123.13 80.33
CA UNK B 3153 7.04 124.52 80.64
C UNK B 3153 8.15 125.46 80.16
N UNK B 3154 9.39 125.00 80.26
CA UNK B 3154 10.53 125.79 79.83
C UNK B 3154 10.65 125.80 78.31
N UNK B 3155 9.98 124.84 77.68
CA UNK B 3155 10.01 124.72 76.22
C UNK B 3155 9.07 125.71 75.57
N UNK B 3156 7.86 125.25 75.24
CA UNK B 3156 6.89 126.03 74.49
C UNK B 3156 6.45 127.31 75.21
N UNK B 3157 7.25 128.36 75.05
CA UNK B 3157 6.90 129.66 75.61
C UNK B 3157 6.01 130.40 74.61
N UNK B 3158 6.16 130.07 73.34
CA UNK B 3158 5.36 130.68 72.28
C UNK B 3158 5.29 129.74 71.07
N UNK B 3159 4.56 128.65 71.21
CA UNK B 3159 4.42 127.68 70.14
C UNK B 3159 3.06 127.81 69.46
N UNK B 3160 2.10 128.36 70.19
CA UNK B 3160 0.75 128.57 69.66
C UNK B 3160 0.04 129.68 70.43
N UNK B 3161 0.82 130.49 71.14
CA UNK B 3161 0.28 131.57 71.96
C UNK B 3161 -0.09 132.79 71.11
N UNK B 3162 0.40 132.83 69.88
CA UNK B 3162 0.12 133.93 68.97
C UNK B 3162 -0.06 133.44 67.54
N UNK B 3163 -1.27 133.60 67.02
CA UNK B 3163 -1.58 133.15 65.66
C UNK B 3163 -1.07 134.15 64.62
N UNK B 3164 -1.21 133.79 63.35
CA UNK B 3164 -0.80 134.66 62.26
C UNK B 3164 -1.97 135.53 61.83
N UNK B 3165 -2.41 136.40 62.74
CA UNK B 3165 -3.58 137.24 62.53
C UNK B 3165 -3.38 138.27 61.43
N UNK B 3166 -2.13 138.68 61.22
CA UNK B 3166 -1.81 139.71 60.24
C UNK B 3166 -1.66 139.15 58.84
N UNK B 3167 -1.74 137.82 58.71
CA UNK B 3167 -1.54 137.18 57.42
C UNK B 3167 -2.68 136.21 57.07
N UNK B 3168 -3.44 135.81 58.08
CA UNK B 3168 -4.55 134.86 57.86
C UNK B 3168 -5.90 135.52 58.11
N UNK B 3169 -5.98 136.31 59.17
CA UNK B 3169 -7.22 137.00 59.51
C UNK B 3169 -7.33 138.34 58.79
N UNK B 3170 -6.21 139.06 58.72
CA UNK B 3170 -6.17 140.35 58.04
C UNK B 3170 -6.28 140.15 56.53
N UNK B 3171 -5.52 139.18 56.01
CA UNK B 3171 -5.58 138.84 54.59
C UNK B 3171 -6.67 137.81 54.36
N UNK B 3172 -7.73 138.21 53.68
CA UNK B 3172 -8.89 137.35 53.45
C UNK B 3172 -8.56 136.17 52.53
N UNK B 3173 -7.75 136.43 51.50
CA UNK B 3173 -7.38 135.39 50.55
C UNK B 3173 -6.02 135.68 49.92
N UNK B 3174 -5.04 135.99 50.75
CA UNK B 3174 -3.70 136.26 50.27
C UNK B 3174 -2.69 135.31 50.92
N UNK B 3175 -3.04 134.04 50.96
CA UNK B 3175 -2.16 133.02 51.55
C UNK B 3175 -2.39 131.67 50.89
N UNK B 3176 -2.34 130.61 51.69
CA UNK B 3176 -2.54 129.25 51.18
C UNK B 3176 -4.00 128.97 50.92
N UNK B 3177 -4.29 128.37 49.76
CA UNK B 3177 -5.67 128.04 49.39
C UNK B 3177 -5.86 126.54 49.27
N UNK B 3178 -4.75 125.81 49.19
CA UNK B 3178 -4.78 124.36 49.10
C UNK B 3178 -5.20 123.75 50.43
N UNK B 3179 -4.71 124.34 51.51
CA UNK B 3179 -5.05 123.88 52.86
C UNK B 3179 -4.90 125.02 53.85
N UNK B 3180 -5.22 124.76 55.11
CA UNK B 3180 -5.09 125.76 56.16
C UNK B 3180 -3.63 126.01 56.48
N UNK B 3181 -3.27 127.28 56.59
CA UNK B 3181 -1.88 127.67 56.86
C UNK B 3181 -1.48 127.35 58.31
N UNK B 3182 -2.48 127.27 59.18
CA UNK B 3182 -2.24 126.97 60.59
C UNK B 3182 -2.46 125.48 60.87
N UNK B 3183 -2.10 124.65 59.90
CA UNK B 3183 -2.23 123.19 59.97
C UNK B 3183 -3.67 122.75 60.29
N UNK B 3184 -3.81 121.73 61.13
CA UNK B 3184 -5.12 121.23 61.51
C UNK B 3184 -5.67 121.97 62.73
N UNK B 3185 -6.51 121.29 63.51
CA UNK B 3185 -7.10 121.88 64.70
C UNK B 3185 -6.07 121.95 65.83
N UNK B 3186 -6.25 122.90 66.74
CA UNK B 3186 -5.34 123.08 67.86
C UNK B 3186 -6.02 123.77 69.04
N UNK B 3187 -5.21 124.41 69.87
CA UNK B 3187 -5.65 125.19 71.05
C UNK B 3187 -6.42 124.36 72.08
N UNK B 3188 -6.80 125.04 73.17
CA UNK B 3188 -7.51 124.47 74.32
C UNK B 3188 -6.72 123.39 75.08
N UNK B 3189 -7.15 123.13 76.31
CA UNK B 3189 -6.46 122.16 77.17
C UNK B 3189 -7.03 120.76 77.00
N UNK B 3190 -7.87 120.36 77.95
CA UNK B 3190 -8.45 119.02 77.94
C UNK B 3190 -9.62 118.94 76.97
N UNK B 3191 -9.46 118.17 75.91
CA UNK B 3191 -10.51 117.99 74.91
C UNK B 3191 -11.29 116.70 75.17
N UNK B 3192 -5.27 123.11 81.80
CA UNK B 3192 -4.07 123.77 82.29
C UNK B 3192 -2.87 123.40 81.42
N UNK B 3193 -2.41 124.35 80.61
CA UNK B 3193 -1.26 124.15 79.74
C UNK B 3193 0.02 124.11 80.57
N UNK B 3194 0.06 124.92 81.62
CA UNK B 3194 1.21 124.98 82.52
C UNK B 3194 0.80 125.49 83.89
N UNK B 3195 1.28 126.68 84.25
CA UNK B 3195 0.95 127.30 85.52
C UNK B 3195 1.07 128.81 85.41
N UNK B 3196 1.94 129.26 84.52
CA UNK B 3196 2.16 130.69 84.29
C UNK B 3196 2.67 130.93 82.88
N UNK B 3197 2.17 131.99 82.24
CA UNK B 3197 2.58 132.32 80.88
C UNK B 3197 2.44 133.82 80.63
N UNK B 3198 3.18 134.31 79.64
CA UNK B 3198 3.14 135.72 79.29
C UNK B 3198 2.32 135.94 78.02
N UNK B 3199 1.37 136.88 78.09
CA UNK B 3199 0.48 137.22 76.97
C UNK B 3199 -0.28 136.01 76.44
N UNK B 3200 -0.91 135.26 77.34
CA UNK B 3200 -1.66 134.07 76.96
C UNK B 3200 -3.07 134.46 76.49
N UNK B 3201 -3.45 135.70 76.74
CA UNK B 3201 -4.76 136.20 76.32
C UNK B 3201 -4.64 136.98 75.01
N UNK B 3202 -3.79 136.49 74.11
CA UNK B 3202 -3.59 137.13 72.82
C UNK B 3202 -4.74 136.82 71.87
N UNK B 3203 -5.42 135.71 72.11
CA UNK B 3203 -6.55 135.30 71.29
C UNK B 3203 -7.83 135.27 72.11
N UNK B 3204 -7.77 135.81 73.31
CA UNK B 3204 -8.93 135.83 74.21
C UNK B 3204 -9.86 136.99 73.84
N UNK B 3205 -9.29 138.08 73.36
CA UNK B 3205 -10.06 139.27 73.02
C UNK B 3205 -9.99 139.55 71.52
N UNK B 3206 -8.93 139.09 70.88
CA UNK B 3206 -8.74 139.31 69.45
C UNK B 3206 -9.66 138.42 68.62
N UNK B 3207 -9.74 137.14 69.00
CA UNK B 3207 -10.59 136.19 68.29
C UNK B 3207 -12.05 136.42 68.63
N UNK B 3208 -12.30 137.01 69.81
CA UNK B 3208 -13.67 137.32 70.23
C UNK B 3208 -14.20 138.52 69.47
N UNK B 3209 -13.32 139.48 69.19
CA UNK B 3209 -13.71 140.67 68.44
C UNK B 3209 -13.81 140.36 66.95
N UNK B 3210 -13.04 139.37 66.50
CA UNK B 3210 -13.08 138.97 65.10
C UNK B 3210 -14.35 138.19 64.80
N UNK B 3211 -14.85 137.48 65.82
CA UNK B 3211 -16.08 136.70 65.68
C UNK B 3211 -17.30 137.59 65.84
N UNK B 3212 -17.16 138.65 66.64
CA UNK B 3212 -18.25 139.58 66.88
C UNK B 3212 -18.41 140.55 65.70
N UNK B 3213 -17.34 140.70 64.92
CA UNK B 3213 -17.37 141.56 63.75
C UNK B 3213 -18.22 140.95 62.65
N UNK B 3214 -18.23 139.62 62.61
CA UNK B 3214 -19.02 138.90 61.62
C UNK B 3214 -20.37 138.47 62.21
N UNK B 3215 -20.58 138.83 63.47
CA UNK B 3215 -21.83 138.50 64.16
C UNK B 3215 -22.77 139.70 64.16
N UNK B 3216 -22.23 140.88 64.41
CA UNK B 3216 -23.00 142.10 64.42
C UNK B 3216 -23.42 142.48 63.00
N UNK B 3217 -22.58 142.14 62.03
CA UNK B 3217 -22.88 142.41 60.63
C UNK B 3217 -23.23 141.10 59.92
N UNK B 3218 -24.31 140.47 60.35
CA UNK B 3218 -24.74 139.20 59.76
C UNK B 3218 -26.24 139.22 59.47
N UNK B 3219 -27.00 139.89 60.33
CA UNK B 3219 -28.44 139.98 60.16
C UNK B 3219 -28.81 140.91 59.02
N UNK B 3220 -28.27 142.14 59.07
CA UNK B 3220 -28.53 143.12 58.04
C UNK B 3220 -27.44 143.09 56.97
N UNK B 3221 -26.18 143.21 57.41
CA UNK B 3221 -25.04 143.18 56.50
C UNK B 3221 -24.29 141.86 56.61
N UNK B 3222 -13.36 138.97 52.31
CA UNK B 3222 -14.72 139.40 52.60
C UNK B 3222 -15.30 138.60 53.77
N UNK B 3223 -16.36 137.85 53.49
CA UNK B 3223 -17.02 137.04 54.51
C UNK B 3223 -16.49 135.61 54.49
N UNK B 3224 -15.35 135.41 53.84
CA UNK B 3224 -14.74 134.09 53.77
C UNK B 3224 -13.83 133.85 54.97
N UNK B 3225 -13.67 134.88 55.79
CA UNK B 3225 -12.85 134.78 57.00
C UNK B 3225 -13.56 133.92 58.03
N UNK B 3226 -14.88 134.07 58.13
CA UNK B 3226 -15.68 133.33 59.09
C UNK B 3226 -16.18 132.01 58.51
N UNK B 3227 -15.34 131.35 57.71
CA UNK B 3227 -15.67 130.08 57.10
C UNK B 3227 -14.40 129.30 56.76
N UNK B 3228 -13.26 129.97 56.97
CA UNK B 3228 -11.97 129.35 56.69
C UNK B 3228 -10.93 129.82 57.71
N UNK B 3229 -10.78 131.13 57.85
CA UNK B 3229 -9.82 131.72 58.77
C UNK B 3229 -10.30 131.60 60.22
N UNK B 3230 -11.57 131.96 60.44
CA UNK B 3230 -12.16 131.87 61.77
C UNK B 3230 -12.73 130.48 62.01
N UNK B 3231 -12.61 129.62 61.01
CA UNK B 3231 -13.01 128.22 61.14
C UNK B 3231 -11.96 127.46 61.93
N UNK B 3232 -10.75 128.02 61.97
CA UNK B 3232 -9.67 127.46 62.78
C UNK B 3232 -9.97 127.70 64.25
N UNK B 3233 -10.66 128.79 64.55
CA UNK B 3233 -11.11 129.08 65.89
C UNK B 3233 -12.31 128.20 66.23
N UNK B 3234 -13.05 127.82 65.19
CA UNK B 3234 -14.18 126.91 65.35
C UNK B 3234 -13.66 125.49 65.61
N UNK B 3235 -12.54 125.16 64.98
CA UNK B 3235 -11.91 123.87 65.18
C UNK B 3235 -11.17 123.85 66.51
N UNK B 3236 -10.78 125.04 66.98
CA UNK B 3236 -10.13 125.19 68.27
C UNK B 3236 -11.16 124.99 69.38
N UNK B 3237 -12.37 125.47 69.14
CA UNK B 3237 -13.47 125.29 70.09
C UNK B 3237 -13.98 123.86 70.04
N UNK B 3238 -13.86 123.24 68.86
CA UNK B 3238 -14.26 121.85 68.67
C UNK B 3238 -13.32 120.91 69.40
N UNK B 3239 -12.08 121.35 69.58
CA UNK B 3239 -11.09 120.57 70.31
C UNK B 3239 -11.01 121.04 71.76
N UNK B 3240 -12.16 121.36 72.33
CA UNK B 3240 -12.25 121.83 73.71
C UNK B 3240 -13.34 121.07 74.47
N UNK B 3241 -13.12 120.86 75.76
CA UNK B 3241 -14.09 120.17 76.60
C UNK B 3241 -13.87 120.54 78.07
N UNK B 3242 -13.51 119.53 78.87
CA UNK B 3242 -13.13 119.69 80.29
C UNK B 3242 -14.22 120.21 81.23
N UNK B 3243 -15.13 121.05 80.73
CA UNK B 3243 -16.19 121.67 81.51
C UNK B 3243 -15.65 122.45 82.70
N UNK B 3244 -14.52 123.13 82.49
CA UNK B 3244 -13.88 123.91 83.54
C UNK B 3244 -13.59 125.32 83.04
N UNK B 3245 -12.98 126.14 83.91
CA UNK B 3245 -12.67 127.52 83.57
C UNK B 3245 -11.36 127.61 82.79
N UNK B 3246 -11.42 128.25 81.63
CA UNK B 3246 -10.23 128.44 80.79
C UNK B 3246 -9.33 129.51 81.41
N UNK B 3247 -8.02 129.31 81.27
CA UNK B 3247 -7.04 130.23 81.84
C UNK B 3247 -7.05 131.56 81.11
N UNK B 3248 -7.23 131.51 79.80
CA UNK B 3248 -7.26 132.72 78.98
C UNK B 3248 -8.58 133.45 79.18
N UNK B 3249 -8.58 134.44 80.07
CA UNK B 3249 -9.74 135.24 80.42
C UNK B 3249 -10.92 134.38 80.87
N UNK B 3250 -10.87 133.94 82.12
CA UNK B 3250 -11.92 133.08 82.68
C UNK B 3250 -13.23 133.87 82.82
N UNK B 3251 -13.19 134.95 83.58
CA UNK B 3251 -14.36 135.81 83.77
C UNK B 3251 -14.12 137.17 83.13
N UNK B 3252 -13.81 137.17 81.83
CA UNK B 3252 -13.51 138.40 81.13
C UNK B 3252 -13.91 138.34 79.65
N UNK B 3253 -12.90 138.34 78.77
CA UNK B 3253 -13.13 138.43 77.33
C UNK B 3253 -13.72 137.14 76.75
N UNK B 3254 -13.17 135.99 77.15
CA UNK B 3254 -13.66 134.71 76.65
C UNK B 3254 -15.03 134.38 77.22
N UNK B 3255 -15.35 134.98 78.36
CA UNK B 3255 -16.65 134.81 78.98
C UNK B 3255 -17.69 135.70 78.31
N UNK B 3256 -17.26 136.87 77.88
CA UNK B 3256 -18.17 137.83 77.23
C UNK B 3256 -18.24 137.56 75.72
N UNK B 3257 -17.56 136.52 75.27
CA UNK B 3257 -17.58 136.14 73.86
C UNK B 3257 -18.82 135.29 73.56
N UNK B 3258 -19.56 134.94 74.60
CA UNK B 3258 -20.79 134.16 74.44
C UNK B 3258 -22.00 135.06 74.24
N UNK B 3259 -21.74 136.36 74.09
CA UNK B 3259 -22.80 137.33 73.83
C UNK B 3259 -23.29 137.22 72.39
N UNK B 3260 -22.45 136.63 71.54
CA UNK B 3260 -22.81 136.40 70.14
C UNK B 3260 -22.73 134.91 69.82
N UNK B 3261 -22.07 134.16 70.69
CA UNK B 3261 -21.93 132.72 70.51
C UNK B 3261 -23.13 131.98 71.08
N UNK B 3262 -23.34 132.11 72.39
CA UNK B 3262 -24.48 131.48 73.05
C UNK B 3262 -25.77 132.17 72.64
N UNK B 3263 -25.68 133.48 72.43
CA UNK B 3263 -26.82 134.26 71.95
C UNK B 3263 -26.66 134.54 70.45
N UNK B 3264 -26.85 133.50 69.64
CA UNK B 3264 -26.68 133.59 68.21
C UNK B 3264 -27.81 134.39 67.56
N UNK B 3265 -27.67 134.65 66.27
CA UNK B 3265 -28.67 135.40 65.51
C UNK B 3265 -29.95 134.58 65.35
N UNK B 3266 -29.79 133.26 65.27
CA UNK B 3266 -30.94 132.37 65.17
C UNK B 3266 -31.51 132.10 66.55
N UNK B 3267 -32.66 132.71 66.84
CA UNK B 3267 -33.31 132.55 68.13
C UNK B 3267 -34.02 131.20 68.22
N UNK B 3268 -34.19 130.55 67.08
CA UNK B 3268 -34.79 129.22 67.04
C UNK B 3268 -33.75 128.16 67.36
N UNK B 3269 -32.48 128.59 67.42
CA UNK B 3269 -31.34 127.76 67.82
C UNK B 3269 -31.16 126.53 66.94
N UNK B 3270 -31.28 126.70 65.62
CA UNK B 3270 -31.09 125.60 64.69
C UNK B 3270 -30.57 126.12 63.36
N UNK B 3271 -29.33 125.77 63.04
CA UNK B 3271 -28.70 126.20 61.80
C UNK B 3271 -28.02 125.05 61.08
N UNK B 3272 -27.55 125.31 59.86
CA UNK B 3272 -26.87 124.29 59.07
C UNK B 3272 -25.36 124.48 59.10
N UNK B 3273 -24.65 123.42 59.46
CA UNK B 3273 -23.19 123.40 59.58
C UNK B 3273 -22.68 124.49 60.53
N UNK B 3274 -23.42 124.69 61.62
CA UNK B 3274 -23.09 125.73 62.58
C UNK B 3274 -21.93 125.30 63.48
N UNK B 3275 -21.10 126.25 63.86
CA UNK B 3275 -19.97 126.00 64.74
C UNK B 3275 -20.34 126.29 66.19
N UNK B 3276 -21.63 126.57 66.41
CA UNK B 3276 -22.13 126.86 67.74
C UNK B 3276 -22.16 125.59 68.60
N UNK B 3277 -22.34 124.45 67.94
CA UNK B 3277 -22.33 123.16 68.63
C UNK B 3277 -20.91 122.82 69.08
N UNK B 3278 -19.93 123.27 68.32
CA UNK B 3278 -18.53 123.07 68.67
C UNK B 3278 -18.09 124.07 69.72
N UNK B 3279 -18.64 125.28 69.64
CA UNK B 3279 -18.31 126.35 70.59
C UNK B 3279 -18.94 126.08 71.95
N UNK B 3280 -20.08 125.41 71.96
CA UNK B 3280 -20.77 125.09 73.21
C UNK B 3280 -20.40 123.68 73.68
N UNK B 3281 -19.10 123.39 73.69
CA UNK B 3281 -18.61 122.10 74.15
C UNK B 3281 -18.17 122.19 75.61
N UNK B 3282 -19.10 122.59 76.47
CA UNK B 3282 -18.88 122.76 77.92
C UNK B 3282 -17.72 123.70 78.22
N UNK B 3283 -17.95 125.00 78.06
CA UNK B 3283 -16.95 126.01 78.35
C UNK B 3283 -17.37 126.85 79.55
N UNK B 3284 -16.96 126.42 80.74
CA UNK B 3284 -17.33 127.11 81.97
C UNK B 3284 -16.61 128.45 82.09
N UNK B 3285 -17.37 129.50 82.36
CA UNK B 3285 -16.83 130.84 82.49
C UNK B 3285 -17.75 131.71 83.34
N UNK B 3286 -17.88 132.98 82.97
CA UNK B 3286 -18.77 133.90 83.66
C UNK B 3286 -20.09 134.02 82.90
N UNK B 3287 -20.21 133.27 81.82
CA UNK B 3287 -21.43 133.28 81.02
C UNK B 3287 -22.31 132.07 81.34
N UNK B 3288 -21.84 130.89 80.92
CA UNK B 3288 -22.57 129.66 81.16
C UNK B 3288 -21.76 128.70 82.04
N UNK B 3289 -29.83 135.52 76.35
CA UNK B 3289 -30.48 135.80 77.63
C UNK B 3289 -29.43 136.07 78.71
N UNK B 3290 -29.35 137.33 79.14
CA UNK B 3290 -28.40 137.72 80.17
C UNK B 3290 -29.09 137.91 81.51
N UNK B 3291 -29.40 136.82 82.18
CA UNK B 3291 -30.08 136.86 83.46
C UNK B 3291 -29.12 136.48 84.60
N UNK B 3292 -27.87 136.25 84.24
CA UNK B 3292 -26.86 135.87 85.22
C UNK B 3292 -25.81 136.96 85.40
N UNK B 3293 -25.34 137.51 84.28
CA UNK B 3293 -24.31 138.56 84.30
C UNK B 3293 -24.95 139.93 84.13
N UNK B 3294 -24.41 140.92 84.86
CA UNK B 3294 -24.91 142.28 84.79
C UNK B 3294 -23.82 143.28 85.16
N UNK B 3295 -22.57 142.89 84.94
CA UNK B 3295 -21.43 143.76 85.26
C UNK B 3295 -20.41 143.73 84.15
N UNK B 3296 -19.75 144.87 83.93
CA UNK B 3296 -18.75 144.99 82.87
C UNK B 3296 -17.39 145.38 83.45
N UNK B 3297 -16.96 146.61 83.18
CA UNK B 3297 -15.67 147.10 83.63
C UNK B 3297 -15.78 147.73 85.02
N UNK B 3298 -17.00 147.80 85.54
CA UNK B 3298 -17.24 148.39 86.86
C UNK B 3298 -16.83 147.41 87.96
N UNK B 3299 -16.80 146.12 87.62
CA UNK B 3299 -16.42 145.09 88.59
C UNK B 3299 -14.91 145.09 88.82
N UNK B 3300 -14.53 145.12 90.11
CA UNK B 3300 -13.14 145.13 90.55
C UNK B 3300 -12.33 146.28 89.92
N UNK B 3301 -11.68 145.99 88.80
CA UNK B 3301 -10.87 147.00 88.11
C UNK B 3301 -11.46 147.32 86.74
N UNK B 3302 -11.44 146.33 85.84
CA UNK B 3302 -11.95 146.51 84.49
C UNK B 3302 -12.54 145.21 83.96
N UNK B 3303 -19.90 137.71 89.15
CA UNK B 3303 -18.73 137.97 89.98
C UNK B 3303 -17.84 136.73 90.06
N UNK B 3304 -17.10 136.61 91.16
CA UNK B 3304 -16.21 135.48 91.36
C UNK B 3304 -16.86 134.43 92.26
N UNK B 3305 -17.91 133.79 91.74
CA UNK B 3305 -18.62 132.76 92.50
C UNK B 3305 -18.78 131.49 91.65
N UNK B 3306 -19.20 130.41 92.30
CA UNK B 3306 -19.40 129.13 91.62
C UNK B 3306 -20.89 128.79 91.56
N UNK B 3307 -21.73 129.82 91.55
CA UNK B 3307 -23.19 129.69 91.49
C UNK B 3307 -23.74 128.81 92.62
N UNK B 3308 -23.27 129.06 93.84
CA UNK B 3308 -23.73 128.30 95.00
C UNK B 3308 -25.15 128.71 95.36
N UNK B 3309 -25.36 130.00 95.60
CA UNK B 3309 -26.68 130.52 95.91
C UNK B 3309 -27.35 131.07 94.64
N UNK B 3310 -26.57 131.13 93.57
CA UNK B 3310 -27.07 131.62 92.29
C UNK B 3310 -27.48 130.44 91.39
N UNK B 3311 -28.27 129.54 91.95
CA UNK B 3311 -28.75 128.37 91.20
C UNK B 3311 -29.81 128.80 90.18
N UNK B 3312 -30.49 129.91 90.47
CA UNK B 3312 -31.50 130.43 89.57
C UNK B 3312 -30.86 131.06 88.33
N UNK B 3313 -29.75 131.75 88.54
CA UNK B 3313 -29.05 132.41 87.44
C UNK B 3313 -28.21 131.42 86.63
N UNK B 3314 -28.01 130.24 87.18
CA UNK B 3314 -27.19 129.22 86.53
C UNK B 3314 -28.04 128.26 85.71
N UNK B 3315 -29.29 128.07 86.11
CA UNK B 3315 -30.17 127.12 85.44
C UNK B 3315 -31.51 127.75 85.08
N UNK B 3316 -31.48 128.97 84.54
CA UNK B 3316 -32.69 129.65 84.09
C UNK B 3316 -33.01 129.24 82.65
N UNK B 3317 -31.98 128.81 81.93
CA UNK B 3317 -32.12 128.41 80.54
C UNK B 3317 -32.35 126.91 80.41
N UNK B 3318 -32.30 126.20 81.54
CA UNK B 3318 -32.49 124.76 81.55
C UNK B 3318 -33.96 124.41 81.75
N UNK B 3319 -34.67 125.26 82.49
CA UNK B 3319 -36.08 125.04 82.77
C UNK B 3319 -36.96 125.64 81.68
N UNK B 3320 -36.36 126.45 80.83
CA UNK B 3320 -37.08 127.09 79.73
C UNK B 3320 -37.40 126.08 78.63
N UNK B 3321 -36.45 125.19 78.37
CA UNK B 3321 -36.63 124.17 77.35
C UNK B 3321 -36.97 122.82 77.97
N UNK B 3322 -37.58 122.86 79.16
CA UNK B 3322 -37.99 121.65 79.85
C UNK B 3322 -39.17 121.01 79.12
N UNK B 3323 -40.04 121.85 78.56
CA UNK B 3323 -41.16 121.38 77.76
C UNK B 3323 -40.96 121.75 76.30
N UNK B 3324 -40.20 120.93 75.59
CA UNK B 3324 -39.88 121.20 74.19
C UNK B 3324 -41.12 121.04 73.29
N UNK B 3325 -41.00 121.51 72.05
CA UNK B 3325 -42.10 121.44 71.10
C UNK B 3325 -42.37 120.00 70.69
N UNK B 3326 -43.55 119.50 71.04
CA UNK B 3326 -43.93 118.13 70.73
C UNK B 3326 -44.67 118.07 69.38
N UNK B 3327 -44.66 119.17 68.65
CA UNK B 3327 -45.29 119.23 67.35
C UNK B 3327 -44.50 118.41 66.32
N UNK B 3328 -45.17 117.95 65.29
CA UNK B 3328 -44.53 117.14 64.26
C UNK B 3328 -43.95 118.01 63.15
N UNK B 3329 -44.05 119.33 63.31
CA UNK B 3329 -43.53 120.27 62.33
C UNK B 3329 -42.01 120.31 62.37
N UNK B 3330 -41.38 119.50 61.52
CA UNK B 3330 -39.92 119.46 61.43
C UNK B 3330 -39.42 120.47 60.41
N UNK B 3331 -40.35 121.15 59.75
CA UNK B 3331 -40.00 122.16 58.76
C UNK B 3331 -39.88 123.54 59.40
N UNK B 3332 -40.03 123.58 60.72
CA UNK B 3332 -39.92 124.84 61.47
C UNK B 3332 -38.46 125.29 61.55
N UNK B 3333 -38.25 126.53 62.00
CA UNK B 3333 -36.91 127.08 62.12
C UNK B 3333 -36.16 126.47 63.30
N UNK B 3334 -36.92 125.88 64.23
CA UNK B 3334 -36.32 125.23 65.39
C UNK B 3334 -36.36 123.72 65.26
N UNK B 3335 -35.68 123.20 64.24
CA UNK B 3335 -35.61 121.76 64.01
C UNK B 3335 -34.77 121.10 65.08
N UNK B 3336 -33.48 121.45 65.13
CA UNK B 3336 -32.59 120.98 66.17
C UNK B 3336 -32.38 122.08 67.20
N UNK B 3337 -33.45 122.43 67.91
CA UNK B 3337 -33.44 123.55 68.85
C UNK B 3337 -32.60 123.28 70.09
N UNK B 3338 -32.26 122.01 70.33
CA UNK B 3338 -31.44 121.63 71.47
C UNK B 3338 -30.04 121.20 71.03
N UNK B 3339 -29.96 120.61 69.85
CA UNK B 3339 -28.69 120.10 69.34
C UNK B 3339 -27.80 121.22 68.83
N UNK B 3340 -28.37 122.14 68.07
CA UNK B 3340 -27.60 123.24 67.50
C UNK B 3340 -27.40 124.37 68.50
N UNK B 3341 -28.14 124.32 69.60
CA UNK B 3341 -27.98 125.30 70.68
C UNK B 3341 -26.82 124.89 71.58
N UNK B 3342 -26.98 123.73 72.21
CA UNK B 3342 -25.94 123.19 73.08
C UNK B 3342 -25.97 121.66 73.03
N UNK B 3343 -24.97 121.09 72.36
CA UNK B 3343 -24.87 119.64 72.21
C UNK B 3343 -24.66 118.97 73.57
N UNK B 3344 -23.98 119.67 74.47
CA UNK B 3344 -23.79 119.21 75.83
C UNK B 3344 -24.83 119.84 76.74
N UNK B 3345 -26.11 119.62 76.43
CA UNK B 3345 -27.20 120.19 77.20
C UNK B 3345 -27.31 119.52 78.57
N UNK B 3346 -26.91 118.25 78.64
CA UNK B 3346 -26.94 117.51 79.88
C UNK B 3346 -25.53 117.22 80.37
N UNK B 3347 -24.56 117.42 79.48
CA UNK B 3347 -23.15 117.18 79.80
C UNK B 3347 -22.46 118.47 80.23
N UNK B 3348 -23.24 119.53 80.41
CA UNK B 3348 -22.69 120.81 80.85
C UNK B 3348 -22.37 120.76 82.35
N UNK B 3349 -23.09 119.91 83.08
CA UNK B 3349 -22.87 119.76 84.50
C UNK B 3349 -22.52 118.30 84.83
N UNK B 3350 -21.24 118.03 84.98
CA UNK B 3350 -20.76 116.69 85.30
C UNK B 3350 -20.74 116.48 86.81
N UNK B 3351 -21.49 115.48 87.28
CA UNK B 3351 -21.56 115.19 88.70
C UNK B 3351 -21.79 113.69 88.94
N UNK B 3352 -21.90 113.31 90.20
CA UNK B 3352 -22.10 111.91 90.56
C UNK B 3352 -23.59 111.59 90.69
N UNK B 3353 -24.15 111.84 91.87
CA UNK B 3353 -25.56 111.57 92.14
C UNK B 3353 -26.44 112.75 91.76
N UNK B 3354 -27.49 112.98 92.54
CA UNK B 3354 -28.42 114.07 92.28
C UNK B 3354 -28.01 115.34 93.02
N UNK B 3355 -26.81 115.82 92.75
CA UNK B 3355 -26.31 117.04 93.36
C UNK B 3355 -26.87 118.26 92.63
N UNK B 3356 -27.08 118.11 91.33
CA UNK B 3356 -27.63 119.18 90.50
C UNK B 3356 -28.50 118.60 89.39
N UNK B 3357 -28.05 117.51 88.80
CA UNK B 3357 -28.78 116.85 87.72
C UNK B 3357 -28.44 115.36 87.66
N UNK B 3358 -29.46 114.52 87.61
CA UNK B 3358 -29.26 113.08 87.54
C UNK B 3358 -30.41 112.41 86.78
N UNK B 3359 -30.99 111.38 87.39
CA UNK B 3359 -32.09 110.65 86.77
C UNK B 3359 -33.41 111.41 86.93
N UNK B 3360 -33.45 112.34 87.87
CA UNK B 3360 -34.64 113.14 88.12
C UNK B 3360 -34.56 114.47 87.36
N UNK B 3361 -33.56 114.58 86.49
CA UNK B 3361 -33.39 115.78 85.68
C UNK B 3361 -32.93 115.41 84.28
N UNK B 3362 -32.90 114.12 83.99
CA UNK B 3362 -32.48 113.62 82.68
C UNK B 3362 -33.56 113.87 81.64
N UNK B 3363 -33.46 115.00 80.94
CA UNK B 3363 -34.41 115.35 79.90
C UNK B 3363 -33.88 114.93 78.53
N UNK B 3364 -32.83 114.11 78.54
CA UNK B 3364 -32.22 113.62 77.31
C UNK B 3364 -33.09 112.54 76.67
N UNK B 3365 -33.94 111.92 77.48
CA UNK B 3365 -34.86 110.90 76.99
C UNK B 3365 -35.96 111.55 76.16
N UNK B 3366 -36.40 112.73 76.58
CA UNK B 3366 -37.42 113.47 75.86
C UNK B 3366 -36.79 114.17 74.65
N UNK B 3367 -35.50 114.46 74.74
CA UNK B 3367 -34.78 115.09 73.64
C UNK B 3367 -34.51 114.06 72.54
N UNK B 3368 -34.33 112.81 72.94
CA UNK B 3368 -34.09 111.73 71.99
C UNK B 3368 -35.41 111.25 71.39
N UNK B 3369 -36.50 111.46 72.14
CA UNK B 3369 -37.83 111.07 71.68
C UNK B 3369 -38.38 112.11 70.70
N UNK B 3370 -37.80 113.29 70.73
CA UNK B 3370 -38.19 114.36 69.82
C UNK B 3370 -37.70 114.07 68.41
N UNK B 3371 -36.62 113.31 68.31
CA UNK B 3371 -36.07 112.91 67.03
C UNK B 3371 -36.96 111.86 66.38
N UNK B 3372 -37.58 111.03 67.21
CA UNK B 3372 -38.49 109.99 66.73
C UNK B 3372 -39.85 110.61 66.38
N UNK B 3373 -40.17 111.71 67.04
CA UNK B 3373 -41.43 112.41 66.80
C UNK B 3373 -41.32 113.26 65.53
N UNK B 3374 -40.11 113.71 65.22
CA UNK B 3374 -39.88 114.51 64.03
C UNK B 3374 -39.44 113.62 62.87
N UNK B 3375 -39.38 112.32 63.11
CA UNK B 3375 -38.99 111.37 62.10
C UNK B 3375 -40.10 111.17 61.07
N UNK B 3376 -39.80 111.50 59.81
CA UNK B 3376 -40.77 111.37 58.74
C UNK B 3376 -40.17 110.67 57.53
N UNK B 3377 -40.97 110.50 56.49
CA UNK B 3377 -40.53 109.84 55.27
C UNK B 3377 -39.93 110.84 54.29
N UNK B 3378 -40.02 112.13 54.63
CA UNK B 3378 -39.49 113.19 53.79
C UNK B 3378 -37.97 113.26 53.89
N UNK B 3379 -37.35 113.77 52.84
CA UNK B 3379 -35.89 113.88 52.81
C UNK B 3379 -35.45 115.31 53.04
N UNK B 3380 -36.28 116.08 53.74
CA UNK B 3380 -35.98 117.47 54.05
C UNK B 3380 -34.92 117.56 55.15
N UNK B 3381 -35.00 116.65 56.10
CA UNK B 3381 -34.03 116.61 57.20
C UNK B 3381 -32.90 115.64 56.89
N UNK B 3382 -32.17 115.94 55.83
CA UNK B 3382 -31.05 115.09 55.40
C UNK B 3382 -29.80 115.37 56.23
N UNK B 3383 -29.80 116.51 56.93
CA UNK B 3383 -28.68 116.89 57.77
C UNK B 3383 -28.95 116.53 59.23
N UNK B 3384 -29.74 115.48 59.43
CA UNK B 3384 -30.07 115.04 60.78
C UNK B 3384 -28.97 114.15 61.35
N UNK B 3385 -28.07 113.71 60.49
CA UNK B 3385 -26.95 112.87 60.91
C UNK B 3385 -25.92 113.67 61.69
N UNK B 3386 -25.82 114.96 61.36
CA UNK B 3386 -24.89 115.86 62.04
C UNK B 3386 -25.39 116.18 63.45
N UNK B 3387 -26.70 116.16 63.62
CA UNK B 3387 -27.32 116.44 64.91
C UNK B 3387 -27.38 115.19 65.77
N UNK B 3388 -27.48 114.03 65.12
CA UNK B 3388 -27.56 112.76 65.81
C UNK B 3388 -26.20 112.32 66.33
N UNK B 3389 -25.15 112.60 65.56
CA UNK B 3389 -23.81 112.19 65.94
C UNK B 3389 -23.24 113.06 67.06
N UNK B 3390 -23.80 114.25 67.22
CA UNK B 3390 -23.35 115.18 68.24
C UNK B 3390 -24.25 115.13 69.48
N UNK B 3391 -25.19 114.19 69.49
CA UNK B 3391 -26.12 114.06 70.60
C UNK B 3391 -26.07 112.64 71.18
N UNK B 3392 -25.68 111.67 70.36
CA UNK B 3392 -25.60 110.28 70.80
C UNK B 3392 -24.18 109.92 71.23
N UNK B 3393 -23.47 110.89 71.81
CA UNK B 3393 -22.12 110.67 72.29
C UNK B 3393 -22.13 110.14 73.71
N UNK B 3394 -23.30 110.20 74.34
CA UNK B 3394 -23.46 109.72 75.72
C UNK B 3394 -24.84 109.14 75.94
N UNK B 3395 -24.95 107.82 75.80
CA UNK B 3395 -26.23 107.14 75.99
C UNK B 3395 -26.05 105.91 76.89
N UNK B 3396 -25.56 106.14 78.10
CA UNK B 3396 -25.35 105.06 79.05
C UNK B 3396 -25.42 105.58 80.49
N UNK B 3397 -25.42 106.90 80.63
CA UNK B 3397 -25.48 107.53 81.94
C UNK B 3397 -26.92 107.79 82.37
N UNK B 3398 -27.52 106.79 83.01
CA UNK B 3398 -28.90 106.83 83.51
C UNK B 3398 -29.90 107.19 82.42
N UNK B 3399 -30.11 106.26 81.49
CA UNK B 3399 -31.05 106.47 80.38
C UNK B 3399 -31.71 105.16 79.97
N UNK B 3400 -32.69 104.74 80.76
CA UNK B 3400 -33.42 103.51 80.47
C UNK B 3400 -34.57 103.77 79.50
N UNK B 3401 -34.26 103.80 78.21
CA UNK B 3401 -35.27 104.05 77.18
C UNK B 3401 -36.11 102.80 76.93
N UNK B 3402 -35.59 101.65 77.35
CA UNK B 3402 -36.30 100.39 77.18
C UNK B 3402 -37.26 100.14 78.34
N UNK B 3403 -37.25 101.04 79.31
CA UNK B 3403 -38.14 100.93 80.47
C UNK B 3403 -39.40 101.76 80.26
N UNK B 3404 -39.88 101.81 79.02
CA UNK B 3404 -41.08 102.55 78.69
C UNK B 3404 -41.77 101.94 77.47
N UNK B 3405 -42.04 102.76 76.47
CA UNK B 3405 -42.68 102.28 75.24
C UNK B 3405 -41.66 102.27 74.10
N UNK B 3406 -40.63 101.45 74.23
CA UNK B 3406 -39.59 101.35 73.22
C UNK B 3406 -40.11 100.63 71.97
N UNK B 3407 -41.09 99.76 72.16
CA UNK B 3407 -41.71 99.05 71.05
C UNK B 3407 -42.66 99.96 70.29
N UNK B 3408 -43.14 101.02 70.97
CA UNK B 3408 -44.04 101.99 70.36
C UNK B 3408 -43.28 103.25 69.98
N UNK B 3409 -41.96 103.15 69.89
CA UNK B 3409 -41.12 104.29 69.53
C UNK B 3409 -40.15 103.92 68.41
N UNK B 3410 -39.26 102.97 68.68
CA UNK B 3410 -38.27 102.55 67.71
C UNK B 3410 -38.81 101.42 66.82
N UNK B 3411 -39.48 100.46 67.45
CA UNK B 3411 -40.04 99.32 66.73
C UNK B 3411 -41.28 99.72 65.95
N UNK B 3412 -41.93 100.81 66.38
CA UNK B 3412 -43.12 101.31 65.71
C UNK B 3412 -42.74 101.96 64.38
N UNK B 3413 -41.56 102.57 64.34
CA UNK B 3413 -41.06 103.18 63.12
C UNK B 3413 -40.39 102.15 62.24
N UNK B 3414 -39.89 101.08 62.87
CA UNK B 3414 -39.24 100.00 62.15
C UNK B 3414 -40.28 99.08 61.51
N UNK B 3415 -41.51 99.14 62.01
CA UNK B 3415 -42.59 98.33 61.48
C UNK B 3415 -43.15 98.93 60.19
N UNK B 3416 -42.75 100.17 59.91
CA UNK B 3416 -43.16 100.85 58.69
C UNK B 3416 -42.19 100.55 57.55
N UNK B 3417 -41.21 99.69 57.82
CA UNK B 3417 -40.24 99.29 56.82
C UNK B 3417 -40.08 97.77 56.80
N UNK B 3418 -40.58 97.12 57.85
CA UNK B 3418 -40.53 95.67 57.95
C UNK B 3418 -41.86 95.06 57.50
N UNK B 3419 -42.92 95.42 58.21
CA UNK B 3419 -44.26 94.93 57.88
C UNK B 3419 -44.84 95.70 56.70
N UNK B 3420 -44.37 96.93 56.51
CA UNK B 3420 -44.82 97.76 55.41
C UNK B 3420 -43.84 97.69 54.25
N UNK B 3421 -43.08 96.60 54.19
CA UNK B 3421 -42.15 96.39 53.09
C UNK B 3421 -42.91 95.93 51.85
N UNK B 3422 -44.14 95.45 52.06
CA UNK B 3422 -45.02 95.05 50.97
C UNK B 3422 -45.49 96.28 50.20
N UNK B 3423 -45.67 97.38 50.92
CA UNK B 3423 -46.06 98.65 50.31
C UNK B 3423 -44.84 99.38 49.76
N UNK B 3424 -43.68 99.08 50.34
CA UNK B 3424 -42.43 99.70 49.92
C UNK B 3424 -41.91 99.07 48.64
N UNK B 3425 -41.60 97.78 48.69
CA UNK B 3425 -41.07 97.07 47.52
C UNK B 3425 -41.45 95.59 47.56
N UNK B 3426 -42.47 95.22 46.82
CA UNK B 3426 -42.90 93.84 46.71
C UNK B 3426 -43.63 93.59 45.40
N UNK B 3427 -43.99 94.68 44.72
CA UNK B 3427 -44.68 94.60 43.43
C UNK B 3427 -43.70 94.18 42.34
N UNK B 3428 -42.42 94.44 42.57
CA UNK B 3428 -41.38 94.05 41.63
C UNK B 3428 -41.13 92.53 41.70
N UNK B 3429 -41.40 91.96 42.87
CA UNK B 3429 -41.24 90.53 43.07
C UNK B 3429 -42.54 89.80 42.74
N UNK B 3430 -43.66 90.50 42.84
CA UNK B 3430 -44.96 89.92 42.54
C UNK B 3430 -45.17 89.80 41.03
N UNK B 3431 -45.13 90.95 40.35
CA UNK B 3431 -45.31 90.97 38.90
C UNK B 3431 -44.04 91.49 38.21
N UNK B 3432 -44.12 91.65 36.89
CA UNK B 3432 -42.99 92.13 36.12
C UNK B 3432 -43.07 93.64 35.89
N UNK B 3433 -42.07 94.37 36.38
CA UNK B 3433 -42.04 95.82 36.23
C UNK B 3433 -40.60 96.32 36.15
N UNK B 3434 -40.24 96.89 35.01
CA UNK B 3434 -38.89 97.39 34.80
C UNK B 3434 -38.90 98.85 34.36
N UNK B 3435 -39.58 99.70 35.14
CA UNK B 3435 -39.67 101.11 34.85
C UNK B 3435 -38.78 101.92 35.78
N UNK B 3436 -38.70 103.22 35.54
CA UNK B 3436 -37.89 104.11 36.37
C UNK B 3436 -38.58 104.38 37.70
N UNK B 3437 -39.89 104.25 37.72
CA UNK B 3437 -40.68 104.49 38.92
C UNK B 3437 -40.52 103.34 39.92
N UNK B 3438 -40.31 102.13 39.40
CA UNK B 3438 -40.16 100.95 40.25
C UNK B 3438 -38.78 100.90 40.90
N UNK B 3439 -37.84 101.66 40.35
CA UNK B 3439 -36.48 101.67 40.86
C UNK B 3439 -36.24 102.90 41.74
N UNK B 3440 -37.13 103.89 41.65
CA UNK B 3440 -36.97 105.12 42.40
C UNK B 3440 -37.87 105.15 43.63
N UNK B 3441 -38.81 104.21 43.70
CA UNK B 3441 -39.75 104.15 44.82
C UNK B 3441 -39.17 103.33 45.97
N UNK B 3442 -38.12 102.56 45.69
CA UNK B 3442 -37.52 101.70 46.70
C UNK B 3442 -36.06 102.06 46.96
N UNK B 3443 -35.26 102.05 45.89
CA UNK B 3443 -33.82 102.28 46.01
C UNK B 3443 -33.51 103.76 46.29
N UNK B 3444 -34.47 104.64 46.03
CA UNK B 3444 -34.27 106.07 46.25
C UNK B 3444 -35.16 106.58 47.36
N UNK B 3445 -35.66 105.68 48.21
CA UNK B 3445 -36.54 106.05 49.31
C UNK B 3445 -36.23 105.28 50.58
N UNK B 3446 -36.05 103.96 50.44
CA UNK B 3446 -35.78 103.11 51.59
C UNK B 3446 -34.32 103.22 52.04
N UNK B 3447 -33.43 103.46 51.09
CA UNK B 3447 -32.01 103.57 51.40
C UNK B 3447 -31.61 105.01 51.67
N UNK B 3448 -32.60 105.84 51.97
CA UNK B 3448 -32.35 107.25 52.27
C UNK B 3448 -33.10 107.69 53.52
N UNK B 3449 -34.20 107.01 53.81
CA UNK B 3449 -35.02 107.32 54.97
C UNK B 3449 -34.83 106.29 56.08
N UNK B 3450 -34.92 105.02 55.72
CA UNK B 3450 -34.76 103.93 56.68
C UNK B 3450 -33.29 103.67 56.97
N UNK B 3451 -32.41 104.22 56.14
CA UNK B 3451 -30.98 104.11 56.36
C UNK B 3451 -30.57 105.00 57.54
N UNK B 3452 -31.23 106.14 57.66
CA UNK B 3452 -31.01 107.05 58.78
C UNK B 3452 -31.75 106.54 60.01
N UNK B 3453 -32.81 105.78 59.77
CA UNK B 3453 -33.57 105.17 60.86
C UNK B 3453 -32.80 104.01 61.46
N UNK B 3454 -32.05 103.31 60.61
CA UNK B 3454 -31.22 102.20 61.06
C UNK B 3454 -29.97 102.72 61.76
N UNK B 3455 -29.56 103.93 61.39
CA UNK B 3455 -28.41 104.57 62.01
C UNK B 3455 -28.78 105.03 63.42
N UNK B 3456 -30.02 105.47 63.59
CA UNK B 3456 -30.52 105.87 64.90
C UNK B 3456 -30.86 104.64 65.73
N UNK B 3457 -31.17 103.54 65.05
CA UNK B 3457 -31.45 102.27 65.72
C UNK B 3457 -30.16 101.67 66.27
N UNK B 3458 -29.07 101.88 65.54
CA UNK B 3458 -27.75 101.40 65.96
C UNK B 3458 -27.22 102.25 67.11
N UNK B 3459 -27.63 103.52 67.14
CA UNK B 3459 -27.25 104.42 68.21
C UNK B 3459 -28.01 104.05 69.49
N UNK B 3460 -29.22 103.52 69.31
CA UNK B 3460 -30.03 103.08 70.43
C UNK B 3460 -29.66 101.65 70.84
N UNK B 3461 -29.01 100.95 69.92
CA UNK B 3461 -28.54 99.59 70.20
C UNK B 3461 -27.30 99.61 71.07
N UNK B 3462 -26.57 100.73 71.02
CA UNK B 3462 -25.40 100.93 71.85
C UNK B 3462 -25.82 101.11 73.31
N UNK B 3463 -27.00 101.70 73.50
CA UNK B 3463 -27.56 101.87 74.83
C UNK B 3463 -28.19 100.56 75.30
N UNK B 3464 -28.68 99.77 74.36
CA UNK B 3464 -29.27 98.47 74.66
C UNK B 3464 -28.18 97.47 75.03
N UNK B 3465 -27.02 97.62 74.41
CA UNK B 3465 -25.88 96.75 74.70
C UNK B 3465 -25.24 97.15 76.02
N UNK B 3466 -25.34 98.43 76.36
CA UNK B 3466 -24.81 98.94 77.62
C UNK B 3466 -25.68 98.46 78.79
N UNK B 3467 -26.98 98.33 78.52
CA UNK B 3467 -27.92 97.85 79.52
C UNK B 3467 -28.45 96.47 79.14
N UNK B 3468 -27.54 95.51 79.03
CA UNK B 3468 -27.90 94.16 78.65
C UNK B 3468 -27.63 93.17 79.77
N UNK B 3469 -28.11 93.48 80.96
CA UNK B 3469 -27.93 92.61 82.12
C UNK B 3469 -29.21 92.51 82.94
N UNK B 3470 -29.76 93.67 83.30
CA UNK B 3470 -31.00 93.71 84.08
C UNK B 3470 -32.19 93.97 83.17
N UNK B 3471 -32.01 93.78 81.87
CA UNK B 3471 -33.07 94.00 80.90
C UNK B 3471 -33.06 92.93 79.82
N UNK B 3472 -31.91 92.75 79.18
CA UNK B 3472 -31.77 91.77 78.11
C UNK B 3472 -31.39 90.40 78.68
N UNK B 3473 -30.50 90.40 79.66
CA UNK B 3473 -30.03 89.16 80.27
C UNK B 3473 -30.79 88.85 81.55
N UNK B 3474 -32.08 89.20 81.57
CA UNK B 3474 -32.93 88.96 82.73
C UNK B 3474 -33.95 87.87 82.43
N UNK B 3475 -34.58 87.35 83.47
CA UNK B 3475 -35.60 86.31 83.31
C UNK B 3475 -36.87 86.88 82.69
N UNK B 3476 -37.18 88.13 83.03
CA UNK B 3476 -38.35 88.80 82.50
C UNK B 3476 -37.94 89.84 81.46
N UNK B 3477 -38.14 89.50 80.19
CA UNK B 3477 -37.76 90.39 79.09
C UNK B 3477 -38.98 91.10 78.52
N UNK B 3478 -39.03 92.42 78.71
CA UNK B 3478 -40.11 93.23 78.18
C UNK B 3478 -39.85 93.61 76.73
N UNK B 3479 -38.61 93.39 76.29
CA UNK B 3479 -38.22 93.67 74.91
C UNK B 3479 -38.22 92.39 74.09
N UNK B 3480 -39.19 91.52 74.35
CA UNK B 3480 -39.31 90.26 73.62
C UNK B 3480 -39.82 90.51 72.20
N UNK B 3481 -40.57 91.58 72.04
CA UNK B 3481 -41.08 91.96 70.72
C UNK B 3481 -39.96 92.54 69.87
N UNK B 3482 -39.03 93.22 70.53
CA UNK B 3482 -37.88 93.82 69.84
C UNK B 3482 -36.86 92.73 69.50
N UNK B 3483 -36.81 91.69 70.31
CA UNK B 3483 -35.90 90.57 70.07
C UNK B 3483 -36.42 89.71 68.93
N UNK B 3484 -37.74 89.61 68.82
CA UNK B 3484 -38.37 88.85 67.75
C UNK B 3484 -38.29 89.62 66.43
N UNK B 3485 -38.35 90.95 66.53
CA UNK B 3485 -38.26 91.80 65.36
C UNK B 3485 -36.83 91.92 64.87
N UNK B 3486 -36.48 91.11 63.87
CA UNK B 3486 -35.14 91.12 63.30
C UNK B 3486 -35.22 91.33 61.79
N UNK B 3487 -35.68 92.51 61.39
CA UNK B 3487 -35.88 92.83 59.98
C UNK B 3487 -34.55 92.94 59.24
N UNK B 3488 -33.50 93.32 59.95
CA UNK B 3488 -32.18 93.46 59.36
C UNK B 3488 -31.47 92.11 59.28
N UNK B 3489 -32.01 91.13 60.00
CA UNK B 3489 -31.41 89.79 60.04
C UNK B 3489 -32.09 88.85 59.05
N UNK B 3490 -32.00 89.21 57.77
CA UNK B 3490 -32.51 88.40 56.66
C UNK B 3490 -33.99 88.06 56.75
N UNK B 3491 -34.78 88.98 57.31
CA UNK B 3491 -36.22 88.83 57.36
C UNK B 3491 -36.87 89.83 56.41
N UNK B 3492 -36.43 91.08 56.52
CA UNK B 3492 -36.86 92.13 55.60
C UNK B 3492 -35.64 92.67 54.86
N UNK B 3493 -34.48 92.09 55.14
CA UNK B 3493 -33.24 92.49 54.50
C UNK B 3493 -32.76 91.40 53.54
N UNK B 3494 -33.59 90.39 53.35
CA UNK B 3494 -33.27 89.30 52.43
C UNK B 3494 -34.04 89.44 51.13
N UNK B 3495 -34.72 90.57 50.97
CA UNK B 3495 -35.51 90.84 49.78
C UNK B 3495 -34.60 91.17 48.59
N UNK B 3496 -34.10 90.11 47.93
CA UNK B 3496 -33.20 90.21 46.79
C UNK B 3496 -31.96 91.04 47.09
N UNK B 3497 -31.56 91.88 46.14
CA UNK B 3497 -30.38 92.73 46.31
C UNK B 3497 -30.79 94.16 46.61
N UNK B 3498 -32.09 94.40 46.67
CA UNK B 3498 -32.63 95.73 46.94
C UNK B 3498 -32.55 96.05 48.44
N UNK B 3499 -32.73 95.03 49.26
CA UNK B 3499 -32.70 95.21 50.71
C UNK B 3499 -31.37 94.78 51.31
N UNK B 3500 -30.30 94.90 50.51
CA UNK B 3500 -28.98 94.52 50.96
C UNK B 3500 -27.89 95.32 50.23
N UNK B 3501 -27.67 95.00 48.97
CA UNK B 3501 -26.63 95.65 48.18
C UNK B 3501 -27.01 97.08 47.81
N UNK B 3502 -28.30 97.32 47.59
CA UNK B 3502 -28.79 98.65 47.24
C UNK B 3502 -28.76 99.58 48.44
N UNK B 3503 -28.88 99.00 49.63
CA UNK B 3503 -28.85 99.77 50.87
C UNK B 3503 -27.42 100.04 51.30
N UNK B 3504 -26.52 99.12 50.96
CA UNK B 3504 -25.11 99.24 51.32
C UNK B 3504 -24.42 100.24 50.38
N UNK B 3505 -24.97 100.38 49.17
CA UNK B 3505 -24.41 101.31 48.19
C UNK B 3505 -24.70 102.75 48.58
N UNK B 3506 -25.83 102.95 49.26
CA UNK B 3506 -26.22 104.29 49.72
C UNK B 3506 -25.61 104.58 51.09
N UNK B 3507 -25.33 103.52 51.84
CA UNK B 3507 -24.72 103.67 53.16
C UNK B 3507 -23.24 103.99 53.03
N UNK B 3508 -22.65 103.57 51.92
CA UNK B 3508 -21.23 103.83 51.65
C UNK B 3508 -21.07 105.09 50.81
N UNK B 3509 -21.69 106.18 51.27
CA UNK B 3509 -21.62 107.45 50.57
C UNK B 3509 -21.34 108.60 51.53
N UNK B 3510 -20.08 108.67 51.99
CA UNK B 3510 -19.60 109.69 52.93
C UNK B 3510 -20.43 109.72 54.21
N UNK B 3511 -15.24 97.70 59.13
CA UNK B 3511 -16.38 96.82 59.33
C UNK B 3511 -17.14 96.60 58.02
N UNK B 3512 -16.59 95.75 57.16
CA UNK B 3512 -17.19 95.46 55.87
C UNK B 3512 -18.04 94.19 55.94
N UNK B 3513 -18.90 94.12 56.95
CA UNK B 3513 -19.78 92.97 57.12
C UNK B 3513 -21.18 93.30 56.61
N UNK B 3514 -21.25 93.97 55.47
CA UNK B 3514 -22.49 94.39 54.82
C UNK B 3514 -23.36 95.23 55.75
N UNK B 3515 -24.51 94.69 56.15
CA UNK B 3515 -25.41 95.38 57.05
C UNK B 3515 -24.88 95.33 58.48
N UNK B 3516 -24.47 96.49 58.99
CA UNK B 3516 -23.94 96.59 60.35
C UNK B 3516 -25.06 96.49 61.38
N UNK B 3517 -25.58 95.28 61.58
CA UNK B 3517 -26.66 95.05 62.52
C UNK B 3517 -26.13 94.56 63.85
N UNK B 3518 -26.93 94.70 64.90
CA UNK B 3518 -26.56 94.25 66.23
C UNK B 3518 -27.12 92.85 66.51
N UNK B 3519 -27.38 92.10 65.43
CA UNK B 3519 -27.97 90.78 65.54
C UNK B 3519 -26.98 89.76 66.10
N UNK B 3520 -25.70 90.11 66.10
CA UNK B 3520 -24.67 89.26 66.69
C UNK B 3520 -24.77 89.29 68.22
N UNK B 3521 -25.36 90.37 68.74
CA UNK B 3521 -25.55 90.52 70.17
C UNK B 3521 -27.02 90.40 70.54
N UNK B 3522 -27.89 90.44 69.53
CA UNK B 3522 -29.32 90.33 69.76
C UNK B 3522 -29.78 88.89 69.66
N UNK B 3523 -28.90 88.02 69.14
CA UNK B 3523 -29.22 86.61 68.99
C UNK B 3523 -29.24 85.92 70.35
N UNK B 3524 -28.43 86.41 71.28
CA UNK B 3524 -28.33 85.83 72.61
C UNK B 3524 -29.55 86.22 73.46
N UNK B 3525 -30.29 87.23 73.00
CA UNK B 3525 -31.48 87.68 73.71
C UNK B 3525 -32.74 87.35 72.93
N UNK B 3526 -32.56 86.83 71.71
CA UNK B 3526 -33.68 86.45 70.87
C UNK B 3526 -34.26 85.10 71.30
N UNK B 3527 -33.47 84.05 71.15
CA UNK B 3527 -33.87 82.71 71.57
C UNK B 3527 -33.30 82.41 72.95
N UNK B 3528 -33.65 81.25 73.51
CA UNK B 3528 -33.31 80.84 74.87
C UNK B 3528 -33.78 81.86 75.90
N UNK B 3529 -34.89 82.54 75.60
CA UNK B 3529 -35.50 83.50 76.51
C UNK B 3529 -36.99 83.21 76.53
N UNK B 3530 -37.46 82.59 75.45
CA UNK B 3530 -38.81 82.08 75.37
C UNK B 3530 -38.75 80.56 75.48
N UNK B 3531 -37.53 80.04 75.47
CA UNK B 3531 -37.28 78.60 75.61
C UNK B 3531 -36.21 78.37 76.67
N UNK B 3532 -35.95 77.11 76.99
CA UNK B 3532 -34.96 76.75 77.99
C UNK B 3532 -34.06 75.62 77.49
N UNK B 3533 -33.69 75.70 76.22
CA UNK B 3533 -32.83 74.71 75.55
C UNK B 3533 -33.40 73.29 75.63
N UNK B 3534 -32.52 72.30 75.44
CA UNK B 3534 -32.86 70.88 75.49
C UNK B 3534 -34.00 70.51 74.55
N UNK B 3535 -34.04 71.16 73.38
CA UNK B 3535 -35.10 70.91 72.41
C UNK B 3535 -34.51 70.66 71.03
N UNK B 3536 -33.18 70.74 70.93
CA UNK B 3536 -32.43 70.50 69.69
C UNK B 3536 -32.89 71.40 68.54
N UNK B 3537 -34.05 71.08 67.98
CA UNK B 3537 -34.66 71.81 66.86
C UNK B 3537 -33.73 71.87 65.65
N UNK B 3538 -33.02 70.78 65.40
CA UNK B 3538 -32.13 70.69 64.26
C UNK B 3538 -32.87 70.15 63.04
N UNK B 3539 -34.05 69.62 63.27
CA UNK B 3539 -34.88 69.09 62.19
C UNK B 3539 -35.50 70.22 61.39
N UNK B 3540 -36.09 71.18 62.08
CA UNK B 3540 -36.74 72.32 61.43
C UNK B 3540 -35.71 73.30 60.90
N UNK B 3541 -34.54 73.31 61.52
CA UNK B 3541 -33.45 74.20 61.09
C UNK B 3541 -32.84 73.72 59.79
N UNK B 3542 -32.84 72.41 59.59
CA UNK B 3542 -32.28 71.82 58.38
C UNK B 3542 -33.31 71.76 57.26
N UNK B 3543 -34.58 71.66 57.63
CA UNK B 3543 -35.66 71.58 56.66
C UNK B 3543 -35.95 72.95 56.05
N UNK B 3544 -35.69 74.01 56.81
CA UNK B 3544 -35.93 75.37 56.34
C UNK B 3544 -34.79 75.87 55.48
N UNK B 3545 -33.69 75.10 55.43
CA UNK B 3545 -32.53 75.47 54.65
C UNK B 3545 -32.40 74.59 53.41
N UNK B 3546 -32.90 73.36 53.50
CA UNK B 3546 -32.83 72.43 52.39
C UNK B 3546 -34.08 72.53 51.51
N UNK B 3547 -35.22 72.15 52.06
CA UNK B 3547 -36.47 72.16 51.32
C UNK B 3547 -37.16 73.52 51.41
N UNK B 3548 -37.40 73.97 52.66
CA UNK B 3548 -38.08 75.24 52.94
C UNK B 3548 -39.46 75.32 52.28
N UNK B 3549 -40.47 74.74 52.94
CA UNK B 3549 -41.81 74.72 52.41
C UNK B 3549 -42.45 76.11 52.46
N UNK B 3550 -42.66 76.62 53.67
CA UNK B 3550 -43.28 77.93 53.85
C UNK B 3550 -42.88 78.54 55.19
N UNK B 3551 -43.57 79.62 55.57
CA UNK B 3551 -43.33 80.28 56.84
C UNK B 3551 -44.06 79.57 57.96
N UNK B 3552 -45.19 78.97 57.63
CA UNK B 3552 -45.98 78.21 58.60
C UNK B 3552 -45.67 76.72 58.49
N UNK B 3553 -44.51 76.41 57.91
CA UNK B 3553 -44.07 75.04 57.75
C UNK B 3553 -43.62 74.45 59.09
N UNK B 3554 -43.17 75.32 59.98
CA UNK B 3554 -42.72 74.90 61.30
C UNK B 3554 -43.90 74.46 62.16
N UNK B 3555 -45.02 75.16 62.02
CA UNK B 3555 -46.24 74.83 62.75
C UNK B 3555 -46.94 73.63 62.10
N UNK B 3556 -46.71 73.46 60.80
CA UNK B 3556 -47.30 72.36 60.06
C UNK B 3556 -46.56 71.06 60.32
N UNK B 3557 -45.24 71.15 60.49
CA UNK B 3557 -44.41 69.98 60.78
C UNK B 3557 -44.38 69.71 62.27
N UNK B 3558 -44.97 70.61 63.06
CA UNK B 3558 -45.05 70.44 64.51
C UNK B 3558 -45.94 69.26 64.87
N UNK B 3559 -46.93 69.00 64.02
CA UNK B 3559 -47.80 67.84 64.20
C UNK B 3559 -47.03 66.57 63.85
N UNK B 3560 -46.09 66.70 62.93
CA UNK B 3560 -45.23 65.59 62.55
C UNK B 3560 -44.07 65.47 63.53
N UNK B 3561 -43.77 66.57 64.21
CA UNK B 3561 -42.72 66.58 65.23
C UNK B 3561 -43.28 66.08 66.57
N UNK B 3562 -43.08 66.88 67.62
CA UNK B 3562 -43.53 66.57 68.98
C UNK B 3562 -43.02 65.21 69.46
N UNK B 3563 -43.62 64.13 68.97
CA UNK B 3563 -43.19 62.79 69.29
C UNK B 3563 -41.88 62.46 68.58
N UNK B 3564 -41.60 63.17 67.49
CA UNK B 3564 -40.36 62.98 66.75
C UNK B 3564 -39.21 63.69 67.45
N UNK B 3565 -39.53 64.62 68.33
CA UNK B 3565 -38.53 65.35 69.10
C UNK B 3565 -38.70 65.09 70.58
N UNK B 3566 -38.10 64.00 71.06
CA UNK B 3566 -38.20 63.62 72.46
C UNK B 3566 -36.94 63.99 73.23
N UNK B 3567 -37.00 63.89 74.54
CA UNK B 3567 -35.85 64.20 75.40
C UNK B 3567 -35.09 62.94 75.77
N UNK B 3568 -33.80 62.93 75.45
CA UNK B 3568 -32.95 61.78 75.76
C UNK B 3568 -32.00 62.08 76.89
N UNK B 3569 -31.35 61.04 77.42
CA UNK B 3569 -30.42 61.19 78.52
C UNK B 3569 -28.98 61.02 78.03
N UNK B 3570 -28.27 62.14 77.90
CA UNK B 3570 -26.89 62.11 77.43
C UNK B 3570 -26.11 63.30 77.97
N UNK B 3571 -26.70 64.48 77.90
CA UNK B 3571 -26.04 65.70 78.37
C UNK B 3571 -26.83 66.36 79.49
N UNK B 3572 -26.38 66.16 80.73
CA UNK B 3572 -26.99 66.80 81.88
C UNK B 3572 -26.32 68.14 82.14
N UNK B 3573 -25.37 68.49 81.27
CA UNK B 3573 -24.63 69.73 81.39
C UNK B 3573 -25.46 70.92 80.90
N UNK B 3574 -26.50 70.64 80.11
CA UNK B 3574 -27.33 71.68 79.54
C UNK B 3574 -28.82 71.37 79.68
N UNK B 3575 -29.17 70.09 79.56
CA UNK B 3575 -30.56 69.67 79.64
C UNK B 3575 -31.01 69.47 81.09
N UNK B 3576 -30.07 69.61 82.02
CA UNK B 3576 -30.39 69.50 83.44
C UNK B 3576 -29.90 70.73 84.19
N UNK B 3577 -29.19 71.60 83.47
CA UNK B 3577 -28.68 72.84 84.05
C UNK B 3577 -29.58 74.02 83.71
N UNK B 3578 -29.85 74.18 82.42
CA UNK B 3578 -30.73 75.25 81.95
C UNK B 3578 -32.18 74.94 82.28
N UNK B 3579 -32.49 73.65 82.38
CA UNK B 3579 -33.84 73.22 82.75
C UNK B 3579 -34.10 73.50 84.22
N UNK B 3580 -33.06 73.38 85.04
CA UNK B 3580 -33.16 73.66 86.46
C UNK B 3580 -33.23 75.17 86.69
N UNK B 3581 -32.52 75.92 85.85
CA UNK B 3581 -32.52 77.38 85.93
C UNK B 3581 -33.71 77.94 85.15
N UNK B 3582 -34.91 77.73 85.67
CA UNK B 3582 -36.12 78.20 85.01
C UNK B 3582 -36.46 79.63 85.43
N UNK B 3583 -37.42 80.23 84.74
CA UNK B 3583 -37.83 81.60 85.04
C UNK B 3583 -38.93 81.61 86.10
N UNK B 3584 -39.82 80.63 86.05
CA UNK B 3584 -40.90 80.53 87.01
C UNK B 3584 -41.14 79.09 87.43
N UNK B 3585 -42.04 78.88 88.39
CA UNK B 3585 -42.35 77.55 88.88
C UNK B 3585 -43.26 76.81 87.92
N UNK B 3586 -44.04 77.57 87.14
CA UNK B 3586 -44.97 76.99 86.18
C UNK B 3586 -44.28 76.77 84.84
N UNK B 3587 -44.85 75.89 84.03
CA UNK B 3587 -44.30 75.59 82.71
C UNK B 3587 -45.41 75.45 81.67
N UNK B 3588 -45.20 76.08 80.51
CA UNK B 3588 -46.19 76.04 79.44
C UNK B 3588 -45.72 75.14 78.30
N UNK B 3589 -46.64 74.36 77.75
CA UNK B 3589 -46.33 73.45 76.65
C UNK B 3589 -47.25 73.70 75.46
N UNK B 3590 -47.76 74.93 75.36
CA UNK B 3590 -48.65 75.30 74.27
C UNK B 3590 -48.00 76.36 73.39
N UNK B 3591 -46.98 77.03 73.92
CA UNK B 3591 -46.27 78.07 73.18
C UNK B 3591 -44.95 77.54 72.65
N UNK B 3592 -44.77 76.22 72.71
CA UNK B 3592 -43.56 75.58 72.22
C UNK B 3592 -43.52 75.56 70.70
N UNK B 3593 -44.70 75.57 70.09
CA UNK B 3593 -44.82 75.56 68.63
C UNK B 3593 -44.57 76.96 68.06
N UNK B 3594 -44.74 77.97 68.92
CA UNK B 3594 -44.52 79.35 68.51
C UNK B 3594 -43.24 79.90 69.13
N UNK B 3595 -42.23 79.04 69.26
CA UNK B 3595 -40.95 79.44 69.82
C UNK B 3595 -39.80 78.84 69.03
N UNK B 3596 -40.05 77.70 68.41
CA UNK B 3596 -39.04 77.02 67.59
C UNK B 3596 -38.92 77.70 66.23
N UNK B 3597 -39.95 78.44 65.85
CA UNK B 3597 -39.96 79.18 64.59
C UNK B 3597 -39.21 80.50 64.73
N UNK B 3598 -38.88 80.85 65.97
CA UNK B 3598 -38.14 82.07 66.25
C UNK B 3598 -36.64 81.83 66.08
N UNK B 3599 -36.27 80.58 65.82
CA UNK B 3599 -34.89 80.23 65.55
C UNK B 3599 -34.61 80.20 64.05
N UNK B 3600 -35.39 80.99 63.31
CA UNK B 3600 -35.23 81.08 61.86
C UNK B 3600 -34.02 81.94 61.51
N UNK B 3601 -33.56 82.74 62.47
CA UNK B 3601 -32.38 83.56 62.29
C UNK B 3601 -31.13 82.69 62.24
N UNK B 3602 -31.22 81.50 62.83
CA UNK B 3602 -30.13 80.54 62.80
C UNK B 3602 -30.08 79.87 61.43
N UNK B 3603 -31.21 79.85 60.74
CA UNK B 3603 -31.31 79.24 59.42
C UNK B 3603 -31.17 80.27 58.31
N UNK B 3604 -31.09 81.55 58.70
CA UNK B 3604 -31.01 82.63 57.74
C UNK B 3604 -29.63 83.28 57.71
N UNK B 3605 -29.19 83.78 58.86
CA UNK B 3605 -27.93 84.51 58.95
C UNK B 3605 -26.81 83.65 59.53
N UNK B 3606 -27.16 82.61 60.28
CA UNK B 3606 -26.16 81.74 60.89
C UNK B 3606 -25.90 80.51 60.03
N UNK B 3607 -26.88 80.12 59.23
CA UNK B 3607 -26.72 79.02 58.29
C UNK B 3607 -25.93 79.50 57.08
N UNK B 3608 -26.05 80.80 56.80
CA UNK B 3608 -25.30 81.41 55.72
C UNK B 3608 -24.14 82.21 56.28
N UNK B 3609 -23.55 81.71 57.36
CA UNK B 3609 -22.42 82.37 58.01
C UNK B 3609 -21.17 82.28 57.15
N UNK B 3610 -21.10 81.24 56.32
CA UNK B 3610 -19.98 81.07 55.40
C UNK B 3610 -20.16 81.96 54.17
N UNK B 3611 -21.38 82.44 53.97
CA UNK B 3611 -21.68 83.32 52.85
C UNK B 3611 -21.60 84.78 53.26
N UNK B 3612 -22.00 85.06 54.50
CA UNK B 3612 -21.98 86.42 55.03
C UNK B 3612 -20.60 86.76 55.61
N UNK B 3613 -19.80 85.73 55.86
CA UNK B 3613 -18.46 85.92 56.40
C UNK B 3613 -17.49 84.88 55.87
N THR B 3639 -7.50 101.32 13.90
CA THR B 3639 -6.91 102.39 13.10
C THR B 3639 -7.90 102.93 12.07
N PRO B 3640 -8.16 104.23 12.11
CA PRO B 3640 -9.08 104.83 11.13
C PRO B 3640 -8.52 104.75 9.72
N LEU B 3641 -9.43 104.69 8.75
CA LEU B 3641 -9.05 104.53 7.35
C LEU B 3641 -9.01 105.84 6.58
N TYR B 3642 -9.70 106.88 7.05
CA TYR B 3642 -9.69 108.16 6.33
C TYR B 3642 -8.33 108.84 6.39
N ASN B 3643 -7.61 108.68 7.50
CA ASN B 3643 -6.27 109.27 7.63
C ASN B 3643 -5.21 108.27 7.20
N LEU B 3644 -5.30 107.86 5.94
CA LEU B 3644 -4.40 106.88 5.33
C LEU B 3644 -3.90 107.43 4.01
N PRO B 3645 -2.67 107.09 3.62
CA PRO B 3645 -2.17 107.49 2.29
C PRO B 3645 -3.04 106.92 1.17
N THR B 3646 -3.29 107.76 0.17
CA THR B 3646 -4.17 107.38 -0.94
C THR B 3646 -3.57 106.25 -1.75
N HIS B 3647 -2.27 106.33 -2.07
CA HIS B 3647 -1.63 105.29 -2.86
C HIS B 3647 -1.58 103.97 -2.09
N ARG B 3648 -1.33 104.02 -0.78
CA ARG B 3648 -1.34 102.81 0.02
C ARG B 3648 -2.72 102.19 0.08
N ALA B 3649 -3.76 103.02 0.25
CA ALA B 3649 -5.14 102.50 0.28
C ALA B 3649 -5.52 101.87 -1.05
N CYS B 3650 -5.15 102.52 -2.16
CA CYS B 3650 -5.41 101.94 -3.47
C CYS B 3650 -4.64 100.64 -3.66
N ASN B 3651 -3.45 100.55 -3.08
CA ASN B 3651 -2.68 99.31 -3.13
C ASN B 3651 -3.39 98.17 -2.40
N MET B 3652 -3.89 98.44 -1.19
CA MET B 3652 -4.53 97.34 -0.44
C MET B 3652 -5.92 97.02 -0.96
N PHE B 3653 -6.56 97.94 -1.68
CA PHE B 3653 -7.90 97.66 -2.19
C PHE B 3653 -7.88 96.60 -3.28
N LEU B 3654 -6.79 96.51 -4.05
CA LEU B 3654 -6.75 95.66 -5.23
C LEU B 3654 -6.67 94.17 -4.92
N GLU B 3655 -6.36 93.78 -3.68
CA GLU B 3655 -6.28 92.36 -3.36
C GLU B 3655 -7.64 91.68 -3.40
N SER B 3656 -8.70 92.38 -3.01
CA SER B 3656 -10.05 91.81 -3.00
C SER B 3656 -10.68 92.02 -4.37
N TYR B 3657 -10.50 91.04 -5.27
CA TYR B 3657 -11.11 91.12 -6.59
C TYR B 3657 -12.60 90.92 -6.44
N LYS B 3658 -13.03 89.78 -5.87
CA LYS B 3658 -14.37 89.69 -5.30
C LYS B 3658 -14.32 89.47 -3.80
N ALA B 3659 -13.80 88.33 -3.34
CA ALA B 3659 -13.34 88.21 -1.96
C ALA B 3659 -11.89 87.75 -1.88
N ALA B 3660 -11.59 86.55 -2.36
CA ALA B 3660 -10.22 86.05 -2.45
C ALA B 3660 -9.92 85.28 -3.72
N TRP B 3661 -10.92 84.70 -4.38
CA TRP B 3661 -10.77 83.91 -5.60
C TRP B 3661 -11.62 84.56 -6.68
N ILE B 3662 -11.72 83.88 -7.84
CA ILE B 3662 -12.53 84.42 -8.93
C ILE B 3662 -14.02 84.37 -8.59
N LEU B 3663 -14.50 83.24 -8.05
CA LEU B 3663 -15.86 83.05 -7.55
C LEU B 3663 -16.93 83.29 -8.61
N THR B 3664 -16.51 83.49 -9.86
CA THR B 3664 -17.39 83.78 -10.99
C THR B 3664 -17.20 82.68 -12.02
N GLU B 3665 -18.30 82.14 -12.53
CA GLU B 3665 -18.23 80.96 -13.39
C GLU B 3665 -17.85 81.39 -14.81
N ASP B 3666 -16.65 81.01 -15.22
CA ASP B 3666 -16.23 81.03 -16.63
C ASP B 3666 -16.36 79.64 -17.23
N HIS B 3667 -17.29 78.85 -16.68
CA HIS B 3667 -17.40 77.44 -17.00
C HIS B 3667 -17.98 77.26 -18.41
N SER B 3668 -17.83 76.03 -18.92
CA SER B 3668 -18.10 75.55 -20.28
C SER B 3668 -16.99 76.01 -21.23
N PHE B 3669 -15.98 76.73 -20.74
CA PHE B 3669 -14.78 76.98 -21.52
C PHE B 3669 -14.15 75.66 -21.93
N GLU B 3670 -14.06 74.71 -20.99
CA GLU B 3670 -13.44 73.41 -21.20
C GLU B 3670 -14.17 72.63 -22.28
N ASP B 3671 -15.46 72.37 -22.06
CA ASP B 3671 -16.23 71.59 -23.03
C ASP B 3671 -16.35 72.29 -24.36
N ARG B 3672 -16.48 73.62 -24.36
CA ARG B 3672 -16.61 74.35 -25.62
C ARG B 3672 -15.31 74.26 -26.44
N MET B 3673 -14.16 74.37 -25.78
CA MET B 3673 -12.90 74.19 -26.50
C MET B 3673 -12.76 72.78 -27.05
N ILE B 3674 -13.10 71.76 -26.24
CA ILE B 3674 -12.97 70.38 -26.73
C ILE B 3674 -13.92 70.13 -27.90
N ASP B 3675 -15.17 70.60 -27.79
CA ASP B 3675 -16.15 70.35 -28.83
C ASP B 3675 -15.91 71.21 -30.06
N ASP B 3676 -15.14 72.29 -29.95
CA ASP B 3676 -14.78 73.05 -31.14
C ASP B 3676 -13.55 72.48 -31.82
N LEU B 3677 -12.55 72.03 -31.04
CA LEU B 3677 -11.35 71.47 -31.64
C LEU B 3677 -11.62 70.10 -32.26
N SER B 3678 -12.26 69.20 -31.51
CA SER B 3678 -12.49 67.83 -31.99
C SER B 3678 -13.49 67.80 -33.15
N LYS B 3679 -14.30 68.86 -33.27
CA LYS B 3679 -15.37 69.01 -34.26
C LYS B 3679 -14.94 68.66 -35.68
N ALA B 3680 -13.66 68.84 -36.00
CA ALA B 3680 -13.21 68.77 -37.38
C ALA B 3680 -11.91 68.00 -37.51
N GLY B 3681 -11.98 66.79 -38.08
CA GLY B 3681 -10.91 66.34 -38.94
C GLY B 3681 -10.91 67.14 -40.23
N GLU B 3682 -12.10 67.35 -40.78
CA GLU B 3682 -12.41 68.50 -41.63
C GLU B 3682 -13.92 68.71 -41.52
N GLN B 3683 -14.30 69.85 -40.95
CA GLN B 3683 -15.73 70.16 -40.80
C GLN B 3683 -16.34 70.45 -42.16
N GLU B 3684 -15.77 71.41 -42.86
CA GLU B 3684 -16.10 71.66 -44.26
C GLU B 3684 -14.86 72.23 -44.93
N GLU B 3685 -14.69 71.83 -46.20
CA GLU B 3685 -13.55 71.90 -47.11
C GLU B 3685 -13.38 70.47 -47.62
N GLU B 3686 -12.71 69.64 -46.82
CA GLU B 3686 -12.66 68.18 -46.96
C GLU B 3686 -12.24 67.74 -48.36
N GLU B 3687 -11.09 68.26 -48.81
CA GLU B 3687 -10.45 67.72 -50.00
C GLU B 3687 -10.16 66.25 -49.76
N GLU B 3688 -10.61 65.40 -50.70
CA GLU B 3688 -10.68 63.95 -50.55
C GLU B 3688 -9.42 63.34 -49.95
N GLU B 3689 -9.57 62.63 -48.83
CA GLU B 3689 -8.44 62.10 -48.07
C GLU B 3689 -8.77 60.69 -47.59
N VAL B 3690 -7.70 59.93 -47.33
CA VAL B 3690 -7.85 58.57 -46.82
C VAL B 3690 -8.30 58.56 -45.36
N GLU B 3691 -8.27 59.72 -44.70
CA GLU B 3691 -8.52 59.96 -43.28
C GLU B 3691 -7.41 59.41 -42.40
N GLU B 3692 -6.32 58.91 -42.98
CA GLU B 3692 -5.12 58.55 -42.26
C GLU B 3692 -4.03 59.54 -42.67
N LYS B 3693 -3.17 59.88 -41.71
CA LYS B 3693 -2.19 60.96 -41.81
C LYS B 3693 -2.84 62.32 -42.02
N LYS B 3694 -4.06 62.50 -41.52
CA LYS B 3694 -4.77 63.78 -41.52
C LYS B 3694 -5.24 64.04 -40.10
N PRO B 3695 -4.32 64.38 -39.20
CA PRO B 3695 -4.65 64.41 -37.76
C PRO B 3695 -5.59 65.55 -37.40
N ASP B 3696 -6.38 65.32 -36.36
CA ASP B 3696 -7.21 66.37 -35.79
C ASP B 3696 -6.33 67.38 -35.07
N PRO B 3697 -6.78 68.66 -34.99
CA PRO B 3697 -5.99 69.69 -34.26
C PRO B 3697 -5.68 69.31 -32.82
N LEU B 3698 -6.65 68.71 -32.14
CA LEU B 3698 -6.41 68.21 -30.79
C LEU B 3698 -5.39 67.08 -30.79
N HIS B 3699 -5.45 66.20 -31.80
CA HIS B 3699 -4.48 65.13 -31.92
C HIS B 3699 -3.06 65.67 -32.14
N GLN B 3700 -2.91 66.79 -32.84
CA GLN B 3700 -1.57 67.37 -32.97
C GLN B 3700 -1.05 67.92 -31.64
N LEU B 3701 -1.93 68.47 -30.79
CA LEU B 3701 -1.52 68.88 -29.46
C LEU B 3701 -1.09 67.67 -28.62
N VAL B 3702 -1.86 66.59 -28.68
CA VAL B 3702 -1.52 65.38 -27.93
C VAL B 3702 -0.22 64.76 -28.45
N LEU B 3703 0.07 64.87 -29.74
CA LEU B 3703 1.34 64.39 -30.25
C LEU B 3703 2.49 65.33 -29.90
N HIS B 3704 2.26 66.63 -29.87
CA HIS B 3704 3.31 67.58 -29.50
C HIS B 3704 3.73 67.36 -28.05
N PHE B 3705 2.77 67.22 -27.14
CA PHE B 3705 3.13 66.96 -25.75
C PHE B 3705 3.77 65.59 -25.58
N SER B 3706 3.31 64.59 -26.34
CA SER B 3706 3.93 63.27 -26.32
C SER B 3706 5.39 63.34 -26.77
N ARG B 3707 5.64 64.07 -27.86
CA ARG B 3707 7.00 64.34 -28.33
C ARG B 3707 7.85 65.02 -27.25
N THR B 3708 7.28 66.04 -26.60
CA THR B 3708 8.03 66.78 -25.58
C THR B 3708 8.40 65.87 -24.42
N ALA B 3709 7.49 64.98 -24.02
CA ALA B 3709 7.85 63.96 -23.03
C ALA B 3709 8.92 63.02 -23.55
N LEU B 3710 8.82 62.62 -24.83
CA LEU B 3710 9.70 61.59 -25.37
C LEU B 3710 11.13 62.08 -25.51
N THR B 3711 11.32 63.38 -25.76
CA THR B 3711 12.67 63.93 -25.89
C THR B 3711 13.47 63.74 -24.61
N GLU B 3712 14.73 63.32 -24.75
CA GLU B 3712 15.57 62.96 -23.61
C GLU B 3712 16.14 64.20 -22.94
N LYS B 3713 15.40 64.69 -21.94
CA LYS B 3713 15.90 65.66 -20.99
C LYS B 3713 15.77 65.07 -19.58
N SER B 3714 16.77 65.35 -18.74
CA SER B 3714 16.86 64.70 -17.44
C SER B 3714 15.67 65.06 -16.55
N LYS B 3715 15.49 66.34 -16.27
CA LYS B 3715 14.42 66.82 -15.41
C LYS B 3715 13.45 67.68 -16.21
N LEU B 3716 12.15 67.44 -16.02
CA LEU B 3716 11.12 68.16 -16.76
C LEU B 3716 11.04 69.61 -16.29
N ASP B 3717 10.69 70.50 -17.22
CA ASP B 3717 10.44 71.91 -16.93
C ASP B 3717 9.06 72.09 -16.29
N GLU B 3718 8.63 73.35 -16.15
CA GLU B 3718 7.32 73.61 -15.57
C GLU B 3718 6.20 73.28 -16.55
N ASP B 3719 6.29 73.78 -17.78
CA ASP B 3719 5.32 73.53 -18.85
C ASP B 3719 3.90 73.94 -18.45
N TYR B 3720 3.75 75.22 -18.11
CA TYR B 3720 2.45 75.76 -17.70
C TYR B 3720 1.39 75.58 -18.77
N LEU B 3721 1.79 75.60 -20.05
CA LEU B 3721 0.86 75.28 -21.13
C LEU B 3721 0.32 73.86 -20.99
N TYR B 3722 1.22 72.91 -20.69
CA TYR B 3722 0.79 71.53 -20.47
C TYR B 3722 -0.15 71.43 -19.28
N MET B 3723 0.18 72.14 -18.19
CA MET B 3723 -0.66 72.06 -16.99
C MET B 3723 -2.06 72.58 -17.27
N ALA B 3724 -2.15 73.74 -17.92
CA ALA B 3724 -3.46 74.33 -18.22
C ALA B 3724 -4.26 73.47 -19.17
N TYR B 3725 -3.64 73.01 -20.27
CA TYR B 3725 -4.37 72.18 -21.22
C TYR B 3725 -4.76 70.84 -20.62
N ALA B 3726 -3.91 70.27 -19.75
CA ALA B 3726 -4.25 69.02 -19.08
C ALA B 3726 -5.44 69.19 -18.15
N ASP B 3727 -5.49 70.31 -17.41
CA ASP B 3727 -6.65 70.58 -16.56
C ASP B 3727 -7.92 70.73 -17.40
N ILE B 3728 -7.82 71.46 -18.52
CA ILE B 3728 -8.98 71.64 -19.39
C ILE B 3728 -9.42 70.30 -20.00
N MET B 3729 -8.47 69.46 -20.39
CA MET B 3729 -8.81 68.15 -20.93
C MET B 3729 -9.47 67.28 -19.86
N ALA B 3730 -8.96 67.33 -18.63
CA ALA B 3730 -9.53 66.51 -17.55
C ALA B 3730 -10.94 66.94 -17.21
N LYS B 3731 -11.21 68.25 -17.17
CA LYS B 3731 -12.50 68.73 -16.71
C LYS B 3731 -13.63 68.40 -17.69
N SER B 3732 -13.32 68.09 -18.95
CA SER B 3732 -14.36 67.76 -19.92
C SER B 3732 -15.06 66.45 -19.57
N CYS B 3733 -14.31 65.45 -19.15
CA CYS B 3733 -14.88 64.19 -18.68
C CYS B 3733 -15.18 64.22 -17.19
N HIS B 3734 -14.52 65.10 -16.43
CA HIS B 3734 -14.91 65.30 -15.04
C HIS B 3734 -16.34 65.81 -14.92
N LEU B 3735 -16.83 66.50 -15.95
CA LEU B 3735 -18.24 66.91 -15.99
C LEU B 3735 -19.17 65.69 -16.00
N GLU B 3736 -18.72 64.57 -16.56
CA GLU B 3736 -19.53 63.35 -16.55
C GLU B 3736 -19.69 62.81 -15.14
N GLU B 3737 -18.61 62.81 -14.34
CA GLU B 3737 -18.69 62.30 -12.98
C GLU B 3737 -19.58 63.18 -12.11
N GLY B 3738 -19.35 64.49 -12.13
CA GLY B 3738 -20.18 65.41 -11.37
C GLY B 3738 -20.65 66.56 -12.23
N GLY B 3739 -21.89 66.97 -11.99
CA GLY B 3739 -22.54 67.97 -12.81
C GLY B 3739 -23.22 67.44 -14.05
N GLU B 3740 -23.33 66.13 -14.20
CA GLU B 3740 -24.04 65.54 -15.34
C GLU B 3740 -25.41 65.01 -14.91
N GLU B 3747 -31.55 64.48 -2.43
CA GLU B 3747 -30.79 63.67 -1.49
C GLU B 3747 -31.02 62.18 -1.75
N GLU B 3748 -32.29 61.80 -1.89
CA GLU B 3748 -32.62 60.43 -2.26
C GLU B 3748 -32.16 60.15 -3.69
N VAL B 3749 -31.88 58.87 -3.96
CA VAL B 3749 -31.38 58.44 -5.27
C VAL B 3749 -32.34 58.88 -6.37
N GLU B 3750 -33.56 58.33 -6.36
CA GLU B 3750 -34.65 58.68 -7.28
C GLU B 3750 -34.22 58.65 -8.76
N VAL B 3751 -33.37 57.69 -9.12
CA VAL B 3751 -32.87 57.57 -10.49
C VAL B 3751 -33.47 56.32 -11.12
N SER B 3752 -34.06 56.47 -12.30
CA SER B 3752 -34.54 55.34 -13.07
C SER B 3752 -33.36 54.53 -13.61
N PHE B 3753 -33.64 53.26 -13.97
CA PHE B 3753 -32.59 52.41 -14.53
C PHE B 3753 -32.15 52.95 -15.89
N GLU B 3754 -33.10 53.40 -16.70
CA GLU B 3754 -32.78 54.05 -17.96
C GLU B 3754 -31.96 55.31 -17.73
N GLU B 3755 -32.31 56.06 -16.67
CA GLU B 3755 -31.56 57.28 -16.33
C GLU B 3755 -30.10 56.96 -15.98
N LYS B 3756 -29.88 55.95 -15.13
CA LYS B 3756 -28.51 55.56 -14.81
C LYS B 3756 -27.78 55.02 -16.05
N GLU B 3757 -28.48 54.25 -16.89
CA GLU B 3757 -27.83 53.68 -18.06
C GLU B 3757 -27.44 54.76 -19.07
N MET B 3758 -28.31 55.75 -19.29
CA MET B 3758 -27.98 56.82 -20.22
C MET B 3758 -26.95 57.76 -19.62
N GLU B 3759 -26.86 57.82 -18.28
CA GLU B 3759 -25.74 58.49 -17.65
C GLU B 3759 -24.42 57.77 -17.90
N LYS B 3760 -24.40 56.45 -17.68
CA LYS B 3760 -23.15 55.69 -17.79
C LYS B 3760 -22.68 55.58 -19.23
N GLN B 3761 -23.58 55.22 -20.14
CA GLN B 3761 -23.30 55.12 -21.57
C GLN B 3761 -24.11 56.17 -22.30
N ARG B 3762 -23.53 56.74 -23.36
CA ARG B 3762 -23.93 57.92 -24.16
C ARG B 3762 -23.57 59.21 -23.45
N LEU B 3763 -22.95 59.14 -22.27
CA LEU B 3763 -22.36 60.30 -21.62
C LEU B 3763 -20.94 60.08 -21.15
N LEU B 3764 -20.42 58.85 -21.20
CA LEU B 3764 -19.01 58.59 -20.93
C LEU B 3764 -18.24 58.29 -22.21
N TYR B 3765 -18.80 58.66 -23.36
CA TYR B 3765 -18.05 58.64 -24.61
C TYR B 3765 -17.19 59.88 -24.77
N GLN B 3766 -17.32 60.85 -23.86
CA GLN B 3766 -16.47 62.03 -23.88
C GLN B 3766 -15.01 61.65 -23.67
N GLN B 3767 -14.76 60.48 -23.08
CA GLN B 3767 -13.41 59.96 -22.94
C GLN B 3767 -12.80 59.66 -24.30
N SER B 3768 -13.59 59.11 -25.23
CA SER B 3768 -13.15 58.89 -26.59
C SER B 3768 -12.73 60.20 -27.26
N ARG B 3769 -13.53 61.25 -27.05
CA ARG B 3769 -13.13 62.57 -27.54
C ARG B 3769 -11.88 63.08 -26.85
N LEU B 3770 -11.75 62.79 -25.55
CA LEU B 3770 -10.59 63.22 -24.77
C LEU B 3770 -9.31 62.65 -25.33
N HIS B 3771 -9.39 61.38 -25.81
CA HIS B 3771 -8.51 60.63 -26.72
C HIS B 3771 -8.16 59.27 -26.13
N THR B 3772 -9.13 58.37 -26.08
CA THR B 3772 -8.81 56.96 -25.86
C THR B 3772 -7.88 56.47 -26.96
N ARG B 3773 -7.99 57.06 -28.16
CA ARG B 3773 -7.00 56.99 -29.23
C ARG B 3773 -5.57 57.23 -28.74
N GLY B 3774 -5.30 58.43 -28.19
CA GLY B 3774 -3.94 58.84 -27.89
C GLY B 3774 -3.54 59.12 -26.44
N ALA B 3775 -4.48 59.59 -25.62
CA ALA B 3775 -4.12 60.25 -24.36
C ALA B 3775 -3.47 59.30 -23.36
N ALA B 3776 -3.81 58.00 -23.42
CA ALA B 3776 -3.29 57.05 -22.44
C ALA B 3776 -1.77 56.93 -22.53
N GLU B 3777 -1.22 56.82 -23.75
CA GLU B 3777 0.22 56.72 -23.89
C GLU B 3777 0.92 58.02 -23.57
N MET B 3778 0.28 59.16 -23.80
CA MET B 3778 0.83 60.45 -23.37
C MET B 3778 0.94 60.51 -21.85
N VAL B 3779 -0.10 60.07 -21.14
CA VAL B 3779 -0.06 60.01 -19.69
C VAL B 3779 1.04 59.08 -19.20
N LEU B 3780 1.14 57.89 -19.80
CA LEU B 3780 2.18 56.95 -19.40
C LEU B 3780 3.57 57.49 -19.69
N GLN B 3781 3.76 58.15 -20.83
CA GLN B 3781 5.07 58.70 -21.15
C GLN B 3781 5.47 59.81 -20.18
N MET B 3782 4.52 60.66 -19.78
CA MET B 3782 4.90 61.70 -18.82
C MET B 3782 5.18 61.13 -17.43
N ILE B 3783 4.40 60.13 -16.99
CA ILE B 3783 4.67 59.52 -15.69
C ILE B 3783 6.02 58.80 -15.70
N SER B 3784 6.40 58.19 -16.82
CA SER B 3784 7.72 57.58 -16.90
C SER B 3784 8.81 58.64 -17.02
N ALA B 3785 8.51 59.75 -17.70
CA ALA B 3785 9.47 60.84 -17.88
C ALA B 3785 9.86 61.44 -16.55
N CYS B 3786 8.89 61.67 -15.66
CA CYS B 3786 9.27 62.11 -14.33
C CYS B 3786 9.92 60.94 -13.61
N LYS B 3787 11.26 60.92 -13.62
CA LYS B 3787 12.03 59.79 -13.08
C LYS B 3787 11.71 59.54 -11.61
N GLY B 3788 11.63 60.61 -10.83
CA GLY B 3788 11.30 60.56 -9.42
C GLY B 3788 10.75 61.91 -9.01
N GLU B 3789 10.39 62.00 -7.72
CA GLU B 3789 10.17 63.20 -6.90
C GLU B 3789 8.85 63.87 -7.26
N THR B 3790 8.11 64.32 -6.25
CA THR B 3790 6.80 64.91 -6.49
C THR B 3790 6.91 66.26 -7.19
N GLY B 3791 5.99 66.50 -8.11
CA GLY B 3791 5.80 67.80 -8.70
C GLY B 3791 4.33 67.98 -9.06
N ALA B 3792 3.97 69.19 -9.47
CA ALA B 3792 2.60 69.44 -9.88
C ALA B 3792 2.31 68.77 -11.22
N MET B 3793 3.34 68.55 -12.04
CA MET B 3793 3.16 67.88 -13.33
C MET B 3793 2.60 66.47 -13.15
N VAL B 3794 3.22 65.68 -12.26
CA VAL B 3794 2.76 64.31 -12.05
C VAL B 3794 1.36 64.31 -11.46
N SER B 3795 1.05 65.28 -10.60
CA SER B 3795 -0.30 65.38 -10.03
C SER B 3795 -1.33 65.67 -11.11
N SER B 3796 -1.03 66.61 -12.01
CA SER B 3796 -1.95 66.92 -13.11
C SER B 3796 -2.11 65.73 -14.04
N THR B 3797 -1.01 65.03 -14.32
CA THR B 3797 -1.07 63.86 -15.20
C THR B 3797 -1.89 62.74 -14.57
N LEU B 3798 -1.72 62.52 -13.26
CA LEU B 3798 -2.50 61.50 -12.56
C LEU B 3798 -3.99 61.88 -12.52
N LYS B 3799 -4.30 63.16 -12.32
CA LYS B 3799 -5.71 63.55 -12.31
C LYS B 3799 -6.34 63.39 -13.69
N LEU B 3800 -5.57 63.70 -14.75
CA LEU B 3800 -6.02 63.43 -16.11
C LEU B 3800 -6.26 61.95 -16.33
N GLY B 3801 -5.35 61.11 -15.82
CA GLY B 3801 -5.52 59.67 -15.95
C GLY B 3801 -6.76 59.14 -15.24
N ILE B 3802 -6.98 59.59 -13.99
CA ILE B 3802 -8.16 59.18 -13.25
C ILE B 3802 -9.44 59.65 -13.95
N SER B 3803 -9.40 60.83 -14.58
CA SER B 3803 -10.51 61.24 -15.42
C SER B 3803 -10.67 60.30 -16.62
N ILE B 3804 -9.56 59.85 -17.20
CA ILE B 3804 -9.64 59.00 -18.40
C ILE B 3804 -10.27 57.65 -18.07
N LEU B 3805 -9.86 57.01 -16.98
CA LEU B 3805 -10.42 55.71 -16.65
C LEU B 3805 -11.23 55.71 -15.35
N ASN B 3806 -12.00 56.77 -15.11
CA ASN B 3806 -12.98 56.82 -14.03
C ASN B 3806 -13.95 55.65 -14.09
N GLY B 3807 -14.57 55.44 -15.25
CA GLY B 3807 -15.48 54.32 -15.40
C GLY B 3807 -14.81 52.97 -15.24
N GLY B 3808 -13.56 52.86 -15.68
CA GLY B 3808 -12.89 51.58 -15.65
C GLY B 3808 -12.86 50.94 -17.02
N ASN B 3809 -12.59 51.74 -18.04
CA ASN B 3809 -12.78 51.32 -19.43
C ASN B 3809 -11.78 50.23 -19.82
N ALA B 3810 -12.33 49.13 -20.33
CA ALA B 3810 -11.51 48.00 -20.74
C ALA B 3810 -10.69 48.31 -21.99
N GLU B 3811 -11.21 49.14 -22.89
CA GLU B 3811 -10.43 49.55 -24.06
C GLU B 3811 -9.18 50.31 -23.64
N VAL B 3812 -9.33 51.26 -22.71
CA VAL B 3812 -8.18 52.04 -22.25
C VAL B 3812 -7.20 51.16 -21.47
N GLN B 3813 -7.72 50.25 -20.63
CA GLN B 3813 -6.83 49.34 -19.90
C GLN B 3813 -6.06 48.44 -20.86
N GLN B 3814 -6.73 47.89 -21.86
CA GLN B 3814 -6.07 47.03 -22.84
C GLN B 3814 -5.03 47.80 -23.64
N LYS B 3815 -5.35 49.02 -24.06
CA LYS B 3815 -4.41 49.83 -24.81
C LYS B 3815 -3.17 50.16 -23.98
N MET B 3816 -3.36 50.53 -22.71
CA MET B 3816 -2.22 50.82 -21.85
C MET B 3816 -1.36 49.59 -21.61
N LEU B 3817 -1.99 48.44 -21.35
CA LEU B 3817 -1.23 47.21 -21.15
C LEU B 3817 -0.46 46.81 -22.41
N ASP B 3818 -1.11 46.97 -23.57
CA ASP B 3818 -0.46 46.65 -24.84
C ASP B 3818 0.73 47.58 -25.08
N TYR B 3819 0.57 48.88 -24.82
CA TYR B 3819 1.67 49.82 -25.02
C TYR B 3819 2.83 49.49 -24.09
N LEU B 3820 2.55 49.19 -22.81
CA LEU B 3820 3.62 48.87 -21.88
C LEU B 3820 4.35 47.60 -22.29
N LYS B 3821 3.59 46.55 -22.67
CA LYS B 3821 4.21 45.29 -23.06
C LYS B 3821 5.02 45.42 -24.33
N ASP B 3822 4.52 46.20 -25.29
CA ASP B 3822 5.25 46.39 -26.55
C ASP B 3822 6.49 47.25 -26.33
N LYS B 3823 6.40 48.28 -25.49
CA LYS B 3823 7.56 49.13 -25.22
C LYS B 3823 8.66 48.39 -24.50
N LYS B 3824 8.30 47.50 -23.56
CA LYS B 3824 9.27 46.68 -22.82
C LYS B 3824 10.34 47.52 -22.14
N GLU B 3825 9.94 48.65 -21.56
CA GLU B 3825 10.89 49.56 -20.92
C GLU B 3825 10.51 49.77 -19.47
N VAL B 3826 11.45 49.50 -18.57
CA VAL B 3826 11.26 49.73 -17.14
C VAL B 3826 11.36 51.23 -16.85
N GLY B 3827 10.66 51.67 -15.80
CA GLY B 3827 10.73 53.05 -15.35
C GLY B 3827 9.42 53.64 -14.90
N PHE B 3828 8.31 53.22 -15.53
CA PHE B 3828 6.98 53.52 -15.00
C PHE B 3828 6.84 52.98 -13.58
N PHE B 3829 7.16 51.70 -13.40
CA PHE B 3829 7.04 51.09 -12.09
C PHE B 3829 8.03 51.67 -11.09
N GLN B 3830 9.23 52.03 -11.56
CA GLN B 3830 10.23 52.64 -10.70
C GLN B 3830 9.76 54.00 -10.19
N SER B 3831 9.21 54.82 -11.10
CA SER B 3831 8.63 56.11 -10.70
C SER B 3831 7.50 55.92 -9.70
N ILE B 3832 6.63 54.93 -9.95
CA ILE B 3832 5.53 54.67 -9.03
C ILE B 3832 6.05 54.27 -7.65
N GLN B 3833 7.11 53.45 -7.62
CA GLN B 3833 7.70 53.02 -6.36
C GLN B 3833 8.29 54.20 -5.59
N ALA B 3834 9.06 55.05 -6.28
CA ALA B 3834 9.67 56.20 -5.63
C ALA B 3834 8.62 57.19 -5.11
N LEU B 3835 7.58 57.43 -5.91
CA LEU B 3835 6.49 58.29 -5.49
C LEU B 3835 5.74 57.70 -4.30
N MET B 3836 5.63 56.37 -4.23
CA MET B 3836 5.07 55.73 -3.06
C MET B 3836 5.94 55.93 -1.83
N GLN B 3837 7.26 55.76 -1.98
CA GLN B 3837 8.16 55.90 -0.84
C GLN B 3837 8.23 57.33 -0.34
N THR B 3838 7.96 58.30 -1.21
CA THR B 3838 8.06 59.70 -0.80
C THR B 3838 6.99 60.08 0.21
N CYS B 3839 5.77 59.55 0.07
CA CYS B 3839 4.58 60.06 0.76
C CYS B 3839 4.76 60.10 2.28
N SER B 3840 4.39 61.24 2.86
CA SER B 3840 4.49 61.43 4.30
C SER B 3840 3.39 60.67 5.02
N VAL B 3841 3.64 60.37 6.29
CA VAL B 3841 2.66 59.68 7.12
C VAL B 3841 2.43 60.41 8.43
N LEU B 3842 1.43 61.30 8.46
CA LEU B 3842 0.96 62.00 9.67
C LEU B 3842 2.15 62.68 10.35
N ASP B 3843 2.41 62.39 11.64
CA ASP B 3843 3.64 62.53 12.44
C ASP B 3843 3.40 63.33 13.70
N LEU B 3844 3.34 62.64 14.85
CA LEU B 3844 3.54 63.32 16.11
C LEU B 3844 4.96 63.87 16.15
N ASN B 3845 5.08 65.05 16.79
CA ASN B 3845 6.13 66.07 16.67
C ASN B 3845 5.77 66.96 15.48
N ALA B 3846 6.09 68.25 15.59
CA ALA B 3846 5.70 69.38 14.76
C ALA B 3846 4.22 69.73 14.94
N PHE B 3847 3.45 68.80 15.50
CA PHE B 3847 2.11 69.13 15.97
C PHE B 3847 2.19 69.97 17.24
N GLU B 3848 3.13 69.63 18.12
CA GLU B 3848 3.36 70.44 19.33
C GLU B 3848 3.81 71.84 18.97
N ARG B 3849 4.80 71.94 18.08
CA ARG B 3849 5.30 73.25 17.66
C ARG B 3849 4.23 74.06 16.93
N GLN B 3850 3.41 73.41 16.10
CA GLN B 3850 2.33 74.15 15.46
C GLN B 3850 1.26 74.57 16.47
N ASN B 3851 1.00 73.75 17.50
CA ASN B 3851 0.08 74.15 18.55
C ASN B 3851 0.58 75.37 19.31
N LYS B 3852 1.88 75.43 19.58
CA LYS B 3852 2.47 76.63 20.14
C LYS B 3852 2.41 77.79 19.14
N ALA B 3853 2.55 77.47 17.86
CA ALA B 3853 2.55 78.49 16.81
C ALA B 3853 1.21 79.21 16.72
N GLU B 3854 0.09 78.49 16.87
CA GLU B 3854 -1.21 79.16 16.83
C GLU B 3854 -1.36 80.14 17.99
N GLY B 3855 -0.96 79.74 19.18
CA GLY B 3855 -1.04 80.58 20.35
C GLY B 3855 -0.20 81.84 20.22
N LEU B 3856 1.06 81.67 19.79
CA LEU B 3856 1.90 82.85 19.60
C LEU B 3856 1.43 83.69 18.42
N GLY B 3857 0.88 83.04 17.38
CA GLY B 3857 0.40 83.76 16.21
C GLY B 3857 -0.76 84.67 16.53
N MET B 3858 -1.63 84.24 17.43
CA MET B 3858 -2.60 85.18 17.99
C MET B 3858 -1.84 86.25 18.75
N VAL B 3859 -1.72 87.44 18.16
CA VAL B 3859 -0.84 88.48 18.68
C VAL B 3859 -1.27 89.81 18.10
N ASN B 3860 -1.02 90.88 18.85
CA ASN B 3860 -1.35 92.23 18.42
C ASN B 3860 -0.20 92.86 17.65
N GLU B 3861 -0.45 94.06 17.11
CA GLU B 3861 0.55 94.92 16.49
C GLU B 3861 1.48 94.23 15.49
N ASP B 3862 0.90 93.64 14.45
CA ASP B 3862 1.56 93.08 13.26
C ASP B 3862 2.26 91.74 13.55
N GLY B 3863 2.16 91.20 14.77
CA GLY B 3863 2.69 89.88 15.01
C GLY B 3863 1.84 88.75 14.48
N THR B 3864 0.63 89.07 14.00
CA THR B 3864 -0.29 88.12 13.40
C THR B 3864 -0.39 88.28 11.88
N VAL B 3865 0.67 88.77 11.24
CA VAL B 3865 0.60 89.17 9.84
C VAL B 3865 0.30 87.97 8.94
N ILE B 3866 1.06 86.89 9.11
CA ILE B 3866 0.90 85.69 8.28
C ILE B 3866 0.83 84.41 9.10
N ASN B 3867 1.01 84.50 10.43
CA ASN B 3867 1.01 83.29 11.26
C ASN B 3867 -0.37 82.67 11.37
N ARG B 3868 -1.42 83.46 11.10
CA ARG B 3868 -2.78 83.06 11.46
C ARG B 3868 -3.23 81.80 10.73
N GLN B 3869 -2.96 81.70 9.43
CA GLN B 3869 -3.42 80.57 8.62
C GLN B 3869 -2.22 79.88 7.98
N ASN B 3870 -1.61 78.96 8.74
CA ASN B 3870 -0.59 78.07 8.22
C ASN B 3870 -0.85 76.67 8.78
N GLY B 3871 -2.13 76.25 8.74
CA GLY B 3871 -2.57 75.12 9.55
C GLY B 3871 -1.97 73.78 9.14
N GLU B 3872 -1.91 73.50 7.85
CA GLU B 3872 -1.71 72.14 7.36
C GLU B 3872 -0.21 71.89 7.05
N LYS B 3873 0.55 71.66 8.12
CA LYS B 3873 1.93 71.21 7.96
C LYS B 3873 2.12 69.72 8.21
N VAL B 3874 1.33 69.13 9.10
CA VAL B 3874 1.47 67.71 9.43
C VAL B 3874 1.06 66.84 8.25
N MET B 3875 0.09 67.32 7.46
CA MET B 3875 -0.42 66.60 6.29
C MET B 3875 -0.49 67.57 5.11
N ALA B 3876 0.34 67.32 4.10
CA ALA B 3876 0.28 68.05 2.85
C ALA B 3876 0.20 67.15 1.63
N ASP B 3877 0.34 65.84 1.79
CA ASP B 3877 0.36 64.90 0.69
C ASP B 3877 -0.95 64.14 0.52
N ASP B 3878 -2.02 64.58 1.19
CA ASP B 3878 -3.33 63.93 1.18
C ASP B 3878 -3.88 63.64 -0.22
N GLU B 3879 -4.12 64.69 -1.00
CA GLU B 3879 -4.73 64.53 -2.32
C GLU B 3879 -3.84 63.72 -3.25
N PHE B 3880 -2.54 63.96 -3.20
CA PHE B 3880 -1.59 63.25 -4.06
C PHE B 3880 -1.57 61.75 -3.73
N THR B 3881 -1.56 61.40 -2.45
CA THR B 3881 -1.54 59.99 -2.06
C THR B 3881 -2.85 59.30 -2.42
N GLN B 3882 -3.98 59.96 -2.17
CA GLN B 3882 -5.27 59.39 -2.53
C GLN B 3882 -5.39 59.22 -4.04
N ASP B 3883 -4.83 60.15 -4.81
CA ASP B 3883 -4.89 60.03 -6.27
C ASP B 3883 -3.99 58.92 -6.78
N LEU B 3884 -2.81 58.73 -6.17
CA LEU B 3884 -1.94 57.63 -6.59
C LEU B 3884 -2.61 56.27 -6.36
N PHE B 3885 -3.09 56.04 -5.13
CA PHE B 3885 -3.76 54.76 -4.87
C PHE B 3885 -5.07 54.62 -5.63
N ARG B 3886 -5.79 55.73 -5.86
CA ARG B 3886 -7.04 55.65 -6.61
C ARG B 3886 -6.76 55.37 -8.09
N PHE B 3887 -5.66 55.90 -8.62
CA PHE B 3887 -5.22 55.58 -9.97
C PHE B 3887 -4.90 54.10 -10.11
N LEU B 3888 -4.18 53.54 -9.15
CA LEU B 3888 -3.86 52.11 -9.21
C LEU B 3888 -5.12 51.26 -9.06
N GLN B 3889 -6.04 51.66 -8.16
CA GLN B 3889 -7.28 50.94 -7.99
C GLN B 3889 -8.13 50.99 -9.26
N LEU B 3890 -8.14 52.13 -9.95
CA LEU B 3890 -8.83 52.25 -11.23
C LEU B 3890 -8.15 51.43 -12.32
N LEU B 3891 -6.82 51.27 -12.23
CA LEU B 3891 -6.13 50.36 -13.13
C LEU B 3891 -6.60 48.93 -12.93
N CYS B 3892 -6.81 48.52 -11.68
CA CYS B 3892 -7.24 47.15 -11.40
C CYS B 3892 -8.76 47.01 -11.32
N GLU B 3893 -9.51 48.09 -11.56
CA GLU B 3893 -10.94 48.20 -11.25
C GLU B 3893 -11.80 47.05 -11.74
N GLY B 3894 -11.91 46.88 -13.05
CA GLY B 3894 -12.56 45.72 -13.61
C GLY B 3894 -11.75 44.48 -13.33
N HIS B 3895 -12.41 43.34 -13.08
CA HIS B 3895 -11.67 42.09 -12.98
C HIS B 3895 -11.07 41.76 -14.34
N ASN B 3896 -9.75 41.78 -14.41
CA ASN B 3896 -9.02 41.65 -15.66
C ASN B 3896 -8.14 40.42 -15.72
N ASN B 3897 -7.37 40.15 -14.66
CA ASN B 3897 -6.46 39.03 -14.45
C ASN B 3897 -5.16 39.19 -15.25
N ASP B 3898 -5.01 40.26 -16.02
CA ASP B 3898 -3.78 40.51 -16.75
C ASP B 3898 -2.93 41.61 -16.12
N PHE B 3899 -3.52 42.78 -15.88
CA PHE B 3899 -2.81 43.84 -15.17
C PHE B 3899 -2.56 43.45 -13.71
N GLN B 3900 -3.47 42.66 -13.13
CA GLN B 3900 -3.29 42.21 -11.75
C GLN B 3900 -2.04 41.35 -11.60
N ASN B 3901 -1.77 40.49 -12.59
CA ASN B 3901 -0.55 39.70 -12.58
C ASN B 3901 0.66 40.53 -12.99
N TYR B 3902 0.46 41.50 -13.89
CA TYR B 3902 1.57 42.35 -14.33
C TYR B 3902 2.13 43.15 -13.17
N LEU B 3903 1.26 43.65 -12.28
CA LEU B 3903 1.75 44.38 -11.11
C LEU B 3903 2.55 43.49 -10.17
N ARG B 3904 2.11 42.24 -9.96
CA ARG B 3904 2.88 41.32 -9.13
C ARG B 3904 4.24 41.02 -9.74
N THR B 3905 4.28 40.78 -11.06
CA THR B 3905 5.52 40.35 -11.69
C THR B 3905 5.49 40.70 -13.16
N GLN B 3906 6.55 41.34 -13.65
CA GLN B 3906 6.70 41.64 -15.06
C GLN B 3906 7.57 40.58 -15.71
N THR B 3907 7.07 39.96 -16.78
CA THR B 3907 7.79 38.88 -17.44
C THR B 3907 8.72 39.36 -18.53
N GLY B 3908 8.40 40.46 -19.19
CA GLY B 3908 9.24 40.97 -20.27
C GLY B 3908 10.42 41.79 -19.80
N ASN B 3909 10.19 42.64 -18.80
CA ASN B 3909 11.22 43.53 -18.31
C ASN B 3909 12.27 42.77 -17.49
N THR B 3910 13.43 43.40 -17.34
CA THR B 3910 14.52 42.77 -16.60
C THR B 3910 14.23 42.72 -15.10
N THR B 3911 13.53 43.71 -14.57
CA THR B 3911 13.34 43.84 -13.13
C THR B 3911 11.87 43.76 -12.74
N THR B 3912 11.64 43.48 -11.45
CA THR B 3912 10.32 43.38 -10.85
C THR B 3912 10.27 44.25 -9.60
N ILE B 3913 9.09 44.82 -9.31
CA ILE B 3913 9.00 45.91 -8.34
C ILE B 3913 8.11 45.58 -7.13
N ASN B 3914 7.04 44.81 -7.30
CA ASN B 3914 6.13 44.40 -6.23
C ASN B 3914 5.50 45.61 -5.51
N ILE B 3915 4.68 46.33 -6.26
CA ILE B 3915 3.85 47.41 -5.73
C ILE B 3915 2.90 46.90 -4.66
N ILE B 3916 2.53 45.61 -4.73
CA ILE B 3916 1.68 45.01 -3.70
C ILE B 3916 2.39 44.98 -2.35
N ILE B 3917 3.68 44.61 -2.35
CA ILE B 3917 4.47 44.68 -1.12
C ILE B 3917 4.65 46.13 -0.66
N CYS B 3918 4.85 47.04 -1.62
CA CYS B 3918 5.04 48.45 -1.27
C CYS B 3918 3.82 49.03 -0.56
N THR B 3919 2.62 48.67 -1.03
CA THR B 3919 1.39 49.15 -0.41
C THR B 3919 1.26 48.67 1.03
N VAL B 3920 1.64 47.41 1.30
CA VAL B 3920 1.60 46.88 2.65
C VAL B 3920 2.62 47.58 3.54
N ASP B 3921 3.77 47.96 2.98
CA ASP B 3921 4.75 48.73 3.74
C ASP B 3921 4.18 50.08 4.15
N TYR B 3922 3.50 50.75 3.21
CA TYR B 3922 2.88 52.05 3.53
C TYR B 3922 1.77 51.88 4.57
N LEU B 3923 1.01 50.79 4.47
CA LEU B 3923 -0.05 50.50 5.43
C LEU B 3923 0.52 50.27 6.84
N LEU B 3924 1.64 49.56 6.92
CA LEU B 3924 2.31 49.37 8.21
C LEU B 3924 2.74 50.70 8.81
N ARG B 3925 3.33 51.58 7.99
CA ARG B 3925 3.75 52.89 8.49
C ARG B 3925 2.55 53.70 8.98
N LEU B 3926 1.45 53.65 8.22
CA LEU B 3926 0.22 54.36 8.63
C LEU B 3926 -0.31 53.83 9.96
N GLN B 3927 -0.29 52.51 10.14
CA GLN B 3927 -0.78 51.93 11.39
C GLN B 3927 0.06 52.37 12.58
N GLU B 3928 1.38 52.32 12.44
CA GLU B 3928 2.24 52.73 13.56
C GLU B 3928 2.05 54.20 13.89
N SER B 3929 1.93 55.04 12.86
CA SER B 3929 1.75 56.47 13.11
C SER B 3929 0.42 56.78 13.79
N ILE B 3930 -0.65 56.07 13.40
CA ILE B 3930 -1.94 56.25 14.05
C ILE B 3930 -1.88 55.79 15.50
N SER B 3931 -1.14 54.71 15.76
CA SER B 3931 -0.95 54.24 17.14
C SER B 3931 -0.24 55.28 17.98
N ASP B 3932 0.74 55.98 17.41
CA ASP B 3932 1.40 57.08 18.13
C ASP B 3932 0.42 58.15 18.58
N PHE B 3933 -0.49 58.56 17.69
CA PHE B 3933 -1.51 59.54 18.05
C PHE B 3933 -2.44 59.02 19.13
N TYR B 3934 -2.84 57.74 19.05
CA TYR B 3934 -3.66 57.17 20.12
C TYR B 3934 -2.96 57.25 21.47
N TRP B 3935 -1.70 56.82 21.51
CA TRP B 3935 -0.96 56.85 22.78
C TRP B 3935 -0.76 58.27 23.29
N TYR B 3936 -0.61 59.24 22.37
CA TYR B 3936 -0.50 60.63 22.81
C TYR B 3936 -1.80 61.13 23.43
N TYR B 3937 -2.95 60.80 22.81
CA TYR B 3937 -4.23 61.30 23.27
C TYR B 3937 -4.93 60.39 24.28
N SER B 3938 -4.27 59.34 24.76
CA SER B 3938 -4.90 58.43 25.71
C SER B 3938 -5.23 59.12 27.04
N GLY B 3939 -4.40 60.06 27.47
CA GLY B 3939 -4.56 60.63 28.79
C GLY B 3939 -5.76 61.55 28.92
N LYS B 3940 -5.84 62.56 28.04
CA LYS B 3940 -6.88 63.57 28.15
C LYS B 3940 -8.25 62.99 27.81
N ASP B 3941 -9.29 63.55 28.44
CA ASP B 3941 -10.64 63.00 28.29
C ASP B 3941 -11.31 63.45 26.99
N VAL B 3942 -11.07 64.68 26.55
CA VAL B 3942 -11.67 65.21 25.34
C VAL B 3942 -10.54 65.53 24.35
N ILE B 3943 -10.84 65.39 23.06
CA ILE B 3943 -9.87 65.56 21.98
C ILE B 3943 -10.25 66.80 21.19
N GLU B 3944 -9.26 67.65 20.90
CA GLU B 3944 -9.52 68.93 20.27
C GLU B 3944 -9.78 68.80 18.76
N GLU B 3945 -10.26 69.91 18.20
CA GLU B 3945 -10.77 69.96 16.84
C GLU B 3945 -9.68 69.67 15.82
N GLN B 3946 -8.46 70.19 16.07
CA GLN B 3946 -7.33 69.93 15.18
C GLN B 3946 -7.00 68.44 15.13
N GLY B 3947 -7.00 67.78 16.28
CA GLY B 3947 -6.78 66.35 16.31
C GLY B 3947 -7.87 65.59 15.59
N LYS B 3948 -9.12 66.00 15.77
CA LYS B 3948 -10.23 65.34 15.09
C LYS B 3948 -10.09 65.46 13.57
N ARG B 3949 -9.72 66.64 13.08
CA ARG B 3949 -9.52 66.84 11.65
C ARG B 3949 -8.40 65.98 11.10
N ASN B 3950 -7.26 65.95 11.80
CA ASN B 3950 -6.14 65.13 11.31
C ASN B 3950 -6.49 63.65 11.35
N PHE B 3951 -7.25 63.24 12.36
CA PHE B 3951 -7.72 61.86 12.44
C PHE B 3951 -8.60 61.52 11.25
N SER B 3952 -9.51 62.43 10.87
CA SER B 3952 -10.38 62.18 9.72
C SER B 3952 -9.56 62.04 8.44
N LYS B 3953 -8.56 62.90 8.26
CA LYS B 3953 -7.70 62.84 7.08
C LYS B 3953 -6.96 61.50 7.01
N ALA B 3954 -6.31 61.11 8.11
CA ALA B 3954 -5.56 59.86 8.17
C ALA B 3954 -6.45 58.66 7.89
N MET B 3955 -7.66 58.65 8.48
CA MET B 3955 -8.56 57.52 8.27
C MET B 3955 -9.08 57.46 6.83
N SER B 3956 -9.30 58.61 6.20
CA SER B 3956 -9.68 58.59 4.78
C SER B 3956 -8.56 58.02 3.92
N VAL B 3957 -7.31 58.36 4.23
CA VAL B 3957 -6.18 57.81 3.49
C VAL B 3957 -6.09 56.29 3.69
N ALA B 3958 -6.29 55.85 4.94
CA ALA B 3958 -6.27 54.43 5.23
C ALA B 3958 -7.38 53.69 4.49
N LYS B 3959 -8.58 54.27 4.44
CA LYS B 3959 -9.70 53.64 3.74
C LYS B 3959 -9.41 53.50 2.25
N GLN B 3960 -8.83 54.53 1.64
CA GLN B 3960 -8.49 54.45 0.22
C GLN B 3960 -7.44 53.38 -0.04
N VAL B 3961 -6.43 53.29 0.83
CA VAL B 3961 -5.41 52.25 0.69
C VAL B 3961 -6.04 50.87 0.83
N PHE B 3962 -6.97 50.73 1.77
CA PHE B 3962 -7.59 49.44 2.02
C PHE B 3962 -8.40 48.99 0.81
N ASN B 3963 -9.19 49.91 0.24
CA ASN B 3963 -9.95 49.59 -0.97
C ASN B 3963 -9.02 49.27 -2.14
N SER B 3964 -7.85 49.90 -2.19
CA SER B 3964 -6.87 49.55 -3.21
C SER B 3964 -6.41 48.10 -3.06
N LEU B 3965 -6.15 47.67 -1.81
CA LEU B 3965 -5.76 46.27 -1.59
C LEU B 3965 -6.88 45.29 -1.94
N THR B 3966 -8.13 45.65 -1.61
CA THR B 3966 -9.25 44.78 -1.98
C THR B 3966 -9.41 44.66 -3.49
N GLU B 3967 -9.21 45.77 -4.21
CA GLU B 3967 -9.22 45.70 -5.68
C GLU B 3967 -8.05 44.90 -6.21
N TYR B 3968 -6.91 44.92 -5.51
CA TYR B 3968 -5.80 44.06 -5.90
C TYR B 3968 -6.18 42.59 -5.85
N ILE B 3969 -6.82 42.16 -4.75
CA ILE B 3969 -7.21 40.74 -4.72
C ILE B 3969 -8.41 40.44 -5.61
N GLN B 3970 -9.60 40.89 -5.20
CA GLN B 3970 -10.84 40.66 -5.95
C GLN B 3970 -11.11 39.17 -6.10
N GLY B 3971 -11.93 38.81 -7.09
CA GLY B 3971 -12.13 37.43 -7.47
C GLY B 3971 -10.85 36.71 -7.86
N PRO B 3972 -10.78 35.41 -7.50
CA PRO B 3972 -9.58 34.59 -7.72
C PRO B 3972 -8.23 35.25 -7.50
N CYS B 3973 -7.38 35.24 -8.54
CA CYS B 3973 -6.02 35.80 -8.49
C CYS B 3973 -5.20 35.14 -7.39
N THR B 3974 -5.07 33.82 -7.50
CA THR B 3974 -4.42 33.00 -6.48
C THR B 3974 -2.98 33.46 -6.19
N GLY B 3975 -2.28 33.94 -7.22
CA GLY B 3975 -0.92 34.43 -7.00
C GLY B 3975 -0.87 35.61 -6.05
N ASN B 3976 -1.75 36.60 -6.25
CA ASN B 3976 -1.84 37.72 -5.32
C ASN B 3976 -2.36 37.26 -3.96
N GLN B 3977 -3.26 36.29 -3.94
CA GLN B 3977 -3.80 35.79 -2.67
C GLN B 3977 -2.71 35.17 -1.81
N GLN B 3978 -1.83 34.37 -2.40
CA GLN B 3978 -0.73 33.78 -1.64
C GLN B 3978 0.34 34.82 -1.31
N SER B 3979 0.60 35.75 -2.23
CA SER B 3979 1.60 36.78 -1.97
C SER B 3979 1.20 37.65 -0.76
N LEU B 3980 -0.05 38.09 -0.71
CA LEU B 3980 -0.49 38.89 0.43
C LEU B 3980 -0.64 38.05 1.70
N ALA B 3981 -0.92 36.75 1.57
CA ALA B 3981 -0.89 35.87 2.73
C ALA B 3981 0.51 35.78 3.32
N HIS B 3982 1.52 35.66 2.46
CA HIS B 3982 2.90 35.58 2.94
C HIS B 3982 3.43 36.93 3.39
N SER B 3983 2.86 38.03 2.91
CA SER B 3983 3.28 39.36 3.31
C SER B 3983 2.81 39.67 4.73
N ARG B 3984 3.39 40.72 5.32
CA ARG B 3984 3.09 41.14 6.68
C ARG B 3984 1.91 42.09 6.79
N LEU B 3985 0.77 41.75 6.19
CA LEU B 3985 -0.46 42.52 6.39
C LEU B 3985 -1.03 42.30 7.78
N TRP B 3986 -0.84 41.10 8.35
CA TRP B 3986 -1.52 40.73 9.57
C TRP B 3986 -1.00 41.54 10.76
N ASP B 3987 0.30 41.90 10.73
CA ASP B 3987 0.85 42.75 11.78
C ASP B 3987 0.24 44.14 11.77
N ALA B 3988 -0.21 44.61 10.60
CA ALA B 3988 -1.01 45.84 10.56
C ALA B 3988 -2.42 45.58 11.05
N VAL B 3989 -2.96 44.39 10.75
CA VAL B 3989 -4.34 44.07 11.13
C VAL B 3989 -4.50 44.07 12.64
N VAL B 3990 -3.57 43.43 13.36
CA VAL B 3990 -3.66 43.34 14.82
C VAL B 3990 -3.56 44.73 15.47
N GLY B 3991 -2.61 45.54 15.00
CA GLY B 3991 -2.47 46.89 15.54
C GLY B 3991 -3.68 47.76 15.25
N PHE B 3992 -4.24 47.63 14.04
CA PHE B 3992 -5.45 48.35 13.70
C PHE B 3992 -6.61 47.95 14.61
N LEU B 3993 -6.73 46.65 14.91
CA LEU B 3993 -7.78 46.18 15.81
C LEU B 3993 -7.60 46.74 17.23
N HIS B 3994 -6.37 46.75 17.72
CA HIS B 3994 -6.08 47.32 19.05
C HIS B 3994 -6.46 48.80 19.11
N VAL B 3995 -6.00 49.57 18.12
CA VAL B 3995 -6.31 51.01 18.08
C VAL B 3995 -7.81 51.22 17.93
N PHE B 3996 -8.46 50.39 17.12
CA PHE B 3996 -9.90 50.51 16.91
C PHE B 3996 -10.66 50.28 18.21
N ALA B 3997 -10.27 49.27 18.97
CA ALA B 3997 -10.94 48.94 20.22
C ALA B 3997 -10.83 50.09 21.22
N HIS B 3998 -9.61 50.56 21.46
CA HIS B 3998 -9.44 51.60 22.47
C HIS B 3998 -10.03 52.94 22.02
N MET B 3999 -9.92 53.27 20.73
CA MET B 3999 -10.53 54.51 20.26
C MET B 3999 -12.05 54.45 20.30
N MET B 4000 -12.65 53.28 20.02
CA MET B 4000 -14.10 53.16 20.19
C MET B 4000 -14.51 53.36 21.63
N MET B 4001 -13.80 52.70 22.56
CA MET B 4001 -14.19 52.79 23.97
C MET B 4001 -13.97 54.20 24.53
N LYS B 4002 -12.99 54.93 24.03
CA LYS B 4002 -12.79 56.29 24.51
C LYS B 4002 -13.76 57.27 23.85
N LEU B 4003 -13.88 57.22 22.51
CA LEU B 4003 -14.72 58.15 21.78
C LEU B 4003 -16.20 57.97 22.09
N ALA B 4004 -16.62 56.78 22.52
CA ALA B 4004 -18.04 56.54 22.76
C ALA B 4004 -18.58 57.33 23.94
N GLN B 4005 -17.72 57.92 24.78
CA GLN B 4005 -18.19 58.58 26.00
C GLN B 4005 -18.92 59.89 25.68
N ASP B 4006 -18.41 60.69 24.76
CA ASP B 4006 -18.87 62.06 24.59
C ASP B 4006 -19.66 62.22 23.29
N SER B 4007 -20.61 63.17 23.31
CA SER B 4007 -21.53 63.36 22.19
C SER B 4007 -20.82 63.89 20.95
N SER B 4008 -19.83 64.76 21.14
CA SER B 4008 -19.20 65.42 19.99
C SER B 4008 -18.46 64.45 19.09
N GLN B 4009 -17.91 63.38 19.68
CA GLN B 4009 -17.01 62.46 18.98
C GLN B 4009 -17.73 61.50 18.03
N ILE B 4010 -19.07 61.61 17.91
CA ILE B 4010 -19.84 60.61 17.19
C ILE B 4010 -19.49 60.60 15.71
N GLU B 4011 -19.14 61.76 15.13
CA GLU B 4011 -18.75 61.80 13.72
C GLU B 4011 -17.49 60.99 13.47
N LEU B 4012 -16.48 61.16 14.32
CA LEU B 4012 -15.24 60.40 14.18
C LEU B 4012 -15.48 58.92 14.45
N LEU B 4013 -16.36 58.61 15.42
CA LEU B 4013 -16.70 57.22 15.68
C LEU B 4013 -17.36 56.56 14.48
N LYS B 4014 -18.28 57.28 13.81
CA LYS B 4014 -18.93 56.73 12.62
C LYS B 4014 -17.95 56.49 11.49
N GLU B 4015 -17.04 57.45 11.26
CA GLU B 4015 -16.03 57.27 10.23
C GLU B 4015 -15.10 56.10 10.54
N LEU B 4016 -14.75 55.94 11.82
CA LEU B 4016 -13.93 54.81 12.25
C LEU B 4016 -14.65 53.48 12.02
N LEU B 4017 -15.96 53.45 12.28
CA LEU B 4017 -16.76 52.25 12.02
C LEU B 4017 -16.78 51.91 10.53
N ASP B 4018 -16.90 52.94 9.67
CA ASP B 4018 -16.81 52.71 8.23
C ASP B 4018 -15.48 52.10 7.82
N LEU B 4019 -14.39 52.64 8.37
CA LEU B 4019 -13.06 52.09 8.07
C LEU B 4019 -12.92 50.65 8.55
N GLN B 4020 -13.52 50.33 9.70
CA GLN B 4020 -13.57 48.94 10.17
C GLN B 4020 -14.32 48.05 9.18
N LYS B 4021 -15.43 48.56 8.63
CA LYS B 4021 -16.16 47.83 7.60
C LYS B 4021 -15.29 47.54 6.40
N ASP B 4022 -14.48 48.52 5.98
CA ASP B 4022 -13.57 48.30 4.86
C ASP B 4022 -12.56 47.20 5.17
N MET B 4023 -12.03 47.18 6.40
CA MET B 4023 -11.07 46.12 6.77
C MET B 4023 -11.72 44.74 6.71
N VAL B 4024 -12.95 44.62 7.21
CA VAL B 4024 -13.62 43.33 7.21
C VAL B 4024 -13.92 42.88 5.78
N VAL B 4025 -14.25 43.82 4.90
CA VAL B 4025 -14.43 43.49 3.48
C VAL B 4025 -13.12 42.97 2.89
N MET B 4026 -11.98 43.55 3.29
CA MET B 4026 -10.70 43.03 2.84
C MET B 4026 -10.51 41.57 3.26
N LEU B 4027 -10.78 41.29 4.54
CA LEU B 4027 -10.56 39.94 5.05
C LEU B 4027 -11.47 38.92 4.36
N LEU B 4028 -12.73 39.31 4.10
CA LEU B 4028 -13.62 38.42 3.36
C LEU B 4028 -13.14 38.18 1.93
N SER B 4029 -12.65 39.25 1.28
CA SER B 4029 -12.09 39.11 -0.07
C SER B 4029 -10.89 38.16 -0.07
N LEU B 4030 -10.09 38.21 0.99
CA LEU B 4030 -9.01 37.24 1.16
C LEU B 4030 -9.56 35.83 1.34
N LEU B 4031 -10.64 35.69 2.12
CA LEU B 4031 -11.26 34.39 2.38
C LEU B 4031 -12.13 33.88 1.24
N GLU B 4032 -12.14 34.55 0.09
CA GLU B 4032 -12.77 33.97 -1.09
C GLU B 4032 -12.06 32.70 -1.54
N GLY B 4033 -12.85 31.69 -1.91
CA GLY B 4033 -12.37 30.55 -2.68
C GLY B 4033 -11.38 29.63 -2.00
N ASN B 4034 -11.58 29.33 -0.72
CA ASN B 4034 -10.71 28.41 0.00
C ASN B 4034 -11.38 27.06 0.23
N VAL B 4035 -10.56 26.01 0.32
CA VAL B 4035 -11.04 24.68 0.73
C VAL B 4035 -11.26 24.70 2.24
N VAL B 4036 -11.83 23.61 2.77
CA VAL B 4036 -12.24 23.60 4.18
C VAL B 4036 -11.03 23.70 5.10
N ASN B 4037 -9.94 22.98 4.80
CA ASN B 4037 -8.65 23.16 5.47
C ASN B 4037 -7.78 23.98 4.52
N GLY B 4038 -8.05 25.29 4.47
CA GLY B 4038 -7.48 26.10 3.40
C GLY B 4038 -5.99 26.32 3.53
N MET B 4039 -5.55 26.83 4.70
CA MET B 4039 -4.27 27.45 5.10
C MET B 4039 -4.53 28.89 5.51
N ILE B 4040 -5.16 29.67 4.61
CA ILE B 4040 -5.45 31.07 4.89
C ILE B 4040 -6.41 31.20 6.07
N ALA B 4041 -7.42 30.32 6.13
CA ALA B 4041 -8.34 30.34 7.25
C ALA B 4041 -7.64 30.02 8.57
N ARG B 4042 -6.70 29.07 8.54
CA ARG B 4042 -5.93 28.75 9.73
C ARG B 4042 -5.05 29.93 10.15
N GLN B 4043 -4.44 30.61 9.16
CA GLN B 4043 -3.62 31.79 9.47
C GLN B 4043 -4.45 32.89 10.12
N MET B 4044 -5.66 33.12 9.60
CA MET B 4044 -6.53 34.14 10.18
C MET B 4044 -7.04 33.74 11.56
N VAL B 4045 -7.32 32.46 11.78
CA VAL B 4045 -7.75 32.04 13.12
C VAL B 4045 -6.59 32.16 14.12
N ASP B 4046 -5.36 31.93 13.66
CA ASP B 4046 -4.20 32.19 14.52
C ASP B 4046 -4.04 33.68 14.81
N MET B 4047 -4.31 34.53 13.81
CA MET B 4047 -4.30 35.98 14.05
C MET B 4047 -5.35 36.37 15.07
N LEU B 4048 -6.53 35.76 15.00
CA LEU B 4048 -7.58 36.01 15.99
C LEU B 4048 -7.15 35.56 17.38
N VAL B 4049 -6.46 34.41 17.46
CA VAL B 4049 -5.96 33.94 18.74
C VAL B 4049 -4.94 34.93 19.31
N GLU B 4050 -4.06 35.45 18.45
CA GLU B 4050 -3.09 36.46 18.85
C GLU B 4050 -3.78 37.74 19.31
N SER B 4051 -4.91 38.08 18.69
CA SER B 4051 -5.64 39.31 18.99
C SER B 4051 -6.99 39.02 19.65
N SER B 4052 -7.02 38.05 20.56
CA SER B 4052 -8.28 37.58 21.12
C SER B 4052 -8.99 38.65 21.95
N SER B 4053 -8.23 39.39 22.77
CA SER B 4053 -8.84 40.29 23.75
C SER B 4053 -9.57 41.45 23.07
N ASN B 4054 -8.91 42.11 22.12
CA ASN B 4054 -9.50 43.29 21.48
C ASN B 4054 -10.73 42.92 20.66
N VAL B 4055 -10.70 41.77 19.98
CA VAL B 4055 -11.87 41.30 19.24
C VAL B 4055 -13.03 41.03 20.21
N GLU B 4056 -12.72 40.49 21.39
CA GLU B 4056 -13.73 40.30 22.43
C GLU B 4056 -14.31 41.65 22.87
N MET B 4057 -13.46 42.67 22.93
CA MET B 4057 -13.94 44.03 23.25
C MET B 4057 -14.89 44.56 22.17
N ILE B 4058 -14.56 44.32 20.90
CA ILE B 4058 -15.46 44.72 19.81
C ILE B 4058 -16.80 44.00 19.93
N LEU B 4059 -16.76 42.71 20.27
CA LEU B 4059 -18.00 41.96 20.42
C LEU B 4059 -18.84 42.51 21.58
N LYS B 4060 -18.19 42.85 22.70
CA LYS B 4060 -18.90 43.43 23.84
C LYS B 4060 -19.53 44.77 23.50
N PHE B 4061 -18.82 45.61 22.73
CA PHE B 4061 -19.32 46.95 22.44
C PHE B 4061 -20.65 46.89 21.69
N PHE B 4062 -20.79 45.93 20.78
CA PHE B 4062 -22.08 45.75 20.11
C PHE B 4062 -23.08 45.06 21.02
N ASP B 4063 -22.64 44.07 21.80
CA ASP B 4063 -23.56 43.24 22.57
C ASP B 4063 -24.29 44.05 23.63
N MET B 4064 -23.59 44.95 24.32
CA MET B 4064 -24.24 45.75 25.36
C MET B 4064 -25.35 46.63 24.80
N PHE B 4065 -25.12 47.28 23.66
CA PHE B 4065 -26.16 48.15 23.11
C PHE B 4065 -27.30 47.36 22.48
N LEU B 4066 -27.00 46.20 21.88
CA LEU B 4066 -28.08 45.35 21.36
C LEU B 4066 -28.97 44.84 22.49
N LYS B 4067 -28.38 44.48 23.63
CA LYS B 4067 -29.19 44.17 24.80
C LYS B 4067 -29.95 45.39 25.32
N LEU B 4068 -29.28 46.54 25.36
CA LEU B 4068 -29.84 47.73 25.99
C LEU B 4068 -31.08 48.24 25.26
N LYS B 4069 -31.09 48.14 23.92
CA LYS B 4069 -32.24 48.59 23.16
C LYS B 4069 -33.48 47.78 23.55
N ASP B 4070 -33.33 46.46 23.70
CA ASP B 4070 -34.44 45.61 24.13
C ASP B 4070 -34.83 45.89 25.57
N ILE B 4071 -33.83 46.10 26.43
CA ILE B 4071 -34.09 46.34 27.86
C ILE B 4071 -34.90 47.62 28.06
N VAL B 4072 -34.63 48.65 27.25
CA VAL B 4072 -35.29 49.94 27.43
C VAL B 4072 -36.80 49.82 27.23
N GLY B 4073 -37.23 49.04 26.24
CA GLY B 4073 -38.64 48.89 25.95
C GLY B 4073 -39.40 48.02 26.93
N SER B 4074 -38.70 47.36 27.85
CA SER B 4074 -39.32 46.37 28.74
C SER B 4074 -40.38 46.99 29.65
N GLU B 4075 -41.40 46.18 29.94
CA GLU B 4075 -42.50 46.64 30.80
C GLU B 4075 -42.00 46.93 32.21
N ALA B 4076 -41.05 46.13 32.70
CA ALA B 4076 -40.45 46.41 34.01
C ALA B 4076 -39.76 47.77 34.03
N PHE B 4077 -39.04 48.10 32.96
CA PHE B 4077 -38.38 49.40 32.89
C PHE B 4077 -39.40 50.52 32.78
N GLN B 4078 -40.50 50.30 32.05
CA GLN B 4078 -41.57 51.29 32.01
C GLN B 4078 -42.19 51.50 33.38
N ASP B 4079 -42.37 50.42 34.14
CA ASP B 4079 -42.88 50.53 35.51
C ASP B 4079 -41.92 51.30 36.40
N TYR B 4080 -40.62 51.04 36.27
CA TYR B 4080 -39.63 51.80 37.04
C TYR B 4080 -39.62 53.27 36.65
N VAL B 4081 -39.92 53.56 35.37
CA VAL B 4081 -40.11 54.95 34.96
C VAL B 4081 -41.37 55.49 35.64
N THR B 4082 -41.23 56.68 36.24
CA THR B 4082 -42.35 57.31 36.96
C THR B 4082 -42.68 58.72 36.47
N ASP B 4083 -41.67 59.50 36.09
CA ASP B 4083 -41.89 60.88 35.72
C ASP B 4083 -42.78 60.99 34.48
N PRO B 4084 -43.69 61.96 34.44
CA PRO B 4084 -44.47 62.18 33.21
C PRO B 4084 -43.68 62.88 32.11
N ARG B 4085 -42.46 63.33 32.41
CA ARG B 4085 -41.56 63.95 31.45
C ARG B 4085 -40.81 62.93 30.59
N GLY B 4086 -41.15 61.65 30.73
CA GLY B 4086 -40.52 60.60 29.92
C GLY B 4086 -39.04 60.44 30.16
N LEU B 4087 -38.60 60.60 31.41
CA LEU B 4087 -37.18 60.64 31.75
C LEU B 4087 -36.97 59.83 33.03
N ILE B 4088 -35.85 59.10 33.08
CA ILE B 4088 -35.56 58.16 34.17
C ILE B 4088 -34.25 58.56 34.85
N SER B 4089 -34.29 58.68 36.18
CA SER B 4089 -33.14 59.16 36.93
C SER B 4089 -31.99 58.14 36.93
N LYS B 4090 -30.81 58.63 37.28
CA LYS B 4090 -29.60 57.80 37.26
C LYS B 4090 -29.64 56.70 38.33
N LYS B 4091 -30.04 57.05 39.55
CA LYS B 4091 -30.06 56.06 40.62
C LYS B 4091 -31.15 55.01 40.40
N ASP B 4092 -32.33 55.46 39.95
CA ASP B 4092 -33.40 54.54 39.59
C ASP B 4092 -33.00 53.66 38.41
N PHE B 4093 -32.25 54.25 37.46
CA PHE B 4093 -31.65 53.47 36.37
C PHE B 4093 -30.74 52.38 36.91
N GLN B 4094 -29.91 52.71 37.91
CA GLN B 4094 -29.02 51.71 38.48
C GLN B 4094 -29.79 50.59 39.15
N LYS B 4095 -30.83 50.93 39.92
CA LYS B 4095 -31.64 49.88 40.56
C LYS B 4095 -32.36 49.02 39.53
N ALA B 4096 -32.91 49.65 38.48
CA ALA B 4096 -33.59 48.90 37.44
C ALA B 4096 -32.63 47.99 36.69
N MET B 4097 -31.42 48.47 36.40
CA MET B 4097 -30.42 47.65 35.72
C MET B 4097 -30.01 46.46 36.57
N ASP B 4098 -29.83 46.67 37.88
CA ASP B 4098 -29.45 45.57 38.76
C ASP B 4098 -30.60 44.63 39.09
N SER B 4099 -31.85 45.07 38.91
CA SER B 4099 -32.98 44.17 39.13
C SER B 4099 -33.01 43.07 38.07
N GLN B 4100 -32.85 43.43 36.80
CA GLN B 4100 -32.77 42.42 35.75
C GLN B 4100 -31.39 41.78 35.74
N LYS B 4101 -31.36 40.45 35.66
CA LYS B 4101 -30.09 39.71 35.78
C LYS B 4101 -29.41 39.56 34.42
N GLN B 4102 -29.00 40.71 33.90
CA GLN B 4102 -27.97 40.83 32.88
C GLN B 4102 -27.21 42.11 33.17
N PHE B 4103 -26.05 42.26 32.51
CA PHE B 4103 -25.09 43.35 32.71
C PHE B 4103 -24.42 43.25 34.08
N THR B 4104 -23.15 43.64 34.15
CA THR B 4104 -22.37 43.63 35.37
C THR B 4104 -22.10 45.07 35.79
N GLY B 4105 -21.58 45.23 37.02
CA GLY B 4105 -21.38 46.53 37.60
C GLY B 4105 -20.48 47.49 36.87
N PRO B 4106 -19.27 47.09 36.45
CA PRO B 4106 -18.46 47.99 35.63
C PRO B 4106 -19.11 48.38 34.32
N GLU B 4107 -19.85 47.47 33.68
CA GLU B 4107 -20.57 47.81 32.47
C GLU B 4107 -21.69 48.80 32.75
N ILE B 4108 -22.38 48.65 33.88
CA ILE B 4108 -23.45 49.57 34.25
C ILE B 4108 -22.88 50.96 34.48
N GLN B 4109 -21.73 51.04 35.17
CA GLN B 4109 -21.08 52.33 35.38
C GLN B 4109 -20.66 52.97 34.06
N PHE B 4110 -20.15 52.15 33.12
CA PHE B 4110 -19.79 52.65 31.80
C PHE B 4110 -21.01 53.18 31.05
N LEU B 4111 -22.14 52.48 31.16
CA LEU B 4111 -23.37 52.93 30.52
C LEU B 4111 -23.85 54.26 31.10
N LEU B 4112 -23.74 54.42 32.42
CA LEU B 4112 -24.07 55.70 33.04
C LEU B 4112 -23.12 56.80 32.57
N SER B 4113 -21.84 56.47 32.37
CA SER B 4113 -20.89 57.44 31.84
C SER B 4113 -21.27 57.88 30.44
N CYS B 4114 -21.66 56.93 29.58
CA CYS B 4114 -22.08 57.27 28.22
C CYS B 4114 -23.37 58.09 28.22
N SER B 4115 -24.31 57.76 29.11
CA SER B 4115 -25.56 58.49 29.18
C SER B 4115 -25.31 59.92 29.67
N GLU B 4116 -25.86 60.89 28.95
CA GLU B 4116 -25.69 62.29 29.31
C GLU B 4116 -26.44 62.59 30.60
N ALA B 4117 -25.80 63.34 31.49
CA ALA B 4117 -26.35 63.61 32.82
C ALA B 4117 -27.11 64.94 32.89
N ASP B 4118 -26.45 66.05 32.54
CA ASP B 4118 -27.05 67.39 32.52
C ASP B 4118 -27.61 67.73 33.90
N GLU B 4119 -26.69 68.02 34.83
CA GLU B 4119 -26.93 68.49 36.21
C GLU B 4119 -27.31 67.29 37.10
N ASN B 4120 -27.31 66.07 36.55
CA ASN B 4120 -27.81 64.79 37.10
C ASN B 4120 -29.33 64.68 36.95
N GLU B 4121 -29.94 65.51 36.10
CA GLU B 4121 -31.32 65.31 35.69
C GLU B 4121 -31.48 63.94 35.02
N MET B 4122 -32.70 63.42 35.11
CA MET B 4122 -33.05 62.12 34.55
C MET B 4122 -32.66 62.00 33.09
N ILE B 4123 -32.07 60.85 32.72
CA ILE B 4123 -31.55 60.68 31.37
C ILE B 4123 -32.70 60.48 30.39
N ASN B 4124 -32.43 60.80 29.12
CA ASN B 4124 -33.36 60.53 28.03
C ASN B 4124 -33.12 59.12 27.53
N PHE B 4125 -33.88 58.15 28.08
CA PHE B 4125 -33.61 56.75 27.80
C PHE B 4125 -33.90 56.40 26.36
N GLU B 4126 -34.94 57.02 25.77
CA GLU B 4126 -35.29 56.74 24.38
C GLU B 4126 -34.17 57.13 23.42
N GLU B 4127 -33.68 58.37 23.54
CA GLU B 4127 -32.57 58.81 22.70
C GLU B 4127 -31.30 58.02 23.00
N PHE B 4128 -31.05 57.73 24.28
CA PHE B 4128 -29.84 57.01 24.65
C PHE B 4128 -29.83 55.60 24.04
N ALA B 4129 -30.97 54.92 24.05
CA ALA B 4129 -31.05 53.59 23.45
C ALA B 4129 -31.02 53.67 21.93
N ASN B 4130 -31.69 54.67 21.35
CA ASN B 4130 -31.76 54.78 19.90
C ASN B 4130 -30.40 55.11 19.30
N ARG B 4131 -29.57 55.86 20.03
CA ARG B 4131 -28.27 56.24 19.52
C ARG B 4131 -27.37 55.03 19.36
N PHE B 4132 -26.50 55.10 18.34
CA PHE B 4132 -25.45 54.14 17.98
C PHE B 4132 -26.01 52.89 17.33
N GLN B 4133 -27.34 52.75 17.27
CA GLN B 4133 -27.92 51.59 16.61
C GLN B 4133 -27.84 51.73 15.10
N GLU B 4134 -28.02 52.94 14.57
CA GLU B 4134 -27.87 53.15 13.14
C GLU B 4134 -26.45 52.90 12.61
N PRO B 4135 -25.38 53.41 13.24
CA PRO B 4135 -24.04 53.10 12.69
C PRO B 4135 -23.64 51.64 12.80
N ALA B 4136 -24.09 50.96 13.86
CA ALA B 4136 -23.52 49.66 14.20
C ALA B 4136 -23.92 48.56 13.21
N ARG B 4137 -25.01 48.76 12.47
CA ARG B 4137 -25.61 47.67 11.71
C ARG B 4137 -24.68 47.17 10.60
N ASP B 4138 -23.95 48.07 9.93
CA ASP B 4138 -23.15 47.66 8.78
C ASP B 4138 -21.97 46.78 9.20
N ILE B 4139 -21.24 47.17 10.25
CA ILE B 4139 -20.08 46.41 10.69
C ILE B 4139 -20.51 45.09 11.34
N GLY B 4140 -21.65 45.09 12.02
CA GLY B 4140 -22.09 43.87 12.69
C GLY B 4140 -22.42 42.75 11.73
N PHE B 4141 -23.09 43.07 10.63
CA PHE B 4141 -23.40 42.05 9.63
C PHE B 4141 -22.14 41.45 9.02
N ASN B 4142 -21.15 42.30 8.71
CA ASN B 4142 -19.90 41.79 8.14
C ASN B 4142 -19.11 40.95 9.14
N VAL B 4143 -19.12 41.33 10.42
CA VAL B 4143 -18.44 40.52 11.43
C VAL B 4143 -19.12 39.16 11.57
N ALA B 4144 -20.45 39.15 11.59
CA ALA B 4144 -21.21 37.91 11.66
C ALA B 4144 -20.94 37.02 10.45
N VAL B 4145 -20.95 37.61 9.25
CA VAL B 4145 -20.69 36.85 8.02
C VAL B 4145 -19.29 36.25 8.04
N LEU B 4146 -18.29 37.04 8.45
CA LEU B 4146 -16.93 36.54 8.52
C LEU B 4146 -16.80 35.38 9.50
N LEU B 4147 -17.38 35.53 10.69
CA LEU B 4147 -17.30 34.46 11.69
C LEU B 4147 -18.05 33.22 11.21
N THR B 4148 -19.20 33.40 10.56
CA THR B 4148 -19.96 32.27 10.04
C THR B 4148 -19.20 31.53 8.95
N ASN B 4149 -18.59 32.28 8.03
CA ASN B 4149 -17.76 31.69 6.98
C ASN B 4149 -16.62 30.89 7.57
N LEU B 4150 -15.92 31.45 8.56
CA LEU B 4150 -14.83 30.72 9.20
C LEU B 4150 -15.35 29.47 9.91
N SER B 4151 -16.47 29.59 10.62
CA SER B 4151 -17.02 28.47 11.38
C SER B 4151 -17.42 27.31 10.49
N GLU B 4152 -17.98 27.59 9.32
CA GLU B 4152 -18.30 26.50 8.39
C GLU B 4152 -17.08 25.99 7.63
N HIS B 4153 -16.13 26.86 7.25
CA HIS B 4153 -15.00 26.39 6.47
C HIS B 4153 -14.05 25.53 7.31
N VAL B 4154 -13.66 26.02 8.49
CA VAL B 4154 -12.81 25.22 9.38
C VAL B 4154 -13.69 24.69 10.52
N PRO B 4155 -13.91 23.38 10.61
CA PRO B 4155 -14.80 22.84 11.64
C PRO B 4155 -14.10 22.34 12.89
N HIS B 4156 -14.82 22.36 14.02
CA HIS B 4156 -14.41 21.73 15.28
C HIS B 4156 -13.04 22.24 15.77
N ASP B 4157 -12.90 23.55 15.81
CA ASP B 4157 -11.70 24.18 16.36
C ASP B 4157 -12.09 24.95 17.60
N PRO B 4158 -11.61 24.55 18.80
CA PRO B 4158 -12.03 25.25 20.03
C PRO B 4158 -11.65 26.71 20.07
N ARG B 4159 -10.52 27.07 19.46
CA ARG B 4159 -10.05 28.46 19.47
C ARG B 4159 -11.03 29.37 18.73
N LEU B 4160 -11.64 28.86 17.66
CA LEU B 4160 -12.67 29.62 16.96
C LEU B 4160 -14.03 29.49 17.65
N ARG B 4161 -14.36 28.30 18.15
CA ARG B 4161 -15.61 28.03 18.87
C ARG B 4161 -15.79 28.96 20.08
N ASN B 4162 -14.70 29.30 20.76
CA ASN B 4162 -14.78 30.25 21.88
C ASN B 4162 -15.34 31.60 21.42
N PHE B 4163 -14.77 32.15 20.34
CA PHE B 4163 -15.26 33.41 19.79
C PHE B 4163 -16.68 33.25 19.26
N LEU B 4164 -16.98 32.08 18.69
CA LEU B 4164 -18.35 31.77 18.27
C LEU B 4164 -19.34 31.82 19.42
N GLU B 4165 -18.91 31.44 20.62
CA GLU B 4165 -19.76 31.45 21.79
C GLU B 4165 -19.92 32.86 22.34
N LEU B 4166 -18.83 33.63 22.37
CA LEU B 4166 -18.94 35.03 22.80
C LEU B 4166 -19.78 35.86 21.84
N ALA B 4167 -19.74 35.53 20.54
CA ALA B 4167 -20.46 36.26 19.51
C ALA B 4167 -21.82 35.68 19.19
N GLU B 4168 -22.36 34.81 20.05
CA GLU B 4168 -23.61 34.11 19.75
C GLU B 4168 -24.78 35.08 19.59
N SER B 4169 -24.84 36.13 20.42
CA SER B 4169 -26.00 37.02 20.45
C SER B 4169 -26.17 37.76 19.13
N ILE B 4170 -25.07 38.31 18.59
CA ILE B 4170 -25.15 39.07 17.35
C ILE B 4170 -25.50 38.15 16.18
N LEU B 4171 -24.96 36.93 16.17
CA LEU B 4171 -25.28 35.94 15.15
C LEU B 4171 -26.63 35.28 15.42
N GLU B 4172 -27.35 35.77 16.43
CA GLU B 4172 -28.74 35.41 16.67
C GLU B 4172 -29.68 36.51 16.22
N TYR B 4173 -29.32 37.77 16.49
CA TYR B 4173 -30.13 38.88 16.02
C TYR B 4173 -30.07 39.01 14.49
N PHE B 4174 -28.88 38.95 13.89
CA PHE B 4174 -28.79 39.15 12.45
C PHE B 4174 -29.32 37.96 11.65
N ARG B 4175 -29.35 36.76 12.25
CA ARG B 4175 -29.65 35.47 11.62
C ARG B 4175 -30.78 35.52 10.57
N PRO B 4176 -31.97 36.13 10.85
CA PRO B 4176 -32.97 36.23 9.78
C PRO B 4176 -32.50 36.92 8.51
N TYR B 4177 -31.67 37.96 8.64
CA TYR B 4177 -31.29 38.79 7.50
C TYR B 4177 -30.11 38.24 6.71
N LEU B 4178 -29.53 37.12 7.13
CA LEU B 4178 -28.42 36.50 6.42
C LEU B 4178 -28.91 35.32 5.60
N GLY B 4179 -28.48 35.25 4.35
CA GLY B 4179 -28.88 34.18 3.47
C GLY B 4179 -27.68 33.49 2.87
N ARG B 4180 -27.85 32.20 2.57
CA ARG B 4180 -26.80 31.36 2.05
C ARG B 4180 -27.26 30.63 0.80
N ILE B 4181 -26.40 30.59 -0.23
CA ILE B 4181 -26.66 29.79 -1.42
C ILE B 4181 -25.40 29.00 -1.74
N GLU B 4182 -25.58 27.94 -2.55
CA GLU B 4182 -24.47 27.17 -3.09
C GLU B 4182 -24.52 27.25 -4.62
N ILE B 4183 -23.37 27.54 -5.23
CA ILE B 4183 -23.24 27.61 -6.69
C ILE B 4183 -22.03 26.80 -7.11
N MET B 4184 -21.96 26.52 -8.40
CA MET B 4184 -20.80 25.87 -9.00
C MET B 4184 -20.31 26.73 -10.16
N GLY B 4185 -19.00 26.89 -10.29
CA GLY B 4185 -18.44 27.76 -11.31
C GLY B 4185 -16.94 27.89 -11.30
N ALA B 4186 -16.34 28.04 -12.49
CA ALA B 4186 -14.93 28.35 -12.70
C ALA B 4186 -14.00 27.25 -12.21
N SER B 4187 -13.96 27.01 -10.91
CA SER B 4187 -13.15 25.93 -10.36
C SER B 4187 -13.81 24.56 -10.48
N ARG B 4188 -15.02 24.51 -11.03
CA ARG B 4188 -15.84 23.28 -11.14
C ARG B 4188 -16.10 22.65 -9.77
N ARG B 4189 -16.11 23.47 -8.71
CA ARG B 4189 -16.32 23.01 -7.34
C ARG B 4189 -17.37 23.90 -6.68
N ILE B 4190 -18.17 23.29 -5.81
CA ILE B 4190 -19.27 24.00 -5.17
C ILE B 4190 -18.73 25.00 -4.16
N GLU B 4191 -19.32 26.19 -4.14
CA GLU B 4191 -18.96 27.28 -3.25
C GLU B 4191 -20.24 27.84 -2.63
N ARG B 4192 -20.06 28.60 -1.55
CA ARG B 4192 -21.16 29.16 -0.77
C ARG B 4192 -21.10 30.68 -0.80
N ILE B 4193 -22.24 31.32 -1.06
CA ILE B 4193 -22.36 32.76 -1.13
C ILE B 4193 -23.28 33.25 -0.03
N TYR B 4194 -22.87 34.33 0.64
CA TYR B 4194 -23.59 34.95 1.74
C TYR B 4194 -24.08 36.32 1.29
N PHE B 4195 -25.32 36.66 1.63
CA PHE B 4195 -25.90 37.94 1.24
C PHE B 4195 -26.90 38.41 2.29
N GLU B 4196 -27.29 39.67 2.19
CA GLU B 4196 -28.23 40.31 3.10
C GLU B 4196 -29.63 40.33 2.48
N ILE B 4197 -30.60 39.75 3.19
CA ILE B 4197 -31.94 39.56 2.63
C ILE B 4197 -32.72 40.86 2.59
N SER B 4198 -32.67 41.64 3.69
CA SER B 4198 -33.38 42.90 3.94
C SER B 4198 -34.83 42.64 4.36
N GLU B 4199 -35.36 43.49 5.24
CA GLU B 4199 -36.62 43.19 5.92
C GLU B 4199 -37.83 43.31 4.99
N THR B 4200 -37.87 44.38 4.18
CA THR B 4200 -39.07 44.66 3.39
C THR B 4200 -39.33 43.56 2.36
N ASN B 4201 -38.28 43.04 1.73
CA ASN B 4201 -38.44 41.96 0.77
C ASN B 4201 -38.92 40.69 1.47
N ARG B 4202 -38.41 40.42 2.67
CA ARG B 4202 -38.88 39.29 3.47
C ARG B 4202 -40.37 39.40 3.76
N ALA B 4203 -40.82 40.57 4.21
CA ALA B 4203 -42.24 40.77 4.52
C ALA B 4203 -43.11 40.64 3.27
N GLN B 4204 -42.66 41.23 2.15
CA GLN B 4204 -43.42 41.13 0.92
C GLN B 4204 -43.50 39.69 0.42
N TRP B 4205 -42.45 38.91 0.67
CA TRP B 4205 -42.54 37.48 0.35
C TRP B 4205 -43.53 36.77 1.26
N GLU B 4206 -43.52 37.11 2.56
CA GLU B 4206 -44.45 36.48 3.50
C GLU B 4206 -45.90 36.86 3.23
N MET B 4207 -46.14 37.93 2.47
CA MET B 4207 -47.48 38.31 2.02
C MET B 4207 -48.15 37.11 1.34
N PRO B 4208 -49.39 36.79 1.71
CA PRO B 4208 -49.98 35.49 1.29
C PRO B 4208 -50.17 35.30 -0.21
N GLN B 4209 -50.43 36.36 -0.97
CA GLN B 4209 -50.69 36.22 -2.40
C GLN B 4209 -49.47 35.65 -3.14
N VAL B 4210 -48.28 36.08 -2.74
CA VAL B 4210 -47.06 35.52 -3.29
C VAL B 4210 -46.95 34.04 -2.96
N LYS B 4211 -47.37 33.65 -1.75
CA LYS B 4211 -47.36 32.24 -1.36
C LYS B 4211 -48.31 31.42 -2.23
N GLU B 4212 -49.51 31.95 -2.51
CA GLU B 4212 -50.45 31.24 -3.38
C GLU B 4212 -49.91 31.10 -4.80
N SER B 4213 -49.31 32.17 -5.32
CA SER B 4213 -48.70 32.11 -6.65
C SER B 4213 -47.55 31.11 -6.68
N LYS B 4214 -46.78 31.05 -5.60
CA LYS B 4214 -45.68 30.10 -5.49
C LYS B 4214 -46.21 28.66 -5.49
N ARG B 4215 -47.29 28.40 -4.76
CA ARG B 4215 -47.86 27.06 -4.74
C ARG B 4215 -48.38 26.65 -6.12
N GLN B 4216 -49.06 27.59 -6.80
CA GLN B 4216 -49.53 27.30 -8.17
C GLN B 4216 -48.36 27.02 -9.10
N PHE B 4217 -47.29 27.81 -8.99
CA PHE B 4217 -46.11 27.59 -9.81
C PHE B 4217 -45.47 26.24 -9.54
N ILE B 4218 -45.42 25.82 -8.26
CA ILE B 4218 -44.90 24.51 -7.91
C ILE B 4218 -45.74 23.39 -8.55
N PHE B 4219 -47.06 23.50 -8.46
CA PHE B 4219 -47.92 22.47 -9.05
C PHE B 4219 -47.72 22.38 -10.57
N ASP B 4220 -47.65 23.55 -11.22
CA ASP B 4220 -47.46 23.58 -12.68
C ASP B 4220 -46.09 23.03 -13.08
N VAL B 4221 -45.04 23.42 -12.36
CA VAL B 4221 -43.69 23.00 -12.74
C VAL B 4221 -43.47 21.53 -12.46
N VAL B 4222 -44.15 20.97 -11.45
CA VAL B 4222 -43.92 19.56 -11.15
C VAL B 4222 -44.75 18.66 -12.07
N ASN B 4223 -46.04 18.95 -12.23
CA ASN B 4223 -46.89 18.03 -12.98
C ASN B 4223 -46.49 17.91 -14.45
N GLU B 4224 -46.64 19.00 -15.22
CA GLU B 4224 -46.36 18.93 -16.65
C GLU B 4224 -44.90 19.28 -16.93
N GLY B 4225 -44.28 20.10 -16.07
CA GLY B 4225 -43.00 20.72 -16.32
C GLY B 4225 -41.82 19.82 -16.62
N GLY B 4226 -41.08 20.15 -17.68
CA GLY B 4226 -39.91 19.38 -18.04
C GLY B 4226 -38.70 19.67 -17.17
N GLU B 4227 -37.83 18.66 -17.10
CA GLU B 4227 -36.64 18.74 -16.25
C GLU B 4227 -35.69 19.82 -16.74
N ALA B 4228 -35.47 19.90 -18.05
CA ALA B 4228 -34.59 20.94 -18.59
C ALA B 4228 -35.22 22.32 -18.54
N GLU B 4229 -36.54 22.40 -18.60
CA GLU B 4229 -37.26 23.68 -18.62
C GLU B 4229 -37.53 24.22 -17.22
N LYS B 4230 -37.33 23.39 -16.18
CA LYS B 4230 -37.67 23.78 -14.82
C LYS B 4230 -36.92 25.03 -14.37
N MET B 4231 -35.60 25.07 -14.63
CA MET B 4231 -34.79 26.20 -14.17
C MET B 4231 -35.20 27.50 -14.84
N GLU B 4232 -35.42 27.46 -16.16
CA GLU B 4232 -35.81 28.66 -16.89
C GLU B 4232 -37.19 29.16 -16.45
N LEU B 4233 -38.14 28.25 -16.24
CA LEU B 4233 -39.44 28.65 -15.73
C LEU B 4233 -39.32 29.24 -14.33
N PHE B 4234 -38.42 28.70 -13.51
CA PHE B 4234 -38.20 29.25 -12.17
C PHE B 4234 -37.67 30.67 -12.22
N VAL B 4235 -36.70 30.93 -13.12
CA VAL B 4235 -36.17 32.28 -13.23
C VAL B 4235 -37.24 33.25 -13.75
N SER B 4236 -38.10 32.80 -14.66
CA SER B 4236 -39.16 33.67 -15.16
C SER B 4236 -40.19 33.96 -14.06
N PHE B 4237 -40.52 32.96 -13.25
CA PHE B 4237 -41.41 33.16 -12.11
C PHE B 4237 -40.82 34.17 -11.13
N CYS B 4238 -39.52 34.08 -10.87
CA CYS B 4238 -38.88 35.06 -9.99
C CYS B 4238 -38.94 36.47 -10.60
N GLU B 4239 -38.71 36.58 -11.91
CA GLU B 4239 -38.71 37.88 -12.56
C GLU B 4239 -40.07 38.55 -12.50
N ASP B 4240 -41.16 37.77 -12.69
CA ASP B 4240 -42.47 38.40 -12.55
C ASP B 4240 -42.81 38.66 -11.09
N THR B 4241 -42.24 37.87 -10.17
CA THR B 4241 -42.43 38.12 -8.74
C THR B 4241 -41.89 39.48 -8.34
N ILE B 4242 -40.73 39.87 -8.88
CA ILE B 4242 -40.18 41.19 -8.56
C ILE B 4242 -41.14 42.30 -9.00
N PHE B 4243 -41.71 42.17 -10.21
CA PHE B 4243 -42.63 43.18 -10.71
C PHE B 4243 -43.90 43.24 -9.86
N GLU B 4244 -44.41 42.09 -9.44
CA GLU B 4244 -45.60 42.07 -8.58
C GLU B 4244 -45.31 42.76 -7.25
N MET B 4245 -44.14 42.51 -6.67
CA MET B 4245 -43.79 43.15 -5.40
C MET B 4245 -43.58 44.66 -5.58
N GLN B 4246 -43.05 45.08 -6.73
CA GLN B 4246 -42.95 46.52 -7.01
C GLN B 4246 -44.33 47.16 -7.11
N ILE B 4247 -45.28 46.47 -7.74
CA ILE B 4247 -46.65 46.97 -7.80
C ILE B 4247 -47.24 47.08 -6.40
N ALA B 4248 -46.97 46.08 -5.55
CA ALA B 4248 -47.47 46.11 -4.17
C ALA B 4248 -46.85 47.24 -3.36
N ALA B 4249 -45.56 47.53 -3.57
CA ALA B 4249 -44.94 48.67 -2.92
C ALA B 4249 -45.56 49.98 -3.41
N GLN B 4250 -45.90 50.05 -4.70
CA GLN B 4250 -46.49 51.27 -5.23
C GLN B 4250 -47.87 51.52 -4.64
N ILE B 4251 -48.70 50.47 -4.50
CA ILE B 4251 -50.04 50.69 -3.94
C ILE B 4251 -49.94 50.94 -2.43
N SER B 4252 -48.93 50.36 -1.78
CA SER B 4252 -48.82 50.45 -0.32
C SER B 4252 -48.72 51.89 0.15
N GLU B 4253 -49.45 52.21 1.21
CA GLU B 4253 -49.51 53.56 1.76
C GLU B 4253 -49.30 53.57 3.26
N PHE B 4540 -57.14 74.20 -9.90
CA PHE B 4540 -57.47 73.03 -9.10
C PHE B 4540 -57.33 71.74 -9.92
N TRP B 4541 -56.71 71.85 -11.10
CA TRP B 4541 -56.44 70.66 -11.91
C TRP B 4541 -55.47 69.72 -11.21
N GLY B 4542 -54.44 70.28 -10.56
CA GLY B 4542 -53.53 69.45 -9.78
C GLY B 4542 -54.22 68.81 -8.58
N GLU B 4543 -55.11 69.55 -7.92
CA GLU B 4543 -55.88 68.97 -6.83
C GLU B 4543 -56.77 67.83 -7.30
N LEU B 4544 -57.41 68.00 -8.46
CA LEU B 4544 -58.20 66.93 -9.04
C LEU B 4544 -57.34 65.71 -9.38
N GLU B 4545 -56.13 65.96 -9.90
CA GLU B 4545 -55.22 64.87 -10.23
C GLU B 4545 -54.81 64.08 -8.99
N VAL B 4546 -54.44 64.78 -7.91
CA VAL B 4546 -54.02 64.07 -6.70
C VAL B 4546 -55.19 63.37 -6.04
N GLN B 4547 -56.40 63.94 -6.12
CA GLN B 4547 -57.57 63.24 -5.63
C GLN B 4547 -57.84 61.97 -6.44
N ARG B 4548 -57.64 62.04 -7.76
CA ARG B 4548 -57.81 60.85 -8.59
C ARG B 4548 -56.77 59.78 -8.23
N VAL B 4549 -55.52 60.18 -8.01
CA VAL B 4549 -54.49 59.22 -7.65
C VAL B 4549 -54.79 58.57 -6.29
N LYS B 4550 -55.25 59.38 -5.32
CA LYS B 4550 -55.64 58.82 -4.03
C LYS B 4550 -56.83 57.86 -4.17
N PHE B 4551 -57.80 58.22 -5.02
CA PHE B 4551 -58.95 57.35 -5.27
C PHE B 4551 -58.51 56.01 -5.85
N LEU B 4552 -57.59 56.02 -6.82
CA LEU B 4552 -57.07 54.77 -7.37
C LEU B 4552 -56.29 53.99 -6.33
N ASN B 4553 -55.43 54.67 -5.56
CA ASN B 4553 -54.61 53.99 -4.56
C ASN B 4553 -55.43 53.41 -3.42
N TYR B 4554 -56.66 53.90 -3.23
CA TYR B 4554 -57.57 53.30 -2.28
C TYR B 4554 -58.42 52.18 -2.89
N LEU B 4555 -58.95 52.42 -4.10
CA LEU B 4555 -59.85 51.45 -4.72
C LEU B 4555 -59.11 50.17 -5.11
N SER B 4556 -57.84 50.29 -5.49
CA SER B 4556 -57.10 49.12 -5.96
C SER B 4556 -56.92 48.07 -4.87
N ARG B 4557 -56.69 48.50 -3.64
CA ARG B 4557 -56.35 47.57 -2.56
C ARG B 4557 -57.56 46.83 -1.99
N ASN B 4558 -58.78 47.14 -2.42
CA ASN B 4558 -59.98 46.53 -1.88
C ASN B 4558 -60.79 45.81 -2.97
N PHE B 4559 -60.10 45.19 -3.92
CA PHE B 4559 -60.76 44.57 -5.07
C PHE B 4559 -61.64 43.39 -4.65
N TYR B 4560 -61.12 42.51 -3.78
CA TYR B 4560 -61.85 41.29 -3.43
C TYR B 4560 -63.06 41.60 -2.56
N THR B 4561 -62.92 42.54 -1.61
CA THR B 4561 -64.04 42.89 -0.74
C THR B 4561 -65.17 43.51 -1.54
N LEU B 4562 -64.85 44.24 -2.61
CA LEU B 4562 -65.88 44.72 -3.53
C LEU B 4562 -66.64 43.56 -4.18
N ARG B 4563 -65.92 42.50 -4.56
CA ARG B 4563 -66.57 41.34 -5.15
C ARG B 4563 -67.48 40.64 -4.14
N PHE B 4564 -67.03 40.57 -2.88
CA PHE B 4564 -67.87 39.99 -1.83
C PHE B 4564 -69.12 40.84 -1.59
N LEU B 4565 -68.94 42.16 -1.59
CA LEU B 4565 -70.07 43.09 -1.55
C LEU B 4565 -71.05 42.83 -2.69
N ALA B 4566 -70.52 42.58 -3.89
CA ALA B 4566 -71.38 42.25 -5.03
C ALA B 4566 -72.13 40.95 -4.80
N LEU B 4567 -71.46 39.95 -4.21
CA LEU B 4567 -72.12 38.71 -3.81
C LEU B 4567 -73.31 38.96 -2.88
N PHE B 4568 -73.06 39.71 -1.80
CA PHE B 4568 -74.12 40.00 -0.84
C PHE B 4568 -75.25 40.81 -1.47
N LEU B 4569 -74.90 41.80 -2.29
CA LEU B 4569 -75.90 42.64 -2.94
C LEU B 4569 -76.75 41.83 -3.93
N ALA B 4570 -76.12 40.93 -4.68
CA ALA B 4570 -76.88 40.08 -5.60
C ALA B 4570 -77.84 39.17 -4.85
N PHE B 4571 -77.38 38.58 -3.74
CA PHE B 4571 -78.26 37.73 -2.95
C PHE B 4571 -79.42 38.54 -2.37
N ALA B 4572 -79.13 39.74 -1.84
CA ALA B 4572 -80.18 40.59 -1.30
C ALA B 4572 -81.16 41.01 -2.39
N ILE B 4573 -80.67 41.33 -3.58
CA ILE B 4573 -81.52 41.74 -4.69
C ILE B 4573 -82.46 40.61 -5.09
N ASN B 4574 -81.93 39.39 -5.19
CA ASN B 4574 -82.78 38.25 -5.53
C ASN B 4574 -83.79 37.94 -4.44
N PHE B 4575 -83.41 38.11 -3.17
CA PHE B 4575 -84.35 37.88 -2.08
C PHE B 4575 -85.47 38.93 -2.09
N ILE B 4576 -85.12 40.19 -2.38
CA ILE B 4576 -86.14 41.22 -2.58
C ILE B 4576 -87.04 40.86 -3.75
N LEU B 4577 -86.45 40.31 -4.81
CA LEU B 4577 -87.20 39.94 -6.00
C LEU B 4577 -88.22 38.85 -5.69
N LEU B 4578 -87.87 37.91 -4.81
CA LEU B 4578 -88.61 36.66 -4.55
C LEU B 4578 -90.13 36.80 -4.40
N PHE B 4579 -90.61 37.97 -3.98
CA PHE B 4579 -92.03 38.21 -3.75
C PHE B 4579 -92.59 39.09 -4.85
N TYR B 4580 -93.56 38.55 -5.59
CA TYR B 4580 -94.11 39.21 -6.77
C TYR B 4580 -95.50 38.63 -7.06
N LYS B 4581 -96.24 39.28 -7.94
CA LYS B 4581 -97.55 38.75 -8.31
C LYS B 4581 -97.84 39.15 -9.75
N VAL B 4582 -98.71 38.38 -10.40
CA VAL B 4582 -99.19 38.67 -11.75
C VAL B 4582 -100.69 38.95 -11.67
N SER B 4583 -101.11 40.08 -12.24
CA SER B 4583 -102.51 40.49 -12.21
C SER B 4583 -103.04 40.54 -13.63
N ASP B 4584 -104.26 40.04 -13.81
CA ASP B 4584 -104.90 40.11 -15.12
C ASP B 4584 -105.17 41.54 -15.52
N SER B 4585 -105.62 42.37 -14.58
CA SER B 4585 -105.92 43.78 -14.84
C SER B 4585 -105.17 44.64 -13.83
N PRO B 4586 -104.59 45.76 -14.25
CA PRO B 4586 -103.88 46.64 -13.32
C PRO B 4586 -104.83 47.26 -12.32
N PRO B 4587 -104.41 47.43 -11.06
CA PRO B 4587 -105.23 48.05 -10.02
C PRO B 4587 -105.11 49.56 -9.98
N ASN B 4626 -102.42 44.12 -20.93
CA ASN B 4626 -103.46 43.73 -19.98
C ASN B 4626 -102.83 43.22 -18.67
N MET B 4627 -102.16 42.08 -18.75
CA MET B 4627 -101.48 41.52 -17.59
C MET B 4627 -100.38 42.43 -17.10
N VAL B 4628 -100.28 42.58 -15.78
CA VAL B 4628 -99.26 43.39 -15.12
C VAL B 4628 -98.57 42.53 -14.06
N TYR B 4629 -97.53 43.10 -13.46
CA TYR B 4629 -96.59 42.35 -12.62
C TYR B 4629 -96.40 43.07 -11.27
N TYR B 4630 -97.51 43.47 -10.64
CA TYR B 4630 -97.40 44.22 -9.40
C TYR B 4630 -96.89 43.33 -8.28
N PHE B 4631 -96.28 43.96 -7.27
CA PHE B 4631 -95.57 43.23 -6.23
C PHE B 4631 -96.40 43.19 -4.95
N LEU B 4632 -96.57 41.97 -4.43
CA LEU B 4632 -97.20 41.80 -3.12
C LEU B 4632 -96.23 42.26 -2.05
N GLU B 4633 -96.72 43.08 -1.12
CA GLU B 4633 -95.85 43.78 -0.18
C GLU B 4633 -96.34 43.60 1.25
N GLU B 4634 -95.44 43.17 2.13
CA GLU B 4634 -95.75 43.03 3.54
C GLU B 4634 -95.72 44.39 4.24
N SER B 4635 -96.45 44.47 5.35
CA SER B 4635 -96.53 45.70 6.13
C SER B 4635 -95.25 46.02 6.91
N THR B 4636 -94.21 45.19 6.78
CA THR B 4636 -92.96 45.46 7.46
C THR B 4636 -92.26 46.68 6.85
N GLY B 4637 -91.40 47.31 7.64
CA GLY B 4637 -90.62 48.43 7.15
C GLY B 4637 -89.71 48.05 6.00
N TYR B 4638 -89.15 46.85 6.05
CA TYR B 4638 -88.41 46.31 4.93
C TYR B 4638 -89.36 45.85 3.83
N MET B 4639 -88.78 45.59 2.65
CA MET B 4639 -89.39 44.98 1.46
C MET B 4639 -90.29 46.02 0.78
N GLU B 4640 -90.19 47.28 1.17
CA GLU B 4640 -90.82 48.38 0.44
C GLU B 4640 -89.95 48.62 -0.81
N PRO B 4641 -90.27 49.54 -1.70
CA PRO B 4641 -89.68 49.49 -3.02
C PRO B 4641 -88.21 49.91 -3.19
N ALA B 4642 -87.42 49.87 -2.10
CA ALA B 4642 -86.01 50.27 -2.12
C ALA B 4642 -85.10 49.41 -2.98
N LEU B 4643 -85.65 48.44 -3.73
CA LEU B 4643 -84.84 47.71 -4.72
C LEU B 4643 -84.25 48.67 -5.75
N TRP B 4644 -84.99 49.73 -6.06
CA TRP B 4644 -84.56 50.87 -6.86
C TRP B 4644 -83.39 51.62 -6.24
N CYS B 4645 -83.12 51.38 -4.96
CA CYS B 4645 -81.95 51.96 -4.31
C CYS B 4645 -80.75 51.02 -4.32
N LEU B 4646 -80.98 49.71 -4.12
CA LEU B 4646 -79.89 48.75 -4.19
C LEU B 4646 -79.30 48.62 -5.59
N SER B 4647 -80.13 48.73 -6.63
CA SER B 4647 -79.64 48.54 -8.00
C SER B 4647 -78.61 49.60 -8.38
N LEU B 4648 -78.87 50.87 -8.04
CA LEU B 4648 -77.99 51.96 -8.43
C LEU B 4648 -76.66 51.93 -7.71
N LEU B 4649 -76.57 51.21 -6.59
CA LEU B 4649 -75.29 51.00 -5.91
C LEU B 4649 -74.58 49.76 -6.42
N HIS B 4650 -75.33 48.70 -6.72
CA HIS B 4650 -74.72 47.48 -7.26
C HIS B 4650 -74.03 47.75 -8.59
N THR B 4651 -74.66 48.55 -9.47
CA THR B 4651 -74.03 48.82 -10.77
C THR B 4651 -72.75 49.63 -10.62
N LEU B 4652 -72.74 50.62 -9.72
CA LEU B 4652 -71.51 51.37 -9.47
C LEU B 4652 -70.45 50.50 -8.84
N VAL B 4653 -70.85 49.53 -8.01
CA VAL B 4653 -69.91 48.57 -7.45
C VAL B 4653 -69.27 47.75 -8.55
N ALA B 4654 -70.07 47.32 -9.53
CA ALA B 4654 -69.54 46.55 -10.66
C ALA B 4654 -68.56 47.38 -11.49
N PHE B 4655 -68.91 48.64 -11.76
CA PHE B 4655 -68.01 49.50 -12.53
C PHE B 4655 -66.71 49.75 -11.78
N LEU B 4656 -66.79 49.94 -10.46
CA LEU B 4656 -65.60 50.07 -9.64
C LEU B 4656 -64.76 48.80 -9.67
N CYS B 4657 -65.42 47.64 -9.77
CA CYS B 4657 -64.68 46.38 -9.93
C CYS B 4657 -63.94 46.33 -11.27
N ILE B 4658 -64.57 46.84 -12.33
CA ILE B 4658 -63.87 46.93 -13.61
C ILE B 4658 -62.64 47.82 -13.49
N ILE B 4659 -62.80 48.94 -12.79
CA ILE B 4659 -61.68 49.86 -12.56
C ILE B 4659 -60.56 49.18 -11.76
N GLY B 4660 -60.94 48.45 -10.72
CA GLY B 4660 -59.95 47.74 -9.91
C GLY B 4660 -59.17 46.71 -10.71
N TYR B 4661 -59.85 45.98 -11.59
CA TYR B 4661 -59.14 45.07 -12.50
C TYR B 4661 -58.15 45.82 -13.38
N ASN B 4662 -58.59 46.93 -14.00
CA ASN B 4662 -57.73 47.68 -14.90
C ASN B 4662 -56.63 48.44 -14.18
N CYS B 4663 -56.70 48.56 -12.85
CA CYS B 4663 -55.61 49.11 -12.07
C CYS B 4663 -54.62 48.05 -11.59
N LEU B 4664 -55.09 46.86 -11.20
CA LEU B 4664 -54.20 45.86 -10.61
C LEU B 4664 -53.64 44.87 -11.64
N LYS B 4665 -54.53 44.14 -12.31
CA LYS B 4665 -54.11 42.87 -12.91
C LYS B 4665 -53.31 43.03 -14.20
N VAL B 4666 -53.74 43.95 -15.08
CA VAL B 4666 -53.26 43.92 -16.47
C VAL B 4666 -51.78 44.26 -16.68
N PRO B 4667 -51.11 45.12 -15.85
CA PRO B 4667 -49.68 45.37 -16.14
C PRO B 4667 -48.81 44.11 -16.10
N LEU B 4668 -49.14 43.14 -15.25
CA LEU B 4668 -48.39 41.90 -15.21
C LEU B 4668 -48.47 41.15 -16.53
N VAL B 4669 -49.68 41.02 -17.09
CA VAL B 4669 -49.86 40.31 -18.35
C VAL B 4669 -49.14 41.04 -19.48
N ILE B 4670 -49.24 42.38 -19.48
CA ILE B 4670 -48.54 43.17 -20.50
C ILE B 4670 -47.04 42.95 -20.41
N PHE B 4671 -46.49 42.96 -19.18
CA PHE B 4671 -45.07 42.77 -18.99
C PHE B 4671 -44.61 41.37 -19.41
N LYS B 4672 -45.43 40.35 -19.12
CA LYS B 4672 -45.09 38.99 -19.53
C LYS B 4672 -45.04 38.85 -21.05
N ARG B 4673 -46.06 39.37 -21.75
CA ARG B 4673 -46.05 39.28 -23.21
C ARG B 4673 -44.88 40.08 -23.80
N GLU B 4674 -44.61 41.26 -23.24
CA GLU B 4674 -43.49 42.07 -23.71
C GLU B 4674 -42.16 41.37 -23.50
N LYS B 4675 -41.98 40.73 -22.34
CA LYS B 4675 -40.75 40.00 -22.07
C LYS B 4675 -40.57 38.84 -23.03
N GLU B 4676 -41.65 38.09 -23.28
CA GLU B 4676 -41.59 36.98 -24.23
C GLU B 4676 -41.22 37.49 -25.62
N LEU B 4677 -41.84 38.58 -26.06
CA LEU B 4677 -41.55 39.15 -27.37
C LEU B 4677 -40.10 39.62 -27.46
N ALA B 4678 -39.59 40.26 -26.40
CA ALA B 4678 -38.23 40.80 -26.43
C ALA B 4678 -37.19 39.69 -26.47
N ARG B 4679 -37.32 38.67 -25.61
CA ARG B 4679 -36.37 37.57 -25.62
C ARG B 4679 -36.42 36.79 -26.93
N LYS B 4680 -37.64 36.56 -27.45
CA LYS B 4680 -37.76 35.87 -28.74
C LYS B 4680 -37.12 36.69 -29.85
N LEU B 4681 -37.36 38.00 -29.87
CA LEU B 4681 -36.81 38.84 -30.93
C LEU B 4681 -35.29 38.89 -30.87
N GLU B 4682 -34.70 38.91 -29.68
CA GLU B 4682 -33.25 39.17 -29.62
C GLU B 4682 -32.45 37.86 -29.67
N PHE B 4683 -32.73 36.90 -28.78
CA PHE B 4683 -31.87 35.71 -28.74
C PHE B 4683 -32.06 34.82 -29.96
N ASP B 4684 -33.29 34.50 -30.33
CA ASP B 4684 -33.56 33.58 -31.44
C ASP B 4684 -34.52 34.28 -32.40
N GLY B 4685 -33.96 35.06 -33.33
CA GLY B 4685 -34.76 36.01 -34.08
C GLY B 4685 -35.88 35.34 -34.86
N LEU B 4686 -37.08 35.87 -34.68
CA LEU B 4686 -38.28 35.33 -35.28
C LEU B 4686 -38.90 36.26 -36.31
N TYR B 4687 -38.46 37.51 -36.36
CA TYR B 4687 -38.84 38.45 -37.41
C TYR B 4687 -37.68 38.81 -38.34
N ILE B 4688 -36.47 38.91 -37.81
CA ILE B 4688 -35.33 39.33 -38.61
C ILE B 4688 -34.95 38.26 -39.63
N THR B 4689 -34.89 36.99 -39.19
CA THR B 4689 -34.53 35.92 -40.10
C THR B 4689 -35.67 34.95 -40.35
N GLU B 4690 -36.18 34.33 -39.27
CA GLU B 4690 -37.34 33.47 -39.37
C GLU B 4690 -38.62 34.27 -39.54
N GLN B 4691 -39.74 33.59 -39.70
CA GLN B 4691 -41.05 34.22 -39.75
C GLN B 4691 -42.03 33.34 -39.01
N PRO B 4692 -43.11 33.91 -38.47
CA PRO B 4692 -44.14 33.09 -37.81
C PRO B 4692 -44.84 32.18 -38.81
N GLY B 4693 -45.27 31.02 -38.31
CA GLY B 4693 -46.02 30.11 -39.15
C GLY B 4693 -47.39 30.67 -39.49
N ASP B 4694 -47.90 30.23 -40.64
CA ASP B 4694 -49.20 30.72 -41.11
C ASP B 4694 -50.33 30.35 -40.16
N ASP B 4695 -50.40 29.08 -39.76
CA ASP B 4695 -51.48 28.61 -38.90
C ASP B 4695 -51.20 28.84 -37.42
N ASP B 4696 -50.85 30.05 -37.01
CA ASP B 4696 -50.77 30.43 -35.61
C ASP B 4696 -51.63 31.66 -35.34
N VAL B 4697 -52.05 31.82 -34.08
CA VAL B 4697 -52.93 32.92 -33.69
C VAL B 4697 -52.12 33.92 -32.87
N LYS B 4698 -52.36 35.21 -33.16
CA LYS B 4698 -51.84 36.39 -32.46
C LYS B 4698 -50.34 36.60 -32.69
N GLY B 4699 -49.67 35.64 -33.33
CA GLY B 4699 -48.29 35.88 -33.74
C GLY B 4699 -48.21 36.96 -34.81
N GLN B 4700 -49.18 36.98 -35.73
CA GLN B 4700 -49.30 38.07 -36.68
C GLN B 4700 -49.72 39.36 -35.98
N TRP B 4701 -50.54 39.25 -34.93
CA TRP B 4701 -50.97 40.42 -34.17
C TRP B 4701 -49.80 41.09 -33.45
N ASP B 4702 -48.76 40.32 -33.10
CA ASP B 4702 -47.58 40.91 -32.46
C ASP B 4702 -46.85 41.88 -33.38
N ARG B 4703 -47.10 41.83 -34.70
CA ARG B 4703 -46.38 42.68 -35.65
C ARG B 4703 -46.67 44.16 -35.41
N LEU B 4704 -47.87 44.49 -34.92
CA LEU B 4704 -48.28 45.89 -34.81
C LEU B 4704 -47.43 46.67 -33.82
N VAL B 4705 -47.05 46.05 -32.70
CA VAL B 4705 -46.38 46.77 -31.63
C VAL B 4705 -44.94 47.10 -31.97
N LEU B 4706 -44.34 46.43 -32.97
CA LEU B 4706 -42.92 46.61 -33.25
C LEU B 4706 -42.61 48.01 -33.75
N ASN B 4707 -43.46 48.55 -34.63
CA ASN B 4707 -43.20 49.87 -35.22
C ASN B 4707 -43.35 50.98 -34.19
N THR B 4708 -44.19 50.77 -33.19
CA THR B 4708 -44.46 51.79 -32.18
C THR B 4708 -43.18 52.19 -31.46
N PRO B 4709 -42.87 53.50 -31.37
CA PRO B 4709 -41.65 53.92 -30.65
C PRO B 4709 -41.67 53.54 -29.17
N SER B 4710 -42.82 53.60 -28.52
CA SER B 4710 -42.93 53.24 -27.10
C SER B 4710 -43.21 51.77 -26.91
N PHE B 4711 -42.40 50.90 -27.50
CA PHE B 4711 -42.50 49.46 -27.31
C PHE B 4711 -42.16 49.06 -25.87
N PRO B 4712 -40.95 49.39 -25.33
CA PRO B 4712 -40.68 48.86 -23.97
C PRO B 4712 -41.29 49.73 -22.88
N SER B 4713 -42.62 49.72 -22.79
CA SER B 4713 -43.30 50.50 -21.77
C SER B 4713 -43.09 49.92 -20.37
N ASN B 4714 -43.27 48.60 -20.23
CA ASN B 4714 -43.25 47.97 -18.91
C ASN B 4714 -42.07 47.04 -18.67
N TYR B 4715 -41.40 46.56 -19.71
CA TYR B 4715 -40.23 45.73 -19.50
C TYR B 4715 -39.08 46.58 -18.97
N TRP B 4716 -38.19 45.95 -18.20
CA TRP B 4716 -37.19 46.71 -17.44
C TRP B 4716 -36.17 47.40 -18.32
N ASP B 4717 -35.81 46.82 -19.46
CA ASP B 4717 -34.71 47.31 -20.28
C ASP B 4717 -35.27 47.93 -21.57
N LYS B 4718 -34.84 49.16 -21.85
CA LYS B 4718 -35.25 49.88 -23.04
C LYS B 4718 -34.26 49.74 -24.19
N PHE B 4719 -33.14 49.05 -23.97
CA PHE B 4719 -32.04 49.00 -24.93
C PHE B 4719 -32.09 47.78 -25.85
N VAL B 4720 -33.16 47.00 -25.80
CA VAL B 4720 -33.29 45.84 -26.68
C VAL B 4720 -33.33 46.29 -28.15
N LYS B 4721 -33.97 47.43 -28.41
CA LYS B 4721 -34.07 47.96 -29.77
C LYS B 4721 -32.68 48.20 -30.38
N ARG B 4722 -31.78 48.80 -29.61
CA ARG B 4722 -30.41 48.98 -30.09
C ARG B 4722 -29.66 47.66 -30.12
N LYS B 4723 -29.87 46.79 -29.11
CA LYS B 4723 -29.12 45.54 -28.99
C LYS B 4723 -29.36 44.60 -30.17
N VAL B 4724 -30.61 44.50 -30.62
CA VAL B 4724 -30.93 43.60 -31.74
C VAL B 4724 -30.21 44.05 -33.01
N LEU B 4725 -30.24 45.36 -33.28
CA LEU B 4725 -29.51 45.91 -34.42
C LEU B 4725 -28.02 45.71 -34.27
N ASP B 4726 -27.48 45.92 -33.07
CA ASP B 4726 -26.04 45.80 -32.86
C ASP B 4726 -25.56 44.37 -33.01
N LYS B 4727 -26.43 43.40 -32.75
CA LYS B 4727 -26.04 41.99 -32.91
C LYS B 4727 -26.23 41.52 -34.35
N HIS B 4728 -27.45 41.62 -34.88
CA HIS B 4728 -27.75 41.06 -36.20
C HIS B 4728 -27.65 42.05 -37.35
N GLY B 4729 -27.05 43.22 -37.13
CA GLY B 4729 -26.99 44.23 -38.18
C GLY B 4729 -26.14 43.84 -39.38
N ASP B 4730 -25.03 43.15 -39.13
CA ASP B 4730 -24.07 42.89 -40.19
C ASP B 4730 -24.59 41.84 -41.18
N ILE B 4731 -25.31 40.83 -40.68
CA ILE B 4731 -25.72 39.69 -41.50
C ILE B 4731 -26.85 40.04 -42.46
N PHE B 4732 -27.58 41.13 -42.20
CA PHE B 4732 -28.75 41.51 -42.97
C PHE B 4732 -28.68 42.99 -43.31
N GLY B 4733 -29.63 43.44 -44.14
CA GLY B 4733 -29.72 44.85 -44.46
C GLY B 4733 -30.00 45.71 -43.24
N ARG B 4734 -29.06 46.61 -42.96
CA ARG B 4734 -29.20 47.50 -41.81
C ARG B 4734 -30.41 48.40 -41.96
N GLU B 4735 -30.61 48.94 -43.16
CA GLU B 4735 -31.82 49.73 -43.44
C GLU B 4735 -33.07 48.86 -43.36
N ARG B 4736 -32.94 47.57 -43.67
CA ARG B 4736 -34.10 46.67 -43.53
C ARG B 4736 -34.48 46.50 -42.06
N ILE B 4737 -33.49 46.37 -41.17
CA ILE B 4737 -33.80 46.37 -39.74
C ILE B 4737 -34.38 47.71 -39.30
N ALA B 4738 -33.86 48.81 -39.88
CA ALA B 4738 -34.35 50.14 -39.53
C ALA B 4738 -35.80 50.35 -39.93
N GLU B 4739 -36.20 49.86 -41.11
CA GLU B 4739 -37.60 49.95 -41.49
C GLU B 4739 -38.46 48.95 -40.74
N LEU B 4740 -37.87 47.81 -40.33
CA LEU B 4740 -38.62 46.84 -39.54
C LEU B 4740 -39.01 47.42 -38.19
N LEU B 4741 -38.05 48.00 -37.46
CA LEU B 4741 -38.36 48.74 -36.25
C LEU B 4741 -37.71 50.12 -36.33
N GLY B 4742 -38.54 51.16 -36.23
CA GLY B 4742 -38.17 52.50 -36.63
C GLY B 4742 -37.21 53.22 -35.70
N MET B 4743 -35.98 52.74 -35.65
CA MET B 4743 -34.97 53.29 -34.76
C MET B 4743 -34.62 54.74 -35.12
N ASP B 4744 -34.53 55.02 -36.43
CA ASP B 4744 -34.22 56.33 -37.02
C ASP B 4744 -32.71 56.54 -36.93
N LEU B 4745 -32.10 57.17 -37.94
CA LEU B 4745 -30.66 57.23 -37.98
C LEU B 4745 -30.10 58.29 -37.03
N ALA B 4746 -30.54 58.25 -35.78
CA ALA B 4746 -29.85 58.84 -34.64
C ALA B 4746 -29.13 57.75 -33.84
N SER B 4747 -28.63 56.74 -34.56
CA SER B 4747 -27.98 55.59 -33.95
C SER B 4747 -26.77 56.01 -33.13
N LEU B 4748 -26.11 57.10 -33.53
CA LEU B 4748 -25.15 57.77 -32.66
C LEU B 4748 -25.96 58.60 -31.66
N GLU B 4749 -26.65 57.90 -30.76
CA GLU B 4749 -27.44 58.55 -29.72
C GLU B 4749 -26.55 59.32 -28.75
N ILE B 4750 -25.28 58.93 -28.67
CA ILE B 4750 -24.30 59.59 -27.81
C ILE B 4750 -24.11 61.06 -28.21
N THR B 4751 -24.17 61.35 -29.52
CA THR B 4751 -24.02 62.73 -29.98
C THR B 4751 -25.16 63.61 -29.49
N ALA B 4752 -26.39 63.10 -29.53
CA ALA B 4752 -27.53 63.88 -29.05
C ALA B 4752 -27.59 63.92 -27.53
N HIS B 4753 -27.16 62.83 -26.87
CA HIS B 4753 -27.15 62.79 -25.41
C HIS B 4753 -26.13 63.76 -24.83
N ASN B 4754 -25.03 63.99 -25.55
CA ASN B 4754 -24.00 64.92 -25.07
C ASN B 4754 -24.55 66.33 -24.95
N GLU B 4755 -25.49 66.70 -25.81
CA GLU B 4755 -26.01 68.07 -25.83
C GLU B 4755 -26.75 68.40 -24.53
N ARG B 4756 -27.63 67.51 -24.08
CA ARG B 4756 -28.40 67.68 -22.85
C ARG B 4756 -29.16 66.39 -22.58
N LYS B 4757 -29.62 66.25 -21.34
CA LYS B 4757 -30.54 65.23 -20.88
C LYS B 4757 -31.97 65.61 -21.22
N PRO B 4758 -32.88 64.63 -21.35
CA PRO B 4758 -34.27 64.98 -21.67
C PRO B 4758 -34.97 65.63 -20.49
N ASP B 4759 -35.66 66.74 -20.79
CA ASP B 4759 -36.40 67.53 -19.82
C ASP B 4759 -37.88 67.21 -19.91
N PRO B 4760 -38.51 66.79 -18.82
CA PRO B 4760 -39.93 66.40 -18.87
C PRO B 4760 -40.84 67.61 -18.96
N PRO B 4761 -41.63 67.73 -20.02
CA PRO B 4761 -42.57 68.84 -20.13
C PRO B 4761 -43.91 68.46 -19.50
N PRO B 4762 -44.68 69.43 -19.03
CA PRO B 4762 -46.04 69.14 -18.55
C PRO B 4762 -46.94 68.70 -19.68
N GLY B 4763 -47.62 67.58 -19.49
CA GLY B 4763 -48.52 67.03 -20.49
C GLY B 4763 -50.00 67.22 -20.23
N LEU B 4764 -50.36 67.97 -19.19
CA LEU B 4764 -51.77 68.11 -18.82
C LEU B 4764 -52.53 68.92 -19.85
N LEU B 4765 -53.72 68.42 -20.21
CA LEU B 4765 -54.69 69.02 -21.15
C LEU B 4765 -54.24 68.95 -22.60
N THR B 4766 -53.02 68.49 -22.86
CA THR B 4766 -52.55 68.25 -24.22
C THR B 4766 -52.42 66.77 -24.56
N TRP B 4767 -52.79 65.90 -23.62
CA TRP B 4767 -52.58 64.46 -23.78
C TRP B 4767 -53.43 63.84 -24.87
N LEU B 4768 -54.61 64.44 -25.16
CA LEU B 4768 -55.61 63.78 -26.01
C LEU B 4768 -55.09 63.55 -27.43
N MET B 4769 -54.31 64.48 -27.98
CA MET B 4769 -53.67 64.26 -29.26
C MET B 4769 -52.23 63.76 -29.11
N SER B 4770 -51.64 63.91 -27.92
CA SER B 4770 -50.26 63.46 -27.72
C SER B 4770 -50.16 61.94 -27.72
N ILE B 4771 -51.18 61.25 -27.20
CA ILE B 4771 -51.10 59.80 -27.02
C ILE B 4771 -51.01 59.10 -28.38
N ASP B 4772 -49.97 58.27 -28.54
CA ASP B 4772 -49.85 57.40 -29.71
C ASP B 4772 -50.88 56.29 -29.64
N VAL B 4773 -51.47 55.94 -30.79
CA VAL B 4773 -52.67 55.11 -30.81
C VAL B 4773 -52.38 53.63 -31.07
N LYS B 4774 -51.29 53.33 -31.79
CA LYS B 4774 -51.02 51.94 -32.18
C LYS B 4774 -50.71 51.05 -30.99
N TYR B 4775 -49.91 51.55 -30.04
CA TYR B 4775 -49.61 50.79 -28.83
C TYR B 4775 -50.89 50.53 -28.03
N GLN B 4776 -51.77 51.54 -27.94
CA GLN B 4776 -53.04 51.34 -27.26
C GLN B 4776 -53.92 50.35 -27.99
N ILE B 4777 -53.86 50.31 -29.32
CA ILE B 4777 -54.63 49.32 -30.07
C ILE B 4777 -54.16 47.90 -29.75
N TRP B 4778 -52.84 47.70 -29.74
CA TRP B 4778 -52.28 46.40 -29.38
C TRP B 4778 -52.64 46.01 -27.94
N LYS B 4779 -52.53 46.98 -27.03
CA LYS B 4779 -52.91 46.76 -25.63
C LYS B 4779 -54.39 46.43 -25.51
N PHE B 4780 -55.24 47.12 -26.27
CA PHE B 4780 -56.67 46.83 -26.25
C PHE B 4780 -56.94 45.41 -26.72
N GLY B 4781 -56.22 44.97 -27.77
CA GLY B 4781 -56.37 43.60 -28.24
C GLY B 4781 -56.04 42.57 -27.18
N VAL B 4782 -54.90 42.74 -26.50
CA VAL B 4782 -54.52 41.73 -25.51
C VAL B 4782 -55.44 41.79 -24.29
N ILE B 4783 -55.86 42.99 -23.88
CA ILE B 4783 -56.79 43.12 -22.75
C ILE B 4783 -58.11 42.45 -23.05
N PHE B 4784 -58.66 42.68 -24.25
CA PHE B 4784 -59.94 42.07 -24.61
C PHE B 4784 -59.82 40.57 -24.78
N THR B 4785 -58.67 40.08 -25.29
CA THR B 4785 -58.55 38.63 -25.40
C THR B 4785 -58.18 37.95 -24.08
N ASP B 4786 -57.81 38.73 -23.05
CA ASP B 4786 -57.68 38.14 -21.72
C ASP B 4786 -59.06 37.71 -21.23
N ASN B 4787 -59.13 36.51 -20.65
CA ASN B 4787 -60.42 35.87 -20.41
C ASN B 4787 -61.22 36.57 -19.32
N SER B 4788 -60.56 36.95 -18.21
CA SER B 4788 -61.28 37.43 -17.04
C SER B 4788 -61.90 38.80 -17.27
N PHE B 4789 -61.24 39.64 -18.07
CA PHE B 4789 -61.77 40.98 -18.32
C PHE B 4789 -63.09 40.91 -19.06
N LEU B 4790 -63.22 39.97 -20.01
CA LEU B 4790 -64.49 39.74 -20.67
C LEU B 4790 -65.56 39.27 -19.68
N TYR B 4791 -65.17 38.43 -18.72
CA TYR B 4791 -66.11 37.98 -17.68
C TYR B 4791 -66.62 39.15 -16.86
N LEU B 4792 -65.73 40.04 -16.44
CA LEU B 4792 -66.15 41.20 -15.67
C LEU B 4792 -66.98 42.16 -16.51
N GLY B 4793 -66.61 42.34 -17.78
CA GLY B 4793 -67.40 43.18 -18.67
C GLY B 4793 -68.80 42.64 -18.91
N TRP B 4794 -68.92 41.32 -19.03
CA TRP B 4794 -70.23 40.69 -19.16
C TRP B 4794 -71.06 40.89 -17.89
N TYR B 4795 -70.40 40.78 -16.73
CA TYR B 4795 -71.08 41.06 -15.46
C TYR B 4795 -71.60 42.50 -15.40
N MET B 4796 -70.79 43.45 -15.87
CA MET B 4796 -71.20 44.86 -15.84
C MET B 4796 -72.30 45.14 -16.85
N VAL B 4797 -72.21 44.55 -18.04
CA VAL B 4797 -73.25 44.73 -19.05
C VAL B 4797 -74.58 44.16 -18.56
N MET B 4798 -74.53 43.02 -17.88
CA MET B 4798 -75.78 42.49 -17.33
C MET B 4798 -76.30 43.31 -16.14
N SER B 4799 -75.42 44.00 -15.41
CA SER B 4799 -75.92 44.99 -14.45
C SER B 4799 -76.63 46.14 -15.16
N LEU B 4800 -76.06 46.60 -16.27
CA LEU B 4800 -76.68 47.68 -17.05
C LEU B 4800 -78.06 47.25 -17.56
N LEU B 4801 -78.17 46.03 -18.06
CA LEU B 4801 -79.49 45.50 -18.42
C LEU B 4801 -80.35 45.24 -17.18
N GLY B 4802 -79.73 45.04 -16.01
CA GLY B 4802 -80.50 44.86 -14.79
C GLY B 4802 -81.15 46.14 -14.32
N HIS B 4803 -80.66 47.28 -14.78
CA HIS B 4803 -81.41 48.53 -14.57
C HIS B 4803 -82.81 48.47 -15.20
N TYR B 4804 -82.93 47.97 -16.43
CA TYR B 4804 -84.24 47.59 -16.98
C TYR B 4804 -84.53 46.14 -16.61
N ASN B 4805 -85.01 45.98 -15.37
CA ASN B 4805 -84.67 44.81 -14.57
C ASN B 4805 -85.27 43.55 -15.17
N ASN B 4806 -86.59 43.57 -15.46
CA ASN B 4806 -87.33 42.36 -15.79
C ASN B 4806 -87.06 41.31 -14.72
N PHE B 4807 -86.34 40.24 -15.08
CA PHE B 4807 -85.71 39.36 -14.11
C PHE B 4807 -84.28 39.03 -14.52
N PHE B 4808 -83.55 40.06 -14.99
CA PHE B 4808 -82.17 39.85 -15.45
C PHE B 4808 -81.23 39.55 -14.29
N PHE B 4809 -81.52 40.07 -13.10
CA PHE B 4809 -80.59 39.98 -11.96
C PHE B 4809 -80.34 38.55 -11.51
N ALA B 4810 -81.23 37.61 -11.88
CA ALA B 4810 -81.05 36.22 -11.45
C ALA B 4810 -79.79 35.61 -12.03
N ALA B 4811 -79.38 36.04 -13.22
CA ALA B 4811 -78.19 35.50 -13.87
C ALA B 4811 -76.91 35.82 -13.09
N HIS B 4812 -76.91 36.92 -12.33
CA HIS B 4812 -75.72 37.33 -11.60
C HIS B 4812 -75.31 36.29 -10.55
N LEU B 4813 -76.26 35.48 -10.08
CA LEU B 4813 -75.97 34.51 -9.03
C LEU B 4813 -74.96 33.47 -9.49
N LEU B 4814 -75.09 32.99 -10.72
CA LEU B 4814 -74.20 31.93 -11.21
C LEU B 4814 -72.74 32.40 -11.27
N ASP B 4815 -72.51 33.54 -11.94
CA ASP B 4815 -71.12 33.99 -12.12
C ASP B 4815 -70.54 34.49 -10.80
N ILE B 4816 -71.37 35.03 -9.91
CA ILE B 4816 -70.87 35.38 -8.59
C ILE B 4816 -70.61 34.12 -7.75
N ALA B 4817 -71.37 33.06 -7.97
CA ALA B 4817 -71.21 31.82 -7.20
C ALA B 4817 -69.98 31.05 -7.61
N MET B 4818 -69.55 31.17 -8.87
CA MET B 4818 -68.33 30.49 -9.29
C MET B 4818 -67.11 30.97 -8.50
N GLY B 4819 -67.19 32.16 -7.90
CA GLY B 4819 -66.06 32.68 -7.13
C GLY B 4819 -65.72 31.84 -5.91
N VAL B 4820 -66.74 31.21 -5.30
CA VAL B 4820 -66.54 30.42 -4.10
C VAL B 4820 -65.52 29.31 -4.33
N LYS B 4821 -64.53 29.23 -3.43
CA LYS B 4821 -63.33 28.42 -3.68
C LYS B 4821 -63.65 26.93 -3.78
N THR B 4822 -64.53 26.43 -2.90
CA THR B 4822 -64.82 25.00 -2.88
C THR B 4822 -65.54 24.56 -4.14
N LEU B 4823 -66.40 25.44 -4.70
CA LEU B 4823 -67.15 25.09 -5.90
C LEU B 4823 -66.26 24.91 -7.11
N ARG B 4824 -65.11 25.62 -7.13
CA ARG B 4824 -64.26 25.67 -8.32
C ARG B 4824 -63.76 24.29 -8.72
N THR B 4825 -63.33 23.49 -7.75
CA THR B 4825 -62.86 22.14 -8.05
C THR B 4825 -63.98 21.29 -8.63
N ILE B 4826 -65.18 21.41 -8.06
CA ILE B 4826 -66.33 20.64 -8.54
C ILE B 4826 -66.66 21.00 -9.98
N LEU B 4827 -66.67 22.30 -10.31
CA LEU B 4827 -66.95 22.69 -11.70
C LEU B 4827 -65.81 22.30 -12.63
N SER B 4828 -64.57 22.40 -12.17
CA SER B 4828 -63.42 22.06 -13.00
C SER B 4828 -63.36 20.58 -13.29
N SER B 4829 -63.92 19.76 -12.40
CA SER B 4829 -63.90 18.31 -12.59
C SER B 4829 -64.63 17.89 -13.86
N VAL B 4830 -65.82 18.45 -14.10
CA VAL B 4830 -66.52 18.19 -15.35
C VAL B 4830 -65.78 18.82 -16.53
N THR B 4831 -65.10 19.95 -16.28
CA THR B 4831 -64.35 20.63 -17.33
C THR B 4831 -63.18 19.78 -17.83
N HIS B 4832 -62.58 18.99 -16.94
CA HIS B 4832 -61.37 18.20 -17.20
C HIS B 4832 -61.62 17.25 -18.38
N ASN B 4833 -62.60 16.35 -18.25
CA ASN B 4833 -62.87 15.41 -19.32
C ASN B 4833 -63.42 16.10 -20.57
N GLY B 4834 -64.41 16.99 -20.39
CA GLY B 4834 -64.94 17.76 -21.50
C GLY B 4834 -65.40 17.01 -22.74
N LYS B 4835 -64.59 17.16 -23.81
CA LYS B 4835 -64.92 16.77 -25.19
C LYS B 4835 -65.63 15.43 -25.31
N GLN B 4836 -65.29 14.47 -24.45
CA GLN B 4836 -65.87 13.12 -24.53
C GLN B 4836 -67.38 13.16 -24.29
N LEU B 4837 -67.83 14.05 -23.40
CA LEU B 4837 -69.27 14.16 -23.12
C LEU B 4837 -70.03 14.59 -24.37
N VAL B 4838 -69.54 15.63 -25.06
CA VAL B 4838 -70.19 16.13 -26.27
C VAL B 4838 -70.14 15.08 -27.36
N MET B 4839 -69.02 14.35 -27.46
CA MET B 4839 -68.94 13.27 -28.45
C MET B 4839 -69.98 12.19 -28.15
N THR B 4840 -70.21 11.91 -26.87
CA THR B 4840 -71.22 10.92 -26.50
C THR B 4840 -72.64 11.40 -26.86
N VAL B 4841 -72.92 12.70 -26.67
CA VAL B 4841 -74.22 13.22 -27.10
C VAL B 4841 -74.37 13.15 -28.62
N GLY B 4842 -73.28 13.39 -29.35
CA GLY B 4842 -73.33 13.22 -30.80
C GLY B 4842 -73.61 11.78 -31.21
N LEU B 4843 -72.98 10.83 -30.52
CA LEU B 4843 -73.25 9.42 -30.75
C LEU B 4843 -74.71 9.07 -30.45
N LEU B 4844 -75.25 9.63 -29.37
CA LEU B 4844 -76.65 9.42 -29.03
C LEU B 4844 -77.57 9.97 -30.11
N ALA B 4845 -77.27 11.16 -30.63
CA ALA B 4845 -78.10 11.74 -31.68
C ALA B 4845 -78.06 10.88 -32.94
N VAL B 4846 -76.87 10.41 -33.32
CA VAL B 4846 -76.78 9.61 -34.55
C VAL B 4846 -77.47 8.26 -34.36
N VAL B 4847 -77.39 7.66 -33.17
CA VAL B 4847 -78.06 6.37 -32.95
C VAL B 4847 -79.58 6.55 -32.92
N VAL B 4848 -80.07 7.68 -32.38
CA VAL B 4848 -81.51 7.93 -32.39
C VAL B 4848 -82.00 8.15 -33.82
N TYR B 4849 -81.22 8.85 -34.65
CA TYR B 4849 -81.59 9.01 -36.06
C TYR B 4849 -81.63 7.66 -36.78
N LEU B 4850 -80.64 6.80 -36.51
CA LEU B 4850 -80.60 5.49 -37.14
C LEU B 4850 -81.81 4.66 -36.74
N TYR B 4851 -82.19 4.70 -35.45
CA TYR B 4851 -83.40 4.02 -35.03
C TYR B 4851 -84.65 4.64 -35.64
N THR B 4852 -84.63 5.96 -35.86
CA THR B 4852 -85.78 6.65 -36.43
C THR B 4852 -86.04 6.21 -37.87
N VAL B 4853 -84.97 5.92 -38.62
CA VAL B 4853 -85.16 5.44 -39.99
C VAL B 4853 -85.92 4.11 -40.02
N VAL B 4854 -85.47 3.15 -39.21
CA VAL B 4854 -86.14 1.84 -39.13
C VAL B 4854 -87.56 2.01 -38.58
N ALA B 4855 -87.72 2.91 -37.60
CA ALA B 4855 -89.04 3.19 -37.04
C ALA B 4855 -89.99 3.74 -38.10
N PHE B 4856 -89.48 4.62 -38.96
CA PHE B 4856 -90.27 5.13 -40.08
C PHE B 4856 -90.69 4.02 -41.03
N ASN B 4857 -89.77 3.09 -41.32
CA ASN B 4857 -90.06 2.08 -42.34
C ASN B 4857 -91.23 1.16 -42.03
N PHE B 4858 -91.11 0.30 -41.02
CA PHE B 4858 -92.15 -0.71 -40.79
C PHE B 4858 -93.16 -0.27 -39.75
N PHE B 4859 -92.71 0.33 -38.65
CA PHE B 4859 -93.49 0.42 -37.42
C PHE B 4859 -94.47 1.58 -37.43
N ARG B 4860 -94.80 2.09 -38.62
CA ARG B 4860 -95.70 3.23 -38.78
C ARG B 4860 -97.06 2.99 -38.14
N LYS B 4861 -97.61 1.79 -38.34
CA LYS B 4861 -98.93 1.48 -37.80
C LYS B 4861 -98.91 1.45 -36.27
N PHE B 4862 -97.81 1.00 -35.67
CA PHE B 4862 -97.69 1.00 -34.22
C PHE B 4862 -97.53 2.42 -33.67
N TYR B 4863 -96.82 3.29 -34.39
CA TYR B 4863 -96.46 4.60 -33.84
C TYR B 4863 -97.66 5.51 -33.55
N ASN B 4864 -98.80 5.28 -34.22
CA ASN B 4864 -99.93 6.19 -34.05
C ASN B 4864 -100.64 5.98 -32.71
N LYS B 4865 -99.98 6.36 -31.61
CA LYS B 4865 -100.49 6.08 -30.27
C LYS B 4865 -101.75 6.87 -29.96
N SER B 4866 -101.77 8.16 -30.31
CA SER B 4866 -102.71 9.09 -29.69
C SER B 4866 -104.14 8.91 -30.18
N GLU B 4867 -105.08 9.08 -29.25
CA GLU B 4867 -106.51 9.31 -29.47
C GLU B 4867 -107.30 8.04 -29.80
N ASP B 4868 -108.61 8.17 -29.91
CA ASP B 4868 -109.52 7.08 -30.20
C ASP B 4868 -110.53 7.52 -31.25
N GLU B 4869 -111.01 6.55 -32.04
CA GLU B 4869 -112.05 6.77 -33.06
C GLU B 4869 -111.55 7.82 -34.05
N ASP B 4870 -112.26 8.93 -34.25
CA ASP B 4870 -111.84 9.93 -35.22
C ASP B 4870 -110.53 10.58 -34.80
N GLU B 4871 -109.74 10.94 -35.80
CA GLU B 4871 -108.42 11.58 -35.66
C GLU B 4871 -107.46 10.81 -34.76
N PRO B 4872 -107.11 9.55 -35.06
CA PRO B 4872 -105.89 9.00 -34.46
C PRO B 4872 -104.69 9.78 -34.96
N ASP B 4873 -103.73 10.00 -34.09
CA ASP B 4873 -102.57 10.82 -34.41
C ASP B 4873 -101.33 9.95 -34.51
N MET B 4874 -100.63 10.07 -35.64
CA MET B 4874 -99.34 9.42 -35.85
C MET B 4874 -98.27 10.50 -35.83
N LYS B 4875 -97.42 10.48 -34.80
CA LYS B 4875 -96.26 11.35 -34.79
C LYS B 4875 -95.29 10.98 -35.91
N CYS B 4876 -95.13 9.68 -36.17
CA CYS B 4876 -94.17 9.20 -37.17
C CYS B 4876 -94.86 9.08 -38.53
N ASP B 4877 -95.28 10.24 -39.06
CA ASP B 4877 -95.70 10.36 -40.44
C ASP B 4877 -94.74 11.17 -41.28
N ASP B 4878 -93.91 11.99 -40.66
CA ASP B 4878 -92.75 12.59 -41.29
C ASP B 4878 -91.58 12.32 -40.36
N MET B 4879 -90.40 12.05 -40.93
CA MET B 4879 -89.30 11.63 -40.08
C MET B 4879 -88.78 12.79 -39.24
N MET B 4880 -89.01 14.03 -39.66
CA MET B 4880 -88.77 15.17 -38.79
C MET B 4880 -89.55 15.07 -37.47
N THR B 4881 -90.87 14.87 -37.57
CA THR B 4881 -91.70 14.77 -36.37
C THR B 4881 -91.39 13.49 -35.61
N CYS B 4882 -91.06 12.41 -36.34
CA CYS B 4882 -90.65 11.17 -35.69
C CYS B 4882 -89.37 11.36 -34.89
N TYR B 4883 -88.39 12.06 -35.45
CA TYR B 4883 -87.12 12.28 -34.78
C TYR B 4883 -87.29 13.16 -33.55
N LEU B 4884 -88.07 14.25 -33.69
CA LEU B 4884 -88.31 15.15 -32.57
C LEU B 4884 -89.11 14.46 -31.47
N PHE B 4885 -90.18 13.73 -31.85
CA PHE B 4885 -90.99 12.98 -30.90
C PHE B 4885 -90.16 11.91 -30.20
N HIS B 4886 -89.33 11.20 -30.96
CA HIS B 4886 -88.45 10.15 -30.45
C HIS B 4886 -87.52 10.73 -29.39
N MET B 4887 -86.69 11.70 -29.77
CA MET B 4887 -85.78 12.34 -28.81
C MET B 4887 -86.55 12.81 -27.59
N TYR B 4888 -87.52 13.72 -27.81
CA TYR B 4888 -88.25 14.44 -26.79
C TYR B 4888 -88.89 13.51 -25.76
N VAL B 4889 -89.79 12.62 -26.19
CA VAL B 4889 -90.49 11.82 -25.20
C VAL B 4889 -89.69 10.57 -24.81
N GLY B 4890 -89.04 9.90 -25.77
CA GLY B 4890 -88.42 8.63 -25.47
C GLY B 4890 -87.19 8.75 -24.61
N VAL B 4891 -86.29 9.69 -24.92
CA VAL B 4891 -85.08 9.85 -24.13
C VAL B 4891 -85.43 10.33 -22.73
N ARG B 4892 -86.41 11.24 -22.63
CA ARG B 4892 -86.84 11.74 -21.33
C ARG B 4892 -87.53 10.66 -20.50
N ALA B 4893 -88.25 9.75 -21.16
CA ALA B 4893 -89.09 8.79 -20.45
C ALA B 4893 -88.27 7.87 -19.55
N GLY B 4894 -87.25 7.23 -20.11
CA GLY B 4894 -86.37 6.37 -19.35
C GLY B 4894 -86.80 4.92 -19.28
N GLY B 4895 -88.07 4.63 -19.58
CA GLY B 4895 -88.55 3.28 -19.67
C GLY B 4895 -88.47 2.66 -21.04
N GLY B 4896 -88.00 3.42 -22.02
CA GLY B 4896 -87.92 2.97 -23.40
C GLY B 4896 -89.02 3.60 -24.25
N ILE B 4897 -88.84 3.45 -25.56
CA ILE B 4897 -89.80 3.99 -26.52
C ILE B 4897 -91.13 3.25 -26.44
N GLY B 4898 -91.10 1.97 -26.03
CA GLY B 4898 -92.27 1.13 -26.09
C GLY B 4898 -93.41 1.59 -25.20
N ASP B 4899 -93.10 2.33 -24.13
CA ASP B 4899 -94.15 2.79 -23.21
C ASP B 4899 -95.14 3.72 -23.90
N GLU B 4900 -94.65 4.59 -24.79
CA GLU B 4900 -95.56 5.46 -25.53
C GLU B 4900 -96.30 4.68 -26.60
N ILE B 4901 -95.60 3.78 -27.31
CA ILE B 4901 -96.20 3.04 -28.39
C ILE B 4901 -97.27 2.09 -27.84
N GLU B 4902 -98.32 1.88 -28.64
CA GLU B 4902 -99.35 0.90 -28.31
C GLU B 4902 -98.75 -0.49 -28.26
N ASP B 4903 -99.22 -1.30 -27.31
CA ASP B 4903 -98.64 -2.62 -27.10
C ASP B 4903 -98.93 -3.52 -28.30
N PRO B 4904 -97.91 -4.21 -28.82
CA PRO B 4904 -98.09 -5.11 -29.99
C PRO B 4904 -98.51 -6.52 -29.58
N ALA B 4905 -99.78 -6.65 -29.16
CA ALA B 4905 -100.31 -7.96 -28.81
C ALA B 4905 -100.41 -8.87 -30.03
N GLY B 4906 -100.68 -8.28 -31.19
CA GLY B 4906 -100.89 -9.08 -32.40
C GLY B 4906 -99.64 -9.83 -32.80
N ASP B 4907 -99.85 -11.00 -33.41
CA ASP B 4907 -98.72 -11.86 -33.77
C ASP B 4907 -97.85 -11.22 -34.85
N GLU B 4908 -98.47 -10.52 -35.80
CA GLU B 4908 -97.71 -9.85 -36.85
C GLU B 4908 -96.86 -8.74 -36.26
N TYR B 4909 -95.57 -8.74 -36.60
CA TYR B 4909 -94.54 -7.79 -36.20
C TYR B 4909 -94.21 -7.88 -34.71
N GLU B 4910 -94.81 -8.81 -33.97
CA GLU B 4910 -94.59 -8.93 -32.52
C GLU B 4910 -93.11 -9.09 -32.17
N LEU B 4911 -92.44 -10.07 -32.78
CA LEU B 4911 -91.05 -10.34 -32.42
C LEU B 4911 -90.12 -9.21 -32.85
N TYR B 4912 -90.34 -8.64 -34.03
CA TYR B 4912 -89.49 -7.54 -34.49
C TYR B 4912 -89.69 -6.29 -33.64
N ARG B 4913 -90.94 -6.00 -33.25
CA ARG B 4913 -91.22 -4.91 -32.32
C ARG B 4913 -90.53 -5.12 -30.98
N VAL B 4914 -90.69 -6.31 -30.40
CA VAL B 4914 -90.11 -6.62 -29.10
C VAL B 4914 -88.60 -6.45 -29.14
N VAL B 4915 -87.97 -7.01 -30.18
CA VAL B 4915 -86.52 -6.91 -30.34
C VAL B 4915 -86.10 -5.45 -30.50
N PHE B 4916 -86.87 -4.67 -31.26
CA PHE B 4916 -86.63 -3.24 -31.44
C PHE B 4916 -86.57 -2.51 -30.11
N ASP B 4917 -87.65 -2.57 -29.33
CA ASP B 4917 -87.67 -1.79 -28.09
C ASP B 4917 -86.61 -2.29 -27.11
N ILE B 4918 -86.46 -3.61 -26.97
CA ILE B 4918 -85.57 -4.12 -25.92
C ILE B 4918 -84.11 -3.82 -26.27
N THR B 4919 -83.75 -3.91 -27.56
CA THR B 4919 -82.37 -3.65 -27.94
C THR B 4919 -82.07 -2.16 -27.90
N PHE B 4920 -83.06 -1.31 -28.21
CA PHE B 4920 -82.87 0.13 -28.04
C PHE B 4920 -82.69 0.48 -26.57
N PHE B 4921 -83.46 -0.18 -25.70
CA PHE B 4921 -83.35 0.05 -24.26
C PHE B 4921 -81.96 -0.31 -23.74
N PHE B 4922 -81.50 -1.53 -24.03
CA PHE B 4922 -80.18 -1.94 -23.54
C PHE B 4922 -79.05 -1.12 -24.18
N PHE B 4923 -79.10 -0.92 -25.51
CA PHE B 4923 -77.97 -0.30 -26.20
C PHE B 4923 -77.86 1.17 -25.82
N VAL B 4924 -78.97 1.91 -25.88
CA VAL B 4924 -78.89 3.36 -25.76
C VAL B 4924 -79.04 3.84 -24.32
N ILE B 4925 -80.19 3.53 -23.71
CA ILE B 4925 -80.61 4.13 -22.45
C ILE B 4925 -79.60 3.86 -21.33
N VAL B 4926 -79.30 2.59 -21.06
CA VAL B 4926 -78.51 2.25 -19.87
C VAL B 4926 -77.02 2.50 -20.10
N ILE B 4927 -76.52 2.20 -21.31
CA ILE B 4927 -75.09 2.13 -21.53
C ILE B 4927 -74.47 3.53 -21.57
N LEU B 4928 -75.03 4.41 -22.41
CA LEU B 4928 -74.40 5.69 -22.71
C LEU B 4928 -74.40 6.62 -21.50
N LEU B 4929 -75.52 6.67 -20.78
CA LEU B 4929 -75.60 7.55 -19.62
C LEU B 4929 -74.63 7.10 -18.53
N ALA B 4930 -74.44 5.78 -18.42
CA ALA B 4930 -73.44 5.23 -17.53
C ALA B 4930 -72.04 5.68 -17.93
N ILE B 4931 -71.77 5.77 -19.24
CA ILE B 4931 -70.49 6.28 -19.71
C ILE B 4931 -70.29 7.72 -19.25
N ILE B 4932 -71.35 8.54 -19.34
CA ILE B 4932 -71.27 9.93 -18.89
C ILE B 4932 -70.93 10.00 -17.39
N GLN B 4933 -71.66 9.22 -16.59
CA GLN B 4933 -71.44 9.21 -15.14
C GLN B 4933 -70.04 8.72 -14.81
N GLY B 4934 -69.57 7.68 -15.49
CA GLY B 4934 -68.24 7.17 -15.24
C GLY B 4934 -67.13 8.14 -15.63
N LEU B 4935 -67.36 8.92 -16.68
CA LEU B 4935 -66.42 9.98 -17.03
C LEU B 4935 -66.27 10.96 -15.88
N ILE B 4936 -67.39 11.40 -15.31
CA ILE B 4936 -67.31 12.34 -14.17
C ILE B 4936 -66.61 11.68 -12.98
N ILE B 4937 -66.96 10.41 -12.70
CA ILE B 4937 -66.40 9.70 -11.55
C ILE B 4937 -64.89 9.57 -11.69
N ASP B 4938 -64.42 9.21 -12.88
CA ASP B 4938 -62.99 9.03 -13.09
C ASP B 4938 -62.25 10.35 -13.08
N ALA B 4939 -62.92 11.44 -13.49
CA ALA B 4939 -62.30 12.77 -13.38
C ALA B 4939 -61.99 13.11 -11.92
N PHE B 4940 -62.91 12.77 -11.01
CA PHE B 4940 -62.66 13.01 -9.59
C PHE B 4940 -61.38 12.30 -9.12
N GLY B 4941 -61.26 11.00 -9.45
CA GLY B 4941 -60.10 10.24 -9.01
C GLY B 4941 -58.81 10.70 -9.66
N GLU B 4942 -58.90 11.13 -10.92
CA GLU B 4942 -57.71 11.63 -11.61
C GLU B 4942 -57.18 12.90 -10.93
N LEU B 4943 -58.08 13.83 -10.58
CA LEU B 4943 -57.62 15.03 -9.86
C LEU B 4943 -57.01 14.68 -8.51
N ARG B 4944 -57.65 13.75 -7.77
CA ARG B 4944 -57.09 13.31 -6.49
C ARG B 4944 -55.68 12.73 -6.66
N ASP B 4945 -55.50 11.89 -7.68
CA ASP B 4945 -54.21 11.25 -7.92
C ASP B 4945 -53.14 12.26 -8.30
N GLN B 4946 -53.50 13.27 -9.10
CA GLN B 4946 -52.54 14.32 -9.43
C GLN B 4946 -52.06 15.05 -8.18
N GLN B 4947 -52.99 15.40 -7.28
CA GLN B 4947 -52.59 16.09 -6.06
C GLN B 4947 -51.69 15.21 -5.19
N GLU B 4948 -52.06 13.92 -5.04
CA GLU B 4948 -51.27 13.01 -4.23
C GLU B 4948 -49.84 12.88 -4.78
N GLN B 4949 -49.73 12.71 -6.10
CA GLN B 4949 -48.41 12.56 -6.73
C GLN B 4949 -47.57 13.81 -6.57
N VAL B 4950 -48.17 15.00 -6.75
CA VAL B 4950 -47.37 16.23 -6.64
C VAL B 4950 -46.85 16.41 -5.22
N LYS B 4951 -47.70 16.14 -4.21
CA LYS B 4951 -47.24 16.27 -2.83
C LYS B 4951 -46.14 15.27 -2.49
N GLU B 4952 -46.32 14.01 -2.91
CA GLU B 4952 -45.33 12.99 -2.57
C GLU B 4952 -43.98 13.28 -3.25
N ASP B 4953 -44.02 13.68 -4.52
CA ASP B 4953 -42.77 13.92 -5.24
C ASP B 4953 -42.03 15.14 -4.71
N MET B 4954 -42.76 16.20 -4.34
CA MET B 4954 -42.10 17.34 -3.71
C MET B 4954 -41.50 16.95 -2.35
N GLU B 4955 -42.19 16.07 -1.61
CA GLU B 4955 -41.62 15.57 -0.36
C GLU B 4955 -40.29 14.86 -0.60
N THR B 4956 -40.28 13.86 -1.49
CA THR B 4956 -39.06 13.05 -1.65
C THR B 4956 -37.92 13.77 -2.37
N LYS B 4957 -38.14 14.22 -3.61
CA LYS B 4957 -37.02 14.36 -4.55
C LYS B 4957 -36.09 15.52 -4.23
N CYS B 4958 -36.66 16.68 -3.83
CA CYS B 4958 -36.02 17.98 -3.58
C CYS B 4958 -35.96 18.74 -4.90
N PHE B 4959 -35.98 20.06 -4.85
CA PHE B 4959 -36.22 20.84 -6.06
C PHE B 4959 -34.94 21.29 -6.77
N ILE B 4960 -34.08 22.03 -6.07
CA ILE B 4960 -32.92 22.64 -6.71
C ILE B 4960 -31.90 21.57 -7.11
N CYS B 4961 -31.62 20.62 -6.21
CA CYS B 4961 -30.65 19.58 -6.46
C CYS B 4961 -31.37 18.25 -6.67
N GLY B 4962 -30.98 17.54 -7.72
CA GLY B 4962 -31.59 16.25 -8.03
C GLY B 4962 -31.26 15.15 -7.03
N ILE B 4963 -30.33 15.39 -6.10
CA ILE B 4963 -30.00 14.40 -5.08
C ILE B 4963 -31.21 14.13 -4.20
N GLY B 4964 -31.44 12.85 -3.91
CA GLY B 4964 -32.62 12.43 -3.18
C GLY B 4964 -32.55 12.73 -1.70
N SER B 4965 -33.57 12.23 -0.99
CA SER B 4965 -33.69 12.49 0.44
C SER B 4965 -33.02 11.41 1.28
N ASP B 4966 -32.88 10.20 0.73
CA ASP B 4966 -32.33 9.08 1.50
C ASP B 4966 -30.90 9.35 1.95
N TYR B 4967 -30.07 9.90 1.06
CA TYR B 4967 -28.69 10.20 1.41
C TYR B 4967 -28.61 11.32 2.45
N PHE B 4968 -29.52 12.30 2.36
CA PHE B 4968 -29.55 13.38 3.35
C PHE B 4968 -30.08 12.93 4.69
N ASP B 4969 -30.88 11.85 4.72
CA ASP B 4969 -31.61 11.49 5.93
C ASP B 4969 -30.70 10.86 6.98
N THR B 4970 -29.56 10.30 6.55
CA THR B 4970 -28.60 9.64 7.45
C THR B 4970 -28.27 10.47 8.68
N THR B 4971 -27.80 11.70 8.48
CA THR B 4971 -27.63 12.61 9.59
C THR B 4971 -28.99 12.98 10.17
N PRO B 4972 -29.14 13.00 11.52
CA PRO B 4972 -30.41 13.41 12.15
C PRO B 4972 -31.03 14.69 11.59
N HIS B 4973 -32.27 14.57 11.10
CA HIS B 4973 -33.02 15.65 10.42
C HIS B 4973 -32.18 16.36 9.36
N GLY B 4974 -31.35 15.58 8.67
CA GLY B 4974 -30.44 16.13 7.68
C GLY B 4974 -31.17 16.76 6.50
N PHE B 4975 -32.19 16.07 5.99
CA PHE B 4975 -32.96 16.60 4.86
C PHE B 4975 -33.63 17.92 5.22
N GLU B 4976 -34.30 17.96 6.38
CA GLU B 4976 -35.02 19.17 6.79
C GLU B 4976 -34.03 20.31 6.96
N THR B 4977 -32.90 20.05 7.63
CA THR B 4977 -31.89 21.08 7.81
C THR B 4977 -31.32 21.56 6.47
N HIS B 4978 -31.07 20.62 5.55
CA HIS B 4978 -30.54 20.96 4.24
C HIS B 4978 -31.48 21.88 3.47
N THR B 4979 -32.77 21.54 3.43
CA THR B 4979 -33.71 22.39 2.69
C THR B 4979 -33.92 23.72 3.39
N LEU B 4980 -33.94 23.73 4.73
CA LEU B 4980 -34.14 24.98 5.45
C LEU B 4980 -32.97 25.94 5.27
N GLU B 4981 -31.75 25.42 5.28
CA GLU B 4981 -30.56 26.25 5.27
C GLU B 4981 -30.14 26.65 3.86
N GLU B 4982 -29.82 25.68 3.00
CA GLU B 4982 -29.30 25.94 1.67
C GLU B 4982 -30.29 25.44 0.62
N HIS B 4983 -30.07 25.88 -0.63
CA HIS B 4983 -30.91 25.52 -1.78
C HIS B 4983 -32.39 25.76 -1.48
N ASN B 4984 -32.68 26.91 -0.89
CA ASN B 4984 -34.04 27.27 -0.51
C ASN B 4984 -34.63 28.17 -1.60
N LEU B 4985 -35.78 27.75 -2.11
CA LEU B 4985 -36.49 28.51 -3.12
C LEU B 4985 -36.97 29.86 -2.58
N ALA B 4986 -36.45 30.92 -3.23
CA ALA B 4986 -36.57 32.37 -3.03
C ALA B 4986 -35.39 32.96 -2.26
N ASN B 4987 -34.50 32.13 -1.70
CA ASN B 4987 -33.19 32.65 -1.34
C ASN B 4987 -32.42 33.05 -2.60
N TYR B 4988 -32.55 32.24 -3.65
CA TYR B 4988 -32.02 32.63 -4.96
C TYR B 4988 -32.71 33.89 -5.48
N MET B 4989 -34.02 34.01 -5.23
CA MET B 4989 -34.74 35.21 -5.67
C MET B 4989 -34.28 36.45 -4.91
N PHE B 4990 -33.99 36.31 -3.62
CA PHE B 4990 -33.36 37.41 -2.87
C PHE B 4990 -31.96 37.72 -3.40
N PHE B 4991 -31.22 36.69 -3.84
CA PHE B 4991 -29.94 36.95 -4.50
C PHE B 4991 -30.14 37.75 -5.79
N LEU B 4992 -31.18 37.42 -6.55
CA LEU B 4992 -31.47 38.17 -7.78
C LEU B 4992 -31.81 39.61 -7.47
N MET B 4993 -32.61 39.86 -6.42
CA MET B 4993 -32.89 41.24 -6.03
C MET B 4993 -31.63 41.96 -5.57
N TYR B 4994 -30.76 41.28 -4.83
CA TYR B 4994 -29.52 41.88 -4.36
C TYR B 4994 -28.62 42.23 -5.53
N LEU B 4995 -28.50 41.33 -6.51
CA LEU B 4995 -27.68 41.59 -7.69
C LEU B 4995 -28.25 42.71 -8.54
N ILE B 4996 -29.59 42.75 -8.68
CA ILE B 4996 -30.22 43.80 -9.47
C ILE B 4996 -30.01 45.16 -8.81
N ASN B 4997 -30.16 45.22 -7.48
CA ASN B 4997 -30.08 46.49 -6.78
C ASN B 4997 -28.65 46.98 -6.61
N LYS B 4998 -27.70 46.05 -6.42
CA LYS B 4998 -26.31 46.42 -6.15
C LYS B 4998 -25.67 47.10 -7.36
N ASP B 4999 -24.78 48.04 -7.08
CA ASP B 4999 -24.03 48.72 -8.14
C ASP B 4999 -23.02 47.76 -8.77
N GLU B 5000 -22.80 47.94 -10.07
CA GLU B 5000 -21.89 47.04 -10.80
C GLU B 5000 -20.46 47.15 -10.30
N THR B 5001 -20.01 48.37 -9.99
CA THR B 5001 -18.63 48.60 -9.58
C THR B 5001 -18.30 48.02 -8.21
N GLU B 5002 -19.29 47.62 -7.43
CA GLU B 5002 -19.07 47.06 -6.10
C GLU B 5002 -19.25 45.55 -6.03
N HIS B 5003 -19.47 44.89 -7.17
CA HIS B 5003 -19.70 43.45 -7.18
C HIS B 5003 -18.44 42.67 -6.79
N THR B 5004 -18.64 41.61 -6.01
CA THR B 5004 -17.60 40.62 -5.79
C THR B 5004 -17.45 39.77 -7.05
N GLY B 5005 -16.36 39.00 -7.11
CA GLY B 5005 -16.09 38.19 -8.30
C GLY B 5005 -17.16 37.16 -8.58
N GLN B 5006 -17.63 36.46 -7.54
CA GLN B 5006 -18.66 35.43 -7.73
C GLN B 5006 -19.98 36.07 -8.18
N GLU B 5007 -20.35 37.19 -7.58
CA GLU B 5007 -21.58 37.87 -7.96
C GLU B 5007 -21.51 38.39 -9.39
N SER B 5008 -20.35 38.92 -9.79
CA SER B 5008 -20.19 39.37 -11.18
C SER B 5008 -20.23 38.20 -12.15
N TYR B 5009 -19.69 37.05 -11.75
CA TYR B 5009 -19.69 35.87 -12.60
C TYR B 5009 -21.12 35.34 -12.81
N VAL B 5010 -21.90 35.29 -11.73
CA VAL B 5010 -23.30 34.92 -11.81
C VAL B 5010 -24.10 35.94 -12.62
N TRP B 5011 -23.80 37.22 -12.45
CA TRP B 5011 -24.42 38.27 -13.24
C TRP B 5011 -24.13 38.11 -14.73
N LYS B 5012 -22.88 37.75 -15.06
CA LYS B 5012 -22.49 37.59 -16.47
C LYS B 5012 -23.26 36.44 -17.11
N MET B 5013 -23.35 35.29 -16.42
CA MET B 5013 -24.18 34.23 -16.98
C MET B 5013 -25.67 34.57 -16.98
N TYR B 5014 -26.13 35.36 -16.01
CA TYR B 5014 -27.55 35.75 -16.01
C TYR B 5014 -27.87 36.63 -17.21
N GLN B 5015 -26.96 37.53 -17.56
CA GLN B 5015 -27.14 38.34 -18.76
C GLN B 5015 -27.03 37.48 -20.02
N GLU B 5016 -26.13 36.49 -20.00
CA GLU B 5016 -26.00 35.56 -21.11
C GLU B 5016 -27.20 34.61 -21.23
N ARG B 5017 -28.00 34.48 -20.17
CA ARG B 5017 -29.05 33.45 -20.05
C ARG B 5017 -28.46 32.05 -20.20
N CYS B 5018 -27.51 31.76 -19.31
CA CYS B 5018 -26.96 30.43 -19.11
C CYS B 5018 -27.15 30.04 -17.65
N TRP B 5019 -27.59 28.81 -17.42
CA TRP B 5019 -28.01 28.36 -16.09
C TRP B 5019 -27.09 27.28 -15.52
N ASP B 5020 -25.78 27.40 -15.78
CA ASP B 5020 -24.84 26.43 -15.25
C ASP B 5020 -24.64 26.60 -13.75
N PHE B 5021 -24.79 27.84 -13.25
CA PHE B 5021 -24.43 28.16 -11.86
C PHE B 5021 -25.28 27.42 -10.83
N PHE B 5022 -26.43 26.89 -11.22
CA PHE B 5022 -27.22 26.08 -10.31
C PHE B 5022 -26.44 24.80 -9.97
N PRO B 5023 -26.67 24.23 -8.77
CA PRO B 5023 -25.81 23.13 -8.31
C PRO B 5023 -25.82 21.90 -9.19
N ALA B 5024 -27.00 21.51 -9.71
CA ALA B 5024 -27.14 20.42 -10.69
C ALA B 5024 -26.56 19.10 -10.19
N GLY B 5025 -26.92 18.73 -8.96
CA GLY B 5025 -26.59 17.42 -8.43
C GLY B 5025 -25.41 17.35 -7.49
N ASP B 5026 -24.89 18.48 -7.01
CA ASP B 5026 -23.83 18.48 -6.01
C ASP B 5026 -24.24 19.37 -4.85
N CYS B 5027 -24.22 18.82 -3.63
CA CYS B 5027 -24.76 19.49 -2.46
C CYS B 5027 -23.68 19.91 -1.47
N PHE B 5028 -22.42 19.94 -1.90
CA PHE B 5028 -21.23 20.40 -1.17
C PHE B 5028 -20.83 19.41 -0.07
N ARG B 5029 -21.79 18.59 0.38
CA ARG B 5029 -21.49 17.55 1.33
C ARG B 5029 -20.90 16.33 0.64
N LYS B 5030 -21.41 16.02 -0.55
CA LYS B 5030 -20.82 14.97 -1.37
C LYS B 5030 -19.41 15.35 -1.81
N GLN B 5031 -19.21 16.63 -2.14
CA GLN B 5031 -17.90 17.09 -2.60
C GLN B 5031 -16.86 17.03 -1.48
N TYR B 5032 -17.22 17.49 -0.28
CA TYR B 5032 -16.28 17.49 0.83
C TYR B 5032 -16.55 16.38 1.85
N GLU B 5033 -17.19 15.28 1.41
CA GLU B 5033 -17.50 14.19 2.33
C GLU B 5033 -16.25 13.36 2.67
N ASP B 5034 -15.20 13.44 1.85
CA ASP B 5034 -13.97 12.71 2.17
C ASP B 5034 -13.37 13.20 3.49
N GLN B 5035 -13.31 14.53 3.68
CA GLN B 5035 -13.08 15.08 5.00
C GLN B 5035 -14.35 15.00 5.83
N LEU B 5036 -14.20 15.11 7.14
CA LEU B 5036 -15.36 14.99 8.04
C LEU B 5036 -16.38 16.09 7.78
N SER B 5037 -15.92 17.34 7.65
CA SER B 5037 -16.73 18.49 7.22
C SER B 5037 -18.07 18.66 7.95
N GLN C 12 14.70 -33.95 -10.08
CA GLN C 12 14.17 -33.56 -11.39
C GLN C 12 13.82 -34.78 -12.22
N PHE C 13 12.53 -34.92 -12.56
CA PHE C 13 12.07 -36.04 -13.36
C PHE C 13 12.58 -35.93 -14.79
N LEU C 14 12.85 -37.08 -15.39
CA LEU C 14 13.39 -37.14 -16.74
C LEU C 14 12.26 -37.21 -17.77
N ARG C 15 12.50 -36.57 -18.92
CA ARG C 15 11.50 -36.54 -19.99
C ARG C 15 12.11 -37.06 -21.29
N THR C 16 11.34 -37.02 -22.37
CA THR C 16 11.79 -37.48 -23.67
C THR C 16 12.08 -36.30 -24.59
N ASP C 17 12.68 -36.61 -25.75
CA ASP C 17 13.23 -35.63 -26.69
C ASP C 17 14.24 -34.70 -26.01
N ASP C 18 15.03 -35.23 -25.08
CA ASP C 18 16.06 -34.48 -24.37
C ASP C 18 17.41 -35.14 -24.59
N GLU C 19 18.43 -34.32 -24.83
CA GLU C 19 19.78 -34.83 -25.00
C GLU C 19 20.29 -35.41 -23.69
N VAL C 20 20.84 -36.62 -23.76
CA VAL C 20 21.21 -37.40 -22.58
C VAL C 20 22.60 -37.98 -22.80
N VAL C 21 23.45 -37.93 -21.76
CA VAL C 21 24.74 -38.61 -21.79
C VAL C 21 24.85 -39.51 -20.56
N LEU C 22 25.72 -40.50 -20.68
CA LEU C 22 26.00 -41.45 -19.61
C LEU C 22 27.48 -41.38 -19.23
N GLN C 23 27.74 -41.43 -17.92
CA GLN C 23 29.09 -41.33 -17.40
C GLN C 23 29.36 -42.48 -16.45
N CYS C 24 30.64 -42.81 -16.31
CA CYS C 24 31.09 -43.84 -15.39
C CYS C 24 32.28 -43.32 -14.59
N SER C 25 32.26 -43.60 -13.28
CA SER C 25 33.36 -43.22 -12.39
C SER C 25 34.23 -44.45 -12.20
N ALA C 26 35.37 -44.49 -12.88
CA ALA C 26 36.26 -45.64 -12.82
C ALA C 26 37.69 -45.16 -12.90
N THR C 27 38.50 -45.53 -11.91
CA THR C 27 39.86 -45.04 -11.79
C THR C 27 40.85 -46.20 -11.72
N VAL C 28 42.04 -45.96 -12.29
CA VAL C 28 43.15 -46.90 -12.15
C VAL C 28 44.12 -46.43 -11.06
N LEU C 29 44.05 -45.18 -10.64
CA LEU C 29 44.89 -44.62 -9.60
C LEU C 29 43.99 -44.08 -8.48
N LYS C 30 44.61 -43.38 -7.53
CA LYS C 30 43.87 -42.80 -6.41
C LYS C 30 42.88 -41.74 -6.88
N GLU C 31 43.28 -40.91 -7.84
CA GLU C 31 42.39 -39.88 -8.35
C GLU C 31 41.29 -40.50 -9.22
N GLN C 32 40.05 -40.14 -8.93
CA GLN C 32 38.92 -40.68 -9.67
C GLN C 32 38.87 -40.13 -11.09
N LEU C 33 38.40 -40.97 -12.01
CA LEU C 33 38.29 -40.61 -13.41
C LEU C 33 36.84 -40.75 -13.88
N LYS C 34 36.37 -39.75 -14.60
CA LYS C 34 35.03 -39.74 -15.18
C LYS C 34 35.16 -40.00 -16.68
N LEU C 35 34.44 -41.02 -17.17
CA LEU C 35 34.54 -41.44 -18.56
C LEU C 35 33.15 -41.43 -19.19
N CYS C 36 33.10 -41.06 -20.47
CA CYS C 36 31.86 -41.01 -21.22
C CYS C 36 32.00 -41.85 -22.49
N LEU C 37 31.02 -42.71 -22.74
CA LEU C 37 31.02 -43.49 -23.97
C LEU C 37 30.59 -42.61 -25.14
N ALA C 38 31.22 -42.84 -26.30
CA ALA C 38 30.89 -42.06 -27.49
C ALA C 38 31.12 -42.92 -28.72
N ALA C 39 30.45 -42.55 -29.81
CA ALA C 39 30.54 -43.26 -31.07
C ALA C 39 30.92 -42.29 -32.18
N GLU C 40 31.98 -42.61 -32.92
CA GLU C 40 32.39 -41.78 -34.05
C GLU C 40 31.40 -41.86 -35.21
N GLY C 41 30.65 -42.94 -35.31
CA GLY C 41 29.62 -43.08 -36.34
C GLY C 41 30.20 -43.63 -37.65
N PHE C 42 30.29 -42.77 -38.66
CA PHE C 42 30.81 -43.17 -39.95
C PHE C 42 32.29 -43.50 -39.86
N GLY C 43 32.70 -44.57 -40.55
CA GLY C 43 34.09 -44.99 -40.53
C GLY C 43 34.30 -46.23 -39.67
N ASN C 44 33.64 -46.26 -38.51
CA ASN C 44 33.72 -47.40 -37.61
C ASN C 44 32.54 -47.36 -36.67
N ARG C 45 31.78 -48.45 -36.60
CA ARG C 45 30.58 -48.51 -35.78
C ARG C 45 30.88 -48.71 -34.29
N LEU C 46 32.12 -48.97 -33.92
CA LEU C 46 32.47 -49.22 -32.54
C LEU C 46 32.43 -47.93 -31.72
N CYS C 47 32.43 -48.09 -30.41
CA CYS C 47 32.40 -46.98 -29.46
C CYS C 47 33.67 -46.96 -28.63
N PHE C 48 34.01 -45.77 -28.13
CA PHE C 48 35.21 -45.60 -27.32
C PHE C 48 34.93 -44.64 -26.18
N LEU C 49 35.82 -44.63 -25.20
CA LEU C 49 35.67 -43.83 -24.00
C LEU C 49 36.41 -42.50 -24.15
N GLU C 50 35.84 -41.46 -23.56
CA GLU C 50 36.45 -40.13 -23.54
C GLU C 50 36.51 -39.67 -22.09
N PRO C 51 37.68 -39.23 -21.61
CA PRO C 51 37.77 -38.78 -20.21
C PRO C 51 37.41 -37.31 -20.04
N THR C 52 36.50 -37.02 -19.12
CA THR C 52 36.06 -35.66 -18.86
C THR C 52 36.42 -35.15 -17.47
N SER C 53 37.26 -35.90 -16.73
CA SER C 53 37.64 -35.47 -15.40
C SER C 53 38.49 -34.21 -15.44
N ASN C 54 39.45 -34.15 -16.35
CA ASN C 54 40.36 -33.00 -16.46
C ASN C 54 39.83 -31.98 -17.47
N ALA C 55 38.59 -31.53 -17.21
CA ALA C 55 37.97 -30.52 -18.07
C ALA C 55 38.67 -29.17 -17.92
N GLN C 56 39.24 -28.90 -16.74
CA GLN C 56 39.96 -27.64 -16.54
C GLN C 56 41.23 -27.61 -17.39
N ASN C 57 41.93 -28.73 -17.49
CA ASN C 57 43.21 -28.76 -18.22
C ASN C 57 42.99 -28.94 -19.72
N VAL C 58 42.23 -29.95 -20.11
CA VAL C 58 42.03 -30.27 -21.53
C VAL C 58 40.53 -30.11 -21.83
N PRO C 59 40.16 -29.59 -22.99
CA PRO C 59 38.72 -29.49 -23.31
C PRO C 59 38.24 -30.72 -24.04
N PRO C 60 37.16 -31.35 -23.56
CA PRO C 60 36.56 -32.47 -24.30
C PRO C 60 35.61 -31.99 -25.37
N ASP C 61 35.09 -32.92 -26.18
CA ASP C 61 34.13 -32.61 -27.22
C ASP C 61 32.81 -33.31 -26.91
N LEU C 62 31.71 -32.56 -27.02
CA LEU C 62 30.40 -33.08 -26.68
C LEU C 62 29.52 -33.36 -27.89
N ALA C 63 29.88 -32.85 -29.07
CA ALA C 63 29.06 -33.07 -30.26
C ALA C 63 29.03 -34.54 -30.65
N ILE C 64 30.18 -35.21 -30.55
CA ILE C 64 30.23 -36.65 -30.83
C ILE C 64 29.57 -37.46 -29.71
N CYS C 65 29.53 -36.92 -28.49
CA CYS C 65 29.05 -37.66 -27.33
C CYS C 65 27.58 -37.42 -27.03
N CYS C 66 26.92 -36.49 -27.73
CA CYS C 66 25.51 -36.24 -27.51
C CYS C 66 24.67 -37.43 -27.95
N PHE C 67 23.72 -37.83 -27.11
CA PHE C 67 22.79 -38.92 -27.38
C PHE C 67 21.40 -38.47 -26.98
N THR C 68 20.38 -39.10 -27.59
CA THR C 68 19.00 -38.81 -27.24
C THR C 68 18.25 -40.13 -27.11
N LEU C 69 17.13 -40.08 -26.39
CA LEU C 69 16.27 -41.24 -26.21
C LEU C 69 14.95 -40.99 -26.93
N GLU C 70 14.40 -42.04 -27.53
CA GLU C 70 13.21 -41.87 -28.37
C GLU C 70 11.92 -42.05 -27.57
N GLN C 71 11.71 -43.24 -27.02
CA GLN C 71 10.52 -43.49 -26.22
C GLN C 71 10.78 -44.67 -25.29
N SER C 72 9.91 -44.81 -24.29
CA SER C 72 10.03 -45.85 -23.28
C SER C 72 8.78 -46.71 -23.28
N LEU C 73 8.97 -48.03 -23.14
CA LEU C 73 7.87 -48.98 -23.16
C LEU C 73 8.08 -50.04 -22.10
N SER C 74 7.00 -50.73 -21.74
CA SER C 74 7.07 -51.84 -20.81
C SER C 74 7.59 -53.08 -21.53
N VAL C 75 7.95 -54.10 -20.74
CA VAL C 75 8.50 -55.32 -21.31
C VAL C 75 7.46 -56.08 -22.13
N ARG C 76 6.22 -56.15 -21.64
CA ARG C 76 5.17 -56.85 -22.38
C ARG C 76 4.79 -56.09 -23.64
N ALA C 77 4.72 -54.75 -23.56
CA ALA C 77 4.46 -53.94 -24.74
C ALA C 77 5.58 -54.07 -25.76
N LEU C 78 6.84 -54.15 -25.29
CA LEU C 78 7.97 -54.39 -26.17
C LEU C 78 7.86 -55.74 -26.86
N GLN C 79 7.46 -56.77 -26.10
CA GLN C 79 7.28 -58.10 -26.69
C GLN C 79 6.21 -58.09 -27.76
N GLU C 80 5.10 -57.39 -27.50
CA GLU C 80 4.04 -57.28 -28.51
C GLU C 80 4.51 -56.52 -29.74
N MET C 81 5.23 -55.40 -29.53
CA MET C 81 5.68 -54.56 -30.63
C MET C 81 6.78 -55.25 -31.43
N LEU C 82 7.47 -56.23 -30.84
CA LEU C 82 8.43 -57.02 -31.57
C LEU C 82 7.78 -58.20 -32.29
N ALA C 83 6.74 -58.79 -31.70
CA ALA C 83 6.09 -59.94 -32.30
C ALA C 83 5.16 -59.56 -33.45
N ASN C 84 4.48 -58.42 -33.37
CA ASN C 84 3.53 -58.06 -34.42
C ASN C 84 4.21 -57.65 -35.73
N GLY C 97 3.50 -36.37 -25.86
CA GLY C 97 3.57 -37.59 -25.08
C GLY C 97 4.88 -37.77 -24.36
N HIS C 98 5.26 -36.77 -23.56
CA HIS C 98 6.51 -36.81 -22.79
C HIS C 98 6.27 -37.56 -21.49
N ARG C 99 6.15 -38.87 -21.60
CA ARG C 99 5.95 -39.72 -20.44
C ARG C 99 7.23 -39.78 -19.60
N THR C 100 7.06 -39.76 -18.28
CA THR C 100 8.19 -39.85 -17.38
C THR C 100 8.81 -41.24 -17.45
N LEU C 101 10.11 -41.31 -17.15
CA LEU C 101 10.83 -42.57 -17.19
C LEU C 101 10.56 -43.37 -15.93
N LEU C 102 10.29 -44.66 -16.10
CA LEU C 102 9.96 -45.56 -14.99
C LEU C 102 10.95 -46.73 -14.97
N TYR C 103 11.20 -47.23 -13.76
CA TYR C 103 12.06 -48.40 -13.61
C TYR C 103 11.38 -49.63 -14.19
N GLY C 104 12.20 -50.56 -14.71
CA GLY C 104 11.70 -51.75 -15.35
C GLY C 104 11.29 -51.57 -16.79
N HIS C 105 11.41 -50.37 -17.35
CA HIS C 105 11.03 -50.09 -18.72
C HIS C 105 12.25 -50.14 -19.63
N ALA C 106 11.97 -50.25 -20.93
CA ALA C 106 13.01 -50.34 -21.95
C ALA C 106 12.98 -49.10 -22.83
N ILE C 107 14.17 -48.62 -23.20
CA ILE C 107 14.32 -47.37 -23.95
C ILE C 107 15.23 -47.62 -25.15
N LEU C 108 15.15 -46.69 -26.10
CA LEU C 108 15.89 -46.74 -27.36
C LEU C 108 16.71 -45.47 -27.51
N LEU C 109 17.97 -45.63 -27.92
CA LEU C 109 18.96 -44.56 -27.96
C LEU C 109 19.37 -44.25 -29.39
N ARG C 110 19.37 -42.96 -29.73
CA ARG C 110 19.65 -42.45 -31.06
C ARG C 110 20.78 -41.43 -30.98
N HIS C 111 21.68 -41.48 -31.95
CA HIS C 111 22.81 -40.56 -31.96
C HIS C 111 22.40 -39.21 -32.53
N ALA C 112 22.89 -38.14 -31.91
CA ALA C 112 22.55 -36.80 -32.36
C ALA C 112 23.13 -36.49 -33.73
N HIS C 113 24.37 -36.92 -33.97
CA HIS C 113 25.06 -36.64 -35.24
C HIS C 113 25.00 -37.83 -36.20
N SER C 114 25.43 -39.01 -35.76
CA SER C 114 25.53 -40.16 -36.64
C SER C 114 24.17 -40.68 -37.10
N ARG C 115 23.10 -40.28 -36.41
CA ARG C 115 21.72 -40.60 -36.79
C ARG C 115 21.50 -42.12 -36.84
N MET C 116 22.14 -42.84 -35.93
CA MET C 116 22.02 -44.29 -35.82
C MET C 116 21.63 -44.67 -34.41
N TYR C 117 21.07 -45.87 -34.27
CA TYR C 117 20.60 -46.39 -33.00
C TYR C 117 21.70 -47.18 -32.30
N LEU C 118 21.92 -46.88 -31.02
CA LEU C 118 22.88 -47.64 -30.23
C LEU C 118 22.28 -48.99 -29.86
N SER C 119 23.03 -50.06 -30.14
CA SER C 119 22.54 -51.41 -29.91
C SER C 119 23.72 -52.37 -29.84
N CYS C 120 23.45 -53.55 -29.29
CA CYS C 120 24.45 -54.61 -29.24
C CYS C 120 24.66 -55.21 -30.63
N LEU C 121 25.89 -55.68 -30.86
CA LEU C 121 26.27 -56.30 -32.13
C LEU C 121 26.49 -57.79 -31.94
N THR C 122 26.09 -58.56 -32.95
CA THR C 122 26.25 -60.02 -32.89
C THR C 122 27.71 -60.42 -32.85
N THR C 123 28.57 -59.71 -33.58
CA THR C 123 29.99 -60.04 -33.64
C THR C 123 30.65 -59.85 -32.29
N SER C 124 31.61 -60.73 -31.98
CA SER C 124 32.33 -60.71 -30.71
C SER C 124 33.81 -60.58 -30.98
N ARG C 125 34.46 -59.63 -30.30
CA ARG C 125 35.91 -59.40 -30.44
C ARG C 125 36.46 -59.05 -29.06
N SER C 126 36.99 -60.07 -28.37
CA SER C 126 37.60 -59.86 -27.06
C SER C 126 38.73 -60.86 -26.89
N MET C 127 39.73 -60.46 -26.09
CA MET C 127 40.87 -61.32 -25.78
C MET C 127 40.80 -61.85 -24.35
N THR C 128 39.62 -61.82 -23.74
CA THR C 128 39.45 -62.26 -22.36
C THR C 128 39.01 -63.72 -22.25
N ASP C 129 38.98 -64.44 -23.38
CA ASP C 129 38.53 -65.84 -23.42
C ASP C 129 37.13 -66.00 -22.84
N LYS C 130 36.24 -65.07 -23.16
CA LYS C 130 34.89 -65.08 -22.63
C LYS C 130 33.96 -64.42 -23.63
N LEU C 131 32.66 -64.62 -23.43
CA LEU C 131 31.65 -64.01 -24.26
C LEU C 131 31.69 -62.49 -24.13
N ALA C 132 31.61 -61.78 -25.26
CA ALA C 132 31.68 -60.33 -25.25
C ALA C 132 30.38 -59.68 -25.71
N PHE C 133 29.95 -59.92 -26.95
CA PHE C 133 28.80 -59.24 -27.57
C PHE C 133 28.93 -57.72 -27.42
N ASP C 134 30.01 -57.19 -28.00
CA ASP C 134 30.35 -55.78 -27.86
C ASP C 134 29.30 -54.94 -28.59
N VAL C 135 29.03 -53.74 -28.05
CA VAL C 135 27.91 -52.91 -28.49
C VAL C 135 28.41 -51.73 -29.31
N GLY C 136 27.55 -51.24 -30.19
CA GLY C 136 27.90 -50.13 -31.06
C GLY C 136 26.65 -49.47 -31.60
N LEU C 137 26.72 -49.05 -32.87
CA LEU C 137 25.63 -48.36 -33.53
C LEU C 137 25.20 -49.12 -34.77
N GLN C 138 23.90 -49.03 -35.10
CA GLN C 138 23.35 -49.66 -36.28
C GLN C 138 22.37 -48.71 -36.95
N GLU C 139 22.18 -48.91 -38.25
CA GLU C 139 21.37 -48.01 -39.06
C GLU C 139 19.91 -48.46 -39.07
N ASP C 140 19.67 -49.77 -39.23
CA ASP C 140 18.31 -50.30 -39.38
C ASP C 140 17.48 -50.06 -38.12
N ALA C 141 16.20 -49.77 -38.33
CA ALA C 141 15.28 -49.38 -37.26
C ALA C 141 14.64 -50.57 -36.57
N THR C 142 14.93 -51.79 -37.00
CA THR C 142 14.38 -52.98 -36.35
C THR C 142 14.95 -53.11 -34.94
N GLY C 143 14.09 -53.48 -33.99
CA GLY C 143 14.46 -53.49 -32.59
C GLY C 143 14.54 -54.85 -31.95
N GLU C 144 15.14 -55.82 -32.65
CA GLU C 144 15.31 -57.15 -32.05
C GLU C 144 16.30 -57.12 -30.90
N ALA C 145 17.35 -56.30 -31.01
CA ALA C 145 18.34 -56.14 -29.95
C ALA C 145 18.73 -54.68 -29.81
N CYS C 146 17.74 -53.77 -29.86
CA CYS C 146 18.00 -52.34 -29.88
C CYS C 146 17.50 -51.63 -28.63
N TRP C 147 16.82 -52.32 -27.73
CA TRP C 147 16.21 -51.71 -26.56
C TRP C 147 16.97 -52.12 -25.31
N TRP C 148 17.14 -51.18 -24.39
CA TRP C 148 17.82 -51.43 -23.11
C TRP C 148 16.85 -51.19 -21.97
N THR C 149 16.73 -52.17 -21.08
CA THR C 149 15.83 -52.07 -19.94
C THR C 149 16.58 -51.53 -18.72
N MET C 150 15.83 -50.89 -17.83
CA MET C 150 16.38 -50.25 -16.65
C MET C 150 16.07 -51.06 -15.40
N HIS C 151 17.05 -51.18 -14.52
CA HIS C 151 16.92 -51.84 -13.24
C HIS C 151 17.43 -50.93 -12.13
N PRO C 152 16.86 -51.03 -10.93
CA PRO C 152 17.38 -50.24 -9.81
C PRO C 152 18.77 -50.70 -9.39
N ALA C 153 19.54 -49.76 -8.84
CA ALA C 153 20.91 -50.02 -8.42
C ALA C 153 21.10 -50.10 -6.92
N SER C 154 20.23 -49.45 -6.14
CA SER C 154 20.36 -49.41 -4.70
C SER C 154 19.04 -49.77 -4.05
N LYS C 155 19.11 -50.18 -2.78
CA LYS C 155 17.91 -50.49 -2.01
C LYS C 155 17.07 -49.26 -1.73
N GLN C 156 17.62 -48.06 -1.91
CA GLN C 156 16.85 -46.82 -1.71
C GLN C 156 15.71 -46.67 -2.69
N ARG C 157 15.81 -47.28 -3.87
CA ARG C 157 14.83 -47.12 -4.92
C ARG C 157 14.12 -48.45 -5.20
N SER C 158 12.87 -48.34 -5.65
CA SER C 158 12.06 -49.49 -5.99
C SER C 158 11.38 -49.26 -7.33
N GLU C 159 10.99 -50.36 -7.98
CA GLU C 159 10.32 -50.27 -9.27
C GLU C 159 8.93 -49.65 -9.12
N GLY C 160 8.53 -48.88 -10.11
CA GLY C 160 7.22 -48.24 -10.13
C GLY C 160 7.22 -46.77 -9.79
N GLU C 161 8.34 -46.21 -9.34
CA GLU C 161 8.43 -44.80 -8.99
C GLU C 161 9.23 -44.05 -10.05
N LYS C 162 8.95 -42.76 -10.18
CA LYS C 162 9.64 -41.93 -11.15
C LYS C 162 11.12 -41.78 -10.79
N VAL C 163 11.97 -41.76 -11.80
CA VAL C 163 13.40 -41.60 -11.61
C VAL C 163 13.73 -40.11 -11.56
N ARG C 164 14.92 -39.81 -11.04
CA ARG C 164 15.40 -38.43 -10.93
C ARG C 164 16.78 -38.34 -11.55
N VAL C 165 17.24 -37.10 -11.76
CA VAL C 165 18.57 -36.88 -12.31
C VAL C 165 19.63 -37.29 -11.30
N GLY C 166 20.75 -37.81 -11.81
CA GLY C 166 21.80 -38.27 -10.95
C GLY C 166 21.51 -39.55 -10.20
N ASP C 167 20.56 -40.35 -10.67
CA ASP C 167 20.19 -41.60 -10.03
C ASP C 167 20.90 -42.76 -10.70
N ASP C 168 21.54 -43.60 -9.89
CA ASP C 168 22.26 -44.75 -10.41
C ASP C 168 21.29 -45.79 -10.95
N LEU C 169 21.72 -46.48 -12.01
CA LEU C 169 20.85 -47.45 -12.69
C LEU C 169 21.71 -48.46 -13.41
N ILE C 170 21.09 -49.59 -13.76
CA ILE C 170 21.75 -50.69 -14.46
C ILE C 170 20.99 -50.93 -15.76
N LEU C 171 21.73 -51.07 -16.86
CA LEU C 171 21.16 -51.32 -18.18
C LEU C 171 21.47 -52.74 -18.60
N VAL C 172 20.44 -53.48 -19.03
CA VAL C 172 20.56 -54.86 -19.44
C VAL C 172 19.97 -54.99 -20.85
N SER C 173 20.69 -55.67 -21.74
CA SER C 173 20.17 -55.96 -23.06
C SER C 173 19.13 -57.07 -22.97
N VAL C 174 17.95 -56.84 -23.55
CA VAL C 174 16.87 -57.83 -23.46
C VAL C 174 17.19 -59.07 -24.29
N SER C 175 17.81 -58.89 -25.46
CA SER C 175 18.14 -60.04 -26.29
C SER C 175 19.36 -60.79 -25.77
N SER C 176 20.36 -60.06 -25.27
CA SER C 176 21.58 -60.71 -24.81
C SER C 176 21.46 -61.26 -23.40
N GLU C 177 20.70 -60.59 -22.53
CA GLU C 177 20.63 -60.88 -21.09
C GLU C 177 21.99 -60.75 -20.41
N ARG C 178 22.80 -59.80 -20.87
CA ARG C 178 24.09 -59.48 -20.26
C ARG C 178 24.09 -58.04 -19.80
N TYR C 179 24.76 -57.78 -18.68
CA TYR C 179 24.85 -56.42 -18.15
C TYR C 179 25.71 -55.54 -19.03
N LEU C 180 25.44 -54.23 -18.99
CA LEU C 180 26.28 -53.24 -19.67
C LEU C 180 27.44 -52.95 -18.72
N HIS C 181 28.54 -53.68 -18.91
CA HIS C 181 29.66 -53.70 -17.99
C HIS C 181 30.82 -52.88 -18.53
N LEU C 182 31.60 -52.29 -17.63
CA LEU C 182 32.85 -51.62 -17.98
C LEU C 182 33.99 -52.57 -17.65
N SER C 183 34.66 -53.07 -18.69
CA SER C 183 35.73 -54.04 -18.54
C SER C 183 37.05 -53.34 -18.27
N THR C 184 37.72 -53.77 -17.21
CA THR C 184 39.04 -53.26 -16.82
C THR C 184 40.16 -54.07 -17.49
N ALA C 185 40.13 -54.05 -18.82
CA ALA C 185 41.12 -54.77 -19.61
C ALA C 185 42.50 -54.16 -19.43
N SER C 186 43.53 -54.99 -19.63
CA SER C 186 44.90 -54.56 -19.40
C SER C 186 45.31 -53.44 -20.34
N GLY C 187 44.90 -53.52 -21.61
CA GLY C 187 45.25 -52.48 -22.56
C GLY C 187 44.64 -51.13 -22.22
N GLU C 188 43.33 -51.13 -21.92
CA GLU C 188 42.60 -49.90 -21.60
C GLU C 188 41.27 -50.28 -20.99
N LEU C 189 40.59 -49.27 -20.44
CA LEU C 189 39.25 -49.45 -19.91
C LEU C 189 38.25 -49.39 -21.06
N GLN C 190 37.41 -50.42 -21.18
CA GLN C 190 36.47 -50.51 -22.30
C GLN C 190 35.07 -50.81 -21.77
N VAL C 191 34.12 -50.93 -22.68
CA VAL C 191 32.77 -51.40 -22.34
C VAL C 191 32.52 -52.72 -23.06
N ASP C 192 31.77 -53.60 -22.40
CA ASP C 192 31.50 -54.94 -22.91
C ASP C 192 30.21 -55.43 -22.27
N ALA C 193 29.64 -56.49 -22.83
CA ALA C 193 28.40 -57.09 -22.32
C ALA C 193 28.76 -58.41 -21.66
N SER C 194 28.99 -58.37 -20.35
CA SER C 194 29.37 -59.54 -19.58
C SER C 194 28.34 -59.81 -18.50
N PHE C 195 28.61 -60.82 -17.67
CA PHE C 195 27.70 -61.22 -16.60
C PHE C 195 27.86 -60.38 -15.34
N MET C 196 28.86 -59.50 -15.28
CA MET C 196 29.04 -58.62 -14.14
C MET C 196 28.42 -57.26 -14.41
N GLN C 197 27.92 -56.64 -13.36
CA GLN C 197 27.25 -55.34 -13.48
C GLN C 197 28.20 -54.21 -13.10
N THR C 198 28.00 -53.06 -13.74
CA THR C 198 28.82 -51.88 -13.52
C THR C 198 27.92 -50.68 -13.29
N LEU C 199 28.31 -49.84 -12.32
CA LEU C 199 27.55 -48.65 -11.98
C LEU C 199 27.66 -47.60 -13.09
N TRP C 200 26.59 -46.82 -13.26
CA TRP C 200 26.53 -45.81 -14.31
C TRP C 200 25.72 -44.62 -13.82
N ASN C 201 25.93 -43.47 -14.47
CA ASN C 201 25.20 -42.25 -14.14
C ASN C 201 24.65 -41.64 -15.42
N MET C 202 23.46 -41.05 -15.30
CA MET C 202 22.76 -40.45 -16.42
C MET C 202 22.57 -38.96 -16.17
N ASN C 203 22.90 -38.13 -17.17
CA ASN C 203 22.76 -36.68 -17.03
C ASN C 203 22.27 -36.05 -18.33
N PRO C 204 21.28 -35.16 -18.25
CA PRO C 204 20.80 -34.46 -19.44
C PRO C 204 21.57 -33.19 -19.74
N ILE C 205 21.42 -32.73 -20.97
CA ILE C 205 22.05 -31.50 -21.44
C ILE C 205 21.02 -30.39 -21.64
N CYS C 206 19.97 -30.67 -22.41
CA CYS C 206 18.97 -29.65 -22.73
C CYS C 206 17.62 -30.31 -22.93
N SER C 207 16.59 -29.49 -22.91
CA SER C 207 15.21 -29.90 -23.13
C SER C 207 14.69 -29.21 -24.39
N CYS C 208 13.38 -29.30 -24.61
CA CYS C 208 12.76 -28.63 -25.75
C CYS C 208 12.98 -27.12 -25.65
N CYS C 209 13.41 -26.52 -26.76
CA CYS C 209 13.75 -25.11 -26.82
C CYS C 209 12.77 -24.38 -27.71
N GLU C 210 12.23 -23.27 -27.20
CA GLU C 210 11.31 -22.46 -27.98
C GLU C 210 12.02 -21.81 -29.16
N GLU C 211 11.28 -21.62 -30.25
CA GLU C 211 11.87 -21.20 -31.50
C GLU C 211 12.33 -19.73 -31.42
N GLY C 212 13.27 -19.38 -32.28
CA GLY C 212 13.74 -18.02 -32.36
C GLY C 212 14.67 -17.60 -31.24
N TYR C 213 15.09 -18.54 -30.39
CA TYR C 213 15.83 -18.20 -29.18
C TYR C 213 17.17 -18.94 -29.19
N VAL C 214 18.20 -18.30 -28.66
CA VAL C 214 19.56 -18.81 -28.80
C VAL C 214 19.83 -19.87 -27.74
N THR C 215 20.40 -21.01 -28.16
CA THR C 215 20.83 -22.05 -27.25
C THR C 215 22.23 -22.53 -27.64
N GLY C 216 22.97 -23.03 -26.66
CA GLY C 216 24.33 -23.46 -26.88
C GLY C 216 24.44 -24.88 -27.44
N GLY C 217 25.65 -25.20 -27.92
CA GLY C 217 25.96 -26.53 -28.39
C GLY C 217 25.52 -26.86 -29.79
N HIS C 218 24.98 -25.89 -30.54
CA HIS C 218 24.51 -26.09 -31.90
C HIS C 218 25.20 -25.02 -32.75
N VAL C 219 25.73 -25.44 -33.90
CA VAL C 219 26.54 -24.54 -34.73
C VAL C 219 25.69 -23.41 -35.29
N LEU C 220 26.35 -22.33 -35.66
CA LEU C 220 25.66 -21.10 -36.04
C LEU C 220 26.57 -20.27 -36.95
N ARG C 221 26.03 -19.17 -37.43
CA ARG C 221 26.72 -18.23 -38.33
C ARG C 221 26.63 -16.85 -37.69
N LEU C 222 27.69 -16.43 -37.01
CA LEU C 222 27.81 -15.07 -36.50
C LEU C 222 28.65 -14.27 -37.49
N PHE C 223 28.23 -13.03 -37.74
CA PHE C 223 28.98 -12.26 -38.73
C PHE C 223 28.87 -10.76 -38.46
N HIS C 224 29.93 -10.05 -38.83
CA HIS C 224 30.00 -8.60 -38.65
C HIS C 224 29.22 -7.92 -39.76
N GLY C 225 28.68 -6.74 -39.45
CA GLY C 225 27.98 -5.96 -40.43
C GLY C 225 26.59 -6.51 -40.73
N HIS C 226 25.96 -5.90 -41.74
CA HIS C 226 24.61 -6.26 -42.13
C HIS C 226 24.51 -6.74 -43.57
N MET C 227 25.10 -6.01 -44.52
CA MET C 227 24.94 -6.31 -45.93
C MET C 227 25.56 -7.64 -46.33
N ASP C 228 26.89 -7.73 -46.29
CA ASP C 228 27.59 -8.97 -46.62
C ASP C 228 29.00 -8.89 -46.04
N GLU C 229 29.28 -9.73 -45.05
CA GLU C 229 30.58 -9.79 -44.40
C GLU C 229 30.56 -10.99 -43.46
N CYS C 230 31.69 -11.66 -43.34
CA CYS C 230 31.81 -12.83 -42.49
C CYS C 230 33.24 -12.95 -41.97
N LEU C 231 33.40 -13.71 -40.88
CA LEU C 231 34.71 -14.05 -40.35
C LEU C 231 34.89 -15.55 -40.42
N THR C 232 35.91 -16.00 -41.15
CA THR C 232 36.25 -17.41 -41.28
C THR C 232 37.75 -17.56 -41.14
N ILE C 233 38.25 -18.74 -41.49
CA ILE C 233 39.68 -19.00 -41.60
C ILE C 233 40.00 -19.14 -43.08
N SER C 234 41.23 -18.77 -43.45
CA SER C 234 41.65 -18.80 -44.84
C SER C 234 41.57 -20.21 -45.41
N ALA C 235 41.44 -20.29 -46.74
CA ALA C 235 41.21 -21.55 -47.42
C ALA C 235 42.44 -22.45 -47.34
N ALA C 236 42.27 -23.69 -47.80
CA ALA C 236 43.36 -24.64 -47.80
C ALA C 236 44.43 -24.23 -48.81
N ASP C 237 45.68 -24.60 -48.50
CA ASP C 237 46.85 -24.28 -49.32
C ASP C 237 46.99 -22.78 -49.55
N SER C 238 46.76 -21.99 -48.50
CA SER C 238 46.88 -20.55 -48.56
C SER C 238 48.26 -20.05 -48.13
N ASP C 239 49.19 -20.97 -47.86
CA ASP C 239 50.59 -20.72 -47.49
C ASP C 239 50.76 -20.09 -46.12
N ASP C 240 49.67 -19.81 -45.40
CA ASP C 240 49.74 -19.26 -44.05
C ASP C 240 49.59 -20.32 -42.98
N GLN C 241 49.56 -21.60 -43.36
CA GLN C 241 49.40 -22.77 -42.50
C GLN C 241 48.07 -22.82 -41.78
N ARG C 242 47.14 -21.92 -42.11
CA ARG C 242 45.77 -21.88 -41.57
C ARG C 242 45.79 -21.79 -40.03
N ARG C 243 46.42 -20.74 -39.54
CA ARG C 243 46.57 -20.53 -38.10
C ARG C 243 46.17 -19.14 -37.64
N LEU C 244 45.59 -18.31 -38.52
CA LEU C 244 45.17 -16.97 -38.15
C LEU C 244 43.86 -16.65 -38.84
N VAL C 245 43.10 -15.73 -38.23
CA VAL C 245 41.73 -15.44 -38.62
C VAL C 245 41.71 -14.25 -39.57
N TYR C 246 40.91 -14.38 -40.64
CA TYR C 246 40.70 -13.30 -41.61
C TYR C 246 39.21 -13.00 -41.72
N TYR C 247 38.92 -11.87 -42.34
CA TYR C 247 37.55 -11.47 -42.67
C TYR C 247 37.38 -11.59 -44.18
N GLU C 248 36.25 -12.16 -44.60
CA GLU C 248 36.02 -12.42 -46.01
C GLU C 248 34.82 -11.62 -46.52
N GLY C 249 34.48 -11.82 -47.79
CA GLY C 249 33.45 -11.05 -48.44
C GLY C 249 32.08 -11.71 -48.47
N GLY C 250 31.45 -11.72 -49.64
CA GLY C 250 30.09 -12.20 -49.76
C GLY C 250 29.94 -13.63 -50.23
N ALA C 251 30.73 -14.03 -51.23
CA ALA C 251 30.63 -15.38 -51.77
C ALA C 251 31.14 -16.44 -50.79
N VAL C 252 31.96 -16.05 -49.81
CA VAL C 252 32.57 -17.01 -48.90
C VAL C 252 31.53 -17.65 -47.98
N CYS C 253 30.48 -16.90 -47.62
CA CYS C 253 29.52 -17.36 -46.61
C CYS C 253 28.81 -18.64 -47.04
N THR C 254 28.55 -18.80 -48.34
CA THR C 254 27.89 -20.01 -48.83
C THR C 254 28.76 -21.25 -48.68
N HIS C 255 30.07 -21.09 -48.48
CA HIS C 255 30.95 -22.22 -48.33
C HIS C 255 30.90 -22.74 -46.88
N ALA C 256 31.63 -23.82 -46.62
CA ALA C 256 31.62 -24.44 -45.30
C ALA C 256 32.59 -23.81 -44.32
N ARG C 257 33.41 -22.85 -44.75
CA ARG C 257 34.37 -22.22 -43.85
C ARG C 257 33.70 -21.33 -42.82
N SER C 258 32.50 -20.81 -43.11
CA SER C 258 31.81 -19.90 -42.20
C SER C 258 30.89 -20.64 -41.25
N LEU C 259 31.43 -21.62 -40.51
CA LEU C 259 30.68 -22.36 -39.52
C LEU C 259 31.43 -22.31 -38.20
N TRP C 260 30.74 -21.95 -37.13
CA TRP C 260 31.34 -21.83 -35.80
C TRP C 260 30.41 -22.47 -34.77
N ARG C 261 31.01 -23.08 -33.75
CA ARG C 261 30.28 -23.76 -32.69
C ARG C 261 30.72 -23.24 -31.34
N LEU C 262 29.77 -22.90 -30.48
CA LEU C 262 30.06 -22.40 -29.14
C LEU C 262 29.64 -23.43 -28.10
N GLU C 263 30.44 -23.54 -27.04
CA GLU C 263 30.10 -24.45 -25.96
C GLU C 263 30.51 -23.87 -24.61
N PRO C 264 29.69 -24.06 -23.57
CA PRO C 264 30.08 -23.62 -22.23
C PRO C 264 31.10 -24.56 -21.61
N LEU C 265 31.64 -24.12 -20.47
CA LEU C 265 32.62 -24.93 -19.75
C LEU C 265 31.95 -26.08 -18.99
N ARG C 266 30.74 -25.86 -18.47
CA ARG C 266 30.07 -26.88 -17.71
C ARG C 266 29.59 -28.00 -18.64
N ILE C 267 30.08 -29.22 -18.42
CA ILE C 267 29.70 -30.35 -19.25
C ILE C 267 28.25 -30.75 -18.99
N SER C 268 27.76 -30.50 -17.78
CA SER C 268 26.39 -30.81 -17.42
C SER C 268 25.48 -29.62 -17.68
N TRP C 269 24.31 -29.90 -18.26
CA TRP C 269 23.30 -28.87 -18.59
C TRP C 269 23.88 -27.77 -19.48
N SER C 270 24.64 -28.17 -20.50
CA SER C 270 25.30 -27.22 -21.38
C SER C 270 24.38 -26.61 -22.43
N GLY C 271 23.17 -27.15 -22.59
CA GLY C 271 22.28 -26.70 -23.65
C GLY C 271 21.26 -25.68 -23.22
N SER C 272 21.50 -25.02 -22.09
CA SER C 272 20.57 -24.01 -21.58
C SER C 272 20.62 -22.75 -22.45
N HIS C 273 19.67 -21.85 -22.19
CA HIS C 273 19.61 -20.60 -22.93
C HIS C 273 20.83 -19.74 -22.63
N LEU C 274 21.33 -19.04 -23.65
CA LEU C 274 22.52 -18.23 -23.51
C LEU C 274 22.18 -16.92 -22.79
N ARG C 275 23.04 -16.54 -21.85
CA ARG C 275 22.92 -15.33 -21.05
C ARG C 275 24.01 -14.34 -21.46
N TRP C 276 24.09 -13.22 -20.73
CA TRP C 276 25.11 -12.22 -20.99
C TRP C 276 26.30 -12.48 -20.07
N GLY C 277 27.46 -12.74 -20.67
CA GLY C 277 28.70 -12.77 -19.92
C GLY C 277 28.97 -14.03 -19.11
N GLN C 278 29.09 -15.17 -19.78
CA GLN C 278 29.50 -16.40 -19.11
C GLN C 278 30.67 -17.01 -19.87
N PRO C 279 31.53 -17.79 -19.20
CA PRO C 279 32.65 -18.41 -19.92
C PRO C 279 32.18 -19.44 -20.94
N LEU C 280 32.41 -19.14 -22.21
CA LEU C 280 32.06 -20.02 -23.32
C LEU C 280 33.17 -19.94 -24.36
N ARG C 281 33.30 -20.99 -25.16
CA ARG C 281 34.41 -21.14 -26.08
C ARG C 281 33.91 -21.41 -27.49
N ILE C 282 34.62 -20.85 -28.47
CA ILE C 282 34.27 -20.91 -29.87
C ILE C 282 35.22 -21.88 -30.56
N ARG C 283 34.70 -22.65 -31.51
CA ARG C 283 35.51 -23.60 -32.27
C ARG C 283 35.05 -23.61 -33.72
N HIS C 284 35.98 -23.99 -34.60
CA HIS C 284 35.70 -24.14 -36.02
C HIS C 284 35.53 -25.63 -36.30
N VAL C 285 34.38 -25.99 -36.86
CA VAL C 285 34.01 -27.41 -36.96
C VAL C 285 34.89 -28.15 -37.96
N THR C 286 35.26 -27.51 -39.07
CA THR C 286 36.02 -28.21 -40.09
C THR C 286 37.48 -28.42 -39.71
N THR C 287 38.00 -27.62 -38.77
CA THR C 287 39.40 -27.72 -38.38
C THR C 287 39.60 -28.12 -36.92
N GLY C 288 38.60 -27.97 -36.06
CA GLY C 288 38.73 -28.32 -34.66
C GLY C 288 39.70 -27.45 -33.88
N ARG C 289 39.66 -26.14 -34.10
CA ARG C 289 40.55 -25.21 -33.42
C ARG C 289 39.74 -24.13 -32.73
N TYR C 290 40.22 -23.68 -31.58
CA TYR C 290 39.54 -22.68 -30.76
C TYR C 290 40.12 -21.30 -31.03
N LEU C 291 39.59 -20.30 -30.32
CA LEU C 291 40.05 -18.92 -30.43
C LEU C 291 40.75 -18.54 -29.13
N ALA C 292 42.01 -18.12 -29.25
CA ALA C 292 42.81 -17.76 -28.08
C ALA C 292 44.02 -16.96 -28.54
N LEU C 293 44.67 -16.33 -27.56
CA LEU C 293 45.97 -15.68 -27.75
C LEU C 293 47.00 -16.47 -26.96
N THR C 294 48.09 -16.88 -27.63
CA THR C 294 49.10 -17.67 -26.93
C THR C 294 50.08 -16.80 -26.14
N GLU C 295 50.88 -15.98 -26.83
CA GLU C 295 51.72 -15.01 -26.13
C GLU C 295 51.44 -13.57 -26.56
N ASP C 296 51.68 -13.24 -27.85
CA ASP C 296 51.47 -11.86 -28.30
C ASP C 296 50.97 -11.80 -29.74
N GLN C 297 50.33 -12.86 -30.24
CA GLN C 297 49.96 -12.94 -31.65
C GLN C 297 48.53 -12.48 -31.91
N GLY C 298 47.99 -11.64 -31.04
CA GLY C 298 46.67 -11.07 -31.28
C GLY C 298 45.58 -12.13 -31.26
N LEU C 299 44.80 -12.18 -32.34
CA LEU C 299 43.71 -13.14 -32.47
C LEU C 299 44.13 -14.19 -33.49
N VAL C 300 44.40 -15.41 -33.01
CA VAL C 300 44.76 -16.54 -33.84
C VAL C 300 44.00 -17.77 -33.32
N VAL C 301 44.17 -18.89 -34.01
CA VAL C 301 43.57 -20.14 -33.58
C VAL C 301 44.66 -21.02 -32.99
N VAL C 302 44.29 -21.79 -31.95
CA VAL C 302 45.21 -22.61 -31.20
C VAL C 302 44.67 -24.03 -31.18
N ASP C 303 45.59 -25.01 -31.18
CA ASP C 303 45.21 -26.41 -31.17
C ASP C 303 44.51 -26.77 -29.86
N ALA C 304 43.78 -27.89 -29.90
CA ALA C 304 43.00 -28.33 -28.75
C ALA C 304 43.89 -28.73 -27.58
N CYS C 305 45.04 -29.34 -27.87
CA CYS C 305 45.95 -29.77 -26.81
C CYS C 305 46.51 -28.59 -26.03
N LYS C 306 46.85 -27.49 -26.73
CA LYS C 306 47.38 -26.30 -26.08
C LYS C 306 46.21 -25.42 -25.64
N ALA C 307 45.57 -25.81 -24.54
CA ALA C 307 44.45 -25.08 -23.98
C ALA C 307 44.71 -24.84 -22.50
N HIS C 308 45.04 -23.60 -22.14
CA HIS C 308 45.24 -23.22 -20.75
C HIS C 308 44.01 -22.58 -20.13
N THR C 309 42.90 -22.50 -20.87
CA THR C 309 41.55 -22.15 -20.44
C THR C 309 41.43 -20.65 -20.08
N LYS C 310 42.52 -19.90 -20.08
CA LYS C 310 42.47 -18.51 -19.69
C LYS C 310 42.13 -17.59 -20.85
N ALA C 311 42.94 -17.61 -21.91
CA ALA C 311 42.69 -16.75 -23.06
C ALA C 311 41.58 -17.29 -23.96
N THR C 312 41.20 -18.56 -23.80
CA THR C 312 40.18 -19.16 -24.63
C THR C 312 38.77 -18.72 -24.26
N SER C 313 38.58 -18.13 -23.09
CA SER C 313 37.26 -17.73 -22.62
C SER C 313 36.80 -16.45 -23.32
N PHE C 314 35.50 -16.40 -23.63
CA PHE C 314 34.88 -15.23 -24.23
C PHE C 314 33.53 -15.00 -23.57
N CYS C 315 33.05 -13.76 -23.64
CA CYS C 315 31.75 -13.42 -23.07
C CYS C 315 30.98 -12.55 -24.04
N PHE C 316 29.66 -12.56 -23.87
CA PHE C 316 28.74 -11.98 -24.84
C PHE C 316 27.95 -10.88 -24.13
N ARG C 317 28.02 -9.64 -24.65
CA ARG C 317 27.50 -8.48 -23.93
C ARG C 317 26.62 -7.61 -24.83
N VAL C 318 25.93 -6.67 -24.21
CA VAL C 318 24.99 -5.82 -24.92
C VAL C 318 25.31 -4.33 -24.81
N SER C 319 25.99 -3.88 -23.76
CA SER C 319 26.21 -2.46 -23.52
C SER C 319 27.67 -2.09 -23.69
N LYS C 320 27.90 -0.87 -24.19
CA LYS C 320 29.26 -0.36 -24.34
C LYS C 320 29.94 -0.17 -22.98
N GLU C 321 29.22 0.38 -22.01
CA GLU C 321 29.82 0.74 -20.74
C GLU C 321 29.98 -0.48 -19.84
N LYS C 322 30.87 -0.34 -18.85
CA LYS C 322 31.11 -1.41 -17.90
C LYS C 322 29.91 -1.52 -16.95
N LEU C 323 29.30 -2.70 -16.92
CA LEU C 323 28.14 -2.95 -16.06
C LEU C 323 28.37 -4.22 -15.25
N ASP C 324 27.75 -4.27 -14.08
CA ASP C 324 27.87 -5.42 -13.21
C ASP C 324 27.12 -6.62 -13.78
N THR C 325 27.67 -7.80 -13.55
CA THR C 325 27.08 -9.05 -14.00
C THR C 325 27.16 -10.08 -12.88
N ALA C 326 26.28 -11.08 -12.96
CA ALA C 326 26.22 -12.15 -11.97
C ALA C 326 26.27 -13.50 -12.67
N PRO C 327 27.45 -13.94 -13.11
CA PRO C 327 27.58 -15.25 -13.76
C PRO C 327 27.92 -16.40 -12.83
N LYS C 328 28.14 -16.14 -11.54
CA LYS C 328 28.53 -17.18 -10.61
C LYS C 328 27.40 -18.16 -10.31
N ARG C 329 26.14 -17.72 -10.44
CA ARG C 329 25.01 -18.60 -10.15
C ARG C 329 24.91 -19.71 -11.19
N ASP C 330 24.46 -20.88 -10.75
CA ASP C 330 24.23 -22.02 -11.61
C ASP C 330 22.76 -22.41 -11.54
N VAL C 331 22.14 -22.61 -12.69
CA VAL C 331 20.72 -22.92 -12.79
C VAL C 331 20.56 -24.35 -13.29
N GLU C 332 19.73 -25.13 -12.59
CA GLU C 332 19.38 -26.47 -13.02
C GLU C 332 18.12 -26.51 -13.89
N GLY C 333 17.48 -25.36 -14.09
CA GLY C 333 16.30 -25.27 -14.92
C GLY C 333 16.63 -24.95 -16.37
N MET C 334 15.59 -24.55 -17.11
CA MET C 334 15.76 -24.23 -18.52
C MET C 334 16.61 -22.97 -18.69
N GLY C 335 16.37 -21.96 -17.86
CA GLY C 335 17.09 -20.71 -17.93
C GLY C 335 16.25 -19.62 -18.56
N PRO C 336 16.48 -18.37 -18.16
CA PRO C 336 15.67 -17.26 -18.66
C PRO C 336 16.01 -16.92 -20.10
N PRO C 337 15.03 -16.99 -21.01
CA PRO C 337 15.31 -16.69 -22.42
C PRO C 337 15.37 -15.20 -22.71
N GLU C 338 16.50 -14.70 -23.21
CA GLU C 338 16.62 -13.29 -23.51
C GLU C 338 17.16 -12.94 -24.91
N ILE C 339 18.09 -13.73 -25.44
CA ILE C 339 18.81 -13.36 -26.66
C ILE C 339 18.05 -13.82 -27.90
N LYS C 340 17.88 -12.92 -28.86
CA LYS C 340 17.09 -13.16 -30.05
C LYS C 340 17.95 -12.97 -31.30
N TYR C 341 17.74 -13.84 -32.29
CA TYR C 341 18.47 -13.74 -33.54
C TYR C 341 18.08 -12.48 -34.32
N GLY C 342 19.06 -11.87 -34.96
CA GLY C 342 18.81 -10.72 -35.84
C GLY C 342 18.80 -9.36 -35.18
N GLU C 343 18.00 -9.20 -34.14
CA GLU C 343 17.89 -7.93 -33.43
C GLU C 343 18.73 -7.90 -32.16
N SER C 344 19.68 -8.84 -32.01
CA SER C 344 20.54 -8.84 -30.84
C SER C 344 21.45 -7.60 -30.82
N LEU C 345 22.09 -7.29 -31.97
CA LEU C 345 23.07 -6.21 -32.08
C LEU C 345 24.16 -6.35 -31.00
N CYS C 346 24.60 -7.59 -30.81
CA CYS C 346 25.36 -7.97 -29.63
C CYS C 346 26.86 -7.83 -29.87
N PHE C 347 27.61 -7.77 -28.77
CA PHE C 347 29.07 -7.60 -28.79
C PHE C 347 29.74 -8.78 -28.11
N VAL C 348 31.01 -9.02 -28.47
CA VAL C 348 31.82 -10.06 -27.85
C VAL C 348 33.00 -9.42 -27.14
N GLN C 349 33.44 -10.05 -26.05
CA GLN C 349 34.52 -9.53 -25.21
C GLN C 349 35.45 -10.66 -24.81
N HIS C 350 36.75 -10.36 -24.77
CA HIS C 350 37.74 -11.22 -24.12
C HIS C 350 37.87 -10.80 -22.66
N VAL C 351 37.69 -11.77 -21.75
CA VAL C 351 37.63 -11.47 -20.32
C VAL C 351 39.01 -11.54 -19.68
N ALA C 352 39.89 -12.43 -20.13
CA ALA C 352 41.23 -12.50 -19.56
C ALA C 352 42.04 -11.25 -19.88
N SER C 353 42.02 -10.83 -21.14
CA SER C 353 42.70 -9.60 -21.53
C SER C 353 41.89 -8.37 -21.15
N GLY C 354 40.57 -8.50 -21.01
CA GLY C 354 39.74 -7.37 -20.66
C GLY C 354 39.48 -6.38 -21.77
N LEU C 355 39.65 -6.79 -23.02
CA LEU C 355 39.48 -5.92 -24.18
C LEU C 355 38.65 -6.60 -25.24
N TRP C 356 38.00 -5.78 -26.08
CA TRP C 356 37.12 -6.27 -27.13
C TRP C 356 37.93 -6.65 -28.36
N LEU C 357 37.23 -7.09 -29.40
CA LEU C 357 37.86 -7.41 -30.68
C LEU C 357 37.05 -6.75 -31.80
N THR C 358 37.77 -6.07 -32.70
CA THR C 358 37.18 -5.43 -33.87
C THR C 358 38.09 -5.62 -35.06
N TYR C 359 37.68 -5.08 -36.20
CA TYR C 359 38.51 -5.12 -37.40
C TYR C 359 39.67 -4.14 -37.27
N ALA C 360 40.86 -4.56 -37.70
CA ALA C 360 42.05 -3.73 -37.55
C ALA C 360 42.01 -2.51 -38.47
N ALA C 361 41.37 -2.63 -39.63
CA ALA C 361 41.21 -1.57 -40.62
C ALA C 361 42.56 -0.98 -41.04
N PRO C 362 43.36 -1.71 -41.82
CA PRO C 362 44.65 -1.18 -42.23
C PRO C 362 44.66 -0.17 -43.39
N ASP C 363 45.80 0.49 -43.54
CA ASP C 363 45.92 1.54 -44.56
C ASP C 363 47.13 1.31 -45.46
N PRO C 364 47.35 0.09 -45.94
CA PRO C 364 48.41 -0.12 -46.94
C PRO C 364 47.86 -0.16 -48.35
N LYS C 365 48.75 0.09 -49.31
CA LYS C 365 48.37 -0.01 -50.71
C LYS C 365 48.00 -1.45 -51.08
N ALA C 366 48.77 -2.42 -50.57
CA ALA C 366 48.46 -3.82 -50.82
C ALA C 366 47.13 -4.24 -50.20
N LEU C 367 46.85 -3.76 -48.98
CA LEU C 367 45.57 -4.08 -48.34
C LEU C 367 44.41 -3.37 -49.04
N ARG C 368 44.65 -2.17 -49.57
CA ARG C 368 43.63 -1.47 -50.34
C ARG C 368 43.33 -2.20 -51.64
N LEU C 369 44.35 -2.80 -52.25
CA LEU C 369 44.15 -3.57 -53.48
C LEU C 369 43.33 -4.84 -53.25
N GLY C 370 43.19 -5.29 -52.01
CA GLY C 370 42.36 -6.45 -51.72
C GLY C 370 40.88 -6.17 -51.88
N VAL C 371 40.13 -7.23 -52.11
CA VAL C 371 38.67 -7.13 -52.31
C VAL C 371 38.04 -7.22 -50.92
N LEU C 372 37.96 -6.07 -50.26
CA LEU C 372 37.38 -5.92 -48.91
C LEU C 372 38.06 -6.85 -47.91
N LYS C 373 39.37 -6.65 -47.77
CA LYS C 373 40.19 -7.48 -46.88
C LYS C 373 40.54 -6.68 -45.63
N LYS C 374 40.30 -7.28 -44.46
CA LYS C 374 40.59 -6.65 -43.19
C LYS C 374 40.92 -7.73 -42.17
N LYS C 375 42.05 -7.57 -41.49
CA LYS C 375 42.50 -8.60 -40.56
C LYS C 375 41.90 -8.36 -39.17
N ALA C 376 41.65 -9.47 -38.47
CA ALA C 376 41.08 -9.41 -37.13
C ALA C 376 42.23 -9.33 -36.12
N ILE C 377 42.36 -8.18 -35.45
CA ILE C 377 43.42 -7.91 -34.50
C ILE C 377 42.77 -7.39 -33.22
N LEU C 378 43.18 -7.95 -32.08
CA LEU C 378 42.66 -7.50 -30.80
C LEU C 378 43.04 -6.05 -30.54
N HIS C 379 42.08 -5.28 -30.03
CA HIS C 379 42.14 -3.83 -30.00
C HIS C 379 41.77 -3.32 -28.60
N GLN C 380 42.05 -2.04 -28.36
CA GLN C 380 41.82 -1.43 -27.06
C GLN C 380 41.10 -0.09 -27.18
N GLU C 381 41.28 0.59 -28.31
CA GLU C 381 40.77 1.95 -28.47
C GLU C 381 39.25 2.01 -28.43
N GLY C 382 38.57 1.05 -29.04
CA GLY C 382 37.12 1.02 -29.06
C GLY C 382 36.55 1.41 -30.41
N HIS C 383 35.51 0.69 -30.82
CA HIS C 383 34.80 0.94 -32.07
C HIS C 383 33.30 0.82 -31.81
N MET C 384 32.51 1.55 -32.59
CA MET C 384 31.07 1.63 -32.38
C MET C 384 30.26 1.00 -33.51
N ASP C 385 30.89 0.26 -34.42
CA ASP C 385 30.21 -0.30 -35.58
C ASP C 385 30.37 -1.81 -35.65
N ASP C 386 30.18 -2.50 -34.53
CA ASP C 386 30.21 -3.96 -34.52
C ASP C 386 29.05 -4.53 -35.33
N ALA C 387 27.83 -4.33 -34.85
CA ALA C 387 26.60 -4.80 -35.51
C ALA C 387 26.65 -6.29 -35.81
N LEU C 388 27.08 -7.08 -34.84
CA LEU C 388 27.18 -8.52 -35.02
C LEU C 388 25.79 -9.14 -35.14
N PHE C 389 25.60 -9.96 -36.16
CA PHE C 389 24.32 -10.60 -36.44
C PHE C 389 24.46 -12.11 -36.32
N LEU C 390 23.44 -12.74 -35.75
CA LEU C 390 23.41 -14.16 -35.47
C LEU C 390 22.38 -14.83 -36.37
N THR C 391 22.79 -15.88 -37.08
CA THR C 391 21.89 -16.67 -37.91
C THR C 391 22.14 -18.15 -37.67
N ARG C 392 21.12 -18.97 -37.86
CA ARG C 392 21.28 -20.41 -37.78
C ARG C 392 20.58 -21.07 -38.96
N CYS C 393 21.26 -22.06 -39.55
CA CYS C 393 20.68 -22.86 -40.62
C CYS C 393 21.29 -24.25 -40.51
N GLN C 394 20.46 -25.25 -40.18
CA GLN C 394 21.02 -26.56 -39.85
C GLN C 394 21.38 -27.29 -41.14
N GLN C 395 20.36 -27.62 -41.97
CA GLN C 395 20.45 -28.06 -43.37
C GLN C 395 21.67 -28.95 -43.68
N GLU C 396 21.98 -29.86 -42.77
CA GLU C 396 23.10 -30.84 -42.80
C GLU C 396 24.46 -30.24 -43.20
N GLU C 397 24.67 -28.92 -43.12
CA GLU C 397 26.06 -28.46 -43.27
C GLU C 397 26.91 -28.83 -42.05
N SER C 398 26.31 -28.88 -40.87
CA SER C 398 27.06 -29.30 -39.69
C SER C 398 27.53 -30.75 -39.83
N GLN C 399 26.62 -31.63 -40.27
CA GLN C 399 26.99 -33.02 -40.50
C GLN C 399 28.02 -33.14 -41.61
N ALA C 400 27.85 -32.37 -42.69
CA ALA C 400 28.80 -32.40 -43.80
C ALA C 400 30.18 -31.95 -43.35
N ALA C 401 30.25 -30.88 -42.55
CA ALA C 401 31.52 -30.39 -42.05
C ALA C 401 32.19 -31.37 -41.10
N ARG C 402 31.40 -32.04 -40.25
CA ARG C 402 31.96 -33.06 -39.37
C ARG C 402 32.52 -34.22 -40.17
N MET C 403 31.82 -34.63 -41.24
CA MET C 403 32.36 -35.65 -42.13
C MET C 403 33.64 -35.19 -42.82
N ILE C 404 33.69 -33.93 -43.24
CA ILE C 404 34.90 -33.39 -43.87
C ILE C 404 36.08 -33.45 -42.90
N HIS C 405 35.85 -33.05 -41.64
CA HIS C 405 36.90 -33.11 -40.63
C HIS C 405 37.38 -34.55 -40.41
N SER C 406 36.45 -35.47 -40.19
CA SER C 406 36.82 -36.85 -39.89
C SER C 406 37.54 -37.51 -41.06
N THR C 407 36.99 -37.37 -42.27
CA THR C 407 37.59 -37.98 -43.45
C THR C 407 38.94 -37.35 -43.77
N ALA C 408 39.07 -36.03 -43.62
CA ALA C 408 40.36 -35.38 -43.88
C ALA C 408 41.43 -35.87 -42.91
N GLY C 409 41.08 -35.97 -41.62
CA GLY C 409 42.04 -36.51 -40.66
C GLY C 409 42.43 -37.94 -40.95
N LEU C 410 41.44 -38.79 -41.25
CA LEU C 410 41.71 -40.20 -41.54
C LEU C 410 42.57 -40.36 -42.78
N TYR C 411 42.25 -39.61 -43.85
CA TYR C 411 43.00 -39.74 -45.09
C TYR C 411 44.41 -39.18 -44.95
N ASN C 412 44.57 -38.09 -44.20
CA ASN C 412 45.90 -37.55 -43.95
C ASN C 412 46.76 -38.54 -43.16
N GLN C 413 46.19 -39.16 -42.13
CA GLN C 413 46.92 -40.16 -41.38
C GLN C 413 47.27 -41.36 -42.25
N PHE C 414 46.33 -41.79 -43.10
CA PHE C 414 46.55 -42.95 -43.95
C PHE C 414 47.66 -42.68 -44.98
N ILE C 415 47.66 -41.50 -45.59
CA ILE C 415 48.69 -41.18 -46.58
C ILE C 415 50.05 -40.95 -45.90
N LYS C 416 50.06 -40.40 -44.67
CA LYS C 416 51.32 -40.25 -43.96
C LYS C 416 51.89 -41.61 -43.57
N GLY C 417 51.03 -42.56 -43.23
CA GLY C 417 51.49 -43.92 -43.03
C GLY C 417 51.97 -44.58 -44.30
N LEU C 418 51.30 -44.30 -45.43
CA LEU C 418 51.71 -44.87 -46.70
C LEU C 418 53.06 -44.34 -47.17
N ASP C 419 53.39 -43.10 -46.81
CA ASP C 419 54.63 -42.49 -47.26
C ASP C 419 55.84 -42.91 -46.42
N SER C 420 55.64 -43.75 -45.40
CA SER C 420 56.74 -44.13 -44.52
C SER C 420 57.70 -45.10 -45.20
N PHE C 421 57.19 -46.13 -45.86
CA PHE C 421 58.01 -47.23 -46.37
C PHE C 421 58.25 -47.16 -47.86
N SER C 422 57.97 -46.03 -48.51
CA SER C 422 58.14 -45.93 -49.96
C SER C 422 59.61 -45.93 -50.37
N GLY C 423 60.53 -45.58 -49.48
CA GLY C 423 61.93 -45.46 -49.85
C GLY C 423 62.76 -46.72 -49.71
N LYS C 424 62.27 -47.69 -48.92
CA LYS C 424 63.05 -48.89 -48.66
C LYS C 424 62.17 -50.12 -48.82
N PRO C 425 62.76 -51.27 -49.19
CA PRO C 425 62.00 -52.51 -49.26
C PRO C 425 61.78 -53.11 -47.87
N ARG C 426 60.96 -54.14 -47.82
CA ARG C 426 60.64 -54.81 -46.57
C ARG C 426 61.85 -55.57 -46.04
N GLY C 427 62.03 -55.54 -44.72
CA GLY C 427 63.09 -56.26 -44.07
C GLY C 427 62.64 -57.59 -43.49
N SER C 428 63.47 -58.14 -42.62
CA SER C 428 63.14 -59.40 -41.95
C SER C 428 62.00 -59.19 -40.95
N GLY C 429 61.14 -60.20 -40.84
CA GLY C 429 60.00 -60.13 -39.96
C GLY C 429 58.97 -59.09 -40.39
N PRO C 430 58.57 -58.22 -39.46
CA PRO C 430 57.59 -57.18 -39.79
C PRO C 430 58.17 -56.18 -40.78
N PRO C 431 57.34 -55.64 -41.68
CA PRO C 431 57.84 -54.67 -42.66
C PRO C 431 58.04 -53.28 -42.08
N ALA C 432 57.20 -52.90 -41.12
CA ALA C 432 57.25 -51.58 -40.54
C ALA C 432 56.69 -51.62 -39.12
N GLY C 433 57.00 -50.58 -38.35
CA GLY C 433 56.56 -50.47 -36.99
C GLY C 433 55.06 -50.23 -36.85
N PRO C 434 54.60 -49.05 -37.23
CA PRO C 434 53.16 -48.75 -37.13
C PRO C 434 52.33 -49.59 -38.08
N ALA C 435 51.09 -49.87 -37.66
CA ALA C 435 50.17 -50.68 -38.44
C ALA C 435 49.34 -49.79 -39.37
N LEU C 436 49.16 -50.25 -40.60
CA LEU C 436 48.39 -49.49 -41.59
C LEU C 436 46.91 -49.67 -41.34
N PRO C 437 46.14 -48.59 -41.17
CA PRO C 437 44.68 -48.70 -40.92
C PRO C 437 43.87 -49.02 -42.18
N ILE C 438 43.79 -50.31 -42.48
CA ILE C 438 43.10 -50.76 -43.70
C ILE C 438 41.64 -51.13 -43.43
N GLU C 439 41.33 -51.66 -42.26
CA GLU C 439 39.97 -52.15 -42.00
C GLU C 439 38.95 -51.00 -41.92
N ALA C 440 39.33 -49.89 -41.29
CA ALA C 440 38.38 -48.79 -41.10
C ALA C 440 38.17 -47.97 -42.36
N VAL C 441 39.22 -47.80 -43.17
CA VAL C 441 39.12 -46.92 -44.33
C VAL C 441 38.16 -47.49 -45.37
N ILE C 442 38.11 -48.82 -45.50
CA ILE C 442 37.20 -49.44 -46.46
C ILE C 442 35.75 -49.16 -46.07
N LEU C 443 35.43 -49.32 -44.78
CA LEU C 443 34.08 -49.04 -44.31
C LEU C 443 33.74 -47.56 -44.47
N SER C 444 34.71 -46.68 -44.19
CA SER C 444 34.47 -45.25 -44.37
C SER C 444 34.19 -44.90 -45.83
N LEU C 445 34.96 -45.48 -46.75
CA LEU C 445 34.77 -45.22 -48.17
C LEU C 445 33.41 -45.76 -48.64
N GLN C 446 33.02 -46.94 -48.16
CA GLN C 446 31.72 -47.50 -48.52
C GLN C 446 30.58 -46.62 -47.99
N ASP C 447 30.73 -46.09 -46.77
CA ASP C 447 29.73 -45.17 -46.24
C ASP C 447 29.66 -43.89 -47.07
N LEU C 448 30.80 -43.39 -47.52
CA LEU C 448 30.80 -42.21 -48.38
C LEU C 448 30.11 -42.49 -49.72
N ILE C 449 30.34 -43.66 -50.30
CA ILE C 449 29.65 -44.03 -51.54
C ILE C 449 28.15 -44.10 -51.32
N GLY C 450 27.73 -44.73 -50.22
CA GLY C 450 26.31 -44.80 -49.91
C GLY C 450 25.69 -43.44 -49.68
N TYR C 451 26.46 -42.51 -49.10
CA TYR C 451 26.00 -41.14 -48.93
C TYR C 451 25.86 -40.44 -50.27
N PHE C 452 26.81 -40.67 -51.19
CA PHE C 452 26.74 -40.09 -52.54
C PHE C 452 26.06 -41.00 -53.55
N GLU C 453 25.16 -41.88 -53.09
CA GLU C 453 24.30 -42.61 -54.02
C GLU C 453 23.34 -41.63 -54.69
N PRO C 454 23.31 -41.56 -56.04
CA PRO C 454 22.36 -40.68 -56.70
C PRO C 454 20.93 -41.15 -56.50
N PRO C 455 19.94 -40.25 -56.56
CA PRO C 455 18.56 -40.65 -56.29
C PRO C 455 17.97 -41.49 -57.41
N SER C 456 16.93 -42.25 -57.05
CA SER C 456 16.24 -43.11 -58.00
C SER C 456 15.34 -42.29 -58.92
N GLU C 457 15.15 -42.80 -60.15
CA GLU C 457 14.31 -42.14 -61.13
C GLU C 457 12.83 -42.33 -60.83
N GLU C 458 12.47 -43.43 -60.15
CA GLU C 458 11.08 -43.79 -59.95
C GLU C 458 10.33 -42.84 -59.03
N LEU C 459 11.03 -41.95 -58.32
CA LEU C 459 10.37 -40.99 -57.45
C LEU C 459 9.69 -39.90 -58.28
N GLN C 460 8.81 -39.15 -57.61
CA GLN C 460 8.06 -38.09 -58.27
C GLN C 460 8.98 -36.94 -58.70
N HIS C 461 8.45 -36.09 -59.57
CA HIS C 461 9.27 -35.04 -60.18
C HIS C 461 9.73 -34.01 -59.15
N GLU C 462 8.84 -33.59 -58.25
CA GLU C 462 9.22 -32.63 -57.22
C GLU C 462 10.25 -33.21 -56.26
N GLU C 463 10.09 -34.48 -55.89
CA GLU C 463 11.06 -35.13 -55.01
C GLU C 463 12.41 -35.26 -55.70
N LYS C 464 12.40 -35.61 -56.99
CA LYS C 464 13.63 -35.66 -57.78
C LYS C 464 14.32 -34.29 -57.81
N GLN C 465 13.55 -33.23 -58.03
CA GLN C 465 14.13 -31.89 -58.09
C GLN C 465 14.75 -31.49 -56.76
N SER C 466 14.04 -31.75 -55.65
CA SER C 466 14.56 -31.37 -54.34
C SER C 466 15.80 -32.18 -53.97
N LYS C 467 15.75 -33.50 -54.20
CA LYS C 467 16.90 -34.35 -53.89
C LYS C 467 18.10 -34.00 -54.76
N LEU C 468 17.86 -33.69 -56.04
CA LEU C 468 18.94 -33.28 -56.93
C LEU C 468 19.57 -31.97 -56.47
N ARG C 469 18.74 -31.01 -56.03
CA ARG C 469 19.26 -29.77 -55.48
C ARG C 469 20.13 -30.02 -54.26
N SER C 470 19.65 -30.86 -53.34
CA SER C 470 20.41 -31.16 -52.13
C SER C 470 21.73 -31.83 -52.44
N LEU C 471 21.71 -32.85 -53.31
CA LEU C 471 22.93 -33.57 -53.66
C LEU C 471 23.92 -32.67 -54.39
N ARG C 472 23.43 -31.84 -55.31
CA ARG C 472 24.33 -30.93 -56.02
C ARG C 472 24.97 -29.94 -55.07
N ASN C 473 24.19 -29.36 -54.16
CA ASN C 473 24.74 -28.41 -53.20
C ASN C 473 25.74 -29.09 -52.28
N ARG C 474 25.45 -30.32 -51.85
CA ARG C 474 26.33 -31.04 -50.94
C ARG C 474 27.65 -31.41 -51.61
N GLN C 475 27.59 -31.92 -52.84
CA GLN C 475 28.82 -32.27 -53.55
C GLN C 475 29.60 -31.03 -53.96
N SER C 476 28.93 -29.89 -54.17
CA SER C 476 29.65 -28.65 -54.39
C SER C 476 30.34 -28.16 -53.13
N LEU C 477 29.67 -28.32 -51.98
CA LEU C 477 30.26 -27.92 -50.70
C LEU C 477 31.48 -28.77 -50.36
N PHE C 478 31.43 -30.06 -50.67
CA PHE C 478 32.55 -30.95 -50.35
C PHE C 478 33.82 -30.62 -51.12
N GLN C 479 33.71 -29.89 -52.23
CA GLN C 479 34.87 -29.67 -53.10
C GLN C 479 35.86 -28.67 -52.51
N GLU C 480 35.35 -27.57 -51.93
CA GLU C 480 36.24 -26.46 -51.55
C GLU C 480 37.18 -26.85 -50.41
N GLU C 481 36.66 -27.56 -49.41
CA GLU C 481 37.49 -27.97 -48.27
C GLU C 481 38.15 -29.32 -48.55
N GLY C 482 39.04 -29.31 -49.54
CA GLY C 482 39.74 -30.52 -49.91
C GLY C 482 38.83 -31.55 -50.57
N MET C 483 39.06 -32.82 -50.26
CA MET C 483 38.30 -33.99 -50.67
C MET C 483 38.41 -34.29 -52.16
N LEU C 484 39.13 -33.48 -52.93
CA LEU C 484 39.42 -33.78 -54.33
C LEU C 484 40.92 -33.93 -54.56
N SER C 485 41.72 -32.91 -54.22
CA SER C 485 43.17 -33.02 -54.36
C SER C 485 43.74 -34.08 -53.43
N LEU C 486 43.14 -34.25 -52.25
CA LEU C 486 43.58 -35.31 -51.34
C LEU C 486 43.34 -36.69 -51.96
N VAL C 487 42.20 -36.87 -52.62
CA VAL C 487 41.92 -38.14 -53.29
C VAL C 487 42.88 -38.36 -54.46
N LEU C 488 43.17 -37.30 -55.22
CA LEU C 488 44.15 -37.42 -56.31
C LEU C 488 45.54 -37.78 -55.78
N ASN C 489 45.96 -37.17 -54.67
CA ASN C 489 47.25 -37.51 -54.08
C ASN C 489 47.26 -38.94 -53.56
N CYS C 490 46.15 -39.40 -52.98
CA CYS C 490 46.06 -40.78 -52.52
C CYS C 490 46.18 -41.75 -53.69
N ILE C 491 45.51 -41.44 -54.81
CA ILE C 491 45.61 -42.27 -56.01
C ILE C 491 47.04 -42.29 -56.54
N ASP C 492 47.69 -41.11 -56.58
CA ASP C 492 49.05 -41.02 -57.09
C ASP C 492 50.03 -41.81 -56.23
N ARG C 493 49.90 -41.72 -54.91
CA ARG C 493 50.78 -42.45 -54.02
C ARG C 493 50.50 -43.95 -54.03
N LEU C 494 49.24 -44.35 -54.24
CA LEU C 494 48.91 -45.77 -54.30
C LEU C 494 49.27 -46.40 -55.64
N ASN C 495 49.34 -45.62 -56.72
CA ASN C 495 49.51 -46.16 -58.06
C ASN C 495 50.97 -46.40 -58.42
N VAL C 496 51.92 -46.14 -57.51
CA VAL C 496 53.32 -46.38 -57.81
C VAL C 496 53.63 -47.88 -57.96
N TYR C 497 52.76 -48.74 -57.43
CA TYR C 497 52.94 -50.18 -57.50
C TYR C 497 52.18 -50.71 -58.71
N THR C 498 52.85 -51.55 -59.51
CA THR C 498 52.26 -52.01 -60.77
C THR C 498 51.24 -53.12 -60.56
N THR C 499 51.68 -54.26 -60.03
CA THR C 499 50.78 -55.38 -59.77
C THR C 499 50.55 -55.67 -58.30
N ALA C 500 51.54 -55.38 -57.44
CA ALA C 500 51.44 -55.55 -55.99
C ALA C 500 51.13 -57.00 -55.60
N ALA C 501 51.54 -57.96 -56.42
CA ALA C 501 51.28 -59.36 -56.12
C ALA C 501 52.36 -59.95 -55.23
N HIS C 502 53.58 -60.07 -55.76
CA HIS C 502 54.68 -60.66 -55.00
C HIS C 502 55.83 -59.68 -54.80
N PHE C 503 56.25 -59.01 -55.87
CA PHE C 503 57.43 -58.17 -55.84
C PHE C 503 57.13 -56.68 -55.77
N ALA C 504 56.01 -56.23 -56.34
CA ALA C 504 55.70 -54.81 -56.36
C ALA C 504 55.10 -54.30 -55.06
N GLU C 505 54.72 -55.19 -54.14
CA GLU C 505 54.18 -54.80 -52.85
C GLU C 505 55.24 -55.03 -51.78
N TYR C 506 55.59 -53.96 -51.07
CA TYR C 506 56.58 -54.02 -50.01
C TYR C 506 55.95 -54.22 -48.63
N ALA C 507 54.63 -54.33 -48.55
CA ALA C 507 53.94 -54.56 -47.30
C ALA C 507 53.85 -56.04 -46.92
N GLY C 508 54.30 -56.94 -47.80
CA GLY C 508 54.23 -58.35 -47.49
C GLY C 508 52.81 -58.88 -47.54
N GLU C 509 52.58 -59.94 -46.76
CA GLU C 509 51.27 -60.54 -46.68
C GLU C 509 50.36 -59.70 -45.80
N GLU C 510 49.10 -60.16 -45.67
CA GLU C 510 48.02 -59.64 -44.81
C GLU C 510 47.73 -58.16 -45.02
N ALA C 511 48.29 -57.56 -46.09
CA ALA C 511 47.99 -56.18 -46.45
C ALA C 511 47.72 -55.96 -47.92
N ALA C 512 48.20 -56.83 -48.82
CA ALA C 512 47.99 -56.68 -50.25
C ALA C 512 46.69 -57.32 -50.74
N GLU C 513 46.00 -58.06 -49.88
CA GLU C 513 44.74 -58.69 -50.28
C GLU C 513 43.67 -57.65 -50.57
N SER C 514 43.61 -56.59 -49.77
CA SER C 514 42.64 -55.53 -49.95
C SER C 514 43.13 -54.41 -50.86
N TRP C 515 44.37 -54.48 -51.34
CA TRP C 515 44.92 -53.43 -52.18
C TRP C 515 44.16 -53.31 -53.49
N LYS C 516 43.87 -54.45 -54.13
CA LYS C 516 43.12 -54.44 -55.38
C LYS C 516 41.73 -53.86 -55.17
N GLU C 517 41.06 -54.27 -54.09
CA GLU C 517 39.71 -53.77 -53.83
C GLU C 517 39.71 -52.28 -53.56
N ILE C 518 40.69 -51.78 -52.80
CA ILE C 518 40.69 -50.36 -52.48
C ILE C 518 41.04 -49.52 -53.70
N VAL C 519 41.96 -49.99 -54.55
CA VAL C 519 42.30 -49.20 -55.74
C VAL C 519 41.15 -49.23 -56.74
N ASN C 520 40.41 -50.34 -56.80
CA ASN C 520 39.22 -50.39 -57.63
C ASN C 520 38.13 -49.45 -57.10
N LEU C 521 37.95 -49.41 -55.79
CA LEU C 521 36.84 -48.68 -55.19
C LEU C 521 37.09 -47.17 -55.15
N LEU C 522 38.35 -46.75 -55.00
CA LEU C 522 38.66 -45.32 -54.91
C LEU C 522 38.34 -44.59 -56.20
N TYR C 523 38.63 -45.22 -57.34
CA TYR C 523 38.32 -44.61 -58.63
C TYR C 523 36.83 -44.41 -58.80
N GLU C 524 36.03 -45.41 -58.41
CA GLU C 524 34.57 -45.30 -58.55
C GLU C 524 34.01 -44.26 -57.59
N LEU C 525 34.55 -44.16 -56.37
CA LEU C 525 34.08 -43.14 -55.45
C LEU C 525 34.44 -41.74 -55.95
N LEU C 526 35.64 -41.59 -56.52
CA LEU C 526 36.02 -40.31 -57.12
C LEU C 526 35.09 -39.94 -58.26
N ALA C 527 34.73 -40.93 -59.09
CA ALA C 527 33.80 -40.70 -60.19
C ALA C 527 32.42 -40.27 -59.68
N SER C 528 31.94 -40.93 -58.61
CA SER C 528 30.67 -40.53 -58.01
C SER C 528 30.74 -39.12 -57.46
N LEU C 529 31.90 -38.74 -56.91
CA LEU C 529 32.05 -37.39 -56.37
C LEU C 529 32.03 -36.33 -57.48
N ILE C 530 32.69 -36.60 -58.62
CA ILE C 530 32.75 -35.57 -59.65
C ILE C 530 31.43 -35.53 -60.45
N ARG C 531 30.76 -36.67 -60.60
CA ARG C 531 29.59 -36.76 -61.48
C ARG C 531 28.44 -35.91 -60.97
N GLY C 532 27.74 -35.26 -61.91
CA GLY C 532 26.53 -34.52 -61.62
C GLY C 532 26.71 -33.04 -61.40
N ASN C 533 27.93 -32.52 -61.45
CA ASN C 533 28.20 -31.11 -61.20
C ASN C 533 29.00 -30.52 -62.36
N ARG C 534 28.54 -29.37 -62.87
CA ARG C 534 29.24 -28.68 -63.94
C ARG C 534 30.51 -28.01 -63.45
N ALA C 535 30.46 -27.40 -62.26
CA ALA C 535 31.62 -26.68 -61.75
C ALA C 535 32.72 -27.63 -61.26
N ASN C 536 32.33 -28.81 -60.77
CA ASN C 536 33.32 -29.76 -60.24
C ASN C 536 34.25 -30.26 -61.34
N CYS C 537 33.71 -30.59 -62.50
CA CYS C 537 34.50 -31.14 -63.59
C CYS C 537 35.29 -30.09 -64.35
N ALA C 538 35.02 -28.80 -64.12
CA ALA C 538 35.80 -27.75 -64.77
C ALA C 538 37.23 -27.67 -64.25
N LEU C 539 37.48 -28.20 -63.05
CA LEU C 539 38.82 -28.18 -62.48
C LEU C 539 39.77 -29.08 -63.26
N PHE C 540 39.23 -30.10 -63.94
CA PHE C 540 40.05 -31.08 -64.66
C PHE C 540 40.55 -30.47 -65.97
N SER C 541 41.47 -29.52 -65.83
CA SER C 541 42.09 -28.85 -66.98
C SER C 541 43.48 -29.40 -67.27
N THR C 542 44.38 -29.36 -66.29
CA THR C 542 45.72 -29.91 -66.45
C THR C 542 45.82 -31.38 -66.05
N ASN C 543 44.74 -31.95 -65.50
CA ASN C 543 44.73 -33.35 -65.10
C ASN C 543 44.18 -34.27 -66.18
N LEU C 544 43.87 -33.74 -67.36
CA LEU C 544 43.36 -34.57 -68.45
C LEU C 544 44.40 -35.59 -68.90
N ASP C 545 45.66 -35.16 -69.03
CA ASP C 545 46.73 -36.09 -69.40
C ASP C 545 46.94 -37.14 -68.31
N TRP C 546 46.83 -36.73 -67.05
CA TRP C 546 46.95 -37.67 -65.93
C TRP C 546 45.84 -38.71 -65.97
N VAL C 547 44.61 -38.29 -66.28
CA VAL C 547 43.50 -39.23 -66.40
C VAL C 547 43.71 -40.17 -67.58
N VAL C 548 44.18 -39.63 -68.71
CA VAL C 548 44.36 -40.44 -69.92
C VAL C 548 45.45 -41.50 -69.70
N SER C 549 46.55 -41.12 -69.05
CA SER C 549 47.70 -42.02 -68.90
C SER C 549 47.53 -43.02 -67.76
N LYS C 550 46.31 -43.25 -67.25
CA LYS C 550 46.09 -44.19 -66.16
C LYS C 550 45.47 -45.50 -66.61
N LEU C 551 45.45 -45.77 -67.92
CA LEU C 551 44.90 -47.02 -68.44
C LEU C 551 45.92 -48.14 -68.27
N ASP C 552 46.11 -48.54 -67.00
CA ASP C 552 47.14 -49.52 -66.66
C ASP C 552 46.70 -50.96 -66.89
N ARG C 553 45.38 -51.20 -67.05
CA ARG C 553 44.77 -52.49 -67.39
C ARG C 553 44.82 -53.47 -66.22
N LEU C 554 45.55 -53.14 -65.16
CA LEU C 554 45.78 -54.07 -64.06
C LEU C 554 44.78 -53.87 -62.91
N GLU C 555 44.64 -52.66 -62.41
CA GLU C 555 43.78 -52.42 -61.25
C GLU C 555 42.31 -52.46 -61.63
N ALA C 556 41.86 -51.50 -62.44
CA ALA C 556 40.45 -51.42 -62.82
C ALA C 556 40.36 -50.65 -64.14
N SER C 557 40.25 -51.39 -65.25
CA SER C 557 40.08 -50.75 -66.55
C SER C 557 38.72 -50.07 -66.66
N SER C 558 37.66 -50.75 -66.22
CA SER C 558 36.31 -50.20 -66.35
C SER C 558 36.12 -48.98 -65.45
N GLY C 559 36.75 -48.99 -64.27
CA GLY C 559 36.64 -47.86 -63.38
C GLY C 559 37.22 -46.59 -63.96
N ILE C 560 38.46 -46.67 -64.47
CA ILE C 560 39.10 -45.49 -65.04
C ILE C 560 38.40 -45.08 -66.34
N LEU C 561 37.91 -46.06 -67.11
CA LEU C 561 37.17 -45.72 -68.33
C LEU C 561 35.88 -44.96 -68.00
N GLU C 562 35.16 -45.37 -66.96
CA GLU C 562 33.94 -44.67 -66.58
C GLU C 562 34.28 -43.32 -65.96
N VAL C 563 35.42 -43.21 -65.26
CA VAL C 563 35.87 -41.91 -64.76
C VAL C 563 36.10 -40.94 -65.91
N LEU C 564 36.76 -41.41 -66.97
CA LEU C 564 36.96 -40.60 -68.15
C LEU C 564 35.64 -40.25 -68.83
N TYR C 565 34.71 -41.22 -68.90
CA TYR C 565 33.41 -40.99 -69.51
C TYR C 565 32.58 -39.96 -68.74
N CYS C 566 32.80 -39.86 -67.42
CA CYS C 566 31.99 -38.95 -66.60
C CYS C 566 32.18 -37.49 -66.99
N VAL C 567 33.41 -37.09 -67.32
CA VAL C 567 33.73 -35.67 -67.40
C VAL C 567 33.38 -35.07 -68.77
N LEU C 568 33.43 -35.86 -69.84
CA LEU C 568 33.29 -35.31 -71.20
C LEU C 568 31.91 -34.72 -71.44
N ILE C 569 30.86 -35.42 -71.03
CA ILE C 569 29.49 -34.93 -71.26
C ILE C 569 29.23 -33.68 -70.43
N GLU C 570 29.65 -33.68 -69.17
CA GLU C 570 29.33 -32.55 -68.29
C GLU C 570 30.13 -31.31 -68.64
N SER C 571 31.43 -31.46 -68.93
CA SER C 571 32.28 -30.30 -69.19
C SER C 571 32.52 -30.16 -70.68
N PRO C 572 32.02 -29.10 -71.33
CA PRO C 572 32.33 -28.89 -72.74
C PRO C 572 33.69 -28.25 -72.99
N GLU C 573 34.27 -27.56 -72.00
CA GLU C 573 35.55 -26.89 -72.20
C GLU C 573 36.72 -27.85 -72.30
N VAL C 574 36.57 -29.08 -71.81
CA VAL C 574 37.63 -30.07 -71.90
C VAL C 574 37.89 -30.47 -73.35
N LEU C 575 36.84 -30.50 -74.18
CA LEU C 575 36.95 -30.98 -75.56
C LEU C 575 37.87 -30.12 -76.41
N ASN C 576 38.16 -28.89 -76.00
CA ASN C 576 39.07 -28.02 -76.74
C ASN C 576 40.54 -28.29 -76.42
N ILE C 577 40.82 -29.19 -75.48
CA ILE C 577 42.20 -29.48 -75.08
C ILE C 577 42.67 -30.85 -75.55
N ILE C 578 41.76 -31.76 -75.90
CA ILE C 578 42.15 -33.11 -76.31
C ILE C 578 42.93 -33.05 -77.62
N GLN C 579 44.02 -33.82 -77.67
CA GLN C 579 44.96 -33.76 -78.78
C GLN C 579 45.09 -35.13 -79.44
N GLU C 580 45.97 -35.18 -80.45
CA GLU C 580 46.11 -36.37 -81.29
C GLU C 580 46.65 -37.55 -80.50
N ASN C 581 47.58 -37.31 -79.57
CA ASN C 581 48.09 -38.39 -78.74
C ASN C 581 46.99 -38.98 -77.86
N HIS C 582 46.12 -38.12 -77.31
CA HIS C 582 44.99 -38.60 -76.52
C HIS C 582 44.04 -39.41 -77.38
N ILE C 583 43.75 -38.95 -78.61
CA ILE C 583 42.87 -39.68 -79.51
C ILE C 583 43.47 -41.04 -79.86
N LYS C 584 44.78 -41.08 -80.13
CA LYS C 584 45.45 -42.34 -80.44
C LYS C 584 45.41 -43.29 -79.25
N SER C 585 45.61 -42.78 -78.04
CA SER C 585 45.54 -43.63 -76.86
C SER C 585 44.14 -44.19 -76.66
N ILE C 586 43.12 -43.36 -76.85
CA ILE C 586 41.74 -43.82 -76.71
C ILE C 586 41.41 -44.89 -77.75
N ILE C 587 41.84 -44.68 -79.00
CA ILE C 587 41.52 -45.64 -80.05
C ILE C 587 42.36 -46.92 -79.90
N SER C 588 43.53 -46.83 -79.27
CA SER C 588 44.34 -48.02 -79.02
C SER C 588 43.82 -48.80 -77.83
N LEU C 589 43.12 -48.14 -76.90
CA LEU C 589 42.50 -48.84 -75.77
C LEU C 589 41.48 -49.85 -76.26
N LEU C 590 40.68 -49.48 -77.27
CA LEU C 590 39.71 -50.40 -77.84
C LEU C 590 40.39 -51.63 -78.44
N ASP C 591 41.49 -51.41 -79.18
CA ASP C 591 42.21 -52.53 -79.79
C ASP C 591 42.82 -53.43 -78.72
N LYS C 592 43.34 -52.83 -77.64
CA LYS C 592 44.00 -53.63 -76.60
C LYS C 592 42.99 -54.40 -75.77
N HIS C 593 41.83 -53.83 -75.50
CA HIS C 593 40.85 -54.44 -74.60
C HIS C 593 39.70 -55.10 -75.34
N GLY C 594 39.76 -55.20 -76.66
CA GLY C 594 38.71 -55.88 -77.40
C GLY C 594 37.50 -55.00 -77.62
N ARG C 595 36.45 -55.64 -78.14
CA ARG C 595 35.24 -54.93 -78.53
C ARG C 595 34.43 -54.56 -77.28
N ASN C 596 34.28 -53.27 -77.04
CA ASN C 596 33.50 -52.75 -75.92
C ASN C 596 32.71 -51.54 -76.39
N HIS C 597 31.44 -51.47 -75.95
CA HIS C 597 30.57 -50.38 -76.36
C HIS C 597 30.80 -49.09 -75.59
N LYS C 598 31.46 -49.16 -74.43
CA LYS C 598 31.72 -47.95 -73.66
C LYS C 598 32.71 -47.03 -74.39
N VAL C 599 33.71 -47.62 -75.04
CA VAL C 599 34.66 -46.83 -75.83
C VAL C 599 33.93 -46.15 -77.00
N LEU C 600 33.00 -46.87 -77.62
CA LEU C 600 32.20 -46.28 -78.70
C LEU C 600 31.34 -45.15 -78.19
N ASP C 601 30.75 -45.29 -77.00
CA ASP C 601 29.97 -44.22 -76.39
C ASP C 601 30.86 -42.99 -76.09
N VAL C 602 32.07 -43.23 -75.61
CA VAL C 602 33.01 -42.14 -75.36
C VAL C 602 33.35 -41.44 -76.68
N LEU C 603 33.59 -42.20 -77.75
CA LEU C 603 33.88 -41.60 -79.05
C LEU C 603 32.71 -40.80 -79.57
N CYS C 604 31.48 -41.29 -79.35
CA CYS C 604 30.30 -40.54 -79.75
C CYS C 604 30.18 -39.23 -78.98
N SER C 605 30.45 -39.27 -77.67
CA SER C 605 30.40 -38.05 -76.86
C SER C 605 31.52 -37.08 -77.23
N LEU C 606 32.64 -37.60 -77.77
CA LEU C 606 33.76 -36.75 -78.14
C LEU C 606 33.40 -35.79 -79.27
N CYS C 607 32.52 -36.21 -80.18
CA CYS C 607 32.27 -35.42 -81.39
C CYS C 607 31.48 -34.15 -81.08
N VAL C 608 30.41 -34.26 -80.30
CA VAL C 608 29.52 -33.15 -80.01
C VAL C 608 29.39 -32.99 -78.50
N CYS C 609 29.70 -31.80 -78.00
CA CYS C 609 29.56 -31.53 -76.57
C CYS C 609 28.12 -31.19 -76.20
N ASN C 610 27.63 -30.04 -76.69
CA ASN C 610 26.20 -29.69 -76.53
C ASN C 610 25.81 -28.71 -77.64
N GLY C 611 25.13 -29.24 -78.66
CA GLY C 611 24.68 -28.41 -79.76
C GLY C 611 25.78 -28.02 -80.72
N VAL C 612 26.73 -27.22 -80.24
CA VAL C 612 27.87 -26.84 -81.07
C VAL C 612 28.79 -28.04 -81.27
N ALA C 613 29.26 -28.21 -82.49
CA ALA C 613 30.07 -29.36 -82.87
C ALA C 613 31.48 -28.91 -83.23
N VAL C 614 32.48 -29.61 -82.70
CA VAL C 614 33.87 -29.34 -83.04
C VAL C 614 34.21 -30.06 -84.34
N ARG C 615 35.14 -29.48 -85.10
CA ARG C 615 35.58 -30.06 -86.36
C ARG C 615 36.94 -30.75 -86.27
N SER C 616 37.85 -30.20 -85.45
CA SER C 616 39.18 -30.79 -85.32
C SER C 616 39.12 -32.18 -84.72
N ASN C 617 38.28 -32.39 -83.70
CA ASN C 617 38.15 -33.70 -83.09
C ASN C 617 37.56 -34.71 -84.06
N GLN C 618 36.55 -34.30 -84.84
CA GLN C 618 35.95 -35.19 -85.83
C GLN C 618 36.96 -35.57 -86.91
N ASP C 619 37.73 -34.59 -87.40
CA ASP C 619 38.74 -34.89 -88.41
C ASP C 619 39.83 -35.80 -87.87
N LEU C 620 40.27 -35.57 -86.62
CA LEU C 620 41.28 -36.41 -86.02
C LEU C 620 40.78 -37.83 -85.79
N ILE C 621 39.52 -37.98 -85.38
CA ILE C 621 38.93 -39.30 -85.18
C ILE C 621 38.85 -40.04 -86.51
N THR C 622 38.39 -39.35 -87.56
CA THR C 622 38.28 -39.96 -88.87
C THR C 622 39.65 -40.38 -89.41
N GLU C 623 40.66 -39.54 -89.24
CA GLU C 623 42.01 -39.88 -89.71
C GLU C 623 42.61 -41.01 -88.89
N ASN C 624 42.40 -41.01 -87.57
CA ASN C 624 43.01 -42.02 -86.72
C ASN C 624 42.33 -43.38 -86.86
N LEU C 625 41.06 -43.39 -87.26
CA LEU C 625 40.40 -44.65 -87.59
C LEU C 625 41.12 -45.27 -88.78
N LEU C 626 41.46 -46.54 -88.65
CA LEU C 626 42.37 -47.19 -89.60
C LEU C 626 41.65 -47.41 -90.93
N PRO C 627 42.16 -46.85 -92.04
CA PRO C 627 41.44 -46.99 -93.33
C PRO C 627 41.28 -48.41 -93.81
N GLY C 628 42.20 -49.31 -93.46
CA GLY C 628 42.08 -50.71 -93.84
C GLY C 628 40.98 -51.46 -93.12
N ARG C 629 40.34 -50.84 -92.13
CA ARG C 629 39.16 -51.38 -91.45
C ARG C 629 39.46 -52.70 -90.74
N GLU C 630 40.61 -52.75 -90.07
CA GLU C 630 41.00 -53.97 -89.36
C GLU C 630 40.16 -54.18 -88.10
N LEU C 631 39.96 -53.11 -87.32
CA LEU C 631 39.28 -53.24 -86.03
C LEU C 631 37.77 -53.31 -86.20
N LEU C 632 37.23 -52.63 -87.19
CA LEU C 632 35.80 -52.36 -87.29
C LEU C 632 35.13 -53.35 -88.25
N LEU C 633 33.80 -53.45 -88.14
CA LEU C 633 33.01 -54.38 -88.93
C LEU C 633 32.54 -53.73 -90.23
N GLN C 634 32.33 -54.56 -91.25
CA GLN C 634 32.00 -54.09 -92.59
C GLN C 634 30.79 -54.84 -93.14
N THR C 635 30.10 -54.19 -94.07
CA THR C 635 28.95 -54.78 -94.75
C THR C 635 29.09 -54.56 -96.26
N ASN C 636 28.49 -55.46 -97.02
CA ASN C 636 28.54 -55.40 -98.49
C ASN C 636 27.43 -56.26 -99.05
N LEU C 637 27.36 -56.31 -100.38
CA LEU C 637 26.38 -57.10 -101.12
C LEU C 637 27.08 -58.20 -101.89
N ILE C 638 26.54 -59.42 -101.82
CA ILE C 638 27.11 -60.57 -102.50
C ILE C 638 25.98 -61.36 -103.19
N ASN C 639 26.37 -62.18 -104.15
CA ASN C 639 25.45 -63.02 -104.91
C ASN C 639 25.48 -64.46 -104.41
N TYR C 640 24.40 -65.18 -104.73
CA TYR C 640 24.30 -66.59 -104.39
C TYR C 640 25.03 -67.45 -105.42
N VAL C 641 25.28 -68.70 -105.04
CA VAL C 641 25.94 -69.66 -105.92
C VAL C 641 25.42 -71.05 -105.58
N THR C 642 25.27 -71.89 -106.61
CA THR C 642 24.83 -73.27 -106.41
C THR C 642 25.71 -74.21 -107.22
N SER C 643 25.85 -75.44 -106.73
CA SER C 643 26.71 -76.43 -107.35
C SER C 643 25.91 -77.65 -107.74
N ILE C 644 26.30 -78.27 -108.86
CA ILE C 644 25.64 -79.45 -109.39
C ILE C 644 26.69 -80.53 -109.60
N ARG C 645 26.24 -81.80 -109.52
CA ARG C 645 27.09 -82.97 -109.48
C ARG C 645 26.45 -84.16 -110.18
N PRO C 646 27.18 -84.85 -111.06
CA PRO C 646 26.72 -86.15 -111.55
C PRO C 646 27.24 -87.29 -110.67
N ASN C 647 26.36 -88.25 -110.41
CA ASN C 647 26.63 -89.31 -109.43
C ASN C 647 27.59 -90.34 -110.01
N ILE C 648 28.86 -89.94 -110.08
CA ILE C 648 29.96 -90.83 -110.42
C ILE C 648 31.08 -90.60 -109.40
N PHE C 649 31.66 -91.69 -108.90
CA PHE C 649 32.68 -91.62 -107.86
C PHE C 649 33.95 -92.33 -108.33
N VAL C 650 35.09 -91.71 -108.07
CA VAL C 650 36.39 -92.20 -108.51
C VAL C 650 37.34 -92.23 -107.32
N GLY C 651 37.97 -93.38 -107.09
CA GLY C 651 38.91 -93.50 -105.99
C GLY C 651 39.93 -94.59 -106.25
N ARG C 652 41.06 -94.47 -105.56
CA ARG C 652 42.14 -95.44 -105.65
C ARG C 652 42.55 -95.88 -104.25
N ALA C 653 42.81 -97.18 -104.09
CA ALA C 653 43.27 -97.74 -102.84
C ALA C 653 44.03 -99.03 -103.13
N GLU C 654 44.46 -99.71 -102.08
CA GLU C 654 45.15 -100.99 -102.20
C GLU C 654 44.12 -102.07 -102.52
N GLY C 655 43.71 -102.11 -103.78
CA GLY C 655 42.65 -102.99 -104.22
C GLY C 655 42.38 -102.90 -105.70
N SER C 656 41.10 -102.81 -106.07
CA SER C 656 40.72 -102.69 -107.47
C SER C 656 41.26 -101.40 -108.07
N THR C 657 41.82 -101.50 -109.28
CA THR C 657 42.35 -100.33 -109.97
C THR C 657 41.26 -99.31 -110.28
N GLN C 658 40.10 -99.80 -110.74
CA GLN C 658 38.89 -98.99 -110.96
C GLN C 658 39.11 -97.87 -111.98
N TYR C 659 40.02 -98.09 -112.92
CA TYR C 659 40.26 -97.18 -114.06
C TYR C 659 40.60 -95.76 -113.57
N GLY C 660 41.81 -95.66 -113.00
CA GLY C 660 42.20 -94.45 -112.27
C GLY C 660 42.15 -93.16 -113.06
N LYS C 661 42.34 -93.24 -114.37
CA LYS C 661 42.27 -92.04 -115.21
C LYS C 661 40.85 -91.80 -115.67
N TRP C 662 40.43 -90.53 -115.62
CA TRP C 662 39.12 -90.16 -116.13
C TRP C 662 39.16 -88.83 -116.87
N TYR C 663 38.06 -88.53 -117.55
CA TYR C 663 37.98 -87.43 -118.50
C TYR C 663 36.51 -87.17 -118.81
N PHE C 664 36.15 -85.89 -118.93
CA PHE C 664 34.79 -85.50 -119.25
C PHE C 664 34.81 -84.12 -119.90
N GLU C 665 33.68 -83.74 -120.49
CA GLU C 665 33.55 -82.51 -121.25
C GLU C 665 32.35 -81.70 -120.76
N VAL C 666 32.46 -80.36 -120.83
CA VAL C 666 31.28 -79.53 -120.62
C VAL C 666 31.19 -78.48 -121.71
N MET C 667 29.96 -78.06 -122.01
CA MET C 667 29.65 -77.05 -123.01
C MET C 667 28.96 -75.87 -122.35
N VAL C 668 29.36 -74.66 -122.73
CA VAL C 668 28.82 -73.44 -122.14
C VAL C 668 28.31 -72.52 -123.25
N ASP C 669 27.10 -72.02 -123.09
CA ASP C 669 26.52 -70.98 -123.94
C ASP C 669 25.89 -69.92 -123.05
N GLU C 670 26.71 -68.98 -122.61
CA GLU C 670 26.31 -68.02 -121.58
C GLU C 670 25.42 -66.94 -122.18
N VAL C 671 24.51 -66.41 -121.38
CA VAL C 671 23.49 -65.47 -121.83
C VAL C 671 23.75 -64.06 -121.34
N VAL C 672 24.01 -63.88 -120.04
CA VAL C 672 24.19 -62.55 -119.46
C VAL C 672 25.59 -62.44 -118.87
N PRO C 673 26.57 -61.95 -119.64
CA PRO C 673 27.96 -61.91 -119.13
C PRO C 673 28.15 -61.09 -117.87
N PHE C 674 27.45 -59.96 -117.74
CA PHE C 674 27.63 -59.08 -116.59
C PHE C 674 26.25 -58.81 -116.01
N LEU C 675 26.11 -59.04 -114.70
CA LEU C 675 24.81 -58.99 -114.03
C LEU C 675 24.67 -57.63 -113.33
N THR C 676 23.61 -57.47 -112.54
CA THR C 676 23.32 -56.17 -111.93
C THR C 676 24.42 -55.73 -110.97
N ALA C 677 24.93 -56.65 -110.15
CA ALA C 677 25.89 -56.31 -109.12
C ALA C 677 27.28 -56.90 -109.38
N GLN C 678 27.38 -58.22 -109.54
CA GLN C 678 28.66 -58.90 -109.67
C GLN C 678 28.72 -59.68 -110.96
N ALA C 679 29.95 -59.95 -111.41
CA ALA C 679 30.17 -60.70 -112.64
C ALA C 679 29.73 -62.15 -112.46
N THR C 680 29.38 -62.78 -113.59
CA THR C 680 28.94 -64.17 -113.57
C THR C 680 30.09 -65.09 -113.15
N HIS C 681 29.79 -66.01 -112.24
CA HIS C 681 30.77 -66.93 -111.68
C HIS C 681 30.45 -68.34 -112.16
N LEU C 682 31.41 -68.97 -112.83
CA LEU C 682 31.26 -70.32 -113.35
C LEU C 682 32.60 -71.04 -113.28
N ARG C 683 32.59 -72.23 -112.69
CA ARG C 683 33.82 -72.98 -112.50
C ARG C 683 33.60 -74.44 -112.88
N VAL C 684 34.69 -75.10 -113.26
CA VAL C 684 34.70 -76.54 -113.50
C VAL C 684 35.92 -77.13 -112.79
N GLY C 685 35.74 -78.30 -112.20
CA GLY C 685 36.83 -78.92 -111.46
C GLY C 685 36.34 -80.16 -110.73
N TRP C 686 37.10 -80.53 -109.69
CA TRP C 686 36.81 -81.74 -108.92
C TRP C 686 36.68 -81.42 -107.43
N ALA C 687 36.38 -82.48 -106.67
CA ALA C 687 36.25 -82.40 -105.22
C ALA C 687 36.66 -83.73 -104.61
N LEU C 688 37.02 -83.68 -103.32
CA LEU C 688 37.62 -84.82 -102.64
C LEU C 688 36.62 -85.63 -101.82
N THR C 689 35.35 -85.19 -101.78
CA THR C 689 34.20 -85.85 -101.14
C THR C 689 34.29 -85.73 -99.61
N GLU C 690 35.44 -85.30 -99.10
CA GLU C 690 35.60 -85.15 -97.66
C GLU C 690 34.86 -83.93 -97.13
N GLY C 691 34.96 -82.80 -97.84
CA GLY C 691 34.25 -81.59 -97.45
C GLY C 691 33.38 -81.07 -98.57
N TYR C 692 32.06 -81.09 -98.36
CA TYR C 692 31.13 -80.61 -99.38
C TYR C 692 31.04 -79.09 -99.36
N SER C 693 30.68 -78.52 -98.21
CA SER C 693 30.42 -77.10 -98.04
C SER C 693 29.47 -76.52 -99.09
N PRO C 694 28.22 -76.99 -99.15
CA PRO C 694 27.26 -76.44 -100.13
C PRO C 694 26.37 -75.34 -99.60
N TYR C 695 26.62 -74.84 -98.40
CA TYR C 695 25.71 -73.90 -97.76
C TYR C 695 25.71 -72.57 -98.52
N PRO C 696 24.54 -72.04 -98.87
CA PRO C 696 24.49 -70.79 -99.66
C PRO C 696 24.92 -69.55 -98.90
N GLY C 697 25.13 -69.65 -97.58
CA GLY C 697 25.58 -68.51 -96.79
C GLY C 697 27.04 -68.21 -96.99
N GLY C 698 27.68 -67.70 -95.93
CA GLY C 698 29.08 -67.35 -95.99
C GLY C 698 29.96 -68.19 -95.09
N GLY C 699 30.99 -68.80 -95.67
CA GLY C 699 31.93 -69.58 -94.91
C GLY C 699 33.37 -69.11 -95.04
N GLU C 700 33.69 -68.51 -96.18
CA GLU C 700 35.05 -68.04 -96.45
C GLU C 700 35.17 -66.56 -96.05
N GLY C 701 36.26 -65.93 -96.47
CA GLY C 701 36.50 -64.55 -96.08
C GLY C 701 35.49 -63.58 -96.67
N TRP C 702 35.20 -63.71 -97.96
CA TRP C 702 34.29 -62.80 -98.63
C TRP C 702 33.36 -63.57 -99.56
N GLY C 703 32.06 -63.35 -99.39
CA GLY C 703 31.07 -63.91 -100.30
C GLY C 703 30.89 -65.41 -100.16
N GLY C 704 30.18 -65.96 -101.14
CA GLY C 704 29.94 -67.38 -101.21
C GLY C 704 30.39 -67.97 -102.54
N ASN C 705 31.20 -69.02 -102.48
CA ASN C 705 31.71 -69.69 -103.68
C ASN C 705 31.62 -71.18 -103.49
N GLY C 706 31.56 -71.91 -104.60
CA GLY C 706 31.41 -73.34 -104.56
C GLY C 706 32.71 -74.12 -104.70
N VAL C 707 33.53 -73.77 -105.68
CA VAL C 707 34.74 -74.50 -106.00
C VAL C 707 35.94 -73.57 -105.83
N GLY C 708 36.96 -74.05 -105.12
CA GLY C 708 38.22 -73.34 -104.97
C GLY C 708 38.50 -72.84 -103.58
N ASP C 709 37.48 -72.68 -102.74
CA ASP C 709 37.68 -72.15 -101.40
C ASP C 709 38.45 -73.12 -100.52
N ASP C 710 38.03 -74.39 -100.50
CA ASP C 710 38.65 -75.38 -99.64
C ASP C 710 39.79 -76.11 -100.36
N LEU C 711 40.62 -76.77 -99.57
CA LEU C 711 41.71 -77.58 -100.13
C LEU C 711 41.21 -78.85 -100.81
N TYR C 712 39.94 -79.22 -100.60
CA TYR C 712 39.36 -80.39 -101.22
C TYR C 712 38.84 -80.14 -102.63
N SER C 713 38.80 -78.88 -103.07
CA SER C 713 38.24 -78.52 -104.35
C SER C 713 39.30 -77.85 -105.22
N TYR C 714 39.26 -78.16 -106.52
CA TYR C 714 40.18 -77.59 -107.50
C TYR C 714 39.37 -77.19 -108.72
N GLY C 715 39.47 -75.92 -109.13
CA GLY C 715 38.65 -75.40 -110.21
C GLY C 715 39.46 -74.57 -111.18
N PHE C 716 38.83 -74.31 -112.33
CA PHE C 716 39.46 -73.56 -113.42
C PHE C 716 38.46 -72.55 -113.95
N ASP C 717 38.79 -71.26 -113.84
CA ASP C 717 37.86 -70.19 -114.16
C ASP C 717 38.10 -69.59 -115.55
N GLY C 718 38.95 -70.20 -116.36
CA GLY C 718 39.28 -69.70 -117.68
C GLY C 718 40.47 -68.76 -117.70
N LEU C 719 40.68 -67.99 -116.64
CA LEU C 719 41.85 -67.15 -116.48
C LEU C 719 42.72 -67.53 -115.30
N HIS C 720 42.14 -68.16 -114.28
CA HIS C 720 42.87 -68.51 -113.07
C HIS C 720 42.54 -69.94 -112.65
N LEU C 721 43.47 -70.55 -111.93
CA LEU C 721 43.24 -71.81 -111.25
C LEU C 721 42.91 -71.51 -109.79
N TRP C 722 41.80 -72.06 -109.31
CA TRP C 722 41.29 -71.78 -107.98
C TRP C 722 41.50 -72.99 -107.09
N THR C 723 42.21 -72.78 -105.99
CA THR C 723 42.41 -73.77 -104.94
C THR C 723 42.81 -73.02 -103.67
N GLY C 724 42.44 -73.58 -102.52
CA GLY C 724 42.82 -72.99 -101.24
C GLY C 724 42.31 -71.58 -101.04
N HIS C 725 41.22 -71.21 -101.72
CA HIS C 725 40.69 -69.84 -101.75
C HIS C 725 41.77 -68.86 -102.19
N VAL C 726 42.44 -69.17 -103.30
CA VAL C 726 43.33 -68.21 -103.96
C VAL C 726 43.33 -68.51 -105.45
N ALA C 727 43.44 -67.46 -106.24
CA ALA C 727 43.40 -67.55 -107.70
C ALA C 727 44.80 -67.35 -108.25
N ARG C 728 45.28 -68.33 -109.00
CA ARG C 728 46.60 -68.25 -109.61
C ARG C 728 46.45 -68.12 -111.12
N PRO C 729 46.81 -66.98 -111.72
CA PRO C 729 46.65 -66.83 -113.17
C PRO C 729 47.64 -67.67 -113.95
N VAL C 730 47.23 -68.06 -115.15
CA VAL C 730 48.06 -68.80 -116.09
C VAL C 730 47.96 -68.14 -117.46
N THR C 731 48.90 -68.48 -118.33
CA THR C 731 48.98 -67.91 -119.67
C THR C 731 48.42 -68.88 -120.70
N SER C 732 47.55 -68.37 -121.58
CA SER C 732 46.93 -69.18 -122.62
C SER C 732 46.52 -68.27 -123.76
N PRO C 733 46.66 -68.68 -125.01
CA PRO C 733 46.17 -67.85 -126.12
C PRO C 733 44.66 -67.67 -126.05
N GLY C 734 44.22 -66.47 -126.42
CA GLY C 734 42.80 -66.13 -126.33
C GLY C 734 42.35 -65.96 -124.90
N GLN C 735 42.90 -64.96 -124.20
CA GLN C 735 42.59 -64.72 -122.80
C GLN C 735 41.19 -64.09 -122.72
N HIS C 736 40.21 -64.90 -122.36
CA HIS C 736 38.84 -64.42 -122.20
C HIS C 736 38.10 -65.33 -121.25
N LEU C 737 37.03 -64.80 -120.65
CA LEU C 737 36.24 -65.54 -119.68
C LEU C 737 35.45 -66.65 -120.37
N LEU C 738 34.66 -67.37 -119.57
CA LEU C 738 33.80 -68.42 -120.10
C LEU C 738 32.77 -67.83 -121.05
N ALA C 739 32.91 -68.11 -122.33
CA ALA C 739 32.14 -67.51 -123.40
C ALA C 739 31.26 -68.55 -124.09
N PRO C 740 30.19 -68.11 -124.77
CA PRO C 740 29.39 -69.07 -125.55
C PRO C 740 30.19 -69.76 -126.63
N GLU C 741 29.77 -70.99 -126.95
CA GLU C 741 30.41 -71.84 -127.95
C GLU C 741 31.87 -72.15 -127.58
N ASP C 742 32.07 -72.56 -126.32
CA ASP C 742 33.37 -72.99 -125.83
C ASP C 742 33.20 -74.31 -125.08
N VAL C 743 34.23 -75.14 -125.17
CA VAL C 743 34.27 -76.43 -124.48
C VAL C 743 35.50 -76.47 -123.60
N VAL C 744 35.37 -77.05 -122.42
CA VAL C 744 36.51 -77.30 -121.54
C VAL C 744 36.36 -78.71 -120.97
N SER C 745 37.50 -79.39 -120.84
CA SER C 745 37.58 -80.75 -120.35
C SER C 745 38.58 -80.84 -119.22
N CYS C 746 38.35 -81.79 -118.31
CA CYS C 746 39.24 -82.04 -117.18
C CYS C 746 39.74 -83.47 -117.27
N CYS C 747 41.05 -83.65 -117.11
CA CYS C 747 41.65 -84.98 -117.11
C CYS C 747 42.34 -85.21 -115.76
N LEU C 748 42.02 -86.32 -115.13
CA LEU C 748 42.51 -86.68 -113.80
C LEU C 748 43.24 -88.01 -113.90
N ASP C 749 44.54 -88.00 -113.55
CA ASP C 749 45.41 -89.17 -113.54
C ASP C 749 45.82 -89.49 -112.10
N LEU C 750 45.81 -90.78 -111.77
CA LEU C 750 46.12 -91.24 -110.43
C LEU C 750 47.44 -91.98 -110.31
N SER C 751 48.03 -92.44 -111.42
CA SER C 751 49.35 -93.07 -111.37
C SER C 751 50.39 -92.08 -110.87
N VAL C 752 50.37 -90.87 -111.42
CA VAL C 752 50.95 -89.70 -110.78
C VAL C 752 49.79 -88.75 -110.47
N PRO C 753 49.71 -88.19 -109.26
CA PRO C 753 48.49 -87.43 -108.91
C PRO C 753 48.38 -86.12 -109.67
N SER C 754 47.86 -86.18 -110.89
CA SER C 754 47.82 -85.03 -111.78
C SER C 754 46.39 -84.69 -112.16
N ILE C 755 46.11 -83.39 -112.22
CA ILE C 755 44.84 -82.87 -112.71
C ILE C 755 45.14 -81.75 -113.70
N SER C 756 44.61 -81.86 -114.91
CA SER C 756 44.88 -80.88 -115.94
C SER C 756 43.59 -80.48 -116.66
N PHE C 757 43.61 -79.30 -117.25
CA PHE C 757 42.47 -78.72 -117.94
C PHE C 757 42.82 -78.48 -119.39
N ARG C 758 41.82 -78.66 -120.27
CA ARG C 758 42.02 -78.59 -121.71
C ARG C 758 40.92 -77.72 -122.32
N ILE C 759 41.33 -76.70 -123.07
CA ILE C 759 40.39 -75.86 -123.82
C ILE C 759 40.94 -75.74 -125.25
N ASN C 760 40.54 -76.68 -126.12
CA ASN C 760 40.58 -76.56 -127.58
C ASN C 760 41.97 -76.48 -128.20
N GLY C 761 43.02 -76.37 -127.39
CA GLY C 761 44.34 -76.23 -127.96
C GLY C 761 45.45 -76.99 -127.27
N CYS C 762 45.15 -77.50 -126.07
CA CYS C 762 46.15 -77.95 -125.10
C CYS C 762 47.27 -76.92 -124.86
N PRO C 763 46.94 -75.65 -124.48
CA PRO C 763 48.01 -74.71 -124.15
C PRO C 763 48.25 -74.55 -122.65
N VAL C 764 47.39 -75.14 -121.83
CA VAL C 764 47.34 -74.83 -120.41
C VAL C 764 48.47 -75.54 -119.69
N GLN C 765 49.33 -74.78 -119.02
CA GLN C 765 50.40 -75.33 -118.21
C GLN C 765 50.00 -75.50 -116.74
N GLY C 766 48.81 -75.05 -116.35
CA GLY C 766 48.36 -75.19 -114.98
C GLY C 766 48.04 -76.64 -114.66
N VAL C 767 48.71 -77.21 -113.68
CA VAL C 767 48.52 -78.61 -113.32
C VAL C 767 48.73 -78.74 -111.81
N PHE C 768 47.94 -79.59 -111.18
CA PHE C 768 48.00 -79.83 -109.75
C PHE C 768 48.71 -81.15 -109.45
N GLU C 769 49.50 -81.16 -108.39
CA GLU C 769 50.25 -82.35 -107.99
C GLU C 769 50.29 -82.45 -106.47
N ALA C 770 50.57 -83.66 -106.00
CA ALA C 770 50.81 -83.95 -104.58
C ALA C 770 49.63 -83.57 -103.70
N PHE C 771 48.44 -84.03 -104.08
CA PHE C 771 47.25 -83.88 -103.25
C PHE C 771 46.88 -85.22 -102.64
N ASN C 772 46.18 -85.16 -101.50
CA ASN C 772 45.81 -86.37 -100.77
C ASN C 772 44.81 -87.19 -101.58
N LEU C 773 44.93 -88.51 -101.49
CA LEU C 773 44.12 -89.44 -102.27
C LEU C 773 43.19 -90.27 -101.39
N ASP C 774 42.95 -89.83 -100.14
CA ASP C 774 42.11 -90.58 -99.21
C ASP C 774 40.66 -90.08 -99.32
N GLY C 775 40.06 -90.38 -100.47
CA GLY C 775 38.68 -89.97 -100.70
C GLY C 775 38.23 -90.35 -102.09
N LEU C 776 37.06 -89.83 -102.44
CA LEU C 776 36.43 -90.09 -103.73
C LEU C 776 36.40 -88.81 -104.55
N PHE C 777 36.63 -88.93 -105.86
CA PHE C 777 36.69 -87.78 -106.74
C PHE C 777 35.50 -87.78 -107.68
N PHE C 778 34.81 -86.65 -107.75
CA PHE C 778 33.68 -86.46 -108.65
C PHE C 778 33.79 -85.10 -109.32
N PRO C 779 33.29 -84.97 -110.55
CA PRO C 779 33.17 -83.64 -111.15
C PRO C 779 32.05 -82.85 -110.50
N VAL C 780 32.19 -81.53 -110.54
CA VAL C 780 31.23 -80.61 -109.94
C VAL C 780 31.30 -79.29 -110.69
N VAL C 781 30.14 -78.63 -110.82
CA VAL C 781 30.05 -77.36 -111.52
C VAL C 781 29.33 -76.35 -110.63
N SER C 782 29.97 -75.23 -110.35
CA SER C 782 29.41 -74.18 -109.52
C SER C 782 29.06 -72.99 -110.39
N PHE C 783 27.84 -72.48 -110.25
CA PHE C 783 27.34 -71.41 -111.10
C PHE C 783 26.50 -70.44 -110.28
N SER C 784 26.48 -69.19 -110.73
CA SER C 784 25.62 -68.15 -110.20
C SER C 784 24.34 -68.08 -111.03
N ALA C 785 23.58 -67.01 -110.87
CA ALA C 785 22.35 -66.81 -111.60
C ALA C 785 22.62 -66.53 -113.08
N GLY C 786 21.62 -66.80 -113.90
CA GLY C 786 21.71 -66.55 -115.33
C GLY C 786 22.72 -67.43 -116.06
N VAL C 787 22.75 -68.72 -115.74
CA VAL C 787 23.71 -69.66 -116.31
C VAL C 787 22.97 -70.88 -116.85
N LYS C 788 23.27 -71.25 -118.09
CA LYS C 788 22.79 -72.50 -118.69
C LYS C 788 24.01 -73.24 -119.23
N VAL C 789 24.24 -74.45 -118.72
CA VAL C 789 25.46 -75.19 -119.05
C VAL C 789 25.12 -76.66 -119.26
N ARG C 790 25.73 -77.27 -120.28
CA ARG C 790 25.48 -78.65 -120.67
C ARG C 790 26.66 -79.53 -120.29
N PHE C 791 26.36 -80.76 -119.89
CA PHE C 791 27.35 -81.72 -119.39
C PHE C 791 27.40 -82.91 -120.35
N LEU C 792 28.59 -83.22 -120.87
CA LEU C 792 28.77 -84.36 -121.75
C LEU C 792 29.56 -85.45 -121.03
N LEU C 793 29.11 -86.70 -121.17
CA LEU C 793 29.72 -87.82 -120.49
C LEU C 793 30.33 -88.84 -121.43
N GLY C 794 29.63 -89.20 -122.51
CA GLY C 794 30.15 -90.18 -123.44
C GLY C 794 29.06 -90.96 -124.17
N GLY C 795 29.14 -92.29 -124.10
CA GLY C 795 28.18 -93.11 -124.82
C GLY C 795 26.74 -92.94 -124.36
N ARG C 796 26.56 -92.57 -123.09
CA ARG C 796 25.22 -92.36 -122.55
C ARG C 796 24.51 -91.20 -123.23
N HIS C 797 25.01 -89.97 -123.05
CA HIS C 797 24.41 -88.82 -123.69
C HIS C 797 25.43 -87.79 -124.18
N GLY C 798 26.72 -88.08 -124.12
CA GLY C 798 27.73 -87.07 -124.42
C GLY C 798 28.43 -87.21 -125.76
N GLU C 799 28.09 -86.34 -126.71
CA GLU C 799 28.75 -86.33 -128.01
C GLU C 799 30.08 -85.60 -127.85
N PHE C 800 31.17 -86.37 -127.81
CA PHE C 800 32.50 -85.81 -127.59
C PHE C 800 32.95 -85.06 -128.83
N LYS C 801 33.09 -83.74 -128.72
CA LYS C 801 33.55 -82.93 -129.84
C LYS C 801 35.05 -83.06 -130.06
N PHE C 802 35.81 -83.34 -129.00
CA PHE C 802 37.25 -83.50 -129.07
C PHE C 802 37.64 -84.90 -128.63
N LEU C 803 38.54 -85.53 -129.39
CA LEU C 803 38.97 -86.87 -129.04
C LEU C 803 39.84 -86.84 -127.79
N PRO C 804 39.64 -87.75 -126.84
CA PRO C 804 40.49 -87.80 -125.66
C PRO C 804 41.86 -88.38 -126.01
N PRO C 805 42.86 -88.19 -125.15
CA PRO C 805 44.14 -88.87 -125.34
C PRO C 805 43.96 -90.37 -125.27
N PRO C 806 44.82 -91.13 -125.94
CA PRO C 806 44.53 -92.55 -126.18
C PRO C 806 44.35 -93.38 -124.92
N GLY C 807 43.37 -94.28 -124.96
CA GLY C 807 43.11 -95.21 -123.87
C GLY C 807 42.70 -94.57 -122.57
N TYR C 808 41.80 -93.58 -122.62
CA TYR C 808 41.47 -92.81 -121.43
C TYR C 808 39.98 -92.87 -121.15
N ALA C 809 39.62 -92.83 -119.87
CA ALA C 809 38.26 -92.72 -119.33
C ALA C 809 37.32 -93.79 -119.85
N PRO C 810 37.53 -95.08 -119.54
CA PRO C 810 36.55 -96.11 -119.91
C PRO C 810 35.42 -96.22 -118.90
N CYS C 811 34.20 -95.99 -119.35
CA CYS C 811 33.03 -95.86 -118.49
C CYS C 811 32.16 -97.11 -118.47
N HIS C 812 32.77 -98.29 -118.49
CA HIS C 812 32.02 -99.54 -118.51
C HIS C 812 32.27 -100.45 -117.31
N GLU C 813 33.33 -100.22 -116.54
CA GLU C 813 33.72 -101.20 -115.52
C GLU C 813 32.91 -101.04 -114.24
N ALA C 814 33.06 -99.91 -113.55
CA ALA C 814 32.54 -99.77 -112.19
C ALA C 814 31.89 -98.40 -111.99
N VAL C 815 31.09 -97.96 -112.96
CA VAL C 815 30.33 -96.73 -112.83
C VAL C 815 28.84 -97.04 -112.96
N LEU C 816 28.06 -96.53 -112.02
CA LEU C 816 26.62 -96.76 -111.94
C LEU C 816 26.23 -98.25 -111.98
N PRO C 817 26.63 -99.03 -110.98
CA PRO C 817 26.21 -100.44 -110.97
C PRO C 817 24.72 -100.61 -110.72
N ARG C 818 24.10 -99.70 -109.97
CA ARG C 818 22.68 -99.76 -109.69
C ARG C 818 21.96 -98.42 -109.86
N GLU C 819 22.68 -97.30 -109.86
CA GLU C 819 22.06 -95.99 -109.98
C GLU C 819 21.61 -95.75 -111.43
N ARG C 820 20.89 -94.65 -111.64
CA ARG C 820 20.34 -94.30 -112.94
C ARG C 820 21.07 -93.14 -113.60
N LEU C 821 22.20 -92.70 -113.04
CA LEU C 821 23.05 -91.64 -113.58
C LEU C 821 22.27 -90.34 -113.74
N ARG C 822 21.86 -89.80 -112.58
CA ARG C 822 21.09 -88.57 -112.52
C ARG C 822 21.92 -87.46 -111.88
N LEU C 823 21.45 -86.22 -112.06
CA LEU C 823 22.08 -85.05 -111.49
C LEU C 823 21.38 -84.68 -110.19
N GLU C 824 22.18 -84.39 -109.15
CA GLU C 824 21.64 -84.11 -107.82
C GLU C 824 22.55 -83.18 -107.04
N PRO C 825 22.00 -82.18 -106.36
CA PRO C 825 22.83 -81.26 -105.58
C PRO C 825 23.46 -81.94 -104.38
N ILE C 826 24.64 -81.45 -104.00
CA ILE C 826 25.44 -82.07 -102.96
C ILE C 826 24.98 -81.58 -101.59
N LYS C 827 24.66 -82.54 -100.71
CA LYS C 827 24.40 -82.30 -99.29
C LYS C 827 23.31 -81.25 -99.06
N GLU C 828 22.24 -81.34 -99.83
CA GLU C 828 21.12 -80.43 -99.66
C GLU C 828 20.26 -80.86 -98.47
N TYR C 829 19.88 -79.89 -97.63
CA TYR C 829 19.09 -80.17 -96.45
C TYR C 829 17.59 -79.98 -96.66
N ARG C 830 17.17 -79.45 -97.82
CA ARG C 830 15.76 -79.26 -98.11
C ARG C 830 15.51 -79.45 -99.59
N ARG C 831 14.25 -79.72 -99.93
CA ARG C 831 13.83 -79.87 -101.31
C ARG C 831 12.41 -79.34 -101.44
N GLU C 832 11.92 -79.28 -102.68
CA GLU C 832 10.56 -78.85 -102.95
C GLU C 832 9.71 -80.08 -103.27
N GLY C 833 8.71 -80.34 -102.42
CA GLY C 833 7.87 -81.50 -102.60
C GLY C 833 6.60 -81.19 -103.35
N PRO C 834 5.63 -82.12 -103.30
CA PRO C 834 4.32 -81.85 -103.93
C PRO C 834 3.60 -80.65 -103.35
N ARG C 835 3.78 -80.38 -102.06
CA ARG C 835 3.14 -79.23 -101.40
C ARG C 835 4.16 -78.61 -100.44
N GLY C 836 4.79 -77.52 -100.87
CA GLY C 836 5.73 -76.81 -100.04
C GLY C 836 7.10 -77.44 -99.99
N PRO C 837 7.83 -77.18 -98.90
CA PRO C 837 9.17 -77.76 -98.75
C PRO C 837 9.16 -79.06 -97.95
N HIS C 838 10.16 -79.88 -98.24
CA HIS C 838 10.44 -81.10 -97.51
C HIS C 838 11.83 -81.01 -96.90
N LEU C 839 11.92 -81.23 -95.60
CA LEU C 839 13.18 -81.16 -94.86
C LEU C 839 13.80 -82.55 -94.82
N VAL C 840 15.01 -82.68 -95.34
CA VAL C 840 15.69 -83.97 -95.40
C VAL C 840 16.90 -83.94 -94.47
N GLY C 841 17.23 -85.12 -93.96
CA GLY C 841 18.36 -85.27 -93.07
C GLY C 841 19.67 -85.35 -93.83
N PRO C 842 20.76 -85.67 -93.12
CA PRO C 842 22.05 -85.82 -93.78
C PRO C 842 22.04 -86.97 -94.78
N SER C 843 22.77 -86.78 -95.88
CA SER C 843 22.85 -87.80 -96.91
C SER C 843 23.60 -89.02 -96.39
N ARG C 844 23.24 -90.19 -96.91
CA ARG C 844 23.89 -91.43 -96.50
C ARG C 844 25.34 -91.44 -96.96
N CYS C 845 26.24 -91.77 -96.03
CA CYS C 845 27.67 -91.82 -96.32
C CYS C 845 28.06 -93.28 -96.51
N LEU C 846 28.57 -93.59 -97.70
CA LEU C 846 28.97 -94.95 -98.04
C LEU C 846 29.96 -94.89 -99.20
N SER C 847 30.46 -96.06 -99.59
CA SER C 847 31.39 -96.24 -100.70
C SER C 847 32.69 -95.47 -100.52
N HIS C 848 33.07 -95.17 -99.28
CA HIS C 848 34.33 -94.49 -99.02
C HIS C 848 35.51 -95.42 -99.31
N THR C 849 35.46 -96.65 -98.79
CA THR C 849 36.50 -97.64 -99.06
C THR C 849 35.90 -99.03 -99.31
N ASP C 850 34.62 -99.10 -99.67
CA ASP C 850 33.96 -100.39 -99.86
C ASP C 850 34.39 -101.10 -101.13
N PHE C 851 35.09 -100.43 -102.05
CA PHE C 851 35.44 -101.03 -103.33
C PHE C 851 36.56 -102.05 -103.23
N VAL C 852 37.26 -102.13 -102.11
CA VAL C 852 38.30 -103.14 -101.93
C VAL C 852 37.69 -104.39 -101.34
N PRO C 853 37.94 -105.58 -101.93
CA PRO C 853 37.40 -106.81 -101.35
C PRO C 853 38.37 -107.44 -100.35
N CYS C 854 37.81 -107.94 -99.26
CA CYS C 854 38.58 -108.57 -98.18
C CYS C 854 37.98 -109.93 -97.87
N PRO C 855 38.23 -110.93 -98.71
CA PRO C 855 37.72 -112.28 -98.42
C PRO C 855 38.49 -112.94 -97.28
N VAL C 856 37.84 -113.92 -96.66
CA VAL C 856 38.49 -114.68 -95.60
C VAL C 856 39.52 -115.61 -96.20
N ASP C 857 40.66 -115.76 -95.53
CA ASP C 857 41.76 -116.59 -95.99
C ASP C 857 41.78 -117.88 -95.17
N THR C 858 41.56 -119.01 -95.84
CA THR C 858 41.54 -120.32 -95.20
C THR C 858 42.23 -121.38 -96.05
N VAL C 859 43.24 -120.97 -96.83
CA VAL C 859 43.89 -121.87 -97.78
C VAL C 859 44.64 -122.98 -97.04
N GLN C 860 45.38 -122.64 -95.99
CA GLN C 860 46.19 -123.62 -95.30
C GLN C 860 46.16 -123.52 -93.78
N ILE C 861 45.33 -122.65 -93.20
CA ILE C 861 45.30 -122.51 -91.75
C ILE C 861 44.70 -123.75 -91.08
N VAL C 862 43.69 -124.35 -91.72
CA VAL C 862 42.97 -125.49 -91.15
C VAL C 862 42.80 -126.56 -92.21
N LEU C 863 42.48 -127.76 -91.76
CA LEU C 863 42.23 -128.91 -92.61
C LEU C 863 40.93 -129.59 -92.18
N PRO C 864 40.18 -130.15 -93.13
CA PRO C 864 38.91 -130.81 -92.77
C PRO C 864 39.15 -132.19 -92.21
N PRO C 865 38.76 -132.44 -90.95
CA PRO C 865 38.95 -133.78 -90.36
C PRO C 865 37.79 -134.73 -90.67
N HIS C 866 38.09 -135.81 -91.38
CA HIS C 866 37.15 -136.88 -91.78
C HIS C 866 35.86 -136.33 -92.39
N LEU C 867 36.02 -135.67 -93.54
CA LEU C 867 34.88 -135.31 -94.39
C LEU C 867 35.00 -135.88 -95.80
N GLU C 868 35.98 -136.75 -96.06
CA GLU C 868 36.17 -137.29 -97.40
C GLU C 868 35.08 -138.26 -97.80
N ARG C 869 34.38 -138.86 -96.83
CA ARG C 869 33.32 -139.81 -97.17
C ARG C 869 32.10 -139.13 -97.78
N ILE C 870 31.89 -137.85 -97.46
CA ILE C 870 30.72 -137.12 -97.93
C ILE C 870 31.07 -136.18 -99.08
N ARG C 871 32.34 -135.80 -99.23
CA ARG C 871 32.76 -134.96 -100.34
C ARG C 871 32.55 -135.65 -101.68
N GLU C 872 32.59 -136.99 -101.71
CA GLU C 872 32.35 -137.72 -102.96
C GLU C 872 30.89 -137.57 -103.42
N LYS C 873 29.94 -137.75 -102.50
CA LYS C 873 28.54 -137.59 -102.87
C LYS C 873 28.19 -136.14 -103.14
N LEU C 874 28.85 -135.19 -102.46
CA LEU C 874 28.67 -133.79 -102.80
C LEU C 874 29.18 -133.48 -104.21
N ALA C 875 30.33 -134.03 -104.58
CA ALA C 875 30.84 -133.85 -105.94
C ALA C 875 29.90 -134.47 -106.96
N GLU C 876 29.34 -135.64 -106.63
CA GLU C 876 28.37 -136.27 -107.54
C GLU C 876 27.13 -135.40 -107.72
N ASN C 877 26.63 -134.82 -106.61
CA ASN C 877 25.43 -134.00 -106.69
C ASN C 877 25.71 -132.73 -107.50
N ILE C 878 26.83 -132.06 -107.24
CA ILE C 878 27.09 -130.82 -107.97
C ILE C 878 27.54 -131.08 -109.41
N HIS C 879 27.99 -132.29 -109.73
CA HIS C 879 28.24 -132.63 -111.12
C HIS C 879 26.93 -132.87 -111.87
N GLU C 880 25.98 -133.57 -111.24
CA GLU C 880 24.69 -133.78 -111.89
C GLU C 880 23.85 -132.51 -111.93
N LEU C 881 24.14 -131.52 -111.07
CA LEU C 881 23.44 -130.24 -111.17
C LEU C 881 23.75 -129.53 -112.49
N TRP C 882 24.90 -129.79 -113.09
CA TRP C 882 25.23 -129.20 -114.39
C TRP C 882 24.25 -129.67 -115.46
N ALA C 883 24.02 -130.98 -115.54
CA ALA C 883 23.03 -131.52 -116.46
C ALA C 883 21.62 -131.09 -116.07
N LEU C 884 21.35 -130.98 -114.77
CA LEU C 884 20.04 -130.52 -114.32
C LEU C 884 19.76 -129.10 -114.77
N THR C 885 20.79 -128.24 -114.76
CA THR C 885 20.63 -126.87 -115.22
C THR C 885 20.58 -126.77 -116.75
N ARG C 886 21.25 -127.68 -117.46
CA ARG C 886 21.26 -127.62 -118.92
C ARG C 886 20.10 -128.38 -119.56
N ILE C 887 19.35 -129.20 -118.81
CA ILE C 887 18.30 -129.99 -119.44
C ILE C 887 17.10 -129.11 -119.81
N GLU C 888 16.89 -127.99 -119.12
CA GLU C 888 15.77 -127.12 -119.46
C GLU C 888 15.94 -126.53 -120.86
N GLN C 889 17.14 -126.06 -121.19
CA GLN C 889 17.42 -125.62 -122.55
C GLN C 889 17.68 -126.79 -123.50
N GLY C 890 17.97 -127.97 -122.97
CA GLY C 890 18.08 -129.15 -123.80
C GLY C 890 19.43 -129.36 -124.46
N TRP C 891 20.51 -129.05 -123.75
CA TRP C 891 21.84 -129.34 -124.28
C TRP C 891 22.11 -130.84 -124.27
N THR C 892 22.93 -131.28 -125.22
CA THR C 892 23.13 -132.70 -125.49
C THR C 892 24.62 -132.96 -125.69
N TYR C 893 25.05 -134.17 -125.37
CA TYR C 893 26.44 -134.56 -125.60
C TYR C 893 26.76 -134.57 -127.09
N GLY C 894 27.99 -134.19 -127.41
CA GLY C 894 28.47 -134.18 -128.79
C GLY C 894 29.97 -134.18 -128.88
N PRO C 895 30.49 -134.57 -130.04
CA PRO C 895 31.97 -134.58 -130.22
C PRO C 895 32.63 -133.22 -130.04
N VAL C 896 31.98 -132.14 -130.48
CA VAL C 896 32.56 -130.80 -130.49
C VAL C 896 31.69 -129.89 -129.65
N ARG C 897 32.31 -129.11 -128.76
CA ARG C 897 31.56 -128.25 -127.86
C ARG C 897 30.98 -127.05 -128.62
N ASP C 898 29.66 -126.89 -128.55
CA ASP C 898 28.96 -125.80 -129.21
C ASP C 898 27.65 -125.57 -128.49
N ASP C 899 27.43 -124.34 -128.01
CA ASP C 899 26.21 -124.04 -127.28
C ASP C 899 24.99 -124.05 -128.20
N ASN C 900 25.09 -123.45 -129.38
CA ASN C 900 23.96 -123.38 -130.29
C ASN C 900 23.65 -124.73 -130.92
N LYS C 901 24.70 -125.50 -131.25
CA LYS C 901 24.51 -126.81 -131.88
C LYS C 901 24.07 -127.88 -130.90
N ARG C 902 24.02 -127.57 -129.60
CA ARG C 902 23.61 -128.50 -128.54
C ARG C 902 24.50 -129.75 -128.52
N LEU C 903 25.80 -129.56 -128.75
CA LEU C 903 26.79 -130.62 -128.66
C LEU C 903 27.87 -130.21 -127.68
N HIS C 904 28.17 -131.09 -126.71
CA HIS C 904 29.16 -130.82 -125.69
C HIS C 904 29.82 -132.11 -125.19
N PRO C 905 31.14 -132.28 -125.40
CA PRO C 905 31.81 -133.46 -124.86
C PRO C 905 32.05 -133.40 -123.36
N CYS C 906 31.83 -132.26 -122.72
CA CYS C 906 32.07 -132.13 -121.28
C CYS C 906 31.10 -132.97 -120.47
N LEU C 907 29.90 -133.23 -120.99
CA LEU C 907 28.91 -134.05 -120.30
C LEU C 907 29.30 -135.51 -120.46
N VAL C 908 29.85 -136.10 -119.39
CA VAL C 908 30.36 -137.46 -119.43
C VAL C 908 29.83 -138.24 -118.24
N ASN C 909 29.90 -139.56 -118.34
CA ASN C 909 29.53 -140.43 -117.23
C ASN C 909 30.54 -140.27 -116.10
N PHE C 910 30.03 -140.28 -114.86
CA PHE C 910 30.87 -140.13 -113.69
C PHE C 910 31.78 -141.35 -113.48
N HIS C 911 31.43 -142.50 -114.07
CA HIS C 911 32.29 -143.67 -113.97
C HIS C 911 33.61 -143.45 -114.71
N SER C 912 33.61 -142.64 -115.76
CA SER C 912 34.82 -142.31 -116.52
C SER C 912 34.96 -140.78 -116.56
N LEU C 913 35.81 -140.24 -115.68
CA LEU C 913 35.97 -138.79 -115.55
C LEU C 913 37.25 -138.33 -116.23
N PRO C 914 37.23 -137.20 -116.93
CA PRO C 914 38.49 -136.56 -117.33
C PRO C 914 39.26 -136.10 -116.10
N GLU C 915 40.58 -136.25 -116.16
CA GLU C 915 41.42 -135.91 -115.01
C GLU C 915 41.41 -134.41 -114.66
N PRO C 916 41.58 -133.46 -115.60
CA PRO C 916 41.48 -132.05 -115.20
C PRO C 916 40.11 -131.67 -114.65
N GLU C 917 39.04 -132.23 -115.22
CA GLU C 917 37.69 -131.93 -114.74
C GLU C 917 37.49 -132.44 -113.33
N ARG C 918 37.93 -133.68 -113.04
CA ARG C 918 37.74 -134.22 -111.71
C ARG C 918 38.62 -133.51 -110.69
N ASN C 919 39.84 -133.10 -111.10
CA ASN C 919 40.70 -132.35 -110.20
C ASN C 919 40.10 -130.98 -109.87
N TYR C 920 39.56 -130.30 -110.88
CA TYR C 920 38.91 -129.02 -110.63
C TYR C 920 37.69 -129.17 -109.74
N ASN C 921 36.89 -130.22 -109.98
CA ASN C 921 35.72 -130.48 -109.15
C ASN C 921 36.11 -130.73 -107.70
N LEU C 922 37.14 -131.56 -107.48
CA LEU C 922 37.59 -131.83 -106.12
C LEU C 922 38.13 -130.57 -105.47
N GLN C 923 38.84 -129.73 -106.23
CA GLN C 923 39.46 -128.56 -105.61
C GLN C 923 38.44 -127.50 -105.23
N MET C 924 37.43 -127.22 -106.07
CA MET C 924 36.48 -126.20 -105.62
C MET C 924 35.51 -126.78 -104.60
N SER C 925 35.25 -128.09 -104.63
CA SER C 925 34.51 -128.71 -103.53
C SER C 925 35.25 -128.55 -102.21
N GLY C 926 36.56 -128.79 -102.23
CA GLY C 926 37.36 -128.58 -101.02
C GLY C 926 37.36 -127.13 -100.56
N GLU C 927 37.40 -126.19 -101.51
CA GLU C 927 37.32 -124.78 -101.16
C GLU C 927 35.98 -124.45 -100.50
N THR C 928 34.88 -124.99 -101.03
CA THR C 928 33.58 -124.77 -100.42
C THR C 928 33.51 -125.37 -99.02
N LEU C 929 34.07 -126.56 -98.83
CA LEU C 929 34.07 -127.15 -97.48
C LEU C 929 34.90 -126.33 -96.51
N LYS C 930 36.04 -125.79 -96.96
CA LYS C 930 36.84 -124.94 -96.09
C LYS C 930 36.09 -123.67 -95.70
N THR C 931 35.47 -123.00 -96.67
CA THR C 931 34.73 -121.79 -96.36
C THR C 931 33.44 -122.08 -95.60
N LEU C 932 32.97 -123.33 -95.60
CA LEU C 932 31.82 -123.70 -94.78
C LEU C 932 32.22 -124.00 -93.35
N LEU C 933 33.31 -124.76 -93.15
CA LEU C 933 33.79 -125.03 -91.80
C LEU C 933 34.38 -123.78 -91.14
N ALA C 934 34.73 -122.78 -91.93
CA ALA C 934 35.10 -121.48 -91.35
C ALA C 934 33.90 -120.83 -90.69
N LEU C 935 34.16 -119.74 -89.97
CA LEU C 935 33.17 -118.95 -89.25
C LEU C 935 32.45 -119.74 -88.16
N GLY C 936 33.09 -120.79 -87.63
CA GLY C 936 32.55 -121.50 -86.48
C GLY C 936 31.45 -122.48 -86.79
N CYS C 937 31.76 -123.52 -87.57
CA CYS C 937 30.80 -124.57 -87.88
C CYS C 937 31.15 -125.81 -87.07
N HIS C 938 30.15 -126.39 -86.41
CA HIS C 938 30.30 -127.57 -85.58
C HIS C 938 29.73 -128.79 -86.31
N VAL C 939 30.33 -129.95 -86.02
CA VAL C 939 30.10 -131.19 -86.75
C VAL C 939 29.33 -132.15 -85.87
N GLY C 940 28.68 -133.11 -86.51
CA GLY C 940 27.92 -134.10 -85.78
C GLY C 940 27.46 -135.21 -86.69
N MET C 941 27.08 -136.33 -86.06
CA MET C 941 26.57 -137.50 -86.76
C MET C 941 25.27 -137.94 -86.09
N ALA C 942 24.15 -137.75 -86.80
CA ALA C 942 22.85 -138.09 -86.22
C ALA C 942 21.93 -138.76 -87.25
N ASP C 943 22.48 -139.30 -88.32
CA ASP C 943 21.68 -139.86 -89.41
C ASP C 943 22.45 -141.03 -90.01
N GLU C 944 22.07 -141.39 -91.25
CA GLU C 944 22.62 -142.44 -92.12
C GLU C 944 22.14 -143.83 -91.68
N LYS C 945 21.34 -143.92 -90.61
CA LYS C 945 20.76 -145.20 -90.22
C LYS C 945 19.75 -145.70 -91.23
N ALA C 946 19.07 -144.79 -91.94
CA ALA C 946 18.10 -145.15 -92.95
C ALA C 946 18.33 -144.44 -94.27
N GLU C 947 19.45 -143.72 -94.42
CA GLU C 947 19.78 -142.98 -95.62
C GLU C 947 20.69 -143.75 -96.56
N ASP C 948 20.90 -145.05 -96.31
CA ASP C 948 21.78 -145.84 -97.15
C ASP C 948 21.24 -145.96 -98.58
N ASN C 949 19.93 -146.16 -98.72
CA ASN C 949 19.32 -146.25 -100.04
C ASN C 949 19.36 -144.89 -100.74
N LEU C 950 19.75 -144.91 -102.02
CA LEU C 950 19.81 -143.69 -102.83
C LEU C 950 18.58 -143.68 -103.73
N LYS C 951 17.55 -142.94 -103.31
CA LYS C 951 16.32 -142.84 -104.07
C LYS C 951 16.57 -142.05 -105.34
N LYS C 952 16.56 -142.73 -106.48
CA LYS C 952 16.77 -142.11 -107.78
C LYS C 952 15.43 -141.94 -108.48
N THR C 953 15.06 -140.69 -108.75
CA THR C 953 13.81 -140.40 -109.44
C THR C 953 13.88 -140.90 -110.88
N LYS C 954 12.85 -141.62 -111.30
CA LYS C 954 12.79 -142.16 -112.66
C LYS C 954 12.70 -141.01 -113.67
N LEU C 955 13.64 -140.97 -114.61
CA LEU C 955 13.67 -139.91 -115.59
C LEU C 955 13.20 -140.45 -116.92
N PRO C 956 12.23 -139.81 -117.58
CA PRO C 956 11.61 -140.39 -118.77
C PRO C 956 12.56 -140.50 -119.95
N LYS C 957 12.22 -141.40 -120.88
CA LYS C 957 13.04 -141.59 -122.08
C LYS C 957 13.13 -140.32 -122.92
N THR C 958 12.10 -139.48 -122.88
CA THR C 958 12.05 -138.26 -123.67
C THR C 958 13.16 -137.29 -123.32
N TYR C 959 13.77 -137.43 -122.13
CA TYR C 959 15.03 -136.77 -121.82
C TYR C 959 16.19 -137.73 -121.66
N MET C 960 15.93 -139.04 -121.55
CA MET C 960 16.99 -140.03 -121.52
C MET C 960 17.71 -140.19 -122.85
N MET C 961 17.07 -139.82 -123.97
CA MET C 961 17.71 -140.04 -125.25
C MET C 961 18.95 -139.17 -125.42
N SER C 962 19.99 -139.77 -126.02
CA SER C 962 21.25 -139.08 -126.34
C SER C 962 21.88 -138.43 -125.10
N ASN C 963 21.85 -139.15 -123.98
CA ASN C 963 22.36 -138.63 -122.72
C ASN C 963 23.61 -139.38 -122.26
N GLY C 964 23.53 -140.70 -122.15
CA GLY C 964 24.65 -141.50 -121.68
C GLY C 964 24.79 -141.59 -120.19
N TYR C 965 23.95 -140.90 -119.42
CA TYR C 965 23.97 -140.97 -117.97
C TYR C 965 22.56 -140.71 -117.45
N LYS C 966 22.28 -141.19 -116.24
CA LYS C 966 20.95 -141.13 -115.65
C LYS C 966 21.04 -140.43 -114.30
N PRO C 967 21.07 -139.10 -114.28
CA PRO C 967 21.09 -138.37 -113.02
C PRO C 967 19.71 -137.99 -112.52
N ALA C 968 19.58 -137.93 -111.20
CA ALA C 968 18.34 -137.53 -110.56
C ALA C 968 18.66 -136.92 -109.19
N PRO C 969 18.06 -135.80 -108.85
CA PRO C 969 18.31 -135.20 -107.53
C PRO C 969 17.73 -136.05 -106.40
N LEU C 970 18.38 -135.98 -105.24
CA LEU C 970 17.92 -136.71 -104.07
C LEU C 970 16.75 -136.00 -103.43
N ASP C 971 15.78 -136.79 -102.96
CA ASP C 971 14.57 -136.25 -102.33
C ASP C 971 14.79 -136.03 -100.84
N LEU C 972 15.75 -135.14 -100.54
CA LEU C 972 16.11 -134.79 -99.17
C LEU C 972 15.98 -133.29 -98.94
N SER C 973 14.95 -132.68 -99.54
CA SER C 973 14.74 -131.24 -99.45
C SER C 973 13.93 -130.84 -98.22
N HIS C 974 13.50 -131.80 -97.40
CA HIS C 974 12.65 -131.47 -96.26
C HIS C 974 13.42 -130.77 -95.14
N VAL C 975 14.70 -131.08 -94.98
CA VAL C 975 15.50 -130.47 -93.92
C VAL C 975 15.84 -129.04 -94.30
N ARG C 976 15.65 -128.10 -93.37
CA ARG C 976 15.92 -126.69 -93.61
C ARG C 976 16.72 -126.12 -92.45
N LEU C 977 17.71 -125.29 -92.78
CA LEU C 977 18.53 -124.58 -91.81
C LEU C 977 18.53 -123.11 -92.25
N THR C 978 19.17 -122.26 -91.45
CA THR C 978 19.17 -120.82 -91.71
C THR C 978 19.89 -120.52 -93.03
N PRO C 979 19.27 -119.78 -93.94
CA PRO C 979 19.94 -119.45 -95.22
C PRO C 979 20.99 -118.36 -95.10
N ALA C 980 21.16 -117.78 -93.91
CA ALA C 980 22.20 -116.76 -93.73
C ALA C 980 23.59 -117.34 -93.95
N GLN C 981 23.80 -118.59 -93.52
CA GLN C 981 25.09 -119.25 -93.75
C GLN C 981 25.35 -119.44 -95.24
N THR C 982 24.33 -119.84 -96.00
CA THR C 982 24.48 -120.00 -97.44
C THR C 982 24.75 -118.66 -98.13
N THR C 983 24.06 -117.61 -97.69
CA THR C 983 24.30 -116.28 -98.26
C THR C 983 25.70 -115.79 -97.95
N LEU C 984 26.17 -116.01 -96.72
CA LEU C 984 27.53 -115.63 -96.35
C LEU C 984 28.56 -116.43 -97.14
N VAL C 985 28.30 -117.73 -97.37
CA VAL C 985 29.20 -118.54 -98.16
C VAL C 985 29.28 -118.04 -99.60
N ASP C 986 28.12 -117.68 -100.17
CA ASP C 986 28.11 -117.14 -101.53
C ASP C 986 28.85 -115.81 -101.61
N ARG C 987 28.66 -114.94 -100.62
CA ARG C 987 29.36 -113.66 -100.59
C ARG C 987 30.87 -113.86 -100.45
N LEU C 988 31.28 -114.80 -99.60
CA LEU C 988 32.71 -115.08 -99.43
C LEU C 988 33.31 -115.66 -100.70
N ALA C 989 32.57 -116.54 -101.38
CA ALA C 989 33.06 -117.10 -102.64
C ALA C 989 33.21 -116.01 -103.70
N GLU C 990 32.23 -115.11 -103.79
CA GLU C 990 32.33 -114.00 -104.74
C GLU C 990 33.50 -113.09 -104.41
N ASN C 991 33.71 -112.78 -103.13
CA ASN C 991 34.83 -111.95 -102.73
C ASN C 991 36.17 -112.61 -103.05
N GLY C 992 36.28 -113.92 -102.79
CA GLY C 992 37.50 -114.63 -103.13
C GLY C 992 37.76 -114.68 -104.62
N HIS C 993 36.70 -114.88 -105.41
CA HIS C 993 36.84 -114.86 -106.87
C HIS C 993 37.29 -113.49 -107.36
N ASN C 994 36.71 -112.42 -106.79
CA ASN C 994 37.12 -111.07 -107.18
C ASN C 994 38.57 -110.79 -106.79
N VAL C 995 38.98 -111.25 -105.60
CA VAL C 995 40.37 -111.05 -105.16
C VAL C 995 41.32 -111.81 -106.06
N TRP C 996 40.96 -113.03 -106.45
CA TRP C 996 41.81 -113.80 -107.35
C TRP C 996 41.87 -113.16 -108.74
N ALA C 997 40.75 -112.65 -109.23
CA ALA C 997 40.71 -112.07 -110.57
C ALA C 997 41.32 -110.67 -110.63
N ARG C 998 41.49 -110.01 -109.49
CA ARG C 998 42.06 -108.66 -109.49
C ARG C 998 43.51 -108.66 -109.99
N ASP C 999 44.22 -109.77 -109.83
CA ASP C 999 45.62 -109.83 -110.25
C ASP C 999 45.75 -109.88 -111.77
N ARG C 1000 44.94 -110.70 -112.43
CA ARG C 1000 45.10 -110.97 -113.85
C ARG C 1000 43.93 -110.48 -114.69
N VAL C 1001 42.69 -110.84 -114.33
CA VAL C 1001 41.53 -110.48 -115.14
C VAL C 1001 41.31 -108.97 -115.11
N ALA C 1002 41.45 -108.35 -113.94
CA ALA C 1002 41.29 -106.90 -113.84
C ALA C 1002 42.43 -106.15 -114.51
N GLN C 1003 43.60 -106.78 -114.65
CA GLN C 1003 44.70 -106.14 -115.37
C GLN C 1003 44.35 -105.90 -116.83
N GLY C 1004 43.72 -106.89 -117.47
CA GLY C 1004 43.22 -106.71 -118.82
C GLY C 1004 41.96 -105.88 -118.85
N TRP C 1005 40.93 -106.35 -118.17
CA TRP C 1005 39.64 -105.66 -117.98
C TRP C 1005 38.94 -105.35 -119.30
N SER C 1006 39.28 -106.08 -120.36
CA SER C 1006 38.68 -105.86 -121.68
C SER C 1006 38.85 -107.14 -122.49
N TYR C 1007 38.34 -107.10 -123.73
CA TYR C 1007 38.51 -108.23 -124.63
C TYR C 1007 39.98 -108.45 -124.99
N SER C 1008 40.71 -107.37 -125.23
CA SER C 1008 42.12 -107.45 -125.56
C SER C 1008 42.96 -106.59 -124.63
N VAL C 1022 30.87 -105.30 -109.21
CA VAL C 1022 31.49 -104.65 -108.07
C VAL C 1022 32.34 -105.65 -107.29
N PRO C 1023 33.56 -105.24 -106.94
CA PRO C 1023 34.42 -106.14 -106.14
C PRO C 1023 33.85 -106.47 -104.77
N TYR C 1024 33.06 -105.56 -104.17
CA TYR C 1024 32.49 -105.82 -102.85
C TYR C 1024 31.41 -106.89 -102.88
N ARG C 1025 30.89 -107.22 -104.06
CA ARG C 1025 29.84 -108.24 -104.25
C ARG C 1025 28.57 -107.90 -103.48
N LEU C 1026 28.31 -106.61 -103.25
CA LEU C 1026 27.11 -106.16 -102.57
C LEU C 1026 26.22 -105.26 -103.41
N LEU C 1027 26.78 -104.53 -104.37
CA LEU C 1027 25.96 -103.66 -105.22
C LEU C 1027 25.16 -104.48 -106.23
N ASP C 1028 25.75 -105.54 -106.76
CA ASP C 1028 25.06 -106.39 -107.72
C ASP C 1028 23.93 -107.16 -107.05
N GLU C 1029 22.80 -107.27 -107.73
CA GLU C 1029 21.65 -107.97 -107.20
C GLU C 1029 21.10 -109.05 -108.13
N ALA C 1030 21.22 -108.87 -109.45
CA ALA C 1030 20.68 -109.85 -110.39
C ALA C 1030 21.61 -111.04 -110.53
N THR C 1031 22.87 -110.79 -110.88
CA THR C 1031 23.84 -111.87 -111.02
C THR C 1031 24.11 -112.54 -109.68
N LYS C 1032 24.07 -111.78 -108.58
CA LYS C 1032 24.20 -112.38 -107.26
C LYS C 1032 23.05 -113.34 -106.96
N ARG C 1033 21.82 -112.94 -107.30
CA ARG C 1033 20.67 -113.81 -107.11
C ARG C 1033 20.79 -115.06 -107.99
N SER C 1034 21.25 -114.91 -109.23
CA SER C 1034 21.41 -116.05 -110.11
C SER C 1034 22.47 -117.01 -109.59
N ASN C 1035 23.57 -116.48 -109.06
CA ASN C 1035 24.66 -117.32 -108.57
C ASN C 1035 24.34 -117.97 -107.23
N ARG C 1036 23.50 -117.32 -106.41
CA ARG C 1036 23.16 -117.87 -105.10
C ARG C 1036 22.34 -119.16 -105.24
N ASP C 1037 21.57 -119.29 -106.32
CA ASP C 1037 20.72 -120.47 -106.50
C ASP C 1037 21.55 -121.74 -106.65
N SER C 1038 22.66 -121.67 -107.38
CA SER C 1038 23.52 -122.84 -107.55
C SER C 1038 24.10 -123.31 -106.23
N LEU C 1039 24.61 -122.38 -105.42
CA LEU C 1039 25.17 -122.75 -104.12
C LEU C 1039 24.09 -123.26 -103.18
N CYS C 1040 22.90 -122.65 -103.21
CA CYS C 1040 21.81 -123.12 -102.37
C CYS C 1040 21.37 -124.52 -102.75
N GLN C 1041 21.27 -124.82 -104.05
CA GLN C 1041 20.90 -126.16 -104.48
C GLN C 1041 21.99 -127.17 -104.19
N ALA C 1042 23.26 -126.76 -104.26
CA ALA C 1042 24.36 -127.63 -103.87
C ALA C 1042 24.31 -127.95 -102.38
N VAL C 1043 23.96 -126.97 -101.55
CA VAL C 1043 23.87 -127.18 -100.11
C VAL C 1043 22.60 -127.92 -99.71
N ARG C 1044 21.57 -127.90 -100.55
CA ARG C 1044 20.25 -128.43 -100.22
C ARG C 1044 20.24 -129.91 -99.86
N THR C 1045 21.26 -130.68 -100.28
CA THR C 1045 21.37 -132.07 -99.91
C THR C 1045 22.46 -132.32 -98.87
N LEU C 1046 23.13 -131.28 -98.39
CA LEU C 1046 24.26 -131.42 -97.47
C LEU C 1046 24.04 -130.76 -96.11
N LEU C 1047 23.05 -129.88 -95.97
CA LEU C 1047 22.81 -129.22 -94.69
C LEU C 1047 22.16 -130.16 -93.68
N GLY C 1048 21.57 -131.26 -94.14
CA GLY C 1048 20.81 -132.16 -93.31
C GLY C 1048 21.59 -133.24 -92.58
N TYR C 1049 22.91 -133.25 -92.68
CA TYR C 1049 23.70 -134.30 -92.03
C TYR C 1049 23.96 -134.00 -90.56
N GLY C 1050 23.50 -132.84 -90.07
CA GLY C 1050 23.70 -132.49 -88.67
C GLY C 1050 24.79 -131.48 -88.41
N TYR C 1051 25.14 -130.65 -89.39
CA TYR C 1051 26.17 -129.63 -89.21
C TYR C 1051 25.51 -128.36 -88.69
N ASN C 1052 25.95 -127.87 -87.54
CA ASN C 1052 25.35 -126.69 -86.94
C ASN C 1052 26.33 -125.52 -86.95
N ILE C 1053 25.91 -124.41 -87.55
CA ILE C 1053 26.79 -123.26 -87.72
C ILE C 1053 26.20 -122.06 -86.96
N GLU C 1054 27.08 -121.30 -86.32
CA GLU C 1054 26.67 -120.13 -85.56
C GLU C 1054 27.51 -118.91 -85.94
N ASP C 1070 26.23 -90.59 -89.65
CA ASP C 1070 26.72 -89.30 -89.19
C ASP C 1070 25.79 -88.74 -88.11
N ARG C 1071 26.01 -87.47 -87.74
CA ARG C 1071 25.19 -86.85 -86.72
C ARG C 1071 23.79 -86.56 -87.24
N VAL C 1072 22.82 -86.51 -86.34
CA VAL C 1072 21.44 -86.20 -86.69
C VAL C 1072 21.29 -84.70 -86.86
N ARG C 1073 20.34 -84.30 -87.71
CA ARG C 1073 20.10 -82.89 -87.98
C ARG C 1073 18.94 -82.39 -87.14
N ILE C 1074 19.11 -81.20 -86.55
CA ILE C 1074 18.14 -80.63 -85.64
C ILE C 1074 17.62 -79.32 -86.22
N PHE C 1075 16.30 -79.18 -86.22
CA PHE C 1075 15.63 -77.95 -86.64
C PHE C 1075 14.77 -77.46 -85.48
N ARG C 1076 14.72 -76.14 -85.29
CA ARG C 1076 13.97 -75.57 -84.19
C ARG C 1076 13.41 -74.23 -84.61
N ALA C 1077 12.39 -73.77 -83.87
CA ALA C 1077 11.80 -72.48 -84.17
C ALA C 1077 12.74 -71.33 -83.78
N GLU C 1078 12.32 -70.12 -84.12
CA GLU C 1078 13.08 -68.93 -83.72
C GLU C 1078 12.85 -68.63 -82.24
N LYS C 1079 13.91 -68.15 -81.58
CA LYS C 1079 13.83 -67.77 -80.17
C LYS C 1079 12.96 -66.55 -79.93
N SER C 1080 12.61 -65.80 -80.97
CA SER C 1080 11.75 -64.63 -80.83
C SER C 1080 10.26 -64.97 -80.87
N TYR C 1081 9.91 -66.23 -81.13
CA TYR C 1081 8.52 -66.66 -81.18
C TYR C 1081 8.16 -67.57 -80.00
N THR C 1082 8.89 -67.49 -78.90
CA THR C 1082 8.58 -68.29 -77.73
C THR C 1082 7.25 -67.86 -77.12
N VAL C 1083 6.50 -68.85 -76.63
CA VAL C 1083 5.17 -68.63 -76.08
C VAL C 1083 5.19 -68.96 -74.58
N GLN C 1084 4.48 -68.16 -73.80
CA GLN C 1084 4.40 -68.34 -72.37
C GLN C 1084 2.97 -68.52 -71.86
N SER C 1085 1.97 -68.48 -72.75
CA SER C 1085 0.59 -68.64 -72.35
C SER C 1085 -0.22 -69.08 -73.56
N GLY C 1086 -1.41 -69.61 -73.30
CA GLY C 1086 -2.30 -70.04 -74.34
C GLY C 1086 -2.10 -71.48 -74.75
N ARG C 1087 -2.84 -71.87 -75.79
CA ARG C 1087 -2.80 -73.22 -76.32
C ARG C 1087 -2.38 -73.20 -77.78
N TRP C 1088 -1.49 -74.14 -78.14
CA TRP C 1088 -0.89 -74.15 -79.46
C TRP C 1088 -0.84 -75.57 -80.01
N TYR C 1089 -0.71 -75.67 -81.33
CA TYR C 1089 -0.78 -76.95 -82.03
C TYR C 1089 -0.01 -76.85 -83.34
N PHE C 1090 0.71 -77.92 -83.68
CA PHE C 1090 1.40 -77.99 -84.97
C PHE C 1090 1.42 -79.44 -85.45
N GLU C 1091 1.78 -79.62 -86.72
CA GLU C 1091 1.68 -80.92 -87.37
C GLU C 1091 3.01 -81.29 -88.02
N PHE C 1092 3.22 -82.59 -88.19
CA PHE C 1092 4.43 -83.11 -88.81
C PHE C 1092 4.05 -84.33 -89.63
N GLU C 1093 4.68 -84.47 -90.80
CA GLU C 1093 4.47 -85.62 -91.68
C GLU C 1093 5.82 -86.26 -91.97
N ALA C 1094 5.87 -87.59 -91.95
CA ALA C 1094 7.10 -88.34 -92.17
C ALA C 1094 6.95 -89.15 -93.45
N VAL C 1095 7.70 -88.78 -94.49
CA VAL C 1095 7.68 -89.55 -95.72
C VAL C 1095 8.36 -90.90 -95.51
N THR C 1096 9.46 -90.91 -94.77
CA THR C 1096 10.20 -92.12 -94.42
C THR C 1096 10.03 -92.39 -92.94
N THR C 1097 10.01 -93.66 -92.56
CA THR C 1097 9.82 -94.07 -91.17
C THR C 1097 11.14 -94.51 -90.51
N GLY C 1098 12.26 -93.97 -90.95
CA GLY C 1098 13.55 -94.40 -90.45
C GLY C 1098 13.88 -94.00 -89.02
N GLU C 1099 14.13 -92.71 -88.78
CA GLU C 1099 14.49 -92.25 -87.44
C GLU C 1099 14.26 -90.74 -87.36
N MET C 1100 13.38 -90.33 -86.45
CA MET C 1100 13.07 -88.92 -86.26
C MET C 1100 12.47 -88.73 -84.89
N ARG C 1101 12.54 -87.48 -84.41
CA ARG C 1101 11.98 -87.10 -83.13
C ARG C 1101 11.29 -85.75 -83.27
N VAL C 1102 10.14 -85.61 -82.63
CA VAL C 1102 9.32 -84.40 -82.74
C VAL C 1102 8.90 -83.96 -81.36
N GLY C 1103 8.95 -82.66 -81.08
CA GLY C 1103 8.45 -82.18 -79.80
C GLY C 1103 8.72 -80.70 -79.61
N TRP C 1104 8.76 -80.31 -78.34
CA TRP C 1104 9.04 -78.93 -77.94
C TRP C 1104 10.33 -78.89 -77.14
N ALA C 1105 10.82 -77.69 -76.87
CA ALA C 1105 12.06 -77.51 -76.15
C ALA C 1105 12.06 -76.14 -75.49
N ARG C 1106 12.97 -75.98 -74.53
CA ARG C 1106 13.20 -74.68 -73.92
C ARG C 1106 13.91 -73.76 -74.90
N PRO C 1107 13.80 -72.44 -74.71
CA PRO C 1107 14.56 -71.52 -75.59
C PRO C 1107 16.07 -71.72 -75.52
N GLU C 1108 16.61 -72.09 -74.37
CA GLU C 1108 18.04 -72.35 -74.23
C GLU C 1108 18.30 -73.82 -74.56
N LEU C 1109 18.30 -74.12 -75.85
CA LEU C 1109 18.57 -75.45 -76.37
C LEU C 1109 19.94 -75.45 -77.03
N ARG C 1110 20.76 -76.45 -76.72
CA ARG C 1110 22.14 -76.49 -77.19
C ARG C 1110 22.31 -77.53 -78.30
N PRO C 1111 23.29 -77.33 -79.20
CA PRO C 1111 23.55 -78.33 -80.25
C PRO C 1111 24.27 -79.56 -79.74
N ASP C 1112 24.72 -80.40 -80.69
CA ASP C 1112 25.53 -81.62 -80.56
C ASP C 1112 25.19 -82.46 -79.33
N VAL C 1113 23.90 -82.57 -79.02
CA VAL C 1113 23.40 -83.44 -77.97
C VAL C 1113 22.13 -84.10 -78.49
N GLU C 1114 21.94 -85.37 -78.16
CA GLU C 1114 20.72 -86.06 -78.54
C GLU C 1114 19.52 -85.40 -77.88
N LEU C 1115 18.45 -85.20 -78.66
CA LEU C 1115 17.28 -84.49 -78.18
C LEU C 1115 16.61 -85.27 -77.05
N GLY C 1116 16.42 -84.60 -75.92
CA GLY C 1116 15.79 -85.20 -74.77
C GLY C 1116 16.72 -85.95 -73.83
N ALA C 1117 18.01 -86.06 -74.16
CA ALA C 1117 18.96 -86.68 -73.24
C ALA C 1117 19.07 -85.88 -71.95
N ASP C 1118 19.10 -84.56 -72.06
CA ASP C 1118 19.03 -83.66 -70.92
C ASP C 1118 17.58 -83.23 -70.71
N GLU C 1119 17.37 -82.26 -69.82
CA GLU C 1119 16.04 -81.88 -69.39
C GLU C 1119 15.50 -80.64 -70.08
N LEU C 1120 16.19 -80.12 -71.10
CA LEU C 1120 15.77 -78.89 -71.75
C LEU C 1120 14.77 -79.13 -72.88
N ALA C 1121 14.47 -80.38 -73.21
CA ALA C 1121 13.59 -80.68 -74.33
C ALA C 1121 12.59 -81.76 -73.94
N TYR C 1122 11.38 -81.65 -74.50
CA TYR C 1122 10.32 -82.63 -74.33
C TYR C 1122 9.95 -83.15 -75.71
N VAL C 1123 10.43 -84.35 -76.04
CA VAL C 1123 10.40 -84.83 -77.41
C VAL C 1123 9.92 -86.29 -77.41
N PHE C 1124 9.36 -86.71 -78.54
CA PHE C 1124 8.81 -88.04 -78.71
C PHE C 1124 9.40 -88.69 -79.97
N ASN C 1125 9.70 -89.98 -79.87
CA ASN C 1125 10.25 -90.77 -80.96
C ASN C 1125 9.23 -91.82 -81.37
N GLY C 1126 8.90 -91.87 -82.66
CA GLY C 1126 7.92 -92.80 -83.16
C GLY C 1126 8.45 -94.10 -83.72
N HIS C 1127 9.77 -94.20 -83.93
CA HIS C 1127 10.35 -95.46 -84.40
C HIS C 1127 10.16 -96.57 -83.37
N ARG C 1128 10.37 -96.25 -82.10
CA ARG C 1128 10.14 -97.20 -81.02
C ARG C 1128 8.89 -96.88 -80.21
N GLY C 1129 8.30 -95.70 -80.40
CA GLY C 1129 7.11 -95.32 -79.64
C GLY C 1129 7.42 -95.06 -78.18
N GLN C 1130 8.15 -93.98 -77.90
CA GLN C 1130 8.55 -93.69 -76.54
C GLN C 1130 8.84 -92.20 -76.39
N ARG C 1131 8.42 -91.63 -75.27
CA ARG C 1131 8.84 -90.29 -74.91
C ARG C 1131 10.27 -90.30 -74.39
N TRP C 1132 10.92 -89.15 -74.49
CA TRP C 1132 12.36 -89.05 -74.23
C TRP C 1132 12.68 -87.89 -73.29
N HIS C 1133 11.97 -87.81 -72.17
CA HIS C 1133 12.29 -86.84 -71.13
C HIS C 1133 13.08 -87.55 -70.04
N LEU C 1134 14.42 -87.45 -70.13
CA LEU C 1134 15.33 -88.02 -69.14
C LEU C 1134 15.11 -89.52 -68.95
N GLY C 1135 14.87 -90.22 -70.05
CA GLY C 1135 14.59 -91.64 -69.99
C GLY C 1135 13.85 -92.10 -71.22
N SER C 1136 13.28 -93.30 -71.12
CA SER C 1136 12.53 -93.92 -72.21
C SER C 1136 11.30 -94.60 -71.63
N GLU C 1137 10.13 -94.06 -71.92
CA GLU C 1137 8.86 -94.66 -71.49
C GLU C 1137 8.09 -95.10 -72.72
N PRO C 1138 7.98 -96.41 -72.97
CA PRO C 1138 7.36 -96.87 -74.22
C PRO C 1138 5.84 -96.78 -74.18
N PHE C 1139 5.26 -96.19 -75.22
CA PHE C 1139 3.82 -96.07 -75.35
C PHE C 1139 3.47 -95.86 -76.82
N GLY C 1140 2.24 -96.22 -77.17
CA GLY C 1140 1.77 -96.04 -78.53
C GLY C 1140 2.31 -97.10 -79.48
N ARG C 1141 2.15 -96.81 -80.76
CA ARG C 1141 2.54 -97.70 -81.84
C ARG C 1141 3.37 -96.96 -82.87
N PRO C 1142 4.30 -97.65 -83.54
CA PRO C 1142 5.07 -97.01 -84.61
C PRO C 1142 4.19 -96.70 -85.81
N TRP C 1143 4.60 -95.67 -86.56
CA TRP C 1143 3.85 -95.23 -87.73
C TRP C 1143 4.34 -95.96 -88.98
N GLN C 1144 3.86 -95.52 -90.14
CA GLN C 1144 4.26 -96.05 -91.43
C GLN C 1144 4.43 -94.87 -92.38
N SER C 1145 4.43 -95.14 -93.68
CA SER C 1145 4.43 -94.07 -94.67
C SER C 1145 3.20 -93.19 -94.51
N GLY C 1146 3.42 -91.87 -94.51
CA GLY C 1146 2.34 -90.97 -94.14
C GLY C 1146 2.22 -90.89 -92.64
N ASP C 1147 0.99 -91.05 -92.13
CA ASP C 1147 0.70 -91.13 -90.70
C ASP C 1147 1.18 -89.88 -89.97
N VAL C 1148 0.51 -88.77 -90.29
CA VAL C 1148 0.88 -87.48 -89.72
C VAL C 1148 0.70 -87.49 -88.20
N VAL C 1149 1.55 -86.74 -87.51
CA VAL C 1149 1.55 -86.65 -86.06
C VAL C 1149 1.35 -85.18 -85.66
N GLY C 1150 0.43 -84.96 -84.74
CA GLY C 1150 0.12 -83.62 -84.25
C GLY C 1150 0.55 -83.46 -82.80
N CYS C 1151 1.16 -82.32 -82.50
CA CYS C 1151 1.60 -82.00 -81.15
C CYS C 1151 0.90 -80.74 -80.68
N MET C 1152 0.28 -80.80 -79.49
CA MET C 1152 -0.50 -79.71 -78.95
C MET C 1152 -0.14 -79.50 -77.48
N ILE C 1153 -0.13 -78.25 -77.04
CA ILE C 1153 0.32 -77.90 -75.70
C ILE C 1153 -0.58 -76.80 -75.14
N ASP C 1154 -0.88 -76.88 -73.85
CA ASP C 1154 -1.59 -75.82 -73.15
C ASP C 1154 -0.92 -75.59 -71.79
N LEU C 1155 -0.75 -74.31 -71.45
CA LEU C 1155 -0.05 -73.92 -70.22
C LEU C 1155 -0.99 -73.53 -69.10
N THR C 1156 -2.30 -73.69 -69.26
CA THR C 1156 -3.23 -73.39 -68.17
C THR C 1156 -3.27 -74.53 -67.15
N GLU C 1157 -3.65 -75.73 -67.59
CA GLU C 1157 -3.54 -76.91 -66.76
C GLU C 1157 -2.24 -77.67 -66.99
N ASN C 1158 -1.32 -77.11 -67.78
CA ASN C 1158 0.03 -77.62 -67.98
C ASN C 1158 0.00 -79.04 -68.56
N THR C 1159 -0.53 -79.13 -69.78
CA THR C 1159 -0.77 -80.44 -70.39
C THR C 1159 -0.30 -80.45 -71.84
N ILE C 1160 0.42 -81.51 -72.20
CA ILE C 1160 0.95 -81.73 -73.54
C ILE C 1160 0.32 -83.00 -74.10
N ILE C 1161 -0.23 -82.92 -75.31
CA ILE C 1161 -0.91 -84.05 -75.93
C ILE C 1161 -0.27 -84.32 -77.29
N PHE C 1162 -0.04 -85.59 -77.59
CA PHE C 1162 0.43 -86.04 -78.89
C PHE C 1162 -0.66 -86.91 -79.51
N THR C 1163 -0.88 -86.74 -80.82
CA THR C 1163 -1.89 -87.51 -81.54
C THR C 1163 -1.32 -87.98 -82.87
N LEU C 1164 -1.86 -89.09 -83.39
CA LEU C 1164 -1.52 -89.53 -84.73
C LEU C 1164 -2.79 -89.97 -85.44
N ASN C 1165 -2.93 -89.55 -86.70
CA ASN C 1165 -4.03 -89.94 -87.57
C ASN C 1165 -5.40 -89.64 -86.95
N GLY C 1166 -5.47 -88.53 -86.21
CA GLY C 1166 -6.68 -88.17 -85.52
C GLY C 1166 -6.97 -88.98 -84.28
N GLU C 1167 -6.02 -89.78 -83.80
CA GLU C 1167 -6.20 -90.62 -82.63
C GLU C 1167 -5.22 -90.20 -81.55
N VAL C 1168 -5.74 -90.00 -80.34
CA VAL C 1168 -4.91 -89.60 -79.21
C VAL C 1168 -4.11 -90.80 -78.73
N LEU C 1169 -2.82 -90.58 -78.45
CA LEU C 1169 -1.98 -91.64 -77.92
C LEU C 1169 -2.49 -92.09 -76.55
N MET C 1170 -2.50 -93.40 -76.34
CA MET C 1170 -2.95 -93.99 -75.08
C MET C 1170 -1.74 -94.60 -74.38
N SER C 1171 -1.43 -94.10 -73.19
CA SER C 1171 -0.29 -94.62 -72.45
C SER C 1171 -0.64 -95.95 -71.81
N ASP C 1172 0.41 -96.67 -71.37
CA ASP C 1172 0.21 -97.98 -70.77
C ASP C 1172 -0.45 -97.90 -69.40
N SER C 1173 -0.35 -96.76 -68.72
CA SER C 1173 -0.93 -96.60 -67.40
C SER C 1173 -2.35 -96.04 -67.41
N GLY C 1174 -2.91 -95.77 -68.59
CA GLY C 1174 -4.24 -95.26 -68.72
C GLY C 1174 -4.33 -93.75 -68.90
N SER C 1175 -3.26 -93.02 -68.62
CA SER C 1175 -3.25 -91.59 -68.82
C SER C 1175 -3.12 -91.25 -70.30
N GLU C 1176 -3.48 -90.01 -70.65
CA GLU C 1176 -3.42 -89.55 -72.04
C GLU C 1176 -2.04 -88.97 -72.38
N THR C 1177 -1.00 -89.73 -72.03
CA THR C 1177 0.44 -89.39 -72.19
C THR C 1177 0.72 -87.90 -71.96
N ALA C 1178 0.15 -87.38 -70.87
CA ALA C 1178 0.21 -85.96 -70.57
C ALA C 1178 1.23 -85.71 -69.47
N PHE C 1179 2.25 -84.92 -69.79
CA PHE C 1179 3.19 -84.47 -68.76
C PHE C 1179 2.49 -83.53 -67.79
N ARG C 1180 2.68 -83.77 -66.51
CA ARG C 1180 1.94 -83.05 -65.47
C ARG C 1180 2.89 -82.19 -64.64
N GLU C 1181 2.33 -81.08 -64.15
CA GLU C 1181 3.04 -80.11 -63.31
C GLU C 1181 4.30 -79.59 -64.00
N ILE C 1182 4.20 -79.32 -65.31
CA ILE C 1182 5.35 -78.80 -66.03
C ILE C 1182 5.54 -77.33 -65.70
N GLU C 1183 6.78 -76.86 -65.76
CA GLU C 1183 7.13 -75.51 -65.36
C GLU C 1183 7.17 -74.64 -66.61
N ILE C 1184 6.54 -73.45 -66.52
CA ILE C 1184 6.44 -72.57 -67.69
C ILE C 1184 7.82 -72.11 -68.13
N GLY C 1185 8.62 -71.61 -67.19
CA GLY C 1185 9.98 -71.19 -67.50
C GLY C 1185 10.04 -70.04 -68.48
N ASP C 1186 11.05 -70.05 -69.34
CA ASP C 1186 11.20 -69.00 -70.34
C ASP C 1186 10.18 -69.12 -71.46
N GLY C 1187 9.84 -70.34 -71.85
CA GLY C 1187 8.85 -70.57 -72.89
C GLY C 1187 9.10 -71.91 -73.56
N PHE C 1188 8.42 -72.10 -74.69
CA PHE C 1188 8.53 -73.32 -75.47
C PHE C 1188 8.49 -72.97 -76.95
N LEU C 1189 9.07 -73.86 -77.76
CA LEU C 1189 9.11 -73.66 -79.20
C LEU C 1189 9.28 -75.01 -79.89
N PRO C 1190 8.70 -75.21 -81.07
CA PRO C 1190 8.80 -76.52 -81.73
C PRO C 1190 10.22 -76.87 -82.15
N VAL C 1191 10.49 -78.17 -82.15
CA VAL C 1191 11.80 -78.71 -82.49
C VAL C 1191 11.62 -80.12 -83.06
N CYS C 1192 12.42 -80.45 -84.06
CA CYS C 1192 12.43 -81.76 -84.67
C CYS C 1192 13.87 -82.18 -84.95
N SER C 1193 14.07 -83.50 -85.03
CA SER C 1193 15.37 -84.07 -85.33
C SER C 1193 15.18 -85.21 -86.33
N LEU C 1194 16.09 -85.29 -87.30
CA LEU C 1194 16.04 -86.30 -88.35
C LEU C 1194 17.36 -87.04 -88.42
N GLY C 1195 17.29 -88.35 -88.71
CA GLY C 1195 18.48 -89.14 -88.89
C GLY C 1195 18.96 -89.10 -90.33
N PRO C 1196 19.87 -90.01 -90.69
CA PRO C 1196 20.34 -90.08 -92.07
C PRO C 1196 19.25 -90.59 -93.01
N GLY C 1197 19.12 -89.94 -94.16
CA GLY C 1197 18.21 -90.36 -95.20
C GLY C 1197 16.73 -90.34 -94.82
N GLN C 1198 16.28 -89.26 -94.20
CA GLN C 1198 14.91 -89.13 -93.74
C GLN C 1198 14.28 -87.87 -94.31
N VAL C 1199 13.00 -87.95 -94.65
CA VAL C 1199 12.25 -86.85 -95.24
C VAL C 1199 11.05 -86.54 -94.36
N GLY C 1200 10.92 -85.26 -93.97
CA GLY C 1200 9.80 -84.81 -93.17
C GLY C 1200 9.21 -83.53 -93.72
N HIS C 1201 8.06 -83.17 -93.17
CA HIS C 1201 7.34 -81.96 -93.56
C HIS C 1201 6.70 -81.38 -92.30
N LEU C 1202 7.20 -80.24 -91.86
CA LEU C 1202 6.75 -79.60 -90.62
C LEU C 1202 5.79 -78.48 -90.97
N ASN C 1203 4.57 -78.55 -90.43
CA ASN C 1203 3.53 -77.57 -90.69
C ASN C 1203 3.22 -76.82 -89.40
N LEU C 1204 3.36 -75.49 -89.45
CA LEU C 1204 3.04 -74.62 -88.34
C LEU C 1204 1.64 -74.02 -88.46
N GLY C 1205 0.86 -74.46 -89.45
CA GLY C 1205 -0.47 -73.93 -89.66
C GLY C 1205 -0.50 -72.49 -90.12
N GLN C 1206 0.30 -72.16 -91.14
CA GLN C 1206 0.32 -70.80 -91.67
C GLN C 1206 -1.05 -70.42 -92.22
N ASP C 1207 -1.69 -71.33 -92.96
CA ASP C 1207 -3.07 -71.18 -93.39
C ASP C 1207 -3.87 -72.40 -92.96
N VAL C 1208 -5.13 -72.18 -92.61
CA VAL C 1208 -5.95 -73.25 -92.04
C VAL C 1208 -6.27 -74.32 -93.07
N SER C 1209 -6.39 -73.94 -94.35
CA SER C 1209 -6.78 -74.89 -95.38
C SER C 1209 -5.74 -75.98 -95.58
N SER C 1210 -4.45 -75.63 -95.50
CA SER C 1210 -3.41 -76.62 -95.72
C SER C 1210 -3.28 -77.61 -94.57
N LEU C 1211 -3.86 -77.31 -93.40
CA LEU C 1211 -3.88 -78.28 -92.32
C LEU C 1211 -4.70 -79.49 -92.71
N ARG C 1212 -4.19 -80.68 -92.39
CA ARG C 1212 -4.76 -81.91 -92.94
C ARG C 1212 -6.08 -82.26 -92.25
N PHE C 1213 -6.02 -82.60 -90.96
CA PHE C 1213 -7.23 -83.06 -90.28
C PHE C 1213 -7.92 -81.93 -89.53
N PHE C 1214 -7.24 -81.37 -88.53
CA PHE C 1214 -7.73 -80.26 -87.70
C PHE C 1214 -9.08 -80.56 -87.04
N ALA C 1215 -9.46 -81.83 -86.96
CA ALA C 1215 -10.77 -82.23 -86.44
C ALA C 1215 -10.70 -82.79 -85.03
N ILE C 1216 -9.55 -82.72 -84.37
CA ILE C 1216 -9.40 -83.25 -83.02
C ILE C 1216 -9.08 -82.17 -81.99
N CYS C 1217 -8.60 -81.00 -82.40
CA CYS C 1217 -8.30 -79.92 -81.46
C CYS C 1217 -8.82 -78.56 -81.89
N GLY C 1218 -9.20 -78.37 -83.14
CA GLY C 1218 -9.67 -77.09 -83.62
C GLY C 1218 -11.17 -76.89 -83.57
N LEU C 1219 -11.93 -77.83 -83.02
CA LEU C 1219 -13.38 -77.73 -83.00
C LEU C 1219 -13.88 -77.10 -81.69
N GLN C 1220 -13.59 -77.73 -80.56
CA GLN C 1220 -13.99 -77.21 -79.25
C GLN C 1220 -12.85 -77.05 -78.25
N GLU C 1221 -11.69 -77.67 -78.48
CA GLU C 1221 -10.58 -77.51 -77.54
C GLU C 1221 -10.02 -76.10 -77.55
N GLY C 1222 -10.27 -75.32 -78.60
CA GLY C 1222 -9.78 -73.97 -78.70
C GLY C 1222 -8.35 -73.84 -79.14
N PHE C 1223 -7.67 -74.95 -79.42
CA PHE C 1223 -6.26 -74.91 -79.83
C PHE C 1223 -6.14 -74.31 -81.22
N GLU C 1224 -5.08 -73.52 -81.41
CA GLU C 1224 -4.87 -72.77 -82.63
C GLU C 1224 -3.49 -73.08 -83.19
N PRO C 1225 -3.29 -72.94 -84.50
CA PRO C 1225 -1.96 -73.15 -85.07
C PRO C 1225 -0.95 -72.14 -84.53
N PHE C 1226 0.31 -72.58 -84.48
CA PHE C 1226 1.37 -71.79 -83.85
C PHE C 1226 1.59 -70.47 -84.59
N ALA C 1227 1.58 -70.50 -85.92
CA ALA C 1227 1.80 -69.32 -86.74
C ALA C 1227 0.55 -69.09 -87.57
N ILE C 1228 -0.43 -68.39 -86.99
CA ILE C 1228 -1.70 -68.16 -87.65
C ILE C 1228 -1.87 -66.71 -88.12
N ASN C 1229 -1.27 -65.75 -87.43
CA ASN C 1229 -1.37 -64.34 -87.79
C ASN C 1229 -0.01 -63.78 -88.19
N MET C 1230 0.72 -64.54 -89.00
CA MET C 1230 2.05 -64.16 -89.48
C MET C 1230 1.98 -63.85 -90.96
N GLN C 1231 2.53 -62.69 -91.35
CA GLN C 1231 2.56 -62.33 -92.76
C GLN C 1231 3.63 -63.12 -93.52
N ARG C 1232 4.68 -63.53 -92.83
CA ARG C 1232 5.80 -64.25 -93.42
C ARG C 1232 6.08 -65.49 -92.59
N PRO C 1233 6.66 -66.54 -93.22
CA PRO C 1233 6.94 -67.78 -92.47
C PRO C 1233 8.03 -67.64 -91.42
N VAL C 1234 8.30 -68.72 -90.70
CA VAL C 1234 9.25 -68.74 -89.59
C VAL C 1234 10.65 -69.01 -90.14
N THR C 1235 11.66 -68.50 -89.43
CA THR C 1235 13.05 -68.72 -89.83
C THR C 1235 13.43 -70.19 -89.78
N THR C 1236 13.01 -70.90 -88.72
CA THR C 1236 13.23 -72.34 -88.53
C THR C 1236 14.73 -72.68 -88.59
N TRP C 1237 15.45 -72.20 -87.58
CA TRP C 1237 16.90 -72.38 -87.52
C TRP C 1237 17.27 -73.86 -87.45
N PHE C 1238 18.51 -74.16 -87.86
CA PHE C 1238 18.94 -75.54 -87.96
C PHE C 1238 20.36 -75.68 -87.42
N SER C 1239 20.80 -76.93 -87.30
CA SER C 1239 22.10 -77.25 -86.73
C SER C 1239 23.08 -77.63 -87.83
N LYS C 1240 24.27 -77.02 -87.80
CA LYS C 1240 25.33 -77.30 -88.75
C LYS C 1240 26.44 -78.07 -88.05
N SER C 1241 27.06 -78.98 -88.80
CA SER C 1241 28.12 -79.85 -88.28
C SER C 1241 29.51 -79.36 -88.68
N LEU C 1242 29.62 -78.15 -89.21
CA LEU C 1242 30.93 -77.61 -89.57
C LEU C 1242 31.66 -77.16 -88.30
N PRO C 1243 32.85 -77.68 -88.01
CA PRO C 1243 33.55 -77.28 -86.80
C PRO C 1243 34.05 -75.84 -86.88
N GLN C 1244 34.01 -75.16 -85.73
CA GLN C 1244 34.41 -73.77 -85.64
C GLN C 1244 35.14 -73.52 -84.32
N PHE C 1245 35.99 -72.49 -84.32
CA PHE C 1245 36.72 -72.10 -83.12
C PHE C 1245 35.85 -71.20 -82.25
N GLU C 1246 35.73 -71.54 -80.98
CA GLU C 1246 34.95 -70.76 -80.02
C GLU C 1246 35.74 -70.63 -78.73
N PRO C 1247 35.56 -69.53 -78.00
CA PRO C 1247 36.25 -69.40 -76.70
C PRO C 1247 35.75 -70.44 -75.71
N VAL C 1248 36.65 -70.91 -74.87
CA VAL C 1248 36.31 -71.94 -73.89
C VAL C 1248 35.38 -71.35 -72.82
N PRO C 1249 34.28 -72.01 -72.49
CA PRO C 1249 33.39 -71.49 -71.44
C PRO C 1249 34.08 -71.53 -70.09
N PRO C 1250 33.96 -70.46 -69.29
CA PRO C 1250 34.52 -70.49 -67.94
C PRO C 1250 33.89 -71.52 -67.01
N GLU C 1251 32.63 -71.92 -67.23
CA GLU C 1251 32.06 -73.04 -66.47
C GLU C 1251 32.13 -74.29 -67.35
N HIS C 1252 33.29 -74.94 -67.31
CA HIS C 1252 33.50 -76.21 -67.99
C HIS C 1252 33.95 -77.24 -66.96
N PRO C 1253 33.20 -78.33 -66.77
CA PRO C 1253 33.58 -79.32 -65.75
C PRO C 1253 34.91 -80.01 -66.01
N HIS C 1254 35.31 -80.16 -67.26
CA HIS C 1254 36.51 -80.92 -67.60
C HIS C 1254 37.76 -80.05 -67.67
N TYR C 1255 37.76 -79.05 -68.55
CA TYR C 1255 38.93 -78.24 -68.81
C TYR C 1255 38.78 -76.86 -68.17
N GLU C 1256 39.81 -76.43 -67.45
CA GLU C 1256 39.85 -75.12 -66.84
C GLU C 1256 41.13 -74.40 -67.25
N VAL C 1257 41.00 -73.11 -67.54
CA VAL C 1257 42.12 -72.28 -67.98
C VAL C 1257 42.33 -71.18 -66.95
N ALA C 1258 43.56 -71.08 -66.45
CA ALA C 1258 43.93 -70.09 -65.44
C ALA C 1258 45.06 -69.22 -65.95
N ARG C 1259 44.95 -67.92 -65.71
CA ARG C 1259 45.97 -66.97 -66.11
C ARG C 1259 47.06 -66.87 -65.05
N MET C 1260 48.30 -66.76 -65.49
CA MET C 1260 49.45 -66.63 -64.61
C MET C 1260 50.15 -65.30 -64.88
N ASP C 1261 50.38 -64.53 -63.81
CA ASP C 1261 51.05 -63.24 -63.94
C ASP C 1261 52.53 -63.43 -64.24
N GLY C 1262 53.09 -62.46 -64.95
CA GLY C 1262 54.50 -62.50 -65.30
C GLY C 1262 55.37 -62.25 -64.09
N THR C 1263 56.22 -63.22 -63.74
CA THR C 1263 57.10 -63.09 -62.60
C THR C 1263 58.38 -62.35 -63.00
N VAL C 1264 59.28 -62.18 -62.04
CA VAL C 1264 60.55 -61.52 -62.31
C VAL C 1264 61.42 -62.35 -63.25
N ASP C 1265 61.50 -63.66 -62.99
CA ASP C 1265 62.29 -64.56 -63.82
C ASP C 1265 61.44 -65.41 -64.75
N THR C 1266 60.12 -65.24 -64.73
CA THR C 1266 59.22 -66.02 -65.56
C THR C 1266 58.32 -65.09 -66.36
N PRO C 1267 58.26 -65.22 -67.68
CA PRO C 1267 57.34 -64.42 -68.48
C PRO C 1267 55.91 -64.86 -68.24
N PRO C 1268 54.93 -64.00 -68.54
CA PRO C 1268 53.53 -64.41 -68.38
C PRO C 1268 53.18 -65.59 -69.28
N CYS C 1269 52.36 -66.49 -68.75
CA CYS C 1269 52.03 -67.72 -69.46
C CYS C 1269 50.59 -68.11 -69.15
N LEU C 1270 50.02 -68.92 -70.03
CA LEU C 1270 48.66 -69.43 -69.89
C LEU C 1270 48.74 -70.94 -69.74
N ARG C 1271 48.03 -71.47 -68.74
CA ARG C 1271 48.09 -72.89 -68.40
C ARG C 1271 46.72 -73.53 -68.61
N LEU C 1272 46.73 -74.78 -69.08
CA LEU C 1272 45.53 -75.59 -69.21
C LEU C 1272 45.60 -76.74 -68.22
N ALA C 1273 44.58 -76.88 -67.39
CA ALA C 1273 44.54 -77.90 -66.35
C ALA C 1273 43.32 -78.78 -66.54
N HIS C 1274 43.51 -80.09 -66.45
CA HIS C 1274 42.43 -81.07 -66.56
C HIS C 1274 42.13 -81.61 -65.18
N ARG C 1275 40.87 -81.52 -64.76
CA ARG C 1275 40.47 -81.97 -63.44
C ARG C 1275 39.43 -83.09 -63.53
N UNK C 1276 39.91 -84.33 -63.61
CA UNK C 1276 39.03 -85.49 -63.71
C UNK C 1276 39.72 -86.75 -63.22
N UNK C 1277 39.10 -87.43 -62.26
CA UNK C 1277 39.62 -88.71 -61.77
C UNK C 1277 39.29 -89.82 -62.77
N UNK C 1278 38.16 -89.64 -63.45
CA UNK C 1278 37.73 -90.58 -64.48
C UNK C 1278 37.25 -89.80 -65.70
N UNK C 1279 35.93 -89.68 -65.82
CA UNK C 1279 35.26 -88.89 -66.87
C UNK C 1279 35.67 -89.33 -68.28
N UNK C 1280 36.06 -88.38 -69.11
CA UNK C 1280 36.47 -88.66 -70.48
C UNK C 1280 37.85 -88.08 -70.76
N UNK C 1281 38.60 -88.74 -71.64
CA UNK C 1281 39.93 -88.29 -72.01
C UNK C 1281 40.06 -88.18 -73.53
N UNK C 1282 39.14 -87.44 -74.14
CA UNK C 1282 39.15 -87.26 -75.59
C UNK C 1282 40.28 -86.34 -76.02
N UNK C 1283 40.69 -86.45 -77.28
CA UNK C 1283 41.77 -85.64 -77.81
C UNK C 1283 41.31 -84.20 -78.04
N UNK C 1284 41.82 -83.28 -77.23
CA UNK C 1284 41.49 -81.87 -77.37
C UNK C 1284 42.13 -81.30 -78.62
N UNK C 1285 41.45 -81.46 -79.75
CA UNK C 1285 41.98 -81.00 -81.04
C UNK C 1285 42.00 -79.48 -81.12
N UNK C 1286 43.20 -78.94 -81.38
CA UNK C 1286 43.47 -77.51 -81.55
C UNK C 1286 43.23 -76.66 -80.29
N UNK C 1287 44.10 -75.68 -80.11
CA UNK C 1287 44.00 -74.74 -79.00
C UNK C 1287 44.59 -73.40 -79.41
N UNK C 1288 44.07 -72.84 -80.49
CA UNK C 1288 44.59 -71.60 -81.05
C UNK C 1288 44.27 -70.39 -80.17
N UNK C 1289 45.10 -69.36 -80.27
CA UNK C 1289 44.90 -68.14 -79.51
C UNK C 1289 43.87 -67.25 -80.19
N UNK C 1290 43.61 -66.08 -79.59
CA UNK C 1290 42.62 -65.15 -80.12
C UNK C 1290 43.13 -64.44 -81.37
N UNK C 1291 44.03 -63.50 -81.18
CA UNK C 1291 44.56 -62.71 -82.29
C UNK C 1291 45.50 -63.53 -83.17
N UNK C 1292 45.75 -63.05 -84.38
CA UNK C 1292 46.62 -63.73 -85.32
C UNK C 1292 47.61 -62.76 -85.95
N UNK C 1293 48.80 -63.27 -86.27
CA UNK C 1293 49.84 -62.45 -86.89
C UNK C 1293 49.71 -62.48 -88.42
N UNK C 1294 50.25 -61.46 -89.07
CA UNK C 1294 50.18 -61.37 -90.52
C UNK C 1294 51.56 -61.06 -91.12
N UNK C 1295 51.90 -61.73 -92.20
CA UNK C 1295 53.18 -61.51 -92.88
C UNK C 1295 53.16 -60.20 -93.64
N UNK C 1296 54.34 -59.62 -93.85
CA UNK C 1296 54.46 -58.35 -94.56
C UNK C 1296 54.21 -58.53 -96.05
N UNK C 1297 53.66 -57.51 -96.68
CA UNK C 1297 53.37 -57.55 -98.11
C UNK C 1297 54.64 -57.40 -98.93
N UNK C 1298 62.07 -60.21 -100.20
CA UNK C 1298 60.97 -59.27 -100.00
C UNK C 1298 60.22 -59.56 -98.71
N UNK C 1299 59.47 -60.66 -98.70
CA UNK C 1299 58.70 -61.05 -97.52
C UNK C 1299 59.61 -61.65 -96.46
N UNK C 1300 60.65 -62.34 -96.90
CA UNK C 1300 61.63 -63.00 -96.03
C UNK C 1300 60.98 -63.95 -95.02
N UNK C 1301 59.93 -64.65 -95.46
CA UNK C 1301 59.20 -65.57 -94.60
C UNK C 1301 59.87 -66.94 -94.59
N UNK C 1302 60.33 -67.36 -93.41
CA UNK C 1302 60.98 -68.65 -93.26
C UNK C 1302 60.85 -69.14 -91.82
N UNK C 1303 59.85 -70.00 -91.58
CA UNK C 1303 59.62 -70.55 -90.25
C UNK C 1303 60.71 -71.56 -89.90
N UNK C 1304 60.98 -71.70 -88.60
CA UNK C 1304 62.02 -72.60 -88.12
C UNK C 1304 61.74 -73.02 -86.68
N UNK C 1305 61.35 -74.27 -86.50
CA UNK C 1305 61.09 -74.81 -85.17
C UNK C 1305 62.40 -75.15 -84.46
N UNK C 1306 62.61 -74.54 -83.30
CA UNK C 1306 63.83 -74.78 -82.53
C UNK C 1306 63.51 -75.36 -81.16
N UNK C 1307 63.93 -76.60 -80.93
CA UNK C 1307 63.70 -77.27 -79.66
C UNK C 1307 65.01 -77.39 -78.88
N UNK C 1308 65.06 -76.72 -77.73
CA UNK C 1308 66.24 -76.69 -76.85
C UNK C 1308 67.49 -76.23 -77.59
N UNK C 1309 68.13 -77.16 -78.28
CA UNK C 1309 69.34 -76.84 -79.05
C UNK C 1309 68.96 -76.37 -80.46
N UNK C 1310 68.70 -77.33 -81.34
CA UNK C 1310 68.32 -77.03 -82.72
C UNK C 1310 67.50 -78.15 -83.32
N UNK C 1311 66.89 -77.90 -84.47
CA UNK C 1311 66.09 -78.91 -85.16
C UNK C 1311 66.07 -78.65 -86.66
N UNK C 1312 65.78 -79.70 -87.43
CA UNK C 1312 65.72 -79.59 -88.89
C UNK C 1312 64.34 -79.95 -89.41
N UNK C 1313 63.39 -79.01 -89.27
CA UNK C 1313 62.03 -79.24 -89.72
C UNK C 1313 61.74 -78.45 -90.99
N UNK C 1314 62.79 -77.83 -91.55
CA UNK C 1314 62.73 -77.07 -92.80
C UNK C 1314 61.71 -75.93 -92.75
N UNK C 1315 60.43 -76.28 -92.86
CA UNK C 1315 59.30 -75.34 -92.90
C UNK C 1315 59.42 -74.37 -94.07
N UNK C 1316 58.71 -74.68 -95.15
CA UNK C 1316 58.79 -73.91 -96.39
C UNK C 1316 58.28 -72.48 -96.23
N UNK C 1317 58.64 -71.63 -97.18
CA UNK C 1317 58.27 -70.21 -97.16
C UNK C 1317 56.78 -70.02 -97.40
N UNK C 1318 56.22 -69.01 -96.75
CA UNK C 1318 54.81 -68.69 -96.92
C UNK C 1318 54.59 -67.82 -98.15
N UNK C 1319 53.38 -67.32 -98.32
CA UNK C 1319 53.04 -66.49 -99.47
C UNK C 1319 53.47 -65.03 -99.23
N UNK C 1320 52.60 -64.10 -99.64
CA UNK C 1320 52.88 -62.68 -99.47
C UNK C 1320 52.22 -62.15 -98.21
N UNK C 1321 50.92 -61.86 -98.31
CA UNK C 1321 50.18 -61.33 -97.17
C UNK C 1321 49.39 -62.43 -96.48
N UNK C 1322 50.07 -63.53 -96.16
CA UNK C 1322 49.44 -64.65 -95.48
C UNK C 1322 49.27 -64.35 -93.99
N UNK C 1323 48.26 -64.96 -93.38
CA UNK C 1323 47.99 -64.76 -91.96
C UNK C 1323 47.99 -66.09 -91.22
N UNK C 1324 48.84 -66.18 -90.19
CA UNK C 1324 48.95 -67.40 -89.40
C UNK C 1324 48.71 -67.13 -87.92
N UNK C 1325 48.21 -68.14 -87.21
CA UNK C 1325 47.94 -68.02 -85.78
C UNK C 1325 48.59 -69.16 -85.02
N UNK C 1326 49.02 -68.88 -83.79
CA UNK C 1326 49.65 -69.89 -82.94
C UNK C 1326 48.62 -70.91 -82.47
N UNK C 1327 49.06 -72.15 -82.32
CA UNK C 1327 48.16 -73.23 -81.89
C UNK C 1327 48.91 -74.34 -81.17
N UNK C 1328 48.16 -75.27 -80.58
CA UNK C 1328 48.73 -76.40 -79.87
C UNK C 1328 47.72 -77.53 -79.75
N UNK C 1329 47.77 -78.47 -80.69
CA UNK C 1329 46.83 -79.59 -80.71
C UNK C 1329 47.43 -80.81 -80.00
N UNK C 1330 47.21 -80.90 -78.69
CA UNK C 1330 47.73 -81.99 -77.89
C UNK C 1330 46.61 -82.81 -77.27
N UNK C 1331 46.96 -83.96 -76.70
CA UNK C 1331 46.00 -84.83 -76.05
C UNK C 1331 46.24 -84.89 -74.55
N UNK C 1332 45.19 -85.17 -73.79
CA UNK C 1332 45.29 -85.22 -72.33
C UNK C 1332 45.99 -86.50 -71.88
N UNK C 1333 46.59 -86.46 -70.69
CA UNK C 1333 47.29 -87.61 -70.15
C UNK C 1333 46.87 -87.88 -68.71
N UNK C 1334 45.65 -87.46 -68.37
CA UNK C 1334 45.06 -87.63 -67.03
C UNK C 1334 45.93 -87.05 -65.93
N UNK C 1335 46.48 -85.87 -66.17
CA UNK C 1335 47.32 -85.19 -65.20
C UNK C 1335 47.28 -83.68 -65.40
N UNK C 1336 48.31 -83.14 -66.05
CA UNK C 1336 48.39 -81.72 -66.35
C UNK C 1336 48.74 -81.50 -67.81
N UNK C 1337 47.97 -80.66 -68.48
CA UNK C 1337 48.18 -80.40 -69.90
C UNK C 1337 49.33 -79.42 -70.14
N UNK C 1338 49.47 -78.97 -71.38
CA UNK C 1338 50.55 -78.07 -71.76
C UNK C 1338 50.30 -76.65 -71.26
N UNK C 1339 51.31 -75.80 -71.38
CA UNK C 1339 51.20 -74.41 -70.94
C UNK C 1339 51.94 -73.48 -71.90
N UNK C 1340 51.18 -72.67 -72.64
CA UNK C 1340 51.76 -71.73 -73.59
C UNK C 1340 52.40 -70.57 -72.86
N UNK C 1341 53.62 -70.21 -73.28
CA UNK C 1341 54.36 -69.13 -72.65
C UNK C 1341 54.99 -68.21 -73.68
N UNK C 1342 54.54 -66.96 -73.71
CA UNK C 1342 55.08 -65.96 -74.62
C UNK C 1342 56.28 -65.26 -74.00
N UNK C 1343 57.40 -65.27 -74.71
CA UNK C 1343 58.63 -64.66 -74.20
C UNK C 1343 59.48 -64.10 -75.34
N UNK C 1344 60.77 -63.95 -75.07
CA UNK C 1344 61.71 -63.43 -76.06
C UNK C 1344 63.12 -63.96 -75.79
N UNK C 1345 63.84 -64.29 -76.85
CA UNK C 1345 65.20 -64.79 -76.72
C UNK C 1345 66.20 -63.64 -76.62
N UNK C 1346 67.25 -63.70 -77.43
CA UNK C 1346 68.26 -62.64 -77.44
C UNK C 1346 67.72 -61.39 -78.13
N UNK C 1347 67.22 -61.57 -79.34
CA UNK C 1347 66.66 -60.46 -80.11
C UNK C 1347 65.67 -60.98 -81.16
N UNK C 1348 64.87 -61.96 -80.77
CA UNK C 1348 63.88 -62.54 -81.67
C UNK C 1348 62.60 -62.91 -80.94
N UNK C 1349 61.55 -63.23 -81.69
CA UNK C 1349 60.27 -63.60 -81.11
C UNK C 1349 59.99 -65.09 -81.28
N UNK C 1350 59.34 -65.68 -80.29
CA UNK C 1350 59.02 -67.10 -80.32
C UNK C 1350 57.82 -67.43 -79.43
N UNK C 1351 57.33 -68.66 -79.54
CA UNK C 1351 56.22 -69.11 -78.71
C UNK C 1351 56.57 -70.41 -78.00
N UNK C 1352 56.93 -70.30 -76.72
CA UNK C 1352 57.36 -71.45 -75.94
C UNK C 1352 56.19 -72.30 -75.47
N UNK C 1353 56.49 -73.54 -75.07
CA UNK C 1353 55.49 -74.46 -74.57
C UNK C 1353 56.13 -75.50 -73.66
N UNK C 1354 55.32 -76.14 -72.82
CA UNK C 1354 55.82 -77.15 -71.91
C UNK C 1354 54.97 -78.42 -71.96
N UNK C 1355 55.51 -79.46 -72.59
CA UNK C 1355 54.79 -80.72 -72.72
C UNK C 1355 55.00 -81.62 -71.51
N UNK C 1356 54.34 -82.77 -71.50
CA UNK C 1356 54.46 -83.71 -70.40
C UNK C 1356 54.17 -85.14 -70.87
N UNK C 1357 54.31 -85.36 -72.18
CA UNK C 1357 54.07 -86.68 -72.76
C UNK C 1357 54.89 -86.87 -74.04
N UNK C 1358 54.39 -87.71 -74.93
CA UNK C 1358 55.08 -87.99 -76.19
C UNK C 1358 54.34 -87.38 -77.37
N UNK C 1359 53.11 -87.83 -77.59
CA UNK C 1359 52.31 -87.35 -78.71
C UNK C 1359 51.61 -86.04 -78.35
N UNK C 1360 52.22 -84.92 -78.75
CA UNK C 1360 51.66 -83.61 -78.48
C UNK C 1360 52.20 -82.56 -79.46
N UNK C 1361 51.70 -82.60 -80.69
CA UNK C 1361 52.13 -81.66 -81.72
C UNK C 1361 51.63 -80.25 -81.42
N UNK C 1362 52.49 -79.25 -81.61
CA UNK C 1362 52.13 -77.87 -81.31
C UNK C 1362 52.94 -76.87 -82.12
N UNK C 1363 52.27 -76.17 -83.04
CA UNK C 1363 52.89 -75.13 -83.84
C UNK C 1363 51.83 -74.20 -84.41
N UNK C 1364 52.23 -73.35 -85.36
CA UNK C 1364 51.32 -72.39 -85.96
C UNK C 1364 50.32 -73.04 -86.90
N UNK C 1365 49.13 -72.47 -87.00
CA UNK C 1365 48.08 -72.98 -87.89
C UNK C 1365 47.57 -71.87 -88.80
N UNK C 1366 46.82 -72.26 -89.83
CA UNK C 1366 46.29 -71.30 -90.80
C UNK C 1366 45.02 -70.64 -90.29
N UNK C 1367 44.39 -69.85 -91.15
CA UNK C 1367 43.17 -69.13 -90.78
C UNK C 1367 41.93 -69.83 -91.32
N UNK C 1368 42.11 -71.05 -91.83
CA UNK C 1368 41.01 -71.83 -92.37
C UNK C 1368 41.21 -73.31 -92.10
N UNK C 1369 41.42 -73.65 -90.83
CA UNK C 1369 41.67 -75.04 -90.44
C UNK C 1369 40.44 -75.63 -89.75
N UNK C 1370 39.77 -76.54 -90.43
CA UNK C 1370 38.61 -77.23 -89.88
C UNK C 1370 38.86 -78.73 -89.78
N UNK C 1371 37.80 -79.51 -89.95
CA UNK C 1371 37.84 -80.97 -89.93
C UNK C 1371 38.47 -81.54 -88.66
N UNK C 1372 37.65 -81.69 -87.62
CA UNK C 1372 38.10 -82.26 -86.36
C UNK C 1372 38.32 -83.75 -86.50
N UNK C 1373 39.57 -84.14 -86.76
CA UNK C 1373 39.92 -85.54 -86.96
C UNK C 1373 39.89 -86.32 -85.65
N UNK C 1374 39.93 -87.65 -85.76
CA UNK C 1374 39.90 -88.51 -84.59
C UNK C 1374 41.30 -88.69 -84.00
N UNK C 1375 42.25 -89.05 -84.87
CA UNK C 1375 43.63 -89.27 -84.44
C UNK C 1375 44.61 -89.07 -85.59
N UNK C 1376 45.85 -89.50 -85.36
CA UNK C 1376 46.95 -89.43 -86.34
C UNK C 1376 47.22 -88.01 -86.86
N UNK C 1377 47.96 -87.93 -87.95
CA UNK C 1377 48.31 -86.65 -88.55
C UNK C 1377 47.72 -86.53 -89.95
N UNK C 1378 48.59 -86.51 -90.95
CA UNK C 1378 48.21 -86.40 -92.37
C UNK C 1378 47.33 -85.19 -92.66
N UNK C 1379 47.96 -84.03 -92.80
CA UNK C 1379 47.23 -82.80 -93.09
C UNK C 1379 46.98 -82.65 -94.59
N UNK C 1380 46.12 -81.70 -94.94
CA UNK C 1380 45.79 -81.45 -96.34
C UNK C 1380 46.86 -80.57 -96.98
N UNK C 1381 47.27 -80.95 -98.20
CA UNK C 1381 48.30 -80.19 -98.92
C UNK C 1381 48.18 -80.41 -100.43
N UNK C 1382 48.76 -79.48 -101.18
CA UNK C 1382 48.75 -79.57 -102.65
C UNK C 1382 49.96 -78.85 -103.21
N UNK C 1383 50.08 -78.85 -104.54
CA UNK C 1383 51.22 -78.21 -105.19
C UNK C 1383 50.86 -77.75 -106.60
N UNK C 1384 50.59 -76.45 -106.75
CA UNK C 1384 50.29 -75.87 -108.05
C UNK C 1384 51.58 -75.53 -108.79
N UNK C 1385 52.03 -76.45 -109.64
CA UNK C 1385 53.28 -76.25 -110.37
C UNK C 1385 53.02 -75.80 -111.80
N UNK C 1386 53.17 -74.50 -112.04
CA UNK C 1386 52.99 -73.94 -113.38
C UNK C 1386 54.24 -74.14 -114.22
N UNK C 1387 54.16 -73.78 -115.50
CA UNK C 1387 55.29 -73.93 -116.41
C UNK C 1387 55.27 -72.86 -117.50
N UNK C 1388 55.94 -73.14 -118.61
CA UNK C 1388 55.99 -72.21 -119.73
C UNK C 1388 55.27 -72.78 -120.95
N UNK C 1389 55.83 -72.55 -122.13
CA UNK C 1389 55.25 -73.06 -123.36
C UNK C 1389 55.48 -74.56 -123.49
N UNK C 1390 56.56 -75.03 -122.88
CA UNK C 1390 56.89 -76.46 -122.91
C UNK C 1390 57.17 -76.96 -121.49
N UNK C 1391 58.21 -77.78 -121.35
CA UNK C 1391 58.60 -78.30 -120.05
C UNK C 1391 59.92 -77.69 -119.59
N UNK C 1392 60.24 -76.52 -120.12
CA UNK C 1392 61.48 -75.82 -119.79
C UNK C 1392 61.37 -75.12 -118.45
N UNK C 1393 60.81 -73.91 -118.47
CA UNK C 1393 60.67 -73.11 -117.25
C UNK C 1393 59.58 -73.67 -116.34
N UNK C 1394 59.74 -73.48 -115.03
CA UNK C 1394 58.78 -73.97 -114.06
C UNK C 1394 58.85 -73.17 -112.77
N UNK C 1395 57.69 -72.81 -112.23
CA UNK C 1395 57.61 -72.07 -110.98
C UNK C 1395 56.70 -72.79 -110.00
N UNK C 1396 57.16 -73.93 -109.49
CA UNK C 1396 56.37 -74.75 -108.58
C UNK C 1396 56.23 -74.10 -107.22
N UNK C 1397 55.00 -73.90 -106.79
CA UNK C 1397 54.71 -73.32 -105.48
C UNK C 1397 53.81 -74.23 -104.67
N UNK C 1398 54.29 -74.64 -103.49
CA UNK C 1398 53.52 -75.51 -102.61
C UNK C 1398 52.31 -74.76 -102.05
N UNK C 1399 51.14 -75.41 -102.12
CA UNK C 1399 49.91 -74.81 -101.65
C UNK C 1399 49.92 -74.63 -100.14
N UNK C 1400 49.25 -73.59 -99.66
CA UNK C 1400 49.19 -73.30 -98.23
C UNK C 1400 48.37 -74.35 -97.49
N UNK C 1401 49.06 -75.14 -96.67
CA UNK C 1401 48.40 -76.19 -95.90
C UNK C 1401 47.54 -75.57 -94.79
N UNK C 1402 46.56 -76.33 -94.32
CA UNK C 1402 45.66 -75.87 -93.28
C UNK C 1402 46.34 -75.83 -91.92
N UNK C 1403 47.42 -76.60 -91.78
CA UNK C 1403 48.16 -76.66 -90.52
C UNK C 1403 49.63 -76.98 -90.74
N UNK C 1404 50.50 -76.11 -90.23
CA UNK C 1404 51.94 -76.33 -90.31
C UNK C 1404 52.47 -76.69 -88.92
N UNK C 1405 52.30 -77.96 -88.55
CA UNK C 1405 52.66 -78.41 -87.22
C UNK C 1405 54.01 -79.13 -87.20
N UNK C 1406 54.56 -79.32 -86.00
CA UNK C 1406 55.83 -80.02 -85.83
C UNK C 1406 55.57 -81.47 -85.42
N UNK C 1407 56.62 -82.29 -85.48
CA UNK C 1407 56.51 -83.70 -85.16
C UNK C 1407 56.42 -83.93 -83.65
N UNK C 1408 57.01 -83.01 -82.88
CA UNK C 1408 57.01 -83.02 -81.41
C UNK C 1408 57.62 -84.28 -80.80
N UNK C 1409 57.04 -85.45 -81.08
CA UNK C 1409 57.52 -86.71 -80.52
C UNK C 1409 58.84 -87.18 -81.12
N UNK C 1410 59.29 -86.49 -82.17
CA UNK C 1410 60.55 -86.84 -82.82
C UNK C 1410 61.75 -86.28 -82.06
N UNK C 1411 61.48 -85.46 -81.04
CA UNK C 1411 62.54 -84.87 -80.23
C UNK C 1411 62.60 -85.53 -78.86
N UNK C 1412 62.49 -86.86 -78.84
CA UNK C 1412 62.55 -87.60 -77.59
C UNK C 1412 63.05 -89.03 -77.83
N UNK C 1413 63.92 -89.51 -76.95
CA UNK C 1413 64.47 -90.84 -77.06
C UNK C 1413 64.77 -91.44 -75.68
N UNK C 1414 63.90 -91.13 -74.72
CA UNK C 1414 64.06 -91.63 -73.36
C UNK C 1414 62.73 -92.11 -72.80
N UNK C 1415 62.44 -91.73 -71.55
CA UNK C 1415 61.20 -92.12 -70.89
C UNK C 1415 60.53 -90.92 -70.23
N UNK C 1416 60.84 -89.73 -70.73
CA UNK C 1416 60.29 -88.45 -70.25
C UNK C 1416 60.53 -88.24 -68.75
N UNK C 1417 61.70 -87.71 -68.42
CA UNK C 1417 62.04 -87.45 -67.03
C UNK C 1417 61.93 -85.97 -66.70
N UNK C 1418 62.08 -85.12 -67.71
CA UNK C 1418 62.01 -83.68 -67.52
C UNK C 1418 60.90 -83.07 -68.38
N UNK C 1419 61.12 -81.84 -68.85
CA UNK C 1419 60.15 -81.14 -69.67
C UNK C 1419 60.82 -80.49 -70.86
N UNK C 1420 60.26 -80.70 -72.05
CA UNK C 1420 60.81 -80.12 -73.27
C UNK C 1420 60.23 -78.75 -73.56
N UNK C 1421 60.78 -78.07 -74.57
CA UNK C 1421 60.31 -76.74 -74.94
C UNK C 1421 60.60 -76.44 -76.41
N UNK C 1422 59.57 -76.03 -77.14
CA UNK C 1422 59.72 -75.68 -78.54
C UNK C 1422 59.56 -74.18 -78.73
N UNK C 1423 59.67 -73.72 -79.98
CA UNK C 1423 59.56 -72.30 -80.29
C UNK C 1423 59.13 -72.07 -81.74
N UNK C 1424 59.21 -70.81 -82.17
CA UNK C 1424 58.86 -70.45 -83.53
C UNK C 1424 60.01 -69.70 -84.20
N UNK C 1425 59.68 -68.75 -85.07
CA UNK C 1425 60.71 -67.97 -85.77
C UNK C 1425 60.18 -66.61 -86.20
N UNK C 1426 60.95 -65.57 -85.89
CA UNK C 1426 60.61 -64.21 -86.28
C UNK C 1426 61.87 -63.34 -86.32
N UNK C 1427 61.76 -62.15 -86.90
CA UNK C 1427 62.90 -61.25 -87.02
C UNK C 1427 62.48 -59.80 -86.80
N UNK C 1428 63.38 -59.02 -86.19
CA UNK C 1428 63.12 -57.60 -85.95
C UNK C 1428 64.12 -56.73 -86.70
N UNK C 1429 63.80 -55.45 -86.83
CA UNK C 1429 64.65 -54.51 -87.54
C UNK C 1429 65.13 -53.40 -86.62
N UNK C 1430 65.32 -53.72 -85.35
CA UNK C 1430 65.76 -52.74 -84.36
C UNK C 1430 66.80 -53.35 -83.41
N UNK C 1431 68.06 -53.33 -83.82
CA UNK C 1431 69.14 -53.88 -83.01
C UNK C 1431 69.96 -52.77 -82.38
N UNK C 1432 69.97 -52.73 -81.05
CA UNK C 1432 70.71 -51.71 -80.31
C UNK C 1432 71.30 -52.29 -79.04
N MET C 1573 60.29 -57.03 -80.80
CA MET C 1573 61.15 -58.13 -80.35
C MET C 1573 60.39 -59.34 -79.74
N PRO C 1574 59.35 -59.13 -78.88
CA PRO C 1574 58.57 -60.29 -78.44
C PRO C 1574 57.43 -60.61 -79.40
N LEU C 1575 56.62 -61.61 -79.05
CA LEU C 1575 55.51 -62.02 -79.90
C LEU C 1575 54.42 -60.97 -79.97
N SER C 1576 54.12 -60.33 -78.82
CA SER C 1576 52.99 -59.41 -78.75
C SER C 1576 53.29 -58.04 -79.35
N ALA C 1577 54.56 -57.73 -79.64
CA ALA C 1577 54.88 -56.41 -80.16
C ALA C 1577 54.40 -56.24 -81.61
N ALA C 1578 54.66 -57.24 -82.45
CA ALA C 1578 54.34 -57.17 -83.86
C ALA C 1578 52.91 -57.59 -84.18
N MET C 1579 52.15 -58.01 -83.17
CA MET C 1579 50.79 -58.51 -83.39
C MET C 1579 49.72 -57.45 -83.17
N PHE C 1580 49.96 -56.50 -82.26
CA PHE C 1580 48.96 -55.51 -81.89
C PHE C 1580 49.21 -54.13 -82.48
N LEU C 1581 50.34 -53.93 -83.16
CA LEU C 1581 50.73 -52.73 -83.90
C LEU C 1581 50.71 -51.46 -83.05
N SER C 1582 50.57 -51.57 -81.74
CA SER C 1582 50.63 -50.41 -80.84
C SER C 1582 51.85 -50.42 -79.93
N GLU C 1583 52.38 -51.59 -79.61
CA GLU C 1583 53.58 -51.72 -78.78
C GLU C 1583 54.73 -52.35 -79.57
N ARG C 1584 54.79 -52.06 -80.87
CA ARG C 1584 55.87 -52.59 -81.70
C ARG C 1584 57.23 -52.06 -81.26
N LYS C 1585 57.29 -50.77 -80.91
CA LYS C 1585 58.54 -50.19 -80.44
C LYS C 1585 58.95 -50.79 -79.09
N ASN C 1586 57.99 -51.01 -78.21
CA ASN C 1586 58.29 -51.54 -76.88
C ASN C 1586 58.66 -53.01 -76.95
N PRO C 1587 59.84 -53.41 -76.47
CA PRO C 1587 60.23 -54.82 -76.49
C PRO C 1587 59.76 -55.64 -75.29
N ALA C 1588 59.04 -55.04 -74.35
CA ALA C 1588 58.58 -55.76 -73.16
C ALA C 1588 57.37 -56.62 -73.51
N PRO C 1589 57.43 -57.94 -73.27
CA PRO C 1589 56.26 -58.77 -73.53
C PRO C 1589 55.12 -58.48 -72.57
N GLN C 1590 53.90 -58.69 -73.04
CA GLN C 1590 52.71 -58.44 -72.23
C GLN C 1590 51.56 -59.29 -72.78
N CYS C 1591 50.54 -59.47 -71.94
CA CYS C 1591 49.37 -60.27 -72.29
C CYS C 1591 48.10 -59.46 -72.04
N PRO C 1592 47.66 -58.69 -73.02
CA PRO C 1592 46.39 -57.95 -72.88
C PRO C 1592 45.21 -58.89 -72.79
N PRO C 1593 44.08 -58.45 -72.24
CA PRO C 1593 42.94 -59.36 -72.04
C PRO C 1593 42.32 -59.89 -73.32
N ARG C 1594 42.61 -59.29 -74.47
CA ARG C 1594 42.03 -59.76 -75.74
C ARG C 1594 42.49 -61.18 -76.06
N LEU C 1595 43.75 -61.52 -75.74
CA LEU C 1595 44.24 -62.86 -75.97
C LEU C 1595 43.55 -63.86 -75.04
N GLU C 1596 43.16 -65.00 -75.61
CA GLU C 1596 42.48 -66.04 -74.86
C GLU C 1596 42.66 -67.37 -75.57
N VAL C 1597 42.37 -68.45 -74.85
CA VAL C 1597 42.48 -69.80 -75.38
C VAL C 1597 41.15 -70.20 -75.99
N GLN C 1598 41.18 -70.68 -77.23
CA GLN C 1598 40.00 -71.10 -77.96
C GLN C 1598 40.04 -72.60 -78.21
N MET C 1599 38.86 -73.20 -78.36
CA MET C 1599 38.72 -74.63 -78.58
C MET C 1599 37.82 -74.87 -79.77
N LEU C 1600 37.96 -76.06 -80.35
CA LEU C 1600 37.20 -76.45 -81.53
C LEU C 1600 35.86 -77.07 -81.09
N MET C 1601 34.77 -76.58 -81.68
CA MET C 1601 33.44 -77.09 -81.43
C MET C 1601 32.90 -77.70 -82.72
N PRO C 1602 32.41 -78.94 -82.68
CA PRO C 1602 32.04 -79.63 -83.92
C PRO C 1602 30.73 -79.18 -84.53
N VAL C 1603 29.82 -78.66 -83.72
CA VAL C 1603 28.49 -78.29 -84.18
C VAL C 1603 28.16 -76.87 -83.75
N SER C 1604 27.22 -76.27 -84.46
CA SER C 1604 26.80 -74.90 -84.18
C SER C 1604 25.40 -74.69 -84.73
N TRP C 1605 24.85 -73.51 -84.47
CA TRP C 1605 23.54 -73.13 -85.00
C TRP C 1605 23.70 -72.32 -86.27
N SER C 1606 22.65 -72.31 -87.09
CA SER C 1606 22.68 -71.57 -88.34
C SER C 1606 21.25 -71.24 -88.76
N ARG C 1607 21.12 -70.27 -89.65
CA ARG C 1607 19.85 -69.75 -90.10
C ARG C 1607 19.58 -70.19 -91.54
N MET C 1608 18.38 -70.70 -91.79
CA MET C 1608 17.97 -71.03 -93.15
C MET C 1608 17.68 -69.75 -93.93
N PRO C 1609 18.21 -69.62 -95.15
CA PRO C 1609 17.84 -68.46 -95.99
C PRO C 1609 16.36 -68.46 -96.32
N ASN C 1610 15.81 -67.26 -96.49
CA ASN C 1610 14.39 -67.11 -96.78
C ASN C 1610 14.03 -67.64 -98.16
N HIS C 1611 14.93 -67.48 -99.14
CA HIS C 1611 14.69 -67.92 -100.51
C HIS C 1611 15.92 -68.65 -101.03
N PHE C 1612 15.69 -69.54 -102.00
CA PHE C 1612 16.73 -70.38 -102.56
C PHE C 1612 16.66 -70.33 -104.08
N LEU C 1613 17.81 -70.59 -104.70
CA LEU C 1613 17.89 -70.58 -106.16
C LEU C 1613 17.16 -71.78 -106.75
N GLN C 1614 16.54 -71.57 -107.90
CA GLN C 1614 15.86 -72.62 -108.64
C GLN C 1614 16.71 -73.03 -109.83
N VAL C 1615 17.11 -74.30 -109.87
CA VAL C 1615 17.93 -74.84 -110.94
C VAL C 1615 17.15 -75.99 -111.58
N GLU C 1616 17.07 -75.98 -112.91
CA GLU C 1616 16.34 -77.00 -113.65
C GLU C 1616 17.35 -77.87 -114.41
N THR C 1617 17.25 -79.18 -114.20
CA THR C 1617 18.14 -80.15 -114.84
C THR C 1617 17.29 -81.04 -115.75
N ARG C 1618 17.67 -81.09 -117.03
CA ARG C 1618 16.92 -81.89 -118.00
C ARG C 1618 17.89 -82.61 -118.94
N ARG C 1619 17.51 -83.81 -119.33
CA ARG C 1619 18.34 -84.64 -120.21
C ARG C 1619 17.84 -84.56 -121.66
N GLY C 1625 20.98 -84.80 -122.53
CA GLY C 1625 22.02 -83.79 -122.61
C GLY C 1625 22.56 -83.37 -121.25
N TRP C 1626 21.77 -83.64 -120.20
CA TRP C 1626 22.12 -83.32 -118.81
C TRP C 1626 22.41 -81.82 -118.65
N ALA C 1627 21.62 -80.99 -119.33
CA ALA C 1627 21.78 -79.55 -119.27
C ALA C 1627 21.08 -79.00 -118.03
N VAL C 1628 21.73 -78.03 -117.38
CA VAL C 1628 21.17 -77.38 -116.19
C VAL C 1628 21.11 -75.88 -116.43
N GLN C 1629 20.01 -75.27 -115.99
CA GLN C 1629 19.76 -73.86 -116.22
C GLN C 1629 19.25 -73.19 -114.95
N CYS C 1630 19.63 -71.91 -114.79
CA CYS C 1630 19.14 -71.07 -113.72
C CYS C 1630 19.06 -69.64 -114.23
N GLN C 1631 17.95 -68.96 -113.93
CA GLN C 1631 17.72 -67.61 -114.42
C GLN C 1631 17.04 -66.72 -113.39
N ASP C 1632 17.34 -66.92 -112.10
CA ASP C 1632 16.74 -66.14 -111.02
C ASP C 1632 17.84 -65.51 -110.18
N PRO C 1633 17.93 -64.19 -110.11
CA PRO C 1633 18.99 -63.56 -109.30
C PRO C 1633 18.55 -63.28 -107.88
N LEU C 1634 19.47 -63.50 -106.95
CA LEU C 1634 19.23 -63.25 -105.53
C LEU C 1634 20.43 -62.56 -104.91
N THR C 1635 20.17 -61.63 -104.00
CA THR C 1635 21.22 -60.89 -103.31
C THR C 1635 20.92 -60.85 -101.82
N MET C 1636 21.97 -60.72 -101.01
CA MET C 1636 21.82 -60.60 -99.57
C MET C 1636 23.01 -59.83 -99.01
N MET C 1637 22.79 -59.24 -97.84
CA MET C 1637 23.82 -58.45 -97.17
C MET C 1637 24.67 -59.35 -96.28
N ALA C 1638 25.98 -59.10 -96.28
CA ALA C 1638 26.94 -59.91 -95.53
C ALA C 1638 27.71 -59.04 -94.55
N LEU C 1639 27.88 -59.54 -93.33
CA LEU C 1639 28.68 -58.91 -92.29
C LEU C 1639 29.99 -59.67 -92.17
N HIS C 1640 31.10 -58.95 -92.24
CA HIS C 1640 32.43 -59.55 -92.28
C HIS C 1640 33.18 -59.26 -90.99
N ILE C 1641 33.75 -60.31 -90.39
CA ILE C 1641 34.67 -60.20 -89.27
C ILE C 1641 36.08 -60.32 -89.83
N PRO C 1642 36.88 -59.25 -89.81
CA PRO C 1642 38.21 -59.32 -90.43
C PRO C 1642 39.22 -60.10 -89.61
N GLU C 1643 39.15 -60.03 -88.28
CA GLU C 1643 40.13 -60.71 -87.43
C GLU C 1643 40.07 -62.23 -87.61
N GLU C 1644 38.87 -62.78 -87.67
CA GLU C 1644 38.69 -64.19 -87.98
C GLU C 1644 38.54 -64.44 -89.48
N ASN C 1645 38.46 -63.38 -90.29
CA ASN C 1645 38.37 -63.46 -91.74
C ASN C 1645 37.19 -64.32 -92.19
N ARG C 1646 36.02 -64.05 -91.60
CA ARG C 1646 34.84 -64.85 -91.89
C ARG C 1646 33.61 -63.97 -92.05
N CYS C 1647 32.75 -64.32 -93.01
CA CYS C 1647 31.54 -63.55 -93.29
C CYS C 1647 30.31 -64.37 -92.93
N MET C 1648 29.29 -63.67 -92.43
CA MET C 1648 28.04 -64.30 -92.01
C MET C 1648 26.87 -63.41 -92.41
N ASP C 1649 25.68 -63.99 -92.40
CA ASP C 1649 24.48 -63.24 -92.75
C ASP C 1649 24.18 -62.19 -91.68
N ILE C 1650 23.77 -61.00 -92.13
CA ILE C 1650 23.42 -59.94 -91.19
C ILE C 1650 22.02 -60.15 -90.61
N LEU C 1651 21.17 -60.93 -91.28
CA LEU C 1651 19.89 -61.29 -90.69
C LEU C 1651 20.06 -62.29 -89.56
N GLU C 1652 21.19 -63.00 -89.52
CA GLU C 1652 21.50 -63.90 -88.41
C GLU C 1652 21.79 -63.15 -87.12
N LEU C 1653 22.10 -61.85 -87.21
CA LEU C 1653 22.55 -61.05 -86.08
C LEU C 1653 21.48 -60.87 -84.99
N SER C 1654 20.22 -61.18 -85.29
CA SER C 1654 19.16 -60.94 -84.31
C SER C 1654 19.30 -61.82 -83.07
N GLU C 1655 19.97 -62.96 -83.19
CA GLU C 1655 20.14 -63.88 -82.06
C GLU C 1655 21.47 -63.71 -81.33
N ARG C 1656 22.37 -62.86 -81.84
CA ARG C 1656 23.66 -62.69 -81.19
C ARG C 1656 23.55 -61.87 -79.90
N LEU C 1657 22.73 -60.81 -79.93
CA LEU C 1657 22.35 -59.97 -78.79
C LEU C 1657 23.49 -59.13 -78.25
N ASP C 1658 24.71 -59.28 -78.77
CA ASP C 1658 25.81 -58.39 -78.40
C ASP C 1658 26.50 -57.75 -79.60
N LEU C 1659 26.72 -58.52 -80.68
CA LEU C 1659 27.24 -57.93 -81.91
C LEU C 1659 26.22 -56.97 -82.53
N GLN C 1660 24.93 -57.22 -82.32
CA GLN C 1660 23.90 -56.27 -82.76
C GLN C 1660 24.05 -54.93 -82.03
N ARG C 1661 24.25 -54.98 -80.71
CA ARG C 1661 24.47 -53.75 -79.95
C ARG C 1661 25.75 -53.04 -80.38
N PHE C 1662 26.82 -53.80 -80.60
CA PHE C 1662 28.08 -53.20 -81.05
C PHE C 1662 27.92 -52.53 -82.41
N HIS C 1663 27.24 -53.20 -83.35
CA HIS C 1663 27.03 -52.64 -84.68
C HIS C 1663 26.14 -51.40 -84.61
N SER C 1664 25.11 -51.41 -83.76
CA SER C 1664 24.26 -50.23 -83.60
C SER C 1664 25.05 -49.06 -83.03
N HIS C 1665 25.93 -49.31 -82.07
CA HIS C 1665 26.72 -48.22 -81.50
C HIS C 1665 27.75 -47.69 -82.49
N THR C 1666 28.35 -48.57 -83.31
CA THR C 1666 29.25 -48.10 -84.35
C THR C 1666 28.50 -47.29 -85.41
N LEU C 1667 27.27 -47.68 -85.71
CA LEU C 1667 26.44 -46.90 -86.62
C LEU C 1667 26.11 -45.53 -86.04
N ARG C 1668 25.83 -45.48 -84.74
CA ARG C 1668 25.63 -44.20 -84.07
C ARG C 1668 26.90 -43.35 -84.12
N LEU C 1669 28.07 -43.99 -84.02
CA LEU C 1669 29.32 -43.27 -84.19
C LEU C 1669 29.46 -42.72 -85.61
N TYR C 1670 29.06 -43.51 -86.61
CA TYR C 1670 29.02 -43.04 -87.99
C TYR C 1670 28.18 -41.77 -88.12
N ARG C 1671 26.98 -41.80 -87.55
CA ARG C 1671 26.11 -40.63 -87.61
C ARG C 1671 26.71 -39.43 -86.88
N ALA C 1672 27.28 -39.66 -85.70
CA ALA C 1672 27.78 -38.57 -84.87
C ALA C 1672 29.03 -37.92 -85.47
N VAL C 1673 29.89 -38.71 -86.13
CA VAL C 1673 31.13 -38.17 -86.67
C VAL C 1673 30.84 -37.19 -87.81
N CYS C 1674 29.96 -37.59 -88.73
CA CYS C 1674 29.65 -36.79 -89.91
C CYS C 1674 28.43 -35.88 -89.73
N ALA C 1675 27.81 -35.88 -88.54
CA ALA C 1675 26.64 -35.05 -88.32
C ALA C 1675 27.03 -33.58 -88.16
N LEU C 1676 26.01 -32.72 -88.21
CA LEU C 1676 26.12 -31.29 -87.93
C LEU C 1676 27.06 -30.58 -88.91
N GLY C 1677 26.71 -30.70 -90.19
CA GLY C 1677 27.30 -29.87 -91.22
C GLY C 1677 28.62 -30.34 -91.79
N ASN C 1678 29.18 -31.45 -91.30
CA ASN C 1678 30.43 -31.95 -91.85
C ASN C 1678 30.20 -32.52 -93.24
N ASN C 1679 31.06 -32.14 -94.18
CA ASN C 1679 30.90 -32.52 -95.59
C ASN C 1679 32.05 -33.34 -96.13
N ARG C 1680 33.29 -33.03 -95.73
CA ARG C 1680 34.44 -33.80 -96.18
C ARG C 1680 34.39 -35.23 -95.66
N VAL C 1681 33.94 -35.41 -94.42
CA VAL C 1681 33.84 -36.74 -93.83
C VAL C 1681 32.62 -37.49 -94.36
N ALA C 1682 31.63 -36.76 -94.87
CA ALA C 1682 30.43 -37.40 -95.43
C ALA C 1682 30.79 -38.25 -96.65
N HIS C 1683 31.68 -37.75 -97.51
CA HIS C 1683 32.11 -38.56 -98.65
C HIS C 1683 32.98 -39.74 -98.23
N ALA C 1684 33.72 -39.61 -97.12
CA ALA C 1684 34.46 -40.75 -96.59
C ALA C 1684 33.52 -41.86 -96.14
N LEU C 1685 32.46 -41.49 -95.41
CA LEU C 1685 31.46 -42.50 -95.03
C LEU C 1685 30.69 -43.01 -96.25
N CYS C 1686 30.50 -42.18 -97.28
CA CYS C 1686 29.86 -42.66 -98.50
C CYS C 1686 30.73 -43.71 -99.19
N SER C 1687 32.06 -43.53 -99.17
CA SER C 1687 32.96 -44.54 -99.69
C SER C 1687 32.93 -45.80 -98.82
N HIS C 1688 32.87 -45.63 -97.50
CA HIS C 1688 32.86 -46.78 -96.60
C HIS C 1688 31.59 -47.62 -96.76
N VAL C 1689 30.43 -46.97 -96.83
CA VAL C 1689 29.15 -47.66 -96.94
C VAL C 1689 28.48 -47.17 -98.22
N ASP C 1690 28.26 -48.08 -99.17
CA ASP C 1690 27.76 -47.72 -100.48
C ASP C 1690 26.30 -47.28 -100.42
N GLN C 1691 25.87 -46.60 -101.49
CA GLN C 1691 24.48 -46.16 -101.60
C GLN C 1691 23.56 -47.30 -101.97
N ALA C 1692 24.04 -48.26 -102.77
CA ALA C 1692 23.20 -49.38 -103.21
C ALA C 1692 22.77 -50.24 -102.03
N GLN C 1693 23.69 -50.56 -101.11
CA GLN C 1693 23.33 -51.33 -99.93
C GLN C 1693 22.42 -50.53 -99.00
N LEU C 1694 22.61 -49.20 -98.93
CA LEU C 1694 21.71 -48.37 -98.14
C LEU C 1694 20.29 -48.41 -98.68
N LEU C 1695 20.14 -48.37 -100.02
CA LEU C 1695 18.82 -48.49 -100.62
C LEU C 1695 18.24 -49.89 -100.41
N HIS C 1696 19.07 -50.93 -100.52
CA HIS C 1696 18.58 -52.29 -100.35
C HIS C 1696 18.17 -52.58 -98.92
N ALA C 1697 18.83 -51.96 -97.95
CA ALA C 1697 18.53 -52.20 -96.54
C ALA C 1697 17.17 -51.64 -96.11
N LEU C 1698 16.52 -50.84 -96.96
CA LEU C 1698 15.18 -50.38 -96.64
C LEU C 1698 14.13 -51.47 -96.88
N GLU C 1699 14.31 -52.27 -97.93
CA GLU C 1699 13.23 -53.12 -98.44
C GLU C 1699 12.98 -54.34 -97.56
N ASP C 1700 14.03 -54.90 -96.97
CA ASP C 1700 13.87 -56.15 -96.22
C ASP C 1700 13.00 -55.96 -94.99
N ALA C 1701 12.11 -56.92 -94.74
CA ALA C 1701 11.15 -56.80 -93.66
C ALA C 1701 11.75 -57.22 -92.32
N HIS C 1702 12.20 -58.46 -92.22
CA HIS C 1702 12.74 -58.96 -90.97
C HIS C 1702 14.11 -58.36 -90.69
N LEU C 1703 14.28 -57.79 -89.51
CA LEU C 1703 15.50 -57.11 -89.11
C LEU C 1703 15.58 -57.14 -87.59
N PRO C 1704 16.78 -56.93 -87.01
CA PRO C 1704 16.87 -56.85 -85.54
C PRO C 1704 15.99 -55.77 -84.93
N GLY C 1705 15.85 -54.62 -85.60
CA GLY C 1705 14.97 -53.57 -85.14
C GLY C 1705 15.63 -52.24 -84.84
N PRO C 1706 16.75 -52.24 -84.09
CA PRO C 1706 17.53 -51.01 -83.97
C PRO C 1706 18.34 -50.73 -85.22
N LEU C 1707 18.73 -51.80 -85.93
CA LEU C 1707 19.51 -51.66 -87.15
C LEU C 1707 18.72 -50.95 -88.24
N ARG C 1708 17.41 -51.22 -88.33
CA ARG C 1708 16.57 -50.55 -89.32
C ARG C 1708 16.51 -49.04 -89.05
N ALA C 1709 16.27 -48.66 -87.79
CA ALA C 1709 16.23 -47.24 -87.44
C ALA C 1709 17.58 -46.59 -87.65
N GLY C 1710 18.66 -47.29 -87.33
CA GLY C 1710 19.99 -46.75 -87.57
C GLY C 1710 20.28 -46.53 -89.04
N TYR C 1711 19.89 -47.48 -89.90
CA TYR C 1711 20.06 -47.32 -91.34
C TYR C 1711 19.24 -46.15 -91.87
N TYR C 1712 18.00 -46.02 -91.42
CA TYR C 1712 17.16 -44.89 -91.84
C TYR C 1712 17.78 -43.56 -91.41
N ASP C 1713 18.23 -43.48 -90.15
CA ASP C 1713 18.81 -42.24 -89.64
C ASP C 1713 20.13 -41.90 -90.34
N LEU C 1714 20.95 -42.91 -90.64
CA LEU C 1714 22.19 -42.67 -91.38
C LEU C 1714 21.90 -42.19 -92.79
N LEU C 1715 20.90 -42.79 -93.46
CA LEU C 1715 20.53 -42.36 -94.80
C LEU C 1715 20.03 -40.92 -94.79
N ILE C 1716 19.26 -40.55 -93.77
CA ILE C 1716 18.81 -39.16 -93.64
C ILE C 1716 20.00 -38.23 -93.40
N SER C 1717 20.89 -38.62 -92.48
CA SER C 1717 21.94 -37.71 -92.01
C SER C 1717 22.99 -37.46 -93.08
N ILE C 1718 23.49 -38.51 -93.73
CA ILE C 1718 24.65 -38.35 -94.62
C ILE C 1718 24.31 -37.79 -95.98
N HIS C 1719 23.03 -37.60 -96.30
CA HIS C 1719 22.64 -37.23 -97.65
C HIS C 1719 21.93 -35.89 -97.73
N LEU C 1720 20.93 -35.65 -96.89
CA LEU C 1720 20.05 -34.49 -97.05
C LEU C 1720 19.81 -33.72 -95.75
N GLU C 1721 20.53 -34.05 -94.67
CA GLU C 1721 20.31 -33.38 -93.40
C GLU C 1721 20.71 -31.91 -93.46
N SER C 1722 21.83 -31.60 -94.09
CA SER C 1722 22.28 -30.22 -94.20
C SER C 1722 21.33 -29.38 -95.04
N ALA C 1723 20.87 -29.94 -96.17
CA ALA C 1723 19.89 -29.24 -97.00
C ALA C 1723 18.58 -29.03 -96.27
N CYS C 1724 18.13 -30.03 -95.51
CA CYS C 1724 16.91 -29.89 -94.72
C CYS C 1724 17.07 -28.79 -93.67
N ARG C 1725 18.22 -28.76 -93.00
CA ARG C 1725 18.46 -27.71 -92.00
C ARG C 1725 18.47 -26.33 -92.62
N SER C 1726 19.12 -26.19 -93.78
CA SER C 1726 19.18 -24.89 -94.45
C SER C 1726 17.78 -24.43 -94.91
N ARG C 1727 17.00 -25.35 -95.47
CA ARG C 1727 15.65 -24.99 -95.91
C ARG C 1727 14.76 -24.65 -94.72
N ARG C 1728 14.90 -25.37 -93.61
CA ARG C 1728 14.14 -25.07 -92.41
C ARG C 1728 14.52 -23.71 -91.85
N SER C 1729 15.81 -23.37 -91.88
CA SER C 1729 16.24 -22.05 -91.42
C SER C 1729 15.70 -20.94 -92.32
N MET C 1730 15.70 -21.15 -93.63
CA MET C 1730 15.26 -20.12 -94.56
C MET C 1730 13.73 -20.04 -94.69
N LEU C 1731 13.01 -21.04 -94.18
CA LEU C 1731 11.55 -21.09 -94.32
C LEU C 1731 10.82 -20.01 -93.52
N SER C 1732 11.50 -19.30 -92.62
CA SER C 1732 10.85 -18.36 -91.72
C SER C 1732 10.80 -16.94 -92.30
N GLU C 1733 11.07 -16.76 -93.59
CA GLU C 1733 11.05 -15.46 -94.23
C GLU C 1733 10.04 -15.47 -95.38
N TYR C 1734 9.33 -14.35 -95.53
CA TYR C 1734 8.30 -14.19 -96.56
C TYR C 1734 8.67 -13.00 -97.45
N ILE C 1735 9.27 -13.30 -98.60
CA ILE C 1735 9.64 -12.28 -99.59
C ILE C 1735 9.03 -12.70 -100.93
N VAL C 1736 8.20 -11.85 -101.50
CA VAL C 1736 7.50 -12.14 -102.73
C VAL C 1736 7.86 -11.07 -103.76
N PRO C 1737 8.15 -11.44 -105.02
CA PRO C 1737 8.34 -10.42 -106.05
C PRO C 1737 7.04 -10.10 -106.79
N LEU C 1738 7.12 -9.17 -107.73
CA LEU C 1738 5.99 -8.80 -108.57
C LEU C 1738 6.17 -9.44 -109.94
N THR C 1739 5.18 -10.21 -110.37
CA THR C 1739 5.24 -10.99 -111.60
C THR C 1739 3.82 -11.34 -112.02
N PRO C 1740 3.60 -11.67 -113.29
CA PRO C 1740 2.27 -12.17 -113.68
C PRO C 1740 1.84 -13.42 -112.94
N GLU C 1741 2.79 -14.26 -112.50
CA GLU C 1741 2.44 -15.46 -111.74
C GLU C 1741 1.78 -15.11 -110.42
N THR C 1742 2.31 -14.12 -109.70
CA THR C 1742 1.66 -13.66 -108.48
C THR C 1742 0.55 -12.66 -108.74
N ARG C 1743 0.43 -12.14 -109.96
CA ARG C 1743 -0.74 -11.34 -110.31
C ARG C 1743 -1.96 -12.22 -110.52
N ALA C 1744 -1.78 -13.38 -111.14
CA ALA C 1744 -2.87 -14.32 -111.39
C ALA C 1744 -2.99 -15.36 -110.28
N ILE C 1745 -3.08 -14.90 -109.03
CA ILE C 1745 -3.29 -15.79 -107.89
C ILE C 1745 -4.15 -15.07 -106.86
N THR C 1746 -4.98 -15.83 -106.16
CA THR C 1746 -5.92 -15.32 -105.17
C THR C 1746 -6.36 -16.49 -104.31
N LEU C 1747 -7.41 -16.27 -103.52
CA LEU C 1747 -7.99 -17.36 -102.73
C LEU C 1747 -8.52 -18.47 -103.63
N PHE C 1748 -9.20 -18.09 -104.72
CA PHE C 1748 -9.72 -18.99 -105.76
C PHE C 1748 -10.58 -20.11 -105.19
N PRO C 1749 -11.82 -19.84 -104.77
CA PRO C 1749 -12.77 -20.92 -104.49
C PRO C 1749 -13.67 -21.20 -105.68
N PRO C 1750 -13.20 -21.90 -106.72
CA PRO C 1750 -14.00 -22.05 -107.94
C PRO C 1750 -15.05 -23.15 -107.76
N GLY C 1751 -16.31 -22.73 -107.69
CA GLY C 1751 -17.40 -23.68 -107.50
C GLY C 1751 -18.68 -23.19 -108.14
N ARG C 1752 -19.63 -24.12 -108.27
CA ARG C 1752 -20.94 -23.82 -108.84
C ARG C 1752 -21.84 -23.31 -107.72
N LYS C 1753 -21.61 -22.05 -107.34
CA LYS C 1753 -22.34 -21.31 -106.31
C LYS C 1753 -22.22 -21.94 -104.92
N GLY C 1754 -21.26 -22.83 -104.72
CA GLY C 1754 -21.06 -23.45 -103.43
C GLY C 1754 -19.59 -23.55 -103.04
N GLY C 1755 -18.71 -23.16 -103.96
CA GLY C 1755 -17.29 -23.22 -103.68
C GLY C 1755 -16.85 -22.26 -102.60
N ASN C 1756 -17.40 -21.04 -102.62
CA ASN C 1756 -17.09 -20.06 -101.58
C ASN C 1756 -17.63 -20.50 -100.23
N ALA C 1757 -18.84 -21.09 -100.21
CA ALA C 1757 -19.41 -21.59 -98.97
C ALA C 1757 -18.59 -22.74 -98.41
N ARG C 1758 -18.13 -23.65 -99.28
CA ARG C 1758 -17.31 -24.77 -98.86
C ARG C 1758 -15.85 -24.33 -98.76
N ARG C 1759 -14.94 -25.30 -98.61
CA ARG C 1759 -13.52 -25.00 -98.54
C ARG C 1759 -13.01 -24.45 -99.87
N HIS C 1760 -12.12 -23.46 -99.79
CA HIS C 1760 -11.57 -22.85 -100.99
C HIS C 1760 -10.71 -23.83 -101.78
N GLY C 1761 -9.91 -24.65 -101.09
CA GLY C 1761 -9.07 -25.61 -101.77
C GLY C 1761 -8.41 -26.55 -100.79
N LEU C 1762 -7.99 -27.69 -101.33
CA LEU C 1762 -7.30 -28.70 -100.54
C LEU C 1762 -5.90 -28.20 -100.15
N PRO C 1763 -5.40 -28.61 -98.99
CA PRO C 1763 -4.05 -28.17 -98.58
C PRO C 1763 -2.97 -28.74 -99.49
N GLY C 1764 -2.07 -27.86 -99.92
CA GLY C 1764 -1.04 -28.23 -100.87
C GLY C 1764 -1.33 -27.74 -102.26
N VAL C 1765 -0.67 -26.65 -102.65
CA VAL C 1765 -0.84 -26.04 -103.97
C VAL C 1765 0.51 -26.02 -104.66
N GLY C 1766 0.52 -26.34 -105.95
CA GLY C 1766 1.79 -26.39 -106.69
C GLY C 1766 2.46 -25.03 -106.80
N VAL C 1767 1.68 -23.97 -106.97
CA VAL C 1767 2.21 -22.63 -107.15
C VAL C 1767 2.32 -21.94 -105.79
N THR C 1768 3.47 -21.34 -105.53
CA THR C 1768 3.72 -20.56 -104.32
C THR C 1768 4.23 -19.16 -104.61
N THR C 1769 5.09 -19.01 -105.62
CA THR C 1769 5.69 -17.75 -106.04
C THR C 1769 6.41 -17.07 -104.85
N SER C 1770 7.45 -17.75 -104.39
CA SER C 1770 8.29 -17.25 -103.32
C SER C 1770 9.75 -17.51 -103.68
N LEU C 1771 10.64 -16.68 -103.13
CA LEU C 1771 12.06 -16.77 -103.42
C LEU C 1771 12.74 -17.67 -102.39
N ARG C 1772 13.18 -18.84 -102.84
CA ARG C 1772 13.90 -19.78 -102.01
C ARG C 1772 15.17 -20.22 -102.74
N PRO C 1773 16.29 -20.36 -102.03
CA PRO C 1773 17.53 -20.75 -102.69
C PRO C 1773 17.48 -22.20 -103.12
N PRO C 1774 18.24 -22.58 -104.15
CA PRO C 1774 18.26 -23.99 -104.59
C PRO C 1774 19.03 -24.88 -103.62
N HIS C 1775 19.17 -26.16 -103.97
CA HIS C 1775 19.79 -27.13 -103.08
C HIS C 1775 21.27 -27.33 -103.33
N HIS C 1776 21.73 -27.21 -104.58
CA HIS C 1776 23.14 -27.31 -104.96
C HIS C 1776 23.73 -28.66 -104.54
N PHE C 1777 23.20 -29.72 -105.15
CA PHE C 1777 23.72 -31.06 -104.96
C PHE C 1777 24.90 -31.30 -105.90
N SER C 1778 25.83 -32.14 -105.45
CA SER C 1778 27.02 -32.47 -106.22
C SER C 1778 27.21 -33.98 -106.26
N PRO C 1779 27.76 -34.52 -107.35
CA PRO C 1779 27.97 -35.97 -107.42
C PRO C 1779 29.01 -36.42 -106.42
N PRO C 1780 28.90 -37.64 -105.89
CA PRO C 1780 29.90 -38.14 -104.94
C PRO C 1780 31.25 -38.34 -105.62
N CYS C 1781 32.31 -38.15 -104.82
CA CYS C 1781 33.68 -38.29 -105.31
C CYS C 1781 34.51 -38.93 -104.21
N PHE C 1782 34.70 -40.25 -104.31
CA PHE C 1782 35.50 -41.00 -103.35
C PHE C 1782 36.97 -41.13 -103.77
N VAL C 1783 37.37 -40.48 -104.87
CA VAL C 1783 38.75 -40.55 -105.33
C VAL C 1783 39.68 -39.88 -104.33
N ALA C 1784 39.27 -38.74 -103.79
CA ALA C 1784 40.07 -38.01 -102.81
C ALA C 1784 40.16 -38.81 -101.52
N ALA C 1785 41.34 -39.35 -101.23
CA ALA C 1785 41.53 -40.14 -100.02
C ALA C 1785 41.40 -39.28 -98.77
N LEU C 1786 41.94 -38.06 -98.80
CA LEU C 1786 41.89 -37.17 -97.66
C LEU C 1786 41.38 -35.79 -98.06
N GLU C 1793 40.95 -23.46 -97.70
CA GLU C 1793 40.20 -22.21 -97.85
C GLU C 1793 38.84 -22.46 -98.48
N ALA C 1794 38.86 -22.99 -99.70
CA ALA C 1794 37.62 -23.32 -100.39
C ALA C 1794 36.93 -24.50 -99.70
N PRO C 1795 35.59 -24.56 -99.77
CA PRO C 1795 34.88 -25.73 -99.23
C PRO C 1795 35.29 -27.01 -99.94
N ALA C 1796 35.41 -28.10 -99.17
CA ALA C 1796 35.83 -29.38 -99.73
C ALA C 1796 34.79 -29.91 -100.71
N ARG C 1797 33.60 -30.24 -100.19
CA ARG C 1797 32.50 -30.75 -101.01
C ARG C 1797 31.21 -30.09 -100.55
N LEU C 1798 30.18 -30.21 -101.39
CA LEU C 1798 28.87 -29.62 -101.07
C LEU C 1798 27.99 -30.63 -100.33
N SER C 1799 27.66 -31.75 -100.98
CA SER C 1799 26.86 -32.84 -100.43
C SER C 1799 26.82 -34.01 -101.40
N PRO C 1800 26.67 -35.24 -100.93
CA PRO C 1800 26.47 -36.37 -101.85
C PRO C 1800 25.13 -36.30 -102.56
N ALA C 1801 25.08 -36.90 -103.75
CA ALA C 1801 23.88 -36.91 -104.58
C ALA C 1801 23.39 -38.34 -104.78
N ILE C 1802 22.10 -38.54 -104.61
CA ILE C 1802 21.46 -39.84 -104.79
C ILE C 1802 20.21 -39.62 -105.65
N PRO C 1803 19.72 -40.68 -106.34
CA PRO C 1803 18.56 -40.50 -107.21
C PRO C 1803 17.28 -40.16 -106.46
N LEU C 1804 16.90 -38.88 -106.55
CA LEU C 1804 15.82 -38.36 -105.74
C LEU C 1804 14.46 -38.79 -106.24
N GLU C 1805 14.27 -38.92 -107.55
CA GLU C 1805 12.99 -39.41 -108.07
C GLU C 1805 12.75 -40.86 -107.66
N ALA C 1806 13.78 -41.69 -107.74
CA ALA C 1806 13.65 -43.09 -107.30
C ALA C 1806 13.40 -43.17 -105.80
N LEU C 1807 14.11 -42.35 -105.02
CA LEU C 1807 13.86 -42.34 -103.58
C LEU C 1807 12.44 -41.87 -103.26
N ARG C 1808 11.95 -40.88 -103.99
CA ARG C 1808 10.59 -40.37 -103.80
C ARG C 1808 9.55 -41.46 -104.09
N ASP C 1809 9.70 -42.14 -105.23
CA ASP C 1809 8.76 -43.20 -105.57
C ASP C 1809 8.82 -44.34 -104.56
N LYS C 1810 10.03 -44.72 -104.13
CA LYS C 1810 10.19 -45.79 -103.14
C LYS C 1810 9.55 -45.42 -101.82
N ALA C 1811 9.76 -44.18 -101.36
CA ALA C 1811 9.18 -43.74 -100.09
C ALA C 1811 7.66 -43.67 -100.15
N LEU C 1812 7.12 -43.18 -101.27
CA LEU C 1812 5.67 -43.12 -101.42
C LEU C 1812 5.06 -44.52 -101.43
N ARG C 1813 5.67 -45.45 -102.15
CA ARG C 1813 5.19 -46.82 -102.16
C ARG C 1813 5.28 -47.45 -100.77
N MET C 1814 6.37 -47.16 -100.04
CA MET C 1814 6.55 -47.73 -98.71
C MET C 1814 5.51 -47.20 -97.73
N LEU C 1815 5.23 -45.90 -97.79
CA LEU C 1815 4.20 -45.31 -96.93
C LEU C 1815 2.82 -45.86 -97.28
N GLY C 1816 2.55 -46.06 -98.57
CA GLY C 1816 1.27 -46.65 -98.95
C GLY C 1816 1.13 -48.08 -98.48
N GLU C 1817 2.21 -48.85 -98.52
CA GLU C 1817 2.16 -50.26 -98.14
C GLU C 1817 2.16 -50.45 -96.62
N ALA C 1818 2.77 -49.54 -95.86
CA ALA C 1818 2.88 -49.71 -94.41
C ALA C 1818 1.53 -49.69 -93.73
N VAL C 1819 0.65 -48.75 -94.12
CA VAL C 1819 -0.67 -48.67 -93.51
C VAL C 1819 -1.52 -49.89 -93.89
N ARG C 1820 -1.37 -50.36 -95.14
CA ARG C 1820 -2.11 -51.56 -95.56
C ARG C 1820 -1.65 -52.78 -94.77
N ASP C 1821 -0.34 -52.89 -94.51
CA ASP C 1821 0.15 -53.99 -93.69
C ASP C 1821 -0.33 -53.87 -92.25
N GLY C 1822 -0.34 -52.65 -91.70
CA GLY C 1822 -0.74 -52.46 -90.33
C GLY C 1822 -2.23 -52.55 -90.06
N GLY C 1823 -3.05 -52.38 -91.12
CA GLY C 1823 -4.49 -52.46 -90.94
C GLY C 1823 -5.01 -53.84 -90.60
N GLN C 1824 -4.23 -54.89 -90.87
CA GLN C 1824 -4.64 -56.26 -90.59
C GLN C 1824 -4.34 -56.70 -89.17
N HIS C 1825 -3.73 -55.83 -88.36
CA HIS C 1825 -3.29 -56.07 -86.98
C HIS C 1825 -2.68 -57.47 -86.80
N ALA C 1826 -1.67 -57.74 -87.62
CA ALA C 1826 -0.99 -59.02 -87.57
C ALA C 1826 -0.16 -59.14 -86.30
N ARG C 1827 0.14 -60.39 -85.94
CA ARG C 1827 0.92 -60.69 -84.75
C ARG C 1827 2.43 -60.62 -84.97
N ASP C 1828 2.86 -60.36 -86.21
CA ASP C 1828 4.28 -60.24 -86.54
C ASP C 1828 4.50 -58.92 -87.28
N PRO C 1829 4.55 -57.80 -86.56
CA PRO C 1829 4.81 -56.52 -87.21
C PRO C 1829 6.23 -56.44 -87.74
N VAL C 1830 6.39 -55.66 -88.82
CA VAL C 1830 7.70 -55.49 -89.42
C VAL C 1830 8.59 -54.66 -88.49
N GLY C 1831 9.84 -55.08 -88.34
CA GLY C 1831 10.77 -54.42 -87.46
C GLY C 1831 10.69 -54.87 -86.00
N GLY C 1832 9.76 -55.76 -85.67
CA GLY C 1832 9.61 -56.26 -84.32
C GLY C 1832 8.59 -55.52 -83.48
N SER C 1833 8.21 -54.31 -83.87
CA SER C 1833 7.24 -53.52 -83.12
C SER C 1833 6.63 -52.46 -84.02
N VAL C 1834 5.48 -51.94 -83.58
CA VAL C 1834 4.81 -50.87 -84.31
C VAL C 1834 5.67 -49.60 -84.33
N GLU C 1835 6.42 -49.36 -83.25
CA GLU C 1835 7.32 -48.20 -83.20
C GLU C 1835 8.37 -48.27 -84.30
N PHE C 1836 9.08 -49.40 -84.39
CA PHE C 1836 10.09 -49.56 -85.43
C PHE C 1836 9.46 -49.69 -86.82
N GLN C 1837 8.18 -50.08 -86.88
CA GLN C 1837 7.50 -50.14 -88.17
C GLN C 1837 7.17 -48.75 -88.70
N PHE C 1838 6.72 -47.85 -87.83
CA PHE C 1838 6.13 -46.59 -88.28
C PHE C 1838 7.02 -45.37 -88.13
N VAL C 1839 7.84 -45.29 -87.06
CA VAL C 1839 8.62 -44.08 -86.81
C VAL C 1839 9.64 -43.77 -87.90
N PRO C 1840 10.51 -44.70 -88.35
CA PRO C 1840 11.53 -44.29 -89.34
C PRO C 1840 10.97 -43.88 -90.69
N VAL C 1841 9.96 -44.59 -91.19
CA VAL C 1841 9.41 -44.26 -92.50
C VAL C 1841 8.70 -42.91 -92.46
N LEU C 1842 7.98 -42.62 -91.38
CA LEU C 1842 7.32 -41.32 -91.26
C LEU C 1842 8.34 -40.20 -91.09
N LYS C 1843 9.42 -40.45 -90.35
CA LYS C 1843 10.48 -39.46 -90.22
C LYS C 1843 11.12 -39.16 -91.56
N LEU C 1844 11.41 -40.21 -92.35
CA LEU C 1844 11.99 -40.01 -93.68
C LEU C 1844 11.03 -39.25 -94.60
N VAL C 1845 9.73 -39.58 -94.54
CA VAL C 1845 8.75 -38.91 -95.38
C VAL C 1845 8.64 -37.43 -95.00
N SER C 1846 8.64 -37.14 -93.69
CA SER C 1846 8.60 -35.74 -93.25
C SER C 1846 9.85 -34.99 -93.68
N THR C 1847 11.03 -35.63 -93.60
CA THR C 1847 12.26 -34.99 -94.02
C THR C 1847 12.25 -34.70 -95.52
N LEU C 1848 11.73 -35.63 -96.32
CA LEU C 1848 11.61 -35.40 -97.75
C LEU C 1848 10.60 -34.30 -98.06
N LEU C 1849 9.49 -34.26 -97.32
CA LEU C 1849 8.42 -33.30 -97.58
C LEU C 1849 8.82 -31.88 -97.21
N VAL C 1850 9.59 -31.72 -96.12
CA VAL C 1850 9.92 -30.38 -95.66
C VAL C 1850 10.80 -29.63 -96.65
N MET C 1851 11.52 -30.33 -97.52
CA MET C 1851 12.30 -29.68 -98.56
C MET C 1851 11.46 -29.34 -99.80
N GLY C 1852 10.20 -29.75 -99.85
CA GLY C 1852 9.36 -29.44 -100.99
C GLY C 1852 9.67 -30.23 -102.24
N ILE C 1853 10.28 -31.42 -102.10
CA ILE C 1853 10.64 -32.21 -103.27
C ILE C 1853 9.41 -32.87 -103.89
N PHE C 1854 8.33 -33.03 -103.14
CA PHE C 1854 7.14 -33.70 -103.65
C PHE C 1854 6.42 -32.82 -104.66
N GLY C 1855 5.82 -33.46 -105.68
CA GLY C 1855 5.00 -32.76 -106.63
C GLY C 1855 3.59 -32.58 -106.12
N ASP C 1856 2.74 -32.00 -106.99
CA ASP C 1856 1.34 -31.78 -106.61
C ASP C 1856 0.61 -33.10 -106.41
N GLU C 1857 0.79 -34.05 -107.34
CA GLU C 1857 0.14 -35.34 -107.23
C GLU C 1857 0.68 -36.13 -106.03
N ASP C 1858 1.99 -36.04 -105.78
CA ASP C 1858 2.57 -36.73 -104.63
C ASP C 1858 2.07 -36.14 -103.31
N VAL C 1859 1.96 -34.81 -103.25
CA VAL C 1859 1.40 -34.15 -102.06
C VAL C 1859 -0.05 -34.57 -101.86
N LYS C 1860 -0.83 -34.65 -102.95
CA LYS C 1860 -2.21 -35.12 -102.85
C LYS C 1860 -2.28 -36.57 -102.36
N GLN C 1861 -1.39 -37.42 -102.86
CA GLN C 1861 -1.39 -38.82 -102.43
C GLN C 1861 -1.02 -38.96 -100.95
N ILE C 1862 -0.05 -38.16 -100.49
CA ILE C 1862 0.29 -38.16 -99.07
C ILE C 1862 -0.88 -37.63 -98.25
N LEU C 1863 -1.58 -36.61 -98.78
CA LEU C 1863 -2.74 -36.04 -98.10
C LEU C 1863 -3.89 -37.03 -98.00
N LYS C 1864 -4.06 -37.89 -98.99
CA LYS C 1864 -5.19 -38.81 -99.12
C LYS C 1864 -5.23 -39.91 -98.08
N MET C 1865 -4.36 -39.93 -97.06
CA MET C 1865 -4.41 -40.97 -96.05
C MET C 1865 -5.70 -40.94 -95.24
N ILE C 1866 -6.34 -39.77 -95.12
CA ILE C 1866 -7.66 -39.67 -94.51
C ILE C 1866 -8.67 -39.36 -95.60
N GLU C 1867 -9.19 -40.41 -96.24
CA GLU C 1867 -10.04 -40.24 -97.41
C GLU C 1867 -11.37 -39.53 -97.13
N PRO C 1868 -12.19 -39.94 -96.14
CA PRO C 1868 -13.47 -39.22 -95.95
C PRO C 1868 -13.30 -37.76 -95.59
N GLU C 1869 -12.26 -37.42 -94.82
CA GLU C 1869 -12.04 -36.03 -94.44
C GLU C 1869 -11.48 -35.22 -95.60
N VAL C 1870 -10.54 -35.78 -96.36
CA VAL C 1870 -9.94 -35.04 -97.47
C VAL C 1870 -10.96 -34.81 -98.57
N PHE C 1871 -11.67 -35.87 -98.98
CA PHE C 1871 -12.68 -35.81 -100.04
C PHE C 1871 -12.11 -35.23 -101.33
N THR C 1872 -11.17 -35.96 -101.92
CA THR C 1872 -10.52 -35.50 -103.14
C THR C 1872 -11.50 -35.38 -104.29
N GLU C 1873 -12.40 -36.34 -104.43
CA GLU C 1873 -13.43 -36.27 -105.46
C GLU C 1873 -14.45 -35.19 -105.12
N GLU C 1874 -14.85 -34.43 -106.13
CA GLU C 1874 -15.82 -33.35 -105.94
C GLU C 1874 -16.61 -33.08 -107.21
N LEU C 1922 -12.24 -51.67 -98.08
CA LEU C 1922 -12.49 -50.87 -96.89
C LEU C 1922 -11.28 -50.01 -96.55
N GLU C 1923 -11.29 -48.78 -97.04
CA GLU C 1923 -10.20 -47.85 -96.77
C GLU C 1923 -10.25 -47.39 -95.32
N GLU C 1924 -9.10 -47.44 -94.64
CA GLU C 1924 -8.99 -47.04 -93.24
C GLU C 1924 -7.95 -45.93 -93.13
N GLY C 1925 -8.31 -44.86 -92.41
CA GLY C 1925 -7.40 -43.75 -92.25
C GLY C 1925 -6.32 -44.02 -91.21
N LEU C 1926 -5.25 -43.21 -91.30
CA LEU C 1926 -4.15 -43.32 -90.35
C LEU C 1926 -4.55 -42.82 -88.96
N LEU C 1927 -5.55 -41.94 -88.88
CA LEU C 1927 -5.96 -41.40 -87.58
C LEU C 1927 -6.73 -42.43 -86.76
N GLN C 1928 -7.53 -43.27 -87.43
CA GLN C 1928 -8.45 -44.16 -86.74
C GLN C 1928 -7.71 -45.23 -85.92
N MET C 1929 -6.64 -45.78 -86.47
CA MET C 1929 -5.94 -46.87 -85.78
C MET C 1929 -5.21 -46.36 -84.54
N LYS C 1930 -5.10 -47.25 -83.54
CA LYS C 1930 -4.42 -46.92 -82.30
C LYS C 1930 -2.92 -46.76 -82.53
N LEU C 1931 -2.30 -45.92 -81.70
CA LEU C 1931 -0.89 -45.59 -81.82
C LEU C 1931 -0.19 -45.75 -80.47
N PRO C 1932 1.12 -46.03 -80.48
CA PRO C 1932 1.83 -46.26 -79.21
C PRO C 1932 2.26 -44.97 -78.51
N GLU C 1933 1.66 -43.84 -78.88
CA GLU C 1933 1.87 -42.53 -78.26
C GLU C 1933 3.28 -42.00 -78.44
N SER C 1934 4.03 -42.51 -79.43
CA SER C 1934 5.33 -41.96 -79.79
C SER C 1934 5.42 -41.54 -81.24
N VAL C 1935 4.73 -42.24 -82.15
CA VAL C 1935 4.64 -41.81 -83.55
C VAL C 1935 3.70 -40.63 -83.71
N LYS C 1936 2.91 -40.32 -82.68
CA LYS C 1936 2.02 -39.17 -82.72
C LYS C 1936 2.80 -37.87 -82.83
N LEU C 1937 3.96 -37.79 -82.16
CA LEU C 1937 4.80 -36.60 -82.27
C LEU C 1937 5.32 -36.43 -83.69
N GLN C 1938 5.75 -37.52 -84.33
CA GLN C 1938 6.21 -37.45 -85.72
C GLN C 1938 5.08 -37.03 -86.66
N MET C 1939 3.88 -37.55 -86.44
CA MET C 1939 2.77 -37.18 -87.32
C MET C 1939 2.35 -35.73 -87.09
N CYS C 1940 2.43 -35.24 -85.85
CA CYS C 1940 2.18 -33.83 -85.59
C CYS C 1940 3.23 -32.94 -86.25
N ASN C 1941 4.49 -33.37 -86.22
CA ASN C 1941 5.55 -32.65 -86.93
C ASN C 1941 5.28 -32.61 -88.42
N LEU C 1942 4.76 -33.72 -88.97
CA LEU C 1942 4.38 -33.74 -90.39
C LEU C 1942 3.23 -32.77 -90.66
N LEU C 1943 2.23 -32.73 -89.77
CA LEU C 1943 1.07 -31.88 -89.97
C LEU C 1943 1.37 -30.40 -89.75
N GLU C 1944 2.46 -30.08 -89.05
CA GLU C 1944 2.85 -28.68 -88.85
C GLU C 1944 3.11 -27.96 -90.16
N TYR C 1945 3.78 -28.65 -91.11
CA TYR C 1945 4.04 -28.05 -92.42
C TYR C 1945 2.76 -27.76 -93.16
N PHE C 1946 1.81 -28.70 -93.14
CA PHE C 1946 0.53 -28.50 -93.80
C PHE C 1946 -0.24 -27.34 -93.18
N CYS C 1947 -0.17 -27.20 -91.85
CA CYS C 1947 -0.83 -26.08 -91.19
C CYS C 1947 -0.16 -24.75 -91.54
N ASP C 1948 1.16 -24.75 -91.68
CA ASP C 1948 1.89 -23.52 -91.98
C ASP C 1948 1.65 -23.08 -93.43
N GLN C 1949 1.38 -24.05 -94.31
CA GLN C 1949 1.14 -23.73 -95.72
C GLN C 1949 -0.06 -22.81 -95.91
N GLU C 1950 -1.10 -22.97 -95.08
CA GLU C 1950 -2.27 -22.10 -95.16
C GLU C 1950 -1.90 -20.64 -94.88
N LEU C 1951 -1.16 -20.40 -93.81
CA LEU C 1951 -0.75 -19.04 -93.47
C LEU C 1951 0.15 -18.47 -94.57
N GLN C 1952 1.06 -19.28 -95.09
CA GLN C 1952 1.95 -18.83 -96.17
C GLN C 1952 1.15 -18.41 -97.41
N HIS C 1953 0.26 -19.29 -97.88
CA HIS C 1953 -0.57 -18.98 -99.03
C HIS C 1953 -1.43 -17.74 -98.77
N ARG C 1954 -1.85 -17.55 -97.52
CA ARG C 1954 -2.58 -16.33 -97.16
C ARG C 1954 -1.72 -15.09 -97.33
N VAL C 1955 -0.43 -15.17 -96.94
CA VAL C 1955 0.48 -14.01 -97.09
C VAL C 1955 0.60 -13.61 -98.56
N GLU C 1956 0.89 -14.57 -99.45
CA GLU C 1956 0.93 -14.14 -100.86
C GLU C 1956 -0.44 -13.83 -101.47
N SER C 1957 -1.56 -14.35 -100.95
CA SER C 1957 -2.83 -13.89 -101.49
C SER C 1957 -3.09 -12.42 -101.14
N LEU C 1958 -2.77 -12.03 -99.90
CA LEU C 1958 -2.89 -10.63 -99.50
C LEU C 1958 -1.93 -9.76 -100.31
N ALA C 1959 -0.70 -10.25 -100.54
CA ALA C 1959 0.25 -9.49 -101.36
C ALA C 1959 -0.24 -9.34 -102.78
N ALA C 1960 -0.88 -10.37 -103.34
CA ALA C 1960 -1.42 -10.29 -104.69
C ALA C 1960 -2.55 -9.28 -104.79
N PHE C 1961 -3.44 -9.24 -103.79
CA PHE C 1961 -4.52 -8.26 -103.83
C PHE C 1961 -4.01 -6.83 -103.63
N ALA C 1962 -2.95 -6.68 -102.83
CA ALA C 1962 -2.49 -5.34 -102.43
C ALA C 1962 -2.02 -4.52 -103.64
N GLU C 1963 -1.28 -5.14 -104.55
CA GLU C 1963 -0.75 -4.39 -105.70
C GLU C 1963 -1.87 -3.91 -106.62
N ARG C 1964 -2.87 -4.75 -106.86
CA ARG C 1964 -4.01 -4.33 -107.68
C ARG C 1964 -4.78 -3.21 -107.03
N TYR C 1965 -5.02 -3.31 -105.71
CA TYR C 1965 -5.76 -2.25 -105.04
C TYR C 1965 -4.97 -0.94 -105.01
N VAL C 1966 -3.65 -1.01 -104.85
CA VAL C 1966 -2.82 0.18 -104.87
C VAL C 1966 -2.83 0.82 -106.26
N ASP C 1967 -2.77 0.00 -107.32
CA ASP C 1967 -2.83 0.54 -108.67
C ASP C 1967 -4.16 1.24 -108.94
N LYS C 1968 -5.27 0.63 -108.51
CA LYS C 1968 -6.57 1.28 -108.67
C LYS C 1968 -6.65 2.57 -107.87
N LEU C 1969 -6.12 2.57 -106.65
CA LEU C 1969 -6.16 3.75 -105.80
C LEU C 1969 -5.35 4.89 -106.40
N GLN C 1970 -4.16 4.59 -106.94
CA GLN C 1970 -3.35 5.65 -107.51
C GLN C 1970 -3.93 6.15 -108.83
N ALA C 1971 -4.58 5.28 -109.60
CA ALA C 1971 -5.29 5.76 -110.79
C ALA C 1971 -6.43 6.71 -110.42
N ASN C 1972 -7.19 6.35 -109.38
CA ASN C 1972 -8.26 7.24 -108.92
C ASN C 1972 -7.71 8.55 -108.39
N GLN C 1973 -6.58 8.50 -107.68
CA GLN C 1973 -5.96 9.72 -107.16
C GLN C 1973 -5.47 10.61 -108.29
N ARG C 1974 -4.89 10.01 -109.35
CA ARG C 1974 -4.48 10.80 -110.51
C ARG C 1974 -5.68 11.46 -111.17
N SER C 1975 -6.79 10.73 -111.31
CA SER C 1975 -7.99 11.32 -111.90
C SER C 1975 -8.53 12.48 -111.06
N ARG C 1976 -8.55 12.29 -109.73
CA ARG C 1976 -9.03 13.34 -108.84
C ARG C 1976 -8.12 14.56 -108.88
N TYR C 1977 -6.80 14.36 -108.92
CA TYR C 1977 -5.88 15.49 -109.00
C TYR C 1977 -6.02 16.23 -110.32
N ALA C 1978 -6.22 15.50 -111.42
CA ALA C 1978 -6.46 16.17 -112.70
C ALA C 1978 -7.74 16.99 -112.66
N LEU C 1979 -8.80 16.44 -112.06
CA LEU C 1979 -10.07 17.16 -111.95
C LEU C 1979 -9.92 18.41 -111.08
N LEU C 1980 -9.17 18.30 -109.97
CA LEU C 1980 -8.94 19.46 -109.11
C LEU C 1980 -8.10 20.52 -109.80
N MET C 1981 -7.08 20.10 -110.56
CA MET C 1981 -6.24 21.05 -111.28
C MET C 1981 -7.02 21.74 -112.41
N ARG C 1982 -8.03 21.06 -112.97
CA ARG C 1982 -8.86 21.68 -113.99
C ARG C 1982 -9.64 22.87 -113.42
N ALA C 1983 -10.13 22.75 -112.19
CA ALA C 1983 -10.90 23.83 -111.57
C ALA C 1983 -9.97 24.98 -111.18
N PHE C 1984 -10.32 26.19 -111.60
CA PHE C 1984 -9.54 27.38 -111.29
C PHE C 1984 -10.12 28.20 -110.14
N THR C 1985 -11.17 27.71 -109.49
CA THR C 1985 -11.79 28.45 -108.40
C THR C 1985 -10.88 28.51 -107.18
N MET C 1986 -10.85 29.67 -106.54
CA MET C 1986 -10.02 29.91 -105.36
C MET C 1986 -10.91 30.23 -104.17
N SER C 1987 -10.73 29.48 -103.09
CA SER C 1987 -11.49 29.69 -101.85
C SER C 1987 -10.72 29.07 -100.71
N ALA C 1988 -11.13 29.45 -99.48
CA ALA C 1988 -10.49 28.87 -98.29
C ALA C 1988 -10.76 27.38 -98.19
N ALA C 1989 -11.99 26.95 -98.47
CA ALA C 1989 -12.31 25.53 -98.44
C ALA C 1989 -11.55 24.77 -99.52
N GLU C 1990 -11.44 25.35 -100.72
CA GLU C 1990 -10.68 24.72 -101.79
C GLU C 1990 -9.20 24.60 -101.43
N THR C 1991 -8.64 25.64 -100.81
CA THR C 1991 -7.25 25.58 -100.36
C THR C 1991 -7.05 24.51 -99.29
N ALA C 1992 -7.99 24.43 -98.34
CA ALA C 1992 -7.90 23.42 -97.29
C ALA C 1992 -8.01 22.01 -97.87
N ARG C 1993 -8.87 21.82 -98.87
CA ARG C 1993 -8.96 20.53 -99.54
C ARG C 1993 -7.69 20.22 -100.32
N ARG C 1994 -7.06 21.24 -100.91
CA ARG C 1994 -5.84 21.01 -101.69
C ARG C 1994 -4.62 20.79 -100.81
N THR C 1995 -4.64 21.23 -99.55
CA THR C 1995 -3.47 21.08 -98.67
C THR C 1995 -3.11 19.63 -98.39
N ARG C 1996 -4.04 18.69 -98.52
CA ARG C 1996 -3.75 17.30 -98.19
C ARG C 1996 -2.70 16.70 -99.13
N GLU C 1997 -2.72 17.10 -100.41
CA GLU C 1997 -1.74 16.58 -101.35
C GLU C 1997 -0.38 17.25 -101.17
N PHE C 1998 -0.36 18.57 -100.96
CA PHE C 1998 0.90 19.28 -100.81
C PHE C 1998 1.61 18.89 -99.51
N ARG C 1999 0.89 18.91 -98.40
CA ARG C 1999 1.38 18.39 -97.12
C ARG C 1999 1.12 16.89 -97.08
N SER C 2000 1.18 16.29 -95.88
CA SER C 2000 0.82 14.89 -95.66
C SER C 2000 1.69 13.95 -96.49
N PRO C 2001 2.91 13.67 -96.05
CA PRO C 2001 3.82 12.74 -96.79
C PRO C 2001 3.14 11.40 -97.09
N PRO C 2002 3.70 10.61 -98.03
CA PRO C 2002 2.95 9.44 -98.57
C PRO C 2002 2.49 8.43 -97.52
N GLN C 2003 3.18 8.31 -96.39
CA GLN C 2003 2.66 7.48 -95.30
C GLN C 2003 1.33 8.03 -94.79
N GLU C 2004 1.27 9.34 -94.55
CA GLU C 2004 0.01 9.95 -94.12
C GLU C 2004 -1.04 9.89 -95.22
N GLN C 2005 -0.62 10.05 -96.48
CA GLN C 2005 -1.54 9.95 -97.61
C GLN C 2005 -2.20 8.58 -97.66
N ILE C 2006 -1.40 7.51 -97.63
CA ILE C 2006 -1.94 6.16 -97.69
C ILE C 2006 -2.67 5.80 -96.41
N ASN C 2007 -2.39 6.48 -95.30
CA ASN C 2007 -3.16 6.25 -94.08
C ASN C 2007 -4.54 6.88 -94.14
N MET C 2008 -4.64 8.08 -94.74
CA MET C 2008 -5.88 8.85 -94.65
C MET C 2008 -7.03 8.18 -95.39
N LEU C 2009 -6.82 7.79 -96.66
CA LEU C 2009 -7.94 7.23 -97.41
C LEU C 2009 -8.24 5.80 -96.99
N LEU C 2010 -7.22 5.07 -96.51
CA LEU C 2010 -7.47 3.75 -95.93
C LEU C 2010 -8.32 3.85 -94.66
N HIS C 2011 -8.04 4.85 -93.81
CA HIS C 2011 -8.87 5.06 -92.64
C HIS C 2011 -10.29 5.47 -93.03
N PHE C 2012 -10.41 6.29 -94.07
CA PHE C 2012 -11.74 6.67 -94.55
C PHE C 2012 -12.51 5.47 -95.08
N LYS C 2013 -11.84 4.60 -95.84
CA LYS C 2013 -12.50 3.42 -96.39
C LYS C 2013 -12.89 2.43 -95.30
N ASP C 2014 -12.01 2.22 -94.32
CA ASP C 2014 -12.29 1.29 -93.23
C ASP C 2014 -12.91 2.07 -92.08
N GLU C 2015 -14.23 2.19 -92.12
CA GLU C 2015 -14.98 2.93 -91.11
C GLU C 2015 -16.06 2.04 -90.52
N ALA C 2016 -16.37 2.27 -89.24
CA ALA C 2016 -17.38 1.46 -88.55
C ALA C 2016 -18.78 1.79 -89.05
N ASP C 2017 -19.22 3.04 -88.83
CA ASP C 2017 -20.54 3.47 -89.24
C ASP C 2017 -20.57 4.81 -89.97
N GLU C 2018 -19.57 5.66 -89.78
CA GLU C 2018 -19.53 6.96 -90.45
C GLU C 2018 -18.09 7.29 -90.80
N GLU C 2019 -17.89 7.88 -91.98
CA GLU C 2019 -16.56 8.25 -92.44
C GLU C 2019 -16.41 9.73 -92.80
N ASP C 2020 -17.48 10.37 -93.29
CA ASP C 2020 -17.45 11.77 -93.75
C ASP C 2020 -16.34 11.99 -94.77
N CYS C 2021 -16.22 11.06 -95.71
CA CYS C 2021 -15.13 11.05 -96.67
C CYS C 2021 -15.62 11.46 -98.05
N PRO C 2022 -15.25 12.65 -98.55
CA PRO C 2022 -15.61 13.03 -99.92
C PRO C 2022 -14.63 12.60 -100.99
N LEU C 2023 -13.40 12.22 -100.61
CA LEU C 2023 -12.37 11.85 -101.58
C LEU C 2023 -12.55 10.46 -102.18
N PRO C 2024 -12.74 9.38 -101.40
CA PRO C 2024 -12.88 8.06 -102.04
C PRO C 2024 -14.17 7.96 -102.86
N GLU C 2025 -14.08 7.18 -103.93
CA GLU C 2025 -15.21 6.95 -104.82
C GLU C 2025 -16.04 5.77 -104.31
N ASP C 2026 -16.94 5.27 -105.15
CA ASP C 2026 -17.81 4.15 -104.79
C ASP C 2026 -17.13 2.80 -104.97
N ILE C 2027 -15.87 2.77 -105.42
CA ILE C 2027 -15.15 1.51 -105.61
C ILE C 2027 -14.54 1.00 -104.32
N ARG C 2028 -14.78 1.65 -103.19
CA ARG C 2028 -14.22 1.21 -101.92
C ARG C 2028 -14.88 -0.05 -101.38
N GLN C 2029 -15.99 -0.50 -101.98
CA GLN C 2029 -16.63 -1.74 -101.55
C GLN C 2029 -15.79 -2.97 -101.86
N ASP C 2030 -14.86 -2.87 -102.82
CA ASP C 2030 -13.99 -3.99 -103.14
C ASP C 2030 -13.10 -4.36 -101.96
N LEU C 2031 -12.58 -3.35 -101.26
CA LEU C 2031 -11.77 -3.62 -100.07
C LEU C 2031 -12.58 -4.31 -98.99
N GLN C 2032 -13.83 -3.87 -98.78
CA GLN C 2032 -14.69 -4.51 -97.79
C GLN C 2032 -15.00 -5.96 -98.18
N ASP C 2033 -15.25 -6.20 -99.47
CA ASP C 2033 -15.53 -7.56 -99.93
C ASP C 2033 -14.30 -8.45 -99.74
N PHE C 2034 -13.12 -7.95 -100.07
CA PHE C 2034 -11.90 -8.73 -99.88
C PHE C 2034 -11.64 -9.01 -98.40
N HIS C 2035 -11.89 -8.01 -97.54
CA HIS C 2035 -11.71 -8.20 -96.10
C HIS C 2035 -12.68 -9.25 -95.56
N GLN C 2036 -13.93 -9.21 -96.03
CA GLN C 2036 -14.91 -10.22 -95.62
C GLN C 2036 -14.50 -11.61 -96.08
N ASP C 2037 -14.03 -11.72 -97.32
CA ASP C 2037 -13.60 -13.02 -97.83
C ASP C 2037 -12.39 -13.56 -97.05
N LEU C 2038 -11.42 -12.69 -96.77
CA LEU C 2038 -10.24 -13.11 -96.01
C LEU C 2038 -10.61 -13.51 -94.59
N LEU C 2039 -11.52 -12.77 -93.96
CA LEU C 2039 -11.93 -13.08 -92.59
C LEU C 2039 -12.74 -14.38 -92.56
N ALA C 2040 -13.52 -14.65 -93.60
CA ALA C 2040 -14.20 -15.93 -93.71
C ALA C 2040 -13.21 -17.08 -93.91
N HIS C 2041 -12.17 -16.85 -94.71
CA HIS C 2041 -11.14 -17.87 -94.93
C HIS C 2041 -10.38 -18.16 -93.64
N CYS C 2042 -10.13 -17.13 -92.83
CA CYS C 2042 -9.39 -17.29 -91.59
C CYS C 2042 -10.21 -18.06 -90.56
N GLY C 2043 -9.63 -18.24 -89.37
CA GLY C 2043 -10.26 -19.01 -88.32
C GLY C 2043 -11.56 -18.42 -87.80
N ILE C 2044 -11.79 -17.13 -88.00
CA ILE C 2044 -13.03 -16.51 -87.59
C ILE C 2044 -14.16 -17.01 -88.49
N GLN C 2045 -15.24 -17.47 -87.85
CA GLN C 2045 -16.35 -18.08 -88.60
C GLN C 2045 -17.10 -17.05 -89.44
N LEU C 2046 -17.23 -15.82 -88.94
CA LEU C 2046 -17.96 -14.73 -89.57
C LEU C 2046 -19.44 -15.08 -89.80
N GLU C 2047 -20.00 -15.95 -88.97
CA GLU C 2047 -21.39 -16.34 -89.06
C GLU C 2047 -22.24 -15.83 -87.90
N GLY C 2048 -21.69 -15.80 -86.70
CA GLY C 2048 -22.41 -15.32 -85.54
C GLY C 2048 -21.69 -14.20 -84.80
N LYS C 2089 -20.46 -35.08 -85.19
CA LYS C 2089 -20.70 -34.81 -86.61
C LYS C 2089 -19.47 -35.11 -87.44
N LYS C 2090 -19.26 -34.33 -88.49
CA LYS C 2090 -18.13 -34.49 -89.37
C LYS C 2090 -17.33 -33.19 -89.45
N PRO C 2091 -16.00 -33.27 -89.38
CA PRO C 2091 -15.19 -32.05 -89.44
C PRO C 2091 -15.25 -31.37 -90.80
N GLN C 2092 -15.01 -32.14 -91.86
CA GLN C 2092 -15.01 -31.71 -93.26
C GLN C 2092 -14.00 -30.59 -93.54
N SER C 2093 -13.03 -30.38 -92.65
CA SER C 2093 -12.03 -29.35 -92.84
C SER C 2093 -10.79 -29.70 -92.03
N LEU C 2094 -9.64 -29.18 -92.46
CA LEU C 2094 -8.39 -29.43 -91.77
C LEU C 2094 -8.41 -28.84 -90.36
N GLN C 2095 -8.98 -27.64 -90.21
CA GLN C 2095 -9.02 -26.98 -88.91
C GLN C 2095 -9.86 -27.78 -87.92
N GLU C 2096 -11.07 -28.17 -88.31
CA GLU C 2096 -11.94 -28.95 -87.43
C GLU C 2096 -11.34 -30.32 -87.16
N LEU C 2097 -10.67 -30.91 -88.17
CA LEU C 2097 -9.98 -32.18 -87.97
C LEU C 2097 -8.91 -32.06 -86.90
N VAL C 2098 -8.08 -31.02 -86.98
CA VAL C 2098 -7.00 -30.83 -86.02
C VAL C 2098 -7.56 -30.63 -84.62
N SER C 2099 -8.58 -29.77 -84.50
CA SER C 2099 -9.15 -29.48 -83.19
C SER C 2099 -9.78 -30.73 -82.56
N HIS C 2100 -10.61 -31.44 -83.32
CA HIS C 2100 -11.30 -32.61 -82.80
C HIS C 2100 -10.31 -33.73 -82.49
N MET C 2101 -9.31 -33.93 -83.35
CA MET C 2101 -8.31 -34.96 -83.13
C MET C 2101 -7.46 -34.68 -81.90
N VAL C 2102 -7.07 -33.41 -81.70
CA VAL C 2102 -6.26 -33.07 -80.52
C VAL C 2102 -7.09 -33.23 -79.25
N VAL C 2103 -8.37 -32.82 -79.29
CA VAL C 2103 -9.21 -32.99 -78.11
C VAL C 2103 -9.42 -34.47 -77.80
N ARG C 2104 -9.61 -35.31 -78.83
CA ARG C 2104 -9.74 -36.74 -78.59
C ARG C 2104 -8.46 -37.35 -78.03
N TRP C 2105 -7.30 -36.90 -78.55
CA TRP C 2105 -6.03 -37.42 -78.05
C TRP C 2105 -5.82 -37.04 -76.59
N ALA C 2106 -6.19 -35.82 -76.21
CA ALA C 2106 -6.09 -35.41 -74.81
C ALA C 2106 -7.11 -36.14 -73.94
N GLN C 2107 -8.26 -36.49 -74.49
CA GLN C 2107 -9.33 -37.14 -73.73
C GLN C 2107 -9.12 -38.64 -73.56
N GLU C 2108 -8.38 -39.28 -74.47
CA GLU C 2108 -8.28 -40.74 -74.47
C GLU C 2108 -7.58 -41.27 -73.21
N ASP C 2109 -6.40 -40.74 -72.90
CA ASP C 2109 -5.62 -41.25 -71.79
C ASP C 2109 -4.63 -40.18 -71.34
N TYR C 2110 -4.05 -40.39 -70.16
CA TYR C 2110 -3.01 -39.50 -69.67
C TYR C 2110 -1.78 -39.62 -70.55
N VAL C 2111 -1.17 -38.48 -70.86
CA VAL C 2111 -0.13 -38.40 -71.88
C VAL C 2111 1.19 -38.04 -71.21
N GLN C 2112 2.20 -38.89 -71.42
CA GLN C 2112 3.55 -38.65 -70.96
C GLN C 2112 4.32 -37.92 -72.06
N SER C 2113 5.67 -37.94 -72.00
CA SER C 2113 6.56 -37.36 -73.00
C SER C 2113 6.24 -35.90 -73.26
N PRO C 2114 6.63 -34.99 -72.36
CA PRO C 2114 6.16 -33.59 -72.43
C PRO C 2114 6.37 -32.88 -73.77
N GLU C 2115 7.32 -33.34 -74.59
CA GLU C 2115 7.44 -32.81 -75.94
C GLU C 2115 6.18 -33.04 -76.76
N LEU C 2116 5.56 -34.21 -76.61
CA LEU C 2116 4.28 -34.47 -77.26
C LEU C 2116 3.21 -33.50 -76.79
N VAL C 2117 3.13 -33.26 -75.47
CA VAL C 2117 2.13 -32.34 -74.92
C VAL C 2117 2.34 -30.93 -75.46
N ARG C 2118 3.60 -30.48 -75.46
CA ARG C 2118 3.92 -29.14 -75.95
C ARG C 2118 3.57 -28.98 -77.42
N ALA C 2119 3.91 -29.98 -78.24
CA ALA C 2119 3.60 -29.91 -79.66
C ALA C 2119 2.11 -29.93 -79.92
N MET C 2120 1.37 -30.79 -79.18
CA MET C 2120 -0.08 -30.88 -79.35
C MET C 2120 -0.76 -29.57 -78.99
N PHE C 2121 -0.40 -29.00 -77.83
CA PHE C 2121 -1.03 -27.77 -77.39
C PHE C 2121 -0.64 -26.58 -78.25
N SER C 2122 0.61 -26.55 -78.74
CA SER C 2122 1.01 -25.49 -79.67
C SER C 2122 0.21 -25.60 -80.98
N LEU C 2123 0.02 -26.81 -81.49
CA LEU C 2123 -0.79 -27.00 -82.70
C LEU C 2123 -2.23 -26.57 -82.45
N LEU C 2124 -2.78 -26.90 -81.28
CA LEU C 2124 -4.13 -26.46 -80.92
C LEU C 2124 -4.23 -24.94 -80.91
N HIS C 2125 -3.28 -24.28 -80.26
CA HIS C 2125 -3.34 -22.83 -80.13
C HIS C 2125 -3.17 -22.14 -81.47
N ARG C 2126 -2.22 -22.61 -82.31
CA ARG C 2126 -2.01 -22.00 -83.61
C ARG C 2126 -3.20 -22.23 -84.53
N GLN C 2127 -3.78 -23.44 -84.50
CA GLN C 2127 -4.98 -23.73 -85.29
C GLN C 2127 -6.17 -22.86 -84.86
N TYR C 2128 -6.39 -22.70 -83.56
CA TYR C 2128 -7.49 -21.86 -83.09
C TYR C 2128 -7.26 -20.38 -83.37
N ASP C 2129 -6.02 -19.91 -83.19
CA ASP C 2129 -5.71 -18.49 -83.38
C ASP C 2129 -5.18 -18.31 -84.81
N GLY C 2130 -6.10 -18.37 -85.76
CA GLY C 2130 -5.73 -18.20 -87.15
C GLY C 2130 -5.36 -16.77 -87.50
N LEU C 2131 -6.19 -15.82 -87.07
CA LEU C 2131 -5.97 -14.43 -87.43
C LEU C 2131 -4.84 -13.81 -86.61
N GLY C 2132 -4.68 -14.24 -85.36
CA GLY C 2132 -3.56 -13.77 -84.55
C GLY C 2132 -2.21 -14.17 -85.13
N GLU C 2133 -2.13 -15.38 -85.69
CA GLU C 2133 -0.91 -15.82 -86.36
C GLU C 2133 -0.62 -14.94 -87.57
N LEU C 2134 -1.65 -14.58 -88.34
CA LEU C 2134 -1.47 -13.67 -89.47
C LEU C 2134 -0.98 -12.32 -89.00
N LEU C 2135 -1.55 -11.79 -87.91
CA LEU C 2135 -1.12 -10.50 -87.39
C LEU C 2135 0.32 -10.55 -86.91
N ARG C 2136 0.73 -11.66 -86.29
CA ARG C 2136 2.11 -11.79 -85.82
C ARG C 2136 3.09 -11.94 -86.97
N ALA C 2137 2.70 -12.65 -88.03
CA ALA C 2137 3.59 -12.91 -89.15
C ALA C 2137 3.57 -11.82 -90.22
N LEU C 2138 2.64 -10.87 -90.13
CA LEU C 2138 2.60 -9.78 -91.11
C LEU C 2138 3.87 -8.94 -91.21
N PRO C 2139 4.56 -8.54 -90.12
CA PRO C 2139 5.77 -7.73 -90.31
C PRO C 2139 6.88 -8.39 -91.11
N ARG C 2140 6.95 -9.72 -91.12
CA ARG C 2140 8.00 -10.41 -91.87
C ARG C 2140 7.75 -10.43 -93.38
N ALA C 2141 6.56 -10.08 -93.82
CA ALA C 2141 6.25 -10.09 -95.25
C ALA C 2141 6.92 -8.92 -95.96
N TYR C 2142 7.35 -9.16 -97.21
CA TYR C 2142 7.98 -8.12 -98.00
C TYR C 2142 7.69 -8.36 -99.47
N THR C 2143 7.62 -7.26 -100.22
CA THR C 2143 7.33 -7.26 -101.65
C THR C 2143 8.45 -6.55 -102.39
N ILE C 2144 8.89 -7.12 -103.52
CA ILE C 2144 9.95 -6.49 -104.31
C ILE C 2144 9.59 -6.49 -105.79
N SER C 2145 10.10 -5.47 -106.48
CA SER C 2145 9.92 -5.34 -107.92
C SER C 2145 10.74 -6.39 -108.66
N PRO C 2146 10.31 -6.79 -109.87
CA PRO C 2146 11.13 -7.73 -110.68
C PRO C 2146 12.46 -7.15 -111.13
N SER C 2147 13.24 -7.97 -111.83
CA SER C 2147 14.61 -7.69 -112.29
C SER C 2147 15.59 -7.49 -111.15
N SER C 2148 15.24 -7.93 -109.94
CA SER C 2148 16.15 -7.90 -108.80
C SER C 2148 16.19 -9.22 -108.05
N VAL C 2149 15.43 -10.23 -108.49
CA VAL C 2149 15.44 -11.53 -107.82
C VAL C 2149 16.80 -12.20 -107.98
N GLU C 2150 17.43 -12.02 -109.13
CA GLU C 2150 18.78 -12.54 -109.33
C GLU C 2150 19.78 -11.85 -108.41
N ASP C 2151 19.54 -10.58 -108.08
CA ASP C 2151 20.42 -9.87 -107.15
C ASP C 2151 20.20 -10.33 -105.72
N THR C 2152 18.94 -10.54 -105.31
CA THR C 2152 18.67 -10.92 -103.94
C THR C 2152 18.88 -12.40 -103.68
N MET C 2153 18.97 -13.23 -104.73
CA MET C 2153 19.25 -14.65 -104.52
C MET C 2153 20.64 -14.86 -103.93
N SER C 2154 21.63 -14.10 -104.41
CA SER C 2154 22.98 -14.18 -103.84
C SER C 2154 22.98 -13.70 -102.40
N LEU C 2155 22.20 -12.65 -102.09
CA LEU C 2155 22.09 -12.18 -100.72
C LEU C 2155 21.51 -13.25 -99.81
N LEU C 2156 20.45 -13.92 -100.26
CA LEU C 2156 19.83 -14.98 -99.46
C LEU C 2156 20.78 -16.15 -99.27
N GLU C 2157 21.51 -16.53 -100.33
CA GLU C 2157 22.47 -17.63 -100.22
C GLU C 2157 23.59 -17.30 -99.26
N CYS C 2158 24.11 -16.07 -99.32
CA CYS C 2158 25.16 -15.66 -98.40
C CYS C 2158 24.66 -15.64 -96.96
N LEU C 2159 23.47 -15.10 -96.73
CA LEU C 2159 22.92 -15.06 -95.37
C LEU C 2159 22.71 -16.48 -94.84
N GLY C 2160 22.25 -17.39 -95.70
CA GLY C 2160 22.20 -18.79 -95.32
C GLY C 2160 23.56 -19.37 -95.01
N GLN C 2161 24.59 -18.92 -95.72
CA GLN C 2161 25.95 -19.42 -95.46
C GLN C 2161 26.43 -19.01 -94.07
N ILE C 2162 26.27 -17.74 -93.71
CA ILE C 2162 26.63 -17.33 -92.34
C ILE C 2162 25.74 -18.00 -91.31
N ARG C 2163 24.44 -18.19 -91.62
CA ARG C 2163 23.56 -18.87 -90.68
C ARG C 2163 24.00 -20.31 -90.43
N SER C 2164 24.44 -21.01 -91.48
CA SER C 2164 24.93 -22.37 -91.32
C SER C 2164 26.27 -22.39 -90.58
N LEU C 2165 27.14 -21.42 -90.86
CA LEU C 2165 28.46 -21.39 -90.22
C LEU C 2165 28.37 -20.95 -88.75
N LEU C 2166 27.27 -20.33 -88.34
CA LEU C 2166 27.15 -19.86 -86.96
C LEU C 2166 27.11 -21.01 -85.97
N ILE C 2167 26.41 -22.10 -86.31
CA ILE C 2167 26.16 -23.15 -85.34
C ILE C 2167 27.44 -23.90 -84.97
N VAL C 2168 28.38 -24.02 -85.91
CA VAL C 2168 29.61 -24.75 -85.64
C VAL C 2168 30.55 -23.89 -84.80
N GLN C 2169 31.54 -24.53 -84.19
CA GLN C 2169 32.50 -23.83 -83.36
C GLN C 2169 33.43 -22.96 -84.21
N MET C 2170 33.95 -21.91 -83.60
CA MET C 2170 34.84 -20.99 -84.29
C MET C 2170 36.17 -21.69 -84.59
N GLY C 2171 36.62 -21.59 -85.83
CA GLY C 2171 37.83 -22.25 -86.24
C GLY C 2171 38.66 -21.45 -87.23
N PRO C 2172 39.96 -21.77 -87.31
CA PRO C 2172 40.83 -21.05 -88.28
C PRO C 2172 40.40 -21.20 -89.72
N GLN C 2173 39.89 -22.38 -90.11
CA GLN C 2173 39.45 -22.56 -91.48
C GLN C 2173 38.13 -21.85 -91.74
N GLU C 2174 37.22 -21.86 -90.77
CA GLU C 2174 35.95 -21.17 -90.93
C GLU C 2174 36.10 -19.66 -90.88
N GLU C 2175 37.19 -19.18 -90.26
CA GLU C 2175 37.40 -17.73 -90.15
C GLU C 2175 37.57 -17.08 -91.52
N ASN C 2176 38.41 -17.69 -92.36
CA ASN C 2176 38.63 -17.14 -93.70
C ASN C 2176 37.36 -17.20 -94.54
N LEU C 2177 36.62 -18.30 -94.43
CA LEU C 2177 35.37 -18.44 -95.17
C LEU C 2177 34.35 -17.39 -94.74
N MET C 2178 34.23 -17.16 -93.43
CA MET C 2178 33.25 -16.19 -92.95
C MET C 2178 33.68 -14.75 -93.28
N ILE C 2179 34.99 -14.47 -93.24
CA ILE C 2179 35.48 -13.15 -93.64
C ILE C 2179 35.21 -12.91 -95.12
N GLN C 2180 35.44 -13.92 -95.96
CA GLN C 2180 35.15 -13.80 -97.39
C GLN C 2180 33.65 -13.62 -97.62
N SER C 2181 32.82 -14.33 -96.86
CA SER C 2181 31.37 -14.18 -96.97
C SER C 2181 30.93 -12.77 -96.59
N ILE C 2182 31.50 -12.22 -95.52
CA ILE C 2182 31.17 -10.85 -95.12
C ILE C 2182 31.61 -9.85 -96.19
N GLY C 2183 32.82 -10.04 -96.74
CA GLY C 2183 33.28 -9.16 -97.81
C GLY C 2183 32.42 -9.23 -99.04
N ASN C 2184 31.90 -10.43 -99.37
CA ASN C 2184 31.04 -10.57 -100.53
C ASN C 2184 29.66 -9.97 -100.26
N ILE C 2185 29.13 -10.13 -99.05
CA ILE C 2185 27.79 -9.63 -98.74
C ILE C 2185 27.79 -8.14 -98.47
N MET C 2186 28.97 -7.53 -98.27
CA MET C 2186 29.07 -6.09 -98.08
C MET C 2186 28.52 -5.33 -99.29
N ASN C 2187 28.84 -5.78 -100.50
CA ASN C 2187 28.36 -5.16 -101.73
C ASN C 2187 27.58 -6.16 -102.61
N ASN C 2188 26.28 -5.90 -102.75
CA ASN C 2188 25.41 -6.71 -103.60
C ASN C 2188 24.47 -5.87 -104.45
N LYS C 2189 24.60 -4.54 -104.42
CA LYS C 2189 23.79 -3.53 -105.11
C LYS C 2189 22.36 -3.47 -104.56
N VAL C 2190 22.00 -4.33 -103.61
CA VAL C 2190 20.69 -4.28 -102.97
C VAL C 2190 20.79 -3.89 -101.50
N PHE C 2191 21.99 -3.78 -100.95
CA PHE C 2191 22.15 -3.33 -99.56
C PHE C 2191 21.68 -1.89 -99.39
N TYR C 2192 21.84 -1.06 -100.43
CA TYR C 2192 21.50 0.36 -100.34
C TYR C 2192 20.06 0.64 -100.72
N GLN C 2193 19.47 -0.15 -101.63
CA GLN C 2193 18.14 0.17 -102.16
C GLN C 2193 17.05 -0.13 -101.14
N HIS C 2194 17.20 -1.19 -100.36
CA HIS C 2194 16.17 -1.65 -99.43
C HIS C 2194 16.76 -1.80 -98.03
N PRO C 2195 16.94 -0.69 -97.31
CA PRO C 2195 17.41 -0.80 -95.92
C PRO C 2195 16.43 -1.51 -95.00
N ASN C 2196 15.13 -1.38 -95.25
CA ASN C 2196 14.13 -1.99 -94.37
C ASN C 2196 14.15 -3.51 -94.47
N LEU C 2197 14.51 -4.06 -95.64
CA LEU C 2197 14.58 -5.51 -95.78
C LEU C 2197 15.68 -6.11 -94.91
N MET C 2198 16.78 -5.38 -94.73
CA MET C 2198 17.83 -5.83 -93.83
C MET C 2198 17.33 -5.93 -92.40
N ARG C 2199 16.58 -4.93 -91.93
CA ARG C 2199 16.01 -4.98 -90.59
C ARG C 2199 14.97 -6.08 -90.46
N ALA C 2200 14.17 -6.29 -91.51
CA ALA C 2200 13.18 -7.36 -91.49
C ALA C 2200 13.84 -8.73 -91.40
N LEU C 2201 14.93 -8.93 -92.14
CA LEU C 2201 15.67 -10.18 -92.09
C LEU C 2201 16.50 -10.31 -90.82
N GLY C 2202 16.76 -9.21 -90.12
CA GLY C 2202 17.49 -9.26 -88.86
C GLY C 2202 18.93 -9.70 -88.98
N MET C 2203 19.66 -9.16 -89.96
CA MET C 2203 21.06 -9.54 -90.13
C MET C 2203 21.92 -9.03 -88.99
N HIS C 2204 21.61 -7.85 -88.46
CA HIS C 2204 22.43 -7.26 -87.40
C HIS C 2204 22.39 -8.08 -86.12
N GLU C 2205 21.24 -8.71 -85.82
CA GLU C 2205 21.18 -9.60 -84.68
C GLU C 2205 22.11 -10.80 -84.85
N THR C 2206 22.12 -11.39 -86.05
CA THR C 2206 23.01 -12.51 -86.34
C THR C 2206 24.48 -12.07 -86.23
N VAL C 2207 24.79 -10.86 -86.71
CA VAL C 2207 26.14 -10.33 -86.62
C VAL C 2207 26.55 -10.15 -85.16
N MET C 2208 25.65 -9.64 -84.33
CA MET C 2208 25.96 -9.47 -82.91
C MET C 2208 26.15 -10.82 -82.22
N GLU C 2209 25.29 -11.79 -82.53
CA GLU C 2209 25.41 -13.10 -81.89
C GLU C 2209 26.59 -13.92 -82.40
N VAL C 2210 27.13 -13.59 -83.57
CA VAL C 2210 28.37 -14.25 -83.99
C VAL C 2210 29.60 -13.48 -83.50
N MET C 2211 29.46 -12.18 -83.23
CA MET C 2211 30.57 -11.41 -82.68
C MET C 2211 30.77 -11.67 -81.19
N VAL C 2212 29.69 -11.93 -80.45
CA VAL C 2212 29.82 -12.13 -79.00
C VAL C 2212 30.64 -13.38 -78.69
N ASN C 2213 30.49 -14.43 -79.50
CA ASN C 2213 31.20 -15.68 -79.24
C ASN C 2213 32.69 -15.55 -79.44
N VAL C 2214 33.13 -14.59 -80.27
CA VAL C 2214 34.56 -14.43 -80.53
C VAL C 2214 35.28 -13.95 -79.28
N LEU C 2215 34.75 -12.93 -78.62
CA LEU C 2215 35.37 -12.36 -77.42
C LEU C 2215 34.80 -12.93 -76.13
N GLY C 2216 33.85 -13.87 -76.20
CA GLY C 2216 33.31 -14.46 -75.01
C GLY C 2216 34.31 -15.35 -74.29
N GLY C 2217 34.09 -15.50 -72.98
CA GLY C 2217 34.94 -16.33 -72.15
C GLY C 2217 36.03 -15.57 -71.41
N GLY C 2218 36.30 -14.32 -71.79
CA GLY C 2218 37.32 -13.54 -71.12
C GLY C 2218 37.32 -12.08 -71.53
N GLU C 2219 37.40 -11.18 -70.55
CA GLU C 2219 37.41 -9.76 -70.84
C GLU C 2219 38.77 -9.31 -71.37
N THR C 2220 39.82 -9.44 -70.55
CA THR C 2220 41.16 -9.04 -70.94
C THR C 2220 42.23 -10.08 -70.66
N LYS C 2221 41.99 -11.04 -69.76
CA LYS C 2221 42.99 -12.05 -69.47
C LYS C 2221 43.23 -12.96 -70.67
N GLU C 2222 42.16 -13.37 -71.36
CA GLU C 2222 42.25 -14.25 -72.51
C GLU C 2222 41.64 -13.57 -73.73
N ILE C 2223 42.40 -13.54 -74.83
CA ILE C 2223 41.94 -12.99 -76.09
C ILE C 2223 42.68 -13.69 -77.22
N ARG C 2224 41.99 -13.92 -78.33
CA ARG C 2224 42.57 -14.62 -79.47
C ARG C 2224 41.72 -14.31 -80.70
N PHE C 2225 42.04 -14.99 -81.82
CA PHE C 2225 41.37 -14.89 -83.11
C PHE C 2225 41.32 -13.46 -83.64
N PRO C 2226 42.45 -12.92 -84.12
CA PRO C 2226 42.42 -11.58 -84.74
C PRO C 2226 41.82 -11.60 -86.13
N LYS C 2227 41.76 -10.44 -86.78
CA LYS C 2227 41.30 -10.24 -88.15
C LYS C 2227 39.84 -10.62 -88.36
N MET C 2228 39.10 -10.89 -87.28
CA MET C 2228 37.68 -11.22 -87.34
C MET C 2228 36.81 -10.08 -86.83
N VAL C 2229 37.09 -9.62 -85.60
CA VAL C 2229 36.31 -8.55 -84.99
C VAL C 2229 36.47 -7.25 -85.77
N THR C 2230 37.64 -7.03 -86.38
CA THR C 2230 37.84 -5.81 -87.16
C THR C 2230 36.91 -5.76 -88.37
N SER C 2231 36.87 -6.84 -89.16
CA SER C 2231 35.99 -6.87 -90.32
C SER C 2231 34.52 -6.86 -89.91
N CYS C 2232 34.18 -7.59 -88.84
CA CYS C 2232 32.80 -7.60 -88.37
C CYS C 2232 32.34 -6.23 -87.90
N CYS C 2233 33.20 -5.52 -87.17
CA CYS C 2233 32.86 -4.18 -86.70
C CYS C 2233 32.85 -3.18 -87.85
N ARG C 2234 33.69 -3.36 -88.87
CA ARG C 2234 33.62 -2.51 -90.05
C ARG C 2234 32.27 -2.68 -90.76
N PHE C 2235 31.82 -3.93 -90.89
CA PHE C 2235 30.51 -4.17 -91.50
C PHE C 2235 29.39 -3.59 -90.63
N LEU C 2236 29.52 -3.70 -89.31
CA LEU C 2236 28.53 -3.11 -88.41
C LEU C 2236 28.48 -1.59 -88.53
N CYS C 2237 29.65 -0.96 -88.64
CA CYS C 2237 29.70 0.49 -88.82
C CYS C 2237 29.07 0.90 -90.15
N TYR C 2238 29.34 0.13 -91.21
CA TYR C 2238 28.73 0.43 -92.50
C TYR C 2238 27.21 0.29 -92.45
N PHE C 2239 26.72 -0.75 -91.79
CA PHE C 2239 25.28 -0.94 -91.67
C PHE C 2239 24.64 0.12 -90.78
N CYS C 2240 25.38 0.62 -89.79
CA CYS C 2240 24.84 1.70 -88.95
C CYS C 2240 24.82 3.02 -89.71
N ARG C 2241 25.82 3.28 -90.55
CA ARG C 2241 25.93 4.55 -91.24
C ARG C 2241 25.21 4.58 -92.58
N ILE C 2242 24.69 3.44 -93.06
CA ILE C 2242 23.97 3.46 -94.32
C ILE C 2242 22.67 4.25 -94.22
N SER C 2243 22.01 4.25 -93.07
CA SER C 2243 20.74 4.94 -92.91
C SER C 2243 20.53 5.30 -91.46
N ARG C 2244 19.65 6.29 -91.24
CA ARG C 2244 19.34 6.74 -89.88
C ARG C 2244 18.40 5.79 -89.16
N GLN C 2245 17.58 5.04 -89.90
CA GLN C 2245 16.60 4.15 -89.26
C GLN C 2245 17.29 3.02 -88.51
N ASN C 2246 18.34 2.44 -89.09
CA ASN C 2246 19.07 1.36 -88.43
C ASN C 2246 19.87 1.84 -87.23
N GLN C 2247 20.14 3.14 -87.15
CA GLN C 2247 20.93 3.68 -86.04
C GLN C 2247 20.19 3.52 -84.72
N ARG C 2248 18.88 3.75 -84.71
CA ARG C 2248 18.10 3.61 -83.48
C ARG C 2248 18.06 2.16 -83.01
N SER C 2249 17.95 1.21 -83.94
CA SER C 2249 18.01 -0.20 -83.57
C SER C 2249 19.39 -0.58 -83.04
N MET C 2250 20.44 -0.05 -83.66
CA MET C 2250 21.80 -0.33 -83.18
C MET C 2250 22.06 0.30 -81.82
N PHE C 2251 21.37 1.39 -81.50
CA PHE C 2251 21.54 2.07 -80.23
C PHE C 2251 21.12 1.22 -79.04
N ASP C 2252 20.24 0.24 -79.24
CA ASP C 2252 19.77 -0.59 -78.14
C ASP C 2252 20.85 -1.48 -77.55
N HIS C 2253 21.94 -1.73 -78.28
CA HIS C 2253 23.04 -2.55 -77.81
C HIS C 2253 24.21 -1.71 -77.30
N LEU C 2254 24.01 -0.41 -77.08
CA LEU C 2254 25.09 0.46 -76.65
C LEU C 2254 25.63 0.07 -75.28
N SER C 2255 24.74 -0.34 -74.36
CA SER C 2255 25.17 -0.69 -73.00
C SER C 2255 26.11 -1.88 -73.01
N TYR C 2256 25.82 -2.90 -73.82
CA TYR C 2256 26.70 -4.06 -73.87
C TYR C 2256 27.98 -3.76 -74.65
N LEU C 2257 27.89 -2.94 -75.70
CA LEU C 2257 29.04 -2.67 -76.55
C LEU C 2257 30.15 -1.95 -75.78
N LEU C 2258 29.79 -0.94 -74.98
CA LEU C 2258 30.79 -0.22 -74.21
C LEU C 2258 31.32 -1.02 -73.03
N GLU C 2259 30.68 -2.14 -72.67
CA GLU C 2259 31.26 -3.02 -71.66
C GLU C 2259 32.53 -3.69 -72.19
N ASN C 2260 32.51 -4.13 -73.45
CA ASN C 2260 33.65 -4.78 -74.08
C ASN C 2260 34.46 -3.84 -74.97
N SER C 2261 34.07 -2.57 -75.05
CA SER C 2261 34.88 -1.60 -75.80
C SER C 2261 36.29 -1.49 -75.24
N GLY C 2262 36.43 -1.56 -73.91
CA GLY C 2262 37.74 -1.56 -73.30
C GLY C 2262 38.51 -2.84 -73.42
N ILE C 2263 37.87 -3.92 -73.90
CA ILE C 2263 38.54 -5.20 -74.09
C ILE C 2263 39.40 -5.23 -75.34
N GLY C 2264 39.28 -4.24 -76.22
CA GLY C 2264 40.06 -4.21 -77.44
C GLY C 2264 41.31 -3.34 -77.30
N LEU C 2265 41.27 -2.15 -77.92
CA LEU C 2265 42.37 -1.19 -77.87
C LEU C 2265 43.67 -1.78 -78.38
N GLY C 2266 43.58 -2.59 -79.43
CA GLY C 2266 44.74 -3.26 -79.98
C GLY C 2266 45.34 -2.58 -81.18
N MET C 2267 45.44 -3.31 -82.29
CA MET C 2267 46.06 -2.79 -83.50
C MET C 2267 45.10 -1.84 -84.22
N GLN C 2268 45.62 -1.18 -85.26
CA GLN C 2268 44.82 -0.27 -86.05
C GLN C 2268 43.74 -1.02 -86.82
N GLY C 2269 42.55 -0.43 -86.89
CA GLY C 2269 41.42 -1.03 -87.55
C GLY C 2269 40.16 -0.73 -86.77
N SER C 2270 39.09 -1.45 -87.09
CA SER C 2270 37.83 -1.27 -86.41
C SER C 2270 37.90 -1.82 -84.99
N THR C 2271 37.22 -1.14 -84.07
CA THR C 2271 37.21 -1.44 -82.65
C THR C 2271 35.77 -1.44 -82.17
N PRO C 2272 35.40 -2.33 -81.22
CA PRO C 2272 34.03 -2.32 -80.68
C PRO C 2272 33.60 -0.98 -80.06
N LEU C 2273 34.58 -0.11 -79.76
CA LEU C 2273 34.25 1.25 -79.38
C LEU C 2273 33.87 2.10 -80.59
N ASP C 2274 34.40 1.77 -81.78
CA ASP C 2274 34.17 2.59 -82.95
C ASP C 2274 32.72 2.53 -83.42
N VAL C 2275 32.10 1.35 -83.34
CA VAL C 2275 30.69 1.23 -83.73
C VAL C 2275 29.81 2.02 -82.78
N ALA C 2276 30.13 2.01 -81.48
CA ALA C 2276 29.38 2.81 -80.51
C ALA C 2276 29.57 4.30 -80.77
N ALA C 2277 30.79 4.70 -81.13
CA ALA C 2277 31.04 6.11 -81.45
C ALA C 2277 30.28 6.54 -82.70
N ALA C 2278 30.22 5.66 -83.71
CA ALA C 2278 29.51 5.98 -84.94
C ALA C 2278 28.01 5.88 -84.80
N SER C 2279 27.51 5.19 -83.78
CA SER C 2279 26.07 5.07 -83.54
C SER C 2279 25.44 6.36 -83.04
N VAL C 2280 26.24 7.38 -82.70
CA VAL C 2280 25.69 8.63 -82.19
C VAL C 2280 26.20 9.80 -83.02
N ILE C 2281 26.57 9.54 -84.29
CA ILE C 2281 27.00 10.62 -85.16
C ILE C 2281 25.81 11.51 -85.53
N ASP C 2282 24.70 10.90 -85.95
CA ASP C 2282 23.47 11.66 -86.24
C ASP C 2282 22.65 11.76 -84.96
N ASN C 2283 23.19 12.54 -84.03
CA ASN C 2283 22.66 12.66 -82.68
C ASN C 2283 21.63 13.80 -82.61
N ASN C 2284 21.30 14.22 -81.40
CA ASN C 2284 20.31 15.23 -80.97
C ASN C 2284 18.89 14.69 -81.04
N GLU C 2285 18.67 13.50 -81.59
CA GLU C 2285 17.38 12.83 -81.52
C GLU C 2285 17.39 11.63 -80.60
N LEU C 2286 18.56 11.06 -80.32
CA LEU C 2286 18.70 9.95 -79.38
C LEU C 2286 19.82 10.15 -78.37
N ALA C 2287 20.70 11.13 -78.56
CA ALA C 2287 21.77 11.38 -77.60
C ALA C 2287 21.26 11.97 -76.29
N LEU C 2288 20.04 12.50 -76.26
CA LEU C 2288 19.49 13.02 -75.02
C LEU C 2288 19.15 11.88 -74.05
N ALA C 2289 18.86 10.69 -74.56
CA ALA C 2289 18.61 9.52 -73.75
C ALA C 2289 19.89 8.77 -73.38
N LEU C 2290 21.05 9.24 -73.84
CA LEU C 2290 22.33 8.58 -73.58
C LEU C 2290 22.73 8.66 -72.12
N GLN C 2291 22.17 9.61 -71.37
CA GLN C 2291 22.52 9.75 -69.96
C GLN C 2291 22.06 8.51 -69.18
N GLU C 2292 22.61 8.36 -67.96
CA GLU C 2292 22.53 7.18 -67.09
C GLU C 2292 22.56 5.85 -67.84
N GLN C 2293 23.37 5.76 -68.90
CA GLN C 2293 23.56 4.51 -69.63
C GLN C 2293 24.99 4.01 -69.56
N ASP C 2294 25.96 4.77 -70.09
CA ASP C 2294 27.34 4.30 -70.08
C ASP C 2294 28.39 5.37 -69.81
N LEU C 2295 28.01 6.62 -69.52
CA LEU C 2295 29.01 7.66 -69.32
C LEU C 2295 29.83 7.42 -68.07
N GLU C 2296 29.19 6.97 -67.00
CA GLU C 2296 29.87 6.67 -65.75
C GLU C 2296 30.74 5.41 -65.84
N LYS C 2297 30.54 4.58 -66.86
CA LYS C 2297 31.43 3.45 -67.09
C LYS C 2297 32.58 3.80 -68.03
N VAL C 2298 32.34 4.71 -68.98
CA VAL C 2298 33.43 5.20 -69.83
C VAL C 2298 34.43 6.01 -69.01
N VAL C 2299 33.93 6.85 -68.09
CA VAL C 2299 34.84 7.66 -67.29
C VAL C 2299 35.63 6.78 -66.33
N SER C 2300 35.08 5.64 -65.91
CA SER C 2300 35.85 4.72 -65.08
C SER C 2300 37.00 4.10 -65.87
N TYR C 2301 36.76 3.80 -67.15
CA TYR C 2301 37.84 3.34 -68.02
C TYR C 2301 38.91 4.41 -68.17
N LEU C 2302 38.48 5.67 -68.32
CA LEU C 2302 39.43 6.78 -68.40
C LEU C 2302 40.26 6.91 -67.13
N ALA C 2303 39.62 6.80 -65.97
CA ALA C 2303 40.33 6.88 -64.70
C ALA C 2303 41.30 5.74 -64.52
N GLY C 2304 40.90 4.53 -64.91
CA GLY C 2304 41.81 3.39 -64.83
C GLY C 2304 42.99 3.51 -65.77
N CYS C 2305 42.75 4.04 -66.98
CA CYS C 2305 43.85 4.24 -67.93
C CYS C 2305 44.79 5.35 -67.47
N GLY C 2306 44.26 6.38 -66.80
CA GLY C 2306 45.10 7.45 -66.30
C GLY C 2306 46.06 7.03 -65.20
N LEU C 2307 45.74 5.96 -64.48
CA LEU C 2307 46.60 5.43 -63.43
C LEU C 2307 47.45 4.25 -63.90
N GLN C 2308 46.92 3.42 -64.79
CA GLN C 2308 47.65 2.26 -65.29
C GLN C 2308 48.76 2.70 -66.24
N SER C 2309 49.76 1.82 -66.37
CA SER C 2309 50.93 2.08 -67.21
C SER C 2309 50.89 1.35 -68.54
N CYS C 2310 49.88 0.50 -68.77
CA CYS C 2310 49.70 -0.29 -69.98
C CYS C 2310 50.94 -1.10 -70.31
N PRO C 2311 51.21 -2.18 -69.58
CA PRO C 2311 52.43 -2.97 -69.83
C PRO C 2311 52.50 -3.62 -71.20
N MET C 2312 51.36 -3.79 -71.88
CA MET C 2312 51.37 -4.45 -73.19
C MET C 2312 52.18 -3.66 -74.21
N LEU C 2313 52.03 -2.34 -74.23
CA LEU C 2313 52.80 -1.53 -75.18
C LEU C 2313 54.25 -1.36 -74.73
N LEU C 2314 54.50 -1.28 -73.43
CA LEU C 2314 55.85 -1.06 -72.92
C LEU C 2314 56.68 -2.34 -72.86
N ALA C 2315 56.07 -3.50 -73.12
CA ALA C 2315 56.82 -4.75 -73.11
C ALA C 2315 57.89 -4.81 -74.19
N LYS C 2316 57.76 -4.00 -75.24
CA LYS C 2316 58.75 -4.00 -76.32
C LYS C 2316 60.07 -3.34 -75.94
N GLY C 2317 60.12 -2.61 -74.83
CA GLY C 2317 61.34 -1.96 -74.41
C GLY C 2317 61.23 -0.46 -74.27
N TYR C 2318 60.00 0.02 -74.10
CA TYR C 2318 59.75 1.44 -73.94
C TYR C 2318 60.15 1.90 -72.54
N PRO C 2319 60.39 3.21 -72.36
CA PRO C 2319 60.82 3.71 -71.03
C PRO C 2319 59.81 3.50 -69.89
N ASP C 2320 58.62 2.98 -70.17
CA ASP C 2320 57.62 2.62 -69.17
C ASP C 2320 57.20 3.83 -68.33
N ILE C 2321 56.53 4.77 -69.02
CA ILE C 2321 55.94 5.91 -68.34
C ILE C 2321 54.84 5.42 -67.40
N GLY C 2322 54.63 6.17 -66.32
CA GLY C 2322 53.67 5.76 -65.30
C GLY C 2322 52.24 5.75 -65.80
N TRP C 2323 51.88 6.72 -66.64
CA TRP C 2323 50.53 6.86 -67.15
C TRP C 2323 50.50 6.59 -68.65
N ASN C 2324 49.40 5.97 -69.10
CA ASN C 2324 49.29 5.51 -70.49
C ASN C 2324 48.65 6.59 -71.34
N PRO C 2325 49.35 7.12 -72.35
CA PRO C 2325 48.73 8.15 -73.20
C PRO C 2325 47.93 7.58 -74.36
N CYS C 2326 48.32 6.39 -74.85
CA CYS C 2326 47.68 5.82 -76.03
C CYS C 2326 46.23 5.43 -75.75
N GLY C 2327 45.97 4.87 -74.57
CA GLY C 2327 44.60 4.49 -74.22
C GLY C 2327 43.68 5.69 -74.13
N GLY C 2328 44.15 6.77 -73.50
CA GLY C 2328 43.37 7.99 -73.44
C GLY C 2328 43.23 8.68 -74.79
N GLU C 2329 44.22 8.50 -75.68
CA GLU C 2329 44.11 9.04 -77.02
C GLU C 2329 43.03 8.33 -77.81
N ARG C 2330 42.98 6.99 -77.72
CA ARG C 2330 41.91 6.26 -78.38
C ARG C 2330 40.56 6.52 -77.71
N TYR C 2331 40.54 6.72 -76.39
CA TYR C 2331 39.32 7.08 -75.68
C TYR C 2331 38.95 8.53 -75.98
N LEU C 2332 37.85 8.97 -75.35
CA LEU C 2332 37.31 10.33 -75.36
C LEU C 2332 36.70 10.72 -76.70
N ASP C 2333 36.88 9.89 -77.72
CA ASP C 2333 36.20 10.12 -78.99
C ASP C 2333 34.68 9.95 -78.84
N PHE C 2334 34.26 8.94 -78.08
CA PHE C 2334 32.85 8.74 -77.80
C PHE C 2334 32.28 9.92 -77.01
N LEU C 2335 33.02 10.42 -76.04
CA LEU C 2335 32.58 11.59 -75.29
C LEU C 2335 32.46 12.82 -76.18
N ARG C 2336 33.44 13.03 -77.06
CA ARG C 2336 33.39 14.17 -77.96
C ARG C 2336 32.21 14.08 -78.93
N PHE C 2337 31.95 12.90 -79.48
CA PHE C 2337 30.79 12.75 -80.35
C PHE C 2337 29.47 12.82 -79.60
N ALA C 2338 29.47 12.48 -78.30
CA ALA C 2338 28.26 12.62 -77.51
C ALA C 2338 27.97 14.09 -77.16
N VAL C 2339 29.02 14.88 -76.96
CA VAL C 2339 28.84 16.27 -76.55
C VAL C 2339 28.62 17.18 -77.76
N PHE C 2340 29.49 17.12 -78.77
CA PHE C 2340 29.44 18.04 -79.89
C PHE C 2340 28.62 17.42 -81.02
N VAL C 2341 27.29 17.53 -80.88
CA VAL C 2341 26.40 17.03 -81.91
C VAL C 2341 26.47 17.92 -83.16
N ASN C 2342 26.54 19.23 -82.98
CA ASN C 2342 26.55 20.19 -84.08
C ASN C 2342 27.32 21.42 -83.61
N GLY C 2343 27.13 22.55 -84.30
CA GLY C 2343 27.76 23.80 -83.91
C GLY C 2343 27.36 24.27 -82.52
N GLU C 2344 26.22 23.83 -82.01
CA GLU C 2344 25.79 24.10 -80.65
C GLU C 2344 25.83 22.80 -79.86
N SER C 2345 26.53 22.81 -78.72
CA SER C 2345 26.67 21.63 -77.89
C SER C 2345 25.40 21.40 -77.06
N VAL C 2346 25.34 20.24 -76.41
CA VAL C 2346 24.22 19.86 -75.58
C VAL C 2346 24.57 20.13 -74.11
N GLU C 2347 23.82 21.02 -73.48
CA GLU C 2347 24.11 21.42 -72.12
C GLU C 2347 23.80 20.32 -71.12
N GLU C 2348 22.68 19.62 -71.32
CA GLU C 2348 22.24 18.59 -70.39
C GLU C 2348 23.21 17.41 -70.31
N ASN C 2349 24.04 17.21 -71.35
CA ASN C 2349 25.13 16.24 -71.30
C ASN C 2349 26.45 16.86 -70.87
N ALA C 2350 26.78 18.05 -71.38
CA ALA C 2350 28.06 18.67 -71.08
C ALA C 2350 28.19 18.97 -69.59
N ASN C 2351 27.14 19.51 -68.97
CA ASN C 2351 27.19 19.86 -67.56
C ASN C 2351 27.42 18.64 -66.68
N VAL C 2352 26.65 17.57 -66.92
CA VAL C 2352 26.78 16.39 -66.08
C VAL C 2352 28.11 15.69 -66.32
N VAL C 2353 28.60 15.67 -67.56
CA VAL C 2353 29.85 14.97 -67.82
C VAL C 2353 31.02 15.73 -67.21
N VAL C 2354 31.03 17.06 -67.26
CA VAL C 2354 32.13 17.80 -66.64
C VAL C 2354 32.03 17.72 -65.12
N ARG C 2355 30.81 17.78 -64.58
CA ARG C 2355 30.64 17.72 -63.13
C ARG C 2355 31.09 16.38 -62.57
N LEU C 2356 30.77 15.28 -63.26
CA LEU C 2356 31.20 13.98 -62.78
C LEU C 2356 32.66 13.70 -63.14
N LEU C 2357 33.19 14.36 -64.17
CA LEU C 2357 34.59 14.17 -64.53
C LEU C 2357 35.53 14.84 -63.54
N ILE C 2358 35.16 16.03 -63.04
CA ILE C 2358 36.02 16.75 -62.10
C ILE C 2358 36.02 16.11 -60.72
N ARG C 2359 35.23 15.04 -60.54
CA ARG C 2359 35.20 14.33 -59.26
C ARG C 2359 36.54 13.67 -58.96
N LYS C 2360 37.13 13.00 -59.95
CA LYS C 2360 38.38 12.29 -59.76
C LYS C 2360 39.53 13.04 -60.42
N PRO C 2361 40.50 13.56 -59.66
CA PRO C 2361 41.66 14.21 -60.30
C PRO C 2361 42.52 13.28 -61.14
N GLU C 2362 42.45 11.97 -60.90
CA GLU C 2362 43.26 11.03 -61.68
C GLU C 2362 42.84 10.94 -63.13
N CYS C 2363 41.62 11.37 -63.47
CA CYS C 2363 41.18 11.37 -64.86
C CYS C 2363 42.00 12.35 -65.70
N PHE C 2364 42.33 13.52 -65.15
CA PHE C 2364 43.12 14.51 -65.87
C PHE C 2364 44.58 14.08 -65.95
N GLY C 2365 45.35 14.84 -66.71
CA GLY C 2365 46.77 14.59 -66.84
C GLY C 2365 47.51 14.85 -65.55
N PRO C 2366 48.64 14.17 -65.35
CA PRO C 2366 49.43 14.41 -64.13
C PRO C 2366 49.96 15.83 -64.02
N ALA C 2367 50.41 16.41 -65.14
CA ALA C 2367 50.95 17.77 -65.11
C ALA C 2367 49.88 18.81 -64.80
N LEU C 2368 48.61 18.48 -65.02
CA LEU C 2368 47.50 19.40 -64.74
C LEU C 2368 46.90 19.20 -63.37
N ARG C 2369 46.67 17.94 -62.97
CA ARG C 2369 45.98 17.64 -61.72
C ARG C 2369 46.92 17.17 -60.61
N GLY C 2370 48.23 17.32 -60.79
CA GLY C 2370 49.17 16.89 -59.77
C GLY C 2370 49.26 17.87 -58.62
N GLU C 2371 49.58 17.33 -57.44
CA GLU C 2371 49.80 18.18 -56.27
C GLU C 2371 51.05 19.04 -56.43
N GLY C 2372 52.10 18.48 -57.03
CA GLY C 2372 53.32 19.22 -57.24
C GLY C 2372 53.20 20.26 -58.33
N GLY C 2373 54.18 21.15 -58.38
CA GLY C 2373 54.19 22.22 -59.36
C GLY C 2373 54.47 21.70 -60.75
N SER C 2374 53.50 21.84 -61.65
CA SER C 2374 53.66 21.42 -63.03
C SER C 2374 52.76 22.28 -63.92
N GLY C 2375 53.24 22.55 -65.13
CA GLY C 2375 52.52 23.43 -66.04
C GLY C 2375 52.37 22.80 -67.42
N LEU C 2376 51.39 23.32 -68.15
CA LEU C 2376 51.14 22.85 -69.52
C LEU C 2376 52.33 23.15 -70.43
N LEU C 2377 52.89 24.36 -70.32
CA LEU C 2377 54.04 24.72 -71.13
C LEU C 2377 55.25 23.85 -70.80
N ALA C 2378 55.46 23.59 -69.51
CA ALA C 2378 56.57 22.73 -69.09
C ALA C 2378 56.38 21.30 -69.61
N ALA C 2379 55.15 20.78 -69.54
CA ALA C 2379 54.89 19.44 -70.06
C ALA C 2379 55.10 19.36 -71.57
N ILE C 2380 54.65 20.39 -72.30
CA ILE C 2380 54.83 20.39 -73.75
C ILE C 2380 56.31 20.50 -74.12
N GLU C 2381 57.05 21.35 -73.40
CA GLU C 2381 58.48 21.47 -73.64
C GLU C 2381 59.22 20.17 -73.34
N GLU C 2382 58.82 19.48 -72.26
CA GLU C 2382 59.42 18.19 -71.94
C GLU C 2382 59.11 17.16 -73.01
N ALA C 2383 57.88 17.17 -73.53
CA ALA C 2383 57.52 16.25 -74.61
C ALA C 2383 58.33 16.53 -75.87
N ILE C 2384 58.52 17.81 -76.20
CA ILE C 2384 59.33 18.18 -77.36
C ILE C 2384 60.78 17.74 -77.16
N ARG C 2385 61.31 17.92 -75.95
CA ARG C 2385 62.68 17.48 -75.67
C ARG C 2385 62.83 15.97 -75.79
N ILE C 2386 61.83 15.22 -75.29
CA ILE C 2386 61.86 13.76 -75.40
C ILE C 2386 61.80 13.34 -76.86
N SER C 2387 60.94 13.99 -77.65
CA SER C 2387 60.84 13.67 -79.07
C SER C 2387 62.15 13.97 -79.80
N GLU C 2388 62.80 15.10 -79.45
CA GLU C 2388 64.07 15.43 -80.08
C GLU C 2388 65.16 14.44 -79.69
N ASP C 2389 65.18 14.02 -78.43
CA ASP C 2389 66.18 13.06 -77.97
C ASP C 2389 65.92 11.69 -78.59
N PRO C 2390 66.95 11.01 -79.12
CA PRO C 2390 66.73 9.65 -79.66
C PRO C 2390 66.24 8.66 -78.62
N ALA C 2391 66.63 8.81 -77.37
CA ALA C 2391 66.21 7.89 -76.31
C ALA C 2391 64.75 8.13 -75.94
N ARG C 2415 57.67 3.41 -84.29
CA ARG C 2415 56.24 3.14 -84.50
C ARG C 2415 55.38 4.23 -83.86
N VAL C 2416 55.56 4.44 -82.56
CA VAL C 2416 54.80 5.43 -81.80
C VAL C 2416 55.78 6.24 -80.97
N HIS C 2417 55.68 7.56 -81.08
CA HIS C 2417 56.53 8.47 -80.31
C HIS C 2417 55.83 8.84 -79.00
N LEU C 2418 56.58 8.80 -77.91
CA LEU C 2418 56.01 9.13 -76.60
C LEU C 2418 55.56 10.59 -76.55
N GLY C 2419 56.36 11.50 -77.08
CA GLY C 2419 55.97 12.90 -77.12
C GLY C 2419 54.75 13.13 -77.98
N HIS C 2420 54.68 12.44 -79.13
CA HIS C 2420 53.49 12.53 -79.99
C HIS C 2420 52.25 12.02 -79.28
N ALA C 2421 52.37 10.89 -78.55
CA ALA C 2421 51.23 10.35 -77.82
C ALA C 2421 50.76 11.30 -76.72
N ILE C 2422 51.71 11.87 -75.97
CA ILE C 2422 51.36 12.78 -74.89
C ILE C 2422 50.71 14.05 -75.45
N MET C 2423 51.27 14.60 -76.53
CA MET C 2423 50.71 15.81 -77.12
C MET C 2423 49.33 15.55 -77.72
N SER C 2424 49.13 14.37 -78.34
CA SER C 2424 47.82 14.04 -78.88
C SER C 2424 46.78 13.87 -77.77
N PHE C 2425 47.16 13.20 -76.68
CA PHE C 2425 46.24 13.02 -75.56
C PHE C 2425 45.87 14.36 -74.93
N TYR C 2426 46.87 15.24 -74.75
CA TYR C 2426 46.59 16.56 -74.16
C TYR C 2426 45.73 17.42 -75.09
N ALA C 2427 45.99 17.36 -76.41
CA ALA C 2427 45.17 18.10 -77.36
C ALA C 2427 43.74 17.59 -77.37
N ALA C 2428 43.56 16.27 -77.29
CA ALA C 2428 42.21 15.70 -77.23
C ALA C 2428 41.50 16.14 -75.95
N LEU C 2429 42.21 16.16 -74.82
CA LEU C 2429 41.60 16.59 -73.57
C LEU C 2429 41.19 18.06 -73.62
N ILE C 2430 42.06 18.91 -74.16
CA ILE C 2430 41.73 20.34 -74.27
C ILE C 2430 40.57 20.56 -75.23
N ASP C 2431 40.54 19.81 -76.34
CA ASP C 2431 39.42 19.92 -77.28
C ASP C 2431 38.11 19.48 -76.65
N LEU C 2432 38.15 18.39 -75.87
CA LEU C 2432 36.94 17.91 -75.20
C LEU C 2432 36.46 18.94 -74.18
N LEU C 2433 37.39 19.54 -73.42
CA LEU C 2433 37.02 20.56 -72.45
C LEU C 2433 36.42 21.79 -73.13
N GLY C 2434 37.01 22.22 -74.24
CA GLY C 2434 36.47 23.36 -74.97
C GLY C 2434 35.10 23.09 -75.55
N ARG C 2435 34.88 21.89 -76.08
CA ARG C 2435 33.56 21.54 -76.61
C ARG C 2435 32.53 21.40 -75.49
N CYS C 2436 32.95 20.91 -74.32
CA CYS C 2436 32.05 20.80 -73.18
C CYS C 2436 31.75 22.15 -72.55
N ALA C 2437 32.62 23.14 -72.77
CA ALA C 2437 32.32 24.49 -72.29
C ALA C 2437 31.07 25.02 -72.98
N PRO C 2438 30.21 25.77 -72.26
CA PRO C 2438 28.92 26.20 -72.85
C PRO C 2438 29.06 27.03 -74.11
N GLU C 2439 29.66 28.21 -74.01
CA GLU C 2439 29.98 29.09 -75.14
C GLU C 2439 28.75 29.51 -75.95
N MET C 2440 27.57 29.53 -75.34
CA MET C 2440 26.39 30.18 -75.92
C MET C 2440 26.20 31.56 -75.30
N HIS C 2441 26.18 32.59 -76.16
CA HIS C 2441 25.98 33.96 -75.71
C HIS C 2441 24.60 34.14 -75.08
N LEU C 2442 23.57 33.56 -75.71
CA LEU C 2442 22.21 33.69 -75.16
C LEU C 2442 22.09 32.98 -73.83
N ILE C 2443 22.71 31.80 -73.69
CA ILE C 2443 22.68 31.09 -72.42
C ILE C 2443 23.40 31.89 -71.34
N GLN C 2444 24.58 32.44 -71.68
CA GLN C 2444 25.31 33.24 -70.71
C GLN C 2444 24.56 34.51 -70.32
N ALA C 2445 23.82 35.10 -71.25
CA ALA C 2445 23.08 36.34 -70.96
C ALA C 2445 21.81 36.08 -70.16
N GLY C 2446 21.12 34.97 -70.42
CA GLY C 2446 19.84 34.71 -69.78
C GLY C 2446 19.79 33.60 -68.76
N LYS C 2447 20.92 33.01 -68.38
CA LYS C 2447 20.94 31.94 -67.40
C LYS C 2447 22.01 32.21 -66.36
N GLY C 2448 21.69 31.97 -65.10
CA GLY C 2448 22.60 32.15 -63.99
C GLY C 2448 23.28 30.90 -63.50
N GLU C 2449 23.01 29.75 -64.11
CA GLU C 2449 23.60 28.48 -63.70
C GLU C 2449 24.82 28.10 -64.53
N ALA C 2450 24.79 28.36 -65.84
CA ALA C 2450 25.92 28.02 -66.71
C ALA C 2450 27.16 28.86 -66.41
N LEU C 2451 27.00 30.05 -65.83
CA LEU C 2451 28.15 30.86 -65.47
C LEU C 2451 28.99 30.19 -64.38
N ARG C 2452 28.35 29.42 -63.49
CA ARG C 2452 29.09 28.66 -62.49
C ARG C 2452 30.00 27.63 -63.14
N ILE C 2453 29.47 26.89 -64.11
CA ILE C 2453 30.26 25.88 -64.81
C ILE C 2453 31.36 26.54 -65.63
N ARG C 2454 31.06 27.69 -66.25
CA ARG C 2454 32.07 28.43 -66.99
C ARG C 2454 33.20 28.90 -66.08
N ALA C 2455 32.86 29.39 -64.88
CA ALA C 2455 33.88 29.80 -63.92
C ALA C 2455 34.71 28.62 -63.44
N ILE C 2456 34.07 27.46 -63.23
CA ILE C 2456 34.80 26.26 -62.81
C ILE C 2456 35.79 25.84 -63.90
N LEU C 2457 35.35 25.84 -65.15
CA LEU C 2457 36.23 25.48 -66.25
C LEU C 2457 37.37 26.49 -66.42
N ARG C 2458 37.06 27.78 -66.25
CA ARG C 2458 38.08 28.82 -66.34
C ARG C 2458 39.12 28.68 -65.23
N SER C 2459 38.68 28.31 -64.02
CA SER C 2459 39.62 28.07 -62.94
C SER C 2459 40.46 26.82 -63.20
N LEU C 2460 39.85 25.78 -63.77
CA LEU C 2460 40.58 24.55 -64.05
C LEU C 2460 41.64 24.75 -65.13
N VAL C 2461 41.29 25.44 -66.21
CA VAL C 2461 42.24 25.70 -67.29
C VAL C 2461 43.17 26.83 -66.87
N PRO C 2462 44.49 26.63 -66.92
CA PRO C 2462 45.42 27.71 -66.54
C PRO C 2462 45.28 28.93 -67.44
N LEU C 2463 45.36 30.11 -66.83
CA LEU C 2463 45.23 31.35 -67.57
C LEU C 2463 46.56 31.74 -68.19
N ASP C 2464 46.48 32.35 -69.38
CA ASP C 2464 47.61 32.83 -70.18
C ASP C 2464 48.56 31.71 -70.60
N ASP C 2465 48.12 30.45 -70.53
CA ASP C 2465 48.93 29.33 -70.97
C ASP C 2465 48.69 28.96 -72.43
N LEU C 2466 47.45 29.13 -72.90
CA LEU C 2466 47.13 28.81 -74.30
C LEU C 2466 47.88 29.72 -75.25
N VAL C 2467 48.03 31.00 -74.91
CA VAL C 2467 48.78 31.92 -75.75
C VAL C 2467 50.24 31.52 -75.82
N GLY C 2468 50.80 31.01 -74.72
CA GLY C 2468 52.16 30.49 -74.76
C GLY C 2468 52.28 29.24 -75.60
N ILE C 2469 51.30 28.35 -75.50
CA ILE C 2469 51.29 27.13 -76.31
C ILE C 2469 51.28 27.47 -77.79
N ILE C 2470 50.47 28.47 -78.18
CA ILE C 2470 50.47 28.94 -79.56
C ILE C 2470 51.82 29.59 -79.90
N SER C 2471 52.40 30.33 -78.95
CA SER C 2471 53.66 31.02 -79.19
C SER C 2471 54.84 30.08 -79.40
N LEU C 2472 54.76 28.86 -78.87
CA LEU C 2472 55.79 27.86 -79.18
C LEU C 2472 55.78 27.58 -80.69
N PRO C 2473 56.95 27.64 -81.35
CA PRO C 2473 56.98 27.52 -82.82
C PRO C 2473 57.08 26.07 -83.30
N LEU C 2474 57.20 25.90 -84.62
CA LEU C 2474 57.31 24.59 -85.23
C LEU C 2474 58.36 24.64 -86.33
N GLN C 2475 58.87 23.46 -86.68
CA GLN C 2475 59.90 23.35 -87.71
C GLN C 2475 59.29 23.54 -89.10
N ILE C 2476 60.15 23.86 -90.06
CA ILE C 2476 59.76 24.08 -91.45
C ILE C 2476 60.51 23.08 -92.32
N PRO C 2477 59.83 22.30 -93.15
CA PRO C 2477 60.52 21.34 -94.04
C PRO C 2477 61.15 22.00 -95.26
N THR C 2478 62.35 22.55 -95.07
CA THR C 2478 63.08 23.22 -96.13
C THR C 2478 64.48 22.64 -96.22
N LEU C 2479 65.02 22.65 -97.44
CA LEU C 2479 66.36 22.12 -97.69
C LEU C 2479 67.43 23.15 -97.33
N UNK C 2487 65.03 17.57 -100.15
CA UNK C 2487 64.68 18.38 -98.99
C UNK C 2487 64.70 17.53 -97.72
N UNK C 2488 64.53 18.18 -96.57
CA UNK C 2488 64.52 17.50 -95.29
C UNK C 2488 63.12 17.46 -94.69
N UNK C 2489 62.18 16.87 -95.42
CA UNK C 2489 60.80 16.76 -94.98
C UNK C 2489 60.53 15.38 -94.37
N UNK C 2490 60.17 15.38 -93.08
CA UNK C 2490 59.89 14.12 -92.38
C UNK C 2490 58.85 14.35 -91.29
N UNK C 2491 58.12 13.29 -90.95
CA UNK C 2491 57.09 13.37 -89.92
C UNK C 2491 57.74 13.40 -88.53
N UNK C 2492 57.45 14.46 -87.77
CA UNK C 2492 57.99 14.60 -86.42
C UNK C 2492 56.97 14.17 -85.38
N UNK C 2493 57.06 14.77 -84.20
CA UNK C 2493 56.13 14.47 -83.11
C UNK C 2493 55.43 15.73 -82.63
N UNK C 2494 55.38 16.75 -83.49
CA UNK C 2494 54.72 18.00 -83.17
C UNK C 2494 53.87 18.48 -84.35
N UNK C 2495 52.71 17.86 -84.51
CA UNK C 2495 51.82 18.19 -85.62
C UNK C 2495 51.17 19.56 -85.40
N UNK C 2496 50.69 20.16 -86.48
CA UNK C 2496 50.06 21.47 -86.41
C UNK C 2496 48.53 21.33 -86.31
N UNK C 2497 48.08 20.14 -85.95
CA UNK C 2497 46.65 19.88 -85.82
C UNK C 2497 46.20 20.04 -84.37
N UNK C 2498 47.10 20.55 -83.53
CA UNK C 2498 46.79 20.78 -82.13
C UNK C 2498 46.85 22.28 -81.82
N UNK C 2499 47.53 23.03 -82.67
CA UNK C 2499 47.58 24.48 -82.54
C UNK C 2499 46.22 25.07 -82.89
N UNK C 2500 45.51 24.38 -83.77
CA UNK C 2500 44.15 24.76 -84.13
C UNK C 2500 43.17 24.23 -83.11
N UNK C 2501 43.59 23.21 -82.36
CA UNK C 2501 42.76 22.61 -81.32
C UNK C 2501 42.92 23.37 -80.02
N UNK C 2502 43.97 24.18 -79.94
CA UNK C 2502 44.23 25.00 -78.76
C UNK C 2502 43.59 26.38 -78.91
N UNK C 2503 43.28 26.73 -80.16
CA UNK C 2503 42.65 28.02 -80.46
C UNK C 2503 41.14 27.91 -80.32
N UNK C 2504 40.63 26.69 -80.28
CA UNK C 2504 39.19 26.46 -80.15
C UNK C 2504 38.75 26.69 -78.71
N UNK C 2505 39.63 26.41 -77.76
CA UNK C 2505 39.33 26.60 -76.35
C UNK C 2505 39.60 28.03 -75.92
N UNK C 2506 40.30 28.78 -76.77
CA UNK C 2506 40.64 30.17 -76.47
C UNK C 2506 39.59 31.11 -77.05
N UNK C 2507 38.70 30.57 -77.87
CA UNK C 2507 37.65 31.37 -78.49
C UNK C 2507 36.26 30.93 -78.05
N UNK C 2508 36.22 29.97 -77.11
CA UNK C 2508 34.96 29.46 -76.60
C UNK C 2508 34.94 29.44 -75.07
N UNK C 2509 35.92 30.12 -74.47
CA UNK C 2509 36.01 30.17 -73.02
C UNK C 2509 36.59 31.51 -72.57
N UNK C 2510 37.82 31.80 -73.00
CA UNK C 2510 38.48 33.04 -72.64
C UNK C 2510 38.07 34.18 -73.56
N UNK C 2511 37.86 33.84 -74.83
CA UNK C 2511 37.49 34.80 -75.88
C UNK C 2511 38.48 35.94 -76.01
N UNK C 2512 38.03 37.06 -76.56
CA UNK C 2512 38.87 38.24 -76.72
C UNK C 2512 38.01 39.48 -76.93
N UNK C 2513 37.79 40.24 -75.85
CA UNK C 2513 36.96 41.43 -75.90
C UNK C 2513 37.81 42.70 -75.90
N UNK C 2514 38.90 42.68 -75.14
CA UNK C 2514 39.79 43.83 -75.04
C UNK C 2514 40.57 44.03 -76.33
N UNK C 2515 40.52 45.26 -76.86
CA UNK C 2515 41.20 45.58 -78.10
C UNK C 2515 42.71 45.65 -77.93
N UNK C 2516 43.14 46.07 -76.74
CA UNK C 2516 44.56 46.16 -76.43
C UNK C 2516 45.15 44.77 -76.26
N UNK C 2517 44.38 43.87 -75.67
CA UNK C 2517 44.81 42.49 -75.47
C UNK C 2517 44.71 41.71 -76.77
N UNK C 2518 43.88 42.18 -77.68
CA UNK C 2518 43.71 41.54 -78.98
C UNK C 2518 44.94 41.73 -79.84
N UNK C 2519 45.61 42.87 -79.68
CA UNK C 2519 46.82 43.17 -80.43
C UNK C 2519 48.04 42.50 -79.80
N UNK C 2520 47.89 42.12 -78.54
CA UNK C 2520 48.99 41.49 -77.80
C UNK C 2520 48.94 39.97 -77.92
N UNK C 2521 47.72 39.42 -77.94
CA UNK C 2521 47.54 37.97 -78.04
C UNK C 2521 47.62 37.51 -79.49
N UNK C 2522 47.63 38.47 -80.41
CA UNK C 2522 47.73 38.15 -81.84
C UNK C 2522 49.13 37.65 -82.17
N UNK C 2523 49.32 36.35 -82.08
CA UNK C 2523 50.61 35.73 -82.37
C UNK C 2523 50.42 34.55 -83.33
N UNK C 2524 49.26 34.50 -83.97
CA UNK C 2524 48.94 33.41 -84.88
C UNK C 2524 49.65 33.59 -86.23
N UNK C 2525 49.87 34.85 -86.61
CA UNK C 2525 50.49 35.17 -87.88
C UNK C 2525 52.00 35.35 -87.74
N UNK C 2526 52.59 34.62 -86.79
CA UNK C 2526 54.03 34.71 -86.56
C UNK C 2526 54.71 33.38 -86.84
N UNK C 2527 53.94 32.30 -86.76
CA UNK C 2527 54.47 30.96 -86.99
C UNK C 2527 53.62 30.17 -87.98
N UNK C 2528 52.57 30.81 -88.48
CA UNK C 2528 51.68 30.17 -89.46
C UNK C 2528 51.65 30.95 -90.77
N UNK C 2529 51.11 32.16 -90.73
CA UNK C 2529 51.03 33.01 -91.91
C UNK C 2529 52.40 33.57 -92.27
N UNK C 2530 53.26 33.68 -91.26
CA UNK C 2530 54.60 34.20 -91.46
C UNK C 2530 55.54 33.10 -91.94
N UNK C 2531 55.30 31.88 -91.47
CA UNK C 2531 56.16 30.74 -91.81
C UNK C 2531 55.74 30.11 -93.13
N UNK C 2532 54.57 30.50 -93.64
CA UNK C 2532 54.07 29.96 -94.89
C UNK C 2532 54.82 30.55 -96.09
N UNK C 2533 56.04 30.07 -96.30
CA UNK C 2533 56.87 30.56 -97.40
C UNK C 2533 57.07 29.47 -98.45
N UNK C 2534 56.19 28.47 -98.44
CA UNK C 2534 56.27 27.38 -99.40
C UNK C 2534 55.83 27.85 -100.79
N UNK C 2535 56.62 27.53 -101.81
CA UNK C 2535 56.32 27.93 -103.17
C UNK C 2535 56.14 26.73 -104.09
N UNK C 2536 57.06 26.57 -105.03
CA UNK C 2536 56.99 25.48 -106.00
C UNK C 2536 57.46 24.16 -105.37
N UNK C 2537 58.18 24.27 -104.26
CA UNK C 2537 58.68 23.09 -103.55
C UNK C 2537 57.72 22.67 -102.44
N UNK C 2538 56.42 22.78 -102.71
CA UNK C 2538 55.41 22.40 -101.74
C UNK C 2538 54.72 21.11 -102.15
N UNK C 2539 53.43 21.00 -101.82
CA UNK C 2539 52.60 19.83 -102.11
C UNK C 2539 53.18 18.54 -101.55
N UNK C 2540 53.82 18.65 -100.39
CA UNK C 2540 54.43 17.49 -99.73
C UNK C 2540 54.54 17.74 -98.23
N UNK C 2541 53.60 17.21 -97.48
CA UNK C 2541 53.49 17.38 -96.02
C UNK C 2541 53.44 18.85 -95.63
N UNK C 2542 52.81 19.67 -96.47
CA UNK C 2542 52.66 21.09 -96.22
C UNK C 2542 51.19 21.44 -96.08
N UNK C 2543 50.43 20.53 -95.49
CA UNK C 2543 48.99 20.72 -95.29
C UNK C 2543 48.70 21.30 -93.92
N UNK C 2544 49.67 22.03 -93.37
CA UNK C 2544 49.49 22.68 -92.08
C UNK C 2544 48.77 24.02 -92.26
N UNK C 2545 48.61 24.43 -93.51
CA UNK C 2545 47.90 25.66 -93.83
C UNK C 2545 46.40 25.42 -93.84
N UNK C 2546 46.01 24.14 -93.79
CA UNK C 2546 44.61 23.77 -93.72
C UNK C 2546 44.03 24.13 -92.36
N UNK C 2547 44.89 24.09 -91.34
CA UNK C 2547 44.50 24.48 -90.00
C UNK C 2547 44.47 26.00 -89.88
N UNK C 2548 45.24 26.67 -90.74
CA UNK C 2548 45.28 28.12 -90.77
C UNK C 2548 44.03 28.69 -91.43
N UNK C 2549 43.46 27.93 -92.36
CA UNK C 2549 42.27 28.35 -93.07
C UNK C 2549 41.03 27.66 -92.52
N UNK C 2550 41.05 27.37 -91.22
CA UNK C 2550 39.92 26.71 -90.56
C UNK C 2550 39.91 27.00 -89.06
N UNK C 2551 40.83 27.86 -88.61
CA UNK C 2551 40.91 28.22 -87.21
C UNK C 2551 41.64 29.54 -86.99
N UNK C 2552 42.64 29.81 -87.83
CA UNK C 2552 43.46 31.01 -87.67
C UNK C 2552 42.91 32.19 -88.47
N UNK C 2553 42.85 32.03 -89.79
CA UNK C 2553 42.40 33.11 -90.66
C UNK C 2553 40.89 33.30 -90.61
N UNK C 2554 40.18 32.31 -90.06
CA UNK C 2554 38.73 32.38 -89.95
C UNK C 2554 38.31 32.81 -88.54
N UNK C 2555 39.17 33.58 -87.88
CA UNK C 2555 38.90 34.03 -86.52
C UNK C 2555 39.68 35.30 -86.20
N UNK C 2556 39.04 36.19 -85.44
CA UNK C 2556 39.68 37.43 -85.00
C UNK C 2556 39.05 37.94 -83.71
N UNK C 2557 39.33 39.19 -83.38
CA UNK C 2557 38.81 39.78 -82.15
C UNK C 2557 38.26 41.18 -82.42
N UNK C 2558 37.99 41.93 -81.35
CA UNK C 2558 37.53 43.31 -81.48
C UNK C 2558 38.65 44.16 -82.06
N UNK C 2559 38.68 44.23 -83.40
CA UNK C 2559 39.74 44.92 -84.11
C UNK C 2559 39.68 46.43 -83.91
N UNK C 2560 40.75 46.98 -83.32
CA UNK C 2560 40.85 48.41 -83.10
C UNK C 2560 42.31 48.83 -83.04
N UNK C 2561 42.77 49.53 -84.08
CA UNK C 2561 44.15 49.97 -84.16
C UNK C 2561 44.38 51.23 -83.34
N UNK C 2562 45.47 51.26 -82.58
CA UNK C 2562 45.80 52.40 -81.74
C UNK C 2562 46.74 53.35 -82.47
N UNK C 2563 47.91 53.59 -81.88
CA UNK C 2563 48.89 54.50 -82.47
C UNK C 2563 49.64 53.82 -83.62
N UNK C 2564 49.33 54.26 -84.84
CA UNK C 2564 49.97 53.77 -86.07
C UNK C 2564 49.84 52.25 -86.24
N UNK C 2565 50.94 51.54 -86.04
CA UNK C 2565 50.98 50.11 -86.21
C UNK C 2565 50.83 49.37 -84.88
N UNK C 2566 51.86 49.47 -84.03
CA UNK C 2566 51.92 48.82 -82.73
C UNK C 2566 51.72 47.31 -82.81
N UNK C 2567 52.71 46.61 -83.37
CA UNK C 2567 52.65 45.17 -83.51
C UNK C 2567 54.01 44.54 -83.24
N UNK C 2568 54.01 43.35 -82.66
CA UNK C 2568 55.25 42.65 -82.34
C UNK C 2568 55.04 41.13 -82.23
N UNK C 2569 53.92 40.75 -81.63
CA UNK C 2569 53.62 39.34 -81.39
C UNK C 2569 53.26 38.61 -82.68
N UNK C 2570 52.73 39.35 -83.65
CA UNK C 2570 52.32 38.76 -84.92
C UNK C 2570 53.43 38.87 -85.96
N UNK C 2571 54.65 39.17 -85.50
CA UNK C 2571 55.83 39.32 -86.35
C UNK C 2571 55.61 40.35 -87.45
N UNK C 2572 56.26 40.12 -88.60
CA UNK C 2572 56.12 41.01 -89.75
C UNK C 2572 56.45 40.28 -91.04
N UNK C 2573 56.51 38.95 -90.97
CA UNK C 2573 56.85 38.13 -92.14
C UNK C 2573 55.59 37.67 -92.86
N UNK C 2574 54.47 38.33 -92.59
CA UNK C 2574 53.23 38.06 -93.30
C UNK C 2574 53.05 39.09 -94.40
N UNK C 2575 54.14 39.76 -94.76
CA UNK C 2575 54.12 40.80 -95.78
C UNK C 2575 53.92 40.20 -97.16
N UNK C 2576 54.96 39.53 -97.69
CA UNK C 2576 54.93 38.98 -99.03
C UNK C 2576 53.86 37.90 -99.20
N UNK C 2577 54.02 36.79 -98.50
CA UNK C 2577 53.04 35.71 -98.52
C UNK C 2577 51.76 36.14 -97.82
N UNK C 2578 50.65 36.15 -98.54
CA UNK C 2578 49.40 36.66 -97.98
C UNK C 2578 48.15 36.01 -98.59
N UNK C 2579 47.70 36.54 -99.72
CA UNK C 2579 46.43 36.12 -100.32
C UNK C 2579 46.57 34.84 -101.14
N UNK C 2580 45.45 34.11 -101.26
CA UNK C 2580 45.44 32.80 -101.88
C UNK C 2580 45.74 32.83 -103.38
N UNK C 2581 46.72 32.02 -103.80
CA UNK C 2581 47.05 31.86 -105.21
C UNK C 2581 47.80 30.55 -105.46
N UNK C 2582 48.86 30.31 -104.70
CA UNK C 2582 49.67 29.11 -104.87
C UNK C 2582 49.05 27.91 -104.18
N UNK C 2583 49.86 26.89 -103.89
CA UNK C 2583 49.36 25.64 -103.34
C UNK C 2583 49.47 25.57 -101.82
N UNK C 2584 48.34 25.72 -101.15
CA UNK C 2584 48.26 25.57 -99.69
C UNK C 2584 46.82 25.28 -99.26
N UNK C 2585 46.61 25.22 -97.95
CA UNK C 2585 45.30 24.97 -97.35
C UNK C 2585 44.65 23.68 -97.87
N UNK C 2586 43.86 23.80 -98.92
CA UNK C 2586 43.17 22.65 -99.49
C UNK C 2586 43.03 22.79 -101.01
N UNK C 2587 41.97 22.21 -101.56
CA UNK C 2587 41.74 22.26 -102.99
C UNK C 2587 41.15 23.61 -103.40
N UNK C 2588 39.82 23.66 -103.53
CA UNK C 2588 39.14 24.88 -103.95
C UNK C 2588 37.98 25.23 -103.03
N UNK C 2589 37.50 24.25 -102.27
CA UNK C 2589 36.34 24.43 -101.40
C UNK C 2589 36.60 25.44 -100.28
N UNK C 2590 35.55 26.15 -99.89
CA UNK C 2590 35.65 27.19 -98.87
C UNK C 2590 35.74 26.60 -97.47
N UNK C 2591 35.99 27.48 -96.49
CA UNK C 2591 36.11 27.06 -95.10
C UNK C 2591 34.74 26.95 -94.44
N UNK C 2592 34.59 26.00 -93.54
CA UNK C 2592 33.32 25.79 -92.85
C UNK C 2592 33.36 26.38 -91.44
N UNK C 2593 34.52 26.87 -91.04
CA UNK C 2593 34.69 27.49 -89.74
C UNK C 2593 33.99 28.84 -89.69
N UNK C 2594 34.36 29.72 -90.60
CA UNK C 2594 33.75 31.04 -90.70
C UNK C 2594 33.93 31.61 -92.11
N UNK C 2595 32.99 32.44 -92.53
CA UNK C 2595 33.05 33.07 -93.85
C UNK C 2595 34.18 34.09 -93.90
N UNK C 2596 34.41 34.75 -92.77
CA UNK C 2596 35.48 35.74 -92.67
C UNK C 2596 36.10 35.69 -91.28
N UNK C 2597 36.36 36.87 -90.71
CA UNK C 2597 36.93 36.96 -89.37
C UNK C 2597 36.06 37.86 -88.49
N UNK C 2598 35.82 37.43 -87.26
CA UNK C 2598 35.02 38.20 -86.32
C UNK C 2598 35.78 39.44 -85.87
N UNK C 2599 35.76 40.48 -86.70
CA UNK C 2599 36.49 41.70 -86.41
C UNK C 2599 35.75 42.94 -86.88
N UNK C 2600 35.61 43.91 -85.98
CA UNK C 2600 35.01 45.19 -86.34
C UNK C 2600 36.00 46.02 -87.14
N UNK C 2601 35.78 46.09 -88.46
CA UNK C 2601 36.69 46.79 -89.36
C UNK C 2601 36.44 48.30 -89.35
N UNK C 2602 35.42 48.73 -88.63
CA UNK C 2602 35.09 50.15 -88.54
C UNK C 2602 36.00 50.87 -87.56
N UNK C 2603 36.54 50.12 -86.59
CA UNK C 2603 37.41 50.70 -85.57
C UNK C 2603 38.87 50.63 -86.00
N UNK C 2604 39.36 49.42 -86.29
CA UNK C 2604 40.71 49.24 -86.77
C UNK C 2604 40.85 49.81 -88.18
N UNK C 2605 41.85 50.68 -88.37
CA UNK C 2605 42.03 51.34 -89.65
C UNK C 2605 43.45 51.90 -89.79
N UNK C 2606 44.20 51.35 -90.75
CA UNK C 2606 45.55 51.80 -91.03
C UNK C 2606 45.79 51.85 -92.53
N UNK C 2607 46.82 51.13 -92.99
CA UNK C 2607 47.17 50.98 -94.40
C UNK C 2607 47.47 52.31 -95.11
N UNK C 2608 48.76 52.63 -95.20
CA UNK C 2608 49.20 53.83 -95.90
C UNK C 2608 50.58 53.61 -96.51
N UNK C 2609 50.83 54.23 -97.66
CA UNK C 2609 52.11 54.06 -98.34
C UNK C 2609 52.41 55.20 -99.32
N UNK C 2610 53.55 55.10 -99.99
CA UNK C 2610 53.98 56.09 -100.97
C UNK C 2610 55.02 55.48 -101.92
N UNK C 2611 55.20 56.12 -103.08
CA UNK C 2611 56.16 55.71 -104.10
C UNK C 2611 55.97 54.25 -104.55
N UNK C 2612 57.06 53.63 -104.98
CA UNK C 2612 57.02 52.25 -105.44
C UNK C 2612 58.29 51.49 -105.03
N UNK C 2613 58.10 50.28 -104.53
CA UNK C 2613 59.23 49.47 -104.08
C UNK C 2613 59.24 48.11 -104.77
N UNK C 2614 60.44 47.54 -104.93
CA UNK C 2614 60.66 46.25 -105.57
C UNK C 2614 60.06 46.17 -106.97
N UNK C 2615 59.02 45.35 -107.12
CA UNK C 2615 58.36 45.19 -108.41
C UNK C 2615 56.87 45.54 -108.30
N UNK C 2616 56.06 44.95 -109.16
CA UNK C 2616 54.63 45.19 -109.16
C UNK C 2616 53.95 44.47 -108.00
N UNK C 2617 53.25 45.23 -107.16
CA UNK C 2617 52.52 44.67 -106.03
C UNK C 2617 51.34 43.84 -106.54
N UNK C 2618 50.47 44.47 -107.32
CA UNK C 2618 49.37 43.77 -107.95
C UNK C 2618 49.87 43.06 -109.21
N UNK C 2619 49.04 42.18 -109.76
CA UNK C 2619 49.42 41.41 -110.94
C UNK C 2619 49.54 42.31 -112.17
N UNK C 2620 50.52 42.01 -113.02
CA UNK C 2620 50.76 42.80 -114.22
C UNK C 2620 49.68 42.56 -115.27
N UNK C 2621 48.94 41.46 -115.12
CA UNK C 2621 47.85 41.13 -116.03
C UNK C 2621 46.69 42.10 -115.86
N UNK C 2622 46.25 42.66 -116.98
CA UNK C 2622 45.13 43.62 -116.97
C UNK C 2622 43.79 42.88 -117.03
N UNK C 2623 43.85 41.58 -117.27
CA UNK C 2623 42.64 40.76 -117.39
C UNK C 2623 41.99 40.55 -116.02
N UNK C 2624 40.68 40.30 -116.03
CA UNK C 2624 39.94 40.07 -114.80
C UNK C 2624 38.74 39.17 -115.07
N UNK C 2625 38.90 37.87 -114.82
CA UNK C 2625 37.84 36.91 -115.07
C UNK C 2625 36.75 36.97 -114.00
N UNK C 2626 36.79 36.03 -113.06
CA UNK C 2626 35.78 35.95 -112.02
C UNK C 2626 36.33 35.43 -110.69
N UNK C 2627 36.27 36.27 -109.66
CA UNK C 2627 36.71 35.91 -108.32
C UNK C 2627 35.69 36.38 -107.28
N UNK C 2628 36.02 36.26 -106.01
CA UNK C 2628 35.13 36.71 -104.95
C UNK C 2628 35.89 37.00 -103.65
N UNK C 2629 35.51 38.08 -102.98
CA UNK C 2629 36.15 38.48 -101.73
C UNK C 2629 35.48 37.84 -100.53
N UNK C 2630 36.29 37.43 -99.55
CA UNK C 2630 35.76 36.80 -98.35
C UNK C 2630 36.46 37.34 -97.11
N UNK C 2631 37.73 37.00 -96.94
CA UNK C 2631 38.51 37.44 -95.78
C UNK C 2631 38.85 38.92 -95.90
N UNK C 2632 38.84 39.44 -97.13
CA UNK C 2632 39.18 40.83 -97.40
C UNK C 2632 37.99 41.77 -97.19
N UNK C 2633 36.93 41.25 -96.58
CA UNK C 2633 35.78 42.07 -96.21
C UNK C 2633 36.09 42.83 -94.92
N UNK C 2634 37.11 42.34 -94.21
CA UNK C 2634 37.59 43.01 -92.99
C UNK C 2634 38.66 44.04 -93.34
N UNK C 2635 38.94 44.18 -94.63
CA UNK C 2635 39.92 45.14 -95.11
C UNK C 2635 39.28 46.51 -95.31
N UNK C 2636 37.96 46.57 -95.11
CA UNK C 2636 37.23 47.84 -95.19
C UNK C 2636 37.64 48.73 -94.03
N UNK C 2637 38.77 49.41 -94.18
CA UNK C 2637 39.35 50.20 -93.09
C UNK C 2637 40.05 51.45 -93.61
N UNK C 2638 40.57 51.37 -94.84
CA UNK C 2638 41.31 52.48 -95.44
C UNK C 2638 40.41 53.71 -95.61
N UNK C 2639 41.02 54.89 -95.64
CA UNK C 2639 40.28 56.14 -95.67
C UNK C 2639 39.68 56.45 -97.04
N UNK C 2640 39.92 57.66 -97.52
CA UNK C 2640 39.35 58.12 -98.77
C UNK C 2640 40.20 59.23 -99.39
N UNK C 2641 39.62 59.94 -100.35
CA UNK C 2641 40.34 61.00 -101.05
C UNK C 2641 39.41 62.06 -101.64
N UNK C 2642 38.23 62.22 -101.04
CA UNK C 2642 37.29 63.24 -101.48
C UNK C 2642 36.44 63.72 -100.30
N UNK C 2643 35.66 64.78 -100.52
CA UNK C 2643 34.94 65.51 -99.46
C UNK C 2643 34.12 64.65 -98.51
N UNK C 2644 34.50 64.67 -97.24
CA UNK C 2644 33.85 63.87 -96.19
C UNK C 2644 34.27 64.37 -94.81
N UNK C 2645 33.96 63.61 -93.75
CA UNK C 2645 34.31 63.97 -92.38
C UNK C 2645 34.08 62.85 -91.36
N UNK C 2646 35.16 62.33 -90.77
CA UNK C 2646 35.06 61.36 -89.67
C UNK C 2646 36.37 61.24 -88.89
N UNK C 2647 36.65 60.03 -88.40
CA UNK C 2647 37.79 59.80 -87.50
C UNK C 2647 39.03 59.28 -88.22
N UNK C 2648 39.91 58.65 -87.44
CA UNK C 2648 41.21 58.19 -87.94
C UNK C 2648 41.08 56.97 -88.85
N UNK C 2649 41.94 56.92 -89.87
CA UNK C 2649 41.95 55.81 -90.82
C UNK C 2649 43.31 55.66 -91.51
N UNK C 2650 43.37 56.04 -92.79
CA UNK C 2650 44.58 55.86 -93.57
C UNK C 2650 45.33 57.17 -93.80
N UNK C 2651 46.38 57.11 -94.61
CA UNK C 2651 47.19 58.28 -94.93
C UNK C 2651 47.85 58.16 -96.29
N UNK C 2652 47.21 57.39 -97.18
CA UNK C 2652 47.72 57.23 -98.54
C UNK C 2652 47.45 58.48 -99.36
N UNK C 2653 46.17 58.84 -99.46
CA UNK C 2653 45.70 60.06 -100.12
C UNK C 2653 46.09 60.17 -101.60
N UNK C 2654 45.80 61.33 -102.18
CA UNK C 2654 46.14 61.60 -103.57
C UNK C 2654 47.25 62.64 -103.64
N UNK C 2655 47.94 62.83 -102.52
CA UNK C 2655 49.03 63.81 -102.45
C UNK C 2655 50.31 63.24 -103.03
N UNK C 2656 50.33 61.92 -103.24
CA UNK C 2656 51.49 61.26 -103.84
C UNK C 2656 51.53 61.55 -105.35
N UNK C 2657 52.61 61.15 -106.01
CA UNK C 2657 52.77 61.39 -107.44
C UNK C 2657 53.81 60.47 -108.04
N UNK C 2658 53.66 60.18 -109.34
CA UNK C 2658 54.62 59.43 -110.15
C UNK C 2658 54.96 58.05 -109.58
N UNK C 2659 54.22 57.04 -110.01
CA UNK C 2659 54.44 55.69 -109.51
C UNK C 2659 54.02 54.63 -110.52
N UNK C 2660 54.18 54.96 -111.80
CA UNK C 2660 53.91 54.06 -112.92
C UNK C 2660 52.48 53.50 -112.91
N UNK C 2661 52.36 52.21 -112.59
CA UNK C 2661 51.06 51.54 -112.53
C UNK C 2661 51.17 50.28 -111.69
N UNK C 2662 52.25 49.53 -111.91
CA UNK C 2662 52.55 48.28 -111.19
C UNK C 2662 51.42 47.26 -111.27
N UNK C 2663 50.68 47.28 -112.38
CA UNK C 2663 49.50 46.44 -112.55
C UNK C 2663 49.00 46.50 -113.98
N UNK C 2664 49.38 47.56 -114.69
CA UNK C 2664 48.86 47.90 -116.02
C UNK C 2664 47.33 47.94 -115.97
N UNK C 2665 46.80 48.77 -115.07
CA UNK C 2665 45.37 48.90 -114.90
C UNK C 2665 44.89 50.28 -115.30
N UNK C 2666 45.05 50.61 -116.59
CA UNK C 2666 44.78 51.94 -117.12
C UNK C 2666 43.31 52.36 -117.03
N UNK C 2667 42.59 52.22 -118.14
CA UNK C 2667 41.20 52.63 -118.19
C UNK C 2667 40.40 51.84 -119.23
N UNK C 2668 39.08 51.97 -119.15
CA UNK C 2668 38.17 51.27 -120.04
C UNK C 2668 38.31 51.74 -121.48
N UNK C 2669 38.89 50.90 -122.33
CA UNK C 2669 39.11 51.28 -123.73
C UNK C 2669 39.24 50.07 -124.64
N UNK C 2670 38.63 48.95 -124.28
CA UNK C 2670 38.77 47.73 -125.06
C UNK C 2670 37.52 46.87 -125.11
N UNK C 2671 37.68 45.66 -125.64
CA UNK C 2671 36.64 44.66 -125.72
C UNK C 2671 37.31 43.31 -125.96
N UNK C 2672 37.26 42.42 -124.98
CA UNK C 2672 38.01 41.17 -125.02
C UNK C 2672 37.41 40.14 -125.99
N UNK C 2673 37.57 38.87 -125.65
CA UNK C 2673 37.12 37.78 -126.52
C UNK C 2673 35.64 37.46 -126.27
N UNK C 2674 34.81 38.50 -126.25
CA UNK C 2674 33.37 38.39 -126.01
C UNK C 2674 33.07 37.63 -124.71
N UNK C 2675 33.43 38.23 -123.58
CA UNK C 2675 33.26 37.57 -122.29
C UNK C 2675 31.82 37.72 -121.78
N UNK C 2676 30.87 37.22 -122.56
CA UNK C 2676 29.46 37.26 -122.17
C UNK C 2676 29.13 36.09 -121.26
N UNK C 2677 30.09 35.19 -121.09
CA UNK C 2677 29.93 34.04 -120.20
C UNK C 2677 29.90 34.50 -118.74
N UNK C 2678 30.64 35.56 -118.46
CA UNK C 2678 30.63 36.16 -117.12
C UNK C 2678 29.59 37.27 -117.06
N UNK C 2679 28.41 36.94 -116.52
CA UNK C 2679 27.31 37.90 -116.48
C UNK C 2679 26.46 37.74 -115.22
N UNK C 2680 26.82 38.50 -114.19
CA UNK C 2680 26.05 38.57 -112.96
C UNK C 2680 26.34 39.91 -112.30
N UNK C 2681 25.55 40.31 -111.30
CA UNK C 2681 25.64 41.65 -110.71
C UNK C 2681 26.99 41.94 -110.05
N UNK C 2682 27.27 43.22 -109.84
CA UNK C 2682 28.55 43.65 -109.28
C UNK C 2682 28.38 44.33 -107.92
N UNK C 2683 29.50 44.82 -107.39
CA UNK C 2683 29.50 45.51 -106.11
C UNK C 2683 29.24 47.00 -106.31
N UNK C 2684 28.20 47.52 -105.66
CA UNK C 2684 27.80 48.91 -105.82
C UNK C 2684 28.65 49.83 -104.95
N UNK C 2685 29.19 50.89 -105.57
CA UNK C 2685 30.01 51.87 -104.87
C UNK C 2685 30.13 53.14 -105.71
N UNK C 2686 31.36 53.64 -105.83
CA UNK C 2686 31.62 54.84 -106.62
C UNK C 2686 33.07 54.85 -107.08
N UNK C 2687 33.71 56.02 -107.00
CA UNK C 2687 35.12 56.16 -107.35
C UNK C 2687 35.68 57.41 -106.69
N UNK C 2688 36.92 57.76 -107.04
CA UNK C 2688 37.50 59.00 -106.56
C UNK C 2688 36.86 60.16 -107.31
N UNK C 2689 36.87 61.35 -106.69
CA UNK C 2689 36.17 62.49 -107.26
C UNK C 2689 37.08 63.37 -108.13
N UNK C 2690 36.79 63.40 -109.42
CA UNK C 2690 37.55 64.21 -110.37
C UNK C 2690 37.06 65.65 -110.38
N UNK C 2691 37.84 66.54 -110.98
CA UNK C 2691 37.49 67.94 -111.08
C UNK C 2691 38.18 68.59 -112.29
N UNK C 2692 38.77 69.75 -112.07
CA UNK C 2692 39.48 70.46 -113.12
C UNK C 2692 40.93 70.71 -112.72
N UNK C 2693 41.50 69.76 -111.99
CA UNK C 2693 42.87 69.89 -111.50
C UNK C 2693 43.87 69.20 -112.43
N UNK C 2694 44.97 69.90 -112.71
CA UNK C 2694 46.06 69.35 -113.52
C UNK C 2694 47.32 70.19 -113.33
N UNK C 2695 48.47 69.63 -113.69
CA UNK C 2695 49.74 70.33 -113.55
C UNK C 2695 50.67 69.99 -114.71
N UNK C 2696 51.92 70.46 -114.63
CA UNK C 2696 52.96 70.21 -115.63
C UNK C 2696 52.59 70.67 -117.04
N UNK C 2697 53.05 71.87 -117.40
CA UNK C 2697 52.73 72.46 -118.70
C UNK C 2697 53.98 72.65 -119.57
N UNK C 2698 55.15 72.45 -118.99
CA UNK C 2698 56.40 72.70 -119.69
C UNK C 2698 56.97 71.44 -120.34
N UNK C 2699 57.64 71.61 -121.46
CA UNK C 2699 58.30 70.51 -122.14
C UNK C 2699 59.74 70.39 -121.64
N UNK C 2700 60.35 71.54 -121.37
CA UNK C 2700 61.70 71.59 -120.82
C UNK C 2700 61.75 72.59 -119.66
N UNK C 2701 62.81 72.53 -118.87
CA UNK C 2701 62.96 73.42 -117.73
C UNK C 2701 64.36 73.99 -117.65
N UNK C 2702 65.36 73.12 -117.54
CA UNK C 2702 66.75 73.54 -117.45
C UNK C 2702 67.45 73.42 -118.79
N UNK C 2703 67.14 74.34 -119.71
CA UNK C 2703 67.74 74.34 -121.03
C UNK C 2703 67.81 75.75 -121.60
N ASN C 2734 41.41 30.02 -99.14
CA ASN C 2734 40.87 29.11 -100.13
C ASN C 2734 39.35 29.25 -100.22
N PHE C 2735 38.91 30.35 -100.84
CA PHE C 2735 37.50 30.67 -100.96
C PHE C 2735 37.07 30.70 -102.43
N ASP C 2736 35.83 30.28 -102.68
CA ASP C 2736 35.33 30.09 -104.03
C ASP C 2736 35.08 31.43 -104.73
N PRO C 2737 35.14 31.46 -106.07
CA PRO C 2737 34.87 32.71 -106.80
C PRO C 2737 33.40 32.94 -107.12
N ARG C 2738 33.09 34.08 -107.72
CA ARG C 2738 31.75 34.42 -108.17
C ARG C 2738 31.84 35.11 -109.54
N PRO C 2739 30.80 35.00 -110.36
CA PRO C 2739 30.82 35.69 -111.66
C PRO C 2739 30.28 37.11 -111.57
N VAL C 2740 30.86 37.99 -112.38
CA VAL C 2740 30.51 39.41 -112.45
C VAL C 2740 30.34 39.76 -113.92
N GLU C 2741 29.57 40.81 -114.21
CA GLU C 2741 29.27 41.16 -115.60
C GLU C 2741 30.54 41.64 -116.29
N THR C 2742 30.56 41.53 -117.62
CA THR C 2742 31.68 42.06 -118.39
C THR C 2742 31.25 43.04 -119.48
N LEU C 2743 30.27 42.68 -120.31
CA LEU C 2743 30.01 43.36 -121.57
C LEU C 2743 28.69 44.13 -121.58
N ASN C 2744 28.39 44.83 -120.48
CA ASN C 2744 27.19 45.67 -120.46
C ASN C 2744 27.32 46.85 -121.42
N VAL C 2745 28.52 47.43 -121.52
CA VAL C 2745 28.76 48.60 -122.36
C VAL C 2745 29.86 48.28 -123.36
N ILE C 2746 29.64 48.63 -124.62
CA ILE C 2746 30.63 48.50 -125.68
C ILE C 2746 31.13 49.90 -126.04
N ILE C 2747 32.42 50.01 -126.38
CA ILE C 2747 33.06 51.29 -126.59
C ILE C 2747 32.95 51.64 -128.08
N PRO C 2748 32.26 52.73 -128.45
CA PRO C 2748 32.32 53.23 -129.83
C PRO C 2748 33.51 54.14 -130.03
N GLU C 2749 33.62 54.81 -131.18
CA GLU C 2749 34.75 55.71 -131.40
C GLU C 2749 34.45 57.10 -130.86
N LYS C 2750 34.01 57.13 -129.60
CA LYS C 2750 33.89 58.36 -128.82
C LYS C 2750 35.16 58.63 -128.03
N LEU C 2751 35.74 57.58 -127.45
CA LEU C 2751 36.96 57.68 -126.66
C LEU C 2751 38.13 57.69 -127.63
N ASP C 2752 38.38 58.87 -128.19
CA ASP C 2752 39.52 59.13 -129.05
C ASP C 2752 40.37 60.29 -128.57
N SER C 2753 39.76 61.33 -128.02
CA SER C 2753 40.53 62.40 -127.37
C SER C 2753 41.24 61.88 -126.13
N PHE C 2754 40.69 60.86 -125.48
CA PHE C 2754 41.39 60.22 -124.36
C PHE C 2754 42.67 59.55 -124.86
N ILE C 2755 42.59 58.87 -126.01
CA ILE C 2755 43.77 58.26 -126.62
C ILE C 2755 44.78 59.32 -127.02
N ASN C 2756 44.30 60.42 -127.61
CA ASN C 2756 45.19 61.54 -127.94
C ASN C 2756 45.80 62.14 -126.68
N LYS C 2757 45.08 62.11 -125.56
CA LYS C 2757 45.64 62.63 -124.32
C LYS C 2757 46.77 61.74 -123.81
N PHE C 2758 46.67 60.42 -124.02
CA PHE C 2758 47.80 59.55 -123.67
C PHE C 2758 49.09 59.99 -124.35
N ALA C 2759 49.00 60.49 -125.59
CA ALA C 2759 50.20 60.95 -126.28
C ALA C 2759 50.54 62.41 -125.99
N GLU C 2760 49.55 63.22 -125.61
CA GLU C 2760 49.74 64.64 -125.42
C GLU C 2760 50.19 65.00 -124.00
N TYR C 2761 49.45 64.55 -122.98
CA TYR C 2761 49.62 65.00 -121.61
C TYR C 2761 50.14 63.94 -120.66
N THR C 2762 49.81 62.68 -120.89
CA THR C 2762 50.22 61.62 -119.97
C THR C 2762 51.72 61.34 -120.05
N HIS C 2763 52.31 61.47 -121.24
CA HIS C 2763 53.71 61.09 -121.44
C HIS C 2763 54.69 61.97 -120.70
N GLU C 2764 54.32 63.21 -120.39
CA GLU C 2764 55.22 64.15 -119.73
C GLU C 2764 55.28 63.97 -118.22
N LYS C 2765 54.46 63.10 -117.64
CA LYS C 2765 54.46 62.91 -116.20
C LYS C 2765 55.65 62.09 -115.71
N TRP C 2766 56.31 61.34 -116.60
CA TRP C 2766 57.50 60.59 -116.25
C TRP C 2766 58.78 61.36 -116.53
N ALA C 2767 58.68 62.62 -116.97
CA ALA C 2767 59.85 63.41 -117.32
C ALA C 2767 60.13 64.56 -116.36
N PHE C 2768 59.16 64.98 -115.56
CA PHE C 2768 59.35 66.13 -114.68
C PHE C 2768 59.91 65.73 -113.31
N ASP C 2769 60.07 64.43 -113.05
CA ASP C 2769 60.71 64.00 -111.82
C ASP C 2769 62.19 64.34 -111.79
N LYS C 2770 62.83 64.36 -112.97
CA LYS C 2770 64.25 64.66 -113.05
C LYS C 2770 64.55 66.11 -112.67
N ILE C 2771 63.58 67.01 -112.86
CA ILE C 2771 63.77 68.41 -112.48
C ILE C 2771 63.94 68.53 -110.97
N GLN C 2772 63.10 67.83 -110.20
CA GLN C 2772 63.23 67.87 -108.76
C GLN C 2772 64.42 67.04 -108.28
N ASN C 2773 64.69 65.92 -108.95
CA ASN C 2773 65.79 65.05 -108.51
C ASN C 2773 67.17 65.61 -108.83
N ASN C 2774 67.26 66.51 -109.82
CA ASN C 2774 68.51 67.16 -110.23
C ASN C 2774 69.56 66.11 -110.63
N TRP C 2775 69.19 65.30 -111.62
CA TRP C 2775 70.06 64.28 -112.18
C TRP C 2775 70.17 64.49 -113.69
N SER C 2776 71.31 64.10 -114.24
CA SER C 2776 71.56 64.26 -115.67
C SER C 2776 70.75 63.25 -116.47
N TYR C 2777 70.52 63.60 -117.74
CA TYR C 2777 69.79 62.74 -118.65
C TYR C 2777 70.64 61.54 -119.06
N GLY C 2778 69.96 60.46 -119.45
CA GLY C 2778 70.62 59.24 -119.87
C GLY C 2778 70.40 58.99 -121.35
N GLU C 2779 71.50 58.68 -122.05
CA GLU C 2779 71.47 58.41 -123.49
C GLU C 2779 71.53 56.93 -123.82
N ASN C 2780 72.36 56.17 -123.11
CA ASN C 2780 72.53 54.74 -123.38
C ASN C 2780 71.25 53.98 -123.04
N VAL C 2781 71.01 52.89 -123.78
CA VAL C 2781 69.81 52.07 -123.58
C VAL C 2781 70.17 51.04 -122.52
N ASP C 2782 70.08 51.46 -121.25
CA ASP C 2782 70.38 50.60 -120.11
C ASP C 2782 69.31 50.86 -119.04
N GLU C 2783 68.24 50.08 -119.09
CA GLU C 2783 67.17 50.22 -118.10
C GLU C 2783 67.58 49.71 -116.72
N GLU C 2784 68.60 48.85 -116.66
CA GLU C 2784 69.03 48.28 -115.39
C GLU C 2784 70.15 49.07 -114.72
N LEU C 2785 70.93 49.82 -115.48
CA LEU C 2785 72.07 50.54 -114.93
C LEU C 2785 71.71 51.96 -114.49
N LYS C 2786 70.64 52.07 -113.70
CA LYS C 2786 70.21 53.32 -113.06
C LYS C 2786 70.02 54.45 -114.08
N THR C 2787 69.50 54.10 -115.26
CA THR C 2787 69.31 55.06 -116.34
C THR C 2787 67.91 54.90 -116.90
N HIS C 2788 67.19 56.01 -117.02
CA HIS C 2788 65.87 55.98 -117.64
C HIS C 2788 66.01 55.63 -119.12
N PRO C 2789 65.27 54.65 -119.62
CA PRO C 2789 65.48 54.19 -121.00
C PRO C 2789 64.73 55.00 -122.04
N MET C 2790 64.33 56.23 -121.69
CA MET C 2790 63.45 57.09 -122.49
C MET C 2790 63.81 57.18 -123.97
N LEU C 2791 65.09 57.03 -124.29
CA LEU C 2791 65.51 56.90 -125.69
C LEU C 2791 65.23 55.47 -126.12
N ARG C 2792 64.02 55.25 -126.65
CA ARG C 2792 63.57 53.94 -127.07
C ARG C 2792 63.42 53.90 -128.58
N PRO C 2793 63.31 52.71 -129.19
CA PRO C 2793 62.76 52.64 -130.56
C PRO C 2793 61.35 53.21 -130.58
N TYR C 2794 61.03 53.92 -131.65
CA TYR C 2794 59.83 54.73 -131.72
C TYR C 2794 58.57 53.93 -132.04
N LYS C 2795 58.66 52.59 -132.09
CA LYS C 2795 57.51 51.74 -132.35
C LYS C 2795 56.97 51.09 -131.09
N THR C 2796 57.01 51.80 -129.96
CA THR C 2796 56.50 51.28 -128.69
C THR C 2796 55.01 51.57 -128.50
N PHE C 2797 54.22 51.26 -129.53
CA PHE C 2797 52.78 51.44 -129.52
C PHE C 2797 52.09 50.11 -129.72
N SER C 2798 50.88 49.99 -129.16
CA SER C 2798 50.12 48.76 -129.23
C SER C 2798 48.68 49.05 -129.58
N GLU C 2799 48.11 48.25 -130.47
CA GLU C 2799 46.72 48.35 -130.87
C GLU C 2799 45.90 47.13 -130.45
N LYS C 2800 46.42 45.92 -130.66
CA LYS C 2800 45.72 44.73 -130.19
C LYS C 2800 45.66 44.70 -128.67
N ASP C 2801 46.73 45.12 -127.99
CA ASP C 2801 46.71 45.22 -126.54
C ASP C 2801 45.64 46.21 -126.09
N LYS C 2802 45.51 47.34 -126.79
CA LYS C 2802 44.51 48.33 -126.44
C LYS C 2802 43.09 47.92 -126.83
N GLU C 2803 42.94 46.91 -127.69
CA GLU C 2803 41.60 46.48 -128.11
C GLU C 2803 41.11 45.21 -127.44
N ILE C 2804 41.99 44.32 -126.98
CA ILE C 2804 41.55 43.09 -126.34
C ILE C 2804 42.04 42.97 -124.89
N TYR C 2805 43.06 43.73 -124.48
CA TYR C 2805 43.65 43.60 -123.15
C TYR C 2805 43.68 44.93 -122.41
N ARG C 2806 42.76 45.85 -122.72
CA ARG C 2806 42.80 47.17 -122.10
C ARG C 2806 41.48 47.41 -121.36
N TRP C 2807 41.06 46.44 -120.54
CA TRP C 2807 39.81 46.53 -119.79
C TRP C 2807 40.06 46.31 -118.30
N PRO C 2808 40.61 47.32 -117.60
CA PRO C 2808 40.72 47.22 -116.14
C PRO C 2808 39.53 47.79 -115.38
N ILE C 2809 38.68 48.57 -116.03
CA ILE C 2809 37.41 48.99 -115.44
C ILE C 2809 36.21 48.78 -116.36
N LYS C 2810 36.43 48.47 -117.64
CA LYS C 2810 35.31 48.19 -118.56
C LYS C 2810 34.53 46.97 -118.10
N GLU C 2811 35.17 46.05 -117.39
CA GLU C 2811 34.52 44.82 -116.93
C GLU C 2811 33.32 45.13 -116.05
N SER C 2812 33.49 46.03 -115.08
CA SER C 2812 32.40 46.38 -114.17
C SER C 2812 32.58 47.84 -113.74
N LEU C 2813 31.78 48.72 -114.34
CA LEU C 2813 31.65 50.10 -113.88
C LEU C 2813 30.28 50.36 -113.28
N LYS C 2814 29.43 49.33 -113.20
CA LYS C 2814 28.05 49.45 -112.73
C LYS C 2814 28.05 49.39 -111.20
N ALA C 2815 28.56 50.46 -110.60
CA ALA C 2815 28.70 50.53 -109.15
C ALA C 2815 27.92 51.72 -108.59
N SER C 2868 44.90 65.87 -94.31
CA SER C 2868 43.64 66.16 -93.64
C SER C 2868 43.02 64.89 -93.07
N ARG C 2869 42.21 65.03 -92.03
CA ARG C 2869 41.54 63.90 -91.39
C ARG C 2869 40.03 63.96 -91.48
N GLU C 2870 39.44 65.13 -91.28
CA GLU C 2870 38.00 65.31 -91.40
C GLU C 2870 37.60 65.86 -92.77
N LEU C 2871 38.31 65.44 -93.82
CA LEU C 2871 38.03 65.89 -95.18
C LEU C 2871 37.93 64.75 -96.19
N GLN C 2872 38.57 63.61 -95.95
CA GLN C 2872 38.66 62.49 -96.89
C GLN C 2872 38.32 61.17 -96.19
N ALA C 2873 37.16 61.12 -95.53
CA ALA C 2873 36.82 59.99 -94.67
C ALA C 2873 35.95 58.92 -95.33
N MET C 2874 34.71 59.23 -95.73
CA MET C 2874 33.86 58.19 -96.32
C MET C 2874 33.72 58.25 -97.85
N ALA C 2875 34.09 59.37 -98.49
CA ALA C 2875 33.73 59.58 -99.89
C ALA C 2875 34.31 58.52 -100.83
N GLU C 2876 35.47 57.96 -100.49
CA GLU C 2876 36.04 56.84 -101.21
C GLU C 2876 36.12 55.58 -100.36
N GLN C 2877 35.88 55.69 -99.04
CA GLN C 2877 35.60 54.52 -98.23
C GLN C 2877 34.40 53.76 -98.77
N LEU C 2878 33.42 54.49 -99.31
CA LEU C 2878 32.32 53.84 -100.02
C LEU C 2878 32.83 53.05 -101.22
N ALA C 2879 33.83 53.58 -101.92
CA ALA C 2879 34.46 52.91 -103.05
C ALA C 2879 35.62 52.00 -102.65
N GLU C 2880 36.02 52.00 -101.38
CA GLU C 2880 37.13 51.16 -100.92
C GLU C 2880 36.83 49.67 -101.13
N ASN C 2881 35.61 49.24 -100.81
CA ASN C 2881 35.23 47.86 -101.02
C ASN C 2881 35.27 47.48 -102.50
N TYR C 2882 34.90 48.42 -103.39
CA TYR C 2882 34.94 48.17 -104.82
C TYR C 2882 36.37 47.88 -105.27
N HIS C 2883 37.33 48.69 -104.83
CA HIS C 2883 38.71 48.52 -105.23
C HIS C 2883 39.38 47.32 -104.57
N ASN C 2884 39.02 46.97 -103.34
CA ASN C 2884 39.50 45.72 -102.74
C ASN C 2884 38.94 44.54 -103.53
N THR C 2885 37.67 44.61 -103.90
CA THR C 2885 37.05 43.58 -104.71
C THR C 2885 37.77 43.45 -106.06
N TRP C 2886 38.13 44.57 -106.70
CA TRP C 2886 38.85 44.47 -107.97
C TRP C 2886 40.28 43.98 -107.78
N GLY C 2887 40.89 44.28 -106.64
CA GLY C 2887 42.18 43.66 -106.32
C GLY C 2887 42.06 42.15 -106.26
N ARG C 2888 40.92 41.66 -105.77
CA ARG C 2888 40.69 40.21 -105.83
C ARG C 2888 40.32 39.75 -107.25
N LYS C 2889 39.62 40.59 -108.03
CA LYS C 2889 39.33 40.27 -109.43
C LYS C 2889 40.56 40.26 -110.33
N LYS C 2890 41.68 40.81 -109.87
CA LYS C 2890 42.87 40.84 -110.73
C LYS C 2890 43.88 39.76 -110.34
N LYS C 2891 43.41 38.58 -109.92
CA LYS C 2891 44.31 37.49 -109.58
C LYS C 2891 43.83 36.10 -110.00
N GLN C 2892 42.53 35.89 -110.25
CA GLN C 2892 42.04 34.55 -110.60
C GLN C 2892 42.52 34.08 -111.96
N GLU C 2893 43.00 34.99 -112.82
CA GLU C 2893 43.53 34.59 -114.11
C GLU C 2893 44.82 33.77 -113.97
N LEU C 2894 45.50 33.87 -112.83
CA LEU C 2894 46.63 32.98 -112.52
C LEU C 2894 46.45 32.21 -111.23
N GLU C 2895 45.37 32.44 -110.48
CA GLU C 2895 45.08 31.68 -109.28
C GLU C 2895 44.34 30.39 -109.65
N ALA C 2896 44.92 29.24 -109.31
CA ALA C 2896 44.29 27.96 -109.56
C ALA C 2896 44.37 26.99 -108.39
N LYS C 2897 45.13 27.29 -107.36
CA LYS C 2897 45.30 26.38 -106.22
C LYS C 2897 44.85 26.99 -104.90
N GLY C 2898 45.17 28.26 -104.63
CA GLY C 2898 44.65 28.94 -103.47
C GLY C 2898 45.51 28.93 -102.22
N GLY C 2899 46.75 29.37 -102.34
CA GLY C 2899 47.64 29.47 -101.20
C GLY C 2899 48.28 30.84 -101.11
N GLY C 2900 48.58 31.25 -99.88
CA GLY C 2900 49.09 32.59 -99.64
C GLY C 2900 50.51 32.84 -100.09
N THR C 2901 50.66 33.59 -101.19
CA THR C 2901 51.98 33.96 -101.68
C THR C 2901 52.11 35.42 -102.11
N HIS C 2902 51.04 36.08 -102.56
CA HIS C 2902 51.14 37.44 -103.07
C HIS C 2902 50.55 38.43 -102.06
N PRO C 2903 51.15 39.63 -101.94
CA PRO C 2903 50.79 40.56 -100.84
C PRO C 2903 49.58 41.47 -101.06
N LEU C 2904 48.38 40.92 -100.84
CA LEU C 2904 47.20 41.78 -100.74
C LEU C 2904 46.24 41.31 -99.66
N LEU C 2905 46.66 40.42 -98.76
CA LEU C 2905 45.87 39.99 -97.62
C LEU C 2905 46.60 40.41 -96.35
N VAL C 2906 46.05 41.39 -95.64
CA VAL C 2906 46.74 41.98 -94.50
C VAL C 2906 46.13 41.44 -93.20
N PRO C 2907 46.92 41.33 -92.12
CA PRO C 2907 46.33 40.95 -90.82
C PRO C 2907 45.42 42.04 -90.27
N TYR C 2908 44.12 41.75 -90.22
CA TYR C 2908 43.12 42.76 -89.89
C TYR C 2908 43.05 43.08 -88.42
N ASP C 2909 43.59 42.20 -87.55
CA ASP C 2909 43.62 42.49 -86.12
C ASP C 2909 44.59 43.64 -85.83
N THR C 2910 45.81 43.57 -86.37
CA THR C 2910 46.80 44.62 -86.22
C THR C 2910 47.69 44.61 -87.46
N LEU C 2911 47.99 45.79 -87.98
CA LEU C 2911 48.69 45.91 -89.26
C LEU C 2911 49.95 46.75 -89.12
N THR C 2912 50.99 46.34 -89.83
CA THR C 2912 52.23 47.10 -89.94
C THR C 2912 52.17 48.00 -91.17
N ALA C 2913 53.31 48.55 -91.57
CA ALA C 2913 53.39 49.47 -92.70
C ALA C 2913 53.56 48.66 -93.98
N LYS C 2914 52.44 48.27 -94.59
CA LYS C 2914 52.47 47.53 -95.84
C LYS C 2914 52.51 48.48 -97.04
N GLU C 2915 52.82 47.92 -98.20
CA GLU C 2915 52.96 48.69 -99.43
C GLU C 2915 51.63 48.88 -100.16
N LYS C 2916 50.85 47.80 -100.31
CA LYS C 2916 49.51 47.74 -100.90
C LYS C 2916 49.35 48.54 -102.20
N ALA C 2917 50.42 48.67 -102.98
CA ALA C 2917 50.41 49.49 -104.19
C ALA C 2917 49.74 48.75 -105.35
N ARG C 2918 48.43 48.54 -105.20
CA ARG C 2918 47.71 47.74 -106.19
C ARG C 2918 47.39 48.53 -107.45
N ASP C 2919 46.47 49.51 -107.35
CA ASP C 2919 45.99 50.21 -108.53
C ASP C 2919 45.84 51.72 -108.36
N ARG C 2920 46.07 52.27 -107.16
CA ARG C 2920 45.73 53.66 -106.90
C ARG C 2920 46.91 54.61 -106.95
N GLU C 2921 48.14 54.09 -106.92
CA GLU C 2921 49.32 54.94 -107.09
C GLU C 2921 49.35 55.59 -108.47
N LYS C 2922 48.72 54.95 -109.46
CA LYS C 2922 48.49 55.55 -110.77
C LYS C 2922 47.14 56.26 -110.82
N ALA C 2923 46.14 55.69 -110.16
CA ALA C 2923 44.79 56.24 -110.24
C ALA C 2923 44.69 57.63 -109.64
N GLN C 2924 45.60 57.96 -108.71
CA GLN C 2924 45.61 59.31 -108.17
C GLN C 2924 45.94 60.36 -109.23
N GLU C 2925 46.89 60.07 -110.13
CA GLU C 2925 47.12 60.97 -111.26
C GLU C 2925 46.04 60.82 -112.33
N LEU C 2926 45.56 59.59 -112.56
CA LEU C 2926 44.55 59.38 -113.59
C LEU C 2926 43.26 60.11 -113.26
N LEU C 2927 42.99 60.35 -111.98
CA LEU C 2927 41.84 61.15 -111.57
C LEU C 2927 41.98 62.59 -112.05
N LYS C 2928 43.18 63.17 -111.91
CA LYS C 2928 43.42 64.48 -112.49
C LYS C 2928 43.49 64.44 -114.01
N PHE C 2929 43.64 63.24 -114.59
CA PHE C 2929 43.69 63.09 -116.04
C PHE C 2929 42.31 62.89 -116.68
N LEU C 2930 41.22 62.90 -115.92
CA LEU C 2930 39.88 62.65 -116.46
C LEU C 2930 39.13 63.96 -116.64
N GLN C 2931 39.26 64.54 -117.84
CA GLN C 2931 38.47 65.71 -118.21
C GLN C 2931 37.86 65.66 -119.61
N MET C 2932 38.24 64.71 -120.46
CA MET C 2932 37.82 64.66 -121.84
C MET C 2932 36.69 63.65 -122.03
N ASN C 2933 36.40 63.34 -123.30
CA ASN C 2933 35.35 62.47 -123.86
C ASN C 2933 34.00 63.18 -123.90
N GLY C 2934 33.92 64.43 -123.41
CA GLY C 2934 32.68 65.18 -123.48
C GLY C 2934 31.67 64.84 -122.42
N TYR C 2935 31.96 63.88 -121.54
CA TYR C 2935 31.06 63.49 -120.48
C TYR C 2935 31.85 63.29 -119.20
N ALA C 2936 31.30 63.79 -118.09
CA ALA C 2936 31.89 63.61 -116.77
C ALA C 2936 30.86 63.00 -115.85
N VAL C 2937 31.30 62.03 -115.05
CA VAL C 2937 30.39 61.34 -114.12
C VAL C 2937 30.09 62.26 -112.94
N THR C 2938 28.90 62.85 -112.93
CA THR C 2938 28.48 63.77 -111.89
C THR C 2938 27.51 63.05 -110.96
N ARG C 2939 27.82 63.09 -109.66
CA ARG C 2939 26.97 62.44 -108.65
C ARG C 2939 25.72 63.26 -108.37
N UNK C 3088 56.10 74.03 -122.92
CA UNK C 3088 55.74 75.00 -123.95
C UNK C 3088 54.24 75.00 -124.20
N UNK C 3089 53.48 75.37 -123.16
CA UNK C 3089 52.01 75.44 -123.19
C UNK C 3089 51.38 74.11 -123.61
N UNK C 3090 51.56 73.09 -122.77
CA UNK C 3090 51.01 71.77 -123.05
C UNK C 3090 50.61 71.06 -121.76
N UNK C 3091 49.42 71.38 -121.26
CA UNK C 3091 48.88 70.76 -120.05
C UNK C 3091 47.42 70.38 -120.25
N UNK C 3092 46.66 70.35 -119.17
CA UNK C 3092 45.26 69.94 -119.23
C UNK C 3092 44.33 70.91 -118.51
N UNK C 3093 44.86 71.63 -117.52
CA UNK C 3093 44.05 72.56 -116.73
C UNK C 3093 43.85 73.88 -117.47
N UNK C 3094 44.16 74.98 -116.79
CA UNK C 3094 44.01 76.31 -117.36
C UNK C 3094 45.29 76.78 -118.03
N UNK C 3095 46.22 75.85 -118.23
CA UNK C 3095 47.50 76.16 -118.86
C UNK C 3095 47.43 76.00 -120.37
N UNK C 3096 46.78 74.92 -120.82
CA UNK C 3096 46.65 74.66 -122.25
C UNK C 3096 45.34 73.94 -122.57
N UNK C 3097 45.34 73.17 -123.66
CA UNK C 3097 44.11 72.57 -124.17
C UNK C 3097 44.10 71.04 -124.06
N UNK C 3098 43.49 70.54 -122.99
CA UNK C 3098 43.22 69.11 -122.82
C UNK C 3098 42.15 68.95 -121.75
N UNK C 3099 41.38 70.02 -121.55
CA UNK C 3099 40.34 70.04 -120.53
C UNK C 3099 39.07 69.34 -121.02
N UNK C 3100 39.03 69.02 -122.31
CA UNK C 3100 37.94 68.26 -122.89
C UNK C 3100 38.33 67.72 -124.27
N UNK C 3101 37.46 67.95 -125.25
CA UNK C 3101 37.68 67.43 -126.59
C UNK C 3101 37.21 68.40 -127.66
N UNK C 3102 37.68 68.20 -128.88
CA UNK C 3102 37.28 69.03 -130.01
C UNK C 3102 36.26 68.30 -130.88
N UNK C 3103 36.36 66.98 -130.91
CA UNK C 3103 35.45 66.16 -131.70
C UNK C 3103 34.78 65.11 -130.83
N UNK C 3104 33.96 65.55 -129.89
CA UNK C 3104 33.24 64.66 -129.00
C UNK C 3104 31.73 64.79 -129.15
N UNK C 3105 31.06 65.12 -128.04
CA UNK C 3105 29.60 65.21 -127.96
C UNK C 3105 28.95 63.92 -128.46
N UNK C 3106 28.61 63.91 -129.75
CA UNK C 3106 28.07 62.72 -130.40
C UNK C 3106 28.19 62.86 -131.91
N UNK C 3107 29.28 63.47 -132.36
CA UNK C 3107 29.48 63.74 -133.78
C UNK C 3107 30.50 62.80 -134.41
N UNK C 3108 31.47 62.36 -133.63
CA UNK C 3108 32.55 61.50 -134.14
C UNK C 3108 32.20 60.03 -134.02
N UNK C 3109 30.95 59.67 -134.28
CA UNK C 3109 30.52 58.28 -134.19
C UNK C 3109 30.59 57.58 -135.53
N UNK C 3110 30.81 58.36 -136.59
CA UNK C 3110 30.79 57.85 -137.95
C UNK C 3110 31.96 56.91 -138.25
N UNK C 3111 33.01 56.98 -137.43
CA UNK C 3111 34.19 56.14 -137.62
C UNK C 3111 33.94 54.71 -137.16
N UNK C 3112 32.99 54.53 -136.24
CA UNK C 3112 32.69 53.21 -135.70
C UNK C 3112 31.31 52.72 -136.13
N UNK C 3113 30.38 53.64 -136.30
CA UNK C 3113 29.01 53.29 -136.68
C UNK C 3113 28.87 53.13 -138.18
N UNK C 3114 29.06 54.23 -138.90
CA UNK C 3114 28.85 54.26 -140.36
C UNK C 3114 29.83 53.38 -141.12
N UNK C 3115 30.98 53.09 -140.51
CA UNK C 3115 31.98 52.22 -141.12
C UNK C 3115 31.47 50.78 -141.12
N UNK C 3116 30.62 50.45 -140.15
CA UNK C 3116 30.06 49.10 -140.05
C UNK C 3116 28.60 49.08 -140.48
N UNK C 3117 27.99 50.26 -140.57
CA UNK C 3117 26.59 50.36 -140.99
C UNK C 3117 26.48 50.42 -142.50
N UNK C 3118 27.61 50.43 -143.19
CA UNK C 3118 27.64 50.41 -144.64
C UNK C 3118 27.14 49.07 -145.17
N UNK C 3119 27.31 48.04 -144.34
CA UNK C 3119 26.83 46.70 -144.68
C UNK C 3119 25.97 46.14 -143.56
N UNK C 3120 25.12 46.98 -142.99
CA UNK C 3120 24.25 46.56 -141.89
C UNK C 3120 22.96 47.39 -141.81
N UNK C 3121 22.94 48.53 -142.49
CA UNK C 3121 21.76 49.40 -142.46
C UNK C 3121 20.69 48.90 -143.43
N UNK C 3122 21.12 48.20 -144.47
CA UNK C 3122 20.19 47.67 -145.48
C UNK C 3122 20.73 46.37 -146.08
N UNK C 3123 34.47 41.05 -142.73
CA UNK C 3123 33.55 41.94 -142.03
C UNK C 3123 33.73 41.82 -140.52
N UNK C 3124 33.28 42.84 -139.79
CA UNK C 3124 33.38 42.85 -138.34
C UNK C 3124 32.03 43.14 -137.71
N UNK C 3125 31.68 42.35 -136.69
CA UNK C 3125 30.41 42.52 -135.99
C UNK C 3125 30.56 42.19 -134.50
N UNK C 3126 31.80 41.97 -134.07
CA UNK C 3126 32.07 41.65 -132.68
C UNK C 3126 32.24 42.92 -131.84
N UNK C 3127 32.41 44.05 -132.53
CA UNK C 3127 32.57 45.33 -131.86
C UNK C 3127 31.52 46.33 -132.33
N UNK C 3128 30.29 45.84 -132.53
CA UNK C 3128 29.20 46.69 -132.98
C UNK C 3128 28.70 47.58 -131.86
N UNK C 3129 28.29 48.80 -132.20
CA UNK C 3129 27.80 49.76 -131.22
C UNK C 3129 26.34 50.12 -131.49
N UNK C 3130 25.45 49.71 -130.59
CA UNK C 3130 24.03 50.00 -130.74
C UNK C 3130 23.38 50.17 -129.37
N UNK C 3131 23.41 49.11 -128.57
CA UNK C 3131 22.85 49.15 -127.23
C UNK C 3131 23.83 49.79 -126.26
N UNK C 3132 23.73 51.11 -126.11
CA UNK C 3132 24.63 51.85 -125.24
C UNK C 3132 23.90 52.98 -124.51
N UNK C 3133 23.85 52.87 -123.19
CA UNK C 3133 23.21 53.90 -122.36
C UNK C 3133 23.85 53.92 -120.98
N UNK C 3134 24.80 53.00 -120.77
CA UNK C 3134 25.50 52.90 -119.49
C UNK C 3134 26.85 53.63 -119.57
N UNK C 3135 27.16 54.17 -120.73
CA UNK C 3135 28.37 54.96 -120.92
C UNK C 3135 28.25 56.27 -120.16
N UNK C 3136 27.02 56.79 -120.09
CA UNK C 3136 26.72 57.97 -119.31
C UNK C 3136 25.76 57.60 -118.17
N UNK C 3137 26.20 57.83 -116.94
CA UNK C 3137 25.41 57.47 -115.76
C UNK C 3137 24.17 58.35 -115.63
N UNK C 3138 24.33 59.64 -115.95
CA UNK C 3138 23.22 60.57 -115.86
C UNK C 3138 23.43 61.78 -116.77
N UNK C 3139 24.37 62.64 -116.36
CA UNK C 3139 24.73 63.88 -117.07
C UNK C 3139 23.55 64.87 -117.19
N UNK C 3140 23.86 66.05 -117.72
CA UNK C 3140 22.86 67.10 -117.89
C UNK C 3140 23.30 68.12 -118.92
N UNK C 3141 22.97 69.39 -118.67
CA UNK C 3141 23.36 70.48 -119.56
C UNK C 3141 24.29 71.44 -118.85
N UNK C 3142 25.28 70.88 -118.14
CA UNK C 3142 26.28 71.62 -117.37
C UNK C 3142 25.65 72.57 -116.36
N UNK C 3143 26.38 73.62 -116.00
CA UNK C 3143 25.90 74.60 -115.03
C UNK C 3143 26.62 75.94 -115.24
N UNK C 3144 25.83 77.00 -115.36
CA UNK C 3144 26.40 78.33 -115.57
C UNK C 3144 25.69 79.37 -114.69
N UNK C 3145 25.61 79.09 -113.39
CA UNK C 3145 24.97 79.98 -112.45
C UNK C 3145 25.50 79.78 -111.05
N UNK C 3146 26.77 80.14 -110.83
CA UNK C 3146 27.40 80.00 -109.54
C UNK C 3146 28.56 80.99 -109.37
N UNK C 3147 28.24 82.19 -108.90
CA UNK C 3147 29.20 83.27 -108.67
C UNK C 3147 30.03 83.60 -109.91
N UNK C 3148 31.29 83.97 -109.70
CA UNK C 3148 32.18 84.31 -110.80
C UNK C 3148 32.92 83.07 -111.31
N UNK C 3149 32.89 82.01 -110.51
CA UNK C 3149 33.55 80.77 -110.88
C UNK C 3149 32.56 79.78 -111.49
N UNK C 3150 32.92 78.50 -111.47
CA UNK C 3150 32.11 77.41 -112.01
C UNK C 3150 31.74 77.63 -113.48
N UNK C 3151 32.69 78.15 -114.25
CA UNK C 3151 32.46 78.42 -115.66
C UNK C 3151 33.62 77.86 -116.50
N UNK C 3152 33.31 76.88 -117.34
CA UNK C 3152 34.33 76.24 -118.18
C UNK C 3152 34.07 76.53 -119.65
N UNK C 3153 34.86 77.44 -120.23
CA UNK C 3153 34.72 77.81 -121.62
C UNK C 3153 35.78 77.12 -122.47
N UNK C 3154 36.97 76.95 -121.91
CA UNK C 3154 38.07 76.29 -122.62
C UNK C 3154 37.86 74.78 -122.64
N UNK C 3155 36.99 74.29 -121.76
CA UNK C 3155 36.71 72.87 -121.67
C UNK C 3155 35.73 72.43 -122.75
N UNK C 3156 34.45 72.36 -122.39
CA UNK C 3156 33.42 71.84 -123.29
C UNK C 3156 33.26 72.65 -124.57
N UNK C 3157 34.09 72.33 -125.56
CA UNK C 3157 33.98 72.94 -126.88
C UNK C 3157 32.97 72.17 -127.71
N UNK C 3158 32.82 70.89 -127.40
CA UNK C 3158 31.87 70.02 -128.10
C UNK C 3158 31.47 68.85 -127.20
N UNK C 3159 30.69 69.14 -126.17
CA UNK C 3159 30.24 68.12 -125.23
C UNK C 3159 28.78 67.74 -125.49
N UNK C 3160 28.05 68.66 -126.11
CA UNK C 3160 26.65 68.44 -126.44
C UNK C 3160 26.22 69.34 -127.59
N UNK C 3161 27.19 69.87 -128.32
CA UNK C 3161 26.93 70.79 -129.42
C UNK C 3161 26.51 70.05 -130.68
N UNK C 3162 26.72 68.73 -130.70
CA UNK C 3162 26.36 67.92 -131.85
C UNK C 3162 25.84 66.56 -131.41
N UNK C 3163 24.56 66.29 -131.67
CA UNK C 3163 23.94 65.03 -131.29
C UNK C 3163 24.30 63.91 -132.27
N UNK C 3164 23.87 62.70 -131.95
CA UNK C 3164 24.11 61.55 -132.80
C UNK C 3164 22.96 61.39 -133.78
N UNK C 3165 22.80 62.37 -134.67
CA UNK C 3165 21.68 62.42 -135.61
C UNK C 3165 21.74 61.30 -136.64
N UNK C 3166 22.96 60.83 -136.95
CA UNK C 3166 23.15 59.81 -137.97
C UNK C 3166 22.94 58.41 -137.42
N UNK C 3167 22.73 58.29 -136.12
CA UNK C 3167 22.59 56.98 -135.49
C UNK C 3167 21.33 56.88 -134.62
N UNK C 3168 20.75 58.02 -134.27
CA UNK C 3168 19.56 58.04 -133.43
C UNK C 3168 18.35 58.57 -134.18
N UNK C 3169 18.56 59.63 -134.97
CA UNK C 3169 17.48 60.23 -135.74
C UNK C 3169 17.34 59.55 -137.10
N UNK C 3170 18.47 59.25 -137.73
CA UNK C 3170 18.50 58.58 -139.02
C UNK C 3170 18.04 57.13 -138.86
N UNK C 3171 18.59 56.46 -137.85
CA UNK C 3171 18.20 55.09 -137.55
C UNK C 3171 17.01 55.08 -136.61
N UNK C 3172 15.86 54.64 -137.12
CA UNK C 3172 14.61 54.66 -136.37
C UNK C 3172 14.64 53.69 -135.19
N UNK C 3173 15.23 52.52 -135.40
CA UNK C 3173 15.30 51.50 -134.36
C UNK C 3173 16.52 50.60 -134.53
N UNK C 3174 17.67 51.20 -134.75
CA UNK C 3174 18.92 50.45 -134.91
C UNK C 3174 19.95 50.86 -133.87
N UNK C 3175 19.51 50.97 -132.63
CA UNK C 3175 20.38 51.36 -131.53
C UNK C 3175 19.91 50.76 -130.21
N UNK C 3176 20.03 51.53 -129.14
CA UNK C 3176 19.62 51.06 -127.82
C UNK C 3176 18.10 51.12 -127.66
N UNK C 3177 17.53 50.04 -127.12
CA UNK C 3177 16.09 49.97 -126.92
C UNK C 3177 15.75 49.89 -125.44
N UNK C 3178 16.75 49.57 -124.62
CA UNK C 3178 16.56 49.48 -123.18
C UNK C 3178 16.38 50.87 -122.57
N UNK C 3179 17.14 51.83 -123.10
CA UNK C 3179 17.06 53.21 -122.65
C UNK C 3179 17.51 54.15 -123.75
N UNK C 3180 17.44 55.46 -123.47
CA UNK C 3180 17.86 56.47 -124.44
C UNK C 3180 19.39 56.48 -124.57
N UNK C 3181 19.87 56.50 -125.80
CA UNK C 3181 21.31 56.47 -126.06
C UNK C 3181 21.97 57.80 -125.68
N UNK C 3182 21.18 58.87 -125.66
CA UNK C 3182 21.68 60.18 -125.30
C UNK C 3182 21.40 60.51 -123.84
N UNK C 3183 21.47 59.47 -122.99
CA UNK C 3183 21.23 59.58 -121.55
C UNK C 3183 19.86 60.18 -121.24
N UNK C 3184 19.81 61.03 -120.21
CA UNK C 3184 18.57 61.68 -119.81
C UNK C 3184 18.36 62.99 -120.57
N UNK C 3185 17.65 63.91 -119.94
CA UNK C 3185 17.38 65.22 -120.55
C UNK C 3185 18.62 66.10 -120.50
N UNK C 3186 18.71 67.03 -121.45
CA UNK C 3186 19.85 67.93 -121.53
C UNK C 3186 19.50 69.23 -122.25
N UNK C 3187 20.53 69.88 -122.80
CA UNK C 3187 20.41 71.12 -123.58
C UNK C 3187 19.81 72.30 -122.80
N UNK C 3188 19.73 73.44 -123.49
CA UNK C 3188 19.23 74.72 -122.96
C UNK C 3188 20.06 75.28 -121.79
N UNK C 3189 19.88 76.58 -121.55
CA UNK C 3189 20.65 77.27 -120.50
C UNK C 3189 19.93 77.22 -119.16
N UNK C 3190 19.28 78.32 -118.80
CA UNK C 3190 18.60 78.42 -117.52
C UNK C 3190 17.24 77.73 -117.57
N UNK C 3191 17.11 76.65 -116.80
CA UNK C 3191 15.86 75.90 -116.73
C UNK C 3191 15.04 76.30 -115.52
N UNK C 3192 22.86 81.54 -121.23
CA UNK C 3192 24.19 81.77 -121.78
C UNK C 3192 25.14 80.66 -121.33
N UNK C 3193 25.50 79.78 -122.26
CA UNK C 3193 26.42 78.69 -121.97
C UNK C 3193 27.84 79.23 -121.81
N UNK C 3194 28.17 80.25 -122.60
CA UNK C 3194 29.48 80.88 -122.53
C UNK C 3194 29.42 82.31 -123.05
N UNK C 3195 30.06 82.56 -124.18
CA UNK C 3195 30.07 83.88 -124.80
C UNK C 3195 30.30 83.75 -126.30
N UNK C 3196 31.00 82.70 -126.70
CA UNK C 3196 31.29 82.44 -128.10
C UNK C 3196 31.51 80.95 -128.34
N UNK C 3197 30.97 80.44 -129.43
CA UNK C 3197 31.12 79.02 -129.77
C UNK C 3197 31.06 78.81 -131.27
N UNK C 3198 31.61 77.69 -131.73
CA UNK C 3198 31.62 77.36 -133.15
C UNK C 3198 30.58 76.29 -133.46
N UNK C 3199 29.75 76.57 -134.47
CA UNK C 3199 28.68 75.67 -134.92
C UNK C 3199 27.73 75.30 -133.78
N UNK C 3200 27.24 76.31 -133.08
CA UNK C 3200 26.31 76.10 -131.97
C UNK C 3200 24.88 75.93 -132.47
N UNK C 3201 24.67 76.26 -133.75
CA UNK C 3201 23.36 76.13 -134.36
C UNK C 3201 23.25 74.83 -135.15
N UNK C 3202 23.85 73.78 -134.62
CA UNK C 3202 23.84 72.47 -135.27
C UNK C 3202 22.49 71.79 -135.07
N UNK C 3203 21.78 72.17 -134.02
CA UNK C 3203 20.47 71.60 -133.73
C UNK C 3203 19.39 72.67 -133.77
N UNK C 3204 19.75 73.83 -134.29
CA UNK C 3204 18.81 74.95 -134.40
C UNK C 3204 17.93 74.81 -135.63
N UNK C 3205 18.49 74.21 -136.69
CA UNK C 3205 17.76 74.04 -137.94
C UNK C 3205 17.54 72.56 -138.25
N UNK C 3206 18.40 71.71 -137.71
CA UNK C 3206 18.31 70.27 -137.95
C UNK C 3206 17.16 69.66 -137.16
N UNK C 3207 17.05 70.04 -135.89
CA UNK C 3207 15.98 69.53 -135.02
C UNK C 3207 14.65 70.17 -135.38
N UNK C 3208 14.70 71.37 -135.95
CA UNK C 3208 13.50 72.07 -136.37
C UNK C 3208 12.92 71.45 -137.62
N UNK C 3209 13.80 70.99 -138.50
CA UNK C 3209 13.38 70.35 -139.75
C UNK C 3209 12.93 68.91 -139.49
N UNK C 3210 13.50 68.31 -138.45
CA UNK C 3210 13.13 66.95 -138.07
C UNK C 3210 11.76 66.93 -137.40
N UNK C 3211 11.43 68.02 -136.72
CA UNK C 3211 10.13 68.13 -136.06
C UNK C 3211 9.05 68.55 -137.04
N UNK C 3212 9.46 69.31 -138.07
CA UNK C 3212 8.52 69.77 -139.08
C UNK C 3212 8.20 68.67 -140.08
N UNK C 3213 9.09 67.68 -140.16
CA UNK C 3213 8.89 66.54 -141.05
C UNK C 3213 7.78 65.64 -140.53
N UNK C 3214 7.64 65.60 -139.21
CA UNK C 3214 6.60 64.79 -138.58
C UNK C 3214 5.38 65.66 -138.26
N UNK C 3215 5.47 66.94 -138.61
CA UNK C 3215 4.37 67.87 -138.37
C UNK C 3215 3.56 68.08 -139.64
N UNK C 3216 4.25 68.21 -140.77
CA UNK C 3216 3.60 68.39 -142.05
C UNK C 3216 2.92 67.10 -142.50
N UNK C 3217 3.51 65.97 -142.10
CA UNK C 3217 2.95 64.66 -142.42
C UNK C 3217 2.35 64.03 -141.17
N UNK C 3218 1.33 64.68 -140.62
CA UNK C 3218 0.67 64.20 -139.41
C UNK C 3218 -0.84 64.22 -139.57
N UNK C 3219 -1.35 65.23 -140.27
CA UNK C 3219 -2.78 65.37 -140.49
C UNK C 3219 -3.29 64.33 -141.48
N UNK C 3220 -2.65 64.28 -142.65
CA UNK C 3220 -3.04 63.32 -143.68
C UNK C 3220 -2.20 62.05 -143.57
N UNK C 3221 -0.88 62.22 -143.58
CA UNK C 3221 0.03 61.09 -143.48
C UNK C 3221 0.68 61.03 -142.10
N UNK C 3222 10.16 54.50 -138.39
CA UNK C 3222 8.94 55.08 -138.93
C UNK C 3222 8.54 56.34 -138.15
N UNK C 3223 7.39 56.28 -137.50
CA UNK C 3223 6.90 57.41 -136.73
C UNK C 3223 7.28 57.29 -135.26
N UNK C 3224 8.23 56.40 -134.97
CA UNK C 3224 8.70 56.20 -133.61
C UNK C 3224 9.81 57.18 -133.26
N UNK C 3225 10.24 57.95 -134.27
CA UNK C 3225 11.28 58.96 -134.06
C UNK C 3225 10.73 60.12 -133.24
N UNK C 3226 9.48 60.49 -133.50
CA UNK C 3226 8.84 61.60 -132.81
C UNK C 3226 8.12 61.13 -131.55
N UNK C 3227 8.71 60.17 -130.85
CA UNK C 3227 8.14 59.63 -129.62
C UNK C 3227 9.24 59.03 -128.75
N UNK C 3228 10.46 59.00 -129.30
CA UNK C 3228 11.60 58.45 -128.59
C UNK C 3228 12.87 59.22 -128.94
N UNK C 3229 13.15 59.34 -130.23
CA UNK C 3229 14.34 60.04 -130.71
C UNK C 3229 14.16 61.55 -130.62
N UNK C 3230 13.01 62.04 -131.07
CA UNK C 3230 12.71 63.47 -131.00
C UNK C 3230 12.08 63.82 -129.66
N UNK C 3231 11.91 62.81 -128.81
CA UNK C 3231 11.43 63.02 -127.46
C UNK C 3231 12.55 63.56 -126.60
N UNK C 3232 13.79 63.35 -127.04
CA UNK C 3232 14.96 63.91 -126.38
C UNK C 3232 15.00 65.41 -126.60
N UNK C 3233 14.47 65.84 -127.75
CA UNK C 3233 14.34 67.26 -128.05
C UNK C 3233 13.16 67.84 -127.26
N UNK C 3234 12.20 66.98 -126.97
CA UNK C 3234 11.06 67.37 -126.15
C UNK C 3234 11.49 67.51 -124.69
N UNK C 3235 12.42 66.66 -124.28
CA UNK C 3235 12.97 66.71 -122.93
C UNK C 3235 13.97 67.86 -122.83
N UNK C 3236 14.55 68.23 -123.96
CA UNK C 3236 15.46 69.36 -124.03
C UNK C 3236 14.68 70.67 -123.89
N UNK C 3237 13.49 70.69 -124.48
CA UNK C 3237 12.61 71.85 -124.37
C UNK C 3237 11.98 71.90 -122.98
N UNK C 3238 11.79 70.72 -122.39
CA UNK C 3238 11.23 70.61 -121.04
C UNK C 3238 12.22 71.12 -120.01
N UNK C 3239 13.51 71.03 -120.34
CA UNK C 3239 14.56 71.54 -119.46
C UNK C 3239 14.98 72.94 -119.88
N UNK C 3240 14.00 73.74 -120.30
CA UNK C 3240 14.25 75.11 -120.74
C UNK C 3240 13.28 76.08 -120.06
N UNK C 3241 13.75 77.29 -119.80
CA UNK C 3241 12.92 78.32 -119.17
C UNK C 3241 13.48 79.71 -119.49
N UNK C 3242 13.91 80.41 -118.44
CA UNK C 3242 14.59 81.72 -118.53
C UNK C 3242 13.77 82.88 -119.12
N UNK C 3243 12.85 82.57 -120.05
CA UNK C 3243 12.04 83.58 -120.74
C UNK C 3243 12.89 84.63 -121.45
N UNK C 3244 14.00 84.18 -122.02
CA UNK C 3244 14.92 85.07 -122.73
C UNK C 3244 15.22 84.53 -124.12
N UNK C 3245 16.06 85.25 -124.85
CA UNK C 3245 16.42 84.87 -126.21
C UNK C 3245 17.53 83.82 -126.22
N UNK C 3246 17.29 82.70 -126.89
CA UNK C 3246 18.28 81.63 -127.00
C UNK C 3246 19.38 82.05 -127.96
N UNK C 3247 20.61 81.64 -127.66
CA UNK C 3247 21.76 82.00 -128.48
C UNK C 3247 21.72 81.28 -129.83
N UNK C 3248 21.27 80.03 -129.81
CA UNK C 3248 21.16 79.25 -131.04
C UNK C 3248 19.99 79.72 -131.88
N UNK C 3249 20.27 80.60 -132.84
CA UNK C 3249 19.28 81.19 -133.74
C UNK C 3249 18.15 81.88 -132.96
N UNK C 3250 18.42 83.09 -132.48
CA UNK C 3250 17.44 83.86 -131.72
C UNK C 3250 16.26 84.27 -132.61
N UNK C 3251 16.56 85.01 -133.67
CA UNK C 3251 15.54 85.44 -134.61
C UNK C 3251 15.75 84.77 -135.96
N UNK C 3252 15.79 83.44 -135.96
CA UNK C 3252 16.03 82.70 -137.19
C UNK C 3252 15.33 81.33 -137.19
N UNK C 3253 16.13 80.27 -137.12
CA UNK C 3253 15.60 78.91 -137.26
C UNK C 3253 14.80 78.45 -136.05
N UNK C 3254 15.31 78.73 -134.85
CA UNK C 3254 14.63 78.33 -133.62
C UNK C 3254 13.38 79.18 -133.39
N UNK C 3255 13.36 80.37 -134.00
CA UNK C 3255 12.21 81.25 -133.91
C UNK C 3255 11.13 80.82 -134.90
N UNK C 3256 11.56 80.31 -136.06
CA UNK C 3256 10.63 79.86 -137.09
C UNK C 3256 10.21 78.41 -136.87
N UNK C 3257 10.69 77.82 -135.78
CA UNK C 3257 10.34 76.45 -135.43
C UNK C 3257 9.01 76.40 -134.71
N UNK C 3258 8.46 77.58 -134.40
CA UNK C 3258 7.18 77.68 -133.73
C UNK C 3258 6.03 77.74 -134.74
N UNK C 3259 6.36 77.55 -136.01
CA UNK C 3259 5.36 77.52 -137.07
C UNK C 3259 4.57 76.22 -137.03
N UNK C 3260 5.15 75.21 -136.40
CA UNK C 3260 4.50 73.92 -136.23
C UNK C 3260 4.37 73.58 -134.75
N UNK C 3261 5.13 74.29 -133.91
CA UNK C 3261 5.11 74.08 -132.47
C UNK C 3261 3.99 74.88 -131.82
N UNK C 3262 4.07 76.21 -131.94
CA UNK C 3262 3.05 77.09 -131.40
C UNK C 3262 1.77 76.98 -132.21
N UNK C 3263 1.92 76.75 -133.52
CA UNK C 3263 0.78 76.53 -134.40
C UNK C 3263 0.64 75.03 -134.69
N UNK C 3264 0.20 74.28 -133.69
CA UNK C 3264 0.07 72.83 -133.81
C UNK C 3264 -1.10 72.44 -134.70
N UNK C 3265 -1.21 71.14 -134.99
CA UNK C 3265 -2.28 70.63 -135.83
C UNK C 3265 -3.62 70.74 -135.12
N UNK C 3266 -3.61 70.62 -133.80
CA UNK C 3266 -4.82 70.76 -133.01
C UNK C 3266 -5.12 72.24 -132.76
N UNK C 3267 -6.12 72.76 -133.47
CA UNK C 3267 -6.49 74.16 -133.33
C UNK C 3267 -7.27 74.39 -132.04
N UNK C 3268 -7.75 73.31 -131.43
CA UNK C 3268 -8.46 73.39 -130.16
C UNK C 3268 -7.46 73.47 -129.01
N UNK C 3269 -6.18 73.27 -129.33
CA UNK C 3269 -5.07 73.42 -128.40
C UNK C 3269 -5.19 72.52 -127.17
N UNK C 3270 -5.56 71.26 -127.39
CA UNK C 3270 -5.66 70.30 -126.30
C UNK C 3270 -5.38 68.88 -126.79
N UNK C 3271 -4.27 68.31 -126.34
CA UNK C 3271 -3.88 66.97 -126.76
C UNK C 3271 -3.49 66.11 -125.56
N UNK C 3272 -3.25 64.83 -125.81
CA UNK C 3272 -2.86 63.89 -124.76
C UNK C 3272 -1.35 63.62 -124.83
N UNK C 3273 -0.68 63.81 -123.68
CA UNK C 3273 0.76 63.62 -123.55
C UNK C 3273 1.55 64.45 -124.57
N UNK C 3274 1.07 65.67 -124.81
CA UNK C 3274 1.69 66.55 -125.79
C UNK C 3274 2.97 67.18 -125.24
N UNK C 3275 3.94 67.37 -126.12
CA UNK C 3275 5.21 68.00 -125.74
C UNK C 3275 5.17 69.49 -126.04
N UNK C 3276 3.99 69.97 -126.42
CA UNK C 3276 3.80 71.39 -126.72
C UNK C 3276 3.86 72.22 -125.45
N UNK C 3277 3.45 71.61 -124.33
CA UNK C 3277 3.49 72.28 -123.03
C UNK C 3277 4.92 72.42 -122.56
N UNK C 3278 5.76 71.47 -122.94
CA UNK C 3278 7.18 71.52 -122.62
C UNK C 3278 7.91 72.46 -123.55
N UNK C 3279 7.47 72.51 -124.81
CA UNK C 3279 8.09 73.36 -125.82
C UNK C 3279 7.74 74.83 -125.58
N UNK C 3280 6.57 75.07 -125.01
CA UNK C 3280 6.13 76.43 -124.71
C UNK C 3280 6.47 76.82 -123.27
N UNK C 3281 7.71 76.55 -122.87
CA UNK C 3281 8.17 76.89 -121.54
C UNK C 3281 8.92 78.22 -121.55
N UNK C 3282 8.23 79.26 -122.02
CA UNK C 3282 8.75 80.62 -122.12
C UNK C 3282 10.04 80.68 -122.96
N UNK C 3283 9.89 80.58 -124.27
CA UNK C 3283 11.02 80.65 -125.19
C UNK C 3283 10.93 81.92 -126.04
N UNK C 3284 11.54 82.99 -125.55
CA UNK C 3284 11.50 84.28 -126.25
C UNK C 3284 12.34 84.25 -127.51
N UNK C 3285 11.75 84.69 -128.61
CA UNK C 3285 12.43 84.70 -129.90
C UNK C 3285 11.78 85.73 -130.83
N UNK C 3286 11.69 85.39 -132.11
CA UNK C 3286 11.05 86.27 -133.09
C UNK C 3286 9.61 85.81 -133.35
N UNK C 3287 9.20 84.77 -132.62
CA UNK C 3287 7.85 84.24 -132.75
C UNK C 3287 6.96 84.74 -131.61
N UNK C 3288 7.23 84.22 -130.41
CA UNK C 3288 6.45 84.61 -129.24
C UNK C 3288 7.34 85.28 -128.19
N UNK C 3289 -1.13 81.46 -135.80
CA UNK C 3289 -1.45 82.85 -136.10
C UNK C 3289 -0.17 83.68 -136.26
N UNK C 3290 0.10 84.10 -137.50
CA UNK C 3290 1.28 84.90 -137.78
C UNK C 3290 0.90 86.37 -138.01
N UNK C 3291 0.64 87.08 -136.92
CA UNK C 3291 0.26 88.48 -137.01
C UNK C 3291 1.39 89.38 -136.51
N UNK C 3292 2.53 88.77 -136.20
CA UNK C 3292 3.68 89.52 -135.70
C UNK C 3292 4.83 89.47 -136.70
N UNK C 3293 5.11 88.27 -137.23
CA UNK C 3293 6.19 88.08 -138.19
C UNK C 3293 5.67 88.05 -139.61
N UNK C 3294 6.42 88.66 -140.53
CA UNK C 3294 6.04 88.70 -141.94
C UNK C 3294 7.27 88.85 -142.83
N UNK C 3295 8.41 88.37 -142.35
CA UNK C 3295 9.65 88.44 -143.09
C UNK C 3295 10.43 87.13 -143.01
N UNK C 3296 11.12 86.78 -144.10
CA UNK C 3296 11.88 85.53 -144.15
C UNK C 3296 13.35 85.80 -144.41
N UNK C 3297 13.81 85.45 -145.60
CA UNK C 3297 15.22 85.64 -145.97
C UNK C 3297 15.46 87.02 -146.59
N UNK C 3298 14.39 87.79 -146.74
CA UNK C 3298 14.49 89.12 -147.31
C UNK C 3298 15.03 90.10 -146.29
N UNK C 3299 14.88 89.77 -145.01
CA UNK C 3299 15.36 90.62 -143.93
C UNK C 3299 16.87 90.55 -143.80
N UNK C 3300 17.52 91.71 -143.76
CA UNK C 3300 18.97 91.84 -143.64
C UNK C 3300 19.72 91.07 -144.73
N UNK C 3301 20.10 89.83 -144.42
CA UNK C 3301 20.82 88.99 -145.37
C UNK C 3301 19.99 87.78 -145.76
N UNK C 3302 19.74 86.90 -144.81
CA UNK C 3302 18.96 85.69 -145.06
C UNK C 3302 18.17 85.28 -143.82
N UNK C 3303 11.43 91.89 -136.86
CA UNK C 3303 12.78 92.45 -136.99
C UNK C 3303 13.55 92.34 -135.69
N UNK C 3304 14.49 93.25 -135.48
CA UNK C 3304 15.30 93.26 -134.27
C UNK C 3304 14.76 94.27 -133.26
N UNK C 3305 13.59 93.98 -132.71
CA UNK C 3305 12.96 94.86 -131.74
C UNK C 3305 12.51 94.08 -130.51
N UNK C 3306 12.14 94.79 -129.46
CA UNK C 3306 11.69 94.16 -128.22
C UNK C 3306 10.21 94.41 -128.00
N UNK C 3307 9.47 94.58 -129.10
CA UNK C 3307 8.04 94.84 -129.09
C UNK C 3307 7.66 96.05 -128.23
N UNK C 3308 8.39 97.15 -128.42
CA UNK C 3308 8.12 98.37 -127.68
C UNK C 3308 6.84 99.04 -128.19
N UNK C 3309 6.80 99.31 -129.49
CA UNK C 3309 5.63 99.90 -130.12
C UNK C 3309 4.77 98.80 -130.74
N UNK C 3310 5.30 97.59 -130.77
CA UNK C 3310 4.58 96.45 -131.32
C UNK C 3310 3.90 95.65 -130.21
N UNK C 3311 3.16 96.36 -129.36
CA UNK C 3311 2.43 95.72 -128.26
C UNK C 3311 1.23 94.95 -128.79
N UNK C 3312 0.73 95.38 -129.95
CA UNK C 3312 -0.41 94.72 -130.57
C UNK C 3312 0.01 93.38 -131.18
N UNK C 3313 1.20 93.34 -131.76
CA UNK C 3313 1.70 92.13 -132.39
C UNK C 3313 2.27 91.15 -131.35
N UNK C 3314 2.48 91.65 -130.14
CA UNK C 3314 3.05 90.83 -129.07
C UNK C 3314 1.96 90.20 -128.20
N UNK C 3315 0.82 90.86 -128.12
CA UNK C 3315 -0.28 90.38 -127.26
C UNK C 3315 -1.61 90.32 -128.01
N UNK C 3316 -1.56 89.80 -129.24
CA UNK C 3316 -2.79 89.62 -130.01
C UNK C 3316 -3.43 88.28 -129.67
N UNK C 3317 -2.62 87.35 -129.18
CA UNK C 3317 -3.09 86.02 -128.83
C UNK C 3317 -3.46 85.94 -127.35
N UNK C 3318 -3.24 87.03 -126.62
CA UNK C 3318 -3.55 87.07 -125.19
C UNK C 3318 -4.97 87.58 -124.96
N UNK C 3319 -5.43 88.46 -125.85
CA UNK C 3319 -6.77 89.03 -125.74
C UNK C 3319 -7.80 88.14 -126.44
N UNK C 3320 -7.32 87.18 -127.22
CA UNK C 3320 -8.20 86.27 -127.95
C UNK C 3320 -8.83 85.26 -126.99
N UNK C 3321 -8.04 84.80 -126.03
CA UNK C 3321 -8.52 83.83 -125.04
C UNK C 3321 -8.84 84.51 -123.72
N UNK C 3322 -9.18 85.80 -123.78
CA UNK C 3322 -9.54 86.56 -122.60
C UNK C 3322 -10.90 86.08 -122.07
N UNK C 3323 -11.79 85.73 -123.00
CA UNK C 3323 -13.09 85.19 -122.64
C UNK C 3323 -13.16 83.72 -123.04
N UNK C 3324 -12.65 82.85 -122.17
CA UNK C 3324 -12.61 81.42 -122.44
C UNK C 3324 -14.01 80.81 -122.40
N UNK C 3325 -14.12 79.58 -122.90
CA UNK C 3325 -15.39 78.87 -122.93
C UNK C 3325 -15.87 78.52 -121.53
N UNK C 3326 -16.99 79.11 -121.13
CA UNK C 3326 -17.56 78.88 -119.80
C UNK C 3326 -18.55 77.73 -119.83
N UNK C 3327 -18.60 77.01 -120.95
CA UNK C 3327 -19.49 75.86 -121.09
C UNK C 3327 -19.00 74.71 -120.23
N UNK C 3328 -19.92 73.82 -119.85
CA UNK C 3328 -19.58 72.68 -119.01
C UNK C 3328 -19.18 71.47 -119.85
N UNK C 3329 -19.12 71.67 -121.17
CA UNK C 3329 -18.74 70.61 -122.09
C UNK C 3329 -17.25 70.31 -121.99
N UNK C 3330 -16.89 69.34 -121.16
CA UNK C 3330 -15.49 68.95 -121.00
C UNK C 3330 -15.12 67.86 -121.99
N UNK C 3331 -16.10 67.40 -122.76
CA UNK C 3331 -15.89 66.37 -123.76
C UNK C 3331 -15.52 66.98 -125.11
N UNK C 3332 -15.38 68.30 -125.14
CA UNK C 3332 -15.00 69.00 -126.36
C UNK C 3332 -13.53 68.78 -126.67
N UNK C 3333 -13.13 69.19 -127.88
CA UNK C 3333 -11.74 69.02 -128.31
C UNK C 3333 -10.82 70.02 -127.62
N UNK C 3334 -11.40 71.08 -127.06
CA UNK C 3334 -10.64 72.09 -126.35
C UNK C 3334 -10.83 71.96 -124.85
N UNK C 3335 -10.44 70.81 -124.30
CA UNK C 3335 -10.54 70.57 -122.86
C UNK C 3335 -9.55 71.44 -122.11
N UNK C 3336 -8.27 71.21 -122.36
CA UNK C 3336 -7.22 72.04 -121.79
C UNK C 3336 -6.70 73.01 -122.84
N UNK C 3337 -7.56 73.93 -123.26
CA UNK C 3337 -7.26 74.85 -124.36
C UNK C 3337 -6.19 75.88 -123.98
N UNK C 3338 -5.93 76.03 -122.69
CA UNK C 3338 -4.93 76.98 -122.21
C UNK C 3338 -3.70 76.25 -121.68
N UNK C 3339 -3.91 75.08 -121.10
CA UNK C 3339 -2.83 74.31 -120.50
C UNK C 3339 -1.96 73.64 -121.56
N UNK C 3340 -2.60 73.01 -122.53
CA UNK C 3340 -1.88 72.29 -123.58
C UNK C 3340 -1.38 73.23 -124.66
N UNK C 3341 -1.87 74.46 -124.65
CA UNK C 3341 -1.40 75.48 -125.59
C UNK C 3341 -0.13 76.13 -125.07
N UNK C 3342 -0.24 76.77 -123.92
CA UNK C 3342 0.91 77.40 -123.27
C UNK C 3342 0.74 77.34 -121.76
N UNK C 3343 1.52 76.48 -121.11
CA UNK C 3343 1.45 76.31 -119.65
C UNK C 3343 1.89 77.59 -118.94
N UNK C 3344 2.80 78.32 -119.57
CA UNK C 3344 3.23 79.61 -119.05
C UNK C 3344 2.46 80.73 -119.75
N UNK C 3345 1.14 80.69 -119.65
CA UNK C 3345 0.29 81.68 -120.29
C UNK C 3345 0.41 83.04 -119.60
N UNK C 3346 0.70 83.01 -118.30
CA UNK C 3346 0.86 84.24 -117.54
C UNK C 3346 2.32 84.40 -117.12
N UNK C 3347 3.10 83.34 -117.26
CA UNK C 3347 4.51 83.35 -116.89
C UNK C 3347 5.39 83.63 -118.11
N UNK C 3348 4.76 83.97 -119.22
CA UNK C 3348 5.49 84.30 -120.44
C UNK C 3348 6.12 85.68 -120.33
N UNK C 3349 5.50 86.55 -119.53
CA UNK C 3349 6.00 87.89 -119.32
C UNK C 3349 6.28 88.14 -117.85
N UNK C 3350 7.55 88.01 -117.46
CA UNK C 3350 7.95 88.21 -116.07
C UNK C 3350 8.27 89.69 -115.83
N UNK C 3351 7.55 90.30 -114.89
CA UNK C 3351 7.75 91.71 -114.56
C UNK C 3351 7.45 91.97 -113.09
N UNK C 3352 7.58 93.24 -112.70
CA UNK C 3352 7.33 93.62 -111.31
C UNK C 3352 5.88 94.06 -111.11
N UNK C 3353 5.61 95.34 -111.39
CA UNK C 3353 4.27 95.89 -111.22
C UNK C 3353 3.44 95.72 -112.49
N UNK C 3354 2.60 96.70 -112.78
CA UNK C 3354 1.73 96.65 -113.96
C UNK C 3354 2.39 97.29 -115.17
N UNK C 3355 3.56 96.77 -115.55
CA UNK C 3355 4.28 97.27 -116.72
C UNK C 3355 3.68 96.67 -117.99
N UNK C 3356 3.18 95.45 -117.88
CA UNK C 3356 2.58 94.76 -119.02
C UNK C 3356 1.45 93.86 -118.55
N UNK C 3357 1.66 93.18 -117.43
CA UNK C 3357 0.67 92.28 -116.86
C UNK C 3357 0.85 92.14 -115.35
N UNK C 3358 -0.22 92.30 -114.59
CA UNK C 3358 -0.17 92.19 -113.15
C UNK C 3358 -1.51 91.69 -112.60
N UNK C 3359 -2.03 92.40 -111.61
CA UNK C 3359 -3.30 92.02 -110.98
C UNK C 3359 -4.48 92.46 -111.85
N UNK C 3360 -4.24 93.40 -112.76
CA UNK C 3360 -5.28 93.89 -113.65
C UNK C 3360 -5.25 93.14 -114.98
N UNK C 3361 -4.45 92.07 -115.03
CA UNK C 3361 -4.34 91.25 -116.23
C UNK C 3361 -4.22 89.78 -115.85
N UNK C 3362 -4.37 89.49 -114.57
CA UNK C 3362 -4.28 88.13 -114.07
C UNK C 3362 -5.53 87.33 -114.44
N UNK C 3363 -5.47 86.64 -115.57
CA UNK C 3363 -6.59 85.82 -116.02
C UNK C 3363 -6.39 84.37 -115.59
N UNK C 3364 -5.44 84.15 -114.68
CA UNK C 3364 -5.16 82.82 -114.16
C UNK C 3364 -6.24 82.38 -113.18
N UNK C 3365 -6.94 83.35 -112.62
CA UNK C 3365 -8.03 83.06 -111.69
C UNK C 3365 -9.22 82.48 -112.44
N UNK C 3366 -9.45 83.00 -113.65
CA UNK C 3366 -10.53 82.50 -114.50
C UNK C 3366 -10.13 81.19 -115.16
N UNK C 3367 -8.82 81.01 -115.34
CA UNK C 3367 -8.30 79.78 -115.93
C UNK C 3367 -8.35 78.65 -114.92
N UNK C 3368 -8.20 78.99 -113.64
CA UNK C 3368 -8.27 78.00 -112.57
C UNK C 3368 -9.72 77.70 -112.22
N UNK C 3369 -10.60 78.66 -112.48
CA UNK C 3369 -12.03 78.49 -112.22
C UNK C 3369 -12.68 77.66 -113.33
N UNK C 3370 -11.99 77.57 -114.47
CA UNK C 3370 -12.48 76.77 -115.59
C UNK C 3370 -12.33 75.28 -115.28
N UNK C 3371 -11.35 74.96 -114.43
CA UNK C 3371 -11.13 73.58 -114.02
C UNK C 3371 -12.22 73.13 -113.06
N UNK C 3372 -12.73 74.07 -112.27
CA UNK C 3372 -13.81 73.79 -111.33
C UNK C 3372 -15.14 73.74 -112.06
N UNK C 3373 -15.22 74.46 -113.17
CA UNK C 3373 -16.44 74.49 -113.99
C UNK C 3373 -16.53 73.24 -114.84
N UNK C 3374 -15.38 72.68 -115.20
CA UNK C 3374 -15.33 71.46 -116.01
C UNK C 3374 -15.22 70.23 -115.11
N UNK C 3375 -15.23 70.46 -113.81
CA UNK C 3375 -15.15 69.38 -112.84
C UNK C 3375 -16.46 68.60 -112.77
N UNK C 3376 -16.40 67.31 -113.09
CA UNK C 3376 -17.59 66.47 -113.07
C UNK C 3376 -17.32 65.16 -112.34
N UNK C 3377 -18.34 64.30 -112.27
CA UNK C 3377 -18.22 63.02 -111.60
C UNK C 3377 -17.75 61.94 -112.58
N UNK C 3378 -17.66 62.30 -113.85
CA UNK C 3378 -17.23 61.37 -114.89
C UNK C 3378 -15.72 61.15 -114.82
N UNK C 3379 -15.28 59.99 -115.30
CA UNK C 3379 -13.86 59.65 -115.29
C UNK C 3379 -13.26 59.79 -116.68
N UNK C 3380 -13.86 60.65 -117.49
CA UNK C 3380 -13.37 60.90 -118.85
C UNK C 3380 -12.11 61.74 -118.83
N UNK C 3381 -12.06 62.70 -117.90
CA UNK C 3381 -10.90 63.56 -117.76
C UNK C 3381 -9.94 63.02 -116.71
N UNK C 3382 -9.42 61.81 -116.96
CA UNK C 3382 -8.50 61.17 -116.03
C UNK C 3382 -7.09 61.72 -116.19
N UNK C 3383 -6.84 62.39 -117.30
CA UNK C 3383 -5.53 62.98 -117.57
C UNK C 3383 -5.52 64.47 -117.21
N UNK C 3384 -6.34 64.83 -116.22
CA UNK C 3384 -6.43 66.21 -115.77
C UNK C 3384 -5.31 66.54 -114.78
N UNK C 3385 -4.64 65.49 -114.28
CA UNK C 3385 -3.55 65.66 -113.34
C UNK C 3385 -2.31 66.21 -114.04
N UNK C 3386 -2.16 65.88 -115.32
CA UNK C 3386 -1.04 66.36 -116.12
C UNK C 3386 -1.20 67.83 -116.45
N UNK C 3387 -2.45 68.28 -116.54
CA UNK C 3387 -2.74 69.67 -116.85
C UNK C 3387 -2.74 70.52 -115.58
N UNK C 3388 -3.07 69.89 -114.46
CA UNK C 3388 -3.12 70.60 -113.18
C UNK C 3388 -1.72 70.81 -112.60
N UNK C 3389 -0.84 69.84 -112.82
CA UNK C 3389 0.52 69.91 -112.30
C UNK C 3389 1.38 70.90 -113.08
N UNK C 3390 0.97 71.18 -114.31
CA UNK C 3390 1.71 72.09 -115.18
C UNK C 3390 1.09 73.49 -115.17
N UNK C 3391 0.09 73.69 -114.33
CA UNK C 3391 -0.59 74.98 -114.24
C UNK C 3391 -0.55 75.52 -112.82
N UNK C 3392 -0.42 74.63 -111.84
CA UNK C 3392 -0.37 75.04 -110.44
C UNK C 3392 1.06 75.15 -109.95
N UNK C 3393 1.96 75.58 -110.83
CA UNK C 3393 3.36 75.75 -110.49
C UNK C 3393 3.61 77.15 -109.93
N UNK C 3394 2.61 78.02 -110.07
CA UNK C 3394 2.71 79.39 -109.58
C UNK C 3394 1.34 79.89 -109.11
N UNK C 3395 1.10 79.78 -107.81
CA UNK C 3395 -0.17 80.23 -107.23
C UNK C 3395 0.08 81.07 -105.97
N UNK C 3396 0.83 82.15 -106.14
CA UNK C 3396 1.15 83.04 -105.02
C UNK C 3396 1.43 84.46 -105.51
N UNK C 3397 1.57 84.59 -106.83
CA UNK C 3397 1.85 85.90 -107.43
C UNK C 3397 0.56 86.62 -107.79
N UNK C 3398 0.02 87.37 -106.83
CA UNK C 3398 -1.21 88.15 -106.98
C UNK C 3398 -2.39 87.30 -107.45
N UNK C 3399 -2.87 86.43 -106.57
CA UNK C 3399 -3.99 85.54 -106.88
C UNK C 3399 -4.84 85.28 -105.64
N UNK C 3400 -5.67 86.25 -105.29
CA UNK C 3400 -6.54 86.12 -104.13
C UNK C 3400 -7.85 85.42 -104.51
N UNK C 3401 -7.82 84.09 -104.53
CA UNK C 3401 -8.99 83.30 -104.89
C UNK C 3401 -9.96 83.21 -103.73
N UNK C 3402 -9.48 83.53 -102.53
CA UNK C 3402 -10.31 83.50 -101.33
C UNK C 3402 -11.03 84.83 -101.15
N UNK C 3403 -10.73 85.79 -102.01
CA UNK C 3403 -11.37 87.11 -101.97
C UNK C 3403 -12.57 87.17 -102.91
N UNK C 3404 -13.29 86.07 -103.01
CA UNK C 3404 -14.46 85.99 -103.87
C UNK C 3404 -15.44 84.96 -103.34
N UNK C 3405 -15.85 84.03 -104.20
CA UNK C 3405 -16.76 82.96 -103.81
C UNK C 3405 -16.03 81.63 -103.73
N UNK C 3406 -15.06 81.54 -102.82
CA UNK C 3406 -14.27 80.33 -102.65
C UNK C 3406 -15.10 79.22 -102.03
N UNK C 3407 -16.10 79.61 -101.24
CA UNK C 3407 -17.00 78.65 -100.60
C UNK C 3407 -18.00 78.11 -101.61
N UNK C 3408 -18.22 78.88 -102.67
CA UNK C 3408 -19.14 78.48 -103.74
C UNK C 3408 -18.37 77.95 -104.94
N UNK C 3409 -17.12 77.59 -104.73
CA UNK C 3409 -16.27 77.06 -105.80
C UNK C 3409 -15.60 75.76 -105.37
N UNK C 3410 -14.76 75.83 -104.35
CA UNK C 3410 -14.04 74.66 -103.87
C UNK C 3410 -14.85 73.92 -102.81
N UNK C 3411 -15.45 74.67 -101.89
CA UNK C 3411 -16.25 74.07 -100.82
C UNK C 3411 -17.59 73.58 -101.35
N UNK C 3412 -18.04 74.14 -102.47
CA UNK C 3412 -19.28 73.74 -103.09
C UNK C 3412 -19.14 72.36 -103.73
N UNK C 3413 -17.95 72.08 -104.24
CA UNK C 3413 -17.67 70.78 -104.85
C UNK C 3413 -17.28 69.77 -103.77
N UNK C 3414 -16.76 70.28 -102.65
CA UNK C 3414 -16.38 69.43 -101.54
C UNK C 3414 -17.60 69.02 -100.72
N UNK C 3415 -18.69 69.77 -100.88
CA UNK C 3415 -19.94 69.48 -100.18
C UNK C 3415 -20.68 68.35 -100.86
N UNK C 3416 -20.24 67.99 -102.06
CA UNK C 3416 -20.84 66.88 -102.80
C UNK C 3416 -20.17 65.56 -102.44
N UNK C 3417 -19.23 65.62 -101.49
CA UNK C 3417 -18.53 64.43 -101.04
C UNK C 3417 -18.51 64.37 -99.51
N UNK C 3418 -18.83 65.50 -98.88
CA UNK C 3418 -18.90 65.57 -97.42
C UNK C 3418 -20.34 65.42 -96.94
N UNK C 3419 -21.20 66.34 -97.37
CA UNK C 3419 -22.60 66.30 -97.00
C UNK C 3419 -23.35 65.27 -97.85
N UNK C 3420 -22.82 65.00 -99.05
CA UNK C 3420 -23.43 64.02 -99.94
C UNK C 3420 -22.72 62.68 -99.81
N UNK C 3421 -22.09 62.45 -98.66
CA UNK C 3421 -21.43 61.17 -98.39
C UNK C 3421 -22.48 60.13 -98.03
N UNK C 3422 -23.67 60.59 -97.65
CA UNK C 3422 -24.78 59.71 -97.35
C UNK C 3422 -25.30 59.07 -98.63
N UNK C 3423 -25.23 59.81 -99.73
CA UNK C 3423 -25.63 59.29 -101.03
C UNK C 3423 -24.49 58.51 -101.67
N UNK C 3424 -23.27 58.83 -101.27
CA UNK C 3424 -22.07 58.16 -101.78
C UNK C 3424 -21.90 56.78 -101.15
N UNK C 3425 -21.70 56.77 -99.84
CA UNK C 3425 -21.49 55.52 -99.11
C UNK C 3425 -21.97 55.63 -97.66
N UNK C 3426 -23.17 55.11 -97.40
CA UNK C 3426 -23.72 55.09 -96.06
C UNK C 3426 -24.74 53.96 -95.90
N UNK C 3427 -25.13 53.38 -97.03
CA UNK C 3427 -26.08 52.27 -97.04
C UNK C 3427 -25.40 50.99 -96.56
N UNK C 3428 -24.07 50.95 -96.71
CA UNK C 3428 -23.29 49.80 -96.25
C UNK C 3428 -23.17 49.82 -94.73
N UNK C 3429 -23.25 51.02 -94.15
CA UNK C 3429 -23.17 51.17 -92.70
C UNK C 3429 -24.57 51.12 -92.09
N UNK C 3430 -25.57 51.46 -92.89
CA UNK C 3430 -26.96 51.43 -92.43
C UNK C 3430 -27.48 50.01 -92.36
N UNK C 3431 -27.49 49.33 -93.50
CA UNK C 3431 -27.96 47.95 -93.59
C UNK C 3431 -26.84 47.02 -94.00
N UNK C 3432 -27.17 45.75 -94.21
CA UNK C 3432 -26.19 44.75 -94.61
C UNK C 3432 -26.19 44.56 -96.12
N UNK C 3433 -25.05 44.83 -96.75
CA UNK C 3433 -24.92 44.68 -98.19
C UNK C 3433 -23.48 44.30 -98.57
N UNK C 3434 -23.33 43.11 -99.14
CA UNK C 3434 -22.01 42.62 -99.52
C UNK C 3434 -21.99 42.20 -101.00
N UNK C 3435 -22.41 43.11 -101.87
CA UNK C 3435 -22.44 42.83 -103.30
C UNK C 3435 -21.30 43.57 -104.01
N UNK C 3436 -21.16 43.32 -105.30
CA UNK C 3436 -20.12 43.96 -106.09
C UNK C 3436 -20.49 45.42 -106.40
N UNK C 3437 -21.78 45.70 -106.37
CA UNK C 3437 -22.27 47.05 -106.65
C UNK C 3437 -22.00 47.98 -105.47
N UNK C 3438 -22.02 47.43 -104.26
CA UNK C 3438 -21.81 48.23 -103.06
C UNK C 3438 -20.32 48.57 -102.87
N UNK C 3439 -19.46 47.83 -103.56
CA UNK C 3439 -18.02 48.04 -103.46
C UNK C 3439 -17.48 48.86 -104.63
N UNK C 3440 -18.29 48.96 -105.69
CA UNK C 3440 -17.87 49.68 -106.89
C UNK C 3440 -18.49 51.07 -106.97
N UNK C 3441 -19.48 51.32 -106.11
CA UNK C 3441 -20.16 52.61 -106.10
C UNK C 3441 -19.42 53.62 -105.21
N UNK C 3442 -18.53 53.12 -104.37
CA UNK C 3442 -17.81 53.97 -103.43
C UNK C 3442 -16.30 53.92 -103.66
N UNK C 3443 -15.74 52.71 -103.61
CA UNK C 3443 -14.30 52.52 -103.72
C UNK C 3443 -13.79 52.74 -105.16
N UNK C 3444 -14.72 52.69 -106.12
CA UNK C 3444 -14.35 52.86 -107.52
C UNK C 3444 -14.94 54.15 -108.09
N UNK C 3445 -15.32 55.07 -107.21
CA UNK C 3445 -15.92 56.33 -107.62
C UNK C 3445 -15.41 57.50 -106.80
N UNK C 3446 -15.38 57.33 -105.48
CA UNK C 3446 -14.95 58.40 -104.58
C UNK C 3446 -13.43 58.52 -104.56
N UNK C 3447 -12.74 57.41 -104.74
CA UNK C 3447 -11.28 57.40 -104.72
C UNK C 3447 -10.71 57.60 -106.12
N UNK C 3448 -11.54 58.11 -107.03
CA UNK C 3448 -11.11 58.35 -108.41
C UNK C 3448 -11.55 59.73 -108.88
N UNK C 3449 -12.61 60.25 -108.28
CA UNK C 3449 -13.13 61.55 -108.64
C UNK C 3449 -12.80 62.59 -107.57
N UNK C 3450 -13.08 62.26 -106.32
CA UNK C 3450 -12.83 63.15 -105.20
C UNK C 3450 -11.35 63.13 -104.81
N UNK C 3451 -10.62 62.14 -105.31
CA UNK C 3451 -9.19 62.05 -105.07
C UNK C 3451 -8.46 63.10 -105.89
N UNK C 3452 -8.99 63.37 -107.08
CA UNK C 3452 -8.45 64.42 -107.94
C UNK C 3452 -8.96 65.78 -107.46
N UNK C 3453 -10.11 65.78 -106.80
CA UNK C 3453 -10.67 66.99 -106.24
C UNK C 3453 -9.91 67.41 -104.99
N UNK C 3454 -9.40 66.42 -104.26
CA UNK C 3454 -8.60 66.68 -103.07
C UNK C 3454 -7.19 67.09 -103.47
N UNK C 3455 -6.76 66.65 -104.65
CA UNK C 3455 -5.46 67.02 -105.18
C UNK C 3455 -5.47 68.48 -105.63
N UNK C 3456 -6.61 68.92 -106.17
CA UNK C 3456 -6.79 70.30 -106.59
C UNK C 3456 -7.06 71.18 -105.37
N UNK C 3457 -7.59 70.57 -104.31
CA UNK C 3457 -7.83 71.28 -103.06
C UNK C 3457 -6.52 71.54 -102.35
N UNK C 3458 -5.59 70.60 -102.48
CA UNK C 3458 -4.27 70.73 -101.87
C UNK C 3458 -3.44 71.75 -102.65
N UNK C 3459 -3.71 71.87 -103.94
CA UNK C 3459 -3.04 72.84 -104.78
C UNK C 3459 -3.54 74.25 -104.45
N UNK C 3460 -4.81 74.32 -104.04
CA UNK C 3460 -5.40 75.59 -103.63
C UNK C 3460 -5.07 75.90 -102.18
N UNK C 3461 -4.69 74.87 -101.43
CA UNK C 3461 -4.30 75.03 -100.04
C UNK C 3461 -2.90 75.62 -99.95
N UNK C 3462 -2.12 75.41 -101.00
CA UNK C 3462 -0.77 76.00 -101.07
C UNK C 3462 -0.87 77.51 -101.25
N UNK C 3463 -1.91 77.94 -101.94
CA UNK C 3463 -2.17 79.36 -102.13
C UNK C 3463 -2.80 79.95 -100.86
N UNK C 3464 -3.54 79.12 -100.14
CA UNK C 3464 -4.17 79.54 -98.90
C UNK C 3464 -3.12 79.67 -97.80
N UNK C 3465 -2.10 78.82 -97.85
CA UNK C 3465 -1.01 78.85 -96.88
C UNK C 3465 -0.07 80.01 -97.20
N UNK C 3466 0.02 80.38 -98.48
CA UNK C 3466 0.84 81.50 -98.91
C UNK C 3466 0.20 82.81 -98.48
N UNK C 3467 -1.13 82.83 -98.47
CA UNK C 3467 -1.88 84.01 -98.05
C UNK C 3467 -2.59 83.74 -96.73
N UNK C 3468 -1.82 83.44 -95.69
CA UNK C 3468 -2.38 83.13 -94.39
C UNK C 3468 -1.95 84.17 -93.34
N UNK C 3469 -2.15 85.44 -93.68
CA UNK C 3469 -1.80 86.53 -92.76
C UNK C 3469 -2.89 87.60 -92.76
N UNK C 3470 -3.25 88.07 -93.94
CA UNK C 3470 -4.28 89.09 -94.09
C UNK C 3470 -5.61 88.47 -94.46
N UNK C 3471 -5.72 87.15 -94.29
CA UNK C 3471 -6.95 86.43 -94.62
C UNK C 3471 -7.25 85.37 -93.57
N UNK C 3472 -6.28 84.50 -93.31
CA UNK C 3472 -6.47 83.42 -92.34
C UNK C 3472 -6.09 83.88 -90.94
N UNK C 3473 -5.02 84.66 -90.84
CA UNK C 3473 -4.55 85.15 -89.55
C UNK C 3473 -5.05 86.56 -89.28
N UNK C 3474 -6.26 86.85 -89.75
CA UNK C 3474 -6.86 88.17 -89.54
C UNK C 3474 -8.02 88.07 -88.55
N UNK C 3475 -8.47 89.23 -88.06
CA UNK C 3475 -9.57 89.29 -87.11
C UNK C 3475 -10.89 88.95 -87.80
N UNK C 3476 -11.01 89.36 -89.06
CA UNK C 3476 -12.20 89.09 -89.85
C UNK C 3476 -11.93 87.99 -90.87
N UNK C 3477 -12.43 86.78 -90.58
CA UNK C 3477 -12.22 85.64 -91.46
C UNK C 3477 -13.46 85.34 -92.29
N UNK C 3478 -13.34 85.54 -93.60
CA UNK C 3478 -14.44 85.26 -94.52
C UNK C 3478 -14.45 83.78 -94.90
N UNK C 3479 -13.37 83.09 -94.59
CA UNK C 3479 -13.25 81.66 -94.85
C UNK C 3479 -13.54 80.85 -93.60
N UNK C 3480 -14.50 81.31 -92.81
CA UNK C 3480 -14.88 80.62 -91.58
C UNK C 3480 -15.65 79.34 -91.90
N UNK C 3481 -16.33 79.34 -93.04
CA UNK C 3481 -17.07 78.16 -93.49
C UNK C 3481 -16.11 77.10 -94.00
N UNK C 3482 -15.00 77.54 -94.58
CA UNK C 3482 -13.98 76.63 -95.08
C UNK C 3482 -13.15 76.07 -93.93
N UNK C 3483 -13.02 76.86 -92.87
CA UNK C 3483 -12.28 76.43 -91.68
C UNK C 3483 -13.11 75.42 -90.89
N UNK C 3484 -14.42 75.59 -90.91
CA UNK C 3484 -15.33 74.68 -90.23
C UNK C 3484 -15.45 73.38 -91.03
N UNK C 3485 -15.38 73.48 -92.35
CA UNK C 3485 -15.47 72.33 -93.22
C UNK C 3485 -14.16 71.55 -93.22
N UNK C 3486 -14.11 70.50 -92.41
CA UNK C 3486 -12.92 69.65 -92.32
C UNK C 3486 -13.29 68.19 -92.57
N UNK C 3487 -13.73 67.91 -93.80
CA UNK C 3487 -14.19 66.58 -94.17
C UNK C 3487 -13.04 65.57 -94.18
N UNK C 3488 -11.84 66.04 -94.45
CA UNK C 3488 -10.66 65.18 -94.49
C UNK C 3488 -10.11 64.95 -93.08
N UNK C 3489 -10.55 65.77 -92.13
CA UNK C 3489 -10.09 65.67 -90.75
C UNK C 3489 -11.04 64.84 -89.90
N UNK C 3490 -11.19 63.57 -90.27
CA UNK C 3490 -11.98 62.59 -89.53
C UNK C 3490 -13.44 63.00 -89.33
N UNK C 3491 -14.01 63.70 -90.29
CA UNK C 3491 -15.42 64.06 -90.26
C UNK C 3491 -16.16 63.28 -91.34
N UNK C 3492 -15.61 63.29 -92.54
CA UNK C 3492 -16.12 62.49 -93.65
C UNK C 3492 -15.05 61.51 -94.10
N UNK C 3493 -13.91 61.54 -93.41
CA UNK C 3493 -12.80 60.66 -93.71
C UNK C 3493 -12.63 59.61 -92.62
N UNK C 3494 -13.57 59.59 -91.68
CA UNK C 3494 -13.54 58.62 -90.59
C UNK C 3494 -14.56 57.51 -90.82
N UNK C 3495 -15.15 57.51 -92.02
CA UNK C 3495 -16.14 56.51 -92.37
C UNK C 3495 -15.48 55.16 -92.65
N UNK C 3496 -15.22 54.41 -91.57
CA UNK C 3496 -14.59 53.09 -91.62
C UNK C 3496 -13.23 53.13 -92.34
N UNK C 3497 -12.97 52.12 -93.15
CA UNK C 3497 -11.72 52.04 -93.90
C UNK C 3497 -11.93 52.43 -95.36
N UNK C 3498 -13.17 52.77 -95.70
CA UNK C 3498 -13.51 53.16 -97.07
C UNK C 3498 -13.09 54.59 -97.34
N UNK C 3499 -13.18 55.44 -96.33
CA UNK C 3499 -12.84 56.85 -96.47
C UNK C 3499 -11.45 57.14 -95.92
N UNK C 3500 -10.58 56.15 -95.97
CA UNK C 3500 -9.22 56.30 -95.46
C UNK C 3500 -8.24 55.37 -96.18
N UNK C 3501 -8.32 54.08 -95.87
CA UNK C 3501 -7.43 53.09 -96.45
C UNK C 3501 -7.74 52.83 -97.92
N UNK C 3502 -9.02 52.88 -98.27
CA UNK C 3502 -9.45 52.64 -99.64
C UNK C 3502 -9.09 53.81 -100.54
N UNK C 3503 -9.02 55.00 -99.95
CA UNK C 3503 -8.66 56.20 -100.68
C UNK C 3503 -7.14 56.32 -100.82
N UNK C 3504 -6.43 55.81 -99.82
CA UNK C 3504 -4.97 55.85 -99.83
C UNK C 3504 -4.40 54.79 -100.78
N UNK C 3505 -5.17 53.73 -101.00
CA UNK C 3505 -4.76 52.66 -101.90
C UNK C 3505 -4.83 53.10 -103.35
N UNK C 3506 -5.77 54.01 -103.63
CA UNK C 3506 -5.93 54.54 -104.98
C UNK C 3506 -5.02 55.75 -105.20
N UNK C 3507 -4.69 56.43 -104.11
CA UNK C 3507 -3.81 57.58 -104.16
C UNK C 3507 -2.36 57.15 -104.37
N UNK C 3508 -2.05 55.94 -103.92
CA UNK C 3508 -0.72 55.38 -104.07
C UNK C 3508 -0.63 54.53 -105.33
N UNK C 3509 -1.03 55.10 -106.46
CA UNK C 3509 -1.01 54.41 -107.73
C UNK C 3509 -0.42 55.31 -108.82
N UNK C 3510 0.90 55.48 -108.78
CA UNK C 3510 1.65 56.31 -109.73
C UNK C 3510 1.12 57.74 -109.81
N UNK C 3511 6.16 61.39 -97.28
CA UNK C 3511 5.00 61.83 -96.50
C UNK C 3511 3.98 60.71 -96.38
N UNK C 3512 4.26 59.75 -95.49
CA UNK C 3512 3.37 58.62 -95.29
C UNK C 3512 2.45 58.85 -94.10
N UNK C 3513 1.83 60.02 -94.08
CA UNK C 3513 0.90 60.37 -93.00
C UNK C 3513 -0.55 60.17 -93.46
N UNK C 3514 -0.79 59.06 -94.15
CA UNK C 3514 -2.10 58.70 -94.70
C UNK C 3514 -2.68 59.80 -95.59
N UNK C 3515 -3.75 60.42 -95.14
CA UNK C 3515 -4.39 61.50 -95.88
C UNK C 3515 -3.57 62.79 -95.76
N UNK C 3516 -2.96 63.21 -96.86
CA UNK C 3516 -2.15 64.42 -96.88
C UNK C 3516 -3.05 65.65 -96.86
N UNK C 3517 -3.60 65.96 -95.68
CA UNK C 3517 -4.48 67.11 -95.53
C UNK C 3517 -3.72 68.30 -94.97
N UNK C 3518 -4.28 69.50 -95.15
CA UNK C 3518 -3.67 70.72 -94.64
C UNK C 3518 -4.28 71.10 -93.30
N UNK C 3519 -4.83 70.10 -92.60
CA UNK C 3519 -5.49 70.33 -91.31
C UNK C 3519 -4.50 70.67 -90.21
N UNK C 3520 -3.23 70.39 -90.46
CA UNK C 3520 -2.17 70.75 -89.50
C UNK C 3520 -1.94 72.26 -89.50
N UNK C 3521 -2.31 72.90 -90.61
CA UNK C 3521 -2.18 74.34 -90.75
C UNK C 3521 -3.55 75.01 -90.75
N UNK C 3522 -4.60 74.21 -90.88
CA UNK C 3522 -5.96 74.73 -90.89
C UNK C 3522 -6.55 74.72 -89.49
N UNK C 3523 -5.89 74.03 -88.58
CA UNK C 3523 -6.35 73.94 -87.20
C UNK C 3523 -6.14 75.27 -86.47
N UNK C 3524 -5.11 76.00 -86.88
CA UNK C 3524 -4.80 77.28 -86.27
C UNK C 3524 -5.76 78.37 -86.73
N UNK C 3525 -6.49 78.09 -87.81
CA UNK C 3525 -7.46 79.03 -88.36
C UNK C 3525 -8.88 78.54 -88.14
N UNK C 3526 -9.01 77.31 -87.63
CA UNK C 3526 -10.32 76.72 -87.37
C UNK C 3526 -10.90 77.26 -86.07
N UNK C 3527 -10.26 76.93 -84.95
CA UNK C 3527 -10.68 77.43 -83.65
C UNK C 3527 -9.85 78.67 -83.27
N UNK C 3528 -10.19 79.26 -82.13
CA UNK C 3528 -9.60 80.53 -81.66
C UNK C 3528 -9.76 81.64 -82.70
N UNK C 3529 -10.83 81.57 -83.47
CA UNK C 3529 -11.16 82.61 -84.45
C UNK C 3529 -12.63 82.94 -84.29
N UNK C 3530 -13.36 81.98 -83.74
CA UNK C 3530 -14.75 82.18 -83.35
C UNK C 3530 -14.80 82.27 -81.82
N UNK C 3531 -13.65 82.00 -81.20
CA UNK C 3531 -13.51 82.09 -79.76
C UNK C 3531 -12.26 82.89 -79.41
N UNK C 3532 -12.06 83.14 -78.12
CA UNK C 3532 -10.91 83.91 -77.66
C UNK C 3532 -10.25 83.23 -76.47
N UNK C 3533 -10.14 81.90 -76.54
CA UNK C 3533 -9.53 81.07 -75.49
C UNK C 3533 -10.18 81.27 -74.13
N UNK C 3534 -9.45 80.88 -73.07
CA UNK C 3534 -9.90 81.00 -71.68
C UNK C 3534 -11.24 80.31 -71.43
N UNK C 3535 -11.47 79.20 -72.11
CA UNK C 3535 -12.73 78.47 -71.98
C UNK C 3535 -12.47 76.99 -71.71
N UNK C 3536 -11.19 76.62 -71.67
CA UNK C 3536 -10.74 75.24 -71.40
C UNK C 3536 -11.35 74.22 -72.36
N UNK C 3537 -12.64 73.91 -72.16
CA UNK C 3537 -13.39 72.95 -72.96
C UNK C 3537 -12.73 71.57 -72.98
N UNK C 3538 -12.20 71.17 -71.83
CA UNK C 3538 -11.57 69.86 -71.69
C UNK C 3538 -12.59 68.83 -71.25
N UNK C 3539 -13.75 69.30 -70.81
CA UNK C 3539 -14.83 68.42 -70.37
C UNK C 3539 -15.51 67.77 -71.58
N UNK C 3540 -15.85 68.58 -72.56
CA UNK C 3540 -16.51 68.09 -73.77
C UNK C 3540 -15.54 67.35 -74.67
N UNK C 3541 -14.26 67.71 -74.57
CA UNK C 3541 -13.23 67.07 -75.37
C UNK C 3541 -12.93 65.66 -74.87
N UNK C 3542 -13.10 65.45 -73.57
CA UNK C 3542 -12.86 64.16 -72.96
C UNK C 3542 -14.11 63.28 -73.01
N UNK C 3543 -15.27 63.91 -73.02
CA UNK C 3543 -16.54 63.19 -73.05
C UNK C 3543 -16.83 62.66 -74.45
N UNK C 3544 -16.33 63.35 -75.47
CA UNK C 3544 -16.54 62.95 -76.85
C UNK C 3544 -15.55 61.87 -77.27
N UNK C 3545 -14.57 61.59 -76.42
CA UNK C 3545 -13.57 60.59 -76.71
C UNK C 3545 -13.78 59.34 -75.84
N UNK C 3546 -14.35 59.53 -74.66
CA UNK C 3546 -14.60 58.42 -73.74
C UNK C 3546 -15.99 57.82 -73.97
N UNK C 3547 -17.02 58.62 -73.68
CA UNK C 3547 -18.40 58.15 -73.82
C UNK C 3547 -18.93 58.40 -75.23
N UNK C 3548 -18.86 59.65 -75.67
CA UNK C 3548 -19.35 60.09 -76.98
C UNK C 3548 -20.82 59.74 -77.19
N UNK C 3549 -21.71 60.58 -76.69
CA UNK C 3549 -23.14 60.35 -76.80
C UNK C 3549 -23.64 60.54 -78.23
N UNK C 3550 -23.54 61.77 -78.73
CA UNK C 3550 -23.99 62.08 -80.08
C UNK C 3550 -23.27 63.31 -80.63
N UNK C 3551 -23.77 63.83 -81.75
CA UNK C 3551 -23.19 65.02 -82.36
C UNK C 3551 -23.74 66.27 -81.69
N UNK C 3552 -24.97 66.19 -81.19
CA UNK C 3552 -25.59 67.30 -80.48
C UNK C 3552 -25.44 67.12 -78.98
N UNK C 3553 -24.46 66.31 -78.58
CA UNK C 3553 -24.19 66.06 -77.18
C UNK C 3553 -23.52 67.26 -76.53
N UNK C 3554 -22.82 68.05 -77.34
CA UNK C 3554 -22.14 69.24 -76.85
C UNK C 3554 -23.15 70.32 -76.49
N UNK C 3555 -24.20 70.42 -77.29
CA UNK C 3555 -25.26 71.40 -77.04
C UNK C 3555 -26.18 70.90 -75.93
N UNK C 3556 -26.25 69.59 -75.77
CA UNK C 3556 -27.08 68.98 -74.73
C UNK C 3556 -26.41 69.07 -73.37
N UNK C 3557 -25.09 68.96 -73.35
CA UNK C 3557 -24.33 69.06 -72.12
C UNK C 3557 -24.01 70.52 -71.80
N UNK C 3558 -24.34 71.41 -72.72
CA UNK C 3558 -24.13 72.84 -72.53
C UNK C 3558 -25.02 73.38 -71.42
N UNK C 3559 -26.19 72.77 -71.27
CA UNK C 3559 -27.09 73.11 -70.18
C UNK C 3559 -26.52 72.61 -68.86
N UNK C 3560 -25.79 71.50 -68.92
CA UNK C 3560 -25.13 70.95 -67.75
C UNK C 3560 -23.81 71.67 -67.52
N UNK C 3561 -23.27 72.28 -68.57
CA UNK C 3561 -22.04 73.04 -68.48
C UNK C 3561 -22.34 74.46 -67.99
N UNK C 3562 -21.86 75.45 -68.74
CA UNK C 3562 -22.04 76.87 -68.44
C UNK C 3562 -21.56 77.23 -67.03
N UNK C 3563 -22.35 76.87 -66.03
CA UNK C 3563 -21.98 77.09 -64.64
C UNK C 3563 -20.88 76.12 -64.22
N UNK C 3564 -20.77 75.01 -64.93
CA UNK C 3564 -19.74 74.01 -64.65
C UNK C 3564 -18.41 74.45 -65.25
N UNK C 3565 -18.46 75.39 -66.18
CA UNK C 3565 -17.26 75.92 -66.80
C UNK C 3565 -17.12 77.41 -66.53
N UNK C 3566 -16.55 77.75 -65.38
CA UNK C 3566 -16.38 79.13 -64.98
C UNK C 3566 -14.95 79.62 -65.22
N UNK C 3567 -14.75 80.92 -65.10
CA UNK C 3567 -13.43 81.52 -65.30
C UNK C 3567 -12.71 81.71 -63.96
N UNK C 3568 -11.52 81.13 -63.85
CA UNK C 3568 -10.73 81.24 -62.62
C UNK C 3568 -9.54 82.15 -62.81
N UNK C 3569 -8.90 82.53 -61.72
CA UNK C 3569 -7.73 83.40 -61.76
C UNK C 3569 -6.46 82.62 -61.49
N UNK C 3570 -5.69 82.34 -62.54
CA UNK C 3570 -4.45 81.59 -62.41
C UNK C 3570 -3.47 81.97 -63.50
N UNK C 3571 -3.96 82.02 -64.74
CA UNK C 3571 -3.12 82.34 -65.88
C UNK C 3571 -3.59 83.62 -66.58
N UNK C 3572 -2.91 84.72 -66.32
CA UNK C 3572 -3.20 85.99 -66.99
C UNK C 3572 -2.38 86.10 -68.26
N UNK C 3573 -1.61 85.06 -68.55
CA UNK C 3573 -0.76 85.01 -69.72
C UNK C 3573 -1.56 84.72 -70.98
N UNK C 3574 -2.75 84.16 -70.80
CA UNK C 3574 -3.60 83.79 -71.93
C UNK C 3574 -5.04 84.24 -71.74
N UNK C 3575 -5.52 84.20 -70.49
CA UNK C 3575 -6.90 84.56 -70.20
C UNK C 3575 -7.05 86.07 -70.00
N UNK C 3576 -5.93 86.79 -70.04
CA UNK C 3576 -5.94 88.24 -69.92
C UNK C 3576 -5.21 88.87 -71.09
N UNK C 3577 -4.59 88.03 -71.91
CA UNK C 3577 -3.87 88.49 -73.09
C UNK C 3577 -4.71 88.36 -74.35
N UNK C 3578 -5.23 87.15 -74.57
CA UNK C 3578 -6.08 86.88 -75.72
C UNK C 3578 -7.46 87.50 -75.52
N UNK C 3579 -7.85 87.68 -74.26
CA UNK C 3579 -9.12 88.31 -73.93
C UNK C 3579 -9.04 89.81 -74.20
N UNK C 3580 -7.87 90.38 -73.98
CA UNK C 3580 -7.65 91.79 -74.24
C UNK C 3580 -7.54 92.04 -75.74
N UNK C 3581 -6.95 91.07 -76.45
CA UNK C 3581 -6.81 91.15 -77.89
C UNK C 3581 -8.08 90.65 -78.58
N UNK C 3582 -9.15 91.41 -78.46
CA UNK C 3582 -10.44 91.03 -79.04
C UNK C 3582 -10.55 91.52 -80.48
N UNK C 3583 -11.58 91.05 -81.18
CA UNK C 3583 -11.80 91.43 -82.57
C UNK C 3583 -12.63 92.70 -82.65
N UNK C 3584 -13.60 92.84 -81.75
CA UNK C 3584 -14.47 94.01 -81.72
C UNK C 3584 -14.73 94.45 -80.28
N UNK C 3585 -15.42 95.58 -80.15
CA UNK C 3585 -15.74 96.12 -78.83
C UNK C 3585 -16.90 95.37 -78.20
N UNK C 3586 -17.76 94.79 -79.04
CA UNK C 3586 -18.91 94.04 -78.56
C UNK C 3586 -18.54 92.58 -78.31
N UNK C 3587 -19.35 91.90 -77.51
CA UNK C 3587 -19.11 90.49 -77.19
C UNK C 3587 -20.42 89.71 -77.17
N UNK C 3588 -20.41 88.54 -77.80
CA UNK C 3588 -21.60 87.70 -77.86
C UNK C 3588 -21.46 86.49 -76.95
N UNK C 3589 -22.55 86.14 -76.27
CA UNK C 3589 -22.54 84.99 -75.37
C UNK C 3589 -23.67 84.02 -75.72
N UNK C 3590 -24.08 84.05 -76.98
CA UNK C 3590 -25.15 83.17 -77.45
C UNK C 3590 -24.61 82.17 -78.48
N UNK C 3591 -23.44 82.48 -79.05
CA UNK C 3591 -22.82 81.62 -80.03
C UNK C 3591 -21.69 80.81 -79.41
N UNK C 3592 -21.63 80.82 -78.08
CA UNK C 3592 -20.60 80.09 -77.36
C UNK C 3592 -20.89 78.59 -77.36
N UNK C 3593 -22.17 78.24 -77.48
CA UNK C 3593 -22.58 76.85 -77.52
C UNK C 3593 -22.34 76.25 -78.89
N UNK C 3594 -22.24 77.12 -79.90
CA UNK C 3594 -21.99 76.67 -81.27
C UNK C 3594 -20.56 77.02 -81.70
N UNK C 3595 -19.63 76.92 -80.75
CA UNK C 3595 -18.23 77.21 -81.03
C UNK C 3595 -17.32 76.18 -80.35
N UNK C 3596 -17.80 75.62 -79.25
CA UNK C 3596 -17.04 74.61 -78.51
C UNK C 3596 -17.16 73.26 -79.20
N UNK C 3597 -18.17 73.11 -80.04
CA UNK C 3597 -18.38 71.88 -80.80
C UNK C 3597 -17.51 71.87 -82.06
N UNK C 3598 -16.90 73.01 -82.35
CA UNK C 3598 -16.01 73.14 -83.49
C UNK C 3598 -14.61 72.64 -83.13
N UNK C 3599 -14.41 72.30 -81.86
CA UNK C 3599 -13.14 71.75 -81.40
C UNK C 3599 -13.20 70.23 -81.38
N UNK C 3600 -14.04 69.67 -82.25
CA UNK C 3600 -14.18 68.22 -82.35
C UNK C 3600 -13.01 67.63 -83.12
N UNK C 3601 -12.29 68.48 -83.85
CA UNK C 3601 -11.10 68.05 -84.57
C UNK C 3601 -9.97 67.73 -83.60
N UNK C 3602 -10.04 68.33 -82.42
CA UNK C 3602 -9.07 68.06 -81.37
C UNK C 3602 -9.37 66.70 -80.72
N UNK C 3603 -10.62 66.27 -80.81
CA UNK C 3603 -11.04 65.00 -80.24
C UNK C 3603 -11.04 63.89 -81.29
N UNK C 3604 -10.78 64.26 -82.54
CA UNK C 3604 -10.81 63.30 -83.64
C UNK C 3604 -9.41 62.99 -84.17
N UNK C 3605 -8.70 64.03 -84.61
CA UNK C 3605 -7.39 63.85 -85.22
C UNK C 3605 -6.25 64.17 -84.26
N UNK C 3606 -6.53 64.97 -83.24
CA UNK C 3606 -5.50 65.36 -82.27
C UNK C 3606 -5.53 64.46 -81.05
N UNK C 3607 -6.71 63.88 -80.76
CA UNK C 3607 -6.83 62.93 -79.67
C UNK C 3607 -6.28 61.58 -80.11
N UNK C 3608 -6.34 61.32 -81.41
CA UNK C 3608 -5.79 60.11 -81.98
C UNK C 3608 -4.47 60.43 -82.68
N UNK C 3609 -3.71 61.35 -82.10
CA UNK C 3609 -2.42 61.76 -82.65
C UNK C 3609 -1.38 60.65 -82.47
N UNK C 3610 -1.59 59.82 -81.46
CA UNK C 3610 -0.71 58.68 -81.20
C UNK C 3610 -1.06 57.53 -82.13
N UNK C 3611 -2.24 57.58 -82.72
CA UNK C 3611 -2.70 56.55 -83.65
C UNK C 3611 -2.40 56.95 -85.09
N UNK C 3612 -2.50 58.25 -85.37
CA UNK C 3612 -2.25 58.75 -86.71
C UNK C 3612 -0.76 59.03 -86.92
N UNK C 3613 -0.02 59.10 -85.82
CA UNK C 3613 1.41 59.37 -85.89
C UNK C 3613 2.15 58.63 -84.77
N THR C 3639 4.49 15.55 -101.25
CA THR C 3639 4.99 14.66 -102.29
C THR C 3639 3.85 13.88 -102.93
N PRO C 3640 3.72 13.97 -104.25
CA PRO C 3640 2.68 13.20 -104.95
C PRO C 3640 2.92 11.71 -104.85
N LEU C 3641 1.82 10.95 -104.88
CA LEU C 3641 1.88 9.51 -104.73
C LEU C 3641 1.88 8.75 -106.05
N TYR C 3642 1.39 9.36 -107.13
CA TYR C 3642 1.36 8.66 -108.42
C TYR C 3642 2.76 8.43 -108.99
N ASN C 3643 3.68 9.36 -108.75
CA ASN C 3643 5.06 9.21 -109.21
C ASN C 3643 5.93 8.56 -108.13
N LEU C 3644 5.53 7.35 -107.76
CA LEU C 3644 6.19 6.56 -106.73
C LEU C 3644 6.45 5.16 -107.25
N PRO C 3645 7.53 4.52 -106.82
CA PRO C 3645 7.77 3.12 -107.21
C PRO C 3645 6.65 2.20 -106.75
N THR C 3646 6.26 1.28 -107.63
CA THR C 3646 5.14 0.38 -107.35
C THR C 3646 5.45 -0.55 -106.19
N HIS C 3647 6.66 -1.13 -106.17
CA HIS C 3647 7.03 -2.04 -105.09
C HIS C 3647 7.12 -1.31 -103.76
N ARG C 3648 7.64 -0.08 -103.76
CA ARG C 3648 7.70 0.70 -102.52
C ARG C 3648 6.31 1.06 -102.02
N ALA C 3649 5.40 1.44 -102.93
CA ALA C 3649 4.04 1.76 -102.54
C ALA C 3649 3.32 0.54 -101.97
N CYS C 3650 3.50 -0.63 -102.60
CA CYS C 3650 2.93 -1.85 -102.09
C CYS C 3650 3.52 -2.21 -100.73
N ASN C 3651 4.81 -1.88 -100.52
CA ASN C 3651 5.43 -2.11 -99.22
C ASN C 3651 4.79 -1.24 -98.14
N MET C 3652 4.58 0.05 -98.42
CA MET C 3652 4.02 0.90 -97.37
C MET C 3652 2.53 0.68 -97.18
N PHE C 3653 1.83 0.12 -98.16
CA PHE C 3653 0.40 -0.09 -98.01
C PHE C 3653 0.09 -1.17 -96.97
N LEU C 3654 0.99 -2.15 -96.81
CA LEU C 3654 0.71 -3.32 -95.99
C LEU C 3654 0.71 -3.04 -94.48
N GLU C 3655 1.24 -1.89 -94.05
CA GLU C 3655 1.26 -1.61 -92.61
C GLU C 3655 -0.14 -1.35 -92.05
N SER C 3656 -1.02 -0.75 -92.83
CA SER C 3656 -2.38 -0.45 -92.38
C SER C 3656 -3.26 -1.66 -92.67
N TYR C 3657 -3.36 -2.58 -91.70
CA TYR C 3657 -4.22 -3.75 -91.86
C TYR C 3657 -5.67 -3.28 -91.78
N LYS C 3658 -6.06 -2.63 -90.68
CA LYS C 3658 -7.25 -1.80 -90.70
C LYS C 3658 -6.92 -0.34 -90.43
N ALA C 3659 -6.41 -0.01 -89.23
CA ALA C 3659 -5.69 1.24 -89.04
C ALA C 3659 -4.29 1.02 -88.46
N ALA C 3660 -4.20 0.47 -87.26
CA ALA C 3660 -2.93 0.09 -86.64
C ALA C 3660 -2.98 -1.21 -85.88
N TRP C 3661 -4.14 -1.65 -85.41
CA TRP C 3661 -4.32 -2.87 -84.63
C TRP C 3661 -5.32 -3.75 -85.37
N ILE C 3662 -5.72 -4.87 -84.73
CA ILE C 3662 -6.69 -5.75 -85.36
C ILE C 3662 -8.07 -5.11 -85.44
N LEU C 3663 -8.52 -4.48 -84.34
CA LEU C 3663 -9.77 -3.70 -84.25
C LEU C 3663 -11.01 -4.53 -84.61
N THR C 3664 -10.84 -5.83 -84.80
CA THR C 3664 -11.91 -6.74 -85.19
C THR C 3664 -12.05 -7.79 -84.09
N GLU C 3665 -13.27 -8.07 -83.66
CA GLU C 3665 -13.48 -8.92 -82.49
C GLU C 3665 -13.37 -10.38 -82.93
N ASP C 3666 -12.32 -11.04 -82.46
CA ASP C 3666 -12.21 -12.51 -82.48
C ASP C 3666 -12.59 -13.07 -81.11
N HIS C 3667 -13.44 -12.35 -80.39
CA HIS C 3667 -13.74 -12.65 -79.00
C HIS C 3667 -14.62 -13.90 -78.90
N SER C 3668 -14.68 -14.44 -77.68
CA SER C 3668 -15.27 -15.71 -77.26
C SER C 3668 -14.36 -16.87 -77.63
N PHE C 3669 -13.21 -16.60 -78.27
CA PHE C 3669 -12.18 -17.61 -78.44
C PHE C 3669 -11.77 -18.16 -77.06
N GLU C 3670 -11.56 -17.26 -76.10
CA GLU C 3670 -11.13 -17.59 -74.75
C GLU C 3670 -12.13 -18.51 -74.06
N ASP C 3671 -13.36 -18.03 -73.90
CA ASP C 3671 -14.39 -18.80 -73.21
C ASP C 3671 -14.71 -20.08 -73.96
N ARG C 3672 -14.73 -20.04 -75.29
CA ARG C 3672 -15.05 -21.25 -76.05
C ARG C 3672 -13.98 -22.32 -75.87
N MET C 3673 -12.70 -21.92 -75.87
CA MET C 3673 -11.63 -22.89 -75.60
C MET C 3673 -11.74 -23.46 -74.18
N ILE C 3674 -12.00 -22.61 -73.19
CA ILE C 3674 -12.10 -23.12 -71.82
C ILE C 3674 -13.28 -24.06 -71.67
N ASP C 3675 -14.44 -23.68 -72.24
CA ASP C 3675 -15.64 -24.49 -72.11
C ASP C 3675 -15.60 -25.75 -72.97
N ASP C 3676 -14.71 -25.80 -73.97
CA ASP C 3676 -14.55 -27.03 -74.74
C ASP C 3676 -13.55 -27.97 -74.07
N LEU C 3677 -12.46 -27.41 -73.53
CA LEU C 3677 -11.45 -28.25 -72.88
C LEU C 3677 -11.96 -28.81 -71.55
N SER C 3678 -12.52 -27.94 -70.68
CA SER C 3678 -12.96 -28.38 -69.36
C SER C 3678 -14.17 -29.29 -69.44
N LYS C 3679 -14.90 -29.22 -70.56
CA LYS C 3679 -16.13 -29.97 -70.82
C LYS C 3679 -16.05 -31.45 -70.47
N ALA C 3680 -14.85 -32.04 -70.55
CA ALA C 3680 -14.72 -33.49 -70.47
C ALA C 3680 -13.54 -33.89 -69.59
N GLY C 3681 -13.84 -34.44 -68.41
CA GLY C 3681 -13.01 -35.50 -67.89
C GLY C 3681 -13.21 -36.75 -68.72
N GLU C 3682 -14.47 -37.05 -69.04
CA GLU C 3682 -14.85 -37.81 -70.23
C GLU C 3682 -16.28 -37.38 -70.57
N GLN C 3683 -16.43 -36.73 -71.73
CA GLN C 3683 -17.76 -36.28 -72.15
C GLN C 3683 -18.62 -37.48 -72.52
N GLU C 3684 -18.13 -38.29 -73.45
CA GLU C 3684 -18.72 -39.57 -73.75
C GLU C 3684 -17.60 -40.49 -74.23
N GLU C 3685 -17.75 -41.77 -73.85
CA GLU C 3685 -16.81 -42.91 -73.83
C GLU C 3685 -16.88 -43.45 -72.41
N GLU C 3686 -16.13 -42.80 -71.51
CA GLU C 3686 -16.24 -42.96 -70.06
C GLU C 3686 -16.16 -44.42 -69.62
N GLU C 3687 -15.09 -45.10 -70.05
CA GLU C 3687 -14.78 -46.40 -69.48
C GLU C 3687 -14.57 -46.24 -67.97
N GLU C 3688 -15.28 -47.07 -67.19
CA GLU C 3688 -15.44 -46.91 -65.75
C GLU C 3688 -14.13 -46.59 -65.03
N GLU C 3689 -14.11 -45.46 -64.32
CA GLU C 3689 -12.91 -44.97 -63.67
C GLU C 3689 -13.25 -44.45 -62.28
N VAL C 3690 -12.22 -44.41 -61.42
CA VAL C 3690 -12.38 -43.88 -60.07
C VAL C 3690 -12.51 -42.36 -60.06
N GLU C 3691 -12.24 -41.71 -61.21
CA GLU C 3691 -12.17 -40.27 -61.43
C GLU C 3691 -10.94 -39.65 -60.77
N GLU C 3692 -10.05 -40.45 -60.20
CA GLU C 3692 -8.75 -40.01 -59.72
C GLU C 3692 -7.69 -40.63 -60.62
N LYS C 3693 -6.62 -39.87 -60.87
CA LYS C 3693 -5.59 -40.18 -61.86
C LYS C 3693 -6.15 -40.24 -63.28
N LYS C 3694 -7.22 -39.49 -63.54
CA LYS C 3694 -7.80 -39.33 -64.87
C LYS C 3694 -7.93 -37.85 -65.15
N PRO C 3695 -6.82 -37.16 -65.39
CA PRO C 3695 -6.83 -35.69 -65.41
C PRO C 3695 -7.57 -35.12 -66.62
N ASP C 3696 -8.15 -33.94 -66.43
CA ASP C 3696 -8.74 -33.21 -67.54
C ASP C 3696 -7.64 -32.69 -68.46
N PRO C 3697 -7.95 -32.50 -69.77
CA PRO C 3697 -6.95 -31.96 -70.71
C PRO C 3697 -6.37 -30.62 -70.27
N LEU C 3698 -7.22 -29.75 -69.73
CA LEU C 3698 -6.75 -28.48 -69.19
C LEU C 3698 -5.85 -28.70 -67.98
N HIS C 3699 -6.20 -29.68 -67.14
CA HIS C 3699 -5.37 -30.01 -65.99
C HIS C 3699 -4.00 -30.51 -66.40
N GLN C 3700 -3.89 -31.23 -67.53
CA GLN C 3700 -2.57 -31.64 -68.00
C GLN C 3700 -1.73 -30.45 -68.46
N LEU C 3701 -2.37 -29.44 -69.07
CA LEU C 3701 -1.65 -28.21 -69.41
C LEU C 3701 -1.17 -27.49 -68.16
N VAL C 3702 -2.02 -27.39 -67.14
CA VAL C 3702 -1.63 -26.75 -65.89
C VAL C 3702 -0.53 -27.52 -65.17
N LEU C 3703 -0.52 -28.84 -65.30
CA LEU C 3703 0.58 -29.62 -64.72
C LEU C 3703 1.86 -29.50 -65.54
N HIS C 3704 1.74 -29.43 -66.87
CA HIS C 3704 2.92 -29.28 -67.71
C HIS C 3704 3.63 -27.96 -67.43
N PHE C 3705 2.87 -26.86 -67.35
CA PHE C 3705 3.49 -25.57 -67.02
C PHE C 3705 4.03 -25.56 -65.60
N SER C 3706 3.33 -26.21 -64.67
CA SER C 3706 3.83 -26.33 -63.30
C SER C 3706 5.15 -27.07 -63.26
N ARG C 3707 5.24 -28.19 -63.98
CA ARG C 3707 6.49 -28.93 -64.15
C ARG C 3707 7.59 -28.05 -64.73
N THR C 3708 7.27 -27.29 -65.77
CA THR C 3708 8.27 -26.44 -66.42
C THR C 3708 8.81 -25.39 -65.46
N ALA C 3709 7.93 -24.82 -64.63
CA ALA C 3709 8.39 -23.93 -63.57
C ALA C 3709 9.25 -24.68 -62.56
N LEU C 3710 8.84 -25.89 -62.20
CA LEU C 3710 9.49 -26.62 -61.12
C LEU C 3710 10.91 -27.07 -61.48
N THR C 3711 11.15 -27.34 -62.77
CA THR C 3711 12.49 -27.75 -63.19
C THR C 3711 13.52 -26.66 -62.91
N GLU C 3712 14.67 -27.06 -62.39
CA GLU C 3712 15.70 -26.14 -61.93
C GLU C 3712 16.50 -25.61 -63.12
N LYS C 3713 16.04 -24.46 -63.63
CA LYS C 3713 16.81 -23.63 -64.53
C LYS C 3713 16.92 -22.24 -63.93
N SER C 3714 18.10 -21.62 -64.10
CA SER C 3714 18.41 -20.37 -63.42
C SER C 3714 17.48 -19.25 -63.85
N LYS C 3715 17.46 -18.94 -65.15
CA LYS C 3715 16.64 -17.87 -65.70
C LYS C 3715 15.60 -18.43 -66.65
N LEU C 3716 14.36 -17.98 -66.51
CA LEU C 3716 13.27 -18.47 -67.34
C LEU C 3716 13.41 -17.99 -68.78
N ASP C 3717 12.95 -18.83 -69.71
CA ASP C 3717 12.90 -18.48 -71.13
C ASP C 3717 11.70 -17.57 -71.41
N GLU C 3718 11.43 -17.34 -72.70
CA GLU C 3718 10.29 -16.49 -73.07
C GLU C 3718 8.96 -17.21 -72.85
N ASP C 3719 8.84 -18.44 -73.38
CA ASP C 3719 7.65 -19.28 -73.22
C ASP C 3719 6.39 -18.59 -73.75
N TYR C 3720 6.42 -18.22 -75.03
CA TYR C 3720 5.29 -17.53 -75.66
C TYR C 3720 4.02 -18.36 -75.59
N LEU C 3721 4.14 -19.69 -75.61
CA LEU C 3721 2.97 -20.55 -75.40
C LEU C 3721 2.37 -20.31 -74.02
N TYR C 3722 3.21 -20.21 -73.00
CA TYR C 3722 2.71 -19.91 -71.65
C TYR C 3722 2.06 -18.55 -71.62
N MET C 3723 2.65 -17.55 -72.26
CA MET C 3723 2.08 -16.20 -72.22
C MET C 3723 0.71 -16.16 -72.88
N ALA C 3724 0.58 -16.79 -74.05
CA ALA C 3724 -0.69 -16.80 -74.76
C ALA C 3724 -1.75 -17.56 -73.97
N TYR C 3725 -1.41 -18.76 -73.50
CA TYR C 3725 -2.40 -19.55 -72.76
C TYR C 3725 -2.77 -18.88 -71.44
N ALA C 3726 -1.82 -18.21 -70.79
CA ALA C 3726 -2.11 -17.49 -69.55
C ALA C 3726 -3.06 -16.33 -69.81
N ASP C 3727 -2.86 -15.59 -70.90
CA ASP C 3727 -3.78 -14.52 -71.24
C ASP C 3727 -5.18 -15.06 -71.53
N ILE C 3728 -5.26 -16.17 -72.27
CA ILE C 3728 -6.56 -16.79 -72.56
C ILE C 3728 -7.23 -17.28 -71.28
N MET C 3729 -6.46 -17.88 -70.38
CA MET C 3729 -7.01 -18.34 -69.11
C MET C 3729 -7.51 -17.15 -68.27
N ALA C 3730 -6.76 -16.06 -68.25
CA ALA C 3730 -7.14 -14.90 -67.47
C ALA C 3730 -8.42 -14.25 -68.00
N LYS C 3731 -8.56 -14.15 -69.33
CA LYS C 3731 -9.68 -13.42 -69.90
C LYS C 3731 -11.02 -14.15 -69.69
N SER C 3732 -10.99 -15.45 -69.39
CA SER C 3732 -12.25 -16.17 -69.17
C SER C 3732 -12.97 -15.69 -67.92
N CYS C 3733 -12.23 -15.45 -66.84
CA CYS C 3733 -12.80 -14.87 -65.62
C CYS C 3733 -12.77 -13.35 -65.64
N HIS C 3734 -11.90 -12.75 -66.45
CA HIS C 3734 -11.97 -11.30 -66.65
C HIS C 3734 -13.30 -10.88 -67.27
N LEU C 3735 -13.93 -11.78 -68.05
CA LEU C 3735 -15.27 -11.52 -68.55
C LEU C 3735 -16.28 -11.33 -67.43
N GLU C 3736 -16.06 -11.99 -66.28
CA GLU C 3736 -16.96 -11.81 -65.14
C GLU C 3736 -16.86 -10.39 -64.57
N GLU C 3737 -15.65 -9.85 -64.47
CA GLU C 3737 -15.47 -8.50 -63.95
C GLU C 3737 -16.09 -7.46 -64.87
N GLY C 3738 -15.76 -7.53 -66.16
CA GLY C 3738 -16.33 -6.60 -67.13
C GLY C 3738 -16.86 -7.34 -68.34
N GLY C 3739 -17.99 -6.83 -68.84
CA GLY C 3739 -18.70 -7.50 -69.91
C GLY C 3739 -19.66 -8.57 -69.47
N GLU C 3740 -19.92 -8.69 -68.17
CA GLU C 3740 -20.90 -9.66 -67.67
C GLU C 3740 -22.18 -8.95 -67.24
N GLU C 3747 -25.59 4.54 -66.96
CA GLU C 3747 -24.73 5.29 -66.07
C GLU C 3747 -25.13 5.08 -64.62
N GLU C 3748 -26.42 5.22 -64.34
CA GLU C 3748 -26.94 4.91 -63.02
C GLU C 3748 -26.83 3.43 -62.73
N VAL C 3749 -26.72 3.08 -61.44
CA VAL C 3749 -26.55 1.70 -61.00
C VAL C 3749 -27.68 0.83 -61.54
N GLU C 3750 -28.91 1.09 -61.09
CA GLU C 3750 -30.14 0.43 -61.55
C GLU C 3750 -30.03 -1.11 -61.53
N VAL C 3751 -29.36 -1.64 -60.51
CA VAL C 3751 -29.17 -3.09 -60.37
C VAL C 3751 -30.01 -3.57 -59.19
N SER C 3752 -30.81 -4.61 -59.42
CA SER C 3752 -31.54 -5.27 -58.35
C SER C 3752 -30.58 -6.05 -57.45
N PHE C 3753 -31.04 -6.34 -56.23
CA PHE C 3753 -30.20 -7.11 -55.31
C PHE C 3753 -30.01 -8.54 -55.83
N GLU C 3754 -31.07 -9.13 -56.37
CA GLU C 3754 -30.96 -10.43 -57.03
C GLU C 3754 -30.02 -10.36 -58.22
N GLU C 3755 -30.06 -9.26 -58.97
CA GLU C 3755 -29.16 -9.07 -60.10
C GLU C 3755 -27.69 -9.04 -59.66
N LYS C 3756 -27.38 -8.26 -58.61
CA LYS C 3756 -26.01 -8.25 -58.10
C LYS C 3756 -25.61 -9.60 -57.53
N GLU C 3757 -26.53 -10.28 -56.83
CA GLU C 3757 -26.20 -11.57 -56.24
C GLU C 3757 -25.93 -12.63 -57.31
N MET C 3758 -26.75 -12.66 -58.37
CA MET C 3758 -26.53 -13.63 -59.43
C MET C 3758 -25.31 -13.26 -60.27
N GLU C 3759 -24.95 -11.98 -60.29
CA GLU C 3759 -23.66 -11.58 -60.85
C GLU C 3759 -22.49 -12.13 -60.02
N LYS C 3760 -22.54 -11.92 -58.70
CA LYS C 3760 -21.41 -12.28 -57.85
C LYS C 3760 -21.26 -13.80 -57.72
N GLN C 3761 -22.37 -14.50 -57.47
CA GLN C 3761 -22.41 -15.95 -57.38
C GLN C 3761 -23.26 -16.49 -58.51
N ARG C 3762 -22.86 -17.65 -59.05
CA ARG C 3762 -23.33 -18.33 -60.27
C ARG C 3762 -22.70 -17.72 -61.52
N LEU C 3763 -21.85 -16.70 -61.36
CA LEU C 3763 -21.05 -16.18 -62.46
C LEU C 3763 -19.58 -16.03 -62.10
N LEU C 3764 -19.19 -16.19 -60.84
CA LEU C 3764 -17.78 -16.22 -60.45
C LEU C 3764 -17.33 -17.63 -60.12
N TYR C 3765 -18.09 -18.64 -60.56
CA TYR C 3765 -17.62 -20.02 -60.51
C TYR C 3765 -16.71 -20.35 -61.66
N GLN C 3766 -16.56 -19.43 -62.62
CA GLN C 3766 -15.63 -19.63 -63.73
C GLN C 3766 -14.20 -19.73 -63.22
N GLN C 3767 -13.94 -19.21 -62.03
CA GLN C 3767 -12.64 -19.37 -61.39
C GLN C 3767 -12.35 -20.83 -61.07
N SER C 3768 -13.37 -21.56 -60.60
CA SER C 3768 -13.24 -23.00 -60.38
C SER C 3768 -12.86 -23.73 -61.66
N ARG C 3769 -13.50 -23.36 -62.77
CA ARG C 3769 -13.11 -23.91 -64.07
C ARG C 3769 -11.69 -23.49 -64.45
N LEU C 3770 -11.32 -22.25 -64.12
CA LEU C 3770 -9.99 -21.74 -64.44
C LEU C 3770 -8.91 -22.56 -63.76
N HIS C 3771 -9.20 -23.02 -62.53
CA HIS C 3771 -8.60 -24.10 -61.73
C HIS C 3771 -8.25 -23.60 -60.33
N THR C 3772 -9.27 -23.34 -59.51
CA THR C 3772 -9.03 -23.20 -58.08
C THR C 3772 -8.39 -24.48 -57.54
N ARG C 3773 -8.72 -25.62 -58.15
CA ARG C 3773 -7.98 -26.88 -58.03
C ARG C 3773 -6.46 -26.70 -58.13
N GLY C 3774 -5.98 -26.22 -59.28
CA GLY C 3774 -4.56 -26.21 -59.57
C GLY C 3774 -3.84 -24.88 -59.79
N ALA C 3775 -4.54 -23.87 -60.32
CA ALA C 3775 -3.86 -22.72 -60.92
C ALA C 3775 -3.11 -21.88 -59.90
N ALA C 3776 -3.56 -21.87 -58.64
CA ALA C 3776 -2.93 -21.03 -57.62
C ALA C 3776 -1.49 -21.44 -57.37
N GLU C 3777 -1.22 -22.74 -57.26
CA GLU C 3777 0.14 -23.19 -57.03
C GLU C 3777 1.02 -23.02 -58.26
N MET C 3778 0.45 -23.10 -59.46
CA MET C 3778 1.18 -22.79 -60.67
C MET C 3778 1.62 -21.32 -60.69
N VAL C 3779 0.71 -20.42 -60.32
CA VAL C 3779 1.05 -19.00 -60.23
C VAL C 3779 2.14 -18.77 -59.21
N LEU C 3780 2.01 -19.38 -58.03
CA LEU C 3780 3.02 -19.21 -56.98
C LEU C 3780 4.37 -19.78 -57.41
N GLN C 3781 4.37 -20.93 -58.08
CA GLN C 3781 5.62 -21.53 -58.53
C GLN C 3781 6.31 -20.66 -59.58
N MET C 3782 5.55 -20.06 -60.49
CA MET C 3782 6.21 -19.21 -61.48
C MET C 3782 6.72 -17.91 -60.86
N ILE C 3783 5.97 -17.32 -59.92
CA ILE C 3783 6.45 -16.11 -59.26
C ILE C 3783 7.70 -16.39 -58.42
N SER C 3784 7.77 -17.59 -57.80
CA SER C 3784 9.00 -17.95 -57.10
C SER C 3784 10.13 -18.29 -58.05
N ALA C 3785 9.79 -18.89 -59.20
CA ALA C 3785 10.78 -19.26 -60.20
C ALA C 3785 11.49 -18.03 -60.76
N CYS C 3786 10.75 -16.97 -61.04
CA CYS C 3786 11.45 -15.74 -61.42
C CYS C 3786 12.12 -15.18 -60.17
N LYS C 3787 13.43 -15.47 -60.04
CA LYS C 3787 14.20 -15.11 -58.84
C LYS C 3787 14.16 -13.60 -58.58
N GLY C 3788 14.35 -12.82 -59.64
CA GLY C 3788 14.31 -11.37 -59.58
C GLY C 3788 13.99 -10.85 -60.96
N GLU C 3789 13.93 -9.52 -61.06
CA GLU C 3789 13.99 -8.66 -62.25
C GLU C 3789 12.68 -8.74 -63.04
N THR C 3790 12.21 -7.59 -63.53
CA THR C 3790 10.93 -7.55 -64.23
C THR C 3790 11.01 -8.24 -65.58
N GLY C 3791 9.93 -8.95 -65.93
CA GLY C 3791 9.75 -9.48 -67.25
C GLY C 3791 8.26 -9.51 -67.56
N ALA C 3792 7.93 -9.84 -68.81
CA ALA C 3792 6.53 -9.95 -69.19
C ALA C 3792 5.90 -11.20 -68.57
N MET C 3793 6.72 -12.22 -68.28
CA MET C 3793 6.21 -13.44 -67.65
C MET C 3793 5.59 -13.16 -66.29
N VAL C 3794 6.31 -12.42 -65.44
CA VAL C 3794 5.78 -12.13 -64.11
C VAL C 3794 4.54 -11.24 -64.20
N SER C 3795 4.50 -10.35 -65.19
CA SER C 3795 3.32 -9.50 -65.39
C SER C 3795 2.11 -10.33 -65.78
N SER C 3796 2.30 -11.28 -66.72
CA SER C 3796 1.20 -12.15 -67.13
C SER C 3796 0.74 -13.03 -65.98
N THR C 3797 1.69 -13.55 -65.20
CA THR C 3797 1.35 -14.40 -64.06
C THR C 3797 0.58 -13.60 -62.99
N LEU C 3798 1.00 -12.36 -62.73
CA LEU C 3798 0.30 -11.52 -61.77
C LEU C 3798 -1.10 -11.16 -62.26
N LYS C 3799 -1.26 -10.89 -63.56
CA LYS C 3799 -2.59 -10.60 -64.08
C LYS C 3799 -3.50 -11.81 -64.00
N LEU C 3800 -2.96 -13.00 -64.27
CA LEU C 3800 -3.70 -14.23 -64.07
C LEU C 3800 -4.10 -14.41 -62.61
N GLY C 3801 -3.19 -14.11 -61.69
CA GLY C 3801 -3.52 -14.20 -60.27
C GLY C 3801 -4.61 -13.24 -59.84
N ILE C 3802 -4.53 -11.98 -60.27
CA ILE C 3802 -5.56 -11.00 -59.95
C ILE C 3802 -6.90 -11.42 -60.54
N SER C 3803 -6.89 -12.04 -61.73
CA SER C 3803 -8.12 -12.63 -62.25
C SER C 3803 -8.61 -13.77 -61.36
N ILE C 3804 -7.69 -14.57 -60.83
CA ILE C 3804 -8.09 -15.72 -60.01
C ILE C 3804 -8.76 -15.27 -58.71
N LEU C 3805 -8.18 -14.31 -58.00
CA LEU C 3805 -8.79 -13.86 -56.75
C LEU C 3805 -9.29 -12.42 -56.80
N ASN C 3806 -9.89 -12.02 -57.92
CA ASN C 3806 -10.62 -10.76 -58.02
C ASN C 3806 -11.67 -10.62 -56.94
N GLY C 3807 -12.55 -11.62 -56.81
CA GLY C 3807 -13.56 -11.58 -55.78
C GLY C 3807 -12.99 -11.57 -54.38
N GLY C 3808 -11.87 -12.27 -54.17
CA GLY C 3808 -11.32 -12.39 -52.83
C GLY C 3808 -11.64 -13.73 -52.22
N ASN C 3809 -11.53 -14.78 -53.03
CA ASN C 3809 -12.04 -16.09 -52.65
C ASN C 3809 -11.25 -16.70 -51.49
N ALA C 3810 -11.99 -17.09 -50.44
CA ALA C 3810 -11.38 -17.67 -49.26
C ALA C 3810 -10.81 -19.05 -49.53
N GLU C 3811 -11.43 -19.83 -50.43
CA GLU C 3811 -10.88 -21.13 -50.79
C GLU C 3811 -9.51 -20.98 -51.43
N VAL C 3812 -9.37 -20.04 -52.37
CA VAL C 3812 -8.09 -19.82 -53.04
C VAL C 3812 -7.06 -19.28 -52.06
N GLN C 3813 -7.46 -18.35 -51.19
CA GLN C 3813 -6.53 -17.83 -50.19
C GLN C 3813 -6.04 -18.93 -49.24
N GLN C 3814 -6.97 -19.78 -48.77
CA GLN C 3814 -6.60 -20.87 -47.88
C GLN C 3814 -5.68 -21.87 -48.57
N LYS C 3815 -5.99 -22.20 -49.83
CA LYS C 3815 -5.14 -23.14 -50.57
C LYS C 3815 -3.74 -22.59 -50.78
N MET C 3816 -3.63 -21.31 -51.13
CA MET C 3816 -2.31 -20.71 -51.31
C MET C 3816 -1.53 -20.66 -50.01
N LEU C 3817 -2.19 -20.27 -48.91
CA LEU C 3817 -1.52 -20.23 -47.61
C LEU C 3817 -1.07 -21.64 -47.19
N ASP C 3818 -1.93 -22.63 -47.41
CA ASP C 3818 -1.59 -24.02 -47.08
C ASP C 3818 -0.41 -24.51 -47.90
N TYR C 3819 -0.39 -24.21 -49.20
CA TYR C 3819 0.72 -24.62 -50.05
C TYR C 3819 2.01 -23.97 -49.61
N LEU C 3820 1.98 -22.67 -49.31
CA LEU C 3820 3.19 -21.98 -48.87
C LEU C 3820 3.71 -22.54 -47.55
N LYS C 3821 2.80 -22.76 -46.59
CA LYS C 3821 3.20 -23.26 -45.28
C LYS C 3821 3.73 -24.69 -45.38
N ASP C 3822 3.12 -25.51 -46.22
CA ASP C 3822 3.59 -26.89 -46.38
C ASP C 3822 4.91 -26.95 -47.12
N LYS C 3823 5.09 -26.09 -48.13
CA LYS C 3823 6.35 -26.08 -48.87
C LYS C 3823 7.51 -25.60 -48.02
N LYS C 3824 7.28 -24.62 -47.14
CA LYS C 3824 8.30 -24.09 -46.22
C LYS C 3824 9.57 -23.67 -46.97
N GLU C 3825 9.40 -23.00 -48.10
CA GLU C 3825 10.53 -22.58 -48.92
C GLU C 3825 10.49 -21.07 -49.14
N VAL C 3826 11.58 -20.40 -48.77
CA VAL C 3826 11.70 -18.97 -48.98
C VAL C 3826 11.99 -18.69 -50.45
N GLY C 3827 11.58 -17.51 -50.93
CA GLY C 3827 11.87 -17.09 -52.29
C GLY C 3827 10.73 -16.37 -52.98
N PHE C 3828 9.48 -16.75 -52.67
CA PHE C 3828 8.33 -15.95 -53.08
C PHE C 3828 8.43 -14.53 -52.52
N PHE C 3829 8.68 -14.43 -51.20
CA PHE C 3829 8.77 -13.12 -50.57
C PHE C 3829 10.00 -12.36 -51.05
N GLN C 3830 11.10 -13.07 -51.31
CA GLN C 3830 12.31 -12.43 -51.81
C GLN C 3830 12.08 -11.83 -53.20
N SER C 3831 11.43 -12.59 -54.08
CA SER C 3831 11.06 -12.08 -55.41
C SER C 3831 10.15 -10.86 -55.29
N ILE C 3832 9.17 -10.93 -54.39
CA ILE C 3832 8.26 -9.79 -54.20
C ILE C 3832 9.04 -8.57 -53.73
N GLN C 3833 9.99 -8.76 -52.82
CA GLN C 3833 10.80 -7.65 -52.31
C GLN C 3833 11.64 -7.03 -53.42
N ALA C 3834 12.31 -7.86 -54.22
CA ALA C 3834 13.15 -7.35 -55.30
C ALA C 3834 12.33 -6.61 -56.35
N LEU C 3835 11.17 -7.17 -56.70
CA LEU C 3835 10.26 -6.53 -57.65
C LEU C 3835 9.73 -5.21 -57.10
N MET C 3836 9.53 -5.13 -55.78
CA MET C 3836 9.16 -3.86 -55.16
C MET C 3836 10.29 -2.84 -55.26
N GLN C 3837 11.53 -3.27 -54.98
CA GLN C 3837 12.66 -2.34 -55.01
C GLN C 3837 12.96 -1.86 -56.43
N THR C 3838 12.60 -2.66 -57.44
CA THR C 3838 12.90 -2.27 -58.81
C THR C 3838 12.11 -1.05 -59.26
N CYS C 3839 10.84 -0.94 -58.83
CA CYS C 3839 9.88 0.00 -59.42
C CYS C 3839 10.37 1.44 -59.42
N SER C 3840 10.23 2.09 -60.57
CA SER C 3840 10.66 3.47 -60.72
C SER C 3840 9.66 4.41 -60.04
N VAL C 3841 10.16 5.60 -59.68
CA VAL C 3841 9.30 6.60 -59.07
C VAL C 3841 9.42 7.96 -59.79
N LEU C 3842 8.54 8.19 -60.76
CA LEU C 3842 8.40 9.47 -61.46
C LEU C 3842 9.75 9.89 -62.03
N ASP C 3843 10.26 11.09 -61.69
CA ASP C 3843 11.64 11.61 -61.70
C ASP C 3843 11.74 12.90 -62.49
N LEU C 3844 11.86 14.04 -61.78
CA LEU C 3844 12.38 15.23 -62.41
C LEU C 3844 13.82 14.97 -62.85
N ASN C 3845 14.18 15.58 -63.99
CA ASN C 3845 15.26 15.24 -64.93
C ASN C 3845 14.73 14.16 -65.86
N ALA C 3846 15.19 14.20 -67.12
CA ALA C 3846 14.73 13.48 -68.30
C ALA C 3846 13.36 13.96 -68.77
N PHE C 3847 12.64 14.67 -67.90
CA PHE C 3847 11.46 15.42 -68.33
C PHE C 3847 11.89 16.65 -69.13
N GLU C 3848 12.96 17.31 -68.69
CA GLU C 3848 13.51 18.44 -69.44
C GLU C 3848 13.99 18.00 -70.82
N ARG C 3849 14.78 16.92 -70.86
CA ARG C 3849 15.29 16.41 -72.13
C ARG C 3849 14.16 15.93 -73.04
N GLN C 3850 13.14 15.29 -72.48
CA GLN C 3850 12.00 14.90 -73.32
C GLN C 3850 11.21 16.11 -73.82
N ASN C 3851 11.11 17.16 -72.99
CA ASN C 3851 10.46 18.40 -73.45
C ASN C 3851 11.22 19.03 -74.60
N LYS C 3852 12.55 19.02 -74.53
CA LYS C 3852 13.35 19.45 -75.69
C LYS C 3852 13.18 18.49 -76.85
N ALA C 3853 13.01 17.20 -76.56
CA ALA C 3853 12.88 16.19 -77.60
C ALA C 3853 11.63 16.38 -78.42
N GLU C 3854 10.51 16.75 -77.80
CA GLU C 3854 9.29 17.00 -78.58
C GLU C 3854 9.47 18.16 -79.55
N GLY C 3855 10.08 19.26 -79.08
CA GLY C 3855 10.32 20.42 -79.91
C GLY C 3855 11.22 20.11 -81.09
N LEU C 3856 12.34 19.43 -80.83
CA LEU C 3856 13.23 19.06 -81.93
C LEU C 3856 12.59 18.01 -82.83
N GLY C 3857 11.78 17.12 -82.25
CA GLY C 3857 11.14 16.08 -83.05
C GLY C 3857 10.14 16.63 -84.04
N MET C 3858 9.45 17.70 -83.67
CA MET C 3858 8.71 18.45 -84.67
C MET C 3858 9.70 19.05 -85.65
N VAL C 3859 9.79 18.45 -86.84
CA VAL C 3859 10.85 18.77 -87.79
C VAL C 3859 10.43 18.30 -89.17
N ASN C 3860 10.92 18.98 -90.20
CA ASN C 3860 10.63 18.64 -91.58
C ASN C 3860 11.65 17.65 -92.13
N GLU C 3861 11.39 17.18 -93.35
CA GLU C 3861 12.31 16.36 -94.15
C GLU C 3861 12.95 15.19 -93.40
N ASP C 3862 12.12 14.29 -92.88
CA ASP C 3862 12.46 12.99 -92.28
C ASP C 3862 13.08 13.12 -90.89
N GLY C 3863 13.20 14.33 -90.34
CA GLY C 3863 13.64 14.45 -88.97
C GLY C 3863 12.60 14.09 -87.93
N THR C 3864 11.35 13.89 -88.37
CA THR C 3864 10.25 13.49 -87.50
C THR C 3864 9.86 12.04 -87.70
N VAL C 3865 10.80 11.18 -88.12
CA VAL C 3865 10.45 9.82 -88.56
C VAL C 3865 9.87 9.01 -87.41
N ILE C 3866 10.55 9.01 -86.26
CA ILE C 3866 10.11 8.23 -85.10
C ILE C 3866 10.11 9.04 -83.82
N ASN C 3867 10.56 10.30 -83.85
CA ASN C 3867 10.65 11.10 -82.64
C ASN C 3867 9.27 11.50 -82.13
N ARG C 3868 8.26 11.47 -83.01
CA ARG C 3868 6.97 12.10 -82.73
C ARG C 3868 6.27 11.48 -81.52
N GLN C 3869 6.26 10.15 -81.43
CA GLN C 3869 5.54 9.46 -80.35
C GLN C 3869 6.52 8.57 -79.59
N ASN C 3870 7.18 9.18 -78.60
CA ASN C 3870 8.00 8.45 -77.63
C ASN C 3870 7.73 9.05 -76.25
N GLY C 3871 6.44 9.28 -75.95
CA GLY C 3871 6.08 10.16 -74.84
C GLY C 3871 6.46 9.63 -73.47
N GLU C 3872 6.22 8.34 -73.21
CA GLU C 3872 6.21 7.82 -71.84
C GLU C 3872 7.56 7.21 -71.48
N LYS C 3873 8.52 8.08 -71.16
CA LYS C 3873 9.78 7.64 -70.60
C LYS C 3873 9.89 7.84 -69.09
N VAL C 3874 9.26 8.88 -68.55
CA VAL C 3874 9.35 9.15 -67.11
C VAL C 3874 8.61 8.08 -66.31
N MET C 3875 7.54 7.53 -66.89
CA MET C 3875 6.75 6.48 -66.24
C MET C 3875 6.51 5.35 -67.24
N ALA C 3876 7.08 4.19 -66.95
CA ALA C 3876 6.83 2.98 -67.71
C ALA C 3876 6.41 1.80 -66.84
N ASP C 3877 6.46 1.93 -65.52
CA ASP C 3877 6.17 0.83 -64.60
C ASP C 3877 4.80 0.94 -63.97
N ASP C 3878 3.94 1.83 -64.49
CA ASP C 3878 2.60 2.08 -63.95
C ASP C 3878 1.74 0.84 -63.73
N GLU C 3879 1.44 0.13 -64.82
CA GLU C 3879 0.55 -1.02 -64.73
C GLU C 3879 1.15 -2.13 -63.87
N PHE C 3880 2.45 -2.35 -64.01
CA PHE C 3880 3.13 -3.39 -63.24
C PHE C 3880 3.09 -3.10 -61.74
N THR C 3881 3.34 -1.83 -61.35
CA THR C 3881 3.32 -1.47 -59.94
C THR C 3881 1.91 -1.55 -59.37
N GLN C 3882 0.92 -1.06 -60.13
CA GLN C 3882 -0.47 -1.14 -59.66
C GLN C 3882 -0.92 -2.59 -59.55
N ASP C 3883 -0.46 -3.47 -60.45
CA ASP C 3883 -0.83 -4.88 -60.36
C ASP C 3883 -0.15 -5.57 -59.19
N LEU C 3884 1.10 -5.22 -58.88
CA LEU C 3884 1.77 -5.82 -57.72
C LEU C 3884 1.05 -5.46 -56.42
N PHE C 3885 0.82 -4.17 -56.20
CA PHE C 3885 0.11 -3.77 -54.98
C PHE C 3885 -1.34 -4.24 -54.98
N ARG C 3886 -1.99 -4.31 -56.14
CA ARG C 3886 -3.37 -4.77 -56.18
C ARG C 3886 -3.45 -6.27 -55.91
N PHE C 3887 -2.43 -7.03 -56.37
CA PHE C 3887 -2.32 -8.44 -56.04
C PHE C 3887 -2.16 -8.66 -54.54
N LEU C 3888 -1.31 -7.86 -53.90
CA LEU C 3888 -1.14 -8.00 -52.45
C LEU C 3888 -2.40 -7.58 -51.70
N GLN C 3889 -3.08 -6.52 -52.17
CA GLN C 3889 -4.32 -6.08 -51.54
C GLN C 3889 -5.41 -7.15 -51.69
N LEU C 3890 -5.46 -7.81 -52.84
CA LEU C 3890 -6.39 -8.92 -53.06
C LEU C 3890 -6.02 -10.13 -52.21
N LEU C 3891 -4.73 -10.33 -51.93
CA LEU C 3891 -4.32 -11.36 -50.99
C LEU C 3891 -4.87 -11.07 -49.59
N CYS C 3892 -4.84 -9.80 -49.18
CA CYS C 3892 -5.32 -9.44 -47.85
C CYS C 3892 -6.80 -9.03 -47.83
N GLU C 3893 -7.49 -9.12 -48.97
CA GLU C 3893 -8.80 -8.50 -49.20
C GLU C 3893 -9.85 -8.81 -48.13
N GLY C 3894 -10.24 -10.07 -48.01
CA GLY C 3894 -11.09 -10.49 -46.91
C GLY C 3894 -10.35 -10.38 -45.60
N HIS C 3895 -11.04 -10.00 -44.53
CA HIS C 3895 -10.42 -10.07 -43.21
C HIS C 3895 -10.14 -11.52 -42.85
N ASN C 3896 -8.86 -11.88 -42.77
CA ASN C 3896 -8.43 -13.26 -42.61
C ASN C 3896 -7.70 -13.51 -41.31
N ASN C 3897 -6.75 -12.63 -40.95
CA ASN C 3897 -5.92 -12.62 -39.76
C ASN C 3897 -4.81 -13.67 -39.82
N ASP C 3898 -4.73 -14.46 -40.90
CA ASP C 3898 -3.66 -15.43 -41.06
C ASP C 3898 -2.61 -14.99 -42.06
N PHE C 3899 -3.03 -14.63 -43.28
CA PHE C 3899 -2.10 -14.07 -44.25
C PHE C 3899 -1.58 -12.71 -43.82
N GLN C 3900 -2.41 -11.95 -43.10
CA GLN C 3900 -1.99 -10.64 -42.59
C GLN C 3900 -0.81 -10.77 -41.64
N ASN C 3901 -0.83 -11.79 -40.78
CA ASN C 3901 0.29 -12.04 -39.88
C ASN C 3901 1.46 -12.69 -40.61
N TYR C 3902 1.16 -13.53 -41.61
CA TYR C 3902 2.21 -14.18 -42.38
C TYR C 3902 3.08 -13.17 -43.12
N LEU C 3903 2.47 -12.11 -43.66
CA LEU C 3903 3.25 -11.07 -44.32
C LEU C 3903 4.14 -10.33 -43.34
N ARG C 3904 3.65 -10.04 -42.13
CA ARG C 3904 4.49 -9.39 -41.13
C ARG C 3904 5.66 -10.28 -40.73
N THR C 3905 5.41 -11.57 -40.51
CA THR C 3905 6.45 -12.46 -40.00
C THR C 3905 6.14 -13.89 -40.38
N GLN C 3906 7.13 -14.59 -40.94
CA GLN C 3906 7.00 -16.00 -41.26
C GLN C 3906 7.63 -16.82 -40.14
N THR C 3907 6.85 -17.76 -39.60
CA THR C 3907 7.31 -18.56 -38.47
C THR C 3907 8.04 -19.83 -38.89
N GLY C 3908 7.69 -20.40 -40.04
CA GLY C 3908 8.30 -21.63 -40.49
C GLY C 3908 9.62 -21.42 -41.20
N ASN C 3909 9.69 -20.38 -42.04
CA ASN C 3909 10.88 -20.13 -42.83
C ASN C 3909 12.01 -19.54 -41.97
N THR C 3910 13.22 -19.64 -42.50
CA THR C 3910 14.39 -19.15 -41.76
C THR C 3910 14.41 -17.63 -41.68
N THR C 3911 13.93 -16.95 -42.73
CA THR C 3911 14.07 -15.50 -42.85
C THR C 3911 12.71 -14.81 -42.87
N THR C 3912 12.73 -13.51 -42.59
CA THR C 3912 11.55 -12.64 -42.58
C THR C 3912 11.85 -11.40 -43.43
N ILE C 3913 10.82 -10.87 -44.09
CA ILE C 3913 11.01 -9.89 -45.16
C ILE C 3913 10.39 -8.53 -44.89
N ASN C 3914 9.24 -8.47 -44.22
CA ASN C 3914 8.53 -7.23 -43.85
C ASN C 3914 8.19 -6.38 -45.09
N ILE C 3915 7.29 -6.95 -45.90
CA ILE C 3915 6.71 -6.25 -47.03
C ILE C 3915 5.96 -5.00 -46.58
N ILE C 3916 5.46 -4.99 -45.35
CA ILE C 3916 4.79 -3.82 -44.78
C ILE C 3916 5.77 -2.65 -44.66
N ILE C 3917 6.99 -2.92 -44.19
CA ILE C 3917 8.03 -1.89 -44.16
C ILE C 3917 8.42 -1.47 -45.58
N CYS C 3918 8.50 -2.45 -46.50
CA CYS C 3918 8.88 -2.14 -47.87
C CYS C 3918 7.88 -1.18 -48.54
N THR C 3919 6.59 -1.39 -48.29
CA THR C 3919 5.56 -0.52 -48.85
C THR C 3919 5.71 0.91 -48.35
N VAL C 3920 6.02 1.09 -47.06
CA VAL C 3920 6.23 2.42 -46.51
C VAL C 3920 7.46 3.07 -47.11
N ASP C 3921 8.50 2.28 -47.38
CA ASP C 3921 9.67 2.83 -48.06
C ASP C 3921 9.32 3.35 -49.45
N TYR C 3922 8.52 2.58 -50.19
CA TYR C 3922 8.11 3.03 -51.52
C TYR C 3922 7.22 4.27 -51.43
N LEU C 3923 6.36 4.34 -50.41
CA LEU C 3923 5.52 5.50 -50.19
C LEU C 3923 6.34 6.75 -49.88
N LEU C 3924 7.40 6.60 -49.07
CA LEU C 3924 8.30 7.71 -48.81
C LEU C 3924 8.96 8.21 -50.08
N ARG C 3925 9.44 7.28 -50.92
CA ARG C 3925 10.06 7.70 -52.18
C ARG C 3925 9.07 8.43 -53.08
N LEU C 3926 7.83 7.93 -53.14
CA LEU C 3926 6.80 8.58 -53.94
C LEU C 3926 6.51 9.99 -53.43
N GLN C 3927 6.44 10.17 -52.11
CA GLN C 3927 6.18 11.48 -51.55
C GLN C 3927 7.28 12.47 -51.88
N GLU C 3928 8.55 12.05 -51.72
CA GLU C 3928 9.65 12.97 -52.03
C GLU C 3928 9.66 13.33 -53.51
N SER C 3929 9.40 12.36 -54.38
CA SER C 3929 9.41 12.64 -55.81
C SER C 3929 8.28 13.60 -56.22
N ILE C 3930 7.10 13.44 -55.61
CA ILE C 3930 5.98 14.35 -55.88
C ILE C 3930 6.32 15.76 -55.40
N SER C 3931 7.00 15.85 -54.24
CA SER C 3931 7.43 17.14 -53.72
C SER C 3931 8.39 17.83 -54.69
N ASP C 3932 9.29 17.06 -55.31
CA ASP C 3932 10.18 17.63 -56.33
C ASP C 3932 9.41 18.28 -57.47
N PHE C 3933 8.37 17.61 -57.98
CA PHE C 3933 7.54 18.18 -59.04
C PHE C 3933 6.81 19.43 -58.57
N TYR C 3934 6.30 19.43 -57.33
CA TYR C 3934 5.67 20.64 -56.81
C TYR C 3934 6.64 21.81 -56.80
N TRP C 3935 7.85 21.59 -56.26
CA TRP C 3935 8.83 22.67 -56.20
C TRP C 3935 9.26 23.13 -57.59
N TYR C 3936 9.31 22.21 -58.56
CA TYR C 3936 9.62 22.63 -59.92
C TYR C 3936 8.52 23.51 -60.52
N TYR C 3937 7.26 23.13 -60.30
CA TYR C 3937 6.14 23.86 -60.90
C TYR C 3937 5.59 24.99 -60.04
N SER C 3938 6.24 25.31 -58.91
CA SER C 3938 5.74 26.38 -58.04
C SER C 3938 5.77 27.74 -58.73
N GLY C 3939 6.76 27.99 -59.59
CA GLY C 3939 6.93 29.34 -60.13
C GLY C 3939 5.87 29.71 -61.15
N LYS C 3940 5.69 28.87 -62.17
CA LYS C 3940 4.79 29.21 -63.28
C LYS C 3940 3.33 29.16 -62.82
N ASP C 3941 2.50 30.00 -63.45
CA ASP C 3941 1.11 30.13 -63.02
C ASP C 3941 0.22 29.01 -63.55
N VAL C 3942 0.46 28.53 -64.77
CA VAL C 3942 -0.32 27.47 -65.38
C VAL C 3942 0.60 26.27 -65.63
N ILE C 3943 0.02 25.08 -65.53
CA ILE C 3943 0.75 23.81 -65.65
C ILE C 3943 0.31 23.13 -66.94
N GLU C 3944 1.29 22.64 -67.70
CA GLU C 3944 1.03 22.08 -69.02
C GLU C 3944 0.45 20.66 -68.94
N GLU C 3945 -0.04 20.22 -70.11
CA GLU C 3945 -0.82 19.00 -70.22
C GLU C 3945 0.01 17.77 -69.86
N GLN C 3946 1.29 17.76 -70.28
CA GLN C 3946 2.18 16.65 -69.95
C GLN C 3946 2.35 16.51 -68.43
N GLY C 3947 2.55 17.65 -67.75
CA GLY C 3947 2.64 17.63 -66.30
C GLY C 3947 1.37 17.15 -65.65
N LYS C 3948 0.22 17.59 -66.17
CA LYS C 3948 -1.07 17.15 -65.62
C LYS C 3948 -1.24 15.64 -65.76
N ARG C 3949 -0.87 15.09 -66.92
CA ARG C 3949 -0.97 13.65 -67.13
C ARG C 3949 -0.07 12.87 -66.19
N ASN C 3950 1.18 13.30 -66.04
CA ASN C 3950 2.10 12.60 -65.15
C ASN C 3950 1.64 12.71 -63.70
N PHE C 3951 1.07 13.85 -63.34
CA PHE C 3951 0.52 14.02 -62.00
C PHE C 3951 -0.62 13.04 -61.76
N SER C 3952 -1.51 12.87 -62.75
CA SER C 3952 -2.61 11.92 -62.60
C SER C 3952 -2.10 10.50 -62.43
N LYS C 3953 -1.09 10.11 -63.20
CA LYS C 3953 -0.51 8.78 -63.09
C LYS C 3953 0.08 8.55 -61.70
N ALA C 3954 0.92 9.49 -61.23
CA ALA C 3954 1.54 9.37 -59.92
C ALA C 3954 0.51 9.29 -58.80
N MET C 3955 -0.54 10.12 -58.88
CA MET C 3955 -1.56 10.10 -57.84
C MET C 3955 -2.38 8.81 -57.85
N SER C 3956 -2.63 8.24 -59.04
CA SER C 3956 -3.29 6.94 -59.08
C SER C 3956 -2.44 5.85 -58.43
N VAL C 3957 -1.12 5.89 -58.66
CA VAL C 3957 -0.22 4.93 -58.03
C VAL C 3957 -0.23 5.10 -56.52
N ALA C 3958 -0.20 6.36 -56.06
CA ALA C 3958 -0.24 6.64 -54.63
C ALA C 3958 -1.54 6.15 -54.01
N LYS C 3959 -2.67 6.36 -54.69
CA LYS C 3959 -3.97 5.89 -54.18
C LYS C 3959 -4.01 4.38 -54.05
N GLN C 3960 -3.48 3.66 -55.04
CA GLN C 3960 -3.46 2.21 -54.96
C GLN C 3960 -2.59 1.73 -53.80
N VAL C 3961 -1.42 2.36 -53.62
CA VAL C 3961 -0.55 1.99 -52.50
C VAL C 3961 -1.25 2.26 -51.16
N PHE C 3962 -1.97 3.39 -51.09
CA PHE C 3962 -2.64 3.76 -49.85
C PHE C 3962 -3.73 2.74 -49.50
N ASN C 3963 -4.54 2.36 -50.49
CA ASN C 3963 -5.55 1.33 -50.28
C ASN C 3963 -4.93 -0.01 -49.91
N SER C 3964 -3.73 -0.30 -50.43
CA SER C 3964 -3.02 -1.51 -50.02
C SER C 3964 -2.67 -1.46 -48.53
N LEU C 3965 -2.21 -0.30 -48.05
CA LEU C 3965 -1.90 -0.18 -46.62
C LEU C 3965 -3.15 -0.29 -45.74
N THR C 3966 -4.26 0.31 -46.20
CA THR C 3966 -5.51 0.18 -45.44
C THR C 3966 -5.99 -1.26 -45.37
N GLU C 3967 -5.85 -2.01 -46.47
CA GLU C 3967 -6.18 -3.44 -46.44
C GLU C 3967 -5.21 -4.22 -45.55
N TYR C 3968 -3.95 -3.77 -45.47
CA TYR C 3968 -3.03 -4.39 -44.52
C TYR C 3968 -3.52 -4.25 -43.08
N ILE C 3969 -3.96 -3.06 -42.68
CA ILE C 3969 -4.46 -2.95 -41.31
C ILE C 3969 -5.83 -3.56 -41.13
N GLN C 3970 -6.86 -2.91 -41.67
CA GLN C 3970 -8.25 -3.38 -41.57
C GLN C 3970 -8.68 -3.48 -40.11
N GLY C 3971 -9.71 -4.27 -39.84
CA GLY C 3971 -10.11 -4.61 -38.49
C GLY C 3971 -9.01 -5.26 -37.67
N PRO C 3972 -8.97 -4.93 -36.36
CA PRO C 3972 -7.92 -5.41 -35.45
C PRO C 3972 -6.50 -5.47 -35.98
N CYS C 3973 -5.90 -6.67 -35.93
CA CYS C 3973 -4.52 -6.91 -36.37
C CYS C 3973 -3.55 -6.00 -35.62
N THR C 3974 -3.55 -6.15 -34.29
CA THR C 3974 -2.77 -5.29 -33.40
C THR C 3974 -1.29 -5.31 -33.72
N GLY C 3975 -0.77 -6.46 -34.17
CA GLY C 3975 0.63 -6.53 -34.53
C GLY C 3975 0.99 -5.60 -35.68
N ASN C 3976 0.18 -5.61 -36.74
CA ASN C 3976 0.39 -4.68 -37.85
C ASN C 3976 0.13 -3.25 -37.42
N GLN C 3977 -0.84 -3.04 -36.52
CA GLN C 3977 -1.14 -1.69 -36.04
C GLN C 3977 0.06 -1.09 -35.32
N GLN C 3978 0.72 -1.85 -34.46
CA GLN C 3978 1.89 -1.34 -33.76
C GLN C 3978 3.10 -1.24 -34.69
N SER C 3979 3.24 -2.20 -35.62
CA SER C 3979 4.35 -2.14 -36.56
C SER C 3979 4.30 -0.88 -37.43
N LEU C 3980 3.13 -0.55 -37.97
CA LEU C 3980 3.02 0.66 -38.77
C LEU C 3980 3.06 1.92 -37.92
N ALA C 3981 2.65 1.84 -36.66
CA ALA C 3981 2.84 2.98 -35.76
C ALA C 3981 4.32 3.25 -35.54
N HIS C 3982 5.11 2.20 -35.34
CA HIS C 3982 6.55 2.37 -35.13
C HIS C 3982 7.29 2.70 -36.42
N SER C 3983 6.73 2.35 -37.58
CA SER C 3983 7.34 2.68 -38.86
C SER C 3983 7.20 4.16 -39.19
N ARG C 3984 7.98 4.61 -40.16
CA ARG C 3984 8.01 6.02 -40.57
C ARG C 3984 6.97 6.38 -41.62
N LEU C 3985 5.70 6.03 -41.38
CA LEU C 3985 4.62 6.49 -42.25
C LEU C 3985 4.33 7.97 -42.06
N TRP C 3986 4.54 8.47 -40.84
CA TRP C 3986 4.11 9.81 -40.49
C TRP C 3986 4.93 10.86 -41.22
N ASP C 3987 6.21 10.57 -41.47
CA ASP C 3987 7.05 11.48 -42.25
C ASP C 3987 6.58 11.60 -43.68
N ALA C 3988 5.93 10.56 -44.22
CA ALA C 3988 5.25 10.69 -45.51
C ALA C 3988 3.95 11.47 -45.36
N VAL C 3989 3.25 11.28 -44.23
CA VAL C 3989 1.98 11.95 -44.01
C VAL C 3989 2.13 13.47 -44.01
N VAL C 3990 3.14 13.96 -43.26
CA VAL C 3990 3.34 15.41 -43.15
C VAL C 3990 3.70 16.03 -44.51
N GLY C 3991 4.60 15.37 -45.25
CA GLY C 3991 4.96 15.87 -46.57
C GLY C 3991 3.80 15.85 -47.55
N PHE C 3992 3.00 14.78 -47.49
CA PHE C 3992 1.80 14.72 -48.32
C PHE C 3992 0.83 15.84 -47.99
N LEU C 3993 0.67 16.16 -46.71
CA LEU C 3993 -0.21 17.27 -46.31
C LEU C 3993 0.31 18.61 -46.82
N HIS C 3994 1.63 18.83 -46.72
CA HIS C 3994 2.23 20.07 -47.22
C HIS C 3994 2.01 20.22 -48.73
N VAL C 3995 2.31 19.16 -49.49
CA VAL C 3995 2.13 19.19 -50.94
C VAL C 3995 0.65 19.37 -51.28
N PHE C 3996 -0.24 18.70 -50.53
CA PHE C 3996 -1.67 18.80 -50.78
C PHE C 3996 -2.16 20.24 -50.58
N ALA C 3997 -1.69 20.89 -49.52
CA ALA C 3997 -2.11 22.25 -49.23
C ALA C 3997 -1.69 23.21 -50.34
N HIS C 3998 -0.41 23.19 -50.70
CA HIS C 3998 0.05 24.15 -51.70
C HIS C 3998 -0.50 23.83 -53.09
N MET C 3999 -0.64 22.55 -53.44
CA MET C 3999 -1.22 22.23 -54.74
C MET C 3999 -2.70 22.59 -54.80
N MET C 4000 -3.45 22.43 -53.70
CA MET C 4000 -4.83 22.90 -53.69
C MET C 4000 -4.91 24.41 -53.89
N MET C 4001 -4.08 25.16 -53.16
CA MET C 4001 -4.15 26.62 -53.25
C MET C 4001 -3.70 27.13 -54.62
N LYS C 4002 -2.79 26.42 -55.28
CA LYS C 4002 -2.38 26.87 -56.60
C LYS C 4002 -3.37 26.43 -57.68
N LEU C 4003 -3.77 25.15 -57.66
CA LEU C 4003 -4.66 24.62 -58.69
C LEU C 4003 -6.05 25.22 -58.63
N ALA C 4004 -6.46 25.73 -57.47
CA ALA C 4004 -7.82 26.26 -57.34
C ALA C 4004 -8.04 27.54 -58.15
N GLN C 4005 -6.97 28.18 -58.64
CA GLN C 4005 -7.11 29.47 -59.31
C GLN C 4005 -7.77 29.33 -60.69
N ASP C 4006 -7.41 28.32 -61.46
CA ASP C 4006 -7.78 28.25 -62.86
C ASP C 4006 -8.80 27.15 -63.13
N SER C 4007 -9.62 27.38 -64.15
CA SER C 4007 -10.74 26.48 -64.43
C SER C 4007 -10.28 25.12 -64.94
N SER C 4008 -9.19 25.09 -65.71
CA SER C 4008 -8.76 23.85 -66.35
C SER C 4008 -8.31 22.81 -65.34
N GLN C 4009 -7.74 23.25 -64.21
CA GLN C 4009 -7.10 22.37 -63.24
C GLN C 4009 -8.09 21.61 -62.37
N ILE C 4010 -9.40 21.77 -62.59
CA ILE C 4010 -10.40 21.22 -61.68
C ILE C 4010 -10.37 19.69 -61.66
N GLU C 4011 -10.05 19.06 -62.80
CA GLU C 4011 -9.96 17.60 -62.84
C GLU C 4011 -8.86 17.08 -61.93
N LEU C 4012 -7.68 17.71 -62.00
CA LEU C 4012 -6.57 17.31 -61.15
C LEU C 4012 -6.88 17.61 -59.68
N LEU C 4013 -7.55 18.74 -59.43
CA LEU C 4013 -7.95 19.07 -58.06
C LEU C 4013 -8.92 18.03 -57.49
N LYS C 4014 -9.88 17.57 -58.29
CA LYS C 4014 -10.82 16.55 -57.83
C LYS C 4014 -10.12 15.23 -57.55
N GLU C 4015 -9.19 14.83 -58.42
CA GLU C 4015 -8.45 13.59 -58.18
C GLU C 4015 -7.58 13.70 -56.92
N LEU C 4016 -6.97 14.88 -56.71
CA LEU C 4016 -6.19 15.12 -55.51
C LEU C 4016 -7.05 15.04 -54.25
N LEU C 4017 -8.28 15.57 -54.33
CA LEU C 4017 -9.21 15.48 -53.20
C LEU C 4017 -9.57 14.03 -52.90
N ASP C 4018 -9.78 13.22 -53.95
CA ASP C 4018 -10.03 11.79 -53.75
C ASP C 4018 -8.86 11.12 -53.04
N LEU C 4019 -7.63 11.41 -53.47
CA LEU C 4019 -6.46 10.84 -52.82
C LEU C 4019 -6.35 11.27 -51.35
N GLN C 4020 -6.72 12.52 -51.06
CA GLN C 4020 -6.79 12.98 -49.67
C GLN C 4020 -7.80 12.17 -48.87
N LYS C 4021 -8.96 11.88 -49.49
CA LYS C 4021 -9.95 11.02 -48.84
C LYS C 4021 -9.38 9.66 -48.50
N ASP C 4022 -8.60 9.08 -49.42
CA ASP C 4022 -7.96 7.79 -49.16
C ASP C 4022 -7.01 7.88 -47.96
N MET C 4023 -6.23 8.96 -47.88
CA MET C 4023 -5.32 9.12 -46.73
C MET C 4023 -6.08 9.19 -45.41
N VAL C 4024 -7.19 9.95 -45.39
CA VAL C 4024 -7.96 10.08 -44.15
C VAL C 4024 -8.58 8.74 -43.76
N VAL C 4025 -9.02 7.95 -44.76
CA VAL C 4025 -9.51 6.61 -44.46
C VAL C 4025 -8.40 5.75 -43.84
N MET C 4026 -7.17 5.90 -44.33
CA MET C 4026 -6.05 5.19 -43.70
C MET C 4026 -5.91 5.56 -42.23
N LEU C 4027 -5.93 6.86 -41.95
CA LEU C 4027 -5.73 7.30 -40.57
C LEU C 4027 -6.85 6.83 -39.65
N LEU C 4028 -8.09 6.83 -40.14
CA LEU C 4028 -9.20 6.30 -39.35
C LEU C 4028 -9.05 4.79 -39.11
N SER C 4029 -8.62 4.05 -40.15
CA SER C 4029 -8.37 2.62 -39.99
C SER C 4029 -7.29 2.37 -38.95
N LEU C 4030 -6.27 3.23 -38.90
CA LEU C 4030 -5.28 3.16 -37.84
C LEU C 4030 -5.89 3.46 -36.47
N LEU C 4031 -6.79 4.44 -36.41
CA LEU C 4031 -7.45 4.82 -35.17
C LEU C 4031 -8.59 3.89 -34.76
N GLU C 4032 -8.78 2.77 -35.45
CA GLU C 4032 -9.70 1.74 -34.96
C GLU C 4032 -9.21 1.15 -33.64
N GLY C 4033 -10.14 0.95 -32.71
CA GLY C 4033 -9.93 0.09 -31.55
C GLY C 4033 -8.91 0.55 -30.53
N ASN C 4034 -8.86 1.84 -30.21
CA ASN C 4034 -7.93 2.34 -29.21
C ASN C 4034 -8.66 2.71 -27.92
N VAL C 4035 -7.95 2.62 -26.80
CA VAL C 4035 -8.44 3.11 -25.51
C VAL C 4035 -8.33 4.64 -25.50
N VAL C 4036 -8.88 5.29 -24.46
CA VAL C 4036 -8.97 6.74 -24.45
C VAL C 4036 -7.58 7.39 -24.43
N ASN C 4037 -6.66 6.86 -23.64
CA ASN C 4037 -5.25 7.24 -23.69
C ASN C 4037 -4.53 6.14 -24.45
N GLY C 4038 -4.68 6.14 -25.78
CA GLY C 4038 -4.29 4.98 -26.57
C GLY C 4038 -2.78 4.79 -26.65
N MET C 4039 -2.07 5.85 -27.09
CA MET C 4039 -0.69 5.96 -27.59
C MET C 4039 -0.74 6.44 -29.04
N ILE C 4040 -1.46 5.69 -29.89
CA ILE C 4040 -1.56 6.03 -31.30
C ILE C 4040 -2.23 7.39 -31.49
N ALA C 4041 -3.28 7.65 -30.70
CA ALA C 4041 -3.95 8.95 -30.77
C ALA C 4041 -3.01 10.08 -30.36
N ARG C 4042 -2.19 9.86 -29.33
CA ARG C 4042 -1.21 10.85 -28.93
C ARG C 4042 -0.16 11.07 -30.01
N GLN C 4043 0.28 9.99 -30.67
CA GLN C 4043 1.25 10.13 -31.76
C GLN C 4043 0.67 10.94 -32.91
N MET C 4044 -0.59 10.69 -33.26
CA MET C 4044 -1.23 11.44 -34.34
C MET C 4044 -1.47 12.90 -33.95
N VAL C 4045 -1.81 13.18 -32.69
CA VAL C 4045 -1.98 14.56 -32.29
C VAL C 4045 -0.64 15.30 -32.28
N ASP C 4046 0.45 14.59 -31.95
CA ASP C 4046 1.78 15.18 -32.10
C ASP C 4046 2.13 15.43 -33.56
N MET C 4047 1.73 14.53 -34.45
CA MET C 4047 1.92 14.76 -35.89
C MET C 4047 1.14 15.98 -36.35
N LEU C 4048 -0.08 16.15 -35.85
CA LEU C 4048 -0.86 17.35 -36.15
C LEU C 4048 -0.19 18.61 -35.63
N VAL C 4049 0.39 18.55 -34.43
CA VAL C 4049 1.11 19.69 -33.90
C VAL C 4049 2.31 20.03 -34.78
N GLU C 4050 3.03 19.00 -35.23
CA GLU C 4050 4.15 19.20 -36.16
C GLU C 4050 3.69 19.80 -37.48
N SER C 4051 2.49 19.43 -37.93
CA SER C 4051 1.94 19.88 -39.21
C SER C 4051 0.75 20.81 -39.03
N SER C 4052 0.81 21.70 -38.04
CA SER C 4052 -0.33 22.52 -37.67
C SER C 4052 -0.75 23.49 -38.76
N SER C 4053 0.23 24.13 -39.43
CA SER C 4053 -0.09 25.22 -40.36
C SER C 4053 -0.84 24.71 -41.58
N ASN C 4054 -0.34 23.65 -42.20
CA ASN C 4054 -0.94 23.15 -43.44
C ASN C 4054 -2.35 22.62 -43.20
N VAL C 4055 -2.56 21.94 -42.07
CA VAL C 4055 -3.90 21.47 -41.71
C VAL C 4055 -4.85 22.65 -41.53
N GLU C 4056 -4.34 23.73 -40.94
CA GLU C 4056 -5.13 24.96 -40.81
C GLU C 4056 -5.48 25.53 -42.19
N MET C 4057 -4.55 25.41 -43.14
CA MET C 4057 -4.83 25.82 -44.52
C MET C 4057 -5.93 24.98 -45.15
N ILE C 4058 -5.89 23.65 -44.93
CA ILE C 4058 -6.97 22.78 -45.41
C ILE C 4058 -8.30 23.19 -44.80
N LEU C 4059 -8.32 23.51 -43.51
CA LEU C 4059 -9.56 23.91 -42.87
C LEU C 4059 -10.08 25.23 -43.46
N LYS C 4060 -9.18 26.18 -43.72
CA LYS C 4060 -9.58 27.45 -44.33
C LYS C 4060 -10.16 27.25 -45.73
N PHE C 4061 -9.55 26.36 -46.52
CA PHE C 4061 -9.99 26.19 -47.90
C PHE C 4061 -11.43 25.73 -47.97
N PHE C 4062 -11.86 24.87 -47.05
CA PHE C 4062 -13.26 24.49 -46.99
C PHE C 4062 -14.12 25.60 -46.37
N ASP C 4063 -13.59 26.25 -45.33
CA ASP C 4063 -14.41 27.20 -44.56
C ASP C 4063 -14.83 28.39 -45.41
N MET C 4064 -13.91 28.91 -46.24
CA MET C 4064 -14.26 30.07 -47.07
C MET C 4064 -15.39 29.77 -48.04
N PHE C 4065 -15.35 28.61 -48.70
CA PHE C 4065 -16.40 28.30 -49.66
C PHE C 4065 -17.71 27.91 -48.99
N LEU C 4066 -17.65 27.26 -47.83
CA LEU C 4066 -18.88 26.97 -47.08
C LEU C 4066 -19.55 28.26 -46.62
N LYS C 4067 -18.76 29.25 -46.19
CA LYS C 4067 -19.34 30.56 -45.91
C LYS C 4067 -19.87 31.23 -47.18
N LEU C 4068 -19.10 31.14 -48.27
CA LEU C 4068 -19.40 31.89 -49.50
C LEU C 4068 -20.73 31.43 -50.12
N LYS C 4069 -21.02 30.13 -50.05
CA LYS C 4069 -22.27 29.63 -50.61
C LYS C 4069 -23.46 30.27 -49.90
N ASP C 4070 -23.40 30.38 -48.57
CA ASP C 4070 -24.47 31.03 -47.81
C ASP C 4070 -24.51 32.52 -48.09
N ILE C 4071 -23.34 33.15 -48.19
CA ILE C 4071 -23.26 34.60 -48.42
C ILE C 4071 -23.91 34.97 -49.76
N VAL C 4072 -23.73 34.13 -50.78
CA VAL C 4072 -24.21 34.46 -52.12
C VAL C 4072 -25.75 34.58 -52.13
N GLY C 4073 -26.44 33.69 -51.41
CA GLY C 4073 -27.89 33.72 -51.40
C GLY C 4073 -28.50 34.83 -50.57
N SER C 4074 -27.68 35.58 -49.83
CA SER C 4074 -28.18 36.56 -48.87
C SER C 4074 -28.96 37.68 -49.56
N GLU C 4075 -29.97 38.18 -48.85
CA GLU C 4075 -30.82 39.25 -49.37
C GLU C 4075 -30.02 40.53 -49.58
N ALA C 4076 -29.05 40.82 -48.70
CA ALA C 4076 -28.18 41.96 -48.89
C ALA C 4076 -27.38 41.84 -50.19
N PHE C 4077 -26.87 40.64 -50.48
CA PHE C 4077 -26.12 40.45 -51.72
C PHE C 4077 -27.05 40.56 -52.93
N GLN C 4078 -28.28 40.07 -52.81
CA GLN C 4078 -29.25 40.27 -53.89
C GLN C 4078 -29.55 41.74 -54.12
N ASP C 4079 -29.65 42.52 -53.05
CA ASP C 4079 -29.86 43.96 -53.17
C ASP C 4079 -28.67 44.64 -53.83
N TYR C 4080 -27.45 44.23 -53.47
CA TYR C 4080 -26.26 44.77 -54.12
C TYR C 4080 -26.20 44.39 -55.59
N VAL C 4081 -26.74 43.22 -55.94
CA VAL C 4081 -26.89 42.85 -57.34
C VAL C 4081 -27.92 43.79 -57.98
N THR C 4082 -27.56 44.36 -59.14
CA THR C 4082 -28.44 45.30 -59.84
C THR C 4082 -28.73 44.88 -61.28
N ASP C 4083 -27.77 44.31 -61.99
CA ASP C 4083 -27.93 44.00 -63.40
C ASP C 4083 -29.05 42.97 -63.60
N PRO C 4084 -29.88 43.13 -64.65
CA PRO C 4084 -30.87 42.09 -64.97
C PRO C 4084 -30.26 40.86 -65.61
N ARG C 4085 -28.98 40.90 -65.95
CA ARG C 4085 -28.26 39.77 -66.52
C ARG C 4085 -27.79 38.77 -65.46
N GLY C 4086 -28.20 38.96 -64.21
CA GLY C 4086 -27.86 38.04 -63.13
C GLY C 4086 -26.38 37.96 -62.84
N LEU C 4087 -25.67 39.09 -62.94
CA LEU C 4087 -24.21 39.12 -62.83
C LEU C 4087 -23.80 40.31 -61.99
N ILE C 4088 -22.77 40.14 -61.16
CA ILE C 4088 -22.35 41.14 -60.19
C ILE C 4088 -20.90 41.52 -60.45
N SER C 4089 -20.64 42.83 -60.54
CA SER C 4089 -19.31 43.33 -60.90
C SER C 4089 -18.29 43.07 -59.80
N LYS C 4090 -17.01 43.17 -60.18
CA LYS C 4090 -15.92 42.89 -59.25
C LYS C 4090 -15.83 43.93 -58.13
N LYS C 4091 -15.94 45.21 -58.49
CA LYS C 4091 -15.81 46.27 -57.48
C LYS C 4091 -17.02 46.28 -56.54
N ASP C 4092 -18.22 46.08 -57.09
CA ASP C 4092 -19.41 45.96 -56.27
C ASP C 4092 -19.34 44.71 -55.39
N PHE C 4093 -18.77 43.63 -55.92
CA PHE C 4093 -18.48 42.44 -55.13
C PHE C 4093 -17.58 42.77 -53.95
N GLN C 4094 -16.53 43.56 -54.18
CA GLN C 4094 -15.62 43.93 -53.10
C GLN C 4094 -16.35 44.75 -52.03
N LYS C 4095 -17.16 45.73 -52.45
CA LYS C 4095 -17.90 46.51 -51.46
C LYS C 4095 -18.90 45.65 -50.68
N ALA C 4096 -19.60 44.75 -51.38
CA ALA C 4096 -20.54 43.87 -50.72
C ALA C 4096 -19.85 42.92 -49.74
N MET C 4097 -18.69 42.40 -50.13
CA MET C 4097 -17.94 41.52 -49.24
C MET C 4097 -17.45 42.26 -48.00
N ASP C 4098 -16.99 43.50 -48.17
CA ASP C 4098 -16.53 44.28 -47.02
C ASP C 4098 -17.66 44.83 -46.17
N SER C 4099 -18.88 44.93 -46.72
CA SER C 4099 -20.01 45.37 -45.91
C SER C 4099 -20.37 44.35 -44.85
N GLN C 4100 -20.43 43.07 -45.22
CA GLN C 4100 -20.68 42.03 -44.23
C GLN C 4100 -19.39 41.72 -43.47
N LYS C 4101 -19.49 41.62 -42.15
CA LYS C 4101 -18.30 41.48 -41.30
C LYS C 4101 -17.93 40.00 -41.13
N GLN C 4102 -17.55 39.40 -42.25
CA GLN C 4102 -16.75 38.19 -42.30
C GLN C 4102 -15.83 38.32 -43.50
N PHE C 4103 -14.83 37.43 -43.57
CA PHE C 4103 -13.76 37.43 -44.57
C PHE C 4103 -12.83 38.63 -44.39
N THR C 4104 -11.54 38.43 -44.66
CA THR C 4104 -10.53 39.46 -44.56
C THR C 4104 -10.05 39.82 -45.96
N GLY C 4105 -9.27 40.90 -46.05
CA GLY C 4105 -8.84 41.44 -47.32
C GLY C 4105 -8.02 40.53 -48.22
N PRO C 4106 -6.97 39.87 -47.71
CA PRO C 4106 -6.27 38.89 -48.56
C PRO C 4106 -7.16 37.76 -49.05
N GLU C 4107 -8.08 37.29 -48.21
CA GLU C 4107 -9.02 36.25 -48.64
C GLU C 4107 -9.96 36.77 -49.72
N ILE C 4108 -10.41 38.02 -49.59
CA ILE C 4108 -11.29 38.61 -50.60
C ILE C 4108 -10.56 38.73 -51.93
N GLN C 4109 -9.30 39.15 -51.90
CA GLN C 4109 -8.50 39.23 -53.12
C GLN C 4109 -8.31 37.84 -53.75
N PHE C 4110 -8.10 36.82 -52.92
CA PHE C 4110 -7.97 35.46 -53.41
C PHE C 4110 -9.27 34.99 -54.05
N LEU C 4111 -10.41 35.33 -53.46
CA LEU C 4111 -11.71 34.96 -54.02
C LEU C 4111 -11.92 35.64 -55.37
N LEU C 4112 -11.53 36.91 -55.49
CA LEU C 4112 -11.61 37.59 -56.78
C LEU C 4112 -10.68 36.92 -57.81
N SER C 4113 -9.51 36.47 -57.37
CA SER C 4113 -8.61 35.75 -58.27
C SER C 4113 -9.25 34.45 -58.78
N CYS C 4114 -9.88 33.70 -57.88
CA CYS C 4114 -10.55 32.46 -58.29
C CYS C 4114 -11.73 32.74 -59.22
N SER C 4115 -12.49 33.80 -58.94
CA SER C 4115 -13.62 34.14 -59.78
C SER C 4115 -13.15 34.57 -61.16
N GLU C 4116 -13.75 33.99 -62.20
CA GLU C 4116 -13.39 34.31 -63.57
C GLU C 4116 -13.83 35.73 -63.91
N ALA C 4117 -12.95 36.47 -64.58
CA ALA C 4117 -13.19 37.88 -64.86
C ALA C 4117 -13.78 38.11 -66.24
N ASP C 4118 -13.12 37.64 -67.30
CA ASP C 4118 -13.59 37.76 -68.68
C ASP C 4118 -13.83 39.23 -69.05
N GLU C 4119 -12.71 39.94 -69.24
CA GLU C 4119 -12.60 41.34 -69.68
C GLU C 4119 -12.90 42.28 -68.51
N ASN C 4120 -13.13 41.75 -67.31
CA ASN C 4120 -13.61 42.39 -66.06
C ASN C 4120 -15.12 42.55 -66.08
N GLU C 4121 -15.82 41.86 -66.97
CA GLU C 4121 -17.26 41.76 -66.90
C GLU C 4121 -17.68 41.13 -65.58
N MET C 4122 -18.90 41.47 -65.15
CA MET C 4122 -19.48 40.99 -63.89
C MET C 4122 -19.42 39.48 -63.78
N ILE C 4123 -19.02 39.00 -62.60
CA ILE C 4123 -18.80 37.56 -62.42
C ILE C 4123 -20.15 36.84 -62.33
N ASN C 4124 -20.13 35.55 -62.66
CA ASN C 4124 -21.29 34.68 -62.50
C ASN C 4124 -21.28 34.14 -61.07
N PHE C 4125 -21.98 34.83 -60.17
CA PHE C 4125 -21.90 34.49 -58.75
C PHE C 4125 -22.53 33.14 -58.46
N GLU C 4126 -23.60 32.79 -59.18
CA GLU C 4126 -24.27 31.50 -58.96
C GLU C 4126 -23.33 30.34 -59.28
N GLU C 4127 -22.73 30.35 -60.47
CA GLU C 4127 -21.79 29.29 -60.84
C GLU C 4127 -20.56 29.32 -59.94
N PHE C 4128 -20.08 30.51 -59.59
CA PHE C 4128 -18.88 30.61 -58.76
C PHE C 4128 -19.11 30.01 -57.38
N ALA C 4129 -20.29 30.26 -56.79
CA ALA C 4129 -20.61 29.68 -55.49
C ALA C 4129 -20.90 28.19 -55.60
N ASN C 4130 -21.58 27.77 -56.66
CA ASN C 4130 -21.94 26.36 -56.81
C ASN C 4130 -20.71 25.50 -57.04
N ARG C 4131 -19.69 26.04 -57.70
CA ARG C 4131 -18.49 25.27 -58.00
C ARG C 4131 -17.76 24.91 -56.70
N PHE C 4132 -17.12 23.73 -56.73
CA PHE C 4132 -16.26 23.16 -55.68
C PHE C 4132 -17.05 22.63 -54.49
N GLN C 4133 -18.37 22.86 -54.48
CA GLN C 4133 -19.17 22.33 -53.38
C GLN C 4133 -19.41 20.83 -53.55
N GLU C 4134 -19.59 20.36 -54.78
CA GLU C 4134 -19.73 18.93 -55.01
C GLU C 4134 -18.48 18.11 -54.66
N PRO C 4135 -17.25 18.49 -55.07
CA PRO C 4135 -16.08 17.67 -54.66
C PRO C 4135 -15.81 17.69 -53.17
N ALA C 4136 -16.08 18.82 -52.49
CA ALA C 4136 -15.57 19.04 -51.14
C ALA C 4136 -16.26 18.15 -50.11
N ARG C 4137 -17.47 17.66 -50.42
CA ARG C 4137 -18.30 17.02 -49.40
C ARG C 4137 -17.67 15.75 -48.84
N ASP C 4138 -17.03 14.94 -49.70
CA ASP C 4138 -16.52 13.65 -49.25
C ASP C 4138 -15.36 13.81 -48.25
N ILE C 4139 -14.40 14.68 -48.56
CA ILE C 4139 -13.24 14.87 -47.70
C ILE C 4139 -13.63 15.58 -46.41
N GLY C 4140 -14.61 16.49 -46.48
CA GLY C 4140 -15.00 17.24 -45.29
C GLY C 4140 -15.62 16.36 -44.22
N PHE C 4141 -16.48 15.41 -44.62
CA PHE C 4141 -17.09 14.50 -43.65
C PHE C 4141 -16.03 13.64 -42.97
N ASN C 4142 -15.05 13.14 -43.73
CA ASN C 4142 -14.01 12.31 -43.13
C ASN C 4142 -13.10 13.12 -42.22
N VAL C 4143 -12.81 14.38 -42.57
CA VAL C 4143 -12.00 15.21 -41.67
C VAL C 4143 -12.76 15.48 -40.38
N ALA C 4144 -14.06 15.78 -40.48
CA ALA C 4144 -14.88 16.01 -39.30
C ALA C 4144 -14.94 14.76 -38.42
N VAL C 4145 -15.17 13.60 -39.03
CA VAL C 4145 -15.24 12.34 -38.29
C VAL C 4145 -13.93 12.06 -37.57
N LEU C 4146 -12.80 12.25 -38.27
CA LEU C 4146 -11.49 12.03 -37.65
C LEU C 4146 -11.26 12.96 -36.46
N LEU C 4147 -11.57 14.25 -36.62
CA LEU C 4147 -11.38 15.20 -35.53
C LEU C 4147 -12.30 14.89 -34.36
N THR C 4148 -13.54 14.49 -34.65
CA THR C 4148 -14.50 14.14 -33.61
C THR C 4148 -14.05 12.92 -32.83
N ASN C 4149 -13.59 11.89 -33.55
CA ASN C 4149 -13.05 10.68 -32.93
C ASN C 4149 -11.89 11.01 -32.00
N LEU C 4150 -10.95 11.83 -32.49
CA LEU C 4150 -9.82 12.22 -31.66
C LEU C 4150 -10.28 13.02 -30.44
N SER C 4151 -11.22 13.95 -30.63
CA SER C 4151 -11.69 14.81 -29.54
C SER C 4151 -12.36 14.01 -28.44
N GLU C 4152 -13.13 12.99 -28.80
CA GLU C 4152 -13.73 12.15 -27.76
C GLU C 4152 -12.75 11.15 -27.16
N HIS C 4153 -11.84 10.58 -27.96
CA HIS C 4153 -10.94 9.58 -27.40
C HIS C 4153 -9.91 10.20 -26.47
N VAL C 4154 -9.24 11.26 -26.88
CA VAL C 4154 -8.30 11.95 -26.00
C VAL C 4154 -8.95 13.25 -25.53
N PRO C 4155 -9.26 13.37 -24.23
CA PRO C 4155 -9.97 14.58 -23.75
C PRO C 4155 -9.06 15.65 -23.16
N HIS C 4156 -9.53 16.91 -23.22
CA HIS C 4156 -8.91 18.05 -22.53
C HIS C 4156 -7.44 18.24 -22.90
N ASP C 4157 -7.17 18.25 -24.20
CA ASP C 4157 -5.83 18.53 -24.72
C ASP C 4157 -5.88 19.85 -25.48
N PRO C 4158 -5.20 20.89 -25.02
CA PRO C 4158 -5.28 22.19 -25.72
C PRO C 4158 -4.78 22.15 -27.15
N ARG C 4159 -3.77 21.33 -27.42
CA ARG C 4159 -3.20 21.24 -28.76
C ARG C 4159 -4.23 20.73 -29.76
N LEU C 4160 -5.10 19.81 -29.34
CA LEU C 4160 -6.18 19.35 -30.20
C LEU C 4160 -7.37 20.30 -30.17
N ARG C 4161 -7.68 20.87 -29.00
CA ARG C 4161 -8.77 21.83 -28.83
C ARG C 4161 -8.61 23.05 -29.73
N ASN C 4162 -7.38 23.49 -29.96
CA ASN C 4162 -7.14 24.60 -30.89
C ASN C 4162 -7.66 24.27 -32.29
N PHE C 4163 -7.28 23.11 -32.83
CA PHE C 4163 -7.77 22.68 -34.13
C PHE C 4163 -9.28 22.46 -34.10
N LEU C 4164 -9.80 21.96 -32.98
CA LEU C 4164 -11.24 21.83 -32.79
C LEU C 4164 -11.96 23.17 -32.90
N GLU C 4165 -11.32 24.25 -32.45
CA GLU C 4165 -11.91 25.58 -32.51
C GLU C 4165 -11.82 26.16 -33.92
N LEU C 4166 -10.68 25.96 -34.60
CA LEU C 4166 -10.58 26.41 -35.98
C LEU C 4166 -11.53 25.65 -36.90
N ALA C 4167 -11.79 24.37 -36.60
CA ALA C 4167 -12.64 23.52 -37.42
C ALA C 4167 -14.10 23.49 -36.96
N GLU C 4168 -14.51 24.44 -36.11
CA GLU C 4168 -15.85 24.40 -35.54
C GLU C 4168 -16.95 24.51 -36.61
N SER C 4169 -16.73 25.34 -37.63
CA SER C 4169 -17.77 25.61 -38.61
C SER C 4169 -18.15 24.36 -39.41
N ILE C 4170 -17.15 23.60 -39.87
CA ILE C 4170 -17.42 22.41 -40.67
C ILE C 4170 -18.08 21.33 -39.81
N LEU C 4171 -17.67 21.21 -38.54
CA LEU C 4171 -18.28 20.28 -37.61
C LEU C 4171 -19.60 20.82 -37.05
N GLU C 4172 -20.04 21.96 -37.57
CA GLU C 4172 -21.37 22.50 -37.33
C GLU C 4172 -22.29 22.26 -38.52
N TYR C 4173 -21.77 22.45 -39.74
CA TYR C 4173 -22.56 22.16 -40.93
C TYR C 4173 -22.83 20.66 -41.09
N PHE C 4174 -21.79 19.82 -40.93
CA PHE C 4174 -21.99 18.39 -41.17
C PHE C 4174 -22.78 17.72 -40.05
N ARG C 4175 -22.79 18.31 -38.83
CA ARG C 4175 -23.33 17.75 -37.59
C ARG C 4175 -24.64 16.96 -37.75
N PRO C 4176 -25.68 17.49 -38.45
CA PRO C 4176 -26.88 16.66 -38.67
C PRO C 4176 -26.61 15.31 -39.34
N TYR C 4177 -25.69 15.27 -40.30
CA TYR C 4177 -25.49 14.09 -41.12
C TYR C 4177 -24.56 13.06 -40.49
N LEU C 4178 -24.00 13.34 -39.33
CA LEU C 4178 -23.12 12.41 -38.63
C LEU C 4178 -23.88 11.71 -37.51
N GLY C 4179 -23.73 10.39 -37.43
CA GLY C 4179 -24.40 9.61 -36.42
C GLY C 4179 -23.41 8.77 -35.64
N ARG C 4180 -23.77 8.50 -34.39
CA ARG C 4180 -22.92 7.77 -33.46
C ARG C 4180 -23.69 6.65 -32.81
N ILE C 4181 -23.08 5.47 -32.72
CA ILE C 4181 -23.65 4.35 -31.97
C ILE C 4181 -22.57 3.77 -31.08
N GLU C 4182 -23.00 3.01 -30.06
CA GLU C 4182 -22.11 2.23 -29.21
C GLU C 4182 -22.47 0.75 -29.32
N ILE C 4183 -21.44 -0.09 -29.54
CA ILE C 4183 -21.62 -1.53 -29.63
C ILE C 4183 -20.60 -2.20 -28.73
N MET C 4184 -20.83 -3.49 -28.47
CA MET C 4184 -19.88 -4.33 -27.74
C MET C 4184 -19.58 -5.56 -28.58
N GLY C 4185 -18.31 -5.95 -28.64
CA GLY C 4185 -17.91 -7.06 -29.48
C GLY C 4185 -16.43 -7.38 -29.48
N ALA C 4186 -16.09 -8.67 -29.60
CA ALA C 4186 -14.73 -9.17 -29.80
C ALA C 4186 -13.82 -8.89 -28.61
N SER C 4187 -13.52 -7.63 -28.34
CA SER C 4187 -12.71 -7.26 -27.19
C SER C 4187 -13.51 -7.24 -25.88
N ARG C 4188 -14.81 -7.53 -25.94
CA ARG C 4188 -15.72 -7.47 -24.79
C ARG C 4188 -15.76 -6.08 -24.15
N ARG C 4189 -15.46 -5.04 -24.94
CA ARG C 4189 -15.43 -3.66 -24.48
C ARG C 4189 -16.23 -2.79 -25.44
N ILE C 4190 -16.88 -1.77 -24.88
CA ILE C 4190 -17.76 -0.90 -25.66
C ILE C 4190 -16.93 -0.03 -26.59
N GLU C 4191 -17.39 0.11 -27.83
CA GLU C 4191 -16.76 0.93 -28.85
C GLU C 4191 -17.82 1.80 -29.51
N ARG C 4192 -17.35 2.82 -30.23
CA ARG C 4192 -18.22 3.81 -30.87
C ARG C 4192 -18.02 3.78 -32.37
N ILE C 4193 -19.14 3.77 -33.10
CA ILE C 4193 -19.14 3.73 -34.56
C ILE C 4193 -19.77 5.01 -35.10
N TYR C 4194 -19.13 5.58 -36.13
CA TYR C 4194 -19.55 6.80 -36.78
C TYR C 4194 -19.99 6.48 -38.20
N PHE C 4195 -21.10 7.07 -38.64
CA PHE C 4195 -21.64 6.82 -39.97
C PHE C 4195 -22.35 8.06 -40.49
N GLU C 4196 -22.64 8.05 -41.79
CA GLU C 4196 -23.31 9.14 -42.48
C GLU C 4196 -24.80 8.83 -42.64
N ILE C 4197 -25.64 9.73 -42.12
CA ILE C 4197 -27.08 9.46 -42.05
C ILE C 4197 -27.74 9.59 -43.43
N SER C 4198 -27.39 10.66 -44.16
CA SER C 4198 -27.91 11.07 -45.48
C SER C 4198 -29.26 11.78 -45.32
N GLU C 4199 -29.53 12.74 -46.21
CA GLU C 4199 -30.63 13.69 -45.99
C GLU C 4199 -31.99 13.03 -46.24
N THR C 4200 -32.11 12.26 -47.32
CA THR C 4200 -33.42 11.74 -47.72
C THR C 4200 -33.98 10.78 -46.68
N ASN C 4201 -33.13 9.93 -46.09
CA ASN C 4201 -33.59 9.03 -45.04
C ASN C 4201 -34.04 9.81 -43.79
N ARG C 4202 -33.30 10.88 -43.46
CA ARG C 4202 -33.68 11.75 -42.36
C ARG C 4202 -35.07 12.35 -42.59
N ALA C 4203 -35.31 12.89 -43.78
CA ALA C 4203 -36.60 13.50 -44.08
C ALA C 4203 -37.73 12.46 -44.07
N GLN C 4204 -37.48 11.28 -44.65
CA GLN C 4204 -38.49 10.23 -44.64
C GLN C 4204 -38.79 9.75 -43.22
N TRP C 4205 -37.79 9.78 -42.33
CA TRP C 4205 -38.06 9.48 -40.93
C TRP C 4205 -38.90 10.57 -40.30
N GLU C 4206 -38.59 11.83 -40.60
CA GLU C 4206 -39.35 12.95 -40.02
C GLU C 4206 -40.79 13.00 -40.53
N MET C 4207 -41.09 12.31 -41.65
CA MET C 4207 -42.45 12.15 -42.14
C MET C 4207 -43.35 11.63 -41.02
N PRO C 4208 -44.52 12.24 -40.79
CA PRO C 4208 -45.29 11.95 -39.56
C PRO C 4208 -45.81 10.52 -39.42
N GLN C 4209 -46.13 9.84 -40.52
CA GLN C 4209 -46.70 8.49 -40.42
C GLN C 4209 -45.72 7.53 -39.77
N VAL C 4210 -44.43 7.66 -40.10
CA VAL C 4210 -43.40 6.85 -39.44
C VAL C 4210 -43.35 7.16 -37.95
N LYS C 4211 -43.55 8.43 -37.58
CA LYS C 4211 -43.58 8.79 -36.16
C LYS C 4211 -44.77 8.14 -35.44
N GLU C 4212 -45.94 8.12 -36.08
CA GLU C 4212 -47.09 7.48 -35.48
C GLU C 4212 -46.88 5.97 -35.32
N SER C 4213 -46.32 5.34 -36.35
CA SER C 4213 -46.01 3.91 -36.27
C SER C 4213 -44.99 3.64 -35.18
N LYS C 4214 -44.00 4.53 -35.03
CA LYS C 4214 -43.01 4.40 -33.98
C LYS C 4214 -43.64 4.49 -32.59
N ARG C 4215 -44.57 5.44 -32.40
CA ARG C 4215 -45.24 5.57 -31.11
C ARG C 4215 -46.06 4.34 -30.79
N GLN C 4216 -46.79 3.81 -31.79
CA GLN C 4216 -47.56 2.59 -31.58
C GLN C 4216 -46.65 1.41 -31.23
N PHE C 4217 -45.50 1.31 -31.91
CA PHE C 4217 -44.55 0.25 -31.61
C PHE C 4217 -43.98 0.38 -30.21
N ILE C 4218 -43.71 1.62 -29.76
CA ILE C 4218 -43.24 1.84 -28.39
C ILE C 4218 -44.28 1.39 -27.38
N PHE C 4219 -45.56 1.75 -27.59
CA PHE C 4219 -46.60 1.36 -26.65
C PHE C 4219 -46.72 -0.17 -26.59
N ASP C 4220 -46.70 -0.82 -27.75
CA ASP C 4220 -46.82 -2.27 -27.80
C ASP C 4220 -45.62 -2.95 -27.14
N VAL C 4221 -44.40 -2.48 -27.42
CA VAL C 4221 -43.21 -3.14 -26.92
C VAL C 4221 -43.06 -2.92 -25.41
N VAL C 4222 -43.56 -1.79 -24.90
CA VAL C 4222 -43.40 -1.55 -23.46
C VAL C 4222 -44.47 -2.27 -22.66
N ASN C 4223 -45.74 -2.17 -23.06
CA ASN C 4223 -46.80 -2.72 -22.23
C ASN C 4223 -46.75 -4.24 -22.10
N GLU C 4224 -46.96 -4.95 -23.22
CA GLU C 4224 -46.99 -6.42 -23.16
C GLU C 4224 -45.59 -7.00 -23.39
N GLY C 4225 -44.75 -6.29 -24.13
CA GLY C 4225 -43.48 -6.80 -24.66
C GLY C 4225 -42.48 -7.35 -23.67
N GLY C 4226 -41.96 -8.53 -23.96
CA GLY C 4226 -40.96 -9.14 -23.10
C GLY C 4226 -39.58 -8.54 -23.26
N GLU C 4227 -38.80 -8.67 -22.19
CA GLU C 4227 -37.46 -8.08 -22.15
C GLU C 4227 -36.54 -8.75 -23.15
N ALA C 4228 -36.59 -10.09 -23.23
CA ALA C 4228 -35.76 -10.80 -24.20
C ALA C 4228 -36.24 -10.61 -25.64
N GLU C 4229 -37.54 -10.38 -25.84
CA GLU C 4229 -38.13 -10.24 -27.16
C GLU C 4229 -38.06 -8.82 -27.70
N LYS C 4230 -37.71 -7.86 -26.84
CA LYS C 4230 -37.72 -6.44 -27.22
C LYS C 4230 -36.78 -6.16 -28.39
N MET C 4231 -35.56 -6.69 -28.33
CA MET C 4231 -34.57 -6.41 -29.37
C MET C 4231 -34.99 -6.98 -30.72
N GLU C 4232 -35.49 -8.21 -30.72
CA GLU C 4232 -35.92 -8.84 -31.97
C GLU C 4232 -37.11 -8.11 -32.58
N LEU C 4233 -38.08 -7.72 -31.75
CA LEU C 4233 -39.21 -6.93 -32.24
C LEU C 4233 -38.74 -5.59 -32.79
N PHE C 4234 -37.74 -4.98 -32.15
CA PHE C 4234 -37.20 -3.72 -32.65
C PHE C 4234 -36.56 -3.88 -34.02
N VAL C 4235 -35.79 -4.95 -34.22
CA VAL C 4235 -35.18 -5.17 -35.52
C VAL C 4235 -36.25 -5.44 -36.59
N SER C 4236 -37.32 -6.17 -36.24
CA SER C 4236 -38.38 -6.42 -37.20
C SER C 4236 -39.12 -5.14 -37.57
N PHE C 4237 -39.36 -4.27 -36.57
CA PHE C 4237 -39.97 -2.97 -36.82
C PHE C 4237 -39.10 -2.13 -37.75
N CYS C 4238 -37.79 -2.15 -37.55
CA CYS C 4238 -36.88 -1.42 -38.45
C CYS C 4238 -36.95 -2.00 -39.87
N GLU C 4239 -36.99 -3.33 -39.99
CA GLU C 4239 -37.02 -3.96 -41.30
C GLU C 4239 -38.28 -3.60 -42.08
N ASP C 4240 -39.43 -3.57 -41.41
CA ASP C 4240 -40.64 -3.15 -42.13
C ASP C 4240 -40.64 -1.65 -42.39
N THR C 4241 -39.95 -0.88 -41.53
CA THR C 4241 -39.82 0.56 -41.76
C THR C 4241 -39.08 0.85 -43.06
N ILE C 4242 -38.03 0.08 -43.37
CA ILE C 4242 -37.32 0.29 -44.64
C ILE C 4242 -38.25 0.05 -45.83
N PHE C 4243 -39.06 -1.00 -45.78
CA PHE C 4243 -39.98 -1.29 -46.88
C PHE C 4243 -41.03 -0.20 -47.03
N GLU C 4244 -41.55 0.31 -45.90
CA GLU C 4244 -42.52 1.41 -45.97
C GLU C 4244 -41.91 2.65 -46.60
N MET C 4245 -40.66 2.97 -46.24
CA MET C 4245 -40.00 4.14 -46.82
C MET C 4245 -39.71 3.92 -48.30
N GLN C 4246 -39.39 2.68 -48.71
CA GLN C 4246 -39.22 2.40 -50.14
C GLN C 4246 -40.53 2.60 -50.90
N ILE C 4247 -41.65 2.18 -50.31
CA ILE C 4247 -42.96 2.41 -50.92
C ILE C 4247 -43.22 3.91 -51.05
N ALA C 4248 -42.88 4.68 -50.01
CA ALA C 4248 -43.06 6.13 -50.05
C ALA C 4248 -42.19 6.80 -51.11
N ALA C 4249 -40.96 6.32 -51.29
CA ALA C 4249 -40.11 6.83 -52.36
C ALA C 4249 -40.70 6.49 -53.73
N GLN C 4250 -41.29 5.30 -53.85
CA GLN C 4250 -41.89 4.91 -55.14
C GLN C 4250 -43.08 5.78 -55.49
N ILE C 4251 -43.95 6.08 -54.50
CA ILE C 4251 -45.11 6.92 -54.82
C ILE C 4251 -44.69 8.37 -55.03
N SER C 4252 -43.61 8.79 -54.36
CA SER C 4252 -43.19 10.20 -54.40
C SER C 4252 -42.87 10.64 -55.82
N GLU C 4253 -43.32 11.83 -56.17
CA GLU C 4253 -43.14 12.37 -57.51
C GLU C 4253 -42.63 13.81 -57.47
N PHE C 4540 -51.22 2.69 -78.98
CA PHE C 4540 -51.49 3.54 -77.82
C PHE C 4540 -51.62 2.71 -76.55
N TRP C 4541 -51.25 1.43 -76.63
CA TRP C 4541 -51.28 0.57 -75.44
C TRP C 4541 -50.27 1.04 -74.41
N GLY C 4542 -49.08 1.46 -74.86
CA GLY C 4542 -48.11 2.03 -73.93
C GLY C 4542 -48.58 3.34 -73.33
N GLU C 4543 -49.24 4.17 -74.13
CA GLU C 4543 -49.80 5.42 -73.61
C GLU C 4543 -50.88 5.13 -72.54
N LEU C 4544 -51.72 4.13 -72.79
CA LEU C 4544 -52.72 3.73 -71.80
C LEU C 4544 -52.05 3.21 -70.53
N GLU C 4545 -50.96 2.45 -70.68
CA GLU C 4545 -50.25 1.93 -69.52
C GLU C 4545 -49.65 3.05 -68.68
N VAL C 4546 -49.00 4.03 -69.33
CA VAL C 4546 -48.39 5.13 -68.55
C VAL C 4546 -49.47 6.01 -67.94
N GLN C 4547 -50.61 6.19 -68.62
CA GLN C 4547 -51.71 6.92 -68.00
C GLN C 4547 -52.25 6.18 -66.78
N ARG C 4548 -52.33 4.84 -66.86
CA ARG C 4548 -52.77 4.06 -65.71
C ARG C 4548 -51.78 4.19 -64.55
N VAL C 4549 -50.48 4.15 -64.83
CA VAL C 4549 -49.48 4.28 -63.77
C VAL C 4549 -49.55 5.66 -63.14
N LYS C 4550 -49.73 6.70 -63.95
CA LYS C 4550 -49.88 8.05 -63.40
C LYS C 4550 -51.15 8.16 -62.56
N PHE C 4551 -52.24 7.54 -63.01
CA PHE C 4551 -53.48 7.53 -62.24
C PHE C 4551 -53.31 6.87 -60.88
N LEU C 4552 -52.60 5.72 -60.85
CA LEU C 4552 -52.33 5.07 -59.57
C LEU C 4552 -51.42 5.92 -58.70
N ASN C 4553 -50.36 6.49 -59.29
CA ASN C 4553 -49.40 7.29 -58.52
C ASN C 4553 -50.02 8.58 -57.98
N TYR C 4554 -51.13 9.03 -58.57
CA TYR C 4554 -51.87 10.15 -58.02
C TYR C 4554 -52.92 9.72 -57.00
N LEU C 4555 -53.67 8.66 -57.30
CA LEU C 4555 -54.76 8.23 -56.43
C LEU C 4555 -54.25 7.69 -55.11
N SER C 4556 -53.07 7.05 -55.12
CA SER C 4556 -52.54 6.43 -53.90
C SER C 4556 -52.25 7.46 -52.83
N ARG C 4557 -51.71 8.61 -53.21
CA ARG C 4557 -51.25 9.59 -52.23
C ARG C 4557 -52.37 10.40 -51.58
N ASN C 4558 -53.62 10.24 -52.00
CA ASN C 4558 -54.74 11.02 -51.48
C ASN C 4558 -55.81 10.12 -50.86
N PHE C 4559 -55.38 9.03 -50.19
CA PHE C 4559 -56.33 8.06 -49.66
C PHE C 4559 -57.19 8.65 -48.55
N TYR C 4560 -56.59 9.38 -47.61
CA TYR C 4560 -57.33 9.88 -46.46
C TYR C 4560 -58.30 10.99 -46.84
N THR C 4561 -57.88 11.88 -47.74
CA THR C 4561 -58.75 12.97 -48.17
C THR C 4561 -59.98 12.44 -48.90
N LEU C 4562 -59.82 11.32 -49.62
CA LEU C 4562 -60.98 10.64 -50.21
C LEU C 4562 -61.94 10.18 -49.14
N ARG C 4563 -61.42 9.64 -48.03
CA ARG C 4563 -62.28 9.19 -46.95
C ARG C 4563 -63.01 10.37 -46.30
N PHE C 4564 -62.33 11.50 -46.16
CA PHE C 4564 -62.97 12.71 -45.63
C PHE C 4564 -64.05 13.21 -46.57
N LEU C 4565 -63.78 13.18 -47.88
CA LEU C 4565 -64.78 13.47 -48.90
C LEU C 4565 -65.99 12.56 -48.75
N ALA C 4566 -65.76 11.27 -48.48
CA ALA C 4566 -66.86 10.34 -48.26
C ALA C 4566 -67.66 10.71 -47.01
N LEU C 4567 -66.97 11.15 -45.95
CA LEU C 4567 -67.64 11.67 -44.76
C LEU C 4567 -68.57 12.83 -45.10
N PHE C 4568 -68.04 13.83 -45.79
CA PHE C 4568 -68.85 15.00 -46.15
C PHE C 4568 -70.01 14.63 -47.07
N LEU C 4569 -69.75 13.75 -48.04
CA LEU C 4569 -70.80 13.33 -48.97
C LEU C 4569 -71.89 12.53 -48.27
N ALA C 4570 -71.52 11.67 -47.32
CA ALA C 4570 -72.53 10.92 -46.57
C ALA C 4570 -73.39 11.87 -45.73
N PHE C 4571 -72.75 12.85 -45.08
CA PHE C 4571 -73.52 13.81 -44.28
C PHE C 4571 -74.46 14.62 -45.17
N ALA C 4572 -73.96 15.07 -46.32
CA ALA C 4572 -74.80 15.83 -47.27
C ALA C 4572 -75.95 14.98 -47.79
N ILE C 4573 -75.68 13.71 -48.09
CA ILE C 4573 -76.71 12.81 -48.60
C ILE C 4573 -77.80 12.61 -47.56
N ASN C 4574 -77.42 12.40 -46.30
CA ASN C 4574 -78.42 12.24 -45.24
C ASN C 4574 -79.20 13.52 -44.99
N PHE C 4575 -78.55 14.68 -45.11
CA PHE C 4575 -79.25 15.94 -44.94
C PHE C 4575 -80.25 16.18 -46.08
N ILE C 4576 -79.87 15.83 -47.30
CA ILE C 4576 -80.81 15.85 -48.43
C ILE C 4576 -81.97 14.89 -48.16
N LEU C 4577 -81.65 13.72 -47.59
CA LEU C 4577 -82.68 12.72 -47.30
C LEU C 4577 -83.70 13.24 -46.30
N LEU C 4578 -83.25 14.03 -45.31
CA LEU C 4578 -84.03 14.42 -44.14
C LEU C 4578 -85.46 14.90 -44.39
N PHE C 4579 -85.74 15.41 -45.60
CA PHE C 4579 -87.06 15.94 -45.94
C PHE C 4579 -87.76 14.99 -46.89
N TYR C 4580 -88.91 14.46 -46.45
CA TYR C 4580 -89.63 13.43 -47.19
C TYR C 4580 -91.09 13.44 -46.72
N LYS C 4581 -91.95 12.73 -47.46
CA LYS C 4581 -93.34 12.65 -47.07
C LYS C 4581 -93.89 11.31 -47.51
N VAL C 4582 -94.94 10.85 -46.82
CA VAL C 4582 -95.67 9.64 -47.19
C VAL C 4582 -97.08 10.03 -47.59
N SER C 4583 -97.51 9.58 -48.76
CA SER C 4583 -98.83 9.90 -49.29
C SER C 4583 -99.64 8.62 -49.42
N ASP C 4584 -100.91 8.70 -49.03
CA ASP C 4584 -101.82 7.56 -49.18
C ASP C 4584 -102.03 7.23 -50.65
N SER C 4585 -102.20 8.25 -51.49
CA SER C 4585 -102.43 8.07 -52.91
C SER C 4585 -101.41 8.89 -53.68
N PRO C 4586 -100.83 8.36 -54.76
CA PRO C 4586 -99.86 9.13 -55.56
C PRO C 4586 -100.53 10.31 -56.23
N PRO C 4587 -99.84 11.45 -56.35
CA PRO C 4587 -100.36 12.65 -57.00
C PRO C 4587 -100.11 12.67 -58.51
N ASN C 4626 -100.26 1.38 -53.10
CA ASN C 4626 -101.11 2.52 -52.78
C ASN C 4626 -100.28 3.66 -52.19
N MET C 4627 -99.74 3.44 -51.00
CA MET C 4627 -98.88 4.43 -50.35
C MET C 4627 -97.62 4.67 -51.17
N VAL C 4628 -97.23 5.94 -51.28
CA VAL C 4628 -96.03 6.38 -51.97
C VAL C 4628 -95.21 7.26 -51.04
N TYR C 4629 -94.02 7.64 -51.50
CA TYR C 4629 -93.00 8.26 -50.66
C TYR C 4629 -92.47 9.53 -51.32
N TYR C 4630 -93.38 10.38 -51.80
CA TYR C 4630 -92.95 11.58 -52.52
C TYR C 4630 -92.28 12.57 -51.56
N PHE C 4631 -91.43 13.42 -52.11
CA PHE C 4631 -90.59 14.28 -51.30
C PHE C 4631 -91.13 15.71 -51.30
N LEU C 4632 -91.29 16.26 -50.10
CA LEU C 4632 -91.64 17.66 -49.95
C LEU C 4632 -90.43 18.52 -50.30
N GLU C 4633 -90.64 19.52 -51.13
CA GLU C 4633 -89.54 20.26 -51.73
C GLU C 4633 -89.73 21.76 -51.56
N GLU C 4634 -88.70 22.42 -51.04
CA GLU C 4634 -88.73 23.87 -50.90
C GLU C 4634 -88.43 24.55 -52.23
N SER C 4635 -88.90 25.80 -52.35
CA SER C 4635 -88.70 26.58 -53.57
C SER C 4635 -87.27 27.07 -53.76
N THR C 4636 -86.35 26.72 -52.85
CA THR C 4636 -84.96 27.12 -53.00
C THR C 4636 -84.31 26.38 -54.17
N GLY C 4637 -83.24 26.98 -54.70
CA GLY C 4637 -82.50 26.34 -55.77
C GLY C 4637 -81.89 25.02 -55.33
N TYR C 4638 -81.43 24.95 -54.09
CA TYR C 4638 -80.99 23.69 -53.52
C TYR C 4638 -82.19 22.81 -53.16
N MET C 4639 -81.89 21.54 -52.88
CA MET C 4639 -82.79 20.50 -52.35
C MET C 4639 -83.72 20.03 -53.48
N GLU C 4640 -83.43 20.40 -54.72
CA GLU C 4640 -84.10 19.82 -55.88
C GLU C 4640 -83.49 18.42 -56.07
N PRO C 4641 -83.91 17.61 -57.05
CA PRO C 4641 -83.62 16.20 -56.97
C PRO C 4641 -82.20 15.73 -57.27
N ALA C 4642 -81.20 16.62 -57.13
CA ALA C 4642 -79.79 16.31 -57.42
C ALA C 4642 -79.17 15.26 -56.50
N LEU C 4643 -79.94 14.65 -55.59
CA LEU C 4643 -79.43 13.51 -54.82
C LEU C 4643 -78.98 12.38 -55.75
N TRP C 4644 -79.68 12.24 -56.88
CA TRP C 4644 -79.34 11.37 -58.00
C TRP C 4644 -77.99 11.74 -58.63
N CYS C 4645 -77.47 12.93 -58.34
CA CYS C 4645 -76.15 13.32 -58.80
C CYS C 4645 -75.07 13.04 -57.76
N LEU C 4646 -75.37 13.29 -56.48
CA LEU C 4646 -74.40 12.98 -55.42
C LEU C 4646 -74.13 11.49 -55.28
N SER C 4647 -75.16 10.65 -55.48
CA SER C 4647 -74.98 9.21 -55.28
C SER C 4647 -73.97 8.62 -56.25
N LEU C 4648 -74.04 9.01 -57.54
CA LEU C 4648 -73.17 8.46 -58.57
C LEU C 4648 -71.72 8.88 -58.40
N LEU C 4649 -71.45 9.94 -57.65
CA LEU C 4649 -70.09 10.33 -57.32
C LEU C 4649 -69.61 9.69 -56.04
N HIS C 4650 -70.49 9.54 -55.05
CA HIS C 4650 -70.12 8.88 -53.80
C HIS C 4650 -69.71 7.44 -54.03
N THR C 4651 -70.43 6.71 -54.90
CA THR C 4651 -70.08 5.32 -55.15
C THR C 4651 -68.71 5.20 -55.84
N LEU C 4652 -68.44 6.08 -56.81
CA LEU C 4652 -67.13 6.07 -57.45
C LEU C 4652 -66.03 6.45 -56.47
N VAL C 4653 -66.34 7.35 -55.53
CA VAL C 4653 -65.38 7.69 -54.48
C VAL C 4653 -65.07 6.46 -53.62
N ALA C 4654 -66.09 5.68 -53.29
CA ALA C 4654 -65.87 4.46 -52.50
C ALA C 4654 -65.03 3.45 -53.27
N PHE C 4655 -65.31 3.27 -54.56
CA PHE C 4655 -64.52 2.32 -55.35
C PHE C 4655 -63.08 2.78 -55.48
N LEU C 4656 -62.87 4.09 -55.65
CA LEU C 4656 -61.51 4.63 -55.66
C LEU C 4656 -60.83 4.43 -54.32
N CYS C 4657 -61.59 4.46 -53.22
CA CYS C 4657 -61.01 4.15 -51.91
C CYS C 4657 -60.57 2.69 -51.83
N ILE C 4658 -61.37 1.77 -52.41
CA ILE C 4658 -60.95 0.37 -52.47
C ILE C 4658 -59.64 0.25 -53.25
N ILE C 4659 -59.55 0.97 -54.37
CA ILE C 4659 -58.33 0.95 -55.18
C ILE C 4659 -57.14 1.49 -54.39
N GLY C 4660 -57.35 2.59 -53.67
CA GLY C 4660 -56.28 3.17 -52.86
C GLY C 4660 -55.78 2.22 -51.79
N TYR C 4661 -56.69 1.49 -51.15
CA TYR C 4661 -56.27 0.45 -50.20
C TYR C 4661 -55.42 -0.62 -50.88
N ASN C 4662 -55.89 -1.12 -52.03
CA ASN C 4662 -55.17 -2.18 -52.73
C ASN C 4662 -53.88 -1.70 -53.37
N CYS C 4663 -53.66 -0.40 -53.46
CA CYS C 4663 -52.39 0.15 -53.90
C CYS C 4663 -51.42 0.40 -52.76
N LEU C 4664 -51.90 0.88 -51.61
CA LEU C 4664 -50.99 1.26 -50.52
C LEU C 4664 -50.76 0.14 -49.51
N LYS C 4665 -51.83 -0.34 -48.87
CA LYS C 4665 -51.65 -1.02 -47.58
C LYS C 4665 -51.14 -2.45 -47.72
N VAL C 4666 -51.66 -3.22 -48.68
CA VAL C 4666 -51.48 -4.68 -48.63
C VAL C 4666 -50.05 -5.19 -48.86
N PRO C 4667 -49.15 -4.52 -49.63
CA PRO C 4667 -47.80 -5.10 -49.77
C PRO C 4667 -47.06 -5.26 -48.45
N LEU C 4668 -47.29 -4.36 -47.48
CA LEU C 4668 -46.65 -4.49 -46.18
C LEU C 4668 -47.08 -5.76 -45.47
N VAL C 4669 -48.38 -6.05 -45.45
CA VAL C 4669 -48.88 -7.25 -44.79
C VAL C 4669 -48.36 -8.50 -45.48
N ILE C 4670 -48.33 -8.48 -46.83
CA ILE C 4670 -47.80 -9.61 -47.58
C ILE C 4670 -46.34 -9.84 -47.24
N PHE C 4671 -45.55 -8.76 -47.17
CA PHE C 4671 -44.13 -8.87 -46.85
C PHE C 4671 -43.91 -9.39 -45.43
N LYS C 4672 -44.73 -8.93 -44.48
CA LYS C 4672 -44.61 -9.41 -43.10
C LYS C 4672 -44.89 -10.91 -42.99
N ARG C 4673 -45.98 -11.38 -43.61
CA ARG C 4673 -46.28 -12.81 -43.56
C ARG C 4673 -45.20 -13.62 -44.26
N GLU C 4674 -44.72 -13.13 -45.41
CA GLU C 4674 -43.67 -13.83 -46.14
C GLU C 4674 -42.38 -13.91 -45.32
N LYS C 4675 -42.02 -12.81 -44.64
CA LYS C 4675 -40.83 -12.81 -43.80
C LYS C 4675 -40.95 -13.80 -42.64
N GLU C 4676 -42.12 -13.81 -41.99
CA GLU C 4676 -42.36 -14.76 -40.92
C GLU C 4676 -42.24 -16.19 -41.42
N LEU C 4677 -42.86 -16.48 -42.57
CA LEU C 4677 -42.78 -17.82 -43.14
C LEU C 4677 -41.35 -18.21 -43.48
N ALA C 4678 -40.58 -17.28 -44.06
CA ALA C 4678 -39.21 -17.60 -44.48
C ALA C 4678 -38.31 -17.87 -43.28
N ARG C 4679 -38.35 -17.00 -42.26
CA ARG C 4679 -37.51 -17.22 -41.08
C ARG C 4679 -37.92 -18.48 -40.34
N LYS C 4680 -39.23 -18.75 -40.22
CA LYS C 4680 -39.68 -19.98 -39.59
C LYS C 4680 -39.22 -21.20 -40.37
N LEU C 4681 -39.34 -21.17 -41.69
CA LEU C 4681 -38.95 -22.30 -42.51
C LEU C 4681 -37.46 -22.58 -42.43
N GLU C 4682 -36.62 -21.54 -42.39
CA GLU C 4682 -35.18 -21.78 -42.51
C GLU C 4682 -34.52 -22.00 -41.15
N PHE C 4683 -34.70 -21.07 -40.19
CA PHE C 4683 -33.96 -21.22 -38.93
C PHE C 4683 -34.46 -22.39 -38.09
N ASP C 4684 -35.78 -22.48 -37.89
CA ASP C 4684 -36.36 -23.52 -37.02
C ASP C 4684 -37.43 -24.25 -37.81
N GLY C 4685 -37.01 -25.27 -38.55
CA GLY C 4685 -37.86 -25.84 -39.59
C GLY C 4685 -39.17 -26.35 -39.04
N LEU C 4686 -40.27 -25.93 -39.67
CA LEU C 4686 -41.61 -26.26 -39.23
C LEU C 4686 -42.34 -27.13 -40.24
N TYR C 4687 -41.82 -27.27 -41.46
CA TYR C 4687 -42.33 -28.22 -42.44
C TYR C 4687 -41.37 -29.36 -42.72
N ILE C 4688 -40.06 -29.10 -42.72
CA ILE C 4688 -39.08 -30.13 -43.05
C ILE C 4688 -39.02 -31.20 -41.97
N THR C 4689 -38.99 -30.80 -40.70
CA THR C 4689 -38.92 -31.77 -39.61
C THR C 4689 -40.17 -31.76 -38.75
N GLU C 4690 -40.48 -30.62 -38.15
CA GLU C 4690 -41.71 -30.46 -37.39
C GLU C 4690 -42.92 -30.36 -38.31
N GLN C 4691 -44.11 -30.28 -37.73
CA GLN C 4691 -45.34 -30.05 -38.47
C GLN C 4691 -46.23 -29.12 -37.66
N PRO C 4692 -47.10 -28.36 -38.30
CA PRO C 4692 -48.03 -27.51 -37.56
C PRO C 4692 -49.02 -28.33 -36.75
N GLY C 4693 -49.42 -27.77 -35.61
CA GLY C 4693 -50.42 -28.42 -34.78
C GLY C 4693 -51.77 -28.47 -35.46
N ASP C 4694 -52.56 -29.49 -35.09
CA ASP C 4694 -53.87 -29.68 -35.70
C ASP C 4694 -54.80 -28.50 -35.41
N ASP C 4695 -54.90 -28.11 -34.14
CA ASP C 4695 -55.80 -27.03 -33.75
C ASP C 4695 -55.20 -25.64 -33.91
N ASP C 4696 -54.68 -25.32 -35.08
CA ASP C 4696 -54.27 -23.97 -35.42
C ASP C 4696 -54.94 -23.52 -36.71
N VAL C 4697 -55.06 -22.20 -36.88
CA VAL C 4697 -55.74 -21.63 -38.04
C VAL C 4697 -54.70 -20.99 -38.96
N LYS C 4698 -54.88 -21.21 -40.27
CA LYS C 4698 -54.12 -20.64 -41.37
C LYS C 4698 -52.70 -21.18 -41.46
N GLY C 4699 -52.26 -21.94 -40.47
CA GLY C 4699 -50.98 -22.65 -40.60
C GLY C 4699 -51.04 -23.69 -41.70
N GLN C 4700 -52.17 -24.39 -41.80
CA GLN C 4700 -52.39 -25.29 -42.93
C GLN C 4700 -52.53 -24.51 -44.24
N TRP C 4701 -53.13 -23.32 -44.17
CA TRP C 4701 -53.27 -22.47 -45.36
C TRP C 4701 -51.94 -22.02 -45.90
N ASP C 4702 -50.91 -21.89 -45.05
CA ASP C 4702 -49.58 -21.52 -45.52
C ASP C 4702 -48.98 -22.57 -46.46
N ARG C 4703 -49.50 -23.80 -46.45
CA ARG C 4703 -48.93 -24.87 -47.26
C ARG C 4703 -49.02 -24.58 -48.75
N LEU C 4704 -50.07 -23.84 -49.17
CA LEU C 4704 -50.33 -23.64 -50.60
C LEU C 4704 -49.21 -22.85 -51.28
N VAL C 4705 -48.67 -21.84 -50.59
CA VAL C 4705 -47.73 -20.94 -51.23
C VAL C 4705 -46.36 -21.58 -51.46
N LEU C 4706 -46.05 -22.66 -50.75
CA LEU C 4706 -44.71 -23.25 -50.81
C LEU C 4706 -44.39 -23.81 -52.20
N ASN C 4707 -45.35 -24.49 -52.83
CA ASN C 4707 -45.10 -25.11 -54.13
C ASN C 4707 -44.94 -24.07 -55.23
N THR C 4708 -45.58 -22.90 -55.08
CA THR C 4708 -45.53 -21.86 -56.09
C THR C 4708 -44.10 -21.43 -56.37
N PRO C 4709 -43.66 -21.40 -57.63
CA PRO C 4709 -42.29 -20.94 -57.93
C PRO C 4709 -42.01 -19.51 -57.53
N SER C 4710 -43.00 -18.62 -57.67
CA SER C 4710 -42.85 -17.22 -57.29
C SER C 4710 -43.21 -16.97 -55.84
N PHE C 4711 -42.62 -17.73 -54.92
CA PHE C 4711 -42.80 -17.53 -53.48
C PHE C 4711 -42.20 -16.20 -53.02
N PRO C 4712 -40.88 -15.92 -53.24
CA PRO C 4712 -40.38 -14.66 -52.67
C PRO C 4712 -40.67 -13.44 -53.56
N SER C 4713 -41.95 -13.08 -53.66
CA SER C 4713 -42.33 -11.93 -54.47
C SER C 4713 -41.88 -10.62 -53.84
N ASN C 4714 -42.13 -10.45 -52.54
CA ASN C 4714 -41.89 -9.16 -51.88
C ASN C 4714 -40.77 -9.18 -50.86
N TYR C 4715 -40.38 -10.34 -50.34
CA TYR C 4715 -39.27 -10.39 -49.40
C TYR C 4715 -37.96 -10.11 -50.15
N TRP C 4716 -36.99 -9.54 -49.43
CA TRP C 4716 -35.80 -9.01 -50.08
C TRP C 4716 -34.93 -10.09 -50.70
N ASP C 4717 -34.87 -11.28 -50.11
CA ASP C 4717 -33.93 -12.31 -50.53
C ASP C 4717 -34.69 -13.44 -51.23
N LYS C 4718 -34.23 -13.80 -52.42
CA LYS C 4718 -34.81 -14.89 -53.19
C LYS C 4718 -34.10 -16.22 -53.00
N PHE C 4719 -33.01 -16.24 -52.21
CA PHE C 4719 -32.15 -17.41 -52.09
C PHE C 4719 -32.50 -18.30 -50.91
N VAL C 4720 -33.60 -18.04 -50.21
CA VAL C 4720 -34.02 -18.87 -49.09
C VAL C 4720 -34.33 -20.29 -49.57
N LYS C 4721 -34.91 -20.42 -50.77
CA LYS C 4721 -35.24 -21.71 -51.34
C LYS C 4721 -34.00 -22.60 -51.46
N ARG C 4722 -32.90 -22.04 -51.98
CA ARG C 4722 -31.65 -22.80 -52.05
C ARG C 4722 -31.04 -22.99 -50.67
N LYS C 4723 -31.13 -21.96 -49.80
CA LYS C 4723 -30.47 -22.02 -48.50
C LYS C 4723 -31.04 -23.12 -47.60
N VAL C 4724 -32.35 -23.30 -47.61
CA VAL C 4724 -32.98 -24.33 -46.77
C VAL C 4724 -32.51 -25.71 -47.20
N LEU C 4725 -32.47 -25.97 -48.50
CA LEU C 4725 -31.97 -27.24 -49.01
C LEU C 4725 -30.49 -27.41 -48.69
N ASP C 4726 -29.70 -26.35 -48.82
CA ASP C 4726 -28.26 -26.44 -48.58
C ASP C 4726 -27.95 -26.70 -47.11
N LYS C 4727 -28.83 -26.26 -46.21
CA LYS C 4727 -28.61 -26.51 -44.79
C LYS C 4727 -29.13 -27.88 -44.36
N HIS C 4728 -30.42 -28.15 -44.59
CA HIS C 4728 -31.05 -29.37 -44.07
C HIS C 4728 -31.10 -30.51 -45.08
N GLY C 4729 -30.36 -30.42 -46.19
CA GLY C 4729 -30.45 -31.45 -47.22
C GLY C 4729 -29.90 -32.80 -46.79
N ASP C 4730 -28.83 -32.80 -45.99
CA ASP C 4730 -28.14 -34.04 -45.67
C ASP C 4730 -28.94 -34.90 -44.69
N ILE C 4731 -29.64 -34.26 -43.74
CA ILE C 4731 -30.30 -34.98 -42.66
C ILE C 4731 -31.58 -35.67 -43.13
N PHE C 4732 -32.13 -35.26 -44.28
CA PHE C 4732 -33.41 -35.77 -44.77
C PHE C 4732 -33.28 -36.12 -46.24
N GLY C 4733 -34.34 -36.71 -46.78
CA GLY C 4733 -34.37 -37.01 -48.20
C GLY C 4733 -34.31 -35.76 -49.05
N ARG C 4734 -33.26 -35.67 -49.88
CA ARG C 4734 -33.07 -34.51 -50.74
C ARG C 4734 -34.21 -34.40 -51.75
N GLU C 4735 -34.61 -35.54 -52.33
CA GLU C 4735 -35.76 -35.54 -53.21
C GLU C 4735 -37.05 -35.21 -52.46
N ARG C 4736 -37.11 -35.54 -51.16
CA ARG C 4736 -38.28 -35.17 -50.37
C ARG C 4736 -38.36 -33.65 -50.20
N ILE C 4737 -37.22 -32.99 -49.97
CA ILE C 4737 -37.22 -31.52 -49.95
C ILE C 4737 -37.57 -30.97 -51.34
N ALA C 4738 -37.10 -31.63 -52.39
CA ALA C 4738 -37.37 -31.19 -53.76
C ALA C 4738 -38.87 -31.27 -54.09
N GLU C 4739 -39.53 -32.34 -53.67
CA GLU C 4739 -40.98 -32.42 -53.89
C GLU C 4739 -41.73 -31.50 -52.94
N LEU C 4740 -41.18 -31.24 -51.75
CA LEU C 4740 -41.83 -30.31 -50.83
C LEU C 4740 -41.87 -28.90 -51.40
N LEU C 4741 -40.74 -28.39 -51.89
CA LEU C 4741 -40.71 -27.13 -52.62
C LEU C 4741 -39.98 -27.35 -53.95
N GLY C 4742 -40.67 -27.06 -55.05
CA GLY C 4742 -40.28 -27.53 -56.36
C GLY C 4742 -39.09 -26.82 -56.98
N MET C 4743 -37.91 -27.05 -56.40
CA MET C 4743 -36.70 -26.38 -56.84
C MET C 4743 -36.31 -26.80 -58.26
N ASP C 4744 -36.48 -28.10 -58.57
CA ASP C 4744 -36.18 -28.74 -59.86
C ASP C 4744 -34.67 -28.97 -59.93
N LEU C 4745 -34.24 -30.08 -60.53
CA LEU C 4745 -32.83 -30.42 -60.47
C LEU C 4745 -32.00 -29.61 -61.46
N ALA C 4746 -32.17 -28.29 -61.42
CA ALA C 4746 -31.21 -27.32 -61.93
C ALA C 4746 -30.43 -26.71 -60.76
N SER C 4747 -30.18 -27.53 -59.74
CA SER C 4747 -29.53 -27.05 -58.52
C SER C 4747 -28.14 -26.51 -58.82
N LEU C 4748 -27.48 -27.04 -59.85
CA LEU C 4748 -26.31 -26.38 -60.42
C LEU C 4748 -26.80 -25.24 -61.29
N GLU C 4749 -27.36 -24.21 -60.63
CA GLU C 4749 -27.84 -23.03 -61.33
C GLU C 4749 -26.71 -22.27 -61.99
N ILE C 4750 -25.48 -22.46 -61.49
CA ILE C 4750 -24.29 -21.82 -62.05
C ILE C 4750 -24.07 -22.25 -63.51
N THR C 4751 -24.39 -23.51 -63.83
CA THR C 4751 -24.21 -23.99 -65.21
C THR C 4751 -25.14 -23.27 -66.17
N ALA C 4752 -26.39 -23.04 -65.77
CA ALA C 4752 -27.33 -22.33 -66.62
C ALA C 4752 -27.07 -20.83 -66.62
N HIS C 4753 -26.60 -20.28 -65.50
CA HIS C 4753 -26.30 -18.86 -65.43
C HIS C 4753 -25.09 -18.50 -66.29
N ASN C 4754 -24.15 -19.44 -66.44
CA ASN C 4754 -22.96 -19.18 -67.26
C ASN C 4754 -23.35 -18.94 -68.72
N GLU C 4755 -24.41 -19.59 -69.19
CA GLU C 4755 -24.81 -19.49 -70.60
C GLU C 4755 -25.22 -18.06 -70.95
N ARG C 4756 -26.07 -17.44 -70.14
CA ARG C 4756 -26.54 -16.08 -70.34
C ARG C 4756 -27.33 -15.66 -69.11
N LYS C 4757 -27.54 -14.35 -68.99
CA LYS C 4757 -28.42 -13.71 -68.03
C LYS C 4757 -29.85 -13.73 -68.55
N PRO C 4758 -30.84 -13.67 -67.66
CA PRO C 4758 -32.24 -13.69 -68.12
C PRO C 4758 -32.62 -12.39 -68.81
N ASP C 4759 -33.25 -12.53 -69.98
CA ASP C 4759 -33.70 -11.42 -70.81
C ASP C 4759 -35.19 -11.19 -70.61
N PRO C 4760 -35.61 -9.99 -70.23
CA PRO C 4760 -37.03 -9.75 -69.96
C PRO C 4760 -37.84 -9.64 -71.24
N PRO C 4761 -38.81 -10.51 -71.45
CA PRO C 4761 -39.67 -10.41 -72.64
C PRO C 4761 -40.86 -9.51 -72.35
N PRO C 4762 -41.44 -8.89 -73.38
CA PRO C 4762 -42.67 -8.13 -73.19
C PRO C 4762 -43.84 -9.06 -72.86
N GLY C 4763 -44.56 -8.72 -71.80
CA GLY C 4763 -45.69 -9.50 -71.35
C GLY C 4763 -47.05 -8.94 -71.66
N LEU C 4764 -47.12 -7.85 -72.41
CA LEU C 4764 -48.40 -7.18 -72.65
C LEU C 4764 -49.29 -8.03 -73.56
N LEU C 4765 -50.57 -8.13 -73.17
CA LEU C 4765 -51.67 -8.83 -73.86
C LEU C 4765 -51.53 -10.35 -73.80
N THR C 4766 -50.44 -10.87 -73.23
CA THR C 4766 -50.30 -12.30 -72.99
C THR C 4766 -50.37 -12.65 -71.52
N TRP C 4767 -50.61 -11.67 -70.65
CA TRP C 4767 -50.56 -11.88 -69.21
C TRP C 4767 -51.68 -12.77 -68.68
N LEU C 4768 -52.82 -12.80 -69.38
CA LEU C 4768 -54.02 -13.42 -68.84
C LEU C 4768 -53.85 -14.92 -68.60
N MET C 4769 -53.13 -15.61 -69.47
CA MET C 4769 -52.79 -17.00 -69.22
C MET C 4769 -51.40 -17.16 -68.60
N SER C 4770 -50.56 -16.12 -68.67
CA SER C 4770 -49.23 -16.22 -68.11
C SER C 4770 -49.26 -16.25 -66.58
N ILE C 4771 -50.19 -15.52 -65.97
CA ILE C 4771 -50.20 -15.38 -64.51
C ILE C 4771 -50.47 -16.72 -63.83
N ASP C 4772 -49.57 -17.11 -62.92
CA ASP C 4772 -49.77 -18.28 -62.08
C ASP C 4772 -50.86 -17.99 -61.06
N VAL C 4773 -51.70 -19.00 -60.78
CA VAL C 4773 -52.95 -18.77 -60.06
C VAL C 4773 -52.85 -19.09 -58.57
N LYS C 4774 -51.96 -20.02 -58.19
CA LYS C 4774 -51.90 -20.47 -56.80
C LYS C 4774 -51.43 -19.37 -55.85
N TYR C 4775 -50.41 -18.61 -56.26
CA TYR C 4775 -49.93 -17.49 -55.46
C TYR C 4775 -51.03 -16.44 -55.28
N GLN C 4776 -51.77 -16.17 -56.35
CA GLN C 4776 -52.89 -15.24 -56.26
C GLN C 4776 -53.99 -15.77 -55.36
N ILE C 4777 -54.21 -17.08 -55.34
CA ILE C 4777 -55.20 -17.65 -54.44
C ILE C 4777 -54.80 -17.44 -52.98
N TRP C 4778 -53.53 -17.71 -52.67
CA TRP C 4778 -53.03 -17.49 -51.31
C TRP C 4778 -53.10 -16.01 -50.93
N LYS C 4779 -52.73 -15.13 -51.86
CA LYS C 4779 -52.82 -13.69 -51.65
C LYS C 4779 -54.26 -13.26 -51.44
N PHE C 4780 -55.19 -13.82 -52.21
CA PHE C 4780 -56.61 -13.50 -52.04
C PHE C 4780 -57.09 -13.92 -50.67
N GLY C 4781 -56.64 -15.08 -50.19
CA GLY C 4781 -57.01 -15.52 -48.86
C GLY C 4781 -56.56 -14.56 -47.77
N VAL C 4782 -55.29 -14.14 -47.83
CA VAL C 4782 -54.80 -13.25 -46.76
C VAL C 4782 -55.44 -11.86 -46.88
N ILE C 4783 -55.66 -11.37 -48.11
CA ILE C 4783 -56.31 -10.07 -48.28
C ILE C 4783 -57.72 -10.09 -47.74
N PHE C 4784 -58.48 -11.14 -48.04
CA PHE C 4784 -59.86 -11.23 -47.55
C PHE C 4784 -59.91 -11.42 -46.04
N THR C 4785 -58.95 -12.15 -45.47
CA THR C 4785 -58.97 -12.31 -44.02
C THR C 4785 -58.39 -11.10 -43.29
N ASP C 4786 -57.75 -10.17 -44.00
CA ASP C 4786 -57.40 -8.90 -43.38
C ASP C 4786 -58.68 -8.12 -43.06
N ASN C 4787 -58.72 -7.55 -41.84
CA ASN C 4787 -59.99 -7.04 -41.31
C ASN C 4787 -60.47 -5.81 -42.06
N SER C 4788 -59.57 -4.86 -42.35
CA SER C 4788 -59.99 -3.56 -42.86
C SER C 4788 -60.51 -3.65 -44.29
N PHE C 4789 -59.97 -4.56 -45.09
CA PHE C 4789 -60.40 -4.70 -46.48
C PHE C 4789 -61.86 -5.14 -46.54
N LEU C 4790 -62.27 -6.03 -45.63
CA LEU C 4790 -63.67 -6.42 -45.52
C LEU C 4790 -64.54 -5.24 -45.12
N TYR C 4791 -64.04 -4.37 -44.23
CA TYR C 4791 -64.76 -3.17 -43.84
C TYR C 4791 -65.00 -2.25 -45.02
N LEU C 4792 -63.96 -2.02 -45.83
CA LEU C 4792 -64.10 -1.17 -47.01
C LEU C 4792 -65.00 -1.82 -48.06
N GLY C 4793 -64.89 -3.14 -48.22
CA GLY C 4793 -65.77 -3.84 -49.15
C GLY C 4793 -67.23 -3.77 -48.73
N TRP C 4794 -67.50 -3.88 -47.43
CA TRP C 4794 -68.86 -3.72 -46.92
C TRP C 4794 -69.37 -2.31 -47.15
N TYR C 4795 -68.50 -1.31 -46.97
CA TYR C 4795 -68.88 0.08 -47.28
C TYR C 4795 -69.23 0.25 -48.75
N MET C 4796 -68.46 -0.38 -49.64
CA MET C 4796 -68.73 -0.25 -51.07
C MET C 4796 -69.99 -1.01 -51.48
N VAL C 4797 -70.21 -2.19 -50.90
CA VAL C 4797 -71.42 -2.97 -51.20
C VAL C 4797 -72.65 -2.21 -50.73
N MET C 4798 -72.58 -1.55 -49.57
CA MET C 4798 -73.71 -0.75 -49.13
C MET C 4798 -73.89 0.51 -49.98
N SER C 4799 -72.83 1.06 -50.57
CA SER C 4799 -73.02 2.10 -51.57
C SER C 4799 -73.76 1.56 -52.80
N LEU C 4800 -73.41 0.35 -53.23
CA LEU C 4800 -74.08 -0.27 -54.37
C LEU C 4800 -75.56 -0.48 -54.09
N LEU C 4801 -75.90 -0.95 -52.88
CA LEU C 4801 -77.30 -1.02 -52.49
C LEU C 4801 -77.90 0.37 -52.26
N GLY C 4802 -77.07 1.38 -51.98
CA GLY C 4802 -77.56 2.75 -51.85
C GLY C 4802 -77.99 3.34 -53.16
N HIS C 4803 -77.51 2.78 -54.28
CA HIS C 4803 -78.09 3.15 -55.57
C HIS C 4803 -79.59 2.85 -55.64
N TYR C 4804 -80.00 1.66 -55.19
CA TYR C 4804 -81.43 1.39 -54.94
C TYR C 4804 -81.76 1.82 -53.50
N ASN C 4805 -81.98 3.12 -53.36
CA ASN C 4805 -81.58 3.83 -52.14
C ASN C 4805 -82.42 3.37 -50.96
N ASN C 4806 -83.75 3.37 -51.08
CA ASN C 4806 -84.65 3.20 -49.95
C ASN C 4806 -84.25 4.18 -48.86
N PHE C 4807 -83.73 3.67 -47.75
CA PHE C 4807 -82.98 4.49 -46.79
C PHE C 4807 -81.70 3.77 -46.36
N PHE C 4808 -81.00 3.17 -47.32
CA PHE C 4808 -79.78 2.43 -47.01
C PHE C 4808 -78.64 3.36 -46.60
N PHE C 4809 -78.63 4.60 -47.12
CA PHE C 4809 -77.49 5.50 -46.92
C PHE C 4809 -77.28 5.88 -45.46
N ALA C 4810 -78.30 5.72 -44.62
CA ALA C 4810 -78.17 6.08 -43.20
C ALA C 4810 -77.10 5.25 -42.50
N ALA C 4811 -76.92 4.00 -42.94
CA ALA C 4811 -75.94 3.11 -42.30
C ALA C 4811 -74.51 3.59 -42.51
N HIS C 4812 -74.25 4.35 -43.57
CA HIS C 4812 -72.90 4.81 -43.86
C HIS C 4812 -72.38 5.75 -42.77
N LEU C 4813 -73.28 6.41 -42.04
CA LEU C 4813 -72.85 7.37 -41.02
C LEU C 4813 -72.06 6.70 -39.91
N LEU C 4814 -72.48 5.51 -39.47
CA LEU C 4814 -71.80 4.84 -38.35
C LEU C 4814 -70.37 4.47 -38.70
N ASP C 4815 -70.17 3.78 -39.83
CA ASP C 4815 -68.83 3.32 -40.16
C ASP C 4815 -67.93 4.48 -40.58
N ILE C 4816 -68.52 5.54 -41.17
CA ILE C 4816 -67.71 6.72 -41.44
C ILE C 4816 -67.39 7.48 -40.15
N ALA C 4817 -68.29 7.42 -39.15
CA ALA C 4817 -68.08 8.13 -37.90
C ALA C 4817 -67.02 7.47 -37.03
N MET C 4818 -66.87 6.15 -37.15
CA MET C 4818 -65.82 5.47 -36.37
C MET C 4818 -64.42 5.99 -36.72
N GLY C 4819 -64.26 6.60 -37.90
CA GLY C 4819 -62.97 7.11 -38.32
C GLY C 4819 -62.45 8.23 -37.43
N VAL C 4820 -63.36 9.03 -36.86
CA VAL C 4820 -62.99 10.18 -36.03
C VAL C 4820 -62.14 9.72 -34.85
N LYS C 4821 -60.99 10.39 -34.66
CA LYS C 4821 -59.96 9.90 -33.76
C LYS C 4821 -60.42 9.86 -32.32
N THR C 4822 -61.12 10.90 -31.86
CA THR C 4822 -61.54 10.98 -30.46
C THR C 4822 -62.54 9.90 -30.12
N LEU C 4823 -63.40 9.54 -31.07
CA LEU C 4823 -64.43 8.52 -30.82
C LEU C 4823 -63.82 7.14 -30.60
N ARG C 4824 -62.66 6.88 -31.20
CA ARG C 4824 -62.08 5.54 -31.20
C ARG C 4824 -61.80 5.03 -29.80
N THR C 4825 -61.23 5.89 -28.94
CA THR C 4825 -60.96 5.49 -27.57
C THR C 4825 -62.25 5.17 -26.82
N ILE C 4826 -63.30 5.98 -27.04
CA ILE C 4826 -64.58 5.75 -26.37
C ILE C 4826 -65.18 4.40 -26.79
N LEU C 4827 -65.13 4.09 -28.09
CA LEU C 4827 -65.68 2.80 -28.54
C LEU C 4827 -64.79 1.64 -28.09
N SER C 4828 -63.48 1.84 -28.06
CA SER C 4828 -62.55 0.78 -27.65
C SER C 4828 -62.70 0.46 -26.17
N SER C 4829 -63.13 1.46 -25.38
CA SER C 4829 -63.27 1.26 -23.94
C SER C 4829 -64.29 0.17 -23.62
N VAL C 4830 -65.44 0.19 -24.28
CA VAL C 4830 -66.42 -0.89 -24.10
C VAL C 4830 -65.88 -2.19 -24.70
N THR C 4831 -65.07 -2.09 -25.75
CA THR C 4831 -64.50 -3.27 -26.40
C THR C 4831 -63.54 -4.00 -25.45
N HIS C 4832 -62.84 -3.26 -24.60
CA HIS C 4832 -61.78 -3.78 -23.73
C HIS C 4832 -62.36 -4.88 -22.83
N ASN C 4833 -63.36 -4.55 -22.01
CA ASN C 4833 -63.94 -5.55 -21.12
C ASN C 4833 -64.68 -6.65 -21.88
N GLY C 4834 -65.52 -6.26 -22.84
CA GLY C 4834 -66.22 -7.22 -23.68
C GLY C 4834 -66.98 -8.34 -23.00
N LYS C 4835 -66.41 -9.56 -23.11
CA LYS C 4835 -67.05 -10.84 -22.78
C LYS C 4835 -67.89 -10.81 -21.50
N GLN C 4836 -67.44 -10.04 -20.49
CA GLN C 4836 -68.15 -10.01 -19.21
C GLN C 4836 -69.56 -9.46 -19.37
N LEU C 4837 -69.75 -8.49 -20.28
CA LEU C 4837 -71.07 -7.92 -20.50
C LEU C 4837 -72.04 -8.96 -21.02
N VAL C 4838 -71.61 -9.73 -22.03
CA VAL C 4838 -72.45 -10.78 -22.60
C VAL C 4838 -72.74 -11.87 -21.59
N MET C 4839 -71.73 -12.21 -20.76
CA MET C 4839 -71.96 -13.19 -19.70
C MET C 4839 -73.00 -12.68 -18.71
N THR C 4840 -72.98 -11.39 -18.42
CA THR C 4840 -73.97 -10.81 -17.51
C THR C 4840 -75.37 -10.86 -18.12
N VAL C 4841 -75.51 -10.62 -19.43
CA VAL C 4841 -76.82 -10.75 -20.07
C VAL C 4841 -77.29 -12.22 -20.05
N GLY C 4842 -76.36 -13.16 -20.21
CA GLY C 4842 -76.73 -14.57 -20.08
C GLY C 4842 -77.21 -14.91 -18.68
N LEU C 4843 -76.54 -14.37 -17.67
CA LEU C 4843 -76.97 -14.55 -16.28
C LEU C 4843 -78.35 -13.94 -16.06
N LEU C 4844 -78.61 -12.77 -16.63
CA LEU C 4844 -79.92 -12.15 -16.54
C LEU C 4844 -80.99 -13.00 -17.19
N ALA C 4845 -80.71 -13.57 -18.36
CA ALA C 4845 -81.69 -14.42 -19.03
C ALA C 4845 -81.99 -15.66 -18.20
N VAL C 4846 -80.96 -16.29 -17.63
CA VAL C 4846 -81.19 -17.51 -16.86
C VAL C 4846 -81.94 -17.19 -15.56
N VAL C 4847 -81.67 -16.04 -14.94
CA VAL C 4847 -82.39 -15.70 -13.72
C VAL C 4847 -83.84 -15.34 -14.01
N VAL C 4848 -84.10 -14.70 -15.17
CA VAL C 4848 -85.49 -14.41 -15.53
C VAL C 4848 -86.24 -15.70 -15.83
N TYR C 4849 -85.60 -16.68 -16.48
CA TYR C 4849 -86.25 -17.96 -16.71
C TYR C 4849 -86.55 -18.68 -15.39
N LEU C 4850 -85.60 -18.62 -14.45
CA LEU C 4850 -85.81 -19.25 -13.14
C LEU C 4850 -86.99 -18.60 -12.40
N TYR C 4851 -87.08 -17.27 -12.44
CA TYR C 4851 -88.24 -16.60 -11.86
C TYR C 4851 -89.51 -16.94 -12.61
N THR C 4852 -89.43 -17.14 -13.92
CA THR C 4852 -90.61 -17.47 -14.72
C THR C 4852 -91.21 -18.80 -14.33
N VAL C 4853 -90.35 -19.77 -13.97
CA VAL C 4853 -90.86 -21.08 -13.54
C VAL C 4853 -91.72 -20.94 -12.28
N VAL C 4854 -91.20 -20.24 -11.27
CA VAL C 4854 -91.95 -20.03 -10.02
C VAL C 4854 -93.19 -19.20 -10.30
N ALA C 4855 -93.07 -18.21 -11.17
CA ALA C 4855 -94.21 -17.38 -11.56
C ALA C 4855 -95.32 -18.20 -12.21
N PHE C 4856 -94.93 -19.17 -13.07
CA PHE C 4856 -95.89 -20.08 -13.66
C PHE C 4856 -96.59 -20.92 -12.61
N ASN C 4857 -95.84 -21.40 -11.62
CA ASN C 4857 -96.42 -22.35 -10.67
C ASN C 4857 -97.59 -21.80 -9.84
N PHE C 4858 -97.32 -20.84 -8.95
CA PHE C 4858 -98.37 -20.40 -8.02
C PHE C 4858 -99.10 -19.16 -8.52
N PHE C 4859 -98.37 -18.19 -9.06
CA PHE C 4859 -98.87 -16.81 -9.18
C PHE C 4859 -99.72 -16.60 -10.43
N ARG C 4860 -100.25 -17.70 -10.99
CA ARG C 4860 -101.06 -17.68 -12.21
C ARG C 4860 -102.26 -16.76 -12.06
N LYS C 4861 -102.95 -16.84 -10.92
CA LYS C 4861 -104.14 -16.03 -10.70
C LYS C 4861 -103.81 -14.54 -10.64
N PHE C 4862 -102.65 -14.20 -10.10
CA PHE C 4862 -102.24 -12.79 -10.06
C PHE C 4862 -101.85 -12.29 -11.44
N TYR C 4863 -101.23 -13.15 -12.26
CA TYR C 4863 -100.64 -12.68 -13.52
C TYR C 4863 -101.67 -12.14 -14.51
N ASN C 4864 -102.94 -12.54 -14.40
CA ASN C 4864 -103.93 -12.13 -15.40
C ASN C 4864 -104.36 -10.68 -15.22
N LYS C 4865 -103.44 -9.74 -15.51
CA LYS C 4865 -103.70 -8.33 -15.25
C LYS C 4865 -104.78 -7.75 -16.15
N SER C 4866 -104.76 -8.08 -17.44
CA SER C 4866 -105.46 -7.28 -18.43
C SER C 4866 -106.98 -7.45 -18.38
N GLU C 4867 -107.68 -6.34 -18.61
CA GLU C 4867 -109.10 -6.26 -18.96
C GLU C 4867 -110.04 -6.42 -17.78
N ASP C 4868 -111.33 -6.25 -18.02
CA ASP C 4868 -112.37 -6.35 -17.01
C ASP C 4868 -113.54 -7.15 -17.56
N GLU C 4869 -114.26 -7.83 -16.66
CA GLU C 4869 -115.47 -8.60 -16.98
C GLU C 4869 -115.10 -9.67 -18.01
N ASP C 4870 -115.74 -9.71 -19.18
CA ASP C 4870 -115.44 -10.74 -20.16
C ASP C 4870 -114.02 -10.60 -20.70
N GLU C 4871 -113.43 -11.76 -21.01
CA GLU C 4871 -112.06 -11.89 -21.53
C GLU C 4871 -111.01 -11.22 -20.66
N PRO C 4872 -110.84 -11.60 -19.39
CA PRO C 4872 -109.58 -11.26 -18.72
C PRO C 4872 -108.44 -12.00 -19.41
N ASP C 4873 -107.30 -11.35 -19.52
CA ASP C 4873 -106.17 -11.91 -20.25
C ASP C 4873 -105.05 -12.27 -19.28
N MET C 4874 -104.60 -13.52 -19.36
CA MET C 4874 -103.45 -14.01 -18.62
C MET C 4874 -102.31 -14.21 -19.61
N LYS C 4875 -101.27 -13.39 -19.48
CA LYS C 4875 -100.06 -13.62 -20.25
C LYS C 4875 -99.38 -14.92 -19.82
N CYS C 4876 -99.39 -15.21 -18.52
CA CYS C 4876 -98.71 -16.39 -17.98
C CYS C 4876 -99.68 -17.58 -17.95
N ASP C 4877 -100.09 -17.99 -19.16
CA ASP C 4877 -100.79 -19.26 -19.34
C ASP C 4877 -99.96 -20.29 -20.09
N ASP C 4878 -98.95 -19.85 -20.83
CA ASP C 4878 -97.89 -20.71 -21.34
C ASP C 4878 -96.58 -20.04 -20.95
N MET C 4879 -95.59 -20.85 -20.59
CA MET C 4879 -94.37 -20.25 -20.06
C MET C 4879 -93.58 -19.53 -21.15
N MET C 4880 -93.78 -19.91 -22.42
CA MET C 4880 -93.27 -19.08 -23.52
C MET C 4880 -93.76 -17.64 -23.45
N THR C 4881 -95.08 -17.45 -23.37
CA THR C 4881 -95.65 -16.11 -23.31
C THR C 4881 -95.30 -15.44 -21.98
N CYS C 4882 -95.23 -16.22 -20.90
CA CYS C 4882 -94.80 -15.69 -19.61
C CYS C 4882 -93.37 -15.17 -19.68
N TYR C 4883 -92.47 -15.92 -20.31
CA TYR C 4883 -91.07 -15.53 -20.40
C TYR C 4883 -90.91 -14.29 -21.27
N LEU C 4884 -91.60 -14.26 -22.42
CA LEU C 4884 -91.52 -13.11 -23.31
C LEU C 4884 -92.13 -11.87 -22.66
N PHE C 4885 -93.30 -12.02 -22.04
CA PHE C 4885 -93.96 -10.92 -21.34
C PHE C 4885 -93.10 -10.42 -20.19
N HIS C 4886 -92.52 -11.34 -19.43
CA HIS C 4886 -91.64 -11.03 -18.30
C HIS C 4886 -90.47 -10.20 -18.76
N MET C 4887 -89.64 -10.74 -19.68
CA MET C 4887 -88.51 -9.99 -20.21
C MET C 4887 -88.96 -8.63 -20.73
N TYR C 4888 -89.86 -8.64 -21.71
CA TYR C 4888 -90.30 -7.48 -22.47
C TYR C 4888 -90.79 -6.34 -21.57
N VAL C 4889 -91.83 -6.57 -20.77
CA VAL C 4889 -92.38 -5.46 -20.01
C VAL C 4889 -91.63 -5.26 -18.68
N GLY C 4890 -91.26 -6.34 -17.99
CA GLY C 4890 -90.70 -6.19 -16.66
C GLY C 4890 -89.30 -5.59 -16.66
N VAL C 4891 -88.42 -6.09 -17.53
CA VAL C 4891 -87.06 -5.57 -17.57
C VAL C 4891 -87.07 -4.12 -18.04
N ARG C 4892 -87.91 -3.81 -19.03
CA ARG C 4892 -88.02 -2.45 -19.54
C ARG C 4892 -88.60 -1.50 -18.51
N ALA C 4893 -89.52 -1.99 -17.66
CA ALA C 4893 -90.28 -1.12 -16.77
C ALA C 4893 -89.38 -0.41 -15.76
N GLY C 4894 -88.56 -1.19 -15.05
CA GLY C 4894 -87.61 -0.64 -14.10
C GLY C 4894 -88.15 -0.49 -12.69
N GLY C 4895 -89.46 -0.51 -12.52
CA GLY C 4895 -90.08 -0.50 -11.20
C GLY C 4895 -90.34 -1.86 -10.62
N GLY C 4896 -90.02 -2.91 -11.37
CA GLY C 4896 -90.28 -4.27 -10.95
C GLY C 4896 -91.47 -4.88 -11.67
N ILE C 4897 -91.59 -6.20 -11.54
CA ILE C 4897 -92.67 -6.93 -12.18
C ILE C 4897 -94.02 -6.58 -11.55
N GLY C 4898 -94.00 -6.18 -10.28
CA GLY C 4898 -95.24 -6.00 -9.54
C GLY C 4898 -96.12 -4.89 -10.07
N ASP C 4899 -95.53 -3.90 -10.76
CA ASP C 4899 -96.31 -2.78 -11.28
C ASP C 4899 -97.34 -3.24 -12.30
N GLU C 4900 -96.98 -4.21 -13.15
CA GLU C 4900 -97.94 -4.73 -14.11
C GLU C 4900 -98.96 -5.63 -13.42
N ILE C 4901 -98.50 -6.47 -12.49
CA ILE C 4901 -99.38 -7.41 -11.82
C ILE C 4901 -100.39 -6.66 -10.96
N GLU C 4902 -101.60 -7.21 -10.85
CA GLU C 4902 -102.62 -6.67 -9.95
C GLU C 4902 -102.14 -6.76 -8.51
N ASP C 4903 -102.47 -5.74 -7.73
CA ASP C 4903 -101.98 -5.65 -6.36
C ASP C 4903 -102.58 -6.77 -5.51
N PRO C 4904 -101.76 -7.50 -4.76
CA PRO C 4904 -102.27 -8.60 -3.89
C PRO C 4904 -102.72 -8.12 -2.52
N ALA C 4905 -103.87 -7.45 -2.48
CA ALA C 4905 -104.43 -6.99 -1.22
C ALA C 4905 -104.87 -8.17 -0.36
N GLY C 4906 -105.32 -9.25 -0.99
CA GLY C 4906 -105.85 -10.37 -0.24
C GLY C 4906 -104.78 -11.05 0.60
N ASP C 4907 -105.21 -11.59 1.75
CA ASP C 4907 -104.27 -12.20 2.69
C ASP C 4907 -103.60 -13.43 2.09
N GLU C 4908 -104.34 -14.23 1.33
CA GLU C 4908 -103.76 -15.41 0.70
C GLU C 4908 -102.71 -15.01 -0.33
N TYR C 4909 -101.52 -15.62 -0.22
CA TYR C 4909 -100.36 -15.44 -1.07
C TYR C 4909 -99.73 -14.05 -0.92
N GLU C 4910 -100.24 -13.20 -0.02
CA GLU C 4910 -99.73 -11.84 0.16
C GLU C 4910 -98.23 -11.81 0.43
N LEU C 4911 -97.78 -12.54 1.46
CA LEU C 4911 -96.38 -12.50 1.85
C LEU C 4911 -95.47 -13.09 0.79
N TYR C 4912 -95.88 -14.21 0.18
CA TYR C 4912 -95.07 -14.83 -0.86
C TYR C 4912 -94.97 -13.95 -2.09
N ARG C 4913 -96.07 -13.30 -2.48
CA ARG C 4913 -96.06 -12.33 -3.57
C ARG C 4913 -95.12 -11.18 -3.27
N VAL C 4914 -95.26 -10.58 -2.08
CA VAL C 4914 -94.44 -9.42 -1.70
C VAL C 4914 -92.97 -9.79 -1.75
N VAL C 4915 -92.63 -10.94 -1.15
CA VAL C 4915 -91.24 -11.41 -1.13
C VAL C 4915 -90.73 -11.63 -2.56
N PHE C 4916 -91.57 -12.21 -3.41
CA PHE C 4916 -91.26 -12.44 -4.82
C PHE C 4916 -90.84 -11.15 -5.52
N ASP C 4917 -91.74 -10.15 -5.53
CA ASP C 4917 -91.44 -8.94 -6.28
C ASP C 4917 -90.25 -8.21 -5.68
N ILE C 4918 -90.18 -8.11 -4.34
CA ILE C 4918 -89.14 -7.28 -3.74
C ILE C 4918 -87.76 -7.92 -3.91
N THR C 4919 -87.69 -9.27 -3.81
CA THR C 4919 -86.40 -9.92 -3.97
C THR C 4919 -85.98 -9.94 -5.43
N PHE C 4920 -86.94 -10.03 -6.38
CA PHE C 4920 -86.58 -9.90 -7.78
C PHE C 4920 -86.06 -8.50 -8.08
N PHE C 4921 -86.69 -7.49 -7.48
CA PHE C 4921 -86.27 -6.10 -7.66
C PHE C 4921 -84.84 -5.89 -7.17
N PHE C 4922 -84.54 -6.27 -5.92
CA PHE C 4922 -83.19 -6.08 -5.40
C PHE C 4922 -82.15 -6.94 -6.13
N PHE C 4923 -82.46 -8.22 -6.36
CA PHE C 4923 -81.46 -9.14 -6.90
C PHE C 4923 -81.15 -8.78 -8.35
N VAL C 4924 -82.17 -8.60 -9.18
CA VAL C 4924 -81.95 -8.51 -10.61
C VAL C 4924 -81.75 -7.07 -11.07
N ILE C 4925 -82.76 -6.22 -10.85
CA ILE C 4925 -82.85 -4.89 -11.46
C ILE C 4925 -81.66 -4.01 -11.08
N VAL C 4926 -81.42 -3.82 -9.78
CA VAL C 4926 -80.43 -2.83 -9.34
C VAL C 4926 -79.01 -3.37 -9.47
N ILE C 4927 -78.80 -4.65 -9.16
CA ILE C 4927 -77.45 -5.18 -8.97
C ILE C 4927 -76.75 -5.34 -10.32
N LEU C 4928 -77.39 -6.04 -11.26
CA LEU C 4928 -76.73 -6.46 -12.49
C LEU C 4928 -76.38 -5.28 -13.39
N LEU C 4929 -77.31 -4.33 -13.52
CA LEU C 4929 -77.07 -3.18 -14.37
C LEU C 4929 -75.95 -2.31 -13.81
N ALA C 4930 -75.86 -2.25 -12.47
CA ALA C 4930 -74.73 -1.60 -11.82
C ALA C 4930 -73.42 -2.28 -12.17
N ILE C 4931 -73.44 -3.62 -12.27
CA ILE C 4931 -72.24 -4.36 -12.68
C ILE C 4931 -71.82 -3.94 -14.09
N ILE C 4932 -72.79 -3.80 -14.99
CA ILE C 4932 -72.51 -3.37 -16.36
C ILE C 4932 -71.85 -1.98 -16.37
N GLN C 4933 -72.47 -1.04 -15.63
CA GLN C 4933 -71.95 0.33 -15.56
C GLN C 4933 -70.55 0.35 -14.96
N GLY C 4934 -70.33 -0.43 -13.90
CA GLY C 4934 -69.02 -0.47 -13.26
C GLY C 4934 -67.95 -1.06 -14.15
N LEU C 4935 -68.33 -2.05 -14.97
CA LEU C 4935 -67.38 -2.58 -15.95
C LEU C 4935 -66.91 -1.48 -16.90
N ILE C 4936 -67.84 -0.68 -17.41
CA ILE C 4936 -67.44 0.41 -18.31
C ILE C 4936 -66.57 1.43 -17.57
N ILE C 4937 -66.96 1.77 -16.34
CA ILE C 4937 -66.24 2.76 -15.55
C ILE C 4937 -64.81 2.31 -15.30
N ASP C 4938 -64.63 1.05 -14.93
CA ASP C 4938 -63.30 0.54 -14.63
C ASP C 4938 -62.46 0.40 -15.89
N ALA C 4939 -63.10 0.15 -17.03
CA ALA C 4939 -62.36 0.13 -18.29
C ALA C 4939 -61.72 1.48 -18.58
N PHE C 4940 -62.46 2.57 -18.31
CA PHE C 4940 -61.88 3.91 -18.48
C PHE C 4940 -60.61 4.09 -17.66
N GLY C 4941 -60.67 3.76 -16.37
CA GLY C 4941 -59.53 3.92 -15.49
C GLY C 4941 -58.36 3.01 -15.87
N GLU C 4942 -58.68 1.80 -16.33
CA GLU C 4942 -57.62 0.88 -16.75
C GLU C 4942 -56.85 1.43 -17.95
N LEU C 4943 -57.56 1.98 -18.94
CA LEU C 4943 -56.87 2.59 -20.07
C LEU C 4943 -56.01 3.78 -19.64
N ARG C 4944 -56.56 4.62 -18.76
CA ARG C 4944 -55.78 5.76 -18.25
C ARG C 4944 -54.51 5.30 -17.56
N ASP C 4945 -54.62 4.25 -16.72
CA ASP C 4945 -53.47 3.75 -15.98
C ASP C 4945 -52.42 3.16 -16.91
N GLN C 4946 -52.84 2.45 -17.96
CA GLN C 4946 -51.89 1.93 -18.94
C GLN C 4946 -51.09 3.05 -19.59
N GLN C 4947 -51.78 4.12 -20.00
CA GLN C 4947 -51.07 5.24 -20.62
C GLN C 4947 -50.10 5.91 -19.65
N GLU C 4948 -50.54 6.12 -18.41
CA GLU C 4948 -49.67 6.74 -17.40
C GLU C 4948 -48.42 5.90 -17.17
N GLN C 4949 -48.60 4.57 -17.02
CA GLN C 4949 -47.46 3.70 -16.77
C GLN C 4949 -46.49 3.68 -17.95
N VAL C 4950 -47.00 3.62 -19.18
CA VAL C 4950 -46.11 3.57 -20.34
C VAL C 4950 -45.28 4.86 -20.44
N LYS C 4951 -45.92 6.02 -20.22
CA LYS C 4951 -45.16 7.28 -20.28
C LYS C 4951 -44.12 7.36 -19.18
N GLU C 4952 -44.48 6.98 -17.95
CA GLU C 4952 -43.54 7.09 -16.83
C GLU C 4952 -42.35 6.16 -17.03
N ASP C 4953 -42.61 4.92 -17.46
CA ASP C 4953 -41.52 3.96 -17.61
C ASP C 4953 -40.59 4.33 -18.75
N MET C 4954 -41.13 4.84 -19.86
CA MET C 4954 -40.26 5.33 -20.93
C MET C 4954 -39.43 6.52 -20.46
N GLU C 4955 -40.01 7.39 -19.62
CA GLU C 4955 -39.23 8.49 -19.05
C GLU C 4955 -38.05 7.97 -18.23
N THR C 4956 -38.32 7.09 -17.25
CA THR C 4956 -37.23 6.68 -16.35
C THR C 4956 -36.21 5.73 -16.99
N LYS C 4957 -36.65 4.57 -17.48
CA LYS C 4957 -35.75 3.42 -17.55
C LYS C 4957 -34.68 3.55 -18.62
N CYS C 4958 -35.04 4.06 -19.81
CA CYS C 4958 -34.26 4.17 -21.05
C CYS C 4958 -34.41 2.87 -21.83
N PHE C 4959 -34.31 2.93 -23.15
CA PHE C 4959 -34.72 1.80 -23.97
C PHE C 4959 -33.58 0.84 -24.32
N ILE C 4960 -32.53 1.35 -24.98
CA ILE C 4960 -31.48 0.47 -25.50
C ILE C 4960 -30.67 -0.14 -24.35
N CYS C 4961 -30.29 0.68 -23.37
CA CYS C 4961 -29.49 0.22 -22.25
C CYS C 4961 -30.36 0.17 -21.00
N GLY C 4962 -30.27 -0.95 -20.27
CA GLY C 4962 -31.02 -1.13 -19.04
C GLY C 4962 -30.60 -0.22 -17.90
N ILE C 4963 -29.48 0.49 -18.05
CA ILE C 4963 -29.02 1.41 -17.00
C ILE C 4963 -30.03 2.53 -16.82
N GLY C 4964 -30.31 2.86 -15.55
CA GLY C 4964 -31.35 3.81 -15.23
C GLY C 4964 -30.94 5.25 -15.48
N SER C 4965 -31.83 6.15 -15.06
CA SER C 4965 -31.62 7.58 -15.29
C SER C 4965 -30.88 8.25 -14.14
N ASP C 4966 -30.98 7.69 -12.93
CA ASP C 4966 -30.38 8.31 -11.75
C ASP C 4966 -28.87 8.45 -11.90
N TYR C 4967 -28.20 7.40 -12.39
CA TYR C 4967 -26.75 7.46 -12.56
C TYR C 4967 -26.36 8.46 -13.64
N PHE C 4968 -27.17 8.57 -14.71
CA PHE C 4968 -26.90 9.54 -15.76
C PHE C 4968 -27.18 10.97 -15.32
N ASP C 4969 -28.04 11.16 -14.32
CA ASP C 4969 -28.52 12.50 -13.99
C ASP C 4969 -27.47 13.33 -13.26
N THR C 4970 -26.50 12.67 -12.62
CA THR C 4970 -25.44 13.34 -11.86
C THR C 4970 -24.78 14.48 -12.64
N THR C 4971 -24.27 14.19 -13.83
CA THR C 4971 -23.77 15.25 -14.69
C THR C 4971 -24.96 16.10 -15.17
N PRO C 4972 -24.82 17.45 -15.16
CA PRO C 4972 -25.88 18.33 -15.67
C PRO C 4972 -26.49 17.92 -16.99
N HIS C 4973 -27.82 17.70 -17.00
CA HIS C 4973 -28.60 17.20 -18.16
C HIS C 4973 -27.93 16.00 -18.82
N GLY C 4974 -27.33 15.13 -17.98
CA GLY C 4974 -26.62 13.98 -18.48
C GLY C 4974 -27.51 12.98 -19.18
N PHE C 4975 -28.68 12.71 -18.61
CA PHE C 4975 -29.62 11.77 -19.22
C PHE C 4975 -30.08 12.27 -20.58
N GLU C 4976 -30.49 13.54 -20.66
CA GLU C 4976 -30.99 14.09 -21.91
C GLU C 4976 -29.90 14.07 -22.96
N THR C 4977 -28.67 14.46 -22.58
CA THR C 4977 -27.56 14.43 -23.53
C THR C 4977 -27.26 13.01 -23.99
N HIS C 4978 -27.29 12.05 -23.05
CA HIS C 4978 -27.00 10.66 -23.38
C HIS C 4978 -28.01 10.11 -24.39
N THR C 4979 -29.31 10.34 -24.16
CA THR C 4979 -30.30 9.82 -25.10
C THR C 4979 -30.24 10.56 -26.43
N LEU C 4980 -29.98 11.87 -26.41
CA LEU C 4980 -29.92 12.63 -27.65
C LEU C 4980 -28.73 12.20 -28.52
N GLU C 4981 -27.58 11.95 -27.89
CA GLU C 4981 -26.35 11.69 -28.63
C GLU C 4981 -26.20 10.22 -29.02
N GLU C 4982 -26.16 9.32 -28.05
CA GLU C 4982 -25.92 7.91 -28.29
C GLU C 4982 -27.14 7.09 -27.90
N HIS C 4983 -27.15 5.82 -28.34
CA HIS C 4983 -28.24 4.88 -28.09
C HIS C 4983 -29.60 5.48 -28.44
N ASN C 4984 -29.65 6.13 -29.60
CA ASN C 4984 -30.87 6.78 -30.07
C ASN C 4984 -31.59 5.86 -31.03
N LEU C 4985 -32.86 5.59 -30.73
CA LEU C 4985 -33.70 4.76 -31.57
C LEU C 4985 -33.92 5.39 -32.94
N ALA C 4986 -33.46 4.66 -33.97
CA ALA C 4986 -33.41 4.88 -35.41
C ALA C 4986 -32.04 5.39 -35.88
N ASN C 4987 -31.14 5.74 -34.97
CA ASN C 4987 -29.74 5.81 -35.36
C ASN C 4987 -29.22 4.42 -35.73
N TYR C 4988 -29.64 3.42 -34.96
CA TYR C 4988 -29.36 2.03 -35.34
C TYR C 4988 -30.05 1.67 -36.66
N MET C 4989 -31.24 2.20 -36.89
CA MET C 4989 -31.93 1.92 -38.15
C MET C 4989 -31.22 2.58 -39.33
N PHE C 4990 -30.67 3.78 -39.14
CA PHE C 4990 -29.81 4.38 -40.15
C PHE C 4990 -28.54 3.56 -40.36
N PHE C 4991 -28.00 2.97 -39.28
CA PHE C 4991 -26.88 2.06 -39.45
C PHE C 4991 -27.26 0.86 -40.29
N LEU C 4992 -28.47 0.32 -40.07
CA LEU C 4992 -28.93 -0.81 -40.87
C LEU C 4992 -29.08 -0.43 -42.33
N MET C 4993 -29.61 0.76 -42.62
CA MET C 4993 -29.69 1.20 -44.01
C MET C 4993 -28.30 1.38 -44.61
N TYR C 4994 -27.35 1.94 -43.83
CA TYR C 4994 -25.99 2.12 -44.32
C TYR C 4994 -25.33 0.80 -44.63
N LEU C 4995 -25.50 -0.19 -43.74
CA LEU C 4995 -24.93 -1.51 -43.95
C LEU C 4995 -25.58 -2.22 -45.13
N ILE C 4996 -26.90 -2.08 -45.29
CA ILE C 4996 -27.59 -2.70 -46.41
C ILE C 4996 -27.13 -2.10 -47.73
N ASN C 4997 -26.98 -0.78 -47.77
CA ASN C 4997 -26.65 -0.10 -49.02
C ASN C 4997 -25.17 -0.23 -49.37
N LYS C 4998 -24.30 -0.26 -48.37
CA LYS C 4998 -22.85 -0.28 -48.62
C LYS C 4998 -22.42 -1.59 -49.26
N ASP C 4999 -21.42 -1.51 -50.12
CA ASP C 4999 -20.85 -2.70 -50.74
C ASP C 4999 -20.08 -3.52 -49.73
N GLU C 5000 -20.12 -4.85 -49.92
CA GLU C 5000 -19.48 -5.76 -48.97
C GLU C 5000 -17.96 -5.57 -48.94
N THR C 5001 -17.36 -5.36 -50.11
CA THR C 5001 -15.91 -5.25 -50.21
C THR C 5001 -15.34 -3.98 -49.57
N GLU C 5002 -16.18 -3.01 -49.24
CA GLU C 5002 -15.74 -1.76 -48.64
C GLU C 5002 -16.03 -1.67 -47.15
N HIS C 5003 -16.53 -2.73 -46.53
CA HIS C 5003 -16.89 -2.70 -45.12
C HIS C 5003 -15.66 -2.58 -44.23
N THR C 5004 -15.77 -1.78 -43.18
CA THR C 5004 -14.81 -1.79 -42.09
C THR C 5004 -15.00 -3.07 -41.26
N GLY C 5005 -14.01 -3.35 -40.40
CA GLY C 5005 -14.07 -4.57 -39.61
C GLY C 5005 -15.27 -4.63 -38.67
N GLN C 5006 -15.56 -3.51 -37.99
CA GLN C 5006 -16.70 -3.49 -37.06
C GLN C 5006 -18.01 -3.65 -37.80
N GLU C 5007 -18.15 -2.98 -38.95
CA GLU C 5007 -19.38 -3.08 -39.74
C GLU C 5007 -19.57 -4.49 -40.28
N SER C 5008 -18.48 -5.13 -40.72
CA SER C 5008 -18.57 -6.52 -41.19
C SER C 5008 -18.92 -7.46 -40.05
N TYR C 5009 -18.39 -7.20 -38.84
CA TYR C 5009 -18.69 -8.03 -37.68
C TYR C 5009 -20.17 -7.94 -37.29
N VAL C 5010 -20.70 -6.71 -37.28
CA VAL C 5010 -22.12 -6.49 -37.02
C VAL C 5010 -22.98 -7.12 -38.13
N TRP C 5011 -22.53 -7.01 -39.38
CA TRP C 5011 -23.22 -7.65 -40.50
C TRP C 5011 -23.25 -9.17 -40.34
N LYS C 5012 -22.14 -9.75 -39.89
CA LYS C 5012 -22.07 -11.21 -39.72
C LYS C 5012 -23.06 -11.68 -38.66
N MET C 5013 -23.10 -10.99 -37.51
CA MET C 5013 -24.12 -11.37 -36.53
C MET C 5013 -25.54 -11.05 -36.99
N TYR C 5014 -25.72 -10.00 -37.81
CA TYR C 5014 -27.07 -9.70 -38.31
C TYR C 5014 -27.55 -10.81 -39.23
N GLN C 5015 -26.66 -11.33 -40.07
CA GLN C 5015 -27.03 -12.47 -40.92
C GLN C 5015 -27.25 -13.72 -40.08
N GLU C 5016 -26.47 -13.89 -39.01
CA GLU C 5016 -26.65 -15.01 -38.10
C GLU C 5016 -27.92 -14.89 -37.27
N ARG C 5017 -28.49 -13.68 -37.18
CA ARG C 5017 -29.58 -13.34 -36.24
C ARG C 5017 -29.15 -13.61 -34.80
N CYS C 5018 -28.06 -12.95 -34.41
CA CYS C 5018 -27.62 -12.88 -33.03
C CYS C 5018 -27.52 -11.42 -32.63
N TRP C 5019 -28.00 -11.10 -31.43
CA TRP C 5019 -28.18 -9.71 -30.99
C TRP C 5019 -27.26 -9.35 -29.83
N ASP C 5020 -26.04 -9.89 -29.84
CA ASP C 5020 -25.08 -9.56 -28.78
C ASP C 5020 -24.57 -8.14 -28.90
N PHE C 5021 -24.49 -7.62 -30.14
CA PHE C 5021 -23.82 -6.34 -30.40
C PHE C 5021 -24.50 -5.15 -29.71
N PHE C 5022 -25.76 -5.29 -29.29
CA PHE C 5022 -26.39 -4.24 -28.52
C PHE C 5022 -25.68 -4.08 -27.17
N PRO C 5023 -25.70 -2.86 -26.60
CA PRO C 5023 -24.86 -2.59 -25.42
C PRO C 5023 -25.16 -3.46 -24.21
N ALA C 5024 -26.44 -3.72 -23.94
CA ALA C 5024 -26.89 -4.65 -22.89
C ALA C 5024 -26.34 -4.29 -21.51
N GLY C 5025 -26.47 -3.01 -21.15
CA GLY C 5025 -26.13 -2.58 -19.81
C GLY C 5025 -24.79 -1.91 -19.60
N ASP C 5026 -24.09 -1.54 -20.67
CA ASP C 5026 -22.85 -0.79 -20.56
C ASP C 5026 -22.92 0.44 -21.46
N CYS C 5027 -22.70 1.62 -20.88
CA CYS C 5027 -22.94 2.89 -21.57
C CYS C 5027 -21.64 3.63 -21.88
N PHE C 5028 -20.48 2.93 -21.81
CA PHE C 5028 -19.14 3.41 -22.15
C PHE C 5028 -18.60 4.38 -21.10
N ARG C 5029 -19.52 5.02 -20.36
CA ARG C 5029 -19.11 5.90 -19.26
C ARG C 5029 -18.79 5.08 -18.03
N LYS C 5030 -19.56 4.03 -17.78
CA LYS C 5030 -19.25 3.10 -16.71
C LYS C 5030 -17.94 2.37 -16.98
N GLN C 5031 -17.70 2.01 -18.24
CA GLN C 5031 -16.48 1.29 -18.60
C GLN C 5031 -15.25 2.16 -18.44
N TYR C 5032 -15.30 3.41 -18.90
CA TYR C 5032 -14.15 4.30 -18.79
C TYR C 5032 -14.30 5.34 -17.69
N GLU C 5033 -15.10 5.05 -16.65
CA GLU C 5033 -15.30 6.01 -15.57
C GLU C 5033 -14.10 6.08 -14.63
N ASP C 5034 -13.24 5.05 -14.64
CA ASP C 5034 -12.03 5.10 -13.81
C ASP C 5034 -11.13 6.27 -14.22
N GLN C 5035 -10.93 6.44 -15.52
CA GLN C 5035 -10.36 7.68 -16.03
C GLN C 5035 -11.44 8.77 -16.03
N LEU C 5036 -11.01 10.03 -16.09
CA LEU C 5036 -11.95 11.14 -16.06
C LEU C 5036 -12.91 11.10 -17.25
N SER C 5037 -12.38 10.88 -18.46
CA SER C 5037 -13.16 10.64 -19.68
C SER C 5037 -14.29 11.64 -19.94
N GLN D 12 9.24 -13.09 34.82
CA GLN D 12 8.48 -14.24 34.35
C GLN D 12 7.85 -14.99 35.53
N PHE D 13 6.52 -15.04 35.54
CA PHE D 13 5.80 -15.73 36.60
C PHE D 13 6.01 -17.24 36.51
N LEU D 14 6.04 -17.89 37.66
CA LEU D 14 6.28 -19.33 37.75
C LEU D 14 4.96 -20.09 37.68
N ARG D 15 5.01 -21.26 37.05
CA ARG D 15 3.82 -22.10 36.90
C ARG D 15 4.09 -23.50 37.44
N THR D 16 3.12 -24.39 37.32
CA THR D 16 3.23 -25.76 37.79
C THR D 16 3.44 -26.71 36.61
N ASP D 17 3.75 -27.97 36.95
CA ASP D 17 4.18 -29.01 35.99
C ASP D 17 5.38 -28.56 35.18
N ASP D 18 6.29 -27.82 35.79
CA ASP D 18 7.50 -27.34 35.14
C ASP D 18 8.72 -27.83 35.91
N GLU D 19 9.74 -28.28 35.17
CA GLU D 19 10.97 -28.74 35.80
C GLU D 19 11.70 -27.56 36.44
N VAL D 20 12.12 -27.75 37.69
CA VAL D 20 12.66 -26.67 38.52
C VAL D 20 13.91 -27.19 39.22
N VAL D 21 14.96 -26.36 39.27
CA VAL D 21 16.15 -26.64 40.05
C VAL D 21 16.44 -25.48 40.98
N LEU D 22 17.18 -25.77 42.04
CA LEU D 22 17.59 -24.80 43.04
C LEU D 22 19.10 -24.74 43.10
N GLN D 23 19.63 -23.53 43.19
CA GLN D 23 21.07 -23.28 43.22
C GLN D 23 21.42 -22.42 44.42
N CYS D 24 22.68 -22.56 44.86
CA CYS D 24 23.21 -21.75 45.94
C CYS D 24 24.58 -21.22 45.54
N SER D 25 24.82 -19.95 45.83
CA SER D 25 26.11 -19.30 45.57
C SER D 25 26.89 -19.30 46.89
N ALA D 26 27.85 -20.20 47.00
CA ALA D 26 28.63 -20.34 48.22
C ALA D 26 30.06 -20.72 47.86
N THR D 27 31.01 -19.92 48.33
CA THR D 27 32.42 -20.09 47.96
C THR D 27 33.28 -20.24 49.20
N VAL D 28 34.34 -21.04 49.05
CA VAL D 28 35.37 -21.15 50.08
C VAL D 28 36.59 -20.28 49.73
N LEU D 29 36.71 -19.85 48.48
CA LEU D 29 37.80 -19.01 48.01
C LEU D 29 37.22 -17.72 47.42
N LYS D 30 38.08 -16.92 46.79
CA LYS D 30 37.64 -15.67 46.18
C LYS D 30 36.66 -15.92 45.04
N GLU D 31 36.93 -16.93 44.21
CA GLU D 31 36.05 -17.24 43.10
C GLU D 31 34.75 -17.86 43.61
N GLN D 32 33.62 -17.31 43.15
CA GLN D 32 32.31 -17.80 43.58
C GLN D 32 32.03 -19.18 43.00
N LEU D 33 31.30 -19.99 43.77
CA LEU D 33 30.92 -21.34 43.37
C LEU D 33 29.41 -21.48 43.38
N LYS D 34 28.88 -22.09 42.33
CA LYS D 34 27.46 -22.37 42.19
C LYS D 34 27.24 -23.86 42.43
N LEU D 35 26.36 -24.19 43.37
CA LEU D 35 26.12 -25.57 43.77
C LEU D 35 24.64 -25.90 43.64
N CYS D 36 24.35 -27.13 43.24
CA CYS D 36 22.99 -27.61 43.05
C CYS D 36 22.79 -28.88 43.87
N LEU D 37 21.71 -28.92 44.64
CA LEU D 37 21.38 -30.13 45.39
C LEU D 37 20.80 -31.18 44.46
N ALA D 38 21.14 -32.45 44.71
CA ALA D 38 20.64 -33.54 43.89
C ALA D 38 20.54 -34.79 44.73
N ALA D 39 19.69 -35.71 44.27
CA ALA D 39 19.45 -36.97 44.96
C ALA D 39 19.67 -38.13 44.00
N GLU D 40 20.52 -39.07 44.40
CA GLU D 40 20.75 -40.26 43.58
C GLU D 40 19.54 -41.18 43.56
N GLY D 41 18.69 -41.13 44.57
CA GLY D 41 17.46 -41.93 44.59
C GLY D 41 17.70 -43.33 45.16
N PHE D 42 17.66 -44.32 44.29
CA PHE D 42 17.86 -45.71 44.71
C PHE D 42 19.30 -45.93 45.15
N GLY D 43 19.45 -46.70 46.23
CA GLY D 43 20.77 -46.96 46.79
C GLY D 43 21.04 -46.17 48.05
N ASN D 44 20.64 -44.91 48.06
CA ASN D 44 20.81 -44.05 49.22
C ASN D 44 19.85 -42.87 49.09
N ARG D 45 19.04 -42.65 50.12
CA ARG D 45 18.04 -41.59 50.10
C ARG D 45 18.63 -40.21 50.34
N LEU D 46 19.89 -40.11 50.72
CA LEU D 46 20.50 -38.83 51.03
C LEU D 46 20.75 -38.02 49.76
N CYS D 47 21.00 -36.73 49.95
CA CYS D 47 21.26 -35.80 48.86
C CYS D 47 22.67 -35.25 48.97
N PHE D 48 23.23 -34.84 47.83
CA PHE D 48 24.58 -34.30 47.77
C PHE D 48 24.62 -33.11 46.81
N LEU D 49 25.70 -32.35 46.92
CA LEU D 49 25.87 -31.14 46.12
C LEU D 49 26.67 -31.44 44.86
N GLU D 50 26.33 -30.74 43.77
CA GLU D 50 27.05 -30.84 42.52
C GLU D 50 27.46 -29.43 42.09
N PRO D 51 28.74 -29.21 41.76
CA PRO D 51 29.16 -27.86 41.36
C PRO D 51 28.97 -27.62 39.86
N THR D 52 28.31 -26.51 39.52
CA THR D 52 28.04 -26.17 38.12
C THR D 52 28.74 -24.88 37.69
N SER D 53 29.63 -24.34 38.52
CA SER D 53 30.33 -23.11 38.15
C SER D 53 31.26 -23.33 36.97
N ASN D 54 32.01 -24.42 36.97
CA ASN D 54 32.97 -24.72 35.90
C ASN D 54 32.33 -25.58 34.81
N ALA D 55 31.22 -25.08 34.28
CA ALA D 55 30.52 -25.77 33.19
C ALA D 55 31.35 -25.77 31.90
N GLN D 56 32.17 -24.74 31.70
CA GLN D 56 33.03 -24.69 30.53
C GLN D 56 34.09 -25.78 30.58
N ASN D 57 34.66 -26.05 31.76
CA ASN D 57 35.74 -27.02 31.88
C ASN D 57 35.21 -28.44 32.00
N VAL D 58 34.29 -28.67 32.94
CA VAL D 58 33.77 -30.01 33.21
C VAL D 58 32.26 -29.99 32.93
N PRO D 59 31.70 -31.04 32.34
CA PRO D 59 30.25 -31.05 32.11
C PRO D 59 29.51 -31.67 33.28
N PRO D 60 28.51 -30.97 33.83
CA PRO D 60 27.67 -31.57 34.87
C PRO D 60 26.56 -32.43 34.30
N ASP D 61 25.81 -33.11 35.16
CA ASP D 61 24.67 -33.92 34.75
C ASP D 61 23.40 -33.34 35.34
N LEU D 62 22.37 -33.21 34.50
CA LEU D 62 21.12 -32.60 34.91
C LEU D 62 19.98 -33.60 35.08
N ALA D 63 20.13 -34.83 34.57
CA ALA D 63 19.07 -35.82 34.70
C ALA D 63 18.83 -36.20 36.16
N ILE D 64 19.90 -36.36 36.94
CA ILE D 64 19.77 -36.64 38.36
C ILE D 64 19.30 -35.41 39.13
N CYS D 65 19.56 -34.21 38.63
CA CYS D 65 19.27 -32.98 39.35
C CYS D 65 17.92 -32.38 38.99
N CYS D 66 17.22 -32.91 37.99
CA CYS D 66 15.91 -32.40 37.62
C CYS D 66 14.89 -32.67 38.74
N PHE D 67 14.12 -31.64 39.08
CA PHE D 67 13.06 -31.71 40.07
C PHE D 67 11.82 -31.03 39.52
N THR D 68 10.65 -31.41 40.04
CA THR D 68 9.40 -30.77 39.64
C THR D 68 8.57 -30.49 40.89
N LEU D 69 7.65 -29.54 40.77
CA LEU D 69 6.75 -29.20 41.85
C LEU D 69 5.33 -29.62 41.48
N GLU D 70 4.58 -30.11 42.47
CA GLU D 70 3.26 -30.67 42.17
C GLU D 70 2.16 -29.62 42.27
N GLN D 71 1.96 -29.03 43.44
CA GLN D 71 0.94 -28.00 43.61
C GLN D 71 1.29 -27.16 44.82
N SER D 72 0.65 -26.00 44.92
CA SER D 72 0.88 -25.05 45.99
C SER D 72 -0.41 -24.77 46.74
N LEU D 73 -0.31 -24.69 48.07
CA LEU D 73 -1.47 -24.49 48.92
C LEU D 73 -1.13 -23.48 50.02
N SER D 74 -2.17 -22.92 50.62
CA SER D 74 -2.02 -22.03 51.76
C SER D 74 -1.76 -22.84 53.03
N VAL D 75 -1.34 -22.15 54.08
CA VAL D 75 -1.02 -22.83 55.34
C VAL D 75 -2.28 -23.41 55.99
N ARG D 76 -3.39 -22.67 55.95
CA ARG D 76 -4.62 -23.17 56.54
C ARG D 76 -5.19 -24.34 55.73
N ALA D 77 -5.13 -24.22 54.40
CA ALA D 77 -5.55 -25.33 53.54
C ALA D 77 -4.69 -26.55 53.75
N LEU D 78 -3.38 -26.35 53.94
CA LEU D 78 -2.48 -27.46 54.25
C LEU D 78 -2.85 -28.11 55.58
N GLN D 79 -3.17 -27.30 56.58
CA GLN D 79 -3.57 -27.84 57.88
C GLN D 79 -4.85 -28.66 57.75
N GLU D 80 -5.82 -28.17 56.97
CA GLU D 80 -7.05 -28.93 56.75
C GLU D 80 -6.77 -30.23 56.00
N MET D 81 -5.94 -30.17 54.95
CA MET D 81 -5.65 -31.34 54.13
C MET D 81 -4.82 -32.36 54.90
N LEU D 82 -4.11 -31.93 55.93
CA LEU D 82 -3.38 -32.85 56.80
C LEU D 82 -4.27 -33.41 57.89
N ALA D 83 -5.22 -32.62 58.41
CA ALA D 83 -6.09 -33.07 59.49
C ALA D 83 -7.19 -34.01 59.00
N ASN D 84 -7.74 -33.79 57.82
CA ASN D 84 -8.86 -34.60 57.35
C ASN D 84 -8.44 -36.02 56.98
N GLY D 97 -5.19 -26.15 35.93
CA GLY D 97 -5.07 -25.41 37.17
C GLY D 97 -3.65 -24.97 37.47
N HIS D 98 -3.03 -24.27 36.53
CA HIS D 98 -1.66 -23.79 36.69
C HIS D 98 -1.67 -22.46 37.44
N ARG D 99 -1.95 -22.56 38.74
CA ARG D 99 -1.96 -21.38 39.59
C ARG D 99 -0.56 -20.83 39.79
N THR D 100 -0.44 -19.51 39.77
CA THR D 100 0.85 -18.86 39.98
C THR D 100 1.32 -19.06 41.42
N LEU D 101 2.64 -19.04 41.60
CA LEU D 101 3.23 -19.25 42.92
C LEU D 101 3.15 -17.96 43.73
N LEU D 102 2.74 -18.07 44.99
CA LEU D 102 2.57 -16.93 45.87
C LEU D 102 3.44 -17.11 47.12
N TYR D 103 3.89 -16.00 47.67
CA TYR D 103 4.66 -16.02 48.91
C TYR D 103 3.76 -16.45 50.07
N GLY D 104 4.37 -17.13 51.05
CA GLY D 104 3.65 -17.66 52.18
C GLY D 104 2.96 -18.99 51.94
N HIS D 105 3.07 -19.54 50.74
CA HIS D 105 2.44 -20.81 50.38
C HIS D 105 3.43 -21.96 50.52
N ALA D 106 2.88 -23.18 50.58
CA ALA D 106 3.66 -24.39 50.74
C ALA D 106 3.56 -25.24 49.48
N ILE D 107 4.68 -25.84 49.08
CA ILE D 107 4.79 -26.60 47.85
C ILE D 107 5.39 -27.97 48.14
N LEU D 108 5.19 -28.88 47.20
CA LEU D 108 5.65 -30.26 47.27
C LEU D 108 6.53 -30.58 46.07
N LEU D 109 7.65 -31.25 46.34
CA LEU D 109 8.71 -31.49 45.35
C LEU D 109 8.83 -32.97 45.04
N ARG D 110 8.87 -33.30 43.75
CA ARG D 110 8.90 -34.66 43.24
C ARG D 110 10.12 -34.81 42.32
N HIS D 111 10.79 -35.95 42.42
CA HIS D 111 11.97 -36.19 41.60
C HIS D 111 11.56 -36.66 40.22
N ALA D 112 12.27 -36.15 39.20
CA ALA D 112 11.96 -36.51 37.82
C ALA D 112 12.26 -37.98 37.53
N HIS D 113 13.38 -38.49 38.06
CA HIS D 113 13.81 -39.86 37.81
C HIS D 113 13.45 -40.79 38.97
N SER D 114 13.87 -40.46 40.19
CA SER D 114 13.67 -41.34 41.33
C SER D 114 12.21 -41.51 41.72
N ARG D 115 11.34 -40.61 41.24
CA ARG D 115 9.88 -40.70 41.45
C ARG D 115 9.53 -40.69 42.93
N MET D 116 10.29 -39.94 43.73
CA MET D 116 10.06 -39.82 45.16
C MET D 116 9.94 -38.35 45.55
N TYR D 117 9.33 -38.12 46.70
CA TYR D 117 9.10 -36.77 47.19
C TYR D 117 10.24 -36.32 48.09
N LEU D 118 10.74 -35.11 47.84
CA LEU D 118 11.78 -34.55 48.70
C LEU D 118 11.16 -34.07 50.01
N SER D 119 11.74 -34.50 51.12
CA SER D 119 11.18 -34.18 52.43
C SER D 119 12.26 -34.36 53.50
N CYS D 120 12.01 -33.77 54.66
CA CYS D 120 12.90 -33.94 55.80
C CYS D 120 12.77 -35.34 56.39
N LEU D 121 13.87 -35.83 56.94
CA LEU D 121 13.93 -37.16 57.56
C LEU D 121 14.04 -37.01 59.07
N THR D 122 13.39 -37.93 59.80
CA THR D 122 13.43 -37.91 61.25
C THR D 122 14.83 -38.18 61.78
N THR D 123 15.56 -39.08 61.13
CA THR D 123 16.91 -39.43 61.58
C THR D 123 17.85 -38.24 61.48
N SER D 124 18.76 -38.15 62.43
CA SER D 124 19.74 -37.06 62.50
C SER D 124 21.15 -37.64 62.49
N ARG D 125 22.00 -37.10 61.63
CA ARG D 125 23.39 -37.54 61.51
C ARG D 125 24.26 -36.32 61.24
N SER D 126 24.82 -35.75 62.31
CA SER D 126 25.70 -34.61 62.20
C SER D 126 26.76 -34.67 63.29
N MET D 127 27.94 -34.11 62.99
CA MET D 127 29.03 -34.04 63.95
C MET D 127 29.22 -32.64 64.50
N THR D 128 28.21 -31.79 64.39
CA THR D 128 28.29 -30.40 64.84
C THR D 128 27.76 -30.21 66.26
N ASP D 129 27.43 -31.31 66.95
CA ASP D 129 26.86 -31.26 68.31
C ASP D 129 25.61 -30.39 68.36
N LYS D 130 24.75 -30.52 67.34
CA LYS D 130 23.55 -29.72 67.25
C LYS D 130 22.49 -30.50 66.50
N LEU D 131 21.25 -30.02 66.59
CA LEU D 131 20.14 -30.63 65.87
C LEU D 131 20.34 -30.50 64.37
N ALA D 132 20.08 -31.59 63.64
CA ALA D 132 20.28 -31.58 62.19
C ALA D 132 18.98 -31.76 61.42
N PHE D 133 18.28 -32.88 61.60
CA PHE D 133 17.10 -33.23 60.82
C PHE D 133 17.39 -33.12 59.31
N ASP D 134 18.36 -33.91 58.87
CA ASP D 134 18.84 -33.84 57.49
C ASP D 134 17.75 -34.32 56.55
N VAL D 135 17.69 -33.74 55.34
CA VAL D 135 16.58 -33.93 54.42
C VAL D 135 17.00 -34.83 53.26
N GLY D 136 16.03 -35.51 52.68
CA GLY D 136 16.28 -36.43 51.59
C GLY D 136 15.01 -36.69 50.81
N LEU D 137 14.84 -37.93 50.37
CA LEU D 137 13.70 -38.36 49.57
C LEU D 137 12.96 -39.48 50.27
N GLN D 138 11.64 -39.53 50.06
CA GLN D 138 10.80 -40.57 50.62
C GLN D 138 9.78 -41.01 49.57
N GLU D 139 9.31 -42.24 49.73
CA GLU D 139 8.42 -42.87 48.75
C GLU D 139 6.95 -42.56 49.07
N ASP D 140 6.58 -42.67 50.35
CA ASP D 140 5.18 -42.54 50.75
C ASP D 140 4.65 -41.14 50.47
N ALA D 141 3.38 -41.07 50.06
CA ALA D 141 2.76 -39.82 49.63
C ALA D 141 2.17 -39.02 50.78
N THR D 142 2.25 -39.51 52.02
CA THR D 142 1.75 -38.75 53.16
C THR D 142 2.59 -37.50 53.37
N GLY D 143 1.91 -36.40 53.70
CA GLY D 143 2.57 -35.10 53.76
C GLY D 143 2.67 -34.50 55.14
N GLU D 144 3.02 -35.31 56.14
CA GLU D 144 3.19 -34.77 57.49
C GLU D 144 4.40 -33.85 57.57
N ALA D 145 5.47 -34.17 56.84
CA ALA D 145 6.68 -33.34 56.79
C ALA D 145 7.21 -33.29 55.37
N CYS D 146 6.33 -33.13 54.38
CA CYS D 146 6.69 -33.19 52.98
C CYS D 146 6.53 -31.87 52.24
N TRP D 147 5.99 -30.84 52.90
CA TRP D 147 5.70 -29.56 52.27
C TRP D 147 6.67 -28.51 52.77
N TRP D 148 7.11 -27.64 51.87
CA TRP D 148 8.01 -26.55 52.21
C TRP D 148 7.34 -25.22 51.91
N THR D 149 7.31 -24.32 52.90
CA THR D 149 6.69 -23.02 52.75
C THR D 149 7.72 -21.99 52.29
N MET D 150 7.23 -20.95 51.62
CA MET D 150 8.07 -19.91 51.05
C MET D 150 7.96 -18.62 51.86
N HIS D 151 9.09 -17.97 52.08
CA HIS D 151 9.17 -16.69 52.76
C HIS D 151 9.98 -15.72 51.92
N PRO D 152 9.67 -14.43 51.99
CA PRO D 152 10.48 -13.43 51.28
C PRO D 152 11.88 -13.33 51.86
N ALA D 153 12.82 -12.93 51.01
CA ALA D 153 14.22 -12.83 51.39
C ALA D 153 14.72 -11.40 51.51
N SER D 154 14.10 -10.45 50.81
CA SER D 154 14.53 -9.06 50.81
C SER D 154 13.34 -8.15 51.07
N LYS D 155 13.65 -6.93 51.52
CA LYS D 155 12.61 -5.93 51.74
C LYS D 155 11.94 -5.46 50.46
N GLN D 156 12.56 -5.75 49.30
CA GLN D 156 11.96 -5.38 48.02
C GLN D 156 10.65 -6.11 47.74
N ARG D 157 10.45 -7.28 48.33
CA ARG D 157 9.29 -8.11 48.06
C ARG D 157 8.42 -8.24 49.31
N SER D 158 7.13 -8.41 49.10
CA SER D 158 6.16 -8.58 50.17
C SER D 158 5.23 -9.74 49.85
N GLU D 159 4.63 -10.30 50.89
CA GLU D 159 3.71 -11.42 50.72
C GLU D 159 2.44 -10.97 49.99
N GLY D 160 1.91 -11.86 49.16
CA GLY D 160 0.69 -11.61 48.42
C GLY D 160 0.88 -11.27 46.96
N GLU D 161 2.12 -11.05 46.51
CA GLU D 161 2.40 -10.73 45.12
C GLU D 161 3.03 -11.94 44.42
N LYS D 162 2.84 -12.00 43.10
CA LYS D 162 3.39 -13.09 42.31
C LYS D 162 4.91 -13.03 42.30
N VAL D 163 5.53 -14.22 42.33
CA VAL D 163 6.98 -14.32 42.29
C VAL D 163 7.44 -14.34 40.84
N ARG D 164 8.73 -14.08 40.65
CA ARG D 164 9.35 -14.08 39.32
C ARG D 164 10.57 -14.97 39.34
N VAL D 165 11.08 -15.27 38.13
CA VAL D 165 12.28 -16.08 38.01
C VAL D 165 13.49 -15.32 38.54
N GLY D 166 14.42 -16.06 39.15
CA GLY D 166 15.60 -15.44 39.71
C GLY D 166 15.35 -14.65 40.98
N ASP D 167 14.26 -14.92 41.68
CA ASP D 167 13.92 -14.20 42.90
C ASP D 167 14.37 -15.02 44.10
N ASP D 168 15.09 -14.36 45.02
CA ASP D 168 15.59 -15.03 46.21
C ASP D 168 14.45 -15.36 47.16
N LEU D 169 14.56 -16.49 47.85
CA LEU D 169 13.50 -16.97 48.72
C LEU D 169 14.09 -17.87 49.79
N ILE D 170 13.32 -18.08 50.86
CA ILE D 170 13.71 -18.91 51.99
C ILE D 170 12.69 -20.02 52.15
N LEU D 171 13.16 -21.25 52.31
CA LEU D 171 12.31 -22.42 52.48
C LEU D 171 12.40 -22.91 53.92
N VAL D 172 11.25 -23.10 54.55
CA VAL D 172 11.15 -23.54 55.94
C VAL D 172 10.27 -24.78 55.99
N SER D 173 10.73 -25.81 56.70
CA SER D 173 9.91 -27.00 56.92
C SER D 173 8.82 -26.69 57.94
N VAL D 174 7.58 -27.02 57.60
CA VAL D 174 6.46 -26.70 58.49
C VAL D 174 6.49 -27.58 59.73
N SER D 175 6.87 -28.86 59.58
CA SER D 175 6.91 -29.76 60.74
C SER D 175 8.13 -29.49 61.60
N SER D 176 9.28 -29.21 60.96
CA SER D 176 10.51 -29.03 61.73
C SER D 176 10.64 -27.63 62.30
N GLU D 177 10.14 -26.61 61.59
CA GLU D 177 10.35 -25.19 61.90
C GLU D 177 11.83 -24.82 61.91
N ARG D 178 12.61 -25.43 61.01
CA ARG D 178 14.01 -25.10 60.83
C ARG D 178 14.24 -24.64 59.39
N TYR D 179 15.15 -23.69 59.21
CA TYR D 179 15.46 -23.18 57.88
C TYR D 179 16.20 -24.23 57.06
N LEU D 180 16.05 -24.12 55.74
CA LEU D 180 16.81 -24.95 54.81
C LEU D 180 18.17 -24.29 54.63
N HIS D 181 19.14 -24.70 55.44
CA HIS D 181 20.42 -24.04 55.57
C HIS D 181 21.51 -24.81 54.85
N LEU D 182 22.50 -24.09 54.34
CA LEU D 182 23.72 -24.69 53.78
C LEU D 182 24.81 -24.61 54.83
N SER D 183 25.19 -25.78 55.35
CA SER D 183 26.18 -25.86 56.42
C SER D 183 27.59 -25.87 55.84
N THR D 184 28.44 -24.97 56.36
CA THR D 184 29.84 -24.87 55.97
C THR D 184 30.72 -25.76 56.85
N ALA D 185 30.40 -27.05 56.80
CA ALA D 185 31.14 -28.04 57.59
C ALA D 185 32.59 -28.15 57.09
N SER D 186 33.47 -28.58 58.01
CA SER D 186 34.89 -28.62 57.70
C SER D 186 35.20 -29.63 56.59
N GLY D 187 34.51 -30.78 56.61
CA GLY D 187 34.76 -31.78 55.58
C GLY D 187 34.34 -31.32 54.20
N GLU D 188 33.14 -30.75 54.09
CA GLU D 188 32.60 -30.29 52.81
C GLU D 188 31.39 -29.40 53.09
N LEU D 189 30.94 -28.71 52.04
CA LEU D 189 29.73 -27.91 52.12
C LEU D 189 28.51 -28.82 51.95
N GLN D 190 27.58 -28.78 52.90
CA GLN D 190 26.42 -29.67 52.88
C GLN D 190 25.16 -28.85 53.08
N VAL D 191 24.01 -29.55 53.11
CA VAL D 191 22.73 -28.93 53.46
C VAL D 191 22.24 -29.58 54.74
N ASP D 192 21.56 -28.79 55.57
CA ASP D 192 21.07 -29.24 56.85
C ASP D 192 19.91 -28.34 57.25
N ALA D 193 19.14 -28.77 58.25
CA ALA D 193 18.00 -28.01 58.75
C ALA D 193 18.37 -27.45 60.12
N SER D 194 18.86 -26.22 60.13
CA SER D 194 19.29 -25.55 61.35
C SER D 194 18.49 -24.27 61.55
N PHE D 195 18.84 -23.53 62.60
CA PHE D 195 18.15 -22.30 62.94
C PHE D 195 18.64 -21.09 62.14
N MET D 196 19.70 -21.24 61.35
CA MET D 196 20.20 -20.17 60.52
C MET D 196 19.66 -20.29 59.10
N GLN D 197 19.44 -19.16 58.46
CA GLN D 197 18.87 -19.12 57.12
C GLN D 197 19.98 -18.94 56.07
N THR D 198 19.75 -19.54 54.90
CA THR D 198 20.70 -19.49 53.79
C THR D 198 19.98 -19.07 52.52
N LEU D 199 20.63 -18.20 51.74
CA LEU D 199 20.06 -17.70 50.50
C LEU D 199 20.03 -18.80 49.44
N TRP D 200 19.02 -18.75 48.58
CA TRP D 200 18.84 -19.75 47.54
C TRP D 200 18.26 -19.09 46.29
N ASN D 201 18.41 -19.77 45.15
CA ASN D 201 17.89 -19.29 43.89
C ASN D 201 17.13 -20.42 43.20
N MET D 202 16.04 -20.05 42.52
CA MET D 202 15.18 -21.00 41.83
C MET D 202 15.19 -20.71 40.33
N ASN D 203 15.38 -21.75 39.52
CA ASN D 203 15.39 -21.58 38.07
C ASN D 203 14.69 -22.74 37.36
N PRO D 204 13.82 -22.45 36.39
CA PRO D 204 13.16 -23.52 35.64
C PRO D 204 13.97 -23.96 34.43
N ILE D 205 13.60 -25.13 33.93
CA ILE D 205 14.22 -25.71 32.74
C ILE D 205 13.28 -25.69 31.55
N CYS D 206 12.06 -26.22 31.72
CA CYS D 206 11.12 -26.32 30.62
C CYS D 206 9.71 -26.23 31.16
N SER D 207 8.77 -25.99 30.25
CA SER D 207 7.35 -25.92 30.54
C SER D 207 6.64 -27.04 29.78
N CYS D 208 5.31 -26.99 29.76
CA CYS D 208 4.52 -27.96 29.00
C CYS D 208 4.89 -27.91 27.53
N CYS D 209 5.12 -29.08 26.94
CA CYS D 209 5.58 -29.20 25.56
C CYS D 209 4.49 -29.86 24.73
N GLU D 210 4.17 -29.26 23.59
CA GLU D 210 3.18 -29.81 22.68
C GLU D 210 3.68 -31.12 22.07
N GLU D 211 2.74 -32.02 21.80
CA GLU D 211 3.11 -33.37 21.39
C GLU D 211 3.68 -33.38 19.99
N GLY D 212 4.46 -34.43 19.69
CA GLY D 212 5.02 -34.58 18.37
C GLY D 212 6.20 -33.70 18.06
N TYR D 213 6.71 -32.95 19.04
CA TYR D 213 7.71 -31.93 18.80
C TYR D 213 8.94 -32.22 19.66
N VAL D 214 10.12 -31.92 19.12
CA VAL D 214 11.37 -32.34 19.73
C VAL D 214 11.75 -31.36 20.84
N THR D 215 12.12 -31.90 21.99
CA THR D 215 12.64 -31.10 23.10
C THR D 215 13.88 -31.79 23.68
N GLY D 216 14.77 -30.97 24.26
CA GLY D 216 16.00 -31.49 24.81
C GLY D 216 15.88 -32.06 26.22
N GLY D 217 16.91 -32.78 26.63
CA GLY D 217 17.00 -33.31 27.98
C GLY D 217 16.26 -34.60 28.24
N HIS D 218 15.67 -35.21 27.20
CA HIS D 218 14.90 -36.44 27.33
C HIS D 218 15.48 -37.41 26.31
N VAL D 219 15.73 -38.65 26.74
CA VAL D 219 16.42 -39.63 25.91
C VAL D 219 15.56 -39.99 24.70
N LEU D 220 16.23 -40.49 23.66
CA LEU D 220 15.59 -40.71 22.37
C LEU D 220 16.36 -41.79 21.60
N ARG D 221 15.82 -42.15 20.45
CA ARG D 221 16.39 -43.15 19.56
C ARG D 221 16.56 -42.51 18.17
N LEU D 222 17.77 -42.06 17.87
CA LEU D 222 18.11 -41.59 16.53
C LEU D 222 18.79 -42.72 15.78
N PHE D 223 18.45 -42.89 14.51
CA PHE D 223 19.03 -44.00 13.78
C PHE D 223 19.10 -43.71 12.30
N HIS D 224 20.12 -44.29 11.66
CA HIS D 224 20.35 -44.13 10.24
C HIS D 224 19.43 -45.05 9.45
N GLY D 225 19.07 -44.62 8.24
CA GLY D 225 18.24 -45.43 7.38
C GLY D 225 16.79 -45.44 7.81
N HIS D 226 16.02 -46.28 7.12
CA HIS D 226 14.58 -46.38 7.36
C HIS D 226 14.15 -47.77 7.79
N MET D 227 14.59 -48.82 7.09
CA MET D 227 14.11 -50.17 7.35
C MET D 227 14.50 -50.70 8.72
N ASP D 228 15.81 -50.94 8.92
CA ASP D 228 16.30 -51.41 10.22
C ASP D 228 17.80 -51.14 10.26
N GLU D 229 18.21 -50.24 11.14
CA GLU D 229 19.61 -49.87 11.34
C GLU D 229 19.68 -48.96 12.55
N CYS D 230 20.76 -49.08 13.32
CA CYS D 230 20.95 -48.27 14.51
C CYS D 230 22.43 -48.08 14.76
N LEU D 231 22.75 -47.06 15.56
CA LEU D 231 24.12 -46.81 16.02
C LEU D 231 24.15 -46.92 17.54
N THR D 232 24.94 -47.85 18.03
CA THR D 232 25.12 -48.05 19.47
C THR D 232 26.61 -48.22 19.76
N ILE D 233 26.91 -48.69 20.95
CA ILE D 233 28.26 -49.09 21.34
C ILE D 233 28.25 -50.61 21.47
N SER D 234 29.40 -51.22 21.19
CA SER D 234 29.51 -52.68 21.23
C SER D 234 29.19 -53.22 22.61
N ALA D 235 28.78 -54.49 22.65
CA ALA D 235 28.30 -55.11 23.88
C ALA D 235 29.44 -55.30 24.88
N ALA D 236 29.07 -55.71 26.09
CA ALA D 236 30.04 -55.96 27.14
C ALA D 236 30.92 -57.17 26.80
N ASP D 237 32.17 -57.12 27.27
CA ASP D 237 33.16 -58.18 27.03
C ASP D 237 33.38 -58.42 25.54
N SER D 238 33.45 -57.34 24.76
CA SER D 238 33.68 -57.42 23.33
C SER D 238 35.16 -57.30 22.97
N ASP D 239 36.05 -57.23 23.96
CA ASP D 239 37.51 -57.17 23.85
C ASP D 239 38.00 -55.85 23.25
N ASP D 240 37.12 -54.91 22.90
CA ASP D 240 37.52 -53.61 22.39
C ASP D 240 37.51 -52.52 23.47
N GLN D 241 37.28 -52.91 24.72
CA GLN D 241 37.21 -52.04 25.89
C GLN D 241 36.05 -51.05 25.86
N ARG D 242 35.16 -51.17 24.87
CA ARG D 242 33.95 -50.36 24.73
C ARG D 242 34.29 -48.86 24.68
N ARG D 243 35.10 -48.50 23.68
CA ARG D 243 35.57 -47.12 23.53
C ARG D 243 35.39 -46.59 22.11
N LEU D 244 34.72 -47.32 21.22
CA LEU D 244 34.51 -46.87 19.86
C LEU D 244 33.11 -47.26 19.41
N VAL D 245 32.58 -46.50 18.44
CA VAL D 245 31.18 -46.60 18.03
C VAL D 245 31.08 -47.52 16.82
N TYR D 246 30.06 -48.40 16.85
CA TYR D 246 29.75 -49.29 15.75
C TYR D 246 28.30 -49.09 15.32
N TYR D 247 27.98 -49.63 14.15
CA TYR D 247 26.62 -49.66 13.63
C TYR D 247 26.12 -51.10 13.71
N GLU D 248 24.88 -51.28 14.16
CA GLU D 248 24.34 -52.62 14.37
C GLU D 248 23.14 -52.85 13.46
N GLY D 249 22.52 -54.02 13.60
CA GLY D 249 21.44 -54.44 12.74
C GLY D 249 20.06 -54.18 13.28
N GLY D 250 19.19 -55.19 13.20
CA GLY D 250 17.79 -55.02 13.56
C GLY D 250 17.44 -55.45 14.97
N ALA D 251 17.95 -56.60 15.42
CA ALA D 251 17.63 -57.12 16.74
C ALA D 251 18.23 -56.27 17.87
N VAL D 252 19.27 -55.48 17.56
CA VAL D 252 19.97 -54.73 18.60
C VAL D 252 19.10 -53.61 19.16
N CYS D 253 18.21 -53.03 18.34
CA CYS D 253 17.46 -51.84 18.74
C CYS D 253 16.57 -52.12 19.94
N THR D 254 16.03 -53.34 20.05
CA THR D 254 15.18 -53.68 21.18
C THR D 254 15.94 -53.73 22.50
N HIS D 255 17.27 -53.81 22.45
CA HIS D 255 18.08 -53.83 23.66
C HIS D 255 18.27 -52.42 24.21
N ALA D 256 18.94 -52.33 25.35
CA ALA D 256 19.16 -51.04 26.00
C ALA D 256 20.36 -50.27 25.47
N ARG D 257 21.16 -50.88 24.58
CA ARG D 257 22.34 -50.18 24.05
C ARG D 257 21.97 -49.03 23.12
N SER D 258 20.79 -49.06 22.51
CA SER D 258 20.39 -48.03 21.55
C SER D 258 19.63 -46.90 22.23
N LEU D 259 20.23 -46.31 23.27
CA LEU D 259 19.64 -45.17 23.98
C LEU D 259 20.65 -44.04 24.02
N TRP D 260 20.23 -42.85 23.61
CA TRP D 260 21.09 -41.67 23.58
C TRP D 260 20.36 -40.48 24.17
N ARG D 261 21.11 -39.61 24.84
CA ARG D 261 20.55 -38.42 25.48
C ARG D 261 21.31 -37.19 25.03
N LEU D 262 20.59 -36.14 24.63
CA LEU D 262 21.20 -34.91 24.19
C LEU D 262 20.93 -33.80 25.19
N GLU D 263 21.91 -32.92 25.40
CA GLU D 263 21.74 -31.80 26.31
C GLU D 263 22.46 -30.57 25.80
N PRO D 264 21.86 -29.39 25.94
CA PRO D 264 22.56 -28.15 25.56
C PRO D 264 23.60 -27.76 26.60
N LEU D 265 24.42 -26.77 26.23
CA LEU D 265 25.45 -26.28 27.14
C LEU D 265 24.85 -25.39 28.23
N ARG D 266 23.80 -24.63 27.92
CA ARG D 266 23.22 -23.74 28.91
C ARG D 266 22.46 -24.56 29.95
N ILE D 267 22.88 -24.45 31.21
CA ILE D 267 22.24 -25.19 32.29
C ILE D 267 20.84 -24.62 32.57
N SER D 268 20.64 -23.34 32.31
CA SER D 268 19.35 -22.70 32.51
C SER D 268 18.52 -22.76 31.24
N TRP D 269 17.23 -23.08 31.41
CA TRP D 269 16.27 -23.19 30.30
C TRP D 269 16.74 -24.17 29.23
N SER D 270 17.23 -25.34 29.67
CA SER D 270 17.78 -26.33 28.76
C SER D 270 16.71 -27.16 28.06
N GLY D 271 15.46 -27.06 28.48
CA GLY D 271 14.40 -27.91 27.94
C GLY D 271 13.59 -27.27 26.84
N SER D 272 14.12 -26.21 26.23
CA SER D 272 13.41 -25.52 25.17
C SER D 272 13.38 -26.37 23.89
N HIS D 273 12.59 -25.91 22.92
CA HIS D 273 12.48 -26.62 21.65
C HIS D 273 13.82 -26.58 20.90
N LEU D 274 14.14 -27.68 20.23
CA LEU D 274 15.41 -27.79 19.51
C LEU D 274 15.34 -27.01 18.21
N ARG D 275 16.41 -26.27 17.92
CA ARG D 275 16.57 -25.46 16.72
C ARG D 275 17.63 -26.08 15.81
N TRP D 276 17.96 -25.39 14.73
CA TRP D 276 18.99 -25.84 13.80
C TRP D 276 20.31 -25.20 14.19
N GLY D 277 21.29 -26.03 14.54
CA GLY D 277 22.65 -25.57 14.69
C GLY D 277 22.97 -24.83 15.97
N GLN D 278 22.86 -25.51 17.11
CA GLN D 278 23.29 -24.96 18.38
C GLN D 278 24.22 -25.95 19.07
N PRO D 279 25.12 -25.47 19.94
CA PRO D 279 26.01 -26.41 20.64
C PRO D 279 25.25 -27.32 21.60
N LEU D 280 25.23 -28.61 21.28
CA LEU D 280 24.59 -29.62 22.11
C LEU D 280 25.46 -30.87 22.11
N ARG D 281 25.31 -31.68 23.15
CA ARG D 281 26.20 -32.82 23.36
C ARG D 281 25.39 -34.09 23.56
N ILE D 282 25.93 -35.19 23.04
CA ILE D 282 25.27 -36.50 23.04
C ILE D 282 25.99 -37.37 24.08
N ARG D 283 25.21 -38.19 24.79
CA ARG D 283 25.75 -39.10 25.77
C ARG D 283 25.01 -40.43 25.71
N HIS D 284 25.68 -41.49 26.14
CA HIS D 284 25.11 -42.82 26.25
C HIS D 284 24.75 -43.07 27.71
N VAL D 285 23.47 -43.37 27.97
CA VAL D 285 22.97 -43.39 29.34
C VAL D 285 23.56 -44.56 30.13
N THR D 286 23.74 -45.71 29.50
CA THR D 286 24.21 -46.89 30.23
C THR D 286 25.69 -46.82 30.57
N THR D 287 26.47 -46.01 29.85
CA THR D 287 27.90 -45.91 30.08
C THR D 287 28.37 -44.53 30.52
N GLY D 288 27.57 -43.48 30.30
CA GLY D 288 27.96 -42.15 30.70
C GLY D 288 29.15 -41.58 29.93
N ARG D 289 29.18 -41.78 28.61
CA ARG D 289 30.28 -41.30 27.78
C ARG D 289 29.73 -40.46 26.64
N TYR D 290 30.48 -39.43 26.27
CA TYR D 290 30.08 -38.48 25.24
C TYR D 290 30.71 -38.86 23.90
N LEU D 291 30.43 -38.06 22.88
CA LEU D 291 30.96 -38.25 21.54
C LEU D 291 31.96 -37.13 21.24
N ALA D 292 33.20 -37.51 20.93
CA ALA D 292 34.25 -36.53 20.67
C ALA D 292 35.40 -37.23 19.96
N LEU D 293 36.30 -36.41 19.41
CA LEU D 293 37.58 -36.86 18.87
C LEU D 293 38.68 -36.32 19.77
N THR D 294 39.57 -37.20 20.24
CA THR D 294 40.62 -36.73 21.14
C THR D 294 41.82 -36.17 20.36
N GLU D 295 42.53 -37.00 19.61
CA GLU D 295 43.58 -36.49 18.72
C GLU D 295 43.34 -36.86 17.26
N ASP D 296 43.33 -38.15 16.91
CA ASP D 296 43.15 -38.55 15.53
C ASP D 296 42.37 -39.85 15.38
N GLN D 297 41.55 -40.21 16.37
CA GLN D 297 40.89 -41.51 16.38
C GLN D 297 39.48 -41.46 15.81
N GLY D 298 39.21 -40.49 14.94
CA GLY D 298 37.92 -40.44 14.26
C GLY D 298 36.77 -40.20 15.22
N LEU D 299 35.79 -41.09 15.18
CA LEU D 299 34.61 -40.99 16.04
C LEU D 299 34.71 -42.08 17.10
N VAL D 300 34.96 -41.67 18.35
CA VAL D 300 35.04 -42.56 19.49
C VAL D 300 34.31 -41.90 20.66
N VAL D 301 34.24 -42.62 21.77
CA VAL D 301 33.63 -42.08 22.99
C VAL D 301 34.74 -41.73 23.96
N VAL D 302 34.53 -40.65 24.71
CA VAL D 302 35.52 -40.10 25.63
C VAL D 302 34.86 -39.97 27.00
N ASP D 303 35.66 -40.18 28.05
CA ASP D 303 35.18 -40.09 29.41
C ASP D 303 34.74 -38.66 29.75
N ALA D 304 33.92 -38.56 30.80
CA ALA D 304 33.37 -37.26 31.19
C ALA D 304 34.45 -36.31 31.69
N CYS D 305 35.46 -36.84 32.40
CA CYS D 305 36.53 -36.00 32.92
C CYS D 305 37.33 -35.35 31.81
N LYS D 306 37.62 -36.09 30.74
CA LYS D 306 38.38 -35.57 29.60
C LYS D 306 37.41 -34.90 28.64
N ALA D 307 36.99 -33.69 29.01
CA ALA D 307 36.07 -32.90 28.19
C ALA D 307 36.65 -31.50 28.01
N HIS D 308 37.16 -31.22 26.81
CA HIS D 308 37.68 -29.90 26.47
C HIS D 308 36.66 -29.03 25.75
N THR D 309 35.43 -29.53 25.56
CA THR D 309 34.24 -28.81 25.10
C THR D 309 34.33 -28.43 23.61
N LYS D 310 35.46 -28.66 22.96
CA LYS D 310 35.61 -28.25 21.57
C LYS D 310 35.11 -29.33 20.60
N ALA D 311 35.69 -30.52 20.66
CA ALA D 311 35.27 -31.60 19.77
C ALA D 311 33.96 -32.24 20.19
N THR D 312 33.51 -32.00 21.42
CA THR D 312 32.28 -32.61 21.91
C THR D 312 31.03 -31.95 21.36
N SER D 313 31.15 -30.75 20.79
CA SER D 313 29.98 -30.03 20.30
C SER D 313 29.51 -30.61 18.97
N PHE D 314 28.19 -30.63 18.79
CA PHE D 314 27.56 -31.09 17.55
C PHE D 314 26.40 -30.15 17.24
N CYS D 315 26.02 -30.11 15.96
CA CYS D 315 24.91 -29.28 15.53
C CYS D 315 24.04 -30.07 14.56
N PHE D 316 22.78 -29.63 14.47
CA PHE D 316 21.73 -30.38 13.79
C PHE D 316 21.21 -29.51 12.64
N ARG D 317 21.27 -30.03 11.41
CA ARG D 317 21.02 -29.21 10.22
C ARG D 317 20.05 -29.90 9.27
N VAL D 318 19.59 -29.13 8.28
CA VAL D 318 18.60 -29.63 7.33
C VAL D 318 19.06 -29.60 5.88
N SER D 319 19.99 -28.71 5.51
CA SER D 319 20.37 -28.51 4.12
C SER D 319 21.80 -28.98 3.87
N LYS D 320 22.02 -29.52 2.66
CA LYS D 320 23.36 -29.95 2.27
C LYS D 320 24.32 -28.76 2.17
N GLU D 321 23.87 -27.66 1.58
CA GLU D 321 24.75 -26.54 1.29
C GLU D 321 24.99 -25.72 2.55
N LYS D 322 26.07 -24.93 2.52
CA LYS D 322 26.41 -24.04 3.62
C LYS D 322 25.44 -22.86 3.65
N LEU D 323 24.74 -22.71 4.76
CA LEU D 323 23.78 -21.64 4.95
C LEU D 323 24.06 -20.89 6.23
N ASP D 324 23.69 -19.61 6.26
CA ASP D 324 23.89 -18.79 7.44
C ASP D 324 22.94 -19.21 8.56
N THR D 325 23.43 -19.09 9.80
CA THR D 325 22.64 -19.42 10.97
C THR D 325 22.87 -18.35 12.03
N ALA D 326 21.91 -18.23 12.95
CA ALA D 326 21.96 -17.26 14.04
C ALA D 326 21.74 -17.97 15.37
N PRO D 327 22.76 -18.64 15.89
CA PRO D 327 22.63 -19.32 17.19
C PRO D 327 23.06 -18.48 18.39
N LYS D 328 23.57 -17.26 18.17
CA LYS D 328 24.05 -16.44 19.28
C LYS D 328 22.93 -15.91 20.15
N ARG D 329 21.72 -15.79 19.61
CA ARG D 329 20.60 -15.27 20.39
C ARG D 329 20.18 -16.26 21.47
N ASP D 330 19.74 -15.73 22.61
CA ASP D 330 19.23 -16.54 23.71
C ASP D 330 17.79 -16.15 23.97
N VAL D 331 16.92 -17.15 24.09
CA VAL D 331 15.49 -16.95 24.28
C VAL D 331 15.11 -17.40 25.68
N GLU D 332 14.37 -16.55 26.40
CA GLU D 332 13.82 -16.91 27.70
C GLU D 332 12.42 -17.49 27.60
N GLY D 333 11.85 -17.54 26.41
CA GLY D 333 10.53 -18.11 26.20
C GLY D 333 10.58 -19.59 25.88
N MET D 334 9.45 -20.09 25.37
CA MET D 334 9.35 -21.51 25.04
C MET D 334 10.25 -21.85 23.85
N GLY D 335 10.28 -20.98 22.85
CA GLY D 335 11.06 -21.21 21.66
C GLY D 335 10.21 -21.63 20.48
N PRO D 336 10.64 -21.29 19.27
CA PRO D 336 9.84 -21.60 18.08
C PRO D 336 9.91 -23.08 17.75
N PRO D 337 8.75 -23.76 17.72
CA PRO D 337 8.76 -25.20 17.41
C PRO D 337 8.87 -25.48 15.91
N GLU D 338 9.92 -26.22 15.51
CA GLU D 338 10.10 -26.53 14.09
C GLU D 338 10.35 -28.00 13.77
N ILE D 339 11.08 -28.73 14.63
CA ILE D 339 11.56 -30.06 14.29
C ILE D 339 10.52 -31.12 14.65
N LYS D 340 10.23 -32.02 13.71
CA LYS D 340 9.18 -33.01 13.86
C LYS D 340 9.78 -34.42 13.73
N TYR D 341 9.29 -35.35 14.54
CA TYR D 341 9.75 -36.73 14.48
C TYR D 341 9.32 -37.39 13.17
N GLY D 342 10.19 -38.24 12.64
CA GLY D 342 9.86 -39.03 11.46
C GLY D 342 10.11 -38.38 10.11
N GLU D 343 9.56 -37.18 9.91
CA GLU D 343 9.72 -36.47 8.65
C GLU D 343 10.81 -35.41 8.72
N SER D 344 11.67 -35.46 9.73
CA SER D 344 12.76 -34.50 9.83
C SER D 344 13.76 -34.67 8.68
N LEU D 345 14.17 -35.92 8.40
CA LEU D 345 15.20 -36.23 7.40
C LEU D 345 16.47 -35.42 7.66
N CYS D 346 16.83 -35.32 8.94
CA CYS D 346 17.79 -34.32 9.40
C CYS D 346 19.21 -34.87 9.39
N PHE D 347 20.18 -33.95 9.42
CA PHE D 347 21.60 -34.29 9.37
C PHE D 347 22.30 -33.77 10.61
N VAL D 348 23.43 -34.39 10.96
CA VAL D 348 24.26 -33.97 12.08
C VAL D 348 25.62 -33.51 11.55
N GLN D 349 26.23 -32.54 12.24
CA GLN D 349 27.50 -31.96 11.83
C GLN D 349 28.39 -31.75 13.05
N HIS D 350 29.69 -31.99 12.86
CA HIS D 350 30.71 -31.57 13.80
C HIS D 350 31.17 -30.16 13.44
N VAL D 351 31.11 -29.25 14.41
CA VAL D 351 31.39 -27.84 14.14
C VAL D 351 32.86 -27.49 14.34
N ALA D 352 33.54 -28.12 15.29
CA ALA D 352 34.96 -27.85 15.49
C ALA D 352 35.78 -28.32 14.30
N SER D 353 35.55 -29.56 13.86
CA SER D 353 36.23 -30.07 12.67
C SER D 353 35.63 -29.52 11.38
N GLY D 354 34.36 -29.12 11.41
CA GLY D 354 33.72 -28.58 10.22
C GLY D 354 33.33 -29.62 9.19
N LEU D 355 33.19 -30.88 9.59
CA LEU D 355 32.86 -31.96 8.67
C LEU D 355 31.76 -32.84 9.27
N TRP D 356 31.04 -33.51 8.37
CA TRP D 356 29.91 -34.36 8.75
C TRP D 356 30.42 -35.74 9.18
N LEU D 357 29.48 -36.62 9.53
CA LEU D 357 29.78 -38.00 9.88
C LEU D 357 28.83 -38.91 9.13
N THR D 358 29.39 -39.94 8.48
CA THR D 358 28.62 -40.95 7.78
C THR D 358 29.26 -42.32 8.01
N TYR D 359 28.66 -43.34 7.42
CA TYR D 359 29.22 -44.68 7.51
C TYR D 359 30.45 -44.80 6.63
N ALA D 360 31.48 -45.48 7.14
CA ALA D 360 32.74 -45.57 6.41
C ALA D 360 32.63 -46.45 5.17
N ALA D 361 31.74 -47.45 5.21
CA ALA D 361 31.48 -48.40 4.12
C ALA D 361 32.75 -49.08 3.64
N PRO D 362 33.31 -50.01 4.42
CA PRO D 362 34.53 -50.68 3.98
C PRO D 362 34.37 -51.82 2.96
N ASP D 363 35.52 -52.21 2.39
CA ASP D 363 35.51 -53.22 1.35
C ASP D 363 36.48 -54.35 1.65
N PRO D 364 36.48 -54.89 2.87
CA PRO D 364 37.29 -56.08 3.15
C PRO D 364 36.45 -57.35 3.10
N LYS D 365 37.14 -58.47 2.91
CA LYS D 365 36.47 -59.77 2.96
C LYS D 365 35.91 -60.04 4.35
N ALA D 366 36.68 -59.71 5.39
CA ALA D 366 36.20 -59.91 6.76
C ALA D 366 35.00 -59.02 7.06
N LEU D 367 35.03 -57.77 6.61
CA LEU D 367 33.89 -56.86 6.82
C LEU D 367 32.67 -57.30 6.00
N ARG D 368 32.90 -57.87 4.82
CA ARG D 368 31.80 -58.40 4.02
C ARG D 368 31.18 -59.61 4.69
N LEU D 369 31.98 -60.43 5.37
CA LEU D 369 31.47 -61.59 6.08
C LEU D 369 30.61 -61.20 7.28
N GLY D 370 30.69 -59.95 7.74
CA GLY D 370 29.85 -59.51 8.83
C GLY D 370 28.40 -59.35 8.43
N VAL D 371 27.51 -59.41 9.43
CA VAL D 371 26.07 -59.30 9.18
C VAL D 371 25.72 -57.82 9.26
N LEU D 372 25.89 -57.14 8.11
CA LEU D 372 25.63 -55.72 7.95
C LEU D 372 26.42 -54.88 8.95
N LYS D 373 27.75 -55.00 8.87
CA LYS D 373 28.66 -54.32 9.78
C LYS D 373 29.34 -53.17 9.06
N LYS D 374 29.28 -51.98 9.65
CA LYS D 374 29.89 -50.79 9.06
C LYS D 374 30.32 -49.87 10.20
N LYS D 375 31.58 -49.44 10.16
CA LYS D 375 32.14 -48.64 11.24
C LYS D 375 31.87 -47.15 10.99
N ALA D 376 31.66 -46.40 12.08
CA ALA D 376 31.40 -44.97 12.01
C ALA D 376 32.74 -44.23 12.04
N ILE D 377 33.10 -43.61 10.93
CA ILE D 377 34.35 -42.89 10.77
C ILE D 377 34.04 -41.51 10.22
N LEU D 378 34.63 -40.48 10.84
CA LEU D 378 34.43 -39.11 10.38
C LEU D 378 34.98 -38.94 8.97
N HIS D 379 34.22 -38.24 8.12
CA HIS D 379 34.42 -38.21 6.68
C HIS D 379 34.40 -36.77 6.19
N GLN D 380 34.82 -36.58 4.93
CA GLN D 380 34.94 -35.26 4.34
C GLN D 380 34.31 -35.22 2.94
N GLU D 381 34.31 -36.36 2.25
CA GLU D 381 33.90 -36.41 0.85
C GLU D 381 32.43 -36.04 0.67
N GLY D 382 31.57 -36.51 1.55
CA GLY D 382 30.15 -36.22 1.46
C GLY D 382 29.34 -37.42 0.98
N HIS D 383 28.18 -37.60 1.61
CA HIS D 383 27.24 -38.66 1.26
C HIS D 383 25.83 -38.10 1.28
N MET D 384 24.96 -38.69 0.46
CA MET D 384 23.60 -38.18 0.26
C MET D 384 22.53 -39.12 0.79
N ASP D 385 22.89 -40.14 1.57
CA ASP D 385 21.93 -41.14 2.04
C ASP D 385 21.94 -41.25 3.56
N ASP D 386 21.93 -40.11 4.26
CA ASP D 386 21.84 -40.12 5.71
C ASP D 386 20.48 -40.67 6.17
N ALA D 387 19.41 -39.93 5.87
CA ALA D 387 18.04 -40.32 6.21
C ALA D 387 17.89 -40.64 7.70
N LEU D 388 18.46 -39.78 8.54
CA LEU D 388 18.39 -39.99 9.99
C LEU D 388 16.95 -39.81 10.48
N PHE D 389 16.48 -40.77 11.26
CA PHE D 389 15.12 -40.77 11.78
C PHE D 389 15.15 -40.69 13.31
N LEU D 390 14.21 -39.92 13.85
CA LEU D 390 14.12 -39.65 15.27
C LEU D 390 12.87 -40.32 15.84
N THR D 391 13.03 -41.10 16.90
CA THR D 391 11.91 -41.72 17.59
C THR D 391 12.08 -41.54 19.09
N ARG D 392 10.97 -41.52 19.82
CA ARG D 392 11.01 -41.49 21.28
C ARG D 392 10.02 -42.50 21.85
N CYS D 393 10.47 -43.21 22.87
CA CYS D 393 9.62 -44.15 23.61
C CYS D 393 10.12 -44.16 25.04
N GLN D 394 9.30 -43.68 25.97
CA GLN D 394 9.78 -43.48 27.33
C GLN D 394 9.80 -44.82 28.06
N GLN D 395 8.61 -45.41 28.28
CA GLN D 395 8.37 -46.81 28.70
C GLN D 395 9.40 -47.36 29.68
N GLU D 396 9.83 -46.55 30.64
CA GLU D 396 10.82 -46.82 31.70
C GLU D 396 12.11 -47.49 31.21
N GLU D 397 12.46 -47.46 29.92
CA GLU D 397 13.82 -47.90 29.57
C GLU D 397 14.86 -46.89 30.04
N SER D 398 14.53 -45.60 30.07
CA SER D 398 15.47 -44.60 30.59
C SER D 398 15.76 -44.84 32.05
N GLN D 399 14.71 -45.08 32.85
CA GLN D 399 14.91 -45.40 34.27
C GLN D 399 15.67 -46.70 34.43
N ALA D 400 15.33 -47.72 33.63
CA ALA D 400 16.04 -49.00 33.72
C ALA D 400 17.51 -48.85 33.39
N ALA D 401 17.84 -48.07 32.36
CA ALA D 401 19.23 -47.86 31.98
C ALA D 401 19.99 -47.07 33.05
N ARG D 402 19.33 -46.08 33.65
CA ARG D 402 19.99 -45.34 34.74
C ARG D 402 20.26 -46.25 35.93
N MET D 403 19.32 -47.13 36.26
CA MET D 403 19.56 -48.14 37.30
C MET D 403 20.71 -49.07 36.93
N ILE D 404 20.78 -49.49 35.66
CA ILE D 404 21.86 -50.35 35.22
C ILE D 404 23.21 -49.66 35.41
N HIS D 405 23.30 -48.38 35.01
CA HIS D 405 24.53 -47.62 35.19
C HIS D 405 24.92 -47.51 36.65
N SER D 406 23.97 -47.10 37.50
CA SER D 406 24.27 -46.88 38.92
C SER D 406 24.67 -48.18 39.61
N THR D 407 23.89 -49.24 39.39
CA THR D 407 24.18 -50.53 40.03
C THR D 407 25.48 -51.13 39.51
N ALA D 408 25.76 -51.00 38.21
CA ALA D 408 27.00 -51.53 37.66
C ALA D 408 28.21 -50.80 38.26
N GLY D 409 28.13 -49.47 38.37
CA GLY D 409 29.22 -48.74 38.99
C GLY D 409 29.41 -49.11 40.45
N LEU D 410 28.31 -49.20 41.21
CA LEU D 410 28.40 -49.54 42.63
C LEU D 410 28.96 -50.94 42.83
N TYR D 411 28.50 -51.91 42.03
CA TYR D 411 28.95 -53.28 42.20
C TYR D 411 30.41 -53.45 41.77
N ASN D 412 30.81 -52.74 40.71
CA ASN D 412 32.21 -52.77 40.29
C ASN D 412 33.12 -52.19 41.36
N GLN D 413 32.72 -51.06 41.96
CA GLN D 413 33.50 -50.48 43.03
C GLN D 413 33.56 -51.41 44.24
N PHE D 414 32.42 -52.05 44.57
CA PHE D 414 32.37 -52.94 45.72
C PHE D 414 33.26 -54.17 45.52
N ILE D 415 33.23 -54.76 44.33
CA ILE D 415 34.06 -55.94 44.09
C ILE D 415 35.54 -55.56 43.99
N LYS D 416 35.84 -54.37 43.48
CA LYS D 416 37.25 -53.93 43.44
C LYS D 416 37.77 -53.68 44.84
N GLY D 417 36.91 -53.17 45.73
CA GLY D 417 37.29 -53.07 47.13
C GLY D 417 37.44 -54.43 47.80
N LEU D 418 36.56 -55.38 47.43
CA LEU D 418 36.64 -56.72 48.02
C LEU D 418 37.91 -57.45 47.59
N ASP D 419 38.41 -57.17 46.39
CA ASP D 419 39.59 -57.88 45.88
C ASP D 419 40.90 -57.30 46.41
N SER D 420 40.84 -56.27 47.26
CA SER D 420 42.07 -55.64 47.75
C SER D 420 42.78 -56.51 48.78
N PHE D 421 42.04 -57.05 49.75
CA PHE D 421 42.64 -57.72 50.90
C PHE D 421 42.57 -59.25 50.82
N SER D 422 42.26 -59.81 49.65
CA SER D 422 42.13 -61.26 49.53
C SER D 422 43.47 -61.98 49.65
N GLY D 423 44.59 -61.30 49.40
CA GLY D 423 45.88 -61.95 49.39
C GLY D 423 46.61 -61.99 50.72
N LYS D 424 46.23 -61.14 51.66
CA LYS D 424 46.92 -61.05 52.94
C LYS D 424 45.93 -61.01 54.09
N PRO D 425 46.33 -61.50 55.26
CA PRO D 425 45.46 -61.41 56.44
C PRO D 425 45.50 -60.01 57.05
N ARG D 426 44.60 -59.79 58.01
CA ARG D 426 44.50 -58.51 58.67
C ARG D 426 45.73 -58.25 59.54
N GLY D 427 46.18 -57.00 59.56
CA GLY D 427 47.29 -56.58 60.38
C GLY D 427 46.85 -55.93 61.68
N SER D 428 47.80 -55.25 62.32
CA SER D 428 47.51 -54.53 63.55
C SER D 428 46.62 -53.32 63.27
N GLY D 429 45.71 -53.04 64.20
CA GLY D 429 44.80 -51.92 64.06
C GLY D 429 43.80 -52.13 62.94
N PRO D 430 43.68 -51.14 62.06
CA PRO D 430 42.75 -51.25 60.92
C PRO D 430 43.19 -52.33 59.96
N PRO D 431 42.24 -53.04 59.33
CA PRO D 431 42.61 -54.10 58.39
C PRO D 431 43.04 -53.57 57.03
N ALA D 432 42.46 -52.45 56.61
CA ALA D 432 42.75 -51.88 55.29
C ALA D 432 42.50 -50.39 55.32
N GLY D 433 43.05 -49.69 54.33
CA GLY D 433 42.90 -48.26 54.22
C GLY D 433 41.50 -47.81 53.86
N PRO D 434 41.08 -48.09 52.62
CA PRO D 434 39.73 -47.68 52.20
C PRO D 434 38.64 -48.43 52.97
N ALA D 435 37.50 -47.77 53.14
CA ALA D 435 36.37 -48.35 53.86
C ALA D 435 35.44 -49.06 52.88
N LEU D 436 34.97 -50.23 53.30
CA LEU D 436 34.09 -51.04 52.45
C LEU D 436 32.67 -50.48 52.51
N PRO D 437 32.05 -50.15 51.37
CA PRO D 437 30.67 -49.59 51.36
C PRO D 437 29.60 -50.66 51.58
N ILE D 438 29.34 -50.94 52.86
CA ILE D 438 28.37 -51.98 53.22
C ILE D 438 26.97 -51.43 53.47
N GLU D 439 26.87 -50.21 54.00
CA GLU D 439 25.56 -49.67 54.37
C GLU D 439 24.69 -49.37 53.15
N ALA D 440 25.28 -48.84 52.08
CA ALA D 440 24.50 -48.44 50.92
C ALA D 440 24.10 -49.63 50.05
N VAL D 441 24.96 -50.63 49.95
CA VAL D 441 24.70 -51.75 49.04
C VAL D 441 23.51 -52.57 49.51
N ILE D 442 23.31 -52.69 50.83
CA ILE D 442 22.16 -53.43 51.34
C ILE D 442 20.87 -52.75 50.96
N LEU D 443 20.81 -51.42 51.10
CA LEU D 443 19.61 -50.67 50.73
C LEU D 443 19.38 -50.75 49.22
N SER D 444 20.46 -50.68 48.43
CA SER D 444 20.31 -50.80 46.98
C SER D 444 19.76 -52.17 46.58
N LEU D 445 20.28 -53.23 47.20
CA LEU D 445 19.80 -54.58 46.90
C LEU D 445 18.34 -54.76 47.30
N GLN D 446 17.96 -54.21 48.47
CA GLN D 446 16.57 -54.28 48.90
C GLN D 446 15.65 -53.53 47.95
N ASP D 447 16.10 -52.37 47.45
CA ASP D 447 15.31 -51.63 46.46
C ASP D 447 15.17 -52.42 45.17
N LEU D 448 16.25 -53.11 44.75
CA LEU D 448 16.16 -53.94 43.55
C LEU D 448 15.19 -55.10 43.74
N ILE D 449 15.18 -55.71 44.93
CA ILE D 449 14.22 -56.79 45.19
C ILE D 449 12.79 -56.26 45.14
N GLY D 450 12.57 -55.10 45.77
CA GLY D 450 11.25 -54.49 45.73
C GLY D 450 10.81 -54.14 44.32
N TYR D 451 11.77 -53.72 43.48
CA TYR D 451 11.46 -53.46 42.08
C TYR D 451 11.10 -54.75 41.34
N PHE D 452 11.81 -55.85 41.62
CA PHE D 452 11.53 -57.14 41.01
C PHE D 452 10.57 -57.99 41.84
N GLU D 453 9.72 -57.36 42.65
CA GLU D 453 8.61 -58.08 43.28
C GLU D 453 7.62 -58.54 42.20
N PRO D 454 7.32 -59.83 42.12
CA PRO D 454 6.32 -60.28 41.13
C PRO D 454 4.93 -59.80 41.49
N PRO D 455 4.05 -59.64 40.51
CA PRO D 455 2.71 -59.09 40.79
C PRO D 455 1.83 -60.06 41.55
N SER D 456 0.83 -59.49 42.22
CA SER D 456 -0.11 -60.28 43.00
C SER D 456 -1.12 -60.99 42.10
N GLU D 457 -1.60 -62.14 42.56
CA GLU D 457 -2.56 -62.93 41.80
C GLU D 457 -3.96 -62.32 41.88
N GLU D 458 -4.26 -61.60 42.96
CA GLU D 458 -5.60 -61.09 43.21
C GLU D 458 -6.06 -60.04 42.21
N LEU D 459 -5.15 -59.49 41.41
CA LEU D 459 -5.52 -58.50 40.41
C LEU D 459 -6.27 -59.15 39.26
N GLN D 460 -6.92 -58.32 38.45
CA GLN D 460 -7.70 -58.80 37.31
C GLN D 460 -6.79 -59.41 36.25
N HIS D 461 -7.41 -60.15 35.32
CA HIS D 461 -6.66 -60.90 34.32
C HIS D 461 -5.90 -59.98 33.37
N GLU D 462 -6.54 -58.92 32.89
CA GLU D 462 -5.87 -57.99 31.98
C GLU D 462 -4.71 -57.28 32.67
N GLU D 463 -4.91 -56.88 33.93
CA GLU D 463 -3.85 -56.24 34.69
C GLU D 463 -2.67 -57.20 34.92
N LYS D 464 -3.00 -58.46 35.24
CA LYS D 464 -1.96 -59.47 35.37
C LYS D 464 -1.17 -59.65 34.08
N GLN D 465 -1.88 -59.69 32.94
CA GLN D 465 -1.21 -59.88 31.65
C GLN D 465 -0.29 -58.70 31.33
N SER D 466 -0.77 -57.47 31.56
CA SER D 466 0.04 -56.29 31.26
C SER D 466 1.26 -56.21 32.18
N LYS D 467 1.05 -56.41 33.48
CA LYS D 467 2.15 -56.36 34.43
C LYS D 467 3.17 -57.46 34.16
N LEU D 468 2.70 -58.67 33.80
CA LEU D 468 3.60 -59.75 33.47
C LEU D 468 4.42 -59.44 32.23
N ARG D 469 3.79 -58.83 31.22
CA ARG D 469 4.51 -58.40 30.03
C ARG D 469 5.60 -57.39 30.39
N SER D 470 5.25 -56.40 31.21
CA SER D 470 6.21 -55.36 31.59
C SER D 470 7.39 -55.96 32.37
N LEU D 471 7.09 -56.81 33.36
CA LEU D 471 8.15 -57.40 34.17
C LEU D 471 9.03 -58.32 33.34
N ARG D 472 8.44 -59.11 32.45
CA ARG D 472 9.24 -60.00 31.60
C ARG D 472 10.16 -59.20 30.69
N ASN D 473 9.63 -58.14 30.07
CA ASN D 473 10.46 -57.32 29.19
C ASN D 473 11.57 -56.63 29.97
N ARG D 474 11.26 -56.16 31.18
CA ARG D 474 12.25 -55.46 32.00
C ARG D 474 13.36 -56.39 32.46
N GLN D 475 13.00 -57.59 32.93
CA GLN D 475 14.02 -58.53 33.37
C GLN D 475 14.80 -59.11 32.20
N SER D 476 14.20 -59.14 31.00
CA SER D 476 14.96 -59.53 29.82
C SER D 476 15.94 -58.42 29.42
N LEU D 477 15.52 -57.16 29.55
CA LEU D 477 16.40 -56.04 29.23
C LEU D 477 17.59 -55.96 30.18
N PHE D 478 17.35 -56.25 31.46
CA PHE D 478 18.44 -56.19 32.44
C PHE D 478 19.54 -57.21 32.20
N GLN D 479 19.27 -58.27 31.44
CA GLN D 479 20.23 -59.36 31.31
C GLN D 479 21.40 -58.99 30.40
N GLU D 480 21.13 -58.31 29.28
CA GLU D 480 22.17 -58.12 28.27
C GLU D 480 23.29 -57.21 28.75
N GLU D 481 22.94 -56.12 29.44
CA GLU D 481 23.94 -55.18 29.94
C GLU D 481 24.42 -55.61 31.34
N GLY D 482 25.06 -56.76 31.39
CA GLY D 482 25.57 -57.28 32.65
C GLY D 482 24.44 -57.72 33.56
N MET D 483 24.64 -57.47 34.86
CA MET D 483 23.71 -57.72 35.96
C MET D 483 23.48 -59.21 36.24
N LEU D 484 24.08 -60.11 35.46
CA LEU D 484 24.05 -61.54 35.75
C LEU D 484 25.44 -62.08 36.03
N SER D 485 26.39 -61.91 35.09
CA SER D 485 27.75 -62.36 35.32
C SER D 485 28.41 -61.58 36.44
N LEU D 486 28.07 -60.29 36.58
CA LEU D 486 28.58 -59.50 37.70
C LEU D 486 28.11 -60.05 39.04
N VAL D 487 26.84 -60.47 39.11
CA VAL D 487 26.32 -61.06 40.34
C VAL D 487 26.99 -62.41 40.61
N LEU D 488 27.21 -63.21 39.56
CA LEU D 488 27.92 -64.48 39.74
C LEU D 488 29.35 -64.27 40.24
N ASN D 489 30.04 -63.27 39.69
CA ASN D 489 31.39 -62.96 40.14
C ASN D 489 31.39 -62.46 41.58
N CYS D 490 30.39 -61.65 41.95
CA CYS D 490 30.27 -61.20 43.34
C CYS D 490 30.07 -62.37 44.28
N ILE D 491 29.21 -63.32 43.89
CA ILE D 491 28.98 -64.52 44.70
C ILE D 491 30.26 -65.33 44.83
N ASP D 492 30.99 -65.51 43.71
CA ASP D 492 32.21 -66.30 43.73
C ASP D 492 33.28 -65.66 44.61
N ARG D 493 33.43 -64.34 44.53
CA ARG D 493 34.42 -63.66 45.36
C ARG D 493 34.00 -63.62 46.84
N LEU D 494 32.70 -63.57 47.12
CA LEU D 494 32.24 -63.56 48.50
C LEU D 494 32.25 -64.95 49.13
N ASN D 495 32.17 -66.01 48.33
CA ASN D 495 32.02 -67.36 48.86
C ASN D 495 33.34 -68.03 49.21
N VAL D 496 34.47 -67.33 49.06
CA VAL D 496 35.76 -67.91 49.41
C VAL D 496 35.88 -68.14 50.91
N TYR D 497 35.09 -67.44 51.71
CA TYR D 497 35.11 -67.56 53.17
C TYR D 497 34.07 -68.58 53.61
N THR D 498 34.48 -69.50 54.47
CA THR D 498 33.61 -70.62 54.85
C THR D 498 32.56 -70.19 55.88
N THR D 499 33.00 -69.77 57.07
CA THR D 499 32.08 -69.34 58.12
C THR D 499 32.14 -67.85 58.41
N ALA D 500 33.31 -67.21 58.23
CA ALA D 500 33.51 -65.78 58.43
C ALA D 500 33.16 -65.34 59.85
N ALA D 501 33.30 -66.23 60.82
CA ALA D 501 32.98 -65.89 62.20
C ALA D 501 34.17 -65.25 62.91
N HIS D 502 35.24 -66.02 63.11
CA HIS D 502 36.42 -65.52 63.82
C HIS D 502 37.67 -65.56 62.93
N PHE D 503 37.91 -66.69 62.28
CA PHE D 503 39.14 -66.90 61.54
C PHE D 503 38.99 -66.76 60.04
N ALA D 504 37.82 -67.08 59.49
CA ALA D 504 37.63 -67.03 58.03
C ALA D 504 37.37 -65.63 57.51
N GLU D 505 37.11 -64.66 58.39
CA GLU D 505 36.89 -63.27 57.98
C GLU D 505 38.13 -62.46 58.31
N TYR D 506 38.71 -61.84 57.29
CA TYR D 506 39.90 -61.01 57.47
C TYR D 506 39.56 -59.53 57.64
N ALA D 507 38.27 -59.17 57.65
CA ALA D 507 37.84 -57.80 57.85
C ALA D 507 37.71 -57.43 59.31
N GLY D 508 37.89 -58.38 60.23
CA GLY D 508 37.76 -58.08 61.64
C GLY D 508 36.32 -57.83 62.05
N GLU D 509 36.17 -57.02 63.09
CA GLU D 509 34.85 -56.67 63.59
C GLU D 509 34.21 -55.60 62.68
N GLU D 510 32.99 -55.21 63.05
CA GLU D 510 32.16 -54.15 62.46
C GLU D 510 31.97 -54.29 60.95
N ALA D 511 32.33 -55.44 60.38
CA ALA D 511 32.09 -55.73 58.97
C ALA D 511 31.54 -57.11 58.69
N ALA D 512 31.74 -58.09 59.58
CA ALA D 512 31.24 -59.45 59.38
C ALA D 512 29.83 -59.65 59.89
N GLU D 513 29.26 -58.67 60.61
CA GLU D 513 27.90 -58.80 61.12
C GLU D 513 26.89 -58.85 59.98
N SER D 514 27.09 -58.05 58.94
CA SER D 514 26.20 -58.02 57.79
C SER D 514 26.58 -59.01 56.70
N TRP D 515 27.68 -59.74 56.86
CA TRP D 515 28.15 -60.67 55.84
C TRP D 515 27.13 -61.79 55.63
N LYS D 516 26.62 -62.36 56.72
CA LYS D 516 25.62 -63.42 56.62
C LYS D 516 24.36 -62.92 55.94
N GLU D 517 23.90 -61.73 56.30
CA GLU D 517 22.68 -61.19 55.71
C GLU D 517 22.87 -60.93 54.22
N ILE D 518 24.03 -60.38 53.83
CA ILE D 518 24.22 -60.06 52.42
C ILE D 518 24.38 -61.33 51.58
N VAL D 519 25.06 -62.36 52.12
CA VAL D 519 25.22 -63.58 51.33
C VAL D 519 23.88 -64.31 51.24
N ASN D 520 23.04 -64.22 52.28
CA ASN D 520 21.70 -64.79 52.21
C ASN D 520 20.84 -64.04 51.19
N LEU D 521 20.94 -62.71 51.17
CA LEU D 521 20.05 -61.90 50.35
C LEU D 521 20.43 -61.91 48.88
N LEU D 522 21.73 -62.01 48.57
CA LEU D 522 22.17 -61.98 47.18
C LEU D 522 21.66 -63.17 46.40
N TYR D 523 21.65 -64.36 47.02
CA TYR D 523 21.13 -65.56 46.37
C TYR D 523 19.65 -65.40 46.02
N GLU D 524 18.86 -64.86 46.96
CA GLU D 524 17.44 -64.68 46.74
C GLU D 524 17.17 -63.62 45.67
N LEU D 525 17.97 -62.55 45.65
CA LEU D 525 17.79 -61.55 44.60
C LEU D 525 18.16 -62.11 43.23
N LEU D 526 19.22 -62.92 43.17
CA LEU D 526 19.58 -63.57 41.90
C LEU D 526 18.46 -64.50 41.44
N ALA D 527 17.86 -65.24 42.38
CA ALA D 527 16.74 -66.11 42.04
C ALA D 527 15.54 -65.31 41.52
N SER D 528 15.25 -64.17 42.14
CA SER D 528 14.17 -63.32 41.66
C SER D 528 14.47 -62.79 40.27
N LEU D 529 15.75 -62.49 40.00
CA LEU D 529 16.13 -62.00 38.68
C LEU D 529 15.97 -63.08 37.60
N ILE D 530 16.34 -64.32 37.91
CA ILE D 530 16.27 -65.34 36.85
C ILE D 530 14.83 -65.84 36.69
N ARG D 531 14.05 -65.85 37.76
CA ARG D 531 12.72 -66.47 37.73
C ARG D 531 11.77 -65.73 36.80
N GLY D 532 10.95 -66.50 36.08
CA GLY D 532 9.90 -65.95 35.25
C GLY D 532 10.25 -65.76 33.78
N ASN D 533 11.47 -66.08 33.37
CA ASN D 533 11.91 -65.89 32.00
C ASN D 533 12.49 -67.19 31.45
N ARG D 534 12.04 -67.57 30.26
CA ARG D 534 12.56 -68.78 29.61
C ARG D 534 13.97 -68.55 29.05
N ALA D 535 14.22 -67.38 28.46
CA ALA D 535 15.52 -67.12 27.86
C ALA D 535 16.60 -66.88 28.91
N ASN D 536 16.23 -66.32 30.06
CA ASN D 536 17.22 -66.01 31.10
C ASN D 536 17.85 -67.28 31.66
N CYS D 537 17.04 -68.31 31.92
CA CYS D 537 17.54 -69.54 32.51
C CYS D 537 18.26 -70.45 31.51
N ALA D 538 18.15 -70.17 30.21
CA ALA D 538 18.85 -70.96 29.22
C ALA D 538 20.36 -70.74 29.27
N LEU D 539 20.81 -69.62 29.84
CA LEU D 539 22.25 -69.36 29.94
C LEU D 539 22.92 -70.32 30.92
N PHE D 540 22.18 -70.88 31.87
CA PHE D 540 22.74 -71.76 32.90
C PHE D 540 22.99 -73.15 32.30
N SER D 541 24.01 -73.20 31.44
CA SER D 541 24.42 -74.44 30.79
C SER D 541 25.68 -75.03 31.45
N THR D 542 26.75 -74.26 31.50
CA THR D 542 27.98 -74.69 32.16
C THR D 542 28.02 -74.33 33.64
N ASN D 543 27.05 -73.57 34.13
CA ASN D 543 26.99 -73.18 35.54
C ASN D 543 26.15 -74.13 36.39
N LEU D 544 25.64 -75.21 35.80
CA LEU D 544 24.85 -76.17 36.57
C LEU D 544 25.69 -76.84 37.66
N ASP D 545 26.91 -77.23 37.34
CA ASP D 545 27.80 -77.82 38.34
C ASP D 545 28.14 -76.80 39.43
N TRP D 546 28.35 -75.55 39.04
CA TRP D 546 28.61 -74.48 40.01
C TRP D 546 27.43 -74.29 40.96
N VAL D 547 26.21 -74.33 40.43
CA VAL D 547 25.01 -74.22 41.26
C VAL D 547 24.90 -75.43 42.20
N VAL D 548 25.16 -76.62 41.67
CA VAL D 548 25.01 -77.85 42.47
C VAL D 548 26.02 -77.87 43.61
N SER D 549 27.26 -77.47 43.35
CA SER D 549 28.33 -77.56 44.34
C SER D 549 28.32 -76.41 45.35
N LYS D 550 27.22 -75.66 45.49
CA LYS D 550 27.15 -74.54 46.42
C LYS D 550 26.34 -74.86 47.67
N LEU D 551 26.03 -76.14 47.91
CA LEU D 551 25.26 -76.54 49.10
C LEU D 551 26.20 -76.60 50.31
N ASP D 552 26.62 -75.40 50.75
CA ASP D 552 27.60 -75.29 51.82
C ASP D 552 27.00 -75.41 53.21
N ARG D 553 25.67 -75.29 53.33
CA ARG D 553 24.89 -75.51 54.55
C ARG D 553 25.09 -74.37 55.57
N LEU D 554 26.06 -73.49 55.32
CA LEU D 554 26.42 -72.47 56.29
C LEU D 554 25.71 -71.14 56.04
N GLU D 555 25.78 -70.61 54.82
CA GLU D 555 25.22 -69.30 54.54
C GLU D 555 23.70 -69.36 54.45
N ALA D 556 23.18 -70.05 53.43
CA ALA D 556 21.73 -70.13 53.22
C ALA D 556 21.43 -71.40 52.43
N SER D 557 21.03 -72.45 53.13
CA SER D 557 20.64 -73.69 52.45
C SER D 557 19.36 -73.50 51.65
N SER D 558 18.35 -72.85 52.25
CA SER D 558 17.07 -72.69 51.59
C SER D 558 17.18 -71.78 50.38
N GLY D 559 18.03 -70.75 50.47
CA GLY D 559 18.21 -69.85 49.34
C GLY D 559 18.77 -70.54 48.12
N ILE D 560 19.85 -71.30 48.30
CA ILE D 560 20.47 -71.99 47.16
C ILE D 560 19.55 -73.12 46.66
N LEU D 561 18.82 -73.76 47.57
CA LEU D 561 17.88 -74.79 47.15
C LEU D 561 16.76 -74.20 46.29
N GLU D 562 16.24 -73.03 46.67
CA GLU D 562 15.19 -72.40 45.87
C GLU D 562 15.77 -71.86 44.56
N VAL D 563 17.03 -71.41 44.57
CA VAL D 563 17.69 -71.01 43.32
C VAL D 563 17.75 -72.19 42.36
N LEU D 564 18.14 -73.37 42.86
CA LEU D 564 18.16 -74.57 42.03
C LEU D 564 16.76 -74.94 41.57
N TYR D 565 15.76 -74.81 42.45
CA TYR D 565 14.38 -75.13 42.09
C TYR D 565 13.83 -74.21 41.01
N CYS D 566 14.32 -72.96 40.95
CA CYS D 566 13.78 -71.99 40.01
C CYS D 566 14.02 -72.40 38.55
N VAL D 567 15.18 -72.98 38.26
CA VAL D 567 15.60 -73.12 36.87
C VAL D 567 15.04 -74.39 36.21
N LEU D 568 14.77 -75.45 36.98
CA LEU D 568 14.41 -76.74 36.38
C LEU D 568 13.07 -76.68 35.67
N ILE D 569 12.06 -76.06 36.30
CA ILE D 569 10.74 -76.00 35.69
C ILE D 569 10.76 -75.13 34.44
N GLU D 570 11.43 -73.98 34.49
CA GLU D 570 11.39 -73.06 33.38
C GLU D 570 12.22 -73.56 32.19
N SER D 571 13.40 -74.11 32.44
CA SER D 571 14.28 -74.54 31.36
C SER D 571 14.22 -76.05 31.20
N PRO D 572 13.69 -76.57 30.09
CA PRO D 572 13.71 -78.02 29.87
C PRO D 572 15.04 -78.55 29.34
N GLU D 573 15.87 -77.70 28.74
CA GLU D 573 17.13 -78.16 28.17
C GLU D 573 18.17 -78.51 29.23
N VAL D 574 18.01 -78.00 30.45
CA VAL D 574 18.95 -78.33 31.53
C VAL D 574 18.86 -79.80 31.91
N LEU D 575 17.66 -80.39 31.83
CA LEU D 575 17.43 -81.76 32.29
C LEU D 575 18.23 -82.78 31.50
N ASN D 576 18.70 -82.44 30.29
CA ASN D 576 19.51 -83.34 29.50
C ASN D 576 20.98 -83.35 29.89
N ILE D 577 21.38 -82.50 30.84
CA ILE D 577 22.77 -82.39 31.25
C ILE D 577 23.02 -82.95 32.64
N ILE D 578 21.98 -83.12 33.46
CA ILE D 578 22.15 -83.59 34.82
C ILE D 578 22.64 -85.04 34.82
N GLN D 579 23.62 -85.32 35.66
CA GLN D 579 24.31 -86.60 35.66
C GLN D 579 24.18 -87.30 37.03
N GLU D 580 24.82 -88.45 37.12
CA GLU D 580 24.68 -89.31 38.30
C GLU D 580 25.28 -88.66 39.55
N ASN D 581 26.39 -87.94 39.40
CA ASN D 581 26.97 -87.24 40.54
C ASN D 581 26.03 -86.15 41.05
N HIS D 582 25.38 -85.43 40.14
CA HIS D 582 24.39 -84.42 40.53
C HIS D 582 23.21 -85.07 41.25
N ILE D 583 22.73 -86.20 40.73
CA ILE D 583 21.62 -86.90 41.37
C ILE D 583 22.00 -87.37 42.76
N LYS D 584 23.21 -87.92 42.91
CA LYS D 584 23.69 -88.36 44.21
C LYS D 584 23.82 -87.21 45.19
N SER D 585 24.33 -86.05 44.72
CA SER D 585 24.43 -84.88 45.59
C SER D 585 23.06 -84.40 46.04
N ILE D 586 22.08 -84.38 45.11
CA ILE D 586 20.73 -83.94 45.46
C ILE D 586 20.11 -84.89 46.48
N ILE D 587 20.27 -86.21 46.27
CA ILE D 587 19.67 -87.17 47.18
C ILE D 587 20.40 -87.20 48.52
N SER D 588 21.68 -86.85 48.54
CA SER D 588 22.42 -86.76 49.81
C SER D 588 22.09 -85.49 50.57
N LEU D 589 21.68 -84.43 49.87
CA LEU D 589 21.24 -83.21 50.54
C LEU D 589 20.05 -83.47 51.45
N LEU D 590 19.10 -84.29 51.00
CA LEU D 590 17.94 -84.64 51.82
C LEU D 590 18.37 -85.38 53.09
N ASP D 591 19.31 -86.34 52.95
CA ASP D 591 19.78 -87.08 54.11
C ASP D 591 20.53 -86.18 55.07
N LYS D 592 21.31 -85.22 54.55
CA LYS D 592 22.10 -84.36 55.42
C LYS D 592 21.23 -83.33 56.13
N HIS D 593 20.20 -82.81 55.46
CA HIS D 593 19.38 -81.74 56.00
C HIS D 593 18.04 -82.22 56.56
N GLY D 594 17.83 -83.52 56.63
CA GLY D 594 16.59 -84.02 57.20
C GLY D 594 15.43 -83.99 56.23
N ARG D 595 14.25 -84.28 56.75
CA ARG D 595 13.05 -84.40 55.94
C ARG D 595 12.55 -83.01 55.52
N ASN D 596 12.57 -82.73 54.22
CA ASN D 596 12.09 -81.47 53.69
C ASN D 596 11.33 -81.75 52.40
N HIS D 597 10.20 -81.05 52.22
CA HIS D 597 9.36 -81.27 51.05
C HIS D 597 9.85 -80.56 49.81
N LYS D 598 10.74 -79.57 49.95
CA LYS D 598 11.26 -78.87 48.79
C LYS D 598 12.15 -79.78 47.95
N VAL D 599 12.94 -80.63 48.59
CA VAL D 599 13.76 -81.60 47.87
C VAL D 599 12.87 -82.59 47.11
N LEU D 600 11.76 -83.00 47.74
CA LEU D 600 10.82 -83.88 47.07
C LEU D 600 10.18 -83.20 45.86
N ASP D 601 9.85 -81.91 45.99
CA ASP D 601 9.32 -81.15 44.86
C ASP D 601 10.33 -81.05 43.74
N VAL D 602 11.60 -80.83 44.08
CA VAL D 602 12.67 -80.79 43.08
C VAL D 602 12.79 -82.13 42.37
N LEU D 603 12.72 -83.23 43.13
CA LEU D 603 12.79 -84.56 42.54
C LEU D 603 11.60 -84.83 41.62
N CYS D 604 10.41 -84.36 42.01
CA CYS D 604 9.24 -84.49 41.15
C CYS D 604 9.40 -83.71 39.85
N SER D 605 9.94 -82.48 39.94
CA SER D 605 10.16 -81.69 38.75
C SER D 605 11.27 -82.27 37.88
N LEU D 606 12.19 -83.03 38.47
CA LEU D 606 13.28 -83.63 37.70
C LEU D 606 12.78 -84.66 36.69
N CYS D 607 11.70 -85.37 37.02
CA CYS D 607 11.27 -86.48 36.19
C CYS D 607 10.68 -86.01 34.86
N VAL D 608 9.78 -85.02 34.90
CA VAL D 608 9.08 -84.56 33.72
C VAL D 608 9.29 -83.05 33.60
N CYS D 609 9.79 -82.62 32.43
CA CYS D 609 9.97 -81.19 32.20
C CYS D 609 8.67 -80.53 31.73
N ASN D 610 8.19 -80.90 30.54
CA ASN D 610 6.88 -80.43 30.07
C ASN D 610 6.35 -81.44 29.04
N GLY D 611 5.43 -82.29 29.48
CA GLY D 611 4.82 -83.26 28.60
C GLY D 611 5.73 -84.44 28.30
N VAL D 612 6.83 -84.17 27.58
CA VAL D 612 7.80 -85.21 27.27
C VAL D 612 8.55 -85.60 28.53
N ALA D 613 8.73 -86.91 28.73
CA ALA D 613 9.35 -87.44 29.94
C ALA D 613 10.68 -88.09 29.59
N VAL D 614 11.70 -87.79 30.38
CA VAL D 614 13.01 -88.42 30.23
C VAL D 614 13.01 -89.76 30.94
N ARG D 615 13.81 -90.69 30.44
CA ARG D 615 13.92 -92.03 31.01
C ARG D 615 15.20 -92.22 31.81
N SER D 616 16.30 -91.61 31.37
CA SER D 616 17.57 -91.77 32.07
C SER D 616 17.51 -91.18 33.47
N ASN D 617 16.90 -90.00 33.62
CA ASN D 617 16.79 -89.38 34.93
C ASN D 617 15.91 -90.22 35.87
N GLN D 618 14.81 -90.76 35.35
CA GLN D 618 13.95 -91.61 36.17
C GLN D 618 14.67 -92.87 36.61
N ASP D 619 15.40 -93.52 35.69
CA ASP D 619 16.15 -94.71 36.04
C ASP D 619 17.24 -94.41 37.06
N LEU D 620 17.95 -93.29 36.88
CA LEU D 620 18.99 -92.92 37.84
C LEU D 620 18.42 -92.60 39.21
N ILE D 621 17.26 -91.92 39.25
CA ILE D 621 16.62 -91.61 40.52
C ILE D 621 16.20 -92.90 41.23
N THR D 622 15.60 -93.83 40.47
CA THR D 622 15.15 -95.10 41.05
C THR D 622 16.33 -95.90 41.58
N GLU D 623 17.44 -95.95 40.82
CA GLU D 623 18.61 -96.68 41.26
C GLU D 623 19.27 -96.03 42.47
N ASN D 624 19.35 -94.69 42.47
CA ASN D 624 20.03 -93.99 43.56
C ASN D 624 19.22 -93.99 44.83
N LEU D 625 17.89 -94.12 44.73
CA LEU D 625 17.08 -94.30 45.93
C LEU D 625 17.47 -95.61 46.59
N LEU D 626 17.73 -95.57 47.89
CA LEU D 626 18.34 -96.69 48.58
C LEU D 626 17.35 -97.84 48.70
N PRO D 627 17.67 -99.03 48.18
CA PRO D 627 16.69 -100.14 48.21
C PRO D 627 16.30 -100.58 49.61
N GLY D 628 17.19 -100.43 50.59
CA GLY D 628 16.87 -100.79 51.96
C GLY D 628 15.89 -99.85 52.64
N ARG D 629 15.52 -98.74 51.99
CA ARG D 629 14.47 -97.84 52.44
C ARG D 629 14.80 -97.21 53.80
N GLU D 630 16.05 -96.80 53.97
CA GLU D 630 16.48 -96.19 55.23
C GLU D 630 15.91 -94.79 55.39
N LEU D 631 15.97 -93.97 54.33
CA LEU D 631 15.56 -92.57 54.43
C LEU D 631 14.06 -92.42 54.36
N LEU D 632 13.37 -93.28 53.61
CA LEU D 632 11.98 -93.06 53.24
C LEU D 632 11.05 -93.87 54.14
N LEU D 633 9.77 -93.48 54.12
CA LEU D 633 8.75 -94.09 54.97
C LEU D 633 8.07 -95.26 54.25
N GLN D 634 7.59 -96.22 55.03
CA GLN D 634 7.02 -97.45 54.51
C GLN D 634 5.66 -97.73 55.14
N THR D 635 4.85 -98.50 54.42
CA THR D 635 3.54 -98.93 54.89
C THR D 635 3.38 -100.42 54.65
N ASN D 636 2.55 -101.06 55.48
CA ASN D 636 2.31 -102.49 55.39
C ASN D 636 1.02 -102.82 56.15
N LEU D 637 0.68 -104.10 56.16
CA LEU D 637 -0.50 -104.61 56.84
C LEU D 637 -0.08 -105.52 57.99
N ILE D 638 -0.70 -105.34 59.16
CA ILE D 638 -0.39 -106.14 60.35
C ILE D 638 -1.69 -106.57 61.00
N ASN D 639 -1.58 -107.60 61.85
CA ASN D 639 -2.71 -108.14 62.58
C ASN D 639 -2.72 -107.67 64.03
N TYR D 640 -3.88 -107.77 64.65
CA TYR D 640 -4.04 -107.41 66.05
C TYR D 640 -3.62 -108.57 66.94
N VAL D 641 -3.41 -108.26 68.22
CA VAL D 641 -3.02 -109.27 69.21
C VAL D 641 -3.58 -108.84 70.57
N THR D 642 -4.02 -109.80 71.37
CA THR D 642 -4.53 -109.52 72.70
C THR D 642 -3.92 -110.51 73.70
N SER D 643 -3.81 -110.07 74.95
CA SER D 643 -3.17 -110.85 75.99
C SER D 643 -4.14 -111.06 77.14
N ILE D 644 -4.05 -112.24 77.76
CA ILE D 644 -4.91 -112.64 78.86
C ILE D 644 -4.03 -113.07 80.03
N ARG D 645 -4.55 -112.89 81.25
CA ARG D 645 -3.82 -113.04 82.49
C ARG D 645 -4.69 -113.59 83.61
N PRO D 646 -4.23 -114.61 84.34
CA PRO D 646 -4.89 -115.00 85.59
C PRO D 646 -4.30 -114.25 86.78
N ASN D 647 -5.19 -113.81 87.66
CA ASN D 647 -4.81 -112.92 88.77
C ASN D 647 -4.08 -113.69 89.87
N ILE D 648 -2.83 -114.03 89.57
CA ILE D 648 -1.90 -114.59 90.54
C ILE D 648 -0.58 -113.83 90.44
N PHE D 649 -0.01 -113.47 91.58
CA PHE D 649 1.21 -112.67 91.63
C PHE D 649 2.28 -113.39 92.43
N VAL D 650 3.50 -113.38 91.91
CA VAL D 650 4.63 -114.09 92.51
C VAL D 650 5.80 -113.12 92.63
N GLY D 651 6.36 -113.03 93.83
CA GLY D 651 7.50 -112.16 94.06
C GLY D 651 8.34 -112.63 95.22
N ARG D 652 9.60 -112.19 95.22
CA ARG D 652 10.55 -112.52 96.27
C ARG D 652 11.20 -111.24 96.78
N ALA D 653 11.38 -111.14 98.09
CA ALA D 653 12.04 -110.01 98.72
C ALA D 653 12.60 -110.47 100.06
N GLU D 654 13.19 -109.53 100.80
CA GLU D 654 13.72 -109.80 102.13
C GLU D 654 12.55 -109.90 103.11
N GLY D 655 11.88 -111.05 103.08
CA GLY D 655 10.69 -111.26 103.87
C GLY D 655 10.12 -112.65 103.73
N SER D 656 8.80 -112.74 103.52
CA SER D 656 8.15 -114.04 103.33
C SER D 656 8.67 -114.72 102.08
N THR D 657 8.94 -116.03 102.20
CA THR D 657 9.43 -116.80 101.06
C THR D 657 8.38 -116.87 99.95
N GLN D 658 7.11 -117.09 100.33
CA GLN D 658 5.97 -117.03 99.42
C GLN D 658 6.07 -118.07 98.30
N TYR D 659 6.74 -119.20 98.56
CA TYR D 659 6.80 -120.34 97.66
C TYR D 659 7.36 -119.94 96.28
N GLY D 660 8.66 -119.63 96.29
CA GLY D 660 9.31 -118.99 95.15
C GLY D 660 9.20 -119.75 93.84
N LYS D 661 9.12 -121.08 93.90
CA LYS D 661 8.97 -121.88 92.69
C LYS D 661 7.51 -122.02 92.31
N TRP D 662 7.22 -121.89 91.01
CA TRP D 662 5.86 -122.10 90.53
C TRP D 662 5.88 -122.83 89.18
N TYR D 663 4.68 -123.26 88.78
CA TYR D 663 4.50 -124.18 87.66
C TYR D 663 3.03 -124.16 87.27
N PHE D 664 2.77 -124.21 85.96
CA PHE D 664 1.41 -124.22 85.44
C PHE D 664 1.41 -124.86 84.06
N GLU D 665 0.22 -125.19 83.57
CA GLU D 665 0.04 -125.90 82.32
C GLU D 665 -0.95 -125.17 81.42
N VAL D 666 -0.75 -125.26 80.11
CA VAL D 666 -1.78 -124.80 79.18
C VAL D 666 -2.01 -125.85 78.09
N MET D 667 -3.22 -125.87 77.56
CA MET D 667 -3.65 -126.78 76.51
C MET D 667 -4.08 -125.99 75.30
N VAL D 668 -3.66 -126.43 74.11
CA VAL D 668 -3.96 -125.74 72.86
C VAL D 668 -4.60 -126.72 71.89
N ASP D 669 -5.72 -126.30 71.28
CA ASP D 669 -6.37 -127.02 70.18
C ASP D 669 -6.70 -126.00 69.09
N GLU D 670 -5.72 -125.73 68.23
CA GLU D 670 -5.81 -124.65 67.27
C GLU D 670 -6.71 -125.05 66.10
N VAL D 671 -7.38 -124.06 65.51
CA VAL D 671 -8.38 -124.29 64.49
C VAL D 671 -7.90 -123.85 63.11
N VAL D 672 -7.36 -122.64 62.98
CA VAL D 672 -6.96 -122.11 61.69
C VAL D 672 -5.46 -121.82 61.71
N PRO D 673 -4.62 -122.78 61.28
CA PRO D 673 -3.16 -122.58 61.37
C PRO D 673 -2.63 -121.38 60.60
N PHE D 674 -3.19 -121.09 59.42
CA PHE D 674 -2.70 -120.01 58.58
C PHE D 674 -3.90 -119.15 58.21
N LEU D 675 -3.79 -117.84 58.45
CA LEU D 675 -4.89 -116.92 58.32
C LEU D 675 -4.78 -116.20 56.96
N THR D 676 -5.62 -115.20 56.73
CA THR D 676 -5.67 -114.53 55.42
C THR D 676 -4.35 -113.82 55.10
N ALA D 677 -3.77 -113.14 56.08
CA ALA D 677 -2.58 -112.33 55.84
C ALA D 677 -1.34 -112.88 56.53
N GLN D 678 -1.39 -113.07 57.85
CA GLN D 678 -0.22 -113.46 58.64
C GLN D 678 -0.50 -114.75 59.40
N ALA D 679 0.57 -115.44 59.76
CA ALA D 679 0.45 -116.69 60.50
C ALA D 679 -0.06 -116.44 61.91
N THR D 680 -0.69 -117.46 62.48
CA THR D 680 -1.24 -117.37 63.83
C THR D 680 -0.11 -117.19 64.85
N HIS D 681 -0.29 -116.24 65.76
CA HIS D 681 0.71 -115.91 66.77
C HIS D 681 0.18 -116.31 68.14
N LEU D 682 0.92 -117.17 68.83
CA LEU D 682 0.53 -117.65 70.15
C LEU D 682 1.78 -117.87 70.99
N ARG D 683 1.81 -117.30 72.19
CA ARG D 683 2.97 -117.37 73.05
C ARG D 683 2.55 -117.70 74.47
N VAL D 684 3.47 -118.30 75.22
CA VAL D 684 3.31 -118.55 76.65
C VAL D 684 4.59 -118.12 77.34
N GLY D 685 4.44 -117.51 78.52
CA GLY D 685 5.60 -117.00 79.23
C GLY D 685 5.18 -116.19 80.45
N TRP D 686 6.09 -115.34 80.90
CA TRP D 686 5.87 -114.54 82.09
C TRP D 686 6.08 -113.06 81.81
N ALA D 687 5.86 -112.24 82.85
CA ALA D 687 6.04 -110.81 82.79
C ALA D 687 6.46 -110.29 84.17
N LEU D 688 7.07 -109.11 84.18
CA LEU D 688 7.71 -108.58 85.37
C LEU D 688 6.83 -107.57 86.12
N THR D 689 5.64 -107.25 85.58
CA THR D 689 4.59 -106.39 86.15
C THR D 689 5.02 -104.92 86.07
N GLU D 690 6.29 -104.66 85.74
CA GLU D 690 6.76 -103.29 85.64
C GLU D 690 6.25 -102.62 84.37
N GLY D 691 6.30 -103.32 83.25
CA GLY D 691 5.79 -102.79 82.00
C GLY D 691 4.75 -103.69 81.37
N TYR D 692 3.51 -103.21 81.28
CA TYR D 692 2.44 -104.01 80.70
C TYR D 692 2.49 -103.97 79.18
N SER D 693 2.43 -102.76 78.62
CA SER D 693 2.33 -102.53 77.18
C SER D 693 1.24 -103.36 76.50
N PRO D 694 -0.04 -103.16 76.86
CA PRO D 694 -1.13 -103.92 76.22
C PRO D 694 -1.79 -103.21 75.05
N TYR D 695 -1.24 -102.08 74.60
CA TYR D 695 -1.91 -101.26 73.59
C TYR D 695 -1.96 -102.00 72.26
N PRO D 696 -3.13 -102.09 71.62
CA PRO D 696 -3.23 -102.85 70.36
C PRO D 696 -2.55 -102.18 69.17
N GLY D 697 -2.07 -100.95 69.32
CA GLY D 697 -1.37 -100.26 68.24
C GLY D 697 0.04 -100.76 68.06
N GLY D 698 0.93 -99.85 67.63
CA GLY D 698 2.31 -100.21 67.39
C GLY D 698 3.28 -99.53 68.33
N GLY D 699 4.11 -100.32 69.01
CA GLY D 699 5.12 -99.76 69.89
C GLY D 699 6.53 -100.19 69.53
N GLU D 700 6.66 -101.37 68.94
CA GLU D 700 7.96 -101.92 68.57
C GLU D 700 8.29 -101.56 67.13
N GLY D 701 9.33 -102.19 66.57
CA GLY D 701 9.77 -101.86 65.23
C GLY D 701 8.75 -102.21 64.17
N TRP D 702 8.18 -103.41 64.24
CA TRP D 702 7.23 -103.88 63.24
C TRP D 702 6.06 -104.58 63.92
N GLY D 703 4.85 -104.15 63.59
CA GLY D 703 3.65 -104.83 64.04
C GLY D 703 3.37 -104.66 65.53
N GLY D 704 2.42 -105.47 65.99
CA GLY D 704 2.05 -105.50 67.39
C GLY D 704 2.16 -106.88 67.98
N ASN D 705 2.86 -107.01 69.11
CA ASN D 705 3.05 -108.29 69.77
C ASN D 705 2.87 -108.09 71.28
N GLY D 706 2.52 -109.17 71.95
CA GLY D 706 2.25 -109.11 73.38
C GLY D 706 3.42 -109.51 74.26
N VAL D 707 4.05 -110.65 73.95
CA VAL D 707 5.10 -111.22 74.79
C VAL D 707 6.39 -111.30 73.96
N GLY D 708 7.48 -110.82 74.54
CA GLY D 708 8.80 -110.95 73.94
C GLY D 708 9.42 -109.64 73.49
N ASP D 709 8.61 -108.60 73.27
CA ASP D 709 9.14 -107.33 72.78
C ASP D 709 9.98 -106.64 73.84
N ASP D 710 9.47 -106.55 75.06
CA ASP D 710 10.16 -105.83 76.13
C ASP D 710 11.06 -106.78 76.92
N LEU D 711 11.98 -106.19 77.68
CA LEU D 711 12.85 -106.95 78.56
C LEU D 711 12.10 -107.52 79.77
N TYR D 712 10.89 -107.06 80.03
CA TYR D 712 10.09 -107.54 81.15
C TYR D 712 9.31 -108.81 80.81
N SER D 713 9.29 -109.22 79.55
CA SER D 713 8.50 -110.37 79.10
C SER D 713 9.41 -111.44 78.52
N TYR D 714 9.07 -112.70 78.80
CA TYR D 714 9.82 -113.84 78.29
C TYR D 714 8.80 -114.86 77.79
N GLY D 715 8.93 -115.27 76.53
CA GLY D 715 7.95 -116.16 75.92
C GLY D 715 8.60 -117.28 75.13
N PHE D 716 7.78 -118.27 74.79
CA PHE D 716 8.22 -119.46 74.08
C PHE D 716 7.22 -119.76 72.97
N ASP D 717 7.68 -119.73 71.71
CA ASP D 717 6.80 -119.84 70.56
C ASP D 717 6.79 -121.24 69.96
N GLY D 718 7.41 -122.22 70.63
CA GLY D 718 7.49 -123.57 70.12
C GLY D 718 8.72 -123.85 69.28
N LEU D 719 9.21 -122.84 68.56
CA LEU D 719 10.46 -122.93 67.82
C LEU D 719 11.53 -121.96 68.31
N HIS D 720 11.13 -120.84 68.91
CA HIS D 720 12.05 -119.82 69.34
C HIS D 720 11.70 -119.35 70.74
N LEU D 721 12.71 -118.84 71.45
CA LEU D 721 12.50 -118.14 72.70
C LEU D 721 12.52 -116.64 72.41
N TRP D 722 11.49 -115.93 72.87
CA TRP D 722 11.29 -114.53 72.57
C TRP D 722 11.58 -113.70 73.82
N THR D 723 12.52 -112.77 73.69
CA THR D 723 12.86 -111.79 74.72
C THR D 723 13.57 -110.64 74.04
N GLY D 724 13.41 -109.44 74.59
CA GLY D 724 14.09 -108.26 74.06
C GLY D 724 13.76 -107.95 72.62
N HIS D 725 12.59 -108.39 72.15
CA HIS D 725 12.19 -108.30 70.74
C HIS D 725 13.24 -108.95 69.83
N VAL D 726 13.63 -110.18 70.18
CA VAL D 726 14.45 -111.00 69.29
C VAL D 726 14.10 -112.46 69.55
N ALA D 727 14.13 -113.26 68.48
CA ALA D 727 13.78 -114.67 68.54
C ALA D 727 15.05 -115.51 68.46
N ARG D 728 15.27 -116.35 69.46
CA ARG D 728 16.43 -117.23 69.48
C ARG D 728 15.98 -118.68 69.30
N PRO D 729 16.30 -119.32 68.18
CA PRO D 729 15.86 -120.71 67.99
C PRO D 729 16.59 -121.69 68.89
N VAL D 730 15.90 -122.78 69.22
CA VAL D 730 16.45 -123.87 70.00
C VAL D 730 16.13 -125.18 69.30
N THR D 731 16.82 -126.24 69.71
CA THR D 731 16.68 -127.55 69.11
C THR D 731 15.83 -128.45 70.01
N SER D 732 14.84 -129.12 69.41
CA SER D 732 13.96 -130.01 70.15
C SER D 732 13.38 -131.03 69.17
N PRO D 733 13.23 -132.29 69.57
CA PRO D 733 12.59 -133.27 68.68
C PRO D 733 11.16 -132.88 68.36
N GLY D 734 10.74 -133.14 67.12
CA GLY D 734 9.42 -132.75 66.67
C GLY D 734 9.29 -131.26 66.50
N GLN D 735 10.06 -130.70 65.57
CA GLN D 735 10.06 -129.25 65.32
C GLN D 735 8.79 -128.88 64.59
N HIS D 736 7.83 -128.32 65.32
CA HIS D 736 6.57 -127.89 64.72
C HIS D 736 5.97 -126.80 65.59
N LEU D 737 5.10 -125.99 64.98
CA LEU D 737 4.48 -124.87 65.67
C LEU D 737 3.45 -125.38 66.70
N LEU D 738 2.79 -124.43 67.37
CA LEU D 738 1.76 -124.78 68.33
C LEU D 738 0.60 -125.48 67.63
N ALA D 739 0.46 -126.78 67.90
CA ALA D 739 -0.48 -127.65 67.20
C ALA D 739 -1.56 -128.14 68.15
N PRO D 740 -2.71 -128.59 67.62
CA PRO D 740 -3.74 -129.17 68.48
C PRO D 740 -3.24 -130.41 69.21
N GLU D 741 -3.82 -130.63 70.40
CA GLU D 741 -3.48 -131.76 71.28
C GLU D 741 -2.02 -131.69 71.71
N ASP D 742 -1.60 -130.51 72.16
CA ASP D 742 -0.27 -130.30 72.72
C ASP D 742 -0.38 -129.55 74.03
N VAL D 743 0.53 -129.84 74.95
CA VAL D 743 0.60 -129.19 76.24
C VAL D 743 1.99 -128.59 76.41
N VAL D 744 2.04 -127.41 77.00
CA VAL D 744 3.31 -126.80 77.38
C VAL D 744 3.18 -126.20 78.78
N SER D 745 4.25 -126.33 79.56
CA SER D 745 4.30 -125.87 80.94
C SER D 745 5.52 -124.97 81.13
N CYS D 746 5.40 -124.04 82.07
CA CYS D 746 6.47 -123.12 82.42
C CYS D 746 6.83 -123.32 83.89
N CYS D 747 8.11 -123.45 84.19
CA CYS D 747 8.59 -123.57 85.55
C CYS D 747 9.52 -122.41 85.86
N LEU D 748 9.24 -121.73 86.98
CA LEU D 748 9.97 -120.54 87.40
C LEU D 748 10.55 -120.78 88.78
N ASP D 749 11.88 -120.71 88.89
CA ASP D 749 12.62 -120.89 90.12
C ASP D 749 13.30 -119.58 90.51
N LEU D 750 13.25 -119.26 91.80
CA LEU D 750 13.79 -118.02 92.32
C LEU D 750 15.04 -118.18 93.17
N SER D 751 15.34 -119.39 93.67
CA SER D 751 16.58 -119.62 94.39
C SER D 751 17.79 -119.34 93.50
N VAL D 752 17.76 -119.87 92.28
CA VAL D 752 18.56 -119.37 91.18
C VAL D 752 17.58 -118.83 90.15
N PRO D 753 17.79 -117.62 89.61
CA PRO D 753 16.76 -117.01 88.76
C PRO D 753 16.60 -117.73 87.43
N SER D 754 15.83 -118.81 87.42
CA SER D 754 15.71 -119.66 86.25
C SER D 754 14.27 -119.73 85.78
N ILE D 755 14.09 -119.74 84.46
CA ILE D 755 12.80 -119.94 83.82
C ILE D 755 12.98 -120.96 82.71
N SER D 756 12.20 -122.04 82.75
CA SER D 756 12.34 -123.11 81.77
C SER D 756 10.96 -123.53 81.25
N PHE D 757 10.96 -124.10 80.06
CA PHE D 757 9.75 -124.53 79.37
C PHE D 757 9.81 -126.03 79.14
N ARG D 758 8.64 -126.68 79.20
CA ARG D 758 8.55 -128.13 79.12
C ARG D 758 7.42 -128.49 78.16
N ILE D 759 7.74 -129.30 77.14
CA ILE D 759 6.75 -129.85 76.22
C ILE D 759 6.98 -131.35 76.11
N ASN D 760 6.35 -132.11 76.99
CA ASN D 760 6.08 -133.54 76.85
C ASN D 760 7.31 -134.45 76.87
N GLY D 761 8.52 -133.88 76.86
CA GLY D 761 9.70 -134.72 76.82
C GLY D 761 10.85 -134.27 77.70
N CYS D 762 10.77 -133.05 78.21
CA CYS D 762 11.91 -132.31 78.75
C CYS D 762 13.14 -132.30 77.83
N PRO D 763 12.99 -131.87 76.55
CA PRO D 763 14.20 -131.76 75.72
C PRO D 763 14.75 -130.35 75.60
N VAL D 764 14.04 -129.36 76.14
CA VAL D 764 14.31 -127.96 75.85
C VAL D 764 15.51 -127.50 76.68
N GLN D 765 16.55 -127.02 76.00
CA GLN D 765 17.71 -126.45 76.66
C GLN D 765 17.62 -124.94 76.83
N GLY D 766 16.58 -124.31 76.28
CA GLY D 766 16.42 -122.88 76.42
C GLY D 766 16.04 -122.51 77.84
N VAL D 767 16.86 -121.68 78.49
CA VAL D 767 16.63 -121.29 79.87
C VAL D 767 17.13 -119.86 80.05
N PHE D 768 16.42 -119.09 80.86
CA PHE D 768 16.76 -117.69 81.13
C PHE D 768 17.40 -117.56 82.50
N GLU D 769 18.40 -116.69 82.61
CA GLU D 769 19.10 -116.47 83.86
C GLU D 769 19.45 -114.99 83.99
N ALA D 770 19.71 -114.59 85.24
CA ALA D 770 20.22 -113.26 85.58
C ALA D 770 19.29 -112.14 85.12
N PHE D 771 18.01 -112.26 85.48
CA PHE D 771 17.04 -111.21 85.25
C PHE D 771 16.69 -110.53 86.56
N ASN D 772 16.26 -109.27 86.46
CA ASN D 772 15.94 -108.48 87.65
C ASN D 772 14.72 -109.06 88.36
N LEU D 773 14.75 -109.02 89.70
CA LEU D 773 13.72 -109.60 90.53
C LEU D 773 12.92 -108.55 91.30
N ASP D 774 12.99 -107.29 90.88
CA ASP D 774 12.29 -106.20 91.58
C ASP D 774 10.90 -106.00 90.96
N GLY D 775 10.05 -107.00 91.16
CA GLY D 775 8.71 -106.92 90.64
C GLY D 775 7.93 -108.19 90.95
N LEU D 776 6.76 -108.28 90.33
CA LEU D 776 5.86 -109.42 90.51
C LEU D 776 5.77 -110.20 89.21
N PHE D 777 5.71 -111.53 89.32
CA PHE D 777 5.69 -112.41 88.15
C PHE D 777 4.33 -113.08 88.04
N PHE D 778 3.74 -112.99 86.85
CA PHE D 778 2.47 -113.64 86.54
C PHE D 778 2.55 -114.31 85.18
N PRO D 779 1.82 -115.40 84.99
CA PRO D 779 1.69 -115.96 83.64
C PRO D 779 0.80 -115.08 82.77
N VAL D 780 1.06 -115.15 81.46
CA VAL D 780 0.32 -114.35 80.48
C VAL D 780 0.34 -115.10 79.16
N VAL D 781 -0.75 -114.98 78.40
CA VAL D 781 -0.87 -115.64 77.11
C VAL D 781 -1.31 -114.62 76.07
N SER D 782 -0.52 -114.47 75.00
CA SER D 782 -0.80 -113.53 73.93
C SER D 782 -1.21 -114.31 72.69
N PHE D 783 -2.33 -113.91 72.09
CA PHE D 783 -2.90 -114.63 70.96
C PHE D 783 -3.47 -113.65 69.94
N SER D 784 -3.46 -114.08 68.69
CA SER D 784 -4.11 -113.38 67.59
C SER D 784 -5.53 -113.92 67.40
N ALA D 785 -6.14 -113.59 66.26
CA ALA D 785 -7.47 -114.05 65.94
C ALA D 785 -7.49 -115.55 65.66
N GLY D 786 -8.66 -116.14 65.82
CA GLY D 786 -8.85 -117.57 65.56
C GLY D 786 -8.11 -118.49 66.50
N VAL D 787 -8.12 -118.19 67.80
CA VAL D 787 -7.39 -118.96 68.80
C VAL D 787 -8.32 -119.33 69.94
N LYS D 788 -8.33 -120.61 70.30
CA LYS D 788 -9.02 -121.10 71.49
C LYS D 788 -8.01 -121.89 72.32
N VAL D 789 -7.78 -121.45 73.56
CA VAL D 789 -6.74 -122.03 74.40
C VAL D 789 -7.24 -122.17 75.83
N ARG D 790 -6.91 -123.29 76.46
CA ARG D 790 -7.36 -123.62 77.80
C ARG D 790 -6.21 -123.50 78.79
N PHE D 791 -6.52 -123.05 80.00
CA PHE D 791 -5.54 -122.78 81.05
C PHE D 791 -5.79 -123.72 82.22
N LEU D 792 -4.77 -124.48 82.62
CA LEU D 792 -4.88 -125.40 83.75
C LEU D 792 -4.06 -124.85 84.92
N LEU D 793 -4.63 -124.91 86.12
CA LEU D 793 -3.99 -124.37 87.31
C LEU D 793 -3.68 -125.43 88.34
N GLY D 794 -4.62 -126.33 88.62
CA GLY D 794 -4.40 -127.36 89.62
C GLY D 794 -5.68 -127.84 90.28
N GLY D 795 -5.70 -127.81 91.62
CA GLY D 795 -6.86 -128.32 92.35
C GLY D 795 -8.15 -127.55 92.06
N ARG D 796 -8.03 -126.27 91.70
CA ARG D 796 -9.20 -125.46 91.39
C ARG D 796 -9.94 -125.97 90.17
N HIS D 797 -9.30 -125.90 88.99
CA HIS D 797 -9.92 -126.39 87.77
C HIS D 797 -8.93 -127.07 86.82
N GLY D 798 -7.69 -127.29 87.22
CA GLY D 798 -6.69 -127.79 86.29
C GLY D 798 -6.30 -129.25 86.46
N GLU D 799 -6.75 -130.10 85.55
CA GLU D 799 -6.38 -131.51 85.56
C GLU D 799 -4.99 -131.65 84.96
N PHE D 800 -3.99 -131.83 85.82
CA PHE D 800 -2.60 -131.90 85.38
C PHE D 800 -2.35 -133.20 84.64
N LYS D 801 -2.08 -133.11 83.34
CA LYS D 801 -1.80 -134.30 82.55
C LYS D 801 -0.39 -134.83 82.80
N PHE D 802 0.54 -133.97 83.16
CA PHE D 802 1.93 -134.34 83.44
C PHE D 802 2.27 -133.99 84.89
N LEU D 803 2.93 -134.92 85.57
CA LEU D 803 3.31 -134.68 86.95
C LEU D 803 4.42 -133.64 87.02
N PRO D 804 4.34 -132.68 87.93
CA PRO D 804 5.43 -131.71 88.08
C PRO D 804 6.63 -132.33 88.76
N PRO D 805 7.80 -131.70 88.67
CA PRO D 805 8.94 -132.17 89.46
C PRO D 805 8.65 -132.06 90.94
N PRO D 806 9.28 -132.90 91.76
CA PRO D 806 8.82 -133.09 93.15
C PRO D 806 8.84 -131.81 93.98
N GLY D 807 7.80 -131.65 94.79
CA GLY D 807 7.69 -130.54 95.73
C GLY D 807 7.62 -129.17 95.08
N TYR D 808 6.82 -129.02 94.02
CA TYR D 808 6.82 -127.78 93.25
C TYR D 808 5.41 -127.20 93.18
N ALA D 809 5.35 -125.87 93.14
CA ALA D 809 4.14 -125.07 92.94
C ALA D 809 3.02 -125.38 93.92
N PRO D 810 3.19 -125.11 95.22
CA PRO D 810 2.06 -125.29 96.15
C PRO D 810 1.16 -124.06 96.19
N CYS D 811 -0.12 -124.25 95.84
CA CYS D 811 -1.06 -123.15 95.63
C CYS D 811 -2.01 -122.96 96.81
N HIS D 812 -1.52 -123.10 98.03
CA HIS D 812 -2.36 -122.98 99.22
C HIS D 812 -1.94 -121.85 100.16
N GLU D 813 -0.73 -121.32 100.05
CA GLU D 813 -0.22 -120.41 101.07
C GLU D 813 -0.73 -118.99 100.88
N ALA D 814 -0.34 -118.34 99.78
CA ALA D 814 -0.55 -116.90 99.62
C ALA D 814 -1.02 -116.56 98.21
N VAL D 815 -1.97 -117.34 97.69
CA VAL D 815 -2.58 -117.06 96.39
C VAL D 815 -4.07 -116.87 96.58
N LEU D 816 -4.60 -115.78 96.02
CA LEU D 816 -6.00 -115.40 96.13
C LEU D 816 -6.51 -115.36 97.58
N PRO D 817 -5.98 -114.47 98.42
CA PRO D 817 -6.52 -114.39 99.79
C PRO D 817 -7.93 -113.83 99.84
N ARG D 818 -8.29 -112.96 98.90
CA ARG D 818 -9.63 -112.38 98.83
C ARG D 818 -10.24 -112.40 97.45
N GLU D 819 -9.45 -112.54 96.39
CA GLU D 819 -9.97 -112.52 95.03
C GLU D 819 -10.68 -113.84 94.72
N ARG D 820 -11.33 -113.89 93.55
CA ARG D 820 -12.10 -115.05 93.14
C ARG D 820 -11.43 -115.84 92.02
N LEU D 821 -10.17 -115.52 91.70
CA LEU D 821 -9.37 -116.24 90.70
C LEU D 821 -10.05 -116.21 89.33
N ARG D 822 -10.15 -115.00 88.78
CA ARG D 822 -10.78 -114.77 87.49
C ARG D 822 -9.75 -114.31 86.47
N LEU D 823 -10.13 -114.40 85.20
CA LEU D 823 -9.30 -113.95 84.09
C LEU D 823 -9.67 -112.53 83.70
N GLU D 824 -8.67 -111.68 83.50
CA GLU D 824 -8.89 -110.28 83.21
C GLU D 824 -7.74 -109.70 82.37
N PRO D 825 -8.07 -108.92 81.34
CA PRO D 825 -7.00 -108.33 80.51
C PRO D 825 -6.20 -107.28 81.27
N ILE D 826 -4.93 -107.16 80.89
CA ILE D 826 -3.99 -106.31 81.60
C ILE D 826 -4.10 -104.87 81.11
N LYS D 827 -4.32 -103.96 82.05
CA LYS D 827 -4.24 -102.50 81.83
C LYS D 827 -5.16 -102.05 80.68
N GLU D 828 -6.38 -102.58 80.67
CA GLU D 828 -7.35 -102.17 79.68
C GLU D 828 -7.97 -100.83 80.05
N TYR D 829 -8.08 -99.94 79.09
CA TYR D 829 -8.64 -98.60 79.31
C TYR D 829 -10.13 -98.50 79.00
N ARG D 830 -10.72 -99.54 78.42
CA ARG D 830 -12.14 -99.52 78.09
C ARG D 830 -12.72 -100.93 78.23
N ARG D 831 -14.03 -100.98 78.38
CA ARG D 831 -14.76 -102.25 78.47
C ARG D 831 -16.11 -102.07 77.81
N GLU D 832 -16.84 -103.17 77.69
CA GLU D 832 -18.20 -103.16 77.14
C GLU D 832 -19.19 -103.29 78.28
N GLY D 833 -20.02 -102.27 78.48
CA GLY D 833 -20.97 -102.25 79.56
C GLY D 833 -22.34 -102.71 79.13
N PRO D 834 -23.35 -102.47 79.97
CA PRO D 834 -24.73 -102.81 79.57
C PRO D 834 -25.21 -102.09 78.34
N ARG D 835 -24.75 -100.86 78.10
CA ARG D 835 -25.12 -100.09 76.92
C ARG D 835 -23.88 -99.36 76.42
N GLY D 836 -23.25 -99.90 75.38
CA GLY D 836 -22.10 -99.28 74.76
C GLY D 836 -20.81 -99.52 75.51
N PRO D 837 -19.85 -98.63 75.33
CA PRO D 837 -18.57 -98.74 76.02
C PRO D 837 -18.52 -97.98 77.34
N HIS D 838 -17.67 -98.47 78.23
CA HIS D 838 -17.36 -97.81 79.49
C HIS D 838 -15.87 -97.52 79.53
N LEU D 839 -15.54 -96.26 79.79
CA LEU D 839 -14.15 -95.82 79.84
C LEU D 839 -13.66 -95.90 81.27
N VAL D 840 -12.60 -96.68 81.49
CA VAL D 840 -12.06 -96.88 82.83
C VAL D 840 -10.69 -96.23 82.94
N GLY D 841 -10.35 -95.80 84.15
CA GLY D 841 -9.08 -95.17 84.41
C GLY D 841 -7.98 -96.18 84.58
N PRO D 842 -6.79 -95.72 85.01
CA PRO D 842 -5.68 -96.64 85.25
C PRO D 842 -6.01 -97.62 86.37
N SER D 843 -5.52 -98.85 86.23
CA SER D 843 -5.74 -99.87 87.22
C SER D 843 -5.00 -99.53 88.52
N ARG D 844 -5.57 -99.97 89.64
CA ARG D 844 -4.96 -99.71 90.93
C ARG D 844 -3.63 -100.47 91.05
N CYS D 845 -2.60 -99.75 91.48
CA CYS D 845 -1.27 -100.32 91.66
C CYS D 845 -1.06 -100.61 93.14
N LEU D 846 -0.83 -101.88 93.46
CA LEU D 846 -0.64 -102.30 94.84
C LEU D 846 0.08 -103.65 94.83
N SER D 847 0.39 -104.14 96.04
CA SER D 847 1.05 -105.42 96.28
C SER D 847 2.42 -105.51 95.61
N HIS D 848 3.08 -104.37 95.38
CA HIS D 848 4.43 -104.38 94.82
C HIS D 848 5.42 -104.92 95.83
N THR D 849 5.37 -104.40 97.06
CA THR D 849 6.24 -104.89 98.14
C THR D 849 5.49 -105.02 99.45
N ASP D 850 4.16 -105.11 99.43
CA ASP D 850 3.37 -105.15 100.64
C ASP D 850 3.45 -106.49 101.37
N PHE D 851 4.00 -107.53 100.73
CA PHE D 851 4.02 -108.86 101.32
C PHE D 851 5.05 -109.01 102.45
N VAL D 852 5.97 -108.07 102.60
CA VAL D 852 6.92 -108.11 103.69
C VAL D 852 6.33 -107.41 104.91
N PRO D 853 6.35 -108.04 106.09
CA PRO D 853 5.85 -107.37 107.29
C PRO D 853 6.94 -106.60 108.02
N CYS D 854 6.58 -105.40 108.50
CA CYS D 854 7.50 -104.52 109.21
C CYS D 854 6.86 -104.09 110.53
N PRO D 855 6.84 -104.96 111.53
CA PRO D 855 6.29 -104.58 112.84
C PRO D 855 7.22 -103.64 113.58
N VAL D 856 6.63 -102.89 114.51
CA VAL D 856 7.42 -101.99 115.35
C VAL D 856 8.22 -102.81 116.36
N ASP D 857 9.46 -102.39 116.61
CA ASP D 857 10.35 -103.07 117.52
C ASP D 857 10.44 -102.28 118.83
N THR D 858 9.98 -102.90 119.92
CA THR D 858 9.98 -102.27 121.23
C THR D 858 10.40 -103.25 122.33
N VAL D 859 11.24 -104.23 121.99
CA VAL D 859 11.59 -105.29 122.93
C VAL D 859 12.38 -104.74 124.11
N GLN D 860 13.35 -103.86 123.85
CA GLN D 860 14.20 -103.36 124.93
C GLN D 860 14.50 -101.87 124.85
N ILE D 861 13.89 -101.12 123.92
CA ILE D 861 14.19 -99.70 123.82
C ILE D 861 13.62 -98.93 125.01
N VAL D 862 12.45 -99.34 125.52
CA VAL D 862 11.78 -98.64 126.60
C VAL D 862 11.29 -99.65 127.63
N LEU D 863 10.98 -99.13 128.82
CA LEU D 863 10.45 -99.92 129.91
C LEU D 863 9.22 -99.23 130.48
N PRO D 864 8.24 -100.00 130.96
CA PRO D 864 7.01 -99.38 131.52
C PRO D 864 7.25 -98.90 132.93
N PRO D 865 7.11 -97.58 133.17
CA PRO D 865 7.30 -97.05 134.53
C PRO D 865 6.03 -97.11 135.37
N HIS D 866 6.07 -97.87 136.46
CA HIS D 866 4.99 -98.07 137.43
C HIS D 866 3.64 -98.39 136.77
N LEU D 867 3.61 -99.55 136.10
CA LEU D 867 2.36 -100.14 135.63
C LEU D 867 2.13 -101.54 136.17
N GLU D 868 2.96 -102.00 137.11
CA GLU D 868 2.82 -103.35 137.64
C GLU D 868 1.58 -103.52 138.51
N ARG D 869 1.04 -102.42 139.07
CA ARG D 869 -0.14 -102.53 139.92
C ARG D 869 -1.39 -102.88 139.12
N ILE D 870 -1.41 -102.51 137.83
CA ILE D 870 -2.60 -102.72 137.00
C ILE D 870 -2.41 -103.92 136.06
N ARG D 871 -1.17 -104.33 135.79
CA ARG D 871 -0.92 -105.51 134.97
C ARG D 871 -1.47 -106.78 135.62
N GLU D 872 -1.56 -106.83 136.95
CA GLU D 872 -2.12 -107.99 137.62
C GLU D 872 -3.61 -108.13 137.34
N LYS D 873 -4.36 -107.03 137.47
CA LYS D 873 -5.79 -107.10 137.18
C LYS D 873 -6.07 -107.29 135.68
N LEU D 874 -5.19 -106.76 134.83
CA LEU D 874 -5.32 -107.05 133.39
C LEU D 874 -5.09 -108.53 133.10
N ALA D 875 -4.10 -109.13 133.74
CA ALA D 875 -3.87 -110.56 133.57
C ALA D 875 -5.05 -111.37 134.09
N GLU D 876 -5.63 -110.94 135.22
CA GLU D 876 -6.83 -111.61 135.74
C GLU D 876 -7.99 -111.53 134.76
N ASN D 877 -8.20 -110.35 134.18
CA ASN D 877 -9.30 -110.16 133.24
C ASN D 877 -9.10 -111.01 132.00
N ILE D 878 -7.90 -110.99 131.42
CA ILE D 878 -7.69 -111.75 130.20
C ILE D 878 -7.57 -113.24 130.46
N HIS D 879 -7.31 -113.66 131.70
CA HIS D 879 -7.39 -115.08 132.02
C HIS D 879 -8.84 -115.53 132.13
N GLU D 880 -9.69 -114.72 132.77
CA GLU D 880 -11.10 -115.10 132.85
C GLU D 880 -11.82 -114.95 131.51
N LEU D 881 -11.27 -114.16 130.58
CA LEU D 881 -11.86 -114.11 129.23
C LEU D 881 -11.78 -115.46 128.52
N TRP D 882 -10.79 -116.30 128.88
CA TRP D 882 -10.70 -117.63 128.27
C TRP D 882 -11.91 -118.47 128.64
N ALA D 883 -12.26 -118.50 129.93
CA ALA D 883 -13.47 -119.19 130.36
C ALA D 883 -14.72 -118.52 129.82
N LEU D 884 -14.70 -117.19 129.72
CA LEU D 884 -15.85 -116.46 129.17
C LEU D 884 -16.09 -116.85 127.70
N THR D 885 -15.02 -117.06 126.95
CA THR D 885 -15.15 -117.47 125.55
C THR D 885 -15.51 -118.94 125.42
N ARG D 886 -15.09 -119.78 126.37
CA ARG D 886 -15.38 -121.20 126.28
C ARG D 886 -16.71 -121.60 126.91
N ILE D 887 -17.34 -120.71 127.68
CA ILE D 887 -18.58 -121.10 128.36
C ILE D 887 -19.75 -121.22 127.39
N GLU D 888 -19.71 -120.49 126.26
CA GLU D 888 -20.80 -120.58 125.29
C GLU D 888 -20.87 -121.98 124.68
N GLN D 889 -19.73 -122.56 124.32
CA GLN D 889 -19.71 -123.95 123.88
C GLN D 889 -19.75 -124.93 125.04
N GLY D 890 -19.46 -124.48 126.25
CA GLY D 890 -19.63 -125.32 127.42
C GLY D 890 -18.47 -126.24 127.73
N TRP D 891 -17.24 -125.78 127.52
CA TRP D 891 -16.08 -126.58 127.91
C TRP D 891 -15.96 -126.63 129.43
N THR D 892 -15.39 -127.74 129.92
CA THR D 892 -15.38 -128.05 131.34
C THR D 892 -14.00 -128.56 131.71
N TYR D 893 -13.60 -128.34 132.96
CA TYR D 893 -12.34 -128.86 133.48
C TYR D 893 -12.34 -130.38 133.48
N GLY D 894 -11.17 -130.97 133.20
CA GLY D 894 -11.01 -132.40 133.20
C GLY D 894 -9.55 -132.81 133.32
N PRO D 895 -9.32 -134.06 133.72
CA PRO D 895 -7.93 -134.55 133.85
C PRO D 895 -7.12 -134.51 132.56
N VAL D 896 -7.75 -134.79 131.43
CA VAL D 896 -7.07 -134.91 130.14
C VAL D 896 -7.67 -133.90 129.18
N ARG D 897 -6.81 -133.17 128.47
CA ARG D 897 -7.28 -132.12 127.57
C ARG D 897 -7.89 -132.75 126.31
N ASP D 898 -9.15 -132.39 126.03
CA ASP D 898 -9.87 -132.90 124.88
C ASP D 898 -10.98 -131.91 124.55
N ASP D 899 -10.99 -131.39 123.32
CA ASP D 899 -12.01 -130.41 122.94
C ASP D 899 -13.38 -131.05 122.83
N ASN D 900 -13.47 -132.23 122.20
CA ASN D 900 -14.76 -132.87 122.02
C ASN D 900 -15.31 -133.43 123.33
N LYS D 901 -14.43 -133.98 124.18
CA LYS D 901 -14.86 -134.56 125.44
C LYS D 901 -15.17 -133.51 126.50
N ARG D 902 -14.92 -132.23 126.21
CA ARG D 902 -15.18 -131.12 127.14
C ARG D 902 -14.42 -131.28 128.45
N LEU D 903 -13.19 -131.79 128.36
CA LEU D 903 -12.30 -131.92 129.51
C LEU D 903 -11.00 -131.18 129.22
N HIS D 904 -10.60 -130.30 130.14
CA HIS D 904 -9.37 -129.51 129.97
C HIS D 904 -8.75 -129.16 131.32
N PRO D 905 -7.53 -129.64 131.60
CA PRO D 905 -6.85 -129.26 132.85
C PRO D 905 -6.30 -127.85 132.85
N CYS D 906 -6.28 -127.17 131.69
CA CYS D 906 -5.73 -125.82 131.63
C CYS D 906 -6.58 -124.82 132.40
N LEU D 907 -7.88 -125.08 132.54
CA LEU D 907 -8.78 -124.20 133.29
C LEU D 907 -8.55 -124.44 134.77
N VAL D 908 -7.85 -123.52 135.44
CA VAL D 908 -7.48 -123.67 136.83
C VAL D 908 -7.82 -122.39 137.59
N ASN D 909 -7.89 -122.52 138.91
CA ASN D 909 -8.08 -121.35 139.77
C ASN D 909 -6.85 -120.46 139.71
N PHE D 910 -7.10 -119.15 139.71
CA PHE D 910 -6.01 -118.18 139.67
C PHE D 910 -5.19 -118.16 140.95
N HIS D 911 -5.76 -118.67 142.05
CA HIS D 911 -5.00 -118.77 143.30
C HIS D 911 -3.85 -119.76 143.18
N SER D 912 -4.00 -120.79 142.34
CA SER D 912 -2.95 -121.79 142.09
C SER D 912 -2.69 -121.85 140.59
N LEU D 913 -1.63 -121.17 140.13
CA LEU D 913 -1.32 -121.06 138.71
C LEU D 913 -0.17 -121.99 138.35
N PRO D 914 -0.24 -122.68 137.22
CA PRO D 914 0.95 -123.32 136.67
C PRO D 914 2.00 -122.28 136.30
N GLU D 915 3.26 -122.62 136.56
CA GLU D 915 4.35 -121.67 136.31
C GLU D 915 4.54 -121.32 134.83
N PRO D 916 4.60 -122.28 133.88
CA PRO D 916 4.70 -121.85 132.47
C PRO D 916 3.52 -121.02 132.00
N GLU D 917 2.30 -121.37 132.44
CA GLU D 917 1.13 -120.61 132.04
C GLU D 917 1.18 -119.18 132.57
N ARG D 918 1.55 -119.00 133.84
CA ARG D 918 1.61 -117.66 134.40
C ARG D 918 2.75 -116.86 133.79
N ASN D 919 3.87 -117.50 133.47
CA ASN D 919 4.97 -116.80 132.82
C ASN D 919 4.57 -116.35 131.42
N TYR D 920 3.90 -117.22 130.66
CA TYR D 920 3.43 -116.84 129.33
C TYR D 920 2.41 -115.71 129.41
N ASN D 921 1.49 -115.78 130.38
CA ASN D 921 0.50 -114.72 130.56
C ASN D 921 1.16 -113.39 130.87
N LEU D 922 2.14 -113.39 131.79
CA LEU D 922 2.84 -112.17 132.13
C LEU D 922 3.62 -111.63 130.93
N GLN D 923 4.22 -112.52 130.13
CA GLN D 923 5.06 -112.04 129.04
C GLN D 923 4.23 -111.45 127.90
N MET D 924 3.10 -112.06 127.53
CA MET D 924 2.36 -111.41 126.44
C MET D 924 1.57 -110.21 126.95
N SER D 925 1.21 -110.19 128.24
CA SER D 925 0.65 -108.97 128.81
C SER D 925 1.68 -107.83 128.75
N GLY D 926 2.93 -108.12 129.10
CA GLY D 926 3.97 -107.11 128.98
C GLY D 926 4.19 -106.65 127.55
N GLU D 927 4.11 -107.59 126.60
CA GLU D 927 4.23 -107.22 125.19
C GLU D 927 3.10 -106.30 124.76
N THR D 928 1.87 -106.59 125.19
CA THR D 928 0.74 -105.71 124.88
C THR D 928 0.92 -104.33 125.51
N LEU D 929 1.41 -104.26 126.74
CA LEU D 929 1.63 -102.96 127.36
C LEU D 929 2.72 -102.18 126.64
N LYS D 930 3.78 -102.86 126.18
CA LYS D 930 4.82 -102.17 125.41
C LYS D 930 4.27 -101.62 124.11
N THR D 931 3.53 -102.44 123.36
CA THR D 931 2.98 -101.97 122.10
C THR D 931 1.85 -100.96 122.30
N LEU D 932 1.29 -100.87 123.50
CA LEU D 932 0.31 -99.83 123.78
C LEU D 932 0.98 -98.51 124.15
N LEU D 933 2.01 -98.55 125.00
CA LEU D 933 2.74 -97.33 125.34
C LEU D 933 3.56 -96.81 124.17
N ALA D 934 3.82 -97.65 123.18
CA ALA D 934 4.42 -97.16 121.95
C ALA D 934 3.44 -96.25 121.20
N LEU D 935 3.95 -95.60 120.16
CA LEU D 935 3.20 -94.68 119.29
C LEU D 935 2.66 -93.47 120.05
N GLY D 936 3.30 -93.09 121.16
CA GLY D 936 2.96 -91.86 121.85
C GLY D 936 1.73 -91.93 122.73
N CYS D 937 1.78 -92.77 123.76
CA CYS D 937 0.69 -92.87 124.73
C CYS D 937 1.09 -92.16 126.02
N HIS D 938 0.20 -91.30 126.51
CA HIS D 938 0.41 -90.52 127.73
C HIS D 938 -0.39 -91.13 128.87
N VAL D 939 0.15 -90.97 130.08
CA VAL D 939 -0.34 -91.65 131.28
C VAL D 939 -0.98 -90.63 132.19
N GLY D 940 -1.84 -91.12 133.08
CA GLY D 940 -2.51 -90.25 134.02
C GLY D 940 -3.25 -91.04 135.08
N MET D 941 -3.58 -90.35 136.16
CA MET D 941 -4.32 -90.94 137.28
C MET D 941 -5.49 -90.01 137.62
N ALA D 942 -6.71 -90.45 137.32
CA ALA D 942 -7.89 -89.63 137.56
C ALA D 942 -9.06 -90.43 138.13
N ASP D 943 -8.79 -91.61 138.69
CA ASP D 943 -9.85 -92.50 139.16
C ASP D 943 -9.34 -93.27 140.37
N GLU D 944 -9.99 -94.38 140.68
CA GLU D 944 -9.72 -95.36 141.74
C GLU D 944 -10.23 -94.83 143.09
N LYS D 945 -10.79 -93.61 143.14
CA LYS D 945 -11.37 -93.12 144.37
C LYS D 945 -12.62 -93.90 144.77
N ALA D 946 -13.35 -94.44 143.78
CA ALA D 946 -14.54 -95.23 144.04
C ALA D 946 -14.53 -96.57 143.32
N GLU D 947 -13.41 -96.93 142.70
CA GLU D 947 -13.28 -98.19 141.95
C GLU D 947 -12.66 -99.30 142.78
N ASP D 948 -12.51 -99.10 144.10
CA ASP D 948 -11.89 -100.12 144.95
C ASP D 948 -12.73 -101.40 144.99
N ASN D 949 -14.05 -101.26 145.07
CA ASN D 949 -14.93 -102.42 145.09
C ASN D 949 -14.92 -103.12 143.72
N LEU D 950 -14.81 -104.44 143.74
CA LEU D 950 -14.82 -105.24 142.52
C LEU D 950 -16.20 -105.86 142.37
N LYS D 951 -17.05 -105.23 141.57
CA LYS D 951 -18.40 -105.72 141.35
C LYS D 951 -18.36 -107.01 140.55
N LYS D 952 -18.68 -108.12 141.20
CA LYS D 952 -18.67 -109.44 140.57
C LYS D 952 -20.11 -109.83 140.27
N THR D 953 -20.42 -110.02 138.99
CA THR D 953 -21.76 -110.43 138.58
C THR D 953 -22.03 -111.84 139.06
N LYS D 954 -23.19 -112.05 139.67
CA LYS D 954 -23.58 -113.37 140.17
C LYS D 954 -23.78 -114.32 139.00
N LEU D 955 -23.06 -115.44 139.02
CA LEU D 955 -23.14 -116.41 137.94
C LEU D 955 -23.93 -117.61 138.42
N PRO D 956 -24.95 -118.05 137.67
CA PRO D 956 -25.86 -119.08 138.18
C PRO D 956 -25.19 -120.44 138.34
N LYS D 957 -25.80 -121.28 139.19
CA LYS D 957 -25.27 -122.62 139.42
C LYS D 957 -25.24 -123.45 138.15
N THR D 958 -26.17 -123.19 137.22
CA THR D 958 -26.27 -123.96 135.98
C THR D 958 -25.02 -123.84 135.12
N TYR D 959 -24.21 -122.81 135.34
CA TYR D 959 -22.86 -122.77 134.79
C TYR D 959 -21.78 -122.86 135.85
N MET D 960 -22.12 -122.70 137.13
CA MET D 960 -21.16 -122.90 138.21
C MET D 960 -20.76 -124.35 138.40
N MET D 961 -21.57 -125.31 137.96
CA MET D 961 -21.25 -126.72 138.20
C MET D 961 -19.99 -127.12 137.44
N SER D 962 -19.16 -127.93 138.10
CA SER D 962 -17.94 -128.51 137.52
C SER D 962 -17.01 -127.43 136.95
N ASN D 963 -16.87 -126.33 137.69
CA ASN D 963 -16.07 -125.20 137.25
C ASN D 963 -14.82 -125.01 138.11
N GLY D 964 -14.99 -124.90 139.42
CA GLY D 964 -13.86 -124.68 140.32
C GLY D 964 -13.42 -123.25 140.46
N TYR D 965 -14.03 -122.32 139.71
CA TYR D 965 -13.71 -120.90 139.81
C TYR D 965 -14.94 -120.10 139.45
N LYS D 966 -15.01 -118.87 139.94
CA LYS D 966 -16.17 -118.00 139.77
C LYS D 966 -15.75 -116.69 139.12
N PRO D 967 -15.60 -116.69 137.80
CA PRO D 967 -15.24 -115.46 137.09
C PRO D 967 -16.45 -114.68 136.61
N ALA D 968 -16.29 -113.35 136.57
CA ALA D 968 -17.33 -112.46 136.08
C ALA D 968 -16.68 -111.20 135.54
N PRO D 969 -17.09 -110.72 134.37
CA PRO D 969 -16.52 -109.49 133.82
C PRO D 969 -16.93 -108.27 134.65
N LEU D 970 -16.04 -107.27 134.65
CA LEU D 970 -16.30 -106.03 135.37
C LEU D 970 -17.26 -105.15 134.57
N ASP D 971 -18.18 -104.49 135.29
CA ASP D 971 -19.17 -103.62 134.65
C ASP D 971 -18.61 -102.21 134.50
N LEU D 972 -17.56 -102.11 133.70
CA LEU D 972 -16.87 -100.85 133.41
C LEU D 972 -16.83 -100.59 131.91
N SER D 973 -17.90 -100.97 131.21
CA SER D 973 -17.96 -100.82 129.76
C SER D 973 -18.46 -99.45 129.31
N HIS D 974 -18.78 -98.56 130.25
CA HIS D 974 -19.35 -97.26 129.88
C HIS D 974 -18.30 -96.33 129.27
N VAL D 975 -17.04 -96.45 129.68
CA VAL D 975 -16.00 -95.57 129.17
C VAL D 975 -15.61 -96.02 127.77
N ARG D 976 -15.52 -95.06 126.84
CA ARG D 976 -15.20 -95.34 125.45
C ARG D 976 -14.11 -94.37 124.98
N LEU D 977 -13.15 -94.91 124.23
CA LEU D 977 -12.09 -94.13 123.61
C LEU D 977 -12.04 -94.55 122.14
N THR D 978 -11.19 -93.89 121.36
CA THR D 978 -11.12 -94.15 119.92
C THR D 978 -10.66 -95.58 119.66
N PRO D 979 -11.40 -96.35 118.85
CA PRO D 979 -10.98 -97.73 118.54
C PRO D 979 -9.84 -97.83 117.55
N ALA D 980 -9.36 -96.70 117.01
CA ALA D 980 -8.23 -96.74 116.09
C ALA D 980 -6.98 -97.24 116.79
N GLN D 981 -6.78 -96.88 118.05
CA GLN D 981 -5.64 -97.38 118.81
C GLN D 981 -5.72 -98.90 118.99
N THR D 982 -6.91 -99.43 119.29
CA THR D 982 -7.07 -100.86 119.43
C THR D 982 -6.83 -101.58 118.11
N THR D 983 -7.33 -101.01 117.00
CA THR D 983 -7.10 -101.61 115.69
C THR D 983 -5.62 -101.60 115.32
N LEU D 984 -4.92 -100.50 115.62
CA LEU D 984 -3.49 -100.42 115.36
C LEU D 984 -2.72 -101.42 116.22
N VAL D 985 -3.15 -101.59 117.48
CA VAL D 985 -2.50 -102.57 118.36
C VAL D 985 -2.68 -103.98 117.83
N ASP D 986 -3.90 -104.30 117.36
CA ASP D 986 -4.14 -105.62 116.79
C ASP D 986 -3.32 -105.85 115.53
N ARG D 987 -3.23 -104.83 114.67
CA ARG D 987 -2.43 -104.96 113.46
C ARG D 987 -0.95 -105.13 113.78
N LEU D 988 -0.44 -104.39 114.76
CA LEU D 988 0.95 -104.52 115.18
C LEU D 988 1.23 -105.90 115.78
N ALA D 989 0.29 -106.41 116.58
CA ALA D 989 0.44 -107.74 117.15
C ALA D 989 0.46 -108.81 116.06
N GLU D 990 -0.43 -108.68 115.07
CA GLU D 990 -0.44 -109.63 113.96
C GLU D 990 0.85 -109.56 113.14
N ASN D 991 1.35 -108.35 112.90
CA ASN D 991 2.61 -108.18 112.17
C ASN D 991 3.78 -108.78 112.94
N GLY D 992 3.83 -108.56 114.25
CA GLY D 992 4.89 -109.14 115.06
C GLY D 992 4.81 -110.66 115.09
N HIS D 993 3.60 -111.22 115.19
CA HIS D 993 3.44 -112.67 115.15
C HIS D 993 3.88 -113.24 113.80
N ASN D 994 3.54 -112.55 112.71
CA ASN D 994 3.98 -113.02 111.39
C ASN D 994 5.49 -112.94 111.24
N VAL D 995 6.10 -111.86 111.75
CA VAL D 995 7.55 -111.73 111.68
C VAL D 995 8.24 -112.81 112.50
N TRP D 996 7.70 -113.12 113.68
CA TRP D 996 8.27 -114.18 114.50
C TRP D 996 8.10 -115.54 113.84
N ALA D 997 6.94 -115.79 113.22
CA ALA D 997 6.68 -117.09 112.61
C ALA D 997 7.37 -117.27 111.26
N ARG D 998 7.84 -116.19 110.64
CA ARG D 998 8.51 -116.31 109.35
C ARG D 998 9.82 -117.10 109.46
N ASP D 999 10.45 -117.10 110.63
CA ASP D 999 11.72 -117.80 110.79
C ASP D 999 11.53 -119.32 110.83
N ARG D 1000 10.52 -119.79 111.57
CA ARG D 1000 10.35 -121.21 111.81
C ARG D 1000 9.08 -121.79 111.20
N VAL D 1001 7.92 -121.18 111.47
CA VAL D 1001 6.65 -121.72 110.99
C VAL D 1001 6.58 -121.64 109.47
N ALA D 1002 7.01 -120.52 108.89
CA ALA D 1002 7.01 -120.38 107.44
C ALA D 1002 8.04 -121.28 106.77
N GLN D 1003 9.10 -121.67 107.49
CA GLN D 1003 10.08 -122.60 106.93
C GLN D 1003 9.44 -123.95 106.63
N GLY D 1004 8.61 -124.45 107.55
CA GLY D 1004 7.86 -125.67 107.30
C GLY D 1004 6.69 -125.42 106.35
N TRP D 1005 5.79 -124.54 106.76
CA TRP D 1005 4.64 -124.08 105.96
C TRP D 1005 3.70 -125.23 105.57
N SER D 1006 3.75 -126.34 106.30
CA SER D 1006 2.91 -127.49 106.00
C SER D 1006 2.79 -128.33 107.26
N TYR D 1007 2.05 -129.44 107.17
CA TYR D 1007 1.92 -130.36 108.29
C TYR D 1007 3.25 -131.02 108.62
N SER D 1008 4.01 -131.40 107.60
CA SER D 1008 5.31 -132.03 107.80
C SER D 1008 6.40 -131.29 107.03
N VAL D 1022 -2.04 -113.67 105.06
CA VAL D 1022 -1.13 -112.67 104.49
C VAL D 1022 -0.23 -112.10 105.57
N PRO D 1023 1.07 -112.00 105.29
CA PRO D 1023 2.00 -111.41 106.27
C PRO D 1023 1.70 -109.95 106.58
N TYR D 1024 1.14 -109.20 105.63
CA TYR D 1024 0.83 -107.79 105.86
C TYR D 1024 -0.32 -107.59 106.84
N ARG D 1025 -1.11 -108.64 107.09
CA ARG D 1025 -2.25 -108.60 108.01
C ARG D 1025 -3.30 -107.57 107.59
N LEU D 1026 -3.39 -107.30 106.28
CA LEU D 1026 -4.37 -106.37 105.75
C LEU D 1026 -5.34 -107.01 104.76
N LEU D 1027 -4.94 -108.07 104.06
CA LEU D 1027 -5.84 -108.72 103.12
C LEU D 1027 -6.90 -109.53 103.83
N ASP D 1028 -6.53 -110.20 104.93
CA ASP D 1028 -7.48 -110.98 105.69
C ASP D 1028 -8.50 -110.09 106.38
N GLU D 1029 -9.75 -110.53 106.38
CA GLU D 1029 -10.83 -109.76 106.99
C GLU D 1029 -11.65 -110.56 108.00
N ALA D 1030 -11.79 -111.87 107.79
CA ALA D 1030 -12.60 -112.68 108.70
C ALA D 1030 -11.83 -113.02 109.97
N THR D 1031 -10.65 -113.63 109.81
CA THR D 1031 -9.83 -113.97 110.98
C THR D 1031 -9.35 -112.72 111.69
N LYS D 1032 -9.08 -111.64 110.96
CA LYS D 1032 -8.73 -110.37 111.60
C LYS D 1032 -9.87 -109.85 112.45
N ARG D 1033 -11.11 -109.92 111.94
CA ARG D 1033 -12.27 -109.50 112.73
C ARG D 1033 -12.46 -110.37 113.96
N SER D 1034 -12.24 -111.69 113.82
CA SER D 1034 -12.37 -112.59 114.96
C SER D 1034 -11.31 -112.31 116.02
N ASN D 1035 -10.08 -112.02 115.58
CA ASN D 1035 -8.99 -111.78 116.54
C ASN D 1035 -9.09 -110.40 117.17
N ARG D 1036 -9.67 -109.41 116.47
CA ARG D 1036 -9.78 -108.07 117.04
C ARG D 1036 -10.71 -108.03 118.24
N ASP D 1037 -11.71 -108.93 118.28
CA ASP D 1037 -12.67 -108.93 119.37
C ASP D 1037 -12.00 -109.25 120.70
N SER D 1038 -11.06 -110.20 120.71
CA SER D 1038 -10.38 -110.56 121.95
C SER D 1038 -9.57 -109.39 122.50
N LEU D 1039 -8.83 -108.70 121.63
CA LEU D 1039 -8.04 -107.56 122.07
C LEU D 1039 -8.95 -106.41 122.52
N CYS D 1040 -10.05 -106.19 121.81
CA CYS D 1040 -10.98 -105.13 122.19
C CYS D 1040 -11.60 -105.41 123.56
N GLN D 1041 -12.00 -106.67 123.80
CA GLN D 1041 -12.58 -107.02 125.10
C GLN D 1041 -11.53 -106.97 126.20
N ALA D 1042 -10.27 -107.30 125.90
CA ALA D 1042 -9.20 -107.16 126.87
C ALA D 1042 -8.97 -105.69 127.23
N VAL D 1043 -9.05 -104.80 126.24
CA VAL D 1043 -8.85 -103.37 126.46
C VAL D 1043 -10.07 -102.72 127.10
N ARG D 1044 -11.25 -103.33 126.98
CA ARG D 1044 -12.51 -102.72 127.40
C ARG D 1044 -12.57 -102.38 128.88
N THR D 1045 -11.74 -103.00 129.72
CA THR D 1045 -11.67 -102.66 131.14
C THR D 1045 -10.41 -101.90 131.50
N LEU D 1046 -9.57 -101.55 130.53
CA LEU D 1046 -8.29 -100.88 130.79
C LEU D 1046 -8.16 -99.51 130.14
N LEU D 1047 -9.01 -99.17 129.17
CA LEU D 1047 -8.92 -97.86 128.53
C LEU D 1047 -9.43 -96.75 129.43
N GLY D 1048 -10.19 -97.07 130.47
CA GLY D 1048 -10.84 -96.10 131.32
C GLY D 1048 -10.03 -95.55 132.47
N TYR D 1049 -8.76 -95.93 132.61
CA TYR D 1049 -7.95 -95.48 133.72
C TYR D 1049 -7.35 -94.08 133.47
N GLY D 1050 -7.60 -93.50 132.31
CA GLY D 1050 -7.09 -92.18 131.99
C GLY D 1050 -5.88 -92.15 131.09
N TYR D 1051 -5.67 -93.18 130.28
CA TYR D 1051 -4.55 -93.21 129.36
C TYR D 1051 -4.97 -92.55 128.04
N ASN D 1052 -4.25 -91.53 127.61
CA ASN D 1052 -4.61 -90.81 126.40
C ASN D 1052 -3.56 -91.03 125.32
N ILE D 1053 -3.99 -91.52 124.15
CA ILE D 1053 -3.07 -91.86 123.08
C ILE D 1053 -3.38 -90.99 121.86
N GLU D 1054 -2.32 -90.54 121.19
CA GLU D 1054 -2.46 -89.71 120.01
C GLU D 1054 -1.62 -90.26 118.85
N ASP D 1070 -1.15 -93.52 90.45
CA ASP D 1070 -0.48 -93.15 89.21
C ASP D 1070 -1.11 -91.90 88.60
N ARG D 1071 -0.71 -91.58 87.38
CA ARG D 1071 -1.24 -90.40 86.70
C ARG D 1071 -2.69 -90.63 86.29
N VAL D 1072 -3.43 -89.53 86.17
CA VAL D 1072 -4.82 -89.58 85.74
C VAL D 1072 -4.88 -89.71 84.22
N ARG D 1073 -5.95 -90.34 83.73
CA ARG D 1073 -6.12 -90.55 82.30
C ARG D 1073 -7.03 -89.48 81.72
N ILE D 1074 -6.64 -88.95 80.57
CA ILE D 1074 -7.33 -87.84 79.93
C ILE D 1074 -7.85 -88.29 78.57
N PHE D 1075 -9.12 -88.02 78.31
CA PHE D 1075 -9.76 -88.28 77.03
C PHE D 1075 -10.31 -86.96 76.50
N ARG D 1076 -10.19 -86.76 75.18
CA ARG D 1076 -10.65 -85.52 74.57
C ARG D 1076 -11.17 -85.81 73.17
N ALA D 1077 -11.96 -84.88 72.66
CA ALA D 1077 -12.50 -85.03 71.31
C ALA D 1077 -11.39 -84.85 70.26
N GLU D 1078 -11.76 -85.08 69.01
CA GLU D 1078 -10.84 -84.85 67.89
C GLU D 1078 -10.72 -83.36 67.60
N LYS D 1079 -9.51 -82.94 67.22
CA LYS D 1079 -9.26 -81.55 66.88
C LYS D 1079 -9.95 -81.12 65.59
N SER D 1080 -10.45 -82.05 64.79
CA SER D 1080 -11.15 -81.74 63.55
C SER D 1080 -12.63 -81.46 63.77
N TYR D 1081 -13.14 -81.65 64.99
CA TYR D 1081 -14.54 -81.39 65.30
C TYR D 1081 -14.73 -80.18 66.21
N THR D 1082 -13.78 -79.25 66.20
CA THR D 1082 -13.91 -78.05 67.01
C THR D 1082 -15.04 -77.17 66.49
N VAL D 1083 -15.76 -76.54 67.42
CA VAL D 1083 -16.91 -75.71 67.10
C VAL D 1083 -16.61 -74.26 67.46
N GLN D 1084 -17.06 -73.34 66.61
CA GLN D 1084 -16.86 -71.91 66.83
C GLN D 1084 -18.16 -71.13 66.90
N SER D 1085 -19.30 -71.78 66.74
CA SER D 1085 -20.60 -71.10 66.80
C SER D 1085 -21.67 -72.12 67.15
N GLY D 1086 -22.82 -71.61 67.58
CA GLY D 1086 -23.95 -72.45 67.91
C GLY D 1086 -23.96 -72.90 69.36
N ARG D 1087 -24.93 -73.76 69.65
CA ARG D 1087 -25.13 -74.29 70.99
C ARG D 1087 -25.01 -75.80 70.97
N TRP D 1088 -24.31 -76.35 71.97
CA TRP D 1088 -24.01 -77.77 72.01
C TRP D 1088 -24.19 -78.31 73.41
N TYR D 1089 -24.36 -79.64 73.50
CA TYR D 1089 -24.68 -80.30 74.75
C TYR D 1089 -24.19 -81.76 74.69
N PHE D 1090 -23.66 -82.24 75.81
CA PHE D 1090 -23.27 -83.64 75.91
C PHE D 1090 -23.47 -84.12 77.33
N GLU D 1091 -23.40 -85.44 77.53
CA GLU D 1091 -23.76 -86.07 78.80
C GLU D 1091 -22.63 -86.98 79.26
N PHE D 1092 -22.56 -87.19 80.57
CA PHE D 1092 -21.57 -88.06 81.17
C PHE D 1092 -22.22 -88.80 82.34
N GLU D 1093 -21.86 -90.06 82.52
CA GLU D 1093 -22.34 -90.88 83.61
C GLU D 1093 -21.15 -91.46 84.36
N ALA D 1094 -21.22 -91.44 85.69
CA ALA D 1094 -20.13 -91.92 86.54
C ALA D 1094 -20.62 -93.15 87.30
N VAL D 1095 -20.06 -94.31 86.97
CA VAL D 1095 -20.41 -95.52 87.72
C VAL D 1095 -19.81 -95.47 89.12
N THR D 1096 -18.59 -94.98 89.23
CA THR D 1096 -17.91 -94.80 90.51
C THR D 1096 -17.79 -93.31 90.79
N THR D 1097 -17.84 -92.94 92.08
CA THR D 1097 -17.76 -91.55 92.50
C THR D 1097 -16.40 -91.17 93.06
N GLY D 1098 -15.34 -91.84 92.61
CA GLY D 1098 -14.01 -91.63 93.17
C GLY D 1098 -13.37 -90.30 92.82
N GLU D 1099 -12.96 -90.12 91.57
CA GLU D 1099 -12.28 -88.88 91.16
C GLU D 1099 -12.35 -88.74 89.65
N MET D 1100 -12.98 -87.67 89.17
CA MET D 1100 -13.13 -87.43 87.75
C MET D 1100 -13.40 -85.95 87.53
N ARG D 1101 -13.13 -85.49 86.32
CA ARG D 1101 -13.37 -84.11 85.91
C ARG D 1101 -13.95 -84.10 84.51
N VAL D 1102 -14.93 -83.22 84.28
CA VAL D 1102 -15.64 -83.16 83.01
C VAL D 1102 -15.73 -81.71 82.56
N GLY D 1103 -15.51 -81.45 81.27
CA GLY D 1103 -15.68 -80.10 80.78
C GLY D 1103 -15.26 -79.96 79.34
N TRP D 1104 -14.91 -78.73 78.98
CA TRP D 1104 -14.43 -78.40 77.64
C TRP D 1104 -13.00 -77.88 77.74
N ALA D 1105 -12.37 -77.72 76.57
CA ALA D 1105 -11.00 -77.27 76.52
C ALA D 1105 -10.73 -76.63 75.17
N ARG D 1106 -9.63 -75.88 75.10
CA ARG D 1106 -9.17 -75.32 73.85
C ARG D 1106 -8.60 -76.43 72.97
N PRO D 1107 -8.55 -76.22 71.65
CA PRO D 1107 -7.92 -77.23 70.78
C PRO D 1107 -6.45 -77.48 71.11
N GLU D 1108 -5.71 -76.46 71.55
CA GLU D 1108 -4.31 -76.63 71.93
C GLU D 1108 -4.26 -77.01 73.41
N LEU D 1109 -4.56 -78.28 73.67
CA LEU D 1109 -4.51 -78.85 75.02
C LEU D 1109 -3.31 -79.79 75.12
N ARG D 1110 -2.55 -79.66 76.19
CA ARG D 1110 -1.31 -80.41 76.34
C ARG D 1110 -1.46 -81.53 77.36
N PRO D 1111 -0.68 -82.62 77.22
CA PRO D 1111 -0.74 -83.70 78.21
C PRO D 1111 -0.03 -83.36 79.52
N ASP D 1112 0.13 -84.38 80.37
CA ASP D 1112 0.84 -84.44 81.66
C ASP D 1112 0.70 -83.17 82.49
N VAL D 1113 -0.50 -82.59 82.49
CA VAL D 1113 -0.85 -81.46 83.36
C VAL D 1113 -2.26 -81.70 83.88
N GLU D 1114 -2.48 -81.34 85.14
CA GLU D 1114 -3.82 -81.47 85.72
C GLU D 1114 -4.79 -80.56 84.97
N LEU D 1115 -5.97 -81.11 84.67
CA LEU D 1115 -6.95 -80.38 83.87
C LEU D 1115 -7.43 -79.14 84.62
N GLY D 1116 -7.32 -77.99 83.95
CA GLY D 1116 -7.74 -76.74 84.53
C GLY D 1116 -6.71 -76.02 85.38
N ALA D 1117 -5.53 -76.62 85.58
CA ALA D 1117 -4.47 -75.91 86.30
C ALA D 1117 -4.02 -74.67 85.54
N ASP D 1118 -3.89 -74.78 84.23
CA ASP D 1118 -3.65 -73.65 83.35
C ASP D 1118 -4.97 -73.14 82.81
N GLU D 1119 -4.91 -72.22 81.84
CA GLU D 1119 -6.09 -71.51 81.36
C GLU D 1119 -6.65 -72.07 80.06
N LEU D 1120 -6.13 -73.21 79.58
CA LEU D 1120 -6.57 -73.76 78.31
C LEU D 1120 -7.80 -74.65 78.44
N ALA D 1121 -8.28 -74.92 79.64
CA ALA D 1121 -9.40 -75.83 79.85
C ALA D 1121 -10.38 -75.23 80.85
N TYR D 1122 -11.67 -75.53 80.63
CA TYR D 1122 -12.76 -75.14 81.52
C TYR D 1122 -13.45 -76.42 81.97
N VAL D 1123 -13.16 -76.84 83.20
CA VAL D 1123 -13.51 -78.19 83.66
C VAL D 1123 -14.11 -78.09 85.06
N PHE D 1124 -14.93 -79.08 85.41
CA PHE D 1124 -15.62 -79.14 86.69
C PHE D 1124 -15.37 -80.48 87.34
N ASN D 1125 -15.16 -80.45 88.66
CA ASN D 1125 -14.92 -81.64 89.47
C ASN D 1125 -16.09 -81.83 90.43
N GLY D 1126 -16.69 -83.02 90.41
CA GLY D 1126 -17.84 -83.31 91.24
C GLY D 1126 -17.55 -83.98 92.57
N HIS D 1127 -16.32 -84.45 92.78
CA HIS D 1127 -15.97 -85.04 94.07
C HIS D 1127 -16.02 -84.01 95.18
N ARG D 1128 -15.53 -82.80 94.92
CA ARG D 1128 -15.60 -81.70 95.86
C ARG D 1128 -16.61 -80.64 95.46
N GLY D 1129 -17.14 -80.70 94.23
CA GLY D 1129 -18.09 -79.71 93.78
C GLY D 1129 -17.47 -78.36 93.57
N GLN D 1130 -16.61 -78.23 92.56
CA GLN D 1130 -15.91 -76.97 92.33
C GLN D 1130 -15.47 -76.88 90.88
N ARG D 1131 -15.58 -75.69 90.30
CA ARG D 1131 -14.99 -75.43 89.00
C ARG D 1131 -13.48 -75.22 89.15
N TRP D 1132 -12.76 -75.45 88.06
CA TRP D 1132 -11.30 -75.51 88.09
C TRP D 1132 -10.70 -74.65 86.99
N HIS D 1133 -11.16 -73.40 86.86
CA HIS D 1133 -10.53 -72.44 85.94
C HIS D 1133 -9.59 -71.55 86.74
N LEU D 1134 -8.31 -71.92 86.75
CA LEU D 1134 -7.25 -71.15 87.43
C LEU D 1134 -7.57 -70.92 88.91
N GLY D 1135 -8.10 -71.95 89.56
CA GLY D 1135 -8.46 -71.84 90.95
C GLY D 1135 -9.49 -72.89 91.31
N SER D 1136 -10.12 -72.67 92.47
CA SER D 1136 -11.14 -73.59 92.99
C SER D 1136 -12.27 -72.75 93.58
N GLU D 1137 -13.43 -72.80 92.93
CA GLU D 1137 -14.63 -72.11 93.43
C GLU D 1137 -15.68 -73.14 93.79
N PRO D 1138 -15.95 -73.38 95.07
CA PRO D 1138 -16.85 -74.48 95.46
C PRO D 1138 -18.31 -74.11 95.23
N PHE D 1139 -19.05 -75.01 94.57
CA PHE D 1139 -20.47 -74.82 94.33
C PHE D 1139 -21.11 -76.19 94.06
N GLY D 1140 -22.40 -76.27 94.31
CA GLY D 1140 -23.13 -77.50 94.07
C GLY D 1140 -22.90 -78.55 95.13
N ARG D 1141 -23.30 -79.77 94.80
CA ARG D 1141 -23.22 -80.91 95.70
C ARG D 1141 -22.56 -82.09 95.01
N PRO D 1142 -21.85 -82.93 95.77
CA PRO D 1142 -21.28 -84.15 95.16
C PRO D 1142 -22.36 -85.13 94.75
N TRP D 1143 -22.03 -85.94 93.75
CA TRP D 1143 -22.96 -86.93 93.22
C TRP D 1143 -22.81 -88.25 93.98
N GLN D 1144 -23.48 -89.28 93.46
CA GLN D 1144 -23.41 -90.64 93.99
C GLN D 1144 -23.34 -91.59 92.80
N SER D 1145 -23.64 -92.87 93.05
CA SER D 1145 -23.76 -93.84 91.97
C SER D 1145 -24.84 -93.40 90.99
N GLY D 1146 -24.52 -93.45 89.70
CA GLY D 1146 -25.40 -92.86 88.70
C GLY D 1146 -25.20 -91.37 88.65
N ASP D 1147 -26.31 -90.62 88.73
CA ASP D 1147 -26.30 -89.15 88.81
C ASP D 1147 -25.57 -88.53 87.62
N VAL D 1148 -26.18 -88.71 86.45
CA VAL D 1148 -25.60 -88.22 85.20
C VAL D 1148 -25.46 -86.70 85.24
N VAL D 1149 -24.41 -86.20 84.57
CA VAL D 1149 -24.10 -84.78 84.52
C VAL D 1149 -24.09 -84.34 83.06
N GLY D 1150 -24.77 -83.24 82.76
CA GLY D 1150 -24.85 -82.70 81.42
C GLY D 1150 -24.11 -81.37 81.33
N CYS D 1151 -23.37 -81.20 80.24
CA CYS D 1151 -22.62 -79.97 80.00
C CYS D 1151 -23.09 -79.36 78.69
N MET D 1152 -23.45 -78.07 78.74
CA MET D 1152 -24.00 -77.37 77.59
C MET D 1152 -23.33 -76.01 77.46
N ILE D 1153 -23.12 -75.58 76.21
CA ILE D 1153 -22.36 -74.36 75.92
C ILE D 1153 -23.02 -73.62 74.76
N ASP D 1154 -23.05 -72.30 74.86
CA ASP D 1154 -23.50 -71.45 73.75
C ASP D 1154 -22.55 -70.27 73.61
N LEU D 1155 -22.20 -69.97 72.36
CA LEU D 1155 -21.24 -68.92 72.05
C LEU D 1155 -21.87 -67.61 71.61
N THR D 1156 -23.20 -67.49 71.66
CA THR D 1156 -23.84 -66.23 71.30
C THR D 1156 -23.77 -65.23 72.46
N GLU D 1157 -24.34 -65.58 73.60
CA GLU D 1157 -24.16 -64.80 74.81
C GLU D 1157 -23.02 -65.31 75.68
N ASN D 1158 -22.23 -66.26 75.17
CA ASN D 1158 -21.00 -66.75 75.80
C ASN D 1158 -21.28 -67.32 77.20
N THR D 1159 -22.07 -68.39 77.23
CA THR D 1159 -22.55 -68.95 78.48
C THR D 1159 -22.38 -70.46 78.50
N ILE D 1160 -21.85 -70.97 79.60
CA ILE D 1160 -21.63 -72.39 79.84
C ILE D 1160 -22.48 -72.81 81.04
N ILE D 1161 -23.27 -73.87 80.89
CA ILE D 1161 -24.14 -74.34 81.95
C ILE D 1161 -23.84 -75.81 82.24
N PHE D 1162 -23.79 -76.15 83.51
CA PHE D 1162 -23.64 -77.52 83.98
C PHE D 1162 -24.90 -77.91 84.74
N THR D 1163 -25.38 -79.15 84.52
CA THR D 1163 -26.58 -79.64 85.18
C THR D 1163 -26.34 -81.06 85.67
N LEU D 1164 -27.07 -81.45 86.71
CA LEU D 1164 -27.06 -82.84 87.16
C LEU D 1164 -28.49 -83.27 87.47
N ASN D 1165 -28.86 -84.47 87.01
CA ASN D 1165 -30.16 -85.10 87.30
C ASN D 1165 -31.31 -84.19 86.89
N GLY D 1166 -31.13 -83.46 85.79
CA GLY D 1166 -32.14 -82.52 85.34
C GLY D 1166 -32.24 -81.25 86.16
N GLU D 1167 -31.27 -80.99 87.04
CA GLU D 1167 -31.28 -79.82 87.90
C GLU D 1167 -30.06 -78.95 87.58
N VAL D 1168 -30.30 -77.66 87.36
CA VAL D 1168 -29.22 -76.73 87.06
C VAL D 1168 -28.44 -76.43 88.34
N LEU D 1169 -27.11 -76.43 88.23
CA LEU D 1169 -26.27 -76.09 89.37
C LEU D 1169 -26.52 -74.65 89.80
N MET D 1170 -26.60 -74.45 91.11
CA MET D 1170 -26.82 -73.13 91.69
C MET D 1170 -25.56 -72.70 92.42
N SER D 1171 -24.96 -71.60 91.97
CA SER D 1171 -23.74 -71.12 92.61
C SER D 1171 -24.06 -70.42 93.93
N ASP D 1172 -23.02 -70.22 94.74
CA ASP D 1172 -23.18 -69.59 96.04
C ASP D 1172 -23.54 -68.12 95.93
N SER D 1173 -23.21 -67.46 94.81
CA SER D 1173 -23.47 -66.04 94.64
C SER D 1173 -24.81 -65.76 93.95
N GLY D 1174 -25.58 -66.80 93.61
CA GLY D 1174 -26.86 -66.64 92.98
C GLY D 1174 -26.86 -66.80 91.47
N SER D 1175 -25.69 -66.75 90.84
CA SER D 1175 -25.60 -66.93 89.41
C SER D 1175 -25.75 -68.41 89.05
N GLU D 1176 -26.07 -68.67 87.79
CA GLU D 1176 -26.26 -70.03 87.29
C GLU D 1176 -24.94 -70.65 86.83
N THR D 1177 -23.92 -70.53 87.68
CA THR D 1177 -22.52 -70.99 87.47
C THR D 1177 -22.07 -70.82 86.01
N ALA D 1178 -22.34 -69.64 85.46
CA ALA D 1178 -22.11 -69.35 84.06
C ALA D 1178 -20.86 -68.49 83.92
N PHE D 1179 -19.86 -69.01 83.21
CA PHE D 1179 -18.69 -68.22 82.87
C PHE D 1179 -19.10 -67.11 81.90
N ARG D 1180 -18.65 -65.89 82.18
CA ARG D 1180 -19.09 -64.72 81.44
C ARG D 1180 -17.93 -64.12 80.66
N GLU D 1181 -18.27 -63.50 79.51
CA GLU D 1181 -17.32 -62.83 78.64
C GLU D 1181 -16.19 -63.77 78.20
N ILE D 1182 -16.53 -65.02 77.90
CA ILE D 1182 -15.53 -65.97 77.47
C ILE D 1182 -15.15 -65.68 76.01
N GLU D 1183 -13.91 -66.00 75.66
CA GLU D 1183 -13.36 -65.69 74.35
C GLU D 1183 -13.51 -66.91 73.45
N ILE D 1184 -13.99 -66.68 72.23
CA ILE D 1184 -14.26 -67.79 71.31
C ILE D 1184 -12.96 -68.52 70.96
N GLY D 1185 -11.95 -67.76 70.54
CA GLY D 1185 -10.66 -68.35 70.25
C GLY D 1185 -10.70 -69.31 69.08
N ASP D 1186 -9.90 -70.37 69.17
CA ASP D 1186 -9.87 -71.37 68.10
C ASP D 1186 -11.11 -72.26 68.12
N GLY D 1187 -11.63 -72.56 69.29
CA GLY D 1187 -12.83 -73.38 69.41
C GLY D 1187 -12.84 -74.09 70.75
N PHE D 1188 -13.76 -75.05 70.85
CA PHE D 1188 -13.92 -75.84 72.06
C PHE D 1188 -14.24 -77.28 71.68
N LEU D 1189 -13.93 -78.21 72.60
CA LEU D 1189 -14.16 -79.63 72.37
C LEU D 1189 -14.26 -80.33 73.71
N PRO D 1190 -15.09 -81.37 73.84
CA PRO D 1190 -15.26 -82.03 75.14
C PRO D 1190 -13.99 -82.75 75.60
N VAL D 1191 -13.84 -82.81 76.92
CA VAL D 1191 -12.68 -83.41 77.56
C VAL D 1191 -13.10 -83.94 78.93
N CYS D 1192 -12.54 -85.09 79.30
CA CYS D 1192 -12.79 -85.69 80.60
C CYS D 1192 -11.49 -86.28 81.13
N SER D 1193 -11.42 -86.39 82.46
CA SER D 1193 -10.27 -86.97 83.14
C SER D 1193 -10.76 -87.91 84.23
N LEU D 1194 -10.08 -89.04 84.37
CA LEU D 1194 -10.45 -90.07 85.34
C LEU D 1194 -9.24 -90.42 86.19
N GLY D 1195 -9.48 -90.69 87.48
CA GLY D 1195 -8.43 -91.12 88.37
C GLY D 1195 -8.26 -92.63 88.34
N PRO D 1196 -7.54 -93.17 89.31
CA PRO D 1196 -7.37 -94.63 89.39
C PRO D 1196 -8.67 -95.32 89.79
N GLY D 1197 -8.98 -96.41 89.10
CA GLY D 1197 -10.12 -97.25 89.43
C GLY D 1197 -11.48 -96.56 89.29
N GLN D 1198 -11.69 -95.84 88.18
CA GLN D 1198 -12.93 -95.12 87.95
C GLN D 1198 -13.54 -95.53 86.63
N VAL D 1199 -14.87 -95.59 86.59
CA VAL D 1199 -15.62 -96.01 85.42
C VAL D 1199 -16.57 -94.89 85.02
N GLY D 1200 -16.52 -94.49 83.75
CA GLY D 1200 -17.40 -93.46 83.23
C GLY D 1200 -17.98 -93.87 81.89
N HIS D 1201 -18.96 -93.10 81.44
CA HIS D 1201 -19.63 -93.31 80.17
C HIS D 1201 -19.94 -91.95 79.56
N LEU D 1202 -19.26 -91.61 78.47
CA LEU D 1202 -19.38 -90.31 77.85
C LEU D 1202 -20.29 -90.43 76.63
N ASN D 1203 -21.37 -89.65 76.61
CA ASN D 1203 -22.36 -89.68 75.54
C ASN D 1203 -22.32 -88.36 74.79
N LEU D 1204 -22.08 -88.43 73.49
CA LEU D 1204 -22.08 -87.28 72.61
C LEU D 1204 -23.42 -87.10 71.89
N GLY D 1205 -24.42 -87.89 72.24
CA GLY D 1205 -25.72 -87.82 71.60
C GLY D 1205 -25.72 -88.25 70.15
N GLN D 1206 -25.11 -89.42 69.87
CA GLN D 1206 -25.10 -89.94 68.51
C GLN D 1206 -26.51 -90.20 67.99
N ASP D 1207 -27.36 -90.78 68.82
CA ASP D 1207 -28.79 -90.90 68.55
C ASP D 1207 -29.58 -90.33 69.72
N VAL D 1208 -30.73 -89.71 69.39
CA VAL D 1208 -31.50 -88.99 70.40
C VAL D 1208 -32.12 -89.94 71.42
N SER D 1209 -32.47 -91.16 71.00
CA SER D 1209 -33.15 -92.10 71.89
C SER D 1209 -32.27 -92.51 73.07
N SER D 1210 -30.97 -92.70 72.83
CA SER D 1210 -30.07 -93.14 73.90
C SER D 1210 -29.80 -92.05 74.92
N LEU D 1211 -30.09 -90.78 74.60
CA LEU D 1211 -29.97 -89.71 75.58
C LEU D 1211 -30.96 -89.93 76.71
N ARG D 1212 -30.50 -89.73 77.95
CA ARG D 1212 -31.28 -90.15 79.11
C ARG D 1212 -32.44 -89.21 79.36
N PHE D 1213 -32.16 -87.96 79.74
CA PHE D 1213 -33.23 -87.04 80.11
C PHE D 1213 -33.64 -86.16 78.94
N PHE D 1214 -32.72 -85.32 78.46
CA PHE D 1214 -32.92 -84.40 77.33
C PHE D 1214 -34.13 -83.48 77.53
N ALA D 1215 -34.59 -83.31 78.77
CA ALA D 1215 -35.79 -82.53 79.06
C ALA D 1215 -35.48 -81.17 79.67
N ILE D 1216 -34.21 -80.77 79.69
CA ILE D 1216 -33.84 -79.49 80.27
C ILE D 1216 -33.22 -78.54 79.25
N CYS D 1217 -32.73 -79.03 78.11
CA CYS D 1217 -32.15 -78.18 77.09
C CYS D 1217 -32.62 -78.48 75.67
N GLY D 1218 -33.23 -79.64 75.43
CA GLY D 1218 -33.68 -79.99 74.10
C GLY D 1218 -35.11 -79.62 73.76
N LEU D 1219 -35.82 -78.93 74.66
CA LEU D 1219 -37.22 -78.60 74.44
C LEU D 1219 -37.38 -77.22 73.79
N GLN D 1220 -36.91 -76.18 74.46
CA GLN D 1220 -36.98 -74.81 73.96
C GLN D 1220 -35.65 -74.07 73.92
N GLU D 1221 -34.62 -74.54 74.62
CA GLU D 1221 -33.34 -73.85 74.58
C GLU D 1221 -32.66 -73.98 73.21
N GLY D 1222 -33.07 -74.95 72.40
CA GLY D 1222 -32.49 -75.15 71.09
C GLY D 1222 -31.17 -75.88 71.08
N PHE D 1223 -30.67 -76.30 72.24
CA PHE D 1223 -29.38 -76.99 72.29
C PHE D 1223 -29.50 -78.38 71.68
N GLU D 1224 -28.44 -78.78 70.97
CA GLU D 1224 -28.43 -80.02 70.23
C GLU D 1224 -27.22 -80.85 70.64
N PRO D 1225 -27.29 -82.17 70.48
CA PRO D 1225 -26.13 -83.01 70.79
C PRO D 1225 -24.94 -82.69 69.89
N PHE D 1226 -23.74 -82.91 70.44
CA PHE D 1226 -22.52 -82.53 69.75
C PHE D 1226 -22.34 -83.28 68.43
N ALA D 1227 -22.62 -84.58 68.44
CA ALA D 1227 -22.49 -85.43 67.26
C ALA D 1227 -23.87 -85.97 66.90
N ILE D 1228 -24.64 -85.20 66.14
CA ILE D 1228 -26.00 -85.58 65.78
C ILE D 1228 -26.13 -86.00 64.32
N ASN D 1229 -25.31 -85.45 63.43
CA ASN D 1229 -25.36 -85.76 62.01
C ASN D 1229 -24.08 -86.45 61.56
N MET D 1230 -23.60 -87.40 62.36
CA MET D 1230 -22.38 -88.13 62.08
C MET D 1230 -22.72 -89.58 61.73
N GLN D 1231 -22.18 -90.06 60.61
CA GLN D 1231 -22.40 -91.44 60.22
C GLN D 1231 -21.60 -92.41 61.08
N ARG D 1232 -20.46 -91.97 61.60
CA ARG D 1232 -19.55 -92.78 62.39
C ARG D 1232 -19.21 -92.04 63.68
N PRO D 1233 -18.87 -92.77 64.76
CA PRO D 1233 -18.55 -92.10 66.03
C PRO D 1233 -17.25 -91.31 66.00
N VAL D 1234 -16.94 -90.67 67.13
CA VAL D 1234 -15.78 -89.79 67.25
C VAL D 1234 -14.56 -90.62 67.62
N THR D 1235 -13.38 -90.13 67.21
CA THR D 1235 -12.14 -90.82 67.55
C THR D 1235 -11.89 -90.86 69.05
N THR D 1236 -12.13 -89.73 69.74
CA THR D 1236 -11.99 -89.59 71.19
C THR D 1236 -10.58 -89.98 71.65
N TRP D 1237 -9.62 -89.14 71.27
CA TRP D 1237 -8.22 -89.39 71.57
C TRP D 1237 -7.98 -89.41 73.08
N PHE D 1238 -6.88 -90.06 73.47
CA PHE D 1238 -6.60 -90.26 74.88
C PHE D 1238 -5.12 -90.03 75.15
N SER D 1239 -4.76 -90.01 76.44
CA SER D 1239 -3.41 -89.72 76.87
C SER D 1239 -2.72 -91.01 77.31
N LYS D 1240 -1.51 -91.23 76.80
CA LYS D 1240 -0.68 -92.38 77.16
C LYS D 1240 0.48 -91.94 78.03
N SER D 1241 0.84 -92.80 78.98
CA SER D 1241 1.90 -92.52 79.94
C SER D 1241 3.22 -93.20 79.56
N LEU D 1242 3.32 -93.75 78.36
CA LEU D 1242 4.57 -94.37 77.92
C LEU D 1242 5.57 -93.27 77.56
N PRO D 1243 6.74 -93.24 78.19
CA PRO D 1243 7.73 -92.21 77.87
C PRO D 1243 8.31 -92.38 76.48
N GLN D 1244 8.58 -91.25 75.83
CA GLN D 1244 9.11 -91.24 74.47
C GLN D 1244 10.11 -90.10 74.32
N PHE D 1245 11.04 -90.29 73.37
CA PHE D 1245 12.03 -89.26 73.07
C PHE D 1245 11.44 -88.23 72.11
N GLU D 1246 11.57 -86.95 72.47
CA GLU D 1246 11.07 -85.85 71.65
C GLU D 1246 12.13 -84.76 71.62
N PRO D 1247 12.21 -84.00 70.52
CA PRO D 1247 13.15 -82.88 70.48
C PRO D 1247 12.78 -81.81 71.49
N VAL D 1248 13.80 -81.17 72.06
CA VAL D 1248 13.58 -80.14 73.08
C VAL D 1248 12.96 -78.91 72.43
N PRO D 1249 11.89 -78.35 73.01
CA PRO D 1249 11.29 -77.14 72.44
C PRO D 1249 12.24 -75.96 72.56
N PRO D 1250 12.38 -75.16 71.50
CA PRO D 1250 13.21 -73.95 71.60
C PRO D 1250 12.70 -72.93 72.61
N GLU D 1251 11.40 -72.87 72.90
CA GLU D 1251 10.90 -72.01 73.97
C GLU D 1251 10.68 -72.89 75.21
N HIS D 1252 11.76 -73.09 75.96
CA HIS D 1252 11.72 -73.80 77.22
C HIS D 1252 12.27 -72.90 78.31
N PRO D 1253 11.49 -72.56 79.34
CA PRO D 1253 11.99 -71.64 80.38
C PRO D 1253 13.17 -72.18 81.17
N HIS D 1254 13.29 -73.51 81.32
CA HIS D 1254 14.31 -74.08 82.18
C HIS D 1254 15.59 -74.40 81.41
N TYR D 1255 15.49 -75.26 80.40
CA TYR D 1255 16.65 -75.76 79.69
C TYR D 1255 16.76 -75.10 78.31
N GLU D 1256 17.95 -74.62 77.99
CA GLU D 1256 18.24 -74.01 76.69
C GLU D 1256 19.45 -74.69 76.08
N VAL D 1257 19.38 -74.95 74.77
CA VAL D 1257 20.45 -75.61 74.03
C VAL D 1257 20.97 -74.63 72.98
N ALA D 1258 22.28 -74.40 72.99
CA ALA D 1258 22.93 -73.49 72.06
C ALA D 1258 24.01 -74.22 71.28
N ARG D 1259 24.06 -73.96 69.98
CA ARG D 1259 25.06 -74.56 69.11
C ARG D 1259 26.35 -73.75 69.14
N MET D 1260 27.48 -74.45 69.11
CA MET D 1260 28.79 -73.83 69.10
C MET D 1260 29.52 -74.23 67.83
N ASP D 1261 30.05 -73.24 67.11
CA ASP D 1261 30.78 -73.49 65.88
C ASP D 1261 32.14 -74.11 66.18
N GLY D 1262 32.63 -74.92 65.24
CA GLY D 1262 33.92 -75.55 65.40
C GLY D 1262 35.05 -74.55 65.26
N THR D 1263 35.86 -74.39 66.29
CA THR D 1263 36.97 -73.46 66.26
C THR D 1263 38.19 -74.13 65.63
N VAL D 1264 39.30 -73.36 65.56
CA VAL D 1264 40.53 -73.90 65.00
C VAL D 1264 41.10 -75.01 65.88
N ASP D 1265 41.13 -74.78 67.20
CA ASP D 1265 41.64 -75.75 68.14
C ASP D 1265 40.54 -76.49 68.89
N THR D 1266 39.27 -76.18 68.61
CA THR D 1266 38.16 -76.81 69.30
C THR D 1266 37.19 -77.40 68.28
N PRO D 1267 36.86 -78.69 68.38
CA PRO D 1267 35.86 -79.27 67.49
C PRO D 1267 34.47 -78.74 67.80
N PRO D 1268 33.53 -78.81 66.85
CA PRO D 1268 32.16 -78.37 67.15
C PRO D 1268 31.53 -79.18 68.27
N CYS D 1269 30.77 -78.49 69.12
CA CYS D 1269 30.19 -79.12 70.29
C CYS D 1269 28.83 -78.51 70.57
N LEU D 1270 28.01 -79.26 71.31
CA LEU D 1270 26.68 -78.84 71.71
C LEU D 1270 26.64 -78.71 73.22
N ARG D 1271 26.12 -77.58 73.71
CA ARG D 1271 26.12 -77.27 75.14
C ARG D 1271 24.70 -77.18 75.66
N LEU D 1272 24.49 -77.65 76.89
CA LEU D 1272 23.23 -77.53 77.60
C LEU D 1272 23.41 -76.59 78.77
N ALA D 1273 22.57 -75.56 78.84
CA ALA D 1273 22.65 -74.54 79.87
C ALA D 1273 21.34 -74.47 80.64
N HIS D 1274 21.45 -74.43 81.97
CA HIS D 1274 20.29 -74.32 82.85
C HIS D 1274 20.24 -72.90 83.40
N ARG D 1275 19.10 -72.23 83.21
CA ARG D 1275 18.94 -70.85 83.66
C ARG D 1275 17.82 -70.73 84.68
N UNK D 1276 18.16 -70.91 85.95
CA UNK D 1276 17.17 -70.82 87.03
C UNK D 1276 17.84 -70.50 88.36
N UNK D 1277 17.39 -69.43 89.00
CA UNK D 1277 17.88 -69.07 90.32
C UNK D 1277 17.25 -69.97 91.38
N UNK D 1278 16.03 -70.40 91.10
CA UNK D 1278 15.31 -71.33 91.98
C UNK D 1278 14.65 -72.42 91.13
N UNK D 1279 13.35 -72.25 90.88
CA UNK D 1279 12.55 -73.14 90.04
C UNK D 1279 12.62 -74.60 90.48
N UNK D 1280 12.90 -75.48 89.53
CA UNK D 1280 12.99 -76.91 89.82
C UNK D 1280 14.33 -77.47 89.35
N UNK D 1281 14.81 -78.49 90.05
CA UNK D 1281 16.08 -79.14 89.70
C UNK D 1281 15.90 -80.65 89.57
N UNK D 1282 14.94 -81.05 88.75
CA UNK D 1282 14.65 -82.47 88.55
C UNK D 1282 15.75 -83.13 87.71
N UNK D 1283 15.87 -84.44 87.83
CA UNK D 1283 16.89 -85.19 87.10
C UNK D 1283 16.51 -85.31 85.62
N UNK D 1284 17.26 -84.61 84.77
CA UNK D 1284 17.03 -84.68 83.32
C UNK D 1284 17.44 -86.04 82.78
N UNK D 1285 16.53 -87.00 82.86
CA UNK D 1285 16.81 -88.37 82.42
C UNK D 1285 16.96 -88.45 80.90
N UNK D 1286 18.11 -88.95 80.46
CA UNK D 1286 18.46 -89.17 79.05
C UNK D 1286 18.56 -87.89 78.22
N UNK D 1287 19.54 -87.89 77.31
CA UNK D 1287 19.76 -86.78 76.40
C UNK D 1287 20.37 -87.29 75.11
N UNK D 1288 19.68 -88.24 74.48
CA UNK D 1288 20.18 -88.89 73.28
C UNK D 1288 20.15 -87.97 72.07
N UNK D 1289 21.03 -88.23 71.11
CA UNK D 1289 21.11 -87.44 69.89
C UNK D 1289 20.03 -87.88 68.90
N UNK D 1290 20.01 -87.25 67.73
CA UNK D 1290 19.02 -87.55 66.71
C UNK D 1290 19.30 -88.87 66.01
N UNK D 1291 20.31 -88.88 65.14
CA UNK D 1291 20.67 -90.06 64.38
C UNK D 1291 21.33 -91.12 65.27
N UNK D 1292 21.35 -92.36 64.78
CA UNK D 1292 21.95 -93.47 65.52
C UNK D 1292 22.86 -94.29 64.62
N UNK D 1293 23.91 -94.85 65.22
CA UNK D 1293 24.86 -95.68 64.48
C UNK D 1293 24.41 -97.13 64.46
N UNK D 1294 24.89 -97.89 63.48
CA UNK D 1294 24.53 -99.30 63.36
C UNK D 1294 25.77 -100.16 63.14
N UNK D 1295 25.82 -101.30 63.81
CA UNK D 1295 26.94 -102.22 63.69
C UNK D 1295 26.88 -102.97 62.36
N UNK D 1296 28.04 -103.41 61.88
CA UNK D 1296 28.11 -104.13 60.61
C UNK D 1296 27.55 -105.54 60.75
N UNK D 1297 26.96 -106.03 59.66
CA UNK D 1297 26.37 -107.36 59.64
C UNK D 1297 27.45 -108.44 59.59
N UNK D 1298 34.17 -111.25 62.99
CA UNK D 1298 33.23 -110.83 61.95
C UNK D 1298 32.74 -109.40 62.21
N UNK D 1299 31.92 -109.24 63.23
CA UNK D 1299 31.38 -107.93 63.59
C UNK D 1299 32.45 -107.08 64.28
N UNK D 1300 33.30 -107.74 65.07
CA UNK D 1300 34.38 -107.09 65.82
C UNK D 1300 33.87 -105.97 66.73
N UNK D 1301 32.70 -106.19 67.33
CA UNK D 1301 32.09 -105.20 68.20
C UNK D 1301 32.62 -105.33 69.63
N UNK D 1302 33.29 -104.28 70.11
CA UNK D 1302 33.83 -104.27 71.45
C UNK D 1302 33.97 -102.84 71.97
N UNK D 1303 32.97 -102.40 72.73
CA UNK D 1303 32.98 -101.05 73.30
C UNK D 1303 34.03 -100.94 74.39
N UNK D 1304 34.54 -99.73 74.58
CA UNK D 1304 35.57 -99.49 75.59
C UNK D 1304 35.58 -98.02 76.02
N UNK D 1305 35.13 -97.76 77.24
CA UNK D 1305 35.10 -96.40 77.78
C UNK D 1305 36.49 -95.99 78.25
N UNK D 1306 37.00 -94.90 77.68
CA UNK D 1306 38.33 -94.41 78.04
C UNK D 1306 38.25 -93.00 78.62
N UNK D 1307 38.59 -92.87 79.90
CA UNK D 1307 38.58 -91.59 80.57
C UNK D 1307 40.01 -91.10 80.82
N UNK D 1308 40.36 -89.98 80.18
CA UNK D 1308 41.69 -89.37 80.27
C UNK D 1308 42.80 -90.35 79.90
N UNK D 1309 43.21 -91.17 80.86
CA UNK D 1309 44.23 -92.18 80.63
C UNK D 1309 43.61 -93.47 80.10
N UNK D 1310 43.10 -94.28 81.02
CA UNK D 1310 42.46 -95.55 80.64
C UNK D 1310 41.44 -95.96 81.70
N UNK D 1311 40.63 -96.96 81.37
CA UNK D 1311 39.61 -97.47 82.28
C UNK D 1311 39.31 -98.93 81.99
N UNK D 1312 38.76 -99.63 82.99
CA UNK D 1312 38.42 -101.04 82.85
C UNK D 1312 36.93 -101.26 83.08
N UNK D 1313 36.12 -100.92 82.07
CA UNK D 1313 34.68 -101.08 82.16
C UNK D 1313 34.20 -102.27 81.33
N UNK D 1314 35.16 -103.02 80.80
CA UNK D 1314 34.90 -104.22 80.00
C UNK D 1314 34.01 -103.96 78.77
N UNK D 1315 32.71 -103.79 79.02
CA UNK D 1315 31.69 -103.59 77.98
C UNK D 1315 31.65 -104.76 76.99
N UNK D 1316 30.70 -105.67 77.22
CA UNK D 1316 30.58 -106.89 76.43
C UNK D 1316 30.25 -106.62 74.97
N UNK D 1317 30.48 -107.63 74.13
CA UNK D 1317 30.26 -107.52 72.70
C UNK D 1317 28.76 -107.44 72.37
N UNK D 1318 28.44 -106.68 71.33
CA UNK D 1318 27.05 -106.54 70.89
C UNK D 1318 26.66 -107.70 69.98
N UNK D 1319 25.48 -107.61 69.38
CA UNK D 1319 24.99 -108.66 68.48
C UNK D 1319 25.58 -108.51 67.09
N UNK D 1320 24.73 -108.73 66.08
CA UNK D 1320 25.17 -108.62 64.69
C UNK D 1320 24.83 -107.24 64.12
N UNK D 1321 23.58 -107.06 63.72
CA UNK D 1321 23.13 -105.79 63.16
C UNK D 1321 22.42 -104.95 64.21
N UNK D 1322 23.05 -104.78 65.36
CA UNK D 1322 22.48 -103.99 66.44
C UNK D 1322 22.66 -102.50 66.16
N UNK D 1323 21.74 -101.69 66.70
CA UNK D 1323 21.79 -100.25 66.50
C UNK D 1323 21.84 -99.52 67.85
N UNK D 1324 22.87 -98.70 68.03
CA UNK D 1324 23.04 -97.95 69.28
C UNK D 1324 23.13 -96.46 69.01
N UNK D 1325 22.71 -95.66 69.99
CA UNK D 1325 22.76 -94.21 69.88
C UNK D 1325 23.46 -93.61 71.09
N UNK D 1326 24.16 -92.49 70.88
CA UNK D 1326 24.86 -91.81 71.96
C UNK D 1326 23.87 -91.13 72.90
N UNK D 1327 24.22 -91.07 74.18
CA UNK D 1327 23.34 -90.47 75.18
C UNK D 1327 24.12 -89.94 76.37
N UNK D 1328 23.43 -89.20 77.24
CA UNK D 1328 24.05 -88.63 78.44
C UNK D 1328 22.98 -88.31 79.48
N UNK D 1329 22.75 -89.24 80.40
CA UNK D 1329 21.74 -89.07 81.43
C UNK D 1329 22.36 -88.50 82.71
N UNK D 1330 22.40 -87.18 82.81
CA UNK D 1330 22.99 -86.51 83.96
C UNK D 1330 21.95 -85.67 84.71
N UNK D 1331 22.33 -85.19 85.88
CA UNK D 1331 21.44 -84.36 86.69
C UNK D 1331 21.99 -82.94 86.80
N UNK D 1332 21.10 -81.97 87.00
CA UNK D 1332 21.49 -80.57 87.11
C UNK D 1332 22.16 -80.29 88.44
N UNK D 1333 22.99 -79.24 88.48
CA UNK D 1333 23.70 -78.86 89.70
C UNK D 1333 23.56 -77.37 89.96
N UNK D 1334 22.48 -76.78 89.45
CA UNK D 1334 22.17 -75.35 89.60
C UNK D 1334 23.30 -74.45 89.12
N UNK D 1335 23.88 -74.80 87.97
CA UNK D 1335 24.97 -74.02 87.39
C UNK D 1335 25.03 -74.22 85.88
N UNK D 1336 25.94 -75.05 85.43
CA UNK D 1336 26.08 -75.35 84.01
C UNK D 1336 26.12 -76.86 83.79
N UNK D 1337 25.31 -77.36 82.86
CA UNK D 1337 25.24 -78.79 82.59
C UNK D 1337 26.40 -79.25 81.71
N UNK D 1338 26.31 -80.50 81.25
CA UNK D 1338 27.37 -81.09 80.44
C UNK D 1338 27.34 -80.54 79.01
N UNK D 1339 28.38 -80.87 78.24
CA UNK D 1339 28.49 -80.42 76.86
C UNK D 1339 29.09 -81.51 75.98
N UNK D 1340 28.26 -82.06 75.09
CA UNK D 1340 28.71 -83.12 74.19
C UNK D 1340 29.60 -82.54 73.09
N UNK D 1341 30.72 -83.19 72.83
CA UNK D 1341 31.67 -82.73 71.83
C UNK D 1341 32.14 -83.87 70.93
N UNK D 1342 31.80 -83.80 69.65
CA UNK D 1342 32.23 -84.80 68.68
C UNK D 1342 33.59 -84.44 68.10
N UNK D 1343 34.54 -85.37 68.20
CA UNK D 1343 35.88 -85.13 67.70
C UNK D 1343 36.52 -86.42 67.20
N UNK D 1344 37.86 -86.42 67.16
CA UNK D 1344 38.61 -87.59 66.70
C UNK D 1344 39.99 -87.62 67.35
N UNK D 1345 40.45 -88.82 67.71
CA UNK D 1345 41.75 -88.98 68.33
C UNK D 1345 42.85 -89.09 67.27
N UNK D 1346 43.70 -90.10 67.40
CA UNK D 1346 44.77 -90.32 66.43
C UNK D 1346 44.20 -90.88 65.13
N UNK D 1347 43.45 -91.96 65.23
CA UNK D 1347 42.84 -92.59 64.07
C UNK D 1347 41.61 -93.40 64.47
N UNK D 1348 40.82 -92.85 65.39
CA UNK D 1348 39.63 -93.53 65.87
C UNK D 1348 38.49 -92.54 66.15
N UNK D 1349 37.29 -93.06 66.36
CA UNK D 1349 36.13 -92.23 66.63
C UNK D 1349 35.70 -92.35 68.09
N UNK D 1350 35.21 -91.24 68.65
CA UNK D 1350 34.77 -91.21 70.03
C UNK D 1350 33.77 -90.08 70.28
N UNK D 1351 33.15 -90.09 71.46
CA UNK D 1351 32.20 -89.05 71.84
C UNK D 1351 32.60 -88.44 73.17
N UNK D 1352 33.21 -87.25 73.12
CA UNK D 1352 33.70 -86.59 74.33
C UNK D 1352 32.58 -85.88 75.08
N UNK D 1353 32.85 -85.57 76.34
CA UNK D 1353 31.89 -84.87 77.19
C UNK D 1353 32.62 -84.12 78.31
N UNK D 1354 31.95 -83.14 78.89
CA UNK D 1354 32.55 -82.34 79.96
C UNK D 1354 31.59 -82.22 81.15
N UNK D 1355 31.89 -82.96 82.21
CA UNK D 1355 31.05 -82.95 83.41
C UNK D 1355 31.44 -81.80 84.35
N UNK D 1356 30.70 -81.66 85.44
CA UNK D 1356 30.96 -80.62 86.42
C UNK D 1356 30.46 -81.03 87.81
N UNK D 1357 30.30 -82.33 88.01
CA UNK D 1357 29.82 -82.84 89.28
C UNK D 1357 30.34 -84.26 89.52
N UNK D 1358 29.60 -85.04 90.29
CA UNK D 1358 29.98 -86.42 90.60
C UNK D 1358 29.07 -87.42 89.91
N UNK D 1359 27.78 -87.37 90.24
CA UNK D 1359 26.81 -88.30 89.66
C UNK D 1359 26.32 -87.80 88.31
N UNK D 1360 26.92 -88.31 87.24
CA UNK D 1360 26.55 -87.92 85.89
C UNK D 1360 26.96 -88.98 84.88
N UNK D 1361 26.22 -90.09 84.85
CA UNK D 1361 26.50 -91.18 83.92
C UNK D 1361 26.20 -90.77 82.48
N UNK D 1362 27.08 -91.14 81.56
CA UNK D 1362 26.91 -90.76 80.15
C UNK D 1362 27.62 -91.73 79.21
N UNK D 1363 26.84 -92.47 78.44
CA UNK D 1363 27.37 -93.38 77.43
C UNK D 1363 26.29 -93.71 76.40
N UNK D 1364 26.55 -94.73 75.57
CA UNK D 1364 25.63 -95.11 74.52
C UNK D 1364 24.40 -95.83 75.06
N UNK D 1365 23.28 -95.67 74.39
CA UNK D 1365 22.03 -96.32 74.79
C UNK D 1365 21.43 -97.10 73.62
N UNK D 1366 20.46 -97.95 73.93
CA UNK D 1366 19.82 -98.78 72.91
C UNK D 1366 18.74 -98.01 72.15
N UNK D 1367 18.02 -98.71 71.29
CA UNK D 1367 16.96 -98.09 70.48
C UNK D 1367 15.58 -98.37 71.06
N UNK D 1368 15.56 -98.90 72.28
CA UNK D 1368 14.29 -99.20 72.94
C UNK D 1368 14.42 -98.99 74.45
N UNK D 1369 14.87 -97.80 74.83
CA UNK D 1369 15.06 -97.47 76.25
C UNK D 1369 13.97 -96.53 76.75
N UNK D 1370 13.09 -97.07 77.59
CA UNK D 1370 12.01 -96.29 78.17
C UNK D 1370 12.14 -96.25 79.69
N UNK D 1371 11.00 -96.19 80.38
CA UNK D 1371 10.92 -96.19 81.85
C UNK D 1371 11.74 -95.08 82.49
N UNK D 1372 11.16 -93.89 82.59
CA UNK D 1372 11.81 -92.75 83.23
C UNK D 1372 11.88 -92.95 84.74
N UNK D 1373 13.00 -93.46 85.22
CA UNK D 1373 13.17 -93.75 86.64
C UNK D 1373 13.35 -92.46 87.44
N UNK D 1374 13.25 -92.58 88.76
CA UNK D 1374 13.39 -91.43 89.65
C UNK D 1374 14.86 -91.15 89.96
N UNK D 1375 15.57 -92.20 90.38
CA UNK D 1375 16.99 -92.07 90.72
C UNK D 1375 17.71 -93.40 90.57
N UNK D 1376 18.94 -93.44 91.11
CA UNK D 1376 19.80 -94.63 91.12
C UNK D 1376 20.08 -95.18 89.72
N UNK D 1377 20.60 -96.42 89.68
CA UNK D 1377 20.92 -97.06 88.41
C UNK D 1377 20.05 -98.31 88.22
N UNK D 1378 20.69 -99.48 88.24
CA UNK D 1378 20.03 -100.78 88.08
C UNK D 1378 19.23 -100.87 86.79
N UNK D 1379 19.90 -101.15 85.69
CA UNK D 1379 19.25 -101.26 84.38
C UNK D 1379 18.71 -102.67 84.18
N UNK D 1380 17.88 -102.83 83.16
CA UNK D 1380 17.29 -104.13 82.85
C UNK D 1380 18.25 -104.99 82.05
N UNK D 1381 18.38 -106.26 82.43
CA UNK D 1381 19.28 -107.18 81.76
C UNK D 1381 18.83 -108.62 81.92
N UNK D 1382 19.32 -109.49 81.03
CA UNK D 1382 19.00 -110.91 81.08
C UNK D 1382 20.13 -111.72 80.46
N UNK D 1383 19.97 -113.04 80.44
CA UNK D 1383 20.99 -113.92 79.89
C UNK D 1383 20.39 -115.22 79.37
N UNK D 1384 20.21 -115.30 78.05
CA UNK D 1384 19.69 -116.50 77.42
C UNK D 1384 20.82 -117.50 77.16
N UNK D 1385 21.00 -118.43 78.10
CA UNK D 1385 22.08 -119.40 77.99
C UNK D 1385 21.57 -120.75 77.49
N UNK D 1386 21.78 -121.02 76.20
CA UNK D 1386 21.37 -122.28 75.60
C UNK D 1386 22.40 -123.37 75.89
N UNK D 1387 22.09 -124.59 75.49
CA UNK D 1387 22.99 -125.72 75.71
C UNK D 1387 22.83 -126.78 74.62
N UNK D 1388 23.22 -128.00 74.93
CA UNK D 1388 23.12 -129.10 73.99
C UNK D 1388 22.11 -130.15 74.47
N UNK D 1389 22.43 -131.42 74.25
CA UNK D 1389 21.55 -132.51 74.69
C UNK D 1389 21.63 -132.69 76.20
N UNK D 1390 22.77 -132.32 76.78
CA UNK D 1390 22.96 -132.42 78.22
C UNK D 1390 23.49 -131.10 78.78
N UNK D 1391 24.46 -131.19 79.68
CA UNK D 1391 25.06 -129.99 80.28
C UNK D 1391 26.49 -129.82 79.78
N UNK D 1392 26.79 -130.41 78.62
CA UNK D 1392 28.13 -130.34 78.05
C UNK D 1392 28.36 -129.00 77.37
N UNK D 1393 27.92 -128.89 76.12
CA UNK D 1393 28.12 -127.67 75.34
C UNK D 1393 27.19 -126.56 75.83
N UNK D 1394 27.65 -125.32 75.68
CA UNK D 1394 26.87 -124.16 76.10
C UNK D 1394 27.29 -122.91 75.34
N UNK D 1395 26.29 -122.14 74.89
CA UNK D 1395 26.54 -120.90 74.18
C UNK D 1395 25.79 -119.75 74.84
N UNK D 1396 26.25 -119.35 76.02
CA UNK D 1396 25.61 -118.30 76.80
C UNK D 1396 25.81 -116.93 76.17
N UNK D 1397 24.71 -116.26 75.87
CA UNK D 1397 24.76 -114.92 75.30
C UNK D 1397 23.97 -113.93 76.16
N UNK D 1398 24.65 -112.89 76.63
CA UNK D 1398 24.01 -111.87 77.45
C UNK D 1398 23.01 -111.06 76.62
N UNK D 1399 21.81 -110.89 77.16
CA UNK D 1399 20.75 -110.17 76.46
C UNK D 1399 21.10 -108.69 76.32
N UNK D 1400 20.63 -108.08 75.24
CA UNK D 1400 20.91 -106.67 74.97
C UNK D 1400 20.18 -105.77 75.97
N UNK D 1401 20.94 -105.12 76.84
CA UNK D 1401 20.38 -104.23 77.84
C UNK D 1401 19.83 -102.96 77.18
N UNK D 1402 18.90 -102.31 77.87
CA UNK D 1402 18.28 -101.09 77.35
C UNK D 1402 19.24 -99.91 77.41
N UNK D 1403 20.25 -100.00 78.26
CA UNK D 1403 21.22 -98.92 78.41
C UNK D 1403 22.59 -99.45 78.84
N UNK D 1404 23.61 -99.13 78.06
CA UNK D 1404 24.98 -99.51 78.40
C UNK D 1404 25.75 -98.28 78.85
N UNK D 1405 25.56 -97.87 80.09
CA UNK D 1405 26.16 -96.65 80.61
C UNK D 1405 27.40 -96.92 81.44
N UNK D 1406 28.17 -95.87 81.69
CA UNK D 1406 29.38 -95.97 82.51
C UNK D 1406 29.09 -95.52 83.93
N UNK D 1407 30.03 -95.80 84.84
CA UNK D 1407 29.86 -95.46 86.25
C UNK D 1407 30.08 -93.98 86.51
N UNK D 1408 30.89 -93.35 85.66
CA UNK D 1408 31.19 -91.91 85.71
C UNK D 1408 31.81 -91.44 87.02
N UNK D 1409 31.09 -91.60 88.13
CA UNK D 1409 31.56 -91.15 89.44
C UNK D 1409 32.67 -92.03 90.00
N UNK D 1410 32.96 -93.14 89.33
CA UNK D 1410 34.02 -94.05 89.77
C UNK D 1410 35.39 -93.55 89.33
N UNK D 1411 35.41 -92.51 88.52
CA UNK D 1411 36.67 -91.93 88.03
C UNK D 1411 36.97 -90.60 88.72
N UNK D 1412 36.75 -90.57 90.04
CA UNK D 1412 37.00 -89.36 90.81
C UNK D 1412 37.31 -89.71 92.26
N UNK D 1413 38.29 -89.03 92.84
CA UNK D 1413 38.70 -89.26 94.21
C UNK D 1413 39.22 -87.98 94.86
N UNK D 1414 38.60 -86.86 94.51
CA UNK D 1414 39.00 -85.56 95.04
C UNK D 1414 37.78 -84.73 95.42
N UNK D 1415 37.80 -83.45 95.05
CA UNK D 1415 36.69 -82.55 95.35
C UNK D 1415 36.28 -81.75 94.11
N UNK D 1416 36.59 -82.31 92.93
CA UNK D 1416 36.25 -81.71 91.63
C UNK D 1416 36.82 -80.30 91.47
N UNK D 1417 38.07 -80.21 91.05
CA UNK D 1417 38.73 -78.92 90.86
C UNK D 1417 38.82 -78.57 89.37
N UNK D 1418 38.83 -79.59 88.52
CA UNK D 1418 38.92 -79.40 87.08
C UNK D 1418 37.72 -79.99 86.36
N UNK D 1419 37.94 -80.49 85.15
CA UNK D 1419 36.88 -81.08 84.35
C UNK D 1419 37.35 -82.39 83.72
N UNK D 1420 36.53 -83.44 83.86
CA UNK D 1420 36.86 -84.74 83.31
C UNK D 1420 36.35 -84.90 81.88
N UNK D 1421 36.73 -85.99 81.24
CA UNK D 1421 36.32 -86.25 79.86
C UNK D 1421 36.32 -87.75 79.56
N UNK D 1422 35.20 -88.25 79.04
CA UNK D 1422 35.08 -89.65 78.68
C UNK D 1422 35.02 -89.80 77.16
N UNK D 1423 34.90 -91.03 76.69
CA UNK D 1423 34.85 -91.31 75.26
C UNK D 1423 34.16 -92.64 74.96
N UNK D 1424 34.25 -93.07 73.71
CA UNK D 1424 33.65 -94.33 73.27
C UNK D 1424 34.70 -95.21 72.62
N UNK D 1425 34.28 -96.00 71.63
CA UNK D 1425 35.19 -96.89 70.92
C UNK D 1425 34.72 -97.20 69.50
N UNK D 1426 35.62 -97.05 68.55
CA UNK D 1426 35.33 -97.36 67.14
C UNK D 1426 36.62 -97.65 66.39
N UNK D 1427 36.49 -98.20 65.20
CA UNK D 1427 37.67 -98.54 64.38
C UNK D 1427 37.43 -98.23 62.91
N UNK D 1428 38.49 -97.85 62.22
CA UNK D 1428 38.42 -97.53 60.79
C UNK D 1428 39.31 -98.48 59.99
N UNK D 1429 39.08 -98.53 58.68
CA UNK D 1429 39.85 -99.40 57.80
C UNK D 1429 40.60 -98.60 56.75
N UNK D 1430 41.03 -97.40 57.12
CA UNK D 1430 41.76 -96.52 56.21
C UNK D 1430 42.90 -95.82 56.93
N UNK D 1431 44.04 -96.49 57.01
CA UNK D 1431 45.21 -95.92 57.66
C UNK D 1431 46.25 -95.47 56.63
N UNK D 1432 46.54 -94.17 56.62
CA UNK D 1432 47.50 -93.60 55.68
C UNK D 1432 48.30 -92.48 56.34
N MET D 1573 36.79 -91.90 60.09
CA MET D 1573 37.62 -91.64 61.27
C MET D 1573 36.91 -90.90 62.42
N PRO D 1574 36.10 -89.83 62.15
CA PRO D 1574 35.33 -89.25 63.25
C PRO D 1574 33.99 -89.95 63.45
N LEU D 1575 33.19 -89.44 64.39
CA LEU D 1575 31.89 -90.05 64.69
C LEU D 1575 30.91 -89.87 63.54
N SER D 1576 30.90 -88.69 62.91
CA SER D 1576 29.90 -88.37 61.90
C SER D 1576 30.19 -89.02 60.54
N ALA D 1577 31.38 -89.56 60.33
CA ALA D 1577 31.72 -90.14 59.03
C ALA D 1577 30.96 -91.44 58.80
N ALA D 1578 30.94 -92.33 59.79
CA ALA D 1578 30.34 -93.64 59.66
C ALA D 1578 28.85 -93.65 59.96
N MET D 1579 28.27 -92.52 60.34
CA MET D 1579 26.87 -92.44 60.71
C MET D 1579 25.96 -91.99 59.57
N PHE D 1580 26.47 -91.15 58.67
CA PHE D 1580 25.66 -90.58 57.61
C PHE D 1580 25.90 -91.21 56.24
N LEU D 1581 26.87 -92.10 56.11
CA LEU D 1581 27.20 -92.90 54.93
C LEU D 1581 27.48 -92.06 53.68
N SER D 1582 27.61 -90.75 53.81
CA SER D 1582 27.95 -89.88 52.70
C SER D 1582 29.33 -89.24 52.81
N GLU D 1583 29.81 -89.05 54.04
CA GLU D 1583 31.14 -88.49 54.29
C GLU D 1583 32.04 -89.50 54.99
N ARG D 1584 31.85 -90.80 54.67
CA ARG D 1584 32.69 -91.84 55.28
C ARG D 1584 34.15 -91.69 54.87
N LYS D 1585 34.40 -91.36 53.61
CA LYS D 1585 35.77 -91.15 53.15
C LYS D 1585 36.40 -89.92 53.80
N ASN D 1586 35.62 -88.85 53.97
CA ASN D 1586 36.14 -87.62 54.54
C ASN D 1586 36.36 -87.78 56.04
N PRO D 1587 37.57 -87.56 56.55
CA PRO D 1587 37.82 -87.67 58.00
C PRO D 1587 37.55 -86.40 58.79
N ALA D 1588 37.10 -85.33 58.15
CA ALA D 1588 36.84 -84.08 58.86
C ALA D 1588 35.51 -84.16 59.61
N PRO D 1589 35.50 -83.95 60.92
CA PRO D 1589 34.23 -83.96 61.66
C PRO D 1589 33.35 -82.77 61.28
N GLN D 1590 32.05 -82.97 61.38
CA GLN D 1590 31.08 -81.94 61.06
C GLN D 1590 29.78 -82.23 61.78
N CYS D 1591 28.94 -81.20 61.90
CA CYS D 1591 27.66 -81.29 62.59
C CYS D 1591 26.55 -80.78 61.68
N PRO D 1592 25.97 -81.64 60.85
CA PRO D 1592 24.84 -81.24 60.01
C PRO D 1592 23.63 -80.91 60.86
N PRO D 1593 22.67 -80.13 60.32
CA PRO D 1593 21.53 -79.69 61.15
C PRO D 1593 20.60 -80.81 61.59
N ARG D 1594 20.71 -82.01 60.99
CA ARG D 1594 19.84 -83.11 61.39
C ARG D 1594 20.09 -83.53 62.83
N LEU D 1595 21.34 -83.48 63.28
CA LEU D 1595 21.67 -83.82 64.65
C LEU D 1595 21.10 -82.77 65.61
N GLU D 1596 20.51 -83.25 66.70
CA GLU D 1596 19.90 -82.38 67.69
C GLU D 1596 19.82 -83.12 69.02
N VAL D 1597 19.59 -82.35 70.08
CA VAL D 1597 19.47 -82.90 71.43
C VAL D 1597 18.00 -83.22 71.69
N GLN D 1598 17.74 -84.44 72.16
CA GLN D 1598 16.39 -84.90 72.46
C GLN D 1598 16.25 -85.17 73.95
N MET D 1599 15.02 -85.06 74.45
CA MET D 1599 14.72 -85.25 75.86
C MET D 1599 13.56 -86.23 76.00
N LEU D 1600 13.48 -86.84 77.18
CA LEU D 1600 12.45 -87.82 77.48
C LEU D 1600 11.19 -87.13 77.98
N MET D 1601 10.05 -87.46 77.38
CA MET D 1601 8.76 -86.94 77.79
C MET D 1601 7.90 -88.08 78.32
N PRO D 1602 7.33 -87.95 79.52
CA PRO D 1602 6.66 -89.10 80.15
C PRO D 1602 5.29 -89.41 79.57
N VAL D 1603 4.61 -88.41 79.00
CA VAL D 1603 3.25 -88.59 78.51
C VAL D 1603 3.15 -88.08 77.08
N SER D 1604 2.14 -88.58 76.38
CA SER D 1604 1.90 -88.21 74.99
C SER D 1604 0.44 -88.46 74.65
N TRP D 1605 0.06 -88.08 73.43
CA TRP D 1605 -1.28 -88.32 72.93
C TRP D 1605 -1.32 -89.61 72.12
N SER D 1606 -2.52 -90.18 72.00
CA SER D 1606 -2.70 -91.40 71.22
C SER D 1606 -4.14 -91.51 70.77
N ARG D 1607 -4.36 -92.35 69.78
CA ARG D 1607 -5.67 -92.52 69.15
C ARG D 1607 -6.25 -93.87 69.52
N MET D 1608 -7.52 -93.86 69.92
CA MET D 1608 -8.24 -95.10 70.18
C MET D 1608 -8.57 -95.80 68.87
N PRO D 1609 -8.31 -97.11 68.76
CA PRO D 1609 -8.73 -97.84 67.56
C PRO D 1609 -10.24 -97.86 67.42
N ASN D 1610 -10.71 -97.91 66.16
CA ASN D 1610 -12.15 -97.89 65.90
C ASN D 1610 -12.82 -99.17 66.37
N HIS D 1611 -12.14 -100.31 66.26
CA HIS D 1611 -12.70 -101.59 66.65
C HIS D 1611 -11.68 -102.37 67.48
N PHE D 1612 -12.18 -103.26 68.32
CA PHE D 1612 -11.36 -104.04 69.22
C PHE D 1612 -11.74 -105.51 69.14
N LEU D 1613 -10.77 -106.36 69.48
CA LEU D 1613 -11.00 -107.80 69.44
C LEU D 1613 -11.94 -108.24 70.57
N GLN D 1614 -12.77 -109.24 70.27
CA GLN D 1614 -13.68 -109.81 71.25
C GLN D 1614 -13.14 -111.16 71.70
N VAL D 1615 -12.86 -111.28 73.00
CA VAL D 1615 -12.34 -112.51 73.60
C VAL D 1615 -13.33 -112.97 74.66
N GLU D 1616 -13.69 -114.25 74.60
CA GLU D 1616 -14.64 -114.84 75.54
C GLU D 1616 -13.90 -115.78 76.47
N THR D 1617 -14.06 -115.57 77.77
CA THR D 1617 -13.42 -116.38 78.81
C THR D 1617 -14.50 -117.10 79.60
N ARG D 1618 -14.42 -118.43 79.66
CA ARG D 1618 -15.41 -119.22 80.36
C ARG D 1618 -14.73 -120.34 81.14
N ARG D 1619 -15.29 -120.66 82.31
CA ARG D 1619 -14.74 -121.70 83.17
C ARG D 1619 -15.52 -122.99 83.03
N GLY D 1625 -12.67 -124.52 83.50
CA GLY D 1625 -11.58 -124.81 82.59
C GLY D 1625 -10.74 -123.59 82.24
N TRP D 1626 -11.30 -122.40 82.47
CA TRP D 1626 -10.64 -121.12 82.20
C TRP D 1626 -10.20 -121.01 80.74
N ALA D 1627 -11.04 -121.52 79.84
CA ALA D 1627 -10.74 -121.47 78.42
C ALA D 1627 -11.12 -120.12 77.84
N VAL D 1628 -10.27 -119.62 76.93
CA VAL D 1628 -10.50 -118.33 76.28
C VAL D 1628 -10.48 -118.54 74.77
N GLN D 1629 -11.41 -117.89 74.08
CA GLN D 1629 -11.58 -118.05 72.65
C GLN D 1629 -11.76 -116.70 71.97
N CYS D 1630 -11.24 -116.62 70.73
CA CYS D 1630 -11.41 -115.46 69.87
C CYS D 1630 -11.47 -115.94 68.43
N GLN D 1631 -12.43 -115.41 67.66
CA GLN D 1631 -12.65 -115.84 66.28
C GLN D 1631 -13.00 -114.67 65.37
N ASP D 1632 -12.47 -113.48 65.62
CA ASP D 1632 -12.76 -112.31 64.82
C ASP D 1632 -11.45 -111.72 64.31
N PRO D 1633 -11.23 -111.65 62.99
CA PRO D 1633 -9.98 -111.09 62.47
C PRO D 1633 -10.09 -109.59 62.18
N LEU D 1634 -9.01 -108.88 62.51
CA LEU D 1634 -8.93 -107.44 62.27
C LEU D 1634 -7.57 -107.10 61.70
N THR D 1635 -7.55 -106.14 60.77
CA THR D 1635 -6.32 -105.68 60.13
C THR D 1635 -6.30 -104.16 60.10
N MET D 1636 -5.09 -103.60 60.09
CA MET D 1636 -4.93 -102.15 59.98
C MET D 1636 -3.58 -101.86 59.34
N MET D 1637 -3.49 -100.66 58.74
CA MET D 1637 -2.28 -100.23 58.07
C MET D 1637 -1.35 -99.54 59.05
N ALA D 1638 -0.04 -99.81 58.91
CA ALA D 1638 0.97 -99.28 59.82
C ALA D 1638 2.01 -98.49 59.04
N LEU D 1639 2.37 -97.33 59.58
CA LEU D 1639 3.43 -96.49 59.04
C LEU D 1639 4.67 -96.64 59.91
N HIS D 1640 5.80 -96.93 59.29
CA HIS D 1640 7.03 -97.27 59.99
C HIS D 1640 8.06 -96.16 59.80
N ILE D 1641 8.64 -95.70 60.90
CA ILE D 1641 9.78 -94.79 60.90
C ILE D 1641 11.04 -95.63 61.12
N PRO D 1642 11.91 -95.78 60.13
CA PRO D 1642 13.08 -96.67 60.30
C PRO D 1642 14.16 -96.08 61.18
N GLU D 1643 14.37 -94.76 61.13
CA GLU D 1643 15.45 -94.15 61.91
C GLU D 1643 15.22 -94.31 63.41
N GLU D 1644 13.98 -94.12 63.86
CA GLU D 1644 13.62 -94.40 65.24
C GLU D 1644 13.15 -95.83 65.45
N ASN D 1645 12.99 -96.59 64.36
CA ASN D 1645 12.59 -98.00 64.39
C ASN D 1645 11.27 -98.19 65.15
N ARG D 1646 10.28 -97.39 64.79
CA ARG D 1646 9.00 -97.41 65.49
C ARG D 1646 7.84 -97.32 64.50
N CYS D 1647 6.77 -98.06 64.76
CA CYS D 1647 5.61 -98.07 63.89
C CYS D 1647 4.41 -97.47 64.60
N MET D 1648 3.58 -96.77 63.83
CA MET D 1648 2.40 -96.09 64.36
C MET D 1648 1.25 -96.23 63.36
N ASP D 1649 0.04 -95.98 63.84
CA ASP D 1649 -1.13 -96.05 62.99
C ASP D 1649 -1.10 -94.95 61.94
N ILE D 1650 -1.50 -95.29 60.71
CA ILE D 1650 -1.55 -94.30 59.65
C ILE D 1650 -2.80 -93.43 59.75
N LEU D 1651 -3.84 -93.91 60.43
CA LEU D 1651 -5.00 -93.07 60.71
C LEU D 1651 -4.69 -92.00 61.74
N GLU D 1652 -3.63 -92.20 62.54
CA GLU D 1652 -3.18 -91.20 63.49
C GLU D 1652 -2.56 -89.99 62.79
N LEU D 1653 -2.16 -90.13 61.52
CA LEU D 1653 -1.42 -89.12 60.79
C LEU D 1653 -2.21 -87.85 60.54
N SER D 1654 -3.53 -87.86 60.74
CA SER D 1654 -4.35 -86.69 60.44
C SER D 1654 -4.03 -85.50 61.35
N GLU D 1655 -3.49 -85.76 62.54
CA GLU D 1655 -3.18 -84.70 63.49
C GLU D 1655 -1.72 -84.26 63.45
N ARG D 1656 -0.87 -84.94 62.67
CA ARG D 1656 0.55 -84.58 62.63
C ARG D 1656 0.77 -83.31 61.83
N LEU D 1657 0.07 -83.15 60.71
CA LEU D 1657 0.01 -81.96 59.86
C LEU D 1657 1.31 -81.66 59.13
N ASP D 1658 2.36 -82.43 59.37
CA ASP D 1658 3.59 -82.30 58.59
C ASP D 1658 4.07 -83.61 57.98
N LEU D 1659 3.99 -84.72 58.74
CA LEU D 1659 4.29 -86.02 58.17
C LEU D 1659 3.26 -86.41 57.11
N GLN D 1660 2.02 -85.94 57.26
CA GLN D 1660 1.01 -86.15 56.22
C GLN D 1660 1.42 -85.47 54.92
N ARG D 1661 1.89 -84.22 55.01
CA ARG D 1661 2.37 -83.51 53.82
C ARG D 1661 3.59 -84.19 53.21
N PHE D 1662 4.52 -84.65 54.05
CA PHE D 1662 5.70 -85.34 53.55
C PHE D 1662 5.32 -86.64 52.84
N HIS D 1663 4.40 -87.41 53.43
CA HIS D 1663 3.97 -88.66 52.81
C HIS D 1663 3.23 -88.41 51.51
N SER D 1664 2.40 -87.36 51.46
CA SER D 1664 1.72 -87.02 50.22
C SER D 1664 2.70 -86.63 49.12
N HIS D 1665 3.74 -85.88 49.48
CA HIS D 1665 4.72 -85.47 48.47
C HIS D 1665 5.56 -86.66 48.01
N THR D 1666 5.89 -87.59 48.91
CA THR D 1666 6.60 -88.79 48.49
C THR D 1666 5.72 -89.67 47.60
N LEU D 1667 4.41 -89.70 47.88
CA LEU D 1667 3.49 -90.43 47.02
C LEU D 1667 3.41 -89.77 45.63
N ARG D 1668 3.41 -88.44 45.59
CA ARG D 1668 3.47 -87.74 44.31
C ARG D 1668 4.76 -88.07 43.57
N LEU D 1669 5.87 -88.20 44.30
CA LEU D 1669 7.12 -88.63 43.69
C LEU D 1669 7.00 -90.05 43.13
N TYR D 1670 6.34 -90.95 43.86
CA TYR D 1670 6.06 -92.29 43.35
C TYR D 1670 5.32 -92.24 42.02
N ARG D 1671 4.26 -91.42 41.95
CA ARG D 1671 3.50 -91.29 40.71
C ARG D 1671 4.36 -90.71 39.59
N ALA D 1672 5.14 -89.66 39.89
CA ALA D 1672 5.88 -88.96 38.86
C ALA D 1672 7.04 -89.80 38.31
N VAL D 1673 7.66 -90.63 39.16
CA VAL D 1673 8.80 -91.42 38.71
C VAL D 1673 8.37 -92.47 37.70
N CYS D 1674 7.28 -93.18 37.98
CA CYS D 1674 6.81 -94.27 37.13
C CYS D 1674 5.74 -93.83 36.14
N ALA D 1675 5.38 -92.55 36.11
CA ALA D 1675 4.37 -92.08 35.19
C ALA D 1675 4.91 -92.00 33.76
N LEU D 1676 3.98 -91.83 32.82
CA LEU D 1676 4.27 -91.56 31.41
C LEU D 1676 5.03 -92.72 30.76
N GLY D 1677 4.42 -93.90 30.81
CA GLY D 1677 4.85 -95.04 30.02
C GLY D 1677 5.97 -95.86 30.59
N ASN D 1678 6.52 -95.52 31.75
CA ASN D 1678 7.59 -96.32 32.34
C ASN D 1678 7.02 -97.63 32.86
N ASN D 1679 7.69 -98.73 32.53
CA ASN D 1679 7.21 -100.06 32.87
C ASN D 1679 8.15 -100.84 33.77
N ARG D 1680 9.46 -100.71 33.57
CA ARG D 1680 10.42 -101.40 34.42
C ARG D 1680 10.35 -100.88 35.86
N VAL D 1681 10.16 -99.58 36.04
CA VAL D 1681 10.07 -98.99 37.36
C VAL D 1681 8.70 -99.26 37.99
N ALA D 1682 7.69 -99.53 37.17
CA ALA D 1682 6.36 -99.84 37.69
C ALA D 1682 6.37 -101.11 38.54
N HIS D 1683 7.10 -102.13 38.11
CA HIS D 1683 7.22 -103.34 38.91
C HIS D 1683 8.05 -103.10 40.18
N ALA D 1684 9.02 -102.19 40.13
CA ALA D 1684 9.75 -101.83 41.34
C ALA D 1684 8.82 -101.19 42.38
N LEU D 1685 7.98 -100.26 41.95
CA LEU D 1685 7.00 -99.69 42.87
C LEU D 1685 5.95 -100.70 43.29
N CYS D 1686 5.62 -101.67 42.43
CA CYS D 1686 4.70 -102.74 42.82
C CYS D 1686 5.31 -103.60 43.92
N SER D 1687 6.61 -103.85 43.85
CA SER D 1687 7.31 -104.56 44.93
C SER D 1687 7.35 -103.71 46.19
N HIS D 1688 7.58 -102.40 46.04
CA HIS D 1688 7.65 -101.52 47.21
C HIS D 1688 6.31 -101.42 47.94
N VAL D 1689 5.23 -101.23 47.20
CA VAL D 1689 3.90 -101.09 47.77
C VAL D 1689 3.02 -102.20 47.20
N ASP D 1690 2.53 -103.08 48.06
CA ASP D 1690 1.80 -104.25 47.63
C ASP D 1690 0.43 -103.88 47.08
N GLN D 1691 -0.16 -104.83 46.33
CA GLN D 1691 -1.49 -104.65 45.77
C GLN D 1691 -2.58 -104.82 46.83
N ALA D 1692 -2.35 -105.71 47.80
CA ALA D 1692 -3.35 -105.95 48.84
C ALA D 1692 -3.60 -104.72 49.69
N GLN D 1693 -2.54 -104.02 50.10
CA GLN D 1693 -2.73 -102.79 50.86
C GLN D 1693 -3.34 -101.69 50.01
N LEU D 1694 -3.02 -101.66 48.71
CA LEU D 1694 -3.65 -100.70 47.82
C LEU D 1694 -5.15 -100.92 47.73
N LEU D 1695 -5.58 -102.19 47.65
CA LEU D 1695 -7.00 -102.49 47.64
C LEU D 1695 -7.65 -102.18 48.98
N HIS D 1696 -6.96 -102.47 50.09
CA HIS D 1696 -7.52 -102.22 51.41
C HIS D 1696 -7.65 -100.72 51.70
N ALA D 1697 -6.74 -99.91 51.16
CA ALA D 1697 -6.76 -98.47 51.39
C ALA D 1697 -7.93 -97.77 50.74
N LEU D 1698 -8.68 -98.45 49.87
CA LEU D 1698 -9.89 -97.86 49.31
C LEU D 1698 -11.05 -97.87 50.28
N GLU D 1699 -11.17 -98.94 51.09
CA GLU D 1699 -12.40 -99.21 51.83
C GLU D 1699 -12.57 -98.31 53.05
N ASP D 1700 -11.47 -97.95 53.71
CA ASP D 1700 -11.57 -97.19 54.96
C ASP D 1700 -12.15 -95.80 54.71
N ALA D 1701 -13.04 -95.38 55.60
CA ALA D 1701 -13.75 -94.11 55.43
C ALA D 1701 -12.91 -92.94 55.91
N HIS D 1702 -12.56 -92.94 57.20
CA HIS D 1702 -11.82 -91.82 57.77
C HIS D 1702 -10.37 -91.84 57.30
N LEU D 1703 -9.91 -90.71 56.77
CA LEU D 1703 -8.58 -90.58 56.20
C LEU D 1703 -8.19 -89.11 56.28
N PRO D 1704 -6.89 -88.81 56.18
CA PRO D 1704 -6.47 -87.39 56.13
C PRO D 1704 -7.10 -86.61 55.00
N GLY D 1705 -7.28 -87.22 53.84
CA GLY D 1705 -7.95 -86.59 52.73
C GLY D 1705 -7.13 -86.41 51.46
N PRO D 1706 -5.88 -85.91 51.57
CA PRO D 1706 -4.99 -85.96 50.41
C PRO D 1706 -4.44 -87.36 50.18
N LEU D 1707 -4.31 -88.14 51.26
CA LEU D 1707 -3.79 -89.49 51.15
C LEU D 1707 -4.73 -90.39 50.35
N ARG D 1708 -6.04 -90.20 50.51
CA ARG D 1708 -7.01 -90.99 49.75
C ARG D 1708 -6.88 -90.71 48.26
N ALA D 1709 -6.82 -89.42 47.88
CA ALA D 1709 -6.66 -89.07 46.48
C ALA D 1709 -5.33 -89.56 45.92
N GLY D 1710 -4.26 -89.48 46.73
CA GLY D 1710 -2.98 -89.99 46.29
C GLY D 1710 -2.98 -91.48 46.07
N TYR D 1711 -3.62 -92.24 46.97
CA TYR D 1711 -3.74 -93.68 46.78
C TYR D 1711 -4.55 -94.02 45.54
N TYR D 1712 -5.66 -93.32 45.31
CA TYR D 1712 -6.46 -93.55 44.10
C TYR D 1712 -5.65 -93.26 42.85
N ASP D 1713 -4.94 -92.13 42.84
CA ASP D 1713 -4.17 -91.75 41.66
C ASP D 1713 -3.01 -92.70 41.42
N LEU D 1714 -2.35 -93.17 42.48
CA LEU D 1714 -1.28 -94.15 42.33
C LEU D 1714 -1.81 -95.47 41.80
N LEU D 1715 -2.97 -95.91 42.30
CA LEU D 1715 -3.58 -97.14 41.81
C LEU D 1715 -3.95 -97.03 40.34
N ILE D 1716 -4.44 -95.86 39.92
CA ILE D 1716 -4.73 -95.64 38.50
C ILE D 1716 -3.44 -95.65 37.68
N SER D 1717 -2.42 -94.95 38.17
CA SER D 1717 -1.23 -94.70 37.35
C SER D 1717 -0.40 -95.96 37.17
N ILE D 1718 -0.14 -96.72 38.25
CA ILE D 1718 0.81 -97.82 38.17
C ILE D 1718 0.25 -99.09 37.56
N HIS D 1719 -1.05 -99.13 37.25
CA HIS D 1719 -1.68 -100.36 36.81
C HIS D 1719 -2.27 -100.30 35.41
N LEU D 1720 -3.05 -99.25 35.11
CA LEU D 1720 -3.84 -99.22 33.88
C LEU D 1720 -3.73 -97.89 33.12
N GLU D 1721 -2.83 -96.99 33.54
CA GLU D 1721 -2.72 -95.70 32.88
C GLU D 1721 -2.22 -95.83 31.44
N SER D 1722 -1.22 -96.69 31.22
CA SER D 1722 -0.69 -96.88 29.88
C SER D 1722 -1.73 -97.51 28.94
N ALA D 1723 -2.46 -98.50 29.44
CA ALA D 1723 -3.52 -99.12 28.64
C ALA D 1723 -4.63 -98.12 28.32
N CYS D 1724 -5.00 -97.30 29.31
CA CYS D 1724 -6.00 -96.27 29.08
C CYS D 1724 -5.54 -95.26 28.03
N ARG D 1725 -4.26 -94.85 28.09
CA ARG D 1725 -3.73 -93.91 27.11
C ARG D 1725 -3.73 -94.53 25.71
N SER D 1726 -3.33 -95.79 25.60
CA SER D 1726 -3.31 -96.45 24.30
C SER D 1726 -4.71 -96.60 23.72
N ARG D 1727 -5.68 -97.00 24.55
CA ARG D 1727 -7.05 -97.14 24.06
C ARG D 1727 -7.64 -95.78 23.68
N ARG D 1728 -7.33 -94.74 24.45
CA ARG D 1728 -7.80 -93.40 24.10
C ARG D 1728 -7.19 -92.93 22.79
N SER D 1729 -5.91 -93.23 22.56
CA SER D 1729 -5.28 -92.86 21.29
C SER D 1729 -5.89 -93.62 20.11
N MET D 1730 -6.18 -94.92 20.30
CA MET D 1730 -6.73 -95.72 19.21
C MET D 1730 -8.23 -95.52 19.01
N LEU D 1731 -8.91 -94.87 19.95
CA LEU D 1731 -10.36 -94.71 19.87
C LEU D 1731 -10.81 -93.76 18.76
N SER D 1732 -9.90 -93.03 18.13
CA SER D 1732 -10.26 -92.01 17.15
C SER D 1732 -10.32 -92.55 15.72
N GLU D 1733 -10.31 -93.87 15.54
CA GLU D 1733 -10.36 -94.50 14.22
C GLU D 1733 -11.58 -95.40 14.11
N TYR D 1734 -12.21 -95.40 12.94
CA TYR D 1734 -13.41 -96.18 12.67
C TYR D 1734 -13.12 -97.13 11.50
N ILE D 1735 -12.80 -98.38 11.82
CA ILE D 1735 -12.57 -99.42 10.82
C ILE D 1735 -13.47 -100.60 11.15
N VAL D 1736 -14.34 -100.97 10.22
CA VAL D 1736 -15.30 -102.05 10.42
C VAL D 1736 -15.07 -103.12 9.37
N PRO D 1737 -15.08 -104.40 9.73
CA PRO D 1737 -15.02 -105.46 8.71
C PRO D 1737 -16.41 -105.90 8.27
N LEU D 1738 -16.45 -106.83 7.32
CA LEU D 1738 -17.69 -107.42 6.84
C LEU D 1738 -17.87 -108.80 7.47
N THR D 1739 -18.99 -109.00 8.14
CA THR D 1739 -19.26 -110.23 8.89
C THR D 1739 -20.76 -110.33 9.11
N PRO D 1740 -21.27 -111.53 9.39
CA PRO D 1740 -22.69 -111.64 9.78
C PRO D 1740 -23.06 -110.82 11.00
N GLU D 1741 -22.12 -110.61 11.92
CA GLU D 1741 -22.40 -109.80 13.11
C GLU D 1741 -22.75 -108.36 12.72
N THR D 1742 -21.98 -107.77 11.81
CA THR D 1742 -22.32 -106.43 11.31
C THR D 1742 -23.37 -106.45 10.23
N ARG D 1743 -23.70 -107.62 9.67
CA ARG D 1743 -24.84 -107.71 8.77
C ARG D 1743 -26.15 -107.66 9.54
N ALA D 1744 -26.21 -108.31 10.69
CA ALA D 1744 -27.41 -108.32 11.54
C ALA D 1744 -27.37 -107.21 12.58
N ILE D 1745 -27.16 -105.98 12.15
CA ILE D 1745 -27.20 -104.82 13.04
C ILE D 1745 -27.76 -103.64 12.26
N THR D 1746 -28.49 -102.78 12.97
CA THR D 1746 -29.15 -101.61 12.40
C THR D 1746 -29.51 -100.68 13.55
N LEU D 1747 -30.35 -99.68 13.27
CA LEU D 1747 -30.84 -98.80 14.31
C LEU D 1747 -31.64 -99.57 15.35
N PHE D 1748 -32.51 -100.49 14.90
CA PHE D 1748 -33.30 -101.40 15.72
C PHE D 1748 -34.12 -100.66 16.79
N PRO D 1749 -35.21 -99.99 16.42
CA PRO D 1749 -36.18 -99.52 17.42
C PRO D 1749 -37.33 -100.49 17.60
N PRO D 1750 -37.14 -101.61 18.32
CA PRO D 1750 -38.19 -102.64 18.37
C PRO D 1750 -39.27 -102.25 19.37
N GLY D 1751 -40.45 -101.90 18.85
CA GLY D 1751 -41.55 -101.50 19.72
C GLY D 1751 -42.88 -101.86 19.10
N ARG D 1752 -43.92 -101.79 19.94
CA ARG D 1752 -45.29 -102.06 19.52
C ARG D 1752 -45.89 -100.76 18.96
N LYS D 1753 -45.47 -100.44 17.73
CA LYS D 1753 -45.91 -99.28 16.96
C LYS D 1753 -45.55 -97.96 17.63
N GLY D 1754 -44.66 -97.96 18.61
CA GLY D 1754 -44.24 -96.74 19.26
C GLY D 1754 -42.74 -96.68 19.50
N GLY D 1755 -42.04 -97.76 19.17
CA GLY D 1755 -40.60 -97.79 19.35
C GLY D 1755 -39.87 -96.81 18.44
N ASN D 1756 -40.29 -96.72 17.19
CA ASN D 1756 -39.70 -95.77 16.26
C ASN D 1756 -39.98 -94.33 16.69
N ALA D 1757 -41.20 -94.07 17.16
CA ALA D 1757 -41.54 -92.73 17.65
C ALA D 1757 -40.73 -92.36 18.88
N ARG D 1758 -40.54 -93.30 19.80
CA ARG D 1758 -39.74 -93.07 21.00
C ARG D 1758 -38.27 -93.28 20.69
N ARG D 1759 -37.44 -93.34 21.73
CA ARG D 1759 -36.02 -93.55 21.55
C ARG D 1759 -35.74 -94.96 21.02
N HIS D 1760 -34.77 -95.07 20.11
CA HIS D 1760 -34.44 -96.36 19.52
C HIS D 1760 -33.85 -97.31 20.56
N GLY D 1761 -33.01 -96.81 21.44
CA GLY D 1761 -32.41 -97.67 22.46
C GLY D 1761 -31.64 -96.85 23.48
N LEU D 1762 -31.45 -97.46 24.64
CA LEU D 1762 -30.69 -96.85 25.72
C LEU D 1762 -29.20 -96.76 25.35
N PRO D 1763 -28.51 -95.73 25.82
CA PRO D 1763 -27.08 -95.61 25.52
C PRO D 1763 -26.26 -96.73 26.15
N GLY D 1764 -25.40 -97.33 25.34
CA GLY D 1764 -24.63 -98.47 25.78
C GLY D 1764 -25.16 -99.79 25.22
N VAL D 1765 -24.51 -100.30 24.19
CA VAL D 1765 -24.90 -101.55 23.55
C VAL D 1765 -23.72 -102.51 23.62
N GLY D 1766 -24.00 -103.78 23.92
CA GLY D 1766 -22.94 -104.76 24.05
C GLY D 1766 -22.18 -105.01 22.76
N VAL D 1767 -22.89 -105.00 21.63
CA VAL D 1767 -22.29 -105.29 20.33
C VAL D 1767 -21.85 -103.98 19.69
N THR D 1768 -20.62 -103.97 19.19
CA THR D 1768 -20.06 -102.83 18.46
C THR D 1768 -19.48 -103.22 17.11
N THR D 1769 -18.84 -104.39 17.01
CA THR D 1769 -18.24 -104.91 15.79
C THR D 1769 -17.24 -103.90 15.20
N SER D 1770 -16.18 -103.68 15.98
CA SER D 1770 -15.09 -102.81 15.57
C SER D 1770 -13.77 -103.46 15.94
N LEU D 1771 -12.72 -103.10 15.21
CA LEU D 1771 -11.40 -103.70 15.40
C LEU D 1771 -10.61 -102.84 16.38
N ARG D 1772 -10.37 -103.38 17.58
CA ARG D 1772 -9.57 -102.71 18.60
C ARG D 1772 -8.53 -103.69 19.12
N PRO D 1773 -7.30 -103.23 19.38
CA PRO D 1773 -6.27 -104.14 19.85
C PRO D 1773 -6.54 -104.56 21.29
N PRO D 1774 -6.04 -105.73 21.71
CA PRO D 1774 -6.24 -106.16 23.10
C PRO D 1774 -5.37 -105.39 24.07
N HIS D 1775 -5.42 -105.76 25.35
CA HIS D 1775 -4.72 -105.04 26.40
C HIS D 1775 -3.33 -105.58 26.71
N HIS D 1776 -3.15 -106.90 26.60
CA HIS D 1776 -1.86 -107.57 26.81
C HIS D 1776 -1.31 -107.30 28.21
N PHE D 1777 -2.05 -107.77 29.21
CA PHE D 1777 -1.62 -107.71 30.59
C PHE D 1777 -0.69 -108.88 30.91
N SER D 1778 0.24 -108.65 31.84
CA SER D 1778 1.21 -109.64 32.25
C SER D 1778 1.26 -109.73 33.77
N PRO D 1779 1.50 -110.92 34.33
CA PRO D 1779 1.57 -111.04 35.79
C PRO D 1779 2.76 -110.27 36.34
N PRO D 1780 2.65 -109.73 37.57
CA PRO D 1780 3.78 -109.03 38.17
C PRO D 1780 4.94 -109.97 38.46
N CYS D 1781 6.15 -109.41 38.39
CA CYS D 1781 7.39 -110.18 38.63
C CYS D 1781 8.36 -109.28 39.37
N PHE D 1782 8.41 -109.43 40.69
CA PHE D 1782 9.32 -108.66 41.53
C PHE D 1782 10.65 -109.38 41.78
N VAL D 1783 10.86 -110.53 41.14
CA VAL D 1783 12.11 -111.28 41.32
C VAL D 1783 13.29 -110.49 40.74
N ALA D 1784 13.10 -109.88 39.58
CA ALA D 1784 14.15 -109.09 38.94
C ALA D 1784 14.43 -107.84 39.78
N ALA D 1785 15.59 -107.81 40.43
CA ALA D 1785 15.97 -106.66 41.25
C ALA D 1785 16.17 -105.42 40.41
N LEU D 1786 16.81 -105.57 39.25
CA LEU D 1786 17.07 -104.42 38.38
C LEU D 1786 16.61 -104.70 36.95
N GLU D 1793 17.35 -104.21 24.64
CA GLU D 1793 16.69 -104.20 23.33
C GLU D 1793 15.21 -104.53 23.46
N ALA D 1794 14.92 -105.74 23.95
CA ALA D 1794 13.54 -106.14 24.17
C ALA D 1794 12.91 -105.33 25.30
N PRO D 1795 11.60 -105.12 25.24
CA PRO D 1795 10.92 -104.44 26.36
C PRO D 1795 11.06 -105.23 27.65
N ALA D 1796 11.24 -104.50 28.76
CA ALA D 1796 11.41 -105.15 30.05
C ALA D 1796 10.15 -105.87 30.48
N ARG D 1797 9.07 -105.13 30.73
CA ARG D 1797 7.79 -105.69 31.11
C ARG D 1797 6.67 -104.97 30.37
N LEU D 1798 5.49 -105.58 30.37
CA LEU D 1798 4.34 -104.99 29.70
C LEU D 1798 3.54 -104.08 30.63
N SER D 1799 2.99 -104.65 31.70
CA SER D 1799 2.23 -103.95 32.73
C SER D 1799 1.88 -104.90 33.88
N PRO D 1800 1.73 -104.41 35.10
CA PRO D 1800 1.26 -105.27 36.19
C PRO D 1800 -0.20 -105.68 35.99
N ALA D 1801 -0.55 -106.84 36.55
CA ALA D 1801 -1.90 -107.39 36.44
C ALA D 1801 -2.53 -107.50 37.82
N ILE D 1802 -3.78 -107.05 37.92
CA ILE D 1802 -4.56 -107.10 39.16
C ILE D 1802 -5.93 -107.68 38.82
N PRO D 1803 -6.65 -108.26 39.82
CA PRO D 1803 -7.95 -108.87 39.51
C PRO D 1803 -9.00 -107.85 39.08
N LEU D 1804 -9.28 -107.85 37.78
CA LEU D 1804 -10.12 -106.83 37.17
C LEU D 1804 -11.59 -107.03 37.49
N GLU D 1805 -12.05 -108.28 37.57
CA GLU D 1805 -13.45 -108.52 37.94
C GLU D 1805 -13.73 -108.07 39.36
N ALA D 1806 -12.81 -108.37 40.29
CA ALA D 1806 -12.98 -107.93 41.67
C ALA D 1806 -12.90 -106.41 41.77
N LEU D 1807 -11.98 -105.78 41.03
CA LEU D 1807 -11.92 -104.32 41.02
C LEU D 1807 -13.19 -103.71 40.45
N ARG D 1808 -13.74 -104.32 39.40
CA ARG D 1808 -14.98 -103.84 38.79
C ARG D 1808 -16.14 -103.91 39.78
N ASP D 1809 -16.30 -105.06 40.45
CA ASP D 1809 -17.37 -105.20 41.42
C ASP D 1809 -17.20 -104.22 42.58
N LYS D 1810 -15.97 -104.06 43.06
CA LYS D 1810 -15.71 -103.14 44.16
C LYS D 1810 -16.02 -101.70 43.76
N ALA D 1811 -15.61 -101.29 42.56
CA ALA D 1811 -15.87 -99.92 42.11
C ALA D 1811 -17.36 -99.68 41.91
N LEU D 1812 -18.08 -100.65 41.35
CA LEU D 1812 -19.52 -100.49 41.15
C LEU D 1812 -20.24 -100.37 42.50
N ARG D 1813 -19.86 -101.21 43.46
CA ARG D 1813 -20.45 -101.13 44.79
C ARG D 1813 -20.13 -99.79 45.45
N MET D 1814 -18.90 -99.31 45.28
CA MET D 1814 -18.50 -98.05 45.89
C MET D 1814 -19.25 -96.86 45.29
N LEU D 1815 -19.42 -96.87 43.97
CA LEU D 1815 -20.18 -95.80 43.32
C LEU D 1815 -21.65 -95.85 43.74
N GLY D 1816 -22.21 -97.06 43.89
CA GLY D 1816 -23.58 -97.17 44.36
C GLY D 1816 -23.75 -96.67 45.79
N GLU D 1817 -22.76 -96.95 46.64
CA GLU D 1817 -22.86 -96.57 48.05
C GLU D 1817 -22.57 -95.08 48.28
N ALA D 1818 -21.73 -94.47 47.43
CA ALA D 1818 -21.33 -93.08 47.65
C ALA D 1818 -22.51 -92.12 47.53
N VAL D 1819 -23.35 -92.33 46.51
CA VAL D 1819 -24.51 -91.44 46.34
C VAL D 1819 -25.53 -91.64 47.45
N ARG D 1820 -25.69 -92.89 47.92
CA ARG D 1820 -26.58 -93.16 49.04
C ARG D 1820 -26.10 -92.49 50.31
N ASP D 1821 -24.77 -92.51 50.54
CA ASP D 1821 -24.21 -91.82 51.70
C ASP D 1821 -24.37 -90.31 51.57
N GLY D 1822 -24.16 -89.76 50.37
CA GLY D 1822 -24.25 -88.33 50.17
C GLY D 1822 -25.65 -87.77 50.14
N GLY D 1823 -26.65 -88.61 49.88
CA GLY D 1823 -28.03 -88.14 49.84
C GLY D 1823 -28.58 -87.71 51.18
N GLN D 1824 -27.97 -88.13 52.28
CA GLN D 1824 -28.42 -87.79 53.62
C GLN D 1824 -27.88 -86.45 54.11
N HIS D 1825 -27.03 -85.80 53.31
CA HIS D 1825 -26.34 -84.53 53.63
C HIS D 1825 -25.84 -84.49 55.07
N ALA D 1826 -25.04 -85.51 55.41
CA ALA D 1826 -24.49 -85.61 56.74
C ALA D 1826 -23.41 -84.55 56.98
N ARG D 1827 -23.15 -84.27 58.25
CA ARG D 1827 -22.17 -83.26 58.63
C ARG D 1827 -20.76 -83.80 58.69
N ASP D 1828 -20.56 -85.10 58.43
CA ASP D 1828 -19.24 -85.72 58.42
C ASP D 1828 -19.06 -86.49 57.11
N PRO D 1829 -18.77 -85.78 56.02
CA PRO D 1829 -18.54 -86.48 54.75
C PRO D 1829 -17.26 -87.30 54.78
N VAL D 1830 -17.26 -88.38 54.01
CA VAL D 1830 -16.10 -89.24 53.92
C VAL D 1830 -14.97 -88.51 53.19
N GLY D 1831 -13.75 -88.64 53.72
CA GLY D 1831 -12.61 -87.95 53.17
C GLY D 1831 -12.42 -86.53 53.63
N GLY D 1832 -13.33 -86.01 54.46
CA GLY D 1832 -13.24 -84.66 54.96
C GLY D 1832 -13.99 -83.62 54.16
N SER D 1833 -14.34 -83.93 52.91
CA SER D 1833 -15.05 -82.97 52.07
C SER D 1833 -15.74 -83.72 50.94
N VAL D 1834 -16.72 -83.05 50.33
CA VAL D 1834 -17.43 -83.61 49.18
C VAL D 1834 -16.50 -83.81 48.01
N GLU D 1835 -15.52 -82.92 47.85
CA GLU D 1835 -14.53 -83.05 46.77
C GLU D 1835 -13.74 -84.35 46.90
N PHE D 1836 -13.17 -84.59 48.08
CA PHE D 1836 -12.42 -85.82 48.30
C PHE D 1836 -13.33 -87.04 48.36
N GLN D 1837 -14.62 -86.84 48.63
CA GLN D 1837 -15.57 -87.95 48.60
C GLN D 1837 -15.87 -88.40 47.18
N PHE D 1838 -16.05 -87.45 46.26
CA PHE D 1838 -16.61 -87.76 44.95
C PHE D 1838 -15.60 -87.79 43.81
N VAL D 1839 -14.58 -86.92 43.84
CA VAL D 1839 -13.66 -86.84 42.69
C VAL D 1839 -12.87 -88.12 42.45
N PRO D 1840 -12.20 -88.74 43.44
CA PRO D 1840 -11.37 -89.91 43.10
C PRO D 1840 -12.17 -91.12 42.61
N VAL D 1841 -13.32 -91.40 43.22
CA VAL D 1841 -14.11 -92.57 42.82
C VAL D 1841 -14.67 -92.38 41.41
N LEU D 1842 -15.12 -91.16 41.07
CA LEU D 1842 -15.62 -90.90 39.73
C LEU D 1842 -14.50 -90.94 38.71
N LYS D 1843 -13.30 -90.45 39.08
CA LYS D 1843 -12.15 -90.54 38.18
C LYS D 1843 -11.79 -92.00 37.90
N LEU D 1844 -11.77 -92.83 38.94
CA LEU D 1844 -11.47 -94.24 38.77
C LEU D 1844 -12.52 -94.94 37.92
N VAL D 1845 -13.80 -94.61 38.13
CA VAL D 1845 -14.88 -95.22 37.36
C VAL D 1845 -14.78 -94.82 35.89
N SER D 1846 -14.48 -93.54 35.62
CA SER D 1846 -14.29 -93.09 34.25
C SER D 1846 -13.10 -93.78 33.58
N THR D 1847 -12.00 -93.94 34.33
CA THR D 1847 -10.83 -94.62 33.79
C THR D 1847 -11.13 -96.08 33.47
N LEU D 1848 -11.88 -96.75 34.33
CA LEU D 1848 -12.28 -98.13 34.05
C LEU D 1848 -13.25 -98.21 32.87
N LEU D 1849 -14.16 -97.24 32.75
CA LEU D 1849 -15.17 -97.29 31.69
C LEU D 1849 -14.58 -97.00 30.32
N VAL D 1850 -13.59 -96.09 30.25
CA VAL D 1850 -13.05 -95.70 28.95
C VAL D 1850 -12.33 -96.85 28.25
N MET D 1851 -11.88 -97.87 29.01
CA MET D 1851 -11.29 -99.05 28.40
C MET D 1851 -12.32 -100.08 27.96
N GLY D 1852 -13.60 -99.85 28.25
CA GLY D 1852 -14.63 -100.79 27.85
C GLY D 1852 -14.66 -102.08 28.64
N ILE D 1853 -14.14 -102.08 29.87
CA ILE D 1853 -14.11 -103.30 30.67
C ILE D 1853 -15.49 -103.66 31.22
N PHE D 1854 -16.40 -102.69 31.31
CA PHE D 1854 -17.72 -102.95 31.86
C PHE D 1854 -18.56 -103.78 30.89
N GLY D 1855 -19.40 -104.65 31.45
CA GLY D 1855 -20.35 -105.40 30.67
C GLY D 1855 -21.61 -104.61 30.37
N ASP D 1856 -22.56 -105.27 29.71
CA ASP D 1856 -23.82 -104.61 29.38
C ASP D 1856 -24.60 -104.27 30.65
N GLU D 1857 -24.70 -105.21 31.58
CA GLU D 1857 -25.43 -104.97 32.82
C GLU D 1857 -24.73 -103.92 33.67
N ASP D 1858 -23.39 -103.95 33.70
CA ASP D 1858 -22.64 -102.95 34.46
C ASP D 1858 -22.80 -101.55 33.86
N VAL D 1859 -22.78 -101.46 32.53
CA VAL D 1859 -23.03 -100.19 31.86
C VAL D 1859 -24.43 -99.68 32.15
N LYS D 1860 -25.42 -100.59 32.15
CA LYS D 1860 -26.78 -100.21 32.50
C LYS D 1860 -26.88 -99.71 33.94
N GLN D 1861 -26.19 -100.39 34.86
CA GLN D 1861 -26.22 -99.97 36.26
C GLN D 1861 -25.56 -98.61 36.47
N ILE D 1862 -24.45 -98.36 35.77
CA ILE D 1862 -23.82 -97.04 35.82
C ILE D 1862 -24.75 -95.99 35.21
N LEU D 1863 -25.45 -96.36 34.13
CA LEU D 1863 -26.39 -95.45 33.47
C LEU D 1863 -27.57 -95.11 34.37
N LYS D 1864 -28.02 -96.05 35.19
CA LYS D 1864 -29.24 -95.94 35.99
C LYS D 1864 -29.14 -94.91 37.12
N MET D 1865 -28.08 -94.10 37.23
CA MET D 1865 -28.02 -93.11 38.30
C MET D 1865 -29.11 -92.05 38.17
N ILE D 1866 -29.60 -91.80 36.95
CA ILE D 1866 -30.74 -90.91 36.76
C ILE D 1866 -31.92 -91.77 36.34
N GLU D 1867 -32.65 -92.28 37.33
CA GLU D 1867 -33.72 -93.25 37.06
C GLU D 1867 -34.89 -92.69 36.24
N PRO D 1868 -35.53 -91.55 36.59
CA PRO D 1868 -36.67 -91.10 35.77
C PRO D 1868 -36.29 -90.77 34.34
N GLU D 1869 -35.10 -90.24 34.12
CA GLU D 1869 -34.67 -89.91 32.77
C GLU D 1869 -34.31 -91.16 31.97
N VAL D 1870 -33.59 -92.10 32.59
CA VAL D 1870 -33.18 -93.30 31.87
C VAL D 1870 -34.39 -94.17 31.53
N PHE D 1871 -35.25 -94.43 32.53
CA PHE D 1871 -36.46 -95.24 32.37
C PHE D 1871 -36.13 -96.63 31.80
N THR D 1872 -35.39 -97.41 32.59
CA THR D 1872 -34.97 -98.74 32.16
C THR D 1872 -36.16 -99.65 31.93
N GLU D 1873 -37.15 -99.60 32.82
CA GLU D 1873 -38.36 -100.39 32.63
C GLU D 1873 -39.19 -99.83 31.48
N GLU D 1874 -39.73 -100.74 30.67
CA GLU D 1874 -40.53 -100.34 29.51
C GLU D 1874 -41.55 -101.42 29.15
N LEU D 1922 -36.99 -93.48 48.25
CA LEU D 1922 -36.93 -92.26 47.45
C LEU D 1922 -35.60 -92.18 46.70
N GLU D 1923 -35.60 -92.66 45.45
CA GLU D 1923 -34.40 -92.61 44.64
C GLU D 1923 -34.11 -91.19 44.20
N GLU D 1924 -32.85 -90.77 44.37
CA GLU D 1924 -32.41 -89.43 44.01
C GLU D 1924 -31.28 -89.53 42.99
N GLY D 1925 -31.39 -88.75 41.92
CA GLY D 1925 -30.37 -88.77 40.89
C GLY D 1925 -29.12 -88.00 41.26
N LEU D 1926 -28.03 -88.30 40.56
CA LEU D 1926 -26.77 -87.60 40.77
C LEU D 1926 -26.83 -86.16 40.28
N LEU D 1927 -27.71 -85.85 39.32
CA LEU D 1927 -27.78 -84.50 38.77
C LEU D 1927 -28.46 -83.55 39.75
N GLN D 1928 -29.44 -84.04 40.51
CA GLN D 1928 -30.27 -83.17 41.34
C GLN D 1928 -29.47 -82.52 42.46
N MET D 1929 -28.60 -83.28 43.11
CA MET D 1929 -27.86 -82.77 44.26
C MET D 1929 -26.85 -81.70 43.85
N LYS D 1930 -26.61 -80.77 44.76
CA LYS D 1930 -25.66 -79.69 44.51
C LYS D 1930 -24.23 -80.23 44.48
N LEU D 1931 -23.38 -79.55 43.72
CA LEU D 1931 -22.01 -79.96 43.50
C LEU D 1931 -21.06 -78.79 43.75
N PRO D 1932 -19.81 -79.07 44.14
CA PRO D 1932 -18.87 -77.98 44.45
C PRO D 1932 -18.19 -77.39 43.23
N GLU D 1933 -18.75 -77.61 42.04
CA GLU D 1933 -18.30 -77.05 40.76
C GLU D 1933 -16.92 -77.52 40.35
N SER D 1934 -16.44 -78.64 40.90
CA SER D 1934 -15.21 -79.27 40.45
C SER D 1934 -15.39 -80.72 40.02
N VAL D 1935 -16.31 -81.45 40.63
CA VAL D 1935 -16.65 -82.80 40.16
C VAL D 1935 -17.50 -82.76 38.91
N LYS D 1936 -18.03 -81.58 38.57
CA LYS D 1936 -18.80 -81.42 37.33
C LYS D 1936 -17.94 -81.70 36.10
N LEU D 1937 -16.67 -81.28 36.14
CA LEU D 1937 -15.76 -81.56 35.03
C LEU D 1937 -15.54 -83.06 34.86
N GLN D 1938 -15.36 -83.79 35.97
CA GLN D 1938 -15.20 -85.23 35.91
C GLN D 1938 -16.45 -85.91 35.37
N MET D 1939 -17.63 -85.45 35.79
CA MET D 1939 -18.86 -86.07 35.31
C MET D 1939 -19.10 -85.76 33.84
N CYS D 1940 -18.72 -84.57 33.39
CA CYS D 1940 -18.79 -84.25 31.96
C CYS D 1940 -17.82 -85.12 31.16
N ASN D 1941 -16.62 -85.35 31.69
CA ASN D 1941 -15.67 -86.26 31.04
C ASN D 1941 -16.25 -87.67 30.95
N LEU D 1942 -16.96 -88.10 32.00
CA LEU D 1942 -17.64 -89.39 31.95
C LEU D 1942 -18.72 -89.41 30.88
N LEU D 1943 -19.51 -88.35 30.78
CA LEU D 1943 -20.62 -88.28 29.83
C LEU D 1943 -20.14 -88.14 28.39
N GLU D 1944 -18.90 -87.68 28.18
CA GLU D 1944 -18.36 -87.55 26.82
C GLU D 1944 -18.32 -88.89 26.10
N TYR D 1945 -17.93 -89.95 26.81
CA TYR D 1945 -17.89 -91.29 26.21
C TYR D 1945 -19.28 -91.75 25.80
N PHE D 1946 -20.27 -91.53 26.66
CA PHE D 1946 -21.64 -91.90 26.33
C PHE D 1946 -22.16 -91.12 25.12
N CYS D 1947 -21.80 -89.84 25.02
CA CYS D 1947 -22.21 -89.05 23.87
C CYS D 1947 -21.52 -89.54 22.59
N ASP D 1948 -20.25 -89.94 22.69
CA ASP D 1948 -19.51 -90.39 21.53
C ASP D 1948 -20.01 -91.76 21.04
N GLN D 1949 -20.53 -92.57 21.96
CA GLN D 1949 -21.04 -93.89 21.59
C GLN D 1949 -22.16 -93.82 20.57
N GLU D 1950 -23.01 -92.78 20.66
CA GLU D 1950 -24.09 -92.62 19.69
C GLU D 1950 -23.55 -92.42 18.28
N LEU D 1951 -22.58 -91.52 18.12
CA LEU D 1951 -21.98 -91.28 16.81
C LEU D 1951 -21.29 -92.53 16.29
N GLN D 1952 -20.58 -93.24 17.17
CA GLN D 1952 -19.92 -94.48 16.77
C GLN D 1952 -20.91 -95.52 16.25
N HIS D 1953 -21.95 -95.80 17.05
CA HIS D 1953 -22.98 -96.75 16.63
C HIS D 1953 -23.65 -96.31 15.34
N ARG D 1954 -23.78 -95.00 15.14
CA ARG D 1954 -24.31 -94.48 13.87
C ARG D 1954 -23.39 -94.82 12.70
N VAL D 1955 -22.07 -94.72 12.90
CA VAL D 1955 -21.13 -95.05 11.83
C VAL D 1955 -21.28 -96.51 11.41
N GLU D 1956 -21.26 -97.45 12.37
CA GLU D 1956 -21.48 -98.83 11.91
C GLU D 1956 -22.91 -99.15 11.47
N SER D 1957 -23.93 -98.40 11.90
CA SER D 1957 -25.26 -98.66 11.32
C SER D 1957 -25.30 -98.25 9.84
N LEU D 1958 -24.70 -97.10 9.52
CA LEU D 1958 -24.60 -96.68 8.13
C LEU D 1958 -23.76 -97.68 7.32
N ALA D 1959 -22.66 -98.16 7.89
CA ALA D 1959 -21.83 -99.16 7.21
C ALA D 1959 -22.60 -100.45 6.97
N ALA D 1960 -23.43 -100.86 7.95
CA ALA D 1960 -24.24 -102.07 7.79
C ALA D 1960 -25.26 -101.92 6.67
N PHE D 1961 -25.92 -100.75 6.59
CA PHE D 1961 -26.90 -100.56 5.52
C PHE D 1961 -26.24 -100.47 4.15
N ALA D 1962 -25.02 -99.91 4.09
CA ALA D 1962 -24.37 -99.61 2.82
C ALA D 1962 -24.10 -100.88 2.01
N GLU D 1963 -23.62 -101.94 2.67
CA GLU D 1963 -23.28 -103.16 1.94
C GLU D 1963 -24.52 -103.82 1.35
N ARG D 1964 -25.62 -103.86 2.09
CA ARG D 1964 -26.86 -104.43 1.57
C ARG D 1964 -27.38 -103.62 0.39
N TYR D 1965 -27.34 -102.29 0.50
CA TYR D 1965 -27.83 -101.46 -0.61
C TYR D 1965 -26.95 -101.60 -1.84
N VAL D 1966 -25.63 -101.71 -1.64
CA VAL D 1966 -24.72 -101.91 -2.77
C VAL D 1966 -24.96 -103.26 -3.44
N ASP D 1967 -25.20 -104.30 -2.64
CA ASP D 1967 -25.49 -105.62 -3.22
C ASP D 1967 -26.78 -105.59 -4.02
N LYS D 1968 -27.83 -104.95 -3.50
CA LYS D 1968 -29.08 -104.83 -4.26
C LYS D 1968 -28.87 -104.03 -5.54
N LEU D 1969 -28.10 -102.94 -5.45
CA LEU D 1969 -27.86 -102.10 -6.62
C LEU D 1969 -27.09 -102.86 -7.71
N GLN D 1970 -26.08 -103.63 -7.32
CA GLN D 1970 -25.30 -104.36 -8.32
C GLN D 1970 -26.10 -105.53 -8.89
N ALA D 1971 -26.99 -106.15 -8.11
CA ALA D 1971 -27.88 -107.16 -8.67
C ALA D 1971 -28.82 -106.55 -9.70
N ASN D 1972 -29.39 -105.38 -9.39
CA ASN D 1972 -30.26 -104.69 -10.35
C ASN D 1972 -29.49 -104.28 -11.60
N GLN D 1973 -28.24 -103.83 -11.43
CA GLN D 1973 -27.43 -103.45 -12.59
C GLN D 1973 -27.10 -104.66 -13.46
N ARG D 1974 -26.81 -105.81 -12.84
CA ARG D 1974 -26.59 -107.03 -13.60
C ARG D 1974 -27.83 -107.42 -14.39
N SER D 1975 -29.02 -107.33 -13.76
CA SER D 1975 -30.26 -107.65 -14.46
C SER D 1975 -30.50 -106.70 -15.63
N ARG D 1976 -30.27 -105.41 -15.42
CA ARG D 1976 -30.46 -104.43 -16.50
C ARG D 1976 -29.47 -104.65 -17.64
N TYR D 1977 -28.22 -104.98 -17.32
CA TYR D 1977 -27.23 -105.24 -18.36
C TYR D 1977 -27.57 -106.50 -19.15
N ALA D 1978 -28.07 -107.53 -18.47
CA ALA D 1978 -28.51 -108.73 -19.18
C ALA D 1978 -29.68 -108.41 -20.11
N LEU D 1979 -30.64 -107.61 -19.62
CA LEU D 1979 -31.78 -107.22 -20.46
C LEU D 1979 -31.34 -106.41 -21.67
N LEU D 1980 -30.39 -105.49 -21.47
CA LEU D 1980 -29.89 -104.69 -22.58
C LEU D 1980 -29.12 -105.54 -23.59
N MET D 1981 -28.32 -106.50 -23.09
CA MET D 1981 -27.58 -107.38 -23.99
C MET D 1981 -28.51 -108.30 -24.77
N ARG D 1982 -29.66 -108.65 -24.19
CA ARG D 1982 -30.64 -109.46 -24.91
C ARG D 1982 -31.17 -108.74 -26.14
N ALA D 1983 -31.41 -107.43 -26.03
CA ALA D 1983 -31.93 -106.66 -27.16
C ALA D 1983 -30.84 -106.47 -28.21
N PHE D 1984 -31.15 -106.81 -29.46
CA PHE D 1984 -30.24 -106.67 -30.57
C PHE D 1984 -30.48 -105.41 -31.41
N THR D 1985 -31.42 -104.55 -31.00
CA THR D 1985 -31.73 -103.36 -31.77
C THR D 1985 -30.58 -102.36 -31.72
N MET D 1986 -30.32 -101.73 -32.86
CA MET D 1986 -29.24 -100.75 -32.99
C MET D 1986 -29.83 -99.41 -33.37
N SER D 1987 -29.50 -98.38 -32.59
CA SER D 1987 -29.96 -97.02 -32.83
C SER D 1987 -29.02 -96.05 -32.12
N ALA D 1988 -29.13 -94.78 -32.50
CA ALA D 1988 -28.31 -93.74 -31.86
C ALA D 1988 -28.67 -93.60 -30.39
N ALA D 1989 -29.97 -93.62 -30.07
CA ALA D 1989 -30.40 -93.53 -28.68
C ALA D 1989 -29.96 -94.74 -27.88
N GLU D 1990 -30.04 -95.93 -28.49
CA GLU D 1990 -29.58 -97.15 -27.81
C GLU D 1990 -28.09 -97.10 -27.55
N THR D 1991 -27.31 -96.62 -28.53
CA THR D 1991 -25.87 -96.47 -28.34
C THR D 1991 -25.56 -95.46 -27.25
N ALA D 1992 -26.27 -94.34 -27.21
CA ALA D 1992 -26.06 -93.34 -26.18
C ALA D 1992 -26.39 -93.89 -24.80
N ARG D 1993 -27.46 -94.69 -24.70
CA ARG D 1993 -27.80 -95.33 -23.44
C ARG D 1993 -26.76 -96.35 -23.03
N ARG D 1994 -26.18 -97.06 -24.01
CA ARG D 1994 -25.17 -98.08 -23.69
C ARG D 1994 -23.82 -97.48 -23.35
N THR D 1995 -23.55 -96.24 -23.77
CA THR D 1995 -22.24 -95.63 -23.51
C THR D 1995 -21.95 -95.44 -22.01
N ARG D 1996 -22.97 -95.37 -21.16
CA ARG D 1996 -22.72 -95.11 -19.74
C ARG D 1996 -21.96 -96.26 -19.09
N GLU D 1997 -22.21 -97.49 -19.51
CA GLU D 1997 -21.50 -98.63 -18.93
C GLU D 1997 -20.08 -98.75 -19.48
N PHE D 1998 -19.91 -98.53 -20.79
CA PHE D 1998 -18.58 -98.65 -21.39
C PHE D 1998 -17.66 -97.53 -20.91
N ARG D 1999 -18.12 -96.28 -20.97
CA ARG D 1999 -17.42 -95.15 -20.38
C ARG D 1999 -17.80 -95.05 -18.91
N SER D 2000 -17.53 -93.90 -18.28
CA SER D 2000 -17.96 -93.62 -16.91
C SER D 2000 -17.37 -94.61 -15.91
N PRO D 2001 -16.12 -94.44 -15.52
CA PRO D 2001 -15.47 -95.36 -14.53
C PRO D 2001 -16.30 -95.52 -13.27
N PRO D 2002 -16.03 -96.56 -12.45
CA PRO D 2002 -16.97 -96.92 -11.37
C PRO D 2002 -17.29 -95.81 -10.38
N GLN D 2003 -16.38 -94.85 -10.17
CA GLN D 2003 -16.73 -93.68 -9.36
C GLN D 2003 -17.88 -92.90 -10.01
N GLU D 2004 -17.77 -92.64 -11.32
CA GLU D 2004 -18.86 -91.97 -12.03
C GLU D 2004 -20.11 -92.82 -12.08
N GLN D 2005 -19.95 -94.13 -12.22
CA GLN D 2005 -21.10 -95.04 -12.23
C GLN D 2005 -21.87 -94.97 -10.92
N ILE D 2006 -21.18 -95.10 -9.80
CA ILE D 2006 -21.84 -95.05 -8.50
C ILE D 2006 -22.31 -93.64 -8.16
N ASN D 2007 -21.75 -92.61 -8.80
CA ASN D 2007 -22.26 -91.27 -8.59
C ASN D 2007 -23.56 -91.02 -9.36
N MET D 2008 -23.68 -91.59 -10.56
CA MET D 2008 -24.81 -91.24 -11.44
C MET D 2008 -26.14 -91.72 -10.87
N LEU D 2009 -26.23 -93.00 -10.50
CA LEU D 2009 -27.53 -93.51 -10.06
C LEU D 2009 -27.85 -93.05 -8.65
N LEU D 2010 -26.83 -92.79 -7.82
CA LEU D 2010 -27.07 -92.18 -6.52
C LEU D 2010 -27.62 -90.76 -6.66
N HIS D 2011 -27.08 -89.99 -7.61
CA HIS D 2011 -27.62 -88.66 -7.86
C HIS D 2011 -29.05 -88.73 -8.41
N PHE D 2012 -29.31 -89.72 -9.26
CA PHE D 2012 -30.68 -89.91 -9.77
C PHE D 2012 -31.64 -90.27 -8.64
N LYS D 2013 -31.23 -91.16 -7.73
CA LYS D 2013 -32.09 -91.57 -6.63
C LYS D 2013 -32.33 -90.42 -5.64
N ASP D 2014 -31.28 -89.65 -5.34
CA ASP D 2014 -31.40 -88.53 -4.42
C ASP D 2014 -31.71 -87.27 -5.21
N GLU D 2015 -32.99 -87.03 -5.46
CA GLU D 2015 -33.45 -85.89 -6.23
C GLU D 2015 -34.45 -85.08 -5.42
N ALA D 2016 -34.46 -83.77 -5.65
CA ALA D 2016 -35.36 -82.89 -4.91
C ALA D 2016 -36.80 -83.07 -5.38
N ASP D 2017 -37.08 -82.76 -6.65
CA ASP D 2017 -38.42 -82.88 -7.19
C ASP D 2017 -38.48 -83.59 -8.54
N GLU D 2018 -37.39 -83.61 -9.31
CA GLU D 2018 -37.38 -84.27 -10.61
C GLU D 2018 -36.02 -84.90 -10.83
N GLU D 2019 -36.02 -86.09 -11.43
CA GLU D 2019 -34.79 -86.84 -11.69
C GLU D 2019 -34.60 -87.20 -13.16
N ASP D 2020 -35.69 -87.46 -13.90
CA ASP D 2020 -35.62 -87.91 -15.30
C ASP D 2020 -34.74 -89.14 -15.44
N CYS D 2021 -34.91 -90.09 -14.53
CA CYS D 2021 -34.04 -91.26 -14.46
C CYS D 2021 -34.78 -92.50 -14.94
N PRO D 2022 -34.40 -93.07 -16.09
CA PRO D 2022 -35.03 -94.32 -16.54
C PRO D 2022 -34.32 -95.58 -16.05
N LEU D 2023 -33.09 -95.47 -15.56
CA LEU D 2023 -32.31 -96.62 -15.14
C LEU D 2023 -32.73 -97.18 -13.77
N PRO D 2024 -32.85 -96.39 -12.69
CA PRO D 2024 -33.24 -96.99 -11.40
C PRO D 2024 -34.66 -97.52 -11.43
N GLU D 2025 -34.88 -98.59 -10.67
CA GLU D 2025 -36.18 -99.22 -10.55
C GLU D 2025 -36.98 -98.55 -9.44
N ASP D 2026 -38.09 -99.18 -9.04
CA ASP D 2026 -38.95 -98.66 -7.99
C ASP D 2026 -38.44 -98.97 -6.59
N ILE D 2027 -37.32 -99.69 -6.46
CA ILE D 2027 -36.77 -100.02 -5.15
C ILE D 2027 -35.94 -98.90 -4.55
N ARG D 2028 -35.89 -97.74 -5.20
CA ARG D 2028 -35.11 -96.61 -4.69
C ARG D 2028 -35.75 -95.95 -3.48
N GLN D 2029 -36.99 -96.31 -3.14
CA GLN D 2029 -37.64 -95.75 -1.95
C GLN D 2029 -37.00 -96.25 -0.66
N ASP D 2030 -36.28 -97.37 -0.71
CA ASP D 2030 -35.60 -97.88 0.49
C ASP D 2030 -34.52 -96.92 0.95
N LEU D 2031 -33.78 -96.33 0.01
CA LEU D 2031 -32.76 -95.35 0.37
C LEU D 2031 -33.39 -94.12 1.01
N GLN D 2032 -34.52 -93.65 0.47
CA GLN D 2032 -35.21 -92.50 1.06
C GLN D 2032 -35.72 -92.82 2.47
N ASP D 2033 -36.26 -94.03 2.65
CA ASP D 2033 -36.73 -94.43 3.98
C ASP D 2033 -35.59 -94.51 4.98
N PHE D 2034 -34.45 -95.07 4.56
CA PHE D 2034 -33.29 -95.15 5.45
C PHE D 2034 -32.77 -93.75 5.79
N HIS D 2035 -32.73 -92.86 4.79
CA HIS D 2035 -32.28 -91.50 5.03
C HIS D 2035 -33.20 -90.77 6.00
N GLN D 2036 -34.51 -90.95 5.84
CA GLN D 2036 -35.45 -90.35 6.77
C GLN D 2036 -35.29 -90.90 8.18
N ASP D 2037 -35.09 -92.22 8.31
CA ASP D 2037 -34.89 -92.81 9.63
C ASP D 2037 -33.61 -92.31 10.28
N LEU D 2038 -32.52 -92.21 9.51
CA LEU D 2038 -31.26 -91.73 10.05
C LEU D 2038 -31.35 -90.27 10.44
N LEU D 2039 -32.03 -89.45 9.63
CA LEU D 2039 -32.18 -88.04 9.95
C LEU D 2039 -33.06 -87.83 11.18
N ALA D 2040 -34.07 -88.69 11.35
CA ALA D 2040 -34.88 -88.65 12.58
C ALA D 2040 -34.05 -89.07 13.79
N HIS D 2041 -33.19 -90.08 13.63
CA HIS D 2041 -32.32 -90.50 14.72
C HIS D 2041 -31.33 -89.40 15.11
N CYS D 2042 -30.82 -88.67 14.13
CA CYS D 2042 -29.85 -87.61 14.39
C CYS D 2042 -30.52 -86.43 15.10
N GLY D 2043 -29.72 -85.39 15.35
CA GLY D 2043 -30.18 -84.22 16.09
C GLY D 2043 -31.28 -83.44 15.40
N ILE D 2044 -31.43 -83.59 14.08
CA ILE D 2044 -32.50 -82.93 13.38
C ILE D 2044 -33.83 -83.56 13.76
N GLN D 2045 -34.80 -82.73 14.14
CA GLN D 2045 -36.08 -83.22 14.64
C GLN D 2045 -36.90 -83.89 13.54
N LEU D 2046 -36.81 -83.36 12.31
CA LEU D 2046 -37.56 -83.82 11.14
C LEU D 2046 -39.07 -83.73 11.35
N GLU D 2047 -39.52 -82.81 12.20
CA GLU D 2047 -40.94 -82.61 12.47
C GLU D 2047 -41.47 -81.29 11.92
N GLY D 2048 -40.68 -80.22 11.95
CA GLY D 2048 -41.10 -78.93 11.44
C GLY D 2048 -40.15 -78.37 10.42
N LYS D 2089 -40.85 -79.08 31.30
CA LYS D 2089 -41.37 -80.41 30.98
C LYS D 2089 -40.36 -81.50 31.37
N LYS D 2090 -40.32 -82.57 30.58
CA LYS D 2090 -39.41 -83.67 30.82
C LYS D 2090 -38.54 -83.91 29.59
N PRO D 2091 -37.23 -84.11 29.78
CA PRO D 2091 -36.35 -84.34 28.63
C PRO D 2091 -36.64 -85.65 27.92
N GLN D 2092 -36.68 -86.74 28.69
CA GLN D 2092 -36.94 -88.10 28.22
C GLN D 2092 -35.93 -88.60 27.20
N SER D 2093 -34.77 -87.94 27.09
CA SER D 2093 -33.74 -88.33 26.13
C SER D 2093 -32.40 -87.78 26.61
N LEU D 2094 -31.33 -88.45 26.18
CA LEU D 2094 -29.99 -88.03 26.55
C LEU D 2094 -29.66 -86.66 25.99
N GLN D 2095 -30.08 -86.39 24.75
CA GLN D 2095 -29.80 -85.11 24.12
C GLN D 2095 -30.46 -83.95 24.87
N GLU D 2096 -31.76 -84.09 25.14
CA GLU D 2096 -32.48 -83.05 25.87
C GLU D 2096 -31.96 -82.92 27.30
N LEU D 2097 -31.59 -84.04 27.91
CA LEU D 2097 -30.98 -84.01 29.24
C LEU D 2097 -29.70 -83.18 29.24
N VAL D 2098 -28.81 -83.43 28.26
CA VAL D 2098 -27.54 -82.72 28.19
C VAL D 2098 -27.78 -81.23 27.96
N SER D 2099 -28.68 -80.90 27.03
CA SER D 2099 -28.93 -79.49 26.73
C SER D 2099 -29.51 -78.75 27.93
N HIS D 2100 -30.55 -79.33 28.56
CA HIS D 2100 -31.21 -78.67 29.68
C HIS D 2100 -30.28 -78.58 30.89
N MET D 2101 -29.51 -79.64 31.14
CA MET D 2101 -28.58 -79.64 32.26
C MET D 2101 -27.47 -78.60 32.07
N VAL D 2102 -26.93 -78.49 30.86
CA VAL D 2102 -25.87 -77.51 30.61
C VAL D 2102 -26.42 -76.10 30.72
N VAL D 2103 -27.63 -75.86 30.21
CA VAL D 2103 -28.24 -74.53 30.32
C VAL D 2103 -28.50 -74.18 31.80
N ARG D 2104 -28.97 -75.15 32.58
CA ARG D 2104 -29.18 -74.91 34.01
C ARG D 2104 -27.86 -74.64 34.73
N TRP D 2105 -26.80 -75.37 34.38
CA TRP D 2105 -25.51 -75.15 35.01
C TRP D 2105 -24.96 -73.77 34.69
N ALA D 2106 -25.13 -73.32 33.44
CA ALA D 2106 -24.71 -71.97 33.08
C ALA D 2106 -25.58 -70.90 33.73
N GLN D 2107 -26.85 -71.21 33.97
CA GLN D 2107 -27.79 -70.25 34.55
C GLN D 2107 -27.68 -70.13 36.06
N GLU D 2108 -27.21 -71.17 36.75
CA GLU D 2108 -27.24 -71.19 38.20
C GLU D 2108 -26.34 -70.12 38.82
N ASP D 2109 -25.08 -70.07 38.41
CA ASP D 2109 -24.13 -69.14 39.00
C ASP D 2109 -22.98 -68.92 38.02
N TYR D 2110 -22.19 -67.88 38.32
CA TYR D 2110 -20.99 -67.61 37.53
C TYR D 2110 -19.99 -68.73 37.73
N VAL D 2111 -19.36 -69.16 36.64
CA VAL D 2111 -18.56 -70.37 36.62
C VAL D 2111 -17.10 -70.00 36.40
N GLN D 2112 -16.23 -70.42 37.32
CA GLN D 2112 -14.80 -70.26 37.21
C GLN D 2112 -14.21 -71.50 36.53
N SER D 2113 -12.89 -71.71 36.65
CA SER D 2113 -12.19 -72.87 36.13
C SER D 2113 -12.43 -73.06 34.64
N PRO D 2114 -11.77 -72.27 33.79
CA PRO D 2114 -12.13 -72.23 32.35
C PRO D 2114 -12.14 -73.57 31.63
N GLU D 2115 -11.42 -74.57 32.15
CA GLU D 2115 -11.53 -75.92 31.61
C GLU D 2115 -12.96 -76.45 31.70
N LEU D 2116 -13.63 -76.18 32.83
CA LEU D 2116 -15.04 -76.55 32.97
C LEU D 2116 -15.90 -75.86 31.92
N VAL D 2117 -15.68 -74.56 31.70
CA VAL D 2117 -16.46 -73.81 30.72
C VAL D 2117 -16.25 -74.37 29.32
N ARG D 2118 -14.98 -74.64 28.97
CA ARG D 2118 -14.65 -75.16 27.65
C ARG D 2118 -15.29 -76.53 27.44
N ALA D 2119 -15.22 -77.41 28.45
CA ALA D 2119 -15.81 -78.73 28.31
C ALA D 2119 -17.33 -78.67 28.20
N MET D 2120 -17.96 -77.80 29.01
CA MET D 2120 -19.40 -77.66 28.97
C MET D 2120 -19.89 -77.15 27.62
N PHE D 2121 -19.24 -76.10 27.11
CA PHE D 2121 -19.67 -75.53 25.84
C PHE D 2121 -19.34 -76.45 24.66
N SER D 2122 -18.24 -77.18 24.73
CA SER D 2122 -17.96 -78.19 23.69
C SER D 2122 -19.01 -79.29 23.70
N LEU D 2123 -19.41 -79.76 24.89
CA LEU D 2123 -20.47 -80.76 24.97
C LEU D 2123 -21.78 -80.23 24.43
N LEU D 2124 -22.10 -78.96 24.74
CA LEU D 2124 -23.30 -78.33 24.20
C LEU D 2124 -23.27 -78.28 22.67
N HIS D 2125 -22.14 -77.84 22.11
CA HIS D 2125 -22.04 -77.70 20.67
C HIS D 2125 -22.10 -79.05 19.96
N ARG D 2126 -21.40 -80.06 20.49
CA ARG D 2126 -21.41 -81.39 19.88
C ARG D 2126 -22.78 -82.04 19.98
N GLN D 2127 -23.44 -81.88 21.13
CA GLN D 2127 -24.80 -82.40 21.29
C GLN D 2127 -25.80 -81.73 20.36
N TYR D 2128 -25.72 -80.40 20.20
CA TYR D 2128 -26.63 -79.71 19.28
C TYR D 2128 -26.33 -80.04 17.82
N ASP D 2129 -25.04 -80.11 17.44
CA ASP D 2129 -24.66 -80.37 16.07
C ASP D 2129 -24.43 -81.87 15.89
N GLY D 2130 -25.53 -82.61 15.86
CA GLY D 2130 -25.45 -84.05 15.70
C GLY D 2130 -25.04 -84.46 14.30
N LEU D 2131 -25.67 -83.86 13.29
CA LEU D 2131 -25.40 -84.25 11.90
C LEU D 2131 -24.08 -83.68 11.41
N GLY D 2132 -23.70 -82.50 11.88
CA GLY D 2132 -22.39 -81.95 11.51
C GLY D 2132 -21.24 -82.79 12.02
N GLU D 2133 -21.39 -83.36 13.22
CA GLU D 2133 -20.38 -84.27 13.74
C GLU D 2133 -20.27 -85.52 12.87
N LEU D 2134 -21.41 -86.05 12.41
CA LEU D 2134 -21.38 -87.18 11.49
C LEU D 2134 -20.69 -86.83 10.18
N LEU D 2135 -20.98 -85.64 9.64
CA LEU D 2135 -20.34 -85.21 8.40
C LEU D 2135 -18.83 -85.06 8.60
N ARG D 2136 -18.40 -84.54 9.74
CA ARG D 2136 -16.98 -84.37 10.00
C ARG D 2136 -16.27 -85.70 10.21
N ALA D 2137 -16.94 -86.66 10.85
CA ALA D 2137 -16.33 -87.95 11.17
C ALA D 2137 -16.48 -88.98 10.06
N LEU D 2138 -17.28 -88.70 9.04
CA LEU D 2138 -17.43 -89.64 7.92
C LEU D 2138 -16.13 -90.00 7.19
N PRO D 2139 -15.20 -89.08 6.87
CA PRO D 2139 -13.99 -89.51 6.16
C PRO D 2139 -13.13 -90.53 6.90
N ARG D 2140 -13.18 -90.57 8.23
CA ARG D 2140 -12.38 -91.52 8.98
C ARG D 2140 -12.93 -92.94 8.94
N ALA D 2141 -14.18 -93.13 8.49
CA ALA D 2141 -14.76 -94.46 8.45
C ALA D 2141 -14.16 -95.29 7.32
N TYR D 2142 -14.03 -96.59 7.57
CA TYR D 2142 -13.48 -97.49 6.57
C TYR D 2142 -14.10 -98.88 6.75
N THR D 2143 -14.23 -99.60 5.63
CA THR D 2143 -14.81 -100.93 5.58
C THR D 2143 -13.81 -101.88 4.94
N ILE D 2144 -13.67 -103.08 5.52
CA ILE D 2144 -12.75 -104.08 4.97
C ILE D 2144 -13.40 -105.44 4.90
N SER D 2145 -12.97 -106.23 3.92
CA SER D 2145 -13.44 -107.60 3.74
C SER D 2145 -12.88 -108.50 4.85
N PRO D 2146 -13.59 -109.60 5.18
CA PRO D 2146 -13.05 -110.55 6.17
C PRO D 2146 -11.80 -111.27 5.70
N SER D 2147 -11.25 -112.13 6.56
CA SER D 2147 -10.00 -112.87 6.39
C SER D 2147 -8.78 -111.96 6.29
N SER D 2148 -8.91 -110.70 6.73
CA SER D 2148 -7.78 -109.79 6.80
C SER D 2148 -7.70 -109.05 8.14
N VAL D 2149 -8.62 -109.34 9.06
CA VAL D 2149 -8.58 -108.69 10.37
C VAL D 2149 -7.35 -109.12 11.15
N GLU D 2150 -6.96 -110.39 11.01
CA GLU D 2150 -5.73 -110.87 11.64
C GLU D 2150 -4.50 -110.18 11.05
N ASP D 2151 -4.56 -109.80 9.77
CA ASP D 2151 -3.45 -109.08 9.16
C ASP D 2151 -3.40 -107.63 9.64
N THR D 2152 -4.56 -106.97 9.74
CA THR D 2152 -4.56 -105.56 10.13
C THR D 2152 -4.43 -105.36 11.63
N MET D 2153 -4.64 -106.41 12.44
CA MET D 2153 -4.45 -106.28 13.88
C MET D 2153 -2.99 -105.99 14.23
N SER D 2154 -2.06 -106.67 13.54
CA SER D 2154 -0.64 -106.39 13.74
C SER D 2154 -0.28 -104.98 13.29
N LEU D 2155 -0.89 -104.52 12.20
CA LEU D 2155 -0.68 -103.15 11.73
C LEU D 2155 -1.14 -102.14 12.78
N LEU D 2156 -2.33 -102.35 13.34
CA LEU D 2156 -2.86 -101.46 14.37
C LEU D 2156 -1.98 -101.47 15.62
N GLU D 2157 -1.54 -102.66 16.04
CA GLU D 2157 -0.68 -102.77 17.22
C GLU D 2157 0.65 -102.06 17.00
N CYS D 2158 1.24 -102.23 15.81
CA CYS D 2158 2.51 -101.54 15.52
C CYS D 2158 2.32 -100.03 15.50
N LEU D 2159 1.25 -99.55 14.85
CA LEU D 2159 1.01 -98.12 14.80
C LEU D 2159 0.79 -97.55 16.20
N GLY D 2160 0.09 -98.30 17.06
CA GLY D 2160 -0.02 -97.91 18.46
C GLY D 2160 1.33 -97.90 19.17
N GLN D 2161 2.23 -98.82 18.79
CA GLN D 2161 3.55 -98.85 19.40
C GLN D 2161 4.35 -97.60 19.07
N ILE D 2162 4.39 -97.20 17.79
CA ILE D 2162 5.06 -95.94 17.44
C ILE D 2162 4.34 -94.73 18.06
N ARG D 2163 3.01 -94.78 18.14
CA ARG D 2163 2.28 -93.66 18.76
C ARG D 2163 2.63 -93.52 20.23
N SER D 2164 2.78 -94.65 20.95
CA SER D 2164 3.19 -94.60 22.35
C SER D 2164 4.63 -94.16 22.50
N LEU D 2165 5.52 -94.62 21.60
CA LEU D 2165 6.92 -94.26 21.69
C LEU D 2165 7.19 -92.81 21.28
N LEU D 2166 6.25 -92.17 20.58
CA LEU D 2166 6.47 -90.80 20.12
C LEU D 2166 6.54 -89.81 21.29
N ILE D 2167 5.69 -90.01 22.31
CA ILE D 2167 5.56 -89.01 23.36
C ILE D 2167 6.82 -88.92 24.22
N VAL D 2168 7.52 -90.04 24.40
CA VAL D 2168 8.72 -90.03 25.23
C VAL D 2168 9.88 -89.42 24.48
N GLN D 2169 10.92 -89.04 25.22
CA GLN D 2169 12.09 -88.42 24.62
C GLN D 2169 12.89 -89.44 23.82
N MET D 2170 13.63 -88.94 22.83
CA MET D 2170 14.42 -89.81 21.96
C MET D 2170 15.59 -90.38 22.76
N GLY D 2171 15.77 -91.70 22.68
CA GLY D 2171 16.82 -92.36 23.43
C GLY D 2171 17.48 -93.48 22.68
N PRO D 2172 18.70 -93.86 23.11
CA PRO D 2172 19.41 -94.96 22.44
C PRO D 2172 18.68 -96.29 22.53
N GLN D 2173 17.99 -96.57 23.65
CA GLN D 2173 17.26 -97.82 23.77
C GLN D 2173 15.99 -97.79 22.93
N GLU D 2174 15.31 -96.65 22.89
CA GLU D 2174 14.08 -96.54 22.10
C GLU D 2174 14.39 -96.51 20.60
N GLU D 2175 15.61 -96.14 20.23
CA GLU D 2175 15.97 -96.06 18.81
C GLU D 2175 15.91 -97.44 18.15
N ASN D 2176 16.50 -98.45 18.80
CA ASN D 2176 16.48 -99.79 18.23
C ASN D 2176 15.06 -100.34 18.18
N LEU D 2177 14.26 -100.09 19.22
CA LEU D 2177 12.87 -100.55 19.23
C LEU D 2177 12.06 -99.91 18.12
N MET D 2178 12.24 -98.60 17.90
CA MET D 2178 11.49 -97.92 16.85
C MET D 2178 11.95 -98.34 15.46
N ILE D 2179 13.26 -98.57 15.28
CA ILE D 2179 13.76 -99.05 13.99
C ILE D 2179 13.21 -100.45 13.70
N GLN D 2180 13.18 -101.32 14.71
CA GLN D 2180 12.61 -102.65 14.54
C GLN D 2180 11.11 -102.57 14.23
N SER D 2181 10.40 -101.64 14.89
CA SER D 2181 8.97 -101.46 14.61
C SER D 2181 8.74 -100.98 13.18
N ILE D 2182 9.59 -100.06 12.70
CA ILE D 2182 9.47 -99.58 11.31
C ILE D 2182 9.76 -100.72 10.33
N GLY D 2183 10.80 -101.51 10.61
CA GLY D 2183 11.10 -102.64 9.75
C GLY D 2183 9.99 -103.68 9.72
N ASN D 2184 9.33 -103.89 10.85
CA ASN D 2184 8.23 -104.84 10.90
C ASN D 2184 6.99 -104.29 10.19
N ILE D 2185 6.71 -102.99 10.34
CA ILE D 2185 5.52 -102.40 9.73
C ILE D 2185 5.71 -102.15 8.24
N MET D 2186 6.95 -102.19 7.76
CA MET D 2186 7.21 -102.02 6.33
C MET D 2186 6.49 -103.08 5.49
N ASN D 2187 6.51 -104.33 5.95
CA ASN D 2187 5.84 -105.43 5.26
C ASN D 2187 4.80 -106.12 6.16
N ASN D 2188 3.53 -105.99 5.79
CA ASN D 2188 2.44 -106.64 6.52
C ASN D 2188 1.41 -107.28 5.58
N LYS D 2189 1.66 -107.26 4.27
CA LYS D 2189 0.82 -107.77 3.18
C LYS D 2189 -0.45 -106.93 3.01
N VAL D 2190 -0.68 -105.92 3.86
CA VAL D 2190 -1.82 -105.02 3.71
C VAL D 2190 -1.38 -103.61 3.36
N PHE D 2191 -0.09 -103.31 3.36
CA PHE D 2191 0.40 -102.00 2.95
C PHE D 2191 0.11 -101.73 1.49
N TYR D 2192 0.12 -102.76 0.65
CA TYR D 2192 -0.07 -102.60 -0.78
C TYR D 2192 -1.53 -102.67 -1.20
N GLN D 2193 -2.36 -103.44 -0.48
CA GLN D 2193 -3.73 -103.67 -0.92
C GLN D 2193 -4.62 -102.44 -0.70
N HIS D 2194 -4.39 -101.72 0.40
CA HIS D 2194 -5.25 -100.59 0.78
C HIS D 2194 -4.39 -99.36 1.02
N PRO D 2195 -3.97 -98.69 -0.06
CA PRO D 2195 -3.22 -97.43 0.12
C PRO D 2195 -4.05 -96.32 0.76
N ASN D 2196 -5.36 -96.29 0.51
CA ASN D 2196 -6.21 -95.23 1.06
C ASN D 2196 -6.34 -95.33 2.58
N LEU D 2197 -6.28 -96.55 3.13
CA LEU D 2197 -6.36 -96.72 4.57
C LEU D 2197 -5.16 -96.10 5.28
N MET D 2198 -3.99 -96.15 4.65
CA MET D 2198 -2.82 -95.48 5.21
C MET D 2198 -3.02 -93.98 5.31
N ARG D 2199 -3.57 -93.37 4.25
CA ARG D 2199 -3.84 -91.94 4.29
C ARG D 2199 -4.92 -91.60 5.30
N ALA D 2200 -5.95 -92.45 5.42
CA ALA D 2200 -7.00 -92.23 6.39
C ALA D 2200 -6.46 -92.29 7.82
N LEU D 2201 -5.56 -93.24 8.10
CA LEU D 2201 -4.94 -93.35 9.41
C LEU D 2201 -3.88 -92.29 9.64
N GLY D 2202 -3.37 -91.65 8.58
CA GLY D 2202 -2.41 -90.57 8.71
C GLY D 2202 -1.06 -90.99 9.27
N MET D 2203 -0.51 -92.11 8.78
CA MET D 2203 0.77 -92.58 9.26
C MET D 2203 1.91 -91.64 8.86
N HIS D 2204 1.81 -91.04 7.65
CA HIS D 2204 2.88 -90.18 7.17
C HIS D 2204 3.04 -88.93 8.01
N GLU D 2205 1.94 -88.39 8.54
CA GLU D 2205 2.03 -87.26 9.46
C GLU D 2205 2.79 -87.64 10.73
N THR D 2206 2.50 -88.81 11.28
CA THR D 2206 3.22 -89.29 12.46
C THR D 2206 4.69 -89.49 12.16
N VAL D 2207 5.00 -90.03 10.97
CA VAL D 2207 6.40 -90.21 10.56
C VAL D 2207 7.11 -88.87 10.45
N MET D 2208 6.45 -87.86 9.87
CA MET D 2208 7.07 -86.54 9.77
C MET D 2208 7.28 -85.92 11.14
N GLU D 2209 6.29 -86.04 12.04
CA GLU D 2209 6.42 -85.45 13.36
C GLU D 2209 7.39 -86.20 14.27
N VAL D 2210 7.71 -87.46 13.96
CA VAL D 2210 8.76 -88.12 14.71
C VAL D 2210 10.13 -87.91 14.06
N MET D 2211 10.17 -87.61 12.76
CA MET D 2211 11.43 -87.30 12.09
C MET D 2211 11.92 -85.89 12.40
N VAL D 2212 11.00 -84.93 12.59
CA VAL D 2212 11.42 -83.55 12.83
C VAL D 2212 12.17 -83.42 14.14
N ASN D 2213 11.76 -84.19 15.17
CA ASN D 2213 12.39 -84.07 16.48
C ASN D 2213 13.83 -84.60 16.48
N VAL D 2214 14.17 -85.49 15.54
CA VAL D 2214 15.52 -86.05 15.49
C VAL D 2214 16.53 -84.98 15.10
N LEU D 2215 16.23 -84.22 14.05
CA LEU D 2215 17.13 -83.18 13.56
C LEU D 2215 16.80 -81.80 14.11
N GLY D 2216 15.78 -81.67 14.96
CA GLY D 2216 15.45 -80.39 15.53
C GLY D 2216 16.49 -79.90 16.52
N GLY D 2217 16.54 -78.58 16.69
CA GLY D 2217 17.47 -77.94 17.59
C GLY D 2217 18.75 -77.45 16.95
N GLY D 2218 19.04 -77.86 15.72
CA GLY D 2218 20.26 -77.44 15.05
C GLY D 2218 20.29 -77.83 13.58
N GLU D 2219 20.65 -76.89 12.72
CA GLU D 2219 20.72 -77.17 11.29
C GLU D 2219 21.98 -77.97 10.95
N THR D 2220 23.15 -77.39 11.19
CA THR D 2220 24.41 -78.04 10.89
C THR D 2220 25.43 -78.00 12.03
N LYS D 2221 25.30 -77.07 12.99
CA LYS D 2221 26.25 -77.01 14.09
C LYS D 2221 26.14 -78.24 14.98
N GLU D 2222 24.93 -78.69 15.27
CA GLU D 2222 24.69 -79.84 16.13
C GLU D 2222 23.92 -80.90 15.37
N ILE D 2223 24.43 -82.12 15.40
CA ILE D 2223 23.75 -83.26 14.78
C ILE D 2223 24.18 -84.53 15.51
N ARG D 2224 23.25 -85.46 15.66
CA ARG D 2224 23.51 -86.71 16.38
C ARG D 2224 22.46 -87.74 15.97
N PHE D 2225 22.47 -88.89 16.65
CA PHE D 2225 21.55 -90.01 16.46
C PHE D 2225 21.54 -90.52 15.03
N PRO D 2226 22.58 -91.22 14.56
CA PRO D 2226 22.54 -91.81 13.22
C PRO D 2226 21.64 -93.05 13.16
N LYS D 2227 21.56 -93.66 11.98
CA LYS D 2227 20.83 -94.90 11.71
C LYS D 2227 19.33 -94.80 11.97
N MET D 2228 18.82 -93.59 12.20
CA MET D 2228 17.39 -93.35 12.40
C MET D 2228 16.77 -92.66 11.21
N VAL D 2229 17.33 -91.52 10.80
CA VAL D 2229 16.79 -90.76 9.68
C VAL D 2229 16.90 -91.55 8.38
N THR D 2230 17.92 -92.39 8.24
CA THR D 2230 18.07 -93.20 7.04
C THR D 2230 16.92 -94.18 6.88
N SER D 2231 16.62 -94.95 7.93
CA SER D 2231 15.51 -95.89 7.86
C SER D 2231 14.17 -95.18 7.73
N CYS D 2232 14.00 -94.06 8.45
CA CYS D 2232 12.74 -93.31 8.38
C CYS D 2232 12.53 -92.76 6.98
N CYS D 2233 13.58 -92.22 6.35
CA CYS D 2233 13.46 -91.69 5.00
C CYS D 2233 13.29 -92.79 3.97
N ARG D 2234 13.88 -93.97 4.20
CA ARG D 2234 13.63 -95.10 3.32
C ARG D 2234 12.16 -95.52 3.37
N PHE D 2235 11.58 -95.56 4.57
CA PHE D 2235 10.16 -95.88 4.68
C PHE D 2235 9.30 -94.79 4.03
N LEU D 2236 9.70 -93.53 4.18
CA LEU D 2236 8.97 -92.43 3.53
C LEU D 2236 9.03 -92.55 2.01
N CYS D 2237 10.21 -92.89 1.47
CA CYS D 2237 10.34 -93.08 0.03
C CYS D 2237 9.49 -94.24 -0.45
N TYR D 2238 9.46 -95.33 0.30
CA TYR D 2238 8.62 -96.47 -0.07
C TYR D 2238 7.13 -96.09 -0.07
N PHE D 2239 6.70 -95.35 0.95
CA PHE D 2239 5.31 -94.93 1.02
C PHE D 2239 4.96 -93.93 -0.09
N CYS D 2240 5.94 -93.10 -0.49
CA CYS D 2240 5.69 -92.17 -1.58
C CYS D 2240 5.62 -92.89 -2.92
N ARG D 2241 6.45 -93.92 -3.12
CA ARG D 2241 6.52 -94.63 -4.39
C ARG D 2241 5.53 -95.78 -4.51
N ILE D 2242 4.83 -96.14 -3.44
CA ILE D 2242 3.87 -97.24 -3.53
C ILE D 2242 2.69 -96.86 -4.43
N SER D 2243 2.30 -95.59 -4.45
CA SER D 2243 1.15 -95.17 -5.25
C SER D 2243 1.28 -93.70 -5.61
N ARG D 2244 0.55 -93.29 -6.65
CA ARG D 2244 0.58 -91.91 -7.10
C ARG D 2244 -0.27 -90.99 -6.21
N GLN D 2245 -1.29 -91.55 -5.56
CA GLN D 2245 -2.19 -90.73 -4.73
C GLN D 2245 -1.46 -90.15 -3.53
N ASN D 2246 -0.60 -90.93 -2.88
CA ASN D 2246 0.14 -90.44 -1.72
C ASN D 2246 1.22 -89.44 -2.11
N GLN D 2247 1.61 -89.42 -3.38
CA GLN D 2247 2.65 -88.49 -3.83
C GLN D 2247 2.21 -87.04 -3.70
N ARG D 2248 0.94 -86.76 -4.04
CA ARG D 2248 0.44 -85.40 -3.94
C ARG D 2248 0.38 -84.93 -2.49
N SER D 2249 -0.01 -85.82 -1.57
CA SER D 2249 0.00 -85.48 -0.15
C SER D 2249 1.42 -85.25 0.35
N MET D 2250 2.37 -86.08 -0.10
CA MET D 2250 3.76 -85.90 0.30
C MET D 2250 4.36 -84.62 -0.27
N PHE D 2251 3.83 -84.16 -1.41
CA PHE D 2251 4.34 -82.95 -2.05
C PHE D 2251 4.11 -81.70 -1.20
N ASP D 2252 3.12 -81.71 -0.30
CA ASP D 2252 2.81 -80.53 0.50
C ASP D 2252 3.92 -80.19 1.50
N HIS D 2253 4.79 -81.13 1.82
CA HIS D 2253 5.90 -80.91 2.74
C HIS D 2253 7.22 -80.67 2.02
N LEU D 2254 7.19 -80.39 0.71
CA LEU D 2254 8.41 -80.20 -0.06
C LEU D 2254 9.19 -78.97 0.41
N SER D 2255 8.47 -77.89 0.76
CA SER D 2255 9.14 -76.65 1.17
C SER D 2255 9.96 -76.86 2.44
N TYR D 2256 9.41 -77.60 3.41
CA TYR D 2256 10.16 -77.85 4.64
C TYR D 2256 11.26 -78.87 4.43
N LEU D 2257 11.02 -79.88 3.58
CA LEU D 2257 12.00 -80.95 3.40
C LEU D 2257 13.29 -80.43 2.79
N LEU D 2258 13.20 -79.57 1.77
CA LEU D 2258 14.40 -79.02 1.16
C LEU D 2258 15.10 -77.98 2.02
N GLU D 2259 14.46 -77.50 3.09
CA GLU D 2259 15.15 -76.65 4.04
C GLU D 2259 16.21 -77.43 4.81
N ASN D 2260 15.90 -78.66 5.21
CA ASN D 2260 16.83 -79.51 5.94
C ASN D 2260 17.50 -80.55 5.06
N SER D 2261 17.23 -80.54 3.75
CA SER D 2261 17.94 -81.44 2.83
C SER D 2261 19.44 -81.19 2.85
N GLY D 2262 19.84 -79.92 2.97
CA GLY D 2262 21.25 -79.60 3.09
C GLY D 2262 21.86 -79.89 4.44
N ILE D 2263 21.03 -80.22 5.44
CA ILE D 2263 21.54 -80.55 6.77
C ILE D 2263 22.11 -81.96 6.86
N GLY D 2264 21.89 -82.79 5.84
CA GLY D 2264 22.42 -84.14 5.84
C GLY D 2264 23.72 -84.28 5.09
N LEU D 2265 23.67 -84.86 3.89
CA LEU D 2265 24.82 -85.04 3.01
C LEU D 2265 25.94 -85.82 3.71
N GLY D 2266 25.55 -86.83 4.48
CA GLY D 2266 26.51 -87.61 5.24
C GLY D 2266 26.91 -88.92 4.58
N MET D 2267 26.72 -90.03 5.29
CA MET D 2267 27.10 -91.34 4.80
C MET D 2267 26.10 -91.84 3.76
N GLN D 2268 26.45 -92.95 3.12
CA GLN D 2268 25.58 -93.56 2.12
C GLN D 2268 24.30 -94.08 2.78
N GLY D 2269 23.18 -93.90 2.07
CA GLY D 2269 21.89 -94.31 2.56
C GLY D 2269 20.85 -93.27 2.18
N SER D 2270 19.68 -93.37 2.80
CA SER D 2270 18.61 -92.43 2.52
C SER D 2270 18.93 -91.06 3.11
N THR D 2271 18.52 -90.02 2.40
CA THR D 2271 18.78 -88.63 2.72
C THR D 2271 17.47 -87.85 2.62
N PRO D 2272 17.24 -86.86 3.49
CA PRO D 2272 16.01 -86.04 3.37
C PRO D 2272 15.85 -85.34 2.02
N LEU D 2273 16.93 -85.24 1.25
CA LEU D 2273 16.81 -84.80 -0.13
C LEU D 2273 16.27 -85.91 -1.04
N ASP D 2274 16.51 -87.17 -0.70
CA ASP D 2274 16.11 -88.27 -1.56
C ASP D 2274 14.60 -88.42 -1.62
N VAL D 2275 13.90 -88.21 -0.51
CA VAL D 2275 12.44 -88.30 -0.51
C VAL D 2275 11.85 -87.18 -1.36
N ALA D 2276 12.43 -85.98 -1.28
CA ALA D 2276 11.98 -84.88 -2.12
C ALA D 2276 12.24 -85.16 -3.60
N ALA D 2277 13.39 -85.76 -3.91
CA ALA D 2277 13.69 -86.13 -5.29
C ALA D 2277 12.71 -87.19 -5.81
N ALA D 2278 12.37 -88.17 -4.96
CA ALA D 2278 11.45 -89.22 -5.36
C ALA D 2278 10.01 -88.76 -5.40
N SER D 2279 9.68 -87.66 -4.73
CA SER D 2279 8.32 -87.13 -4.73
C SER D 2279 7.92 -86.49 -6.05
N VAL D 2280 8.85 -86.33 -6.99
CA VAL D 2280 8.54 -85.71 -8.27
C VAL D 2280 8.97 -86.64 -9.41
N ILE D 2281 9.04 -87.94 -9.15
CA ILE D 2281 9.36 -88.90 -10.21
C ILE D 2281 8.21 -88.99 -11.20
N ASP D 2282 6.98 -89.17 -10.71
CA ASP D 2282 5.79 -89.19 -11.56
C ASP D 2282 5.27 -87.76 -11.71
N ASN D 2283 6.06 -86.96 -12.42
CA ASN D 2283 5.83 -85.53 -12.55
C ASN D 2283 4.95 -85.25 -13.76
N ASN D 2284 4.91 -83.98 -14.20
CA ASN D 2284 4.13 -83.37 -15.27
C ASN D 2284 2.68 -83.13 -14.85
N GLU D 2285 2.26 -83.62 -13.70
CA GLU D 2285 0.96 -83.29 -13.15
C GLU D 2285 1.05 -82.40 -11.92
N LEU D 2286 2.20 -82.36 -11.25
CA LEU D 2286 2.44 -81.50 -10.12
C LEU D 2286 3.75 -80.74 -10.19
N ALA D 2287 4.66 -81.09 -11.10
CA ALA D 2287 5.92 -80.39 -11.25
C ALA D 2287 5.76 -79.00 -11.84
N LEU D 2288 4.61 -78.72 -12.47
CA LEU D 2288 4.38 -77.38 -13.00
C LEU D 2288 4.16 -76.36 -11.89
N ALA D 2289 3.67 -76.82 -10.73
CA ALA D 2289 3.50 -75.96 -9.56
C ALA D 2289 4.75 -75.87 -8.71
N LEU D 2290 5.83 -76.58 -9.08
CA LEU D 2290 7.06 -76.59 -8.31
C LEU D 2290 7.77 -75.24 -8.33
N GLN D 2291 7.47 -74.39 -9.30
CA GLN D 2291 8.10 -73.08 -9.38
C GLN D 2291 7.72 -72.22 -8.17
N GLU D 2292 8.50 -71.15 -7.95
CA GLU D 2292 8.50 -70.30 -6.76
C GLU D 2292 8.25 -71.04 -5.45
N GLN D 2293 8.82 -72.24 -5.31
CA GLN D 2293 8.73 -73.00 -4.07
C GLN D 2293 10.10 -73.24 -3.45
N ASP D 2294 10.99 -73.96 -4.14
CA ASP D 2294 12.30 -74.25 -3.54
C ASP D 2294 13.47 -74.20 -4.52
N LEU D 2295 13.27 -73.82 -5.79
CA LEU D 2295 14.37 -73.84 -6.74
C LEU D 2295 15.42 -72.79 -6.40
N GLU D 2296 14.98 -71.60 -5.97
CA GLU D 2296 15.89 -70.53 -5.60
C GLU D 2296 16.60 -70.80 -4.28
N LYS D 2297 16.12 -71.76 -3.49
CA LYS D 2297 16.85 -72.18 -2.29
C LYS D 2297 17.79 -73.35 -2.57
N VAL D 2298 17.45 -74.23 -3.51
CA VAL D 2298 18.37 -75.28 -3.92
C VAL D 2298 19.58 -74.67 -4.63
N VAL D 2299 19.36 -73.68 -5.49
CA VAL D 2299 20.48 -73.08 -6.20
C VAL D 2299 21.39 -72.31 -5.24
N SER D 2300 20.83 -71.79 -4.14
CA SER D 2300 21.68 -71.14 -3.13
C SER D 2300 22.58 -72.16 -2.44
N TYR D 2301 22.05 -73.37 -2.19
CA TYR D 2301 22.88 -74.45 -1.65
C TYR D 2301 23.98 -74.82 -2.64
N LEU D 2302 23.64 -74.86 -3.93
CA LEU D 2302 24.64 -75.14 -4.96
C LEU D 2302 25.74 -74.07 -4.98
N ALA D 2303 25.34 -72.80 -4.90
CA ALA D 2303 26.31 -71.70 -4.91
C ALA D 2303 27.20 -71.74 -3.67
N GLY D 2304 26.62 -72.05 -2.51
CA GLY D 2304 27.41 -72.16 -1.30
C GLY D 2304 28.38 -73.33 -1.35
N CYS D 2305 27.95 -74.46 -1.93
CA CYS D 2305 28.83 -75.61 -2.05
C CYS D 2305 29.93 -75.37 -3.06
N GLY D 2306 29.66 -74.59 -4.11
CA GLY D 2306 30.68 -74.27 -5.10
C GLY D 2306 31.80 -73.40 -4.58
N LEU D 2307 31.54 -72.63 -3.53
CA LEU D 2307 32.56 -71.79 -2.89
C LEU D 2307 33.18 -72.45 -1.66
N GLN D 2308 32.40 -73.21 -0.90
CA GLN D 2308 32.91 -73.84 0.30
C GLN D 2308 33.84 -75.01 -0.05
N SER D 2309 34.71 -75.35 0.90
CA SER D 2309 35.69 -76.41 0.72
C SER D 2309 35.31 -77.71 1.42
N CYS D 2310 34.19 -77.72 2.17
CA CYS D 2310 33.69 -78.87 2.92
C CYS D 2310 34.76 -79.46 3.82
N PRO D 2311 35.08 -78.81 4.94
CA PRO D 2311 36.16 -79.31 5.82
C PRO D 2311 35.88 -80.67 6.44
N MET D 2312 34.62 -81.10 6.50
CA MET D 2312 34.28 -82.37 7.12
C MET D 2312 34.93 -83.55 6.39
N LEU D 2313 34.90 -83.54 5.06
CA LEU D 2313 35.52 -84.61 4.30
C LEU D 2313 37.04 -84.48 4.26
N LEU D 2314 37.56 -83.25 4.23
CA LEU D 2314 39.01 -83.05 4.14
C LEU D 2314 39.71 -83.17 5.48
N ALA D 2315 38.97 -83.30 6.59
CA ALA D 2315 39.58 -83.45 7.89
C ALA D 2315 40.39 -84.74 8.02
N LYS D 2316 40.13 -85.73 7.17
CA LYS D 2316 40.86 -87.00 7.23
C LYS D 2316 42.29 -86.89 6.71
N GLY D 2317 42.62 -85.82 6.00
CA GLY D 2317 43.97 -85.67 5.47
C GLY D 2317 44.01 -85.51 3.96
N TYR D 2318 42.89 -85.08 3.38
CA TYR D 2318 42.80 -84.85 1.95
C TYR D 2318 43.54 -83.57 1.56
N PRO D 2319 43.92 -83.43 0.28
CA PRO D 2319 44.66 -82.23 -0.14
C PRO D 2319 43.90 -80.91 0.00
N ASP D 2320 42.62 -80.93 0.40
CA ASP D 2320 41.84 -79.73 0.71
C ASP D 2320 41.70 -78.83 -0.52
N ILE D 2321 41.00 -79.35 -1.52
CA ILE D 2321 40.66 -78.56 -2.69
C ILE D 2321 39.74 -77.41 -2.29
N GLY D 2322 39.84 -76.31 -3.02
CA GLY D 2322 39.07 -75.12 -2.66
C GLY D 2322 37.57 -75.30 -2.79
N TRP D 2323 37.14 -76.04 -3.81
CA TRP D 2323 35.72 -76.25 -4.07
C TRP D 2323 35.35 -77.72 -3.84
N ASN D 2324 34.15 -77.93 -3.32
CA ASN D 2324 33.71 -79.26 -2.91
C ASN D 2324 32.99 -79.96 -4.05
N PRO D 2325 33.51 -81.08 -4.55
CA PRO D 2325 32.82 -81.79 -5.64
C PRO D 2325 31.75 -82.76 -5.16
N CYS D 2326 31.91 -83.32 -3.96
CA CYS D 2326 31.00 -84.33 -3.47
C CYS D 2326 29.60 -83.76 -3.21
N GLY D 2327 29.55 -82.55 -2.64
CA GLY D 2327 28.27 -81.92 -2.37
C GLY D 2327 27.49 -81.64 -3.64
N GLY D 2328 28.18 -81.11 -4.66
CA GLY D 2328 27.53 -80.89 -5.94
C GLY D 2328 27.18 -82.18 -6.66
N GLU D 2329 27.93 -83.25 -6.43
CA GLU D 2329 27.59 -84.55 -7.01
C GLU D 2329 26.31 -85.09 -6.40
N ARG D 2330 26.17 -84.98 -5.07
CA ARG D 2330 24.91 -85.41 -4.45
C ARG D 2330 23.77 -84.47 -4.81
N TYR D 2331 24.05 -83.19 -4.98
CA TYR D 2331 23.04 -82.24 -5.43
C TYR D 2331 22.75 -82.44 -6.92
N LEU D 2332 21.84 -81.60 -7.43
CA LEU D 2332 21.44 -81.47 -8.83
C LEU D 2332 20.59 -82.66 -9.30
N ASP D 2333 20.47 -83.70 -8.48
CA ASP D 2333 19.57 -84.79 -8.80
C ASP D 2333 18.12 -84.32 -8.76
N PHE D 2334 17.77 -83.50 -7.75
CA PHE D 2334 16.43 -82.93 -7.68
C PHE D 2334 16.14 -82.04 -8.88
N LEU D 2335 17.13 -81.24 -9.30
CA LEU D 2335 16.95 -80.40 -10.49
C LEU D 2335 16.75 -81.25 -11.74
N ARG D 2336 17.54 -82.32 -11.88
CA ARG D 2336 17.40 -83.19 -13.04
C ARG D 2336 16.05 -83.87 -13.08
N PHE D 2337 15.57 -84.37 -11.93
CA PHE D 2337 14.25 -84.98 -11.90
C PHE D 2337 13.13 -83.96 -12.06
N ALA D 2338 13.37 -82.70 -11.71
CA ALA D 2338 12.37 -81.66 -11.93
C ALA D 2338 12.29 -81.26 -13.40
N VAL D 2339 13.42 -81.27 -14.10
CA VAL D 2339 13.46 -80.84 -15.49
C VAL D 2339 13.06 -81.97 -16.44
N PHE D 2340 13.70 -83.13 -16.32
CA PHE D 2340 13.50 -84.23 -17.27
C PHE D 2340 12.40 -85.15 -16.75
N VAL D 2341 11.15 -84.73 -16.97
CA VAL D 2341 10.01 -85.57 -16.58
C VAL D 2341 9.90 -86.80 -17.48
N ASN D 2342 10.12 -86.62 -18.77
CA ASN D 2342 9.98 -87.69 -19.75
C ASN D 2342 10.94 -87.38 -20.90
N GLY D 2343 10.72 -88.03 -22.06
CA GLY D 2343 11.52 -87.77 -23.24
C GLY D 2343 11.47 -86.32 -23.71
N GLU D 2344 10.41 -85.59 -23.36
CA GLU D 2344 10.32 -84.17 -23.63
C GLU D 2344 10.40 -83.40 -22.32
N SER D 2345 11.32 -82.44 -22.25
CA SER D 2345 11.53 -81.67 -21.04
C SER D 2345 10.45 -80.59 -20.91
N VAL D 2346 10.43 -79.96 -19.74
CA VAL D 2346 9.47 -78.90 -19.43
C VAL D 2346 10.15 -77.54 -19.63
N GLU D 2347 9.62 -76.76 -20.58
CA GLU D 2347 10.23 -75.48 -20.94
C GLU D 2347 10.04 -74.45 -19.83
N GLU D 2348 8.85 -74.42 -19.23
CA GLU D 2348 8.53 -73.41 -18.22
C GLU D 2348 9.38 -73.56 -16.97
N ASN D 2349 9.96 -74.73 -16.71
CA ASN D 2349 10.94 -74.91 -15.66
C ASN D 2349 12.37 -74.78 -16.15
N ALA D 2350 12.68 -75.34 -17.32
CA ALA D 2350 14.05 -75.31 -17.82
C ALA D 2350 14.52 -73.88 -18.07
N ASN D 2351 13.67 -73.05 -18.69
CA ASN D 2351 14.04 -71.68 -19.01
C ASN D 2351 14.35 -70.88 -17.75
N VAL D 2352 13.45 -70.95 -16.75
CA VAL D 2352 13.65 -70.16 -15.55
C VAL D 2352 14.84 -70.68 -14.75
N VAL D 2353 15.04 -72.01 -14.71
CA VAL D 2353 16.16 -72.53 -13.92
C VAL D 2353 17.49 -72.16 -14.56
N VAL D 2354 17.60 -72.21 -15.89
CA VAL D 2354 18.87 -71.84 -16.51
C VAL D 2354 19.09 -70.33 -16.42
N ARG D 2355 18.02 -69.54 -16.56
CA ARG D 2355 18.14 -68.08 -16.49
C ARG D 2355 18.58 -67.64 -15.10
N LEU D 2356 18.04 -68.26 -14.05
CA LEU D 2356 18.44 -67.88 -12.70
C LEU D 2356 19.76 -68.53 -12.30
N LEU D 2357 20.13 -69.65 -12.95
CA LEU D 2357 21.40 -70.31 -12.64
C LEU D 2357 22.58 -69.53 -13.22
N ILE D 2358 22.42 -68.95 -14.41
CA ILE D 2358 23.52 -68.22 -15.04
C ILE D 2358 23.74 -66.87 -14.38
N ARG D 2359 22.92 -66.54 -13.37
CA ARG D 2359 23.10 -65.29 -12.64
C ARG D 2359 24.42 -65.28 -11.86
N LYS D 2360 24.73 -66.37 -11.16
CA LYS D 2360 25.93 -66.45 -10.34
C LYS D 2360 26.96 -67.34 -11.01
N PRO D 2361 28.11 -66.80 -11.43
CA PRO D 2361 29.16 -67.66 -12.00
C PRO D 2361 29.74 -68.66 -11.02
N GLU D 2362 29.61 -68.43 -9.71
CA GLU D 2362 30.16 -69.35 -8.72
C GLU D 2362 29.43 -70.69 -8.70
N CYS D 2363 28.22 -70.77 -9.25
CA CYS D 2363 27.50 -72.04 -9.31
C CYS D 2363 28.21 -73.02 -10.23
N PHE D 2364 28.74 -72.55 -11.35
CA PHE D 2364 29.43 -73.41 -12.29
C PHE D 2364 30.81 -73.80 -11.73
N GLY D 2365 31.47 -74.71 -12.44
CA GLY D 2365 32.80 -75.12 -12.08
C GLY D 2365 33.82 -74.02 -12.26
N PRO D 2366 34.91 -74.07 -11.48
CA PRO D 2366 35.96 -73.04 -11.62
C PRO D 2366 36.62 -73.04 -12.98
N ALA D 2367 36.87 -74.23 -13.56
CA ALA D 2367 37.52 -74.32 -14.86
C ALA D 2367 36.63 -73.79 -15.98
N LEU D 2368 35.31 -73.71 -15.77
CA LEU D 2368 34.38 -73.22 -16.77
C LEU D 2368 34.06 -71.74 -16.59
N ARG D 2369 33.81 -71.30 -15.35
CA ARG D 2369 33.38 -69.95 -15.07
C ARG D 2369 34.49 -69.06 -14.51
N GLY D 2370 35.74 -69.51 -14.55
CA GLY D 2370 36.82 -68.71 -14.02
C GLY D 2370 37.24 -67.60 -14.96
N GLU D 2371 37.76 -66.52 -14.37
CA GLU D 2371 38.29 -65.42 -15.17
C GLU D 2371 39.55 -65.84 -15.92
N GLY D 2372 40.39 -66.65 -15.29
CA GLY D 2372 41.61 -67.11 -15.93
C GLY D 2372 41.34 -68.15 -16.99
N GLY D 2373 42.37 -68.39 -17.81
CA GLY D 2373 42.26 -69.34 -18.89
C GLY D 2373 42.20 -70.77 -18.38
N SER D 2374 41.08 -71.45 -18.62
CA SER D 2374 40.91 -72.84 -18.22
C SER D 2374 39.92 -73.50 -19.17
N GLY D 2375 40.15 -74.79 -19.43
CA GLY D 2375 39.35 -75.53 -20.38
C GLY D 2375 38.86 -76.84 -19.81
N LEU D 2376 37.79 -77.35 -20.42
CA LEU D 2376 37.23 -78.64 -20.00
C LEU D 2376 38.21 -79.78 -20.22
N LEU D 2377 38.88 -79.78 -21.38
CA LEU D 2377 39.87 -80.82 -21.66
C LEU D 2377 41.04 -80.75 -20.69
N ALA D 2378 41.49 -79.53 -20.38
CA ALA D 2378 42.59 -79.36 -19.41
C ALA D 2378 42.17 -79.83 -18.02
N ALA D 2379 40.94 -79.52 -17.60
CA ALA D 2379 40.46 -79.97 -16.31
C ALA D 2379 40.34 -81.48 -16.24
N ILE D 2380 39.83 -82.11 -17.31
CA ILE D 2380 39.70 -83.56 -17.33
C ILE D 2380 41.08 -84.23 -17.33
N GLU D 2381 42.03 -83.68 -18.10
CA GLU D 2381 43.39 -84.21 -18.10
C GLU D 2381 44.05 -84.08 -16.74
N GLU D 2382 43.84 -82.94 -16.06
CA GLU D 2382 44.37 -82.77 -14.72
C GLU D 2382 43.75 -83.75 -13.74
N ALA D 2383 42.44 -84.00 -13.85
CA ALA D 2383 41.79 -84.99 -13.00
C ALA D 2383 42.33 -86.39 -13.24
N ILE D 2384 42.57 -86.74 -14.50
CA ILE D 2384 43.15 -88.04 -14.84
C ILE D 2384 44.55 -88.17 -14.27
N ARG D 2385 45.35 -87.10 -14.38
CA ARG D 2385 46.70 -87.10 -13.82
C ARG D 2385 46.68 -87.25 -12.30
N ILE D 2386 45.76 -86.56 -11.63
CA ILE D 2386 45.64 -86.68 -10.18
C ILE D 2386 45.23 -88.09 -9.78
N SER D 2387 44.29 -88.68 -10.53
CA SER D 2387 43.86 -90.06 -10.25
C SER D 2387 45.01 -91.04 -10.46
N GLU D 2388 45.81 -90.84 -11.50
CA GLU D 2388 46.96 -91.71 -11.76
C GLU D 2388 48.01 -91.56 -10.67
N ASP D 2389 48.25 -90.34 -10.21
CA ASP D 2389 49.24 -90.12 -9.17
C ASP D 2389 48.73 -90.67 -7.83
N PRO D 2390 49.56 -91.39 -7.08
CA PRO D 2390 49.13 -91.88 -5.76
C PRO D 2390 48.78 -90.78 -4.78
N ALA D 2391 49.44 -89.63 -4.88
CA ALA D 2391 49.17 -88.52 -3.97
C ALA D 2391 47.85 -87.83 -4.33
N ARG D 2415 38.78 -94.52 -0.41
CA ARG D 2415 37.33 -94.43 -0.28
C ARG D 2415 36.72 -93.63 -1.41
N VAL D 2416 37.18 -92.39 -1.57
CA VAL D 2416 36.69 -91.49 -2.61
C VAL D 2416 37.88 -90.87 -3.33
N HIS D 2417 37.88 -90.95 -4.65
CA HIS D 2417 38.95 -90.38 -5.46
C HIS D 2417 38.57 -88.96 -5.85
N LEU D 2418 39.53 -88.03 -5.73
CA LEU D 2418 39.28 -86.64 -6.08
C LEU D 2418 38.98 -86.48 -7.57
N GLY D 2419 39.74 -87.17 -8.42
CA GLY D 2419 39.46 -87.12 -9.85
C GLY D 2419 38.11 -87.71 -10.20
N HIS D 2420 37.74 -88.81 -9.54
CA HIS D 2420 36.42 -89.40 -9.76
C HIS D 2420 35.31 -88.45 -9.34
N ALA D 2421 35.48 -87.77 -8.19
CA ALA D 2421 34.48 -86.82 -7.72
C ALA D 2421 34.33 -85.65 -8.68
N ILE D 2422 35.46 -85.11 -9.16
CA ILE D 2422 35.43 -83.98 -10.08
C ILE D 2422 34.78 -84.38 -11.41
N MET D 2423 35.15 -85.55 -11.93
CA MET D 2423 34.59 -86.00 -13.20
C MET D 2423 33.10 -86.30 -13.06
N SER D 2424 32.68 -86.86 -11.92
CA SER D 2424 31.25 -87.12 -11.71
C SER D 2424 30.47 -85.82 -11.60
N PHE D 2425 31.00 -84.83 -10.88
CA PHE D 2425 30.32 -83.54 -10.76
C PHE D 2425 30.22 -82.85 -12.12
N TYR D 2426 31.30 -82.88 -12.91
CA TYR D 2426 31.26 -82.25 -14.22
C TYR D 2426 30.30 -82.97 -15.17
N ALA D 2427 30.28 -84.30 -15.12
CA ALA D 2427 29.36 -85.06 -15.95
C ALA D 2427 27.91 -84.77 -15.56
N ALA D 2428 27.64 -84.67 -14.26
CA ALA D 2428 26.30 -84.32 -13.81
C ALA D 2428 25.90 -82.93 -14.27
N LEU D 2429 26.83 -81.97 -14.20
CA LEU D 2429 26.53 -80.60 -14.66
C LEU D 2429 26.25 -80.57 -16.16
N ILE D 2430 27.05 -81.28 -16.95
CA ILE D 2430 26.84 -81.31 -18.40
C ILE D 2430 25.53 -82.00 -18.74
N ASP D 2431 25.20 -83.08 -18.03
CA ASP D 2431 23.93 -83.76 -18.26
C ASP D 2431 22.74 -82.87 -17.91
N LEU D 2432 22.84 -82.13 -16.80
CA LEU D 2432 21.77 -81.21 -16.42
C LEU D 2432 21.61 -80.11 -17.46
N LEU D 2433 22.72 -79.57 -17.96
CA LEU D 2433 22.65 -78.53 -18.99
C LEU D 2433 22.03 -79.07 -20.27
N GLY D 2434 22.42 -80.28 -20.67
CA GLY D 2434 21.84 -80.88 -21.87
C GLY D 2434 20.36 -81.15 -21.74
N ARG D 2435 19.93 -81.62 -20.57
CA ARG D 2435 18.51 -81.87 -20.35
C ARG D 2435 17.72 -80.56 -20.26
N CYS D 2436 18.33 -79.51 -19.71
CA CYS D 2436 17.68 -78.21 -19.66
C CYS D 2436 17.65 -77.51 -21.01
N ALA D 2437 18.53 -77.90 -21.93
CA ALA D 2437 18.46 -77.38 -23.29
C ALA D 2437 17.13 -77.78 -23.93
N PRO D 2438 16.51 -76.90 -24.74
CA PRO D 2438 15.18 -77.20 -25.29
C PRO D 2438 15.11 -78.45 -26.14
N GLU D 2439 15.84 -78.48 -27.26
CA GLU D 2439 15.99 -79.65 -28.12
C GLU D 2439 14.65 -80.17 -28.67
N MET D 2440 13.62 -79.33 -28.79
CA MET D 2440 12.42 -79.65 -29.54
C MET D 2440 12.49 -79.01 -30.92
N HIS D 2441 12.38 -79.84 -31.95
CA HIS D 2441 12.39 -79.35 -33.33
C HIS D 2441 11.20 -78.44 -33.61
N LEU D 2442 10.01 -78.83 -33.14
CA LEU D 2442 8.82 -78.02 -33.37
C LEU D 2442 8.90 -76.68 -32.65
N ILE D 2443 9.44 -76.68 -31.43
CA ILE D 2443 9.62 -75.44 -30.68
C ILE D 2443 10.62 -74.53 -31.38
N GLN D 2444 11.73 -75.11 -31.86
CA GLN D 2444 12.73 -74.32 -32.57
C GLN D 2444 12.18 -73.76 -33.88
N ALA D 2445 11.33 -74.53 -34.56
CA ALA D 2445 10.78 -74.08 -35.84
C ALA D 2445 9.68 -73.03 -35.67
N GLY D 2446 8.86 -73.13 -34.63
CA GLY D 2446 7.72 -72.25 -34.47
C GLY D 2446 7.78 -71.25 -33.34
N LYS D 2447 8.91 -71.12 -32.66
CA LYS D 2447 9.05 -70.17 -31.56
C LYS D 2447 10.33 -69.37 -31.73
N GLY D 2448 10.26 -68.07 -31.48
CA GLY D 2448 11.39 -67.19 -31.56
C GLY D 2448 12.05 -66.85 -30.24
N GLU D 2449 11.56 -67.40 -29.13
CA GLU D 2449 12.12 -67.13 -27.81
C GLU D 2449 13.09 -68.20 -27.35
N ALA D 2450 12.81 -69.47 -27.64
CA ALA D 2450 13.70 -70.55 -27.23
C ALA D 2450 15.04 -70.52 -27.94
N LEU D 2451 15.11 -69.91 -29.13
CA LEU D 2451 16.38 -69.80 -29.84
C LEU D 2451 17.36 -68.92 -29.08
N ARG D 2452 16.86 -67.93 -28.35
CA ARG D 2452 17.73 -67.10 -27.50
C ARG D 2452 18.39 -67.93 -26.41
N ILE D 2453 17.61 -68.77 -25.75
CA ILE D 2453 18.14 -69.62 -24.68
C ILE D 2453 19.11 -70.65 -25.26
N ARG D 2454 18.78 -71.18 -26.45
CA ARG D 2454 19.67 -72.12 -27.11
C ARG D 2454 21.00 -71.47 -27.48
N ALA D 2455 20.96 -70.22 -27.96
CA ALA D 2455 22.19 -69.49 -28.26
C ALA D 2455 23.00 -69.20 -27.00
N ILE D 2456 22.31 -68.87 -25.89
CA ILE D 2456 23.01 -68.62 -24.64
C ILE D 2456 23.71 -69.89 -24.16
N LEU D 2457 23.02 -71.03 -24.22
CA LEU D 2457 23.63 -72.30 -23.81
C LEU D 2457 24.77 -72.70 -24.73
N ARG D 2458 24.62 -72.46 -26.03
CA ARG D 2458 25.70 -72.76 -26.97
C ARG D 2458 26.92 -71.89 -26.73
N SER D 2459 26.71 -70.62 -26.37
CA SER D 2459 27.83 -69.75 -26.03
C SER D 2459 28.49 -70.20 -24.73
N LEU D 2460 27.68 -70.63 -23.75
CA LEU D 2460 28.23 -71.05 -22.47
C LEU D 2460 29.05 -72.34 -22.60
N VAL D 2461 28.55 -73.31 -23.34
CA VAL D 2461 29.27 -74.57 -23.54
C VAL D 2461 30.36 -74.36 -24.58
N PRO D 2462 31.62 -74.67 -24.28
CA PRO D 2462 32.69 -74.49 -25.26
C PRO D 2462 32.47 -75.34 -26.51
N LEU D 2463 32.79 -74.76 -27.65
CA LEU D 2463 32.62 -75.45 -28.92
C LEU D 2463 33.81 -76.35 -29.22
N ASP D 2464 33.54 -77.48 -29.86
CA ASP D 2464 34.51 -78.49 -30.26
C ASP D 2464 35.24 -79.11 -29.07
N ASP D 2465 34.73 -78.95 -27.85
CA ASP D 2465 35.33 -79.57 -26.68
C ASP D 2465 34.75 -80.93 -26.36
N LEU D 2466 33.46 -81.15 -26.64
CA LEU D 2466 32.84 -82.43 -26.38
C LEU D 2466 33.45 -83.54 -27.25
N VAL D 2467 33.77 -83.22 -28.50
CA VAL D 2467 34.40 -84.20 -29.38
C VAL D 2467 35.79 -84.58 -28.86
N GLY D 2468 36.51 -83.61 -28.28
CA GLY D 2468 37.78 -83.94 -27.65
C GLY D 2468 37.62 -84.80 -26.41
N ILE D 2469 36.60 -84.50 -25.60
CA ILE D 2469 36.32 -85.29 -24.40
C ILE D 2469 36.02 -86.73 -24.78
N ILE D 2470 35.24 -86.93 -25.85
CA ILE D 2470 35.00 -88.28 -26.35
C ILE D 2470 36.29 -88.90 -26.89
N SER D 2471 37.12 -88.09 -27.56
CA SER D 2471 38.35 -88.59 -28.15
C SER D 2471 39.37 -89.04 -27.11
N LEU D 2472 39.31 -88.51 -25.90
CA LEU D 2472 40.15 -89.04 -24.81
C LEU D 2472 39.82 -90.51 -24.57
N PRO D 2473 40.82 -91.41 -24.54
CA PRO D 2473 40.53 -92.84 -24.45
C PRO D 2473 40.40 -93.34 -23.02
N LEU D 2474 40.23 -94.66 -22.87
CA LEU D 2474 40.08 -95.29 -21.56
C LEU D 2474 40.89 -96.59 -21.54
N GLN D 2475 41.20 -97.05 -20.34
CA GLN D 2475 41.98 -98.26 -20.17
C GLN D 2475 41.11 -99.49 -20.42
N ILE D 2476 41.78 -100.61 -20.70
CA ILE D 2476 41.13 -101.88 -20.99
C ILE D 2476 41.59 -102.90 -19.95
N PRO D 2477 40.67 -103.58 -19.25
CA PRO D 2477 41.09 -104.59 -18.25
C PRO D 2477 41.49 -105.92 -18.88
N THR D 2478 42.75 -105.98 -19.33
CA THR D 2478 43.30 -107.16 -19.96
C THR D 2478 44.60 -107.56 -19.26
N LEU D 2479 44.87 -108.86 -19.24
CA LEU D 2479 46.08 -109.39 -18.62
C LEU D 2479 47.28 -109.25 -19.55
N UNK D 2487 43.86 -111.53 -14.25
CA UNK D 2487 43.84 -110.31 -15.05
C UNK D 2487 44.05 -109.08 -14.18
N UNK D 2488 44.18 -107.92 -14.82
CA UNK D 2488 44.38 -106.66 -14.11
C UNK D 2488 43.13 -105.79 -14.18
N UNK D 2489 42.02 -106.31 -13.67
CA UNK D 2489 40.76 -105.58 -13.69
C UNK D 2489 40.51 -104.93 -12.33
N UNK D 2490 40.43 -103.61 -12.31
CA UNK D 2490 40.19 -102.86 -11.08
C UNK D 2490 39.43 -101.57 -11.37
N UNK D 2491 38.69 -101.10 -10.36
CA UNK D 2491 37.92 -99.86 -10.51
C UNK D 2491 38.83 -98.64 -10.44
N UNK D 2492 38.81 -97.85 -11.51
CA UNK D 2492 39.63 -96.64 -11.57
C UNK D 2492 38.82 -95.41 -11.22
N UNK D 2493 39.20 -94.26 -11.78
CA UNK D 2493 38.50 -93.02 -11.53
C UNK D 2493 38.03 -92.38 -12.85
N UNK D 2494 37.89 -93.21 -13.87
CA UNK D 2494 37.42 -92.75 -15.17
C UNK D 2494 36.40 -93.72 -15.75
N UNK D 2495 35.18 -93.65 -15.23
CA UNK D 2495 34.10 -94.53 -15.66
C UNK D 2495 33.63 -94.17 -17.07
N UNK D 2496 33.00 -95.13 -17.74
CA UNK D 2496 32.50 -94.92 -19.10
C UNK D 2496 31.03 -94.51 -19.08
N UNK D 2497 30.55 -94.07 -17.93
CA UNK D 2497 29.17 -93.64 -17.78
C UNK D 2497 29.05 -92.12 -17.95
N UNK D 2498 30.15 -91.49 -18.36
CA UNK D 2498 30.17 -90.05 -18.59
C UNK D 2498 30.41 -89.75 -20.07
N UNK D 2499 30.96 -90.73 -20.78
CA UNK D 2499 31.17 -90.61 -22.22
C UNK D 2499 29.81 -90.65 -22.93
N UNK D 2500 28.87 -91.38 -22.32
CA UNK D 2500 27.52 -91.45 -22.83
C UNK D 2500 26.72 -90.23 -22.35
N UNK D 2501 27.21 -89.60 -21.28
CA UNK D 2501 26.57 -88.41 -20.74
C UNK D 2501 27.07 -87.16 -21.46
N UNK D 2502 28.18 -87.30 -22.16
CA UNK D 2502 28.74 -86.20 -22.94
C UNK D 2502 28.20 -86.22 -24.36
N UNK D 2503 27.67 -87.37 -24.77
CA UNK D 2503 27.12 -87.52 -26.10
C UNK D 2503 25.66 -87.07 -26.14
N UNK D 2504 25.06 -86.94 -24.95
CA UNK D 2504 23.68 -86.50 -24.83
C UNK D 2504 23.56 -85.00 -25.09
N UNK D 2505 24.60 -84.25 -24.70
CA UNK D 2505 24.62 -82.81 -24.88
C UNK D 2505 25.10 -82.44 -26.29
N UNK D 2506 25.67 -83.41 -26.98
CA UNK D 2506 26.17 -83.19 -28.34
C UNK D 2506 25.11 -83.52 -29.37
N UNK D 2507 24.03 -84.15 -28.93
CA UNK D 2507 22.94 -84.54 -29.83
C UNK D 2507 21.65 -83.80 -29.50
N UNK D 2508 21.73 -82.89 -28.53
CA UNK D 2508 20.55 -82.13 -28.11
C UNK D 2508 20.86 -80.63 -28.06
N UNK D 2509 21.98 -80.24 -28.64
CA UNK D 2509 22.39 -78.84 -28.66
C UNK D 2509 23.17 -78.51 -29.93
N UNK D 2510 24.29 -79.20 -30.12
CA UNK D 2510 25.13 -78.97 -31.29
C UNK D 2510 24.64 -79.79 -32.49
N UNK D 2511 24.13 -80.99 -32.20
CA UNK D 2511 23.63 -81.94 -33.20
C UNK D 2511 24.68 -82.26 -34.26
N UNK D 2512 24.22 -82.69 -35.43
CA UNK D 2512 25.11 -83.04 -36.53
C UNK D 2512 24.33 -83.05 -37.85
N UNK D 2513 24.41 -81.95 -38.59
CA UNK D 2513 23.70 -81.82 -39.85
C UNK D 2513 24.64 -81.98 -41.05
N UNK D 2514 25.86 -81.47 -40.91
CA UNK D 2514 26.84 -81.55 -41.98
C UNK D 2514 27.35 -82.98 -42.15
N UNK D 2515 27.30 -83.48 -43.38
CA UNK D 2515 27.72 -84.85 -43.68
C UNK D 2515 29.23 -84.98 -43.61
N UNK D 2516 29.94 -83.91 -43.97
CA UNK D 2516 31.40 -83.92 -43.94
C UNK D 2516 31.90 -83.87 -42.49
N UNK D 2517 31.18 -83.14 -41.65
CA UNK D 2517 31.52 -83.04 -40.24
C UNK D 2517 31.09 -84.29 -39.49
N UNK D 2518 30.12 -85.00 -40.06
CA UNK D 2518 29.63 -86.24 -39.46
C UNK D 2518 30.67 -87.34 -39.56
N UNK D 2519 31.45 -87.32 -40.64
CA UNK D 2519 32.50 -88.32 -40.85
C UNK D 2519 33.76 -87.95 -40.07
N UNK D 2520 33.85 -86.69 -39.67
CA UNK D 2520 35.02 -86.20 -38.93
C UNK D 2520 34.81 -86.32 -37.43
N UNK D 2521 33.58 -86.08 -36.99
CA UNK D 2521 33.25 -86.15 -35.57
C UNK D 2521 32.98 -87.59 -35.13
N UNK D 2522 32.88 -88.48 -36.09
CA UNK D 2522 32.66 -89.90 -35.82
C UNK D 2522 33.90 -90.52 -35.21
N UNK D 2523 33.99 -90.48 -33.88
CA UNK D 2523 35.13 -91.05 -33.16
C UNK D 2523 34.65 -91.94 -32.03
N UNK D 2524 33.38 -92.32 -32.08
CA UNK D 2524 32.78 -93.15 -31.05
C UNK D 2524 33.20 -94.61 -31.20
N UNK D 2525 33.44 -95.02 -32.45
CA UNK D 2525 33.81 -96.41 -32.73
C UNK D 2525 35.33 -96.58 -32.79
N UNK D 2526 36.05 -95.79 -31.99
CA UNK D 2526 37.50 -95.86 -31.95
C UNK D 2526 37.98 -96.29 -30.57
N UNK D 2527 37.16 -96.05 -29.55
CA UNK D 2527 37.51 -96.39 -28.18
C UNK D 2527 36.40 -97.17 -27.50
N UNK D 2528 35.33 -97.46 -28.24
CA UNK D 2528 34.21 -98.21 -27.70
C UNK D 2528 33.98 -99.49 -28.50
N UNK D 2529 33.55 -99.33 -29.75
CA UNK D 2529 33.30 -100.47 -30.62
C UNK D 2529 34.61 -101.10 -31.08
N UNK D 2530 35.67 -100.30 -31.09
CA UNK D 2530 36.99 -100.77 -31.51
C UNK D 2530 37.70 -101.44 -30.34
N UNK D 2531 37.46 -100.94 -29.13
CA UNK D 2531 38.12 -101.45 -27.94
C UNK D 2531 37.38 -102.66 -27.37
N UNK D 2532 36.17 -102.90 -27.87
CA UNK D 2532 35.37 -104.03 -27.40
C UNK D 2532 35.91 -105.35 -27.96
N UNK D 2533 37.00 -105.82 -27.37
CA UNK D 2533 37.62 -107.07 -27.81
C UNK D 2533 37.51 -108.14 -26.74
N UNK D 2534 36.57 -107.96 -25.82
CA UNK D 2534 36.35 -108.92 -24.74
C UNK D 2534 35.66 -110.17 -25.28
N UNK D 2535 36.20 -111.33 -24.92
CA UNK D 2535 35.65 -112.60 -25.38
C UNK D 2535 35.19 -113.46 -24.21
N UNK D 2536 35.87 -114.59 -23.99
CA UNK D 2536 35.51 -115.52 -22.93
C UNK D 2536 35.98 -115.01 -21.57
N UNK D 2537 36.91 -114.08 -21.59
CA UNK D 2537 37.45 -113.50 -20.36
C UNK D 2537 36.72 -112.21 -20.00
N UNK D 2538 35.41 -112.20 -20.22
CA UNK D 2538 34.58 -111.03 -19.91
C UNK D 2538 33.71 -111.29 -18.69
N UNK D 2539 32.52 -110.69 -18.69
CA UNK D 2539 31.54 -110.82 -17.59
C UNK D 2539 32.12 -110.40 -16.24
N UNK D 2540 32.99 -109.40 -16.27
CA UNK D 2540 33.62 -108.88 -15.05
C UNK D 2540 34.07 -107.45 -15.26
N UNK D 2541 33.25 -106.51 -14.79
CA UNK D 2541 33.47 -105.07 -14.94
C UNK D 2541 33.64 -104.66 -16.41
N UNK D 2542 32.92 -105.35 -17.29
CA UNK D 2542 32.95 -105.06 -18.72
C UNK D 2542 31.58 -104.61 -19.19
N UNK D 2543 30.88 -103.88 -18.32
CA UNK D 2543 29.54 -103.40 -18.64
C UNK D 2543 29.59 -101.98 -19.20
N UNK D 2544 30.71 -101.64 -19.84
CA UNK D 2544 30.87 -100.35 -20.48
C UNK D 2544 30.25 -100.37 -21.87
N UNK D 2545 29.87 -101.56 -22.33
CA UNK D 2545 29.21 -101.71 -23.61
C UNK D 2545 27.72 -101.41 -23.50
N UNK D 2546 27.25 -101.28 -22.26
CA UNK D 2546 25.87 -100.92 -22.01
C UNK D 2546 25.62 -99.46 -22.38
N UNK D 2547 26.67 -98.65 -22.25
CA UNK D 2547 26.60 -97.24 -22.64
C UNK D 2547 26.73 -97.12 -24.16
N UNK D 2548 27.35 -98.13 -24.78
CA UNK D 2548 27.52 -98.15 -26.22
C UNK D 2548 26.21 -98.53 -26.90
N UNK D 2549 25.40 -99.32 -26.22
CA UNK D 2549 24.12 -99.76 -26.75
C UNK D 2549 22.97 -98.96 -26.16
N UNK D 2550 23.24 -97.69 -25.84
CA UNK D 2550 22.22 -96.82 -25.26
C UNK D 2550 22.55 -95.35 -25.53
N UNK D 2551 23.61 -95.10 -26.30
CA UNK D 2551 24.02 -93.74 -26.60
C UNK D 2551 24.89 -93.68 -27.85
N UNK D 2552 25.71 -94.71 -28.06
CA UNK D 2552 26.65 -94.73 -29.18
C UNK D 2552 26.05 -95.39 -30.42
N UNK D 2553 25.70 -96.67 -30.31
CA UNK D 2553 25.17 -97.43 -31.43
C UNK D 2553 23.72 -97.05 -31.75
N UNK D 2554 23.07 -96.38 -30.81
CA UNK D 2554 21.68 -95.96 -31.00
C UNK D 2554 21.62 -94.50 -31.43
N UNK D 2555 22.65 -94.02 -32.10
CA UNK D 2555 22.71 -92.64 -32.55
C UNK D 2555 23.65 -92.47 -33.74
N UNK D 2556 23.27 -91.59 -34.67
CA UNK D 2556 24.09 -91.30 -35.84
C UNK D 2556 23.78 -89.91 -36.37
N UNK D 2557 24.25 -89.62 -37.58
CA UNK D 2557 24.04 -88.32 -38.19
C UNK D 2557 23.57 -88.46 -39.63
N UNK D 2558 23.60 -87.36 -40.38
CA UNK D 2558 23.25 -87.38 -41.79
C UNK D 2558 24.28 -88.19 -42.57
N UNK D 2559 24.04 -89.49 -42.66
CA UNK D 2559 24.99 -90.41 -43.28
C UNK D 2559 25.11 -90.18 -44.78
N UNK D 2560 26.31 -89.85 -45.22
CA UNK D 2560 26.59 -89.63 -46.64
C UNK D 2560 28.07 -89.89 -46.94
N UNK D 2561 28.34 -90.99 -47.61
CA UNK D 2561 29.71 -91.37 -47.94
C UNK D 2561 30.22 -90.61 -49.16
N UNK D 2562 31.43 -90.10 -49.07
CA UNK D 2562 32.04 -89.35 -50.16
C UNK D 2562 32.89 -90.26 -51.05
N UNK D 2563 34.16 -89.93 -51.17
CA UNK D 2563 35.08 -90.70 -52.00
C UNK D 2563 35.50 -91.98 -51.30
N UNK D 2564 35.00 -93.12 -51.79
CA UNK D 2564 35.30 -94.46 -51.27
C UNK D 2564 35.01 -94.59 -49.78
N UNK D 2565 36.08 -94.63 -48.98
CA UNK D 2565 35.94 -94.82 -47.53
C UNK D 2565 36.01 -93.48 -46.79
N UNK D 2566 37.21 -92.88 -46.79
CA UNK D 2566 37.48 -91.61 -46.11
C UNK D 2566 37.13 -91.67 -44.62
N UNK D 2567 37.92 -92.41 -43.86
CA UNK D 2567 37.70 -92.55 -42.42
C UNK D 2567 39.04 -92.57 -41.67
N UNK D 2568 39.05 -92.02 -40.47
CA UNK D 2568 40.26 -91.97 -39.66
C UNK D 2568 39.94 -91.81 -38.17
N UNK D 2569 38.95 -90.99 -37.87
CA UNK D 2569 38.58 -90.70 -36.48
C UNK D 2569 37.90 -91.89 -35.82
N UNK D 2570 37.24 -92.72 -36.62
CA UNK D 2570 36.53 -93.89 -36.10
C UNK D 2570 37.40 -95.13 -36.13
N UNK D 2571 38.71 -94.93 -36.32
CA UNK D 2571 39.70 -96.01 -36.39
C UNK D 2571 39.35 -97.05 -37.45
N UNK D 2572 39.71 -98.31 -37.19
CA UNK D 2572 39.42 -99.39 -38.12
C UNK D 2572 39.41 -100.73 -37.39
N UNK D 2573 39.36 -100.68 -36.06
CA UNK D 2573 39.37 -101.89 -35.25
C UNK D 2573 37.96 -102.34 -34.90
N UNK D 2574 36.98 -101.83 -35.65
CA UNK D 2574 35.59 -102.26 -35.50
C UNK D 2574 35.27 -103.30 -36.57
N UNK D 2575 36.33 -103.88 -37.15
CA UNK D 2575 36.19 -104.87 -38.21
C UNK D 2575 35.65 -106.19 -37.67
N UNK D 2576 36.48 -106.91 -36.93
CA UNK D 2576 36.13 -108.22 -36.40
C UNK D 2576 34.96 -108.16 -35.42
N UNK D 2577 35.17 -107.51 -34.29
CA UNK D 2577 34.10 -107.35 -33.30
C UNK D 2577 33.05 -106.38 -33.82
N UNK D 2578 31.82 -106.85 -33.93
CA UNK D 2578 30.76 -106.04 -34.53
C UNK D 2578 29.36 -106.37 -34.01
N UNK D 2579 28.73 -107.38 -34.61
CA UNK D 2579 27.33 -107.70 -34.30
C UNK D 2579 27.18 -108.53 -33.04
N UNK D 2580 26.02 -108.41 -32.40
CA UNK D 2580 25.75 -109.03 -31.11
C UNK D 2580 25.73 -110.56 -31.14
N UNK D 2581 26.52 -111.17 -30.27
CA UNK D 2581 26.55 -112.63 -30.11
C UNK D 2581 27.10 -113.03 -28.75
N UNK D 2582 28.27 -112.51 -28.41
CA UNK D 2582 28.93 -112.87 -27.14
C UNK D 2582 28.36 -112.06 -25.98
N UNK D 2583 29.13 -111.95 -24.90
CA UNK D 2583 28.64 -111.31 -23.69
C UNK D 2583 29.06 -109.85 -23.57
N UNK D 2584 28.11 -108.95 -23.79
CA UNK D 2584 28.33 -107.52 -23.63
C UNK D 2584 27.00 -106.80 -23.45
N UNK D 2585 27.05 -105.47 -23.37
CA UNK D 2585 25.88 -104.60 -23.22
C UNK D 2585 25.03 -104.97 -22.01
N UNK D 2586 24.05 -105.83 -22.22
CA UNK D 2586 23.16 -106.26 -21.15
C UNK D 2586 22.72 -107.70 -21.32
N UNK D 2587 21.52 -108.02 -20.85
CA UNK D 2587 21.00 -109.38 -20.96
C UNK D 2587 20.45 -109.64 -22.36
N UNK D 2588 19.14 -109.49 -22.52
CA UNK D 2588 18.49 -109.76 -23.80
C UNK D 2588 17.59 -108.60 -24.23
N UNK D 2589 17.19 -107.77 -23.28
CA UNK D 2589 16.27 -106.67 -23.54
C UNK D 2589 16.83 -105.64 -24.49
N UNK D 2590 15.96 -105.03 -25.28
CA UNK D 2590 16.36 -104.05 -26.28
C UNK D 2590 16.70 -102.70 -25.67
N UNK D 2591 17.22 -101.79 -26.49
CA UNK D 2591 17.59 -100.46 -26.03
C UNK D 2591 16.38 -99.53 -26.03
N UNK D 2592 16.34 -98.62 -25.07
CA UNK D 2592 15.23 -97.68 -24.95
C UNK D 2592 15.61 -96.30 -25.50
N UNK D 2593 16.88 -96.16 -25.89
CA UNK D 2593 17.37 -94.90 -26.46
C UNK D 2593 16.81 -94.71 -27.86
N UNK D 2594 17.06 -95.68 -28.74
CA UNK D 2594 16.56 -95.64 -30.10
C UNK D 2594 16.49 -97.06 -30.68
N UNK D 2595 15.56 -97.26 -31.61
CA UNK D 2595 15.39 -98.56 -32.25
C UNK D 2595 16.57 -98.85 -33.18
N UNK D 2596 17.09 -97.80 -33.79
CA UNK D 2596 18.25 -97.91 -34.68
C UNK D 2596 19.14 -96.68 -34.56
N UNK D 2597 19.61 -96.18 -35.69
CA UNK D 2597 20.45 -94.99 -35.71
C UNK D 2597 19.88 -93.95 -36.65
N UNK D 2598 19.85 -92.70 -36.21
CA UNK D 2598 19.34 -91.60 -37.03
C UNK D 2598 20.28 -91.31 -38.19
N UNK D 2599 20.17 -92.12 -39.24
CA UNK D 2599 21.07 -92.00 -40.39
C UNK D 2599 20.34 -92.29 -41.70
N UNK D 2600 20.48 -91.38 -42.66
CA UNK D 2600 19.94 -91.59 -44.00
C UNK D 2600 20.80 -92.58 -44.75
N UNK D 2601 20.32 -93.82 -44.87
CA UNK D 2601 21.08 -94.89 -45.51
C UNK D 2601 20.98 -94.83 -47.03
N UNK D 2602 20.17 -93.91 -47.53
CA UNK D 2602 19.98 -93.74 -48.97
C UNK D 2602 21.15 -92.97 -49.60
N UNK D 2603 21.81 -92.14 -48.79
CA UNK D 2603 22.91 -91.33 -49.27
C UNK D 2603 24.25 -92.05 -49.08
N UNK D 2604 24.54 -92.45 -47.84
CA UNK D 2604 25.76 -93.21 -47.56
C UNK D 2604 25.65 -94.60 -48.15
N UNK D 2605 26.65 -95.00 -48.92
CA UNK D 2605 26.62 -96.28 -49.61
C UNK D 2605 28.02 -96.73 -50.04
N UNK D 2606 28.50 -97.82 -49.44
CA UNK D 2606 29.80 -98.37 -49.79
C UNK D 2606 29.72 -99.89 -49.85
N UNK D 2607 30.56 -100.55 -49.06
CA UNK D 2607 30.59 -102.01 -48.91
C UNK D 2607 30.85 -102.76 -50.22
N UNK D 2608 32.12 -103.13 -50.44
CA UNK D 2608 32.50 -103.90 -51.61
C UNK D 2608 33.70 -104.79 -51.29
N UNK D 2609 33.76 -105.96 -51.91
CA UNK D 2609 34.85 -106.90 -51.66
C UNK D 2609 35.04 -107.91 -52.78
N UNK D 2610 36.00 -108.80 -52.60
CA UNK D 2610 36.30 -109.85 -53.57
C UNK D 2610 37.06 -110.99 -52.90
N UNK D 2611 37.04 -112.17 -53.55
CA UNK D 2611 37.73 -113.37 -53.08
C UNK D 2611 37.33 -113.77 -51.66
N UNK D 2612 38.24 -114.43 -50.95
CA UNK D 2612 37.98 -114.88 -49.58
C UNK D 2612 39.24 -114.74 -48.72
N UNK D 2613 39.07 -114.22 -47.51
CA UNK D 2613 40.18 -114.02 -46.60
C UNK D 2613 39.92 -114.71 -45.26
N UNK D 2614 41.01 -115.12 -44.61
CA UNK D 2614 40.98 -115.80 -43.30
C UNK D 2614 40.09 -117.03 -43.31
N UNK D 2615 38.98 -116.97 -42.57
CA UNK D 2615 38.05 -118.08 -42.51
C UNK D 2615 36.65 -117.66 -42.98
N UNK D 2616 35.63 -118.34 -42.48
CA UNK D 2616 34.26 -118.03 -42.83
C UNK D 2616 33.78 -116.76 -42.15
N UNK D 2617 33.34 -115.79 -42.96
CA UNK D 2617 32.82 -114.53 -42.43
C UNK D 2617 31.49 -114.78 -41.72
N UNK D 2618 30.54 -115.36 -42.44
CA UNK D 2618 29.27 -115.75 -41.84
C UNK D 2618 29.43 -117.09 -41.13
N UNK D 2619 28.42 -117.46 -40.33
CA UNK D 2619 28.48 -118.70 -39.56
C UNK D 2619 28.43 -119.92 -40.47
N UNK D 2620 29.17 -120.95 -40.10
CA UNK D 2620 29.22 -122.18 -40.90
C UNK D 2620 27.93 -122.97 -40.78
N UNK D 2621 27.14 -122.67 -39.74
CA UNK D 2621 25.87 -123.33 -39.52
C UNK D 2621 24.85 -122.93 -40.59
N UNK D 2622 24.23 -123.92 -41.20
CA UNK D 2622 23.24 -123.68 -42.24
C UNK D 2622 21.85 -123.45 -41.64
N UNK D 2623 21.74 -123.71 -40.33
CA UNK D 2623 20.48 -123.56 -39.63
C UNK D 2623 20.11 -122.10 -39.44
N UNK D 2624 18.82 -121.83 -39.31
CA UNK D 2624 18.33 -120.47 -39.11
C UNK D 2624 17.02 -120.49 -38.32
N UNK D 2625 17.12 -120.28 -37.01
CA UNK D 2625 15.94 -120.31 -36.14
C UNK D 2625 15.11 -119.03 -36.27
N UNK D 2626 15.27 -118.12 -35.31
CA UNK D 2626 14.49 -116.89 -35.29
C UNK D 2626 15.27 -115.72 -34.70
N UNK D 2627 15.50 -114.70 -35.51
CA UNK D 2627 16.18 -113.47 -35.09
C UNK D 2627 15.44 -112.24 -35.62
N UNK D 2628 16.02 -111.07 -35.44
CA UNK D 2628 15.42 -109.83 -35.95
C UNK D 2628 16.45 -108.74 -36.14
N UNK D 2629 16.32 -108.00 -37.23
CA UNK D 2629 17.24 -106.90 -37.55
C UNK D 2629 16.77 -105.59 -36.94
N UNK D 2630 17.73 -104.80 -36.46
CA UNK D 2630 17.42 -103.52 -35.83
C UNK D 2630 18.40 -102.45 -36.29
N UNK D 2631 19.65 -102.56 -35.83
CA UNK D 2631 20.68 -101.59 -36.20
C UNK D 2631 21.12 -101.77 -37.64
N UNK D 2632 20.89 -102.97 -38.18
CA UNK D 2632 21.30 -103.30 -39.54
C UNK D 2632 20.27 -102.83 -40.57
N UNK D 2633 19.31 -102.02 -40.14
CA UNK D 2633 18.34 -101.41 -41.04
C UNK D 2633 18.99 -100.22 -41.73
N UNK D 2634 20.09 -99.74 -41.16
CA UNK D 2634 20.86 -98.65 -41.75
C UNK D 2634 21.92 -99.21 -42.69
N UNK D 2635 21.93 -100.53 -42.84
CA UNK D 2635 22.88 -101.20 -43.73
C UNK D 2635 22.33 -101.26 -45.15
N UNK D 2636 21.10 -100.79 -45.32
CA UNK D 2636 20.48 -100.70 -46.64
C UNK D 2636 21.20 -99.64 -47.47
N UNK D 2637 22.33 -100.03 -48.06
CA UNK D 2637 23.18 -99.09 -48.77
C UNK D 2637 23.87 -99.74 -49.96
N UNK D 2638 24.11 -101.04 -49.87
CA UNK D 2638 24.80 -101.79 -50.93
C UNK D 2638 23.99 -101.77 -52.23
N UNK D 2639 24.69 -101.91 -53.35
CA UNK D 2639 24.07 -101.78 -54.67
C UNK D 2639 23.23 -102.99 -55.06
N UNK D 2640 23.48 -103.51 -56.25
CA UNK D 2640 22.69 -104.61 -56.78
C UNK D 2640 23.47 -105.39 -57.83
N UNK D 2641 22.77 -106.20 -58.61
CA UNK D 2641 23.43 -107.04 -59.62
C UNK D 2641 22.49 -107.41 -60.76
N UNK D 2642 21.49 -106.57 -61.02
CA UNK D 2642 20.56 -106.80 -62.12
C UNK D 2642 20.03 -105.47 -62.65
N UNK D 2643 19.31 -105.52 -63.77
CA UNK D 2643 18.89 -104.33 -64.53
C UNK D 2643 18.21 -103.23 -63.72
N UNK D 2644 18.85 -102.07 -63.68
CA UNK D 2644 18.38 -100.91 -62.92
C UNK D 2644 19.12 -99.64 -63.35
N UNK D 2645 18.97 -98.54 -62.60
CA UNK D 2645 19.63 -97.27 -62.90
C UNK D 2645 19.51 -96.24 -61.77
N UNK D 2646 20.65 -95.89 -61.15
CA UNK D 2646 20.70 -94.80 -60.17
C UNK D 2646 22.13 -94.31 -59.92
N UNK D 2647 22.40 -93.89 -58.68
CA UNK D 2647 23.68 -93.25 -58.34
C UNK D 2647 24.69 -94.22 -57.74
N UNK D 2648 25.66 -93.65 -57.01
CA UNK D 2648 26.77 -94.42 -56.45
C UNK D 2648 26.36 -95.29 -55.27
N UNK D 2649 26.97 -96.46 -55.17
CA UNK D 2649 26.68 -97.40 -54.09
C UNK D 2649 27.85 -98.35 -53.84
N UNK D 2650 27.68 -99.61 -54.23
CA UNK D 2650 28.68 -100.65 -53.98
C UNK D 2650 29.47 -101.02 -55.23
N UNK D 2651 30.32 -102.04 -55.09
CA UNK D 2651 31.14 -102.50 -56.19
C UNK D 2651 31.48 -103.98 -56.04
N UNK D 2652 30.61 -104.72 -55.36
CA UNK D 2652 30.81 -106.15 -55.18
C UNK D 2652 30.48 -106.89 -56.47
N UNK D 2653 29.24 -106.72 -56.94
CA UNK D 2653 28.75 -107.26 -58.21
C UNK D 2653 28.84 -108.78 -58.32
N UNK D 2654 28.54 -109.29 -59.52
CA UNK D 2654 28.60 -110.72 -59.79
C UNK D 2654 29.75 -111.02 -60.73
N UNK D 2655 30.67 -110.07 -60.84
CA UNK D 2655 31.83 -110.21 -61.71
C UNK D 2655 32.91 -111.07 -61.05
N UNK D 2656 32.78 -111.27 -59.74
CA UNK D 2656 33.71 -112.12 -59.00
C UNK D 2656 33.46 -113.58 -59.32
N UNK D 2657 34.35 -114.46 -58.84
CA UNK D 2657 34.21 -115.90 -59.09
C UNK D 2657 35.04 -116.72 -58.11
N UNK D 2658 34.59 -117.94 -57.86
CA UNK D 2658 35.29 -118.94 -57.05
C UNK D 2658 35.62 -118.47 -55.63
N UNK D 2659 34.72 -118.73 -54.69
CA UNK D 2659 34.92 -118.30 -53.32
C UNK D 2659 34.21 -119.20 -52.32
N UNK D 2660 34.12 -120.48 -52.67
CA UNK D 2660 33.54 -121.53 -51.81
C UNK D 2660 32.11 -121.21 -51.38
N UNK D 2661 31.95 -120.88 -50.11
CA UNK D 2661 30.64 -120.55 -49.54
C UNK D 2661 30.80 -119.76 -48.25
N UNK D 2662 31.74 -120.20 -47.42
CA UNK D 2662 32.07 -119.57 -46.15
C UNK D 2662 30.87 -119.42 -45.22
N UNK D 2663 29.93 -120.34 -45.33
CA UNK D 2663 28.66 -120.26 -44.61
C UNK D 2663 27.87 -121.56 -44.73
N UNK D 2664 28.20 -122.32 -45.78
CA UNK D 2664 27.43 -123.50 -46.18
C UNK D 2664 25.97 -123.14 -46.36
N UNK D 2665 25.72 -122.15 -47.21
CA UNK D 2665 24.35 -121.68 -47.45
C UNK D 2665 23.92 -121.97 -48.88
N UNK D 2666 23.84 -123.26 -49.22
CA UNK D 2666 23.58 -123.72 -50.58
C UNK D 2666 22.21 -123.32 -51.12
N UNK D 2667 21.27 -124.25 -51.06
CA UNK D 2667 19.93 -124.00 -51.59
C UNK D 2667 18.88 -124.86 -50.90
N UNK D 2668 17.62 -124.51 -51.13
CA UNK D 2668 16.48 -125.18 -50.53
C UNK D 2668 16.35 -126.62 -51.01
N UNK D 2669 16.68 -127.57 -50.15
CA UNK D 2669 16.63 -128.97 -50.54
C UNK D 2669 16.46 -129.91 -49.35
N UNK D 2670 15.83 -129.42 -48.28
CA UNK D 2670 15.71 -130.23 -47.06
C UNK D 2670 14.39 -130.01 -46.32
N UNK D 2671 14.35 -130.58 -45.12
CA UNK D 2671 13.22 -130.44 -44.20
C UNK D 2671 13.71 -130.82 -42.80
N UNK D 2672 13.79 -129.85 -41.91
CA UNK D 2672 14.39 -130.06 -40.59
C UNK D 2672 13.53 -130.88 -39.64
N UNK D 2673 13.65 -130.59 -38.35
CA UNK D 2673 12.92 -131.33 -37.33
C UNK D 2673 11.50 -130.79 -37.13
N UNK D 2674 10.79 -130.59 -38.23
CA UNK D 2674 9.43 -130.04 -38.25
C UNK D 2674 9.34 -128.73 -37.49
N UNK D 2675 9.98 -127.70 -38.02
CA UNK D 2675 10.03 -126.40 -37.36
C UNK D 2675 8.75 -125.60 -37.61
N UNK D 2676 7.62 -126.15 -37.21
CA UNK D 2676 6.33 -125.49 -37.36
C UNK D 2676 6.10 -124.52 -36.21
N UNK D 2677 6.98 -124.57 -35.21
CA UNK D 2677 6.92 -123.66 -34.06
C UNK D 2677 7.23 -122.24 -34.50
N UNK D 2678 8.10 -122.10 -35.49
CA UNK D 2678 8.43 -120.80 -36.05
C UNK D 2678 7.52 -120.51 -37.24
N UNK D 2679 6.46 -119.74 -37.00
CA UNK D 2679 5.48 -119.46 -38.04
C UNK D 2679 4.91 -118.05 -37.94
N UNK D 2680 5.54 -117.11 -38.64
CA UNK D 2680 5.06 -115.74 -38.75
C UNK D 2680 5.58 -115.17 -40.04
N UNK D 2681 5.06 -114.02 -40.49
CA UNK D 2681 5.39 -113.45 -41.80
C UNK D 2681 6.87 -113.09 -41.95
N UNK D 2682 7.30 -112.94 -43.21
CA UNK D 2682 8.70 -112.66 -43.52
C UNK D 2682 8.88 -111.30 -44.17
N UNK D 2683 10.13 -111.01 -44.55
CA UNK D 2683 10.45 -109.75 -45.22
C UNK D 2683 10.29 -109.89 -46.73
N UNK D 2684 9.45 -109.03 -47.31
CA UNK D 2684 9.16 -109.10 -48.75
C UNK D 2684 10.25 -108.43 -49.58
N UNK D 2685 10.73 -109.14 -50.58
CA UNK D 2685 11.76 -108.64 -51.48
C UNK D 2685 11.82 -109.46 -52.76
N UNK D 2686 13.03 -109.85 -53.16
CA UNK D 2686 13.23 -110.67 -54.34
C UNK D 2686 14.55 -111.43 -54.24
N UNK D 2687 15.28 -111.47 -55.35
CA UNK D 2687 16.59 -112.11 -55.37
C UNK D 2687 17.40 -111.58 -56.56
N UNK D 2688 18.55 -112.18 -56.81
CA UNK D 2688 19.34 -111.83 -57.99
C UNK D 2688 18.66 -112.41 -59.22
N UNK D 2689 18.90 -111.82 -60.38
CA UNK D 2689 18.20 -112.21 -61.60
C UNK D 2689 18.97 -113.26 -62.41
N UNK D 2690 18.42 -114.46 -62.49
CA UNK D 2690 19.04 -115.55 -63.26
C UNK D 2690 18.68 -115.45 -64.73
N UNK D 2691 19.39 -116.20 -65.57
CA UNK D 2691 19.15 -116.21 -67.00
C UNK D 2691 19.62 -117.53 -67.61
N UNK D 2692 20.35 -117.44 -68.72
CA UNK D 2692 20.88 -118.62 -69.39
C UNK D 2692 22.40 -118.53 -69.50
N UNK D 2693 23.03 -117.94 -68.48
CA UNK D 2693 24.48 -117.75 -68.49
C UNK D 2693 25.20 -118.86 -67.75
N UNK D 2694 26.27 -119.37 -68.35
CA UNK D 2694 27.10 -120.40 -67.74
C UNK D 2694 28.45 -120.47 -68.46
N UNK D 2695 29.44 -121.07 -67.81
CA UNK D 2695 30.77 -121.20 -68.41
C UNK D 2695 31.41 -122.53 -68.00
N UNK D 2696 32.68 -122.72 -68.37
CA UNK D 2696 33.47 -123.91 -68.06
C UNK D 2696 32.84 -125.21 -68.58
N UNK D 2697 33.33 -125.66 -69.73
CA UNK D 2697 32.80 -126.86 -70.37
C UNK D 2697 33.84 -127.96 -70.49
N UNK D 2698 35.09 -127.65 -70.17
CA UNK D 2698 36.18 -128.60 -70.33
C UNK D 2698 36.48 -129.35 -69.04
N UNK D 2699 36.92 -130.60 -69.18
CA UNK D 2699 37.33 -131.41 -68.04
C UNK D 2699 38.83 -131.22 -67.79
N UNK D 2700 39.58 -131.08 -68.88
CA UNK D 2700 41.01 -130.82 -68.80
C UNK D 2700 41.38 -129.70 -69.76
N UNK D 2701 42.58 -129.15 -69.60
CA UNK D 2701 43.04 -128.06 -70.45
C UNK D 2701 44.48 -128.27 -70.90
N UNK D 2702 45.39 -128.38 -69.94
CA UNK D 2702 46.80 -128.58 -70.24
C UNK D 2702 47.19 -130.05 -70.09
N UNK D 2703 46.78 -130.86 -71.06
CA UNK D 2703 47.09 -132.29 -71.04
C UNK D 2703 47.16 -132.85 -72.45
N ASN D 2734 22.16 -105.51 -28.63
CA ASN D 2734 21.35 -106.37 -27.78
C ASN D 2734 19.86 -106.14 -28.06
N PHE D 2735 19.39 -106.65 -29.20
CA PHE D 2735 18.02 -106.47 -29.65
C PHE D 2735 17.31 -107.80 -29.75
N ASP D 2736 16.01 -107.80 -29.43
CA ASP D 2736 15.22 -109.01 -29.32
C ASP D 2736 14.94 -109.63 -30.70
N PRO D 2737 14.72 -110.97 -30.75
CA PRO D 2737 14.43 -111.62 -32.03
C PRO D 2737 12.94 -111.61 -32.38
N ARG D 2738 12.62 -112.13 -33.56
CA ARG D 2738 11.25 -112.29 -34.02
C ARG D 2738 11.11 -113.63 -34.74
N PRO D 2739 9.92 -114.22 -34.73
CA PRO D 2739 9.72 -115.50 -35.45
C PRO D 2739 9.34 -115.30 -36.91
N VAL D 2740 9.81 -116.21 -37.75
CA VAL D 2740 9.57 -116.19 -39.19
C VAL D 2740 9.13 -117.59 -39.58
N GLU D 2741 8.41 -117.71 -40.71
CA GLU D 2741 7.86 -118.99 -41.12
C GLU D 2741 9.00 -119.94 -41.50
N THR D 2742 8.73 -121.25 -41.42
CA THR D 2742 9.70 -122.23 -41.87
C THR D 2742 9.15 -123.20 -42.90
N LEU D 2743 7.98 -123.80 -42.65
CA LEU D 2743 7.52 -124.98 -43.38
C LEU D 2743 6.31 -124.71 -44.25
N ASN D 2744 6.30 -123.57 -44.95
CA ASN D 2744 5.22 -123.29 -45.89
C ASN D 2744 5.24 -124.26 -47.07
N VAL D 2745 6.43 -124.61 -47.56
CA VAL D 2745 6.59 -125.48 -48.72
C VAL D 2745 7.44 -126.67 -48.33
N ILE D 2746 6.99 -127.87 -48.73
CA ILE D 2746 7.72 -129.11 -48.54
C ILE D 2746 8.24 -129.57 -49.89
N ILE D 2747 9.43 -130.16 -49.90
CA ILE D 2747 10.13 -130.51 -51.14
C ILE D 2747 9.74 -131.94 -51.52
N PRO D 2748 9.08 -132.15 -52.67
CA PRO D 2748 8.90 -133.51 -53.19
C PRO D 2748 10.10 -133.95 -54.01
N GLU D 2749 10.02 -135.09 -54.68
CA GLU D 2749 11.16 -135.55 -55.49
C GLU D 2749 11.09 -134.94 -56.89
N LYS D 2750 10.94 -133.61 -56.94
CA LYS D 2750 11.09 -132.83 -58.15
C LYS D 2750 12.52 -132.33 -58.30
N LEU D 2751 13.11 -131.88 -57.19
CA LEU D 2751 14.47 -131.37 -57.16
C LEU D 2751 15.41 -132.56 -57.10
N ASP D 2752 15.64 -133.16 -58.26
CA ASP D 2752 16.59 -134.25 -58.45
C ASP D 2752 17.62 -133.95 -59.52
N SER D 2753 17.23 -133.26 -60.60
CA SER D 2753 18.21 -132.80 -61.58
C SER D 2753 19.12 -131.73 -60.98
N PHE D 2754 18.63 -130.98 -59.99
CA PHE D 2754 19.49 -130.05 -59.27
C PHE D 2754 20.58 -130.81 -58.51
N ILE D 2755 20.20 -131.92 -57.86
CA ILE D 2755 21.16 -132.77 -57.17
C ILE D 2755 22.16 -133.37 -58.15
N ASN D 2756 21.66 -133.83 -59.30
CA ASN D 2756 22.56 -134.33 -60.34
C ASN D 2756 23.48 -133.24 -60.87
N LYS D 2757 23.00 -131.99 -60.87
CA LYS D 2757 23.84 -130.89 -61.31
C LYS D 2757 24.98 -130.63 -60.32
N PHE D 2758 24.72 -130.83 -59.02
CA PHE D 2758 25.83 -130.72 -58.05
C PHE D 2758 26.97 -131.66 -58.40
N ALA D 2759 26.67 -132.85 -58.91
CA ALA D 2759 27.73 -133.78 -59.30
C ALA D 2759 28.25 -133.55 -60.71
N GLU D 2760 27.43 -132.97 -61.59
CA GLU D 2760 27.79 -132.82 -63.00
C GLU D 2760 28.55 -131.52 -63.28
N TYR D 2761 28.00 -130.38 -62.87
CA TYR D 2761 28.50 -129.07 -63.29
C TYR D 2761 29.12 -128.25 -62.16
N THR D 2762 28.64 -128.42 -60.92
CA THR D 2762 29.14 -127.61 -59.82
C THR D 2762 30.56 -128.01 -59.41
N HIS D 2763 30.89 -129.29 -59.52
CA HIS D 2763 32.17 -129.79 -59.02
C HIS D 2763 33.37 -129.27 -59.81
N GLU D 2764 33.18 -128.88 -61.06
CA GLU D 2764 34.28 -128.42 -61.91
C GLU D 2764 34.63 -126.95 -61.71
N LYS D 2765 33.88 -126.22 -60.89
CA LYS D 2765 34.17 -124.81 -60.67
C LYS D 2765 35.36 -124.59 -59.73
N TRP D 2766 35.74 -125.60 -58.95
CA TRP D 2766 36.92 -125.51 -58.09
C TRP D 2766 38.17 -126.04 -58.77
N ALA D 2767 38.09 -126.46 -60.03
CA ALA D 2767 39.22 -127.04 -60.73
C ALA D 2767 39.80 -126.16 -61.82
N PHE D 2768 39.06 -125.18 -62.32
CA PHE D 2768 39.53 -124.34 -63.42
C PHE D 2768 40.32 -123.13 -62.94
N ASP D 2769 40.42 -122.91 -61.63
CA ASP D 2769 41.27 -121.84 -61.12
C ASP D 2769 42.75 -122.12 -61.34
N LYS D 2770 43.12 -123.41 -61.32
CA LYS D 2770 44.51 -123.79 -61.51
C LYS D 2770 45.01 -123.48 -62.92
N ILE D 2771 44.10 -123.45 -63.90
CA ILE D 2771 44.49 -123.11 -65.26
C ILE D 2771 44.98 -121.68 -65.34
N GLN D 2772 44.27 -120.75 -64.70
CA GLN D 2772 44.70 -119.36 -64.69
C GLN D 2772 45.89 -119.16 -63.76
N ASN D 2773 45.92 -119.87 -62.63
CA ASN D 2773 46.99 -119.68 -61.67
C ASN D 2773 48.31 -120.28 -62.11
N ASN D 2774 48.29 -121.26 -63.02
CA ASN D 2774 49.47 -121.92 -63.57
C ASN D 2774 50.32 -122.53 -62.45
N TRP D 2775 49.68 -123.43 -61.70
CA TRP D 2775 50.31 -124.16 -60.62
C TRP D 2775 50.13 -125.66 -60.85
N SER D 2776 51.09 -126.44 -60.38
CA SER D 2776 51.05 -127.88 -60.55
C SER D 2776 50.00 -128.52 -59.63
N TYR D 2777 49.55 -129.70 -60.02
CA TYR D 2777 48.56 -130.44 -59.25
C TYR D 2777 49.21 -131.03 -57.99
N GLY D 2778 48.38 -131.26 -56.99
CA GLY D 2778 48.81 -131.82 -55.72
C GLY D 2778 48.27 -133.23 -55.52
N GLU D 2779 49.16 -134.15 -55.14
CA GLU D 2779 48.81 -135.53 -54.91
C GLU D 2779 48.67 -135.88 -53.42
N ASN D 2780 49.56 -135.37 -52.59
CA ASN D 2780 49.54 -135.67 -51.17
C ASN D 2780 48.30 -135.08 -50.50
N VAL D 2781 47.82 -135.75 -49.46
CA VAL D 2781 46.62 -135.31 -48.74
C VAL D 2781 47.11 -134.35 -47.64
N ASP D 2782 47.32 -133.09 -48.04
CA ASP D 2782 47.78 -132.04 -47.14
C ASP D 2782 46.98 -130.77 -47.47
N GLU D 2783 45.86 -130.59 -46.78
CA GLU D 2783 45.04 -129.40 -47.00
C GLU D 2783 45.69 -128.15 -46.42
N GLU D 2784 46.62 -128.30 -45.47
CA GLU D 2784 47.25 -127.14 -44.83
C GLU D 2784 48.54 -126.72 -45.52
N LEU D 2785 49.20 -127.63 -46.22
CA LEU D 2785 50.51 -127.34 -46.82
C LEU D 2785 50.37 -126.82 -48.25
N LYS D 2786 49.49 -125.82 -48.44
CA LYS D 2786 49.31 -125.11 -49.71
C LYS D 2786 49.02 -126.05 -50.87
N THR D 2787 48.25 -127.09 -50.59
CA THR D 2787 47.92 -128.11 -51.58
C THR D 2787 46.42 -128.36 -51.56
N HIS D 2788 45.79 -128.32 -52.73
CA HIS D 2788 44.37 -128.65 -52.83
C HIS D 2788 44.17 -130.13 -52.50
N PRO D 2789 43.26 -130.47 -51.60
CA PRO D 2789 43.13 -131.86 -51.15
C PRO D 2789 42.25 -132.71 -52.05
N MET D 2790 42.03 -132.28 -53.29
CA MET D 2790 41.09 -132.87 -54.25
C MET D 2790 41.14 -134.40 -54.34
N LEU D 2791 42.30 -134.99 -54.09
CA LEU D 2791 42.42 -136.44 -53.96
C LEU D 2791 41.93 -136.82 -52.57
N ARG D 2792 40.62 -137.07 -52.47
CA ARG D 2792 39.97 -137.40 -51.20
C ARG D 2792 39.50 -138.84 -51.20
N PRO D 2793 39.17 -139.42 -50.06
CA PRO D 2793 38.35 -140.63 -50.06
C PRO D 2793 37.02 -140.36 -50.74
N TYR D 2794 36.54 -141.34 -51.49
CA TYR D 2794 35.43 -141.14 -52.41
C TYR D 2794 34.06 -141.20 -51.72
N LYS D 2795 34.03 -141.26 -50.39
CA LYS D 2795 32.78 -141.29 -49.64
C LYS D 2795 32.45 -139.94 -49.01
N THR D 2796 32.79 -138.85 -49.68
CA THR D 2796 32.52 -137.50 -49.18
C THR D 2796 31.13 -137.00 -49.59
N PHE D 2797 30.12 -137.84 -49.37
CA PHE D 2797 28.74 -137.53 -49.68
C PHE D 2797 27.90 -137.58 -48.41
N SER D 2798 26.84 -136.78 -48.38
CA SER D 2798 25.98 -136.69 -47.21
C SER D 2798 24.52 -136.72 -47.65
N GLU D 2799 23.71 -137.48 -46.91
CA GLU D 2799 22.27 -137.58 -47.13
C GLU D 2799 21.46 -137.01 -45.99
N LYS D 2800 21.83 -137.32 -44.75
CA LYS D 2800 21.13 -136.72 -43.61
C LYS D 2800 21.38 -135.22 -43.54
N ASP D 2801 22.61 -134.79 -43.86
CA ASP D 2801 22.91 -133.36 -43.93
C ASP D 2801 22.05 -132.68 -45.00
N LYS D 2802 21.87 -133.35 -46.15
CA LYS D 2802 21.06 -132.78 -47.22
C LYS D 2802 19.56 -132.87 -46.93
N GLU D 2803 19.14 -133.67 -45.95
CA GLU D 2803 17.72 -133.81 -45.65
C GLU D 2803 17.26 -133.05 -44.40
N ILE D 2804 18.14 -132.80 -43.44
CA ILE D 2804 17.75 -132.08 -42.23
C ILE D 2804 18.51 -130.77 -42.05
N TYR D 2805 19.65 -130.59 -42.71
CA TYR D 2805 20.49 -129.41 -42.49
C TYR D 2805 20.80 -128.69 -43.80
N ARG D 2806 19.92 -128.78 -44.79
CA ARG D 2806 20.20 -128.19 -46.10
C ARG D 2806 19.10 -127.18 -46.44
N TRP D 2807 18.78 -126.30 -45.48
CA TRP D 2807 17.72 -125.30 -45.66
C TRP D 2807 18.26 -123.90 -45.39
N PRO D 2808 19.02 -123.33 -46.33
CA PRO D 2808 19.43 -121.93 -46.20
C PRO D 2808 18.48 -120.93 -46.85
N ILE D 2809 17.57 -121.38 -47.70
CA ILE D 2809 16.50 -120.53 -48.23
C ILE D 2809 15.13 -121.18 -48.13
N LYS D 2810 15.04 -122.48 -47.83
CA LYS D 2810 13.75 -123.13 -47.67
C LYS D 2810 12.96 -122.53 -46.51
N GLU D 2811 13.67 -121.98 -45.52
CA GLU D 2811 13.02 -121.40 -44.35
C GLU D 2811 12.06 -120.28 -44.74
N SER D 2812 12.50 -119.37 -45.60
CA SER D 2812 11.67 -118.24 -46.02
C SER D 2812 12.05 -117.85 -47.44
N LEU D 2813 11.23 -118.26 -48.41
CA LEU D 2813 11.32 -117.78 -49.77
C LEU D 2813 10.13 -116.91 -50.13
N LYS D 2814 9.23 -116.66 -49.18
CA LYS D 2814 8.01 -115.90 -49.42
C LYS D 2814 8.32 -114.41 -49.32
N ALA D 2815 9.03 -113.93 -50.33
CA ALA D 2815 9.48 -112.54 -50.36
C ALA D 2815 8.94 -111.82 -51.59
N SER D 2868 29.71 -101.38 -63.92
CA SER D 2868 28.64 -100.46 -64.31
C SER D 2868 28.04 -99.79 -63.09
N ARG D 2869 27.49 -98.60 -63.28
CA ARG D 2869 26.88 -97.84 -62.19
C ARG D 2869 25.39 -97.61 -62.38
N GLU D 2870 24.95 -97.27 -63.60
CA GLU D 2870 23.54 -97.09 -63.90
C GLU D 2870 22.92 -98.34 -64.51
N LEU D 2871 23.35 -99.53 -64.06
CA LEU D 2871 22.84 -100.79 -64.55
C LEU D 2871 22.42 -101.76 -63.45
N GLN D 2872 22.99 -101.67 -62.26
CA GLN D 2872 22.78 -102.60 -61.15
C GLN D 2872 22.49 -101.85 -59.85
N ALA D 2873 21.49 -100.97 -59.88
CA ALA D 2873 21.25 -100.06 -58.77
C ALA D 2873 20.17 -100.53 -57.79
N MET D 2874 18.90 -100.66 -58.22
CA MET D 2874 17.86 -101.06 -57.26
C MET D 2874 17.41 -102.52 -57.37
N ALA D 2875 17.73 -103.22 -58.46
CA ALA D 2875 17.10 -104.51 -58.75
C ALA D 2875 17.38 -105.55 -57.65
N GLU D 2876 18.53 -105.48 -57.00
CA GLU D 2876 18.84 -106.31 -55.84
C GLU D 2876 18.98 -105.48 -54.56
N GLN D 2877 19.04 -104.16 -54.67
CA GLN D 2877 18.83 -103.30 -53.50
C GLN D 2877 17.49 -103.59 -52.85
N LEU D 2878 16.48 -103.90 -53.68
CA LEU D 2878 15.20 -104.37 -53.14
C LEU D 2878 15.38 -105.65 -52.34
N ALA D 2879 16.26 -106.54 -52.80
CA ALA D 2879 16.57 -107.78 -52.10
C ALA D 2879 17.71 -107.64 -51.09
N GLU D 2880 18.36 -106.47 -51.03
CA GLU D 2880 19.46 -106.27 -50.08
C GLU D 2880 19.00 -106.42 -48.63
N ASN D 2881 17.84 -105.84 -48.30
CA ASN D 2881 17.30 -105.98 -46.96
C ASN D 2881 17.00 -107.44 -46.61
N TYR D 2882 16.54 -108.21 -47.60
CA TYR D 2882 16.25 -109.63 -47.37
C TYR D 2882 17.52 -110.38 -46.98
N HIS D 2883 18.62 -110.13 -47.70
CA HIS D 2883 19.87 -110.83 -47.42
C HIS D 2883 20.55 -110.33 -46.15
N ASN D 2884 20.43 -109.04 -45.81
CA ASN D 2884 20.92 -108.57 -44.51
C ASN D 2884 20.11 -109.24 -43.40
N THR D 2885 18.79 -109.32 -43.59
CA THR D 2885 17.94 -109.99 -42.62
C THR D 2885 18.33 -111.46 -42.46
N TRP D 2886 18.65 -112.15 -43.56
CA TRP D 2886 19.08 -113.54 -43.43
C TRP D 2886 20.47 -113.67 -42.81
N GLY D 2887 21.33 -112.68 -43.04
CA GLY D 2887 22.58 -112.64 -42.31
C GLY D 2887 22.36 -112.56 -40.82
N ARG D 2888 21.31 -111.85 -40.40
CA ARG D 2888 20.95 -111.86 -38.99
C ARG D 2888 20.26 -113.17 -38.59
N LYS D 2889 19.48 -113.79 -39.50
CA LYS D 2889 18.87 -115.10 -39.24
C LYS D 2889 19.88 -116.23 -39.15
N LYS D 2890 21.12 -116.02 -39.59
CA LYS D 2890 22.10 -117.10 -39.54
C LYS D 2890 23.07 -116.94 -38.36
N LYS D 2891 22.60 -116.44 -37.22
CA LYS D 2891 23.45 -116.30 -36.04
C LYS D 2891 22.77 -116.62 -34.72
N GLN D 2892 21.43 -116.59 -34.63
CA GLN D 2892 20.77 -116.82 -33.35
C GLN D 2892 20.90 -118.27 -32.87
N GLU D 2893 21.27 -119.19 -33.75
CA GLU D 2893 21.49 -120.57 -33.32
C GLU D 2893 22.70 -120.71 -32.40
N LEU D 2894 23.61 -119.74 -32.41
CA LEU D 2894 24.70 -119.68 -31.44
C LEU D 2894 24.72 -118.38 -30.65
N GLU D 2895 23.85 -117.42 -30.95
CA GLU D 2895 23.75 -116.19 -30.18
C GLU D 2895 22.84 -116.41 -28.98
N ALA D 2896 23.37 -116.20 -27.78
CA ALA D 2896 22.60 -116.32 -26.56
C ALA D 2896 22.83 -115.20 -25.56
N LYS D 2897 23.83 -114.34 -25.77
CA LYS D 2897 24.14 -113.26 -24.84
C LYS D 2897 24.04 -111.88 -25.45
N GLY D 2898 24.52 -111.69 -26.67
CA GLY D 2898 24.31 -110.43 -27.37
C GLY D 2898 25.41 -109.39 -27.25
N GLY D 2899 26.64 -109.77 -27.59
CA GLY D 2899 27.75 -108.83 -27.60
C GLY D 2899 28.51 -108.88 -28.91
N GLY D 2900 29.10 -107.74 -29.26
CA GLY D 2900 29.75 -107.61 -30.55
C GLY D 2900 31.06 -108.35 -30.68
N THR D 2901 31.06 -109.45 -31.44
CA THR D 2901 32.27 -110.21 -31.71
C THR D 2901 32.43 -110.65 -33.16
N HIS D 2902 31.35 -110.87 -33.92
CA HIS D 2902 31.46 -111.37 -35.28
C HIS D 2902 31.19 -110.26 -36.30
N PRO D 2903 31.90 -110.26 -37.44
CA PRO D 2903 31.86 -109.10 -38.37
C PRO D 2903 30.72 -109.07 -39.39
N LEU D 2904 29.55 -108.61 -38.94
CA LEU D 2904 28.49 -108.25 -39.88
C LEU D 2904 27.73 -106.98 -39.47
N LEU D 2905 28.27 -106.21 -38.54
CA LEU D 2905 27.70 -104.92 -38.15
C LEU D 2905 28.71 -103.84 -38.47
N VAL D 2906 28.41 -103.03 -39.48
CA VAL D 2906 29.36 -102.05 -39.99
C VAL D 2906 29.00 -100.66 -39.48
N PRO D 2907 29.98 -99.76 -39.27
CA PRO D 2907 29.65 -98.38 -38.91
C PRO D 2907 28.97 -97.65 -40.06
N TYR D 2908 27.69 -97.33 -39.89
CA TYR D 2908 26.88 -96.79 -40.97
C TYR D 2908 27.15 -95.32 -41.25
N ASP D 2909 27.77 -94.61 -40.32
CA ASP D 2909 28.14 -93.21 -40.58
C ASP D 2909 29.24 -93.12 -41.63
N THR D 2910 30.30 -93.91 -41.47
CA THR D 2910 31.39 -93.97 -42.43
C THR D 2910 31.99 -95.36 -42.36
N LEU D 2911 32.29 -95.94 -43.52
CA LEU D 2911 32.71 -97.33 -43.62
C LEU D 2911 34.04 -97.45 -44.34
N THR D 2912 34.87 -98.37 -43.86
CA THR D 2912 36.12 -98.74 -44.51
C THR D 2912 35.89 -99.92 -45.45
N ALA D 2913 36.96 -100.54 -45.91
CA ALA D 2913 36.87 -101.67 -46.84
C ALA D 2913 36.70 -102.96 -46.05
N LYS D 2914 35.46 -103.32 -45.78
CA LYS D 2914 35.16 -104.56 -45.06
C LYS D 2914 35.03 -105.73 -46.02
N GLU D 2915 35.04 -106.94 -45.46
CA GLU D 2915 34.98 -108.15 -46.26
C GLU D 2915 33.55 -108.59 -46.56
N LYS D 2916 32.68 -108.58 -45.56
CA LYS D 2916 31.24 -108.88 -45.63
C LYS D 2916 30.87 -110.10 -46.47
N ALA D 2917 31.76 -111.09 -46.52
CA ALA D 2917 31.57 -112.28 -47.37
C ALA D 2917 30.61 -113.27 -46.71
N ARG D 2918 29.34 -112.85 -46.62
CA ARG D 2918 28.36 -113.66 -45.89
C ARG D 2918 27.86 -114.83 -46.75
N ASP D 2919 27.08 -114.54 -47.79
CA ASP D 2919 26.41 -115.58 -48.56
C ASP D 2919 26.44 -115.38 -50.07
N ARG D 2920 26.96 -114.25 -50.57
CA ARG D 2920 26.80 -113.93 -51.99
C ARG D 2920 28.03 -114.21 -52.83
N GLU D 2921 29.19 -114.45 -52.21
CA GLU D 2921 30.38 -114.85 -52.97
C GLU D 2921 30.18 -116.21 -53.63
N LYS D 2922 29.29 -117.04 -53.08
CA LYS D 2922 28.85 -118.27 -53.71
C LYS D 2922 27.59 -118.04 -54.53
N ALA D 2923 26.69 -117.18 -54.04
CA ALA D 2923 25.40 -116.98 -54.70
C ALA D 2923 25.57 -116.37 -56.08
N GLN D 2924 26.67 -115.64 -56.32
CA GLN D 2924 26.92 -115.10 -57.66
C GLN D 2924 27.10 -116.22 -58.69
N GLU D 2925 27.82 -117.30 -58.34
CA GLU D 2925 27.87 -118.45 -59.25
C GLU D 2925 26.60 -119.27 -59.20
N LEU D 2926 25.98 -119.40 -58.03
CA LEU D 2926 24.75 -120.18 -57.92
C LEU D 2926 23.62 -119.59 -58.76
N LEU D 2927 23.66 -118.27 -58.99
CA LEU D 2927 22.69 -117.64 -59.88
C LEU D 2927 22.85 -118.12 -61.31
N LYS D 2928 24.11 -118.23 -61.79
CA LYS D 2928 24.33 -118.86 -63.08
C LYS D 2928 24.07 -120.36 -63.06
N PHE D 2929 24.00 -120.95 -61.88
CA PHE D 2929 23.72 -122.38 -61.74
C PHE D 2929 22.23 -122.73 -61.68
N LEU D 2930 21.33 -121.75 -61.77
CA LEU D 2930 19.89 -122.00 -61.64
C LEU D 2930 19.24 -122.01 -63.01
N GLN D 2931 19.16 -123.20 -63.62
CA GLN D 2931 18.41 -123.40 -64.86
C GLN D 2931 17.53 -124.64 -64.88
N MET D 2932 17.65 -125.55 -63.92
CA MET D 2932 16.94 -126.82 -63.93
C MET D 2932 15.70 -126.77 -63.03
N ASN D 2933 15.12 -127.94 -62.77
CA ASN D 2933 13.91 -128.27 -62.02
C ASN D 2933 12.66 -128.02 -62.85
N GLY D 2934 12.77 -127.52 -64.07
CA GLY D 2934 11.63 -127.33 -64.92
C GLY D 2934 10.83 -126.08 -64.65
N TYR D 2935 11.21 -125.29 -63.65
CA TYR D 2935 10.53 -124.06 -63.31
C TYR D 2935 11.56 -122.97 -63.03
N ALA D 2936 11.29 -121.78 -63.54
CA ALA D 2936 12.13 -120.61 -63.29
C ALA D 2936 11.27 -119.49 -62.74
N VAL D 2937 11.77 -118.80 -61.72
CA VAL D 2937 11.03 -117.72 -61.09
C VAL D 2937 11.07 -116.50 -62.01
N THR D 2938 9.96 -116.24 -62.70
CA THR D 2938 9.85 -115.11 -63.62
C THR D 2938 9.04 -114.00 -62.97
N ARG D 2939 9.60 -112.80 -62.94
CA ARG D 2939 8.93 -111.65 -62.36
C ARG D 2939 7.85 -111.10 -63.27
N UNK D 3088 35.32 -131.68 -71.76
CA UNK D 3088 34.84 -132.61 -72.77
C UNK D 3088 33.32 -132.53 -72.90
N UNK D 3089 32.83 -131.36 -73.33
CA UNK D 3089 31.41 -131.09 -73.51
C UNK D 3089 30.59 -131.37 -72.24
N UNK D 3090 30.85 -130.59 -71.19
CA UNK D 3090 30.14 -130.75 -69.93
C UNK D 3090 29.96 -129.40 -69.23
N UNK D 3091 28.93 -128.67 -69.64
CA UNK D 3091 28.61 -127.38 -69.04
C UNK D 3091 27.12 -127.27 -68.79
N UNK D 3092 26.60 -126.04 -68.80
CA UNK D 3092 25.19 -125.81 -68.51
C UNK D 3092 24.52 -124.90 -69.55
N UNK D 3093 25.30 -124.04 -70.19
CA UNK D 3093 24.76 -123.11 -71.17
C UNK D 3093 24.52 -123.78 -72.52
N UNK D 3094 25.07 -123.17 -73.57
CA UNK D 3094 24.91 -123.69 -74.93
C UNK D 3094 26.07 -124.62 -75.29
N UNK D 3095 26.85 -125.02 -74.30
CA UNK D 3095 27.99 -125.90 -74.51
C UNK D 3095 27.58 -127.36 -74.38
N UNK D 3096 26.77 -127.67 -73.38
CA UNK D 3096 26.31 -129.03 -73.16
C UNK D 3096 24.91 -129.07 -72.55
N UNK D 3097 24.61 -130.14 -71.82
CA UNK D 3097 23.25 -130.38 -71.34
C UNK D 3097 23.13 -130.28 -69.82
N UNK D 3098 22.72 -129.11 -69.35
CA UNK D 3098 22.38 -128.89 -67.94
C UNK D 3098 21.54 -127.62 -67.85
N UNK D 3099 20.93 -127.25 -68.97
CA UNK D 3099 20.13 -126.03 -69.06
C UNK D 3099 18.74 -126.25 -68.47
N UNK D 3100 18.39 -127.51 -68.19
CA UNK D 3100 17.14 -127.85 -67.53
C UNK D 3100 17.19 -129.27 -67.00
N UNK D 3101 16.16 -130.06 -67.32
CA UNK D 3101 16.04 -131.41 -66.81
C UNK D 3101 15.44 -132.35 -67.85
N UNK D 3102 15.62 -133.65 -67.63
CA UNK D 3102 15.07 -134.67 -68.52
C UNK D 3102 13.83 -135.30 -67.91
N UNK D 3103 13.82 -135.37 -66.57
CA UNK D 3103 12.69 -135.94 -65.85
C UNK D 3103 12.12 -134.95 -64.84
N UNK D 3104 11.56 -133.87 -65.34
CA UNK D 3104 10.97 -132.84 -64.48
C UNK D 3104 9.48 -132.67 -64.76
N UNK D 3105 9.09 -131.45 -65.11
CA UNK D 3105 7.69 -131.07 -65.32
C UNK D 3105 6.84 -131.42 -64.10
N UNK D 3106 6.25 -132.61 -64.14
CA UNK D 3106 5.47 -133.13 -63.02
C UNK D 3106 5.28 -134.64 -63.18
N UNK D 3107 6.30 -135.30 -63.70
CA UNK D 3107 6.23 -136.72 -63.99
C UNK D 3107 7.00 -137.57 -62.98
N UNK D 3108 8.08 -137.01 -62.44
CA UNK D 3108 8.94 -137.74 -61.51
C UNK D 3108 8.51 -137.55 -60.06
N UNK D 3109 7.20 -137.54 -59.83
CA UNK D 3109 6.68 -137.37 -58.47
C UNK D 3109 6.40 -138.70 -57.81
N UNK D 3110 6.46 -139.78 -58.59
CA UNK D 3110 6.12 -141.11 -58.11
C UNK D 3110 7.12 -141.64 -57.08
N UNK D 3111 8.31 -141.08 -57.05
CA UNK D 3111 9.34 -141.51 -56.11
C UNK D 3111 9.07 -141.00 -54.69
N UNK D 3112 8.32 -139.91 -54.57
CA UNK D 3112 8.04 -139.33 -53.27
C UNK D 3112 6.56 -139.45 -52.91
N UNK D 3113 5.70 -139.43 -53.91
CA UNK D 3113 4.26 -139.50 -53.68
C UNK D 3113 3.79 -140.95 -53.58
N UNK D 3114 3.91 -141.69 -54.68
CA UNK D 3114 3.40 -143.06 -54.76
C UNK D 3114 4.13 -144.02 -53.80
N UNK D 3115 5.35 -143.66 -53.41
CA UNK D 3115 6.11 -144.47 -52.46
C UNK D 3115 5.49 -144.37 -51.07
N UNK D 3116 4.84 -143.26 -50.80
CA UNK D 3116 4.20 -143.04 -49.51
C UNK D 3116 2.68 -143.15 -49.61
N UNK D 3117 2.17 -143.10 -50.83
CA UNK D 3117 0.73 -143.22 -51.07
C UNK D 3117 0.31 -144.68 -51.17
N UNK D 3118 1.27 -145.58 -51.09
CA UNK D 3118 0.99 -147.01 -51.12
C UNK D 3118 0.27 -147.41 -49.83
N UNK D 3119 0.53 -146.66 -48.76
CA UNK D 3119 -0.12 -146.89 -47.48
C UNK D 3119 -0.78 -145.62 -46.97
N UNK D 3120 -1.42 -144.87 -47.88
CA UNK D 3120 -2.06 -143.62 -47.51
C UNK D 3120 -3.24 -143.27 -48.43
N UNK D 3121 -3.30 -143.92 -49.59
CA UNK D 3121 -4.36 -143.65 -50.55
C UNK D 3121 -5.65 -144.37 -50.16
N UNK D 3122 -5.52 -145.48 -49.46
CA UNK D 3122 -6.67 -146.27 -49.02
C UNK D 3122 -6.39 -146.97 -47.71
N UNK D 3123 7.22 -146.62 -41.16
CA UNK D 3123 6.55 -145.74 -42.11
C UNK D 3123 7.04 -144.30 -41.95
N UNK D 3124 6.83 -143.50 -42.99
CA UNK D 3124 7.25 -142.09 -42.95
C UNK D 3124 6.09 -141.18 -43.35
N UNK D 3125 5.90 -140.12 -42.57
CA UNK D 3125 4.82 -139.17 -42.82
C UNK D 3125 5.24 -137.75 -42.45
N UNK D 3126 6.53 -137.59 -42.13
CA UNK D 3126 7.06 -136.28 -41.74
C UNK D 3126 7.51 -135.50 -42.97
N UNK D 3127 7.61 -136.20 -44.10
CA UNK D 3127 8.03 -135.57 -45.35
C UNK D 3127 6.99 -135.81 -46.45
N UNK D 3128 5.72 -135.76 -46.07
CA UNK D 3128 4.63 -135.96 -47.01
C UNK D 3128 4.45 -134.74 -47.92
N UNK D 3129 4.10 -134.99 -49.18
CA UNK D 3129 3.91 -133.92 -50.14
C UNK D 3129 2.46 -133.89 -50.64
N UNK D 3130 1.75 -132.82 -50.28
CA UNK D 3130 0.35 -132.67 -50.70
C UNK D 3130 0.03 -131.19 -50.89
N UNK D 3131 0.13 -130.41 -49.82
CA UNK D 3131 -0.14 -128.98 -49.87
C UNK D 3131 1.09 -128.24 -50.41
N UNK D 3132 1.13 -128.07 -51.73
CA UNK D 3132 2.26 -127.40 -52.37
C UNK D 3132 1.80 -126.54 -53.53
N UNK D 3133 2.01 -125.22 -53.41
CA UNK D 3133 1.66 -124.29 -54.47
C UNK D 3133 2.57 -123.07 -54.40
N UNK D 3134 3.45 -123.07 -53.41
CA UNK D 3134 4.40 -121.97 -53.22
C UNK D 3134 5.75 -122.31 -53.83
N UNK D 3135 5.87 -123.52 -54.36
CA UNK D 3135 7.08 -123.96 -55.05
C UNK D 3135 7.22 -123.18 -56.36
N UNK D 3136 6.09 -122.86 -56.97
CA UNK D 3136 6.06 -122.02 -58.16
C UNK D 3136 5.34 -120.71 -57.85
N UNK D 3137 6.05 -119.60 -58.01
CA UNK D 3137 5.50 -118.28 -57.69
C UNK D 3137 4.39 -117.89 -58.67
N UNK D 3138 4.58 -118.23 -59.94
CA UNK D 3138 3.60 -117.90 -60.97
C UNK D 3138 3.74 -118.83 -62.17
N UNK D 3139 4.81 -118.64 -62.95
CA UNK D 3139 5.12 -119.38 -64.17
C UNK D 3139 4.03 -119.26 -65.25
N UNK D 3140 4.32 -119.84 -66.41
CA UNK D 3140 3.40 -119.78 -67.55
C UNK D 3140 3.71 -120.88 -68.56
N UNK D 3141 3.55 -120.57 -69.83
CA UNK D 3141 3.83 -121.51 -70.90
C UNK D 3141 4.98 -121.01 -71.78
N UNK D 3142 6.03 -120.53 -71.11
CA UNK D 3142 7.24 -119.99 -71.76
C UNK D 3142 6.92 -118.85 -72.73
N UNK D 3143 7.80 -118.65 -73.70
CA UNK D 3143 7.62 -117.61 -74.70
C UNK D 3143 8.39 -117.95 -75.97
N UNK D 3144 7.70 -117.91 -77.10
CA UNK D 3144 8.31 -118.22 -78.40
C UNK D 3144 7.90 -117.21 -79.46
N UNK D 3145 8.07 -115.93 -79.16
CA UNK D 3145 7.72 -114.87 -80.08
C UNK D 3145 8.53 -113.60 -79.81
N UNK D 3146 9.83 -113.66 -80.05
CA UNK D 3146 10.71 -112.53 -79.83
C UNK D 3146 11.95 -112.61 -80.71
N UNK D 3147 11.84 -112.08 -81.93
CA UNK D 3147 12.92 -112.05 -82.91
C UNK D 3147 13.50 -113.44 -83.20
N UNK D 3148 14.80 -113.49 -83.46
CA UNK D 3148 15.47 -114.76 -83.74
C UNK D 3148 15.97 -115.41 -82.47
N UNK D 3149 16.03 -114.63 -81.39
CA UNK D 3149 16.48 -115.13 -80.10
C UNK D 3149 15.31 -115.53 -79.22
N UNK D 3150 15.55 -115.59 -77.91
CA UNK D 3150 14.55 -115.95 -76.91
C UNK D 3150 13.90 -117.31 -77.19
N UNK D 3151 14.70 -118.26 -77.65
CA UNK D 3151 14.22 -119.60 -77.96
C UNK D 3151 15.11 -120.66 -77.33
N UNK D 3152 14.56 -121.42 -76.39
CA UNK D 3152 15.31 -122.45 -75.70
C UNK D 3152 14.77 -123.84 -76.04
N UNK D 3153 15.50 -124.55 -76.89
CA UNK D 3153 15.11 -125.90 -77.30
C UNK D 3153 15.90 -126.95 -76.53
N UNK D 3154 17.16 -126.65 -76.25
CA UNK D 3154 18.02 -127.58 -75.52
C UNK D 3154 17.68 -127.56 -74.03
N UNK D 3155 16.99 -126.52 -73.60
CA UNK D 3155 16.61 -126.38 -72.20
C UNK D 3155 15.39 -127.23 -71.87
N UNK D 3156 14.21 -126.62 -71.92
CA UNK D 3156 12.97 -127.27 -71.49
C UNK D 3156 12.61 -128.49 -72.34
N UNK D 3157 13.18 -129.63 -71.97
CA UNK D 3157 12.86 -130.89 -72.62
C UNK D 3157 11.63 -131.51 -71.96
N UNK D 3158 11.44 -131.17 -70.68
CA UNK D 3158 10.29 -131.65 -69.92
C UNK D 3158 9.99 -130.70 -68.77
N UNK D 3159 9.47 -129.51 -69.10
CA UNK D 3159 9.14 -128.52 -68.10
C UNK D 3159 7.64 -128.47 -67.86
N UNK D 3160 6.87 -128.91 -68.84
CA UNK D 3160 5.41 -128.93 -68.75
C UNK D 3160 4.83 -129.97 -69.71
N UNK D 3161 5.69 -130.88 -70.17
CA UNK D 3161 5.27 -131.91 -71.14
C UNK D 3161 4.53 -133.04 -70.46
N UNK D 3162 4.62 -133.12 -69.14
CA UNK D 3162 3.95 -134.17 -68.38
C UNK D 3162 3.42 -133.63 -67.05
N UNK D 3163 2.10 -133.63 -66.91
CA UNK D 3163 1.46 -133.12 -65.69
C UNK D 3163 1.51 -134.16 -64.57
N UNK D 3164 1.05 -133.76 -63.39
CA UNK D 3164 1.01 -134.65 -62.24
C UNK D 3164 -0.33 -135.37 -62.20
N UNK D 3165 -0.58 -136.20 -63.21
CA UNK D 3165 -1.86 -136.87 -63.37
C UNK D 3165 -2.11 -137.91 -62.28
N UNK D 3166 -1.05 -138.46 -61.72
CA UNK D 3166 -1.17 -139.51 -60.71
C UNK D 3166 -1.37 -138.93 -59.31
N UNK D 3167 -1.32 -137.61 -59.19
CA UNK D 3167 -1.43 -136.97 -57.88
C UNK D 3167 -2.49 -135.87 -57.87
N UNK D 3168 -2.88 -135.39 -59.05
CA UNK D 3168 -3.86 -134.31 -59.15
C UNK D 3168 -5.15 -134.80 -59.80
N UNK D 3169 -5.02 -135.60 -60.85
CA UNK D 3169 -6.17 -136.13 -61.55
C UNK D 3169 -6.66 -137.43 -60.92
N UNK D 3170 -5.70 -138.29 -60.54
CA UNK D 3170 -6.02 -139.56 -59.90
C UNK D 3170 -6.56 -139.32 -58.49
N UNK D 3171 -5.87 -138.44 -57.75
CA UNK D 3171 -6.29 -138.07 -56.41
C UNK D 3171 -7.27 -136.90 -56.49
N UNK D 3172 -8.53 -137.16 -56.15
CA UNK D 3172 -9.59 -136.16 -56.26
C UNK D 3172 -9.40 -135.02 -55.27
N UNK D 3173 -8.97 -135.36 -54.06
CA UNK D 3173 -8.77 -134.35 -53.01
C UNK D 3173 -7.70 -134.79 -52.02
N UNK D 3174 -6.57 -135.23 -52.53
CA UNK D 3174 -5.46 -135.66 -51.67
C UNK D 3174 -4.21 -134.86 -51.97
N UNK D 3175 -4.37 -133.55 -52.10
CA UNK D 3175 -3.24 -132.66 -52.38
C UNK D 3175 -3.48 -131.28 -51.79
N UNK D 3176 -3.07 -130.24 -52.52
CA UNK D 3176 -3.23 -128.87 -52.07
C UNK D 3176 -4.68 -128.40 -52.25
N UNK D 3177 -5.22 -127.75 -51.21
CA UNK D 3177 -6.58 -127.26 -51.25
C UNK D 3177 -6.61 -125.73 -51.17
N UNK D 3178 -5.49 -125.14 -50.75
CA UNK D 3178 -5.38 -123.69 -50.65
C UNK D 3178 -5.30 -123.07 -52.03
N UNK D 3179 -4.60 -123.74 -52.94
CA UNK D 3179 -4.46 -123.27 -54.31
C UNK D 3179 -4.17 -124.44 -55.23
N UNK D 3180 -4.06 -124.15 -56.53
CA UNK D 3180 -3.76 -125.18 -57.52
C UNK D 3180 -2.31 -125.62 -57.40
N UNK D 3181 -2.09 -126.93 -57.42
CA UNK D 3181 -0.75 -127.49 -57.27
C UNK D 3181 0.10 -127.26 -58.53
N UNK D 3182 -0.58 -127.06 -59.66
CA UNK D 3182 0.10 -126.81 -60.92
C UNK D 3182 0.16 -125.32 -61.23
N UNK D 3183 0.32 -124.51 -60.18
CA UNK D 3183 0.38 -123.05 -60.27
C UNK D 3183 -0.83 -122.45 -60.99
N UNK D 3184 -0.58 -121.44 -61.81
CA UNK D 3184 -1.66 -120.79 -62.55
C UNK D 3184 -1.90 -121.47 -63.89
N UNK D 3185 -2.38 -120.71 -64.86
CA UNK D 3185 -2.66 -121.24 -66.19
C UNK D 3185 -1.36 -121.46 -66.97
N UNK D 3186 -1.39 -122.40 -67.91
CA UNK D 3186 -0.21 -122.71 -68.71
C UNK D 3186 -0.60 -123.34 -70.05
N UNK D 3187 0.34 -124.09 -70.63
CA UNK D 3187 0.17 -124.82 -71.89
C UNK D 3187 -0.15 -123.93 -73.09
N UNK D 3188 -0.27 -124.58 -74.26
CA UNK D 3188 -0.54 -123.95 -75.56
C UNK D 3188 0.57 -122.98 -76.02
N UNK D 3189 0.56 -122.69 -77.33
CA UNK D 3189 1.59 -121.84 -77.92
C UNK D 3189 1.17 -120.37 -77.91
N UNK D 3190 0.72 -119.88 -79.04
CA UNK D 3190 0.32 -118.48 -79.18
C UNK D 3190 -1.07 -118.25 -78.61
N UNK D 3191 -1.13 -117.48 -77.52
CA UNK D 3191 -2.41 -117.15 -76.88
C UNK D 3191 -2.91 -115.78 -77.33
N UNK D 3192 3.95 -123.00 -82.01
CA UNK D 3192 5.17 -123.81 -82.12
C UNK D 3192 6.10 -123.58 -80.94
N UNK D 3193 6.16 -124.57 -80.05
CA UNK D 3193 7.04 -124.49 -78.89
C UNK D 3193 8.50 -124.63 -79.30
N UNK D 3194 8.74 -125.45 -80.31
CA UNK D 3194 10.09 -125.67 -80.81
C UNK D 3194 10.03 -126.16 -82.26
N UNK D 3195 10.45 -127.40 -82.48
CA UNK D 3195 10.43 -127.99 -83.81
C UNK D 3195 10.34 -129.52 -83.69
N UNK D 3196 10.85 -130.05 -82.59
CA UNK D 3196 10.81 -131.49 -82.35
C UNK D 3196 10.85 -131.77 -80.84
N UNK D 3197 10.05 -132.73 -80.40
CA UNK D 3197 9.99 -133.10 -78.99
C UNK D 3197 9.60 -134.55 -78.82
N UNK D 3198 9.95 -135.12 -77.67
CA UNK D 3198 9.63 -136.52 -77.37
C UNK D 3198 8.45 -136.60 -76.41
N UNK D 3199 7.46 -137.41 -76.76
CA UNK D 3199 6.24 -137.63 -75.97
C UNK D 3199 5.53 -136.31 -75.66
N UNK D 3200 5.28 -135.51 -76.70
CA UNK D 3200 4.60 -134.25 -76.54
C UNK D 3200 3.08 -134.43 -76.50
N UNK D 3201 2.64 -135.62 -76.87
CA UNK D 3201 1.22 -135.96 -76.87
C UNK D 3201 0.85 -136.71 -75.60
N UNK D 3202 1.45 -136.33 -74.49
CA UNK D 3202 1.19 -136.96 -73.20
C UNK D 3202 -0.16 -136.49 -72.63
N UNK D 3203 -0.59 -135.30 -73.04
CA UNK D 3203 -1.85 -134.74 -72.57
C UNK D 3203 -2.83 -134.56 -73.74
N UNK D 3204 -2.48 -135.14 -74.88
CA UNK D 3204 -3.31 -135.04 -76.07
C UNK D 3204 -4.45 -136.06 -76.03
N UNK D 3205 -4.18 -137.22 -75.42
CA UNK D 3205 -5.16 -138.28 -75.34
C UNK D 3205 -5.57 -138.55 -73.89
N UNK D 3206 -4.70 -138.21 -72.95
CA UNK D 3206 -4.96 -138.42 -71.54
C UNK D 3206 -5.97 -137.41 -71.01
N UNK D 3207 -5.78 -136.15 -71.37
CA UNK D 3207 -6.67 -135.08 -70.93
C UNK D 3207 -7.99 -135.14 -71.69
N UNK D 3208 -7.95 -135.70 -72.88
CA UNK D 3208 -9.15 -135.85 -73.71
C UNK D 3208 -10.04 -136.96 -73.16
N UNK D 3209 -9.40 -138.01 -72.64
CA UNK D 3209 -10.14 -139.14 -72.07
C UNK D 3209 -10.64 -138.80 -70.67
N UNK D 3210 -9.93 -137.90 -70.00
CA UNK D 3210 -10.31 -137.47 -68.66
C UNK D 3210 -11.52 -136.52 -68.74
N UNK D 3211 -11.60 -135.78 -69.84
CA UNK D 3211 -12.70 -134.86 -70.05
C UNK D 3211 -13.93 -135.60 -70.59
N UNK D 3212 -13.69 -136.68 -71.32
CA UNK D 3212 -14.77 -137.47 -71.90
C UNK D 3212 -15.38 -138.39 -70.83
N UNK D 3213 -14.63 -138.66 -69.79
CA UNK D 3213 -15.10 -139.49 -68.69
C UNK D 3213 -16.16 -138.75 -67.88
N UNK D 3214 -16.02 -137.43 -67.81
CA UNK D 3214 -16.97 -136.60 -67.09
C UNK D 3214 -18.02 -136.02 -68.04
N UNK D 3215 -17.90 -136.37 -69.32
CA UNK D 3215 -18.83 -135.91 -70.32
C UNK D 3215 -19.87 -136.98 -70.63
N UNK D 3216 -19.42 -138.23 -70.73
CA UNK D 3216 -20.32 -139.35 -70.99
C UNK D 3216 -21.18 -139.64 -69.77
N UNK D 3217 -20.62 -139.39 -68.60
CA UNK D 3217 -21.35 -139.58 -67.35
C UNK D 3217 -21.73 -138.23 -66.74
N UNK D 3218 -22.54 -137.48 -67.46
CA UNK D 3218 -22.97 -136.16 -67.00
C UNK D 3218 -24.48 -135.99 -67.16
N UNK D 3219 -25.03 -136.57 -68.22
CA UNK D 3219 -26.46 -136.48 -68.50
C UNK D 3219 -27.25 -137.35 -67.53
N UNK D 3220 -26.89 -138.62 -67.44
CA UNK D 3220 -27.56 -139.56 -66.54
C UNK D 3220 -26.82 -139.63 -65.21
N UNK D 3221 -25.52 -139.91 -65.26
CA UNK D 3221 -24.71 -140.01 -64.05
C UNK D 3221 -23.80 -138.80 -63.91
N UNK D 3222 -14.36 -137.20 -56.53
CA UNK D 3222 -15.62 -137.47 -57.22
C UNK D 3222 -15.73 -136.62 -58.48
N UNK D 3223 -16.72 -135.73 -58.51
CA UNK D 3223 -16.94 -134.87 -59.68
C UNK D 3223 -16.27 -133.51 -59.47
N UNK D 3224 -15.36 -133.45 -58.51
CA UNK D 3224 -14.63 -132.21 -58.23
C UNK D 3224 -13.39 -132.11 -59.12
N UNK D 3225 -13.12 -133.17 -59.86
CA UNK D 3225 -11.98 -133.19 -60.77
C UNK D 3225 -12.24 -132.27 -61.96
N UNK D 3226 -13.47 -132.26 -62.44
CA UNK D 3226 -13.86 -131.43 -63.58
C UNK D 3226 -14.34 -130.06 -63.14
N UNK D 3227 -13.70 -129.50 -62.13
CA UNK D 3227 -14.04 -128.18 -61.61
C UNK D 3227 -12.84 -127.57 -60.91
N UNK D 3228 -11.78 -128.36 -60.78
CA UNK D 3228 -10.56 -127.91 -60.12
C UNK D 3228 -9.33 -128.51 -60.79
N UNK D 3229 -9.32 -129.84 -60.91
CA UNK D 3229 -8.20 -130.55 -61.51
C UNK D 3229 -8.22 -130.41 -63.04
N UNK D 3230 -9.39 -130.62 -63.64
CA UNK D 3230 -9.55 -130.48 -65.08
C UNK D 3230 -9.85 -129.03 -65.45
N UNK D 3231 -9.92 -128.17 -64.44
CA UNK D 3231 -10.09 -126.74 -64.66
C UNK D 3231 -8.77 -126.13 -65.09
N UNK D 3232 -7.68 -126.84 -64.78
CA UNK D 3232 -6.36 -126.43 -65.22
C UNK D 3232 -6.23 -126.66 -66.72
N UNK D 3233 -6.94 -127.65 -67.22
CA UNK D 3233 -7.00 -127.92 -68.65
C UNK D 3233 -7.93 -126.90 -69.31
N UNK D 3234 -8.89 -126.41 -68.53
CA UNK D 3234 -9.80 -125.37 -69.00
C UNK D 3234 -9.06 -124.03 -69.07
N UNK D 3235 -8.15 -123.83 -68.13
CA UNK D 3235 -7.31 -122.63 -68.10
C UNK D 3235 -6.23 -122.74 -69.17
N UNK D 3236 -5.87 -123.97 -69.51
CA UNK D 3236 -4.90 -124.22 -70.56
C UNK D 3236 -5.51 -123.91 -71.92
N UNK D 3237 -6.79 -124.24 -72.06
CA UNK D 3237 -7.53 -123.94 -73.29
C UNK D 3237 -7.85 -122.45 -73.36
N UNK D 3238 -8.00 -121.84 -72.19
CA UNK D 3238 -8.28 -120.41 -72.11
C UNK D 3238 -7.05 -119.60 -72.50
N UNK D 3239 -5.87 -120.19 -72.31
CA UNK D 3239 -4.62 -119.56 -72.70
C UNK D 3239 -4.18 -120.06 -74.08
N UNK D 3240 -5.15 -120.25 -74.96
CA UNK D 3240 -4.88 -120.72 -76.32
C UNK D 3240 -5.60 -119.86 -77.35
N UNK D 3241 -4.98 -119.69 -78.52
CA UNK D 3241 -5.56 -118.91 -79.60
C UNK D 3241 -4.97 -119.32 -80.94
N UNK D 3242 -4.27 -118.39 -81.59
CA UNK D 3242 -3.51 -118.61 -82.82
C UNK D 3242 -4.33 -119.01 -84.06
N UNK D 3243 -5.44 -119.72 -83.87
CA UNK D 3243 -6.30 -120.22 -84.94
C UNK D 3243 -5.52 -121.10 -85.93
N UNK D 3244 -4.60 -121.89 -85.40
CA UNK D 3244 -3.78 -122.77 -86.23
C UNK D 3244 -3.82 -124.20 -85.70
N UNK D 3245 -3.09 -125.09 -86.36
CA UNK D 3245 -3.07 -126.50 -85.97
C UNK D 3245 -2.07 -126.74 -84.84
N UNK D 3246 -2.55 -127.35 -83.76
CA UNK D 3246 -1.69 -127.66 -82.62
C UNK D 3246 -0.78 -128.83 -82.96
N UNK D 3247 0.44 -128.81 -82.44
CA UNK D 3247 1.41 -129.86 -82.71
C UNK D 3247 1.04 -131.17 -82.04
N UNK D 3248 0.48 -131.06 -80.83
CA UNK D 3248 0.05 -132.24 -80.09
C UNK D 3248 -1.23 -132.81 -80.67
N UNK D 3249 -1.07 -133.81 -81.54
CA UNK D 3249 -2.18 -134.47 -82.24
C UNK D 3249 -3.05 -133.47 -83.00
N UNK D 3250 -2.58 -133.06 -84.18
CA UNK D 3250 -3.32 -132.10 -85.01
C UNK D 3250 -4.60 -132.72 -85.53
N UNK D 3251 -4.47 -133.81 -86.28
CA UNK D 3251 -5.63 -134.52 -86.81
C UNK D 3251 -5.77 -135.88 -86.15
N UNK D 3252 -5.85 -135.90 -84.83
CA UNK D 3252 -5.94 -137.16 -84.09
C UNK D 3252 -6.73 -137.01 -82.80
N UNK D 3253 -6.05 -137.12 -81.67
CA UNK D 3253 -6.69 -137.14 -80.35
C UNK D 3253 -7.27 -135.80 -79.94
N UNK D 3254 -6.49 -134.73 -80.15
CA UNK D 3254 -6.92 -133.39 -79.78
C UNK D 3254 -8.02 -132.90 -80.73
N UNK D 3255 -8.07 -133.48 -81.92
CA UNK D 3255 -9.09 -133.15 -82.90
C UNK D 3255 -10.38 -133.89 -82.58
N UNK D 3256 -10.26 -135.11 -82.06
CA UNK D 3256 -11.41 -135.94 -81.72
C UNK D 3256 -11.90 -135.64 -80.31
N UNK D 3257 -11.26 -134.67 -79.65
CA UNK D 3257 -11.65 -134.27 -78.30
C UNK D 3257 -12.81 -133.27 -78.36
N UNK D 3258 -13.16 -132.86 -79.57
CA UNK D 3258 -14.27 -131.92 -79.76
C UNK D 3258 -15.59 -132.66 -79.95
N UNK D 3259 -15.55 -133.98 -79.76
CA UNK D 3259 -16.75 -134.81 -79.84
C UNK D 3259 -17.63 -134.60 -78.60
N UNK D 3260 -17.01 -134.11 -77.53
CA UNK D 3260 -17.73 -133.82 -76.30
C UNK D 3260 -17.57 -132.34 -75.94
N UNK D 3261 -16.59 -131.69 -76.57
CA UNK D 3261 -16.34 -130.28 -76.33
C UNK D 3261 -17.21 -129.40 -77.21
N UNK D 3262 -17.04 -129.53 -78.52
CA UNK D 3262 -17.85 -128.78 -79.48
C UNK D 3262 -19.28 -129.30 -79.48
N UNK D 3263 -19.42 -130.60 -79.27
CA UNK D 3263 -20.73 -131.23 -79.17
C UNK D 3263 -21.06 -131.50 -77.70
N UNK D 3264 -21.35 -130.42 -76.97
CA UNK D 3264 -21.63 -130.53 -75.54
C UNK D 3264 -22.99 -131.15 -75.27
N UNK D 3265 -23.26 -131.41 -73.99
CA UNK D 3265 -24.52 -132.01 -73.58
C UNK D 3265 -25.69 -131.04 -73.80
N UNK D 3266 -25.40 -129.75 -73.65
CA UNK D 3266 -26.40 -128.72 -73.87
C UNK D 3266 -26.51 -128.40 -75.36
N UNK D 3267 -27.58 -128.88 -75.98
CA UNK D 3267 -27.81 -128.66 -77.40
C UNK D 3267 -28.27 -127.24 -77.67
N UNK D 3268 -28.70 -126.55 -76.62
CA UNK D 3268 -29.11 -125.16 -76.73
C UNK D 3268 -27.89 -124.24 -76.71
N UNK D 3269 -26.74 -124.83 -76.40
CA UNK D 3269 -25.44 -124.15 -76.44
C UNK D 3269 -25.38 -122.93 -75.53
N UNK D 3270 -25.90 -123.06 -74.30
CA UNK D 3270 -25.86 -121.98 -73.33
C UNK D 3270 -25.81 -122.53 -71.91
N UNK D 3271 -24.69 -122.33 -71.24
CA UNK D 3271 -24.51 -122.83 -69.87
C UNK D 3271 -23.95 -121.74 -68.96
N UNK D 3272 -23.88 -122.04 -67.67
CA UNK D 3272 -23.36 -121.10 -66.68
C UNK D 3272 -21.94 -121.47 -66.28
N UNK D 3273 -21.03 -120.50 -66.39
CA UNK D 3273 -19.60 -120.67 -66.08
C UNK D 3273 -18.98 -121.83 -66.86
N UNK D 3274 -19.39 -121.97 -68.12
CA UNK D 3274 -18.92 -123.05 -68.96
C UNK D 3274 -17.50 -122.78 -69.47
N UNK D 3275 -16.71 -123.84 -69.59
CA UNK D 3275 -15.35 -123.74 -70.10
C UNK D 3275 -15.33 -124.02 -71.60
N UNK D 3276 -16.51 -124.13 -72.20
CA UNK D 3276 -16.62 -124.39 -73.63
C UNK D 3276 -16.24 -123.15 -74.42
N UNK D 3277 -16.46 -121.98 -73.83
CA UNK D 3277 -16.09 -120.71 -74.46
C UNK D 3277 -14.57 -120.56 -74.47
N UNK D 3278 -13.93 -121.11 -73.46
CA UNK D 3278 -12.47 -121.08 -73.37
C UNK D 3278 -11.86 -122.15 -74.28
N UNK D 3279 -12.57 -123.29 -74.38
CA UNK D 3279 -12.10 -124.40 -75.21
C UNK D 3279 -12.25 -124.09 -76.70
N UNK D 3280 -13.25 -123.28 -77.02
CA UNK D 3280 -13.50 -122.90 -78.41
C UNK D 3280 -12.84 -121.55 -78.73
N UNK D 3281 -11.57 -121.42 -78.35
CA UNK D 3281 -10.81 -120.22 -78.62
C UNK D 3281 -9.97 -120.39 -79.89
N UNK D 3282 -10.66 -120.69 -80.99
CA UNK D 3282 -10.03 -120.91 -82.31
C UNK D 3282 -8.96 -121.99 -82.27
N UNK D 3283 -9.40 -123.25 -82.22
CA UNK D 3283 -8.48 -124.38 -82.22
C UNK D 3283 -8.63 -125.18 -83.50
N UNK D 3284 -7.84 -124.83 -84.51
CA UNK D 3284 -7.90 -125.50 -85.81
C UNK D 3284 -7.36 -126.91 -85.73
N UNK D 3285 -8.13 -127.86 -86.25
CA UNK D 3285 -7.73 -129.26 -86.23
C UNK D 3285 -8.47 -130.03 -87.33
N UNK D 3286 -8.86 -131.27 -87.03
CA UNK D 3286 -9.61 -132.08 -87.98
C UNK D 3286 -11.10 -132.03 -87.64
N UNK D 3287 -11.45 -131.25 -86.63
CA UNK D 3287 -12.84 -131.09 -86.22
C UNK D 3287 -13.41 -129.78 -86.76
N UNK D 3288 -12.96 -128.67 -86.21
CA UNK D 3288 -13.43 -127.36 -86.63
C UNK D 3288 -12.28 -126.52 -87.20
N UNK D 3289 -22.45 -132.18 -84.28
CA UNK D 3289 -22.71 -132.41 -85.70
C UNK D 3289 -21.43 -132.83 -86.42
N UNK D 3290 -21.39 -134.09 -86.84
CA UNK D 3290 -20.23 -134.62 -87.55
C UNK D 3290 -20.52 -134.75 -89.05
N UNK D 3291 -20.48 -133.64 -89.75
CA UNK D 3291 -20.74 -133.63 -91.18
C UNK D 3291 -19.46 -133.38 -91.97
N UNK D 3292 -18.34 -133.31 -91.26
CA UNK D 3292 -17.05 -133.07 -91.89
C UNK D 3292 -16.15 -134.29 -91.77
N UNK D 3293 -16.09 -134.87 -90.57
CA UNK D 3293 -15.25 -136.03 -90.31
C UNK D 3293 -16.07 -137.32 -90.36
N UNK D 3294 -15.47 -138.37 -90.92
CA UNK D 3294 -16.13 -139.66 -91.02
C UNK D 3294 -15.10 -140.79 -91.08
N UNK D 3295 -13.94 -140.56 -90.49
CA UNK D 3295 -12.87 -141.56 -90.49
C UNK D 3295 -12.22 -141.65 -89.10
N UNK D 3296 -11.81 -142.85 -88.72
CA UNK D 3296 -11.19 -143.08 -87.42
C UNK D 3296 -9.78 -143.64 -87.58
N UNK D 3297 -9.62 -144.91 -87.22
CA UNK D 3297 -8.31 -145.56 -87.28
C UNK D 3297 -8.08 -146.20 -88.65
N UNK D 3298 -9.08 -146.12 -89.51
CA UNK D 3298 -9.00 -146.70 -90.85
C UNK D 3298 -8.16 -145.80 -91.77
N UNK D 3299 -8.08 -144.53 -91.41
CA UNK D 3299 -7.31 -143.56 -92.19
C UNK D 3299 -5.81 -143.76 -91.98
N UNK D 3300 -5.08 -143.86 -93.09
CA UNK D 3300 -3.62 -144.05 -93.10
C UNK D 3300 -3.19 -145.27 -92.29
N UNK D 3301 -2.87 -145.05 -91.01
CA UNK D 3301 -2.43 -146.13 -90.14
C UNK D 3301 -3.43 -146.35 -89.01
N UNK D 3302 -3.55 -145.37 -88.13
CA UNK D 3302 -4.45 -145.45 -87.00
C UNK D 3302 -5.01 -144.07 -86.63
N UNK D 3303 -9.54 -135.83 -93.63
CA UNK D 3303 -8.21 -136.24 -94.08
C UNK D 3303 -7.20 -135.12 -93.87
N UNK D 3304 -6.15 -135.12 -94.70
CA UNK D 3304 -5.11 -134.10 -94.60
C UNK D 3304 -5.33 -133.00 -95.63
N UNK D 3305 -6.39 -132.22 -95.44
CA UNK D 3305 -6.72 -131.14 -96.35
C UNK D 3305 -6.97 -129.84 -95.57
N UNK D 3306 -7.03 -128.73 -96.29
CA UNK D 3306 -7.28 -127.43 -95.68
C UNK D 3306 -8.65 -126.90 -96.05
N UNK D 3307 -9.58 -127.82 -96.31
CA UNK D 3307 -10.96 -127.50 -96.68
C UNK D 3307 -11.04 -126.59 -97.90
N UNK D 3308 -10.28 -126.91 -98.93
CA UNK D 3308 -10.27 -126.14 -100.17
C UNK D 3308 -11.57 -126.36 -100.95
N UNK D 3309 -11.85 -127.62 -101.25
CA UNK D 3309 -13.08 -127.98 -101.94
C UNK D 3309 -14.14 -128.41 -100.95
N UNK D 3310 -13.73 -128.55 -99.68
CA UNK D 3310 -14.65 -128.94 -98.62
C UNK D 3310 -15.15 -127.72 -97.86
N UNK D 3311 -15.64 -126.73 -98.61
CA UNK D 3311 -16.16 -125.51 -98.01
C UNK D 3311 -17.52 -125.78 -97.36
N UNK D 3312 -18.21 -126.80 -97.86
CA UNK D 3312 -19.51 -127.17 -97.31
C UNK D 3312 -19.34 -127.86 -95.96
N UNK D 3313 -18.31 -128.68 -95.83
CA UNK D 3313 -18.05 -129.40 -94.59
C UNK D 3313 -17.37 -128.52 -93.55
N UNK D 3314 -16.87 -127.37 -94.00
CA UNK D 3314 -16.16 -126.45 -93.11
C UNK D 3314 -17.09 -125.38 -92.56
N UNK D 3315 -18.13 -125.05 -93.31
CA UNK D 3315 -19.06 -123.98 -92.91
C UNK D 3315 -20.51 -124.44 -92.97
N UNK D 3316 -20.78 -125.65 -92.48
CA UNK D 3316 -22.15 -126.15 -92.41
C UNK D 3316 -22.82 -125.68 -91.13
N UNK D 3317 -22.01 -125.37 -90.12
CA UNK D 3317 -22.51 -124.94 -88.83
C UNK D 3317 -22.58 -123.41 -88.75
N UNK D 3318 -22.10 -122.74 -89.79
CA UNK D 3318 -22.10 -121.28 -89.84
C UNK D 3318 -23.40 -120.76 -90.46
N UNK D 3319 -23.95 -121.53 -91.39
CA UNK D 3319 -25.18 -121.13 -92.07
C UNK D 3319 -26.41 -121.60 -91.29
N UNK D 3320 -26.19 -122.47 -90.32
CA UNK D 3320 -27.28 -123.00 -89.49
C UNK D 3320 -27.78 -121.93 -88.52
N UNK D 3321 -26.85 -121.16 -87.97
CA UNK D 3321 -27.20 -120.11 -87.03
C UNK D 3321 -27.17 -118.73 -87.70
N UNK D 3322 -27.40 -118.72 -89.02
CA UNK D 3322 -27.45 -117.48 -89.78
C UNK D 3322 -28.69 -116.69 -89.41
N UNK D 3323 -29.78 -117.40 -89.15
CA UNK D 3323 -31.02 -116.79 -88.72
C UNK D 3323 -31.30 -117.16 -87.26
N UNK D 3324 -30.70 -116.42 -86.33
CA UNK D 3324 -30.85 -116.70 -84.91
C UNK D 3324 -32.25 -116.37 -84.42
N UNK D 3325 -32.57 -116.84 -83.21
CA UNK D 3325 -33.88 -116.61 -82.62
C UNK D 3325 -34.08 -115.14 -82.28
N UNK D 3326 -35.04 -114.51 -82.95
CA UNK D 3326 -35.32 -113.09 -82.75
C UNK D 3326 -36.40 -112.92 -81.69
N UNK D 3327 -36.75 -114.00 -80.99
CA UNK D 3327 -37.75 -113.96 -79.93
C UNK D 3327 -37.18 -113.23 -78.72
N UNK D 3328 -38.08 -112.66 -77.91
CA UNK D 3328 -37.68 -111.92 -76.72
C UNK D 3328 -37.56 -112.83 -75.51
N UNK D 3329 -37.77 -114.12 -75.72
CA UNK D 3329 -37.69 -115.10 -74.65
C UNK D 3329 -36.23 -115.33 -74.24
N UNK D 3330 -35.79 -114.60 -73.22
CA UNK D 3330 -34.43 -114.73 -72.70
C UNK D 3330 -34.38 -115.79 -71.60
N UNK D 3331 -35.54 -116.34 -71.26
CA UNK D 3331 -35.63 -117.36 -70.22
C UNK D 3331 -35.50 -118.76 -70.83
N UNK D 3332 -35.25 -118.81 -72.14
CA UNK D 3332 -35.07 -120.08 -72.83
C UNK D 3332 -33.73 -120.70 -72.50
N UNK D 3333 -33.55 -121.95 -72.89
CA UNK D 3333 -32.31 -122.67 -72.62
C UNK D 3333 -31.18 -122.19 -73.52
N UNK D 3334 -31.54 -121.52 -74.62
CA UNK D 3334 -30.56 -120.98 -75.54
C UNK D 3334 -30.44 -119.47 -75.39
N UNK D 3335 -30.05 -119.02 -74.20
CA UNK D 3335 -29.87 -117.59 -73.94
C UNK D 3335 -28.67 -117.06 -74.71
N UNK D 3336 -27.49 -117.59 -74.38
CA UNK D 3336 -26.27 -117.24 -75.10
C UNK D 3336 -25.91 -118.37 -76.04
N UNK D 3337 -26.75 -118.60 -77.04
CA UNK D 3337 -26.60 -119.73 -77.96
C UNK D 3337 -25.40 -119.58 -78.89
N UNK D 3338 -24.86 -118.37 -78.98
CA UNK D 3338 -23.70 -118.13 -79.83
C UNK D 3338 -22.46 -117.85 -79.00
N UNK D 3339 -22.65 -117.25 -77.83
CA UNK D 3339 -21.53 -116.90 -76.96
C UNK D 3339 -20.97 -118.12 -76.24
N UNK D 3340 -21.85 -118.94 -75.69
CA UNK D 3340 -21.43 -120.12 -74.94
C UNK D 3340 -21.08 -121.28 -75.86
N UNK D 3341 -21.45 -121.16 -77.13
CA UNK D 3341 -21.10 -122.17 -78.12
C UNK D 3341 -19.69 -121.92 -78.64
N UNK D 3342 -19.50 -120.77 -79.26
CA UNK D 3342 -18.20 -120.38 -79.78
C UNK D 3342 -18.06 -118.87 -79.71
N UNK D 3343 -17.24 -118.40 -78.76
CA UNK D 3343 -17.01 -116.97 -78.57
C UNK D 3343 -16.33 -116.35 -79.79
N UNK D 3344 -15.51 -117.16 -80.45
CA UNK D 3344 -14.87 -116.73 -81.69
C UNK D 3344 -15.66 -117.25 -82.89
N UNK D 3345 -16.92 -116.87 -82.96
CA UNK D 3345 -17.81 -117.32 -84.04
C UNK D 3345 -17.43 -116.67 -85.36
N UNK D 3346 -16.88 -115.46 -85.28
CA UNK D 3346 -16.44 -114.74 -86.47
C UNK D 3346 -14.92 -114.64 -86.50
N UNK D 3347 -14.29 -114.94 -85.37
CA UNK D 3347 -12.84 -114.88 -85.26
C UNK D 3347 -12.22 -116.25 -85.50
N UNK D 3348 -13.03 -117.21 -85.91
CA UNK D 3348 -12.55 -118.55 -86.21
C UNK D 3348 -11.78 -118.57 -87.53
N UNK D 3349 -12.16 -117.66 -88.43
CA UNK D 3349 -11.50 -117.56 -89.72
C UNK D 3349 -10.90 -116.17 -89.90
N UNK D 3350 -9.60 -116.06 -89.66
CA UNK D 3350 -8.90 -114.79 -89.81
C UNK D 3350 -8.40 -114.61 -91.23
N UNK D 3351 -8.85 -113.54 -91.88
CA UNK D 3351 -8.46 -113.25 -93.26
C UNK D 3351 -8.43 -111.75 -93.52
N UNK D 3352 -8.10 -111.38 -94.76
CA UNK D 3352 -8.03 -109.98 -95.14
C UNK D 3352 -9.35 -109.48 -95.70
N UNK D 3353 -9.57 -109.69 -96.99
CA UNK D 3353 -10.78 -109.24 -97.65
C UNK D 3353 -11.88 -110.30 -97.57
N UNK D 3354 -12.68 -110.41 -98.63
CA UNK D 3354 -13.76 -111.38 -98.68
C UNK D 3354 -13.32 -112.70 -99.29
N UNK D 3355 -12.32 -113.31 -98.69
CA UNK D 3355 -11.81 -114.60 -99.14
C UNK D 3355 -12.71 -115.73 -98.63
N UNK D 3356 -13.28 -115.52 -97.45
CA UNK D 3356 -14.18 -116.51 -96.85
C UNK D 3356 -15.26 -115.81 -96.03
N UNK D 3357 -14.86 -114.76 -95.32
CA UNK D 3357 -15.80 -114.01 -94.49
C UNK D 3357 -15.30 -112.58 -94.29
N UNK D 3358 -16.19 -111.60 -94.53
CA UNK D 3358 -15.84 -110.20 -94.39
C UNK D 3358 -17.07 -109.38 -93.99
N UNK D 3359 -17.32 -108.30 -94.72
CA UNK D 3359 -18.45 -107.43 -94.44
C UNK D 3359 -19.74 -108.02 -94.99
N UNK D 3360 -19.61 -108.96 -95.92
CA UNK D 3360 -20.77 -109.61 -96.52
C UNK D 3360 -21.08 -110.92 -95.80
N UNK D 3361 -20.41 -111.14 -94.67
CA UNK D 3361 -20.63 -112.34 -93.87
C UNK D 3361 -20.56 -112.00 -92.39
N UNK D 3362 -20.46 -110.72 -92.09
CA UNK D 3362 -20.39 -110.25 -90.70
C UNK D 3362 -21.75 -110.35 -90.04
N UNK D 3363 -22.00 -111.47 -89.35
CA UNK D 3363 -23.25 -111.68 -88.65
C UNK D 3363 -23.09 -111.31 -87.17
N UNK D 3364 -22.00 -110.62 -86.85
CA UNK D 3364 -21.73 -110.18 -85.49
C UNK D 3364 -22.61 -108.99 -85.12
N UNK D 3365 -23.09 -108.29 -86.14
CA UNK D 3365 -23.99 -107.15 -85.92
C UNK D 3365 -25.35 -107.64 -85.46
N UNK D 3366 -25.79 -108.77 -86.02
CA UNK D 3366 -27.06 -109.37 -85.63
C UNK D 3366 -26.92 -110.12 -84.31
N UNK D 3367 -25.70 -110.56 -84.03
CA UNK D 3367 -25.41 -111.25 -82.77
C UNK D 3367 -25.36 -110.26 -81.62
N UNK D 3368 -24.92 -109.04 -81.92
CA UNK D 3368 -24.84 -107.98 -80.92
C UNK D 3368 -26.21 -107.33 -80.74
N UNK D 3369 -27.04 -107.41 -81.78
CA UNK D 3369 -28.39 -106.85 -81.72
C UNK D 3369 -29.32 -107.80 -80.97
N UNK D 3370 -28.91 -109.06 -80.85
CA UNK D 3370 -29.69 -110.05 -80.11
C UNK D 3370 -29.60 -109.80 -78.62
N UNK D 3371 -28.51 -109.17 -78.19
CA UNK D 3371 -28.33 -108.82 -76.79
C UNK D 3371 -29.22 -107.65 -76.42
N UNK D 3372 -29.47 -106.76 -77.38
CA UNK D 3372 -30.35 -105.62 -77.16
C UNK D 3372 -31.80 -106.05 -77.24
N UNK D 3373 -32.06 -107.12 -78.00
CA UNK D 3373 -33.40 -107.66 -78.14
C UNK D 3373 -33.79 -108.48 -76.92
N UNK D 3374 -32.79 -109.08 -76.28
CA UNK D 3374 -33.01 -109.88 -75.09
C UNK D 3374 -32.82 -109.04 -73.83
N UNK D 3375 -32.55 -107.75 -74.03
CA UNK D 3375 -32.35 -106.82 -72.91
C UNK D 3375 -33.69 -106.49 -72.26
N UNK D 3376 -33.81 -106.82 -70.97
CA UNK D 3376 -35.04 -106.55 -70.23
C UNK D 3376 -34.74 -105.90 -68.89
N UNK D 3377 -35.79 -105.63 -68.12
CA UNK D 3377 -35.63 -105.00 -66.82
C UNK D 3377 -35.48 -106.05 -65.72
N UNK D 3378 -35.63 -107.32 -66.11
CA UNK D 3378 -35.51 -108.42 -65.16
C UNK D 3378 -34.05 -108.67 -64.81
N UNK D 3379 -33.82 -109.24 -63.63
CA UNK D 3379 -32.47 -109.53 -63.17
C UNK D 3379 -32.16 -111.02 -63.30
N UNK D 3380 -32.83 -111.69 -64.23
CA UNK D 3380 -32.62 -113.12 -64.45
C UNK D 3380 -31.31 -113.35 -65.19
N UNK D 3381 -30.98 -112.46 -66.12
CA UNK D 3381 -29.75 -112.56 -66.87
C UNK D 3381 -28.65 -111.73 -66.23
N UNK D 3382 -28.30 -112.09 -64.99
CA UNK D 3382 -27.26 -111.39 -64.25
C UNK D 3382 -25.88 -111.83 -64.68
N UNK D 3383 -25.81 -112.97 -65.36
CA UNK D 3383 -24.54 -113.51 -65.84
C UNK D 3383 -24.32 -113.14 -67.30
N UNK D 3384 -24.88 -112.01 -67.72
CA UNK D 3384 -24.75 -111.54 -69.10
C UNK D 3384 -23.43 -110.82 -69.30
N UNK D 3385 -22.77 -110.47 -68.19
CA UNK D 3385 -21.48 -109.79 -68.25
C UNK D 3385 -20.38 -110.73 -68.71
N UNK D 3386 -20.54 -112.01 -68.40
CA UNK D 3386 -19.56 -113.02 -68.79
C UNK D 3386 -19.66 -113.31 -70.28
N UNK D 3387 -20.86 -113.13 -70.83
CA UNK D 3387 -21.08 -113.37 -72.25
C UNK D 3387 -20.74 -112.12 -73.07
N UNK D 3388 -20.88 -110.96 -72.45
CA UNK D 3388 -20.61 -109.69 -73.12
C UNK D 3388 -19.11 -109.43 -73.21
N UNK D 3389 -18.38 -109.83 -72.17
CA UNK D 3389 -16.93 -109.59 -72.12
C UNK D 3389 -16.18 -110.54 -73.05
N UNK D 3390 -16.81 -111.66 -73.38
CA UNK D 3390 -16.19 -112.65 -74.24
C UNK D 3390 -16.67 -112.53 -75.69
N UNK D 3391 -17.45 -111.48 -75.95
CA UNK D 3391 -17.98 -111.24 -77.29
C UNK D 3391 -17.59 -109.86 -77.81
N UNK D 3392 -17.34 -108.94 -76.89
CA UNK D 3392 -16.96 -107.58 -77.26
C UNK D 3392 -15.45 -107.40 -77.24
N UNK D 3393 -14.72 -108.45 -77.61
CA UNK D 3393 -13.28 -108.41 -77.66
C UNK D 3393 -12.81 -107.90 -79.01
N UNK D 3394 -13.73 -107.83 -79.97
CA UNK D 3394 -13.41 -107.37 -81.31
C UNK D 3394 -14.59 -106.62 -81.92
N UNK D 3395 -14.57 -105.30 -81.79
CA UNK D 3395 -15.64 -104.46 -82.34
C UNK D 3395 -15.06 -103.29 -83.12
N UNK D 3396 -14.27 -103.60 -84.15
CA UNK D 3396 -13.65 -102.57 -84.97
C UNK D 3396 -13.35 -103.10 -86.37
N UNK D 3397 -13.48 -104.41 -86.54
CA UNK D 3397 -13.22 -105.06 -87.82
C UNK D 3397 -14.50 -105.14 -88.66
N UNK D 3398 -14.75 -104.08 -89.43
CA UNK D 3398 -15.92 -103.97 -90.31
C UNK D 3398 -17.24 -104.18 -89.56
N UNK D 3399 -17.60 -103.22 -88.73
CA UNK D 3399 -18.82 -103.30 -87.94
C UNK D 3399 -19.42 -101.91 -87.73
N UNK D 3400 -20.07 -101.38 -88.76
CA UNK D 3400 -20.69 -100.06 -88.67
C UNK D 3400 -22.10 -100.17 -88.10
N UNK D 3401 -22.19 -100.21 -86.77
CA UNK D 3401 -23.47 -100.30 -86.09
C UNK D 3401 -24.19 -98.97 -86.07
N UNK D 3402 -23.44 -97.89 -86.31
CA UNK D 3402 -24.00 -96.55 -86.32
C UNK D 3402 -24.54 -96.21 -87.70
N UNK D 3403 -24.36 -97.11 -88.65
CA UNK D 3403 -24.84 -96.93 -90.02
C UNK D 3403 -26.20 -97.60 -90.21
N UNK D 3404 -27.03 -97.55 -89.17
CA UNK D 3404 -28.36 -98.14 -89.21
C UNK D 3404 -29.30 -97.42 -88.25
N UNK D 3405 -29.94 -98.18 -87.38
CA UNK D 3405 -30.85 -97.61 -86.38
C UNK D 3405 -30.23 -97.70 -85.00
N UNK D 3406 -29.11 -97.01 -84.80
CA UNK D 3406 -28.40 -97.02 -83.53
C UNK D 3406 -29.18 -96.23 -82.47
N UNK D 3407 -29.95 -95.24 -82.93
CA UNK D 3407 -30.77 -94.44 -82.04
C UNK D 3407 -32.01 -95.22 -81.61
N UNK D 3408 -32.39 -96.21 -82.42
CA UNK D 3408 -33.54 -97.05 -82.12
C UNK D 3408 -33.10 -98.40 -81.55
N UNK D 3409 -31.85 -98.45 -81.08
CA UNK D 3409 -31.31 -99.68 -80.51
C UNK D 3409 -30.68 -99.42 -79.15
N UNK D 3410 -29.63 -98.60 -79.13
CA UNK D 3410 -28.93 -98.28 -77.89
C UNK D 3410 -29.57 -97.07 -77.19
N UNK D 3411 -29.89 -96.04 -77.97
CA UNK D 3411 -30.49 -94.84 -77.42
C UNK D 3411 -31.96 -95.07 -77.06
N UNK D 3412 -32.57 -96.07 -77.68
CA UNK D 3412 -33.96 -96.41 -77.39
C UNK D 3412 -34.08 -97.07 -76.02
N UNK D 3413 -33.05 -97.83 -75.66
CA UNK D 3413 -33.00 -98.48 -74.35
C UNK D 3413 -32.49 -97.51 -73.29
N UNK D 3414 -31.72 -96.54 -73.73
CA UNK D 3414 -31.18 -95.52 -72.82
C UNK D 3414 -32.24 -94.47 -72.50
N UNK D 3415 -33.26 -94.39 -73.34
CA UNK D 3415 -34.35 -93.44 -73.14
C UNK D 3415 -35.33 -93.95 -72.09
N UNK D 3416 -35.18 -95.22 -71.72
CA UNK D 3416 -36.01 -95.83 -70.69
C UNK D 3416 -35.40 -95.63 -69.31
N UNK D 3417 -34.28 -94.89 -69.27
CA UNK D 3417 -33.60 -94.60 -68.02
C UNK D 3417 -33.27 -93.12 -67.93
N UNK D 3418 -33.36 -92.42 -69.06
CA UNK D 3418 -33.11 -90.99 -69.11
C UNK D 3418 -34.42 -90.21 -69.07
N UNK D 3419 -35.27 -90.45 -70.06
CA UNK D 3419 -36.56 -89.79 -70.14
C UNK D 3419 -37.56 -90.47 -69.19
N UNK D 3420 -37.32 -91.74 -68.90
CA UNK D 3420 -38.18 -92.49 -67.99
C UNK D 3420 -37.59 -92.52 -66.59
N UNK D 3421 -36.75 -91.54 -66.29
CA UNK D 3421 -36.16 -91.41 -64.96
C UNK D 3421 -37.19 -90.84 -63.99
N UNK D 3422 -38.23 -90.22 -64.55
CA UNK D 3422 -39.33 -89.70 -63.76
C UNK D 3422 -40.16 -90.84 -63.18
N UNK D 3423 -40.26 -91.93 -63.95
CA UNK D 3423 -40.97 -93.12 -63.50
C UNK D 3423 -40.06 -93.98 -62.63
N UNK D 3424 -38.75 -93.84 -62.84
CA UNK D 3424 -37.77 -94.60 -62.08
C UNK D 3424 -37.58 -94.03 -60.69
N UNK D 3425 -37.11 -92.78 -60.62
CA UNK D 3425 -36.87 -92.12 -59.34
C UNK D 3425 -37.02 -90.61 -59.46
N UNK D 3426 -38.18 -90.10 -59.04
CA UNK D 3426 -38.43 -88.67 -59.04
C UNK D 3426 -39.49 -88.32 -58.00
N UNK D 3427 -40.16 -89.34 -57.48
CA UNK D 3427 -41.18 -89.15 -56.46
C UNK D 3427 -40.52 -88.83 -55.11
N UNK D 3428 -39.28 -89.25 -54.95
CA UNK D 3428 -38.52 -88.97 -53.74
C UNK D 3428 -38.08 -87.51 -53.71
N UNK D 3429 -37.92 -86.93 -54.89
CA UNK D 3429 -37.53 -85.53 -55.02
C UNK D 3429 -38.77 -84.63 -55.06
N UNK D 3430 -39.89 -85.20 -55.50
CA UNK D 3430 -41.14 -84.46 -55.59
C UNK D 3430 -41.76 -84.28 -54.21
N UNK D 3431 -42.07 -85.41 -53.57
CA UNK D 3431 -42.66 -85.40 -52.24
C UNK D 3431 -41.73 -86.04 -51.21
N UNK D 3432 -42.22 -86.18 -49.99
CA UNK D 3432 -41.43 -86.78 -48.91
C UNK D 3432 -41.77 -88.26 -48.76
N UNK D 3433 -40.77 -89.11 -48.95
CA UNK D 3433 -40.95 -90.55 -48.82
C UNK D 3433 -39.67 -91.22 -48.32
N UNK D 3434 -39.74 -91.81 -47.13
CA UNK D 3434 -38.58 -92.47 -46.54
C UNK D 3434 -38.92 -93.91 -46.16
N UNK D 3435 -39.43 -94.68 -47.12
CA UNK D 3435 -39.77 -96.07 -46.88
C UNK D 3435 -38.75 -96.99 -47.54
N UNK D 3436 -38.90 -98.30 -47.30
CA UNK D 3436 -38.01 -99.29 -47.88
C UNK D 3436 -38.30 -99.50 -49.36
N UNK D 3437 -39.53 -99.21 -49.76
CA UNK D 3437 -39.95 -99.37 -51.14
C UNK D 3437 -39.35 -98.27 -52.02
N UNK D 3438 -39.16 -97.09 -51.45
CA UNK D 3438 -38.63 -95.95 -52.19
C UNK D 3438 -37.13 -96.08 -52.41
N UNK D 3439 -36.49 -96.93 -51.61
CA UNK D 3439 -35.05 -97.14 -51.70
C UNK D 3439 -34.71 -98.39 -52.49
N UNK D 3440 -35.70 -99.26 -52.69
CA UNK D 3440 -35.48 -100.52 -53.39
C UNK D 3440 -35.98 -100.46 -54.83
N UNK D 3441 -36.73 -99.41 -55.15
CA UNK D 3441 -37.28 -99.26 -56.50
C UNK D 3441 -36.29 -98.54 -57.42
N UNK D 3442 -35.29 -97.90 -56.82
CA UNK D 3442 -34.31 -97.14 -57.59
C UNK D 3442 -32.90 -97.68 -57.41
N UNK D 3443 -32.45 -97.75 -56.16
CA UNK D 3443 -31.08 -98.16 -55.85
C UNK D 3443 -30.89 -99.67 -56.05
N UNK D 3444 -31.98 -100.42 -56.11
CA UNK D 3444 -31.90 -101.86 -56.28
C UNK D 3444 -32.49 -102.29 -57.63
N UNK D 3445 -32.59 -101.34 -58.55
CA UNK D 3445 -33.15 -101.62 -59.87
C UNK D 3445 -32.38 -100.91 -60.98
N UNK D 3446 -32.09 -99.63 -60.77
CA UNK D 3446 -31.39 -98.84 -61.78
C UNK D 3446 -29.90 -99.14 -61.78
N UNK D 3447 -29.35 -99.47 -60.61
CA UNK D 3447 -27.93 -99.75 -60.48
C UNK D 3447 -27.65 -101.24 -60.66
N UNK D 3448 -28.61 -101.95 -61.26
CA UNK D 3448 -28.46 -103.39 -61.49
C UNK D 3448 -28.86 -103.75 -62.91
N UNK D 3449 -29.73 -102.94 -63.51
CA UNK D 3449 -30.20 -103.19 -64.87
C UNK D 3449 -29.56 -102.20 -65.84
N UNK D 3450 -29.60 -100.92 -65.50
CA UNK D 3450 -29.03 -99.88 -66.35
C UNK D 3450 -27.52 -99.80 -66.19
N UNK D 3451 -27.00 -100.45 -65.15
CA UNK D 3451 -25.57 -100.52 -64.94
C UNK D 3451 -24.94 -101.47 -65.95
N UNK D 3452 -25.67 -102.52 -66.29
CA UNK D 3452 -25.23 -103.47 -67.30
C UNK D 3452 -25.51 -102.90 -68.69
N UNK D 3453 -26.49 -102.00 -68.77
CA UNK D 3453 -26.83 -101.34 -70.02
C UNK D 3453 -25.78 -100.27 -70.34
N UNK D 3454 -25.22 -99.67 -69.29
CA UNK D 3454 -24.17 -98.67 -69.46
C UNK D 3454 -22.84 -99.36 -69.76
N UNK D 3455 -22.71 -100.61 -69.31
CA UNK D 3455 -21.52 -101.40 -69.58
C UNK D 3455 -21.50 -101.83 -71.05
N UNK D 3456 -22.69 -102.11 -71.59
CA UNK D 3456 -22.82 -102.48 -72.99
C UNK D 3456 -22.74 -101.23 -73.86
N UNK D 3457 -23.10 -100.08 -73.28
CA UNK D 3457 -23.02 -98.81 -73.98
C UNK D 3457 -21.56 -98.38 -74.11
N UNK D 3458 -20.76 -98.71 -73.09
CA UNK D 3458 -19.34 -98.39 -73.11
C UNK D 3458 -18.60 -99.33 -74.06
N UNK D 3459 -19.14 -100.53 -74.23
CA UNK D 3459 -18.57 -101.50 -75.17
C UNK D 3459 -18.87 -101.06 -76.60
N UNK D 3460 -20.00 -100.38 -76.78
CA UNK D 3460 -20.39 -99.86 -78.08
C UNK D 3460 -19.74 -98.51 -78.33
N UNK D 3461 -19.30 -97.87 -77.25
CA UNK D 3461 -18.62 -96.58 -77.34
C UNK D 3461 -17.18 -96.79 -77.82
N UNK D 3462 -16.65 -97.98 -77.57
CA UNK D 3462 -15.31 -98.33 -78.03
C UNK D 3462 -15.31 -98.48 -79.55
N UNK D 3463 -16.44 -98.93 -80.08
CA UNK D 3463 -16.60 -99.05 -81.53
C UNK D 3463 -16.89 -97.69 -82.14
N UNK D 3464 -17.54 -96.83 -81.36
CA UNK D 3464 -17.84 -95.48 -81.80
C UNK D 3464 -16.58 -94.62 -81.82
N UNK D 3465 -15.67 -94.89 -80.89
CA UNK D 3465 -14.42 -94.18 -80.81
C UNK D 3465 -13.45 -94.68 -81.89
N UNK D 3466 -13.62 -95.94 -82.27
CA UNK D 3466 -12.81 -96.53 -83.33
C UNK D 3466 -13.22 -95.98 -84.69
N UNK D 3467 -14.51 -95.69 -84.82
CA UNK D 3467 -15.05 -95.11 -86.05
C UNK D 3467 -15.50 -93.67 -85.81
N UNK D 3468 -14.56 -92.82 -85.42
CA UNK D 3468 -14.84 -91.43 -85.13
C UNK D 3468 -14.13 -90.50 -86.11
N UNK D 3469 -14.27 -90.77 -87.39
CA UNK D 3469 -13.64 -89.95 -88.43
C UNK D 3469 -14.62 -89.71 -89.58
N UNK D 3470 -15.18 -90.80 -90.12
CA UNK D 3470 -16.12 -90.71 -91.22
C UNK D 3470 -17.56 -90.80 -90.72
N UNK D 3471 -17.73 -90.62 -89.42
CA UNK D 3471 -19.06 -90.69 -88.81
C UNK D 3471 -19.24 -89.60 -87.75
N UNK D 3472 -18.31 -89.55 -86.80
CA UNK D 3472 -18.37 -88.57 -85.72
C UNK D 3472 -17.67 -87.28 -86.11
N UNK D 3473 -16.55 -87.40 -86.80
CA UNK D 3473 -15.77 -86.24 -87.21
C UNK D 3473 -16.07 -85.86 -88.66
N UNK D 3474 -17.33 -86.06 -89.06
CA UNK D 3474 -17.76 -85.72 -90.42
C UNK D 3474 -18.68 -84.51 -90.40
N UNK D 3475 -18.92 -83.94 -91.58
CA UNK D 3475 -19.80 -82.78 -91.71
C UNK D 3475 -21.25 -83.17 -91.50
N UNK D 3476 -21.59 -84.38 -91.95
CA UNK D 3476 -22.95 -84.90 -91.80
C UNK D 3476 -22.99 -85.96 -90.69
N UNK D 3477 -23.52 -85.58 -89.53
CA UNK D 3477 -23.59 -86.49 -88.39
C UNK D 3477 -25.00 -87.04 -88.22
N UNK D 3478 -25.15 -88.34 -88.44
CA UNK D 3478 -26.44 -89.01 -88.27
C UNK D 3478 -26.66 -89.38 -86.81
N UNK D 3479 -25.59 -89.31 -86.02
CA UNK D 3479 -25.66 -89.61 -84.60
C UNK D 3479 -25.74 -88.32 -83.79
N UNK D 3480 -26.48 -87.35 -84.30
CA UNK D 3480 -26.66 -86.07 -83.63
C UNK D 3480 -27.58 -86.22 -82.42
N UNK D 3481 -28.49 -87.19 -82.50
CA UNK D 3481 -29.40 -87.48 -81.40
C UNK D 3481 -28.66 -88.18 -80.27
N UNK D 3482 -27.67 -88.98 -80.63
CA UNK D 3482 -26.86 -89.69 -79.65
C UNK D 3482 -25.85 -88.74 -79.00
N UNK D 3483 -25.44 -87.73 -79.75
CA UNK D 3483 -24.51 -86.73 -79.24
C UNK D 3483 -25.24 -85.78 -78.27
N UNK D 3484 -26.51 -85.52 -78.56
CA UNK D 3484 -27.32 -84.67 -77.71
C UNK D 3484 -27.73 -85.43 -76.44
N UNK D 3485 -27.92 -86.73 -76.58
CA UNK D 3485 -28.29 -87.58 -75.45
C UNK D 3485 -27.09 -87.85 -74.56
N UNK D 3486 -26.95 -87.08 -73.49
CA UNK D 3486 -25.86 -87.24 -72.54
C UNK D 3486 -26.40 -87.42 -71.14
N UNK D 3487 -27.11 -88.52 -70.91
CA UNK D 3487 -27.75 -88.79 -69.63
C UNK D 3487 -26.73 -89.05 -68.53
N UNK D 3488 -25.57 -89.56 -68.90
CA UNK D 3488 -24.50 -89.85 -67.94
C UNK D 3488 -23.69 -88.59 -67.64
N UNK D 3489 -23.85 -87.57 -68.47
CA UNK D 3489 -23.12 -86.32 -68.31
C UNK D 3489 -23.94 -85.29 -67.54
N UNK D 3490 -24.28 -85.63 -66.30
CA UNK D 3490 -24.98 -84.74 -65.37
C UNK D 3490 -26.32 -84.23 -65.90
N UNK D 3491 -27.01 -85.06 -66.68
CA UNK D 3491 -28.35 -84.72 -67.14
C UNK D 3491 -29.36 -85.62 -66.45
N UNK D 3492 -29.07 -86.91 -66.44
CA UNK D 3492 -29.88 -87.89 -65.71
C UNK D 3492 -29.01 -88.57 -64.66
N UNK D 3493 -27.76 -88.13 -64.58
CA UNK D 3493 -26.82 -88.66 -63.61
C UNK D 3493 -26.51 -87.63 -62.52
N UNK D 3494 -27.23 -86.52 -62.56
CA UNK D 3494 -27.06 -85.45 -61.58
C UNK D 3494 -28.20 -85.48 -60.56
N UNK D 3495 -29.02 -86.52 -60.63
CA UNK D 3495 -30.15 -86.66 -59.73
C UNK D 3495 -29.68 -87.08 -58.33
N UNK D 3496 -29.28 -86.08 -57.54
CA UNK D 3496 -28.78 -86.27 -56.18
C UNK D 3496 -27.61 -87.26 -56.11
N UNK D 3497 -27.62 -88.12 -55.11
CA UNK D 3497 -26.56 -89.11 -54.94
C UNK D 3497 -27.03 -90.49 -55.37
N UNK D 3498 -28.28 -90.56 -55.82
CA UNK D 3498 -28.87 -91.83 -56.27
C UNK D 3498 -28.39 -92.18 -57.68
N UNK D 3499 -28.19 -91.15 -58.51
CA UNK D 3499 -27.77 -91.36 -59.88
C UNK D 3499 -26.27 -91.11 -60.04
N UNK D 3500 -25.52 -91.35 -58.98
CA UNK D 3500 -24.07 -91.14 -59.00
C UNK D 3500 -23.36 -92.05 -58.01
N UNK D 3501 -23.49 -91.75 -56.73
CA UNK D 3501 -22.82 -92.51 -55.67
C UNK D 3501 -23.46 -93.87 -55.46
N UNK D 3502 -24.78 -93.94 -55.64
CA UNK D 3502 -25.50 -95.20 -55.47
C UNK D 3502 -25.23 -96.15 -56.63
N UNK D 3503 -24.93 -95.58 -57.79
CA UNK D 3503 -24.63 -96.37 -58.97
C UNK D 3503 -23.18 -96.82 -58.97
N UNK D 3504 -22.32 -96.00 -58.37
CA UNK D 3504 -20.89 -96.32 -58.29
C UNK D 3504 -20.63 -97.36 -57.21
N UNK D 3505 -21.53 -97.42 -56.23
CA UNK D 3505 -21.40 -98.39 -55.14
C UNK D 3505 -21.74 -99.79 -55.63
N UNK D 3506 -22.63 -99.87 -56.61
CA UNK D 3506 -23.03 -101.15 -57.19
C UNK D 3506 -22.08 -101.55 -58.32
N UNK D 3507 -21.47 -100.55 -58.94
CA UNK D 3507 -20.52 -100.78 -60.02
C UNK D 3507 -19.20 -101.29 -59.46
N UNK D 3508 -18.91 -100.92 -58.22
CA UNK D 3508 -17.69 -101.36 -57.56
C UNK D 3508 -17.94 -102.61 -56.73
N UNK D 3509 -18.52 -103.62 -57.37
CA UNK D 3509 -18.82 -104.88 -56.70
C UNK D 3509 -18.40 -106.07 -57.57
N UNK D 3510 -17.09 -106.30 -57.62
CA UNK D 3510 -16.48 -107.39 -58.41
C UNK D 3510 -16.88 -107.34 -59.88
N UNK D 3511 -9.04 -96.14 -62.82
CA UNK D 3511 -9.96 -95.14 -63.34
C UNK D 3511 -11.03 -94.80 -62.30
N UNK D 3512 -10.65 -94.00 -61.30
CA UNK D 3512 -11.58 -93.62 -60.24
C UNK D 3512 -12.21 -92.27 -60.53
N UNK D 3513 -12.71 -92.09 -61.75
CA UNK D 3513 -13.35 -90.85 -62.15
C UNK D 3513 -14.87 -91.00 -62.08
N UNK D 3514 -15.35 -91.63 -61.01
CA UNK D 3514 -16.78 -91.89 -60.77
C UNK D 3514 -17.43 -92.63 -61.94
N UNK D 3515 -18.33 -91.95 -62.64
CA UNK D 3515 -19.01 -92.55 -63.79
C UNK D 3515 -18.08 -92.60 -65.00
N UNK D 3516 -17.67 -93.80 -65.38
CA UNK D 3516 -16.78 -93.98 -66.52
C UNK D 3516 -17.54 -93.77 -67.84
N UNK D 3517 -17.81 -92.51 -68.16
CA UNK D 3517 -18.54 -92.17 -69.37
C UNK D 3517 -17.57 -91.78 -70.48
N UNK D 3518 -18.05 -91.83 -71.73
CA UNK D 3518 -17.24 -91.45 -72.87
C UNK D 3518 -17.53 -90.01 -73.27
N UNK D 3519 -18.00 -89.22 -72.32
CA UNK D 3519 -18.36 -87.82 -72.57
C UNK D 3519 -17.13 -86.95 -72.80
N UNK D 3520 -15.95 -87.45 -72.43
CA UNK D 3520 -14.71 -86.75 -72.66
C UNK D 3520 -14.35 -86.79 -74.15
N UNK D 3521 -14.89 -87.79 -74.84
CA UNK D 3521 -14.66 -87.95 -76.27
C UNK D 3521 -15.93 -87.66 -77.06
N UNK D 3522 -17.06 -87.57 -76.35
CA UNK D 3522 -18.34 -87.30 -76.99
C UNK D 3522 -18.62 -85.80 -77.00
N UNK D 3523 -17.84 -85.05 -76.23
CA UNK D 3523 -18.01 -83.60 -76.16
C UNK D 3523 -17.54 -82.93 -77.44
N UNK D 3524 -16.56 -83.55 -78.09
CA UNK D 3524 -16.00 -83.00 -79.33
C UNK D 3524 -16.95 -83.26 -80.50
N UNK D 3525 -17.92 -84.15 -80.31
CA UNK D 3525 -18.90 -84.47 -81.33
C UNK D 3525 -20.28 -83.97 -80.96
N UNK D 3526 -20.40 -83.45 -79.74
CA UNK D 3526 -21.67 -82.93 -79.25
C UNK D 3526 -21.92 -81.53 -79.82
N UNK D 3527 -21.09 -80.57 -79.41
CA UNK D 3527 -21.18 -79.21 -79.92
C UNK D 3527 -20.19 -79.00 -81.07
N UNK D 3528 -20.22 -77.82 -81.66
CA UNK D 3528 -19.45 -77.48 -82.87
C UNK D 3528 -19.71 -78.46 -84.01
N UNK D 3529 -20.93 -78.99 -84.05
CA UNK D 3529 -21.36 -79.87 -85.13
C UNK D 3529 -22.73 -79.40 -85.58
N UNK D 3530 -23.42 -78.71 -84.68
CA UNK D 3530 -24.66 -78.04 -84.98
C UNK D 3530 -24.38 -76.53 -85.04
N UNK D 3531 -23.16 -76.17 -84.67
CA UNK D 3531 -22.72 -74.79 -84.70
C UNK D 3531 -21.35 -74.71 -85.39
N UNK D 3532 -20.87 -73.48 -85.60
CA UNK D 3532 -19.58 -73.28 -86.25
C UNK D 3532 -18.75 -72.26 -85.50
N UNK D 3533 -18.77 -72.35 -84.17
CA UNK D 3533 -18.03 -71.46 -83.27
C UNK D 3533 -18.36 -69.98 -83.48
N UNK D 3534 -17.46 -69.11 -83.01
CA UNK D 3534 -17.59 -67.66 -83.14
C UNK D 3534 -18.91 -67.14 -82.56
N UNK D 3535 -19.38 -67.75 -81.49
CA UNK D 3535 -20.63 -67.36 -80.86
C UNK D 3535 -20.45 -67.16 -79.36
N UNK D 3536 -19.23 -67.40 -78.88
CA UNK D 3536 -18.87 -67.23 -77.47
C UNK D 3536 -19.74 -68.05 -76.52
N UNK D 3537 -20.98 -67.58 -76.32
CA UNK D 3537 -21.97 -68.21 -75.45
C UNK D 3537 -21.46 -68.36 -74.02
N UNK D 3538 -20.73 -67.36 -73.54
CA UNK D 3538 -20.20 -67.36 -72.19
C UNK D 3538 -21.20 -66.72 -71.23
N UNK D 3539 -22.19 -66.04 -71.79
CA UNK D 3539 -23.22 -65.39 -71.00
C UNK D 3539 -24.20 -66.42 -70.43
N UNK D 3540 -24.67 -67.31 -71.29
CA UNK D 3540 -25.61 -68.36 -70.88
C UNK D 3540 -24.91 -69.45 -70.08
N UNK D 3541 -23.61 -69.61 -70.33
CA UNK D 3541 -22.82 -70.62 -69.62
C UNK D 3541 -22.57 -70.20 -68.18
N UNK D 3542 -22.47 -68.89 -67.97
CA UNK D 3542 -22.22 -68.35 -66.64
C UNK D 3542 -23.52 -68.15 -65.88
N UNK D 3543 -24.60 -67.90 -66.61
CA UNK D 3543 -25.91 -67.67 -65.99
C UNK D 3543 -26.53 -68.97 -65.51
N UNK D 3544 -26.19 -70.07 -66.18
CA UNK D 3544 -26.73 -71.38 -65.83
C UNK D 3544 -25.95 -72.00 -64.68
N UNK D 3545 -24.84 -71.38 -64.30
CA UNK D 3545 -24.00 -71.88 -63.22
C UNK D 3545 -24.14 -70.99 -61.98
N UNK D 3546 -24.43 -69.72 -62.19
CA UNK D 3546 -24.58 -68.77 -61.09
C UNK D 3546 -26.04 -68.70 -60.62
N UNK D 3547 -26.91 -68.20 -61.48
CA UNK D 3547 -28.32 -68.05 -61.14
C UNK D 3547 -29.11 -69.31 -61.46
N UNK D 3548 -29.03 -69.75 -62.71
CA UNK D 3548 -29.75 -70.93 -63.22
C UNK D 3548 -31.25 -70.82 -63.00
N UNK D 3549 -31.94 -70.14 -63.90
CA UNK D 3549 -33.38 -69.94 -63.80
C UNK D 3549 -34.14 -71.25 -64.06
N UNK D 3550 -34.05 -71.74 -65.29
CA UNK D 3550 -34.73 -72.98 -65.67
C UNK D 3550 -34.04 -73.66 -66.84
N UNK D 3551 -34.71 -74.64 -67.43
CA UNK D 3551 -34.17 -75.36 -68.59
C UNK D 3551 -34.46 -74.59 -69.86
N UNK D 3552 -35.56 -73.83 -69.86
CA UNK D 3552 -35.93 -73.01 -71.01
C UNK D 3552 -35.47 -71.57 -70.79
N UNK D 3553 -34.51 -71.39 -69.89
CA UNK D 3553 -33.98 -70.08 -69.58
C UNK D 3553 -33.08 -69.58 -70.71
N UNK D 3554 -32.49 -70.51 -71.45
CA UNK D 3554 -31.63 -70.18 -72.58
C UNK D 3554 -32.44 -69.61 -73.73
N UNK D 3555 -33.63 -70.17 -73.94
CA UNK D 3555 -34.53 -69.69 -74.99
C UNK D 3555 -35.22 -68.42 -74.55
N UNK D 3556 -35.38 -68.25 -73.24
CA UNK D 3556 -36.03 -67.07 -72.69
C UNK D 3556 -35.08 -65.87 -72.70
N UNK D 3557 -33.79 -66.14 -72.47
CA UNK D 3557 -32.78 -65.09 -72.47
C UNK D 3557 -32.28 -64.83 -73.89
N UNK D 3558 -32.72 -65.67 -74.83
CA UNK D 3558 -32.34 -65.53 -76.23
C UNK D 3558 -32.93 -64.25 -76.82
N UNK D 3559 -34.09 -63.85 -76.30
CA UNK D 3559 -34.72 -62.59 -76.70
C UNK D 3559 -33.93 -61.43 -76.12
N UNK D 3560 -33.33 -61.65 -74.96
CA UNK D 3560 -32.49 -60.65 -74.33
C UNK D 3560 -31.09 -60.70 -74.92
N UNK D 3561 -30.74 -61.83 -75.51
CA UNK D 3561 -29.44 -61.99 -76.17
C UNK D 3561 -29.52 -61.46 -77.60
N UNK D 3562 -29.11 -62.29 -78.55
CA UNK D 3562 -29.11 -61.95 -79.99
C UNK D 3562 -28.30 -60.67 -80.27
N UNK D 3563 -28.89 -59.53 -79.96
CA UNK D 3563 -28.22 -58.24 -80.11
C UNK D 3563 -27.16 -58.06 -79.04
N UNK D 3564 -27.30 -58.79 -77.94
CA UNK D 3564 -26.31 -58.75 -76.85
C UNK D 3564 -25.10 -59.60 -77.19
N UNK D 3565 -25.27 -60.50 -78.15
CA UNK D 3565 -24.18 -61.37 -78.60
C UNK D 3565 -23.87 -61.11 -80.07
N UNK D 3566 -23.03 -60.11 -80.32
CA UNK D 3566 -22.67 -59.75 -81.69
C UNK D 3566 -21.29 -60.28 -82.05
N UNK D 3567 -20.94 -60.20 -83.33
CA UNK D 3567 -19.65 -60.67 -83.81
C UNK D 3567 -18.66 -59.52 -83.91
N UNK D 3568 -17.53 -59.66 -83.23
CA UNK D 3568 -16.50 -58.63 -83.24
C UNK D 3568 -15.29 -59.06 -84.06
N UNK D 3569 -14.40 -58.12 -84.35
CA UNK D 3569 -13.20 -58.41 -85.13
C UNK D 3569 -11.97 -58.41 -84.23
N UNK D 3570 -11.47 -59.59 -83.92
CA UNK D 3570 -10.30 -59.73 -83.06
C UNK D 3570 -9.53 -61.01 -83.37
N UNK D 3571 -10.26 -62.12 -83.50
CA UNK D 3571 -9.66 -63.41 -83.78
C UNK D 3571 -10.15 -63.99 -85.10
N UNK D 3572 -9.34 -63.88 -86.14
CA UNK D 3572 -9.66 -64.46 -87.44
C UNK D 3572 -9.11 -65.88 -87.51
N UNK D 3573 -8.51 -66.32 -86.40
CA UNK D 3573 -7.93 -67.65 -86.32
C UNK D 3573 -9.00 -68.72 -86.11
N UNK D 3574 -10.18 -68.29 -85.67
CA UNK D 3574 -11.27 -69.22 -85.39
C UNK D 3574 -12.59 -68.73 -85.96
N UNK D 3575 -12.81 -67.41 -85.93
CA UNK D 3575 -14.06 -66.83 -86.40
C UNK D 3575 -14.03 -66.60 -87.91
N UNK D 3576 -12.89 -66.87 -88.53
CA UNK D 3576 -12.74 -66.74 -89.98
C UNK D 3576 -12.22 -68.04 -90.57
N UNK D 3577 -11.86 -68.98 -89.70
CA UNK D 3577 -11.35 -70.28 -90.13
C UNK D 3577 -12.46 -71.33 -90.08
N UNK D 3578 -13.12 -71.44 -88.93
CA UNK D 3578 -14.22 -72.39 -88.76
C UNK D 3578 -15.45 -71.91 -89.50
N UNK D 3579 -15.56 -70.58 -89.67
CA UNK D 3579 -16.68 -69.99 -90.40
C UNK D 3579 -16.53 -70.27 -91.90
N UNK D 3580 -15.28 -70.30 -92.36
CA UNK D 3580 -15.00 -70.60 -93.76
C UNK D 3580 -15.18 -72.09 -94.02
N UNK D 3581 -14.84 -72.90 -93.03
CA UNK D 3581 -15.01 -74.34 -93.13
C UNK D 3581 -16.43 -74.75 -92.75
N UNK D 3582 -17.39 -74.40 -93.60
CA UNK D 3582 -18.79 -74.70 -93.34
C UNK D 3582 -19.16 -76.09 -93.86
N UNK D 3583 -20.34 -76.55 -93.50
CA UNK D 3583 -20.83 -77.86 -93.93
C UNK D 3583 -21.54 -77.75 -95.27
N UNK D 3584 -22.28 -76.67 -95.46
CA UNK D 3584 -23.02 -76.46 -96.70
C UNK D 3584 -22.94 -75.00 -97.15
N UNK D 3585 -23.48 -74.71 -98.32
CA UNK D 3585 -23.47 -73.36 -98.86
C UNK D 3585 -24.53 -72.49 -98.18
N UNK D 3586 -25.58 -73.14 -97.70
CA UNK D 3586 -26.67 -72.43 -97.04
C UNK D 3586 -26.39 -72.27 -95.55
N UNK D 3587 -27.07 -71.31 -94.92
CA UNK D 3587 -26.90 -71.06 -93.50
C UNK D 3587 -28.23 -70.77 -92.83
N UNK D 3588 -28.46 -71.40 -91.68
CA UNK D 3588 -29.70 -71.21 -90.94
C UNK D 3588 -29.48 -70.35 -89.70
N UNK D 3589 -30.43 -69.45 -89.42
CA UNK D 3589 -30.34 -68.58 -88.26
C UNK D 3589 -31.59 -68.69 -87.40
N UNK D 3590 -32.25 -69.83 -87.49
CA UNK D 3590 -33.47 -70.08 -86.72
C UNK D 3590 -33.25 -71.20 -85.70
N UNK D 3591 -32.20 -72.00 -85.93
CA UNK D 3591 -31.88 -73.10 -85.03
C UNK D 3591 -30.72 -72.73 -84.12
N UNK D 3592 -30.38 -71.45 -84.09
CA UNK D 3592 -29.29 -70.95 -83.26
C UNK D 3592 -29.70 -70.91 -81.80
N UNK D 3593 -31.00 -70.76 -81.56
CA UNK D 3593 -31.54 -70.71 -80.20
C UNK D 3593 -31.64 -72.10 -79.62
N UNK D 3594 -31.68 -73.11 -80.49
CA UNK D 3594 -31.76 -74.51 -80.07
C UNK D 3594 -30.43 -75.22 -80.30
N UNK D 3595 -29.33 -74.49 -80.10
CA UNK D 3595 -28.00 -75.06 -80.27
C UNK D 3595 -27.07 -74.59 -79.16
N UNK D 3596 -27.35 -73.41 -78.62
CA UNK D 3596 -26.54 -72.86 -77.53
C UNK D 3596 -26.92 -73.51 -76.20
N UNK D 3597 -28.11 -74.12 -76.17
CA UNK D 3597 -28.57 -74.82 -74.97
C UNK D 3597 -27.99 -76.22 -74.92
N UNK D 3598 -27.35 -76.64 -76.01
CA UNK D 3598 -26.71 -77.94 -76.09
C UNK D 3598 -25.31 -77.89 -75.46
N UNK D 3599 -24.89 -76.69 -75.08
CA UNK D 3599 -23.61 -76.51 -74.41
C UNK D 3599 -23.80 -76.49 -72.90
N UNK D 3600 -24.84 -77.16 -72.44
CA UNK D 3600 -25.13 -77.24 -71.02
C UNK D 3600 -24.19 -78.24 -70.33
N UNK D 3601 -23.57 -79.10 -71.14
CA UNK D 3601 -22.60 -80.06 -70.63
C UNK D 3601 -21.33 -79.35 -70.19
N UNK D 3602 -21.09 -78.18 -70.76
CA UNK D 3602 -19.96 -77.35 -70.39
C UNK D 3602 -20.22 -76.66 -69.05
N UNK D 3603 -21.51 -76.49 -68.73
CA UNK D 3603 -21.90 -75.85 -67.48
C UNK D 3603 -22.22 -76.88 -66.40
N UNK D 3604 -22.20 -78.16 -66.78
CA UNK D 3604 -22.54 -79.22 -65.85
C UNK D 3604 -21.31 -80.04 -65.43
N UNK D 3605 -20.62 -80.61 -66.42
CA UNK D 3605 -19.49 -81.49 -66.14
C UNK D 3605 -18.15 -80.78 -66.34
N UNK D 3606 -18.14 -79.73 -67.15
CA UNK D 3606 -16.90 -79.00 -67.42
C UNK D 3606 -16.76 -77.79 -66.49
N UNK D 3607 -17.88 -77.28 -66.02
CA UNK D 3607 -17.87 -76.18 -65.06
C UNK D 3607 -17.53 -76.73 -63.68
N UNK D 3608 -17.89 -77.99 -63.46
CA UNK D 3608 -17.57 -78.68 -62.21
C UNK D 3608 -16.41 -79.64 -62.43
N UNK D 3609 -15.47 -79.22 -63.28
CA UNK D 3609 -14.29 -80.03 -63.57
C UNK D 3609 -13.34 -80.08 -62.38
N UNK D 3610 -13.40 -79.04 -61.55
CA UNK D 3610 -12.59 -78.99 -60.34
C UNK D 3610 -13.22 -79.83 -59.24
N UNK D 3611 -14.50 -80.15 -59.41
CA UNK D 3611 -15.23 -80.96 -58.44
C UNK D 3611 -15.21 -82.43 -58.85
N UNK D 3612 -15.25 -82.68 -60.15
CA UNK D 3612 -15.24 -84.05 -60.67
C UNK D 3612 -13.82 -84.57 -60.83
N UNK D 3613 -12.85 -83.65 -60.81
CA UNK D 3613 -11.45 -84.02 -60.94
C UNK D 3613 -10.56 -83.09 -60.13
N THR D 3639 -15.50 -99.85 -17.39
CA THR D 3639 -15.31 -100.98 -16.47
C THR D 3639 -16.62 -101.36 -15.80
N PRO D 3640 -17.02 -102.63 -15.93
CA PRO D 3640 -18.24 -103.09 -15.28
C PRO D 3640 -18.12 -103.05 -13.76
N LEU D 3641 -19.27 -102.86 -13.10
CA LEU D 3641 -19.30 -102.72 -11.65
C LEU D 3641 -19.64 -104.02 -10.94
N TYR D 3642 -20.29 -104.98 -11.61
CA TYR D 3642 -20.66 -106.22 -10.94
C TYR D 3642 -19.43 -107.07 -10.61
N ASN D 3643 -18.39 -107.03 -11.44
CA ASN D 3643 -17.16 -107.78 -11.19
C ASN D 3643 -16.16 -106.91 -10.44
N LEU D 3644 -16.57 -106.46 -9.26
CA LEU D 3644 -15.77 -105.60 -8.40
C LEU D 3644 -15.76 -106.17 -7.00
N PRO D 3645 -14.66 -105.98 -6.25
CA PRO D 3645 -14.64 -106.42 -4.84
C PRO D 3645 -15.72 -105.73 -4.02
N THR D 3646 -16.36 -106.52 -3.15
CA THR D 3646 -17.46 -106.00 -2.35
C THR D 3646 -17.00 -104.94 -1.37
N HIS D 3647 -15.88 -105.18 -0.69
CA HIS D 3647 -15.37 -104.21 0.28
C HIS D 3647 -14.94 -102.92 -0.42
N ARG D 3648 -14.33 -103.03 -1.60
CA ARG D 3648 -13.94 -101.83 -2.34
C ARG D 3648 -15.16 -101.05 -2.80
N ALA D 3649 -16.20 -101.74 -3.28
CA ALA D 3649 -17.42 -101.07 -3.70
C ALA D 3649 -18.10 -100.37 -2.54
N CYS D 3650 -18.16 -101.03 -1.38
CA CYS D 3650 -18.72 -100.40 -0.19
C CYS D 3650 -17.89 -99.20 0.24
N ASN D 3651 -16.56 -99.27 0.03
CA ASN D 3651 -15.71 -98.13 0.34
C ASN D 3651 -16.02 -96.94 -0.55
N MET D 3652 -16.17 -97.16 -1.86
CA MET D 3652 -16.42 -96.02 -2.74
C MET D 3652 -17.85 -95.51 -2.65
N PHE D 3653 -18.79 -96.33 -2.17
CA PHE D 3653 -20.17 -95.88 -2.07
C PHE D 3653 -20.35 -94.81 -1.00
N LEU D 3654 -19.52 -94.84 0.05
CA LEU D 3654 -19.73 -93.98 1.22
C LEU D 3654 -19.38 -92.51 0.96
N GLU D 3655 -18.67 -92.19 -0.12
CA GLU D 3655 -18.33 -90.79 -0.37
C GLU D 3655 -19.55 -89.95 -0.74
N SER D 3656 -20.53 -90.53 -1.43
CA SER D 3656 -21.73 -89.79 -1.82
C SER D 3656 -22.75 -89.90 -0.69
N TYR D 3657 -22.72 -88.93 0.22
CA TYR D 3657 -23.70 -88.91 1.31
C TYR D 3657 -25.05 -88.53 0.73
N LYS D 3658 -25.15 -87.36 0.08
CA LYS D 3658 -26.24 -87.12 -0.86
C LYS D 3658 -25.72 -86.92 -2.28
N ALA D 3659 -24.95 -85.87 -2.54
CA ALA D 3659 -24.10 -85.83 -3.72
C ALA D 3659 -22.64 -85.56 -3.36
N ALA D 3660 -22.35 -84.39 -2.78
CA ALA D 3660 -21.02 -84.07 -2.29
C ALA D 3660 -21.02 -83.31 -0.97
N TRP D 3661 -22.09 -82.60 -0.63
CA TRP D 3661 -22.20 -81.82 0.59
C TRP D 3661 -23.42 -82.32 1.37
N ILE D 3662 -23.77 -81.63 2.45
CA ILE D 3662 -24.92 -82.05 3.25
C ILE D 3662 -26.22 -81.82 2.49
N LEU D 3663 -26.38 -80.65 1.85
CA LEU D 3663 -27.50 -80.30 0.97
C LEU D 3663 -28.86 -80.39 1.67
N THR D 3664 -28.85 -80.61 2.99
CA THR D 3664 -30.05 -80.77 3.80
C THR D 3664 -30.04 -79.69 4.85
N GLU D 3665 -31.18 -79.00 5.04
CA GLU D 3665 -31.21 -77.83 5.90
C GLU D 3665 -31.32 -78.28 7.35
N ASP D 3666 -30.25 -78.04 8.12
CA ASP D 3666 -30.28 -78.08 9.57
C ASP D 3666 -30.41 -76.68 10.14
N HIS D 3667 -31.03 -75.79 9.35
CA HIS D 3667 -31.05 -74.37 9.66
C HIS D 3667 -31.99 -74.10 10.84
N SER D 3668 -31.86 -72.89 11.40
CA SER D 3668 -32.45 -72.35 12.63
C SER D 3668 -31.73 -72.92 13.84
N PHE D 3669 -30.73 -73.77 13.66
CA PHE D 3669 -29.84 -74.16 14.76
C PHE D 3669 -29.21 -72.91 15.36
N GLU D 3670 -28.73 -72.01 14.51
CA GLU D 3670 -28.05 -70.78 14.91
C GLU D 3670 -28.95 -69.89 15.74
N ASP D 3671 -30.08 -69.48 15.16
CA ASP D 3671 -31.00 -68.60 15.86
C ASP D 3671 -31.60 -69.26 17.10
N ARG D 3672 -31.88 -70.56 17.03
CA ARG D 3672 -32.46 -71.24 18.18
C ARG D 3672 -31.48 -71.30 19.34
N MET D 3673 -30.20 -71.56 19.06
CA MET D 3673 -29.19 -71.52 20.12
C MET D 3673 -29.05 -70.13 20.71
N ILE D 3674 -29.00 -69.09 19.86
CA ILE D 3674 -28.86 -67.73 20.39
C ILE D 3674 -30.07 -67.34 21.22
N ASP D 3675 -31.28 -67.65 20.75
CA ASP D 3675 -32.49 -67.28 21.46
C ASP D 3675 -32.73 -68.13 22.69
N ASP D 3676 -32.09 -69.30 22.79
CA ASP D 3676 -32.20 -70.09 24.01
C ASP D 3676 -31.17 -69.65 25.04
N LEU D 3677 -29.94 -69.35 24.60
CA LEU D 3677 -28.91 -68.92 25.54
C LEU D 3677 -29.18 -67.52 26.08
N SER D 3678 -29.45 -66.56 25.19
CA SER D 3678 -29.64 -65.17 25.61
C SER D 3678 -30.92 -65.00 26.41
N LYS D 3679 -31.86 -65.94 26.27
CA LYS D 3679 -33.18 -65.93 26.90
C LYS D 3679 -33.15 -65.61 28.39
N ALA D 3680 -32.06 -65.94 29.07
CA ALA D 3680 -32.03 -65.91 30.53
C ALA D 3680 -30.74 -65.29 31.04
N GLY D 3681 -30.83 -64.08 31.59
CA GLY D 3681 -30.01 -63.75 32.75
C GLY D 3681 -30.49 -64.52 33.95
N GLU D 3682 -31.80 -64.58 34.13
CA GLU D 3682 -32.48 -65.65 34.83
C GLU D 3682 -33.91 -65.69 34.28
N GLN D 3683 -34.25 -66.78 33.58
CA GLN D 3683 -35.60 -66.92 33.02
C GLN D 3683 -36.62 -67.09 34.13
N GLU D 3684 -36.40 -68.11 34.96
CA GLU D 3684 -37.15 -68.28 36.19
C GLU D 3684 -36.25 -69.00 37.18
N GLU D 3685 -36.42 -68.60 38.46
CA GLU D 3685 -35.60 -68.78 39.67
C GLU D 3685 -35.42 -67.39 40.24
N GLU D 3686 -34.44 -66.66 39.66
CA GLU D 3686 -34.26 -65.21 39.85
C GLU D 3686 -34.22 -64.80 41.31
N GLU D 3687 -33.33 -65.46 42.08
CA GLU D 3687 -33.01 -64.97 43.41
C GLU D 3687 -32.49 -63.55 43.30
N GLU D 3688 -33.09 -62.64 44.08
CA GLU D 3688 -32.92 -61.18 43.94
C GLU D 3688 -31.47 -60.75 43.75
N GLU D 3689 -31.20 -60.06 42.65
CA GLU D 3689 -29.84 -59.68 42.27
C GLU D 3689 -29.84 -58.25 41.75
N VAL D 3690 -28.66 -57.64 41.82
CA VAL D 3690 -28.48 -56.27 41.31
C VAL D 3690 -28.48 -56.24 39.79
N GLU D 3691 -28.40 -57.40 39.15
CA GLU D 3691 -28.25 -57.63 37.71
C GLU D 3691 -26.86 -57.24 37.20
N GLU D 3692 -25.94 -56.86 38.09
CA GLU D 3692 -24.55 -56.68 37.77
C GLU D 3692 -23.75 -57.77 38.46
N LYS D 3693 -22.70 -58.25 37.79
CA LYS D 3693 -21.93 -59.44 38.16
C LYS D 3693 -22.78 -60.71 38.15
N LYS D 3694 -23.81 -60.73 37.29
CA LYS D 3694 -24.64 -61.91 37.07
C LYS D 3694 -24.70 -62.16 35.56
N PRO D 3695 -23.60 -62.62 34.97
CA PRO D 3695 -23.49 -62.63 33.50
C PRO D 3695 -24.41 -63.65 32.85
N ASP D 3696 -24.83 -63.34 31.63
CA ASP D 3696 -25.57 -64.29 30.82
C ASP D 3696 -24.65 -65.43 30.37
N PRO D 3697 -25.21 -66.63 30.13
CA PRO D 3697 -24.39 -67.76 29.65
C PRO D 3697 -23.61 -67.46 28.39
N LEU D 3698 -24.26 -66.75 27.46
CA LEU D 3698 -23.57 -66.31 26.25
C LEU D 3698 -22.46 -65.32 26.57
N HIS D 3699 -22.71 -64.42 27.53
CA HIS D 3699 -21.69 -63.47 27.96
C HIS D 3699 -20.49 -64.17 28.57
N GLN D 3700 -20.68 -65.31 29.26
CA GLN D 3700 -19.53 -66.04 29.77
C GLN D 3700 -18.71 -66.67 28.64
N LEU D 3701 -19.36 -67.12 27.58
CA LEU D 3701 -18.62 -67.60 26.41
C LEU D 3701 -17.82 -66.48 25.75
N VAL D 3702 -18.44 -65.30 25.61
CA VAL D 3702 -17.74 -64.15 25.02
C VAL D 3702 -16.59 -63.69 25.90
N LEU D 3703 -16.72 -63.82 27.21
CA LEU D 3703 -15.59 -63.49 28.10
C LEU D 3703 -14.51 -64.56 28.07
N HIS D 3704 -14.90 -65.84 27.96
CA HIS D 3704 -13.91 -66.91 27.90
C HIS D 3704 -13.05 -66.78 26.64
N PHE D 3705 -13.68 -66.53 25.48
CA PHE D 3705 -12.90 -66.34 24.26
C PHE D 3705 -12.05 -65.06 24.32
N SER D 3706 -12.60 -64.01 24.93
CA SER D 3706 -11.84 -62.77 25.12
C SER D 3706 -10.61 -63.01 25.97
N ARG D 3707 -10.77 -63.74 27.09
CA ARG D 3707 -9.66 -64.17 27.92
C ARG D 3707 -8.63 -64.96 27.13
N THR D 3708 -9.10 -65.92 26.32
CA THR D 3708 -8.18 -66.77 25.55
C THR D 3708 -7.36 -65.93 24.56
N ALA D 3709 -8.00 -64.94 23.94
CA ALA D 3709 -7.25 -63.99 23.11
C ALA D 3709 -6.27 -63.19 23.95
N LEU D 3710 -6.69 -62.76 25.15
CA LEU D 3710 -5.89 -61.83 25.94
C LEU D 3710 -4.64 -62.49 26.50
N THR D 3711 -4.69 -63.79 26.76
CA THR D 3711 -3.52 -64.51 27.28
C THR D 3711 -2.36 -64.44 26.29
N GLU D 3712 -1.16 -64.18 26.80
CA GLU D 3712 0.02 -63.94 25.97
C GLU D 3712 0.60 -65.27 25.47
N LYS D 3713 0.13 -65.67 24.30
CA LYS D 3713 0.77 -66.71 23.51
C LYS D 3713 1.14 -66.14 22.14
N SER D 3714 2.29 -66.55 21.63
CA SER D 3714 2.85 -65.94 20.42
C SER D 3714 1.94 -66.17 19.22
N LYS D 3715 1.69 -67.43 18.88
CA LYS D 3715 0.87 -67.78 17.73
C LYS D 3715 -0.39 -68.51 18.18
N LEU D 3716 -1.53 -68.10 17.62
CA LEU D 3716 -2.82 -68.68 18.01
C LEU D 3716 -2.94 -70.12 17.52
N ASP D 3717 -3.65 -70.94 18.28
CA ASP D 3717 -3.98 -72.32 17.90
C ASP D 3717 -5.11 -72.34 16.89
N GLU D 3718 -5.63 -73.54 16.60
CA GLU D 3718 -6.74 -73.64 15.66
C GLU D 3718 -8.05 -73.16 16.26
N ASP D 3719 -8.38 -73.64 17.47
CA ASP D 3719 -9.59 -73.26 18.21
C ASP D 3719 -10.87 -73.50 17.40
N TYR D 3720 -11.07 -74.76 17.00
CA TYR D 3720 -12.24 -75.14 16.21
C TYR D 3720 -13.54 -74.80 16.93
N LEU D 3721 -13.55 -74.85 18.27
CA LEU D 3721 -14.71 -74.40 19.03
C LEU D 3721 -14.99 -72.92 18.77
N TYR D 3722 -13.94 -72.10 18.76
CA TYR D 3722 -14.12 -70.69 18.45
C TYR D 3722 -14.64 -70.50 17.04
N MET D 3723 -14.10 -71.25 16.08
CA MET D 3723 -14.53 -71.09 14.69
C MET D 3723 -16.01 -71.44 14.52
N ALA D 3724 -16.43 -72.56 15.11
CA ALA D 3724 -17.82 -72.98 14.99
C ALA D 3724 -18.75 -72.00 15.69
N TYR D 3725 -18.43 -71.61 16.92
CA TYR D 3725 -19.30 -70.68 17.63
C TYR D 3725 -19.32 -69.32 16.97
N ALA D 3726 -18.20 -68.87 16.39
CA ALA D 3726 -18.18 -67.60 15.68
C ALA D 3726 -19.04 -67.64 14.43
N ASP D 3727 -19.01 -68.76 13.69
CA ASP D 3727 -19.90 -68.89 12.54
C ASP D 3727 -21.36 -68.87 12.96
N ILE D 3728 -21.69 -69.59 14.05
CA ILE D 3728 -23.07 -69.60 14.54
C ILE D 3728 -23.50 -68.22 15.00
N MET D 3729 -22.61 -67.50 15.69
CA MET D 3729 -22.93 -66.13 16.12
C MET D 3729 -23.13 -65.21 14.92
N ALA D 3730 -22.29 -65.35 13.88
CA ALA D 3730 -22.40 -64.49 12.71
C ALA D 3730 -23.70 -64.75 11.95
N LYS D 3731 -24.11 -66.01 11.82
CA LYS D 3731 -25.26 -66.33 10.98
C LYS D 3731 -26.58 -65.85 11.59
N SER D 3732 -26.61 -65.56 12.89
CA SER D 3732 -27.84 -65.09 13.53
C SER D 3732 -28.24 -63.71 13.01
N CYS D 3733 -27.28 -62.81 12.85
CA CYS D 3733 -27.52 -61.50 12.25
C CYS D 3733 -27.38 -61.52 10.74
N HIS D 3734 -26.64 -62.49 10.19
CA HIS D 3734 -26.62 -62.67 8.74
C HIS D 3734 -28.01 -62.99 8.20
N LEU D 3735 -28.86 -63.61 9.02
CA LEU D 3735 -30.26 -63.83 8.64
C LEU D 3735 -30.99 -62.52 8.40
N GLU D 3736 -30.59 -61.44 9.09
CA GLU D 3736 -31.20 -60.13 8.86
C GLU D 3736 -30.87 -59.60 7.48
N GLU D 3737 -29.62 -59.76 7.04
CA GLU D 3737 -29.22 -59.26 5.72
C GLU D 3737 -29.93 -60.04 4.61
N GLY D 3738 -29.88 -61.36 4.67
CA GLY D 3738 -30.55 -62.19 3.68
C GLY D 3738 -31.39 -63.26 4.34
N GLY D 3739 -32.55 -63.52 3.74
CA GLY D 3739 -33.52 -64.42 4.32
C GLY D 3739 -34.47 -63.78 5.31
N GLU D 3740 -34.45 -62.46 5.45
CA GLU D 3740 -35.39 -61.78 6.33
C GLU D 3740 -36.48 -61.08 5.53
N GLU D 3747 -38.57 -60.04 -8.20
CA GLU D 3747 -37.47 -59.34 -8.85
C GLU D 3747 -37.58 -57.84 -8.63
N GLU D 3748 -38.77 -57.29 -8.88
CA GLU D 3748 -39.03 -55.89 -8.59
C GLU D 3748 -38.98 -55.64 -7.09
N VAL D 3749 -38.64 -54.40 -6.72
CA VAL D 3749 -38.50 -54.01 -5.31
C VAL D 3749 -39.79 -54.31 -4.56
N GLU D 3750 -40.87 -53.61 -4.91
CA GLU D 3750 -42.23 -53.81 -4.36
C GLU D 3750 -42.25 -53.81 -2.83
N VAL D 3751 -41.43 -52.96 -2.20
CA VAL D 3751 -41.34 -52.87 -0.76
C VAL D 3751 -41.95 -51.54 -0.31
N SER D 3752 -42.86 -51.60 0.65
CA SER D 3752 -43.41 -50.40 1.27
C SER D 3752 -42.36 -49.72 2.15
N PHE D 3753 -42.58 -48.43 2.43
CA PHE D 3753 -41.64 -47.72 3.29
C PHE D 3753 -41.68 -48.27 4.71
N GLU D 3754 -42.88 -48.59 5.19
CA GLU D 3754 -43.03 -49.25 6.49
C GLU D 3754 -42.34 -50.61 6.47
N GLU D 3755 -42.44 -51.33 5.34
CA GLU D 3755 -41.80 -52.63 5.21
C GLU D 3755 -40.27 -52.50 5.32
N LYS D 3756 -39.68 -51.54 4.59
CA LYS D 3756 -38.23 -51.33 4.71
C LYS D 3756 -37.84 -50.86 6.10
N GLU D 3757 -38.65 -50.00 6.71
CA GLU D 3757 -38.32 -49.49 8.04
C GLU D 3757 -38.38 -50.58 9.10
N MET D 3758 -39.39 -51.45 9.03
CA MET D 3758 -39.49 -52.55 10.00
C MET D 3758 -38.44 -53.62 9.71
N GLU D 3759 -37.98 -53.70 8.46
CA GLU D 3759 -36.81 -54.53 8.17
C GLU D 3759 -35.56 -53.97 8.83
N LYS D 3760 -35.30 -52.67 8.65
CA LYS D 3760 -34.05 -52.08 9.12
C LYS D 3760 -34.02 -51.98 10.64
N GLN D 3761 -35.10 -51.51 11.26
CA GLN D 3761 -35.24 -51.42 12.70
C GLN D 3761 -36.37 -52.35 13.14
N ARG D 3762 -36.19 -52.96 14.32
CA ARG D 3762 -36.96 -54.06 14.93
C ARG D 3762 -36.56 -55.40 14.34
N LEU D 3763 -35.61 -55.43 13.40
CA LEU D 3763 -35.01 -56.67 12.93
C LEU D 3763 -33.50 -56.63 12.91
N LEU D 3764 -32.86 -55.47 13.13
CA LEU D 3764 -31.42 -55.39 13.29
C LEU D 3764 -31.03 -55.18 14.75
N TYR D 3765 -31.94 -55.45 15.68
CA TYR D 3765 -31.60 -55.50 17.09
C TYR D 3765 -30.98 -56.82 17.47
N GLN D 3766 -30.96 -57.79 16.55
CA GLN D 3766 -30.30 -59.06 16.80
C GLN D 3766 -28.81 -58.88 17.03
N GLN D 3767 -28.26 -57.76 16.57
CA GLN D 3767 -26.87 -57.40 16.83
C GLN D 3767 -26.66 -57.16 18.33
N SER D 3768 -27.61 -56.50 18.98
CA SER D 3768 -27.57 -56.30 20.43
C SER D 3768 -27.53 -57.65 21.15
N ARG D 3769 -28.35 -58.60 20.71
CA ARG D 3769 -28.29 -59.94 21.27
C ARG D 3769 -26.96 -60.62 20.96
N LEU D 3770 -26.42 -60.37 19.76
CA LEU D 3770 -25.15 -60.96 19.35
C LEU D 3770 -24.02 -60.53 20.28
N HIS D 3771 -24.08 -59.26 20.73
CA HIS D 3771 -23.42 -58.61 21.88
C HIS D 3771 -22.75 -57.31 21.45
N THR D 3772 -23.55 -56.30 21.12
CA THR D 3772 -23.00 -54.95 21.04
C THR D 3772 -22.38 -54.56 22.38
N ARG D 3773 -22.92 -55.10 23.48
CA ARG D 3773 -22.29 -55.13 24.79
C ARG D 3773 -20.82 -55.56 24.74
N GLY D 3774 -20.55 -56.79 24.27
CA GLY D 3774 -19.22 -57.37 24.37
C GLY D 3774 -18.46 -57.72 23.11
N ALA D 3775 -19.16 -58.09 22.04
CA ALA D 3775 -18.52 -58.81 20.93
C ALA D 3775 -17.49 -57.97 20.18
N ALA D 3776 -17.68 -56.65 20.16
CA ALA D 3776 -16.78 -55.78 19.41
C ALA D 3776 -15.34 -55.84 19.93
N GLU D 3777 -15.18 -55.79 21.26
CA GLU D 3777 -13.85 -55.85 21.82
C GLU D 3777 -13.24 -57.25 21.70
N MET D 3778 -14.05 -58.29 21.71
CA MET D 3778 -13.56 -59.64 21.44
C MET D 3778 -13.02 -59.74 20.02
N VAL D 3779 -13.75 -59.19 19.04
CA VAL D 3779 -13.28 -59.17 17.66
C VAL D 3779 -11.97 -58.39 17.55
N LEU D 3780 -11.90 -57.22 18.17
CA LEU D 3780 -10.69 -56.41 18.11
C LEU D 3780 -9.51 -57.11 18.78
N GLN D 3781 -9.76 -57.77 19.91
CA GLN D 3781 -8.68 -58.47 20.60
C GLN D 3781 -8.15 -59.63 19.78
N MET D 3782 -9.04 -60.37 19.09
CA MET D 3782 -8.52 -61.47 18.27
C MET D 3782 -7.78 -60.96 17.03
N ILE D 3783 -8.27 -59.89 16.41
CA ILE D 3783 -7.54 -59.34 15.26
C ILE D 3783 -6.18 -58.79 15.67
N SER D 3784 -6.08 -58.21 16.87
CA SER D 3784 -4.78 -57.77 17.35
C SER D 3784 -3.90 -58.95 17.77
N ALA D 3785 -4.53 -60.00 18.30
CA ALA D 3785 -3.81 -61.19 18.74
C ALA D 3785 -3.12 -61.87 17.57
N CYS D 3786 -3.82 -61.99 16.43
CA CYS D 3786 -3.10 -62.49 15.27
C CYS D 3786 -2.13 -61.43 14.79
N LYS D 3787 -0.86 -61.57 15.18
CA LYS D 3787 0.16 -60.56 14.92
C LYS D 3787 0.31 -60.30 13.43
N GLY D 3788 0.34 -61.36 12.64
CA GLY D 3788 0.45 -61.29 11.20
C GLY D 3788 -0.11 -62.57 10.62
N GLU D 3789 -0.07 -62.64 9.29
CA GLU D 3789 -0.20 -63.83 8.41
C GLU D 3789 -1.64 -64.32 8.35
N THR D 3790 -2.09 -64.70 7.16
CA THR D 3790 -3.48 -65.11 7.00
C THR D 3790 -3.75 -66.45 7.66
N GLY D 3791 -4.93 -66.57 8.27
CA GLY D 3791 -5.44 -67.82 8.76
C GLY D 3791 -6.95 -67.81 8.66
N ALA D 3792 -7.56 -68.96 8.93
CA ALA D 3792 -9.02 -69.03 8.91
C ALA D 3792 -9.62 -68.31 10.11
N MET D 3793 -8.84 -68.20 11.21
CA MET D 3793 -9.31 -67.49 12.39
C MET D 3793 -9.61 -66.03 12.09
N VAL D 3794 -8.67 -65.33 11.44
CA VAL D 3794 -8.87 -63.92 11.13
C VAL D 3794 -10.03 -63.75 10.15
N SER D 3795 -10.18 -64.70 9.22
CA SER D 3795 -11.30 -64.65 8.27
C SER D 3795 -12.64 -64.78 8.99
N SER D 3796 -12.74 -65.73 9.92
CA SER D 3796 -13.97 -65.91 10.70
C SER D 3796 -14.26 -64.69 11.56
N THR D 3797 -13.21 -64.13 12.17
CA THR D 3797 -13.38 -62.94 13.01
C THR D 3797 -13.83 -61.74 12.18
N LEU D 3798 -13.25 -61.57 10.99
CA LEU D 3798 -13.67 -60.48 10.10
C LEU D 3798 -15.11 -60.67 9.63
N LYS D 3799 -15.50 -61.91 9.32
CA LYS D 3799 -16.88 -62.12 8.89
C LYS D 3799 -17.87 -61.85 10.03
N LEU D 3800 -17.49 -62.24 11.25
CA LEU D 3800 -18.29 -61.89 12.42
C LEU D 3800 -18.38 -60.38 12.60
N GLY D 3801 -17.27 -59.67 12.38
CA GLY D 3801 -17.30 -58.22 12.49
C GLY D 3801 -18.20 -57.56 11.45
N ILE D 3802 -18.09 -58.00 10.19
CA ILE D 3802 -18.95 -57.46 9.14
C ILE D 3802 -20.41 -57.75 9.43
N SER D 3803 -20.71 -58.92 10.01
CA SER D 3803 -22.06 -59.17 10.49
C SER D 3803 -22.46 -58.20 11.60
N ILE D 3804 -21.52 -57.88 12.49
CA ILE D 3804 -21.83 -57.01 13.63
C ILE D 3804 -22.18 -55.59 13.16
N LEU D 3805 -21.38 -55.03 12.25
CA LEU D 3805 -21.67 -53.66 11.79
C LEU D 3805 -22.03 -53.60 10.31
N ASN D 3806 -22.83 -54.56 9.84
CA ASN D 3806 -23.44 -54.52 8.51
C ASN D 3806 -24.24 -53.23 8.31
N GLY D 3807 -25.15 -52.93 9.23
CA GLY D 3807 -25.92 -51.70 9.13
C GLY D 3807 -25.07 -50.45 9.19
N GLY D 3808 -24.00 -50.48 9.99
CA GLY D 3808 -23.19 -49.29 10.18
C GLY D 3808 -23.49 -48.63 11.51
N ASN D 3809 -23.64 -49.45 12.56
CA ASN D 3809 -24.17 -48.98 13.83
C ASN D 3809 -23.22 -48.01 14.52
N ALA D 3810 -23.75 -46.84 14.87
CA ALA D 3810 -22.96 -45.82 15.52
C ALA D 3810 -22.58 -46.20 16.95
N GLU D 3811 -23.44 -46.95 17.64
CA GLU D 3811 -23.09 -47.42 18.98
C GLU D 3811 -21.88 -48.35 18.94
N VAL D 3812 -21.86 -49.28 17.99
CA VAL D 3812 -20.73 -50.20 17.87
C VAL D 3812 -19.47 -49.47 17.44
N GLN D 3813 -19.61 -48.52 16.50
CA GLN D 3813 -18.44 -47.74 16.07
C GLN D 3813 -17.87 -46.93 17.23
N GLN D 3814 -18.74 -46.28 18.01
CA GLN D 3814 -18.29 -45.48 19.15
C GLN D 3814 -17.64 -46.36 20.21
N LYS D 3815 -18.22 -47.52 20.49
CA LYS D 3815 -17.65 -48.43 21.48
C LYS D 3815 -16.27 -48.93 21.04
N MET D 3816 -16.13 -49.29 19.76
CA MET D 3816 -14.82 -49.74 19.27
C MET D 3816 -13.78 -48.62 19.32
N LEU D 3817 -14.16 -47.41 18.90
CA LEU D 3817 -13.23 -46.29 18.95
C LEU D 3817 -12.83 -45.97 20.39
N ASP D 3818 -13.80 -46.02 21.31
CA ASP D 3818 -13.52 -45.77 22.73
C ASP D 3818 -12.58 -46.82 23.30
N TYR D 3819 -12.81 -48.09 22.97
CA TYR D 3819 -11.95 -49.16 23.46
C TYR D 3819 -10.54 -49.01 22.92
N LEU D 3820 -10.39 -48.70 21.64
CA LEU D 3820 -9.06 -48.52 21.06
C LEU D 3820 -8.33 -47.34 21.69
N LYS D 3821 -9.03 -46.20 21.85
CA LYS D 3821 -8.41 -45.02 22.41
C LYS D 3821 -8.04 -45.23 23.88
N ASP D 3822 -8.89 -45.93 24.63
CA ASP D 3822 -8.59 -46.18 26.04
C ASP D 3822 -7.45 -47.19 26.19
N LYS D 3823 -7.41 -48.21 25.33
CA LYS D 3823 -6.35 -49.20 25.41
C LYS D 3823 -5.00 -48.62 25.05
N LYS D 3824 -4.95 -47.71 24.07
CA LYS D 3824 -3.71 -47.03 23.66
C LYS D 3824 -2.60 -48.01 23.32
N GLU D 3825 -2.94 -49.09 22.61
CA GLU D 3825 -1.98 -50.12 22.28
C GLU D 3825 -1.93 -50.32 20.76
N VAL D 3826 -0.73 -50.18 20.20
CA VAL D 3826 -0.53 -50.41 18.77
C VAL D 3826 -0.54 -51.91 18.50
N GLY D 3827 -0.93 -52.28 17.28
CA GLY D 3827 -0.91 -53.66 16.85
C GLY D 3827 -2.09 -54.10 16.02
N PHE D 3828 -3.28 -53.53 16.29
CA PHE D 3828 -4.42 -53.68 15.39
C PHE D 3828 -4.06 -53.16 14.00
N PHE D 3829 -3.55 -51.93 13.95
CA PHE D 3829 -3.20 -51.32 12.66
C PHE D 3829 -2.05 -52.04 12.01
N GLN D 3830 -1.09 -52.53 12.80
CA GLN D 3830 0.04 -53.29 12.25
C GLN D 3830 -0.43 -54.59 11.61
N SER D 3831 -1.32 -55.32 12.29
CA SER D 3831 -1.90 -56.53 11.72
C SER D 3831 -2.65 -56.22 10.44
N ILE D 3832 -3.42 -55.13 10.43
CA ILE D 3832 -4.17 -54.75 9.24
C ILE D 3832 -3.22 -54.45 8.08
N GLN D 3833 -2.12 -53.76 8.38
CA GLN D 3833 -1.13 -53.44 7.35
C GLN D 3833 -0.48 -54.69 6.77
N ALA D 3834 -0.07 -55.62 7.64
CA ALA D 3834 0.57 -56.85 7.18
C ALA D 3834 -0.39 -57.70 6.36
N LEU D 3835 -1.64 -57.80 6.82
CA LEU D 3835 -2.67 -58.52 6.08
C LEU D 3835 -2.95 -57.87 4.73
N MET D 3836 -2.87 -56.54 4.65
CA MET D 3836 -2.98 -55.85 3.37
C MET D 3836 -1.81 -56.18 2.45
N GLN D 3837 -0.58 -56.18 2.99
CA GLN D 3837 0.59 -56.44 2.16
C GLN D 3837 0.62 -57.88 1.68
N THR D 3838 -0.01 -58.80 2.41
CA THR D 3838 0.03 -60.21 2.03
C THR D 3838 -0.73 -60.48 0.73
N CYS D 3839 -1.86 -59.79 0.53
CA CYS D 3839 -2.84 -60.16 -0.51
C CYS D 3839 -2.23 -60.25 -1.89
N SER D 3840 -2.54 -61.35 -2.58
CA SER D 3840 -2.05 -61.58 -3.93
C SER D 3840 -2.79 -60.71 -4.93
N VAL D 3841 -2.13 -60.46 -6.06
CA VAL D 3841 -2.74 -59.67 -7.13
C VAL D 3841 -2.66 -60.38 -8.47
N LEU D 3842 -3.71 -61.15 -8.80
CA LEU D 3842 -3.89 -61.80 -10.12
C LEU D 3842 -2.64 -62.64 -10.43
N ASP D 3843 -1.97 -62.41 -11.57
CA ASP D 3843 -0.59 -62.72 -11.98
C ASP D 3843 -0.54 -63.50 -13.27
N LEU D 3844 -0.18 -62.83 -14.37
CA LEU D 3844 0.29 -63.55 -15.53
C LEU D 3844 1.58 -64.28 -15.16
N ASN D 3845 1.75 -65.47 -15.75
CA ASN D 3845 2.58 -66.61 -15.35
C ASN D 3845 1.77 -67.42 -14.34
N ALA D 3846 1.95 -68.75 -14.38
CA ALA D 3846 1.19 -69.81 -13.72
C ALA D 3846 -0.19 -69.97 -14.33
N PHE D 3847 -0.65 -68.96 -15.08
CA PHE D 3847 -1.82 -69.14 -15.93
C PHE D 3847 -1.47 -70.00 -17.13
N GLU D 3848 -0.27 -69.80 -17.70
CA GLU D 3848 0.20 -70.65 -18.79
C GLU D 3848 0.35 -72.09 -18.34
N ARG D 3849 1.01 -72.30 -17.20
CA ARG D 3849 1.20 -73.65 -16.68
C ARG D 3849 -0.13 -74.31 -16.32
N GLN D 3850 -1.07 -73.55 -15.75
CA GLN D 3850 -2.38 -74.13 -15.48
C GLN D 3850 -3.15 -74.45 -16.76
N ASN D 3851 -2.98 -73.62 -17.80
CA ASN D 3851 -3.61 -73.91 -19.10
C ASN D 3851 -3.05 -75.20 -19.69
N LYS D 3852 -1.75 -75.42 -19.57
CA LYS D 3852 -1.17 -76.71 -19.96
C LYS D 3852 -1.67 -77.83 -19.03
N ALA D 3853 -1.87 -77.51 -17.75
CA ALA D 3853 -2.30 -78.50 -16.78
C ALA D 3853 -3.69 -79.04 -17.09
N GLU D 3854 -4.62 -78.19 -17.55
CA GLU D 3854 -5.94 -78.69 -17.91
C GLU D 3854 -5.87 -79.68 -19.08
N GLY D 3855 -5.09 -79.34 -20.11
CA GLY D 3855 -4.92 -80.20 -21.27
C GLY D 3855 -4.32 -81.54 -20.91
N LEU D 3856 -3.24 -81.53 -20.13
CA LEU D 3856 -2.63 -82.80 -19.71
C LEU D 3856 -3.53 -83.54 -18.74
N GLY D 3857 -4.28 -82.82 -17.90
CA GLY D 3857 -5.16 -83.45 -16.94
C GLY D 3857 -6.29 -84.21 -17.60
N MET D 3858 -6.80 -83.69 -18.72
CA MET D 3858 -7.66 -84.51 -19.55
C MET D 3858 -6.85 -85.69 -20.08
N VAL D 3859 -7.06 -86.87 -19.49
CA VAL D 3859 -6.20 -88.02 -19.74
C VAL D 3859 -6.94 -89.29 -19.34
N ASN D 3860 -6.62 -90.38 -20.01
CA ASN D 3860 -7.22 -91.68 -19.72
C ASN D 3860 -6.42 -92.43 -18.65
N GLU D 3861 -6.97 -93.58 -18.24
CA GLU D 3861 -6.33 -94.55 -17.37
C GLU D 3861 -5.64 -93.95 -16.13
N ASP D 3862 -6.43 -93.28 -15.29
CA ASP D 3862 -6.08 -92.78 -13.95
C ASP D 3862 -5.18 -91.55 -14.00
N GLY D 3863 -4.84 -91.02 -15.18
CA GLY D 3863 -4.11 -89.78 -15.24
C GLY D 3863 -4.93 -88.54 -14.95
N THR D 3864 -6.25 -88.70 -14.86
CA THR D 3864 -7.19 -87.64 -14.54
C THR D 3864 -7.74 -87.75 -13.12
N VAL D 3865 -6.99 -88.36 -12.21
CA VAL D 3865 -7.52 -88.72 -10.89
C VAL D 3865 -7.93 -87.48 -10.10
N ILE D 3866 -7.03 -86.50 -10.02
CA ILE D 3866 -7.28 -85.28 -9.25
C ILE D 3866 -6.94 -84.03 -10.03
N ASN D 3867 -6.39 -84.14 -11.24
CA ASN D 3867 -5.99 -82.98 -12.02
C ASN D 3867 -7.19 -82.19 -12.52
N ARG D 3868 -8.36 -82.83 -12.59
CA ARG D 3868 -9.50 -82.28 -13.33
C ARG D 3868 -9.98 -80.95 -12.74
N GLN D 3869 -10.09 -80.87 -11.41
CA GLN D 3869 -10.63 -79.67 -10.76
C GLN D 3869 -9.59 -79.12 -9.78
N ASN D 3870 -8.69 -78.31 -10.30
CA ASN D 3870 -7.76 -77.52 -9.49
C ASN D 3870 -7.67 -76.12 -10.08
N GLY D 3871 -8.84 -75.56 -10.41
CA GLY D 3871 -8.89 -74.39 -11.29
C GLY D 3871 -8.27 -73.13 -10.70
N GLU D 3872 -8.56 -72.84 -9.44
CA GLU D 3872 -8.34 -71.50 -8.88
C GLU D 3872 -7.00 -71.43 -8.15
N LYS D 3873 -5.93 -71.31 -8.93
CA LYS D 3873 -4.61 -71.04 -8.37
C LYS D 3873 -4.17 -69.58 -8.52
N VAL D 3874 -4.58 -68.91 -9.60
CA VAL D 3874 -4.17 -67.53 -9.84
C VAL D 3874 -4.82 -66.59 -8.81
N MET D 3875 -6.02 -66.93 -8.36
CA MET D 3875 -6.76 -66.14 -7.37
C MET D 3875 -7.29 -67.06 -6.29
N ALA D 3876 -6.78 -66.91 -5.08
CA ALA D 3876 -7.29 -67.61 -3.92
C ALA D 3876 -7.62 -66.67 -2.75
N ASP D 3877 -7.27 -65.39 -2.85
CA ASP D 3877 -7.47 -64.44 -1.76
C ASP D 3877 -8.66 -63.52 -1.98
N ASP D 3878 -9.53 -63.85 -2.94
CA ASP D 3878 -10.70 -63.04 -3.31
C ASP D 3878 -11.59 -62.65 -2.13
N GLU D 3879 -12.17 -63.66 -1.46
CA GLU D 3879 -13.13 -63.39 -0.39
C GLU D 3879 -12.46 -62.67 0.78
N PHE D 3880 -11.24 -63.09 1.11
CA PHE D 3880 -10.52 -62.48 2.22
C PHE D 3880 -10.21 -61.00 1.95
N THR D 3881 -9.77 -60.68 0.73
CA THR D 3881 -9.47 -59.28 0.39
C THR D 3881 -10.73 -58.44 0.37
N GLN D 3882 -11.81 -58.96 -0.23
CA GLN D 3882 -13.07 -58.22 -0.24
C GLN D 3882 -13.61 -58.02 1.17
N ASP D 3883 -13.43 -58.99 2.05
CA ASP D 3883 -13.89 -58.84 3.43
C ASP D 3883 -13.04 -57.83 4.20
N LEU D 3884 -11.73 -57.80 3.97
CA LEU D 3884 -10.90 -56.81 4.65
C LEU D 3884 -11.29 -55.38 4.26
N PHE D 3885 -11.36 -55.12 2.94
CA PHE D 3885 -11.76 -53.77 2.52
C PHE D 3885 -13.21 -53.46 2.86
N ARG D 3886 -14.09 -54.46 2.85
CA ARG D 3886 -15.49 -54.22 3.20
C ARG D 3886 -15.63 -53.95 4.69
N PHE D 3887 -14.80 -54.60 5.52
CA PHE D 3887 -14.74 -54.32 6.95
C PHE D 3887 -14.31 -52.88 7.21
N LEU D 3888 -13.26 -52.43 6.51
CA LEU D 3888 -12.80 -51.05 6.69
C LEU D 3888 -13.85 -50.05 6.19
N GLN D 3889 -14.50 -50.36 5.06
CA GLN D 3889 -15.55 -49.48 4.53
C GLN D 3889 -16.73 -49.41 5.50
N LEU D 3890 -17.07 -50.53 6.13
CA LEU D 3890 -18.13 -50.54 7.14
C LEU D 3890 -17.70 -49.80 8.41
N LEU D 3891 -16.39 -49.81 8.71
CA LEU D 3891 -15.90 -48.96 9.79
C LEU D 3891 -16.11 -47.49 9.49
N CYS D 3892 -15.89 -47.08 8.24
CA CYS D 3892 -16.04 -45.67 7.87
C CYS D 3892 -17.44 -45.35 7.34
N GLU D 3893 -18.36 -46.32 7.33
CA GLU D 3893 -19.63 -46.26 6.61
C GLU D 3893 -20.46 -45.00 6.85
N GLY D 3894 -20.93 -44.81 8.08
CA GLY D 3894 -21.56 -43.55 8.44
C GLY D 3894 -20.55 -42.43 8.44
N HIS D 3895 -20.96 -41.22 8.02
CA HIS D 3895 -20.09 -40.07 8.17
C HIS D 3895 -19.87 -39.79 9.65
N ASN D 3896 -18.63 -39.98 10.11
CA ASN D 3896 -18.31 -39.92 11.53
C ASN D 3896 -17.34 -38.79 11.86
N ASN D 3897 -16.27 -38.66 11.08
CA ASN D 3897 -15.20 -37.65 11.17
C ASN D 3897 -14.23 -37.95 12.31
N ASP D 3898 -14.44 -39.02 13.07
CA ASP D 3898 -13.52 -39.41 14.14
C ASP D 3898 -12.67 -40.61 13.76
N PHE D 3899 -13.30 -41.71 13.34
CA PHE D 3899 -12.55 -42.86 12.84
C PHE D 3899 -11.84 -42.54 11.53
N GLN D 3900 -12.42 -41.65 10.72
CA GLN D 3900 -11.80 -41.25 9.47
C GLN D 3900 -10.46 -40.56 9.71
N ASN D 3901 -10.39 -39.72 10.74
CA ASN D 3901 -9.13 -39.08 11.12
C ASN D 3901 -8.21 -40.05 11.84
N TYR D 3902 -8.78 -40.96 12.64
CA TYR D 3902 -7.97 -41.94 13.36
C TYR D 3902 -7.19 -42.83 12.39
N LEU D 3903 -7.81 -43.24 11.29
CA LEU D 3903 -7.10 -44.04 10.30
C LEU D 3903 -5.96 -43.26 9.66
N ARG D 3904 -6.16 -41.98 9.35
CA ARG D 3904 -5.08 -41.18 8.80
C ARG D 3904 -3.93 -41.04 9.80
N THR D 3905 -4.24 -40.78 11.06
CA THR D 3905 -3.19 -40.49 12.05
C THR D 3905 -3.71 -40.81 13.44
N GLN D 3906 -2.92 -41.57 14.20
CA GLN D 3906 -3.24 -41.86 15.59
C GLN D 3906 -2.47 -40.90 16.49
N THR D 3907 -3.19 -40.22 17.37
CA THR D 3907 -2.57 -39.21 18.23
C THR D 3907 -2.06 -39.78 19.54
N GLY D 3908 -2.69 -40.83 20.06
CA GLY D 3908 -2.29 -41.40 21.32
C GLY D 3908 -1.14 -42.37 21.21
N ASN D 3909 -1.16 -43.21 20.18
CA ASN D 3909 -0.14 -44.23 20.00
C ASN D 3909 1.17 -43.62 19.53
N THR D 3910 2.25 -44.39 19.72
CA THR D 3910 3.58 -43.92 19.35
C THR D 3910 3.76 -43.85 17.83
N THR D 3911 3.12 -44.76 17.09
CA THR D 3911 3.36 -44.89 15.66
C THR D 3911 2.09 -44.64 14.86
N THR D 3912 2.28 -44.35 13.56
CA THR D 3912 1.22 -44.11 12.60
C THR D 3912 1.44 -44.99 11.38
N ILE D 3913 0.34 -45.41 10.74
CA ILE D 3913 0.40 -46.50 9.77
C ILE D 3913 -0.04 -46.09 8.35
N ASN D 3914 -1.01 -45.19 8.22
CA ASN D 3914 -1.51 -44.69 6.93
C ASN D 3914 -2.04 -45.82 6.02
N ILE D 3915 -3.14 -46.42 6.51
CA ILE D 3915 -3.88 -47.40 5.73
C ILE D 3915 -4.41 -46.80 4.43
N ILE D 3916 -4.64 -45.48 4.41
CA ILE D 3916 -5.06 -44.79 3.19
C ILE D 3916 -3.98 -44.88 2.12
N ILE D 3917 -2.72 -44.67 2.50
CA ILE D 3917 -1.60 -44.86 1.55
C ILE D 3917 -1.49 -46.32 1.15
N CYS D 3918 -1.69 -47.23 2.11
CA CYS D 3918 -1.58 -48.67 1.80
C CYS D 3918 -2.60 -49.10 0.75
N THR D 3919 -3.83 -48.58 0.84
CA THR D 3919 -4.87 -48.92 -0.12
C THR D 3919 -4.51 -48.46 -1.52
N VAL D 3920 -3.92 -47.26 -1.64
CA VAL D 3920 -3.48 -46.76 -2.93
C VAL D 3920 -2.35 -47.60 -3.50
N ASP D 3921 -1.47 -48.10 -2.62
CA ASP D 3921 -0.41 -48.99 -3.09
C ASP D 3921 -1.01 -50.28 -3.67
N TYR D 3922 -2.00 -50.84 -2.98
CA TYR D 3922 -2.66 -52.04 -3.49
C TYR D 3922 -3.38 -51.77 -4.81
N LEU D 3923 -4.00 -50.59 -4.92
CA LEU D 3923 -4.68 -50.20 -6.15
C LEU D 3923 -3.70 -50.07 -7.32
N LEU D 3924 -2.51 -49.50 -7.05
CA LEU D 3924 -1.48 -49.41 -8.09
C LEU D 3924 -1.06 -50.80 -8.56
N ARG D 3925 -0.85 -51.72 -7.61
CA ARG D 3925 -0.47 -53.09 -7.99
C ARG D 3925 -1.56 -53.76 -8.83
N LEU D 3926 -2.83 -53.55 -8.43
CA LEU D 3926 -3.94 -54.12 -9.19
C LEU D 3926 -4.00 -53.56 -10.61
N GLN D 3927 -3.77 -52.25 -10.76
CA GLN D 3927 -3.79 -51.64 -12.08
C GLN D 3927 -2.69 -52.20 -12.98
N GLU D 3928 -1.47 -52.31 -12.45
CA GLU D 3928 -0.38 -52.84 -13.28
C GLU D 3928 -0.65 -54.28 -13.67
N SER D 3929 -1.17 -55.09 -12.74
CA SER D 3929 -1.44 -56.49 -13.06
C SER D 3929 -2.54 -56.62 -14.11
N ILE D 3930 -3.58 -55.80 -14.03
CA ILE D 3930 -4.64 -55.83 -15.05
C ILE D 3930 -4.09 -55.41 -16.42
N SER D 3931 -3.18 -54.43 -16.41
CA SER D 3931 -2.54 -54.01 -17.66
C SER D 3931 -1.73 -55.14 -18.29
N ASP D 3932 -1.07 -55.96 -17.46
CA ASP D 3932 -0.36 -57.13 -17.97
C ASP D 3932 -1.30 -58.08 -18.72
N PHE D 3933 -2.47 -58.36 -18.14
CA PHE D 3933 -3.45 -59.22 -18.80
C PHE D 3933 -3.95 -58.60 -20.10
N TYR D 3934 -4.19 -57.28 -20.12
CA TYR D 3934 -4.60 -56.64 -21.37
C TYR D 3934 -3.53 -56.82 -22.45
N TRP D 3935 -2.27 -56.56 -22.11
CA TRP D 3935 -1.21 -56.70 -23.10
C TRP D 3935 -1.04 -58.15 -23.56
N TYR D 3936 -1.28 -59.11 -22.66
CA TYR D 3936 -1.22 -60.51 -23.08
C TYR D 3936 -2.34 -60.85 -24.06
N TYR D 3937 -3.55 -60.38 -23.80
CA TYR D 3937 -4.71 -60.72 -24.62
C TYR D 3937 -4.96 -59.76 -25.78
N SER D 3938 -4.06 -58.79 -26.02
CA SER D 3938 -4.27 -57.84 -27.10
C SER D 3938 -4.27 -58.50 -28.48
N GLY D 3939 -3.47 -59.55 -28.66
CA GLY D 3939 -3.30 -60.11 -29.99
C GLY D 3939 -4.51 -60.89 -30.48
N LYS D 3940 -4.98 -61.85 -29.68
CA LYS D 3940 -6.06 -62.74 -30.11
C LYS D 3940 -7.38 -61.98 -30.19
N ASP D 3941 -8.25 -62.42 -31.10
CA ASP D 3941 -9.50 -61.71 -31.34
C ASP D 3941 -10.58 -62.05 -30.31
N VAL D 3942 -10.63 -63.29 -29.84
CA VAL D 3942 -11.63 -63.72 -28.87
C VAL D 3942 -10.89 -64.16 -27.60
N ILE D 3943 -11.53 -63.96 -26.45
CA ILE D 3943 -10.95 -64.23 -25.15
C ILE D 3943 -11.71 -65.40 -24.52
N GLU D 3944 -10.96 -66.35 -23.97
CA GLU D 3944 -11.54 -67.58 -23.46
C GLU D 3944 -12.22 -67.40 -22.10
N GLU D 3945 -12.97 -68.43 -21.73
CA GLU D 3945 -13.86 -68.39 -20.58
C GLU D 3945 -13.09 -68.22 -19.27
N GLN D 3946 -11.93 -68.88 -19.16
CA GLN D 3946 -11.09 -68.75 -17.97
C GLN D 3946 -10.62 -67.32 -17.79
N GLY D 3947 -10.19 -66.69 -18.89
CA GLY D 3947 -9.79 -65.29 -18.83
C GLY D 3947 -10.94 -64.38 -18.45
N LYS D 3948 -12.13 -64.64 -18.99
CA LYS D 3948 -13.30 -63.84 -18.65
C LYS D 3948 -13.64 -63.95 -17.16
N ARG D 3949 -13.57 -65.16 -16.61
CA ARG D 3949 -13.84 -65.36 -15.18
C ARG D 3949 -12.82 -64.63 -14.31
N ASN D 3950 -11.53 -64.75 -14.65
CA ASN D 3950 -10.52 -64.07 -13.84
C ASN D 3950 -10.65 -62.55 -13.96
N PHE D 3951 -11.03 -62.07 -15.15
CA PHE D 3951 -11.28 -60.65 -15.32
C PHE D 3951 -12.42 -60.18 -14.43
N SER D 3952 -13.50 -60.96 -14.37
CA SER D 3952 -14.64 -60.59 -13.52
C SER D 3952 -14.23 -60.53 -12.04
N LYS D 3953 -13.43 -61.51 -11.59
CA LYS D 3953 -12.96 -61.52 -10.21
C LYS D 3953 -12.11 -60.28 -9.90
N ALA D 3954 -11.12 -60.00 -10.75
CA ALA D 3954 -10.24 -58.86 -10.56
C ALA D 3954 -11.02 -57.54 -10.54
N MET D 3955 -11.99 -57.40 -11.45
CA MET D 3955 -12.77 -56.17 -11.50
C MET D 3955 -13.68 -56.01 -10.29
N SER D 3956 -14.22 -57.12 -9.76
CA SER D 3956 -14.99 -57.02 -8.52
C SER D 3956 -14.12 -56.57 -7.35
N VAL D 3957 -12.88 -57.08 -7.29
CA VAL D 3957 -11.96 -56.66 -6.24
C VAL D 3957 -11.63 -55.17 -6.38
N ALA D 3958 -11.39 -54.72 -7.61
CA ALA D 3958 -11.11 -53.31 -7.87
C ALA D 3958 -12.29 -52.44 -7.47
N LYS D 3959 -13.52 -52.87 -7.79
CA LYS D 3959 -14.71 -52.09 -7.43
C LYS D 3959 -14.86 -51.95 -5.92
N GLN D 3960 -14.61 -53.05 -5.19
CA GLN D 3960 -14.71 -52.98 -3.73
C GLN D 3960 -13.65 -52.03 -3.15
N VAL D 3961 -12.42 -52.09 -3.68
CA VAL D 3961 -11.37 -51.18 -3.23
C VAL D 3961 -11.76 -49.74 -3.52
N PHE D 3962 -12.33 -49.50 -4.69
CA PHE D 3962 -12.70 -48.15 -5.09
C PHE D 3962 -13.77 -47.58 -4.17
N ASN D 3963 -14.80 -48.38 -3.87
CA ASN D 3963 -15.84 -47.96 -2.94
C ASN D 3963 -15.26 -47.73 -1.54
N SER D 3964 -14.24 -48.50 -1.16
CA SER D 3964 -13.57 -48.25 0.11
C SER D 3964 -12.91 -46.87 0.13
N LEU D 3965 -12.25 -46.49 -0.97
CA LEU D 3965 -11.65 -45.16 -1.04
C LEU D 3965 -12.68 -44.05 -1.02
N THR D 3966 -13.81 -44.25 -1.71
CA THR D 3966 -14.88 -43.25 -1.68
C THR D 3966 -15.45 -43.08 -0.27
N GLU D 3967 -15.61 -44.19 0.46
CA GLU D 3967 -16.06 -44.09 1.84
C GLU D 3967 -14.99 -43.44 2.72
N TYR D 3968 -13.72 -43.61 2.39
CA TYR D 3968 -12.68 -42.89 3.11
C TYR D 3968 -12.84 -41.38 2.97
N ILE D 3969 -13.07 -40.90 1.74
CA ILE D 3969 -13.26 -39.45 1.63
C ILE D 3969 -14.62 -38.99 2.13
N GLN D 3970 -15.68 -39.28 1.37
CA GLN D 3970 -17.05 -38.90 1.72
C GLN D 3970 -17.16 -37.38 1.83
N GLY D 3971 -18.19 -36.91 2.53
CA GLY D 3971 -18.32 -35.51 2.87
C GLY D 3971 -17.14 -34.94 3.63
N PRO D 3972 -16.79 -33.66 3.33
CA PRO D 3972 -15.62 -32.99 3.90
C PRO D 3972 -14.35 -33.82 4.08
N CYS D 3973 -13.87 -33.90 5.32
CA CYS D 3973 -12.64 -34.62 5.66
C CYS D 3973 -11.45 -34.08 4.87
N THR D 3974 -11.19 -32.78 5.03
CA THR D 3974 -10.17 -32.07 4.27
C THR D 3974 -8.79 -32.70 4.42
N GLY D 3975 -8.49 -33.25 5.59
CA GLY D 3975 -7.20 -33.91 5.77
C GLY D 3975 -7.01 -35.10 4.86
N ASN D 3976 -8.03 -35.97 4.77
CA ASN D 3976 -7.97 -37.09 3.84
C ASN D 3976 -8.00 -36.60 2.39
N GLN D 3977 -8.74 -35.52 2.13
CA GLN D 3977 -8.81 -34.99 0.77
C GLN D 3977 -7.45 -34.52 0.28
N GLN D 3978 -6.69 -33.83 1.12
CA GLN D 3978 -5.36 -33.39 0.72
C GLN D 3978 -4.37 -34.56 0.71
N SER D 3979 -4.51 -35.49 1.65
CA SER D 3979 -3.62 -36.65 1.66
C SER D 3979 -3.73 -37.48 0.39
N LEU D 3980 -4.96 -37.77 -0.05
CA LEU D 3980 -5.13 -38.52 -1.28
C LEU D 3980 -4.80 -37.70 -2.52
N ALA D 3981 -4.95 -36.37 -2.45
CA ALA D 3981 -4.47 -35.53 -3.54
C ALA D 3981 -2.96 -35.62 -3.68
N HIS D 3982 -2.24 -35.61 -2.56
CA HIS D 3982 -0.78 -35.70 -2.61
C HIS D 3982 -0.30 -37.12 -2.91
N SER D 3983 -1.13 -38.13 -2.64
CA SER D 3983 -0.77 -39.50 -2.93
C SER D 3983 -0.85 -39.79 -4.43
N ARG D 3984 -0.24 -40.91 -4.83
CA ARG D 3984 -0.18 -41.31 -6.23
C ARG D 3984 -1.39 -42.12 -6.71
N LEU D 3985 -2.60 -41.62 -6.47
CA LEU D 3985 -3.80 -42.24 -7.03
C LEU D 3985 -3.91 -41.98 -8.53
N TRP D 3986 -3.40 -40.82 -8.98
CA TRP D 3986 -3.64 -40.39 -10.35
C TRP D 3986 -2.90 -41.28 -11.34
N ASP D 3987 -1.73 -41.79 -10.95
CA ASP D 3987 -0.99 -42.73 -11.79
C ASP D 3987 -1.75 -44.04 -11.99
N ALA D 3988 -2.57 -44.43 -11.02
CA ALA D 3988 -3.49 -45.55 -11.24
C ALA D 3988 -4.66 -45.12 -12.12
N VAL D 3989 -5.12 -43.87 -11.97
CA VAL D 3989 -6.26 -43.38 -12.73
C VAL D 3989 -5.97 -43.40 -14.24
N VAL D 3990 -4.80 -42.88 -14.63
CA VAL D 3990 -4.45 -42.82 -16.05
C VAL D 3990 -4.33 -44.22 -16.66
N GLY D 3991 -3.67 -45.13 -15.95
CA GLY D 3991 -3.55 -46.49 -16.45
C GLY D 3991 -4.88 -47.20 -16.55
N PHE D 3992 -5.75 -46.98 -15.55
CA PHE D 3992 -7.10 -47.55 -15.60
C PHE D 3992 -7.86 -47.03 -16.80
N LEU D 3993 -7.74 -45.72 -17.10
CA LEU D 3993 -8.41 -45.15 -18.26
C LEU D 3993 -7.89 -45.75 -19.57
N HIS D 3994 -6.57 -45.92 -19.69
CA HIS D 3994 -5.98 -46.54 -20.87
C HIS D 3994 -6.50 -47.97 -21.08
N VAL D 3995 -6.46 -48.78 -20.01
CA VAL D 3995 -6.94 -50.15 -20.09
C VAL D 3995 -8.43 -50.18 -20.39
N PHE D 3996 -9.20 -49.27 -19.78
CA PHE D 3996 -10.63 -49.20 -20.02
C PHE D 3996 -10.95 -48.90 -21.48
N ALA D 3997 -10.21 -47.96 -22.07
CA ALA D 3997 -10.44 -47.58 -23.46
C ALA D 3997 -10.18 -48.75 -24.40
N HIS D 3998 -9.00 -49.37 -24.28
CA HIS D 3998 -8.69 -50.44 -25.22
C HIS D 3998 -9.53 -51.68 -24.98
N MET D 3999 -9.86 -52.01 -23.72
CA MET D 3999 -10.73 -53.15 -23.48
C MET D 3999 -12.15 -52.90 -23.97
N MET D 4000 -12.66 -51.67 -23.85
CA MET D 4000 -13.96 -51.37 -24.43
C MET D 4000 -13.95 -51.54 -25.94
N MET D 4001 -12.93 -51.00 -26.61
CA MET D 4001 -12.89 -51.07 -28.07
C MET D 4001 -12.70 -52.49 -28.57
N LYS D 4002 -12.00 -53.34 -27.81
CA LYS D 4002 -11.83 -54.72 -28.25
C LYS D 4002 -13.06 -55.57 -27.91
N LEU D 4003 -13.57 -55.47 -26.68
CA LEU D 4003 -14.69 -56.28 -26.23
C LEU D 4003 -15.99 -55.93 -26.96
N ALA D 4004 -16.11 -54.71 -27.47
CA ALA D 4004 -17.35 -54.29 -28.12
C ALA D 4004 -17.62 -55.03 -29.42
N GLN D 4005 -16.62 -55.72 -29.98
CA GLN D 4005 -16.79 -56.35 -31.29
C GLN D 4005 -17.73 -57.55 -31.24
N ASP D 4006 -17.63 -58.40 -30.22
CA ASP D 4006 -18.29 -59.70 -30.22
C ASP D 4006 -19.44 -59.73 -29.22
N SER D 4007 -20.43 -60.56 -29.53
CA SER D 4007 -21.66 -60.61 -28.74
C SER D 4007 -21.43 -61.21 -27.35
N SER D 4008 -20.54 -62.20 -27.25
CA SER D 4008 -20.36 -62.92 -25.99
C SER D 4008 -19.81 -62.01 -24.89
N GLN D 4009 -18.97 -61.04 -25.27
CA GLN D 4009 -18.22 -60.22 -24.32
C GLN D 4009 -19.07 -59.17 -23.61
N ILE D 4010 -20.38 -59.11 -23.90
CA ILE D 4010 -21.22 -58.01 -23.41
C ILE D 4010 -21.31 -58.01 -21.89
N GLU D 4011 -21.29 -59.18 -21.26
CA GLU D 4011 -21.34 -59.26 -19.80
C GLU D 4011 -20.12 -58.60 -19.16
N LEU D 4012 -18.94 -58.91 -19.69
CA LEU D 4012 -17.71 -58.30 -19.18
C LEU D 4012 -17.67 -56.82 -19.48
N LEU D 4013 -18.19 -56.41 -20.64
CA LEU D 4013 -18.26 -55.00 -20.98
C LEU D 4013 -19.16 -54.24 -20.01
N LYS D 4014 -20.31 -54.82 -19.66
CA LYS D 4014 -21.22 -54.18 -18.71
C LYS D 4014 -20.59 -54.04 -17.32
N GLU D 4015 -19.91 -55.10 -16.86
CA GLU D 4015 -19.23 -55.03 -15.57
C GLU D 4015 -18.13 -53.99 -15.58
N LEU D 4016 -17.39 -53.90 -16.69
CA LEU D 4016 -16.35 -52.88 -16.83
C LEU D 4016 -16.93 -51.47 -16.80
N LEU D 4017 -18.10 -51.29 -17.44
CA LEU D 4017 -18.78 -50.00 -17.40
C LEU D 4017 -19.19 -49.63 -15.97
N ASP D 4018 -19.68 -50.61 -15.22
CA ASP D 4018 -20.01 -50.37 -13.81
C ASP D 4018 -18.79 -49.92 -13.01
N LEU D 4019 -17.65 -50.60 -13.22
CA LEU D 4019 -16.42 -50.22 -12.54
C LEU D 4019 -15.97 -48.81 -12.93
N GLN D 4020 -16.16 -48.44 -14.19
CA GLN D 4020 -15.90 -47.07 -14.63
C GLN D 4020 -16.79 -46.07 -13.88
N LYS D 4021 -18.06 -46.43 -13.70
CA LYS D 4021 -18.97 -45.59 -12.93
C LYS D 4021 -18.46 -45.39 -11.51
N ASP D 4022 -17.95 -46.46 -10.89
CA ASP D 4022 -17.38 -46.33 -9.55
C ASP D 4022 -16.20 -45.37 -9.52
N MET D 4023 -15.33 -45.45 -10.54
CA MET D 4023 -14.19 -44.52 -10.60
C MET D 4023 -14.65 -43.07 -10.70
N VAL D 4024 -15.66 -42.81 -11.55
CA VAL D 4024 -16.13 -41.43 -11.71
C VAL D 4024 -16.78 -40.93 -10.43
N VAL D 4025 -17.47 -41.80 -9.70
CA VAL D 4025 -18.01 -41.43 -8.40
C VAL D 4025 -16.89 -41.06 -7.43
N MET D 4026 -15.76 -41.78 -7.49
CA MET D 4026 -14.61 -41.42 -6.67
C MET D 4026 -14.14 -40.01 -7.00
N LEU D 4027 -13.97 -39.71 -8.29
CA LEU D 4027 -13.45 -38.41 -8.69
C LEU D 4027 -14.40 -37.28 -8.28
N LEU D 4028 -15.71 -37.50 -8.40
CA LEU D 4028 -16.67 -36.49 -7.94
C LEU D 4028 -16.59 -36.30 -6.43
N SER D 4029 -16.46 -37.39 -5.68
CA SER D 4029 -16.31 -37.30 -4.23
C SER D 4029 -15.06 -36.51 -3.87
N LEU D 4030 -13.99 -36.69 -4.64
CA LEU D 4030 -12.80 -35.85 -4.45
C LEU D 4030 -13.09 -34.39 -4.77
N LEU D 4031 -13.87 -34.13 -5.83
CA LEU D 4031 -14.22 -32.77 -6.23
C LEU D 4031 -15.32 -32.14 -5.39
N GLU D 4032 -15.74 -32.78 -4.31
CA GLU D 4032 -16.62 -32.12 -3.36
C GLU D 4032 -15.92 -30.92 -2.69
N GLY D 4033 -16.65 -29.82 -2.55
CA GLY D 4033 -16.29 -28.74 -1.65
C GLY D 4033 -15.04 -27.95 -2.00
N ASN D 4034 -14.81 -27.65 -3.27
CA ASN D 4034 -13.65 -26.86 -3.68
C ASN D 4034 -14.06 -25.44 -4.08
N VAL D 4035 -13.13 -24.49 -3.90
CA VAL D 4035 -13.30 -23.14 -4.41
C VAL D 4035 -13.06 -23.15 -5.92
N VAL D 4036 -13.32 -22.01 -6.58
CA VAL D 4036 -13.28 -21.98 -8.04
C VAL D 4036 -11.87 -22.25 -8.57
N ASN D 4037 -10.85 -21.66 -7.94
CA ASN D 4037 -9.45 -22.01 -8.21
C ASN D 4037 -9.00 -22.91 -7.06
N GLY D 4038 -9.43 -24.17 -7.11
CA GLY D 4038 -9.31 -25.03 -5.94
C GLY D 4038 -7.88 -25.44 -5.63
N MET D 4039 -7.19 -26.01 -6.62
CA MET D 4039 -5.94 -26.79 -6.64
C MET D 4039 -6.24 -28.20 -7.14
N ILE D 4040 -7.19 -28.88 -6.48
CA ILE D 4040 -7.56 -30.24 -6.85
C ILE D 4040 -8.13 -30.27 -8.27
N ALA D 4041 -8.97 -29.29 -8.60
CA ALA D 4041 -9.52 -29.20 -9.95
C ALA D 4041 -8.42 -28.99 -10.99
N ARG D 4042 -7.43 -28.16 -10.67
CA ARG D 4042 -6.30 -27.97 -11.57
C ARG D 4042 -5.48 -29.25 -11.72
N GLN D 4043 -5.29 -29.99 -10.63
CA GLN D 4043 -4.56 -31.26 -10.71
C GLN D 4043 -5.30 -32.26 -11.59
N MET D 4044 -6.62 -32.34 -11.45
CA MET D 4044 -7.40 -33.25 -12.29
C MET D 4044 -7.43 -32.82 -13.75
N VAL D 4045 -7.47 -31.51 -14.02
CA VAL D 4045 -7.43 -31.08 -15.42
C VAL D 4045 -6.05 -31.35 -16.03
N ASP D 4046 -4.99 -31.26 -15.23
CA ASP D 4046 -3.67 -31.68 -15.70
C ASP D 4046 -3.62 -33.18 -15.96
N MET D 4047 -4.27 -33.98 -15.11
CA MET D 4047 -4.36 -35.41 -15.36
C MET D 4047 -5.12 -35.69 -16.66
N LEU D 4048 -6.19 -34.95 -16.92
CA LEU D 4048 -6.92 -35.08 -18.18
C LEU D 4048 -6.03 -34.70 -19.37
N VAL D 4049 -5.22 -33.66 -19.23
CA VAL D 4049 -4.30 -33.28 -20.31
C VAL D 4049 -3.29 -34.40 -20.55
N GLU D 4050 -2.78 -35.00 -19.47
CA GLU D 4050 -1.87 -36.12 -19.60
C GLU D 4050 -2.54 -37.32 -20.27
N SER D 4051 -3.84 -37.52 -20.01
CA SER D 4051 -4.60 -38.65 -20.53
C SER D 4051 -5.64 -38.22 -21.55
N SER D 4052 -5.29 -37.26 -22.41
CA SER D 4052 -6.26 -36.65 -23.32
C SER D 4052 -6.81 -37.64 -24.35
N SER D 4053 -5.94 -38.48 -24.92
CA SER D 4053 -6.35 -39.32 -26.05
C SER D 4053 -7.38 -40.37 -25.64
N ASN D 4054 -7.12 -41.09 -24.55
CA ASN D 4054 -8.01 -42.16 -24.13
C ASN D 4054 -9.38 -41.63 -23.71
N VAL D 4055 -9.40 -40.49 -23.02
CA VAL D 4055 -10.67 -39.86 -22.66
C VAL D 4055 -11.45 -39.47 -23.91
N GLU D 4056 -10.74 -39.00 -24.95
CA GLU D 4056 -11.37 -38.70 -26.23
C GLU D 4056 -11.95 -39.97 -26.84
N MET D 4057 -11.26 -41.10 -26.67
CA MET D 4057 -11.78 -42.39 -27.14
C MET D 4057 -13.06 -42.77 -26.41
N ILE D 4058 -13.10 -42.56 -25.08
CA ILE D 4058 -14.33 -42.82 -24.31
C ILE D 4058 -15.46 -41.94 -24.81
N LEU D 4059 -15.17 -40.67 -25.10
CA LEU D 4059 -16.22 -39.78 -25.61
C LEU D 4059 -16.73 -40.25 -26.97
N LYS D 4060 -15.82 -40.68 -27.85
CA LYS D 4060 -16.24 -41.19 -29.15
C LYS D 4060 -17.10 -42.44 -29.04
N PHE D 4061 -16.75 -43.35 -28.12
CA PHE D 4061 -17.48 -44.61 -28.01
C PHE D 4061 -18.95 -44.38 -27.69
N PHE D 4062 -19.24 -43.39 -26.84
CA PHE D 4062 -20.63 -43.03 -26.58
C PHE D 4062 -21.23 -42.25 -27.74
N ASP D 4063 -20.45 -41.32 -28.33
CA ASP D 4063 -21.00 -40.41 -29.32
C ASP D 4063 -21.48 -41.15 -30.56
N MET D 4064 -20.73 -42.14 -31.03
CA MET D 4064 -21.13 -42.87 -32.24
C MET D 4064 -22.46 -43.59 -32.04
N PHE D 4065 -22.66 -44.25 -30.89
CA PHE D 4065 -23.92 -44.97 -30.70
C PHE D 4065 -25.09 -44.04 -30.41
N LEU D 4066 -24.83 -42.91 -29.73
CA LEU D 4066 -25.90 -41.93 -29.53
C LEU D 4066 -26.35 -41.33 -30.87
N LYS D 4067 -25.41 -41.07 -31.77
CA LYS D 4067 -25.80 -40.68 -33.13
C LYS D 4067 -26.51 -41.80 -33.87
N LEU D 4068 -26.01 -43.03 -33.73
CA LEU D 4068 -26.50 -44.16 -34.52
C LEU D 4068 -27.95 -44.49 -34.20
N LYS D 4069 -28.33 -44.37 -32.92
CA LYS D 4069 -29.72 -44.66 -32.54
C LYS D 4069 -30.67 -43.71 -33.27
N ASP D 4070 -30.32 -42.41 -33.33
CA ASP D 4070 -31.15 -41.45 -34.06
C ASP D 4070 -31.12 -41.71 -35.56
N ILE D 4071 -29.94 -42.05 -36.10
CA ILE D 4071 -29.80 -42.29 -37.54
C ILE D 4071 -30.66 -43.46 -37.98
N VAL D 4072 -30.77 -44.50 -37.16
CA VAL D 4072 -31.51 -45.70 -37.55
C VAL D 4072 -32.98 -45.40 -37.80
N GLY D 4073 -33.58 -44.55 -36.97
CA GLY D 4073 -34.99 -44.23 -37.11
C GLY D 4073 -35.31 -43.28 -38.25
N SER D 4074 -34.30 -42.73 -38.91
CA SER D 4074 -34.50 -41.68 -39.91
C SER D 4074 -35.31 -42.19 -41.11
N GLU D 4075 -36.11 -41.27 -41.67
CA GLU D 4075 -36.94 -41.60 -42.83
C GLU D 4075 -36.09 -41.97 -44.04
N ALA D 4076 -34.94 -41.31 -44.21
CA ALA D 4076 -34.03 -41.68 -45.28
C ALA D 4076 -33.53 -43.12 -45.13
N PHE D 4077 -33.20 -43.51 -43.90
CA PHE D 4077 -32.76 -44.88 -43.67
C PHE D 4077 -33.90 -45.87 -43.88
N GLN D 4078 -35.12 -45.50 -43.50
CA GLN D 4078 -36.27 -46.35 -43.80
C GLN D 4078 -36.49 -46.50 -45.30
N ASP D 4079 -36.29 -45.42 -46.06
CA ASP D 4079 -36.40 -45.50 -47.52
C ASP D 4079 -35.31 -46.39 -48.11
N TYR D 4080 -34.09 -46.30 -47.59
CA TYR D 4080 -33.02 -47.18 -48.04
C TYR D 4080 -33.30 -48.64 -47.68
N VAL D 4081 -34.00 -48.87 -46.57
CA VAL D 4081 -34.47 -50.21 -46.26
C VAL D 4081 -35.53 -50.62 -47.29
N THR D 4082 -35.37 -51.82 -47.86
CA THR D 4082 -36.29 -52.32 -48.87
C THR D 4082 -36.92 -53.66 -48.52
N ASP D 4083 -36.17 -54.56 -47.87
CA ASP D 4083 -36.66 -55.91 -47.62
C ASP D 4083 -37.88 -55.88 -46.70
N PRO D 4084 -38.89 -56.71 -46.95
CA PRO D 4084 -40.01 -56.83 -46.01
C PRO D 4084 -39.66 -57.59 -44.74
N ARG D 4085 -38.48 -58.19 -44.67
CA ARG D 4085 -38.00 -58.91 -43.50
C ARG D 4085 -37.41 -57.97 -42.45
N GLY D 4086 -37.53 -56.66 -42.64
CA GLY D 4086 -37.05 -55.69 -41.68
C GLY D 4086 -35.55 -55.71 -41.47
N LEU D 4087 -34.79 -55.95 -42.53
CA LEU D 4087 -33.34 -56.15 -42.43
C LEU D 4087 -32.66 -55.41 -43.57
N ILE D 4088 -31.49 -54.82 -43.29
CA ILE D 4088 -30.79 -53.95 -44.23
C ILE D 4088 -29.40 -54.51 -44.49
N SER D 4089 -29.05 -54.65 -45.78
CA SER D 4089 -27.80 -55.28 -46.16
C SER D 4089 -26.60 -54.42 -45.80
N LYS D 4090 -25.42 -55.06 -45.80
CA LYS D 4090 -24.19 -54.37 -45.41
C LYS D 4090 -23.78 -53.31 -46.41
N LYS D 4091 -23.83 -53.62 -47.71
CA LYS D 4091 -23.41 -52.66 -48.73
C LYS D 4091 -24.39 -51.49 -48.81
N ASP D 4092 -25.69 -51.78 -48.73
CA ASP D 4092 -26.69 -50.72 -48.69
C ASP D 4092 -26.55 -49.88 -47.42
N PHE D 4093 -26.20 -50.53 -46.31
CA PHE D 4093 -25.85 -49.82 -45.08
C PHE D 4093 -24.70 -48.85 -45.32
N GLN D 4094 -23.66 -49.30 -46.02
CA GLN D 4094 -22.51 -48.43 -46.28
C GLN D 4094 -22.92 -47.23 -47.14
N LYS D 4095 -23.72 -47.46 -48.19
CA LYS D 4095 -24.16 -46.33 -49.01
C LYS D 4095 -25.05 -45.38 -48.22
N ALA D 4096 -25.95 -45.91 -47.40
CA ALA D 4096 -26.82 -45.06 -46.59
C ALA D 4096 -26.02 -44.26 -45.57
N MET D 4097 -25.01 -44.89 -44.95
CA MET D 4097 -24.17 -44.18 -43.99
C MET D 4097 -23.37 -43.07 -44.66
N ASP D 4098 -22.85 -43.32 -45.86
CA ASP D 4098 -22.09 -42.30 -46.57
C ASP D 4098 -22.97 -41.23 -47.20
N SER D 4099 -24.26 -41.51 -47.41
CA SER D 4099 -25.15 -40.48 -47.94
C SER D 4099 -25.36 -39.36 -46.92
N GLN D 4100 -25.62 -39.71 -45.66
CA GLN D 4100 -25.74 -38.70 -44.62
C GLN D 4100 -24.36 -38.24 -44.19
N LYS D 4101 -24.18 -36.91 -44.07
CA LYS D 4101 -22.87 -36.34 -43.81
C LYS D 4101 -22.60 -36.25 -42.31
N GLN D 4102 -22.51 -37.45 -41.70
CA GLN D 4102 -21.84 -37.66 -40.42
C GLN D 4102 -21.19 -39.03 -40.50
N PHE D 4103 -20.31 -39.31 -39.53
CA PHE D 4103 -19.48 -40.51 -39.47
C PHE D 4103 -18.42 -40.52 -40.58
N THR D 4104 -17.26 -41.07 -40.26
CA THR D 4104 -16.15 -41.18 -41.21
C THR D 4104 -15.95 -42.64 -41.55
N GLY D 4105 -15.11 -42.90 -42.57
CA GLY D 4105 -14.91 -44.22 -43.11
C GLY D 4105 -14.38 -45.27 -42.16
N PRO D 4106 -13.32 -45.00 -41.38
CA PRO D 4106 -12.89 -45.99 -40.37
C PRO D 4106 -13.96 -46.29 -39.33
N GLU D 4107 -14.72 -45.26 -38.92
CA GLU D 4107 -15.82 -45.49 -37.97
C GLU D 4107 -16.91 -46.35 -38.60
N ILE D 4108 -17.21 -46.12 -39.88
CA ILE D 4108 -18.23 -46.91 -40.57
C ILE D 4108 -17.80 -48.38 -40.64
N GLN D 4109 -16.52 -48.61 -40.95
CA GLN D 4109 -15.99 -49.97 -40.99
C GLN D 4109 -16.06 -50.63 -39.62
N PHE D 4110 -15.76 -49.86 -38.56
CA PHE D 4110 -15.86 -50.39 -37.20
C PHE D 4110 -17.30 -50.74 -36.86
N LEU D 4111 -18.26 -49.90 -37.28
CA LEU D 4111 -19.67 -50.19 -37.04
C LEU D 4111 -20.11 -51.46 -37.76
N LEU D 4112 -19.64 -51.66 -39.00
CA LEU D 4112 -19.93 -52.91 -39.71
C LEU D 4112 -19.30 -54.10 -38.99
N SER D 4113 -18.11 -53.92 -38.43
CA SER D 4113 -17.48 -55.00 -37.66
C SER D 4113 -18.32 -55.37 -36.43
N CYS D 4114 -18.81 -54.36 -35.71
CA CYS D 4114 -19.66 -54.62 -34.54
C CYS D 4114 -20.98 -55.27 -34.95
N SER D 4115 -21.57 -54.83 -36.06
CA SER D 4115 -22.82 -55.42 -36.51
C SER D 4115 -22.61 -56.87 -36.93
N GLU D 4116 -23.47 -57.75 -36.42
CA GLU D 4116 -23.37 -59.17 -36.75
C GLU D 4116 -23.75 -59.41 -38.20
N ALA D 4117 -22.96 -60.24 -38.88
CA ALA D 4117 -23.14 -60.47 -40.31
C ALA D 4117 -23.99 -61.69 -40.62
N ASP D 4118 -23.60 -62.86 -40.13
CA ASP D 4118 -24.34 -64.12 -40.31
C ASP D 4118 -24.51 -64.42 -41.80
N GLU D 4119 -23.40 -64.85 -42.42
CA GLU D 4119 -23.27 -65.29 -43.81
C GLU D 4119 -23.23 -64.08 -44.75
N ASN D 4120 -23.25 -62.85 -44.22
CA ASN D 4120 -23.40 -61.53 -44.86
C ASN D 4120 -24.87 -61.23 -45.16
N GLU D 4121 -25.80 -61.96 -44.54
CA GLU D 4121 -27.20 -61.59 -44.56
C GLU D 4121 -27.39 -60.21 -43.94
N MET D 4122 -28.45 -59.53 -44.37
CA MET D 4122 -28.79 -58.19 -43.93
C MET D 4122 -28.84 -58.09 -42.40
N ILE D 4123 -28.25 -57.02 -41.87
CA ILE D 4123 -28.12 -56.89 -40.42
C ILE D 4123 -29.47 -56.53 -39.81
N ASN D 4124 -29.63 -56.85 -38.53
CA ASN D 4124 -30.81 -56.46 -37.75
C ASN D 4124 -30.55 -55.07 -37.18
N PHE D 4125 -30.99 -54.04 -37.91
CA PHE D 4125 -30.64 -52.68 -37.54
C PHE D 4125 -31.31 -52.26 -36.23
N GLU D 4126 -32.53 -52.73 -35.99
CA GLU D 4126 -33.25 -52.40 -34.76
C GLU D 4126 -32.51 -52.90 -33.53
N GLU D 4127 -32.16 -54.20 -33.52
CA GLU D 4127 -31.42 -54.76 -32.39
C GLU D 4127 -30.04 -54.14 -32.29
N PHE D 4128 -29.38 -53.90 -33.44
CA PHE D 4128 -28.04 -53.32 -33.42
C PHE D 4128 -28.03 -51.93 -32.81
N ALA D 4129 -29.03 -51.11 -33.14
CA ALA D 4129 -29.12 -49.78 -32.57
C ALA D 4129 -29.56 -49.82 -31.10
N ASN D 4130 -30.48 -50.73 -30.77
CA ASN D 4130 -30.98 -50.80 -29.40
C ASN D 4130 -29.91 -51.28 -28.43
N ARG D 4131 -29.00 -52.14 -28.91
CA ARG D 4131 -27.96 -52.68 -28.05
C ARG D 4131 -27.01 -51.58 -27.60
N PHE D 4132 -26.49 -51.74 -26.37
CA PHE D 4132 -25.49 -50.91 -25.70
C PHE D 4132 -26.06 -49.58 -25.21
N GLN D 4133 -27.32 -49.29 -25.55
CA GLN D 4133 -27.92 -48.04 -25.07
C GLN D 4133 -28.31 -48.16 -23.60
N GLU D 4134 -28.79 -49.34 -23.17
CA GLU D 4134 -29.09 -49.53 -21.76
C GLU D 4134 -27.88 -49.46 -20.84
N PRO D 4135 -26.73 -50.11 -21.13
CA PRO D 4135 -25.59 -49.96 -20.21
C PRO D 4135 -25.01 -48.55 -20.17
N ALA D 4136 -25.02 -47.84 -21.29
CA ALA D 4136 -24.22 -46.62 -21.44
C ALA D 4136 -24.76 -45.48 -20.59
N ARG D 4137 -26.03 -45.53 -20.21
CA ARG D 4137 -26.69 -44.35 -19.63
C ARG D 4137 -26.08 -43.95 -18.29
N ASP D 4138 -25.70 -44.92 -17.45
CA ASP D 4138 -25.22 -44.59 -16.11
C ASP D 4138 -23.88 -43.87 -16.15
N ILE D 4139 -22.93 -44.37 -16.94
CA ILE D 4139 -21.60 -43.76 -17.00
C ILE D 4139 -21.65 -42.42 -17.73
N GLY D 4140 -22.53 -42.27 -18.71
CA GLY D 4140 -22.61 -41.03 -19.46
C GLY D 4140 -23.05 -39.85 -18.62
N PHE D 4141 -24.06 -40.07 -17.76
CA PHE D 4141 -24.53 -39.00 -16.88
C PHE D 4141 -23.43 -38.56 -15.92
N ASN D 4142 -22.68 -39.52 -15.35
CA ASN D 4142 -21.62 -39.16 -14.42
C ASN D 4142 -20.46 -38.45 -15.12
N VAL D 4143 -20.15 -38.84 -16.36
CA VAL D 4143 -19.11 -38.14 -17.12
C VAL D 4143 -19.54 -36.71 -17.43
N ALA D 4144 -20.80 -36.53 -17.83
CA ALA D 4144 -21.34 -35.21 -18.10
C ALA D 4144 -21.33 -34.33 -16.85
N VAL D 4145 -21.77 -34.90 -15.72
CA VAL D 4145 -21.79 -34.16 -14.45
C VAL D 4145 -20.39 -33.73 -14.04
N LEU D 4146 -19.41 -34.65 -14.16
CA LEU D 4146 -18.04 -34.32 -13.81
C LEU D 4146 -17.49 -33.20 -14.69
N LEU D 4147 -17.70 -33.30 -16.01
CA LEU D 4147 -17.20 -32.27 -16.91
C LEU D 4147 -17.90 -30.93 -16.66
N THR D 4148 -19.20 -30.96 -16.37
CA THR D 4148 -19.95 -29.73 -16.08
C THR D 4148 -19.45 -29.07 -14.80
N ASN D 4149 -19.23 -29.88 -13.76
CA ASN D 4149 -18.69 -29.39 -12.50
C ASN D 4149 -17.33 -28.73 -12.71
N LEU D 4150 -16.45 -29.39 -13.45
CA LEU D 4150 -15.13 -28.81 -13.73
C LEU D 4150 -15.25 -27.52 -14.54
N SER D 4151 -16.13 -27.52 -15.55
CA SER D 4151 -16.28 -26.35 -16.41
C SER D 4151 -16.78 -25.13 -15.66
N GLU D 4152 -17.70 -25.32 -14.71
CA GLU D 4152 -18.14 -24.19 -13.91
C GLU D 4152 -17.14 -23.82 -12.81
N HIS D 4153 -16.47 -24.79 -12.19
CA HIS D 4153 -15.57 -24.44 -11.10
C HIS D 4153 -14.32 -23.73 -11.61
N VAL D 4154 -13.65 -24.28 -12.62
CA VAL D 4154 -12.49 -23.61 -13.21
C VAL D 4154 -12.91 -23.00 -14.54
N PRO D 4155 -12.94 -21.67 -14.67
CA PRO D 4155 -13.41 -21.05 -15.91
C PRO D 4155 -12.31 -20.66 -16.89
N HIS D 4156 -12.67 -20.61 -18.18
CA HIS D 4156 -11.84 -20.06 -19.25
C HIS D 4156 -10.46 -20.73 -19.32
N ASP D 4157 -10.47 -22.06 -19.34
CA ASP D 4157 -9.25 -22.84 -19.52
C ASP D 4157 -9.35 -23.58 -20.85
N PRO D 4158 -8.49 -23.27 -21.83
CA PRO D 4158 -8.61 -23.93 -23.14
C PRO D 4158 -8.42 -25.43 -23.11
N ARG D 4159 -7.56 -25.92 -22.19
CA ARG D 4159 -7.30 -27.35 -22.09
C ARG D 4159 -8.56 -28.11 -21.69
N LEU D 4160 -9.39 -27.52 -20.83
CA LEU D 4160 -10.66 -28.14 -20.49
C LEU D 4160 -11.73 -27.85 -21.55
N ARG D 4161 -11.73 -26.64 -22.10
CA ARG D 4161 -12.68 -26.23 -23.15
C ARG D 4161 -12.62 -27.15 -24.38
N ASN D 4162 -11.42 -27.64 -24.72
CA ASN D 4162 -11.29 -28.59 -25.81
C ASN D 4162 -12.11 -29.85 -25.57
N PHE D 4163 -11.96 -30.45 -24.38
CA PHE D 4163 -12.74 -31.62 -24.02
C PHE D 4163 -14.23 -31.29 -23.93
N LEU D 4164 -14.55 -30.07 -23.46
CA LEU D 4164 -15.91 -29.59 -23.45
C LEU D 4164 -16.52 -29.53 -24.85
N GLU D 4165 -15.71 -29.24 -25.86
CA GLU D 4165 -16.19 -29.17 -27.24
C GLU D 4165 -16.34 -30.56 -27.83
N LEU D 4166 -15.39 -31.46 -27.56
CA LEU D 4166 -15.54 -32.84 -28.02
C LEU D 4166 -16.73 -33.53 -27.36
N ALA D 4167 -17.03 -33.19 -26.11
CA ALA D 4167 -18.10 -33.81 -25.35
C ALA D 4167 -19.43 -33.06 -25.44
N GLU D 4168 -19.57 -32.14 -26.40
CA GLU D 4168 -20.76 -31.29 -26.46
C GLU D 4168 -22.04 -32.10 -26.68
N SER D 4169 -21.97 -33.16 -27.51
CA SER D 4169 -23.17 -33.90 -27.90
C SER D 4169 -23.82 -34.59 -26.70
N ILE D 4170 -23.00 -35.26 -25.87
CA ILE D 4170 -23.54 -35.99 -24.72
C ILE D 4170 -24.10 -35.00 -23.68
N LEU D 4171 -23.43 -33.86 -23.50
CA LEU D 4171 -23.92 -32.82 -22.59
C LEU D 4171 -25.04 -32.00 -23.24
N GLU D 4172 -25.48 -32.41 -24.42
CA GLU D 4172 -26.68 -31.89 -25.07
C GLU D 4172 -27.85 -32.86 -24.93
N TYR D 4173 -27.58 -34.16 -25.10
CA TYR D 4173 -28.62 -35.16 -24.91
C TYR D 4173 -29.04 -35.26 -23.45
N PHE D 4174 -28.07 -35.34 -22.52
CA PHE D 4174 -28.44 -35.52 -21.12
C PHE D 4174 -29.03 -34.26 -20.49
N ARG D 4175 -28.74 -33.08 -21.05
CA ARG D 4175 -29.05 -31.75 -20.51
C ARG D 4175 -30.43 -31.64 -19.84
N PRO D 4176 -31.54 -32.09 -20.47
CA PRO D 4176 -32.83 -32.05 -19.75
C PRO D 4176 -32.84 -32.78 -18.40
N TYR D 4177 -32.14 -33.91 -18.30
CA TYR D 4177 -32.22 -34.76 -17.12
C TYR D 4177 -31.28 -34.34 -16.00
N LEU D 4178 -30.46 -33.32 -16.21
CA LEU D 4178 -29.54 -32.83 -15.19
C LEU D 4178 -30.10 -31.58 -14.54
N GLY D 4179 -30.05 -31.55 -13.22
CA GLY D 4179 -30.57 -30.41 -12.46
C GLY D 4179 -29.52 -29.86 -11.53
N ARG D 4180 -29.62 -28.55 -11.27
CA ARG D 4180 -28.66 -27.84 -10.44
C ARG D 4180 -29.38 -27.03 -9.38
N ILE D 4181 -28.87 -27.09 -8.15
CA ILE D 4181 -29.35 -26.23 -7.07
C ILE D 4181 -28.17 -25.60 -6.37
N GLU D 4182 -28.45 -24.52 -5.63
CA GLU D 4182 -27.46 -23.88 -4.76
C GLU D 4182 -27.97 -23.92 -3.32
N ILE D 4183 -27.09 -24.34 -2.41
CA ILE D 4183 -27.41 -24.40 -0.99
C ILE D 4183 -26.28 -23.73 -0.21
N MET D 4184 -26.56 -23.43 1.06
CA MET D 4184 -25.55 -22.92 1.99
C MET D 4184 -25.55 -23.82 3.22
N GLY D 4185 -24.35 -24.14 3.72
CA GLY D 4185 -24.25 -25.05 4.85
C GLY D 4185 -22.82 -25.38 5.28
N ALA D 4186 -22.64 -25.56 6.59
CA ALA D 4186 -21.39 -26.05 7.20
C ALA D 4186 -20.24 -25.08 7.04
N SER D 4187 -19.79 -24.87 5.80
CA SER D 4187 -18.72 -23.91 5.53
C SER D 4187 -19.21 -22.48 5.48
N ARG D 4188 -20.52 -22.24 5.66
CA ARG D 4188 -21.17 -20.93 5.53
C ARG D 4188 -20.94 -20.31 4.17
N ARG D 4189 -20.74 -21.14 3.14
CA ARG D 4189 -20.49 -20.68 1.78
C ARG D 4189 -21.38 -21.45 0.82
N ILE D 4190 -21.82 -20.76 -0.24
CA ILE D 4190 -22.75 -21.33 -1.19
C ILE D 4190 -22.07 -22.41 -2.02
N GLU D 4191 -22.77 -23.53 -2.22
CA GLU D 4191 -22.30 -24.66 -3.00
C GLU D 4191 -23.39 -25.08 -3.98
N ARG D 4192 -23.00 -25.87 -4.98
CA ARG D 4192 -23.89 -26.30 -6.05
C ARG D 4192 -24.02 -27.82 -6.03
N ILE D 4193 -25.26 -28.30 -6.13
CA ILE D 4193 -25.56 -29.73 -6.12
C ILE D 4193 -26.18 -30.12 -7.46
N TYR D 4194 -25.72 -31.24 -7.99
CA TYR D 4194 -26.15 -31.79 -9.27
C TYR D 4194 -26.92 -33.09 -9.01
N PHE D 4195 -28.04 -33.28 -9.71
CA PHE D 4195 -28.86 -34.47 -9.53
C PHE D 4195 -29.55 -34.82 -10.84
N GLU D 4196 -30.11 -36.04 -10.88
CA GLU D 4196 -30.81 -36.57 -12.05
C GLU D 4196 -32.32 -36.41 -11.86
N ILE D 4197 -32.96 -35.72 -12.82
CA ILE D 4197 -34.37 -35.35 -12.67
C ILE D 4197 -35.28 -36.55 -12.88
N SER D 4198 -35.01 -37.35 -13.94
CA SER D 4198 -35.75 -38.52 -14.42
C SER D 4198 -36.97 -38.08 -15.24
N GLU D 4199 -37.33 -38.88 -16.25
CA GLU D 4199 -38.29 -38.44 -17.26
C GLU D 4199 -39.71 -38.39 -16.74
N THR D 4200 -40.13 -39.43 -16.00
CA THR D 4200 -41.53 -39.55 -15.60
C THR D 4200 -41.95 -38.40 -14.67
N ASN D 4201 -41.07 -38.02 -13.75
CA ASN D 4201 -41.38 -36.89 -12.86
C ASN D 4201 -41.47 -35.59 -13.64
N ARG D 4202 -40.60 -35.41 -14.63
CA ARG D 4202 -40.67 -34.25 -15.52
C ARG D 4202 -42.01 -34.17 -16.24
N ALA D 4203 -42.44 -35.30 -16.82
CA ALA D 4203 -43.71 -35.31 -17.53
C ALA D 4203 -44.90 -35.06 -16.61
N GLN D 4204 -44.88 -35.68 -15.42
CA GLN D 4204 -45.96 -35.47 -14.45
C GLN D 4204 -45.99 -34.03 -13.97
N TRP D 4205 -44.83 -33.37 -13.89
CA TRP D 4205 -44.83 -31.94 -13.58
C TRP D 4205 -45.42 -31.14 -14.74
N GLU D 4206 -45.07 -31.49 -15.98
CA GLU D 4206 -45.59 -30.77 -17.14
C GLU D 4206 -47.09 -30.96 -17.32
N MET D 4207 -47.67 -32.00 -16.68
CA MET D 4207 -49.12 -32.19 -16.65
C MET D 4207 -49.81 -30.91 -16.18
N PRO D 4208 -50.85 -30.44 -16.88
CA PRO D 4208 -51.36 -29.07 -16.64
C PRO D 4208 -51.96 -28.83 -15.25
N GLN D 4209 -52.56 -29.84 -14.63
CA GLN D 4209 -53.21 -29.63 -13.34
C GLN D 4209 -52.20 -29.20 -12.27
N VAL D 4210 -51.01 -29.79 -12.30
CA VAL D 4210 -49.95 -29.37 -11.39
C VAL D 4210 -49.56 -27.92 -11.67
N LYS D 4211 -49.55 -27.51 -12.94
CA LYS D 4211 -49.26 -26.12 -13.27
C LYS D 4211 -50.31 -25.17 -12.71
N GLU D 4212 -51.60 -25.55 -12.80
CA GLU D 4212 -52.65 -24.70 -12.24
C GLU D 4212 -52.54 -24.62 -10.72
N SER D 4213 -52.27 -25.74 -10.06
CA SER D 4213 -52.08 -25.73 -8.61
C SER D 4213 -50.88 -24.88 -8.23
N LYS D 4214 -49.81 -24.94 -9.03
CA LYS D 4214 -48.63 -24.11 -8.79
C LYS D 4214 -48.95 -22.63 -8.91
N ARG D 4215 -49.72 -22.25 -9.93
CA ARG D 4215 -50.10 -20.84 -10.09
C ARG D 4215 -50.94 -20.36 -8.93
N GLN D 4216 -51.90 -21.18 -8.48
CA GLN D 4216 -52.71 -20.83 -7.32
C GLN D 4216 -51.86 -20.67 -6.07
N PHE D 4217 -50.89 -21.59 -5.88
CA PHE D 4217 -49.99 -21.51 -4.74
C PHE D 4217 -49.13 -20.24 -4.80
N ILE D 4218 -48.67 -19.86 -5.99
CA ILE D 4218 -47.92 -18.63 -6.14
C ILE D 4218 -48.75 -17.41 -5.76
N PHE D 4219 -50.00 -17.35 -6.24
CA PHE D 4219 -50.85 -16.21 -5.90
C PHE D 4219 -51.09 -16.13 -4.40
N ASP D 4220 -51.37 -17.27 -3.76
CA ASP D 4220 -51.62 -17.31 -2.33
C ASP D 4220 -50.38 -16.92 -1.54
N VAL D 4221 -49.22 -17.45 -1.91
CA VAL D 4221 -48.00 -17.20 -1.15
C VAL D 4221 -47.53 -15.76 -1.32
N VAL D 4222 -47.80 -15.14 -2.47
CA VAL D 4222 -47.32 -13.79 -2.67
C VAL D 4222 -48.27 -12.78 -2.02
N ASN D 4223 -49.58 -12.90 -2.25
CA ASN D 4223 -50.49 -11.86 -1.76
C ASN D 4223 -50.53 -11.76 -0.24
N GLU D 4224 -51.04 -12.81 0.43
CA GLU D 4224 -51.18 -12.75 1.89
C GLU D 4224 -49.92 -13.27 2.58
N GLY D 4225 -49.20 -14.18 1.92
CA GLY D 4225 -48.12 -14.96 2.53
C GLY D 4225 -46.98 -14.20 3.18
N GLY D 4226 -46.64 -14.60 4.40
CA GLY D 4226 -45.54 -13.98 5.11
C GLY D 4226 -44.18 -14.42 4.62
N GLU D 4227 -43.20 -13.53 4.84
CA GLU D 4227 -41.84 -13.77 4.37
C GLU D 4227 -41.20 -14.96 5.10
N ALA D 4228 -41.39 -15.03 6.42
CA ALA D 4228 -40.84 -16.16 7.18
C ALA D 4228 -41.59 -17.46 6.91
N GLU D 4229 -42.89 -17.38 6.57
CA GLU D 4229 -43.72 -18.54 6.35
C GLU D 4229 -43.65 -19.08 4.93
N LYS D 4230 -43.04 -18.31 4.01
CA LYS D 4230 -43.01 -18.67 2.60
C LYS D 4230 -42.31 -20.01 2.38
N MET D 4231 -41.15 -20.22 3.01
CA MET D 4231 -40.38 -21.44 2.79
C MET D 4231 -41.14 -22.67 3.28
N GLU D 4232 -41.73 -22.57 4.48
CA GLU D 4232 -42.46 -23.70 5.04
C GLU D 4232 -43.68 -24.05 4.20
N LEU D 4233 -44.42 -23.02 3.75
CA LEU D 4233 -45.56 -23.27 2.86
C LEU D 4233 -45.10 -23.90 1.54
N PHE D 4234 -43.93 -23.48 1.04
CA PHE D 4234 -43.40 -24.07 -0.19
C PHE D 4234 -43.08 -25.56 -0.01
N VAL D 4235 -42.47 -25.92 1.13
CA VAL D 4235 -42.17 -27.32 1.37
C VAL D 4235 -43.45 -28.14 1.53
N SER D 4236 -44.48 -27.57 2.16
CA SER D 4236 -45.74 -28.30 2.30
C SER D 4236 -46.42 -28.48 0.95
N PHE D 4237 -46.37 -27.45 0.09
CA PHE D 4237 -46.90 -27.56 -1.27
C PHE D 4237 -46.18 -28.66 -2.05
N CYS D 4238 -44.86 -28.73 -1.92
CA CYS D 4238 -44.11 -29.80 -2.57
C CYS D 4238 -44.52 -31.18 -2.05
N GLU D 4239 -44.70 -31.29 -0.73
CA GLU D 4239 -45.06 -32.58 -0.12
C GLU D 4239 -46.42 -33.06 -0.60
N ASP D 4240 -47.40 -32.17 -0.72
CA ASP D 4240 -48.70 -32.63 -1.25
C ASP D 4240 -48.62 -32.87 -2.76
N THR D 4241 -47.70 -32.17 -3.45
CA THR D 4241 -47.49 -32.42 -4.87
C THR D 4241 -47.02 -33.84 -5.13
N ILE D 4242 -46.13 -34.37 -4.28
CA ILE D 4242 -45.69 -35.76 -4.45
C ILE D 4242 -46.86 -36.73 -4.33
N PHE D 4243 -47.73 -36.50 -3.35
CA PHE D 4243 -48.88 -37.39 -3.16
C PHE D 4243 -49.84 -37.30 -4.34
N GLU D 4244 -50.06 -36.10 -4.87
CA GLU D 4244 -50.93 -35.96 -6.04
C GLU D 4244 -50.35 -36.69 -7.24
N MET D 4245 -49.04 -36.60 -7.45
CA MET D 4245 -48.42 -37.32 -8.56
C MET D 4245 -48.46 -38.83 -8.36
N GLN D 4246 -48.35 -39.29 -7.11
CA GLN D 4246 -48.51 -40.72 -6.85
C GLN D 4246 -49.92 -41.19 -7.17
N ILE D 4247 -50.92 -40.38 -6.83
CA ILE D 4247 -52.31 -40.70 -7.18
C ILE D 4247 -52.46 -40.77 -8.70
N ALA D 4248 -51.83 -39.82 -9.41
CA ALA D 4248 -51.89 -39.82 -10.88
C ALA D 4248 -51.21 -41.02 -11.50
N ALA D 4249 -50.09 -41.47 -10.91
CA ALA D 4249 -49.45 -42.70 -11.38
C ALA D 4249 -50.33 -43.90 -11.12
N GLN D 4250 -51.05 -43.91 -9.99
CA GLN D 4250 -51.92 -45.04 -9.67
C GLN D 4250 -53.09 -45.12 -10.66
N ILE D 4251 -53.70 -43.98 -11.01
CA ILE D 4251 -54.82 -44.05 -11.94
C ILE D 4251 -54.33 -44.33 -13.36
N SER D 4252 -53.10 -43.90 -13.68
CA SER D 4252 -52.58 -44.02 -15.04
C SER D 4252 -52.52 -45.48 -15.48
N GLU D 4253 -52.94 -45.71 -16.72
CA GLU D 4253 -52.99 -47.07 -17.28
C GLU D 4253 -52.36 -47.13 -18.66
N PHE D 4540 -66.22 -66.40 -8.79
CA PHE D 4540 -66.14 -65.19 -9.62
C PHE D 4540 -66.09 -63.92 -8.78
N TRP D 4541 -65.86 -64.09 -7.47
CA TRP D 4541 -65.71 -62.93 -6.60
C TRP D 4541 -64.47 -62.13 -6.96
N GLY D 4542 -63.37 -62.81 -7.29
CA GLY D 4542 -62.18 -62.11 -7.75
C GLY D 4542 -62.40 -61.41 -9.08
N GLU D 4543 -63.13 -62.05 -9.99
CA GLU D 4543 -63.47 -61.41 -11.26
C GLU D 4543 -64.31 -60.16 -11.05
N LEU D 4544 -65.28 -60.23 -10.13
CA LEU D 4544 -66.07 -59.05 -9.79
C LEU D 4544 -65.20 -57.96 -9.19
N GLU D 4545 -64.24 -58.34 -8.35
CA GLU D 4545 -63.35 -57.36 -7.74
C GLU D 4545 -62.48 -56.65 -8.79
N VAL D 4546 -61.89 -57.41 -9.72
CA VAL D 4546 -61.05 -56.78 -10.74
C VAL D 4546 -61.90 -55.94 -11.70
N GLN D 4547 -63.14 -56.38 -11.99
CA GLN D 4547 -64.02 -55.53 -12.80
C GLN D 4547 -64.35 -54.23 -12.08
N ARG D 4548 -64.56 -54.30 -10.75
CA ARG D 4548 -64.81 -53.08 -9.99
C ARG D 4548 -63.60 -52.15 -10.00
N VAL D 4549 -62.40 -52.71 -9.85
CA VAL D 4549 -61.18 -51.88 -9.88
C VAL D 4549 -61.00 -51.24 -11.25
N LYS D 4550 -61.26 -51.99 -12.33
CA LYS D 4550 -61.17 -51.41 -13.67
C LYS D 4550 -62.22 -50.32 -13.86
N PHE D 4551 -63.43 -50.54 -13.34
CA PHE D 4551 -64.48 -49.53 -13.42
C PHE D 4551 -64.08 -48.24 -12.72
N LEU D 4552 -63.50 -48.36 -11.52
CA LEU D 4552 -63.01 -47.17 -10.82
C LEU D 4552 -61.86 -46.50 -11.57
N ASN D 4553 -60.91 -47.30 -12.07
CA ASN D 4553 -59.74 -46.75 -12.76
C ASN D 4553 -60.12 -46.10 -14.09
N TYR D 4554 -61.28 -46.43 -14.64
CA TYR D 4554 -61.80 -45.73 -15.81
C TYR D 4554 -62.64 -44.52 -15.45
N LEU D 4555 -63.53 -44.66 -14.46
CA LEU D 4555 -64.45 -43.58 -14.10
C LEU D 4555 -63.71 -42.39 -13.49
N SER D 4556 -62.62 -42.65 -12.76
CA SER D 4556 -61.91 -41.58 -12.06
C SER D 4556 -61.30 -40.58 -13.04
N ARG D 4557 -60.77 -41.06 -14.16
CA ARG D 4557 -60.02 -40.20 -15.07
C ARG D 4557 -60.91 -39.33 -15.95
N ASN D 4558 -62.23 -39.48 -15.91
CA ASN D 4558 -63.14 -38.73 -16.76
C ASN D 4558 -64.13 -37.90 -15.95
N PHE D 4559 -63.68 -37.35 -14.82
CA PHE D 4559 -64.57 -36.63 -13.91
C PHE D 4559 -65.13 -35.36 -14.56
N TYR D 4560 -64.27 -34.57 -15.21
CA TYR D 4560 -64.72 -33.28 -15.74
C TYR D 4560 -65.64 -33.45 -16.94
N THR D 4561 -65.34 -34.41 -17.81
CA THR D 4561 -66.18 -34.65 -18.98
C THR D 4561 -67.58 -35.10 -18.57
N LEU D 4562 -67.68 -35.85 -17.46
CA LEU D 4562 -68.98 -36.17 -16.90
C LEU D 4562 -69.75 -34.92 -16.48
N ARG D 4563 -69.05 -33.95 -15.89
CA ARG D 4563 -69.71 -32.71 -15.49
C ARG D 4563 -70.17 -31.92 -16.71
N PHE D 4564 -69.37 -31.93 -17.78
CA PHE D 4564 -69.78 -31.27 -19.02
C PHE D 4564 -71.00 -31.96 -19.64
N LEU D 4565 -71.00 -33.30 -19.61
CA LEU D 4565 -72.16 -34.09 -20.00
C LEU D 4565 -73.40 -33.69 -19.19
N ALA D 4566 -73.22 -33.48 -17.88
CA ALA D 4566 -74.33 -33.02 -17.05
C ALA D 4566 -74.81 -31.64 -17.45
N LEU D 4567 -73.88 -30.75 -17.81
CA LEU D 4567 -74.24 -29.44 -18.36
C LEU D 4567 -75.12 -29.56 -19.60
N PHE D 4568 -74.66 -30.36 -20.57
CA PHE D 4568 -75.41 -30.54 -21.81
C PHE D 4568 -76.77 -31.19 -21.56
N LEU D 4569 -76.80 -32.20 -20.68
CA LEU D 4569 -78.05 -32.89 -20.37
C LEU D 4569 -79.04 -31.98 -19.66
N ALA D 4570 -78.56 -31.13 -18.75
CA ALA D 4570 -79.44 -30.18 -18.07
C ALA D 4570 -80.02 -29.17 -19.06
N PHE D 4571 -79.19 -28.67 -19.97
CA PHE D 4571 -79.69 -27.73 -20.97
C PHE D 4571 -80.71 -28.40 -21.88
N ALA D 4572 -80.43 -29.63 -22.32
CA ALA D 4572 -81.37 -30.36 -23.17
C ALA D 4572 -82.68 -30.63 -22.43
N ILE D 4573 -82.59 -30.99 -21.14
CA ILE D 4573 -83.79 -31.28 -20.35
C ILE D 4573 -84.65 -30.03 -20.22
N ASN D 4574 -84.03 -28.88 -19.95
CA ASN D 4574 -84.80 -27.64 -19.85
C ASN D 4574 -85.39 -27.23 -21.19
N PHE D 4575 -84.67 -27.47 -22.29
CA PHE D 4575 -85.21 -27.15 -23.60
C PHE D 4575 -86.40 -28.05 -23.95
N ILE D 4576 -86.31 -29.33 -23.59
CA ILE D 4576 -87.47 -30.23 -23.72
C ILE D 4576 -88.62 -29.74 -22.85
N LEU D 4577 -88.30 -29.25 -21.65
CA LEU D 4577 -89.32 -28.75 -20.73
C LEU D 4577 -90.07 -27.56 -21.32
N LEU D 4578 -89.35 -26.68 -22.04
CA LEU D 4578 -89.84 -25.36 -22.47
C LEU D 4578 -91.24 -25.32 -23.08
N PHE D 4579 -91.72 -26.42 -23.64
CA PHE D 4579 -93.03 -26.49 -24.28
C PHE D 4579 -93.99 -27.27 -23.41
N TYR D 4580 -95.06 -26.60 -22.98
CA TYR D 4580 -96.02 -27.17 -22.02
C TYR D 4580 -97.33 -26.41 -22.15
N LYS D 4581 -98.39 -26.95 -21.53
CA LYS D 4581 -99.67 -26.27 -21.56
C LYS D 4581 -100.42 -26.60 -20.28
N VAL D 4582 -101.33 -25.72 -19.90
CA VAL D 4582 -102.23 -25.91 -18.76
C VAL D 4582 -103.66 -26.00 -19.28
N SER D 4583 -104.36 -27.06 -18.89
CA SER D 4583 -105.73 -27.30 -19.34
C SER D 4583 -106.65 -27.26 -18.14
N ASP D 4584 -107.80 -26.62 -18.31
CA ASP D 4584 -108.81 -26.57 -17.26
C ASP D 4584 -109.36 -27.96 -16.97
N SER D 4585 -109.61 -28.74 -18.02
CA SER D 4585 -110.13 -30.09 -17.89
C SER D 4585 -109.23 -31.06 -18.65
N PRO D 4586 -108.94 -32.23 -18.09
CA PRO D 4586 -108.11 -33.21 -18.79
C PRO D 4586 -108.79 -33.73 -20.05
N PRO D 4587 -108.04 -33.98 -21.12
CA PRO D 4587 -108.59 -34.50 -22.38
C PRO D 4587 -108.66 -36.03 -22.40
N ASN D 4626 -108.66 -30.75 -11.05
CA ASN D 4626 -109.32 -30.26 -12.25
C ASN D 4626 -108.29 -29.86 -13.30
N MET D 4627 -107.53 -28.80 -13.01
CA MET D 4627 -106.47 -28.35 -13.91
C MET D 4627 -105.39 -29.41 -14.07
N VAL D 4628 -104.93 -29.60 -15.31
CA VAL D 4628 -103.86 -30.52 -15.64
C VAL D 4628 -102.80 -29.78 -16.44
N TYR D 4629 -101.70 -30.48 -16.72
CA TYR D 4629 -100.47 -29.87 -17.23
C TYR D 4629 -99.98 -30.64 -18.47
N TYR D 4630 -100.89 -30.90 -19.41
CA TYR D 4630 -100.53 -31.69 -20.58
C TYR D 4630 -99.59 -30.89 -21.49
N PHE D 4631 -98.81 -31.61 -22.29
CA PHE D 4631 -97.73 -30.99 -23.04
C PHE D 4631 -98.13 -30.87 -24.51
N LEU D 4632 -98.00 -29.65 -25.05
CA LEU D 4632 -98.18 -29.43 -26.47
C LEU D 4632 -97.00 -30.02 -27.23
N GLU D 4633 -97.28 -30.79 -28.27
CA GLU D 4633 -96.27 -31.61 -28.92
C GLU D 4633 -96.30 -31.39 -30.43
N GLU D 4634 -95.13 -31.10 -30.99
CA GLU D 4634 -95.00 -30.95 -32.44
C GLU D 4634 -94.94 -32.31 -33.11
N SER D 4635 -95.30 -32.33 -34.40
CA SER D 4635 -95.30 -33.55 -35.19
C SER D 4635 -93.90 -34.04 -35.56
N THR D 4636 -92.85 -33.35 -35.11
CA THR D 4636 -91.48 -33.78 -35.40
C THR D 4636 -91.16 -35.07 -34.64
N GLY D 4637 -90.18 -35.81 -35.15
CA GLY D 4637 -89.73 -37.01 -34.47
C GLY D 4637 -89.17 -36.72 -33.10
N TYR D 4638 -88.47 -35.60 -32.96
CA TYR D 4638 -88.03 -35.14 -31.65
C TYR D 4638 -89.20 -34.54 -30.87
N MET D 4639 -88.96 -34.33 -29.57
CA MET D 4639 -89.81 -33.63 -28.61
C MET D 4639 -91.00 -34.54 -28.24
N GLU D 4640 -90.94 -35.81 -28.61
CA GLU D 4640 -91.89 -36.80 -28.11
C GLU D 4640 -91.46 -37.13 -26.67
N PRO D 4641 -92.15 -37.99 -25.93
CA PRO D 4641 -91.98 -37.99 -24.50
C PRO D 4641 -90.69 -38.59 -23.91
N ALA D 4642 -89.61 -38.65 -24.71
CA ALA D 4642 -88.32 -39.24 -24.30
C ALA D 4642 -87.62 -38.47 -23.18
N LEU D 4643 -88.22 -37.42 -22.61
CA LEU D 4643 -87.68 -36.79 -21.41
C LEU D 4643 -87.53 -37.79 -20.27
N TRP D 4644 -88.46 -38.74 -20.21
CA TRP D 4644 -88.43 -39.92 -19.35
C TRP D 4644 -87.22 -40.82 -19.60
N CYS D 4645 -86.56 -40.64 -20.74
CA CYS D 4645 -85.33 -41.36 -21.03
C CYS D 4645 -84.08 -40.58 -20.64
N LEU D 4646 -84.08 -39.26 -20.88
CA LEU D 4646 -82.95 -38.43 -20.47
C LEU D 4646 -82.78 -38.36 -18.97
N SER D 4647 -83.90 -38.34 -18.21
CA SER D 4647 -83.81 -38.19 -16.76
C SER D 4647 -83.08 -39.35 -16.10
N LEU D 4648 -83.39 -40.59 -16.53
CA LEU D 4648 -82.80 -41.78 -15.93
C LEU D 4648 -81.32 -41.93 -16.22
N LEU D 4649 -80.81 -41.24 -17.25
CA LEU D 4649 -79.37 -41.21 -17.51
C LEU D 4649 -78.69 -40.06 -16.80
N HIS D 4650 -79.37 -38.90 -16.71
CA HIS D 4650 -78.80 -37.76 -15.99
C HIS D 4650 -78.57 -38.08 -14.52
N THR D 4651 -79.53 -38.78 -13.88
CA THR D 4651 -79.35 -39.11 -12.46
C THR D 4651 -78.18 -40.07 -12.25
N LEU D 4652 -78.03 -41.07 -13.12
CA LEU D 4652 -76.89 -41.98 -13.01
C LEU D 4652 -75.58 -41.25 -13.28
N VAL D 4653 -75.60 -40.26 -14.18
CA VAL D 4653 -74.43 -39.43 -14.42
C VAL D 4653 -74.05 -38.67 -13.15
N ALA D 4654 -75.05 -38.12 -12.45
CA ALA D 4654 -74.78 -37.41 -11.20
C ALA D 4654 -74.21 -38.34 -10.14
N PHE D 4655 -74.76 -39.55 -10.01
CA PHE D 4655 -74.25 -40.49 -9.01
C PHE D 4655 -72.82 -40.91 -9.35
N LEU D 4656 -72.54 -41.12 -10.64
CA LEU D 4656 -71.18 -41.41 -11.07
C LEU D 4656 -70.25 -40.24 -10.78
N CYS D 4657 -70.75 -39.01 -10.86
CA CYS D 4657 -69.94 -37.86 -10.46
C CYS D 4657 -69.63 -37.87 -8.97
N ILE D 4658 -70.59 -38.28 -8.14
CA ILE D 4658 -70.33 -38.43 -6.71
C ILE D 4658 -69.23 -39.47 -6.49
N ILE D 4659 -69.31 -40.58 -7.22
CA ILE D 4659 -68.30 -41.64 -7.13
C ILE D 4659 -66.93 -41.11 -7.55
N GLY D 4660 -66.88 -40.35 -8.65
CA GLY D 4660 -65.62 -39.78 -9.10
C GLY D 4660 -64.99 -38.85 -8.10
N TYR D 4661 -65.81 -38.02 -7.43
CA TYR D 4661 -65.29 -37.19 -6.34
C TYR D 4661 -64.70 -38.04 -5.22
N ASN D 4662 -65.44 -39.08 -4.79
CA ASN D 4662 -64.98 -39.92 -3.69
C ASN D 4662 -63.81 -40.81 -4.06
N CYS D 4663 -63.51 -40.94 -5.35
CA CYS D 4663 -62.30 -41.63 -5.79
C CYS D 4663 -61.10 -40.72 -5.93
N LEU D 4664 -61.29 -39.49 -6.43
CA LEU D 4664 -60.14 -38.62 -6.71
C LEU D 4664 -59.80 -37.69 -5.54
N LYS D 4665 -60.75 -36.84 -5.15
CA LYS D 4665 -60.37 -35.62 -4.43
C LYS D 4665 -60.02 -35.86 -2.97
N VAL D 4666 -60.79 -36.69 -2.27
CA VAL D 4666 -60.75 -36.70 -0.80
C VAL D 4666 -59.45 -37.21 -0.17
N PRO D 4667 -58.68 -38.16 -0.77
CA PRO D 4667 -57.44 -38.58 -0.08
C PRO D 4667 -56.45 -37.45 0.16
N LEU D 4668 -56.39 -36.46 -0.73
CA LEU D 4668 -55.50 -35.32 -0.52
C LEU D 4668 -55.89 -34.54 0.73
N VAL D 4669 -57.18 -34.25 0.91
CA VAL D 4669 -57.63 -33.50 2.07
C VAL D 4669 -57.38 -34.30 3.34
N ILE D 4670 -57.64 -35.61 3.30
CA ILE D 4670 -57.37 -36.46 4.46
C ILE D 4670 -55.89 -36.43 4.81
N PHE D 4671 -55.02 -36.53 3.81
CA PHE D 4671 -53.57 -36.53 4.05
C PHE D 4671 -53.11 -35.18 4.60
N LYS D 4672 -53.67 -34.07 4.11
CA LYS D 4672 -53.30 -32.76 4.63
C LYS D 4672 -53.68 -32.60 6.10
N ARG D 4673 -54.92 -32.98 6.46
CA ARG D 4673 -55.32 -32.86 7.86
C ARG D 4673 -54.49 -33.79 8.75
N GLU D 4674 -54.23 -35.00 8.27
CA GLU D 4674 -53.41 -35.94 9.04
C GLU D 4674 -51.99 -35.41 9.24
N LYS D 4675 -51.40 -34.82 8.20
CA LYS D 4675 -50.06 -34.25 8.32
C LYS D 4675 -50.04 -33.10 9.31
N GLU D 4676 -51.04 -32.22 9.25
CA GLU D 4676 -51.13 -31.11 10.19
C GLU D 4676 -51.23 -31.62 11.62
N LEU D 4677 -52.10 -32.64 11.83
CA LEU D 4677 -52.27 -33.21 13.16
C LEU D 4677 -50.98 -33.85 13.66
N ALA D 4678 -50.27 -34.58 12.78
CA ALA D 4678 -49.06 -35.27 13.20
C ALA D 4678 -47.95 -34.30 13.58
N ARG D 4679 -47.70 -33.28 12.73
CA ARG D 4679 -46.66 -32.31 13.05
C ARG D 4679 -47.00 -31.51 14.29
N LYS D 4680 -48.27 -31.12 14.44
CA LYS D 4680 -48.69 -30.40 15.65
C LYS D 4680 -48.51 -31.27 16.89
N LEU D 4681 -48.90 -32.54 16.81
CA LEU D 4681 -48.80 -33.42 17.96
C LEU D 4681 -47.35 -33.66 18.36
N GLU D 4682 -46.44 -33.78 17.40
CA GLU D 4682 -45.08 -34.21 17.76
C GLU D 4682 -44.17 -33.01 18.06
N PHE D 4683 -44.06 -32.04 17.14
CA PHE D 4683 -43.09 -30.96 17.38
C PHE D 4683 -43.51 -30.04 18.51
N ASP D 4684 -44.76 -29.56 18.51
CA ASP D 4684 -45.22 -28.60 19.51
C ASP D 4684 -46.50 -29.16 20.13
N GLY D 4685 -46.34 -29.97 21.17
CA GLY D 4685 -47.43 -30.81 21.63
C GLY D 4685 -48.64 -29.99 22.06
N LEU D 4686 -49.80 -30.37 21.53
CA LEU D 4686 -51.04 -29.67 21.76
C LEU D 4686 -52.05 -30.51 22.53
N TYR D 4687 -51.80 -31.80 22.68
CA TYR D 4687 -52.59 -32.66 23.56
C TYR D 4687 -51.81 -33.15 24.78
N ILE D 4688 -50.52 -33.41 24.63
CA ILE D 4688 -49.72 -33.95 25.73
C ILE D 4688 -49.53 -32.91 26.84
N THR D 4689 -49.19 -31.67 26.46
CA THR D 4689 -48.98 -30.63 27.46
C THR D 4689 -50.02 -29.52 27.37
N GLU D 4690 -50.10 -28.87 26.22
CA GLU D 4690 -51.13 -27.87 25.97
C GLU D 4690 -52.49 -28.51 25.74
N GLN D 4691 -53.52 -27.69 25.57
CA GLN D 4691 -54.85 -28.16 25.23
C GLN D 4691 -55.46 -27.17 24.24
N PRO D 4692 -56.39 -27.61 23.40
CA PRO D 4692 -57.06 -26.68 22.49
C PRO D 4692 -57.92 -25.69 23.24
N GLY D 4693 -58.02 -24.48 22.67
CA GLY D 4693 -58.88 -23.47 23.25
C GLY D 4693 -60.34 -23.86 23.17
N ASP D 4694 -61.12 -23.34 24.13
CA ASP D 4694 -62.55 -23.65 24.20
C ASP D 4694 -63.28 -23.16 22.95
N ASP D 4695 -63.08 -21.90 22.58
CA ASP D 4695 -63.79 -21.32 21.44
C ASP D 4695 -63.11 -21.60 20.10
N ASP D 4696 -62.82 -22.86 19.80
CA ASP D 4696 -62.38 -23.27 18.47
C ASP D 4696 -63.26 -24.39 17.94
N VAL D 4697 -63.30 -24.53 16.62
CA VAL D 4697 -64.15 -25.50 15.96
C VAL D 4697 -63.28 -26.62 15.40
N LYS D 4698 -63.75 -27.86 15.57
CA LYS D 4698 -63.18 -29.11 15.04
C LYS D 4698 -61.87 -29.50 15.70
N GLY D 4699 -61.29 -28.61 16.52
CA GLY D 4699 -60.15 -29.01 17.32
C GLY D 4699 -60.51 -30.08 18.34
N GLN D 4700 -61.71 -29.95 18.94
CA GLN D 4700 -62.24 -31.01 19.79
C GLN D 4700 -62.58 -32.25 18.97
N TRP D 4701 -63.05 -32.06 17.74
CA TRP D 4701 -63.36 -33.19 16.86
C TRP D 4701 -62.12 -34.01 16.50
N ASP D 4702 -60.95 -33.37 16.48
CA ASP D 4702 -59.71 -34.12 16.22
C ASP D 4702 -59.41 -35.17 17.29
N ARG D 4703 -60.03 -35.05 18.47
CA ARG D 4703 -59.74 -35.97 19.57
C ARG D 4703 -60.12 -37.41 19.23
N LEU D 4704 -61.15 -37.59 18.40
CA LEU D 4704 -61.68 -38.93 18.15
C LEU D 4704 -60.68 -39.83 17.44
N VAL D 4705 -59.92 -39.27 16.50
CA VAL D 4705 -59.05 -40.10 15.66
C VAL D 4705 -57.82 -40.61 16.41
N LEU D 4706 -57.47 -39.99 17.54
CA LEU D 4706 -56.23 -40.33 18.23
C LEU D 4706 -56.25 -41.75 18.78
N ASN D 4707 -57.38 -42.16 19.36
CA ASN D 4707 -57.47 -43.49 19.97
C ASN D 4707 -57.45 -44.60 18.93
N THR D 4708 -57.94 -44.31 17.71
CA THR D 4708 -58.01 -45.30 16.66
C THR D 4708 -56.63 -45.88 16.34
N PRO D 4709 -56.47 -47.20 16.32
CA PRO D 4709 -55.16 -47.79 15.98
C PRO D 4709 -54.69 -47.44 14.58
N SER D 4710 -55.60 -47.37 13.62
CA SER D 4710 -55.25 -47.03 12.23
C SER D 4710 -55.28 -45.52 11.99
N PHE D 4711 -54.57 -44.76 12.81
CA PHE D 4711 -54.43 -43.32 12.63
C PHE D 4711 -53.63 -42.99 11.37
N PRO D 4712 -52.37 -43.48 11.20
CA PRO D 4712 -51.65 -43.01 9.99
C PRO D 4712 -52.01 -43.82 8.74
N SER D 4713 -53.25 -43.64 8.27
CA SER D 4713 -53.68 -44.36 7.08
C SER D 4713 -53.01 -43.82 5.82
N ASN D 4714 -52.96 -42.50 5.65
CA ASN D 4714 -52.48 -41.92 4.41
C ASN D 4714 -51.18 -41.14 4.54
N TYR D 4715 -50.78 -40.73 5.74
CA TYR D 4715 -49.51 -40.04 5.91
C TYR D 4715 -48.37 -41.04 5.73
N TRP D 4716 -47.22 -40.54 5.25
CA TRP D 4716 -46.15 -41.43 4.81
C TRP D 4716 -45.53 -42.23 5.95
N ASP D 4717 -45.44 -41.67 7.16
CA ASP D 4717 -44.72 -42.29 8.25
C ASP D 4717 -45.69 -42.80 9.29
N LYS D 4718 -45.52 -44.06 9.67
CA LYS D 4718 -46.35 -44.71 10.68
C LYS D 4718 -45.74 -44.67 12.08
N PHE D 4719 -44.52 -44.14 12.21
CA PHE D 4719 -43.76 -44.20 13.45
C PHE D 4719 -43.93 -42.98 14.34
N VAL D 4720 -44.84 -42.06 13.99
CA VAL D 4720 -45.08 -40.88 14.81
C VAL D 4720 -45.60 -41.29 16.19
N LYS D 4721 -46.43 -42.34 16.23
CA LYS D 4721 -46.98 -42.83 17.49
C LYS D 4721 -45.87 -43.22 18.48
N ARG D 4722 -44.87 -43.95 18.01
CA ARG D 4722 -43.73 -44.29 18.86
C ARG D 4722 -42.86 -43.06 19.14
N LYS D 4723 -42.68 -42.20 18.13
CA LYS D 4723 -41.76 -41.06 18.26
C LYS D 4723 -42.22 -40.07 19.33
N VAL D 4724 -43.54 -39.80 19.40
CA VAL D 4724 -44.05 -38.85 20.38
C VAL D 4724 -43.80 -39.37 21.79
N LEU D 4725 -44.07 -40.66 22.02
CA LEU D 4725 -43.79 -41.27 23.32
C LEU D 4725 -42.30 -41.26 23.63
N ASP D 4726 -41.46 -41.56 22.63
CA ASP D 4726 -40.02 -41.63 22.85
C ASP D 4726 -39.43 -40.26 23.17
N LYS D 4727 -40.06 -39.19 22.68
CA LYS D 4727 -39.57 -37.84 22.97
C LYS D 4727 -40.12 -37.32 24.30
N HIS D 4728 -41.43 -37.26 24.46
CA HIS D 4728 -42.05 -36.65 25.63
C HIS D 4728 -42.41 -37.62 26.73
N GLY D 4729 -41.91 -38.86 26.69
CA GLY D 4729 -42.30 -39.85 27.68
C GLY D 4729 -41.79 -39.54 29.08
N ASP D 4730 -40.57 -39.00 29.18
CA ASP D 4730 -39.95 -38.84 30.50
C ASP D 4730 -40.61 -37.71 31.31
N ILE D 4731 -41.04 -36.63 30.63
CA ILE D 4731 -41.51 -35.44 31.32
C ILE D 4731 -42.92 -35.63 31.89
N PHE D 4732 -43.66 -36.63 31.41
CA PHE D 4732 -45.05 -36.84 31.79
C PHE D 4732 -45.26 -38.31 32.11
N GLY D 4733 -46.46 -38.62 32.61
CA GLY D 4733 -46.81 -40.01 32.87
C GLY D 4733 -46.82 -40.85 31.62
N ARG D 4734 -45.96 -41.87 31.59
CA ARG D 4734 -45.87 -42.76 30.44
C ARG D 4734 -47.18 -43.49 30.20
N GLU D 4735 -47.79 -43.98 31.29
CA GLU D 4735 -49.10 -44.60 31.18
C GLU D 4735 -50.15 -43.59 30.76
N ARG D 4736 -49.97 -42.32 31.11
CA ARG D 4736 -50.90 -41.29 30.65
C ARG D 4736 -50.82 -41.10 29.14
N ILE D 4737 -49.61 -41.11 28.58
CA ILE D 4737 -49.48 -41.10 27.12
C ILE D 4737 -50.06 -42.37 26.52
N ALA D 4738 -49.87 -43.51 27.20
CA ALA D 4738 -50.40 -44.78 26.69
C ALA D 4738 -51.92 -44.80 26.64
N GLU D 4739 -52.58 -44.25 27.66
CA GLU D 4739 -54.03 -44.16 27.63
C GLU D 4739 -54.50 -43.07 26.66
N LEU D 4740 -53.68 -42.02 26.47
CA LEU D 4740 -54.05 -40.98 25.51
C LEU D 4740 -54.08 -41.53 24.08
N LEU D 4741 -53.03 -42.24 23.67
CA LEU D 4741 -53.05 -42.95 22.40
C LEU D 4741 -52.64 -44.39 22.65
N GLY D 4742 -53.53 -45.33 22.29
CA GLY D 4742 -53.46 -46.70 22.75
C GLY D 4742 -52.37 -47.55 22.12
N MET D 4743 -51.11 -47.22 22.47
CA MET D 4743 -49.96 -47.92 21.89
C MET D 4743 -49.93 -49.39 22.32
N ASP D 4744 -50.26 -49.66 23.58
CA ASP D 4744 -50.30 -50.98 24.22
C ASP D 4744 -48.87 -51.38 24.57
N LEU D 4745 -48.67 -52.06 25.70
CA LEU D 4745 -47.31 -52.30 26.17
C LEU D 4745 -46.64 -53.43 25.41
N ALA D 4746 -46.68 -53.35 24.08
CA ALA D 4746 -45.77 -54.05 23.18
C ALA D 4746 -44.71 -53.08 22.66
N SER D 4747 -44.33 -52.12 23.52
CA SER D 4747 -43.39 -51.07 23.13
C SER D 4747 -42.05 -51.65 22.70
N LEU D 4748 -41.67 -52.80 23.26
CA LEU D 4748 -40.60 -53.61 22.70
C LEU D 4748 -41.16 -54.36 21.49
N GLU D 4749 -41.47 -53.59 20.44
CA GLU D 4749 -41.99 -54.16 19.21
C GLU D 4749 -40.95 -55.04 18.52
N ILE D 4750 -39.67 -54.81 18.83
CA ILE D 4750 -38.58 -55.60 18.28
C ILE D 4750 -38.70 -57.08 18.69
N THR D 4751 -39.19 -57.34 19.92
CA THR D 4751 -39.34 -58.71 20.38
C THR D 4751 -40.39 -59.46 19.56
N ALA D 4752 -41.50 -58.80 19.24
CA ALA D 4752 -42.53 -59.44 18.44
C ALA D 4752 -42.15 -59.50 16.96
N HIS D 4753 -41.42 -58.49 16.48
CA HIS D 4753 -40.97 -58.48 15.09
C HIS D 4753 -39.95 -59.57 14.82
N ASN D 4754 -39.14 -59.92 15.83
CA ASN D 4754 -38.15 -60.98 15.65
C ASN D 4754 -38.80 -62.32 15.34
N GLU D 4755 -40.00 -62.56 15.90
CA GLU D 4755 -40.67 -63.85 15.72
C GLU D 4755 -41.01 -64.10 14.26
N ARG D 4756 -41.61 -63.12 13.59
CA ARG D 4756 -42.00 -63.21 12.19
C ARG D 4756 -42.47 -61.84 11.73
N LYS D 4757 -42.54 -61.68 10.42
CA LYS D 4757 -43.14 -60.56 9.72
C LYS D 4757 -44.65 -60.76 9.61
N PRO D 4758 -45.42 -59.68 9.49
CA PRO D 4758 -46.88 -59.84 9.38
C PRO D 4758 -47.28 -60.42 8.04
N ASP D 4759 -48.15 -61.44 8.09
CA ASP D 4759 -48.67 -62.15 6.93
C ASP D 4759 -50.06 -61.64 6.59
N PRO D 4760 -50.29 -61.17 5.36
CA PRO D 4760 -51.60 -60.61 5.01
C PRO D 4760 -52.64 -61.70 4.80
N PRO D 4761 -53.70 -61.70 5.58
CA PRO D 4761 -54.77 -62.67 5.38
C PRO D 4761 -55.81 -62.14 4.39
N PRO D 4762 -56.52 -63.03 3.70
CA PRO D 4762 -57.62 -62.57 2.85
C PRO D 4762 -58.76 -62.01 3.68
N GLY D 4763 -59.21 -60.81 3.30
CA GLY D 4763 -60.28 -60.14 4.00
C GLY D 4763 -61.63 -60.15 3.32
N LEU D 4764 -61.77 -60.88 2.20
CA LEU D 4764 -63.00 -60.84 1.43
C LEU D 4764 -64.14 -61.53 2.18
N LEU D 4765 -65.31 -60.89 2.18
CA LEU D 4765 -66.57 -61.33 2.77
C LEU D 4765 -66.56 -61.31 4.30
N THR D 4766 -65.43 -60.99 4.91
CA THR D 4766 -65.36 -60.79 6.35
C THR D 4766 -65.16 -59.33 6.74
N TRP D 4767 -65.12 -58.42 5.76
CA TRP D 4767 -64.78 -57.03 6.00
C TRP D 4767 -65.85 -56.29 6.80
N LEU D 4768 -67.11 -56.73 6.72
CA LEU D 4768 -68.23 -55.95 7.25
C LEU D 4768 -68.13 -55.75 8.76
N MET D 4769 -67.67 -56.76 9.50
CA MET D 4769 -67.41 -56.59 10.92
C MET D 4769 -65.95 -56.28 11.21
N SER D 4770 -65.06 -56.52 10.25
CA SER D 4770 -63.63 -56.25 10.46
C SER D 4770 -63.34 -54.76 10.52
N ILE D 4771 -64.08 -53.96 9.74
CA ILE D 4771 -63.77 -52.53 9.62
C ILE D 4771 -64.00 -51.82 10.95
N ASP D 4772 -62.97 -51.12 11.43
CA ASP D 4772 -63.08 -50.26 12.60
C ASP D 4772 -63.91 -49.02 12.25
N VAL D 4773 -64.75 -48.58 13.18
CA VAL D 4773 -65.80 -47.61 12.87
C VAL D 4773 -65.42 -46.18 13.23
N LYS D 4774 -64.55 -46.00 14.23
CA LYS D 4774 -64.25 -44.65 14.72
C LYS D 4774 -63.49 -43.82 13.69
N TYR D 4775 -62.52 -44.44 13.01
CA TYR D 4775 -61.78 -43.74 11.96
C TYR D 4775 -62.72 -43.34 10.82
N GLN D 4776 -63.65 -44.23 10.46
CA GLN D 4776 -64.63 -43.90 9.43
C GLN D 4776 -65.57 -42.78 9.89
N ILE D 4777 -65.89 -42.73 11.18
CA ILE D 4777 -66.73 -41.64 11.69
C ILE D 4777 -66.00 -40.30 11.54
N TRP D 4778 -64.72 -40.26 11.93
CA TRP D 4778 -63.93 -39.04 11.78
C TRP D 4778 -63.79 -38.64 10.31
N LYS D 4779 -63.55 -39.63 9.45
CA LYS D 4779 -63.47 -39.40 8.01
C LYS D 4779 -64.79 -38.89 7.45
N PHE D 4780 -65.91 -39.44 7.92
CA PHE D 4780 -67.22 -38.98 7.49
C PHE D 4780 -67.44 -37.53 7.89
N GLY D 4781 -67.00 -37.17 9.10
CA GLY D 4781 -67.12 -35.79 9.54
C GLY D 4781 -66.37 -34.83 8.63
N VAL D 4782 -65.11 -35.14 8.33
CA VAL D 4782 -64.34 -34.21 7.50
C VAL D 4782 -64.86 -34.18 6.07
N ILE D 4783 -65.28 -35.34 5.53
CA ILE D 4783 -65.84 -35.35 4.18
C ILE D 4783 -67.10 -34.52 4.10
N PHE D 4784 -68.00 -34.67 5.08
CA PHE D 4784 -69.24 -33.90 5.04
C PHE D 4784 -69.00 -32.41 5.27
N THR D 4785 -68.01 -32.06 6.09
CA THR D 4785 -67.73 -30.63 6.27
C THR D 4785 -66.92 -30.04 5.14
N ASP D 4786 -66.36 -30.86 4.25
CA ASP D 4786 -65.77 -30.32 3.02
C ASP D 4786 -66.88 -29.74 2.16
N ASN D 4787 -66.63 -28.54 1.61
CA ASN D 4787 -67.69 -27.76 1.00
C ASN D 4787 -68.22 -28.37 -0.29
N SER D 4788 -67.32 -28.85 -1.15
CA SER D 4788 -67.72 -29.26 -2.50
C SER D 4788 -68.54 -30.54 -2.49
N PHE D 4789 -68.25 -31.45 -1.55
CA PHE D 4789 -68.98 -32.70 -1.49
C PHE D 4789 -70.46 -32.46 -1.16
N LEU D 4790 -70.74 -31.49 -0.28
CA LEU D 4790 -72.11 -31.09 -0.02
C LEU D 4790 -72.78 -30.50 -1.27
N TYR D 4791 -72.02 -29.74 -2.06
CA TYR D 4791 -72.54 -29.20 -3.31
C TYR D 4791 -72.94 -30.31 -4.28
N LEU D 4792 -72.07 -31.31 -4.43
CA LEU D 4792 -72.39 -32.44 -5.32
C LEU D 4792 -73.54 -33.27 -4.77
N GLY D 4793 -73.59 -33.46 -3.46
CA GLY D 4793 -74.70 -34.18 -2.85
C GLY D 4793 -76.02 -33.47 -3.03
N TRP D 4794 -76.03 -32.14 -2.92
CA TRP D 4794 -77.22 -31.36 -3.18
C TRP D 4794 -77.65 -31.47 -4.63
N TYR D 4795 -76.68 -31.47 -5.55
CA TYR D 4795 -76.99 -31.69 -6.97
C TYR D 4795 -77.63 -33.05 -7.20
N MET D 4796 -77.11 -34.09 -6.53
CA MET D 4796 -77.67 -35.43 -6.71
C MET D 4796 -79.05 -35.56 -6.08
N VAL D 4797 -79.24 -34.96 -4.90
CA VAL D 4797 -80.55 -34.99 -4.24
C VAL D 4797 -81.59 -34.27 -5.10
N MET D 4798 -81.21 -33.16 -5.72
CA MET D 4798 -82.16 -32.48 -6.59
C MET D 4798 -82.40 -33.26 -7.89
N SER D 4799 -81.44 -34.06 -8.35
CA SER D 4799 -81.74 -35.00 -9.43
C SER D 4799 -82.78 -36.05 -8.99
N LEU D 4800 -82.62 -36.55 -7.76
CA LEU D 4800 -83.57 -37.52 -7.22
C LEU D 4800 -84.98 -36.93 -7.14
N LEU D 4801 -85.08 -35.69 -6.67
CA LEU D 4801 -86.38 -35.00 -6.72
C LEU D 4801 -86.79 -34.66 -8.14
N GLY D 4802 -85.83 -34.56 -9.07
CA GLY D 4802 -86.16 -34.31 -10.46
C GLY D 4802 -86.82 -35.50 -11.12
N HIS D 4803 -86.61 -36.69 -10.55
CA HIS D 4803 -87.42 -37.83 -11.00
C HIS D 4803 -88.92 -37.59 -10.82
N TYR D 4804 -89.34 -37.07 -9.67
CA TYR D 4804 -90.70 -36.53 -9.52
C TYR D 4804 -90.69 -35.05 -9.93
N ASN D 4805 -90.75 -34.86 -11.25
CA ASN D 4805 -90.05 -33.74 -11.90
C ASN D 4805 -90.66 -32.41 -11.48
N ASN D 4806 -91.98 -32.26 -11.59
CA ASN D 4806 -92.64 -30.97 -11.47
C ASN D 4806 -91.93 -29.97 -12.38
N PHE D 4807 -91.22 -29.00 -11.82
CA PHE D 4807 -90.23 -28.22 -12.54
C PHE D 4807 -88.96 -28.07 -11.72
N PHE D 4808 -88.54 -29.16 -11.08
CA PHE D 4808 -87.35 -29.12 -10.23
C PHE D 4808 -86.07 -28.96 -11.06
N PHE D 4809 -86.05 -29.46 -12.29
CA PHE D 4809 -84.83 -29.50 -13.09
C PHE D 4809 -84.28 -28.12 -13.42
N ALA D 4810 -85.11 -27.08 -13.32
CA ALA D 4810 -84.66 -25.73 -13.65
C ALA D 4810 -83.54 -25.27 -12.72
N ALA D 4811 -83.57 -25.72 -11.46
CA ALA D 4811 -82.56 -25.32 -10.48
C ALA D 4811 -81.17 -25.82 -10.84
N HIS D 4812 -81.07 -26.91 -11.60
CA HIS D 4812 -79.78 -27.48 -11.95
C HIS D 4812 -78.95 -26.52 -12.81
N LEU D 4813 -79.61 -25.62 -13.53
CA LEU D 4813 -78.91 -24.70 -14.43
C LEU D 4813 -77.96 -23.79 -13.68
N LEU D 4814 -78.38 -23.28 -12.52
CA LEU D 4814 -77.55 -22.32 -11.78
C LEU D 4814 -76.26 -22.96 -11.29
N ASP D 4815 -76.36 -24.12 -10.60
CA ASP D 4815 -75.17 -24.73 -10.04
C ASP D 4815 -74.28 -25.31 -11.14
N ILE D 4816 -74.88 -25.77 -12.24
CA ILE D 4816 -74.05 -26.20 -13.36
C ILE D 4816 -73.40 -25.01 -14.06
N ALA D 4817 -74.07 -23.84 -14.05
CA ALA D 4817 -73.54 -22.65 -14.72
C ALA D 4817 -72.39 -22.03 -13.95
N MET D 4818 -72.38 -22.18 -12.62
CA MET D 4818 -71.25 -21.65 -11.85
C MET D 4818 -69.91 -22.28 -12.26
N GLY D 4819 -69.96 -23.47 -12.87
CA GLY D 4819 -68.73 -24.15 -13.28
C GLY D 4819 -67.95 -23.37 -14.34
N VAL D 4820 -68.65 -22.63 -15.19
CA VAL D 4820 -68.01 -21.90 -16.29
C VAL D 4820 -66.98 -20.92 -15.74
N LYS D 4821 -65.77 -20.97 -16.30
CA LYS D 4821 -64.61 -20.32 -15.71
C LYS D 4821 -64.76 -18.79 -15.67
N THR D 4822 -65.26 -18.21 -16.76
CA THR D 4822 -65.36 -16.75 -16.84
C THR D 4822 -66.36 -16.20 -15.83
N LEU D 4823 -67.43 -16.96 -15.57
CA LEU D 4823 -68.47 -16.51 -14.64
C LEU D 4823 -67.95 -16.42 -13.21
N ARG D 4824 -66.97 -17.25 -12.87
CA ARG D 4824 -66.52 -17.39 -11.49
C ARG D 4824 -65.99 -16.07 -10.93
N THR D 4825 -65.20 -15.35 -11.71
CA THR D 4825 -64.67 -14.07 -11.26
C THR D 4825 -65.80 -13.07 -11.03
N ILE D 4826 -66.79 -13.05 -11.92
CA ILE D 4826 -67.92 -12.14 -11.79
C ILE D 4826 -68.71 -12.42 -10.51
N LEU D 4827 -68.97 -13.70 -10.23
CA LEU D 4827 -69.70 -14.03 -9.00
C LEU D 4827 -68.85 -13.78 -7.76
N SER D 4828 -67.54 -14.04 -7.84
CA SER D 4828 -66.66 -13.84 -6.70
C SER D 4828 -66.50 -12.35 -6.37
N SER D 4829 -66.67 -11.49 -7.38
CA SER D 4829 -66.53 -10.05 -7.16
C SER D 4829 -67.54 -9.52 -6.15
N VAL D 4830 -68.81 -9.94 -6.28
CA VAL D 4830 -69.81 -9.55 -5.28
C VAL D 4830 -69.53 -10.26 -3.96
N THR D 4831 -68.95 -11.45 -4.02
CA THR D 4831 -68.63 -12.21 -2.81
C THR D 4831 -67.58 -11.50 -1.97
N HIS D 4832 -66.65 -10.80 -2.62
CA HIS D 4832 -65.48 -10.18 -2.01
C HIS D 4832 -65.93 -9.18 -0.94
N ASN D 4833 -66.71 -8.16 -1.34
CA ASN D 4833 -67.18 -7.17 -0.37
C ASN D 4833 -68.15 -7.77 0.64
N GLY D 4834 -69.15 -8.53 0.16
CA GLY D 4834 -70.08 -9.21 1.05
C GLY D 4834 -70.78 -8.39 2.12
N LYS D 4835 -70.36 -8.62 3.37
CA LYS D 4835 -71.02 -8.17 4.60
C LYS D 4835 -71.57 -6.74 4.53
N GLN D 4836 -70.86 -5.85 3.83
CA GLN D 4836 -71.28 -4.45 3.76
C GLN D 4836 -72.64 -4.30 3.09
N LEU D 4837 -72.92 -5.14 2.09
CA LEU D 4837 -74.20 -5.07 1.40
C LEU D 4837 -75.35 -5.39 2.35
N VAL D 4838 -75.21 -6.47 3.13
CA VAL D 4838 -76.24 -6.86 4.09
C VAL D 4838 -76.40 -5.81 5.18
N MET D 4839 -75.28 -5.22 5.62
CA MET D 4839 -75.37 -4.13 6.60
C MET D 4839 -76.13 -2.94 6.03
N THR D 4840 -75.93 -2.66 4.74
CA THR D 4840 -76.66 -1.56 4.11
C THR D 4840 -78.16 -1.86 4.03
N VAL D 4841 -78.54 -3.11 3.74
CA VAL D 4841 -79.96 -3.46 3.75
C VAL D 4841 -80.54 -3.35 5.16
N GLY D 4842 -79.75 -3.70 6.19
CA GLY D 4842 -80.21 -3.51 7.55
C GLY D 4842 -80.42 -2.04 7.89
N LEU D 4843 -79.50 -1.18 7.43
CA LEU D 4843 -79.66 0.27 7.60
C LEU D 4843 -80.89 0.78 6.89
N LEU D 4844 -81.16 0.27 5.68
CA LEU D 4844 -82.36 0.65 4.95
C LEU D 4844 -83.63 0.23 5.71
N ALA D 4845 -83.64 -0.98 6.26
CA ALA D 4845 -84.80 -1.43 7.01
C ALA D 4845 -85.03 -0.57 8.24
N VAL D 4846 -83.97 -0.23 8.96
CA VAL D 4846 -84.13 0.57 10.17
C VAL D 4846 -84.57 2.00 9.83
N VAL D 4847 -84.08 2.56 8.72
CA VAL D 4847 -84.48 3.92 8.34
C VAL D 4847 -85.94 3.93 7.86
N VAL D 4848 -86.37 2.86 7.19
CA VAL D 4848 -87.77 2.79 6.76
C VAL D 4848 -88.69 2.65 7.97
N TYR D 4849 -88.28 1.88 8.98
CA TYR D 4849 -89.07 1.79 10.21
C TYR D 4849 -89.14 3.14 10.92
N LEU D 4850 -88.02 3.87 10.97
CA LEU D 4850 -88.01 5.18 11.60
C LEU D 4850 -88.94 6.15 10.88
N TYR D 4851 -88.93 6.13 9.54
CA TYR D 4851 -89.87 6.95 8.78
C TYR D 4851 -91.30 6.49 8.99
N THR D 4852 -91.52 5.19 9.18
CA THR D 4852 -92.86 4.66 9.38
C THR D 4852 -93.47 5.16 10.69
N VAL D 4853 -92.65 5.33 11.72
CA VAL D 4853 -93.17 5.85 12.99
C VAL D 4853 -93.74 7.26 12.81
N VAL D 4854 -92.95 8.14 12.19
CA VAL D 4854 -93.40 9.52 11.93
C VAL D 4854 -94.60 9.52 10.99
N ALA D 4855 -94.58 8.63 10.00
CA ALA D 4855 -95.70 8.50 9.07
C ALA D 4855 -96.98 8.09 9.78
N PHE D 4856 -96.87 7.17 10.75
CA PHE D 4856 -98.01 6.79 11.57
C PHE D 4856 -98.53 7.96 12.37
N ASN D 4857 -97.64 8.77 12.93
CA ASN D 4857 -98.10 9.82 13.85
C ASN D 4857 -99.00 10.88 13.23
N PHE D 4858 -98.48 11.70 12.31
CA PHE D 4858 -99.27 12.83 11.80
C PHE D 4858 -99.97 12.50 10.49
N PHE D 4859 -99.29 11.82 9.58
CA PHE D 4859 -99.69 11.81 8.17
C PHE D 4859 -100.76 10.77 7.85
N ARG D 4860 -101.48 10.33 8.89
CA ARG D 4860 -102.52 9.31 8.78
C ARG D 4860 -103.59 9.70 7.76
N LYS D 4861 -104.02 10.98 7.81
CA LYS D 4861 -105.07 11.44 6.90
C LYS D 4861 -104.61 11.44 5.45
N PHE D 4862 -103.33 11.73 5.21
CA PHE D 4862 -102.79 11.68 3.86
C PHE D 4862 -102.66 10.25 3.35
N TYR D 4863 -102.30 9.30 4.24
CA TYR D 4863 -101.96 7.96 3.79
C TYR D 4863 -103.12 7.21 3.15
N ASN D 4864 -104.37 7.58 3.45
CA ASN D 4864 -105.50 6.82 2.93
C ASN D 4864 -105.75 7.08 1.45
N LYS D 4865 -104.84 6.61 0.60
CA LYS D 4865 -104.91 6.93 -0.83
C LYS D 4865 -106.12 6.29 -1.52
N SER D 4866 -106.39 5.02 -1.22
CA SER D 4866 -107.20 4.20 -2.11
C SER D 4866 -108.69 4.56 -2.05
N GLU D 4867 -109.33 4.50 -3.22
CA GLU D 4867 -110.78 4.44 -3.44
C GLU D 4867 -111.46 5.80 -3.33
N ASP D 4868 -112.76 5.84 -3.62
CA ASP D 4868 -113.56 7.04 -3.58
C ASP D 4868 -114.89 6.75 -2.89
N GLU D 4869 -115.46 7.78 -2.25
CA GLU D 4869 -116.76 7.72 -1.59
C GLU D 4869 -116.71 6.63 -0.52
N ASP D 4870 -117.58 5.62 -0.56
CA ASP D 4870 -117.60 4.59 0.47
C ASP D 4870 -116.31 3.77 0.44
N GLU D 4871 -115.90 3.33 1.63
CA GLU D 4871 -114.70 2.55 1.87
C GLU D 4871 -113.42 3.17 1.31
N PRO D 4872 -113.02 4.37 1.73
CA PRO D 4872 -111.63 4.76 1.51
C PRO D 4872 -110.72 3.85 2.34
N ASP D 4873 -109.58 3.50 1.78
CA ASP D 4873 -108.68 2.55 2.41
C ASP D 4873 -107.42 3.26 2.89
N MET D 4874 -107.11 3.09 4.18
CA MET D 4874 -105.87 3.56 4.77
C MET D 4874 -105.00 2.35 5.05
N LYS D 4875 -103.88 2.27 4.32
CA LYS D 4875 -102.88 1.26 4.64
C LYS D 4875 -102.24 1.52 5.99
N CYS D 4876 -102.02 2.80 6.32
CA CYS D 4876 -101.34 3.18 7.56
C CYS D 4876 -102.37 3.40 8.66
N ASP D 4877 -103.06 2.31 9.01
CA ASP D 4877 -103.90 2.27 10.21
C ASP D 4877 -103.34 1.35 11.29
N ASP D 4878 -102.46 0.43 10.91
CA ASP D 4878 -101.62 -0.29 11.85
C ASP D 4878 -100.21 -0.19 11.31
N MET D 4879 -99.23 -0.05 12.21
CA MET D 4879 -97.87 0.21 11.73
C MET D 4879 -97.27 -1.02 11.05
N MET D 4880 -97.78 -2.21 11.37
CA MET D 4880 -97.43 -3.39 10.59
C MET D 4880 -97.77 -3.22 9.10
N THR D 4881 -99.02 -2.86 8.80
CA THR D 4881 -99.44 -2.67 7.42
C THR D 4881 -98.78 -1.45 6.81
N CYS D 4882 -98.55 -0.41 7.62
CA CYS D 4882 -97.82 0.76 7.15
C CYS D 4882 -96.39 0.40 6.76
N TYR D 4883 -95.70 -0.41 7.58
CA TYR D 4883 -94.33 -0.80 7.30
C TYR D 4883 -94.25 -1.68 6.06
N LEU D 4884 -95.16 -2.66 5.94
CA LEU D 4884 -95.16 -3.53 4.78
C LEU D 4884 -95.51 -2.77 3.51
N PHE D 4885 -96.54 -1.92 3.57
CA PHE D 4885 -96.94 -1.09 2.44
C PHE D 4885 -95.81 -0.14 2.04
N HIS D 4886 -95.16 0.48 3.01
CA HIS D 4886 -94.05 1.39 2.81
C HIS D 4886 -92.93 0.70 2.07
N MET D 4887 -92.37 -0.37 2.66
CA MET D 4887 -91.31 -1.13 2.00
C MET D 4887 -91.73 -1.53 0.59
N TYR D 4888 -92.82 -2.31 0.50
CA TYR D 4888 -93.31 -2.95 -0.70
C TYR D 4888 -93.50 -1.96 -1.86
N VAL D 4889 -94.36 -0.97 -1.70
CA VAL D 4889 -94.64 -0.10 -2.84
C VAL D 4889 -93.62 1.04 -2.95
N GLY D 4890 -93.20 1.63 -1.82
CA GLY D 4890 -92.37 2.82 -1.90
C GLY D 4890 -90.96 2.52 -2.37
N VAL D 4891 -90.32 1.49 -1.82
CA VAL D 4891 -88.96 1.16 -2.22
C VAL D 4891 -88.94 0.70 -3.68
N ARG D 4892 -89.94 -0.06 -4.08
CA ARG D 4892 -90.04 -0.55 -5.45
C ARG D 4892 -90.30 0.59 -6.43
N ALA D 4893 -91.06 1.60 -6.00
CA ALA D 4893 -91.54 2.64 -6.91
C ALA D 4893 -90.38 3.44 -7.51
N GLY D 4894 -89.51 3.96 -6.66
CA GLY D 4894 -88.34 4.69 -7.10
C GLY D 4894 -88.55 6.18 -7.27
N GLY D 4895 -89.80 6.63 -7.35
CA GLY D 4895 -90.12 8.04 -7.39
C GLY D 4895 -90.38 8.67 -6.04
N GLY D 4896 -90.31 7.86 -4.98
CA GLY D 4896 -90.59 8.32 -3.64
C GLY D 4896 -91.96 7.87 -3.16
N ILE D 4897 -92.16 8.01 -1.84
CA ILE D 4897 -93.41 7.61 -1.22
C ILE D 4897 -94.56 8.50 -1.68
N GLY D 4898 -94.24 9.76 -2.04
CA GLY D 4898 -95.28 10.74 -2.31
C GLY D 4898 -96.16 10.41 -3.51
N ASP D 4899 -95.63 9.61 -4.45
CA ASP D 4899 -96.40 9.28 -5.65
C ASP D 4899 -97.66 8.49 -5.30
N GLU D 4900 -97.57 7.58 -4.32
CA GLU D 4900 -98.76 6.84 -3.90
C GLU D 4900 -99.68 7.73 -3.07
N ILE D 4901 -99.11 8.54 -2.19
CA ILE D 4901 -99.92 9.38 -1.31
C ILE D 4901 -100.65 10.44 -2.13
N GLU D 4902 -101.85 10.79 -1.66
CA GLU D 4902 -102.60 11.88 -2.28
C GLU D 4902 -101.85 13.19 -2.12
N ASP D 4903 -101.92 14.03 -3.16
CA ASP D 4903 -101.15 15.26 -3.16
C ASP D 4903 -101.66 16.22 -2.07
N PRO D 4904 -100.76 16.78 -1.25
CA PRO D 4904 -101.17 17.72 -0.19
C PRO D 4904 -101.27 19.16 -0.68
N ALA D 4905 -102.33 19.44 -1.45
CA ALA D 4905 -102.57 20.81 -1.91
C ALA D 4905 -102.93 21.73 -0.76
N GLY D 4906 -103.59 21.21 0.27
CA GLY D 4906 -104.05 22.05 1.36
C GLY D 4906 -102.89 22.65 2.14
N ASP D 4907 -103.12 23.85 2.67
CA ASP D 4907 -102.05 24.57 3.38
C ASP D 4907 -101.63 23.85 4.64
N GLU D 4908 -102.58 23.25 5.36
CA GLU D 4908 -102.25 22.51 6.57
C GLU D 4908 -101.41 21.29 6.23
N TYR D 4909 -100.29 21.14 6.94
CA TYR D 4909 -99.31 20.05 6.85
C TYR D 4909 -98.55 20.09 5.52
N GLU D 4910 -98.77 21.07 4.65
CA GLU D 4910 -98.12 21.13 3.34
C GLU D 4910 -96.61 21.09 3.44
N LEU D 4911 -96.02 22.00 4.24
CA LEU D 4911 -94.57 22.09 4.31
C LEU D 4911 -93.96 20.86 4.97
N TYR D 4912 -94.59 20.34 6.03
CA TYR D 4912 -94.06 19.15 6.70
C TYR D 4912 -94.15 17.93 5.80
N ARG D 4913 -95.25 17.79 5.05
CA ARG D 4913 -95.38 16.72 4.06
C ARG D 4913 -94.29 16.82 3.00
N VAL D 4914 -94.14 18.00 2.41
CA VAL D 4914 -93.16 18.22 1.34
C VAL D 4914 -91.76 17.87 1.83
N VAL D 4915 -91.40 18.37 3.02
CA VAL D 4915 -90.10 18.09 3.60
C VAL D 4915 -89.92 16.59 3.84
N PHE D 4916 -90.97 15.93 4.33
CA PHE D 4916 -90.97 14.48 4.55
C PHE D 4916 -90.61 13.72 3.28
N ASP D 4917 -91.40 13.90 2.22
CA ASP D 4917 -91.15 13.11 1.01
C ASP D 4917 -89.80 13.45 0.40
N ILE D 4918 -89.44 14.74 0.33
CA ILE D 4918 -88.23 15.12 -0.40
C ILE D 4918 -86.99 14.67 0.36
N THR D 4919 -87.01 14.74 1.70
CA THR D 4919 -85.85 14.30 2.48
C THR D 4919 -85.74 12.78 2.48
N PHE D 4920 -86.87 12.07 2.48
CA PHE D 4920 -86.82 10.61 2.35
C PHE D 4920 -86.25 10.22 1.00
N PHE D 4921 -86.65 10.94 -0.06
CA PHE D 4921 -86.15 10.68 -1.41
C PHE D 4921 -84.64 10.86 -1.49
N PHE D 4922 -84.14 12.02 -1.05
CA PHE D 4922 -82.68 12.24 -1.12
C PHE D 4922 -81.91 11.31 -0.19
N PHE D 4923 -82.36 11.14 1.05
CA PHE D 4923 -81.58 10.41 2.03
C PHE D 4923 -81.54 8.93 1.67
N VAL D 4924 -82.70 8.33 1.40
CA VAL D 4924 -82.78 6.88 1.28
C VAL D 4924 -82.55 6.39 -0.14
N ILE D 4925 -83.42 6.83 -1.06
CA ILE D 4925 -83.52 6.26 -2.42
C ILE D 4925 -82.20 6.39 -3.18
N VAL D 4926 -81.68 7.61 -3.32
CA VAL D 4926 -80.54 7.83 -4.22
C VAL D 4926 -79.23 7.39 -3.56
N ILE D 4927 -79.07 7.65 -2.25
CA ILE D 4927 -77.77 7.55 -1.62
C ILE D 4927 -77.37 6.09 -1.42
N LEU D 4928 -78.26 5.30 -0.80
CA LEU D 4928 -77.91 3.95 -0.35
C LEU D 4928 -77.66 3.01 -1.52
N LEU D 4929 -78.51 3.07 -2.54
CA LEU D 4929 -78.35 2.19 -3.70
C LEU D 4929 -77.06 2.51 -4.44
N ALA D 4930 -76.69 3.79 -4.47
CA ALA D 4930 -75.40 4.20 -5.01
C ALA D 4930 -74.25 3.58 -4.22
N ILE D 4931 -74.41 3.49 -2.90
CA ILE D 4931 -73.40 2.82 -2.07
C ILE D 4931 -73.25 1.37 -2.49
N ILE D 4932 -74.37 0.69 -2.73
CA ILE D 4932 -74.33 -0.71 -3.16
C ILE D 4932 -73.58 -0.85 -4.49
N GLN D 4933 -73.94 0.00 -5.45
CA GLN D 4933 -73.31 -0.04 -6.78
C GLN D 4933 -71.82 0.26 -6.66
N GLY D 4934 -71.45 1.25 -5.85
CA GLY D 4934 -70.04 1.59 -5.69
C GLY D 4934 -69.23 0.51 -5.02
N LEU D 4935 -69.85 -0.23 -4.09
CA LEU D 4935 -69.20 -1.39 -3.50
C LEU D 4935 -68.84 -2.41 -4.57
N ILE D 4936 -69.79 -2.72 -5.46
CA ILE D 4936 -69.49 -3.67 -6.54
C ILE D 4936 -68.39 -3.13 -7.46
N ILE D 4937 -68.48 -1.85 -7.81
CA ILE D 4937 -67.53 -1.21 -8.73
C ILE D 4937 -66.13 -1.27 -8.15
N ASP D 4938 -65.98 -0.95 -6.87
CA ASP D 4938 -64.67 -0.94 -6.24
C ASP D 4938 -64.13 -2.36 -6.05
N ALA D 4939 -65.02 -3.34 -5.88
CA ALA D 4939 -64.56 -4.73 -5.83
C ALA D 4939 -63.87 -5.13 -7.13
N PHE D 4940 -64.44 -4.72 -8.27
CA PHE D 4940 -63.81 -4.99 -9.56
C PHE D 4940 -62.38 -4.46 -9.62
N GLY D 4941 -62.20 -3.18 -9.25
CA GLY D 4941 -60.88 -2.57 -9.31
C GLY D 4941 -59.91 -3.18 -8.32
N GLU D 4942 -60.41 -3.58 -7.15
CA GLU D 4942 -59.55 -4.22 -6.14
C GLU D 4942 -59.00 -5.53 -6.65
N LEU D 4943 -59.86 -6.36 -7.28
CA LEU D 4943 -59.38 -7.61 -7.85
C LEU D 4943 -58.35 -7.37 -8.95
N ARG D 4944 -58.62 -6.38 -9.83
CA ARG D 4944 -57.66 -6.05 -10.88
C ARG D 4944 -56.30 -5.64 -10.29
N ASP D 4945 -56.34 -4.81 -9.25
CA ASP D 4945 -55.10 -4.33 -8.63
C ASP D 4945 -54.32 -5.45 -7.97
N GLN D 4946 -55.02 -6.40 -7.33
CA GLN D 4946 -54.34 -7.55 -6.75
C GLN D 4946 -53.61 -8.36 -7.81
N GLN D 4947 -54.27 -8.62 -8.95
CA GLN D 4947 -53.61 -9.37 -10.02
C GLN D 4947 -52.40 -8.62 -10.57
N GLU D 4948 -52.54 -7.30 -10.80
CA GLU D 4948 -51.44 -6.50 -11.32
C GLU D 4948 -50.24 -6.55 -10.37
N GLN D 4949 -50.49 -6.36 -9.07
CA GLN D 4949 -49.42 -6.37 -8.09
C GLN D 4949 -48.72 -7.71 -8.02
N VAL D 4950 -49.48 -8.81 -8.04
CA VAL D 4950 -48.86 -10.13 -7.93
C VAL D 4950 -47.96 -10.40 -9.13
N LYS D 4951 -48.44 -10.06 -10.35
CA LYS D 4951 -47.61 -10.26 -11.53
C LYS D 4951 -46.35 -9.41 -11.51
N GLU D 4952 -46.47 -8.13 -11.14
CA GLU D 4952 -45.32 -7.24 -11.14
C GLU D 4952 -44.28 -7.69 -10.11
N ASP D 4953 -44.73 -8.06 -8.91
CA ASP D 4953 -43.78 -8.43 -7.86
C ASP D 4953 -43.09 -9.75 -8.18
N MET D 4954 -43.80 -10.72 -8.76
CA MET D 4954 -43.13 -11.94 -9.21
C MET D 4954 -42.12 -11.66 -10.31
N GLU D 4955 -42.43 -10.71 -11.20
CA GLU D 4955 -41.46 -10.31 -12.21
C GLU D 4955 -40.19 -9.77 -11.58
N THR D 4956 -40.31 -8.75 -10.71
CA THR D 4956 -39.12 -8.10 -10.19
C THR D 4956 -38.33 -8.94 -9.18
N LYS D 4957 -38.97 -9.33 -8.06
CA LYS D 4957 -38.20 -9.59 -6.83
C LYS D 4957 -37.37 -10.87 -6.89
N CYS D 4958 -37.93 -11.95 -7.47
CA CYS D 4958 -37.42 -13.32 -7.55
C CYS D 4958 -37.84 -14.05 -6.27
N PHE D 4959 -38.01 -15.38 -6.35
CA PHE D 4959 -38.68 -16.10 -5.28
C PHE D 4959 -37.74 -16.69 -4.24
N ILE D 4960 -36.81 -17.54 -4.66
CA ILE D 4960 -35.97 -18.27 -3.72
C ILE D 4960 -34.99 -17.34 -3.02
N CYS D 4961 -34.34 -16.45 -3.78
CA CYS D 4961 -33.36 -15.52 -3.24
C CYS D 4961 -33.95 -14.12 -3.22
N GLY D 4962 -33.81 -13.42 -2.09
CA GLY D 4962 -34.31 -12.07 -1.94
C GLY D 4962 -33.57 -11.04 -2.78
N ILE D 4963 -32.45 -11.41 -3.41
CA ILE D 4963 -31.71 -10.49 -4.25
C ILE D 4963 -32.55 -10.08 -5.45
N GLY D 4964 -32.54 -8.80 -5.77
CA GLY D 4964 -33.39 -8.25 -6.81
C GLY D 4964 -32.92 -8.59 -8.21
N SER D 4965 -33.62 -7.97 -9.18
CA SER D 4965 -33.34 -8.24 -10.58
C SER D 4965 -32.32 -7.27 -11.17
N ASP D 4966 -32.21 -6.07 -10.59
CA ASP D 4966 -31.32 -5.04 -11.13
C ASP D 4966 -29.87 -5.50 -11.15
N TYR D 4967 -29.41 -6.13 -10.05
CA TYR D 4967 -28.03 -6.61 -10.00
C TYR D 4967 -27.80 -7.74 -10.99
N PHE D 4968 -28.79 -8.61 -11.18
CA PHE D 4968 -28.67 -9.69 -12.15
C PHE D 4968 -28.73 -9.19 -13.59
N ASP D 4969 -29.34 -8.03 -13.82
CA ASP D 4969 -29.62 -7.61 -15.19
C ASP D 4969 -28.38 -7.10 -15.92
N THR D 4970 -27.35 -6.69 -15.17
CA THR D 4970 -26.10 -6.17 -15.72
C THR D 4970 -25.52 -7.06 -16.83
N THR D 4971 -25.29 -8.33 -16.52
CA THR D 4971 -24.91 -9.28 -17.55
C THR D 4971 -26.08 -9.50 -18.51
N PRO D 4972 -25.83 -9.52 -19.84
CA PRO D 4972 -26.89 -9.78 -20.83
C PRO D 4972 -27.80 -10.95 -20.50
N HIS D 4973 -29.12 -10.68 -20.39
CA HIS D 4973 -30.15 -11.64 -19.97
C HIS D 4973 -29.75 -12.44 -18.73
N GLY D 4974 -29.07 -11.75 -17.82
CA GLY D 4974 -28.58 -12.38 -16.61
C GLY D 4974 -29.68 -12.90 -15.71
N PHE D 4975 -30.72 -12.09 -15.51
CA PHE D 4975 -31.85 -12.50 -14.68
C PHE D 4975 -32.54 -13.72 -15.24
N GLU D 4976 -32.85 -13.70 -16.54
CA GLU D 4976 -33.55 -14.82 -17.16
C GLU D 4976 -32.70 -16.08 -17.07
N THR D 4977 -31.40 -15.97 -17.36
CA THR D 4977 -30.52 -17.13 -17.26
C THR D 4977 -30.43 -17.64 -15.82
N HIS D 4978 -30.36 -16.72 -14.85
CA HIS D 4978 -30.27 -17.11 -13.44
C HIS D 4978 -31.51 -17.89 -13.00
N THR D 4979 -32.71 -17.39 -13.33
CA THR D 4979 -33.91 -18.10 -12.93
C THR D 4979 -34.07 -19.42 -13.69
N LEU D 4980 -33.70 -19.44 -14.98
CA LEU D 4980 -33.83 -20.67 -15.74
C LEU D 4980 -32.89 -21.75 -15.24
N GLU D 4981 -31.66 -21.40 -14.88
CA GLU D 4981 -30.64 -22.37 -14.53
C GLU D 4981 -30.71 -22.80 -13.06
N GLU D 4982 -30.54 -21.85 -12.14
CA GLU D 4982 -30.49 -22.15 -10.72
C GLU D 4982 -31.67 -21.52 -10.00
N HIS D 4983 -31.87 -21.94 -8.75
CA HIS D 4983 -32.97 -21.48 -7.89
C HIS D 4983 -34.31 -21.53 -8.61
N ASN D 4984 -34.55 -22.65 -9.28
CA ASN D 4984 -35.78 -22.85 -10.05
C ASN D 4984 -36.77 -23.64 -9.21
N LEU D 4985 -37.95 -23.08 -9.05
CA LEU D 4985 -39.03 -23.72 -8.31
C LEU D 4985 -39.47 -25.02 -8.99
N ALA D 4986 -39.30 -26.11 -8.24
CA ALA D 4986 -39.53 -27.54 -8.50
C ALA D 4986 -38.27 -28.28 -8.90
N ASN D 4987 -37.16 -27.58 -9.15
CA ASN D 4987 -35.87 -28.27 -9.11
C ASN D 4987 -35.57 -28.73 -7.70
N TYR D 4988 -35.90 -27.90 -6.70
CA TYR D 4988 -35.83 -28.33 -5.32
C TYR D 4988 -36.81 -29.47 -5.04
N MET D 4989 -37.98 -29.46 -5.67
CA MET D 4989 -38.93 -30.54 -5.49
C MET D 4989 -38.43 -31.84 -6.09
N PHE D 4990 -37.75 -31.76 -7.25
CA PHE D 4990 -37.08 -32.94 -7.80
C PHE D 4990 -35.95 -33.40 -6.88
N PHE D 4991 -35.25 -32.48 -6.22
CA PHE D 4991 -34.27 -32.88 -5.22
C PHE D 4991 -34.93 -33.62 -4.07
N LEU D 4992 -36.11 -33.15 -3.64
CA LEU D 4992 -36.82 -33.84 -2.57
C LEU D 4992 -37.23 -35.24 -2.98
N MET D 4993 -37.71 -35.40 -4.22
CA MET D 4993 -38.03 -36.74 -4.71
C MET D 4993 -36.79 -37.63 -4.78
N TYR D 4994 -35.67 -37.07 -5.24
CA TYR D 4994 -34.43 -37.83 -5.33
C TYR D 4994 -33.95 -38.27 -3.94
N LEU D 4995 -34.02 -37.37 -2.97
CA LEU D 4995 -33.62 -37.70 -1.60
C LEU D 4995 -34.57 -38.73 -0.97
N ILE D 4996 -35.88 -38.60 -1.22
CA ILE D 4996 -36.84 -39.55 -0.69
C ILE D 4996 -36.61 -40.93 -1.28
N ASN D 4997 -36.36 -41.01 -2.59
CA ASN D 4997 -36.24 -42.29 -3.27
C ASN D 4997 -34.89 -42.95 -3.02
N LYS D 4998 -33.82 -42.15 -2.89
CA LYS D 4998 -32.48 -42.70 -2.75
C LYS D 4998 -32.31 -43.42 -1.42
N ASP D 4999 -31.50 -44.48 -1.44
CA ASP D 4999 -31.19 -45.21 -0.22
C ASP D 4999 -30.30 -44.37 0.69
N GLU D 5000 -30.48 -44.57 2.00
CA GLU D 5000 -29.74 -43.78 2.99
C GLU D 5000 -28.25 -44.07 2.92
N THR D 5001 -27.88 -45.34 2.74
CA THR D 5001 -26.47 -45.74 2.75
C THR D 5001 -25.69 -45.23 1.55
N GLU D 5002 -26.35 -44.72 0.51
CA GLU D 5002 -25.68 -44.22 -0.68
C GLU D 5002 -25.64 -42.70 -0.76
N HIS D 5003 -26.09 -42.01 0.27
CA HIS D 5003 -26.15 -40.55 0.24
C HIS D 5003 -24.74 -39.94 0.24
N THR D 5004 -24.58 -38.87 -0.54
CA THR D 5004 -23.40 -38.02 -0.42
C THR D 5004 -23.53 -37.17 0.85
N GLY D 5005 -22.42 -36.53 1.24
CA GLY D 5005 -22.41 -35.76 2.46
C GLY D 5005 -23.38 -34.59 2.44
N GLN D 5006 -23.42 -33.85 1.32
CA GLN D 5006 -24.34 -32.72 1.22
C GLN D 5006 -25.79 -33.16 1.26
N GLU D 5007 -26.11 -34.25 0.54
CA GLU D 5007 -27.48 -34.76 0.53
C GLU D 5007 -27.90 -35.26 1.91
N SER D 5008 -26.98 -35.93 2.62
CA SER D 5008 -27.29 -36.36 3.98
C SER D 5008 -27.48 -35.18 4.92
N TYR D 5009 -26.69 -34.12 4.73
CA TYR D 5009 -26.80 -32.92 5.57
C TYR D 5009 -28.15 -32.23 5.35
N VAL D 5010 -28.56 -32.10 4.09
CA VAL D 5010 -29.88 -31.55 3.75
C VAL D 5010 -30.99 -32.44 4.28
N TRP D 5011 -30.81 -33.77 4.18
CA TRP D 5011 -31.78 -34.72 4.74
C TRP D 5011 -31.91 -34.56 6.25
N LYS D 5012 -30.79 -34.36 6.94
CA LYS D 5012 -30.82 -34.21 8.39
C LYS D 5012 -31.58 -32.96 8.80
N MET D 5013 -31.33 -31.83 8.14
CA MET D 5013 -32.15 -30.65 8.45
C MET D 5013 -33.60 -30.82 8.00
N TYR D 5014 -33.85 -31.56 6.92
CA TYR D 5014 -35.24 -31.77 6.51
C TYR D 5014 -36.00 -32.58 7.54
N GLN D 5015 -35.36 -33.59 8.13
CA GLN D 5015 -35.99 -34.34 9.21
C GLN D 5015 -36.15 -33.48 10.45
N GLU D 5016 -35.17 -32.61 10.71
CA GLU D 5016 -35.26 -31.68 11.84
C GLU D 5016 -36.31 -30.59 11.62
N ARG D 5017 -36.75 -30.37 10.37
CA ARG D 5017 -37.58 -29.24 9.96
C ARG D 5017 -36.88 -27.91 10.30
N CYS D 5018 -35.69 -27.76 9.74
CA CYS D 5018 -34.95 -26.50 9.74
C CYS D 5018 -34.64 -26.12 8.30
N TRP D 5019 -34.84 -24.85 7.96
CA TRP D 5019 -34.79 -24.38 6.58
C TRP D 5019 -33.62 -23.43 6.33
N ASP D 5020 -32.48 -23.72 6.96
CA ASP D 5020 -31.29 -22.87 6.74
C ASP D 5020 -30.70 -23.10 5.37
N PHE D 5021 -30.84 -24.31 4.82
CA PHE D 5021 -30.13 -24.71 3.61
C PHE D 5021 -30.54 -23.89 2.38
N PHE D 5022 -31.69 -23.21 2.43
CA PHE D 5022 -32.05 -22.32 1.34
C PHE D 5022 -31.07 -21.16 1.27
N PRO D 5023 -30.86 -20.59 0.07
CA PRO D 5023 -29.77 -19.60 -0.11
C PRO D 5023 -29.89 -18.37 0.76
N ALA D 5024 -31.11 -17.83 0.91
CA ALA D 5024 -31.40 -16.72 1.83
C ALA D 5024 -30.54 -15.48 1.55
N GLY D 5025 -30.47 -15.10 0.28
CA GLY D 5025 -29.84 -13.85 -0.11
C GLY D 5025 -28.43 -13.93 -0.65
N ASP D 5026 -27.94 -15.13 -0.99
CA ASP D 5026 -26.64 -15.27 -1.63
C ASP D 5026 -26.80 -16.14 -2.88
N CYS D 5027 -26.35 -15.61 -4.01
CA CYS D 5027 -26.61 -16.23 -5.32
C CYS D 5027 -25.34 -16.80 -5.95
N PHE D 5028 -24.27 -16.98 -5.16
CA PHE D 5028 -22.98 -17.59 -5.53
C PHE D 5028 -22.16 -16.68 -6.43
N ARG D 5029 -22.84 -15.76 -7.13
CA ARG D 5029 -22.14 -14.77 -7.94
C ARG D 5029 -21.64 -13.63 -7.07
N LYS D 5030 -22.43 -13.24 -6.08
CA LYS D 5030 -21.98 -12.25 -5.11
C LYS D 5030 -20.82 -12.80 -4.28
N GLN D 5031 -20.90 -14.09 -3.93
CA GLN D 5031 -19.84 -14.68 -3.11
C GLN D 5031 -18.53 -14.78 -3.87
N TYR D 5032 -18.57 -15.23 -5.14
CA TYR D 5032 -17.34 -15.36 -5.92
C TYR D 5032 -17.17 -14.24 -6.95
N GLU D 5033 -17.77 -13.06 -6.71
CA GLU D 5033 -17.64 -11.95 -7.64
C GLU D 5033 -16.27 -11.29 -7.59
N ASP D 5034 -15.52 -11.49 -6.51
CA ASP D 5034 -14.17 -10.92 -6.43
C ASP D 5034 -13.28 -11.52 -7.51
N GLN D 5035 -13.33 -12.83 -7.71
CA GLN D 5035 -12.79 -13.44 -8.90
C GLN D 5035 -13.74 -13.22 -10.07
N LEU D 5036 -13.22 -13.36 -11.29
CA LEU D 5036 -14.04 -13.13 -12.48
C LEU D 5036 -15.23 -14.09 -12.55
N SER D 5037 -14.98 -15.37 -12.32
CA SER D 5037 -16.02 -16.41 -12.17
C SER D 5037 -17.09 -16.42 -13.26
PG ACP E . -49.38 -9.75 15.44
O1G ACP E . -49.97 -10.78 16.36
O2G ACP E . -48.22 -9.09 16.12
O3G ACP E . -48.91 -10.42 14.16
PB ACP E . -50.01 -7.39 13.67
O1B ACP E . -50.88 -6.17 13.50
O2B ACP E . -49.96 -8.17 12.37
C3B ACP E . -50.68 -8.47 15.02
PA ACP E . -48.08 -5.53 14.81
O1A ACP E . -48.58 -4.37 14.00
O2A ACP E . -48.65 -5.49 16.21
O3A ACP E . -48.48 -6.95 14.07
O5' ACP E . -46.43 -5.50 14.90
C5' ACP E . -45.74 -6.42 14.10
C4' ACP E . -45.55 -5.82 12.69
O4' ACP E . -45.70 -4.52 12.76
C3' ACP E . -44.11 -6.08 12.19
O3' ACP E . -44.11 -7.01 11.19
C2' ACP E . -43.66 -4.71 11.63
O2' ACP E . -44.07 -4.59 10.20
C1' ACP E . -44.30 -3.81 12.34
N9 ACP E . -43.54 -3.41 13.50
C8 ACP E . -43.80 -3.69 14.78
N7 ACP E . -42.84 -3.14 15.53
C5 ACP E . -41.98 -2.52 14.71
C6 ACP E . -40.84 -1.81 14.95
N6 ACP E . -40.17 -1.47 16.20
N1 ACP E . -40.16 -1.28 13.95
C2 ACP E . -40.59 -1.45 12.67
N3 ACP E . -41.73 -2.15 12.43
C4 ACP E . -42.41 -2.69 13.46
ZN ZN F . -32.51 -0.30 13.71
CA CA G . -25.12 6.33 42.53
CA CA H . -43.91 -8.48 16.32
PG ACP I . -45.63 25.19 4.97
O1G ACP I . -46.22 25.65 6.28
O2G ACP I . -44.31 25.90 4.75
O3G ACP I . -45.40 23.70 5.00
PB ACP I . -46.44 24.51 2.13
O1B ACP I . -46.82 25.21 0.85
O2B ACP I . -47.22 23.22 2.26
C3B ACP I . -46.80 25.61 3.59
PA ACP I . -43.71 25.05 1.32
O1A ACP I . -43.89 24.85 -0.17
O2A ACP I . -43.86 26.51 1.66
O3A ACP I . -44.83 24.16 2.12
O5' ACP I . -42.21 24.54 1.77
C5' ACP I . -42.10 23.55 2.76
C4' ACP I . -42.16 22.15 2.10
O4' ACP I . -42.10 22.27 0.80
C3' ACP I . -40.94 21.29 2.53
O3' ACP I . -41.31 20.30 3.38
C2' ACP I . -40.42 20.68 1.20
O2' ACP I . -41.06 19.35 0.96
C1' ACP I . -40.77 21.51 0.26
N9 ACP I . -39.71 22.45 -0.02
C8 ACP I . -39.63 23.73 0.32
N7 ACP I . -38.46 24.21 -0.13
C5 ACP I . -37.83 23.20 -0.74
C6 ACP I . -36.60 23.15 -1.37
N6 ACP I . -35.58 24.17 -1.59
N1 ACP I . -36.19 22.01 -1.91
C2 ACP I . -36.98 20.90 -1.84
N3 ACP I . -38.17 20.97 -1.22
C4 ACP I . -38.59 22.11 -0.67
ZN ZN J . -29.90 20.64 -1.68
CA CA K . -14.98 46.89 -7.46
CA CA L . -40.25 25.28 5.20
PG ACP M . -41.11 15.48 -29.11
O1G ACP M . -41.07 16.74 -29.95
O2G ACP M . -39.99 14.56 -29.53
O3G ACP M . -40.95 15.84 -27.65
PB ACP M . -43.01 13.41 -27.99
O1B ACP M . -43.89 12.28 -28.48
O2B ACP M . -43.68 14.10 -26.83
C3B ACP M . -42.74 14.62 -29.36
PA ACP M . -40.79 11.51 -28.19
O1A ACP M . -41.45 10.24 -27.72
O2A ACP M . -40.89 11.62 -29.69
O3A ACP M . -41.55 12.81 -27.50
O5' ACP M . -39.20 11.53 -27.76
C5' ACP M . -38.85 12.18 -26.57
C4' ACP M . -38.80 11.16 -25.41
O4' ACP M . -38.66 9.95 -25.89
C3' ACP M . -37.56 11.39 -24.54
O3' ACP M . -37.89 12.13 -23.44
C2' ACP M . -37.11 9.99 -24.12
O2' ACP M . -37.63 9.67 -22.75
C1' ACP M . -37.61 9.14 -24.97
N9 ACP M . -36.58 8.55 -25.79
C8 ACP M . -36.32 8.80 -27.07
N7 ACP M . -35.27 8.06 -27.43
C5 ACP M . -34.89 7.33 -26.37
C6 ACP M . -33.89 6.41 -26.19
N6 ACP M . -32.87 5.90 -27.09
N1 ACP M . -33.73 5.84 -25.00
C2 ACP M . -34.54 6.16 -23.97
N3 ACP M . -35.53 7.06 -24.15
C4 ACP M . -35.70 7.65 -25.35
ZN ZN N . -27.61 4.69 -23.08
CA CA O . -12.05 -3.97 -48.15
CA CA P . -35.74 13.57 -28.37
PG ACP Q . -44.79 -19.71 -19.57
O1G ACP Q . -44.81 -20.54 -20.83
O2G ACP Q . -43.86 -20.37 -18.57
O3G ACP Q . -44.30 -18.32 -19.88
PB ACP Q . -46.59 -18.24 -17.63
O1B ACP Q . -47.64 -18.52 -16.60
O2B ACP Q . -46.93 -16.95 -18.36
C3B ACP Q . -46.51 -19.63 -18.85
PA ACP Q . -44.64 -18.90 -15.57
O1A ACP Q . -45.29 -18.31 -14.35
O2A ACP Q . -45.04 -20.35 -15.72
O3A ACP Q . -45.12 -18.07 -16.91
O5' ACP Q . -43.00 -18.82 -15.44
C5' ACP Q . -42.34 -17.73 -16.03
C4' ACP Q . -42.15 -16.60 -14.97
O4' ACP Q . -42.22 -17.12 -13.78
C3' ACP Q . -40.73 -16.01 -15.10
O3' ACP Q . -40.76 -14.87 -15.84
C2' ACP Q . -40.32 -15.71 -13.64
O2' ACP Q . -40.57 -14.26 -13.34
C1' ACP Q . -41.07 -16.43 -12.86
N9 ACP Q . -40.29 -17.45 -12.21
C8 ACP Q . -40.28 -18.76 -12.46
N7 ACP Q . -39.40 -19.34 -11.64
C5 ACP Q . -38.87 -18.38 -10.87
C6 ACP Q . -37.94 -18.42 -9.86
N6 ACP Q . -37.18 -19.52 -9.27
N1 ACP Q . -37.58 -17.30 -9.25
C2 ACP Q . -38.13 -16.13 -9.61
N3 ACP Q . -39.06 -16.08 -10.59
C4 ACP Q . -39.42 -17.21 -11.21
ZN ZN R . -31.33 -16.71 -7.54
CA CA S . -22.19 -44.54 1.84
CA CA T . -39.57 -20.13 -17.18
#